data_7YFE
#
_entry.id   7YFE
#
_cell.length_a   1.00
_cell.length_b   1.00
_cell.length_c   1.00
_cell.angle_alpha   90.00
_cell.angle_beta   90.00
_cell.angle_gamma   90.00
#
_symmetry.space_group_name_H-M   'P 1'
#
loop_
_entity.id
_entity.type
_entity.pdbx_description
1 polymer 'RNA helicase'
2 polymer 'Lambda-2 protein'
3 polymer "RNA (5'-R(P*GP*CP*U)-3')"
4 polymer "RNA (5'-R(P*AP*UP*CP*GP*U)-3')"
5 polymer 'RNA-directed RNA polymerase'
6 polymer "RNA (5'-R(P*AP*CP*GP*AP*UP*UP*AP*GP*C)-3')"
7 polymer 'Mu-2 protein'
8 non-polymer 'ZINC ION'
#
loop_
_entity_poly.entity_id
_entity_poly.type
_entity_poly.pdbx_seq_one_letter_code
_entity_poly.pdbx_strand_id
1 'polypeptide(L)'
;MKRIPRKTKGKSSGKGNDSTSRSDDGSSQLRDKQSNKANPATAEPGTSNCEHYKARPGIASVQKATESAELPMKNNDEGT
PDKRGNTKGALVNEHVEARDEADDATKKQAKDTEKAKAQVTYSDTGINNANELSRSGNVDNEGGSNQKPMSTRIAEATSA
IVSKHPARVGLPPTASSGHGYQCHVCSAVLFSPLDLDAHVASHGLHGNMTLTSSEIQRHITEFISSWQNHPIVQVSADVE
NRKTAQLLHADTPRLVTWDAGLCTSFKIVPIVPAQVPQDVLAYTFFTSSYAIQSPFPEAAVSRIVVHTRWASNVDFDRDS
SVIMAPPTENNIHLFKQLLNTETLSVRGANPLMFRANVLHMLLEFVLDNLYLNRHTGFSQDHTPFTEGANLRSLPGPDAE
KWYSIMYPTRMGTPNVSKICNFVASCVRNRVGRFDRAQMMNGAMSEWVDVFETSDALTVSIRGRWMARLARMNINPTEIE
WALTECAQGYVTVTSPYAPSVNRLMPYRISNAERQISQIIRVMNIGNNATVIQPVLQDISVLLQRISPLQIDPTIISNTM
STVSESTTQTLSPASSILGKLRPSNSDFSSFRVALAGWLYNGVVTTVIDDSSYPKDGGSVTSLENLWDFFILALALPLTT
DPCAPVKAFMTLANMMVGFETIPMDNQIYTQSRRASAFSTPHTWPRCFMNIQLISPIDAPILRQWAEIIHRYWPNPSQIR
YGTPNVFGSANLFTPPEVLLLPIDHQPANVTTPTLDFTNELTNWRARVCELMKNLVDNQRYQPGWTQSLVSSMRGTLGKL
KLIKSMTPMYLQQLAPVELAVIAPMLPFPPFQVPYVRLDRDRVPTMVGVTRQSRDTITQPALSLSTTNTTVGVPLALDAR
AITVALLSGKYPPDLVTNVWYADAIYPMYADTEVFSNLQRDVITCEAVQTLVTLVAQISETQYPVDRYLDWIPSLRASAA
TAATFAEWVNTSMKTAFDLSDMLLEPLLSGDPRMTQLAIQYQQYNGRTFNVIPEMPGSVIADCVQLTAEVFNHEYNLFGI
ARGDIIIGRVQSTHLWSPLAPPPDLVFDRDTPGVHIFGRDCRISFGMNGAAPMIRDETGMMVPFEGNWIFPLALWQMNTR
YFNQQFDAWIKTGELRIRIEMGAYPYMLHYYDPRQYANAWNLTSAWLEEITPTSIPSVPFMVPISSDHDISSAPAVQYII
STEYNDRSLFCTNSSSPQTIAGPDKHIPVERYNILTNPDAPPTQIQLPEVVDLYNVVTRYAYETPPITAVVMGVP
;
1,2,3,4,5,A,B,C,D,E,a,b,c,d,e
2 'polypeptide(L)'
;MANVWGVRLADSLSSPTIETRTRHYTLHDFYSDLDASVGKEPWRPLRNQRTNEIVAVQLFRPLQGLVFDTQLYGFPGTFS
QWEQFMKEKLRVLKYEVLRIYPISTYNHDRVNVFVANALVGAFLSNQAFYDLLPLLIVNDTMISDLLGTGAALSQFFQSH
GEVLEVAAGRKYLQMNNYSNDDDDPPLFAKDLSDYAKAFYSDTYEVLDRFFWTHDSSAGVLVHYDKPTNGNHYILGTLTQ
MVSAPPHIINATDALLLESCLEQFAANVRARSAQPVTRLDQCYHLRWGAQYVGEDSLTYRLGVLSLLATNGYQLARPIPK
QLTNRWLSSFVSQVVSDGINETPLWPQERYVQIAYDSPSVVDGATQYGYVRRNQLRLGMRISALQSLSDTPAPVQWLPQY
TIDQVAVDEGDAMVSQLTQLPLRPDYGSIWIGEALSYYVDYNRSHRVVLSSELPQLPDTYFDGDEQYGRSLFSLARKVGD
RSLVKDTAVLKHAYQAIDPNTGKEYLRAGQSVAYFGASAGHSGADQPLVIEPWMQGKISGVPPPSSVRQFGYDVAKGAIV
DLARPFPSGDYQFVYSDVDQVVDGHDDLSISSGLVESLLDSCVHATAPGGSFVMKINFPTRTVWHYIEQKILPNVTSYML
IKPFVTNNVEVFFVAFGVHQQSALTWTSGVYFFLVDHFYRYETLSAISRQLPSFGYVDDGSSVTGIEIISIENPGFSNMT
QAARVGISGLCANVGNARKSIAIYESHGARVLTITSRRSPASARRKARLRYLPLIDPRSLEVQARTILPSNPVLFDNING
ASPHVCLTMMYNFEVSSAVYDGDVVLDLGTGPEAKILELIPSTSPVTCVDIRPTAQPNGCWNVRTTFLELDYLSDGWITG
VRGDIVTCMLSLGAAAAGKSMTFDAAFQQLVRVLTRSTANVLLIQVNCPTDVIRTIKGYLEIDQTNKRYKFPKFGRDEPY
SDMDSLERICRAAWPNCSITWVPLSYDLRWTKLALLESTTLSSASVRIAELMYKYMPIMRIDIHGLPMEKQGNFIVGQNC
SLVIPGFNAQDVFNCYFNSALAFSTEDVNSAMIPQVTAQFDANKGEWSLDMVFSDAGIYTMQALVGSNANPVSLGSFVVD
SPDVDITDAWPAQLDFTIAGTDVDITVNPYYRLMAFVKIDGQWQIANPDKFQFFSSNTGTLVMNVKLDIADRYLLYYIRD
VQSRDVGFYIQHPLQLLNTITLPTNEDLFLSAPDMREWAVKESGNTICILNSPGFIPPQDWDVLTDTISWSPSLPTYVVP
PGDYTLTPL
;
H,I,J,K,L
3 'polyribonucleotide' GCU M
4 'polyribonucleotide' AUCGU N
5 'polypeptide(L)'
;MSSMILTQFGPFIESISGITDQSNDVFENAAKAFSMFTRSDVYKALDEIPFSEDAMLPIPPTIYTKPSHDSYYYIDALNR
VRRKTYQGPDDVYVPNCSIVELLEPHETLTSYGRLSEAIENRAKDGDSQARIATTYGRIAESQARQIKAPLEKFVLALLV
AEAGGSLYDPVLQKYDEIPGLSHNCPLWCFREICRHISGPLPDRAPYLYLSAGVFWLMSPRMTSAIPPLLSDLVNLAILQ
QTAGLDPSLVRLGVQICLHAAASSSYAWFILKTKSIFPQNTLHSMYESLEGGYCPNLEWLEPRSDYKFMYMGAMPLSTKY
ARSAPSNDKKARELGEKYGLSSVVSELRRRTKTYSKHDFTSVRYIRDAMACTSGIFLVRTPTETVLQEYTQSPEIKVPIP
QKDWTGPIGEIRILKDTTSSIARYLYRTWYLAAARMAAQPRTWDPLFQAIMRSQYVTARGGSGATLRESLYAINVSLPDF
KGLPVKAATKIFQAAQLANLPFSHTSVAILADTSMGLRNQVQRRPRSIMPLNVPQQQVSAPHTLTADYINYHMNLSTTSG
SAVIEKVIPLGVYASSPPNQSINIDISACDASITWDFFLSVIMAAIHEGVASSSIGKPFMGVPASIVNDESVVGVRAARP
ISGMQNMIQHLSKLYKRGFSYRVNDSFSPGNDFTHMTTTFPSGSTATSTEHTANNSTMMETFLTVWGPEHTDDPDVLRLM
KSLTIQRNYVCQGDDGLMIIDGNTAGKVNSETIQKMLELISKYGEEFGWKYDIAYDGTAEYLKLYFIFGCRIPNLSRHPI
VGKERANSSAEEPWPAILDQIMGIFFNGVHDGLQWQRWIRYSWALCCAFSRQRTMTGESVGYLQYPMWSFVYWGLPLVKV
FGSDPWIFSWYMPTGDLGMYSWISLIRPLMTRWMVANGYVTDKCSPVFGNADYRKCFNELKLYQGYYMAQLPRNPKKSGR
AAPREVREQFTQALSDYLMQNPELKSRVLRGRSEWEKYGAGIIHNPPSLFDVPHKWYQGAQEAATATREELAEMDETLMR
ARKHSYSSFSKLLEAYLLVKWRMCEAREPSVDLRLPLCAGIDPLNSDPFLKMVSVGPMLQSTRKYFAQTLFMAKTVSGLD
VNAIDSALLRLRTLGADKKALTAQLLMVGLQESEADALAGKIMLQDVNTVQLARVVNLAVPDTWMSLDFDTMFKHHVKLL
PKDGRHLNTDIPPRMGWLRAILRFLGAGMAMTATGVAVDIYLEDIHGGGRSLGQRFMTWMRQEGRSA
;
R
6 'polyribonucleotide' ACGAUUAGC T
7 'polypeptide(L)'
;MAYIAVPAVVDSRSSEAIGLLESFGVDAGSDANDVSYQDHDYVVDQLQYMLDGYEAGDVIDALVYRNWLHHSVYCLLPPK
SQLLEYWKSNPSVIPDNVDRRLRKRLMLKKDLRKDDEYNQLARAFKISDVYAPLISSTTSPMTMIQNLNQGEIVYTTTDR
VIGARVLLYAPRKYYASTLSFTMTRCVLPFGKEVSRVPHSRFNVGTFPSIATPKCSVMSGVDIESIPNEFIKLFYQRVKS
IHANILNDISPQIVSDMINRKRLRVHTPSNRRAAQLMHLPYHVKRGASHVDVYRVDVVNVLFEVVDVADGLRSVSRKLIM
HTVPVCILELLGIEIADYCIRQEDGMFTDWFLLLTMLSDGLTDRRTHCQYLINPSSMPPDVILNISITGFINRHTIDVMP
DVYDFIKPIGAVLPKGSFKSTIMRVLDSISVLGVKIMPRAHVVDSDEVGEQMEPTFEHAVMEIYKGIAGVDSLDDLTKWV
LNSDLVPHDDRLGQLFQAFLPLAKDLLAPMARQFYDNSMSEGRLLTFAHADSELLNANYFGHLLRLKIPYITEVNLMIRK
NREGGELFQLVLSYLYKMYATSAQPKWFGSLLRLLICPWLHMEKLIGEADPASTSAEIGWHVPREQLMQDGWCGCEDGFI
PYVSIRAPRLVIEELMEKNWGQYHAQVIVTDQLVVGEPRRVSAKAVIKGNHLPVKLISRFACFTLTSKYEMRLPCGHSTG
RGAAYNARLAFRSDLA
;
U
#
# COMPACT_ATOMS: atom_id res chain seq x y z
N LYS A 2 94.83 14.71 -96.01
CA LYS A 2 93.91 14.54 -94.91
C LYS A 2 92.60 13.92 -95.37
N ARG A 3 92.30 12.72 -94.87
CA ARG A 3 91.06 12.02 -95.19
C ARG A 3 90.23 11.89 -93.93
N ILE A 4 89.00 12.39 -93.97
CA ILE A 4 88.13 12.30 -92.82
C ILE A 4 87.45 10.96 -92.83
N PRO A 5 87.65 10.14 -91.79
CA PRO A 5 87.07 8.80 -91.77
C PRO A 5 85.55 8.81 -91.73
N ARG A 6 84.90 7.84 -92.37
CA ARG A 6 83.44 7.82 -92.46
C ARG A 6 82.67 7.27 -91.25
N LYS A 7 81.66 7.98 -90.77
CA LYS A 7 80.88 7.57 -89.58
C LYS A 7 80.04 6.30 -89.66
N THR A 8 79.32 6.10 -90.76
CA THR A 8 78.45 4.94 -90.91
C THR A 8 78.73 4.23 -92.22
N LYS A 9 78.50 2.92 -92.28
CA LYS A 9 78.82 2.17 -93.47
C LYS A 9 78.02 2.60 -94.67
N GLY A 10 78.65 2.62 -95.83
CA GLY A 10 77.97 3.11 -97.00
C GLY A 10 77.49 2.05 -97.96
N LYS A 11 77.29 2.42 -99.21
CA LYS A 11 76.76 1.47 -100.19
C LYS A 11 77.73 0.41 -100.57
N SER A 12 78.99 0.76 -100.74
CA SER A 12 79.95 -0.20 -101.20
C SER A 12 80.09 -1.33 -100.20
N SER A 13 80.09 -0.99 -98.91
CA SER A 13 80.17 -2.00 -97.87
C SER A 13 78.81 -2.60 -97.62
N PRO A 40 113.88 39.84 -75.89
CA PRO A 40 113.73 38.38 -75.99
C PRO A 40 112.33 37.92 -75.60
N ALA A 41 112.19 37.40 -74.38
CA ALA A 41 110.90 36.93 -73.90
C ALA A 41 110.92 36.92 -72.38
N THR A 42 109.79 37.30 -71.78
CA THR A 42 109.65 37.33 -70.33
C THR A 42 108.18 37.14 -70.00
N ALA A 43 107.90 36.40 -68.92
CA ALA A 43 106.53 36.20 -68.49
C ALA A 43 105.90 37.52 -68.09
N GLU A 44 104.76 37.84 -68.70
CA GLU A 44 104.09 39.09 -68.42
C GLU A 44 103.58 39.13 -66.99
N PRO A 45 103.54 40.31 -66.37
CA PRO A 45 103.21 40.38 -64.93
C PRO A 45 101.79 39.98 -64.59
N GLY A 46 100.90 39.81 -65.56
CA GLY A 46 99.52 39.53 -65.26
C GLY A 46 99.14 38.07 -65.23
N THR A 47 99.84 37.24 -66.01
CA THR A 47 99.47 35.85 -66.16
C THR A 47 99.66 35.07 -64.86
N SER A 48 98.66 34.26 -64.52
CA SER A 48 98.72 33.38 -63.36
C SER A 48 98.20 32.01 -63.76
N ASN A 49 98.73 30.97 -63.12
CA ASN A 49 98.39 29.59 -63.44
C ASN A 49 97.79 28.84 -62.26
N CYS A 50 97.31 29.55 -61.24
CA CYS A 50 96.72 28.93 -60.06
C CYS A 50 95.28 29.40 -59.90
N GLU A 51 94.38 28.44 -59.76
CA GLU A 51 92.97 28.77 -59.57
C GLU A 51 92.72 29.30 -58.16
N HIS A 52 91.69 30.13 -58.04
CA HIS A 52 91.31 30.69 -56.74
C HIS A 52 89.81 30.70 -56.49
N TYR A 53 88.99 30.25 -57.44
CA TYR A 53 87.54 30.32 -57.32
C TYR A 53 86.93 28.95 -57.55
N LYS A 54 85.92 28.59 -56.75
CA LYS A 54 85.20 27.34 -56.94
C LYS A 54 83.76 27.70 -57.18
N ALA A 55 83.20 27.31 -58.30
CA ALA A 55 81.85 27.70 -58.67
C ALA A 55 80.75 27.13 -57.81
N ARG A 56 79.79 27.94 -57.36
CA ARG A 56 78.66 27.37 -56.60
C ARG A 56 77.76 26.47 -57.39
N PRO A 57 77.37 26.90 -58.58
CA PRO A 57 76.64 25.87 -59.31
C PRO A 57 77.84 25.24 -59.91
N GLY A 58 78.14 24.00 -59.57
CA GLY A 58 79.38 23.42 -60.03
C GLY A 58 79.51 23.25 -61.52
N ILE A 59 80.71 23.47 -62.04
CA ILE A 59 80.89 23.26 -63.45
C ILE A 59 80.60 21.81 -63.75
N ALA A 60 81.11 20.91 -62.92
CA ALA A 60 80.93 19.48 -63.19
C ALA A 60 79.50 19.04 -63.14
N SER A 61 78.78 19.51 -62.13
CA SER A 61 77.42 19.07 -61.97
C SER A 61 76.56 19.48 -63.14
N VAL A 62 76.69 20.71 -63.57
CA VAL A 62 75.88 21.18 -64.67
C VAL A 62 76.23 20.41 -65.93
N GLN A 63 77.50 20.14 -66.17
CA GLN A 63 77.86 19.49 -67.41
C GLN A 63 77.24 18.15 -67.53
N LYS A 64 77.22 17.40 -66.45
CA LYS A 64 76.70 16.05 -66.49
C LYS A 64 75.23 16.06 -66.87
N ALA A 65 74.46 16.95 -66.27
CA ALA A 65 73.05 17.06 -66.62
C ALA A 65 72.87 17.53 -68.03
N THR A 66 73.70 18.47 -68.45
CA THR A 66 73.56 19.01 -69.79
C THR A 66 73.79 17.93 -70.80
N GLU A 67 74.78 17.09 -70.62
CA GLU A 67 75.08 16.10 -71.63
C GLU A 67 73.98 15.09 -71.61
N SER A 68 73.27 15.03 -70.50
CA SER A 68 72.13 14.12 -70.41
C SER A 68 70.93 14.68 -71.17
N ALA A 69 70.65 15.98 -71.02
CA ALA A 69 69.63 16.62 -71.84
C ALA A 69 70.07 16.71 -73.30
N GLU A 70 71.38 16.80 -73.52
CA GLU A 70 71.93 17.00 -74.85
C GLU A 70 71.79 15.75 -75.72
N LEU A 71 71.60 14.60 -75.09
CA LEU A 71 71.35 13.38 -75.84
C LEU A 71 70.14 13.59 -76.75
N PRO A 72 70.24 13.26 -78.04
CA PRO A 72 69.17 13.61 -78.99
C PRO A 72 67.97 12.68 -78.86
N MET A 73 67.01 12.89 -79.75
CA MET A 73 65.73 12.19 -79.71
C MET A 73 65.90 10.73 -80.10
N LYS A 74 65.07 9.87 -79.52
CA LYS A 74 65.09 8.46 -79.86
C LYS A 74 64.33 8.20 -81.16
N ASN A 75 64.92 7.36 -82.01
CA ASN A 75 64.28 7.03 -83.28
C ASN A 75 63.14 6.03 -83.06
N ASN A 76 62.00 6.31 -83.67
CA ASN A 76 60.84 5.42 -83.65
C ASN A 76 60.68 4.87 -85.06
N ASP A 77 61.37 3.77 -85.35
CA ASP A 77 61.40 3.17 -86.67
C ASP A 77 60.27 2.18 -86.90
N GLU A 78 59.37 2.01 -85.93
CA GLU A 78 58.30 1.04 -86.05
C GLU A 78 57.37 1.41 -87.20
N GLY A 79 56.99 0.41 -88.00
CA GLY A 79 56.01 0.57 -89.05
C GLY A 79 56.58 0.92 -90.41
N THR A 80 57.81 1.43 -90.47
CA THR A 80 58.39 1.82 -91.74
C THR A 80 58.80 0.59 -92.55
N PRO A 81 58.71 0.67 -93.87
CA PRO A 81 59.11 -0.47 -94.71
C PRO A 81 60.62 -0.65 -94.74
N ASP A 82 61.03 -1.86 -95.10
CA ASP A 82 62.44 -2.20 -95.20
C ASP A 82 62.93 -2.06 -96.64
N LYS A 83 64.14 -2.53 -96.90
CA LYS A 83 64.70 -2.47 -98.24
C LYS A 83 63.87 -3.30 -99.21
N ARG A 84 63.46 -4.50 -98.81
CA ARG A 84 62.69 -5.38 -99.66
C ARG A 84 61.20 -5.03 -99.69
N GLY A 85 60.74 -4.18 -98.78
CA GLY A 85 59.34 -3.80 -98.72
C GLY A 85 58.59 -4.31 -97.51
N ASN A 86 59.12 -5.32 -96.81
CA ASN A 86 58.48 -5.80 -95.60
C ASN A 86 58.53 -4.72 -94.52
N THR A 87 57.40 -4.48 -93.88
CA THR A 87 57.32 -3.46 -92.85
C THR A 87 58.02 -3.94 -91.58
N LYS A 88 58.78 -3.05 -90.95
CA LYS A 88 59.53 -3.39 -89.76
C LYS A 88 58.73 -3.29 -88.52
N GLY A 89 58.90 -4.24 -87.62
CA GLY A 89 58.20 -4.22 -86.35
C GLY A 89 57.74 -5.61 -85.96
N ALA A 90 56.98 -5.65 -84.87
CA ALA A 90 56.44 -6.89 -84.33
C ALA A 90 54.93 -6.93 -84.57
N LEU A 91 54.42 -8.14 -84.76
CA LEU A 91 53.00 -8.35 -85.06
C LEU A 91 52.23 -8.30 -83.74
N VAL A 92 51.59 -7.17 -83.47
CA VAL A 92 50.83 -6.96 -82.24
C VAL A 92 49.78 -5.90 -82.50
N ASN A 93 48.67 -5.98 -81.76
CA ASN A 93 47.59 -5.02 -81.93
C ASN A 93 48.07 -3.61 -81.57
N GLU A 94 47.45 -2.61 -82.21
CA GLU A 94 47.95 -1.25 -82.12
C GLU A 94 47.83 -0.70 -80.70
N HIS A 95 46.62 -0.80 -80.12
CA HIS A 95 46.40 -0.29 -78.77
C HIS A 95 47.17 -1.12 -77.74
N VAL A 96 47.30 -2.42 -77.98
CA VAL A 96 48.10 -3.25 -77.09
C VAL A 96 49.55 -2.80 -77.09
N GLU A 97 50.09 -2.50 -78.28
CA GLU A 97 51.46 -2.00 -78.36
C GLU A 97 51.59 -0.66 -77.65
N ALA A 98 50.60 0.22 -77.81
CA ALA A 98 50.65 1.51 -77.12
C ALA A 98 50.67 1.33 -75.60
N ARG A 99 49.81 0.46 -75.08
CA ARG A 99 49.78 0.20 -73.64
C ARG A 99 51.09 -0.43 -73.17
N ASP A 100 51.63 -1.38 -73.95
CA ASP A 100 52.88 -2.03 -73.57
C ASP A 100 54.03 -1.05 -73.51
N GLU A 101 54.11 -0.14 -74.49
CA GLU A 101 55.21 0.82 -74.44
C GLU A 101 54.98 1.89 -73.37
N ALA A 102 53.72 2.18 -73.04
CA ALA A 102 53.47 3.04 -71.88
C ALA A 102 53.97 2.39 -70.59
N ASP A 103 53.71 1.09 -70.43
CA ASP A 103 54.24 0.38 -69.27
C ASP A 103 55.76 0.37 -69.27
N ASP A 104 56.37 0.17 -70.45
CA ASP A 104 57.82 0.21 -70.55
C ASP A 104 58.37 1.58 -70.17
N ALA A 105 57.70 2.65 -70.59
CA ALA A 105 58.11 3.99 -70.21
C ALA A 105 58.01 4.20 -68.71
N THR A 106 56.95 3.67 -68.09
CA THR A 106 56.84 3.78 -66.63
C THR A 106 57.98 3.05 -65.94
N LYS A 107 58.31 1.85 -66.42
CA LYS A 107 59.42 1.10 -65.84
C LYS A 107 60.75 1.84 -66.01
N LYS A 108 60.97 2.42 -67.19
CA LYS A 108 62.19 3.19 -67.42
C LYS A 108 62.25 4.43 -66.54
N GLN A 109 61.11 5.09 -66.33
CA GLN A 109 61.07 6.23 -65.42
C GLN A 109 61.44 5.80 -64.00
N ALA A 110 60.91 4.66 -63.56
CA ALA A 110 61.26 4.16 -62.23
C ALA A 110 62.75 3.84 -62.13
N LYS A 111 63.31 3.21 -63.16
CA LYS A 111 64.73 2.88 -63.15
C LYS A 111 65.59 4.13 -63.13
N ASP A 112 65.21 5.15 -63.91
CA ASP A 112 65.97 6.40 -63.90
C ASP A 112 65.88 7.10 -62.56
N THR A 113 64.70 7.08 -61.94
CA THR A 113 64.49 7.67 -60.62
C THR A 113 65.11 6.83 -59.51
N GLU A 114 65.59 5.63 -59.85
CA GLU A 114 66.21 4.68 -58.91
C GLU A 114 65.35 4.48 -57.67
N LYS A 115 64.05 4.34 -57.88
CA LYS A 115 63.11 3.96 -56.84
C LYS A 115 62.28 2.80 -57.34
N ALA A 116 61.79 1.98 -56.41
CA ALA A 116 60.96 0.85 -56.76
C ALA A 116 59.57 1.26 -57.24
N LYS A 117 59.14 2.48 -56.91
CA LYS A 117 57.85 3.01 -57.36
C LYS A 117 58.08 4.40 -57.94
N ALA A 118 57.54 4.64 -59.12
CA ALA A 118 57.74 5.89 -59.84
C ALA A 118 56.58 6.84 -59.58
N GLN A 119 56.90 8.08 -59.20
CA GLN A 119 55.87 9.08 -58.99
C GLN A 119 55.19 9.46 -60.31
N VAL A 120 55.98 9.75 -61.33
CA VAL A 120 55.47 10.14 -62.64
C VAL A 120 55.23 8.87 -63.46
N THR A 121 53.97 8.63 -63.83
CA THR A 121 53.59 7.44 -64.57
C THR A 121 52.85 7.83 -65.85
N TYR A 122 53.24 7.21 -66.94
CA TYR A 122 52.63 7.50 -68.20
C TYR A 122 51.57 6.45 -68.38
N SER A 123 51.41 5.59 -67.38
CA SER A 123 50.45 4.50 -67.48
C SER A 123 49.52 4.49 -66.32
N ASP A 124 48.31 3.97 -66.48
CA ASP A 124 47.30 4.00 -65.41
C ASP A 124 47.07 5.42 -64.98
N THR A 125 47.02 6.33 -65.93
CA THR A 125 46.87 7.73 -65.63
C THR A 125 45.59 8.05 -64.97
N GLY A 126 44.53 7.36 -65.34
CA GLY A 126 43.24 7.71 -64.81
C GLY A 126 42.41 8.48 -65.80
N ILE A 127 42.94 8.72 -66.99
CA ILE A 127 42.15 9.36 -68.03
C ILE A 127 41.85 8.21 -68.96
N ASN A 128 40.59 7.98 -69.30
CA ASN A 128 40.26 6.82 -70.11
C ASN A 128 40.83 7.06 -71.44
N ASN A 129 41.92 6.42 -71.72
CA ASN A 129 42.49 6.54 -73.05
C ASN A 129 42.47 5.16 -73.70
N ALA A 130 41.35 4.79 -74.30
CA ALA A 130 41.17 3.50 -74.95
C ALA A 130 41.20 3.61 -76.47
N ASN A 131 41.30 4.83 -77.01
CA ASN A 131 41.39 5.03 -78.45
C ASN A 131 42.80 5.35 -78.91
N GLU A 132 43.79 5.26 -78.01
CA GLU A 132 45.16 5.55 -78.39
C GLU A 132 45.69 4.49 -79.35
N LEU A 133 46.39 4.94 -80.38
CA LEU A 133 47.03 4.05 -81.34
C LEU A 133 48.49 4.45 -81.51
N SER A 134 49.35 3.44 -81.58
CA SER A 134 50.78 3.65 -81.78
C SER A 134 51.27 2.67 -82.83
N ARG A 135 52.20 3.11 -83.67
CA ARG A 135 52.60 2.33 -84.83
C ARG A 135 53.24 1.00 -84.42
N SER A 136 52.95 -0.03 -85.20
CA SER A 136 53.54 -1.36 -85.00
C SER A 136 53.68 -2.02 -86.37
N GLY A 137 54.07 -3.29 -86.36
CA GLY A 137 54.25 -4.05 -87.58
C GLY A 137 53.04 -4.81 -88.06
N ASN A 138 51.88 -4.60 -87.42
CA ASN A 138 50.69 -5.36 -87.79
C ASN A 138 50.11 -4.90 -89.12
N VAL A 139 50.16 -3.59 -89.38
CA VAL A 139 49.52 -2.99 -90.54
C VAL A 139 50.57 -2.67 -91.59
N ASP A 140 50.15 -2.59 -92.84
CA ASP A 140 51.02 -2.20 -93.93
C ASP A 140 50.69 -0.79 -94.42
N ASN A 141 51.44 -0.34 -95.43
CA ASN A 141 51.14 0.94 -96.04
C ASN A 141 49.84 0.89 -96.83
N GLU A 142 49.44 -0.28 -97.29
CA GLU A 142 48.18 -0.41 -98.00
C GLU A 142 47.00 -0.68 -97.08
N GLY A 143 47.15 -0.43 -95.80
CA GLY A 143 46.08 -0.71 -94.86
C GLY A 143 45.60 -2.14 -94.77
N GLY A 144 46.50 -3.09 -94.78
CA GLY A 144 46.14 -4.49 -94.68
C GLY A 144 47.04 -5.23 -93.73
N SER A 145 46.63 -6.39 -93.24
CA SER A 145 47.43 -7.07 -92.23
C SER A 145 48.74 -7.60 -92.75
N ASN A 146 49.65 -7.89 -91.85
CA ASN A 146 50.98 -8.32 -92.25
C ASN A 146 51.21 -9.76 -91.85
N GLN A 147 50.17 -10.56 -91.89
CA GLN A 147 50.30 -11.94 -91.46
C GLN A 147 51.32 -12.64 -92.29
N LYS A 148 51.34 -12.37 -93.58
CA LYS A 148 52.36 -12.94 -94.42
C LYS A 148 53.14 -11.75 -94.85
N PRO A 149 54.46 -11.81 -94.77
CA PRO A 149 55.24 -10.63 -95.09
C PRO A 149 55.01 -10.27 -96.53
N MET A 150 55.12 -9.00 -96.89
CA MET A 150 54.77 -8.59 -98.24
C MET A 150 55.54 -9.28 -99.34
N SER A 151 56.82 -9.50 -99.15
CA SER A 151 57.59 -10.08 -100.21
C SER A 151 57.02 -11.45 -100.55
N THR A 152 56.61 -12.20 -99.56
CA THR A 152 56.00 -13.49 -99.84
C THR A 152 54.66 -13.37 -100.51
N ARG A 153 53.93 -12.31 -100.24
CA ARG A 153 52.65 -12.11 -100.93
C ARG A 153 52.86 -11.85 -102.41
N ILE A 154 53.82 -10.97 -102.75
CA ILE A 154 54.11 -10.68 -104.15
C ILE A 154 54.64 -11.92 -104.86
N ALA A 155 55.52 -12.67 -104.18
CA ALA A 155 56.05 -13.88 -104.79
C ALA A 155 54.95 -14.88 -105.09
N GLU A 156 54.02 -15.08 -104.15
CA GLU A 156 52.91 -16.00 -104.38
C GLU A 156 52.00 -15.49 -105.48
N ALA A 157 51.82 -14.20 -105.65
CA ALA A 157 50.98 -13.75 -106.73
C ALA A 157 51.60 -14.03 -108.07
N THR A 158 52.86 -13.67 -108.22
CA THR A 158 53.54 -13.85 -109.49
C THR A 158 53.67 -15.30 -109.87
N SER A 159 53.73 -16.19 -108.89
CA SER A 159 53.92 -17.59 -109.18
C SER A 159 52.81 -18.16 -110.02
N ALA A 160 51.59 -17.75 -109.78
CA ALA A 160 50.47 -18.32 -110.50
C ALA A 160 50.60 -18.09 -111.99
N ILE A 161 51.14 -16.96 -112.37
CA ILE A 161 51.26 -16.61 -113.78
C ILE A 161 52.29 -17.44 -114.55
N VAL A 162 53.32 -17.95 -113.91
CA VAL A 162 54.41 -18.64 -114.61
C VAL A 162 54.03 -19.89 -115.38
N SER A 163 54.66 -20.09 -116.54
CA SER A 163 54.37 -21.23 -117.38
C SER A 163 55.70 -21.86 -117.67
N LYS A 164 55.70 -23.12 -118.12
CA LYS A 164 56.96 -23.81 -118.31
C LYS A 164 57.11 -24.38 -119.70
N HIS A 165 58.31 -24.80 -120.07
CA HIS A 165 58.57 -25.26 -121.42
C HIS A 165 57.70 -26.41 -121.77
N PRO A 166 57.32 -26.48 -123.04
CA PRO A 166 56.39 -27.53 -123.41
C PRO A 166 56.96 -28.86 -123.14
N ALA A 167 56.13 -29.78 -122.67
CA ALA A 167 56.60 -31.13 -122.45
C ALA A 167 57.23 -31.67 -123.73
N LYS B 2 -7.61 -93.21 -103.93
CA LYS B 2 -6.97 -92.72 -102.71
C LYS B 2 -7.90 -92.85 -101.51
N ARG B 3 -7.39 -92.52 -100.33
CA ARG B 3 -8.17 -92.57 -99.10
C ARG B 3 -7.76 -91.42 -98.20
N ILE B 4 -8.67 -91.03 -97.32
CA ILE B 4 -8.46 -89.94 -96.37
C ILE B 4 -8.60 -90.51 -94.97
N PRO B 5 -7.58 -90.39 -94.12
CA PRO B 5 -7.69 -90.90 -92.75
C PRO B 5 -8.78 -90.20 -91.98
N ARG B 6 -9.42 -90.95 -91.08
CA ARG B 6 -10.53 -90.44 -90.29
C ARG B 6 -10.00 -89.91 -88.96
N LYS B 7 -10.46 -88.71 -88.58
CA LYS B 7 -9.89 -88.02 -87.43
C LYS B 7 -10.35 -88.63 -86.11
N THR B 8 -11.64 -88.98 -86.00
CA THR B 8 -12.23 -89.39 -84.73
C THR B 8 -12.63 -90.85 -84.77
N LYS B 9 -12.89 -91.39 -83.58
CA LYS B 9 -13.31 -92.78 -83.45
C LYS B 9 -14.75 -92.96 -83.91
N GLY B 10 -15.02 -94.10 -84.52
CA GLY B 10 -16.37 -94.45 -84.93
C GLY B 10 -16.81 -95.81 -84.42
N LYS B 11 -17.76 -96.43 -85.12
CA LYS B 11 -18.22 -97.76 -84.73
C LYS B 11 -17.28 -98.84 -85.23
N SER B 12 -16.10 -98.46 -85.70
CA SER B 12 -15.12 -99.43 -86.15
C SER B 12 -14.17 -99.77 -85.03
N SER B 13 -14.38 -99.18 -83.85
CA SER B 13 -13.45 -99.39 -82.75
C SER B 13 -13.42 -100.86 -82.38
N PRO B 40 13.85 -73.39 -126.25
CA PRO B 40 14.23 -71.98 -126.29
C PRO B 40 13.74 -71.20 -125.08
N ALA B 41 13.21 -71.91 -124.07
CA ALA B 41 12.74 -71.26 -122.86
C ALA B 41 13.88 -70.56 -122.15
N THR B 42 13.64 -69.32 -121.74
CA THR B 42 14.65 -68.50 -121.09
C THR B 42 14.01 -67.79 -119.90
N ALA B 43 14.84 -67.48 -118.90
CA ALA B 43 14.36 -66.74 -117.74
C ALA B 43 13.81 -65.38 -118.17
N GLU B 44 12.51 -65.18 -117.98
CA GLU B 44 11.87 -63.97 -118.44
C GLU B 44 12.37 -62.77 -117.62
N PRO B 45 12.52 -61.61 -118.24
CA PRO B 45 12.97 -60.43 -117.49
C PRO B 45 11.96 -60.03 -116.43
N GLY B 46 12.48 -59.46 -115.35
CA GLY B 46 11.65 -59.01 -114.25
C GLY B 46 11.34 -60.04 -113.20
N THR B 47 12.06 -61.16 -113.16
CA THR B 47 11.86 -62.21 -112.17
C THR B 47 13.10 -62.31 -111.29
N SER B 48 12.90 -62.20 -109.99
CA SER B 48 13.99 -62.29 -109.02
C SER B 48 13.45 -62.77 -107.69
N ASN B 49 14.30 -63.48 -106.94
CA ASN B 49 13.93 -64.00 -105.62
C ASN B 49 14.43 -63.11 -104.48
N CYS B 50 15.06 -61.98 -104.80
CA CYS B 50 15.56 -61.09 -103.76
C CYS B 50 14.42 -60.31 -103.11
N GLU B 51 14.57 -60.03 -101.83
CA GLU B 51 13.59 -59.28 -101.05
C GLU B 51 14.24 -58.00 -100.56
N HIS B 52 13.54 -56.88 -100.74
CA HIS B 52 14.04 -55.57 -100.32
C HIS B 52 13.09 -54.84 -99.38
N TYR B 53 11.99 -55.48 -98.98
CA TYR B 53 10.97 -54.86 -98.15
C TYR B 53 10.72 -55.68 -96.90
N LYS B 54 10.56 -55.02 -95.76
CA LYS B 54 10.24 -55.70 -94.51
C LYS B 54 8.95 -55.08 -94.01
N ALA B 55 8.02 -55.88 -93.54
CA ALA B 55 6.72 -55.37 -93.17
C ALA B 55 6.64 -54.52 -91.92
N ARG B 56 5.98 -53.37 -92.00
CA ARG B 56 5.83 -52.51 -90.83
C ARG B 56 4.99 -53.10 -89.73
N PRO B 57 3.81 -53.62 -90.04
CA PRO B 57 3.10 -54.28 -88.95
C PRO B 57 3.87 -55.51 -88.59
N GLY B 58 4.43 -56.19 -89.57
CA GLY B 58 5.17 -57.42 -89.33
C GLY B 58 4.46 -58.56 -90.00
N ILE B 59 5.09 -59.71 -90.08
CA ILE B 59 4.41 -60.86 -90.62
C ILE B 59 4.54 -61.99 -89.64
N ALA B 60 5.48 -61.91 -88.72
CA ALA B 60 5.53 -62.94 -87.69
C ALA B 60 4.58 -62.62 -86.53
N SER B 61 4.63 -61.40 -86.03
CA SER B 61 3.81 -61.05 -84.87
C SER B 61 2.32 -61.11 -85.20
N VAL B 62 1.92 -60.55 -86.34
CA VAL B 62 0.52 -60.60 -86.74
C VAL B 62 0.07 -62.03 -86.99
N GLN B 63 0.94 -62.85 -87.60
CA GLN B 63 0.59 -64.23 -87.86
C GLN B 63 0.41 -65.00 -86.56
N LYS B 64 1.28 -64.77 -85.58
CA LYS B 64 1.12 -65.43 -84.28
C LYS B 64 -0.15 -64.98 -83.57
N ALA B 65 -0.46 -63.67 -83.63
CA ALA B 65 -1.67 -63.17 -82.99
C ALA B 65 -2.91 -63.78 -83.64
N THR B 66 -2.94 -63.85 -84.97
CA THR B 66 -4.07 -64.46 -85.66
C THR B 66 -4.14 -65.96 -85.38
N GLU B 67 -2.98 -66.62 -85.26
CA GLU B 67 -2.97 -68.03 -84.91
C GLU B 67 -3.60 -68.26 -83.54
N SER B 68 -3.26 -67.41 -82.58
CA SER B 68 -3.86 -67.51 -81.26
C SER B 68 -5.34 -67.19 -81.26
N ALA B 69 -5.77 -66.23 -82.09
CA ALA B 69 -7.18 -65.86 -82.15
C ALA B 69 -8.02 -66.87 -82.91
N GLU B 70 -7.40 -67.70 -83.76
CA GLU B 70 -8.15 -68.62 -84.61
C GLU B 70 -8.75 -69.80 -83.83
N LEU B 71 -8.30 -70.04 -82.59
CA LEU B 71 -8.77 -71.20 -81.85
C LEU B 71 -10.28 -71.11 -81.62
N PRO B 72 -10.97 -72.26 -81.62
CA PRO B 72 -12.42 -72.25 -81.39
C PRO B 72 -12.78 -72.00 -79.93
N MET B 73 -14.07 -72.08 -79.61
CA MET B 73 -14.56 -71.86 -78.27
C MET B 73 -14.66 -73.19 -77.54
N LYS B 74 -14.28 -73.20 -76.27
CA LYS B 74 -14.23 -74.43 -75.49
C LYS B 74 -15.62 -75.05 -75.40
N ASN B 75 -15.66 -76.39 -75.53
CA ASN B 75 -16.91 -77.12 -75.41
C ASN B 75 -17.24 -77.35 -73.94
N ASN B 76 -18.25 -76.63 -73.45
CA ASN B 76 -18.69 -76.73 -72.06
C ASN B 76 -19.68 -77.89 -71.96
N ASP B 77 -19.17 -79.07 -71.64
CA ASP B 77 -19.95 -80.30 -71.66
C ASP B 77 -20.58 -80.65 -70.32
N GLU B 78 -20.30 -79.88 -69.27
CA GLU B 78 -20.86 -80.19 -67.95
C GLU B 78 -22.38 -80.08 -67.97
N GLY B 79 -23.03 -81.00 -67.25
CA GLY B 79 -24.47 -81.02 -67.16
C GLY B 79 -25.18 -81.79 -68.24
N THR B 80 -24.47 -82.27 -69.25
CA THR B 80 -25.14 -82.96 -70.34
C THR B 80 -25.08 -84.46 -70.13
N PRO B 81 -26.03 -85.19 -70.70
CA PRO B 81 -26.06 -86.63 -70.54
C PRO B 81 -24.95 -87.36 -71.23
N ASP B 82 -24.56 -88.52 -70.72
CA ASP B 82 -23.55 -89.36 -71.36
C ASP B 82 -24.33 -90.41 -72.07
N LYS B 83 -23.65 -91.30 -72.75
CA LYS B 83 -24.37 -92.28 -73.55
C LYS B 83 -25.30 -93.13 -72.70
N ARG B 84 -24.88 -93.50 -71.50
CA ARG B 84 -25.70 -94.37 -70.67
C ARG B 84 -26.69 -93.59 -69.83
N GLY B 85 -26.66 -92.26 -69.89
CA GLY B 85 -27.63 -91.48 -69.17
C GLY B 85 -27.14 -90.67 -68.01
N ASN B 86 -25.99 -91.03 -67.47
CA ASN B 86 -25.46 -90.31 -66.34
C ASN B 86 -25.04 -88.92 -66.78
N THR B 87 -25.05 -87.96 -65.87
CA THR B 87 -24.73 -86.63 -66.31
C THR B 87 -23.28 -86.36 -66.13
N LYS B 88 -22.59 -86.06 -67.21
CA LYS B 88 -21.19 -85.77 -67.14
C LYS B 88 -21.05 -84.54 -66.31
N GLY B 89 -20.14 -84.56 -65.35
CA GLY B 89 -20.01 -83.42 -64.47
C GLY B 89 -19.39 -83.65 -63.12
N ALA B 90 -19.53 -82.70 -62.21
CA ALA B 90 -18.95 -82.79 -60.89
C ALA B 90 -20.08 -82.48 -59.95
N LEU B 91 -19.96 -82.82 -58.67
CA LEU B 91 -21.11 -82.68 -57.77
C LEU B 91 -21.24 -81.38 -56.98
N VAL B 92 -20.48 -80.37 -57.34
CA VAL B 92 -20.54 -79.09 -56.66
C VAL B 92 -21.84 -78.33 -56.85
N ASN B 93 -22.21 -77.52 -55.87
CA ASN B 93 -23.42 -76.68 -55.98
C ASN B 93 -23.26 -75.79 -57.17
N GLU B 94 -24.32 -75.29 -57.74
CA GLU B 94 -24.27 -74.55 -59.00
C GLU B 94 -23.63 -73.17 -58.83
N HIS B 95 -24.11 -72.38 -57.86
CA HIS B 95 -23.60 -71.03 -57.67
C HIS B 95 -22.14 -71.05 -57.25
N VAL B 96 -21.80 -71.92 -56.30
CA VAL B 96 -20.42 -72.04 -55.84
C VAL B 96 -19.52 -72.48 -56.98
N GLU B 97 -20.01 -73.37 -57.84
CA GLU B 97 -19.16 -73.93 -58.90
C GLU B 97 -18.95 -72.88 -60.00
N ALA B 98 -19.96 -72.07 -60.27
CA ALA B 98 -19.81 -70.94 -61.18
C ALA B 98 -18.79 -69.94 -60.64
N ARG B 99 -18.87 -69.63 -59.35
CA ARG B 99 -17.87 -68.77 -58.75
C ARG B 99 -16.48 -69.39 -58.85
N ASP B 100 -16.40 -70.72 -58.72
CA ASP B 100 -15.13 -71.42 -58.84
C ASP B 100 -14.53 -71.25 -60.23
N GLU B 101 -15.34 -71.44 -61.28
CA GLU B 101 -14.78 -71.25 -62.62
C GLU B 101 -14.44 -69.78 -62.88
N ALA B 102 -15.21 -68.85 -62.30
CA ALA B 102 -14.87 -67.45 -62.42
C ALA B 102 -13.50 -67.16 -61.82
N ASP B 103 -13.24 -67.72 -60.63
CA ASP B 103 -11.94 -67.55 -60.00
C ASP B 103 -10.84 -68.22 -60.82
N ASP B 104 -11.15 -69.38 -61.42
CA ASP B 104 -10.16 -70.05 -62.28
C ASP B 104 -9.80 -69.19 -63.48
N ALA B 105 -10.80 -68.57 -64.12
CA ALA B 105 -10.53 -67.68 -65.24
C ALA B 105 -9.73 -66.48 -64.81
N THR B 106 -10.02 -65.94 -63.62
CA THR B 106 -9.22 -64.86 -63.08
C THR B 106 -7.76 -65.28 -62.90
N LYS B 107 -7.54 -66.49 -62.40
CA LYS B 107 -6.18 -67.00 -62.25
C LYS B 107 -5.49 -67.13 -63.59
N LYS B 108 -6.20 -67.65 -64.60
CA LYS B 108 -5.59 -67.92 -65.90
C LYS B 108 -5.30 -66.64 -66.67
N GLN B 109 -6.09 -65.58 -66.43
CA GLN B 109 -5.80 -64.29 -67.05
C GLN B 109 -4.43 -63.77 -66.63
N ALA B 110 -4.07 -63.94 -65.36
CA ALA B 110 -2.76 -63.50 -64.90
C ALA B 110 -1.65 -64.26 -65.62
N LYS B 111 -1.81 -65.57 -65.78
CA LYS B 111 -0.82 -66.35 -66.52
C LYS B 111 -0.71 -65.89 -67.97
N ASP B 112 -1.85 -65.56 -68.59
CA ASP B 112 -1.82 -65.04 -69.95
C ASP B 112 -1.09 -63.71 -70.02
N THR B 113 -1.30 -62.84 -69.04
CA THR B 113 -0.70 -61.50 -69.04
C THR B 113 0.70 -61.48 -68.44
N GLU B 114 1.27 -62.63 -68.09
CA GLU B 114 2.67 -62.71 -67.59
C GLU B 114 2.91 -62.21 -66.18
N LYS B 115 1.92 -61.60 -65.54
CA LYS B 115 2.09 -61.02 -64.22
C LYS B 115 1.32 -61.83 -63.20
N ALA B 116 1.86 -61.89 -61.97
CA ALA B 116 1.21 -62.66 -60.92
C ALA B 116 -0.18 -62.12 -60.59
N LYS B 117 -0.31 -60.81 -60.49
CA LYS B 117 -1.61 -60.19 -60.27
C LYS B 117 -2.29 -59.94 -61.61
N ALA B 118 -3.59 -59.63 -61.55
CA ALA B 118 -4.41 -59.43 -62.73
C ALA B 118 -5.07 -58.06 -62.68
N GLN B 119 -5.10 -57.39 -63.83
CA GLN B 119 -5.84 -56.14 -63.97
C GLN B 119 -7.28 -56.39 -64.40
N VAL B 120 -7.49 -57.27 -65.36
CA VAL B 120 -8.83 -57.71 -65.76
C VAL B 120 -9.23 -58.87 -64.87
N THR B 121 -10.30 -58.69 -64.13
CA THR B 121 -10.73 -59.69 -63.18
C THR B 121 -12.15 -60.11 -63.44
N TYR B 122 -12.39 -61.40 -63.49
CA TYR B 122 -13.72 -61.90 -63.71
C TYR B 122 -14.32 -62.25 -62.38
N SER B 123 -13.59 -61.99 -61.31
CA SER B 123 -14.09 -62.30 -59.98
C SER B 123 -13.91 -61.12 -59.09
N ASP B 124 -14.72 -61.02 -58.04
CA ASP B 124 -14.66 -59.91 -57.11
C ASP B 124 -14.89 -58.58 -57.77
N THR B 125 -15.75 -58.54 -58.77
CA THR B 125 -16.09 -57.27 -59.37
C THR B 125 -17.10 -56.69 -58.41
N GLY B 126 -17.41 -55.42 -58.55
CA GLY B 126 -18.38 -54.79 -57.68
C GLY B 126 -19.79 -55.32 -57.73
N ILE B 127 -20.26 -55.70 -58.91
CA ILE B 127 -21.63 -56.14 -59.07
C ILE B 127 -21.94 -57.34 -58.21
N ASN B 128 -23.09 -57.33 -57.56
CA ASN B 128 -23.49 -58.45 -56.73
C ASN B 128 -24.21 -59.47 -57.54
N ASN B 129 -23.54 -60.56 -57.88
CA ASN B 129 -24.20 -61.67 -58.55
C ASN B 129 -24.23 -62.87 -57.60
N ALA B 130 -25.25 -62.92 -56.75
CA ALA B 130 -25.50 -64.06 -55.90
C ALA B 130 -26.53 -65.01 -56.51
N ASN B 131 -27.00 -64.73 -57.72
CA ASN B 131 -28.04 -65.52 -58.36
C ASN B 131 -27.56 -66.21 -59.63
N GLU B 132 -26.38 -65.86 -60.14
CA GLU B 132 -25.88 -66.47 -61.36
C GLU B 132 -25.57 -67.94 -61.13
N LEU B 133 -25.88 -68.76 -62.14
CA LEU B 133 -25.75 -70.21 -62.04
C LEU B 133 -25.02 -70.75 -63.27
N SER B 134 -24.27 -71.83 -63.06
CA SER B 134 -23.60 -72.54 -64.13
C SER B 134 -23.96 -74.01 -64.05
N ARG B 135 -23.99 -74.66 -65.21
CA ARG B 135 -24.38 -76.07 -65.27
C ARG B 135 -23.34 -76.94 -64.58
N SER B 136 -23.82 -77.87 -63.77
CA SER B 136 -22.96 -78.80 -63.04
C SER B 136 -23.63 -80.17 -63.02
N GLY B 137 -22.90 -81.16 -62.51
CA GLY B 137 -23.43 -82.51 -62.44
C GLY B 137 -24.34 -82.75 -61.24
N ASN B 138 -24.57 -81.74 -60.41
CA ASN B 138 -25.40 -81.92 -59.23
C ASN B 138 -26.86 -82.17 -59.60
N VAL B 139 -27.31 -81.61 -60.72
CA VAL B 139 -28.71 -81.69 -61.14
C VAL B 139 -28.79 -82.51 -62.43
N ASP B 140 -29.85 -83.29 -62.57
CA ASP B 140 -30.07 -84.07 -63.77
C ASP B 140 -30.96 -83.30 -64.75
N ASN B 141 -31.47 -83.99 -65.75
CA ASN B 141 -32.28 -83.33 -66.75
C ASN B 141 -33.70 -83.09 -66.34
N GLU B 142 -34.19 -83.81 -65.35
CA GLU B 142 -35.59 -83.71 -64.95
C GLU B 142 -35.88 -82.83 -63.74
N GLY B 143 -34.90 -82.10 -63.24
CA GLY B 143 -35.10 -81.31 -62.05
C GLY B 143 -34.75 -82.00 -60.75
N GLY B 144 -34.33 -83.25 -60.81
CA GLY B 144 -33.91 -83.94 -59.61
C GLY B 144 -32.46 -83.72 -59.23
N SER B 145 -31.89 -84.63 -58.45
CA SER B 145 -30.51 -84.50 -58.03
C SER B 145 -29.74 -85.74 -58.34
N ASN B 146 -28.54 -85.59 -58.85
CA ASN B 146 -27.72 -86.74 -59.16
C ASN B 146 -26.88 -87.15 -57.99
N GLN B 147 -27.49 -87.45 -56.85
CA GLN B 147 -26.74 -87.97 -55.73
C GLN B 147 -26.29 -89.33 -56.15
N LYS B 148 -27.17 -90.06 -56.82
CA LYS B 148 -26.81 -91.37 -57.32
C LYS B 148 -27.07 -91.28 -58.78
N PRO B 149 -26.19 -91.85 -59.59
CA PRO B 149 -26.36 -91.69 -61.02
C PRO B 149 -27.57 -92.38 -61.51
N MET B 150 -28.08 -91.99 -62.66
CA MET B 150 -29.32 -92.56 -63.14
C MET B 150 -29.25 -94.03 -63.36
N SER B 151 -28.14 -94.54 -63.84
CA SER B 151 -28.09 -95.94 -64.15
C SER B 151 -28.34 -96.72 -62.89
N THR B 152 -27.75 -96.30 -61.79
CA THR B 152 -27.97 -96.97 -60.52
C THR B 152 -29.42 -96.89 -60.16
N ARG B 153 -30.06 -95.76 -60.40
CA ARG B 153 -31.44 -95.54 -60.01
C ARG B 153 -32.38 -96.47 -60.76
N ILE B 154 -32.22 -96.55 -62.08
CA ILE B 154 -33.03 -97.45 -62.89
C ILE B 154 -32.73 -98.90 -62.53
N ALA B 155 -31.47 -99.20 -62.21
CA ALA B 155 -31.11 -100.56 -61.83
C ALA B 155 -31.87 -101.02 -60.59
N GLU B 156 -31.89 -100.18 -59.55
CA GLU B 156 -32.63 -100.55 -58.35
C GLU B 156 -34.14 -100.55 -58.60
N ALA B 157 -34.64 -99.61 -59.40
CA ALA B 157 -36.07 -99.60 -59.71
C ALA B 157 -36.49 -100.89 -60.40
N THR B 158 -35.65 -101.41 -61.30
CA THR B 158 -35.97 -102.66 -61.98
C THR B 158 -35.75 -103.87 -61.06
N SER B 159 -34.72 -103.83 -60.23
CA SER B 159 -34.44 -104.94 -59.32
C SER B 159 -35.49 -105.06 -58.22
N ALA B 160 -36.38 -104.09 -58.12
CA ALA B 160 -37.48 -104.19 -57.16
C ALA B 160 -38.51 -105.21 -57.60
N ILE B 161 -38.94 -105.13 -58.84
CA ILE B 161 -39.86 -106.14 -59.33
C ILE B 161 -39.13 -107.20 -60.12
N VAL B 162 -38.98 -108.38 -59.55
CA VAL B 162 -38.32 -109.48 -60.23
C VAL B 162 -38.93 -110.70 -59.61
N SER B 163 -38.84 -111.84 -60.27
CA SER B 163 -39.35 -113.07 -59.70
C SER B 163 -38.46 -114.23 -60.06
N LYS B 164 -38.55 -115.31 -59.30
CA LYS B 164 -37.73 -116.48 -59.55
C LYS B 164 -38.55 -117.74 -59.76
N HIS B 165 -37.90 -118.84 -60.09
CA HIS B 165 -38.58 -120.10 -60.26
C HIS B 165 -38.98 -120.67 -58.88
N PRO B 166 -40.07 -121.44 -58.82
CA PRO B 166 -40.45 -122.06 -57.56
C PRO B 166 -39.44 -123.10 -57.11
N ALA B 167 -39.31 -123.24 -55.79
CA ALA B 167 -38.37 -124.20 -55.22
C ALA B 167 -38.81 -125.63 -55.49
N LYS C 2 -53.02 -123.13 35.49
CA LYS C 2 -52.09 -122.48 34.58
C LYS C 2 -51.45 -121.26 35.24
N ARG C 3 -50.28 -121.45 35.83
CA ARG C 3 -49.62 -120.37 36.56
C ARG C 3 -49.21 -119.24 35.61
N ILE C 4 -49.34 -118.01 36.10
CA ILE C 4 -48.91 -116.82 35.38
C ILE C 4 -47.90 -116.09 36.25
N PRO C 5 -46.72 -115.69 35.74
CA PRO C 5 -45.78 -115.04 36.69
C PRO C 5 -46.16 -113.63 37.19
N ARG C 6 -45.32 -113.04 38.05
CA ARG C 6 -45.61 -111.71 38.61
C ARG C 6 -44.54 -110.68 38.31
N LYS C 7 -44.92 -109.52 37.81
CA LYS C 7 -43.95 -108.45 37.57
C LYS C 7 -43.27 -107.84 38.78
N THR C 8 -44.04 -107.54 39.83
CA THR C 8 -43.46 -106.84 40.98
C THR C 8 -43.50 -107.63 42.27
N LYS C 9 -42.38 -107.66 42.98
CA LYS C 9 -42.34 -108.36 44.26
C LYS C 9 -43.12 -107.62 45.32
N GLY C 10 -43.75 -108.36 46.23
CA GLY C 10 -44.49 -107.73 47.30
C GLY C 10 -44.30 -108.22 48.71
N LYS C 11 -45.39 -108.61 49.34
CA LYS C 11 -45.33 -109.04 50.73
C LYS C 11 -44.49 -110.29 50.91
N SER C 12 -44.57 -111.23 49.99
CA SER C 12 -43.72 -112.40 50.08
C SER C 12 -42.41 -112.00 49.47
N SER C 13 -41.38 -111.89 50.30
CA SER C 13 -40.09 -111.44 49.81
C SER C 13 -38.99 -112.37 50.27
N GLY C 14 -38.14 -112.80 49.34
CA GLY C 14 -37.02 -113.67 49.69
C GLY C 14 -37.36 -114.68 50.77
N PRO C 40 -60.28 -134.08 -0.67
CA PRO C 40 -59.61 -132.94 -0.06
C PRO C 40 -58.53 -132.40 -0.96
N ALA C 41 -58.40 -131.09 -1.01
CA ALA C 41 -57.34 -130.49 -1.79
C ALA C 41 -56.80 -129.33 -1.02
N THR C 42 -55.58 -128.94 -1.32
CA THR C 42 -54.97 -127.86 -0.58
C THR C 42 -55.00 -126.51 -1.24
N ALA C 43 -54.67 -126.44 -2.52
CA ALA C 43 -54.57 -125.13 -3.16
C ALA C 43 -55.90 -124.46 -3.24
N GLU C 44 -55.95 -123.21 -2.85
CA GLU C 44 -57.18 -122.47 -3.02
C GLU C 44 -56.79 -121.30 -3.88
N PRO C 45 -57.54 -121.07 -4.95
CA PRO C 45 -57.08 -120.03 -5.86
C PRO C 45 -56.97 -118.65 -5.28
N GLY C 46 -55.95 -117.88 -5.67
CA GLY C 46 -55.84 -116.50 -5.27
C GLY C 46 -54.89 -116.21 -4.13
N THR C 47 -54.30 -117.23 -3.50
CA THR C 47 -53.40 -117.03 -2.38
C THR C 47 -51.96 -117.07 -2.88
N SER C 48 -51.15 -116.12 -2.40
CA SER C 48 -49.74 -116.02 -2.77
C SER C 48 -49.07 -115.03 -1.83
N ASN C 49 -47.74 -115.18 -1.70
CA ASN C 49 -46.93 -114.33 -0.83
C ASN C 49 -45.70 -113.86 -1.61
N CYS C 50 -45.82 -112.70 -2.25
CA CYS C 50 -44.72 -112.10 -2.99
C CYS C 50 -44.40 -110.68 -2.54
N GLU C 51 -45.30 -110.02 -1.80
CA GLU C 51 -45.07 -108.70 -1.23
C GLU C 51 -44.71 -107.68 -2.32
N HIS C 52 -45.66 -107.44 -3.22
CA HIS C 52 -45.41 -106.51 -4.32
C HIS C 52 -45.43 -105.06 -3.83
N TYR C 53 -46.24 -104.77 -2.81
CA TYR C 53 -46.42 -103.39 -2.39
C TYR C 53 -45.35 -102.96 -1.38
N LYS C 54 -44.97 -101.69 -1.47
CA LYS C 54 -44.09 -101.05 -0.50
C LYS C 54 -44.79 -99.81 0.05
N ALA C 55 -44.94 -99.75 1.37
CA ALA C 55 -45.62 -98.62 1.98
C ALA C 55 -44.84 -97.33 1.78
N ARG C 56 -45.57 -96.25 1.51
CA ARG C 56 -44.96 -94.96 1.23
C ARG C 56 -44.46 -94.28 2.50
N PRO C 57 -45.27 -94.12 3.56
CA PRO C 57 -44.73 -93.52 4.78
C PRO C 57 -43.57 -94.31 5.37
N GLY C 58 -43.60 -95.63 5.26
CA GLY C 58 -42.57 -96.47 5.85
C GLY C 58 -43.04 -97.14 7.12
N ILE C 59 -43.36 -98.44 7.02
CA ILE C 59 -43.92 -99.15 8.15
C ILE C 59 -42.94 -99.20 9.32
N ALA C 60 -41.67 -99.47 9.05
CA ALA C 60 -40.69 -99.56 10.12
C ALA C 60 -40.49 -98.22 10.82
N SER C 61 -40.38 -97.14 10.03
CA SER C 61 -40.19 -95.82 10.61
C SER C 61 -41.40 -95.38 11.43
N VAL C 62 -42.62 -95.64 10.91
CA VAL C 62 -43.81 -95.29 11.67
C VAL C 62 -43.90 -96.12 12.94
N GLN C 63 -43.50 -97.40 12.88
CA GLN C 63 -43.49 -98.23 14.08
C GLN C 63 -42.51 -97.70 15.12
N LYS C 64 -41.32 -97.29 14.68
CA LYS C 64 -40.34 -96.73 15.62
C LYS C 64 -40.85 -95.44 16.25
N ALA C 65 -41.43 -94.54 15.45
CA ALA C 65 -41.99 -93.31 15.99
C ALA C 65 -43.15 -93.61 16.93
N THR C 66 -43.96 -94.62 16.61
CA THR C 66 -45.05 -95.01 17.48
C THR C 66 -44.53 -95.52 18.82
N GLU C 67 -43.47 -96.33 18.80
CA GLU C 67 -42.84 -96.74 20.06
C GLU C 67 -42.40 -95.54 20.87
N SER C 68 -41.69 -94.62 20.22
CA SER C 68 -41.15 -93.46 20.93
C SER C 68 -42.28 -92.65 21.57
N ALA C 69 -43.32 -92.34 20.80
CA ALA C 69 -44.46 -91.61 21.33
C ALA C 69 -45.26 -92.43 22.34
N GLU C 70 -45.18 -93.75 22.26
CA GLU C 70 -45.98 -94.63 23.09
C GLU C 70 -45.36 -94.91 24.45
N LEU C 71 -44.06 -94.63 24.62
CA LEU C 71 -43.46 -94.74 25.93
C LEU C 71 -44.24 -93.91 26.95
N PRO C 72 -44.57 -94.48 28.11
CA PRO C 72 -45.50 -93.81 29.03
C PRO C 72 -44.87 -92.63 29.75
N MET C 73 -45.70 -91.97 30.56
CA MET C 73 -45.28 -90.79 31.29
C MET C 73 -44.26 -91.15 32.36
N LYS C 74 -43.30 -90.26 32.58
CA LYS C 74 -42.29 -90.48 33.61
C LYS C 74 -42.87 -90.22 34.99
N ASN C 75 -42.39 -90.95 35.99
CA ASN C 75 -42.86 -90.80 37.36
C ASN C 75 -42.12 -89.67 38.06
N ASN C 76 -42.86 -88.86 38.81
CA ASN C 76 -42.30 -87.78 39.61
C ASN C 76 -42.59 -88.12 41.07
N ASP C 77 -41.59 -88.69 41.75
CA ASP C 77 -41.74 -89.21 43.10
C ASP C 77 -41.20 -88.26 44.17
N GLU C 78 -40.45 -87.23 43.78
CA GLU C 78 -39.84 -86.33 44.75
C GLU C 78 -40.90 -85.66 45.61
N GLY C 79 -40.62 -85.56 46.91
CA GLY C 79 -41.52 -84.93 47.85
C GLY C 79 -42.55 -85.84 48.48
N THR C 80 -42.61 -87.10 48.09
CA THR C 80 -43.58 -88.01 48.66
C THR C 80 -42.97 -88.82 49.80
N PRO C 81 -43.73 -89.08 50.86
CA PRO C 81 -43.16 -89.79 52.01
C PRO C 81 -42.80 -91.23 51.68
N ASP C 82 -41.74 -91.72 52.32
CA ASP C 82 -41.33 -93.11 52.19
C ASP C 82 -42.20 -94.00 53.08
N LYS C 83 -41.96 -95.31 53.01
CA LYS C 83 -42.72 -96.25 53.83
C LYS C 83 -42.48 -96.01 55.31
N ARG C 84 -41.24 -95.71 55.69
CA ARG C 84 -40.93 -95.40 57.09
C ARG C 84 -41.62 -94.11 57.52
N GLY C 85 -41.66 -93.11 56.63
CA GLY C 85 -42.25 -91.84 56.94
C GLY C 85 -41.42 -90.68 56.45
N ASN C 86 -40.19 -90.96 56.05
CA ASN C 86 -39.28 -89.92 55.59
C ASN C 86 -39.66 -89.48 54.17
N THR C 87 -39.29 -88.25 53.83
CA THR C 87 -39.55 -87.71 52.51
C THR C 87 -38.46 -88.13 51.54
N LYS C 88 -38.85 -88.32 50.28
CA LYS C 88 -37.96 -88.79 49.24
C LYS C 88 -37.62 -87.64 48.29
N GLY C 89 -36.34 -87.35 48.13
CA GLY C 89 -35.90 -86.30 47.23
C GLY C 89 -34.63 -85.67 47.73
N ALA C 90 -34.11 -84.75 46.91
CA ALA C 90 -32.90 -84.02 47.26
C ALA C 90 -33.20 -82.94 48.29
N LEU C 91 -32.14 -82.49 48.96
CA LEU C 91 -32.25 -81.50 50.03
C LEU C 91 -32.14 -80.07 49.51
N VAL C 92 -31.95 -79.89 48.20
CA VAL C 92 -31.76 -78.55 47.65
C VAL C 92 -33.09 -77.78 47.68
N ASN C 93 -33.00 -76.46 47.62
CA ASN C 93 -34.16 -75.58 47.68
C ASN C 93 -35.07 -75.83 46.48
N GLU C 94 -36.36 -75.52 46.67
CA GLU C 94 -37.39 -75.85 45.71
C GLU C 94 -37.37 -74.99 44.45
N HIS C 95 -36.71 -73.83 44.49
CA HIS C 95 -36.60 -73.02 43.29
C HIS C 95 -35.36 -73.38 42.47
N VAL C 96 -34.23 -73.62 43.14
CA VAL C 96 -33.05 -74.13 42.47
C VAL C 96 -33.34 -75.50 41.87
N GLU C 97 -34.15 -76.30 42.56
CA GLU C 97 -34.53 -77.59 42.01
C GLU C 97 -35.29 -77.42 40.70
N ALA C 98 -36.25 -76.51 40.66
CA ALA C 98 -37.00 -76.29 39.42
C ALA C 98 -36.08 -75.78 38.32
N ARG C 99 -35.19 -74.85 38.65
CA ARG C 99 -34.30 -74.28 37.63
C ARG C 99 -33.35 -75.33 37.06
N ASP C 100 -32.77 -76.17 37.92
CA ASP C 100 -31.84 -77.17 37.40
C ASP C 100 -32.57 -78.32 36.71
N GLU C 101 -33.81 -78.60 37.09
CA GLU C 101 -34.62 -79.52 36.28
C GLU C 101 -34.86 -78.95 34.89
N ALA C 102 -35.14 -77.65 34.79
CA ALA C 102 -35.32 -77.05 33.47
C ALA C 102 -34.04 -77.15 32.64
N ASP C 103 -32.89 -76.87 33.27
CA ASP C 103 -31.64 -76.94 32.55
C ASP C 103 -31.33 -78.38 32.10
N ASP C 104 -31.61 -79.36 32.98
CA ASP C 104 -31.43 -80.75 32.61
C ASP C 104 -32.36 -81.16 31.47
N ALA C 105 -33.59 -80.66 31.47
CA ALA C 105 -34.50 -80.94 30.36
C ALA C 105 -33.96 -80.37 29.06
N THR C 106 -33.40 -79.16 29.13
CA THR C 106 -32.78 -78.57 27.94
C THR C 106 -31.62 -79.43 27.44
N LYS C 107 -30.76 -79.90 28.36
CA LYS C 107 -29.65 -80.76 27.95
C LYS C 107 -30.15 -82.07 27.34
N LYS C 108 -31.19 -82.67 27.93
CA LYS C 108 -31.73 -83.90 27.38
C LYS C 108 -32.34 -83.68 26.00
N GLN C 109 -33.01 -82.56 25.80
CA GLN C 109 -33.54 -82.23 24.47
C GLN C 109 -32.40 -82.07 23.46
N ALA C 110 -31.31 -81.41 23.88
CA ALA C 110 -30.15 -81.27 23.00
C ALA C 110 -29.59 -82.64 22.62
N LYS C 111 -29.46 -83.55 23.60
CA LYS C 111 -28.93 -84.87 23.31
C LYS C 111 -29.87 -85.65 22.39
N ASP C 112 -31.19 -85.53 22.61
CA ASP C 112 -32.15 -86.21 21.73
C ASP C 112 -32.05 -85.68 20.31
N THR C 113 -31.90 -84.37 20.16
CA THR C 113 -31.72 -83.77 18.84
C THR C 113 -30.36 -84.12 18.24
N GLU C 114 -29.40 -84.55 19.07
CA GLU C 114 -28.06 -84.96 18.63
C GLU C 114 -27.27 -83.77 18.09
N LYS C 115 -27.29 -82.66 18.84
CA LYS C 115 -26.55 -81.46 18.49
C LYS C 115 -25.89 -80.91 19.75
N ALA C 116 -24.84 -80.12 19.53
CA ALA C 116 -24.12 -79.50 20.65
C ALA C 116 -25.01 -78.54 21.43
N LYS C 117 -25.85 -77.77 20.75
CA LYS C 117 -26.73 -76.80 21.38
C LYS C 117 -28.18 -77.08 20.98
N ALA C 118 -29.07 -77.14 21.95
CA ALA C 118 -30.48 -77.37 21.69
C ALA C 118 -31.10 -76.18 20.97
N GLN C 119 -32.11 -76.46 20.14
CA GLN C 119 -32.86 -75.42 19.44
C GLN C 119 -34.08 -74.99 20.26
N VAL C 120 -34.95 -75.94 20.59
CA VAL C 120 -36.03 -75.67 21.52
C VAL C 120 -35.50 -75.84 22.94
N THR C 121 -35.71 -74.83 23.77
CA THR C 121 -35.12 -74.78 25.11
C THR C 121 -36.20 -74.51 26.15
N TYR C 122 -36.09 -75.22 27.29
CA TYR C 122 -36.96 -74.99 28.44
C TYR C 122 -36.36 -74.04 29.46
N SER C 123 -35.11 -73.62 29.26
CA SER C 123 -34.41 -72.78 30.22
C SER C 123 -33.92 -71.51 29.55
N ASP C 124 -33.67 -70.48 30.36
CA ASP C 124 -33.22 -69.17 29.90
C ASP C 124 -34.21 -68.58 28.89
N THR C 125 -35.49 -68.77 29.14
CA THR C 125 -36.52 -68.18 28.31
C THR C 125 -36.58 -66.67 28.54
N GLY C 126 -37.16 -65.97 27.55
CA GLY C 126 -37.36 -64.55 27.71
C GLY C 126 -38.31 -64.20 28.84
N ILE C 127 -39.23 -65.11 29.16
CA ILE C 127 -40.17 -64.87 30.24
C ILE C 127 -39.45 -64.94 31.58
N ASN C 128 -39.87 -64.08 32.51
CA ASN C 128 -39.34 -64.06 33.86
C ASN C 128 -40.31 -64.79 34.79
N ASN C 129 -39.94 -66.00 35.21
CA ASN C 129 -40.69 -66.77 36.19
C ASN C 129 -39.76 -67.21 37.33
N ALA C 130 -39.56 -66.32 38.28
CA ALA C 130 -38.77 -66.61 39.47
C ALA C 130 -39.62 -67.17 40.61
N ASN C 131 -40.93 -67.33 40.39
CA ASN C 131 -41.83 -67.87 41.39
C ASN C 131 -42.05 -69.36 41.25
N GLU C 132 -41.38 -70.02 40.30
CA GLU C 132 -41.58 -71.44 40.08
C GLU C 132 -41.08 -72.24 41.27
N LEU C 133 -41.92 -73.16 41.75
CA LEU C 133 -41.56 -74.07 42.83
C LEU C 133 -41.76 -75.50 42.36
N SER C 134 -40.89 -76.39 42.83
CA SER C 134 -40.95 -77.79 42.44
C SER C 134 -40.77 -78.66 43.69
N ARG C 135 -41.27 -79.88 43.60
CA ARG C 135 -41.19 -80.79 44.74
C ARG C 135 -39.75 -81.20 45.00
N SER C 136 -39.40 -81.33 46.27
CA SER C 136 -38.07 -81.77 46.69
C SER C 136 -38.18 -82.33 48.10
N GLY C 137 -37.09 -82.92 48.57
CA GLY C 137 -37.05 -83.47 49.90
C GLY C 137 -36.80 -82.47 51.01
N ASN C 138 -36.66 -81.19 50.67
CA ASN C 138 -36.39 -80.18 51.68
C ASN C 138 -37.58 -79.99 52.61
N VAL C 139 -38.80 -80.03 52.08
CA VAL C 139 -40.01 -79.70 52.82
C VAL C 139 -40.85 -80.96 52.97
N ASP C 140 -41.25 -81.24 54.21
CA ASP C 140 -42.12 -82.37 54.49
C ASP C 140 -43.58 -81.99 54.28
N ASN C 141 -44.49 -82.85 54.72
CA ASN C 141 -45.91 -82.64 54.47
C ASN C 141 -46.49 -81.53 55.35
N GLU C 142 -45.94 -81.35 56.55
CA GLU C 142 -46.46 -80.37 57.50
C GLU C 142 -45.85 -78.98 57.31
N GLY C 143 -45.01 -78.80 56.30
CA GLY C 143 -44.39 -77.51 56.03
C GLY C 143 -43.05 -77.32 56.70
N GLY C 144 -42.62 -78.24 57.56
CA GLY C 144 -41.33 -78.13 58.19
C GLY C 144 -40.18 -78.44 57.24
N SER C 145 -38.98 -78.19 57.72
CA SER C 145 -37.76 -78.43 56.95
C SER C 145 -37.18 -79.79 57.33
N ASN C 146 -36.80 -80.57 56.32
CA ASN C 146 -36.20 -81.88 56.55
C ASN C 146 -34.69 -81.74 56.82
N GLN C 147 -34.36 -80.87 57.77
CA GLN C 147 -32.99 -80.79 58.25
C GLN C 147 -32.58 -82.10 58.90
N LYS C 148 -33.48 -82.69 59.68
CA LYS C 148 -33.35 -84.04 60.21
C LYS C 148 -34.55 -84.87 59.77
N PRO C 149 -34.36 -86.14 59.47
CA PRO C 149 -35.48 -86.96 58.98
C PRO C 149 -36.57 -87.07 60.03
N MET C 150 -37.81 -87.22 59.54
CA MET C 150 -38.96 -87.30 60.43
C MET C 150 -38.86 -88.52 61.35
N SER C 151 -38.31 -89.62 60.84
CA SER C 151 -38.11 -90.79 61.67
C SER C 151 -37.18 -90.49 62.84
N THR C 152 -36.07 -89.80 62.57
CA THR C 152 -35.15 -89.42 63.64
C THR C 152 -35.80 -88.45 64.61
N ARG C 153 -36.60 -87.50 64.12
CA ARG C 153 -37.27 -86.57 65.01
C ARG C 153 -38.24 -87.30 65.94
N ILE C 154 -39.02 -88.24 65.40
CA ILE C 154 -39.94 -89.02 66.22
C ILE C 154 -39.17 -89.86 67.23
N ALA C 155 -38.06 -90.46 66.80
CA ALA C 155 -37.25 -91.26 67.73
C ALA C 155 -36.70 -90.41 68.86
N GLU C 156 -36.24 -89.19 68.54
CA GLU C 156 -35.75 -88.29 69.58
C GLU C 156 -36.86 -87.88 70.54
N ALA C 157 -38.04 -87.58 70.01
CA ALA C 157 -39.16 -87.22 70.89
C ALA C 157 -39.53 -88.38 71.80
N THR C 158 -39.52 -89.61 71.28
CA THR C 158 -39.83 -90.77 72.11
C THR C 158 -38.73 -91.00 73.16
N SER C 159 -37.47 -90.81 72.78
CA SER C 159 -36.37 -91.03 73.71
C SER C 159 -36.32 -89.96 74.79
N ALA C 160 -36.92 -88.80 74.54
CA ALA C 160 -36.85 -87.70 75.50
C ALA C 160 -37.59 -88.02 76.79
N ILE C 161 -38.41 -89.08 76.80
CA ILE C 161 -39.30 -89.34 77.93
C ILE C 161 -39.06 -90.71 78.55
N VAL C 162 -38.04 -91.44 78.12
CA VAL C 162 -37.84 -92.80 78.60
C VAL C 162 -37.38 -92.78 80.05
N SER C 163 -37.95 -93.68 80.85
CA SER C 163 -37.64 -93.80 82.27
C SER C 163 -37.07 -95.19 82.54
N LYS C 164 -36.02 -95.25 83.35
CA LYS C 164 -35.33 -96.51 83.61
C LYS C 164 -35.71 -97.07 84.98
N HIS C 165 -35.35 -98.32 85.21
CA HIS C 165 -35.61 -98.98 86.47
C HIS C 165 -34.72 -98.39 87.57
N PRO C 166 -35.15 -98.47 88.83
CA PRO C 166 -34.36 -97.99 89.96
C PRO C 166 -33.02 -98.70 90.10
N LYS D 2 22.15 -33.95 128.20
CA LYS D 2 22.42 -34.19 126.79
C LYS D 2 22.93 -32.94 126.10
N ARG D 3 23.32 -33.07 124.84
CA ARG D 3 23.85 -31.95 124.07
C ARG D 3 23.36 -32.05 122.63
N ILE D 4 23.39 -30.92 121.93
CA ILE D 4 22.98 -30.82 120.55
C ILE D 4 24.17 -30.36 119.73
N PRO D 5 24.52 -31.02 118.63
CA PRO D 5 25.62 -30.54 117.78
C PRO D 5 25.31 -29.17 117.20
N ARG D 6 26.36 -28.40 116.98
CA ARG D 6 26.25 -27.04 116.47
C ARG D 6 26.47 -27.05 114.96
N LYS D 7 25.56 -26.44 114.20
CA LYS D 7 25.65 -26.44 112.73
C LYS D 7 26.71 -25.53 112.11
N THR D 8 26.71 -24.26 112.45
CA THR D 8 27.66 -23.31 111.88
C THR D 8 28.70 -22.91 112.89
N LYS D 9 29.97 -22.95 112.51
CA LYS D 9 31.01 -22.66 113.48
C LYS D 9 30.98 -21.26 113.97
N GLY D 10 31.29 -21.06 115.24
CA GLY D 10 31.39 -19.71 115.76
C GLY D 10 32.52 -19.58 116.73
N LYS D 11 33.14 -18.41 116.84
CA LYS D 11 34.18 -18.19 117.85
C LYS D 11 35.22 -19.30 117.86
N SER D 12 35.68 -19.70 116.68
CA SER D 12 36.63 -20.78 116.58
C SER D 12 37.99 -20.29 117.01
N SER D 13 38.61 -20.98 117.96
CA SER D 13 39.91 -20.57 118.46
C SER D 13 40.60 -21.78 119.07
N PRO D 40 -3.87 -62.20 128.12
CA PRO D 40 -4.93 -61.19 128.18
C PRO D 40 -4.93 -60.29 126.94
N ALA D 41 -3.82 -59.59 126.72
CA ALA D 41 -3.72 -58.71 125.57
C ALA D 41 -3.79 -59.52 124.27
N THR D 42 -4.54 -58.98 123.31
CA THR D 42 -4.72 -59.64 122.02
C THR D 42 -4.87 -58.58 120.95
N ALA D 43 -4.45 -58.93 119.73
CA ALA D 43 -4.55 -58.00 118.62
C ALA D 43 -6.01 -57.69 118.29
N GLU D 44 -6.34 -56.41 118.29
CA GLU D 44 -7.70 -55.99 118.01
C GLU D 44 -8.04 -56.22 116.54
N PRO D 45 -9.31 -56.46 116.23
CA PRO D 45 -9.68 -56.79 114.83
C PRO D 45 -9.42 -55.67 113.84
N GLY D 46 -9.28 -54.43 114.29
CA GLY D 46 -9.14 -53.32 113.37
C GLY D 46 -7.84 -53.33 112.59
N THR D 47 -6.74 -53.66 113.24
CA THR D 47 -5.42 -53.50 112.64
C THR D 47 -5.22 -54.47 111.47
N SER D 48 -4.64 -53.95 110.38
CA SER D 48 -4.26 -54.75 109.22
C SER D 48 -3.42 -53.89 108.30
N ASN D 49 -2.35 -54.47 107.74
CA ASN D 49 -1.51 -53.81 106.77
C ASN D 49 -1.83 -54.38 105.39
N CYS D 50 -2.55 -53.60 104.57
CA CYS D 50 -3.02 -54.06 103.28
C CYS D 50 -2.43 -53.30 102.10
N GLU D 51 -2.30 -51.97 102.19
CA GLU D 51 -1.85 -51.13 101.08
C GLU D 51 -2.71 -51.35 99.85
N HIS D 52 -4.02 -51.45 100.06
CA HIS D 52 -4.96 -51.73 98.98
C HIS D 52 -5.18 -50.54 98.06
N TYR D 53 -4.69 -49.35 98.42
CA TYR D 53 -4.97 -48.13 97.68
C TYR D 53 -3.69 -47.60 97.04
N LYS D 54 -3.81 -47.18 95.78
CA LYS D 54 -2.73 -46.53 95.06
C LYS D 54 -3.10 -45.06 94.86
N ALA D 55 -2.22 -44.16 95.29
CA ALA D 55 -2.50 -42.74 95.20
C ALA D 55 -2.60 -42.30 93.75
N ARG D 56 -3.60 -41.47 93.45
CA ARG D 56 -3.78 -41.02 92.07
C ARG D 56 -2.80 -39.90 91.70
N PRO D 57 -2.68 -38.81 92.45
CA PRO D 57 -1.66 -37.80 92.09
C PRO D 57 -0.25 -38.37 92.13
N GLY D 58 0.01 -39.31 93.03
CA GLY D 58 1.33 -39.87 93.19
C GLY D 58 2.03 -39.29 94.41
N ILE D 59 2.04 -40.04 95.51
CA ILE D 59 2.64 -39.55 96.75
C ILE D 59 4.11 -39.21 96.51
N ALA D 60 4.85 -40.14 95.90
CA ALA D 60 6.27 -39.91 95.67
C ALA D 60 6.50 -38.73 94.73
N SER D 61 5.70 -38.62 93.69
CA SER D 61 5.87 -37.54 92.71
C SER D 61 5.64 -36.18 93.35
N VAL D 62 4.49 -35.99 93.99
CA VAL D 62 4.20 -34.69 94.61
C VAL D 62 5.16 -34.44 95.78
N GLN D 63 5.66 -35.51 96.39
CA GLN D 63 6.55 -35.39 97.52
C GLN D 63 7.92 -34.86 97.07
N LYS D 64 8.44 -35.41 95.97
CA LYS D 64 9.65 -34.88 95.37
C LYS D 64 9.43 -33.44 94.89
N ALA D 65 8.27 -33.16 94.31
CA ALA D 65 8.00 -31.80 93.84
C ALA D 65 8.01 -30.80 94.99
N THR D 66 7.38 -31.14 96.11
CA THR D 66 7.35 -30.21 97.24
C THR D 66 8.72 -30.12 97.92
N GLU D 67 9.49 -31.22 97.89
CA GLU D 67 10.87 -31.15 98.38
C GLU D 67 11.69 -30.16 97.56
N SER D 68 11.53 -30.19 96.24
CA SER D 68 12.21 -29.23 95.39
C SER D 68 11.71 -27.81 95.65
N ALA D 69 10.41 -27.65 95.84
CA ALA D 69 9.83 -26.31 95.96
C ALA D 69 10.19 -25.66 97.30
N GLU D 70 10.33 -26.46 98.36
CA GLU D 70 10.50 -25.89 99.69
C GLU D 70 11.91 -25.35 99.92
N LEU D 71 12.78 -25.38 98.92
CA LEU D 71 14.15 -24.89 99.09
C LEU D 71 14.14 -23.40 99.39
N PRO D 72 14.98 -22.92 100.30
CA PRO D 72 15.04 -21.49 100.57
C PRO D 72 15.65 -20.72 99.42
N MET D 73 15.30 -19.43 99.35
CA MET D 73 15.76 -18.58 98.26
C MET D 73 17.27 -18.38 98.35
N LYS D 74 17.92 -18.39 97.18
CA LYS D 74 19.38 -18.31 97.13
C LYS D 74 19.86 -16.95 97.64
N ASN D 75 20.90 -16.98 98.45
CA ASN D 75 21.41 -15.76 99.08
C ASN D 75 22.16 -14.90 98.07
N ASN D 76 21.90 -13.60 98.12
CA ASN D 76 22.59 -12.61 97.30
C ASN D 76 23.55 -11.85 98.22
N ASP D 77 24.85 -12.12 98.08
CA ASP D 77 25.85 -11.55 98.97
C ASP D 77 26.79 -10.56 98.30
N GLU D 78 26.64 -10.33 97.00
CA GLU D 78 27.50 -9.38 96.31
C GLU D 78 27.29 -7.97 96.81
N GLY D 79 28.35 -7.17 96.81
CA GLY D 79 28.28 -5.78 97.16
C GLY D 79 28.21 -5.49 98.65
N THR D 80 28.28 -6.50 99.50
CA THR D 80 28.20 -6.32 100.93
C THR D 80 29.59 -6.35 101.57
N PRO D 81 29.79 -5.65 102.67
CA PRO D 81 31.10 -5.67 103.33
C PRO D 81 31.31 -6.95 104.12
N ASP D 82 32.55 -7.14 104.56
CA ASP D 82 32.94 -8.33 105.31
C ASP D 82 33.58 -7.94 106.64
N LYS D 83 34.19 -8.92 107.32
CA LYS D 83 34.78 -8.66 108.63
C LYS D 83 35.83 -7.56 108.56
N ARG D 84 36.63 -7.54 107.50
CA ARG D 84 37.68 -6.53 107.34
C ARG D 84 37.19 -5.26 106.66
N GLY D 85 35.92 -5.21 106.24
CA GLY D 85 35.38 -4.04 105.61
C GLY D 85 35.48 -4.00 104.11
N ASN D 86 36.20 -4.94 103.48
CA ASN D 86 36.27 -4.98 102.04
C ASN D 86 34.97 -5.53 101.46
N THR D 87 34.54 -4.93 100.35
CA THR D 87 33.34 -5.42 99.68
C THR D 87 33.61 -6.81 99.10
N LYS D 88 32.77 -7.77 99.50
CA LYS D 88 33.00 -9.18 99.19
C LYS D 88 32.35 -9.63 97.89
N GLY D 89 31.73 -8.71 97.15
CA GLY D 89 31.15 -9.08 95.87
C GLY D 89 32.19 -9.32 94.80
N ALA D 90 31.73 -9.91 93.70
CA ALA D 90 32.62 -10.18 92.58
C ALA D 90 32.72 -8.96 91.68
N LEU D 91 33.96 -8.60 91.33
CA LEU D 91 34.21 -7.44 90.48
C LEU D 91 33.90 -7.77 89.03
N ASP D 100 25.08 -10.63 82.28
CA ASP D 100 25.72 -11.87 82.66
C ASP D 100 24.76 -12.74 83.48
N GLU D 101 24.12 -12.12 84.47
CA GLU D 101 23.19 -12.86 85.32
C GLU D 101 22.00 -13.38 84.52
N ALA D 102 21.49 -12.58 83.59
CA ALA D 102 20.39 -13.02 82.75
C ALA D 102 20.78 -14.21 81.89
N ASP D 103 21.98 -14.17 81.29
CA ASP D 103 22.44 -15.29 80.49
C ASP D 103 22.64 -16.55 81.34
N ASP D 104 23.20 -16.38 82.54
CA ASP D 104 23.35 -17.52 83.44
C ASP D 104 22.01 -18.11 83.85
N ALA D 105 21.02 -17.25 84.11
CA ALA D 105 19.68 -17.74 84.43
C ALA D 105 19.05 -18.48 83.25
N THR D 106 19.25 -17.97 82.04
CA THR D 106 18.75 -18.67 80.86
C THR D 106 19.41 -20.03 80.71
N LYS D 107 20.72 -20.10 80.93
CA LYS D 107 21.43 -21.38 80.86
C LYS D 107 20.91 -22.34 81.93
N LYS D 108 20.67 -21.84 83.15
CA LYS D 108 20.17 -22.70 84.21
C LYS D 108 18.76 -23.21 83.89
N GLN D 109 17.92 -22.36 83.30
CA GLN D 109 16.59 -22.79 82.88
C GLN D 109 16.69 -23.86 81.79
N ALA D 110 17.62 -23.67 80.84
CA ALA D 110 17.79 -24.65 79.77
C ALA D 110 18.31 -25.98 80.32
N LYS D 111 19.10 -25.92 81.40
CA LYS D 111 19.59 -27.14 82.02
C LYS D 111 18.50 -27.81 82.84
N ASP D 112 17.64 -27.02 83.48
CA ASP D 112 16.50 -27.58 84.19
C ASP D 112 15.56 -28.31 83.24
N THR D 113 15.32 -27.70 82.08
CA THR D 113 14.66 -28.42 81.00
C THR D 113 15.64 -29.37 80.34
N GLU D 114 15.10 -30.25 79.48
CA GLU D 114 15.97 -31.19 78.78
C GLU D 114 16.47 -30.63 77.46
N LYS D 115 15.65 -29.81 76.79
CA LYS D 115 16.06 -29.21 75.53
C LYS D 115 17.16 -28.19 75.77
N ALA D 116 18.13 -28.15 74.85
CA ALA D 116 19.18 -27.14 74.92
C ALA D 116 18.61 -25.74 74.74
N LYS D 117 17.68 -25.58 73.80
CA LYS D 117 16.98 -24.31 73.63
C LYS D 117 16.08 -24.05 74.84
N ALA D 118 15.88 -22.77 75.13
CA ALA D 118 15.08 -22.35 76.27
C ALA D 118 13.76 -21.76 75.80
N GLN D 119 12.68 -22.19 76.45
CA GLN D 119 11.35 -21.67 76.16
C GLN D 119 10.97 -20.50 77.05
N VAL D 120 11.60 -20.39 78.22
CA VAL D 120 11.39 -19.28 79.14
C VAL D 120 12.75 -18.68 79.45
N THR D 121 12.96 -17.43 79.05
CA THR D 121 14.27 -16.80 79.15
C THR D 121 14.14 -15.44 79.81
N TYR D 122 15.22 -15.02 80.48
CA TYR D 122 15.30 -13.73 81.14
C TYR D 122 16.17 -12.73 80.38
N SER D 123 16.72 -13.14 79.22
CA SER D 123 17.66 -12.31 78.48
C SER D 123 17.19 -12.15 77.04
N ASP D 124 17.61 -11.04 76.43
CA ASP D 124 17.30 -10.73 75.03
C ASP D 124 15.79 -10.64 74.80
N THR D 125 15.06 -10.31 75.84
CA THR D 125 13.61 -10.18 75.74
C THR D 125 13.33 -8.86 75.09
N GLY D 126 12.11 -8.66 74.61
CA GLY D 126 11.79 -7.43 73.90
C GLY D 126 11.90 -6.15 74.69
N ILE D 127 11.49 -6.17 75.96
CA ILE D 127 11.53 -4.97 76.76
C ILE D 127 12.97 -4.51 76.87
N ASN D 128 13.23 -3.22 76.70
CA ASN D 128 14.57 -2.70 76.77
C ASN D 128 14.70 -2.27 78.17
N ASN D 129 15.62 -2.87 78.90
CA ASN D 129 15.86 -2.40 80.23
C ASN D 129 17.34 -2.19 80.38
N ALA D 130 17.87 -1.25 79.64
CA ALA D 130 19.28 -0.92 79.75
C ALA D 130 19.57 -0.29 81.09
N ASN D 131 18.65 0.50 81.60
CA ASN D 131 18.89 1.21 82.83
C ASN D 131 19.12 0.30 84.00
N GLU D 132 18.66 -0.94 83.95
CA GLU D 132 18.75 -1.82 85.11
C GLU D 132 20.14 -1.99 85.67
N LEU D 133 20.25 -1.89 86.98
CA LEU D 133 21.53 -2.06 87.62
C LEU D 133 21.53 -3.22 88.59
N SER D 134 22.70 -3.75 88.93
CA SER D 134 22.83 -4.90 89.81
C SER D 134 23.76 -4.57 90.96
N ARG D 135 23.73 -5.42 91.98
CA ARG D 135 24.55 -5.23 93.18
C ARG D 135 25.96 -5.72 92.86
N SER D 136 26.79 -4.81 92.37
CA SER D 136 28.15 -5.15 91.96
C SER D 136 29.12 -4.90 93.10
N GLY D 137 30.30 -5.51 93.00
CA GLY D 137 31.38 -5.32 93.94
C GLY D 137 32.34 -4.23 93.60
N ASN D 138 32.15 -3.53 92.49
CA ASN D 138 33.04 -2.45 92.09
C ASN D 138 32.89 -1.22 92.96
N VAL D 139 31.76 -1.05 93.63
CA VAL D 139 31.49 0.14 94.43
C VAL D 139 31.50 -0.24 95.91
N ASP D 140 31.88 0.73 96.74
CA ASP D 140 31.83 0.58 98.18
C ASP D 140 30.54 1.20 98.71
N ASN D 141 30.40 1.24 100.03
CA ASN D 141 29.22 1.86 100.63
C ASN D 141 29.27 3.39 100.59
N GLU D 142 30.42 3.97 100.28
CA GLU D 142 30.55 5.42 100.17
C GLU D 142 30.31 5.92 98.75
N GLY D 143 30.18 5.02 97.78
CA GLY D 143 29.99 5.40 96.40
C GLY D 143 31.25 5.39 95.55
N GLY D 144 32.43 5.22 96.16
CA GLY D 144 33.66 5.19 95.41
C GLY D 144 33.91 3.85 94.75
N SER D 145 34.99 3.79 93.97
CA SER D 145 35.34 2.57 93.26
C SER D 145 36.25 1.70 94.11
N ASN D 146 36.03 0.38 94.04
CA ASN D 146 36.90 -0.57 94.73
C ASN D 146 38.03 -1.02 93.80
N GLN D 147 38.69 -0.03 93.20
CA GLN D 147 39.90 -0.31 92.45
C GLN D 147 41.02 -0.72 93.39
N LYS D 148 41.04 -0.17 94.59
CA LYS D 148 41.91 -0.56 95.67
C LYS D 148 41.08 -0.86 96.91
N PRO D 149 41.30 -1.99 97.57
CA PRO D 149 40.42 -2.37 98.69
C PRO D 149 40.44 -1.35 99.82
N MET D 150 39.34 -1.30 100.56
CA MET D 150 39.21 -0.33 101.65
C MET D 150 40.32 -0.51 102.69
N SER D 151 40.69 -1.75 102.97
CA SER D 151 41.75 -1.98 103.94
C SER D 151 43.08 -1.39 103.47
N THR D 152 43.42 -1.61 102.20
CA THR D 152 44.65 -1.03 101.65
C THR D 152 44.59 0.49 101.64
N ARG D 153 43.43 1.05 101.29
CA ARG D 153 43.29 2.50 101.26
C ARG D 153 43.48 3.10 102.66
N ILE D 154 42.88 2.48 103.67
CA ILE D 154 43.03 2.97 105.04
C ILE D 154 44.47 2.80 105.51
N ALA D 155 45.11 1.69 105.14
CA ALA D 155 46.50 1.48 105.53
C ALA D 155 47.41 2.56 104.94
N GLU D 156 47.23 2.86 103.66
CA GLU D 156 48.03 3.92 103.05
C GLU D 156 47.72 5.28 103.66
N ALA D 157 46.45 5.57 103.92
CA ALA D 157 46.10 6.86 104.52
C ALA D 157 46.73 7.03 105.89
N THR D 158 46.71 5.97 106.71
CA THR D 158 47.29 6.08 108.04
C THR D 158 48.81 6.00 108.04
N SER D 159 49.42 5.36 107.04
CA SER D 159 50.88 5.35 106.94
C SER D 159 51.42 6.57 106.21
N ALA D 160 50.55 7.42 105.67
CA ALA D 160 51.02 8.63 105.01
C ALA D 160 51.85 9.50 105.96
N ILE D 161 51.40 9.68 107.19
CA ILE D 161 52.12 10.49 108.18
C ILE D 161 52.27 9.64 109.44
N VAL D 162 53.45 9.08 109.64
CA VAL D 162 53.82 8.39 110.88
C VAL D 162 55.19 8.88 111.32
N SER D 163 55.37 9.05 112.62
CA SER D 163 56.63 9.56 113.15
C SER D 163 57.66 8.43 113.26
N LYS D 164 58.91 8.83 113.45
CA LYS D 164 60.01 7.89 113.61
C LYS D 164 60.95 8.42 114.70
N HIS D 165 61.77 7.51 115.22
CA HIS D 165 62.74 7.88 116.25
C HIS D 165 63.80 8.81 115.66
N PRO D 166 64.34 9.72 116.46
CA PRO D 166 65.40 10.61 115.96
C PRO D 166 66.66 9.83 115.62
N ALA D 167 67.40 10.32 114.63
CA ALA D 167 68.63 9.69 114.20
C ALA D 167 69.73 9.86 115.24
N LYS E 2 111.93 48.90 46.96
CA LYS E 2 111.57 50.28 46.66
C LYS E 2 111.04 50.42 45.25
N ARG E 3 111.47 49.51 44.37
CA ARG E 3 111.07 49.56 42.98
C ARG E 3 109.74 48.84 42.77
N ILE E 4 108.78 49.55 42.19
CA ILE E 4 107.48 48.97 41.85
C ILE E 4 107.59 48.28 40.50
N PRO E 5 107.12 47.01 40.36
CA PRO E 5 107.32 46.43 39.01
C PRO E 5 106.43 47.03 37.92
N ARG E 6 106.67 46.67 36.66
CA ARG E 6 105.82 47.17 35.56
C ARG E 6 105.10 46.06 34.79
N LYS E 7 103.77 46.12 34.72
CA LYS E 7 102.99 45.07 34.05
C LYS E 7 103.01 44.88 32.54
N THR E 8 102.91 45.93 31.76
CA THR E 8 102.77 45.79 30.28
C THR E 8 103.92 46.16 29.38
N LYS E 9 105.13 46.27 29.91
CA LYS E 9 106.23 46.77 29.09
C LYS E 9 106.60 45.97 27.88
N GLY E 10 106.89 46.68 26.80
CA GLY E 10 107.39 45.97 25.65
C GLY E 10 108.78 45.64 26.12
N LYS E 11 109.24 44.42 25.91
CA LYS E 11 110.53 44.02 26.41
C LYS E 11 111.64 44.85 25.80
N SER E 12 111.41 45.35 24.60
CA SER E 12 112.43 46.13 23.90
C SER E 12 112.71 47.40 24.66
N SER E 13 111.84 47.77 25.59
CA SER E 13 112.06 48.95 26.45
C SER E 13 111.84 50.28 25.75
N GLY E 14 111.11 50.27 24.65
CA GLY E 14 110.80 51.51 23.98
C GLY E 14 109.29 51.56 23.84
N ALA E 38 105.63 40.27 84.80
CA ALA E 38 106.07 41.58 85.25
C ALA E 38 105.88 42.56 84.13
N ASN E 39 104.71 42.55 83.52
CA ASN E 39 104.42 43.52 82.49
C ASN E 39 103.01 43.97 82.76
N PRO E 40 102.66 45.19 82.34
CA PRO E 40 101.26 45.53 82.56
C PRO E 40 100.43 44.56 81.77
N ALA E 41 99.40 43.97 82.37
CA ALA E 41 98.66 42.93 81.69
C ALA E 41 98.03 43.50 80.46
N THR E 42 98.22 42.81 79.36
CA THR E 42 97.68 43.31 78.13
C THR E 42 96.43 42.54 77.74
N ALA E 43 95.98 41.62 78.58
CA ALA E 43 94.72 40.97 78.26
C ALA E 43 93.74 42.08 78.45
N GLU E 44 92.85 42.29 77.49
CA GLU E 44 91.97 43.42 77.59
C GLU E 44 90.59 42.93 77.81
N PRO E 45 89.89 43.59 78.72
CA PRO E 45 88.53 43.11 78.83
C PRO E 45 87.84 43.30 77.50
N GLY E 46 87.09 42.30 77.06
CA GLY E 46 86.34 42.41 75.83
C GLY E 46 86.89 41.99 74.48
N THR E 47 88.12 41.51 74.38
CA THR E 47 88.55 41.07 73.07
C THR E 47 88.60 39.58 73.02
N SER E 48 87.72 38.97 72.24
CA SER E 48 87.77 37.54 72.05
C SER E 48 87.48 37.27 70.61
N ASN E 49 88.25 36.38 70.00
CA ASN E 49 87.99 36.03 68.63
C ASN E 49 87.16 34.77 68.58
N CYS E 50 85.89 34.91 68.24
CA CYS E 50 85.03 33.75 68.11
C CYS E 50 83.97 34.09 67.08
N GLU E 51 83.39 33.08 66.46
CA GLU E 51 82.38 33.34 65.47
C GLU E 51 81.10 32.64 65.83
N HIS E 52 80.15 33.40 66.35
CA HIS E 52 78.86 32.82 66.69
C HIS E 52 77.77 33.19 65.68
N TYR E 53 78.06 34.09 64.75
CA TYR E 53 77.07 34.60 63.81
C TYR E 53 77.42 34.13 62.41
N LYS E 54 76.45 33.53 61.73
CA LYS E 54 76.57 33.15 60.33
C LYS E 54 75.88 34.21 59.48
N ALA E 55 76.55 34.66 58.42
CA ALA E 55 75.96 35.67 57.55
C ALA E 55 74.78 35.08 56.80
N ARG E 56 73.64 35.75 56.89
CA ARG E 56 72.43 35.23 56.24
C ARG E 56 72.55 35.19 54.72
N PRO E 57 73.00 36.25 54.03
CA PRO E 57 73.20 36.11 52.58
C PRO E 57 74.33 35.16 52.22
N GLY E 58 75.35 35.07 53.07
CA GLY E 58 76.51 34.25 52.77
C GLY E 58 77.67 35.06 52.23
N ILE E 59 78.68 35.28 53.07
CA ILE E 59 79.81 36.12 52.67
C ILE E 59 80.51 35.52 51.45
N ALA E 60 80.77 34.22 51.47
CA ALA E 60 81.48 33.60 50.36
C ALA E 60 80.68 33.70 49.06
N SER E 61 79.37 33.44 49.12
CA SER E 61 78.56 33.48 47.91
C SER E 61 78.47 34.89 47.35
N VAL E 62 78.22 35.87 48.21
CA VAL E 62 78.12 37.25 47.73
C VAL E 62 79.47 37.73 47.21
N GLN E 63 80.56 37.32 47.86
CA GLN E 63 81.88 37.72 47.39
C GLN E 63 82.20 37.11 46.03
N LYS E 64 81.81 35.84 45.83
CA LYS E 64 82.01 35.21 44.53
C LYS E 64 81.19 35.91 43.44
N ALA E 65 79.94 36.23 43.74
CA ALA E 65 79.11 36.95 42.76
C ALA E 65 79.68 38.33 42.45
N THR E 66 80.17 39.03 43.47
CA THR E 66 80.78 40.34 43.26
C THR E 66 82.04 40.23 42.42
N GLU E 67 82.85 39.19 42.68
CA GLU E 67 84.04 38.97 41.85
C GLU E 67 83.65 38.71 40.39
N SER E 68 82.60 37.91 40.18
CA SER E 68 82.16 37.63 38.81
C SER E 68 81.69 38.91 38.12
N ALA E 69 80.93 39.75 38.82
CA ALA E 69 80.47 40.99 38.24
C ALA E 69 81.55 42.06 38.17
N GLU E 70 82.68 41.84 38.84
CA GLU E 70 83.74 42.84 38.93
C GLU E 70 84.52 42.99 37.63
N LEU E 71 84.44 42.02 36.73
CA LEU E 71 85.31 42.00 35.57
C LEU E 71 85.02 43.19 34.65
N PRO E 72 86.04 43.79 34.05
CA PRO E 72 85.81 44.87 33.10
C PRO E 72 85.30 44.35 31.76
N MET E 73 84.80 45.28 30.95
CA MET E 73 84.19 44.93 29.68
C MET E 73 85.25 44.42 28.69
N LYS E 74 84.80 43.55 27.80
CA LYS E 74 85.70 42.96 26.81
C LYS E 74 86.20 44.02 25.83
N ASN E 75 87.44 43.85 25.40
CA ASN E 75 88.08 44.79 24.47
C ASN E 75 87.65 44.44 23.05
N ASN E 76 86.60 45.09 22.56
CA ASN E 76 86.18 44.94 21.17
C ASN E 76 87.17 45.70 20.31
N ASP E 77 88.13 44.98 19.74
CA ASP E 77 89.26 45.57 19.04
C ASP E 77 89.21 45.22 17.55
N GLU E 78 88.03 45.33 16.95
CA GLU E 78 87.87 45.02 15.54
C GLU E 78 88.01 46.28 14.71
N GLY E 79 88.46 46.10 13.47
CA GLY E 79 88.58 47.19 12.53
C GLY E 79 89.63 48.23 12.86
N THR E 80 90.20 48.13 14.06
CA THR E 80 91.23 49.06 14.52
C THR E 80 92.54 48.82 13.74
N PRO E 81 93.23 49.87 13.33
CA PRO E 81 94.49 49.69 12.61
C PRO E 81 95.61 49.15 13.49
N ASP E 82 96.74 48.82 12.86
CA ASP E 82 97.93 48.33 13.55
C ASP E 82 98.99 49.42 13.55
N LYS E 83 100.16 49.07 14.10
CA LYS E 83 101.31 49.96 14.00
C LYS E 83 101.74 50.10 12.54
N ARG E 84 101.71 49.00 11.78
CA ARG E 84 101.99 49.07 10.36
C ARG E 84 100.93 49.87 9.62
N GLY E 85 99.67 49.69 9.97
CA GLY E 85 98.56 50.33 9.31
C GLY E 85 97.46 49.39 8.86
N ASN E 86 97.72 48.08 8.87
CA ASN E 86 96.69 47.12 8.47
C ASN E 86 95.59 47.05 9.50
N THR E 87 94.35 46.93 9.03
CA THR E 87 93.22 46.76 9.93
C THR E 87 93.18 45.32 10.46
N LYS E 88 92.76 45.19 11.72
CA LYS E 88 92.70 43.89 12.36
C LYS E 88 91.27 43.34 12.31
N GLY E 89 91.18 42.02 12.23
CA GLY E 89 89.91 41.34 12.20
C GLY E 89 89.91 40.25 11.15
N ALA E 90 88.72 39.73 10.86
CA ALA E 90 88.54 38.66 9.89
C ALA E 90 87.79 39.20 8.67
N LEU E 91 88.21 38.75 7.49
CA LEU E 91 87.64 39.23 6.23
C LEU E 91 86.28 38.58 6.02
N VAL E 92 85.27 39.14 6.69
CA VAL E 92 83.89 38.68 6.56
C VAL E 92 82.99 39.89 6.40
N ASN E 93 81.82 39.66 5.79
CA ASN E 93 80.86 40.74 5.62
C ASN E 93 80.32 41.19 6.97
N GLU E 94 79.91 42.46 7.04
CA GLU E 94 79.56 43.07 8.31
C GLU E 94 78.36 42.37 8.95
N HIS E 95 77.30 42.13 8.16
CA HIS E 95 76.09 41.53 8.70
C HIS E 95 76.32 40.07 9.09
N VAL E 96 77.11 39.35 8.29
CA VAL E 96 77.46 37.97 8.63
C VAL E 96 78.24 37.93 9.93
N GLU E 97 79.18 38.86 10.10
CA GLU E 97 79.91 38.97 11.37
C GLU E 97 78.94 39.21 12.52
N ALA E 98 77.98 40.12 12.34
CA ALA E 98 77.02 40.41 13.40
C ALA E 98 76.21 39.17 13.77
N ARG E 99 75.72 38.43 12.76
CA ARG E 99 74.89 37.26 13.03
C ARG E 99 75.69 36.17 13.73
N ASP E 100 76.86 35.83 13.20
CA ASP E 100 77.67 34.78 13.81
C ASP E 100 78.13 35.18 15.21
N GLU E 101 78.35 36.47 15.43
CA GLU E 101 78.83 36.97 16.71
C GLU E 101 77.72 36.93 17.77
N ALA E 102 76.49 37.28 17.37
CA ALA E 102 75.35 37.09 18.26
C ALA E 102 75.14 35.62 18.57
N ASP E 103 75.31 34.74 17.58
CA ASP E 103 75.18 33.31 17.83
C ASP E 103 76.23 32.82 18.83
N ASP E 104 77.47 33.31 18.68
CA ASP E 104 78.52 32.96 19.63
C ASP E 104 78.18 33.44 21.04
N ALA E 105 77.61 34.65 21.14
CA ALA E 105 77.19 35.15 22.45
C ALA E 105 76.10 34.27 23.04
N THR E 106 75.15 33.82 22.22
CA THR E 106 74.11 32.94 22.71
C THR E 106 74.70 31.62 23.21
N LYS E 107 75.65 31.04 22.48
CA LYS E 107 76.30 29.82 22.93
C LYS E 107 77.05 30.04 24.25
N LYS E 108 77.72 31.18 24.37
CA LYS E 108 78.44 31.49 25.60
C LYS E 108 77.47 31.60 26.78
N GLN E 109 76.32 32.25 26.56
CA GLN E 109 75.30 32.32 27.61
C GLN E 109 74.77 30.94 27.97
N ALA E 110 74.59 30.07 26.97
CA ALA E 110 74.15 28.71 27.25
C ALA E 110 75.16 27.97 28.13
N LYS E 111 76.45 28.13 27.83
CA LYS E 111 77.48 27.51 28.66
C LYS E 111 77.47 28.10 30.07
N ASP E 112 77.24 29.42 30.18
CA ASP E 112 77.17 30.05 31.49
C ASP E 112 76.00 29.53 32.31
N THR E 113 74.90 29.20 31.64
CA THR E 113 73.70 28.68 32.30
C THR E 113 73.80 27.18 32.57
N GLU E 114 74.70 26.47 31.88
CA GLU E 114 74.82 25.01 31.95
C GLU E 114 73.50 24.31 31.62
N LYS E 115 73.02 24.57 30.41
CA LYS E 115 71.90 23.83 29.84
C LYS E 115 72.14 23.67 28.35
N ALA E 116 71.37 22.78 27.73
CA ALA E 116 71.48 22.60 26.29
C ALA E 116 71.08 23.84 25.52
N LYS E 117 70.01 24.50 25.96
CA LYS E 117 69.53 25.75 25.36
C LYS E 117 69.43 26.80 26.45
N ALA E 118 70.03 27.96 26.21
CA ALA E 118 69.86 29.08 27.12
C ALA E 118 68.46 29.65 26.99
N GLN E 119 67.87 30.00 28.13
CA GLN E 119 66.55 30.63 28.13
C GLN E 119 66.61 31.99 27.45
N VAL E 120 67.67 32.74 27.70
CA VAL E 120 67.84 34.07 27.11
C VAL E 120 68.72 33.94 25.88
N THR E 121 68.20 34.37 24.73
CA THR E 121 68.86 34.19 23.45
C THR E 121 68.94 35.52 22.70
N TYR E 122 69.92 35.61 21.81
CA TYR E 122 70.11 36.79 20.96
C TYR E 122 69.86 36.49 19.48
N SER E 123 69.37 35.28 19.15
CA SER E 123 69.19 34.89 17.77
C SER E 123 67.77 34.48 17.41
N ASP E 124 66.93 34.13 18.38
CA ASP E 124 65.55 33.75 18.14
C ASP E 124 64.60 34.94 18.23
N THR E 125 65.14 36.15 18.38
CA THR E 125 64.32 37.35 18.51
C THR E 125 63.41 37.51 17.31
N GLY E 126 62.14 37.79 17.58
CA GLY E 126 61.18 37.94 16.50
C GLY E 126 61.39 39.23 15.70
N ILE E 127 62.09 40.20 16.28
CA ILE E 127 62.31 41.46 15.59
C ILE E 127 63.24 41.23 14.40
N ASN E 128 62.84 41.74 13.25
CA ASN E 128 63.71 41.74 12.08
C ASN E 128 64.82 42.76 12.28
N ASN E 129 66.06 42.32 12.12
CA ASN E 129 67.22 43.18 12.34
C ASN E 129 68.24 42.96 11.23
N ALA E 130 67.77 43.00 9.97
CA ALA E 130 68.65 42.71 8.85
C ALA E 130 69.63 43.84 8.57
N ASN E 131 69.31 45.06 9.02
CA ASN E 131 70.20 46.19 8.79
C ASN E 131 71.33 46.28 9.81
N GLU E 132 71.39 45.37 10.77
CA GLU E 132 72.44 45.44 11.78
C GLU E 132 73.82 45.26 11.15
N LEU E 133 74.73 46.17 11.48
CA LEU E 133 76.13 46.06 11.09
C LEU E 133 76.99 46.02 12.35
N SER E 134 77.93 45.07 12.36
CA SER E 134 78.90 44.94 13.44
C SER E 134 80.30 45.16 12.86
N ARG E 135 81.17 45.76 13.66
CA ARG E 135 82.49 46.14 13.19
C ARG E 135 83.32 44.90 12.90
N SER E 136 83.96 44.88 11.73
CA SER E 136 84.81 43.77 11.32
C SER E 136 86.04 44.32 10.62
N GLY E 137 86.93 43.42 10.23
CA GLY E 137 88.17 43.80 9.58
C GLY E 137 88.07 43.84 8.07
N ASN E 138 86.84 43.83 7.55
CA ASN E 138 86.63 43.83 6.11
C ASN E 138 86.87 45.20 5.49
N VAL E 139 86.54 46.27 6.20
CA VAL E 139 86.53 47.62 5.64
C VAL E 139 87.69 48.42 6.23
N ASP E 140 88.35 49.20 5.38
CA ASP E 140 89.38 50.11 5.84
C ASP E 140 88.74 51.41 6.34
N ASN E 141 89.58 52.26 6.96
CA ASN E 141 89.08 53.54 7.45
C ASN E 141 88.64 54.45 6.31
N GLU E 142 89.37 54.43 5.19
CA GLU E 142 89.02 55.26 4.05
C GLU E 142 87.69 54.87 3.42
N GLY E 143 87.23 53.64 3.66
CA GLY E 143 86.00 53.15 3.08
C GLY E 143 86.17 52.00 2.12
N GLY E 144 87.40 51.61 1.79
CA GLY E 144 87.64 50.48 0.91
C GLY E 144 87.60 49.16 1.67
N SER E 145 87.93 48.10 0.94
CA SER E 145 87.95 46.74 1.47
C SER E 145 89.39 46.26 1.54
N ASN E 146 89.72 45.56 2.64
CA ASN E 146 91.08 45.04 2.83
C ASN E 146 91.24 43.68 2.13
N GLN E 147 90.93 43.68 0.83
CA GLN E 147 91.27 42.52 0.01
C GLN E 147 92.78 42.32 -0.04
N LYS E 148 93.53 43.41 -0.15
CA LYS E 148 94.97 43.42 0.02
C LYS E 148 95.32 44.30 1.21
N PRO E 149 96.21 43.86 2.10
CA PRO E 149 96.52 44.65 3.29
C PRO E 149 97.06 46.02 2.92
N MET E 150 96.80 46.99 3.80
CA MET E 150 97.17 48.38 3.53
C MET E 150 98.68 48.54 3.29
N SER E 151 99.48 47.74 4.00
CA SER E 151 100.94 47.82 3.82
C SER E 151 101.32 47.52 2.38
N THR E 152 100.86 46.38 1.86
CA THR E 152 101.13 46.06 0.45
C THR E 152 100.47 47.04 -0.49
N ARG E 153 99.25 47.48 -0.16
CA ARG E 153 98.56 48.44 -1.02
C ARG E 153 99.39 49.71 -1.21
N ILE E 154 100.08 50.14 -0.16
CA ILE E 154 101.05 51.22 -0.30
C ILE E 154 102.30 50.71 -1.01
N ALA E 155 102.66 49.44 -0.81
CA ALA E 155 103.94 48.93 -1.32
C ALA E 155 104.00 48.95 -2.84
N GLU E 156 102.99 48.37 -3.51
CA GLU E 156 103.02 48.41 -4.97
C GLU E 156 102.86 49.84 -5.50
N ALA E 157 102.05 50.65 -4.83
CA ALA E 157 101.88 52.04 -5.28
C ALA E 157 103.21 52.78 -5.25
N THR E 158 104.02 52.56 -4.21
CA THR E 158 105.32 53.21 -4.10
C THR E 158 106.33 52.60 -5.05
N SER E 159 106.32 51.27 -5.20
CA SER E 159 107.28 50.59 -6.07
C SER E 159 106.98 50.79 -7.55
N ALA E 160 105.79 51.31 -7.89
CA ALA E 160 105.52 51.66 -9.28
C ALA E 160 106.44 52.75 -9.79
N ILE E 161 107.09 53.48 -8.90
CA ILE E 161 108.06 54.51 -9.27
C ILE E 161 109.43 54.00 -8.84
N VAL E 162 110.23 53.55 -9.82
CA VAL E 162 111.59 53.11 -9.58
C VAL E 162 112.49 53.71 -10.65
N SER E 163 113.77 53.81 -10.33
CA SER E 163 114.75 54.37 -11.25
C SER E 163 116.12 53.89 -10.84
N LYS E 164 116.77 53.11 -11.69
CA LYS E 164 118.09 52.56 -11.43
C LYS E 164 119.13 53.31 -12.25
N HIS E 165 120.40 53.07 -11.91
CA HIS E 165 121.49 53.68 -12.66
C HIS E 165 121.52 53.15 -14.09
N PRO E 166 121.92 53.98 -15.05
CA PRO E 166 122.00 53.51 -16.43
C PRO E 166 123.10 52.46 -16.60
N ALA E 167 122.87 51.56 -17.54
CA ALA E 167 123.83 50.49 -17.82
C ALA E 167 125.12 51.05 -18.40
N GLN F 147 73.11 -9.99 -25.06
CA GLN F 147 72.89 -10.55 -23.72
C GLN F 147 71.45 -10.29 -23.27
N LYS F 148 70.77 -9.38 -23.98
CA LYS F 148 69.40 -8.99 -23.70
C LYS F 148 69.22 -8.58 -22.24
N PRO F 149 69.72 -7.41 -21.83
CA PRO F 149 69.60 -6.99 -20.44
C PRO F 149 68.15 -6.82 -20.02
N MET F 150 67.98 -6.62 -18.71
CA MET F 150 66.65 -6.56 -18.13
C MET F 150 65.84 -5.38 -18.66
N SER F 151 66.50 -4.26 -18.96
CA SER F 151 65.78 -3.09 -19.47
C SER F 151 65.10 -3.41 -20.80
N THR F 152 65.85 -3.94 -21.76
CA THR F 152 65.26 -4.27 -23.05
C THR F 152 64.30 -5.44 -22.94
N ARG F 153 64.55 -6.38 -22.02
CA ARG F 153 63.59 -7.47 -21.82
C ARG F 153 62.25 -6.94 -21.35
N ILE F 154 62.27 -6.03 -20.37
CA ILE F 154 61.03 -5.43 -19.87
C ILE F 154 60.34 -4.62 -20.97
N ALA F 155 61.12 -3.85 -21.73
CA ALA F 155 60.54 -3.07 -22.82
C ALA F 155 59.88 -3.97 -23.87
N GLU F 156 60.55 -5.06 -24.24
CA GLU F 156 60.00 -5.98 -25.22
C GLU F 156 58.72 -6.65 -24.69
N ALA F 157 58.73 -7.07 -23.43
CA ALA F 157 57.53 -7.69 -22.86
C ALA F 157 56.37 -6.70 -22.81
N THR F 158 56.64 -5.46 -22.41
CA THR F 158 55.58 -4.45 -22.35
C THR F 158 55.03 -4.16 -23.75
N SER F 159 55.92 -4.02 -24.74
CA SER F 159 55.45 -3.78 -26.10
C SER F 159 54.61 -4.95 -26.61
N ALA F 160 55.06 -6.17 -26.35
CA ALA F 160 54.31 -7.34 -26.82
C ALA F 160 52.93 -7.41 -26.16
N ILE F 161 52.86 -7.15 -24.86
CA ILE F 161 51.57 -7.27 -24.18
C ILE F 161 50.63 -6.13 -24.59
N VAL F 162 51.15 -4.92 -24.74
CA VAL F 162 50.28 -3.76 -24.96
C VAL F 162 49.93 -3.60 -26.43
N SER F 163 50.95 -3.45 -27.28
CA SER F 163 50.71 -3.16 -28.69
C SER F 163 49.97 -4.29 -29.37
N LYS F 164 48.97 -3.94 -30.17
CA LYS F 164 48.16 -4.92 -30.89
C LYS F 164 48.05 -4.54 -32.37
N VAL F 169 41.67 5.73 -36.31
CA VAL F 169 41.86 6.54 -37.51
C VAL F 169 40.50 7.08 -37.97
N GLY F 170 40.53 8.24 -38.63
CA GLY F 170 39.31 8.84 -39.11
C GLY F 170 39.03 8.56 -40.57
N LEU F 171 38.15 7.58 -40.83
CA LEU F 171 37.76 7.20 -42.18
C LEU F 171 36.46 6.44 -42.09
N PRO F 172 35.52 6.66 -43.00
CA PRO F 172 34.25 5.93 -42.93
C PRO F 172 34.47 4.45 -43.15
N PRO F 173 33.66 3.60 -42.53
CA PRO F 173 33.78 2.17 -42.77
C PRO F 173 33.43 1.80 -44.20
N THR F 174 34.07 0.75 -44.70
CA THR F 174 33.85 0.25 -46.05
C THR F 174 33.70 -1.26 -46.01
N ALA F 175 33.01 -1.80 -47.01
CA ALA F 175 32.82 -3.24 -47.11
C ALA F 175 34.13 -3.99 -47.34
N SER F 176 35.16 -3.32 -47.87
CA SER F 176 36.43 -3.98 -48.12
C SER F 176 37.14 -4.31 -46.80
N SER F 177 37.41 -3.29 -45.99
CA SER F 177 38.10 -3.48 -44.72
C SER F 177 37.10 -3.80 -43.61
N GLY F 207 27.19 -21.46 -25.03
CA GLY F 207 26.62 -22.42 -24.08
C GLY F 207 27.67 -23.12 -23.25
N ASN F 208 28.34 -24.10 -23.84
CA ASN F 208 29.40 -24.86 -23.17
C ASN F 208 30.75 -24.24 -23.51
N MET F 209 31.09 -23.18 -22.78
CA MET F 209 32.32 -22.43 -23.03
C MET F 209 33.43 -23.00 -22.16
N THR F 210 34.48 -23.50 -22.80
CA THR F 210 35.67 -23.97 -22.10
C THR F 210 36.62 -22.79 -21.90
N LEU F 211 37.84 -23.08 -21.46
CA LEU F 211 38.89 -22.09 -21.31
C LEU F 211 39.99 -22.37 -22.31
N THR F 212 40.39 -21.35 -23.06
CA THR F 212 41.28 -21.52 -24.19
C THR F 212 42.23 -20.33 -24.25
N SER F 213 43.38 -20.53 -24.89
CA SER F 213 44.37 -19.46 -25.02
C SER F 213 43.80 -18.28 -25.78
N SER F 214 43.10 -18.52 -26.89
CA SER F 214 42.47 -17.42 -27.62
C SER F 214 41.38 -16.76 -26.78
N GLU F 215 40.67 -17.55 -25.98
CA GLU F 215 39.64 -16.99 -25.11
C GLU F 215 40.25 -16.06 -24.06
N ILE F 216 41.44 -16.40 -23.55
CA ILE F 216 42.14 -15.49 -22.64
C ILE F 216 42.66 -14.26 -23.38
N GLN F 217 43.15 -14.46 -24.61
CA GLN F 217 43.71 -13.37 -25.38
C GLN F 217 42.66 -12.31 -25.69
N ARG F 218 41.42 -12.74 -25.99
CA ARG F 218 40.39 -11.76 -26.29
C ARG F 218 40.06 -10.89 -25.08
N HIS F 219 40.01 -11.50 -23.88
CA HIS F 219 39.82 -10.70 -22.67
C HIS F 219 41.00 -9.76 -22.44
N ILE F 220 42.23 -10.22 -22.70
CA ILE F 220 43.38 -9.35 -22.54
C ILE F 220 43.27 -8.15 -23.48
N THR F 221 42.88 -8.39 -24.72
CA THR F 221 42.74 -7.30 -25.69
C THR F 221 41.65 -6.32 -25.25
N GLU F 222 40.51 -6.84 -24.79
CA GLU F 222 39.45 -5.95 -24.31
C GLU F 222 39.92 -5.12 -23.12
N PHE F 223 40.61 -5.74 -22.18
CA PHE F 223 41.12 -5.04 -21.01
C PHE F 223 42.09 -3.93 -21.39
N ILE F 224 43.02 -4.24 -22.30
CA ILE F 224 44.04 -3.25 -22.66
C ILE F 224 43.42 -2.13 -23.48
N SER F 225 42.46 -2.44 -24.35
CA SER F 225 41.75 -1.38 -25.06
C SER F 225 40.99 -0.47 -24.10
N SER F 226 40.33 -1.06 -23.10
CA SER F 226 39.62 -0.26 -22.10
C SER F 226 40.58 0.64 -21.34
N TRP F 227 41.75 0.12 -20.99
CA TRP F 227 42.75 0.96 -20.32
C TRP F 227 43.23 2.08 -21.23
N GLN F 228 43.49 1.77 -22.50
CA GLN F 228 44.05 2.76 -23.41
C GLN F 228 43.04 3.86 -23.73
N ASN F 229 41.75 3.56 -23.70
CA ASN F 229 40.72 4.55 -24.01
C ASN F 229 40.39 5.44 -22.82
N HIS F 230 41.28 5.55 -21.83
CA HIS F 230 41.07 6.42 -20.67
C HIS F 230 41.58 7.83 -20.99
N PRO F 231 40.78 8.87 -20.73
CA PRO F 231 41.20 10.23 -21.11
C PRO F 231 42.47 10.68 -20.43
N ILE F 232 42.67 10.33 -19.15
CA ILE F 232 43.88 10.76 -18.45
C ILE F 232 45.10 10.02 -18.99
N VAL F 233 44.95 8.72 -19.26
CA VAL F 233 46.06 7.93 -19.77
C VAL F 233 46.44 8.41 -21.17
N GLN F 234 45.45 8.83 -21.96
CA GLN F 234 45.71 9.25 -23.34
C GLN F 234 46.69 10.42 -23.42
N VAL F 235 46.78 11.24 -22.38
CA VAL F 235 47.66 12.41 -22.38
C VAL F 235 48.73 12.36 -21.30
N SER F 236 48.69 11.39 -20.40
CA SER F 236 49.67 11.33 -19.32
C SER F 236 51.05 10.98 -19.86
N ALA F 237 52.08 11.65 -19.33
CA ALA F 237 53.45 11.38 -19.69
C ALA F 237 54.31 11.41 -18.43
N ASP F 238 55.38 10.61 -18.42
CA ASP F 238 56.26 10.53 -17.28
C ASP F 238 57.43 11.50 -17.35
N VAL F 239 57.88 11.84 -18.55
CA VAL F 239 58.98 12.78 -18.75
C VAL F 239 58.47 13.95 -19.59
N GLU F 240 58.91 15.15 -19.21
CA GLU F 240 58.50 16.36 -19.93
C GLU F 240 59.26 16.48 -21.24
N ASN F 241 58.63 17.14 -22.22
CA ASN F 241 59.22 17.33 -23.52
C ASN F 241 60.17 18.53 -23.48
N ARG F 242 60.60 18.98 -24.66
CA ARG F 242 61.62 20.02 -24.73
C ARG F 242 61.08 21.40 -24.39
N LYS F 243 59.76 21.62 -24.47
CA LYS F 243 59.20 22.93 -24.23
C LYS F 243 58.41 23.05 -22.94
N THR F 244 57.87 21.95 -22.41
CA THR F 244 57.21 22.02 -21.11
C THR F 244 58.20 22.38 -20.00
N ALA F 245 59.43 21.85 -20.10
CA ALA F 245 60.46 22.21 -19.14
C ALA F 245 60.79 23.70 -19.21
N GLN F 246 60.88 24.24 -20.43
CA GLN F 246 61.13 25.68 -20.58
C GLN F 246 59.96 26.50 -20.08
N LEU F 247 58.74 26.00 -20.22
CA LEU F 247 57.57 26.72 -19.74
C LEU F 247 57.51 26.73 -18.22
N LEU F 248 57.79 25.60 -17.58
CA LEU F 248 57.68 25.52 -16.12
C LEU F 248 58.92 26.07 -15.42
N HIS F 249 60.07 25.45 -15.67
CA HIS F 249 61.32 25.84 -15.03
C HIS F 249 62.21 26.50 -16.09
N ALA F 250 62.04 27.81 -16.26
CA ALA F 250 62.87 28.56 -17.18
C ALA F 250 64.17 28.97 -16.50
N ASP F 251 65.28 28.85 -17.24
CA ASP F 251 66.58 29.18 -16.69
C ASP F 251 66.65 30.65 -16.33
N THR F 252 67.14 30.94 -15.12
CA THR F 252 67.22 32.36 -14.81
C THR F 252 68.50 32.96 -15.37
N PRO F 253 68.41 34.16 -15.94
CA PRO F 253 69.60 34.82 -16.47
C PRO F 253 70.37 35.54 -15.36
N ARG F 254 71.57 35.98 -15.70
CA ARG F 254 72.47 36.67 -14.78
C ARG F 254 72.50 38.14 -15.18
N LEU F 255 71.75 38.96 -14.46
CA LEU F 255 71.68 40.40 -14.77
C LEU F 255 72.86 41.14 -14.18
N VAL F 256 73.01 41.13 -12.86
CA VAL F 256 74.03 41.92 -12.20
C VAL F 256 75.36 41.18 -12.22
N THR F 257 76.39 41.85 -12.73
CA THR F 257 77.76 41.34 -12.73
C THR F 257 78.69 42.50 -12.43
N TRP F 258 79.84 42.19 -11.82
CA TRP F 258 80.73 43.21 -11.31
C TRP F 258 82.08 43.14 -12.00
N ASP F 259 82.63 44.31 -12.32
CA ASP F 259 83.96 44.44 -12.88
C ASP F 259 84.84 45.19 -11.88
N ALA F 260 85.97 44.58 -11.51
CA ALA F 260 86.87 45.19 -10.54
C ALA F 260 88.05 45.90 -11.18
N GLY F 261 88.36 45.60 -12.44
CA GLY F 261 89.42 46.27 -13.14
C GLY F 261 88.97 47.60 -13.72
N LEU F 262 89.90 48.24 -14.43
CA LEU F 262 89.61 49.53 -15.06
C LEU F 262 88.84 49.30 -16.35
N CYS F 263 87.78 50.09 -16.55
CA CYS F 263 86.86 49.89 -17.67
C CYS F 263 87.39 50.59 -18.91
N THR F 264 87.77 49.81 -19.91
CA THR F 264 88.21 50.37 -21.19
C THR F 264 88.07 49.32 -22.27
N SER F 265 88.18 49.77 -23.52
CA SER F 265 88.15 48.85 -24.65
C SER F 265 89.25 49.13 -25.68
N PHE F 266 89.94 50.26 -25.61
CA PHE F 266 90.99 50.61 -26.55
C PHE F 266 92.33 50.61 -25.83
N LYS F 267 93.30 49.87 -26.38
CA LYS F 267 94.64 49.82 -25.84
C LYS F 267 95.64 50.33 -26.87
N ILE F 268 96.78 50.80 -26.37
CA ILE F 268 97.86 51.31 -27.22
C ILE F 268 98.90 50.20 -27.36
N VAL F 269 99.23 49.87 -28.60
CA VAL F 269 100.17 48.79 -28.88
C VAL F 269 101.36 49.35 -29.65
N PRO F 270 102.60 48.97 -29.30
CA PRO F 270 103.76 49.41 -30.08
C PRO F 270 103.92 48.56 -31.33
N ILE F 271 104.03 49.23 -32.48
CA ILE F 271 104.16 48.51 -33.75
C ILE F 271 105.61 48.18 -34.04
N VAL F 272 106.45 49.20 -34.17
CA VAL F 272 107.87 49.01 -34.48
C VAL F 272 108.70 49.50 -33.30
N PRO F 273 109.72 48.76 -32.87
CA PRO F 273 110.52 49.20 -31.72
C PRO F 273 111.31 50.46 -32.03
N ALA F 274 111.54 51.25 -30.98
CA ALA F 274 112.31 52.47 -31.12
C ALA F 274 113.80 52.19 -31.01
N GLN F 275 114.58 52.96 -31.76
CA GLN F 275 116.03 52.83 -31.75
C GLN F 275 116.58 53.49 -30.50
N VAL F 276 116.81 52.70 -29.46
CA VAL F 276 117.34 53.21 -28.20
C VAL F 276 118.84 53.48 -28.35
N PRO F 277 119.67 52.53 -28.82
CA PRO F 277 121.05 52.87 -29.14
C PRO F 277 121.14 53.46 -30.54
N GLN F 278 121.46 54.74 -30.61
CA GLN F 278 121.57 55.44 -31.89
C GLN F 278 122.81 56.30 -31.89
N ASP F 279 123.19 56.76 -33.08
CA ASP F 279 124.47 57.43 -33.25
C ASP F 279 124.47 58.81 -32.61
N VAL F 280 123.66 59.72 -33.13
CA VAL F 280 123.71 61.13 -32.69
C VAL F 280 122.71 61.26 -31.54
N LEU F 281 123.12 60.76 -30.38
CA LEU F 281 122.54 61.02 -29.07
C LEU F 281 123.30 60.17 -28.07
N ALA F 282 123.12 60.45 -26.79
CA ALA F 282 123.66 59.59 -25.74
C ALA F 282 122.58 58.61 -25.28
N TYR F 283 123.02 57.49 -24.73
CA TYR F 283 122.08 56.49 -24.24
C TYR F 283 121.48 56.84 -22.89
N THR F 284 121.99 57.89 -22.24
CA THR F 284 121.43 58.36 -20.98
C THR F 284 120.26 59.31 -21.17
N PHE F 285 120.03 59.80 -22.39
CA PHE F 285 118.95 60.75 -22.62
C PHE F 285 117.58 60.12 -22.39
N PHE F 286 117.39 58.89 -22.88
CA PHE F 286 116.10 58.23 -22.77
C PHE F 286 115.79 57.85 -21.33
N THR F 287 114.52 57.93 -20.96
CA THR F 287 114.09 57.42 -19.67
C THR F 287 114.01 55.90 -19.66
N SER F 288 114.01 55.27 -20.83
CA SER F 288 113.96 53.81 -20.90
C SER F 288 115.23 53.17 -20.36
N SER F 289 116.37 53.87 -20.43
CA SER F 289 117.62 53.35 -19.88
C SER F 289 117.65 53.40 -18.36
N TYR F 290 116.69 54.07 -17.73
CA TYR F 290 116.61 54.16 -16.28
C TYR F 290 115.52 53.27 -15.69
N ALA F 291 114.94 52.39 -16.50
CA ALA F 291 113.85 51.49 -16.06
C ALA F 291 112.70 52.28 -15.46
N ILE F 292 112.34 53.39 -16.11
CA ILE F 292 111.27 54.25 -15.64
C ILE F 292 109.97 53.81 -16.31
N GLN F 293 108.95 53.55 -15.50
CA GLN F 293 107.65 53.16 -16.03
C GLN F 293 107.04 54.31 -16.83
N SER F 294 106.32 53.96 -17.90
CA SER F 294 105.73 54.95 -18.78
C SER F 294 104.26 54.58 -19.03
N PRO F 295 103.34 55.54 -18.90
CA PRO F 295 101.93 55.23 -19.21
C PRO F 295 101.69 54.89 -20.67
N PHE F 296 102.60 55.26 -21.56
CA PHE F 296 102.49 54.93 -22.97
C PHE F 296 103.71 54.13 -23.42
N PRO F 297 103.52 53.11 -24.26
CA PRO F 297 104.67 52.33 -24.73
C PRO F 297 105.51 53.13 -25.70
N GLU F 298 106.78 53.34 -25.34
CA GLU F 298 107.67 54.08 -26.22
C GLU F 298 108.07 53.22 -27.41
N ALA F 299 107.97 53.80 -28.61
CA ALA F 299 108.25 53.08 -29.85
C ALA F 299 108.32 54.09 -30.98
N ALA F 300 108.89 53.66 -32.10
CA ALA F 300 108.96 54.51 -33.28
C ALA F 300 107.57 54.83 -33.81
N VAL F 301 106.70 53.82 -33.88
CA VAL F 301 105.32 53.99 -34.29
C VAL F 301 104.45 53.11 -33.40
N SER F 302 103.45 53.72 -32.76
CA SER F 302 102.51 52.99 -31.92
C SER F 302 101.09 53.39 -32.30
N ARG F 303 100.25 52.39 -32.54
CA ARG F 303 98.86 52.61 -32.91
C ARG F 303 97.94 52.12 -31.80
N ILE F 304 96.64 52.34 -31.98
CA ILE F 304 95.62 52.01 -31.00
C ILE F 304 94.62 51.04 -31.62
N VAL F 305 94.31 49.96 -30.91
CA VAL F 305 93.44 48.91 -31.42
C VAL F 305 92.27 48.69 -30.46
N VAL F 306 91.43 47.71 -30.78
CA VAL F 306 90.24 47.39 -29.99
C VAL F 306 90.47 46.07 -29.28
N HIS F 307 90.25 46.04 -27.97
CA HIS F 307 90.38 44.81 -27.19
C HIS F 307 89.43 44.92 -26.00
N THR F 308 88.29 44.26 -26.11
CA THR F 308 87.27 44.33 -25.06
C THR F 308 87.75 43.61 -23.81
N ARG F 309 87.76 44.33 -22.68
CA ARG F 309 88.14 43.80 -21.38
C ARG F 309 89.54 43.18 -21.41
N TRP F 310 90.52 44.02 -21.73
CA TRP F 310 91.91 43.59 -21.65
C TRP F 310 92.55 43.91 -20.31
N ALA F 311 91.92 44.77 -19.51
CA ALA F 311 92.38 45.09 -18.16
C ALA F 311 91.21 44.97 -17.18
N SER F 312 90.43 43.91 -17.32
CA SER F 312 89.23 43.70 -16.52
C SER F 312 89.39 42.46 -15.66
N ASN F 313 88.70 42.45 -14.52
CA ASN F 313 88.78 41.38 -13.53
C ASN F 313 87.37 40.98 -13.09
N VAL F 314 86.51 40.71 -14.07
CA VAL F 314 85.12 40.35 -13.80
C VAL F 314 85.06 39.01 -13.11
N ASP F 315 83.90 38.71 -12.50
CA ASP F 315 83.66 37.42 -11.86
C ASP F 315 82.98 36.42 -12.78
N PHE F 316 81.95 36.84 -13.49
CA PHE F 316 81.30 36.02 -14.50
C PHE F 316 81.74 36.51 -15.88
N ASP F 317 82.32 35.61 -16.66
CA ASP F 317 82.94 35.95 -17.94
C ASP F 317 81.94 35.68 -19.06
N ARG F 318 81.47 36.73 -19.70
CA ARG F 318 80.70 36.58 -20.92
C ARG F 318 81.60 36.06 -22.03
N ASP F 319 81.18 34.97 -22.68
CA ASP F 319 81.99 34.40 -23.75
C ASP F 319 82.12 35.35 -24.93
N SER F 320 81.17 36.27 -25.08
CA SER F 320 81.24 37.27 -26.14
C SER F 320 82.45 38.17 -25.93
N SER F 321 83.21 38.41 -26.99
CA SER F 321 84.37 39.27 -26.92
C SER F 321 84.77 39.70 -28.33
N VAL F 322 85.47 40.83 -28.40
CA VAL F 322 86.01 41.35 -29.65
C VAL F 322 87.51 41.58 -29.44
N ILE F 323 88.33 40.85 -30.19
CA ILE F 323 89.78 40.91 -30.07
C ILE F 323 90.34 41.31 -31.43
N MET F 324 91.09 42.42 -31.46
CA MET F 324 91.71 42.91 -32.68
C MET F 324 93.22 42.75 -32.58
N ALA F 325 93.81 42.17 -33.62
CA ALA F 325 95.26 42.07 -33.73
C ALA F 325 95.83 43.39 -34.23
N PRO F 326 97.13 43.63 -34.00
CA PRO F 326 97.75 44.84 -34.52
C PRO F 326 97.61 44.91 -36.02
N PRO F 327 97.51 46.11 -36.60
CA PRO F 327 97.24 46.23 -38.03
C PRO F 327 98.32 45.62 -38.92
N THR F 328 99.54 45.43 -38.41
CA THR F 328 100.55 44.74 -39.19
C THR F 328 100.13 43.30 -39.45
N GLU F 329 99.56 42.64 -38.46
CA GLU F 329 98.95 41.33 -38.67
C GLU F 329 97.56 41.49 -39.28
N ASN F 330 97.16 40.51 -40.07
CA ASN F 330 95.87 40.59 -40.73
C ASN F 330 94.72 40.43 -39.73
N ASN F 331 93.54 40.91 -40.14
CA ASN F 331 92.35 40.86 -39.31
C ASN F 331 91.14 40.37 -40.09
N ILE F 332 91.36 39.76 -41.26
CA ILE F 332 90.26 39.38 -42.14
C ILE F 332 89.38 38.29 -41.54
N HIS F 333 89.84 37.60 -40.50
CA HIS F 333 89.08 36.52 -39.90
C HIS F 333 87.92 37.00 -39.04
N LEU F 334 87.85 38.30 -38.75
CA LEU F 334 86.74 38.87 -37.98
C LEU F 334 85.60 39.35 -38.85
N PHE F 335 85.77 39.35 -40.18
CA PHE F 335 84.75 39.85 -41.10
C PHE F 335 84.17 38.74 -41.97
N LYS F 336 84.49 37.48 -41.69
CA LYS F 336 84.02 36.35 -42.48
C LYS F 336 83.37 35.29 -41.61
N GLN F 337 82.63 35.72 -40.58
CA GLN F 337 82.05 34.79 -39.62
C GLN F 337 80.62 34.41 -39.97
N LEU F 338 79.78 35.39 -40.32
CA LEU F 338 78.34 35.13 -40.41
C LEU F 338 77.98 34.36 -41.66
N LEU F 339 78.20 34.94 -42.84
CA LEU F 339 77.69 34.38 -44.08
C LEU F 339 78.77 34.01 -45.09
N ASN F 340 80.03 33.92 -44.67
CA ASN F 340 81.10 33.51 -45.57
C ASN F 340 81.40 32.02 -45.39
N THR F 341 80.48 31.21 -45.90
CA THR F 341 80.62 29.76 -45.89
C THR F 341 81.02 29.18 -47.23
N GLU F 342 81.25 30.02 -48.24
CA GLU F 342 81.60 29.55 -49.58
C GLU F 342 82.81 30.27 -50.15
N THR F 343 83.62 30.93 -49.32
CA THR F 343 84.78 31.65 -49.82
C THR F 343 85.86 30.69 -50.31
N LEU F 344 86.07 29.59 -49.59
CA LEU F 344 87.15 28.64 -49.87
C LEU F 344 88.49 29.37 -49.92
N SER F 345 88.74 30.22 -48.93
CA SER F 345 90.00 30.94 -48.83
C SER F 345 90.23 31.33 -47.38
N VAL F 346 91.47 31.14 -46.92
CA VAL F 346 91.83 31.49 -45.56
C VAL F 346 91.81 33.00 -45.33
N ARG F 347 92.27 33.79 -46.31
CA ARG F 347 92.39 35.24 -46.15
C ARG F 347 91.35 36.01 -46.95
N GLY F 348 90.35 35.34 -47.51
CA GLY F 348 89.35 36.01 -48.30
C GLY F 348 88.06 36.27 -47.55
N ALA F 349 87.30 37.25 -48.04
CA ALA F 349 86.01 37.60 -47.47
C ALA F 349 85.16 38.30 -48.52
N ASN F 350 83.88 37.95 -48.56
CA ASN F 350 82.97 38.55 -49.53
C ASN F 350 82.61 39.97 -49.10
N PRO F 351 82.84 40.98 -49.94
CA PRO F 351 82.54 42.36 -49.51
C PRO F 351 81.09 42.62 -49.15
N LEU F 352 80.15 41.92 -49.79
CA LEU F 352 78.74 42.23 -49.62
C LEU F 352 78.22 41.94 -48.23
N MET F 353 78.94 41.18 -47.41
CA MET F 353 78.52 40.86 -46.06
C MET F 353 79.28 41.64 -45.00
N PHE F 354 80.00 42.70 -45.40
CA PHE F 354 80.73 43.51 -44.42
C PHE F 354 79.79 44.17 -43.43
N ARG F 355 78.66 44.70 -43.90
CA ARG F 355 77.71 45.33 -42.97
C ARG F 355 77.11 44.30 -42.01
N ALA F 356 76.76 43.12 -42.52
CA ALA F 356 76.20 42.09 -41.67
C ALA F 356 77.20 41.63 -40.62
N ASN F 357 78.48 41.55 -40.98
CA ASN F 357 79.50 41.15 -40.01
C ASN F 357 79.79 42.27 -39.02
N VAL F 358 79.78 43.52 -39.47
CA VAL F 358 80.10 44.65 -38.60
C VAL F 358 78.99 44.86 -37.57
N LEU F 359 77.73 44.69 -37.98
CA LEU F 359 76.64 44.81 -37.03
C LEU F 359 76.74 43.75 -35.93
N HIS F 360 77.07 42.51 -36.31
CA HIS F 360 77.30 41.47 -35.32
C HIS F 360 78.50 41.78 -34.43
N MET F 361 79.56 42.37 -35.01
CA MET F 361 80.72 42.76 -34.22
C MET F 361 80.35 43.80 -33.17
N LEU F 362 79.56 44.80 -33.56
CA LEU F 362 79.11 45.82 -32.62
C LEU F 362 78.20 45.22 -31.55
N LEU F 363 77.33 44.29 -31.94
CA LEU F 363 76.48 43.61 -30.96
C LEU F 363 77.31 42.85 -29.95
N GLU F 364 78.34 42.14 -30.41
CA GLU F 364 79.22 41.42 -29.48
C GLU F 364 79.97 42.39 -28.58
N PHE F 365 80.41 43.53 -29.13
CA PHE F 365 81.04 44.55 -28.31
C PHE F 365 80.12 45.01 -27.19
N VAL F 366 78.88 45.35 -27.52
CA VAL F 366 77.94 45.83 -26.53
C VAL F 366 77.65 44.76 -25.49
N LEU F 367 77.45 43.52 -25.94
CA LEU F 367 77.13 42.44 -25.02
C LEU F 367 78.29 42.13 -24.09
N ASP F 368 79.53 42.23 -24.59
CA ASP F 368 80.68 42.04 -23.73
C ASP F 368 80.80 43.17 -22.71
N ASN F 369 80.55 44.40 -23.13
CA ASN F 369 80.71 45.54 -22.22
C ASN F 369 79.43 45.82 -21.44
N LEU F 370 78.90 44.80 -20.77
CA LEU F 370 77.73 44.93 -19.91
C LEU F 370 78.15 44.49 -18.51
N TYR F 371 78.68 45.44 -17.73
CA TYR F 371 79.15 45.16 -16.38
C TYR F 371 78.95 46.38 -15.51
N LEU F 372 78.97 46.15 -14.21
CA LEU F 372 78.86 47.21 -13.21
C LEU F 372 80.23 47.44 -12.59
N ASN F 373 80.69 48.69 -12.59
CA ASN F 373 81.96 49.02 -11.98
C ASN F 373 81.88 48.82 -10.47
N ARG F 374 82.98 48.33 -9.89
CA ARG F 374 83.02 47.95 -8.49
C ARG F 374 84.07 48.74 -7.73
N HIS F 375 83.69 49.21 -6.54
CA HIS F 375 84.63 49.86 -5.64
C HIS F 375 85.50 48.81 -4.96
N THR F 376 86.81 49.03 -4.98
CA THR F 376 87.76 48.02 -4.53
C THR F 376 88.61 48.47 -3.34
N GLY F 377 89.12 49.68 -3.34
CA GLY F 377 89.96 50.14 -2.25
C GLY F 377 90.88 51.24 -2.70
N PHE F 378 91.40 51.98 -1.72
CA PHE F 378 92.26 53.13 -2.00
C PHE F 378 93.41 53.15 -1.01
N SER F 379 94.41 53.97 -1.32
CA SER F 379 95.58 54.13 -0.46
C SER F 379 96.26 55.44 -0.82
N GLN F 380 96.42 56.33 0.17
CA GLN F 380 97.10 57.59 -0.06
C GLN F 380 98.58 57.34 -0.32
N ASP F 381 99.11 57.97 -1.37
CA ASP F 381 100.50 57.76 -1.73
C ASP F 381 101.42 58.50 -0.76
N HIS F 382 102.57 57.90 -0.48
CA HIS F 382 103.60 58.50 0.36
C HIS F 382 104.67 59.19 -0.46
N THR F 383 104.51 59.27 -1.77
CA THR F 383 105.46 59.90 -2.68
C THR F 383 105.01 61.32 -3.01
N PRO F 384 105.94 62.22 -3.30
CA PRO F 384 105.58 63.61 -3.61
C PRO F 384 105.13 63.84 -5.04
N PHE F 385 104.89 62.79 -5.82
CA PHE F 385 104.48 62.98 -7.21
C PHE F 385 103.13 63.68 -7.30
N THR F 386 102.18 63.27 -6.46
CA THR F 386 100.88 63.91 -6.36
C THR F 386 100.75 64.61 -5.02
N GLU F 387 99.75 65.50 -4.94
CA GLU F 387 99.53 66.29 -3.73
C GLU F 387 98.73 65.48 -2.70
N GLY F 388 99.30 64.34 -2.33
CA GLY F 388 98.66 63.46 -1.36
C GLY F 388 97.35 62.88 -1.83
N ALA F 389 97.23 62.58 -3.12
CA ALA F 389 95.99 62.05 -3.65
C ALA F 389 95.81 60.58 -3.26
N ASN F 390 94.56 60.14 -3.27
CA ASN F 390 94.21 58.76 -2.90
C ASN F 390 94.18 57.91 -4.16
N LEU F 391 95.25 57.16 -4.38
CA LEU F 391 95.30 56.26 -5.53
C LEU F 391 94.40 55.05 -5.31
N ARG F 392 94.08 54.37 -6.40
CA ARG F 392 93.22 53.19 -6.37
C ARG F 392 94.04 51.94 -6.68
N SER F 393 93.78 50.87 -5.92
CA SER F 393 94.54 49.63 -6.04
C SER F 393 93.69 48.58 -6.73
N LEU F 394 94.18 48.06 -7.85
CA LEU F 394 93.50 46.97 -8.53
C LEU F 394 93.81 45.65 -7.82
N PRO F 395 92.89 44.69 -7.85
CA PRO F 395 93.18 43.38 -7.26
C PRO F 395 94.12 42.56 -8.13
N GLY F 396 94.43 41.34 -7.71
CA GLY F 396 95.37 40.51 -8.42
C GLY F 396 96.77 40.62 -7.85
N PRO F 397 97.59 39.60 -8.07
CA PRO F 397 98.93 39.61 -7.46
C PRO F 397 99.88 40.60 -8.11
N ASP F 398 99.91 40.65 -9.45
CA ASP F 398 100.83 41.53 -10.17
C ASP F 398 100.16 42.85 -10.54
N ALA F 399 99.81 43.61 -9.49
CA ALA F 399 99.17 44.92 -9.66
C ALA F 399 100.18 46.06 -9.77
N GLU F 400 101.48 45.75 -9.80
CA GLU F 400 102.49 46.80 -9.88
C GLU F 400 102.43 47.53 -11.22
N LYS F 401 101.97 46.85 -12.27
CA LYS F 401 102.00 47.44 -13.61
C LYS F 401 100.90 48.48 -13.82
N TRP F 402 99.73 48.29 -13.21
CA TRP F 402 98.59 49.15 -13.51
C TRP F 402 98.73 50.55 -12.94
N TYR F 403 99.60 50.75 -11.94
CA TYR F 403 99.74 52.06 -11.33
C TYR F 403 100.36 53.08 -12.28
N SER F 404 100.99 52.63 -13.36
CA SER F 404 101.50 53.55 -14.36
C SER F 404 100.53 53.76 -15.52
N ILE F 405 99.77 52.73 -15.87
CA ILE F 405 98.77 52.85 -16.92
C ILE F 405 97.61 53.73 -16.48
N MET F 406 97.18 53.58 -15.22
CA MET F 406 95.96 54.25 -14.78
C MET F 406 96.12 55.77 -14.74
N TYR F 407 97.27 56.26 -14.29
CA TYR F 407 97.47 57.70 -14.08
C TYR F 407 98.61 58.20 -14.97
N PRO F 408 98.30 58.66 -16.19
CA PRO F 408 99.36 59.17 -17.06
C PRO F 408 100.07 60.39 -16.51
N THR F 409 99.36 61.26 -15.76
CA THR F 409 99.93 62.50 -15.26
C THR F 409 100.55 62.35 -13.87
N ARG F 410 100.95 61.14 -13.49
CA ARG F 410 101.63 60.92 -12.23
C ARG F 410 103.14 60.79 -12.37
N MET F 411 103.62 60.33 -13.52
CA MET F 411 105.05 60.10 -13.70
C MET F 411 105.83 61.41 -13.63
N GLY F 412 107.13 61.28 -13.40
CA GLY F 412 108.00 62.44 -13.41
C GLY F 412 108.21 62.97 -14.82
N THR F 413 108.71 64.19 -14.88
CA THR F 413 108.95 64.89 -16.15
C THR F 413 110.39 65.37 -16.17
N PRO F 414 111.36 64.47 -16.40
CA PRO F 414 112.76 64.89 -16.43
C PRO F 414 113.29 65.15 -17.83
N ASN F 415 112.50 64.82 -18.84
CA ASN F 415 113.00 64.75 -20.21
C ASN F 415 112.12 65.57 -21.15
N VAL F 416 112.72 65.96 -22.27
CA VAL F 416 112.02 66.74 -23.30
C VAL F 416 111.30 65.82 -24.29
N SER F 417 111.28 64.52 -24.01
CA SER F 417 110.58 63.56 -24.87
C SER F 417 109.11 63.94 -25.03
N LYS F 418 108.48 63.36 -26.05
CA LYS F 418 107.09 63.70 -26.34
C LYS F 418 106.16 63.28 -25.21
N ILE F 419 106.42 62.12 -24.59
CA ILE F 419 105.59 61.67 -23.47
C ILE F 419 105.62 62.68 -22.34
N CYS F 420 106.82 63.12 -21.96
CA CYS F 420 106.95 64.06 -20.85
C CYS F 420 106.42 65.44 -21.22
N ASN F 421 106.59 65.85 -22.48
CA ASN F 421 106.03 67.11 -22.92
C ASN F 421 104.50 67.10 -22.83
N PHE F 422 103.88 65.99 -23.22
CA PHE F 422 102.43 65.87 -23.07
C PHE F 422 102.03 65.85 -21.60
N VAL F 423 102.79 65.14 -20.76
CA VAL F 423 102.43 65.00 -19.35
C VAL F 423 102.50 66.35 -18.64
N ALA F 424 103.57 67.12 -18.91
CA ALA F 424 103.78 68.38 -18.19
C ALA F 424 102.75 69.44 -18.52
N SER F 425 101.97 69.27 -19.58
CA SER F 425 100.95 70.24 -19.96
C SER F 425 99.57 69.92 -19.39
N CYS F 426 99.47 68.86 -18.60
CA CYS F 426 98.19 68.44 -18.04
C CYS F 426 97.92 69.21 -16.74
N VAL F 427 96.85 68.84 -16.04
CA VAL F 427 96.47 69.44 -14.77
C VAL F 427 96.74 68.43 -13.66
N ARG F 428 97.42 68.88 -12.61
CA ARG F 428 97.95 67.96 -11.60
C ARG F 428 96.87 67.43 -10.66
N ASN F 429 95.81 68.20 -10.40
CA ASN F 429 94.88 67.89 -9.31
C ASN F 429 93.72 67.01 -9.75
N ARG F 430 93.88 66.21 -10.80
CA ARG F 430 92.84 65.25 -11.22
C ARG F 430 93.48 63.88 -11.35
N VAL F 431 93.61 63.19 -10.21
CA VAL F 431 94.07 61.80 -10.15
C VAL F 431 93.36 61.11 -9.01
N GLY F 432 93.00 59.84 -9.22
CA GLY F 432 92.41 59.06 -8.16
C GLY F 432 91.03 59.56 -7.75
N ARG F 433 90.66 59.21 -6.52
CA ARG F 433 89.37 59.60 -5.97
C ARG F 433 89.29 61.09 -5.75
N PHE F 434 88.13 61.67 -6.07
CA PHE F 434 87.88 63.08 -5.77
C PHE F 434 86.49 63.33 -5.21
N ASP F 435 85.66 62.30 -5.03
CA ASP F 435 84.32 62.47 -4.48
C ASP F 435 83.83 61.13 -3.96
N ARG F 436 83.43 61.09 -2.69
CA ARG F 436 82.95 59.88 -2.04
C ARG F 436 81.59 60.14 -1.40
N ALA F 437 80.93 59.06 -0.99
CA ALA F 437 79.66 59.13 -0.27
C ALA F 437 79.72 58.12 0.87
N GLN F 438 80.19 58.57 2.03
CA GLN F 438 80.34 57.71 3.20
C GLN F 438 79.08 57.83 4.04
N MET F 439 78.10 56.97 3.76
CA MET F 439 76.82 57.04 4.46
C MET F 439 76.93 56.50 5.89
N MET F 440 77.72 55.45 6.11
CA MET F 440 77.78 54.79 7.40
C MET F 440 79.23 54.70 7.87
N ASN F 441 79.42 54.92 9.17
CA ASN F 441 80.75 54.78 9.76
C ASN F 441 81.12 53.30 9.87
N GLY F 442 82.39 53.02 9.59
CA GLY F 442 82.85 51.63 9.62
C GLY F 442 82.18 50.75 8.60
N ALA F 443 81.98 51.27 7.38
CA ALA F 443 81.34 50.52 6.32
C ALA F 443 81.86 51.02 4.98
N MET F 444 81.70 50.19 3.95
CA MET F 444 82.16 50.56 2.62
C MET F 444 81.36 51.74 2.09
N SER F 445 82.05 52.65 1.42
CA SER F 445 81.39 53.79 0.81
C SER F 445 80.44 53.32 -0.28
N GLU F 446 79.27 53.96 -0.36
CA GLU F 446 78.26 53.52 -1.32
C GLU F 446 78.74 53.66 -2.76
N TRP F 447 79.39 54.77 -3.07
CA TRP F 447 79.96 54.97 -4.40
C TRP F 447 81.04 56.04 -4.32
N VAL F 448 82.00 55.95 -5.24
CA VAL F 448 83.09 56.92 -5.32
C VAL F 448 83.28 57.32 -6.78
N ASP F 449 83.87 58.50 -6.97
CA ASP F 449 84.18 59.02 -8.29
C ASP F 449 85.69 59.18 -8.41
N VAL F 450 86.27 58.62 -9.46
CA VAL F 450 87.72 58.52 -9.60
C VAL F 450 88.14 59.01 -10.98
N PHE F 451 89.28 59.70 -11.03
CA PHE F 451 89.93 60.04 -12.28
C PHE F 451 90.93 58.95 -12.61
N GLU F 452 90.69 58.21 -13.69
CA GLU F 452 91.59 57.15 -14.09
C GLU F 452 91.42 56.88 -15.58
N THR F 453 92.42 56.23 -16.16
CA THR F 453 92.35 55.87 -17.58
C THR F 453 91.16 54.97 -17.83
N SER F 454 90.38 55.30 -18.84
CA SER F 454 89.13 54.60 -19.13
C SER F 454 88.81 54.79 -20.61
N ASP F 455 87.57 54.46 -20.98
CA ASP F 455 87.09 54.63 -22.34
C ASP F 455 85.71 55.26 -22.25
N ALA F 456 85.51 56.39 -22.94
CA ALA F 456 84.26 57.12 -22.84
C ALA F 456 83.08 56.28 -23.32
N LEU F 457 83.27 55.54 -24.41
CA LEU F 457 82.18 54.75 -24.97
C LEU F 457 81.71 53.68 -23.98
N THR F 458 82.65 52.91 -23.43
CA THR F 458 82.26 51.86 -22.51
C THR F 458 81.76 52.44 -21.18
N VAL F 459 82.28 53.59 -20.78
CA VAL F 459 81.76 54.25 -19.58
C VAL F 459 80.30 54.64 -19.77
N SER F 460 79.98 55.21 -20.94
CA SER F 460 78.59 55.56 -21.22
C SER F 460 77.71 54.31 -21.30
N ILE F 461 78.21 53.24 -21.90
CA ILE F 461 77.42 52.01 -22.01
C ILE F 461 77.11 51.46 -20.63
N ARG F 462 78.12 51.39 -19.76
CA ARG F 462 77.89 50.87 -18.42
C ARG F 462 77.04 51.83 -17.59
N GLY F 463 77.10 53.13 -17.86
CA GLY F 463 76.20 54.06 -17.21
C GLY F 463 74.75 53.83 -17.60
N ARG F 464 74.50 53.59 -18.89
CA ARG F 464 73.14 53.27 -19.33
C ARG F 464 72.67 51.96 -18.71
N TRP F 465 73.55 50.96 -18.64
CA TRP F 465 73.17 49.69 -18.02
C TRP F 465 72.85 49.88 -16.54
N MET F 466 73.65 50.68 -15.84
CA MET F 466 73.38 50.94 -14.42
C MET F 466 72.08 51.69 -14.24
N ALA F 467 71.78 52.65 -15.12
CA ALA F 467 70.52 53.36 -15.03
C ALA F 467 69.34 52.42 -15.26
N ARG F 468 69.46 51.53 -16.24
CA ARG F 468 68.40 50.56 -16.49
C ARG F 468 68.17 49.67 -15.28
N LEU F 469 69.25 49.18 -14.67
CA LEU F 469 69.08 48.34 -13.48
C LEU F 469 68.53 49.13 -12.29
N ALA F 470 68.96 50.37 -12.11
CA ALA F 470 68.48 51.19 -11.00
C ALA F 470 67.02 51.57 -11.16
N ARG F 471 66.52 51.66 -12.39
CA ARG F 471 65.08 51.90 -12.58
C ARG F 471 64.25 50.74 -12.07
N MET F 472 64.84 49.56 -11.90
CA MET F 472 64.12 48.34 -11.56
C MET F 472 64.20 48.00 -10.07
N ASN F 473 64.72 48.90 -9.25
CA ASN F 473 65.01 48.58 -7.86
C ASN F 473 63.74 48.61 -7.00
N ILE F 474 63.72 47.73 -6.00
CA ILE F 474 62.65 47.70 -5.00
C ILE F 474 63.30 47.60 -3.62
N ASN F 475 62.57 48.06 -2.60
CA ASN F 475 63.08 48.01 -1.24
C ASN F 475 62.30 46.99 -0.41
N PRO F 476 62.85 46.58 0.73
CA PRO F 476 62.17 45.57 1.56
C PRO F 476 60.77 45.97 1.99
N THR F 477 60.47 47.25 2.15
CA THR F 477 59.13 47.65 2.55
C THR F 477 58.11 47.30 1.47
N GLU F 478 58.39 47.67 0.21
CA GLU F 478 57.49 47.29 -0.87
C GLU F 478 57.48 45.78 -1.10
N ILE F 479 58.61 45.11 -0.87
CA ILE F 479 58.61 43.65 -0.98
C ILE F 479 57.66 43.04 0.04
N GLU F 480 57.71 43.54 1.29
CA GLU F 480 56.79 43.07 2.33
C GLU F 480 55.35 43.35 1.96
N TRP F 481 55.07 44.56 1.47
CA TRP F 481 53.69 44.90 1.12
C TRP F 481 53.18 43.99 0.00
N ALA F 482 54.00 43.76 -1.02
CA ALA F 482 53.59 42.88 -2.11
C ALA F 482 53.35 41.47 -1.62
N LEU F 483 54.23 40.94 -0.77
CA LEU F 483 54.06 39.58 -0.27
C LEU F 483 52.82 39.46 0.59
N THR F 484 52.55 40.46 1.44
CA THR F 484 51.37 40.40 2.30
C THR F 484 50.08 40.47 1.49
N GLU F 485 50.01 41.42 0.54
CA GLU F 485 48.82 41.51 -0.30
C GLU F 485 48.63 40.26 -1.14
N CYS F 486 49.73 39.66 -1.59
CA CYS F 486 49.65 38.39 -2.31
C CYS F 486 49.10 37.28 -1.43
N ALA F 487 49.56 37.20 -0.20
CA ALA F 487 49.14 36.14 0.71
C ALA F 487 47.79 36.42 1.36
N GLN F 488 47.19 37.58 1.09
CA GLN F 488 45.88 37.96 1.61
C GLN F 488 45.86 38.10 3.12
N GLY F 489 47.02 38.31 3.74
CA GLY F 489 47.12 38.50 5.16
C GLY F 489 47.17 37.23 5.99
N TYR F 490 47.10 36.05 5.36
CA TYR F 490 47.15 34.82 6.12
C TYR F 490 48.52 34.62 6.79
N VAL F 491 49.59 34.86 6.04
CA VAL F 491 50.94 34.80 6.58
C VAL F 491 51.54 36.20 6.57
N THR F 492 52.27 36.54 7.63
CA THR F 492 52.79 37.87 7.80
C THR F 492 54.22 37.97 7.28
N VAL F 493 54.66 39.20 7.06
CA VAL F 493 55.99 39.51 6.56
C VAL F 493 56.53 40.69 7.34
N THR F 494 57.82 40.65 7.67
CA THR F 494 58.49 41.73 8.37
C THR F 494 59.69 42.22 7.56
N SER F 495 59.94 43.52 7.64
CA SER F 495 61.08 44.16 7.01
C SER F 495 61.78 45.05 8.01
N PRO F 496 63.09 45.25 7.87
CA PRO F 496 63.81 46.05 8.86
C PRO F 496 63.45 47.53 8.76
N TYR F 497 63.66 48.24 9.87
CA TYR F 497 63.38 49.67 9.98
C TYR F 497 64.64 50.33 10.52
N ALA F 498 65.55 50.68 9.62
CA ALA F 498 66.85 51.23 9.98
C ALA F 498 67.53 51.81 8.75
N PRO F 499 68.61 52.57 8.89
CA PRO F 499 69.33 53.06 7.71
C PRO F 499 69.79 51.91 6.81
N SER F 500 69.69 52.14 5.51
CA SER F 500 69.94 51.10 4.52
C SER F 500 71.43 50.91 4.28
N VAL F 501 71.76 50.00 3.38
CA VAL F 501 73.15 49.70 3.02
C VAL F 501 73.24 49.79 1.50
N ASN F 502 72.17 50.32 0.88
CA ASN F 502 72.10 50.55 -0.57
C ASN F 502 72.30 49.23 -1.34
N ARG F 503 71.34 48.33 -1.15
CA ARG F 503 71.34 47.05 -1.83
C ARG F 503 70.55 47.13 -3.14
N LEU F 504 70.82 46.17 -4.02
CA LEU F 504 70.19 46.10 -5.33
C LEU F 504 69.14 45.01 -5.37
N MET F 505 67.90 45.39 -5.69
CA MET F 505 66.80 44.45 -5.91
C MET F 505 66.16 44.80 -7.25
N PRO F 506 66.70 44.29 -8.35
CA PRO F 506 66.29 44.77 -9.68
C PRO F 506 64.98 44.17 -10.17
N TYR F 507 64.17 43.62 -9.27
CA TYR F 507 63.10 42.73 -9.68
C TYR F 507 61.89 43.43 -10.30
N ARG F 508 61.58 44.67 -9.89
CA ARG F 508 60.39 45.33 -10.43
C ARG F 508 60.50 45.55 -11.93
N ILE F 509 59.42 45.25 -12.65
CA ILE F 509 59.34 45.41 -14.09
C ILE F 509 58.03 46.12 -14.42
N SER F 510 57.88 46.48 -15.70
CA SER F 510 56.70 47.20 -16.16
C SER F 510 55.61 46.22 -16.57
N ASN F 511 54.50 46.76 -17.10
CA ASN F 511 53.35 45.94 -17.49
C ASN F 511 53.40 45.51 -18.95
N ALA F 512 53.93 46.36 -19.83
CA ALA F 512 54.04 45.99 -21.24
C ALA F 512 54.94 44.79 -21.44
N GLU F 513 56.04 44.73 -20.68
CA GLU F 513 56.93 43.57 -20.77
C GLU F 513 56.23 42.31 -20.31
N ARG F 514 55.45 42.39 -19.23
CA ARG F 514 54.68 41.25 -18.77
C ARG F 514 53.69 40.79 -19.83
N GLN F 515 52.99 41.73 -20.45
CA GLN F 515 52.01 41.37 -21.47
C GLN F 515 52.69 40.74 -22.70
N ILE F 516 53.84 41.27 -23.10
CA ILE F 516 54.55 40.71 -24.25
C ILE F 516 55.04 39.30 -23.93
N SER F 517 55.57 39.10 -22.72
CA SER F 517 56.03 37.76 -22.34
C SER F 517 54.86 36.78 -22.28
N GLN F 518 53.71 37.23 -21.77
CA GLN F 518 52.52 36.38 -21.75
C GLN F 518 52.08 36.02 -23.16
N ILE F 519 52.14 36.99 -24.08
CA ILE F 519 51.78 36.71 -25.47
C ILE F 519 52.72 35.67 -26.08
N ILE F 520 54.02 35.81 -25.82
CA ILE F 520 54.99 34.86 -26.35
C ILE F 520 54.77 33.47 -25.75
N ARG F 521 54.49 33.41 -24.45
CA ARG F 521 54.25 32.13 -23.79
C ARG F 521 52.99 31.46 -24.32
N VAL F 522 51.93 32.23 -24.60
CA VAL F 522 50.74 31.65 -25.21
C VAL F 522 51.05 31.21 -26.64
N MET F 523 51.86 31.98 -27.35
CA MET F 523 52.16 31.68 -28.75
C MET F 523 52.91 30.37 -28.89
N ASN F 524 53.91 30.14 -28.03
CA ASN F 524 54.72 28.93 -28.20
C ASN F 524 53.95 27.66 -27.82
N ILE F 525 52.77 27.79 -27.22
CA ILE F 525 51.91 26.65 -26.91
C ILE F 525 50.61 26.76 -27.70
N GLY F 526 50.56 26.10 -28.85
CA GLY F 526 49.40 26.18 -29.71
C GLY F 526 48.88 24.85 -30.21
N ASN F 527 47.65 24.50 -29.84
CA ASN F 527 46.98 23.29 -30.30
C ASN F 527 47.81 22.04 -30.03
N ASN F 528 48.41 21.99 -28.84
CA ASN F 528 49.28 20.88 -28.44
C ASN F 528 48.57 19.88 -27.54
N ALA F 529 48.03 20.35 -26.40
CA ALA F 529 47.29 19.58 -25.40
C ALA F 529 48.18 18.62 -24.63
N THR F 530 49.47 18.51 -24.97
CA THR F 530 50.41 17.74 -24.18
C THR F 530 51.48 18.60 -23.53
N VAL F 531 51.46 19.91 -23.77
CA VAL F 531 52.36 20.83 -23.11
C VAL F 531 51.71 21.57 -21.96
N ILE F 532 50.41 21.88 -22.05
CA ILE F 532 49.71 22.56 -20.98
C ILE F 532 49.27 21.62 -19.87
N GLN F 533 49.12 20.33 -20.18
CA GLN F 533 48.65 19.37 -19.17
C GLN F 533 49.57 19.29 -17.95
N PRO F 534 50.90 19.25 -18.06
CA PRO F 534 51.74 19.23 -16.84
C PRO F 534 51.53 20.44 -15.96
N VAL F 535 51.24 21.61 -16.53
CA VAL F 535 50.94 22.78 -15.70
C VAL F 535 49.69 22.53 -14.86
N LEU F 536 48.66 21.98 -15.49
CA LEU F 536 47.43 21.67 -14.75
C LEU F 536 47.69 20.62 -13.68
N GLN F 537 48.54 19.62 -13.99
CA GLN F 537 48.87 18.61 -12.99
C GLN F 537 49.59 19.22 -11.80
N ASP F 538 50.54 20.12 -12.05
CA ASP F 538 51.26 20.77 -10.96
C ASP F 538 50.32 21.62 -10.11
N ILE F 539 49.42 22.37 -10.75
CA ILE F 539 48.48 23.19 -9.99
C ILE F 539 47.53 22.30 -9.19
N SER F 540 47.13 21.16 -9.77
CA SER F 540 46.27 20.23 -9.04
C SER F 540 46.97 19.64 -7.83
N VAL F 541 48.26 19.31 -7.97
CA VAL F 541 49.02 18.80 -6.84
C VAL F 541 49.12 19.87 -5.75
N LEU F 542 49.36 21.12 -6.14
CA LEU F 542 49.41 22.19 -5.14
C LEU F 542 48.06 22.35 -4.45
N LEU F 543 46.96 22.27 -5.20
CA LEU F 543 45.64 22.36 -4.59
C LEU F 543 45.40 21.21 -3.61
N GLN F 544 45.80 20.00 -3.99
CA GLN F 544 45.63 18.86 -3.10
C GLN F 544 46.47 18.99 -1.84
N ARG F 545 47.65 19.61 -1.96
CA ARG F 545 48.50 19.77 -0.79
C ARG F 545 48.01 20.90 0.12
N ILE F 546 47.41 21.94 -0.43
CA ILE F 546 47.01 23.09 0.39
C ILE F 546 45.58 22.95 0.94
N SER F 547 44.70 22.26 0.24
CA SER F 547 43.29 22.29 0.59
C SER F 547 43.03 21.50 1.87
N PRO F 548 42.08 21.94 2.70
CA PRO F 548 41.70 21.12 3.87
C PRO F 548 40.70 20.02 3.55
N LEU F 549 39.96 20.15 2.45
CA LEU F 549 38.99 19.12 2.08
C LEU F 549 39.71 17.89 1.53
N GLN F 550 39.19 16.72 1.86
CA GLN F 550 39.67 15.45 1.33
C GLN F 550 38.49 14.59 0.93
N ILE F 551 38.66 13.85 -0.16
CA ILE F 551 37.59 13.03 -0.71
C ILE F 551 37.54 11.70 0.02
N ASP F 552 36.35 11.32 0.47
CA ASP F 552 36.15 10.08 1.22
C ASP F 552 34.86 9.42 0.76
N PRO F 553 34.93 8.39 -0.08
CA PRO F 553 33.72 7.76 -0.63
C PRO F 553 32.99 6.82 0.32
N THR F 554 33.37 6.75 1.59
CA THR F 554 32.66 5.89 2.53
C THR F 554 31.33 6.48 2.96
N ILE F 555 31.16 7.80 2.83
CA ILE F 555 29.87 8.41 3.16
C ILE F 555 28.78 7.86 2.25
N ILE F 556 29.08 7.76 0.95
CA ILE F 556 28.12 7.19 0.00
C ILE F 556 27.84 5.73 0.34
N SER F 557 28.88 4.98 0.70
CA SER F 557 28.69 3.57 1.04
C SER F 557 27.76 3.40 2.24
N ASN F 558 27.95 4.22 3.28
CA ASN F 558 27.09 4.11 4.45
C ASN F 558 25.66 4.55 4.15
N THR F 559 25.52 5.69 3.46
CA THR F 559 24.18 6.21 3.18
C THR F 559 23.43 5.35 2.16
N MET F 560 24.13 4.51 1.41
CA MET F 560 23.46 3.55 0.54
C MET F 560 23.28 2.19 1.19
N SER F 561 24.07 1.87 2.22
CA SER F 561 23.82 0.68 3.00
C SER F 561 22.63 0.85 3.92
N THR F 562 22.31 2.09 4.30
CA THR F 562 21.13 2.34 5.14
C THR F 562 19.84 2.46 4.33
N VAL F 563 19.81 1.93 3.11
CA VAL F 563 18.64 2.02 2.23
C VAL F 563 17.73 0.83 2.50
N SER F 564 16.42 1.06 2.41
CA SER F 564 15.42 0.02 2.61
C SER F 564 14.93 -0.48 1.25
N GLU F 565 15.08 -1.78 1.01
CA GLU F 565 14.64 -2.40 -0.23
C GLU F 565 14.42 -3.88 0.00
N SER F 566 13.62 -4.49 -0.88
CA SER F 566 13.28 -5.89 -0.76
C SER F 566 14.26 -6.76 -1.53
N THR F 567 14.48 -7.98 -1.03
CA THR F 567 15.44 -8.89 -1.63
C THR F 567 14.90 -9.53 -2.91
N THR F 568 13.60 -9.81 -2.97
CA THR F 568 13.02 -10.54 -4.08
C THR F 568 13.07 -9.77 -5.40
N GLN F 569 13.35 -8.47 -5.37
CA GLN F 569 13.44 -7.70 -6.61
C GLN F 569 14.65 -8.16 -7.42
N THR F 570 14.53 -8.03 -8.73
CA THR F 570 15.56 -8.52 -9.65
C THR F 570 16.63 -7.50 -9.97
N LEU F 571 16.52 -6.26 -9.48
CA LEU F 571 17.56 -5.28 -9.63
C LEU F 571 17.42 -4.24 -8.52
N SER F 572 18.56 -3.80 -7.98
CA SER F 572 18.59 -2.95 -6.81
C SER F 572 19.24 -1.61 -7.14
N PRO F 573 18.53 -0.49 -6.99
CA PRO F 573 19.13 0.82 -7.30
C PRO F 573 20.36 1.15 -6.48
N ALA F 574 20.37 0.77 -5.20
CA ALA F 574 21.52 1.10 -4.35
C ALA F 574 22.78 0.40 -4.82
N SER F 575 22.70 -0.91 -5.04
CA SER F 575 23.85 -1.64 -5.54
C SER F 575 24.24 -1.16 -6.94
N SER F 576 23.25 -0.84 -7.77
CA SER F 576 23.55 -0.36 -9.12
C SER F 576 24.35 0.94 -9.08
N ILE F 577 23.90 1.90 -8.29
CA ILE F 577 24.60 3.18 -8.22
C ILE F 577 25.95 3.02 -7.55
N LEU F 578 26.05 2.16 -6.55
CA LEU F 578 27.34 1.94 -5.89
C LEU F 578 28.35 1.34 -6.87
N GLY F 579 27.91 0.39 -7.68
CA GLY F 579 28.80 -0.17 -8.70
C GLY F 579 29.16 0.82 -9.78
N LYS F 580 28.19 1.66 -10.18
CA LYS F 580 28.45 2.63 -11.24
C LYS F 580 29.37 3.75 -10.77
N LEU F 581 29.32 4.10 -9.49
CA LEU F 581 30.00 5.29 -8.98
C LEU F 581 31.46 5.01 -8.62
N ARG F 582 32.06 3.95 -9.18
CA ARG F 582 33.47 3.68 -8.97
C ARG F 582 34.24 4.10 -10.21
N PRO F 583 35.12 5.11 -10.12
CA PRO F 583 35.78 5.62 -11.33
C PRO F 583 36.65 4.57 -12.01
N SER F 584 36.69 4.64 -13.34
CA SER F 584 37.57 3.78 -14.10
C SER F 584 39.02 4.15 -13.86
N ASN F 585 39.87 3.13 -13.79
CA ASN F 585 41.30 3.25 -13.45
C ASN F 585 41.53 3.78 -12.05
N SER F 586 40.47 3.94 -11.25
CA SER F 586 40.52 4.31 -9.84
C SER F 586 41.20 5.65 -9.58
N ASP F 587 41.34 6.49 -10.60
CA ASP F 587 41.96 7.79 -10.42
C ASP F 587 40.91 8.85 -10.08
N PHE F 588 41.28 9.75 -9.17
CA PHE F 588 40.42 10.85 -8.77
C PHE F 588 41.07 12.20 -9.06
N SER F 589 42.10 12.21 -9.92
CA SER F 589 42.79 13.43 -10.29
C SER F 589 42.09 14.19 -11.40
N SER F 590 40.83 13.90 -11.66
CA SER F 590 40.04 14.61 -12.67
C SER F 590 39.20 15.72 -12.05
N PHE F 591 39.36 15.99 -10.76
CA PHE F 591 38.63 17.03 -10.07
C PHE F 591 39.52 18.22 -9.71
N ARG F 592 40.69 17.97 -9.14
CA ARG F 592 41.65 19.04 -8.92
C ARG F 592 42.11 19.64 -10.24
N VAL F 593 42.30 18.80 -11.26
CA VAL F 593 42.65 19.32 -12.59
C VAL F 593 41.50 20.12 -13.17
N ALA F 594 40.26 19.68 -12.91
CA ALA F 594 39.10 20.46 -13.36
C ALA F 594 39.08 21.83 -12.71
N LEU F 595 39.38 21.90 -11.41
CA LEU F 595 39.47 23.19 -10.73
C LEU F 595 40.60 24.03 -11.30
N ALA F 596 41.77 23.42 -11.56
CA ALA F 596 42.90 24.15 -12.10
C ALA F 596 42.64 24.64 -13.52
N GLY F 597 41.75 24.00 -14.25
CA GLY F 597 41.42 24.44 -15.60
C GLY F 597 40.63 25.73 -15.66
N TRP F 598 40.10 26.19 -14.52
CA TRP F 598 39.42 27.48 -14.49
C TRP F 598 40.40 28.61 -14.79
N LEU F 599 41.64 28.48 -14.33
CA LEU F 599 42.64 29.53 -14.55
C LEU F 599 42.96 29.72 -16.02
N TYR F 600 42.79 28.67 -16.82
CA TYR F 600 43.15 28.70 -18.25
C TYR F 600 41.94 28.20 -19.05
N ASN F 601 41.05 29.12 -19.42
CA ASN F 601 39.99 28.81 -20.36
C ASN F 601 40.23 29.40 -21.74
N GLY F 602 41.16 30.34 -21.88
CA GLY F 602 41.52 30.84 -23.19
C GLY F 602 42.21 29.81 -24.05
N VAL F 603 43.03 28.95 -23.44
CA VAL F 603 43.76 27.93 -24.18
C VAL F 603 43.20 26.53 -23.95
N VAL F 604 42.67 26.24 -22.76
CA VAL F 604 42.20 24.91 -22.41
C VAL F 604 40.70 24.96 -22.20
N THR F 605 39.96 24.11 -22.91
CA THR F 605 38.52 23.97 -22.74
C THR F 605 38.27 22.54 -22.24
N THR F 606 38.20 22.39 -20.92
CA THR F 606 38.02 21.07 -20.31
C THR F 606 36.62 20.55 -20.63
N VAL F 607 36.55 19.48 -21.40
CA VAL F 607 35.28 18.88 -21.78
C VAL F 607 35.19 17.48 -21.18
N ILE F 608 33.98 16.97 -21.10
CA ILE F 608 33.72 15.62 -20.58
C ILE F 608 34.06 14.61 -21.67
N ASP F 609 34.78 13.56 -21.29
CA ASP F 609 35.25 12.57 -22.26
C ASP F 609 34.06 11.84 -22.88
N ASP F 610 34.31 11.25 -24.06
CA ASP F 610 33.28 10.52 -24.78
C ASP F 610 32.78 9.32 -23.98
N SER F 611 33.69 8.59 -23.32
CA SER F 611 33.31 7.34 -22.67
C SER F 611 32.36 7.56 -21.50
N SER F 612 32.28 8.78 -20.98
CA SER F 612 31.35 9.07 -19.89
C SER F 612 29.90 8.92 -20.34
N TYR F 613 29.60 9.38 -21.55
CA TYR F 613 28.26 9.25 -22.10
C TYR F 613 27.93 7.77 -22.35
N PRO F 614 26.64 7.42 -22.32
CA PRO F 614 26.26 6.03 -22.60
C PRO F 614 26.66 5.62 -24.01
N LYS F 615 26.93 4.33 -24.18
CA LYS F 615 27.51 3.83 -25.42
C LYS F 615 26.61 4.08 -26.62
N ASP F 616 25.31 3.86 -26.47
CA ASP F 616 24.36 4.04 -27.57
C ASP F 616 23.12 4.77 -27.03
N GLY F 617 23.15 6.10 -27.07
CA GLY F 617 22.00 6.87 -26.65
C GLY F 617 21.67 6.61 -25.20
N GLY F 618 20.57 5.90 -24.97
CA GLY F 618 20.15 5.56 -23.63
C GLY F 618 18.69 5.23 -23.60
N SER F 619 18.19 5.00 -22.38
CA SER F 619 16.79 4.69 -22.16
C SER F 619 16.45 4.91 -20.70
N VAL F 620 15.45 5.75 -20.44
CA VAL F 620 14.99 5.99 -19.07
C VAL F 620 14.40 4.75 -18.43
N THR F 621 14.02 3.75 -19.23
CA THR F 621 13.56 2.49 -18.69
C THR F 621 14.68 1.68 -18.06
N SER F 622 15.93 2.08 -18.25
CA SER F 622 17.08 1.35 -17.73
C SER F 622 17.72 2.13 -16.58
N LEU F 623 17.80 1.47 -15.42
CA LEU F 623 18.27 2.14 -14.20
C LEU F 623 19.74 2.51 -14.30
N GLU F 624 20.55 1.65 -14.95
CA GLU F 624 21.97 1.96 -15.09
C GLU F 624 22.18 3.22 -15.90
N ASN F 625 21.48 3.35 -17.02
CA ASN F 625 21.57 4.59 -17.80
C ASN F 625 21.02 5.78 -17.01
N LEU F 626 19.94 5.58 -16.25
CA LEU F 626 19.40 6.67 -15.45
C LEU F 626 20.45 7.19 -14.46
N TRP F 627 21.17 6.28 -13.81
CA TRP F 627 22.25 6.68 -12.91
C TRP F 627 23.38 7.35 -13.67
N ASP F 628 23.68 6.89 -14.89
CA ASP F 628 24.69 7.54 -15.70
C ASP F 628 24.29 8.98 -16.01
N PHE F 629 23.00 9.20 -16.31
CA PHE F 629 22.50 10.55 -16.55
C PHE F 629 22.62 11.41 -15.31
N PHE F 630 22.30 10.84 -14.14
CA PHE F 630 22.50 11.56 -12.89
C PHE F 630 23.95 12.03 -12.76
N ILE F 631 24.89 11.10 -12.98
CA ILE F 631 26.31 11.43 -12.84
C ILE F 631 26.69 12.54 -13.81
N LEU F 632 26.27 12.41 -15.08
CA LEU F 632 26.64 13.39 -16.10
C LEU F 632 26.07 14.76 -15.77
N ALA F 633 24.80 14.82 -15.39
CA ALA F 633 24.16 16.10 -15.12
C ALA F 633 24.73 16.75 -13.86
N LEU F 634 25.11 15.96 -12.87
CA LEU F 634 25.70 16.53 -11.66
C LEU F 634 27.16 16.94 -11.88
N ALA F 635 27.86 16.35 -12.83
CA ALA F 635 29.27 16.66 -13.05
C ALA F 635 29.50 17.73 -14.10
N LEU F 636 28.55 17.95 -15.01
CA LEU F 636 28.76 18.89 -16.10
C LEU F 636 29.07 20.32 -15.65
N PRO F 637 28.39 20.92 -14.67
CA PRO F 637 28.63 22.34 -14.37
C PRO F 637 30.06 22.68 -13.97
N LEU F 638 30.86 21.70 -13.55
CA LEU F 638 32.23 22.00 -13.13
C LEU F 638 33.13 22.32 -14.32
N THR F 639 32.83 21.77 -15.49
CA THR F 639 33.67 21.99 -16.65
C THR F 639 33.56 23.44 -17.15
N THR F 640 34.55 23.85 -17.93
CA THR F 640 34.61 25.19 -18.48
C THR F 640 34.13 25.26 -19.92
N ASP F 641 33.57 24.17 -20.44
CA ASP F 641 33.05 24.15 -21.79
C ASP F 641 31.86 25.11 -21.91
N PRO F 642 31.85 26.01 -22.89
CA PRO F 642 30.71 26.91 -23.05
C PRO F 642 29.48 26.23 -23.63
N CYS F 643 29.49 24.90 -23.72
CA CYS F 643 28.37 24.15 -24.29
C CYS F 643 27.83 23.09 -23.35
N ALA F 644 28.25 23.08 -22.08
CA ALA F 644 27.64 22.18 -21.10
C ALA F 644 26.14 22.39 -20.94
N PRO F 645 25.61 23.63 -20.88
CA PRO F 645 24.15 23.78 -20.74
C PRO F 645 23.37 23.10 -21.85
N VAL F 646 23.86 23.14 -23.09
CA VAL F 646 23.14 22.46 -24.16
C VAL F 646 23.46 20.98 -24.17
N LYS F 647 24.65 20.59 -23.72
CA LYS F 647 25.01 19.16 -23.71
C LYS F 647 24.19 18.38 -22.71
N ALA F 648 23.89 18.96 -21.55
CA ALA F 648 23.05 18.27 -20.57
C ALA F 648 21.64 18.04 -21.12
N PHE F 649 21.05 19.09 -21.69
CA PHE F 649 19.72 18.98 -22.25
C PHE F 649 19.68 17.99 -23.40
N MET F 650 20.72 18.00 -24.24
CA MET F 650 20.80 17.04 -25.33
C MET F 650 21.03 15.62 -24.84
N THR F 651 21.72 15.44 -23.71
CA THR F 651 21.83 14.11 -23.12
C THR F 651 20.47 13.59 -22.71
N LEU F 652 19.69 14.42 -22.01
CA LEU F 652 18.36 13.97 -21.61
C LEU F 652 17.47 13.73 -22.83
N ALA F 653 17.58 14.57 -23.86
CA ALA F 653 16.81 14.35 -25.07
C ALA F 653 17.21 13.07 -25.78
N ASN F 654 18.51 12.79 -25.85
CA ASN F 654 18.99 11.52 -26.41
C ASN F 654 18.40 10.33 -25.68
N MET F 655 18.37 10.41 -24.35
CA MET F 655 17.74 9.35 -23.58
C MET F 655 16.26 9.22 -23.92
N MET F 656 15.55 10.34 -23.96
CA MET F 656 14.10 10.33 -24.07
C MET F 656 13.70 10.58 -25.53
N VAL F 657 13.87 9.53 -26.33
CA VAL F 657 13.56 9.56 -27.76
C VAL F 657 12.55 8.47 -28.06
N GLY F 658 11.52 8.81 -28.81
CA GLY F 658 10.42 7.90 -29.07
C GLY F 658 9.42 7.92 -27.95
N PHE F 659 9.91 7.97 -26.70
CA PHE F 659 9.04 8.15 -25.56
C PHE F 659 8.50 9.57 -25.48
N GLU F 660 9.25 10.54 -25.99
CA GLU F 660 8.89 11.94 -25.82
C GLU F 660 9.70 12.80 -26.80
N THR F 661 9.03 13.62 -27.61
CA THR F 661 9.65 14.25 -28.76
C THR F 661 9.65 15.77 -28.61
N ILE F 662 10.66 16.39 -29.22
CA ILE F 662 10.78 17.85 -29.28
C ILE F 662 11.20 18.27 -30.67
N PRO F 663 10.83 19.48 -31.08
CA PRO F 663 11.22 19.96 -32.42
C PRO F 663 12.68 20.37 -32.44
N MET F 664 13.41 19.86 -33.43
CA MET F 664 14.83 20.12 -33.59
C MET F 664 15.06 21.15 -34.69
N ASP F 665 16.34 21.40 -35.00
CA ASP F 665 16.67 22.40 -36.01
C ASP F 665 16.58 21.82 -37.42
N ASN F 666 17.39 20.81 -37.72
CA ASN F 666 17.47 20.27 -39.08
C ASN F 666 17.49 18.74 -39.00
N GLN F 667 17.80 18.11 -40.13
CA GLN F 667 17.77 16.66 -40.26
C GLN F 667 19.11 16.01 -39.93
N ILE F 668 20.14 16.79 -39.65
CA ILE F 668 21.45 16.25 -39.29
C ILE F 668 21.62 16.18 -37.78
N TYR F 669 21.33 17.28 -37.09
CA TYR F 669 21.42 17.33 -35.62
C TYR F 669 20.06 17.03 -35.00
N THR F 670 19.56 15.82 -35.26
CA THR F 670 18.25 15.42 -34.79
C THR F 670 18.29 15.16 -33.29
N GLN F 671 17.14 14.75 -32.75
CA GLN F 671 17.05 14.43 -31.33
C GLN F 671 17.91 13.23 -30.97
N SER F 672 18.23 12.38 -31.94
CA SER F 672 19.04 11.20 -31.72
C SER F 672 20.53 11.45 -31.89
N ARG F 673 20.93 12.67 -32.25
CA ARG F 673 22.35 13.00 -32.38
C ARG F 673 23.04 12.88 -31.03
N ARG F 674 24.27 12.37 -31.03
CA ARG F 674 25.00 12.16 -29.79
C ARG F 674 25.21 13.48 -29.06
N ALA F 675 25.01 13.45 -27.75
CA ALA F 675 25.07 14.68 -26.95
C ALA F 675 26.46 15.29 -26.97
N SER F 676 27.51 14.47 -27.11
CA SER F 676 28.87 14.98 -27.17
C SER F 676 29.19 15.70 -28.46
N ALA F 677 28.31 15.64 -29.46
CA ALA F 677 28.54 16.27 -30.75
C ALA F 677 27.91 17.66 -30.84
N PHE F 678 27.54 18.26 -29.72
CA PHE F 678 26.91 19.58 -29.67
C PHE F 678 27.86 20.62 -29.09
N SER F 679 29.14 20.52 -29.42
CA SER F 679 30.19 21.35 -28.82
C SER F 679 30.35 22.70 -29.51
N THR F 680 29.57 22.99 -30.55
CA THR F 680 29.69 24.27 -31.23
C THR F 680 28.49 25.16 -30.93
N PRO F 681 28.71 26.44 -30.63
CA PRO F 681 27.57 27.33 -30.34
C PRO F 681 26.57 27.44 -31.47
N HIS F 682 27.00 27.22 -32.72
CA HIS F 682 26.08 27.26 -33.85
C HIS F 682 25.12 26.08 -33.83
N THR F 683 25.41 25.03 -33.06
CA THR F 683 24.61 23.82 -33.03
C THR F 683 23.55 23.83 -31.94
N TRP F 684 23.39 24.93 -31.21
CA TRP F 684 22.37 24.98 -30.17
C TRP F 684 20.98 24.96 -30.79
N PRO F 685 20.11 24.04 -30.41
CA PRO F 685 18.76 24.01 -30.98
C PRO F 685 17.94 25.20 -30.51
N ARG F 686 16.97 25.59 -31.35
CA ARG F 686 16.08 26.68 -31.00
C ARG F 686 15.11 26.32 -29.88
N CYS F 687 14.83 25.03 -29.71
CA CYS F 687 13.96 24.61 -28.60
C CYS F 687 14.64 24.81 -27.25
N PHE F 688 15.98 24.77 -27.23
CA PHE F 688 16.69 25.01 -25.98
C PHE F 688 16.65 26.48 -25.59
N MET F 689 16.68 27.37 -26.58
CA MET F 689 16.56 28.80 -26.30
C MET F 689 15.13 29.17 -25.97
N ASN F 690 14.21 29.00 -26.91
CA ASN F 690 12.81 29.35 -26.72
C ASN F 690 12.09 28.11 -26.20
N ILE F 691 11.98 28.00 -24.87
CA ILE F 691 11.38 26.83 -24.24
C ILE F 691 9.90 26.70 -24.53
N GLN F 692 9.27 27.71 -25.13
CA GLN F 692 7.87 27.59 -25.52
C GLN F 692 7.65 26.54 -26.59
N LEU F 693 8.69 26.20 -27.35
CA LEU F 693 8.56 25.16 -28.36
C LEU F 693 8.28 23.80 -27.74
N ILE F 694 8.93 23.50 -26.61
CA ILE F 694 8.73 22.24 -25.91
C ILE F 694 7.33 22.25 -25.30
N SER F 695 6.41 21.49 -25.89
CA SER F 695 5.03 21.48 -25.44
C SER F 695 4.93 20.87 -24.04
N PRO F 696 4.26 21.52 -23.10
CA PRO F 696 4.19 20.98 -21.73
C PRO F 696 3.35 19.71 -21.62
N ILE F 697 2.25 19.61 -22.38
CA ILE F 697 1.39 18.44 -22.27
C ILE F 697 1.94 17.22 -23.00
N ASP F 698 2.92 17.41 -23.89
CA ASP F 698 3.55 16.29 -24.57
C ASP F 698 4.97 16.02 -24.10
N ALA F 699 5.72 17.03 -23.68
CA ALA F 699 7.06 16.86 -23.14
C ALA F 699 7.23 17.62 -21.83
N PRO F 700 6.45 17.27 -20.79
CA PRO F 700 6.61 17.97 -19.51
C PRO F 700 7.97 17.77 -18.87
N ILE F 701 8.54 16.57 -18.98
CA ILE F 701 9.83 16.31 -18.33
C ILE F 701 10.94 17.11 -19.00
N LEU F 702 10.97 17.11 -20.33
CA LEU F 702 11.98 17.89 -21.03
C LEU F 702 11.77 19.38 -20.82
N ARG F 703 10.52 19.83 -20.77
CA ARG F 703 10.24 21.23 -20.47
C ARG F 703 10.77 21.60 -19.09
N GLN F 704 10.52 20.75 -18.10
CA GLN F 704 10.99 21.02 -16.74
C GLN F 704 12.52 21.03 -16.68
N TRP F 705 13.16 20.12 -17.40
CA TRP F 705 14.61 20.10 -17.45
C TRP F 705 15.16 21.37 -18.07
N ALA F 706 14.53 21.85 -19.15
CA ALA F 706 14.97 23.09 -19.78
C ALA F 706 14.82 24.27 -18.82
N GLU F 707 13.68 24.36 -18.13
CA GLU F 707 13.51 25.45 -17.17
C GLU F 707 14.51 25.36 -16.03
N ILE F 708 14.79 24.16 -15.54
CA ILE F 708 15.76 24.00 -14.47
C ILE F 708 17.15 24.44 -14.92
N ILE F 709 17.54 24.04 -16.13
CA ILE F 709 18.85 24.46 -16.65
C ILE F 709 18.89 25.98 -16.79
N HIS F 710 17.82 26.57 -17.32
CA HIS F 710 17.81 28.01 -17.53
C HIS F 710 17.88 28.79 -16.22
N ARG F 711 17.20 28.31 -15.19
CA ARG F 711 17.06 29.09 -13.96
C ARG F 711 18.13 28.81 -12.93
N TYR F 712 18.72 27.62 -12.90
CA TYR F 712 19.57 27.21 -11.80
C TYR F 712 21.01 26.93 -12.19
N TRP F 713 21.45 27.36 -13.37
CA TRP F 713 22.84 27.21 -13.74
C TRP F 713 23.70 28.17 -12.91
N PRO F 714 24.90 27.77 -12.52
CA PRO F 714 25.73 28.65 -11.67
C PRO F 714 26.12 29.93 -12.39
N ASN F 715 26.29 31.00 -11.59
CA ASN F 715 26.64 32.36 -11.99
C ASN F 715 28.13 32.63 -11.76
N PRO F 716 28.78 33.31 -12.69
CA PRO F 716 30.20 33.63 -12.52
C PRO F 716 30.42 34.78 -11.54
N SER F 717 31.68 34.96 -11.16
CA SER F 717 32.08 36.03 -10.25
C SER F 717 33.59 36.26 -10.40
N GLN F 718 34.16 37.03 -9.47
CA GLN F 718 35.57 37.40 -9.51
C GLN F 718 36.13 37.41 -8.10
N ILE F 719 37.47 37.42 -8.01
CA ILE F 719 38.15 37.27 -6.72
C ILE F 719 39.13 38.40 -6.41
N ARG F 720 39.64 39.14 -7.40
CA ARG F 720 40.56 40.26 -7.18
C ARG F 720 41.84 39.79 -6.45
N TYR F 721 42.62 39.00 -7.19
CA TYR F 721 43.88 38.49 -6.68
C TYR F 721 45.03 39.42 -7.04
N GLY F 722 46.24 39.05 -6.63
CA GLY F 722 47.45 39.63 -7.18
C GLY F 722 47.87 40.95 -6.55
N THR F 723 49.05 41.40 -6.95
CA THR F 723 49.64 42.64 -6.45
C THR F 723 50.27 43.39 -7.63
N PRO F 724 49.53 44.31 -8.24
CA PRO F 724 50.08 45.04 -9.40
C PRO F 724 51.21 46.00 -9.05
N ASN F 725 51.42 46.31 -7.76
CA ASN F 725 52.42 47.30 -7.40
C ASN F 725 53.83 46.83 -7.75
N VAL F 726 54.14 45.56 -7.48
CA VAL F 726 55.49 45.02 -7.68
C VAL F 726 55.51 43.97 -8.78
N PHE F 727 54.58 43.02 -8.74
CA PHE F 727 54.58 41.92 -9.69
C PHE F 727 53.97 42.28 -11.04
N GLY F 728 53.43 43.49 -11.19
CA GLY F 728 52.77 43.82 -12.44
C GLY F 728 51.45 43.06 -12.56
N SER F 729 50.94 43.03 -13.80
CA SER F 729 49.70 42.33 -14.08
C SER F 729 49.73 41.86 -15.53
N ALA F 730 50.11 40.61 -15.74
CA ALA F 730 50.10 40.01 -17.07
C ALA F 730 48.79 39.26 -17.33
N ASN F 731 47.67 39.93 -17.12
CA ASN F 731 46.34 39.36 -17.36
C ASN F 731 45.63 40.25 -18.37
N LEU F 732 45.60 39.81 -19.62
CA LEU F 732 44.98 40.54 -20.71
C LEU F 732 43.62 39.94 -21.06
N PHE F 733 42.81 40.75 -21.76
CA PHE F 733 41.39 40.50 -22.01
C PHE F 733 40.57 40.69 -20.74
N THR F 734 41.25 40.94 -19.62
CA THR F 734 40.61 41.18 -18.34
C THR F 734 41.26 42.36 -17.65
N PRO F 735 40.52 43.08 -16.82
CA PRO F 735 41.14 44.14 -16.02
C PRO F 735 42.18 43.56 -15.09
N PRO F 736 43.19 44.35 -14.74
CA PRO F 736 44.30 43.81 -13.94
C PRO F 736 43.85 43.35 -12.55
N GLU F 737 44.67 42.49 -11.97
CA GLU F 737 44.51 41.96 -10.61
C GLU F 737 43.16 41.28 -10.39
N VAL F 738 42.49 40.83 -11.45
CA VAL F 738 41.17 40.21 -11.34
C VAL F 738 41.21 38.83 -11.98
N LEU F 739 40.67 37.84 -11.27
CA LEU F 739 40.54 36.47 -11.73
C LEU F 739 39.07 36.09 -11.77
N LEU F 740 38.66 35.39 -12.83
CA LEU F 740 37.27 34.99 -13.00
C LEU F 740 37.05 33.56 -12.52
N LEU F 741 35.79 33.26 -12.21
CA LEU F 741 35.41 31.96 -11.69
C LEU F 741 34.08 31.55 -12.34
N PRO F 742 33.97 30.31 -12.83
CA PRO F 742 32.68 29.86 -13.37
C PRO F 742 31.56 29.88 -12.34
N ILE F 743 31.86 29.60 -11.08
CA ILE F 743 30.87 29.63 -10.03
C ILE F 743 31.07 30.89 -9.21
N ASP F 744 30.01 31.33 -8.55
CA ASP F 744 30.05 32.56 -7.78
C ASP F 744 30.76 32.33 -6.45
N HIS F 745 31.32 33.40 -5.90
CA HIS F 745 32.04 33.36 -4.64
C HIS F 745 31.30 34.17 -3.59
N GLN F 746 31.01 33.54 -2.46
CA GLN F 746 30.45 34.22 -1.29
C GLN F 746 31.37 33.97 -0.11
N PRO F 747 32.12 34.97 0.35
CA PRO F 747 33.10 34.74 1.42
C PRO F 747 32.43 34.29 2.71
N ALA F 748 33.24 33.71 3.60
CA ALA F 748 32.76 33.17 4.86
C ALA F 748 33.11 34.11 5.99
N ASN F 749 32.13 34.40 6.85
CA ASN F 749 32.31 35.27 7.99
C ASN F 749 32.69 34.52 9.26
N VAL F 750 32.90 33.21 9.18
CA VAL F 750 33.27 32.40 10.33
C VAL F 750 34.50 31.57 9.97
N THR F 751 35.23 31.17 11.01
CA THR F 751 36.42 30.35 10.86
C THR F 751 36.20 28.92 11.36
N THR F 752 34.98 28.56 11.71
CA THR F 752 34.63 27.21 12.14
C THR F 752 33.44 26.73 11.33
N PRO F 753 33.65 26.41 10.05
CA PRO F 753 32.53 26.08 9.18
C PRO F 753 31.94 24.72 9.51
N THR F 754 30.70 24.53 9.08
CA THR F 754 29.98 23.27 9.27
C THR F 754 28.89 23.17 8.21
N LEU F 755 28.34 21.97 8.08
CA LEU F 755 27.46 21.66 6.96
C LEU F 755 26.22 22.54 6.94
N ASP F 756 25.90 23.05 5.75
CA ASP F 756 24.67 23.77 5.50
C ASP F 756 24.35 23.65 4.01
N PHE F 757 23.06 23.74 3.68
CA PHE F 757 22.62 23.65 2.29
C PHE F 757 21.99 24.98 1.90
N THR F 758 22.85 25.94 1.53
CA THR F 758 22.43 27.17 0.85
C THR F 758 23.55 27.53 -0.13
N ASN F 759 23.46 27.00 -1.35
CA ASN F 759 24.43 27.30 -2.40
C ASN F 759 24.02 26.60 -3.69
N GLU F 760 24.61 27.06 -4.79
CA GLU F 760 24.18 26.65 -6.12
C GLU F 760 24.41 25.17 -6.38
N LEU F 761 25.51 24.61 -5.89
CA LEU F 761 25.80 23.21 -6.17
C LEU F 761 24.78 22.29 -5.48
N THR F 762 24.49 22.54 -4.21
CA THR F 762 23.48 21.75 -3.51
C THR F 762 22.10 21.97 -4.12
N ASN F 763 21.79 23.21 -4.52
CA ASN F 763 20.52 23.46 -5.19
C ASN F 763 20.42 22.65 -6.48
N TRP F 764 21.50 22.62 -7.27
CA TRP F 764 21.53 21.87 -8.51
C TRP F 764 21.30 20.39 -8.25
N ARG F 765 22.00 19.84 -7.25
CA ARG F 765 21.84 18.42 -6.92
C ARG F 765 20.41 18.11 -6.50
N ALA F 766 19.84 18.97 -5.64
CA ALA F 766 18.47 18.74 -5.18
C ALA F 766 17.47 18.84 -6.32
N ARG F 767 17.67 19.77 -7.25
CA ARG F 767 16.74 19.91 -8.36
C ARG F 767 16.84 18.73 -9.31
N VAL F 768 18.05 18.22 -9.53
CA VAL F 768 18.20 17.02 -10.36
C VAL F 768 17.48 15.84 -9.71
N CYS F 769 17.65 15.68 -8.39
CA CYS F 769 16.96 14.59 -7.70
C CYS F 769 15.45 14.75 -7.78
N GLU F 770 14.95 15.96 -7.60
CA GLU F 770 13.51 16.20 -7.68
C GLU F 770 12.98 15.92 -9.08
N LEU F 771 13.74 16.30 -10.11
CA LEU F 771 13.32 16.01 -11.48
C LEU F 771 13.28 14.52 -11.74
N MET F 772 14.26 13.78 -11.22
CA MET F 772 14.22 12.32 -11.35
C MET F 772 13.01 11.74 -10.65
N LYS F 773 12.68 12.25 -9.46
CA LYS F 773 11.51 11.78 -8.74
C LYS F 773 10.23 12.05 -9.52
N ASN F 774 10.13 13.23 -10.12
CA ASN F 774 8.94 13.56 -10.92
C ASN F 774 8.87 12.69 -12.18
N LEU F 775 10.02 12.38 -12.78
CA LEU F 775 10.04 11.47 -13.91
C LEU F 775 9.55 10.09 -13.51
N VAL F 776 9.98 9.61 -12.34
CA VAL F 776 9.53 8.31 -11.85
C VAL F 776 8.03 8.33 -11.59
N ASP F 777 7.53 9.41 -11.01
CA ASP F 777 6.12 9.55 -10.68
C ASP F 777 5.23 9.83 -11.89
N ASN F 778 5.81 9.94 -13.08
CA ASN F 778 5.01 10.17 -14.28
C ASN F 778 4.05 9.00 -14.51
N GLN F 779 2.82 9.33 -14.90
CA GLN F 779 1.79 8.31 -15.06
C GLN F 779 2.08 7.38 -16.22
N ARG F 780 2.92 7.78 -17.16
CA ARG F 780 3.33 6.90 -18.26
C ARG F 780 4.52 6.02 -17.89
N TYR F 781 5.08 6.18 -16.69
CA TYR F 781 6.28 5.43 -16.29
C TYR F 781 6.10 4.62 -15.03
N GLN F 782 5.28 5.07 -14.07
CA GLN F 782 5.09 4.33 -12.83
C GLN F 782 4.51 2.93 -13.06
N PRO F 783 3.48 2.73 -13.88
CA PRO F 783 2.95 1.36 -14.04
C PRO F 783 3.94 0.37 -14.63
N GLY F 784 5.00 0.85 -15.31
CA GLY F 784 6.00 -0.05 -15.83
C GLY F 784 6.89 -0.67 -14.78
N TRP F 785 6.94 -0.07 -13.59
CA TRP F 785 7.78 -0.54 -12.50
C TRP F 785 6.94 -1.19 -11.41
N THR F 786 7.54 -2.13 -10.69
CA THR F 786 6.87 -2.77 -9.57
C THR F 786 6.73 -1.81 -8.40
N GLN F 787 5.95 -2.24 -7.41
CA GLN F 787 5.63 -1.36 -6.29
C GLN F 787 6.84 -1.11 -5.41
N SER F 788 7.58 -2.17 -5.07
CA SER F 788 8.71 -2.02 -4.14
C SER F 788 9.87 -1.27 -4.76
N LEU F 789 10.11 -1.44 -6.06
CA LEU F 789 11.24 -0.78 -6.69
C LEU F 789 11.03 0.73 -6.76
N VAL F 790 9.79 1.18 -6.91
CA VAL F 790 9.51 2.62 -6.90
C VAL F 790 9.89 3.21 -5.54
N SER F 791 9.51 2.52 -4.46
CA SER F 791 9.87 2.99 -3.13
C SER F 791 11.38 2.98 -2.92
N SER F 792 12.06 1.93 -3.41
CA SER F 792 13.50 1.87 -3.29
C SER F 792 14.17 3.04 -4.02
N MET F 793 13.70 3.33 -5.24
CA MET F 793 14.25 4.44 -6.01
C MET F 793 13.98 5.77 -5.31
N ARG F 794 12.78 5.95 -4.76
CA ARG F 794 12.46 7.18 -4.05
C ARG F 794 13.36 7.36 -2.83
N GLY F 795 13.58 6.29 -2.07
CA GLY F 795 14.46 6.39 -0.91
C GLY F 795 15.90 6.68 -1.30
N THR F 796 16.37 6.03 -2.37
CA THR F 796 17.73 6.30 -2.83
C THR F 796 17.88 7.75 -3.27
N LEU F 797 16.89 8.28 -4.00
CA LEU F 797 16.95 9.68 -4.42
C LEU F 797 16.90 10.62 -3.23
N GLY F 798 16.07 10.32 -2.23
CA GLY F 798 16.01 11.16 -1.06
C GLY F 798 17.31 11.19 -0.29
N LYS F 799 17.91 10.01 -0.09
CA LYS F 799 19.20 9.96 0.60
C LYS F 799 20.29 10.67 -0.20
N LEU F 800 20.27 10.52 -1.52
CA LEU F 800 21.26 11.20 -2.35
C LEU F 800 21.10 12.72 -2.29
N LYS F 801 19.86 13.21 -2.22
CA LYS F 801 19.62 14.64 -2.11
C LYS F 801 19.95 15.17 -0.73
N LEU F 802 19.82 14.34 0.31
CA LEU F 802 20.09 14.77 1.67
C LEU F 802 21.46 14.32 2.19
N ILE F 803 22.33 13.83 1.30
CA ILE F 803 23.66 13.42 1.71
C ILE F 803 24.42 14.60 2.32
N LYS F 804 25.40 14.29 3.17
CA LYS F 804 26.17 15.30 3.89
C LYS F 804 27.54 15.43 3.23
N SER F 805 27.62 16.32 2.23
CA SER F 805 28.86 16.59 1.52
C SER F 805 29.21 18.07 1.69
N MET F 806 30.47 18.34 2.03
CA MET F 806 30.97 19.69 2.20
C MET F 806 31.65 20.23 0.95
N THR F 807 31.68 19.45 -0.13
CA THR F 807 32.28 19.93 -1.37
C THR F 807 31.59 21.16 -1.95
N PRO F 808 30.25 21.27 -2.00
CA PRO F 808 29.65 22.53 -2.46
C PRO F 808 30.05 23.73 -1.63
N MET F 809 30.09 23.58 -0.30
CA MET F 809 30.49 24.68 0.56
C MET F 809 31.94 25.08 0.30
N TYR F 810 32.82 24.08 0.15
CA TYR F 810 34.21 24.36 -0.15
C TYR F 810 34.33 25.11 -1.47
N LEU F 811 33.71 24.59 -2.53
CA LEU F 811 33.78 25.24 -3.83
C LEU F 811 33.24 26.66 -3.77
N GLN F 812 32.23 26.90 -2.93
CA GLN F 812 31.67 28.24 -2.83
C GLN F 812 32.63 29.21 -2.14
N GLN F 813 33.18 28.82 -0.98
CA GLN F 813 33.78 29.84 -0.12
C GLN F 813 35.19 29.53 0.37
N LEU F 814 35.87 28.52 -0.17
CA LEU F 814 37.26 28.31 0.23
C LEU F 814 38.15 28.09 -0.98
N ALA F 815 37.61 27.50 -2.04
CA ALA F 815 38.38 27.31 -3.26
C ALA F 815 38.83 28.61 -3.90
N PRO F 816 38.00 29.66 -4.04
CA PRO F 816 38.51 30.91 -4.60
C PRO F 816 39.67 31.51 -3.81
N VAL F 817 39.67 31.38 -2.49
CA VAL F 817 40.76 31.91 -1.69
C VAL F 817 42.07 31.21 -2.02
N GLU F 818 42.03 29.87 -2.08
CA GLU F 818 43.22 29.11 -2.42
C GLU F 818 43.70 29.41 -3.83
N LEU F 819 42.77 29.53 -4.78
CA LEU F 819 43.14 29.85 -6.15
C LEU F 819 43.79 31.22 -6.24
N ALA F 820 43.24 32.22 -5.54
CA ALA F 820 43.82 33.55 -5.55
C ALA F 820 45.15 33.61 -4.83
N VAL F 821 45.36 32.73 -3.84
CA VAL F 821 46.68 32.67 -3.19
C VAL F 821 47.71 32.07 -4.13
N ILE F 822 47.36 30.98 -4.81
CA ILE F 822 48.33 30.27 -5.64
C ILE F 822 48.63 31.06 -6.92
N ALA F 823 47.64 31.72 -7.49
CA ALA F 823 47.76 32.29 -8.83
C ALA F 823 48.96 33.22 -9.04
N PRO F 824 49.28 34.17 -8.14
CA PRO F 824 50.38 35.10 -8.44
C PRO F 824 51.72 34.41 -8.67
N MET F 825 52.20 33.63 -7.71
CA MET F 825 53.45 32.90 -7.87
C MET F 825 53.15 31.60 -8.62
N LEU F 826 53.42 31.61 -9.91
CA LEU F 826 53.10 30.48 -10.79
C LEU F 826 53.88 30.65 -12.08
N PRO F 827 54.52 29.60 -12.59
CA PRO F 827 55.36 29.75 -13.79
C PRO F 827 54.57 30.16 -15.04
N PHE F 828 53.25 30.16 -14.99
CA PHE F 828 52.44 30.63 -16.11
C PHE F 828 51.24 31.40 -15.56
N PRO F 829 51.20 32.72 -15.72
CA PRO F 829 50.12 33.49 -15.12
C PRO F 829 48.78 33.14 -15.76
N PRO F 830 47.68 33.34 -15.04
CA PRO F 830 46.36 32.97 -15.59
C PRO F 830 46.05 33.75 -16.87
N PHE F 831 45.64 33.00 -17.89
CA PHE F 831 45.21 33.57 -19.17
C PHE F 831 43.75 33.19 -19.36
N GLN F 832 42.86 34.17 -19.26
CA GLN F 832 41.43 33.92 -19.17
C GLN F 832 40.66 34.75 -20.19
N VAL F 833 39.46 34.27 -20.50
CA VAL F 833 38.51 34.97 -21.35
C VAL F 833 37.19 35.03 -20.59
N PRO F 834 36.32 36.01 -20.86
CA PRO F 834 35.11 36.16 -20.04
C PRO F 834 34.20 34.94 -20.12
N TYR F 835 33.55 34.65 -18.99
CA TYR F 835 32.56 33.59 -18.93
C TYR F 835 31.17 34.15 -19.22
N VAL F 836 30.34 33.35 -19.88
CA VAL F 836 28.97 33.71 -20.19
C VAL F 836 28.06 32.56 -19.79
N ARG F 837 26.96 32.87 -19.09
CA ARG F 837 26.03 31.87 -18.61
C ARG F 837 24.89 31.74 -19.60
N LEU F 838 24.97 30.74 -20.47
CA LEU F 838 23.92 30.32 -21.41
C LEU F 838 23.68 31.34 -22.52
N ASP F 839 24.25 32.54 -22.43
CA ASP F 839 24.05 33.56 -23.45
C ASP F 839 25.02 33.30 -24.60
N ARG F 840 24.49 32.77 -25.70
CA ARG F 840 25.34 32.46 -26.86
C ARG F 840 25.40 33.62 -27.86
N ASP F 841 25.66 34.81 -27.32
CA ASP F 841 26.00 35.98 -28.11
C ASP F 841 27.34 36.58 -27.73
N ARG F 842 27.90 36.21 -26.59
CA ARG F 842 29.23 36.64 -26.17
C ARG F 842 30.18 35.46 -25.98
N VAL F 843 29.81 34.29 -26.51
CA VAL F 843 30.63 33.08 -26.37
C VAL F 843 31.89 33.26 -27.22
N PRO F 844 33.09 33.17 -26.62
CA PRO F 844 34.33 33.31 -27.41
C PRO F 844 34.53 32.08 -28.29
N THR F 845 34.49 32.30 -29.61
CA THR F 845 34.67 31.22 -30.56
C THR F 845 36.14 30.96 -30.87
N MET F 846 36.93 32.02 -31.06
CA MET F 846 38.34 31.87 -31.40
C MET F 846 39.16 32.89 -30.63
N VAL F 847 40.40 32.51 -30.33
CA VAL F 847 41.40 33.42 -29.79
C VAL F 847 42.72 33.13 -30.49
N GLY F 848 43.43 34.17 -30.90
CA GLY F 848 44.64 33.99 -31.69
C GLY F 848 45.64 35.09 -31.45
N VAL F 849 46.90 34.75 -31.73
CA VAL F 849 48.02 35.68 -31.60
C VAL F 849 48.61 35.90 -32.99
N THR F 850 49.52 36.87 -33.07
CA THR F 850 50.20 37.18 -34.31
C THR F 850 51.68 37.43 -34.04
N ARG F 851 52.47 37.24 -35.09
CA ARG F 851 53.90 37.46 -34.98
C ARG F 851 54.40 38.27 -36.15
N GLN F 852 53.67 38.26 -37.25
CA GLN F 852 54.13 38.95 -38.44
C GLN F 852 53.03 39.74 -39.07
N SER F 853 53.35 40.56 -40.06
CA SER F 853 52.37 41.39 -40.74
C SER F 853 52.40 41.15 -42.22
N ARG F 854 51.33 41.45 -42.93
CA ARG F 854 51.28 41.12 -44.34
C ARG F 854 51.42 42.25 -45.30
N ASP F 855 52.24 42.09 -46.32
CA ASP F 855 52.38 43.09 -47.37
C ASP F 855 52.72 44.46 -46.92
N THR F 856 51.91 45.41 -47.36
CA THR F 856 52.16 46.80 -47.06
C THR F 856 51.24 47.31 -45.95
N ILE F 857 50.61 46.42 -45.20
CA ILE F 857 49.65 46.90 -44.22
C ILE F 857 50.30 47.82 -43.19
N THR F 858 51.46 47.48 -42.63
CA THR F 858 52.18 48.42 -41.75
C THR F 858 51.35 48.99 -40.62
N GLN F 859 50.47 48.21 -40.02
CA GLN F 859 49.60 48.72 -38.97
C GLN F 859 48.86 47.57 -38.27
N PRO F 860 49.32 47.12 -37.08
CA PRO F 860 48.74 45.94 -36.43
C PRO F 860 47.23 45.95 -36.36
N ALA F 861 46.61 47.12 -36.16
CA ALA F 861 45.16 47.20 -36.03
C ALA F 861 44.45 46.75 -37.30
N LEU F 862 45.15 46.73 -38.43
CA LEU F 862 44.61 46.17 -39.66
C LEU F 862 45.14 44.79 -39.99
N SER F 863 46.41 44.52 -39.64
CA SER F 863 47.01 43.22 -39.90
C SER F 863 46.37 42.10 -39.10
N LEU F 864 46.06 42.36 -37.83
CA LEU F 864 45.67 41.31 -36.90
C LEU F 864 44.38 40.60 -37.32
N SER F 865 43.53 41.27 -38.09
CA SER F 865 42.28 40.64 -38.50
C SER F 865 42.49 39.48 -39.46
N THR F 866 43.62 39.44 -40.18
CA THR F 866 43.87 38.40 -41.16
C THR F 866 45.23 37.74 -41.04
N THR F 867 46.04 38.12 -40.06
CA THR F 867 47.38 37.53 -39.90
C THR F 867 47.54 36.96 -38.50
N ASN F 868 46.57 36.14 -38.08
CA ASN F 868 46.58 35.52 -36.76
C ASN F 868 46.34 34.01 -36.88
N THR F 869 46.79 33.28 -35.87
CA THR F 869 46.62 31.84 -35.80
C THR F 869 45.91 31.47 -34.50
N THR F 870 44.87 30.65 -34.61
CA THR F 870 44.07 30.29 -33.45
C THR F 870 44.88 29.47 -32.46
N VAL F 871 44.69 29.75 -31.17
CA VAL F 871 45.37 29.06 -30.09
C VAL F 871 44.33 28.46 -29.16
N GLY F 872 44.47 27.18 -28.85
CA GLY F 872 43.56 26.53 -27.91
C GLY F 872 43.50 25.03 -28.07
N VAL F 873 43.17 24.33 -26.99
CA VAL F 873 43.06 22.87 -27.01
C VAL F 873 41.82 22.45 -26.25
N PRO F 874 41.21 21.34 -26.67
CA PRO F 874 40.22 20.68 -25.82
C PRO F 874 40.85 19.59 -24.98
N LEU F 875 40.42 19.51 -23.72
CA LEU F 875 40.95 18.55 -22.78
C LEU F 875 39.82 17.71 -22.21
N ALA F 876 40.07 16.41 -22.05
CA ALA F 876 39.05 15.46 -21.64
C ALA F 876 39.19 15.12 -20.17
N LEU F 877 38.04 14.91 -19.52
CA LEU F 877 37.97 14.53 -18.12
C LEU F 877 36.92 13.44 -17.95
N ASP F 878 36.99 12.75 -16.81
CA ASP F 878 36.04 11.69 -16.49
C ASP F 878 35.00 12.24 -15.52
N ALA F 879 33.73 12.07 -15.88
CA ALA F 879 32.65 12.65 -15.08
C ALA F 879 32.42 11.89 -13.77
N ARG F 880 32.72 10.59 -13.74
CA ARG F 880 32.47 9.79 -12.55
C ARG F 880 33.31 10.25 -11.38
N ALA F 881 34.59 10.54 -11.62
CA ALA F 881 35.46 11.02 -10.55
C ALA F 881 35.00 12.36 -10.01
N ILE F 882 34.60 13.27 -10.90
CA ILE F 882 34.10 14.58 -10.47
C ILE F 882 32.83 14.42 -9.65
N THR F 883 31.93 13.52 -10.08
CA THR F 883 30.70 13.30 -9.34
C THR F 883 30.98 12.72 -7.95
N VAL F 884 31.93 11.78 -7.86
CA VAL F 884 32.29 11.22 -6.56
C VAL F 884 32.86 12.32 -5.67
N ALA F 885 33.72 13.17 -6.22
CA ALA F 885 34.31 14.24 -5.42
C ALA F 885 33.25 15.20 -4.92
N LEU F 886 32.28 15.54 -5.77
CA LEU F 886 31.20 16.43 -5.34
C LEU F 886 30.33 15.76 -4.27
N LEU F 887 30.03 14.47 -4.44
CA LEU F 887 29.12 13.79 -3.53
C LEU F 887 29.74 13.44 -2.19
N SER F 888 31.06 13.27 -2.12
CA SER F 888 31.70 12.79 -0.90
C SER F 888 32.94 13.63 -0.61
N GLY F 889 32.88 14.44 0.44
CA GLY F 889 34.02 15.18 0.92
C GLY F 889 33.72 15.88 2.24
N LYS F 890 34.60 15.72 3.22
CA LYS F 890 34.36 16.32 4.52
C LYS F 890 35.65 16.95 5.05
N TYR F 891 35.47 17.96 5.90
CA TYR F 891 36.54 18.67 6.60
C TYR F 891 37.03 17.85 7.78
N PRO F 892 38.21 18.19 8.31
CA PRO F 892 38.64 17.57 9.57
C PRO F 892 37.64 17.88 10.67
N PRO F 893 37.50 16.98 11.65
CA PRO F 893 36.47 17.18 12.68
C PRO F 893 36.65 18.45 13.49
N ASP F 894 37.89 18.88 13.74
CA ASP F 894 38.17 20.07 14.55
C ASP F 894 39.25 20.87 13.82
N LEU F 895 38.82 21.83 13.00
CA LEU F 895 39.74 22.69 12.27
C LEU F 895 39.34 24.15 12.47
N VAL F 896 40.31 25.04 12.34
CA VAL F 896 40.07 26.47 12.26
C VAL F 896 40.73 26.97 10.99
N THR F 897 39.94 27.62 10.12
CA THR F 897 40.38 27.86 8.76
C THR F 897 41.61 28.76 8.69
N ASN F 898 41.63 29.83 9.49
CA ASN F 898 42.76 30.75 9.42
C ASN F 898 44.05 30.08 9.88
N VAL F 899 43.98 29.28 10.95
CA VAL F 899 45.16 28.55 11.41
C VAL F 899 45.61 27.55 10.36
N TRP F 900 44.68 26.83 9.76
CA TRP F 900 45.03 25.83 8.75
C TRP F 900 45.72 26.48 7.56
N TYR F 901 45.17 27.60 7.07
CA TYR F 901 45.78 28.27 5.92
C TYR F 901 47.12 28.91 6.28
N ALA F 902 47.23 29.46 7.49
CA ALA F 902 48.52 30.03 7.90
C ALA F 902 49.58 28.94 8.03
N ASP F 903 49.17 27.72 8.37
CA ASP F 903 50.11 26.61 8.39
C ASP F 903 50.49 26.18 6.97
N ALA F 904 49.50 26.09 6.08
CA ALA F 904 49.73 25.51 4.77
C ALA F 904 50.39 26.48 3.79
N ILE F 905 50.30 27.79 4.04
CA ILE F 905 50.74 28.75 3.03
C ILE F 905 52.21 29.15 3.23
N TYR F 906 52.69 29.18 4.47
CA TYR F 906 54.03 29.67 4.77
C TYR F 906 55.14 29.00 3.96
N PRO F 907 55.18 27.67 3.90
CA PRO F 907 56.31 27.15 3.13
C PRO F 907 56.36 27.67 1.72
N MET F 908 55.21 27.81 1.08
CA MET F 908 55.17 28.23 -0.30
C MET F 908 55.72 29.61 -0.51
N TYR F 909 55.39 30.52 0.37
CA TYR F 909 55.80 31.89 0.19
C TYR F 909 57.28 32.15 0.29
N ALA F 910 57.95 31.41 1.15
CA ALA F 910 59.38 31.55 1.27
C ALA F 910 60.16 31.21 0.00
N ASP F 911 59.67 30.30 -0.81
CA ASP F 911 60.44 29.86 -1.98
C ASP F 911 60.76 30.97 -2.95
N THR F 912 59.82 31.87 -3.20
CA THR F 912 60.12 33.04 -4.02
C THR F 912 60.79 32.86 -5.37
N GLU F 913 60.28 31.97 -6.21
CA GLU F 913 60.83 31.87 -7.54
C GLU F 913 60.03 32.79 -8.44
N VAL F 914 59.05 33.47 -7.88
CA VAL F 914 58.25 34.41 -8.65
C VAL F 914 59.15 35.50 -9.14
N PHE F 915 60.08 35.93 -8.30
CA PHE F 915 60.96 37.01 -8.65
C PHE F 915 61.85 36.74 -9.84
N SER F 916 62.33 35.52 -9.98
CA SER F 916 63.23 35.19 -11.06
C SER F 916 62.65 35.34 -12.45
N ASN F 917 61.40 34.95 -12.66
CA ASN F 917 60.81 35.02 -14.00
C ASN F 917 60.83 36.42 -14.57
N LEU F 918 60.34 37.40 -13.84
CA LEU F 918 60.31 38.81 -14.22
C LEU F 918 61.60 39.20 -14.93
N GLN F 919 62.75 38.76 -14.40
CA GLN F 919 64.02 39.09 -15.04
C GLN F 919 64.09 38.50 -16.46
N ARG F 920 63.67 37.25 -16.62
CA ARG F 920 63.68 36.64 -17.94
C ARG F 920 62.71 37.34 -18.88
N ASP F 921 61.56 37.81 -18.38
CA ASP F 921 60.64 38.56 -19.21
C ASP F 921 61.29 39.85 -19.71
N VAL F 922 62.01 40.54 -18.83
CA VAL F 922 62.71 41.76 -19.24
C VAL F 922 63.69 41.47 -20.35
N ILE F 923 64.52 40.43 -20.17
CA ILE F 923 65.52 40.16 -21.19
C ILE F 923 64.88 39.64 -22.47
N THR F 924 63.74 38.95 -22.39
CA THR F 924 63.03 38.54 -23.60
C THR F 924 62.55 39.75 -24.39
N CYS F 925 61.96 40.74 -23.70
CA CYS F 925 61.51 41.94 -24.38
C CYS F 925 62.67 42.70 -24.99
N GLU F 926 63.78 42.84 -24.24
CA GLU F 926 64.94 43.51 -24.79
C GLU F 926 65.48 42.77 -26.00
N ALA F 927 65.44 41.44 -25.97
CA ALA F 927 65.95 40.64 -27.07
C ALA F 927 65.10 40.83 -28.32
N VAL F 928 63.78 40.79 -28.19
CA VAL F 928 62.95 40.97 -29.38
C VAL F 928 63.12 42.38 -29.96
N GLN F 929 63.20 43.40 -29.08
CA GLN F 929 63.36 44.75 -29.60
C GLN F 929 64.71 44.93 -30.28
N THR F 930 65.79 44.41 -29.69
CA THR F 930 67.09 44.54 -30.34
C THR F 930 67.15 43.71 -31.62
N LEU F 931 66.42 42.59 -31.67
CA LEU F 931 66.36 41.82 -32.91
C LEU F 931 65.73 42.62 -34.02
N VAL F 932 64.57 43.24 -33.76
CA VAL F 932 63.92 44.00 -34.82
C VAL F 932 64.77 45.21 -35.20
N THR F 933 65.41 45.86 -34.22
CA THR F 933 66.26 47.00 -34.52
C THR F 933 67.44 46.61 -35.40
N LEU F 934 68.07 45.47 -35.12
CA LEU F 934 69.22 45.05 -35.90
C LEU F 934 68.82 44.57 -37.28
N VAL F 935 67.67 43.89 -37.39
CA VAL F 935 67.20 43.44 -38.70
C VAL F 935 66.85 44.63 -39.58
N ALA F 936 66.34 45.71 -38.98
CA ALA F 936 66.02 46.92 -39.74
C ALA F 936 67.26 47.53 -40.40
N GLN F 937 68.46 47.20 -39.93
CA GLN F 937 69.66 47.78 -40.51
C GLN F 937 69.97 47.20 -41.88
N ILE F 938 69.78 45.89 -42.05
CA ILE F 938 70.10 45.23 -43.32
C ILE F 938 68.87 44.96 -44.17
N SER F 939 67.67 45.11 -43.63
CA SER F 939 66.46 44.86 -44.39
C SER F 939 65.55 46.08 -44.32
N GLU F 940 64.49 46.05 -45.13
CA GLU F 940 63.50 47.11 -45.18
C GLU F 940 62.30 46.71 -44.32
N THR F 941 62.02 47.50 -43.30
CA THR F 941 60.96 47.21 -42.35
C THR F 941 60.01 48.40 -42.25
N GLN F 942 59.08 48.33 -41.29
CA GLN F 942 58.10 49.37 -41.09
C GLN F 942 58.34 50.23 -39.86
N TYR F 943 59.15 49.78 -38.91
CA TYR F 943 59.42 50.60 -37.74
C TYR F 943 60.35 51.75 -38.12
N PRO F 944 60.17 52.93 -37.50
CA PRO F 944 61.10 54.04 -37.77
C PRO F 944 62.45 53.82 -37.11
N VAL F 945 63.48 53.56 -37.91
CA VAL F 945 64.81 53.24 -37.41
C VAL F 945 65.82 54.16 -38.07
N ASP F 946 66.73 54.70 -37.26
CA ASP F 946 67.79 55.57 -37.74
C ASP F 946 69.03 54.72 -38.02
N ARG F 947 69.55 54.82 -39.24
CA ARG F 947 70.65 53.98 -39.69
C ARG F 947 71.88 54.84 -39.96
N TYR F 948 73.04 54.36 -39.51
CA TYR F 948 74.32 55.03 -39.69
C TYR F 948 75.28 54.29 -40.61
N LEU F 949 75.13 52.98 -40.77
CA LEU F 949 76.10 52.16 -41.48
C LEU F 949 75.73 51.94 -42.94
N ASP F 950 75.05 52.90 -43.57
CA ASP F 950 74.63 52.72 -44.96
C ASP F 950 75.79 52.78 -45.94
N TRP F 951 76.92 53.36 -45.55
CA TRP F 951 78.05 53.47 -46.47
C TRP F 951 78.79 52.14 -46.64
N ILE F 952 78.64 51.22 -45.72
CA ILE F 952 79.27 49.90 -45.84
C ILE F 952 78.46 49.08 -46.85
N PRO F 953 79.10 48.48 -47.86
CA PRO F 953 78.35 47.73 -48.87
C PRO F 953 77.58 46.56 -48.27
N SER F 954 76.39 46.31 -48.81
CA SER F 954 75.54 45.22 -48.36
C SER F 954 74.85 44.60 -49.56
N LEU F 955 74.46 43.34 -49.42
CA LEU F 955 73.81 42.60 -50.50
C LEU F 955 72.31 42.83 -50.47
N ARG F 956 71.64 42.25 -51.46
CA ARG F 956 70.17 42.28 -51.53
C ARG F 956 69.66 41.22 -50.56
N ALA F 957 69.41 41.65 -49.32
CA ALA F 957 69.01 40.73 -48.27
C ALA F 957 67.65 40.10 -48.56
N SER F 958 67.52 38.82 -48.24
CA SER F 958 66.28 38.09 -48.44
C SER F 958 65.83 37.43 -47.15
N ALA F 959 64.81 36.58 -47.24
CA ALA F 959 64.29 35.91 -46.05
C ALA F 959 65.34 35.00 -45.42
N ALA F 960 66.09 34.26 -46.25
CA ALA F 960 67.12 33.38 -45.72
C ALA F 960 68.22 34.17 -45.02
N THR F 961 68.67 35.27 -45.62
CA THR F 961 69.69 36.09 -44.99
C THR F 961 69.20 36.69 -43.68
N ALA F 962 67.97 37.19 -43.66
CA ALA F 962 67.41 37.74 -42.44
C ALA F 962 67.30 36.67 -41.36
N ALA F 963 66.86 35.46 -41.73
CA ALA F 963 66.76 34.38 -40.76
C ALA F 963 68.12 34.00 -40.20
N THR F 964 69.14 33.91 -41.05
CA THR F 964 70.47 33.56 -40.56
C THR F 964 71.03 34.63 -39.64
N PHE F 965 70.86 35.90 -40.01
CA PHE F 965 71.31 36.99 -39.14
C PHE F 965 70.58 36.95 -37.80
N ALA F 966 69.27 36.69 -37.82
CA ALA F 966 68.50 36.61 -36.59
C ALA F 966 68.95 35.44 -35.73
N GLU F 967 69.25 34.30 -36.35
CA GLU F 967 69.74 33.16 -35.58
C GLU F 967 71.08 33.48 -34.93
N TRP F 968 71.96 34.17 -35.65
CA TRP F 968 73.24 34.55 -35.05
C TRP F 968 73.04 35.51 -33.89
N VAL F 969 72.13 36.49 -34.05
CA VAL F 969 71.84 37.41 -32.96
C VAL F 969 71.29 36.68 -31.74
N ASN F 970 70.38 35.73 -31.98
CA ASN F 970 69.81 34.96 -30.88
C ASN F 970 70.87 34.13 -30.17
N THR F 971 71.76 33.49 -30.94
CA THR F 971 72.83 32.70 -30.34
C THR F 971 73.75 33.58 -29.51
N SER F 972 74.10 34.77 -30.01
CA SER F 972 74.94 35.68 -29.25
C SER F 972 74.26 36.12 -27.97
N MET F 973 72.99 36.49 -28.05
CA MET F 973 72.27 36.98 -26.88
C MET F 973 71.87 35.86 -25.91
N LYS F 974 72.04 34.60 -26.30
CA LYS F 974 71.90 33.51 -25.34
C LYS F 974 73.25 33.18 -24.68
N THR F 975 74.31 33.04 -25.48
CA THR F 975 75.63 32.78 -24.91
C THR F 975 76.08 33.91 -24.00
N ALA F 976 75.56 35.12 -24.23
CA ALA F 976 75.57 36.16 -23.21
C ALA F 976 74.30 36.02 -22.39
N PHE F 977 74.42 36.18 -21.08
CA PHE F 977 73.43 35.92 -20.05
C PHE F 977 73.25 34.42 -19.79
N ASP F 978 73.89 33.54 -20.56
CA ASP F 978 74.06 32.13 -20.20
C ASP F 978 72.70 31.44 -19.98
N LEU F 979 71.93 31.40 -21.05
CA LEU F 979 70.63 30.74 -21.05
C LEU F 979 70.70 29.51 -21.94
N SER F 980 70.42 28.34 -21.36
CA SER F 980 70.40 27.10 -22.11
C SER F 980 69.04 26.80 -22.72
N ASP F 981 68.01 27.57 -22.38
CA ASP F 981 66.69 27.39 -22.94
C ASP F 981 66.55 28.11 -24.28
N MET F 982 65.32 28.19 -24.80
CA MET F 982 65.07 28.80 -26.10
C MET F 982 64.34 30.13 -25.91
N LEU F 983 64.76 31.13 -26.69
CA LEU F 983 64.10 32.43 -26.69
C LEU F 983 64.11 32.98 -28.11
N LEU F 984 63.02 33.63 -28.48
CA LEU F 984 62.77 34.21 -29.80
C LEU F 984 62.60 33.16 -30.89
N GLU F 985 62.69 31.87 -30.58
CA GLU F 985 62.34 30.85 -31.56
C GLU F 985 60.90 30.94 -32.05
N PRO F 986 59.89 31.15 -31.20
CA PRO F 986 58.53 31.32 -31.73
C PRO F 986 58.40 32.47 -32.71
N LEU F 987 59.17 33.54 -32.53
CA LEU F 987 59.14 34.67 -33.45
C LEU F 987 59.99 34.46 -34.68
N LEU F 988 61.02 33.63 -34.59
CA LEU F 988 61.90 33.37 -35.72
C LEU F 988 61.47 32.17 -36.55
N SER F 989 60.46 31.43 -36.09
CA SER F 989 59.91 30.35 -36.92
C SER F 989 59.42 30.86 -38.26
N GLY F 990 58.93 32.09 -38.31
CA GLY F 990 58.48 32.72 -39.53
C GLY F 990 59.55 33.63 -40.13
N ASP F 991 59.09 34.64 -40.87
CA ASP F 991 60.00 35.60 -41.49
C ASP F 991 60.33 36.71 -40.52
N PRO F 992 61.59 36.88 -40.11
CA PRO F 992 61.94 37.90 -39.12
C PRO F 992 62.09 39.31 -39.67
N ARG F 993 61.73 39.57 -40.94
CA ARG F 993 61.97 40.88 -41.50
C ARG F 993 61.03 41.93 -40.88
N MET F 994 59.74 41.65 -40.89
CA MET F 994 58.72 42.55 -40.37
C MET F 994 57.89 41.79 -39.33
N THR F 995 58.10 42.12 -38.06
CA THR F 995 57.47 41.44 -36.94
C THR F 995 56.61 42.39 -36.14
N GLN F 996 55.67 41.79 -35.40
CA GLN F 996 54.79 42.53 -34.50
C GLN F 996 54.20 41.54 -33.50
N LEU F 997 53.75 42.08 -32.37
CA LEU F 997 53.12 41.28 -31.31
C LEU F 997 51.74 41.84 -31.03
N ALA F 998 50.72 41.02 -31.23
CA ALA F 998 49.35 41.41 -30.94
C ALA F 998 48.51 40.15 -30.79
N ILE F 999 47.34 40.31 -30.17
CA ILE F 999 46.45 39.21 -29.85
C ILE F 999 45.01 39.62 -30.17
N GLN F 1000 44.15 38.62 -30.34
CA GLN F 1000 42.77 38.87 -30.70
C GLN F 1000 41.90 37.69 -30.29
N TYR F 1001 40.72 37.98 -29.75
CA TYR F 1001 39.68 36.99 -29.55
C TYR F 1001 38.35 37.58 -30.00
N GLN F 1002 37.49 36.73 -30.55
CA GLN F 1002 36.28 37.17 -31.22
C GLN F 1002 35.07 36.46 -30.64
N GLN F 1003 34.01 37.22 -30.38
CA GLN F 1003 32.78 36.66 -29.86
C GLN F 1003 31.99 35.98 -30.99
N TYR F 1004 30.89 35.32 -30.60
CA TYR F 1004 30.05 34.65 -31.58
C TYR F 1004 29.41 35.63 -32.54
N ASN F 1005 28.93 36.76 -32.02
CA ASN F 1005 28.21 37.75 -32.83
C ASN F 1005 29.12 38.59 -33.71
N GLY F 1006 30.40 38.24 -33.81
CA GLY F 1006 31.33 38.93 -34.68
C GLY F 1006 32.09 40.07 -34.05
N ARG F 1007 31.74 40.47 -32.82
CA ARG F 1007 32.46 41.53 -32.14
C ARG F 1007 33.88 41.07 -31.81
N THR F 1008 34.84 41.98 -31.97
CA THR F 1008 36.25 41.66 -31.81
C THR F 1008 36.89 42.61 -30.80
N PHE F 1009 37.60 42.04 -29.84
CA PHE F 1009 38.42 42.78 -28.89
C PHE F 1009 39.88 42.38 -29.10
N ASN F 1010 40.76 43.38 -29.09
CA ASN F 1010 42.17 43.15 -29.36
C ASN F 1010 43.05 43.88 -28.35
N VAL F 1011 44.23 43.34 -28.12
CA VAL F 1011 45.22 43.94 -27.24
C VAL F 1011 46.54 44.05 -28.00
N ILE F 1012 47.02 45.27 -28.18
CA ILE F 1012 48.29 45.55 -28.82
C ILE F 1012 49.21 46.22 -27.81
N PRO F 1013 50.09 45.45 -27.16
CA PRO F 1013 50.98 46.06 -26.16
C PRO F 1013 51.96 47.02 -26.79
N GLU F 1014 52.29 48.07 -26.04
CA GLU F 1014 53.24 49.07 -26.50
C GLU F 1014 54.66 48.59 -26.27
N MET F 1015 55.53 48.87 -27.23
CA MET F 1015 56.93 48.47 -27.13
C MET F 1015 57.66 49.41 -26.18
N PRO F 1016 58.22 48.92 -25.09
CA PRO F 1016 58.97 49.78 -24.16
C PRO F 1016 60.39 50.00 -24.68
N GLY F 1017 61.18 50.70 -23.88
CA GLY F 1017 62.55 50.98 -24.25
C GLY F 1017 63.44 49.75 -24.20
N SER F 1018 64.67 49.92 -24.69
CA SER F 1018 65.63 48.82 -24.72
C SER F 1018 67.03 49.41 -24.66
N VAL F 1019 67.66 49.28 -23.49
CA VAL F 1019 68.99 49.84 -23.30
C VAL F 1019 70.01 49.14 -24.19
N ILE F 1020 69.84 47.85 -24.45
CA ILE F 1020 70.78 47.14 -25.30
C ILE F 1020 70.72 47.68 -26.72
N ALA F 1021 69.50 47.86 -27.25
CA ALA F 1021 69.36 48.42 -28.59
C ALA F 1021 69.88 49.85 -28.65
N ASP F 1022 69.62 50.64 -27.62
CA ASP F 1022 70.14 52.01 -27.59
C ASP F 1022 71.66 52.03 -27.60
N CYS F 1023 72.28 51.14 -26.82
CA CYS F 1023 73.74 51.08 -26.79
C CYS F 1023 74.31 50.59 -28.12
N VAL F 1024 73.62 49.67 -28.78
CA VAL F 1024 74.07 49.21 -30.09
C VAL F 1024 74.02 50.35 -31.09
N GLN F 1025 72.93 51.13 -31.06
CA GLN F 1025 72.83 52.29 -31.94
C GLN F 1025 73.92 53.31 -31.65
N LEU F 1026 74.20 53.54 -30.37
CA LEU F 1026 75.27 54.46 -29.98
C LEU F 1026 76.62 53.98 -30.49
N THR F 1027 76.88 52.67 -30.36
CA THR F 1027 78.13 52.11 -30.84
C THR F 1027 78.26 52.27 -32.35
N ALA F 1028 77.16 52.06 -33.08
CA ALA F 1028 77.19 52.28 -34.53
C ALA F 1028 77.47 53.74 -34.86
N GLU F 1029 76.86 54.66 -34.10
CA GLU F 1029 77.11 56.09 -34.32
C GLU F 1029 78.58 56.43 -34.10
N VAL F 1030 79.18 55.89 -33.05
CA VAL F 1030 80.59 56.17 -32.78
C VAL F 1030 81.47 55.52 -33.85
N PHE F 1031 81.10 54.32 -34.29
CA PHE F 1031 81.84 53.64 -35.35
C PHE F 1031 81.82 54.45 -36.64
N ASN F 1032 80.71 55.14 -36.92
CA ASN F 1032 80.62 55.97 -38.12
C ASN F 1032 81.73 56.99 -38.18
N HIS F 1033 82.24 57.45 -37.03
CA HIS F 1033 83.31 58.43 -36.99
C HIS F 1033 84.68 57.82 -36.68
N GLU F 1034 84.72 56.67 -36.02
CA GLU F 1034 85.98 56.02 -35.65
C GLU F 1034 86.06 54.61 -36.23
N TYR F 1035 85.70 54.48 -37.51
CA TYR F 1035 85.84 53.20 -38.19
C TYR F 1035 87.30 52.75 -38.25
N ASN F 1036 88.24 53.69 -38.29
CA ASN F 1036 89.65 53.31 -38.36
C ASN F 1036 90.10 52.53 -37.14
N LEU F 1037 89.44 52.74 -35.99
CA LEU F 1037 89.78 51.99 -34.80
C LEU F 1037 89.52 50.49 -34.97
N PHE F 1038 88.53 50.14 -35.80
CA PHE F 1038 88.12 48.75 -35.98
C PHE F 1038 88.74 48.10 -37.20
N GLY F 1039 89.67 48.79 -37.87
CA GLY F 1039 90.34 48.23 -39.03
C GLY F 1039 89.67 48.49 -40.36
N ILE F 1040 88.49 49.09 -40.36
CA ILE F 1040 87.77 49.41 -41.59
C ILE F 1040 88.21 50.77 -42.08
N ALA F 1041 88.53 50.88 -43.37
CA ALA F 1041 88.97 52.14 -43.98
C ALA F 1041 87.89 52.58 -44.96
N ARG F 1042 87.20 53.67 -44.64
CA ARG F 1042 86.17 54.20 -45.53
C ARG F 1042 86.80 54.78 -46.79
N GLY F 1043 86.13 54.55 -47.92
CA GLY F 1043 86.57 55.16 -49.16
C GLY F 1043 86.84 54.15 -50.26
N ASP F 1044 87.90 54.40 -51.04
CA ASP F 1044 88.26 53.54 -52.15
C ASP F 1044 89.72 53.75 -52.47
N ILE F 1045 90.34 52.75 -53.08
CA ILE F 1045 91.78 52.77 -53.34
C ILE F 1045 92.04 53.24 -54.76
N ILE F 1046 93.26 53.71 -55.00
CA ILE F 1046 93.72 54.12 -56.31
C ILE F 1046 94.98 53.33 -56.63
N ILE F 1047 95.00 52.69 -57.79
CA ILE F 1047 96.12 51.86 -58.22
C ILE F 1047 96.87 52.59 -59.32
N GLY F 1048 98.16 52.83 -59.12
CA GLY F 1048 98.98 53.53 -60.07
C GLY F 1048 100.41 53.69 -59.61
N ARG F 1049 101.36 53.63 -60.53
CA ARG F 1049 102.77 53.71 -60.18
C ARG F 1049 103.12 55.10 -59.66
N VAL F 1050 103.73 55.16 -58.48
CA VAL F 1050 104.19 56.40 -57.88
C VAL F 1050 105.61 56.15 -57.41
N GLN F 1051 106.59 56.53 -58.24
CA GLN F 1051 108.01 56.36 -57.92
C GLN F 1051 108.55 57.69 -57.41
N SER F 1052 108.94 57.72 -56.13
CA SER F 1052 109.46 58.94 -55.54
C SER F 1052 110.21 58.58 -54.26
N THR F 1053 111.01 59.52 -53.79
CA THR F 1053 111.75 59.38 -52.55
C THR F 1053 111.07 60.06 -51.37
N HIS F 1054 109.86 60.57 -51.56
CA HIS F 1054 109.15 61.26 -50.50
C HIS F 1054 108.67 60.26 -49.45
N LEU F 1055 108.27 60.79 -48.30
CA LEU F 1055 107.96 59.98 -47.13
C LEU F 1055 106.53 60.17 -46.65
N TRP F 1056 105.61 60.52 -47.55
CA TRP F 1056 104.21 60.63 -47.16
C TRP F 1056 103.59 59.24 -47.02
N SER F 1057 102.59 59.14 -46.14
CA SER F 1057 101.99 57.84 -45.91
C SER F 1057 100.87 57.58 -46.92
N PRO F 1058 100.69 56.33 -47.34
CA PRO F 1058 99.61 56.03 -48.29
C PRO F 1058 98.23 56.34 -47.76
N LEU F 1059 98.02 56.24 -46.44
CA LEU F 1059 96.71 56.53 -45.87
C LEU F 1059 96.43 58.02 -45.77
N ALA F 1060 97.42 58.87 -46.04
CA ALA F 1060 97.23 60.32 -46.12
C ALA F 1060 97.90 60.81 -47.40
N PRO F 1061 97.36 60.45 -48.56
CA PRO F 1061 98.02 60.76 -49.83
C PRO F 1061 97.90 62.24 -50.15
N PRO F 1062 98.82 62.77 -50.98
CA PRO F 1062 98.68 64.16 -51.41
C PRO F 1062 97.43 64.34 -52.24
N PRO F 1063 96.80 65.52 -52.19
CA PRO F 1063 95.54 65.72 -52.92
C PRO F 1063 95.71 65.75 -54.43
N ASP F 1064 96.91 65.99 -54.95
CA ASP F 1064 97.10 66.12 -56.38
C ASP F 1064 97.05 64.79 -57.13
N LEU F 1065 97.03 63.67 -56.41
CA LEU F 1065 96.96 62.35 -57.04
C LEU F 1065 95.56 61.74 -57.02
N VAL F 1066 94.68 62.22 -56.16
CA VAL F 1066 93.34 61.65 -56.04
C VAL F 1066 92.43 62.30 -57.07
N PHE F 1067 91.74 61.46 -57.84
CA PHE F 1067 90.76 61.92 -58.82
C PHE F 1067 89.46 61.15 -58.63
N ASP F 1068 88.37 61.74 -59.08
CA ASP F 1068 87.05 61.16 -58.91
C ASP F 1068 86.21 61.46 -60.15
N ARG F 1069 84.90 61.20 -60.05
CA ARG F 1069 84.01 61.37 -61.19
C ARG F 1069 83.86 62.83 -61.61
N ASP F 1070 84.23 63.77 -60.75
CA ASP F 1070 84.12 65.19 -61.04
C ASP F 1070 85.44 65.80 -61.51
N THR F 1071 86.24 65.02 -62.24
CA THR F 1071 87.53 65.47 -62.72
C THR F 1071 87.54 65.45 -64.24
N PRO F 1072 88.02 66.51 -64.89
CA PRO F 1072 88.09 66.51 -66.35
C PRO F 1072 89.06 65.45 -66.86
N GLY F 1073 88.74 64.87 -68.02
CA GLY F 1073 89.57 63.85 -68.61
C GLY F 1073 89.63 62.55 -67.85
N VAL F 1074 88.51 62.10 -67.30
CA VAL F 1074 88.43 60.85 -66.54
C VAL F 1074 87.33 60.00 -67.14
N HIS F 1075 87.65 58.74 -67.44
CA HIS F 1075 86.70 57.82 -68.05
C HIS F 1075 86.07 56.93 -66.98
N ILE F 1076 84.75 56.80 -67.05
CA ILE F 1076 83.98 56.04 -66.06
C ILE F 1076 83.42 54.80 -66.76
N PHE F 1077 83.67 53.63 -66.18
CA PHE F 1077 83.19 52.37 -66.70
C PHE F 1077 82.13 51.79 -65.77
N GLY F 1078 81.66 50.59 -66.10
CA GLY F 1078 80.78 49.88 -65.20
C GLY F 1078 79.57 49.22 -65.83
N ARG F 1079 79.02 49.81 -66.89
CA ARG F 1079 77.80 49.28 -67.48
C ARG F 1079 78.08 48.04 -68.33
N ASP F 1080 78.86 48.21 -69.39
CA ASP F 1080 79.24 47.10 -70.26
C ASP F 1080 80.68 47.30 -70.69
N CYS F 1081 81.37 46.18 -70.91
CA CYS F 1081 82.78 46.21 -71.26
C CYS F 1081 83.06 45.22 -72.37
N ARG F 1082 83.73 45.70 -73.42
CA ARG F 1082 84.25 44.86 -74.49
C ARG F 1082 85.68 45.26 -74.78
N ILE F 1083 86.52 44.28 -75.10
CA ILE F 1083 87.92 44.51 -75.42
C ILE F 1083 88.11 44.23 -76.90
N SER F 1084 88.60 45.22 -77.63
CA SER F 1084 88.91 45.09 -79.04
C SER F 1084 90.42 44.92 -79.18
N PHE F 1085 90.85 43.71 -79.53
CA PHE F 1085 92.27 43.43 -79.67
C PHE F 1085 92.87 44.27 -80.80
N GLY F 1086 94.07 44.79 -80.57
CA GLY F 1086 94.73 45.63 -81.56
C GLY F 1086 95.64 44.83 -82.48
N MET F 1087 95.35 44.88 -83.78
CA MET F 1087 96.13 44.16 -84.77
C MET F 1087 96.97 45.14 -85.59
N ASN F 1088 98.07 44.62 -86.15
CA ASN F 1088 99.01 45.39 -86.95
C ASN F 1088 99.56 46.58 -86.16
N GLY F 1089 99.87 46.36 -84.89
CA GLY F 1089 100.48 47.38 -84.06
C GLY F 1089 99.51 48.38 -83.46
N ALA F 1090 98.21 48.19 -83.61
CA ALA F 1090 97.25 49.10 -83.02
C ALA F 1090 97.13 48.85 -81.52
N ALA F 1091 96.56 49.83 -80.83
CA ALA F 1091 96.46 49.61 -79.39
C ALA F 1091 95.09 49.03 -79.03
N PRO F 1092 95.03 48.12 -78.07
CA PRO F 1092 93.74 47.58 -77.63
C PRO F 1092 92.91 48.66 -76.97
N MET F 1093 91.59 48.54 -77.12
CA MET F 1093 90.65 49.54 -76.63
C MET F 1093 89.53 48.87 -75.86
N ILE F 1094 89.11 49.50 -74.77
CA ILE F 1094 87.97 49.05 -73.96
C ILE F 1094 86.87 50.09 -74.10
N ARG F 1095 85.64 49.62 -74.29
CA ARG F 1095 84.53 50.52 -74.59
C ARG F 1095 84.06 51.21 -73.32
N ASP F 1096 84.20 52.53 -73.29
CA ASP F 1096 83.60 53.33 -72.23
C ASP F 1096 82.08 53.22 -72.31
N GLU F 1097 81.43 53.29 -71.13
CA GLU F 1097 79.99 53.11 -71.07
C GLU F 1097 79.25 54.21 -71.82
N THR F 1098 79.87 55.36 -72.05
CA THR F 1098 79.24 56.41 -72.84
C THR F 1098 79.14 56.03 -74.31
N GLY F 1099 79.90 55.02 -74.75
CA GLY F 1099 79.87 54.60 -76.14
C GLY F 1099 81.24 54.60 -76.78
N MET F 1100 82.10 55.53 -76.37
CA MET F 1100 83.43 55.65 -76.95
C MET F 1100 84.33 54.53 -76.43
N MET F 1101 85.46 54.34 -77.13
CA MET F 1101 86.47 53.37 -76.75
C MET F 1101 87.80 54.07 -76.61
N VAL F 1102 88.56 53.70 -75.58
CA VAL F 1102 89.80 54.40 -75.25
C VAL F 1102 90.94 53.40 -75.09
N PRO F 1103 92.19 53.80 -75.33
CA PRO F 1103 93.32 52.88 -75.14
C PRO F 1103 93.58 52.57 -73.67
N PHE F 1104 94.62 51.77 -73.40
CA PHE F 1104 94.92 51.32 -72.04
C PHE F 1104 95.87 52.31 -71.35
N GLU F 1105 95.44 53.57 -71.29
CA GLU F 1105 96.22 54.59 -70.60
C GLU F 1105 95.29 55.73 -70.21
N GLY F 1106 95.57 56.33 -69.06
CA GLY F 1106 94.78 57.42 -68.55
C GLY F 1106 94.30 57.20 -67.13
N ASN F 1107 93.20 57.86 -66.75
CA ASN F 1107 92.60 57.72 -65.44
C ASN F 1107 91.24 57.07 -65.60
N TRP F 1108 91.01 55.97 -64.89
CA TRP F 1108 89.81 55.17 -65.02
C TRP F 1108 89.11 55.05 -63.68
N ILE F 1109 87.84 54.64 -63.74
CA ILE F 1109 87.02 54.40 -62.54
C ILE F 1109 86.31 53.06 -62.74
N PHE F 1110 86.51 52.15 -61.80
CA PHE F 1110 85.93 50.82 -61.85
C PHE F 1110 85.10 50.53 -60.60
N PRO F 1111 83.86 50.07 -60.76
CA PRO F 1111 83.19 49.43 -59.62
C PRO F 1111 83.89 48.13 -59.25
N LEU F 1112 83.82 47.79 -57.97
CA LEU F 1112 84.49 46.57 -57.50
C LEU F 1112 83.88 45.33 -58.15
N ALA F 1113 82.56 45.32 -58.33
CA ALA F 1113 81.91 44.16 -58.91
C ALA F 1113 82.37 43.89 -60.33
N LEU F 1114 82.69 44.94 -61.08
CA LEU F 1114 83.16 44.76 -62.45
C LEU F 1114 84.46 43.97 -62.49
N TRP F 1115 85.41 44.30 -61.61
CA TRP F 1115 86.66 43.55 -61.55
C TRP F 1115 86.44 42.17 -60.97
N GLN F 1116 85.55 42.05 -59.97
CA GLN F 1116 85.29 40.74 -59.37
C GLN F 1116 84.73 39.77 -60.41
N MET F 1117 83.81 40.25 -61.25
CA MET F 1117 83.16 39.36 -62.20
C MET F 1117 84.09 38.96 -63.35
N ASN F 1118 85.13 39.76 -63.60
CA ASN F 1118 86.05 39.54 -64.72
C ASN F 1118 87.50 39.61 -64.23
N THR F 1119 87.76 38.94 -63.11
CA THR F 1119 89.10 38.97 -62.50
C THR F 1119 90.18 38.51 -63.47
N ARG F 1120 90.09 37.26 -63.93
CA ARG F 1120 91.19 36.70 -64.73
C ARG F 1120 91.37 37.46 -66.04
N TYR F 1121 90.26 37.82 -66.70
CA TYR F 1121 90.36 38.52 -67.97
C TYR F 1121 91.00 39.89 -67.80
N PHE F 1122 90.69 40.58 -66.70
CA PHE F 1122 91.21 41.92 -66.49
C PHE F 1122 92.68 41.89 -66.10
N ASN F 1123 93.08 40.93 -65.26
CA ASN F 1123 94.46 40.91 -64.78
C ASN F 1123 95.45 40.71 -65.92
N GLN F 1124 95.13 39.84 -66.86
CA GLN F 1124 96.06 39.55 -67.96
C GLN F 1124 96.28 40.79 -68.83
N GLN F 1125 95.23 41.58 -69.04
CA GLN F 1125 95.27 42.69 -69.98
C GLN F 1125 95.47 44.05 -69.34
N PHE F 1126 95.69 44.11 -68.02
CA PHE F 1126 95.86 45.39 -67.35
C PHE F 1126 97.11 45.47 -66.49
N ASP F 1127 97.58 44.37 -65.91
CA ASP F 1127 98.78 44.42 -65.07
C ASP F 1127 100.01 44.82 -65.88
N ALA F 1128 100.11 44.34 -67.12
CA ALA F 1128 101.25 44.69 -67.96
C ALA F 1128 101.31 46.19 -68.26
N TRP F 1129 100.19 46.89 -68.13
CA TRP F 1129 100.16 48.34 -68.32
C TRP F 1129 100.17 49.11 -67.01
N ILE F 1130 99.64 48.53 -65.94
CA ILE F 1130 99.66 49.21 -64.64
C ILE F 1130 101.09 49.28 -64.10
N LYS F 1131 101.84 48.20 -64.24
CA LYS F 1131 103.17 48.12 -63.63
C LYS F 1131 104.13 49.13 -64.25
N THR F 1132 104.09 49.30 -65.57
CA THR F 1132 105.07 50.12 -66.27
C THR F 1132 104.46 51.26 -67.09
N GLY F 1133 103.26 51.09 -67.61
CA GLY F 1133 102.65 52.10 -68.46
C GLY F 1133 102.13 53.29 -67.70
N GLU F 1134 101.12 53.95 -68.28
CA GLU F 1134 100.52 55.15 -67.71
C GLU F 1134 99.06 54.93 -67.36
N LEU F 1135 98.77 53.78 -66.74
CA LEU F 1135 97.40 53.42 -66.39
C LEU F 1135 97.17 53.58 -64.89
N ARG F 1136 96.13 54.33 -64.53
CA ARG F 1136 95.74 54.53 -63.15
C ARG F 1136 94.26 54.23 -63.01
N ILE F 1137 93.91 53.44 -62.00
CA ILE F 1137 92.54 52.97 -61.80
C ILE F 1137 92.12 53.28 -60.38
N ARG F 1138 90.90 53.83 -60.23
CA ARG F 1138 90.30 54.11 -58.92
C ARG F 1138 89.14 53.13 -58.74
N ILE F 1139 89.41 52.03 -58.06
CA ILE F 1139 88.39 51.01 -57.81
C ILE F 1139 87.52 51.47 -56.64
N GLU F 1140 86.22 51.62 -56.88
CA GLU F 1140 85.28 52.12 -55.88
C GLU F 1140 84.81 50.98 -55.01
N MET F 1141 85.05 51.09 -53.69
CA MET F 1141 84.64 50.06 -52.74
C MET F 1141 83.61 50.58 -51.75
N GLY F 1142 83.92 51.64 -51.01
CA GLY F 1142 83.04 52.14 -49.97
C GLY F 1142 83.53 51.78 -48.58
N ALA F 1143 84.01 50.56 -48.42
CA ALA F 1143 84.56 50.11 -47.15
C ALA F 1143 85.43 48.88 -47.42
N TYR F 1144 86.57 48.81 -46.72
CA TYR F 1144 87.49 47.69 -46.90
C TYR F 1144 88.43 47.61 -45.72
N PRO F 1145 88.80 46.40 -45.28
CA PRO F 1145 89.88 46.28 -44.29
C PRO F 1145 91.24 46.46 -44.93
N TYR F 1146 92.19 46.91 -44.11
CA TYR F 1146 93.54 47.20 -44.59
C TYR F 1146 94.57 46.53 -43.70
N MET F 1147 95.73 46.26 -44.29
CA MET F 1147 96.86 45.66 -43.60
C MET F 1147 98.12 46.44 -43.93
N LEU F 1148 98.91 46.74 -42.91
CA LEU F 1148 100.04 47.65 -43.03
C LEU F 1148 101.35 46.90 -43.15
N HIS F 1149 102.25 47.43 -43.98
CA HIS F 1149 103.62 46.93 -44.10
C HIS F 1149 104.57 48.11 -43.88
N TYR F 1150 105.45 47.96 -42.90
CA TYR F 1150 106.38 49.03 -42.53
C TYR F 1150 107.75 48.71 -43.11
N TYR F 1151 108.27 49.60 -43.94
CA TYR F 1151 109.56 49.43 -44.59
C TYR F 1151 110.55 50.48 -44.06
N ASP F 1152 111.80 50.34 -44.49
CA ASP F 1152 112.88 51.21 -44.05
C ASP F 1152 113.14 52.27 -45.11
N PRO F 1153 112.99 53.56 -44.80
CA PRO F 1153 113.20 54.59 -45.82
C PRO F 1153 114.60 54.62 -46.41
N ARG F 1154 115.61 54.25 -45.62
CA ARG F 1154 116.99 54.35 -46.09
C ARG F 1154 117.32 53.39 -47.22
N GLN F 1155 116.49 52.38 -47.46
CA GLN F 1155 116.79 51.35 -48.44
C GLN F 1155 115.68 51.27 -49.48
N TYR F 1156 116.01 50.61 -50.59
CA TYR F 1156 115.06 50.44 -51.69
C TYR F 1156 113.86 49.62 -51.23
N ALA F 1157 112.70 49.92 -51.82
CA ALA F 1157 111.47 49.23 -51.48
C ALA F 1157 110.53 49.23 -52.67
N ASN F 1158 110.01 48.06 -53.02
CA ASN F 1158 109.07 47.91 -54.13
C ASN F 1158 107.87 47.12 -53.64
N ALA F 1159 106.67 47.62 -53.93
CA ALA F 1159 105.43 47.03 -53.45
C ALA F 1159 104.69 46.24 -54.53
N TRP F 1160 105.31 46.05 -55.70
CA TRP F 1160 104.60 45.40 -56.80
C TRP F 1160 104.20 43.97 -56.45
N ASN F 1161 105.02 43.26 -55.68
CA ASN F 1161 104.70 41.89 -55.31
C ASN F 1161 103.39 41.83 -54.54
N LEU F 1162 103.24 42.69 -53.52
CA LEU F 1162 102.00 42.71 -52.74
C LEU F 1162 100.83 43.20 -53.59
N THR F 1163 101.05 44.26 -54.38
CA THR F 1163 99.95 44.83 -55.16
C THR F 1163 99.50 43.90 -56.28
N SER F 1164 100.34 42.96 -56.70
CA SER F 1164 99.94 41.97 -57.67
C SER F 1164 99.37 40.73 -57.03
N ALA F 1165 99.87 40.34 -55.85
CA ALA F 1165 99.26 39.24 -55.11
C ALA F 1165 97.83 39.55 -54.75
N TRP F 1166 97.55 40.79 -54.34
CA TRP F 1166 96.18 41.18 -54.04
C TRP F 1166 95.27 41.03 -55.26
N LEU F 1167 95.70 41.59 -56.40
CA LEU F 1167 94.88 41.53 -57.61
C LEU F 1167 94.69 40.09 -58.07
N GLU F 1168 95.72 39.26 -57.94
CA GLU F 1168 95.59 37.85 -58.29
C GLU F 1168 94.60 37.14 -57.38
N GLU F 1169 94.64 37.45 -56.08
CA GLU F 1169 93.78 36.77 -55.12
C GLU F 1169 92.37 37.32 -55.07
N ILE F 1170 92.09 38.43 -55.76
CA ILE F 1170 90.72 38.89 -55.90
C ILE F 1170 89.91 37.82 -56.61
N THR F 1171 88.73 37.52 -56.10
CA THR F 1171 87.84 36.50 -56.64
C THR F 1171 86.45 37.09 -56.79
N PRO F 1172 85.59 36.47 -57.62
CA PRO F 1172 84.23 36.98 -57.79
C PRO F 1172 83.42 37.04 -56.50
N THR F 1173 83.89 36.37 -55.45
CA THR F 1173 83.15 36.33 -54.19
C THR F 1173 84.02 36.60 -52.97
N SER F 1174 85.23 37.13 -53.16
CA SER F 1174 86.09 37.47 -52.04
C SER F 1174 87.19 38.41 -52.50
N ILE F 1175 87.64 39.26 -51.57
CA ILE F 1175 88.80 40.12 -51.78
C ILE F 1175 89.69 40.05 -50.54
N PRO F 1176 90.98 39.80 -50.69
CA PRO F 1176 91.88 39.84 -49.53
C PRO F 1176 92.09 41.26 -49.06
N SER F 1177 92.67 41.36 -47.85
CA SER F 1177 92.88 42.67 -47.24
C SER F 1177 93.84 43.51 -48.08
N VAL F 1178 93.52 44.79 -48.19
CA VAL F 1178 94.33 45.69 -49.03
C VAL F 1178 95.66 45.96 -48.35
N PRO F 1179 96.80 45.74 -49.02
CA PRO F 1179 98.09 46.02 -48.40
C PRO F 1179 98.53 47.46 -48.60
N PHE F 1180 99.08 48.04 -47.53
CA PHE F 1180 99.57 49.41 -47.54
C PHE F 1180 101.00 49.43 -47.04
N MET F 1181 101.90 49.96 -47.85
CA MET F 1181 103.32 50.02 -47.52
C MET F 1181 103.63 51.39 -46.94
N VAL F 1182 103.82 51.47 -45.64
CA VAL F 1182 103.97 52.73 -44.92
C VAL F 1182 105.40 52.87 -44.40
N PRO F 1183 106.05 54.02 -44.55
CA PRO F 1183 107.41 54.18 -44.03
C PRO F 1183 107.46 54.29 -42.51
N ILE F 1184 108.67 54.43 -41.97
CA ILE F 1184 108.90 54.52 -40.53
C ILE F 1184 109.60 55.84 -40.25
N SER F 1185 109.07 56.57 -39.27
CA SER F 1185 109.64 57.86 -38.91
C SER F 1185 110.82 57.70 -37.98
N SER F 1186 111.85 58.53 -38.18
CA SER F 1186 113.04 58.53 -37.34
C SER F 1186 113.43 59.96 -37.02
N ASP F 1187 113.87 60.19 -35.79
CA ASP F 1187 114.20 61.55 -35.36
C ASP F 1187 115.47 62.06 -36.03
N HIS F 1188 116.53 61.25 -36.04
CA HIS F 1188 117.78 61.68 -36.65
C HIS F 1188 117.63 61.66 -38.17
N ASP F 1189 118.07 62.73 -38.82
CA ASP F 1189 117.92 62.86 -40.26
C ASP F 1189 118.64 61.73 -40.98
N ILE F 1190 118.02 61.24 -42.05
CA ILE F 1190 118.52 60.08 -42.79
C ILE F 1190 118.56 60.42 -44.27
N SER F 1191 119.32 59.61 -45.01
CA SER F 1191 119.39 59.73 -46.45
C SER F 1191 118.33 58.81 -47.07
N SER F 1192 117.56 59.37 -47.99
CA SER F 1192 116.41 58.66 -48.55
C SER F 1192 116.82 57.82 -49.77
N ALA F 1193 116.00 56.81 -50.05
CA ALA F 1193 116.17 55.92 -51.17
C ALA F 1193 114.86 55.81 -51.95
N PRO F 1194 114.93 55.52 -53.24
CA PRO F 1194 113.69 55.45 -54.03
C PRO F 1194 112.74 54.39 -53.51
N ALA F 1195 111.44 54.72 -53.53
CA ALA F 1195 110.39 53.82 -53.07
C ALA F 1195 109.26 53.82 -54.08
N VAL F 1196 108.84 52.64 -54.50
CA VAL F 1196 107.78 52.48 -55.49
C VAL F 1196 106.61 51.78 -54.82
N GLN F 1197 105.44 52.43 -54.84
CA GLN F 1197 104.22 51.88 -54.26
C GLN F 1197 103.06 52.16 -55.21
N TYR F 1198 102.03 51.33 -55.13
CA TYR F 1198 100.97 51.32 -56.12
C TYR F 1198 99.59 51.67 -55.56
N ILE F 1199 99.21 51.12 -54.41
CA ILE F 1199 97.88 51.38 -53.85
C ILE F 1199 97.97 52.50 -52.83
N ILE F 1200 97.12 53.52 -53.01
CA ILE F 1200 96.95 54.58 -52.04
C ILE F 1200 95.45 54.79 -51.83
N SER F 1201 95.11 55.37 -50.69
CA SER F 1201 93.72 55.68 -50.38
C SER F 1201 93.35 57.02 -51.00
N THR F 1202 92.15 57.50 -50.70
CA THR F 1202 91.70 58.81 -51.19
C THR F 1202 91.49 59.80 -50.05
N GLU F 1203 90.78 59.42 -49.01
CA GLU F 1203 90.55 60.28 -47.86
C GLU F 1203 91.44 59.85 -46.68
N TYR F 1204 91.50 60.72 -45.68
CA TYR F 1204 92.37 60.49 -44.54
C TYR F 1204 91.98 59.22 -43.79
N ASN F 1205 92.98 58.41 -43.44
CA ASN F 1205 92.71 57.17 -42.73
C ASN F 1205 93.70 56.91 -41.60
N ASP F 1206 94.54 57.88 -41.24
CA ASP F 1206 95.52 57.70 -40.16
C ASP F 1206 94.95 58.22 -38.84
N ARG F 1207 93.81 57.63 -38.44
CA ARG F 1207 93.18 57.94 -37.17
C ARG F 1207 93.61 57.00 -36.06
N SER F 1208 93.95 55.76 -36.38
CA SER F 1208 94.45 54.82 -35.39
C SER F 1208 95.87 55.14 -34.95
N LEU F 1209 96.56 56.03 -35.65
CA LEU F 1209 97.91 56.41 -35.27
C LEU F 1209 97.89 57.23 -33.98
N PHE F 1210 98.69 56.82 -33.01
CA PHE F 1210 98.72 57.49 -31.71
C PHE F 1210 99.89 58.45 -31.57
N CYS F 1211 101.12 57.96 -31.74
CA CYS F 1211 102.31 58.79 -31.60
C CYS F 1211 103.45 58.16 -32.37
N THR F 1212 104.39 59.01 -32.78
CA THR F 1212 105.59 58.56 -33.48
C THR F 1212 106.82 59.09 -32.75
N ASN F 1213 107.79 58.20 -32.51
CA ASN F 1213 109.03 58.55 -31.81
C ASN F 1213 108.74 59.20 -30.46
N SER F 1214 107.87 58.54 -29.68
CA SER F 1214 107.46 59.11 -28.39
C SER F 1214 108.66 59.25 -27.45
N SER F 1215 109.53 58.24 -27.39
CA SER F 1215 110.71 58.32 -26.55
C SER F 1215 111.64 59.42 -27.01
N SER F 1216 111.78 59.59 -28.33
CA SER F 1216 112.59 60.66 -28.86
C SER F 1216 111.90 62.00 -28.65
N PRO F 1217 112.68 63.09 -28.54
CA PRO F 1217 112.07 64.41 -28.35
C PRO F 1217 111.62 65.09 -29.63
N GLN F 1218 111.79 64.46 -30.79
CA GLN F 1218 111.49 65.12 -32.06
C GLN F 1218 111.28 64.06 -33.14
N THR F 1219 110.77 64.50 -34.28
CA THR F 1219 110.67 63.68 -35.47
C THR F 1219 110.95 64.55 -36.68
N ILE F 1220 111.91 64.15 -37.50
CA ILE F 1220 112.37 64.93 -38.63
C ILE F 1220 111.90 64.35 -39.96
N ALA F 1221 112.07 63.05 -40.16
CA ALA F 1221 111.73 62.40 -41.41
C ALA F 1221 110.62 61.37 -41.17
N GLY F 1222 109.61 61.40 -42.02
CA GLY F 1222 108.51 60.46 -41.93
C GLY F 1222 107.24 61.09 -41.42
N PRO F 1223 106.13 60.36 -41.51
CA PRO F 1223 104.86 60.89 -40.99
C PRO F 1223 104.88 60.92 -39.46
N ASP F 1224 104.50 62.06 -38.90
CA ASP F 1224 104.57 62.27 -37.47
C ASP F 1224 103.29 62.91 -36.94
N LYS F 1225 103.04 62.69 -35.64
CA LYS F 1225 101.99 63.38 -34.91
C LYS F 1225 102.27 63.22 -33.43
N HIS F 1226 102.03 64.29 -32.67
CA HIS F 1226 102.21 64.25 -31.23
C HIS F 1226 101.07 63.46 -30.58
N ILE F 1227 101.14 63.34 -29.26
CA ILE F 1227 100.06 62.65 -28.54
C ILE F 1227 98.76 63.44 -28.74
N PRO F 1228 97.66 62.80 -29.13
CA PRO F 1228 96.45 63.56 -29.47
C PRO F 1228 95.87 64.31 -28.29
N VAL F 1229 95.94 65.65 -28.37
CA VAL F 1229 95.40 66.48 -27.30
C VAL F 1229 93.88 66.36 -27.23
N GLU F 1230 93.24 66.23 -28.40
CA GLU F 1230 91.78 66.18 -28.45
C GLU F 1230 91.20 65.01 -27.66
N ARG F 1231 91.98 63.96 -27.41
CA ARG F 1231 91.49 62.84 -26.61
C ARG F 1231 91.40 63.22 -25.14
N TYR F 1232 92.54 63.56 -24.53
CA TYR F 1232 92.59 63.88 -23.11
C TYR F 1232 92.14 65.33 -22.91
N ASN F 1233 90.83 65.52 -22.98
CA ASN F 1233 90.27 66.87 -22.86
C ASN F 1233 90.35 67.39 -21.44
N ILE F 1234 89.99 66.55 -20.45
CA ILE F 1234 89.91 67.01 -19.08
C ILE F 1234 91.26 67.24 -18.43
N LEU F 1235 92.36 67.03 -19.16
CA LEU F 1235 93.70 67.32 -18.69
C LEU F 1235 94.34 68.52 -19.38
N THR F 1236 94.20 68.62 -20.70
CA THR F 1236 94.81 69.74 -21.42
C THR F 1236 93.98 71.01 -21.37
N ASN F 1237 92.71 70.92 -20.97
CA ASN F 1237 91.82 72.08 -20.90
C ASN F 1237 91.37 72.27 -19.46
N PRO F 1238 92.02 73.15 -18.70
CA PRO F 1238 91.59 73.36 -17.30
C PRO F 1238 90.18 73.92 -17.18
N ASP F 1239 89.71 74.66 -18.19
CA ASP F 1239 88.41 75.31 -18.09
C ASP F 1239 87.24 74.34 -18.19
N ALA F 1240 87.41 73.23 -18.91
CA ALA F 1240 86.31 72.30 -19.12
C ALA F 1240 85.92 71.62 -17.81
N PRO F 1241 84.63 71.36 -17.59
CA PRO F 1241 84.23 70.63 -16.40
C PRO F 1241 84.72 69.19 -16.46
N PRO F 1242 84.98 68.57 -15.30
CA PRO F 1242 85.50 67.18 -15.33
C PRO F 1242 84.58 66.19 -15.99
N THR F 1243 83.26 66.33 -15.83
CA THR F 1243 82.30 65.35 -16.33
C THR F 1243 81.73 65.72 -17.70
N GLN F 1244 82.62 65.93 -18.67
CA GLN F 1244 82.23 66.23 -20.04
C GLN F 1244 82.71 65.12 -20.97
N ILE F 1245 81.85 64.71 -21.90
CA ILE F 1245 82.21 63.77 -22.96
C ILE F 1245 81.72 64.34 -24.28
N GLN F 1246 82.64 64.52 -25.23
CA GLN F 1246 82.30 64.81 -26.62
C GLN F 1246 82.30 63.52 -27.43
N LEU F 1247 81.51 62.58 -26.93
CA LEU F 1247 81.64 61.18 -27.35
C LEU F 1247 81.37 60.93 -28.83
N PRO F 1248 80.29 61.46 -29.46
CA PRO F 1248 79.99 61.04 -30.84
C PRO F 1248 81.04 61.43 -31.88
N GLU F 1249 82.04 62.23 -31.51
CA GLU F 1249 83.12 62.50 -32.46
C GLU F 1249 84.42 61.79 -32.07
N VAL F 1250 84.88 61.98 -30.83
CA VAL F 1250 86.14 61.42 -30.37
C VAL F 1250 85.92 60.70 -29.06
N VAL F 1251 86.93 59.93 -28.65
CA VAL F 1251 86.91 59.15 -27.42
C VAL F 1251 87.90 59.78 -26.46
N ASP F 1252 87.44 60.06 -25.23
CA ASP F 1252 88.28 60.77 -24.27
C ASP F 1252 89.52 59.97 -23.90
N LEU F 1253 89.36 58.66 -23.69
CA LEU F 1253 90.40 57.73 -23.23
C LEU F 1253 90.86 58.02 -21.81
N TYR F 1254 90.34 59.06 -21.16
CA TYR F 1254 90.62 59.32 -19.75
C TYR F 1254 89.51 60.23 -19.24
N ASN F 1255 88.66 59.71 -18.36
CA ASN F 1255 87.54 60.48 -17.86
C ASN F 1255 87.09 59.91 -16.52
N VAL F 1256 86.26 60.68 -15.81
CA VAL F 1256 85.77 60.26 -14.51
C VAL F 1256 84.81 59.09 -14.68
N VAL F 1257 84.94 58.11 -13.81
CA VAL F 1257 84.09 56.92 -13.82
C VAL F 1257 83.62 56.64 -12.40
N THR F 1258 82.36 56.28 -12.26
CA THR F 1258 81.77 56.00 -10.95
C THR F 1258 81.98 54.54 -10.58
N ARG F 1259 82.40 54.32 -9.33
CA ARG F 1259 82.63 52.97 -8.81
C ARG F 1259 81.61 52.72 -7.70
N TYR F 1260 80.72 51.77 -7.93
CA TYR F 1260 79.69 51.42 -6.97
C TYR F 1260 80.15 50.29 -6.07
N ALA F 1261 79.59 50.25 -4.86
CA ALA F 1261 79.88 49.19 -3.90
C ALA F 1261 78.59 48.62 -3.34
N TYR F 1262 77.57 48.49 -4.18
CA TYR F 1262 76.32 47.90 -3.76
C TYR F 1262 76.50 46.40 -3.54
N GLU F 1263 75.56 45.81 -2.80
CA GLU F 1263 75.57 44.39 -2.53
C GLU F 1263 74.17 43.83 -2.78
N THR F 1264 74.11 42.63 -3.36
CA THR F 1264 72.86 42.03 -3.80
C THR F 1264 72.60 40.76 -3.00
N PRO F 1265 71.80 40.84 -1.94
CA PRO F 1265 71.48 39.65 -1.16
C PRO F 1265 70.23 38.97 -1.69
N PRO F 1266 70.02 37.70 -1.38
CA PRO F 1266 68.76 37.05 -1.74
C PRO F 1266 67.61 37.62 -0.93
N ILE F 1267 66.39 37.38 -1.42
CA ILE F 1267 65.21 37.94 -0.78
C ILE F 1267 65.10 37.46 0.66
N THR F 1268 65.18 36.14 0.87
CA THR F 1268 64.95 35.58 2.20
C THR F 1268 66.00 35.99 3.20
N ALA F 1269 67.14 36.52 2.76
CA ALA F 1269 68.16 37.00 3.68
C ALA F 1269 67.81 38.35 4.28
N VAL F 1270 66.82 39.05 3.74
CA VAL F 1270 66.39 40.35 4.24
C VAL F 1270 64.93 40.32 4.69
N VAL F 1271 64.07 39.64 3.94
CA VAL F 1271 62.64 39.56 4.22
C VAL F 1271 62.38 38.21 4.87
N MET F 1272 61.90 38.23 6.11
CA MET F 1272 61.59 37.00 6.82
C MET F 1272 60.07 36.76 6.83
N GLY F 1273 59.65 35.68 7.46
CA GLY F 1273 58.26 35.26 7.38
C GLY F 1273 57.54 35.07 8.68
N VAL F 1274 58.28 35.04 9.79
CA VAL F 1274 57.72 34.80 11.12
C VAL F 1274 56.91 33.51 11.13
N PRO F 1275 57.55 32.33 11.13
CA PRO F 1275 56.88 31.02 11.17
C PRO F 1275 55.81 30.93 12.25
N PRO G 172 25.35 -27.04 -35.00
CA PRO G 172 26.52 -26.13 -34.94
C PRO G 172 27.55 -26.31 -33.81
N PRO G 173 27.26 -27.04 -32.70
CA PRO G 173 28.36 -27.41 -31.80
C PRO G 173 29.13 -28.62 -32.31
N THR G 174 30.40 -28.42 -32.67
CA THR G 174 31.21 -29.47 -33.27
C THR G 174 32.44 -29.74 -32.38
N ALA G 175 32.25 -30.63 -31.41
CA ALA G 175 33.38 -31.10 -30.63
C ALA G 175 34.21 -32.08 -31.47
N SER G 176 35.48 -32.24 -31.08
CA SER G 176 36.42 -33.05 -31.85
C SER G 176 37.10 -34.05 -30.93
N SER G 177 37.26 -35.28 -31.41
CA SER G 177 37.78 -36.36 -30.59
C SER G 177 38.81 -37.17 -31.37
N GLY G 178 39.95 -37.43 -30.73
CA GLY G 178 40.91 -38.39 -31.23
C GLY G 178 41.84 -37.83 -32.29
N HIS G 179 42.97 -38.50 -32.47
CA HIS G 179 43.90 -38.25 -33.57
C HIS G 179 44.52 -36.86 -33.51
N GLY G 180 44.89 -36.44 -32.29
CA GLY G 180 45.60 -35.19 -32.14
C GLY G 180 47.10 -35.34 -32.33
N TYR G 181 47.78 -34.20 -32.45
CA TYR G 181 49.22 -34.19 -32.66
C TYR G 181 49.82 -32.91 -32.07
N GLN G 182 51.04 -32.61 -32.47
CA GLN G 182 51.78 -31.50 -31.90
C GLN G 182 51.59 -30.21 -32.70
N CYS G 183 51.90 -29.10 -32.06
CA CYS G 183 51.87 -27.78 -32.68
C CYS G 183 53.29 -27.27 -32.88
N HIS G 184 53.49 -26.47 -33.93
CA HIS G 184 54.82 -26.02 -34.27
C HIS G 184 55.20 -24.73 -33.56
N VAL G 185 54.24 -23.80 -33.41
CA VAL G 185 54.54 -22.55 -32.72
C VAL G 185 54.88 -22.81 -31.26
N CYS G 186 54.05 -23.60 -30.59
CA CYS G 186 54.34 -24.10 -29.25
C CYS G 186 54.31 -25.62 -29.29
N SER G 187 55.35 -26.23 -28.70
CA SER G 187 55.55 -27.67 -28.85
C SER G 187 54.58 -28.50 -28.01
N ALA G 188 53.53 -27.91 -27.46
CA ALA G 188 52.54 -28.66 -26.70
C ALA G 188 51.76 -29.59 -27.62
N VAL G 189 51.23 -30.67 -27.04
CA VAL G 189 50.48 -31.68 -27.76
C VAL G 189 49.00 -31.45 -27.48
N LEU G 190 48.21 -31.33 -28.55
CA LEU G 190 46.78 -31.06 -28.43
C LEU G 190 45.96 -32.34 -28.52
N PHE G 191 44.66 -32.21 -28.23
CA PHE G 191 43.80 -33.37 -28.14
C PHE G 191 43.33 -33.85 -29.51
N SER G 192 42.92 -32.93 -30.37
CA SER G 192 42.29 -33.26 -31.65
C SER G 192 42.86 -32.36 -32.72
N PRO G 193 42.78 -32.78 -33.99
CA PRO G 193 43.28 -31.90 -35.08
C PRO G 193 42.57 -30.57 -35.18
N LEU G 194 41.26 -30.54 -34.93
CA LEU G 194 40.52 -29.28 -35.00
C LEU G 194 40.90 -28.36 -33.84
N ASP G 195 41.03 -28.92 -32.63
CA ASP G 195 41.57 -28.14 -31.52
C ASP G 195 42.97 -27.64 -31.84
N LEU G 196 43.76 -28.46 -32.53
CA LEU G 196 45.11 -28.07 -32.91
C LEU G 196 45.11 -26.88 -33.85
N ASP G 197 44.27 -26.91 -34.89
CA ASP G 197 44.25 -25.78 -35.83
C ASP G 197 43.65 -24.54 -35.19
N ALA G 198 42.69 -24.71 -34.26
CA ALA G 198 42.23 -23.57 -33.49
C ALA G 198 43.37 -22.95 -32.68
N HIS G 199 44.20 -23.81 -32.06
CA HIS G 199 45.34 -23.32 -31.30
C HIS G 199 46.35 -22.61 -32.19
N VAL G 200 46.58 -23.14 -33.39
CA VAL G 200 47.50 -22.48 -34.33
C VAL G 200 46.94 -21.14 -34.78
N ALA G 201 45.62 -21.06 -34.99
CA ALA G 201 45.00 -19.78 -35.32
C ALA G 201 45.15 -18.78 -34.18
N SER G 202 45.01 -19.26 -32.94
CA SER G 202 45.24 -18.39 -31.79
C SER G 202 46.68 -17.89 -31.75
N HIS G 203 47.63 -18.78 -32.06
CA HIS G 203 49.04 -18.36 -32.14
C HIS G 203 49.23 -17.31 -33.21
N GLY G 204 48.64 -17.51 -34.38
CA GLY G 204 48.78 -16.58 -35.49
C GLY G 204 48.16 -15.23 -35.23
N LEU G 205 47.03 -15.18 -34.54
CA LEU G 205 46.39 -13.92 -34.20
C LEU G 205 47.27 -13.09 -33.27
N ASN G 241 17.07 -29.22 -61.57
CA ASN G 241 18.52 -29.15 -61.73
C ASN G 241 18.88 -28.59 -63.10
N ARG G 242 18.47 -29.28 -64.16
CA ARG G 242 18.71 -28.82 -65.52
C ARG G 242 18.06 -27.47 -65.78
N LYS G 243 16.87 -27.24 -65.23
CA LYS G 243 16.18 -25.96 -65.41
C LYS G 243 16.80 -24.87 -64.55
N THR G 244 17.18 -25.18 -63.31
CA THR G 244 17.80 -24.18 -62.45
C THR G 244 19.15 -23.73 -62.99
N ALA G 245 19.96 -24.66 -63.49
CA ALA G 245 21.24 -24.29 -64.06
C ALA G 245 21.07 -23.41 -65.30
N GLN G 246 20.10 -23.74 -66.14
CA GLN G 246 19.83 -22.92 -67.32
C GLN G 246 19.31 -21.55 -66.93
N LEU G 247 18.55 -21.46 -65.83
CA LEU G 247 18.02 -20.18 -65.38
C LEU G 247 19.10 -19.29 -64.79
N LEU G 248 20.06 -19.87 -64.06
CA LEU G 248 21.12 -19.07 -63.46
C LEU G 248 22.21 -18.75 -64.48
N HIS G 249 22.87 -19.77 -65.01
CA HIS G 249 23.98 -19.59 -65.94
C HIS G 249 23.54 -20.10 -67.31
N ALA G 250 22.95 -19.21 -68.10
CA ALA G 250 22.60 -19.54 -69.47
C ALA G 250 23.82 -19.43 -70.37
N ASP G 251 23.92 -20.35 -71.32
CA ASP G 251 25.06 -20.39 -72.22
C ASP G 251 25.05 -19.19 -73.16
N THR G 252 26.21 -18.89 -73.73
CA THR G 252 26.38 -17.70 -74.55
C THR G 252 26.55 -18.08 -76.01
N PRO G 253 25.65 -17.66 -76.90
CA PRO G 253 25.83 -17.95 -78.32
C PRO G 253 27.02 -17.21 -78.91
N ARG G 254 27.59 -17.78 -79.96
CA ARG G 254 28.73 -17.19 -80.66
C ARG G 254 28.20 -16.48 -81.90
N LEU G 255 28.00 -15.16 -81.78
CA LEU G 255 27.44 -14.39 -82.87
C LEU G 255 28.50 -14.00 -83.89
N VAL G 256 29.54 -13.29 -83.45
CA VAL G 256 30.53 -12.74 -84.36
C VAL G 256 31.56 -13.83 -84.69
N THR G 257 31.68 -14.15 -85.98
CA THR G 257 32.68 -15.07 -86.48
C THR G 257 33.16 -14.56 -87.83
N TRP G 258 34.46 -14.67 -88.08
CA TRP G 258 35.06 -14.09 -89.28
C TRP G 258 35.41 -15.18 -90.29
N ASP G 259 35.80 -14.73 -91.47
CA ASP G 259 36.01 -15.63 -92.62
C ASP G 259 37.07 -15.02 -93.51
N ALA G 260 38.28 -15.57 -93.47
CA ALA G 260 39.38 -15.04 -94.27
C ALA G 260 39.28 -15.46 -95.73
N GLY G 261 38.77 -16.65 -96.01
CA GLY G 261 38.71 -17.14 -97.37
C GLY G 261 37.60 -16.49 -98.16
N LEU G 262 37.65 -16.72 -99.48
CA LEU G 262 36.62 -16.19 -100.37
C LEU G 262 35.29 -16.89 -100.11
N CYS G 263 34.22 -16.11 -100.12
CA CYS G 263 32.90 -16.61 -99.76
C CYS G 263 32.22 -17.16 -101.01
N THR G 264 32.00 -18.47 -101.03
CA THR G 264 31.29 -19.13 -102.11
C THR G 264 30.84 -20.50 -101.64
N SER G 265 29.88 -21.08 -102.37
CA SER G 265 29.38 -22.40 -102.05
C SER G 265 29.19 -23.30 -103.25
N PHE G 266 29.48 -22.82 -104.46
CA PHE G 266 29.28 -23.58 -105.69
C PHE G 266 30.63 -23.76 -106.36
N LYS G 267 31.17 -24.97 -106.31
CA LYS G 267 32.44 -25.29 -106.93
C LYS G 267 32.23 -26.04 -108.24
N ILE G 268 33.17 -25.87 -109.15
CA ILE G 268 33.16 -26.57 -110.43
C ILE G 268 34.12 -27.75 -110.33
N VAL G 269 33.60 -28.95 -110.60
CA VAL G 269 34.36 -30.18 -110.47
C VAL G 269 34.42 -30.86 -111.82
N PRO G 270 35.58 -31.33 -112.28
CA PRO G 270 35.61 -32.11 -113.51
C PRO G 270 34.96 -33.48 -113.31
N ILE G 271 34.41 -34.01 -114.39
CA ILE G 271 33.72 -35.29 -114.38
C ILE G 271 34.51 -36.36 -115.13
N VAL G 272 34.88 -36.09 -116.38
CA VAL G 272 35.69 -37.00 -117.18
C VAL G 272 36.87 -36.21 -117.73
N PRO G 273 38.08 -36.77 -117.75
CA PRO G 273 39.24 -36.00 -118.21
C PRO G 273 39.21 -35.74 -119.70
N ALA G 274 39.84 -34.64 -120.10
CA ALA G 274 39.97 -34.32 -121.51
C ALA G 274 41.03 -35.20 -122.16
N GLN G 275 40.91 -35.34 -123.48
CA GLN G 275 41.84 -36.16 -124.26
C GLN G 275 42.96 -35.29 -124.85
N VAL G 276 43.70 -34.64 -123.95
CA VAL G 276 44.76 -33.74 -124.36
C VAL G 276 45.89 -34.46 -125.08
N PRO G 277 46.17 -35.77 -124.84
CA PRO G 277 47.00 -36.48 -125.83
C PRO G 277 46.16 -37.00 -126.99
N GLN G 278 46.31 -36.41 -128.17
CA GLN G 278 45.50 -36.79 -129.31
C GLN G 278 46.26 -36.49 -130.60
N ASP G 279 45.78 -37.08 -131.69
CA ASP G 279 46.46 -36.99 -132.98
C ASP G 279 45.96 -35.83 -133.84
N VAL G 280 44.67 -35.50 -133.77
CA VAL G 280 44.13 -34.43 -134.60
C VAL G 280 44.77 -33.09 -134.24
N LEU G 281 44.84 -32.79 -132.95
CA LEU G 281 45.48 -31.57 -132.47
C LEU G 281 46.81 -31.92 -131.81
N ALA G 282 47.87 -31.20 -132.20
CA ALA G 282 49.18 -31.43 -131.61
C ALA G 282 49.17 -31.04 -130.13
N TYR G 283 50.03 -31.70 -129.37
CA TYR G 283 50.11 -31.45 -127.93
C TYR G 283 50.58 -30.04 -127.59
N THR G 284 51.17 -29.33 -128.54
CA THR G 284 51.63 -27.97 -128.28
C THR G 284 50.50 -26.95 -128.29
N PHE G 285 49.29 -27.33 -128.72
CA PHE G 285 48.18 -26.38 -128.76
C PHE G 285 47.63 -26.10 -127.36
N PHE G 286 47.49 -27.14 -126.54
CA PHE G 286 46.84 -27.00 -125.25
C PHE G 286 47.73 -26.30 -124.24
N THR G 287 47.11 -25.51 -123.36
CA THR G 287 47.84 -24.88 -122.27
C THR G 287 48.25 -25.86 -121.19
N SER G 288 47.59 -27.02 -121.11
CA SER G 288 47.97 -28.01 -120.11
C SER G 288 49.41 -28.49 -120.32
N SER G 289 49.84 -28.58 -121.58
CA SER G 289 51.22 -28.95 -121.86
C SER G 289 52.19 -27.92 -121.31
N TYR G 290 51.86 -26.63 -121.44
CA TYR G 290 52.69 -25.56 -120.90
C TYR G 290 52.50 -25.36 -119.41
N ALA G 291 51.54 -26.06 -118.80
CA ALA G 291 51.29 -25.99 -117.37
C ALA G 291 50.92 -24.57 -116.94
N ILE G 292 49.88 -24.02 -117.57
CA ILE G 292 49.36 -22.71 -117.24
C ILE G 292 48.12 -22.91 -116.37
N GLN G 293 48.15 -22.36 -115.16
CA GLN G 293 47.01 -22.48 -114.26
C GLN G 293 45.83 -21.67 -114.79
N SER G 294 44.65 -22.26 -114.73
CA SER G 294 43.44 -21.66 -115.27
C SER G 294 42.35 -21.63 -114.23
N PRO G 295 41.46 -20.64 -114.28
CA PRO G 295 40.37 -20.56 -113.30
C PRO G 295 39.36 -21.71 -113.40
N PHE G 296 39.31 -22.42 -114.52
CA PHE G 296 38.36 -23.50 -114.70
C PHE G 296 39.10 -24.78 -115.07
N PRO G 297 38.59 -25.93 -114.62
CA PRO G 297 39.26 -27.19 -114.94
C PRO G 297 39.21 -27.50 -116.42
N GLU G 298 40.26 -28.15 -116.91
CA GLU G 298 40.32 -28.61 -118.30
C GLU G 298 39.84 -30.05 -118.34
N ALA G 299 38.60 -30.25 -118.78
CA ALA G 299 38.01 -31.58 -118.81
C ALA G 299 36.97 -31.63 -119.93
N ALA G 300 36.66 -32.86 -120.36
CA ALA G 300 35.66 -33.04 -121.41
C ALA G 300 34.28 -32.60 -120.93
N VAL G 301 33.94 -32.90 -119.68
CA VAL G 301 32.67 -32.49 -119.08
C VAL G 301 32.95 -31.95 -117.69
N SER G 302 32.41 -30.77 -117.40
CA SER G 302 32.57 -30.14 -116.10
C SER G 302 31.21 -29.70 -115.58
N ARG G 303 30.90 -30.04 -114.34
CA ARG G 303 29.64 -29.71 -113.71
C ARG G 303 29.88 -29.06 -112.36
N ILE G 304 28.93 -28.23 -111.94
CA ILE G 304 29.02 -27.51 -110.67
C ILE G 304 28.18 -28.24 -109.63
N VAL G 305 28.69 -28.28 -108.39
CA VAL G 305 28.02 -28.96 -107.28
C VAL G 305 27.97 -28.01 -106.10
N VAL G 306 27.25 -28.41 -105.06
CA VAL G 306 27.08 -27.63 -103.85
C VAL G 306 28.07 -28.13 -102.81
N HIS G 307 28.85 -27.19 -102.25
CA HIS G 307 29.81 -27.53 -101.20
C HIS G 307 30.02 -26.27 -100.36
N THR G 308 29.42 -26.24 -99.17
CA THR G 308 29.54 -25.08 -98.31
C THR G 308 30.96 -24.95 -97.78
N ARG G 309 31.55 -23.78 -97.96
CA ARG G 309 32.88 -23.46 -97.45
C ARG G 309 33.92 -24.47 -97.95
N TRP G 310 33.89 -24.75 -99.25
CA TRP G 310 34.93 -25.60 -99.83
C TRP G 310 36.25 -24.86 -99.98
N ALA G 311 36.25 -23.53 -99.89
CA ALA G 311 37.46 -22.73 -100.01
C ALA G 311 37.58 -21.71 -98.89
N SER G 312 36.82 -21.86 -97.81
CA SER G 312 36.81 -20.87 -96.73
C SER G 312 37.90 -21.16 -95.71
N ASN G 313 38.03 -20.25 -94.75
CA ASN G 313 39.02 -20.37 -93.68
C ASN G 313 38.47 -19.57 -92.49
N VAL G 314 37.97 -20.29 -91.49
CA VAL G 314 37.26 -19.68 -90.38
C VAL G 314 38.03 -19.94 -89.09
N ASP G 315 37.67 -19.21 -88.04
CA ASP G 315 38.18 -19.41 -86.70
C ASP G 315 37.26 -20.26 -85.84
N PHE G 316 35.96 -20.03 -85.91
CA PHE G 316 34.96 -20.87 -85.26
C PHE G 316 34.06 -21.47 -86.34
N ASP G 317 33.87 -22.78 -86.29
CA ASP G 317 33.17 -23.51 -87.34
C ASP G 317 31.78 -23.94 -86.87
N ARG G 318 30.77 -23.59 -87.67
CA ARG G 318 29.43 -24.17 -87.51
C ARG G 318 29.48 -25.62 -87.98
N ASP G 319 29.47 -26.55 -87.03
CA ASP G 319 29.65 -27.96 -87.39
C ASP G 319 28.36 -28.54 -87.96
N SER G 320 27.89 -27.95 -89.07
CA SER G 320 26.73 -28.45 -89.80
C SER G 320 26.91 -28.01 -91.25
N SER G 321 27.42 -28.91 -92.08
CA SER G 321 27.81 -28.58 -93.44
C SER G 321 27.07 -29.45 -94.45
N VAL G 322 26.84 -28.90 -95.63
CA VAL G 322 26.21 -29.59 -96.74
C VAL G 322 27.28 -29.89 -97.77
N ILE G 323 27.70 -31.16 -97.85
CA ILE G 323 28.74 -31.60 -98.77
C ILE G 323 28.13 -32.58 -99.75
N MET G 324 28.32 -32.32 -101.04
CA MET G 324 27.77 -33.16 -102.09
C MET G 324 28.88 -33.68 -102.99
N ALA G 325 28.76 -34.93 -103.39
CA ALA G 325 29.63 -35.58 -104.34
C ALA G 325 29.19 -35.25 -105.77
N PRO G 326 30.07 -35.42 -106.75
CA PRO G 326 29.65 -35.23 -108.13
C PRO G 326 28.54 -36.19 -108.49
N PRO G 327 27.67 -35.82 -109.45
CA PRO G 327 26.50 -36.65 -109.74
C PRO G 327 26.83 -38.06 -110.21
N THR G 328 28.06 -38.31 -110.68
CA THR G 328 28.44 -39.66 -111.07
C THR G 328 28.45 -40.62 -109.88
N GLU G 329 28.59 -40.10 -108.67
CA GLU G 329 28.50 -40.91 -107.46
C GLU G 329 27.05 -40.93 -106.98
N ASN G 330 26.83 -41.48 -105.79
CA ASN G 330 25.49 -41.60 -105.23
C ASN G 330 25.32 -40.58 -104.10
N ASN G 331 24.30 -39.73 -104.21
CA ASN G 331 24.00 -38.72 -103.22
C ASN G 331 22.68 -38.99 -102.50
N ILE G 332 22.21 -40.24 -102.52
CA ILE G 332 20.93 -40.57 -101.91
C ILE G 332 20.99 -40.43 -100.40
N HIS G 333 22.18 -40.54 -99.81
CA HIS G 333 22.31 -40.52 -98.36
C HIS G 333 22.01 -39.15 -97.76
N LEU G 334 21.91 -38.11 -98.58
CA LEU G 334 21.55 -36.78 -98.09
C LEU G 334 20.04 -36.56 -98.04
N PHE G 335 19.24 -37.47 -98.60
CA PHE G 335 17.80 -37.33 -98.62
C PHE G 335 17.11 -38.37 -97.76
N LYS G 336 17.85 -39.05 -96.88
CA LYS G 336 17.27 -40.10 -96.04
C LYS G 336 17.65 -39.94 -94.57
N GLN G 337 18.20 -38.79 -94.18
CA GLN G 337 18.65 -38.61 -92.81
C GLN G 337 17.50 -38.34 -91.84
N LEU G 338 16.42 -37.73 -92.31
CA LEU G 338 15.46 -37.14 -91.38
C LEU G 338 14.49 -38.16 -90.81
N LEU G 339 13.67 -38.77 -91.67
CA LEU G 339 12.56 -39.61 -91.23
C LEU G 339 12.60 -40.97 -91.93
N ASN G 340 13.77 -41.60 -91.95
CA ASN G 340 13.93 -42.92 -92.56
C ASN G 340 14.53 -43.87 -91.51
N THR G 341 13.64 -44.49 -90.72
CA THR G 341 14.03 -45.52 -89.78
C THR G 341 13.66 -46.93 -90.26
N GLU G 342 12.57 -47.06 -91.01
CA GLU G 342 12.13 -48.33 -91.56
C GLU G 342 12.55 -48.52 -93.01
N THR G 343 13.68 -47.93 -93.41
CA THR G 343 14.24 -48.11 -94.74
C THR G 343 15.30 -49.20 -94.69
N LEU G 344 15.08 -50.27 -95.44
CA LEU G 344 15.96 -51.43 -95.36
C LEU G 344 17.28 -51.20 -96.10
N SER G 345 17.20 -50.96 -97.39
CA SER G 345 18.40 -50.80 -98.20
C SER G 345 19.06 -49.46 -97.94
N VAL G 346 20.38 -49.41 -98.12
CA VAL G 346 21.13 -48.16 -97.97
C VAL G 346 21.18 -47.35 -99.26
N ARG G 347 20.59 -47.85 -100.34
CA ARG G 347 20.61 -47.16 -101.62
C ARG G 347 19.29 -46.49 -101.97
N GLY G 348 18.33 -46.45 -101.04
CA GLY G 348 17.03 -45.89 -101.32
C GLY G 348 16.54 -45.01 -100.18
N ALA G 349 15.61 -44.13 -100.52
CA ALA G 349 14.98 -43.24 -99.57
C ALA G 349 13.49 -43.16 -99.84
N ASN G 350 12.73 -42.84 -98.81
CA ASN G 350 11.28 -42.72 -98.94
C ASN G 350 10.94 -41.45 -99.69
N PRO G 351 10.22 -41.51 -100.81
CA PRO G 351 9.94 -40.30 -101.59
C PRO G 351 8.84 -39.43 -100.99
N LEU G 352 8.46 -39.68 -99.74
CA LEU G 352 7.45 -38.89 -99.08
C LEU G 352 8.00 -37.86 -98.11
N MET G 353 9.27 -38.00 -97.70
CA MET G 353 9.93 -37.00 -96.84
C MET G 353 11.00 -36.23 -97.59
N PHE G 354 10.91 -36.17 -98.92
CA PHE G 354 11.85 -35.37 -99.69
C PHE G 354 11.75 -33.90 -99.31
N ARG G 355 10.53 -33.40 -99.11
CA ARG G 355 10.35 -31.99 -98.76
C ARG G 355 11.00 -31.68 -97.41
N ALA G 356 10.78 -32.54 -96.42
CA ALA G 356 11.37 -32.32 -95.11
C ALA G 356 12.89 -32.40 -95.16
N ASN G 357 13.43 -33.38 -95.89
CA ASN G 357 14.88 -33.49 -96.03
C ASN G 357 15.47 -32.26 -96.71
N VAL G 358 14.81 -31.77 -97.76
CA VAL G 358 15.31 -30.60 -98.48
C VAL G 358 15.24 -29.36 -97.59
N LEU G 359 14.17 -29.22 -96.81
CA LEU G 359 14.05 -28.07 -95.91
C LEU G 359 15.15 -28.10 -94.85
N HIS G 360 15.41 -29.27 -94.28
CA HIS G 360 16.50 -29.38 -93.31
C HIS G 360 17.85 -29.07 -93.96
N MET G 361 18.05 -29.53 -95.19
CA MET G 361 19.29 -29.24 -95.90
C MET G 361 19.47 -27.74 -96.13
N LEU G 362 18.39 -27.05 -96.52
CA LEU G 362 18.47 -25.62 -96.74
C LEU G 362 18.73 -24.88 -95.43
N LEU G 363 18.09 -25.33 -94.34
CA LEU G 363 18.35 -24.71 -93.04
C LEU G 363 19.81 -24.87 -92.63
N GLU G 364 20.37 -26.07 -92.84
CA GLU G 364 21.78 -26.29 -92.54
C GLU G 364 22.67 -25.43 -93.43
N PHE G 365 22.30 -25.29 -94.70
CA PHE G 365 23.03 -24.43 -95.62
C PHE G 365 23.09 -23.00 -95.10
N VAL G 366 21.94 -22.44 -94.72
CA VAL G 366 21.92 -21.08 -94.18
C VAL G 366 22.75 -20.98 -92.90
N LEU G 367 22.56 -21.95 -92.00
CA LEU G 367 23.23 -21.91 -90.71
C LEU G 367 24.74 -21.96 -90.88
N ASP G 368 25.23 -22.73 -91.84
CA ASP G 368 26.66 -22.73 -92.13
C ASP G 368 27.10 -21.42 -92.77
N ASN G 369 26.26 -20.84 -93.63
CA ASN G 369 26.65 -19.64 -94.35
C ASN G 369 26.51 -18.36 -93.52
N LEU G 370 26.01 -18.45 -92.28
CA LEU G 370 26.03 -17.29 -91.39
C LEU G 370 27.47 -17.03 -90.95
N TYR G 371 28.12 -16.12 -91.68
CA TYR G 371 29.47 -15.69 -91.37
C TYR G 371 29.67 -14.24 -91.79
N LEU G 372 30.72 -13.63 -91.26
CA LEU G 372 31.09 -12.26 -91.62
C LEU G 372 32.42 -12.29 -92.37
N ASN G 373 32.45 -11.61 -93.52
CA ASN G 373 33.67 -11.56 -94.30
C ASN G 373 34.76 -10.79 -93.57
N ARG G 374 36.01 -11.15 -93.82
CA ARG G 374 37.15 -10.57 -93.13
C ARG G 374 38.11 -9.93 -94.11
N HIS G 375 38.66 -8.78 -93.69
CA HIS G 375 39.69 -8.08 -94.47
C HIS G 375 41.05 -8.63 -94.07
N THR G 376 41.78 -9.18 -95.04
CA THR G 376 43.02 -9.90 -94.76
C THR G 376 44.26 -9.11 -95.13
N GLY G 377 44.35 -8.64 -96.38
CA GLY G 377 45.54 -7.95 -96.83
C GLY G 377 45.65 -7.94 -98.34
N PHE G 378 46.39 -6.99 -98.89
CA PHE G 378 46.47 -6.81 -100.33
C PHE G 378 47.91 -6.72 -100.78
N SER G 379 48.09 -6.61 -102.10
CA SER G 379 49.40 -6.45 -102.72
C SER G 379 49.21 -5.68 -104.02
N GLN G 380 50.24 -5.68 -104.87
CA GLN G 380 50.14 -5.08 -106.18
C GLN G 380 50.73 -6.04 -107.20
N ASP G 381 50.21 -5.98 -108.43
CA ASP G 381 50.54 -6.94 -109.47
C ASP G 381 51.67 -6.37 -110.31
N HIS G 382 52.87 -6.95 -110.17
CA HIS G 382 54.03 -6.51 -110.93
C HIS G 382 54.03 -7.03 -112.37
N THR G 383 53.26 -8.08 -112.65
CA THR G 383 53.14 -8.61 -113.99
C THR G 383 52.34 -7.65 -114.87
N PRO G 384 52.49 -7.73 -116.19
CA PRO G 384 51.66 -6.89 -117.07
C PRO G 384 50.18 -7.20 -117.02
N PHE G 385 49.79 -8.37 -116.51
CA PHE G 385 48.38 -8.68 -116.34
C PHE G 385 47.72 -7.71 -115.36
N THR G 386 46.56 -7.19 -115.74
CA THR G 386 45.74 -6.35 -114.87
C THR G 386 46.56 -5.21 -114.26
N GLU G 387 47.00 -4.33 -115.16
CA GLU G 387 47.89 -3.24 -114.78
C GLU G 387 47.38 -2.48 -113.56
N GLY G 388 48.24 -2.36 -112.56
CA GLY G 388 47.92 -1.60 -111.36
C GLY G 388 46.88 -2.20 -110.46
N ALA G 389 46.44 -3.42 -110.72
CA ALA G 389 45.41 -4.04 -109.89
C ALA G 389 45.97 -4.41 -108.52
N ASN G 390 45.11 -4.31 -107.51
CA ASN G 390 45.47 -4.65 -106.13
C ASN G 390 44.85 -6.01 -105.82
N LEU G 391 45.67 -7.06 -105.81
CA LEU G 391 45.21 -8.40 -105.55
C LEU G 391 45.15 -8.67 -104.05
N ARG G 392 44.26 -9.59 -103.67
CA ARG G 392 44.05 -9.94 -102.27
C ARG G 392 44.73 -11.27 -101.96
N SER G 393 45.30 -11.37 -100.77
CA SER G 393 45.95 -12.58 -100.30
C SER G 393 45.19 -13.16 -99.11
N LEU G 394 45.15 -14.49 -99.02
CA LEU G 394 44.50 -15.17 -97.92
C LEU G 394 45.47 -16.17 -97.29
N PRO G 395 45.33 -16.45 -95.98
CA PRO G 395 46.28 -17.35 -95.32
C PRO G 395 46.12 -18.80 -95.74
N GLY G 396 46.96 -19.67 -95.19
CA GLY G 396 46.93 -21.08 -95.51
C GLY G 396 48.29 -21.60 -95.92
N PRO G 397 48.41 -22.91 -96.11
CA PRO G 397 49.70 -23.48 -96.54
C PRO G 397 50.14 -22.96 -97.90
N ASP G 398 49.21 -22.68 -98.80
CA ASP G 398 49.55 -22.17 -100.12
C ASP G 398 48.44 -21.26 -100.61
N ALA G 399 48.78 -20.37 -101.54
CA ALA G 399 47.81 -19.47 -102.15
C ALA G 399 47.98 -19.35 -103.65
N GLU G 400 48.94 -20.06 -104.26
CA GLU G 400 49.15 -19.96 -105.69
C GLU G 400 47.93 -20.42 -106.47
N LYS G 401 47.29 -21.50 -106.01
CA LYS G 401 46.05 -21.94 -106.65
C LYS G 401 44.95 -20.91 -106.48
N TRP G 402 44.90 -20.24 -105.32
CA TRP G 402 43.84 -19.27 -105.08
C TRP G 402 44.02 -18.04 -105.96
N TYR G 403 45.27 -17.62 -106.21
CA TYR G 403 45.49 -16.48 -107.09
C TYR G 403 44.98 -16.73 -108.50
N SER G 404 44.86 -18.00 -108.91
CA SER G 404 44.30 -18.32 -110.22
C SER G 404 42.80 -18.56 -110.16
N ILE G 405 42.31 -19.17 -109.08
CA ILE G 405 40.88 -19.45 -108.97
C ILE G 405 40.08 -18.16 -108.77
N MET G 406 40.59 -17.24 -107.94
CA MET G 406 39.82 -16.06 -107.57
C MET G 406 39.58 -15.12 -108.74
N TYR G 407 40.58 -14.93 -109.61
CA TYR G 407 40.54 -13.89 -110.65
C TYR G 407 40.52 -14.56 -112.02
N PRO G 408 39.34 -14.89 -112.53
CA PRO G 408 39.28 -15.53 -113.86
C PRO G 408 39.84 -14.68 -114.98
N THR G 409 39.69 -13.35 -114.89
CA THR G 409 40.11 -12.46 -115.97
C THR G 409 41.56 -12.00 -115.84
N ARG G 410 42.37 -12.73 -115.08
CA ARG G 410 43.80 -12.44 -115.00
C ARG G 410 44.64 -13.37 -115.86
N MET G 411 44.12 -14.54 -116.22
CA MET G 411 44.88 -15.48 -117.04
C MET G 411 45.12 -14.91 -118.44
N GLY G 412 46.25 -15.28 -119.03
CA GLY G 412 46.53 -14.91 -120.40
C GLY G 412 45.62 -15.63 -121.37
N THR G 413 45.59 -15.12 -122.60
CA THR G 413 44.68 -15.61 -123.63
C THR G 413 45.45 -15.97 -124.90
N PRO G 414 46.19 -17.08 -124.89
CA PRO G 414 46.94 -17.47 -126.09
C PRO G 414 46.14 -18.32 -127.07
N ASN G 415 45.18 -19.08 -126.58
CA ASN G 415 44.53 -20.13 -127.35
C ASN G 415 43.25 -19.61 -128.01
N VAL G 416 42.45 -20.54 -128.53
CA VAL G 416 41.13 -20.24 -129.05
C VAL G 416 40.17 -21.18 -128.33
N SER G 417 40.58 -21.64 -127.14
CA SER G 417 39.74 -22.51 -126.34
C SER G 417 38.55 -21.73 -125.78
N LYS G 418 37.60 -22.48 -125.21
CA LYS G 418 36.40 -21.84 -124.66
C LYS G 418 36.74 -20.94 -123.48
N ILE G 419 37.61 -21.42 -122.58
CA ILE G 419 38.01 -20.61 -121.43
C ILE G 419 38.74 -19.36 -121.90
N CYS G 420 39.64 -19.50 -122.86
CA CYS G 420 40.37 -18.35 -123.39
C CYS G 420 39.43 -17.36 -124.06
N ASN G 421 38.45 -17.85 -124.82
CA ASN G 421 37.49 -16.96 -125.45
C ASN G 421 36.68 -16.20 -124.40
N PHE G 422 36.26 -16.89 -123.34
CA PHE G 422 35.50 -16.22 -122.28
C PHE G 422 36.35 -15.15 -121.60
N VAL G 423 37.62 -15.47 -121.30
CA VAL G 423 38.49 -14.50 -120.65
C VAL G 423 38.72 -13.28 -121.55
N ALA G 424 38.90 -13.52 -122.85
CA ALA G 424 39.05 -12.41 -123.78
C ALA G 424 37.79 -11.56 -123.86
N SER G 425 36.62 -12.20 -123.83
CA SER G 425 35.36 -11.46 -123.85
C SER G 425 35.10 -10.69 -122.56
N CYS G 426 35.73 -11.10 -121.46
CA CYS G 426 35.53 -10.39 -120.19
C CYS G 426 36.05 -8.96 -120.23
N VAL G 427 35.81 -8.21 -119.15
CA VAL G 427 36.22 -6.81 -119.05
C VAL G 427 37.50 -6.74 -118.22
N ARG G 428 38.46 -5.94 -118.69
CA ARG G 428 39.81 -5.99 -118.13
C ARG G 428 39.91 -5.28 -116.78
N ASN G 429 39.14 -4.23 -116.56
CA ASN G 429 39.35 -3.34 -115.42
C ASN G 429 38.45 -3.64 -114.23
N ARG G 430 38.16 -4.92 -113.98
CA ARG G 430 37.43 -5.35 -112.78
C ARG G 430 38.22 -6.48 -112.14
N VAL G 431 39.21 -6.11 -111.31
CA VAL G 431 40.08 -7.06 -110.63
C VAL G 431 40.39 -6.53 -109.24
N GLY G 432 40.18 -7.35 -108.22
CA GLY G 432 40.61 -6.99 -106.89
C GLY G 432 39.87 -5.80 -106.29
N ARG G 433 40.56 -5.14 -105.36
CA ARG G 433 39.97 -4.01 -104.66
C ARG G 433 39.76 -2.83 -105.59
N PHE G 434 38.65 -2.12 -105.40
CA PHE G 434 38.40 -0.88 -106.12
C PHE G 434 37.96 0.26 -105.19
N ASP G 435 37.64 -0.02 -103.94
CA ASP G 435 37.22 1.01 -103.00
C ASP G 435 37.68 0.62 -101.60
N ARG G 436 37.85 1.62 -100.75
CA ARG G 436 38.35 1.40 -99.40
C ARG G 436 37.97 2.60 -98.54
N ALA G 437 38.07 2.41 -97.22
CA ALA G 437 37.74 3.45 -96.24
C ALA G 437 38.92 3.57 -95.28
N GLN G 438 39.88 4.41 -95.63
CA GLN G 438 41.04 4.64 -94.79
C GLN G 438 40.79 5.86 -93.91
N MET G 439 40.89 5.68 -92.60
CA MET G 439 40.61 6.74 -91.64
C MET G 439 41.85 7.26 -90.93
N MET G 440 42.79 6.38 -90.59
CA MET G 440 44.00 6.77 -89.87
C MET G 440 45.22 6.16 -90.54
N ASN G 441 46.26 6.97 -90.71
CA ASN G 441 47.52 6.49 -91.26
C ASN G 441 48.13 5.45 -90.34
N GLY G 442 48.69 4.38 -90.92
CA GLY G 442 49.26 3.31 -90.14
C GLY G 442 48.23 2.52 -89.35
N ALA G 443 47.09 2.25 -89.98
CA ALA G 443 46.03 1.49 -89.32
C ALA G 443 45.27 0.71 -90.38
N MET G 444 44.55 -0.32 -89.92
CA MET G 444 43.78 -1.15 -90.83
C MET G 444 42.63 -0.35 -91.44
N SER G 445 42.42 -0.54 -92.73
CA SER G 445 41.25 0.04 -93.39
C SER G 445 39.99 -0.59 -92.82
N GLU G 446 38.93 0.22 -92.69
CA GLU G 446 37.73 -0.24 -92.02
C GLU G 446 37.03 -1.32 -92.84
N TRP G 447 36.83 -1.08 -94.13
CA TRP G 447 36.20 -2.07 -94.99
C TRP G 447 36.61 -1.79 -96.42
N VAL G 448 36.67 -2.84 -97.23
CA VAL G 448 37.05 -2.74 -98.64
C VAL G 448 36.02 -3.46 -99.49
N ASP G 449 35.93 -3.03 -100.75
CA ASP G 449 35.06 -3.65 -101.74
C ASP G 449 35.93 -4.20 -102.87
N VAL G 450 35.82 -5.50 -103.12
CA VAL G 450 36.69 -6.18 -104.07
C VAL G 450 35.84 -6.97 -105.07
N PHE G 451 36.44 -7.27 -106.21
CA PHE G 451 35.89 -8.21 -107.17
C PHE G 451 36.66 -9.52 -107.06
N GLU G 452 35.94 -10.61 -106.82
CA GLU G 452 36.55 -11.93 -106.77
C GLU G 452 35.45 -12.97 -106.95
N THR G 453 35.88 -14.20 -107.23
CA THR G 453 34.95 -15.31 -107.37
C THR G 453 34.13 -15.49 -106.10
N SER G 454 32.82 -15.38 -106.21
CA SER G 454 31.94 -15.45 -105.05
C SER G 454 30.61 -16.04 -105.50
N ASP G 455 29.59 -15.91 -104.65
CA ASP G 455 28.26 -16.41 -104.94
C ASP G 455 27.25 -15.40 -104.40
N ALA G 456 26.29 -15.02 -105.24
CA ALA G 456 25.34 -13.99 -104.87
C ALA G 456 24.51 -14.41 -103.66
N LEU G 457 24.14 -15.69 -103.59
CA LEU G 457 23.29 -16.16 -102.50
C LEU G 457 23.99 -16.00 -101.15
N THR G 458 25.21 -16.52 -101.04
CA THR G 458 25.93 -16.40 -99.77
C THR G 458 26.33 -14.96 -99.49
N VAL G 459 26.62 -14.17 -100.53
CA VAL G 459 26.90 -12.75 -100.32
C VAL G 459 25.69 -12.06 -99.71
N SER G 460 24.49 -12.35 -100.21
CA SER G 460 23.28 -11.76 -99.66
C SER G 460 23.03 -12.23 -98.23
N ILE G 461 23.27 -13.52 -97.96
CA ILE G 461 23.05 -14.04 -96.61
C ILE G 461 23.98 -13.33 -95.62
N ARG G 462 25.28 -13.27 -95.95
CA ARG G 462 26.23 -12.63 -95.06
C ARG G 462 25.97 -11.12 -94.95
N GLY G 463 25.49 -10.49 -96.03
CA GLY G 463 25.15 -9.08 -95.96
C GLY G 463 23.99 -8.81 -95.03
N ARG G 464 22.95 -9.65 -95.08
CA ARG G 464 21.83 -9.48 -94.16
C ARG G 464 22.25 -9.76 -92.71
N TRP G 465 23.13 -10.75 -92.51
CA TRP G 465 23.64 -11.00 -91.16
C TRP G 465 24.40 -9.78 -90.64
N MET G 466 25.24 -9.20 -91.49
CA MET G 466 25.97 -7.99 -91.11
C MET G 466 25.02 -6.83 -90.85
N ALA G 467 23.94 -6.73 -91.64
CA ALA G 467 22.96 -5.67 -91.40
C ALA G 467 22.29 -5.83 -90.05
N ARG G 468 21.94 -7.06 -89.68
CA ARG G 468 21.34 -7.30 -88.36
C ARG G 468 22.31 -6.93 -87.25
N LEU G 469 23.57 -7.34 -87.38
CA LEU G 469 24.55 -7.01 -86.34
C LEU G 469 24.81 -5.51 -86.27
N ALA G 470 24.83 -4.83 -87.42
CA ALA G 470 25.03 -3.39 -87.43
C ALA G 470 23.85 -2.68 -86.78
N ARG G 471 22.64 -3.19 -86.97
CA ARG G 471 21.50 -2.68 -86.23
C ARG G 471 21.68 -2.90 -84.74
N MET G 472 22.27 -4.04 -84.37
CA MET G 472 22.55 -4.33 -82.96
C MET G 472 23.65 -3.43 -82.37
N ASN G 473 24.51 -2.85 -83.21
CA ASN G 473 25.72 -2.21 -82.73
C ASN G 473 25.42 -1.06 -81.77
N ILE G 474 26.29 -0.91 -80.76
CA ILE G 474 26.24 0.18 -79.80
C ILE G 474 27.62 0.80 -79.67
N ASN G 475 27.72 1.82 -78.83
CA ASN G 475 28.97 2.54 -78.64
C ASN G 475 29.26 2.83 -77.17
N PRO G 476 30.52 3.10 -76.84
CA PRO G 476 30.89 3.34 -75.43
C PRO G 476 30.14 4.49 -74.78
N THR G 477 29.71 5.50 -75.52
CA THR G 477 28.96 6.60 -74.91
C THR G 477 27.63 6.10 -74.35
N GLU G 478 26.88 5.35 -75.15
CA GLU G 478 25.63 4.77 -74.65
C GLU G 478 25.90 3.75 -73.55
N ILE G 479 27.01 3.00 -73.66
CA ILE G 479 27.33 2.05 -72.59
C ILE G 479 27.55 2.79 -71.27
N GLU G 480 28.32 3.89 -71.32
CA GLU G 480 28.57 4.68 -70.12
C GLU G 480 27.28 5.27 -69.56
N TRP G 481 26.44 5.82 -70.43
CA TRP G 481 25.18 6.41 -69.96
C TRP G 481 24.30 5.35 -69.30
N ALA G 482 24.19 4.17 -69.91
CA ALA G 482 23.38 3.11 -69.34
C ALA G 482 23.92 2.64 -68.00
N LEU G 483 25.24 2.45 -67.91
CA LEU G 483 25.84 2.01 -66.66
C LEU G 483 25.63 3.03 -65.55
N THR G 484 25.80 4.32 -65.88
CA THR G 484 25.59 5.36 -64.87
C THR G 484 24.13 5.41 -64.42
N GLU G 485 23.20 5.31 -65.37
CA GLU G 485 21.78 5.32 -65.00
C GLU G 485 21.43 4.13 -64.13
N CYS G 486 21.96 2.94 -64.44
CA CYS G 486 21.71 1.77 -63.61
C CYS G 486 22.31 1.93 -62.22
N ALA G 487 23.52 2.50 -62.13
CA ALA G 487 24.15 2.69 -60.84
C ALA G 487 23.52 3.81 -60.04
N GLN G 488 22.73 4.67 -60.68
CA GLN G 488 22.09 5.81 -60.02
C GLN G 488 23.12 6.76 -59.39
N GLY G 489 24.28 6.86 -60.05
CA GLY G 489 25.32 7.78 -59.63
C GLY G 489 26.30 7.23 -58.61
N TYR G 490 26.05 6.04 -58.06
CA TYR G 490 26.97 5.49 -57.08
C TYR G 490 28.26 5.01 -57.72
N VAL G 491 28.21 4.59 -58.99
CA VAL G 491 29.38 4.15 -59.72
C VAL G 491 29.50 5.01 -60.97
N THR G 492 30.70 5.56 -61.19
CA THR G 492 30.96 6.43 -62.33
C THR G 492 31.93 5.72 -63.27
N VAL G 493 31.53 5.59 -64.53
CA VAL G 493 32.37 5.00 -65.56
C VAL G 493 32.70 6.05 -66.60
N THR G 494 33.81 5.85 -67.29
CA THR G 494 34.31 6.81 -68.27
C THR G 494 34.32 6.19 -69.67
N SER G 495 34.45 7.07 -70.67
CA SER G 495 34.48 6.64 -72.06
C SER G 495 35.42 7.56 -72.82
N PRO G 496 36.15 7.07 -73.81
CA PRO G 496 37.06 7.94 -74.56
C PRO G 496 36.29 8.92 -75.44
N TYR G 497 36.93 10.05 -75.72
CA TYR G 497 36.38 11.08 -76.61
C TYR G 497 37.45 11.36 -77.67
N ALA G 498 37.44 10.57 -78.73
CA ALA G 498 38.44 10.66 -79.79
C ALA G 498 37.98 9.78 -80.95
N PRO G 499 38.49 10.02 -82.17
CA PRO G 499 38.17 9.13 -83.29
C PRO G 499 38.53 7.68 -83.00
N SER G 500 37.53 6.82 -82.93
CA SER G 500 37.73 5.43 -82.56
C SER G 500 38.09 4.61 -83.80
N VAL G 501 38.08 3.29 -83.66
CA VAL G 501 38.41 2.38 -84.75
C VAL G 501 37.16 1.59 -85.18
N ASN G 502 35.98 2.09 -84.83
CA ASN G 502 34.70 1.49 -85.22
C ASN G 502 34.58 0.05 -84.72
N ARG G 503 34.53 -0.06 -83.40
CA ARG G 503 34.31 -1.35 -82.75
C ARG G 503 32.95 -1.92 -83.17
N LEU G 504 32.73 -3.18 -82.81
CA LEU G 504 31.47 -3.86 -83.08
C LEU G 504 31.01 -4.55 -81.80
N MET G 505 29.96 -4.01 -81.19
CA MET G 505 29.41 -4.54 -79.94
C MET G 505 27.91 -4.74 -80.13
N PRO G 506 27.51 -5.87 -80.70
CA PRO G 506 26.09 -6.09 -80.99
C PRO G 506 25.28 -6.51 -79.77
N TYR G 507 24.83 -5.54 -78.96
CA TYR G 507 24.19 -5.89 -77.71
C TYR G 507 22.78 -5.33 -77.55
N ARG G 508 22.49 -4.17 -78.14
CA ARG G 508 21.17 -3.57 -78.00
C ARG G 508 20.15 -4.41 -78.76
N ILE G 509 19.05 -4.77 -78.10
CA ILE G 509 17.99 -5.56 -78.70
C ILE G 509 16.67 -4.82 -78.54
N SER G 510 15.73 -5.14 -79.42
CA SER G 510 14.43 -4.48 -79.37
C SER G 510 13.64 -4.97 -78.17
N ASN G 511 12.51 -4.31 -77.90
CA ASN G 511 11.75 -4.55 -76.68
C ASN G 511 10.91 -5.82 -76.73
N ALA G 512 10.63 -6.35 -77.92
CA ALA G 512 9.76 -7.52 -78.02
C ALA G 512 10.46 -8.81 -77.59
N GLU G 513 11.75 -8.96 -77.94
CA GLU G 513 12.47 -10.17 -77.58
C GLU G 513 12.62 -10.30 -76.08
N ARG G 514 12.78 -9.17 -75.36
CA ARG G 514 12.86 -9.25 -73.91
C ARG G 514 11.58 -9.81 -73.32
N GLN G 515 10.42 -9.34 -73.79
CA GLN G 515 9.15 -9.85 -73.29
C GLN G 515 8.96 -11.31 -73.66
N ILE G 516 9.33 -11.69 -74.88
CA ILE G 516 9.19 -13.08 -75.30
C ILE G 516 10.06 -14.00 -74.44
N SER G 517 11.30 -13.59 -74.19
CA SER G 517 12.19 -14.39 -73.35
C SER G 517 11.69 -14.46 -71.91
N GLN G 518 11.15 -13.35 -71.40
CA GLN G 518 10.58 -13.38 -70.06
C GLN G 518 9.41 -14.36 -69.98
N ILE G 519 8.55 -14.36 -71.00
CA ILE G 519 7.42 -15.27 -71.02
C ILE G 519 7.90 -16.72 -71.08
N ILE G 520 8.94 -16.98 -71.88
CA ILE G 520 9.48 -18.33 -71.99
C ILE G 520 10.08 -18.77 -70.65
N ARG G 521 10.78 -17.87 -69.97
CA ARG G 521 11.35 -18.20 -68.66
C ARG G 521 10.24 -18.48 -67.64
N VAL G 522 9.17 -17.68 -67.67
CA VAL G 522 8.04 -17.92 -66.78
C VAL G 522 7.40 -19.27 -67.08
N MET G 523 7.29 -19.62 -68.36
CA MET G 523 6.79 -20.93 -68.75
C MET G 523 7.66 -22.05 -68.21
N ASN G 524 8.98 -21.87 -68.28
CA ASN G 524 9.89 -22.86 -67.71
C ASN G 524 9.70 -22.99 -66.19
N ILE G 525 9.50 -21.86 -65.52
CA ILE G 525 9.27 -21.86 -64.07
C ILE G 525 7.79 -22.17 -63.86
N GLY G 526 7.46 -23.45 -63.71
CA GLY G 526 6.08 -23.85 -63.55
C GLY G 526 5.62 -23.81 -62.11
N ASN G 527 5.06 -24.92 -61.63
CA ASN G 527 4.64 -25.05 -60.23
C ASN G 527 5.68 -25.77 -59.38
N ASN G 528 6.96 -25.64 -59.73
CA ASN G 528 8.04 -26.29 -59.00
C ASN G 528 8.81 -25.24 -58.23
N ALA G 529 8.90 -25.40 -56.91
CA ALA G 529 9.58 -24.41 -56.08
C ALA G 529 11.09 -24.50 -56.25
N THR G 530 11.62 -25.72 -56.39
CA THR G 530 13.06 -25.94 -56.47
C THR G 530 13.70 -25.30 -57.70
N VAL G 531 12.92 -24.92 -58.70
CA VAL G 531 13.48 -24.21 -59.85
C VAL G 531 13.91 -22.80 -59.47
N ILE G 532 13.13 -22.12 -58.63
CA ILE G 532 13.35 -20.70 -58.38
C ILE G 532 13.92 -20.42 -56.98
N GLN G 533 13.80 -21.36 -56.04
CA GLN G 533 14.39 -21.14 -54.72
C GLN G 533 15.89 -20.85 -54.77
N PRO G 534 16.71 -21.55 -55.56
CA PRO G 534 18.12 -21.14 -55.66
C PRO G 534 18.31 -19.73 -56.18
N VAL G 535 17.42 -19.24 -57.06
CA VAL G 535 17.53 -17.86 -57.52
C VAL G 535 17.33 -16.90 -56.34
N LEU G 536 16.34 -17.17 -55.51
CA LEU G 536 16.12 -16.34 -54.33
C LEU G 536 17.32 -16.39 -53.39
N GLN G 537 17.90 -17.58 -53.19
CA GLN G 537 19.07 -17.68 -52.33
C GLN G 537 20.26 -16.91 -52.91
N ASP G 538 20.45 -16.98 -54.23
CA ASP G 538 21.54 -16.26 -54.87
C ASP G 538 21.35 -14.75 -54.73
N ILE G 539 20.13 -14.26 -54.95
CA ILE G 539 19.88 -12.83 -54.77
C ILE G 539 20.08 -12.43 -53.32
N SER G 540 19.72 -13.32 -52.38
CA SER G 540 19.93 -13.03 -50.97
C SER G 540 21.41 -12.88 -50.64
N VAL G 541 22.23 -13.84 -51.08
CA VAL G 541 23.66 -13.76 -50.76
C VAL G 541 24.31 -12.60 -51.49
N LEU G 542 23.78 -12.21 -52.65
CA LEU G 542 24.30 -11.04 -53.34
C LEU G 542 23.96 -9.76 -52.58
N LEU G 543 22.72 -9.65 -52.11
CA LEU G 543 22.30 -8.49 -51.32
C LEU G 543 23.04 -8.41 -49.99
N GLN G 544 23.48 -9.55 -49.46
CA GLN G 544 24.26 -9.54 -48.23
C GLN G 544 25.56 -8.77 -48.41
N ARG G 545 26.20 -8.90 -49.58
CA ARG G 545 27.46 -8.20 -49.83
C ARG G 545 27.30 -6.69 -49.86
N ILE G 546 26.10 -6.19 -50.12
CA ILE G 546 25.86 -4.76 -50.31
C ILE G 546 25.25 -4.12 -49.07
N SER G 547 24.29 -4.79 -48.44
CA SER G 547 23.54 -4.17 -47.36
C SER G 547 24.46 -3.83 -46.19
N PRO G 548 24.42 -2.60 -45.68
CA PRO G 548 25.22 -2.25 -44.50
C PRO G 548 24.54 -2.60 -43.18
N LEU G 549 23.34 -3.17 -43.20
CA LEU G 549 22.61 -3.49 -41.98
C LEU G 549 23.23 -4.70 -41.32
N GLN G 550 23.92 -4.49 -40.21
CA GLN G 550 24.56 -5.56 -39.44
C GLN G 550 23.78 -5.81 -38.16
N ILE G 551 23.64 -7.08 -37.80
CA ILE G 551 22.98 -7.45 -36.56
C ILE G 551 24.00 -7.56 -35.43
N ASP G 552 23.65 -6.98 -34.30
CA ASP G 552 24.20 -7.37 -33.00
C ASP G 552 23.00 -7.95 -32.25
N PRO G 553 22.87 -9.28 -32.20
CA PRO G 553 21.63 -9.87 -31.69
C PRO G 553 21.46 -9.71 -30.19
N THR G 554 22.49 -9.15 -29.54
CA THR G 554 22.44 -8.89 -28.12
C THR G 554 21.59 -7.67 -27.76
N ILE G 555 21.01 -6.98 -28.74
CA ILE G 555 20.17 -5.82 -28.44
C ILE G 555 18.97 -6.23 -27.60
N ILE G 556 18.28 -7.31 -28.01
CA ILE G 556 17.11 -7.76 -27.27
C ILE G 556 17.49 -8.19 -25.87
N SER G 557 18.60 -8.93 -25.74
CA SER G 557 19.03 -9.39 -24.42
C SER G 557 19.38 -8.21 -23.52
N ASN G 558 20.11 -7.23 -24.06
CA ASN G 558 20.49 -6.07 -23.25
C ASN G 558 19.29 -5.25 -22.84
N THR G 559 18.33 -5.05 -23.74
CA THR G 559 17.16 -4.27 -23.40
C THR G 559 16.16 -5.04 -22.55
N MET G 560 16.27 -6.36 -22.49
CA MET G 560 15.38 -7.15 -21.65
C MET G 560 15.99 -7.53 -20.30
N SER G 561 17.30 -7.36 -20.15
CA SER G 561 17.94 -7.67 -18.86
C SER G 561 17.40 -6.77 -17.75
N THR G 562 17.23 -5.48 -18.04
CA THR G 562 16.80 -4.52 -17.02
C THR G 562 15.28 -4.34 -17.07
N VAL G 563 14.59 -5.40 -16.68
CA VAL G 563 13.14 -5.39 -16.55
C VAL G 563 12.80 -5.79 -15.12
N SER G 564 12.00 -4.97 -14.45
CA SER G 564 11.69 -5.18 -13.04
C SER G 564 10.65 -6.28 -12.89
N GLU G 565 11.00 -7.31 -12.11
CA GLU G 565 10.07 -8.38 -11.80
C GLU G 565 10.52 -9.05 -10.51
N SER G 566 9.57 -9.66 -9.82
CA SER G 566 9.86 -10.33 -8.56
C SER G 566 10.32 -11.77 -8.81
N THR G 567 11.23 -12.23 -7.96
CA THR G 567 11.71 -13.60 -8.06
C THR G 567 10.63 -14.60 -7.70
N THR G 568 9.69 -14.21 -6.84
CA THR G 568 8.64 -15.13 -6.39
C THR G 568 7.65 -15.49 -7.49
N GLN G 569 7.56 -14.68 -8.54
CA GLN G 569 6.61 -14.97 -9.61
C GLN G 569 7.09 -16.16 -10.44
N THR G 570 6.15 -16.76 -11.18
CA THR G 570 6.38 -18.01 -11.88
C THR G 570 6.11 -17.90 -13.38
N LEU G 571 6.15 -16.70 -13.94
CA LEU G 571 5.97 -16.63 -15.39
C LEU G 571 7.11 -15.93 -16.11
N SER G 572 7.67 -14.86 -15.53
CA SER G 572 8.86 -14.19 -16.06
C SER G 572 8.71 -13.83 -17.54
N PRO G 573 7.93 -12.80 -17.87
CA PRO G 573 7.70 -12.49 -19.29
C PRO G 573 8.97 -12.22 -20.07
N ALA G 574 10.00 -11.67 -19.44
CA ALA G 574 11.27 -11.45 -20.13
C ALA G 574 11.88 -12.79 -20.55
N SER G 575 11.94 -13.75 -19.63
CA SER G 575 12.45 -15.07 -19.99
C SER G 575 11.58 -15.72 -21.04
N SER G 576 10.26 -15.55 -20.95
CA SER G 576 9.36 -16.13 -21.93
C SER G 576 9.64 -15.60 -23.33
N ILE G 577 9.78 -14.27 -23.46
CA ILE G 577 10.02 -13.69 -24.77
C ILE G 577 11.40 -14.06 -25.29
N LEU G 578 12.40 -14.12 -24.41
CA LEU G 578 13.73 -14.53 -24.87
C LEU G 578 13.73 -15.98 -25.36
N GLY G 579 13.08 -16.88 -24.62
CA GLY G 579 13.00 -18.26 -25.05
C GLY G 579 12.16 -18.46 -26.29
N LYS G 580 11.19 -17.58 -26.52
CA LYS G 580 10.40 -17.65 -27.74
C LYS G 580 11.19 -17.14 -28.94
N LEU G 581 11.95 -16.06 -28.76
CA LEU G 581 12.69 -15.48 -29.88
C LEU G 581 13.90 -16.32 -30.25
N ARG G 582 14.64 -16.80 -29.24
CA ARG G 582 15.87 -17.57 -29.47
C ARG G 582 16.81 -16.83 -30.41
N PRO G 583 17.42 -15.74 -29.97
CA PRO G 583 18.26 -14.95 -30.88
C PRO G 583 19.49 -15.70 -31.37
N SER G 584 19.53 -15.98 -32.66
CA SER G 584 20.63 -16.67 -33.31
C SER G 584 21.34 -15.72 -34.29
N ASN G 585 22.32 -16.26 -35.01
CA ASN G 585 23.09 -15.49 -35.98
C ASN G 585 22.75 -15.81 -37.42
N SER G 586 22.38 -17.05 -37.73
CA SER G 586 22.05 -17.46 -39.08
C SER G 586 20.59 -17.22 -39.45
N ASP G 587 19.79 -16.68 -38.53
CA ASP G 587 18.38 -16.45 -38.80
C ASP G 587 18.16 -15.11 -39.50
N PHE G 588 18.89 -14.88 -40.59
CA PHE G 588 18.72 -13.67 -41.39
C PHE G 588 18.67 -13.93 -42.89
N SER G 589 19.06 -15.12 -43.35
CA SER G 589 18.79 -15.49 -44.73
C SER G 589 17.30 -15.49 -45.01
N SER G 590 16.48 -15.75 -43.99
CA SER G 590 15.04 -15.65 -44.15
C SER G 590 14.61 -14.21 -44.46
N PHE G 591 15.22 -13.24 -43.79
CA PHE G 591 14.90 -11.84 -44.06
C PHE G 591 15.40 -11.43 -45.45
N ARG G 592 16.61 -11.86 -45.82
CA ARG G 592 17.07 -11.70 -47.19
C ARG G 592 16.06 -12.25 -48.21
N VAL G 593 15.56 -13.47 -47.99
CA VAL G 593 14.64 -14.08 -48.95
C VAL G 593 13.31 -13.34 -48.96
N ALA G 594 12.86 -12.87 -47.79
CA ALA G 594 11.63 -12.08 -47.73
C ALA G 594 11.77 -10.81 -48.55
N LEU G 595 12.91 -10.14 -48.45
CA LEU G 595 13.16 -8.97 -49.30
C LEU G 595 13.23 -9.35 -50.77
N ALA G 596 13.87 -10.48 -51.09
CA ALA G 596 14.06 -10.89 -52.48
C ALA G 596 12.76 -11.31 -53.15
N GLY G 597 11.77 -11.78 -52.38
CA GLY G 597 10.50 -12.18 -52.97
C GLY G 597 9.70 -11.04 -53.53
N TRP G 598 10.02 -9.80 -53.14
CA TRP G 598 9.30 -8.64 -53.66
C TRP G 598 9.46 -8.53 -55.17
N LEU G 599 10.67 -8.79 -55.67
CA LEU G 599 10.93 -8.70 -57.10
C LEU G 599 10.23 -9.77 -57.90
N TYR G 600 9.93 -10.92 -57.30
CA TYR G 600 9.33 -12.04 -58.01
C TYR G 600 7.95 -12.40 -57.44
N ASN G 601 7.28 -11.41 -56.85
CA ASN G 601 5.89 -11.53 -56.44
C ASN G 601 5.02 -12.24 -57.48
N GLY G 602 5.28 -11.97 -58.77
CA GLY G 602 4.42 -12.50 -59.82
C GLY G 602 4.36 -14.02 -59.85
N VAL G 603 5.46 -14.69 -59.52
CA VAL G 603 5.52 -16.14 -59.52
C VAL G 603 5.59 -16.71 -58.11
N VAL G 604 6.40 -16.11 -57.24
CA VAL G 604 6.61 -16.61 -55.88
C VAL G 604 5.74 -15.81 -54.92
N THR G 605 4.99 -16.52 -54.08
CA THR G 605 4.16 -15.92 -53.04
C THR G 605 4.72 -16.37 -51.70
N THR G 606 5.55 -15.53 -51.07
CA THR G 606 6.19 -15.89 -49.82
C THR G 606 5.19 -15.85 -48.69
N VAL G 607 4.94 -17.00 -48.08
CA VAL G 607 4.02 -17.11 -46.95
C VAL G 607 4.79 -17.53 -45.71
N ILE G 608 4.09 -17.58 -44.58
CA ILE G 608 4.68 -17.99 -43.31
C ILE G 608 4.27 -19.42 -43.02
N ASP G 609 5.25 -20.25 -42.66
CA ASP G 609 5.02 -21.67 -42.45
C ASP G 609 4.08 -21.87 -41.26
N ASP G 610 3.29 -22.94 -41.34
CA ASP G 610 2.31 -23.22 -40.29
C ASP G 610 2.99 -23.52 -38.96
N SER G 611 4.26 -23.92 -38.98
CA SER G 611 4.97 -24.21 -37.74
C SER G 611 5.04 -22.97 -36.85
N SER G 612 5.06 -21.78 -37.46
CA SER G 612 5.08 -20.55 -36.67
C SER G 612 3.78 -20.34 -35.91
N TYR G 613 2.65 -20.71 -36.50
CA TYR G 613 1.37 -20.56 -35.82
C TYR G 613 1.28 -21.51 -34.64
N PRO G 614 0.67 -21.10 -33.53
CA PRO G 614 0.52 -22.00 -32.39
C PRO G 614 -0.40 -23.16 -32.70
N LYS G 615 -0.17 -24.28 -32.00
CA LYS G 615 -1.03 -25.44 -32.14
C LYS G 615 -2.35 -25.19 -31.42
N ASP G 616 -3.46 -25.41 -32.13
CA ASP G 616 -4.83 -25.17 -31.72
C ASP G 616 -5.14 -23.69 -31.54
N GLY G 617 -4.18 -22.79 -31.77
CA GLY G 617 -4.40 -21.38 -31.60
C GLY G 617 -4.14 -20.87 -30.19
N GLY G 618 -3.93 -21.75 -29.22
CA GLY G 618 -3.66 -21.36 -27.85
C GLY G 618 -4.80 -20.57 -27.26
N SER G 619 -4.45 -19.66 -26.36
CA SER G 619 -5.43 -18.79 -25.72
C SER G 619 -4.74 -17.55 -25.21
N VAL G 620 -5.52 -16.49 -24.97
CA VAL G 620 -4.96 -15.26 -24.46
C VAL G 620 -4.53 -15.41 -23.00
N THR G 621 -5.02 -16.46 -22.33
CA THR G 621 -4.57 -16.73 -20.97
C THR G 621 -3.12 -17.18 -20.94
N SER G 622 -2.58 -17.53 -22.11
CA SER G 622 -1.22 -18.04 -22.20
C SER G 622 -0.24 -16.97 -22.70
N LEU G 623 0.75 -16.68 -21.87
CA LEU G 623 1.79 -15.70 -22.16
C LEU G 623 2.62 -16.09 -23.39
N GLU G 624 2.98 -17.37 -23.50
CA GLU G 624 3.75 -17.82 -24.65
C GLU G 624 2.96 -17.70 -25.94
N ASN G 625 1.65 -18.00 -25.89
CA ASN G 625 0.82 -17.81 -27.07
C ASN G 625 0.67 -16.33 -27.41
N LEU G 626 0.61 -15.47 -26.40
CA LEU G 626 0.59 -14.03 -26.66
C LEU G 626 1.86 -13.59 -27.37
N TRP G 627 3.01 -14.11 -26.94
CA TRP G 627 4.27 -13.75 -27.59
C TRP G 627 4.34 -14.31 -29.01
N ASP G 628 3.76 -15.50 -29.22
CA ASP G 628 3.66 -16.04 -30.58
C ASP G 628 2.82 -15.13 -31.46
N PHE G 629 1.72 -14.61 -30.92
CA PHE G 629 0.92 -13.64 -31.66
C PHE G 629 1.72 -12.40 -31.98
N PHE G 630 2.53 -11.94 -31.02
CA PHE G 630 3.42 -10.81 -31.27
C PHE G 630 4.34 -11.07 -32.47
N ILE G 631 5.00 -12.22 -32.46
CA ILE G 631 5.96 -12.55 -33.51
C ILE G 631 5.25 -12.63 -34.86
N LEU G 632 4.10 -13.29 -34.90
CA LEU G 632 3.35 -13.41 -36.15
C LEU G 632 2.88 -12.04 -36.65
N ALA G 633 2.40 -11.19 -35.74
CA ALA G 633 1.91 -9.88 -36.13
C ALA G 633 3.02 -9.00 -36.70
N LEU G 634 4.22 -9.07 -36.12
CA LEU G 634 5.31 -8.29 -36.71
C LEU G 634 5.83 -8.91 -38.00
N ALA G 635 5.80 -10.24 -38.13
CA ALA G 635 6.37 -10.87 -39.31
C ALA G 635 5.46 -10.76 -40.54
N LEU G 636 4.14 -10.79 -40.34
CA LEU G 636 3.23 -10.86 -41.48
C LEU G 636 3.35 -9.71 -42.49
N PRO G 637 3.49 -8.44 -42.10
CA PRO G 637 3.46 -7.37 -43.11
C PRO G 637 4.57 -7.45 -44.15
N LEU G 638 5.65 -8.18 -43.88
CA LEU G 638 6.79 -8.24 -44.80
C LEU G 638 6.62 -9.29 -45.89
N THR G 639 5.51 -10.03 -45.90
CA THR G 639 5.28 -11.07 -46.89
C THR G 639 4.45 -10.54 -48.05
N THR G 640 4.67 -11.12 -49.23
CA THR G 640 3.96 -10.73 -50.44
C THR G 640 2.60 -11.41 -50.58
N ASP G 641 2.25 -12.29 -49.64
CA ASP G 641 0.97 -12.97 -49.68
C ASP G 641 -0.16 -11.96 -49.58
N PRO G 642 -1.10 -11.93 -50.53
CA PRO G 642 -2.21 -10.98 -50.48
C PRO G 642 -3.28 -11.30 -49.45
N CYS G 643 -3.03 -12.24 -48.53
CA CYS G 643 -3.98 -12.58 -47.49
C CYS G 643 -3.39 -12.43 -46.09
N ALA G 644 -2.22 -11.82 -45.96
CA ALA G 644 -1.68 -11.52 -44.64
C ALA G 644 -2.58 -10.61 -43.82
N PRO G 645 -3.20 -9.55 -44.37
CA PRO G 645 -4.10 -8.73 -43.53
C PRO G 645 -5.22 -9.51 -42.89
N VAL G 646 -5.81 -10.48 -43.59
CA VAL G 646 -6.88 -11.26 -42.98
C VAL G 646 -6.32 -12.36 -42.10
N LYS G 647 -5.13 -12.89 -42.43
CA LYS G 647 -4.55 -13.94 -41.61
C LYS G 647 -4.12 -13.40 -40.24
N ALA G 648 -3.69 -12.15 -40.17
CA ALA G 648 -3.34 -11.57 -38.87
C ALA G 648 -4.58 -11.44 -37.98
N PHE G 649 -5.68 -10.93 -38.55
CA PHE G 649 -6.91 -10.80 -37.80
C PHE G 649 -7.42 -12.15 -37.33
N MET G 650 -7.38 -13.16 -38.20
CA MET G 650 -7.80 -14.49 -37.81
C MET G 650 -6.86 -15.10 -36.77
N THR G 651 -5.56 -14.78 -36.87
CA THR G 651 -4.60 -15.25 -35.88
C THR G 651 -4.94 -14.72 -34.49
N LEU G 652 -5.29 -13.44 -34.39
CA LEU G 652 -5.70 -12.93 -33.09
C LEU G 652 -7.04 -13.55 -32.66
N ALA G 653 -7.99 -13.63 -33.59
CA ALA G 653 -9.33 -14.09 -33.23
C ALA G 653 -9.32 -15.52 -32.72
N ASN G 654 -8.50 -16.38 -33.31
CA ASN G 654 -8.46 -17.78 -32.91
C ASN G 654 -7.95 -17.97 -31.50
N MET G 655 -7.14 -17.04 -30.98
CA MET G 655 -6.62 -17.19 -29.63
C MET G 655 -7.72 -17.07 -28.59
N MET G 656 -8.53 -16.02 -28.68
CA MET G 656 -9.58 -15.76 -27.69
C MET G 656 -10.91 -16.27 -28.26
N VAL G 657 -11.07 -17.59 -28.24
CA VAL G 657 -12.32 -18.23 -28.63
C VAL G 657 -13.10 -18.54 -27.36
N GLY G 658 -14.29 -17.98 -27.25
CA GLY G 658 -15.08 -18.04 -26.03
C GLY G 658 -14.84 -16.87 -25.10
N PHE G 659 -13.75 -16.13 -25.30
CA PHE G 659 -13.53 -14.91 -24.53
C PHE G 659 -14.31 -13.76 -25.15
N GLU G 660 -14.22 -13.62 -26.47
CA GLU G 660 -15.16 -12.82 -27.25
C GLU G 660 -15.41 -13.54 -28.57
N THR G 661 -16.64 -13.46 -29.07
CA THR G 661 -17.03 -14.08 -30.32
C THR G 661 -17.52 -13.03 -31.30
N ILE G 662 -17.29 -13.28 -32.58
CA ILE G 662 -17.73 -12.39 -33.65
C ILE G 662 -18.46 -13.22 -34.70
N PRO G 663 -19.35 -12.58 -35.52
CA PRO G 663 -20.04 -13.43 -36.49
C PRO G 663 -19.17 -13.78 -37.68
N MET G 664 -19.13 -15.04 -38.10
CA MET G 664 -18.20 -15.39 -39.16
C MET G 664 -18.67 -16.22 -40.34
N ASP G 665 -19.49 -15.69 -41.23
CA ASP G 665 -19.83 -16.42 -42.45
C ASP G 665 -20.36 -17.83 -42.30
N ASN G 666 -19.79 -18.79 -43.01
CA ASN G 666 -20.26 -20.15 -42.96
C ASN G 666 -19.83 -20.91 -41.75
N GLN G 667 -20.45 -22.05 -41.47
CA GLN G 667 -20.00 -22.90 -40.37
C GLN G 667 -18.59 -23.48 -40.55
N ILE G 668 -18.23 -23.86 -41.76
CA ILE G 668 -16.91 -24.42 -42.00
C ILE G 668 -15.75 -23.50 -41.70
N TYR G 669 -15.83 -22.23 -42.08
CA TYR G 669 -14.77 -21.27 -41.74
C TYR G 669 -15.23 -20.50 -40.55
N THR G 670 -14.75 -20.84 -39.37
CA THR G 670 -15.29 -20.26 -38.15
C THR G 670 -14.28 -19.57 -37.29
N GLN G 671 -14.71 -19.03 -36.18
CA GLN G 671 -13.82 -18.29 -35.30
C GLN G 671 -12.77 -19.20 -34.72
N SER G 672 -12.97 -20.51 -34.75
CA SER G 672 -11.93 -21.45 -34.31
C SER G 672 -11.15 -22.14 -35.41
N ARG G 673 -11.47 -21.86 -36.67
CA ARG G 673 -10.78 -22.51 -37.77
C ARG G 673 -9.36 -22.02 -37.81
N ARG G 674 -8.43 -22.92 -38.07
CA ARG G 674 -7.04 -22.55 -38.15
C ARG G 674 -6.82 -21.30 -38.93
N ALA G 675 -5.99 -20.42 -38.44
CA ALA G 675 -5.70 -19.13 -39.05
C ALA G 675 -4.98 -19.25 -40.38
N SER G 676 -4.33 -20.38 -40.64
CA SER G 676 -3.58 -20.54 -41.89
C SER G 676 -4.44 -21.04 -43.05
N ALA G 677 -5.74 -21.25 -42.82
CA ALA G 677 -6.64 -21.73 -43.86
C ALA G 677 -7.36 -20.61 -44.59
N PHE G 678 -7.02 -19.35 -44.31
CA PHE G 678 -7.68 -18.19 -44.90
C PHE G 678 -6.88 -17.60 -46.05
N SER G 679 -6.21 -18.43 -46.82
CA SER G 679 -5.20 -18.01 -47.79
C SER G 679 -5.79 -17.56 -49.12
N THR G 680 -7.11 -17.42 -49.23
CA THR G 680 -7.70 -16.99 -50.49
C THR G 680 -8.68 -15.85 -50.25
N PRO G 681 -8.86 -14.97 -51.25
CA PRO G 681 -9.78 -13.84 -51.08
C PRO G 681 -11.21 -14.24 -50.77
N HIS G 682 -11.67 -15.38 -51.30
CA HIS G 682 -13.03 -15.81 -51.05
C HIS G 682 -13.28 -16.15 -49.59
N THR G 683 -12.24 -16.36 -48.81
CA THR G 683 -12.37 -16.75 -47.41
C THR G 683 -12.35 -15.56 -46.45
N TRP G 684 -12.22 -14.34 -46.96
CA TRP G 684 -12.20 -13.17 -46.08
C TRP G 684 -13.54 -13.02 -45.38
N PRO G 685 -13.59 -13.01 -44.06
CA PRO G 685 -14.88 -12.91 -43.36
C PRO G 685 -15.54 -11.55 -43.55
N ARG G 686 -16.87 -11.56 -43.53
CA ARG G 686 -17.62 -10.31 -43.62
C ARG G 686 -17.38 -9.43 -42.40
N CYS G 687 -17.08 -10.03 -41.25
CA CYS G 687 -16.74 -9.23 -40.07
C CYS G 687 -15.46 -8.44 -40.32
N PHE G 688 -14.47 -9.04 -40.96
CA PHE G 688 -13.25 -8.33 -41.30
C PHE G 688 -13.47 -7.34 -42.43
N MET G 689 -14.40 -7.63 -43.35
CA MET G 689 -14.70 -6.69 -44.42
C MET G 689 -15.39 -5.44 -43.88
N ASN G 690 -16.59 -5.60 -43.33
CA ASN G 690 -17.33 -4.51 -42.73
C ASN G 690 -17.03 -4.49 -41.24
N ILE G 691 -16.27 -3.49 -40.80
CA ILE G 691 -15.81 -3.43 -39.42
C ILE G 691 -16.96 -3.24 -38.44
N GLN G 692 -18.09 -2.69 -38.88
CA GLN G 692 -19.19 -2.39 -37.97
C GLN G 692 -19.85 -3.66 -37.42
N LEU G 693 -19.62 -4.82 -38.03
CA LEU G 693 -20.26 -6.04 -37.54
C LEU G 693 -19.71 -6.46 -36.18
N ILE G 694 -18.46 -6.09 -35.88
CA ILE G 694 -17.87 -6.41 -34.58
C ILE G 694 -18.44 -5.44 -33.55
N SER G 695 -19.18 -5.97 -32.59
CA SER G 695 -19.81 -5.13 -31.57
C SER G 695 -18.75 -4.60 -30.60
N PRO G 696 -18.64 -3.29 -30.41
CA PRO G 696 -17.60 -2.74 -29.55
C PRO G 696 -17.91 -2.79 -28.05
N ILE G 697 -18.95 -3.51 -27.64
CA ILE G 697 -19.31 -3.57 -26.23
C ILE G 697 -18.73 -4.83 -25.61
N ASP G 698 -19.17 -6.00 -26.09
CA ASP G 698 -18.66 -7.26 -25.56
C ASP G 698 -17.27 -7.57 -26.10
N ALA G 699 -16.97 -7.18 -27.34
CA ALA G 699 -15.72 -7.50 -28.01
C ALA G 699 -15.06 -6.21 -28.50
N PRO G 700 -14.44 -5.44 -27.61
CA PRO G 700 -13.77 -4.21 -28.05
C PRO G 700 -12.38 -4.48 -28.62
N ILE G 701 -11.73 -5.53 -28.15
CA ILE G 701 -10.36 -5.82 -28.56
C ILE G 701 -10.31 -6.17 -30.05
N LEU G 702 -11.23 -7.02 -30.51
CA LEU G 702 -11.24 -7.39 -31.92
C LEU G 702 -11.56 -6.20 -32.80
N ARG G 703 -12.50 -5.35 -32.37
CA ARG G 703 -12.83 -4.16 -33.14
C ARG G 703 -11.63 -3.22 -33.24
N GLN G 704 -10.91 -3.04 -32.13
CA GLN G 704 -9.73 -2.18 -32.15
C GLN G 704 -8.64 -2.76 -33.03
N TRP G 705 -8.45 -4.09 -33.00
CA TRP G 705 -7.44 -4.71 -33.84
C TRP G 705 -7.81 -4.58 -35.32
N ALA G 706 -9.09 -4.75 -35.66
CA ALA G 706 -9.52 -4.58 -37.04
C ALA G 706 -9.32 -3.14 -37.50
N GLU G 707 -9.62 -2.18 -36.62
CA GLU G 707 -9.38 -0.78 -36.95
C GLU G 707 -7.90 -0.51 -37.18
N ILE G 708 -7.04 -1.09 -36.34
CA ILE G 708 -5.60 -0.92 -36.49
C ILE G 708 -5.13 -1.52 -37.81
N ILE G 709 -5.62 -2.71 -38.16
CA ILE G 709 -5.24 -3.33 -39.43
C ILE G 709 -5.67 -2.46 -40.60
N HIS G 710 -6.91 -1.96 -40.55
CA HIS G 710 -7.42 -1.17 -41.66
C HIS G 710 -6.72 0.18 -41.77
N ARG G 711 -6.20 0.71 -40.67
CA ARG G 711 -5.64 2.06 -40.67
C ARG G 711 -4.13 2.08 -40.90
N TYR G 712 -3.39 1.27 -40.15
CA TYR G 712 -1.93 1.39 -40.07
C TYR G 712 -1.20 0.38 -40.93
N TRP G 713 -1.89 -0.37 -41.77
CA TRP G 713 -1.20 -1.31 -42.65
C TRP G 713 -0.36 -0.55 -43.67
N PRO G 714 0.83 -1.06 -44.01
CA PRO G 714 1.71 -0.33 -44.92
C PRO G 714 1.08 -0.12 -46.29
N ASN G 715 1.51 0.95 -46.95
CA ASN G 715 1.00 1.34 -48.25
C ASN G 715 2.02 1.01 -49.34
N PRO G 716 1.58 0.47 -50.46
CA PRO G 716 2.51 0.16 -51.55
C PRO G 716 3.09 1.41 -52.18
N SER G 717 4.28 1.26 -52.74
CA SER G 717 4.96 2.35 -53.42
C SER G 717 5.76 1.75 -54.57
N GLN G 718 6.67 2.54 -55.14
CA GLN G 718 7.41 2.12 -56.32
C GLN G 718 8.74 2.86 -56.37
N ILE G 719 9.62 2.39 -57.25
CA ILE G 719 10.92 3.03 -57.48
C ILE G 719 11.35 2.74 -58.92
N ARG G 720 11.94 3.74 -59.56
CA ARG G 720 12.45 3.56 -60.91
C ARG G 720 13.75 2.77 -60.89
N TYR G 721 13.90 1.86 -61.85
CA TYR G 721 15.06 0.99 -61.92
C TYR G 721 15.48 0.79 -63.36
N GLY G 722 16.77 0.53 -63.57
CA GLY G 722 17.26 0.14 -64.87
C GLY G 722 17.24 1.26 -65.89
N THR G 723 17.60 0.90 -67.12
CA THR G 723 17.56 1.82 -68.24
C THR G 723 17.05 1.09 -69.47
N PRO G 724 16.13 1.69 -70.23
CA PRO G 724 15.64 1.05 -71.46
C PRO G 724 16.41 1.43 -72.72
N ASN G 725 17.38 2.35 -72.63
CA ASN G 725 18.01 2.88 -73.83
C ASN G 725 18.73 1.79 -74.62
N VAL G 726 19.46 0.92 -73.94
CA VAL G 726 20.19 -0.17 -74.58
C VAL G 726 19.73 -1.53 -74.08
N PHE G 727 19.45 -1.64 -72.78
CA PHE G 727 19.00 -2.92 -72.24
C PHE G 727 17.57 -3.23 -72.68
N GLY G 728 16.70 -2.23 -72.70
CA GLY G 728 15.28 -2.46 -72.88
C GLY G 728 14.60 -2.86 -71.59
N SER G 729 13.28 -2.82 -71.61
CA SER G 729 12.47 -3.13 -70.44
C SER G 729 11.79 -4.47 -70.66
N ALA G 730 12.21 -5.48 -69.89
CA ALA G 730 11.64 -6.82 -69.99
C ALA G 730 10.47 -7.04 -69.05
N ASN G 731 10.13 -6.06 -68.23
CA ASN G 731 9.03 -6.21 -67.28
C ASN G 731 7.70 -6.04 -68.01
N LEU G 732 6.69 -6.76 -67.56
CA LEU G 732 5.37 -6.76 -68.17
C LEU G 732 4.28 -6.85 -67.10
N PHE G 733 3.07 -6.45 -67.48
CA PHE G 733 1.92 -6.18 -66.62
C PHE G 733 2.11 -4.87 -65.85
N THR G 734 3.26 -4.22 -65.98
CA THR G 734 3.56 -2.92 -65.40
C THR G 734 4.20 -2.06 -66.48
N PRO G 735 4.12 -0.74 -66.35
CA PRO G 735 4.78 0.12 -67.33
C PRO G 735 6.27 -0.10 -67.30
N PRO G 736 6.96 0.18 -68.40
CA PRO G 736 8.41 -0.01 -68.44
C PRO G 736 9.12 0.88 -67.43
N GLU G 737 10.23 0.37 -66.89
CA GLU G 737 11.21 1.05 -66.04
C GLU G 737 10.74 1.25 -64.60
N VAL G 738 9.66 0.60 -64.16
CA VAL G 738 9.17 0.78 -62.81
C VAL G 738 9.34 -0.52 -62.03
N LEU G 739 9.43 -0.40 -60.71
CA LEU G 739 9.55 -1.54 -59.80
C LEU G 739 8.70 -1.29 -58.57
N LEU G 740 7.72 -2.15 -58.34
CA LEU G 740 6.78 -1.98 -57.25
C LEU G 740 7.36 -2.49 -55.93
N LEU G 741 6.77 -2.01 -54.84
CA LEU G 741 7.20 -2.37 -53.49
C LEU G 741 5.98 -2.54 -52.60
N PRO G 742 6.08 -3.41 -51.58
CA PRO G 742 4.96 -3.55 -50.63
C PRO G 742 4.87 -2.38 -49.68
N ILE G 743 6.01 -1.89 -49.21
CA ILE G 743 6.05 -0.81 -48.23
C ILE G 743 6.33 0.50 -48.94
N ASP G 744 6.04 1.61 -48.24
CA ASP G 744 6.27 2.93 -48.79
C ASP G 744 7.76 3.27 -48.72
N HIS G 745 8.24 3.99 -49.74
CA HIS G 745 9.65 4.33 -49.87
C HIS G 745 9.80 5.85 -49.87
N GLN G 746 10.36 6.39 -48.79
CA GLN G 746 10.68 7.81 -48.71
C GLN G 746 12.18 7.99 -48.63
N PRO G 747 12.84 8.46 -49.68
CA PRO G 747 14.29 8.57 -49.67
C PRO G 747 14.78 9.59 -48.65
N ALA G 748 16.00 9.35 -48.15
CA ALA G 748 16.62 10.24 -47.18
C ALA G 748 17.46 11.30 -47.89
N ASN G 749 17.42 12.52 -47.36
CA ASN G 749 18.21 13.61 -47.91
C ASN G 749 19.57 13.76 -47.24
N VAL G 750 19.85 12.97 -46.21
CA VAL G 750 21.11 13.03 -45.48
C VAL G 750 21.91 11.76 -45.77
N THR G 751 23.23 11.87 -45.66
CA THR G 751 24.12 10.75 -45.87
C THR G 751 24.72 10.22 -44.57
N THR G 752 24.27 10.73 -43.42
CA THR G 752 24.73 10.26 -42.11
C THR G 752 23.48 9.87 -41.33
N PRO G 753 22.94 8.69 -41.60
CA PRO G 753 21.66 8.31 -40.99
C PRO G 753 21.76 8.18 -39.48
N THR G 754 20.67 8.52 -38.81
CA THR G 754 20.57 8.40 -37.36
C THR G 754 19.18 7.87 -37.01
N LEU G 755 19.01 7.49 -35.75
CA LEU G 755 17.77 6.85 -35.33
C LEU G 755 16.59 7.81 -35.45
N ASP G 756 15.50 7.31 -36.00
CA ASP G 756 14.23 8.02 -36.03
C ASP G 756 13.09 7.00 -35.96
N PHE G 757 11.94 7.45 -35.48
CA PHE G 757 10.82 6.56 -35.22
C PHE G 757 9.57 6.94 -36.00
N THR G 758 9.70 7.77 -37.03
CA THR G 758 8.55 8.21 -37.83
C THR G 758 8.56 7.44 -39.14
N ASN G 759 8.04 6.22 -39.10
CA ASN G 759 7.88 5.39 -40.29
C ASN G 759 6.89 4.28 -40.01
N GLU G 760 6.47 3.61 -41.09
CA GLU G 760 5.33 2.70 -41.03
C GLU G 760 5.61 1.51 -40.13
N LEU G 761 6.81 0.94 -40.19
CA LEU G 761 7.08 -0.27 -39.42
C LEU G 761 7.13 0.03 -37.92
N THR G 762 7.76 1.14 -37.53
CA THR G 762 7.76 1.52 -36.13
C THR G 762 6.36 1.87 -35.65
N ASN G 763 5.56 2.53 -36.49
CA ASN G 763 4.18 2.80 -36.14
C ASN G 763 3.39 1.51 -35.93
N TRP G 764 3.63 0.52 -36.80
CA TRP G 764 2.96 -0.77 -36.66
C TRP G 764 3.33 -1.47 -35.36
N ARG G 765 4.62 -1.47 -35.03
CA ARG G 765 5.06 -2.07 -33.78
C ARG G 765 4.46 -1.34 -32.58
N ALA G 766 4.41 -0.01 -32.65
CA ALA G 766 3.81 0.77 -31.57
C ALA G 766 2.33 0.45 -31.41
N ARG G 767 1.62 0.30 -32.53
CA ARG G 767 0.20 -0.04 -32.46
C ARG G 767 -0.02 -1.41 -31.85
N VAL G 768 0.81 -2.39 -32.23
CA VAL G 768 0.69 -3.73 -31.65
C VAL G 768 0.96 -3.68 -30.15
N CYS G 769 2.00 -2.96 -29.74
CA CYS G 769 2.31 -2.85 -28.32
C CYS G 769 1.18 -2.15 -27.55
N GLU G 770 0.59 -1.13 -28.15
CA GLU G 770 -0.51 -0.43 -27.50
C GLU G 770 -1.73 -1.34 -27.36
N LEU G 771 -2.02 -2.14 -28.39
CA LEU G 771 -3.11 -3.09 -28.30
C LEU G 771 -2.87 -4.10 -27.19
N MET G 772 -1.64 -4.59 -27.07
CA MET G 772 -1.34 -5.54 -26.01
C MET G 772 -1.41 -4.89 -24.63
N LYS G 773 -1.00 -3.63 -24.51
CA LYS G 773 -1.15 -2.93 -23.24
C LYS G 773 -2.62 -2.78 -22.87
N ASN G 774 -3.47 -2.46 -23.85
CA ASN G 774 -4.90 -2.38 -23.60
C ASN G 774 -5.46 -3.73 -23.19
N LEU G 775 -5.02 -4.80 -23.85
CA LEU G 775 -5.50 -6.14 -23.51
C LEU G 775 -5.10 -6.54 -22.09
N VAL G 776 -3.86 -6.23 -21.70
CA VAL G 776 -3.41 -6.54 -20.35
C VAL G 776 -4.16 -5.69 -19.32
N ASP G 777 -4.43 -4.42 -19.66
CA ASP G 777 -5.13 -3.50 -18.78
C ASP G 777 -6.64 -3.58 -18.93
N ASN G 778 -7.16 -4.71 -19.42
CA ASN G 778 -8.60 -4.88 -19.60
C ASN G 778 -9.25 -5.07 -18.22
N GLN G 779 -10.56 -5.31 -18.22
CA GLN G 779 -11.30 -5.55 -16.98
C GLN G 779 -11.54 -7.02 -16.72
N ARG G 780 -11.86 -7.80 -17.74
CA ARG G 780 -12.06 -9.24 -17.59
C ARG G 780 -10.75 -10.01 -17.57
N TYR G 781 -9.62 -9.35 -17.85
CA TYR G 781 -8.31 -10.00 -17.88
C TYR G 781 -7.39 -9.54 -16.77
N GLN G 782 -7.64 -8.37 -16.18
CA GLN G 782 -6.79 -7.86 -15.11
C GLN G 782 -6.74 -8.76 -13.88
N PRO G 783 -7.87 -9.18 -13.29
CA PRO G 783 -7.77 -9.95 -12.03
C PRO G 783 -7.12 -11.31 -12.18
N GLY G 784 -7.05 -11.86 -13.40
CA GLY G 784 -6.45 -13.17 -13.59
C GLY G 784 -4.97 -13.24 -13.28
N TRP G 785 -4.27 -12.11 -13.34
CA TRP G 785 -2.84 -12.04 -13.09
C TRP G 785 -2.56 -11.28 -11.80
N THR G 786 -1.40 -11.57 -11.21
CA THR G 786 -0.96 -10.85 -10.03
C THR G 786 -0.54 -9.42 -10.40
N GLN G 787 -0.56 -8.54 -9.40
CA GLN G 787 -0.24 -7.14 -9.65
C GLN G 787 1.20 -6.96 -10.12
N SER G 788 2.14 -7.67 -9.50
CA SER G 788 3.53 -7.60 -9.92
C SER G 788 3.74 -8.15 -11.33
N LEU G 789 3.05 -9.24 -11.69
CA LEU G 789 3.15 -9.76 -13.05
C LEU G 789 2.58 -8.78 -14.06
N VAL G 790 1.46 -8.13 -13.74
CA VAL G 790 0.90 -7.13 -14.65
C VAL G 790 1.86 -5.96 -14.82
N SER G 791 2.46 -5.50 -13.71
CA SER G 791 3.45 -4.44 -13.80
C SER G 791 4.65 -4.84 -14.64
N SER G 792 5.14 -6.07 -14.48
CA SER G 792 6.23 -6.58 -15.31
C SER G 792 5.86 -6.67 -16.78
N MET G 793 4.63 -7.11 -17.09
CA MET G 793 4.19 -7.15 -18.48
C MET G 793 4.14 -5.76 -19.08
N ARG G 794 3.61 -4.78 -18.34
CA ARG G 794 3.56 -3.42 -18.84
C ARG G 794 4.97 -2.87 -19.02
N GLY G 795 5.88 -3.16 -18.09
CA GLY G 795 7.25 -2.71 -18.23
C GLY G 795 7.93 -3.31 -19.44
N THR G 796 7.72 -4.61 -19.68
CA THR G 796 8.31 -5.25 -20.86
C THR G 796 7.74 -4.68 -22.15
N LEU G 797 6.43 -4.46 -22.19
CA LEU G 797 5.82 -3.87 -23.38
C LEU G 797 6.35 -2.47 -23.65
N GLY G 798 6.48 -1.66 -22.60
CA GLY G 798 7.08 -0.34 -22.76
C GLY G 798 8.55 -0.38 -23.15
N LYS G 799 9.29 -1.37 -22.64
CA LYS G 799 10.69 -1.51 -22.99
C LYS G 799 10.87 -1.91 -24.44
N LEU G 800 9.96 -2.73 -24.96
CA LEU G 800 10.04 -3.22 -26.33
C LEU G 800 9.37 -2.30 -27.34
N LYS G 801 8.49 -1.41 -26.89
CA LYS G 801 7.87 -0.44 -27.80
C LYS G 801 8.91 0.51 -28.39
N LEU G 802 9.88 0.93 -27.58
CA LEU G 802 10.85 1.95 -27.97
C LEU G 802 12.26 1.38 -28.17
N ILE G 803 12.36 0.09 -28.47
CA ILE G 803 13.66 -0.51 -28.73
C ILE G 803 14.29 0.14 -29.95
N LYS G 804 15.57 0.50 -29.84
CA LYS G 804 16.25 1.28 -30.87
C LYS G 804 16.92 0.33 -31.85
N SER G 805 16.16 -0.05 -32.89
CA SER G 805 16.68 -0.88 -33.97
C SER G 805 16.54 -0.12 -35.28
N MET G 806 17.57 -0.23 -36.11
CA MET G 806 17.65 0.53 -37.36
C MET G 806 16.95 -0.15 -38.53
N THR G 807 16.39 -1.35 -38.31
CA THR G 807 15.81 -2.11 -39.40
C THR G 807 14.62 -1.43 -40.07
N PRO G 808 13.65 -0.85 -39.35
CA PRO G 808 12.55 -0.18 -40.05
C PRO G 808 13.00 0.99 -40.91
N MET G 809 13.91 1.83 -40.40
CA MET G 809 14.43 2.93 -41.20
C MET G 809 15.21 2.42 -42.40
N TYR G 810 15.98 1.35 -42.22
CA TYR G 810 16.67 0.73 -43.34
C TYR G 810 15.68 0.30 -44.42
N LEU G 811 14.64 -0.42 -44.03
CA LEU G 811 13.64 -0.88 -44.98
C LEU G 811 12.98 0.30 -45.69
N GLN G 812 12.71 1.37 -44.96
CA GLN G 812 12.08 2.53 -45.56
C GLN G 812 12.99 3.20 -46.59
N GLN G 813 14.27 3.36 -46.25
CA GLN G 813 15.10 4.36 -46.92
C GLN G 813 16.23 3.81 -47.79
N LEU G 814 16.71 2.59 -47.56
CA LEU G 814 17.90 2.12 -48.26
C LEU G 814 17.65 0.84 -49.03
N ALA G 815 16.84 -0.06 -48.48
CA ALA G 815 16.58 -1.36 -49.10
C ALA G 815 16.00 -1.22 -50.51
N PRO G 816 15.04 -0.31 -50.76
CA PRO G 816 14.60 -0.10 -52.15
C PRO G 816 15.71 0.34 -53.07
N VAL G 817 16.64 1.16 -52.59
CA VAL G 817 17.76 1.58 -53.43
C VAL G 817 18.64 0.39 -53.80
N GLU G 818 18.92 -0.47 -52.82
CA GLU G 818 19.72 -1.66 -53.08
C GLU G 818 19.02 -2.58 -54.08
N LEU G 819 17.71 -2.77 -53.91
CA LEU G 819 16.96 -3.63 -54.82
C LEU G 819 16.96 -3.04 -56.24
N ALA G 820 16.78 -1.72 -56.35
CA ALA G 820 16.80 -1.10 -57.67
C ALA G 820 18.18 -1.15 -58.32
N VAL G 821 19.24 -1.14 -57.50
CA VAL G 821 20.58 -1.30 -58.06
C VAL G 821 20.80 -2.72 -58.55
N ILE G 822 20.34 -3.71 -57.78
CA ILE G 822 20.58 -5.10 -58.13
C ILE G 822 19.73 -5.52 -59.33
N ALA G 823 18.53 -4.96 -59.45
CA ALA G 823 17.55 -5.45 -60.41
C ALA G 823 18.02 -5.45 -61.87
N PRO G 824 18.63 -4.38 -62.42
CA PRO G 824 18.89 -4.35 -63.87
C PRO G 824 19.69 -5.53 -64.38
N MET G 825 20.89 -5.72 -63.84
CA MET G 825 21.70 -6.89 -64.19
C MET G 825 21.40 -8.01 -63.20
N LEU G 826 20.82 -9.10 -63.72
CA LEU G 826 20.34 -10.21 -62.92
C LEU G 826 20.02 -11.38 -63.85
N PRO G 827 20.32 -12.62 -63.45
CA PRO G 827 20.03 -13.75 -64.34
C PRO G 827 18.56 -13.87 -64.70
N PHE G 828 17.65 -13.54 -63.80
CA PHE G 828 16.21 -13.60 -64.05
C PHE G 828 15.61 -12.23 -63.82
N PRO G 829 15.11 -11.54 -64.86
CA PRO G 829 14.61 -10.19 -64.67
C PRO G 829 13.35 -10.20 -63.80
N PRO G 830 13.06 -9.10 -63.12
CA PRO G 830 11.90 -9.07 -62.23
C PRO G 830 10.58 -9.29 -62.99
N PHE G 831 9.65 -9.94 -62.31
CA PHE G 831 8.33 -10.24 -62.87
C PHE G 831 7.31 -10.03 -61.75
N GLN G 832 6.54 -8.96 -61.84
CA GLN G 832 5.67 -8.54 -60.75
C GLN G 832 4.24 -8.33 -61.24
N VAL G 833 3.32 -8.38 -60.28
CA VAL G 833 1.92 -8.03 -60.50
C VAL G 833 1.54 -6.96 -59.49
N PRO G 834 0.52 -6.15 -59.78
CA PRO G 834 0.23 -5.01 -58.91
C PRO G 834 -0.06 -5.42 -57.47
N TYR G 835 0.41 -4.61 -56.53
CA TYR G 835 0.18 -4.83 -55.11
C TYR G 835 -1.09 -4.12 -54.67
N VAL G 836 -1.89 -4.81 -53.87
CA VAL G 836 -3.13 -4.26 -53.31
C VAL G 836 -3.08 -4.42 -51.80
N ARG G 837 -3.47 -3.36 -51.09
CA ARG G 837 -3.38 -3.35 -49.64
C ARG G 837 -4.55 -4.09 -49.00
N LEU G 838 -5.76 -3.56 -49.18
CA LEU G 838 -6.98 -4.23 -48.74
C LEU G 838 -8.05 -4.30 -49.83
N ASP G 839 -7.76 -3.84 -51.04
CA ASP G 839 -8.75 -3.85 -52.12
C ASP G 839 -8.93 -5.28 -52.59
N ARG G 840 -9.94 -5.96 -52.06
CA ARG G 840 -10.17 -7.36 -52.39
C ARG G 840 -10.51 -7.56 -53.86
N ASP G 841 -11.13 -6.57 -54.49
CA ASP G 841 -11.56 -6.72 -55.88
C ASP G 841 -10.39 -6.85 -56.84
N ARG G 842 -9.26 -6.21 -56.54
CA ARG G 842 -8.10 -6.22 -57.43
C ARG G 842 -7.03 -7.21 -56.98
N VAL G 843 -7.35 -8.11 -56.05
CA VAL G 843 -6.40 -9.13 -55.64
C VAL G 843 -6.25 -10.13 -56.78
N PRO G 844 -5.06 -10.31 -57.33
CA PRO G 844 -4.90 -11.27 -58.43
C PRO G 844 -5.10 -12.70 -57.95
N THR G 845 -5.80 -13.49 -58.76
CA THR G 845 -6.08 -14.88 -58.44
C THR G 845 -5.34 -15.88 -59.31
N MET G 846 -4.95 -15.50 -60.52
CA MET G 846 -4.26 -16.42 -61.41
C MET G 846 -3.44 -15.63 -62.41
N VAL G 847 -2.31 -16.22 -62.82
CA VAL G 847 -1.51 -15.71 -63.92
C VAL G 847 -1.08 -16.91 -64.75
N GLY G 848 -1.21 -16.80 -66.07
CA GLY G 848 -0.95 -17.93 -66.94
C GLY G 848 -0.39 -17.52 -68.28
N VAL G 849 0.15 -18.51 -68.99
CA VAL G 849 0.73 -18.33 -70.31
C VAL G 849 0.12 -19.37 -71.24
N THR G 850 0.22 -19.09 -72.54
CA THR G 850 -0.34 -19.97 -73.56
C THR G 850 0.73 -20.31 -74.60
N ARG G 851 0.55 -21.44 -75.27
CA ARG G 851 1.47 -21.84 -76.32
C ARG G 851 0.78 -22.48 -77.52
N GLN G 852 -0.55 -22.47 -77.58
CA GLN G 852 -1.26 -23.07 -78.70
C GLN G 852 -2.70 -22.56 -78.73
N SER G 853 -3.29 -22.62 -79.92
CA SER G 853 -4.70 -22.30 -80.12
C SER G 853 -5.55 -23.54 -79.89
N ARG G 854 -6.88 -23.36 -79.86
CA ARG G 854 -7.73 -24.46 -79.41
C ARG G 854 -7.94 -25.49 -80.52
N ASP G 855 -8.72 -25.14 -81.55
CA ASP G 855 -8.82 -26.01 -82.71
C ASP G 855 -8.76 -25.24 -84.03
N THR G 856 -9.44 -24.10 -84.10
CA THR G 856 -9.61 -23.40 -85.36
C THR G 856 -9.29 -21.91 -85.27
N ILE G 857 -9.63 -21.25 -84.17
CA ILE G 857 -9.48 -19.81 -84.09
C ILE G 857 -8.00 -19.43 -84.12
N THR G 858 -7.66 -18.46 -84.96
CA THR G 858 -6.28 -18.09 -85.22
C THR G 858 -5.90 -16.75 -84.59
N GLN G 859 -6.62 -16.32 -83.56
CA GLN G 859 -6.39 -15.04 -82.92
C GLN G 859 -6.01 -15.26 -81.46
N PRO G 860 -4.80 -14.86 -81.04
CA PRO G 860 -4.41 -15.09 -79.63
C PRO G 860 -5.30 -14.37 -78.63
N ALA G 861 -5.83 -13.18 -78.99
CA ALA G 861 -6.72 -12.48 -78.07
C ALA G 861 -7.99 -13.27 -77.79
N LEU G 862 -8.40 -14.13 -78.73
CA LEU G 862 -9.56 -14.98 -78.53
C LEU G 862 -9.19 -16.33 -77.91
N SER G 863 -8.01 -16.86 -78.24
CA SER G 863 -7.62 -18.19 -77.78
C SER G 863 -6.88 -18.18 -76.45
N LEU G 864 -6.60 -17.01 -75.88
CA LEU G 864 -5.82 -16.95 -74.66
C LEU G 864 -6.63 -17.39 -73.44
N SER G 865 -7.96 -17.28 -73.51
CA SER G 865 -8.79 -17.51 -72.33
C SER G 865 -8.76 -18.97 -71.90
N THR G 866 -8.86 -19.91 -72.84
CA THR G 866 -9.10 -21.30 -72.52
C THR G 866 -7.92 -22.22 -72.85
N THR G 867 -6.75 -21.67 -73.13
CA THR G 867 -5.56 -22.47 -73.40
C THR G 867 -4.36 -21.94 -72.64
N ASN G 868 -4.57 -21.63 -71.36
CA ASN G 868 -3.52 -21.09 -70.51
C ASN G 868 -3.25 -22.03 -69.33
N THR G 869 -2.00 -22.06 -68.91
CA THR G 869 -1.56 -22.87 -67.76
C THR G 869 -1.16 -21.93 -66.64
N THR G 870 -1.81 -22.10 -65.48
CA THR G 870 -1.54 -21.22 -64.35
C THR G 870 -0.11 -21.42 -63.83
N VAL G 871 0.55 -20.31 -63.52
CA VAL G 871 1.92 -20.30 -63.03
C VAL G 871 1.92 -19.72 -61.62
N GLY G 872 2.52 -20.44 -60.69
CA GLY G 872 2.60 -19.98 -59.32
C GLY G 872 3.01 -21.06 -58.33
N VAL G 873 3.75 -20.68 -57.30
CA VAL G 873 4.20 -21.62 -56.28
C VAL G 873 4.41 -20.86 -54.98
N PRO G 874 3.99 -21.42 -53.84
CA PRO G 874 4.23 -20.73 -52.56
C PRO G 874 5.54 -21.13 -51.90
N LEU G 875 6.23 -20.17 -51.31
CA LEU G 875 7.44 -20.41 -50.53
C LEU G 875 7.17 -20.09 -49.07
N ALA G 876 7.63 -20.96 -48.18
CA ALA G 876 7.35 -20.86 -46.76
C ALA G 876 8.56 -20.29 -46.04
N LEU G 877 8.35 -19.21 -45.29
CA LEU G 877 9.37 -18.56 -44.48
C LEU G 877 9.12 -18.86 -43.01
N ASP G 878 9.99 -18.34 -42.15
CA ASP G 878 9.89 -18.53 -40.72
C ASP G 878 9.66 -17.16 -40.07
N ALA G 879 8.56 -17.03 -39.33
CA ALA G 879 8.21 -15.75 -38.73
C ALA G 879 9.21 -15.35 -37.65
N ARG G 880 9.81 -16.31 -36.96
CA ARG G 880 10.74 -15.99 -35.88
C ARG G 880 11.96 -15.25 -36.40
N ALA G 881 12.52 -15.70 -37.52
CA ALA G 881 13.69 -15.04 -38.09
C ALA G 881 13.37 -13.62 -38.53
N ILE G 882 12.21 -13.42 -39.15
CA ILE G 882 11.82 -12.09 -39.61
C ILE G 882 11.60 -11.16 -38.44
N THR G 883 10.96 -11.65 -37.37
CA THR G 883 10.74 -10.82 -36.20
C THR G 883 12.06 -10.46 -35.52
N VAL G 884 12.99 -11.42 -35.44
CA VAL G 884 14.31 -11.12 -34.88
C VAL G 884 15.02 -10.08 -35.72
N ALA G 885 14.93 -10.20 -37.05
CA ALA G 885 15.54 -9.23 -37.94
C ALA G 885 14.95 -7.84 -37.74
N LEU G 886 13.63 -7.76 -37.59
CA LEU G 886 12.99 -6.46 -37.37
C LEU G 886 13.41 -5.86 -36.04
N LEU G 887 13.50 -6.68 -34.98
CA LEU G 887 13.80 -6.16 -33.66
C LEU G 887 15.29 -5.93 -33.43
N SER G 888 16.18 -6.48 -34.26
CA SER G 888 17.61 -6.32 -34.09
C SER G 888 18.21 -5.81 -35.40
N GLY G 889 18.87 -4.66 -35.34
CA GLY G 889 19.53 -4.10 -36.49
C GLY G 889 20.31 -2.85 -36.16
N LYS G 890 21.52 -2.73 -36.69
CA LYS G 890 22.36 -1.58 -36.38
C LYS G 890 23.30 -1.32 -37.55
N TYR G 891 23.80 -0.10 -37.59
CA TYR G 891 24.80 0.35 -38.55
C TYR G 891 26.17 0.38 -37.90
N PRO G 892 27.24 0.44 -38.70
CA PRO G 892 28.56 0.68 -38.12
C PRO G 892 28.57 2.01 -37.39
N PRO G 893 29.44 2.16 -36.38
CA PRO G 893 29.42 3.38 -35.54
C PRO G 893 29.41 4.67 -36.35
N ASP G 894 30.39 4.83 -37.22
CA ASP G 894 30.34 5.89 -38.22
C ASP G 894 29.83 5.31 -39.54
N LEU G 895 29.17 6.15 -40.32
CA LEU G 895 28.63 5.69 -41.61
C LEU G 895 28.27 6.84 -42.52
N VAL G 896 28.66 6.73 -43.79
CA VAL G 896 28.18 7.63 -44.85
C VAL G 896 27.73 6.76 -46.02
N THR G 897 26.45 6.90 -46.39
CA THR G 897 25.86 6.02 -47.38
C THR G 897 26.54 6.18 -48.74
N ASN G 898 26.88 7.41 -49.12
CA ASN G 898 27.50 7.64 -50.42
C ASN G 898 28.80 6.85 -50.55
N VAL G 899 29.70 7.00 -49.58
CA VAL G 899 30.98 6.30 -49.64
C VAL G 899 30.78 4.79 -49.51
N TRP G 900 29.91 4.36 -48.60
CA TRP G 900 29.70 2.93 -48.41
C TRP G 900 29.22 2.28 -49.70
N TYR G 901 28.24 2.90 -50.37
CA TYR G 901 27.70 2.29 -51.57
C TYR G 901 28.65 2.42 -52.76
N ALA G 902 29.37 3.54 -52.86
CA ALA G 902 30.37 3.67 -53.91
C ALA G 902 31.49 2.65 -53.74
N ASP G 903 31.74 2.19 -52.51
CA ASP G 903 32.74 1.14 -52.29
C ASP G 903 32.15 -0.25 -52.54
N ALA G 904 30.88 -0.46 -52.17
CA ALA G 904 30.32 -1.81 -52.23
C ALA G 904 29.78 -2.17 -53.61
N ILE G 905 29.39 -1.19 -54.43
CA ILE G 905 28.75 -1.50 -55.70
C ILE G 905 29.76 -1.64 -56.84
N TYR G 906 30.91 -0.97 -56.75
CA TYR G 906 31.87 -0.97 -57.85
C TYR G 906 32.31 -2.37 -58.31
N PRO G 907 32.65 -3.31 -57.43
CA PRO G 907 33.06 -4.64 -57.92
C PRO G 907 31.97 -5.37 -58.67
N MET G 908 30.70 -5.01 -58.46
CA MET G 908 29.58 -5.69 -59.12
C MET G 908 29.43 -5.29 -60.59
N TYR G 909 29.98 -4.15 -61.00
CA TYR G 909 29.73 -3.61 -62.34
C TYR G 909 30.89 -3.88 -63.30
N ALA G 910 31.53 -5.04 -63.18
CA ALA G 910 32.57 -5.48 -64.13
C ALA G 910 32.24 -6.90 -64.55
N ASP G 911 31.36 -7.03 -65.54
CA ASP G 911 30.92 -8.32 -66.08
C ASP G 911 30.01 -8.07 -67.27
N THR G 912 29.91 -9.06 -68.14
CA THR G 912 29.11 -8.98 -69.36
C THR G 912 28.02 -10.05 -69.39
N GLU G 913 27.63 -10.56 -68.22
CA GLU G 913 26.61 -11.58 -68.15
C GLU G 913 25.26 -11.09 -68.66
N VAL G 914 24.87 -9.85 -68.34
CA VAL G 914 23.61 -9.33 -68.84
C VAL G 914 23.63 -9.19 -70.36
N PHE G 915 24.76 -8.76 -70.92
CA PHE G 915 24.87 -8.67 -72.37
C PHE G 915 24.77 -10.04 -73.02
N SER G 916 25.42 -11.05 -72.42
CA SER G 916 25.26 -12.41 -72.90
C SER G 916 23.80 -12.85 -72.84
N ASN G 917 23.10 -12.45 -71.78
CA ASN G 917 21.68 -12.79 -71.66
C ASN G 917 20.86 -12.16 -72.78
N LEU G 918 21.15 -10.90 -73.12
CA LEU G 918 20.45 -10.26 -74.24
C LEU G 918 20.71 -10.99 -75.55
N GLN G 919 21.97 -11.38 -75.79
CA GLN G 919 22.28 -12.15 -77.00
C GLN G 919 21.52 -13.47 -77.01
N ARG G 920 21.45 -14.13 -75.86
CA ARG G 920 20.69 -15.39 -75.75
C ARG G 920 19.21 -15.16 -76.05
N ASP G 921 18.65 -14.06 -75.57
CA ASP G 921 17.24 -13.77 -75.85
C ASP G 921 17.00 -13.57 -77.34
N VAL G 922 17.91 -12.87 -78.01
CA VAL G 922 17.78 -12.70 -79.46
C VAL G 922 17.84 -14.05 -80.16
N ILE G 923 18.78 -14.90 -79.75
CA ILE G 923 18.90 -16.21 -80.38
C ILE G 923 17.63 -17.02 -80.16
N THR G 924 17.04 -16.92 -78.97
CA THR G 924 15.79 -17.64 -78.69
C THR G 924 14.66 -17.17 -79.59
N CYS G 925 14.52 -15.85 -79.75
CA CYS G 925 13.46 -15.34 -80.60
C CYS G 925 13.66 -15.74 -82.06
N GLU G 926 14.90 -15.65 -82.55
CA GLU G 926 15.20 -16.09 -83.89
C GLU G 926 14.85 -17.56 -84.07
N ALA G 927 15.21 -18.37 -83.08
CA ALA G 927 14.95 -19.81 -83.17
C ALA G 927 13.46 -20.12 -83.20
N VAL G 928 12.67 -19.44 -82.37
CA VAL G 928 11.24 -19.75 -82.35
C VAL G 928 10.59 -19.30 -83.65
N GLN G 929 11.00 -18.15 -84.19
CA GLN G 929 10.43 -17.73 -85.48
C GLN G 929 10.82 -18.70 -86.60
N THR G 930 12.08 -19.15 -86.61
CA THR G 930 12.52 -20.11 -87.61
C THR G 930 11.73 -21.41 -87.48
N LEU G 931 11.52 -21.88 -86.25
CA LEU G 931 10.78 -23.11 -86.04
C LEU G 931 9.36 -23.01 -86.56
N VAL G 932 8.67 -21.90 -86.23
CA VAL G 932 7.29 -21.79 -86.68
C VAL G 932 7.22 -21.66 -88.20
N THR G 933 8.18 -20.96 -88.81
CA THR G 933 8.18 -20.85 -90.27
C THR G 933 8.39 -22.20 -90.94
N LEU G 934 9.38 -22.96 -90.49
CA LEU G 934 9.63 -24.27 -91.09
C LEU G 934 8.48 -25.24 -90.85
N VAL G 935 7.83 -25.17 -89.70
CA VAL G 935 6.67 -26.01 -89.46
C VAL G 935 5.53 -25.62 -90.40
N ALA G 936 5.31 -24.31 -90.59
CA ALA G 936 4.29 -23.85 -91.52
C ALA G 936 4.60 -24.28 -92.94
N GLN G 937 5.88 -24.47 -93.27
CA GLN G 937 6.25 -24.88 -94.62
C GLN G 937 5.64 -26.25 -94.97
N ILE G 938 5.65 -27.19 -94.03
CA ILE G 938 5.17 -28.53 -94.30
C ILE G 938 3.73 -28.76 -93.85
N SER G 939 3.22 -27.98 -92.90
CA SER G 939 1.87 -28.18 -92.39
C SER G 939 1.12 -26.86 -92.36
N GLU G 940 -0.20 -26.95 -92.57
CA GLU G 940 -1.05 -25.76 -92.50
C GLU G 940 -1.07 -25.21 -91.08
N THR G 941 -1.14 -23.89 -90.96
CA THR G 941 -1.09 -23.24 -89.66
C THR G 941 -1.79 -21.89 -89.76
N GLN G 942 -1.84 -21.19 -88.63
CA GLN G 942 -2.50 -19.89 -88.54
C GLN G 942 -1.70 -18.77 -89.17
N TYR G 943 -0.38 -18.91 -89.32
CA TYR G 943 0.41 -17.78 -89.78
C TYR G 943 0.40 -17.70 -91.30
N PRO G 944 0.43 -16.47 -91.85
CA PRO G 944 0.50 -16.30 -93.31
C PRO G 944 1.94 -16.43 -93.79
N VAL G 945 2.16 -17.36 -94.72
CA VAL G 945 3.50 -17.61 -95.26
C VAL G 945 3.34 -18.22 -96.65
N ASP G 946 4.27 -17.88 -97.53
CA ASP G 946 4.26 -18.42 -98.88
C ASP G 946 5.04 -19.73 -98.96
N ARG G 947 4.66 -20.58 -99.90
CA ARG G 947 5.24 -21.91 -100.04
C ARG G 947 5.71 -22.09 -101.48
N TYR G 948 6.99 -22.40 -101.65
CA TYR G 948 7.56 -22.65 -102.98
C TYR G 948 7.78 -24.12 -103.29
N LEU G 949 7.85 -24.97 -102.27
CA LEU G 949 8.26 -26.37 -102.44
C LEU G 949 7.06 -27.32 -102.47
N ASP G 950 5.95 -26.87 -103.05
CA ASP G 950 4.76 -27.73 -103.13
C ASP G 950 4.91 -28.83 -104.18
N TRP G 951 5.74 -28.63 -105.20
CA TRP G 951 5.91 -29.65 -106.22
C TRP G 951 6.67 -30.87 -105.70
N ILE G 952 7.39 -30.74 -104.60
CA ILE G 952 8.05 -31.88 -103.96
C ILE G 952 6.99 -32.68 -103.23
N PRO G 953 6.83 -33.97 -103.52
CA PRO G 953 5.82 -34.77 -102.83
C PRO G 953 6.13 -34.87 -101.34
N SER G 954 5.07 -34.84 -100.54
CA SER G 954 5.19 -34.94 -99.09
C SER G 954 4.03 -35.73 -98.53
N LEU G 955 4.25 -36.35 -97.38
CA LEU G 955 3.22 -37.11 -96.70
C LEU G 955 2.28 -36.19 -95.93
N ARG G 956 1.25 -36.77 -95.34
CA ARG G 956 0.34 -36.02 -94.48
C ARG G 956 0.94 -35.95 -93.09
N ALA G 957 1.49 -34.80 -92.73
CA ALA G 957 2.23 -34.67 -91.49
C ALA G 957 1.30 -34.74 -90.29
N SER G 958 1.68 -35.52 -89.29
CA SER G 958 0.94 -35.64 -88.04
C SER G 958 1.67 -34.90 -86.94
N ALA G 959 1.12 -34.98 -85.72
CA ALA G 959 1.73 -34.31 -84.58
C ALA G 959 3.10 -34.89 -84.28
N ALA G 960 3.26 -36.20 -84.37
CA ALA G 960 4.56 -36.81 -84.13
C ALA G 960 5.58 -36.37 -85.17
N THR G 961 5.17 -36.30 -86.44
CA THR G 961 6.07 -35.83 -87.48
C THR G 961 6.47 -34.37 -87.26
N ALA G 962 5.52 -33.54 -86.88
CA ALA G 962 5.83 -32.14 -86.59
C ALA G 962 6.78 -32.03 -85.40
N ALA G 963 6.57 -32.84 -84.37
CA ALA G 963 7.47 -32.82 -83.22
C ALA G 963 8.88 -33.28 -83.59
N THR G 964 8.98 -34.30 -84.44
CA THR G 964 10.29 -34.75 -84.89
C THR G 964 11.00 -33.67 -85.70
N PHE G 965 10.26 -33.01 -86.60
CA PHE G 965 10.85 -31.92 -87.38
C PHE G 965 11.30 -30.79 -86.47
N ALA G 966 10.50 -30.46 -85.45
CA ALA G 966 10.88 -29.42 -84.49
C ALA G 966 12.14 -29.83 -83.73
N GLU G 967 12.22 -31.10 -83.32
CA GLU G 967 13.41 -31.58 -82.62
C GLU G 967 14.65 -31.44 -83.49
N TRP G 968 14.54 -31.83 -84.77
CA TRP G 968 15.68 -31.73 -85.67
C TRP G 968 16.09 -30.27 -85.89
N VAL G 969 15.11 -29.37 -86.04
CA VAL G 969 15.42 -27.95 -86.21
C VAL G 969 16.12 -27.41 -84.97
N ASN G 970 15.63 -27.76 -83.79
CA ASN G 970 16.25 -27.30 -82.55
C ASN G 970 17.67 -27.83 -82.43
N THR G 971 17.89 -29.10 -82.77
CA THR G 971 19.22 -29.67 -82.70
C THR G 971 20.16 -28.98 -83.67
N SER G 972 19.70 -28.71 -84.89
CA SER G 972 20.54 -28.02 -85.87
C SER G 972 20.91 -26.62 -85.40
N MET G 973 19.94 -25.89 -84.85
CA MET G 973 20.22 -24.53 -84.37
C MET G 973 21.19 -24.55 -83.20
N LYS G 974 21.00 -25.47 -82.26
CA LYS G 974 21.91 -25.57 -81.12
C LYS G 974 23.32 -25.93 -81.57
N THR G 975 23.45 -26.87 -82.51
CA THR G 975 24.76 -27.22 -83.02
C THR G 975 25.42 -26.05 -83.74
N ALA G 976 24.64 -25.30 -84.53
CA ALA G 976 25.21 -24.17 -85.25
C ALA G 976 25.68 -23.07 -84.31
N PHE G 977 24.89 -22.75 -83.28
CA PHE G 977 25.22 -21.64 -82.40
C PHE G 977 25.99 -22.08 -81.15
N ASP G 978 26.39 -23.35 -81.07
CA ASP G 978 27.24 -23.84 -79.98
C ASP G 978 26.56 -23.64 -78.63
N LEU G 979 25.33 -24.13 -78.51
CA LEU G 979 24.54 -23.99 -77.29
C LEU G 979 24.28 -25.37 -76.70
N SER G 980 24.45 -25.49 -75.39
CA SER G 980 24.25 -26.76 -74.71
C SER G 980 22.99 -26.79 -73.85
N ASP G 981 22.55 -25.65 -73.33
CA ASP G 981 21.33 -25.61 -72.55
C ASP G 981 20.10 -25.66 -73.46
N MET G 982 18.94 -25.85 -72.84
CA MET G 982 17.71 -26.05 -73.60
C MET G 982 17.35 -24.80 -74.40
N LEU G 983 17.01 -25.01 -75.67
CA LEU G 983 16.58 -23.95 -76.56
C LEU G 983 15.26 -24.36 -77.20
N LEU G 984 14.24 -23.50 -77.05
CA LEU G 984 12.87 -23.71 -77.52
C LEU G 984 12.28 -25.03 -77.05
N GLU G 985 12.90 -25.69 -76.08
CA GLU G 985 12.40 -26.92 -75.48
C GLU G 985 11.02 -26.74 -74.86
N PRO G 986 10.73 -25.65 -74.13
CA PRO G 986 9.39 -25.48 -73.56
C PRO G 986 8.27 -25.46 -74.59
N LEU G 987 8.57 -25.11 -75.84
CA LEU G 987 7.56 -25.03 -76.89
C LEU G 987 7.42 -26.32 -77.67
N LEU G 988 7.82 -27.45 -77.08
CA LEU G 988 7.71 -28.74 -77.75
C LEU G 988 6.82 -29.73 -77.02
N SER G 989 6.37 -29.41 -75.80
CA SER G 989 5.49 -30.32 -75.08
C SER G 989 4.12 -30.46 -75.73
N GLY G 990 3.73 -29.49 -76.56
CA GLY G 990 2.46 -29.53 -77.25
C GLY G 990 2.61 -29.75 -78.74
N ASP G 991 1.58 -29.35 -79.47
CA ASP G 991 1.59 -29.50 -80.93
C ASP G 991 2.27 -28.28 -81.54
N PRO G 992 3.40 -28.44 -82.24
CA PRO G 992 4.09 -27.29 -82.83
C PRO G 992 3.45 -26.75 -84.09
N ARG G 993 2.35 -27.34 -84.56
CA ARG G 993 1.68 -26.82 -85.75
C ARG G 993 1.01 -25.48 -85.47
N MET G 994 0.52 -25.29 -84.25
CA MET G 994 -0.17 -24.06 -83.84
C MET G 994 0.49 -23.56 -82.56
N THR G 995 1.44 -22.65 -82.70
CA THR G 995 2.16 -22.09 -81.56
C THR G 995 1.98 -20.58 -81.52
N GLN G 996 1.75 -20.06 -80.30
CA GLN G 996 1.62 -18.64 -80.08
C GLN G 996 2.14 -18.32 -78.69
N LEU G 997 2.50 -17.06 -78.48
CA LEU G 997 3.03 -16.60 -77.20
C LEU G 997 2.14 -15.48 -76.67
N ALA G 998 1.63 -15.68 -75.46
CA ALA G 998 0.79 -14.69 -74.80
C ALA G 998 0.76 -14.96 -73.31
N ILE G 999 0.29 -13.98 -72.55
CA ILE G 999 0.27 -14.05 -71.10
C ILE G 999 -0.86 -13.16 -70.58
N GLN G 1000 -1.42 -13.54 -69.44
CA GLN G 1000 -2.50 -12.76 -68.83
C GLN G 1000 -2.53 -13.02 -67.34
N TYR G 1001 -3.18 -12.11 -66.62
CA TYR G 1001 -3.47 -12.30 -65.20
C TYR G 1001 -4.86 -11.76 -64.92
N GLN G 1002 -5.52 -12.34 -63.92
CA GLN G 1002 -6.93 -12.09 -63.68
C GLN G 1002 -7.14 -11.60 -62.25
N GLN G 1003 -7.99 -10.59 -62.10
CA GLN G 1003 -8.34 -10.06 -60.80
C GLN G 1003 -9.44 -10.90 -60.17
N TYR G 1004 -9.82 -10.54 -58.94
CA TYR G 1004 -10.86 -11.29 -58.25
C TYR G 1004 -12.25 -11.00 -58.82
N ASN G 1005 -12.52 -9.73 -59.15
CA ASN G 1005 -13.83 -9.37 -59.66
C ASN G 1005 -14.11 -10.04 -61.01
N GLY G 1006 -13.10 -10.14 -61.86
CA GLY G 1006 -13.27 -10.78 -63.15
C GLY G 1006 -12.53 -10.09 -64.28
N ARG G 1007 -11.89 -8.97 -63.99
CA ARG G 1007 -11.10 -8.28 -65.00
C ARG G 1007 -9.91 -9.12 -65.42
N THR G 1008 -9.61 -9.08 -66.72
CA THR G 1008 -8.48 -9.80 -67.29
C THR G 1008 -7.59 -8.83 -68.05
N PHE G 1009 -6.32 -8.78 -67.69
CA PHE G 1009 -5.32 -7.98 -68.39
C PHE G 1009 -4.32 -8.92 -69.04
N ASN G 1010 -4.11 -8.75 -70.34
CA ASN G 1010 -3.28 -9.66 -71.11
C ASN G 1010 -2.23 -8.89 -71.90
N VAL G 1011 -1.13 -9.56 -72.20
CA VAL G 1011 -0.03 -9.01 -72.98
C VAL G 1011 0.29 -9.98 -74.10
N ILE G 1012 0.19 -9.52 -75.33
CA ILE G 1012 0.48 -10.33 -76.52
C ILE G 1012 1.59 -9.65 -77.30
N PRO G 1013 2.85 -10.04 -77.08
CA PRO G 1013 3.96 -9.42 -77.81
C PRO G 1013 3.90 -9.73 -79.29
N GLU G 1014 4.39 -8.78 -80.08
CA GLU G 1014 4.45 -8.94 -81.53
C GLU G 1014 5.74 -9.63 -81.93
N MET G 1015 5.65 -10.48 -82.95
CA MET G 1015 6.82 -11.18 -83.45
C MET G 1015 7.67 -10.22 -84.27
N PRO G 1016 8.93 -9.99 -83.90
CA PRO G 1016 9.81 -9.16 -84.71
C PRO G 1016 10.36 -9.95 -85.89
N GLY G 1017 11.22 -9.30 -86.67
CA GLY G 1017 11.79 -9.93 -87.84
C GLY G 1017 12.75 -11.05 -87.47
N SER G 1018 13.16 -11.79 -88.50
CA SER G 1018 14.06 -12.92 -88.31
C SER G 1018 14.90 -13.07 -89.56
N VAL G 1019 16.18 -12.68 -89.46
CA VAL G 1019 17.08 -12.81 -90.60
C VAL G 1019 17.29 -14.28 -90.97
N ILE G 1020 17.25 -15.18 -89.98
CA ILE G 1020 17.42 -16.60 -90.26
C ILE G 1020 16.26 -17.12 -91.10
N ALA G 1021 15.03 -16.80 -90.71
CA ALA G 1021 13.87 -17.23 -91.47
C ALA G 1021 13.84 -16.58 -92.85
N ASP G 1022 14.19 -15.29 -92.94
CA ASP G 1022 14.24 -14.63 -94.24
C ASP G 1022 15.26 -15.29 -95.16
N CYS G 1023 16.44 -15.62 -94.63
CA CYS G 1023 17.46 -16.28 -95.44
C CYS G 1023 17.03 -17.69 -95.83
N VAL G 1024 16.33 -18.40 -94.95
CA VAL G 1024 15.84 -19.74 -95.29
C VAL G 1024 14.83 -19.66 -96.43
N GLN G 1025 13.91 -18.69 -96.35
CA GLN G 1025 12.93 -18.52 -97.42
C GLN G 1025 13.60 -18.11 -98.72
N LEU G 1026 14.61 -17.24 -98.64
CA LEU G 1026 15.38 -16.86 -99.81
C LEU G 1026 16.07 -18.07 -100.43
N THR G 1027 16.68 -18.93 -99.60
CA THR G 1027 17.35 -20.10 -100.12
C THR G 1027 16.38 -21.06 -100.78
N ALA G 1028 15.19 -21.23 -100.19
CA ALA G 1028 14.17 -22.05 -100.83
C ALA G 1028 13.74 -21.47 -102.17
N GLU G 1029 13.57 -20.13 -102.23
CA GLU G 1029 13.18 -19.49 -103.48
C GLU G 1029 14.23 -19.68 -104.56
N VAL G 1030 15.51 -19.59 -104.19
CA VAL G 1030 16.57 -19.81 -105.16
C VAL G 1030 16.63 -21.27 -105.57
N PHE G 1031 16.45 -22.19 -104.61
CA PHE G 1031 16.44 -23.61 -104.93
C PHE G 1031 15.32 -23.95 -105.90
N ASN G 1032 14.21 -23.20 -105.85
CA ASN G 1032 13.12 -23.43 -106.80
C ASN G 1032 13.59 -23.38 -108.24
N HIS G 1033 14.61 -22.55 -108.54
CA HIS G 1033 15.18 -22.49 -109.88
C HIS G 1033 16.49 -23.25 -110.01
N GLU G 1034 17.21 -23.46 -108.91
CA GLU G 1034 18.50 -24.15 -108.92
C GLU G 1034 18.40 -25.57 -108.39
N TYR G 1035 17.25 -26.22 -108.55
CA TYR G 1035 17.07 -27.59 -108.07
C TYR G 1035 18.09 -28.54 -108.67
N ASN G 1036 18.52 -28.29 -109.91
CA ASN G 1036 19.48 -29.17 -110.56
C ASN G 1036 20.82 -29.17 -109.84
N LEU G 1037 21.26 -28.00 -109.35
CA LEU G 1037 22.54 -27.93 -108.66
C LEU G 1037 22.55 -28.72 -107.35
N PHE G 1038 21.38 -28.97 -106.76
CA PHE G 1038 21.28 -29.74 -105.54
C PHE G 1038 20.99 -31.21 -105.81
N GLY G 1039 21.17 -31.68 -107.04
CA GLY G 1039 20.99 -33.08 -107.35
C GLY G 1039 19.56 -33.54 -107.42
N ILE G 1040 18.62 -32.64 -107.70
CA ILE G 1040 17.20 -32.97 -107.78
C ILE G 1040 16.67 -32.50 -109.13
N ALA G 1041 15.86 -33.33 -109.77
CA ALA G 1041 15.26 -33.01 -111.06
C ALA G 1041 13.76 -32.81 -110.90
N ARG G 1042 13.19 -32.05 -111.84
CA ARG G 1042 11.77 -31.76 -111.85
C ARG G 1042 11.03 -32.70 -112.79
N GLY G 1043 9.72 -32.52 -112.88
CA GLY G 1043 8.93 -33.29 -113.83
C GLY G 1043 8.86 -34.76 -113.43
N ASP G 1044 9.04 -35.62 -114.42
CA ASP G 1044 8.96 -37.06 -114.21
C ASP G 1044 9.75 -37.75 -115.31
N ILE G 1045 9.66 -39.08 -115.35
CA ILE G 1045 10.49 -39.89 -116.24
C ILE G 1045 9.59 -40.73 -117.15
N ILE G 1046 10.21 -41.21 -118.23
CA ILE G 1046 9.57 -42.10 -119.19
C ILE G 1046 10.47 -43.32 -119.38
N ILE G 1047 9.87 -44.51 -119.34
CA ILE G 1047 10.65 -45.75 -119.33
C ILE G 1047 10.39 -46.52 -120.61
N GLY G 1048 10.17 -45.81 -121.71
CA GLY G 1048 9.99 -46.45 -123.01
C GLY G 1048 11.33 -46.71 -123.68
N ARG G 1049 11.42 -47.86 -124.35
CA ARG G 1049 12.65 -48.23 -125.02
C ARG G 1049 12.89 -47.34 -126.24
N VAL G 1050 14.13 -46.88 -126.39
CA VAL G 1050 14.53 -46.03 -127.51
C VAL G 1050 15.92 -46.47 -127.95
N GLN G 1051 16.04 -46.88 -129.22
CA GLN G 1051 17.31 -47.29 -129.79
C GLN G 1051 17.63 -46.40 -130.99
N SER G 1052 18.81 -45.77 -130.97
CA SER G 1052 19.25 -44.91 -132.05
C SER G 1052 20.74 -44.69 -131.91
N THR G 1053 21.29 -43.88 -132.81
CA THR G 1053 22.71 -43.52 -132.78
C THR G 1053 22.92 -42.04 -132.49
N HIS G 1054 21.86 -41.29 -132.22
CA HIS G 1054 21.97 -39.88 -131.93
C HIS G 1054 22.58 -39.65 -130.56
N LEU G 1055 23.04 -38.42 -130.33
CA LEU G 1055 23.83 -38.09 -129.14
C LEU G 1055 23.15 -37.02 -128.28
N TRP G 1056 21.83 -37.04 -128.19
CA TRP G 1056 21.14 -36.12 -127.30
C TRP G 1056 21.16 -36.63 -125.87
N SER G 1057 21.34 -35.71 -124.92
CA SER G 1057 21.39 -36.10 -123.52
C SER G 1057 19.98 -36.44 -123.03
N PRO G 1058 19.83 -37.53 -122.28
CA PRO G 1058 18.49 -37.87 -121.76
C PRO G 1058 17.93 -36.85 -120.79
N LEU G 1059 18.78 -36.03 -120.17
CA LEU G 1059 18.28 -34.98 -119.29
C LEU G 1059 17.65 -33.84 -120.07
N ALA G 1060 17.88 -33.77 -121.37
CA ALA G 1060 17.24 -32.78 -122.25
C ALA G 1060 16.66 -33.53 -123.45
N PRO G 1061 15.57 -34.27 -123.24
CA PRO G 1061 15.04 -35.11 -124.31
C PRO G 1061 14.41 -34.26 -125.40
N PRO G 1062 14.37 -34.76 -126.63
CA PRO G 1062 13.67 -34.03 -127.69
C PRO G 1062 12.17 -34.06 -127.45
N PRO G 1063 11.44 -33.06 -127.96
CA PRO G 1063 9.99 -33.01 -127.70
C PRO G 1063 9.20 -34.16 -128.30
N ASP G 1064 9.76 -34.87 -129.28
CA ASP G 1064 9.02 -35.96 -129.93
C ASP G 1064 8.78 -37.13 -128.98
N LEU G 1065 9.73 -37.40 -128.09
CA LEU G 1065 9.70 -38.58 -127.25
C LEU G 1065 9.01 -38.36 -125.90
N VAL G 1066 8.29 -37.24 -125.74
CA VAL G 1066 7.65 -36.91 -124.48
C VAL G 1066 6.15 -36.73 -124.71
N PHE G 1067 5.35 -37.33 -123.82
CA PHE G 1067 3.91 -37.19 -123.86
C PHE G 1067 3.40 -36.86 -122.46
N ASP G 1068 2.21 -36.26 -122.40
CA ASP G 1068 1.62 -35.86 -121.13
C ASP G 1068 0.14 -36.27 -121.14
N ARG G 1069 -0.60 -35.79 -120.15
CA ARG G 1069 -2.00 -36.15 -120.00
C ARG G 1069 -2.86 -35.63 -121.14
N ASP G 1070 -2.42 -34.57 -121.83
CA ASP G 1070 -3.20 -33.99 -122.91
C ASP G 1070 -2.91 -34.61 -124.28
N THR G 1071 -2.02 -35.59 -124.34
CA THR G 1071 -1.72 -36.25 -125.60
C THR G 1071 -2.93 -37.05 -126.06
N PRO G 1072 -3.27 -37.04 -127.34
CA PRO G 1072 -4.34 -37.92 -127.82
C PRO G 1072 -3.92 -39.38 -127.77
N GLY G 1073 -4.90 -40.24 -127.50
CA GLY G 1073 -4.68 -41.68 -127.50
C GLY G 1073 -3.71 -42.19 -126.46
N VAL G 1074 -3.83 -41.73 -125.21
CA VAL G 1074 -2.99 -42.19 -124.11
C VAL G 1074 -3.90 -42.61 -122.96
N HIS G 1075 -3.56 -43.72 -122.32
CA HIS G 1075 -4.36 -44.26 -121.22
C HIS G 1075 -3.77 -43.82 -119.89
N ILE G 1076 -4.61 -43.28 -119.02
CA ILE G 1076 -4.20 -42.81 -117.69
C ILE G 1076 -4.75 -43.79 -116.66
N PHE G 1077 -3.88 -44.27 -115.78
CA PHE G 1077 -4.26 -45.28 -114.80
C PHE G 1077 -4.30 -44.65 -113.42
N GLY G 1078 -5.39 -44.86 -112.69
CA GLY G 1078 -5.58 -44.24 -111.40
C GLY G 1078 -5.70 -45.20 -110.24
N ARG G 1079 -6.89 -45.31 -109.67
CA ARG G 1079 -7.11 -46.07 -108.45
C ARG G 1079 -7.32 -47.56 -108.69
N ASP G 1080 -8.07 -47.94 -109.72
CA ASP G 1080 -8.38 -49.33 -109.99
C ASP G 1080 -7.41 -49.87 -111.03
N CYS G 1081 -6.76 -50.99 -110.70
CA CYS G 1081 -5.75 -51.59 -111.57
C CYS G 1081 -5.94 -53.10 -111.64
N ARG G 1082 -7.19 -53.55 -111.78
CA ARG G 1082 -7.46 -54.97 -111.96
C ARG G 1082 -6.80 -55.47 -113.24
N ILE G 1083 -6.09 -56.59 -113.16
CA ILE G 1083 -5.38 -57.17 -114.29
C ILE G 1083 -5.97 -58.55 -114.57
N SER G 1084 -6.34 -58.78 -115.82
CA SER G 1084 -6.91 -60.04 -116.25
C SER G 1084 -5.92 -60.74 -117.19
N PHE G 1085 -5.75 -62.05 -116.99
CA PHE G 1085 -4.84 -62.83 -117.82
C PHE G 1085 -5.48 -63.10 -119.18
N GLY G 1086 -4.78 -63.85 -120.01
CA GLY G 1086 -5.27 -64.19 -121.34
C GLY G 1086 -5.28 -65.68 -121.57
N MET G 1087 -6.30 -66.14 -122.29
CA MET G 1087 -6.48 -67.56 -122.56
C MET G 1087 -6.42 -67.83 -124.05
N ASN G 1088 -5.77 -68.93 -124.42
CA ASN G 1088 -5.71 -69.39 -125.81
C ASN G 1088 -5.14 -68.33 -126.74
N GLY G 1089 -4.10 -67.64 -126.28
CA GLY G 1089 -3.42 -66.64 -127.09
C GLY G 1089 -3.96 -65.23 -126.94
N ALA G 1090 -5.04 -65.03 -126.20
CA ALA G 1090 -5.56 -63.68 -125.99
C ALA G 1090 -4.58 -62.87 -125.16
N ALA G 1091 -4.39 -61.60 -125.55
CA ALA G 1091 -3.45 -60.75 -124.86
C ALA G 1091 -4.01 -60.36 -123.50
N PRO G 1092 -3.16 -60.33 -122.46
CA PRO G 1092 -3.63 -59.85 -121.15
C PRO G 1092 -4.02 -58.38 -121.21
N MET G 1093 -5.02 -58.03 -120.41
CA MET G 1093 -5.58 -56.69 -120.42
C MET G 1093 -5.69 -56.16 -119.00
N ILE G 1094 -5.56 -54.84 -118.87
CA ILE G 1094 -5.56 -54.16 -117.57
C ILE G 1094 -6.59 -53.04 -117.61
N ARG G 1095 -7.35 -52.90 -116.52
CA ARG G 1095 -8.42 -51.91 -116.47
C ARG G 1095 -7.84 -50.50 -116.52
N ASP G 1096 -8.51 -49.64 -117.29
CA ASP G 1096 -8.15 -48.23 -117.38
C ASP G 1096 -8.75 -47.49 -116.18
N GLU G 1097 -8.65 -46.16 -116.18
CA GLU G 1097 -9.29 -45.37 -115.14
C GLU G 1097 -10.79 -45.26 -115.37
N THR G 1098 -11.23 -45.33 -116.63
CA THR G 1098 -12.64 -45.24 -116.98
C THR G 1098 -13.29 -46.61 -117.15
N GLY G 1099 -12.72 -47.64 -116.53
CA GLY G 1099 -13.28 -48.98 -116.60
C GLY G 1099 -13.23 -49.59 -117.98
N MET G 1100 -12.12 -49.40 -118.69
CA MET G 1100 -11.92 -49.97 -120.01
C MET G 1100 -10.71 -50.89 -119.96
N MET G 1101 -10.87 -52.12 -120.45
CA MET G 1101 -9.77 -53.06 -120.49
C MET G 1101 -8.92 -52.81 -121.74
N VAL G 1102 -7.62 -52.67 -121.55
CA VAL G 1102 -6.71 -52.38 -122.67
C VAL G 1102 -5.52 -53.32 -122.60
N PRO G 1103 -4.95 -53.71 -123.74
CA PRO G 1103 -3.80 -54.63 -123.74
C PRO G 1103 -2.52 -53.90 -123.34
N PHE G 1104 -1.44 -54.68 -123.22
CA PHE G 1104 -0.14 -54.16 -122.81
C PHE G 1104 0.54 -53.53 -124.03
N GLU G 1105 0.12 -52.30 -124.34
CA GLU G 1105 0.64 -51.58 -125.49
C GLU G 1105 0.22 -50.12 -125.39
N GLY G 1106 1.10 -49.23 -125.83
CA GLY G 1106 0.79 -47.82 -125.89
C GLY G 1106 1.53 -46.96 -124.89
N ASN G 1107 0.90 -45.86 -124.48
CA ASN G 1107 1.47 -44.92 -123.52
C ASN G 1107 0.59 -44.89 -122.28
N TRP G 1108 1.21 -45.03 -121.11
CA TRP G 1108 0.50 -45.11 -119.85
C TRP G 1108 1.09 -44.11 -118.86
N ILE G 1109 0.26 -43.71 -117.89
CA ILE G 1109 0.69 -42.92 -116.75
C ILE G 1109 0.40 -43.71 -115.49
N PHE G 1110 1.45 -44.03 -114.73
CA PHE G 1110 1.33 -44.75 -113.47
C PHE G 1110 1.75 -43.86 -112.33
N PRO G 1111 0.91 -43.63 -111.33
CA PRO G 1111 1.38 -42.96 -110.11
C PRO G 1111 2.44 -43.80 -109.40
N LEU G 1112 3.44 -43.11 -108.88
CA LEU G 1112 4.54 -43.79 -108.19
C LEU G 1112 4.02 -44.54 -106.98
N ALA G 1113 2.99 -44.01 -106.32
CA ALA G 1113 2.37 -44.74 -105.21
C ALA G 1113 1.78 -46.07 -105.68
N LEU G 1114 1.09 -46.07 -106.82
CA LEU G 1114 0.55 -47.31 -107.37
C LEU G 1114 1.66 -48.30 -107.70
N TRP G 1115 2.72 -47.83 -108.36
CA TRP G 1115 3.80 -48.74 -108.72
C TRP G 1115 4.48 -49.31 -107.47
N GLN G 1116 4.68 -48.48 -106.45
CA GLN G 1116 5.24 -48.98 -105.20
C GLN G 1116 4.32 -50.03 -104.57
N MET G 1117 3.02 -49.75 -104.52
CA MET G 1117 2.11 -50.66 -103.84
C MET G 1117 1.96 -51.98 -104.58
N ASN G 1118 2.19 -51.97 -105.90
CA ASN G 1118 2.10 -53.19 -106.69
C ASN G 1118 3.40 -53.47 -107.43
N THR G 1119 4.54 -53.27 -106.75
CA THR G 1119 5.84 -53.39 -107.42
C THR G 1119 6.09 -54.81 -107.92
N ARG G 1120 5.80 -55.83 -107.09
CA ARG G 1120 6.15 -57.18 -107.48
C ARG G 1120 5.25 -57.69 -108.59
N TYR G 1121 3.94 -57.44 -108.48
CA TYR G 1121 3.00 -57.89 -109.49
C TYR G 1121 3.27 -57.20 -110.83
N PHE G 1122 3.60 -55.91 -110.78
CA PHE G 1122 3.81 -55.17 -112.02
C PHE G 1122 5.12 -55.54 -112.69
N ASN G 1123 6.16 -55.83 -111.89
CA ASN G 1123 7.47 -56.13 -112.46
C ASN G 1123 7.43 -57.38 -113.32
N GLN G 1124 6.78 -58.44 -112.85
CA GLN G 1124 6.74 -59.68 -113.61
C GLN G 1124 5.91 -59.52 -114.88
N GLN G 1125 4.87 -58.70 -114.83
CA GLN G 1125 3.96 -58.59 -115.97
C GLN G 1125 4.47 -57.60 -117.01
N PHE G 1126 5.13 -56.53 -116.58
CA PHE G 1126 5.40 -55.41 -117.48
C PHE G 1126 6.83 -55.39 -118.03
N ASP G 1127 7.82 -55.84 -117.26
CA ASP G 1127 9.20 -55.73 -117.70
C ASP G 1127 9.46 -56.55 -118.97
N ALA G 1128 8.69 -57.62 -119.17
CA ALA G 1128 8.87 -58.42 -120.39
C ALA G 1128 8.53 -57.61 -121.63
N TRP G 1129 7.45 -56.83 -121.58
CA TRP G 1129 7.05 -56.03 -122.74
C TRP G 1129 7.90 -54.77 -122.87
N ILE G 1130 8.31 -54.20 -121.73
CA ILE G 1130 9.07 -52.95 -121.76
C ILE G 1130 10.43 -53.17 -122.40
N LYS G 1131 11.11 -54.27 -122.04
CA LYS G 1131 12.45 -54.52 -122.57
C LYS G 1131 12.41 -54.73 -124.08
N THR G 1132 11.51 -55.59 -124.56
CA THR G 1132 11.36 -55.87 -125.99
C THR G 1132 9.87 -55.73 -126.32
N GLY G 1133 9.52 -54.57 -126.87
CA GLY G 1133 8.13 -54.32 -127.20
C GLY G 1133 7.90 -52.84 -127.43
N GLU G 1134 6.62 -52.47 -127.44
CA GLU G 1134 6.20 -51.10 -127.67
C GLU G 1134 5.38 -50.53 -126.51
N LEU G 1135 5.70 -50.92 -125.29
CA LEU G 1135 5.01 -50.42 -124.11
C LEU G 1135 5.87 -49.35 -123.44
N ARG G 1136 5.29 -48.18 -123.24
CA ARG G 1136 5.97 -47.06 -122.61
C ARG G 1136 5.14 -46.55 -121.44
N ILE G 1137 5.80 -46.22 -120.34
CA ILE G 1137 5.14 -45.80 -119.11
C ILE G 1137 5.73 -44.48 -118.65
N ARG G 1138 4.87 -43.55 -118.25
CA ARG G 1138 5.29 -42.26 -117.71
C ARG G 1138 4.91 -42.22 -116.23
N ILE G 1139 5.82 -42.64 -115.37
CA ILE G 1139 5.61 -42.58 -113.93
C ILE G 1139 5.83 -41.14 -113.47
N GLU G 1140 4.79 -40.54 -112.88
CA GLU G 1140 4.85 -39.15 -112.47
C GLU G 1140 5.22 -39.06 -110.99
N MET G 1141 6.28 -38.29 -110.70
CA MET G 1141 6.78 -38.13 -109.35
C MET G 1141 6.68 -36.70 -108.85
N GLY G 1142 7.22 -35.74 -109.59
CA GLY G 1142 7.27 -34.36 -109.15
C GLY G 1142 8.67 -33.92 -108.81
N ALA G 1143 9.43 -34.80 -108.17
CA ALA G 1143 10.82 -34.54 -107.81
C ALA G 1143 11.50 -35.86 -107.49
N TYR G 1144 12.79 -35.95 -107.83
CA TYR G 1144 13.55 -37.17 -107.59
C TYR G 1144 15.05 -36.90 -107.71
N PRO G 1145 15.86 -37.57 -106.89
CA PRO G 1145 17.31 -37.50 -107.11
C PRO G 1145 17.71 -38.32 -108.33
N TYR G 1146 18.85 -37.95 -108.92
CA TYR G 1146 19.33 -38.58 -110.13
C TYR G 1146 20.82 -38.88 -110.00
N MET G 1147 21.25 -39.91 -110.74
CA MET G 1147 22.65 -40.32 -110.77
C MET G 1147 23.04 -40.59 -112.21
N LEU G 1148 24.14 -40.00 -112.65
CA LEU G 1148 24.54 -40.01 -114.06
C LEU G 1148 25.48 -41.18 -114.35
N HIS G 1149 25.55 -41.54 -115.63
CA HIS G 1149 26.45 -42.57 -116.11
C HIS G 1149 26.93 -42.16 -117.51
N TYR G 1150 28.25 -42.10 -117.69
CA TYR G 1150 28.84 -41.63 -118.92
C TYR G 1150 29.41 -42.80 -119.71
N TYR G 1151 29.10 -42.86 -121.00
CA TYR G 1151 29.54 -43.94 -121.87
C TYR G 1151 30.22 -43.37 -123.09
N ASP G 1152 31.17 -44.13 -123.63
CA ASP G 1152 31.86 -43.72 -124.85
C ASP G 1152 30.93 -43.92 -126.04
N PRO G 1153 30.69 -42.88 -126.85
CA PRO G 1153 29.71 -43.00 -127.93
C PRO G 1153 30.19 -43.77 -129.15
N ARG G 1154 31.38 -44.35 -129.12
CA ARG G 1154 31.89 -45.13 -130.25
C ARG G 1154 31.70 -46.63 -130.06
N GLN G 1155 31.05 -47.06 -128.99
CA GLN G 1155 30.85 -48.46 -128.70
C GLN G 1155 29.42 -48.71 -128.26
N TYR G 1156 28.96 -49.94 -128.47
CA TYR G 1156 27.62 -50.33 -128.05
C TYR G 1156 27.46 -50.18 -126.55
N ALA G 1157 26.35 -49.58 -126.13
CA ALA G 1157 26.10 -49.29 -124.71
C ALA G 1157 24.61 -49.47 -124.44
N ASN G 1158 24.25 -50.63 -123.89
CA ASN G 1158 22.88 -50.92 -123.52
C ASN G 1158 22.67 -50.56 -122.05
N ALA G 1159 21.61 -49.81 -121.77
CA ALA G 1159 21.31 -49.33 -120.43
C ALA G 1159 20.16 -50.08 -119.77
N TRP G 1160 19.89 -51.31 -120.22
CA TRP G 1160 18.76 -52.05 -119.66
C TRP G 1160 19.03 -52.52 -118.23
N ASN G 1161 20.28 -52.85 -117.90
CA ASN G 1161 20.57 -53.41 -116.58
C ASN G 1161 20.27 -52.42 -115.48
N LEU G 1162 20.66 -51.16 -115.66
CA LEU G 1162 20.43 -50.16 -114.63
C LEU G 1162 18.93 -49.93 -114.41
N THR G 1163 18.17 -49.84 -115.49
CA THR G 1163 16.72 -49.64 -115.36
C THR G 1163 16.06 -50.86 -114.73
N SER G 1164 16.53 -52.06 -115.07
CA SER G 1164 15.98 -53.27 -114.46
C SER G 1164 16.25 -53.29 -112.96
N ALA G 1165 17.47 -52.93 -112.56
CA ALA G 1165 17.80 -52.88 -111.14
C ALA G 1165 16.94 -51.84 -110.42
N TRP G 1166 16.75 -50.67 -111.04
CA TRP G 1166 15.91 -49.64 -110.44
C TRP G 1166 14.47 -50.13 -110.27
N LEU G 1167 13.90 -50.73 -111.32
CA LEU G 1167 12.51 -51.19 -111.25
C LEU G 1167 12.35 -52.32 -110.24
N GLU G 1168 13.32 -53.24 -110.15
CA GLU G 1168 13.27 -54.28 -109.14
C GLU G 1168 13.46 -53.74 -107.73
N GLU G 1169 14.18 -52.63 -107.56
CA GLU G 1169 14.45 -52.09 -106.23
C GLU G 1169 13.39 -51.09 -105.78
N ILE G 1170 12.49 -50.67 -106.67
CA ILE G 1170 11.36 -49.84 -106.23
C ILE G 1170 10.57 -50.61 -105.18
N THR G 1171 10.28 -49.94 -104.06
CA THR G 1171 9.72 -50.56 -102.87
C THR G 1171 8.58 -49.69 -102.36
N PRO G 1172 7.54 -50.30 -101.75
CA PRO G 1172 6.47 -49.49 -101.16
C PRO G 1172 6.94 -48.42 -100.20
N THR G 1173 8.10 -48.64 -99.59
CA THR G 1173 8.67 -47.69 -98.62
C THR G 1173 9.70 -46.76 -99.23
N SER G 1174 10.61 -47.28 -100.05
CA SER G 1174 11.73 -46.49 -100.57
C SER G 1174 11.92 -46.72 -102.06
N ILE G 1175 12.54 -45.74 -102.71
CA ILE G 1175 12.95 -45.86 -104.10
C ILE G 1175 14.41 -45.44 -104.20
N PRO G 1176 15.19 -46.01 -105.12
CA PRO G 1176 16.57 -45.56 -105.29
C PRO G 1176 16.69 -44.41 -106.27
N SER G 1177 17.90 -43.88 -106.44
CA SER G 1177 18.10 -42.76 -107.36
C SER G 1177 17.91 -43.20 -108.80
N VAL G 1178 17.40 -42.29 -109.61
CA VAL G 1178 17.11 -42.57 -111.02
C VAL G 1178 18.41 -42.62 -111.81
N PRO G 1179 18.70 -43.71 -112.52
CA PRO G 1179 19.93 -43.78 -113.30
C PRO G 1179 19.77 -43.25 -114.72
N PHE G 1180 20.65 -42.36 -115.14
CA PHE G 1180 20.67 -41.82 -116.49
C PHE G 1180 21.97 -42.20 -117.17
N MET G 1181 21.89 -42.44 -118.48
CA MET G 1181 23.06 -42.77 -119.30
C MET G 1181 23.27 -41.63 -120.29
N VAL G 1182 24.34 -40.86 -120.08
CA VAL G 1182 24.60 -39.63 -120.82
C VAL G 1182 25.86 -39.83 -121.64
N PRO G 1183 25.86 -39.50 -122.93
CA PRO G 1183 27.07 -39.65 -123.74
C PRO G 1183 28.11 -38.59 -123.40
N ILE G 1184 29.36 -38.90 -123.76
CA ILE G 1184 30.48 -38.00 -123.52
C ILE G 1184 30.68 -37.12 -124.74
N SER G 1185 30.82 -35.81 -124.50
CA SER G 1185 31.07 -34.89 -125.61
C SER G 1185 32.44 -35.16 -126.23
N SER G 1186 32.51 -35.00 -127.54
CA SER G 1186 33.72 -35.32 -128.30
C SER G 1186 34.28 -34.06 -128.94
N ASP G 1187 35.61 -33.88 -128.80
CA ASP G 1187 36.27 -32.73 -129.41
C ASP G 1187 36.28 -32.84 -130.93
N HIS G 1188 36.68 -33.99 -131.45
CA HIS G 1188 36.91 -34.20 -132.87
C HIS G 1188 35.88 -35.17 -133.44
N ASP G 1189 35.98 -35.42 -134.73
CA ASP G 1189 35.06 -36.34 -135.39
C ASP G 1189 35.25 -37.76 -134.87
N ILE G 1190 34.13 -38.46 -134.68
CA ILE G 1190 34.13 -39.81 -134.16
C ILE G 1190 33.14 -40.64 -134.97
N SER G 1191 33.24 -41.96 -134.84
CA SER G 1191 32.29 -42.86 -135.45
C SER G 1191 31.00 -42.91 -134.63
N SER G 1192 30.04 -43.71 -135.09
CA SER G 1192 28.75 -43.81 -134.43
C SER G 1192 28.45 -45.27 -134.14
N ALA G 1193 27.93 -45.53 -132.94
CA ALA G 1193 27.55 -46.87 -132.51
C ALA G 1193 26.17 -46.84 -131.88
N PRO G 1194 25.40 -47.91 -132.01
CA PRO G 1194 24.07 -47.94 -131.41
C PRO G 1194 24.13 -47.87 -129.90
N ALA G 1195 23.09 -47.28 -129.31
CA ALA G 1195 23.01 -47.12 -127.85
C ALA G 1195 21.55 -47.21 -127.45
N VAL G 1196 21.17 -48.32 -126.83
CA VAL G 1196 19.79 -48.53 -126.40
C VAL G 1196 19.53 -47.67 -125.16
N GLN G 1197 18.41 -46.95 -125.17
CA GLN G 1197 18.04 -46.05 -124.08
C GLN G 1197 16.65 -46.41 -123.58
N TYR G 1198 16.48 -46.41 -122.26
CA TYR G 1198 15.21 -46.77 -121.64
C TYR G 1198 14.60 -45.65 -120.83
N ILE G 1199 15.37 -45.02 -119.95
CA ILE G 1199 14.85 -44.00 -119.04
C ILE G 1199 15.31 -42.64 -119.52
N ILE G 1200 14.35 -41.75 -119.78
CA ILE G 1200 14.62 -40.36 -120.15
C ILE G 1200 13.75 -39.47 -119.29
N SER G 1201 14.15 -38.20 -119.20
CA SER G 1201 13.43 -37.23 -118.40
C SER G 1201 12.27 -36.64 -119.20
N THR G 1202 11.57 -35.68 -118.59
CA THR G 1202 10.46 -34.98 -119.22
C THR G 1202 10.77 -33.51 -119.47
N GLU G 1203 11.28 -32.81 -118.47
CA GLU G 1203 11.66 -31.41 -118.59
C GLU G 1203 13.17 -31.28 -118.68
N TYR G 1204 13.62 -30.09 -119.09
CA TYR G 1204 15.05 -29.83 -119.18
C TYR G 1204 15.67 -29.87 -117.79
N ASN G 1205 16.78 -30.61 -117.67
CA ASN G 1205 17.42 -30.79 -116.37
C ASN G 1205 18.94 -30.69 -116.44
N ASP G 1206 19.49 -30.01 -117.45
CA ASP G 1206 20.93 -29.87 -117.61
C ASP G 1206 21.44 -28.52 -117.12
N ARG G 1207 20.81 -27.96 -116.08
CA ARG G 1207 21.26 -26.68 -115.56
C ARG G 1207 22.56 -26.79 -114.78
N SER G 1208 22.98 -28.01 -114.43
CA SER G 1208 24.22 -28.20 -113.70
C SER G 1208 25.43 -28.30 -114.61
N LEU G 1209 25.23 -28.40 -115.93
CA LEU G 1209 26.34 -28.48 -116.86
C LEU G 1209 27.01 -27.13 -117.01
N PHE G 1210 28.33 -27.09 -116.78
CA PHE G 1210 29.06 -25.83 -116.84
C PHE G 1210 29.67 -25.61 -118.22
N CYS G 1211 30.51 -26.54 -118.65
CA CYS G 1211 31.18 -26.43 -119.94
C CYS G 1211 31.66 -27.81 -120.40
N THR G 1212 31.66 -28.01 -121.72
CA THR G 1212 32.14 -29.24 -122.32
C THR G 1212 33.33 -28.93 -123.21
N ASN G 1213 34.40 -29.72 -123.06
CA ASN G 1213 35.64 -29.52 -123.79
C ASN G 1213 36.17 -28.10 -123.59
N SER G 1214 36.42 -27.77 -122.32
CA SER G 1214 36.82 -26.41 -121.97
C SER G 1214 38.19 -26.05 -122.55
N SER G 1215 39.03 -27.05 -122.78
CA SER G 1215 40.37 -26.83 -123.30
C SER G 1215 40.46 -27.02 -124.81
N SER G 1216 39.33 -27.15 -125.48
CA SER G 1216 39.28 -27.42 -126.91
C SER G 1216 38.67 -26.23 -127.66
N PRO G 1217 39.06 -26.03 -128.92
CA PRO G 1217 38.47 -24.92 -129.68
C PRO G 1217 36.98 -25.04 -129.87
N GLN G 1218 36.45 -26.25 -130.03
CA GLN G 1218 35.05 -26.43 -130.33
C GLN G 1218 34.64 -27.86 -129.97
N THR G 1219 33.33 -28.05 -129.83
CA THR G 1219 32.73 -29.36 -129.61
C THR G 1219 31.93 -29.75 -130.83
N ILE G 1220 32.19 -30.94 -131.36
CA ILE G 1220 31.56 -31.40 -132.59
C ILE G 1220 30.45 -32.40 -132.32
N ALA G 1221 30.71 -33.40 -131.49
CA ALA G 1221 29.75 -34.47 -131.23
C ALA G 1221 29.35 -34.47 -129.76
N GLY G 1222 28.07 -34.69 -129.51
CA GLY G 1222 27.56 -34.77 -128.16
C GLY G 1222 27.00 -33.46 -127.67
N PRO G 1223 26.46 -33.45 -126.46
CA PRO G 1223 25.96 -32.19 -125.88
C PRO G 1223 27.10 -31.22 -125.64
N ASP G 1224 26.80 -29.93 -125.80
CA ASP G 1224 27.81 -28.90 -125.62
C ASP G 1224 27.17 -27.61 -125.11
N LYS G 1225 27.99 -26.79 -124.47
CA LYS G 1225 27.61 -25.46 -124.03
C LYS G 1225 28.87 -24.74 -123.57
N HIS G 1226 29.00 -23.47 -123.97
CA HIS G 1226 30.18 -22.69 -123.62
C HIS G 1226 30.10 -22.24 -122.16
N ILE G 1227 31.06 -21.41 -121.76
CA ILE G 1227 31.01 -20.82 -120.42
C ILE G 1227 29.74 -20.00 -120.28
N PRO G 1228 28.94 -20.20 -119.23
CA PRO G 1228 27.64 -19.50 -119.16
C PRO G 1228 27.80 -17.99 -119.00
N VAL G 1229 27.45 -17.26 -120.06
CA VAL G 1229 27.48 -15.80 -120.01
C VAL G 1229 26.45 -15.28 -119.01
N GLU G 1230 25.32 -15.96 -118.87
CA GLU G 1230 24.28 -15.53 -117.96
C GLU G 1230 24.76 -15.45 -116.52
N ARG G 1231 25.83 -16.17 -116.17
CA ARG G 1231 26.39 -16.04 -114.82
C ARG G 1231 27.30 -14.82 -114.72
N TYR G 1232 28.40 -14.82 -115.44
CA TYR G 1232 29.39 -13.76 -115.29
C TYR G 1232 28.89 -12.46 -115.90
N ASN G 1233 27.88 -11.87 -115.27
CA ASN G 1233 27.26 -10.65 -115.79
C ASN G 1233 28.15 -9.43 -115.58
N ILE G 1234 28.85 -9.36 -114.44
CA ILE G 1234 29.68 -8.20 -114.14
C ILE G 1234 30.82 -8.09 -115.15
N LEU G 1235 31.39 -9.23 -115.55
CA LEU G 1235 32.55 -9.23 -116.43
C LEU G 1235 32.18 -9.17 -117.91
N THR G 1236 31.02 -9.73 -118.28
CA THR G 1236 30.65 -9.80 -119.69
C THR G 1236 29.80 -8.61 -120.14
N ASN G 1237 29.05 -7.99 -119.25
CA ASN G 1237 28.18 -6.86 -119.61
C ASN G 1237 28.89 -5.57 -119.25
N PRO G 1238 29.37 -4.80 -120.23
CA PRO G 1238 30.11 -3.56 -119.92
C PRO G 1238 29.25 -2.50 -119.26
N ASP G 1239 27.93 -2.54 -119.43
CA ASP G 1239 27.05 -1.49 -118.94
C ASP G 1239 26.39 -1.82 -117.60
N ALA G 1240 26.54 -3.04 -117.12
CA ALA G 1240 25.94 -3.41 -115.84
C ALA G 1240 26.70 -2.76 -114.70
N PRO G 1241 26.01 -2.15 -113.74
CA PRO G 1241 26.72 -1.56 -112.60
C PRO G 1241 27.41 -2.64 -111.78
N PRO G 1242 28.55 -2.32 -111.15
CA PRO G 1242 29.27 -3.34 -110.36
C PRO G 1242 28.45 -3.94 -109.25
N THR G 1243 27.62 -3.16 -108.58
CA THR G 1243 26.81 -3.64 -107.46
C THR G 1243 25.41 -4.05 -107.94
N GLN G 1244 25.40 -5.00 -108.86
CA GLN G 1244 24.15 -5.54 -109.40
C GLN G 1244 24.11 -7.04 -109.19
N ILE G 1245 22.96 -7.55 -108.75
CA ILE G 1245 22.73 -8.98 -108.62
C ILE G 1245 21.41 -9.33 -109.28
N GLN G 1246 21.38 -10.47 -109.96
CA GLN G 1246 20.15 -11.06 -110.47
C GLN G 1246 20.00 -12.42 -109.77
N LEU G 1247 19.43 -12.36 -108.58
CA LEU G 1247 19.44 -13.43 -107.59
C LEU G 1247 18.41 -14.54 -107.81
N PRO G 1248 17.12 -14.23 -107.99
CA PRO G 1248 16.11 -15.29 -107.93
C PRO G 1248 16.14 -16.25 -109.11
N GLU G 1249 16.91 -15.98 -110.15
CA GLU G 1249 17.00 -16.90 -111.29
C GLU G 1249 18.36 -17.59 -111.42
N VAL G 1250 19.47 -16.88 -111.19
CA VAL G 1250 20.80 -17.43 -111.38
C VAL G 1250 21.66 -17.06 -110.17
N VAL G 1251 22.94 -17.44 -110.25
CA VAL G 1251 23.88 -17.28 -109.16
C VAL G 1251 24.95 -16.24 -109.48
N ASP G 1252 25.40 -16.20 -110.73
CA ASP G 1252 26.37 -15.28 -111.35
C ASP G 1252 27.81 -15.59 -110.97
N LEU G 1253 28.07 -16.44 -109.96
CA LEU G 1253 29.39 -17.00 -109.68
C LEU G 1253 30.51 -15.97 -109.59
N TYR G 1254 30.17 -14.68 -109.54
CA TYR G 1254 31.17 -13.63 -109.48
C TYR G 1254 30.49 -12.32 -109.09
N ASN G 1255 30.89 -11.71 -107.98
CA ASN G 1255 30.21 -10.53 -107.48
C ASN G 1255 31.18 -9.64 -106.71
N VAL G 1256 30.77 -8.40 -106.52
CA VAL G 1256 31.46 -7.50 -105.60
C VAL G 1256 31.05 -7.86 -104.17
N VAL G 1257 32.04 -8.05 -103.30
CA VAL G 1257 31.80 -8.46 -101.93
C VAL G 1257 32.50 -7.48 -100.99
N THR G 1258 31.80 -7.07 -99.94
CA THR G 1258 32.35 -6.15 -98.94
C THR G 1258 33.01 -6.96 -97.84
N ARG G 1259 34.23 -6.58 -97.47
CA ARG G 1259 35.00 -7.27 -96.44
C ARG G 1259 35.34 -6.27 -95.35
N TYR G 1260 34.98 -6.59 -94.12
CA TYR G 1260 35.11 -5.67 -92.99
C TYR G 1260 36.36 -6.00 -92.17
N ALA G 1261 36.77 -5.01 -91.37
CA ALA G 1261 37.90 -5.17 -90.48
C ALA G 1261 37.57 -4.67 -89.08
N TYR G 1262 36.28 -4.69 -88.72
CA TYR G 1262 35.88 -4.32 -87.37
C TYR G 1262 36.46 -5.31 -86.37
N GLU G 1263 36.82 -4.80 -85.20
CA GLU G 1263 37.36 -5.62 -84.12
C GLU G 1263 36.46 -5.50 -82.91
N THR G 1264 36.18 -6.63 -82.26
CA THR G 1264 35.26 -6.67 -81.13
C THR G 1264 36.00 -6.88 -79.82
N PRO G 1265 36.16 -5.85 -78.99
CA PRO G 1265 36.77 -6.03 -77.69
C PRO G 1265 35.72 -6.28 -76.62
N PRO G 1266 36.11 -6.78 -75.46
CA PRO G 1266 35.17 -6.87 -74.34
C PRO G 1266 34.78 -5.49 -73.84
N ILE G 1267 33.62 -5.44 -73.18
CA ILE G 1267 33.06 -4.16 -72.76
C ILE G 1267 34.00 -3.43 -71.81
N THR G 1268 34.54 -4.16 -70.82
CA THR G 1268 35.38 -3.52 -69.81
C THR G 1268 36.70 -3.04 -70.40
N ALA G 1269 37.10 -3.59 -71.56
CA ALA G 1269 38.33 -3.14 -72.19
C ALA G 1269 38.21 -1.70 -72.67
N VAL G 1270 37.04 -1.33 -73.20
CA VAL G 1270 36.87 0.02 -73.73
C VAL G 1270 36.28 0.95 -72.68
N VAL G 1271 35.44 0.42 -71.79
CA VAL G 1271 34.77 1.22 -70.77
C VAL G 1271 35.48 0.98 -69.45
N MET G 1272 36.12 2.01 -68.93
CA MET G 1272 36.83 1.93 -67.66
C MET G 1272 36.05 2.68 -66.58
N GLY G 1273 36.03 2.08 -65.40
CA GLY G 1273 35.33 2.65 -64.26
C GLY G 1273 36.30 3.12 -63.19
N VAL G 1274 35.97 4.26 -62.58
CA VAL G 1274 36.82 4.78 -61.51
C VAL G 1274 36.68 3.90 -60.27
N PRO G 1275 37.76 3.34 -59.73
CA PRO G 1275 37.68 2.43 -58.58
C PRO G 1275 37.57 3.18 -57.25
N GLY H 180 32.39 -34.97 -33.84
CA GLY H 180 31.55 -35.05 -32.65
C GLY H 180 30.68 -33.83 -32.46
N TYR H 181 29.58 -34.00 -31.73
CA TYR H 181 28.64 -32.93 -31.45
C TYR H 181 28.22 -33.03 -29.98
N GLN H 182 28.26 -31.90 -29.28
CA GLN H 182 28.10 -31.87 -27.83
C GLN H 182 26.86 -31.09 -27.45
N CYS H 183 26.05 -31.66 -26.56
CA CYS H 183 24.89 -30.97 -26.02
C CYS H 183 25.33 -29.92 -25.01
N HIS H 184 24.52 -28.87 -24.86
CA HIS H 184 24.95 -27.72 -24.06
C HIS H 184 24.44 -27.82 -22.63
N VAL H 185 23.15 -28.14 -22.45
CA VAL H 185 22.59 -28.15 -21.10
C VAL H 185 23.24 -29.24 -20.25
N CYS H 186 23.44 -30.42 -20.81
CA CYS H 186 24.24 -31.47 -20.19
C CYS H 186 25.33 -31.87 -21.17
N SER H 187 26.56 -31.93 -20.68
CA SER H 187 27.71 -32.17 -21.56
C SER H 187 27.69 -33.62 -22.00
N ALA H 188 27.08 -33.88 -23.15
CA ALA H 188 27.05 -35.22 -23.74
C ALA H 188 27.41 -35.09 -25.22
N VAL H 189 28.39 -35.87 -25.66
CA VAL H 189 28.85 -35.83 -27.05
C VAL H 189 28.13 -36.95 -27.80
N LEU H 190 27.41 -36.57 -28.86
CA LEU H 190 26.69 -37.52 -29.70
C LEU H 190 27.35 -37.54 -31.08
N PHE H 191 27.72 -38.74 -31.54
CA PHE H 191 28.50 -38.85 -32.77
C PHE H 191 27.66 -38.48 -33.99
N SER H 192 26.44 -39.02 -34.09
CA SER H 192 25.61 -38.73 -35.25
C SER H 192 25.07 -37.30 -35.16
N PRO H 193 25.15 -36.53 -36.25
CA PRO H 193 24.73 -35.12 -36.19
C PRO H 193 23.25 -34.92 -35.93
N LEU H 194 22.40 -35.93 -36.13
CA LEU H 194 20.96 -35.73 -36.11
C LEU H 194 20.32 -36.06 -34.77
N ASP H 195 20.87 -37.00 -33.99
CA ASP H 195 20.23 -37.37 -32.73
C ASP H 195 20.47 -36.34 -31.63
N LEU H 196 21.35 -35.35 -31.85
CA LEU H 196 21.53 -34.30 -30.87
C LEU H 196 20.24 -33.49 -30.70
N ASP H 197 19.48 -33.30 -31.78
CA ASP H 197 18.20 -32.61 -31.66
C ASP H 197 17.23 -33.40 -30.79
N ALA H 198 17.19 -34.73 -30.97
CA ALA H 198 16.35 -35.56 -30.12
C ALA H 198 16.80 -35.50 -28.67
N HIS H 199 18.11 -35.49 -28.45
CA HIS H 199 18.63 -35.38 -27.09
C HIS H 199 18.24 -34.05 -26.44
N VAL H 200 18.31 -32.96 -27.22
CA VAL H 200 17.90 -31.66 -26.71
C VAL H 200 16.41 -31.65 -26.40
N ALA H 201 15.60 -32.26 -27.26
CA ALA H 201 14.17 -32.34 -27.00
C ALA H 201 13.88 -33.14 -25.73
N SER H 202 14.62 -34.24 -25.53
CA SER H 202 14.46 -35.01 -24.30
C SER H 202 14.84 -34.18 -23.08
N HIS H 203 15.93 -33.39 -23.18
CA HIS H 203 16.29 -32.49 -22.10
C HIS H 203 15.24 -31.41 -21.86
N GLY H 204 14.50 -31.01 -22.89
CA GLY H 204 13.48 -29.99 -22.75
C GLY H 204 12.21 -30.49 -22.09
N SER H 213 9.47 -24.41 -13.94
CA SER H 213 9.72 -24.34 -12.50
C SER H 213 10.03 -25.72 -11.93
N SER H 214 9.84 -25.88 -10.62
CA SER H 214 10.12 -27.14 -9.94
C SER H 214 8.88 -27.77 -9.34
N GLU H 215 8.12 -27.02 -8.52
CA GLU H 215 6.95 -27.60 -7.87
C GLU H 215 5.86 -27.95 -8.88
N ILE H 216 5.53 -27.00 -9.76
CA ILE H 216 4.51 -27.27 -10.76
C ILE H 216 4.98 -28.32 -11.74
N GLN H 217 6.29 -28.35 -12.05
CA GLN H 217 6.82 -29.40 -12.92
C GLN H 217 6.65 -30.77 -12.30
N ARG H 218 6.96 -30.90 -11.00
CA ARG H 218 6.77 -32.18 -10.33
C ARG H 218 5.30 -32.57 -10.30
N HIS H 219 4.42 -31.59 -10.05
CA HIS H 219 2.99 -31.90 -9.98
C HIS H 219 2.45 -32.36 -11.33
N ILE H 220 2.85 -31.69 -12.42
CA ILE H 220 2.37 -32.11 -13.74
C ILE H 220 2.98 -33.45 -14.13
N THR H 221 4.24 -33.71 -13.75
CA THR H 221 4.82 -35.01 -14.03
C THR H 221 4.08 -36.12 -13.31
N GLU H 222 3.73 -35.90 -12.04
CA GLU H 222 2.95 -36.88 -11.30
C GLU H 222 1.57 -37.08 -11.92
N PHE H 223 0.94 -35.98 -12.37
CA PHE H 223 -0.38 -36.09 -12.99
C PHE H 223 -0.31 -36.90 -14.27
N ILE H 224 0.70 -36.67 -15.09
CA ILE H 224 0.87 -37.45 -16.32
C ILE H 224 1.13 -38.92 -15.98
N SER H 225 1.99 -39.17 -14.99
CA SER H 225 2.33 -40.54 -14.64
C SER H 225 1.15 -41.31 -14.09
N SER H 226 0.24 -40.64 -13.36
CA SER H 226 -0.86 -41.33 -12.72
C SER H 226 -2.02 -41.64 -13.67
N TRP H 227 -1.98 -41.14 -14.90
CA TRP H 227 -3.04 -41.36 -15.88
C TRP H 227 -2.50 -42.04 -17.12
N GLN H 228 -1.68 -43.09 -16.93
CA GLN H 228 -1.07 -43.79 -18.05
C GLN H 228 -1.83 -45.05 -18.44
N ASN H 229 -2.11 -45.91 -17.47
CA ASN H 229 -2.74 -47.21 -17.74
C ASN H 229 -4.22 -47.24 -17.40
N HIS H 230 -4.83 -46.11 -17.10
CA HIS H 230 -6.27 -46.09 -16.86
C HIS H 230 -7.01 -46.32 -18.17
N PRO H 231 -7.96 -47.26 -18.21
CA PRO H 231 -8.60 -47.64 -19.48
C PRO H 231 -9.65 -46.63 -19.97
N ILE H 232 -9.30 -45.35 -19.93
CA ILE H 232 -9.99 -44.32 -20.68
C ILE H 232 -9.06 -43.61 -21.66
N VAL H 233 -7.84 -43.28 -21.22
CA VAL H 233 -6.81 -42.86 -22.15
C VAL H 233 -6.32 -44.06 -22.98
N GLN H 234 -6.22 -45.22 -22.35
CA GLN H 234 -5.74 -46.48 -22.95
C GLN H 234 -4.62 -46.29 -23.97
N THR H 244 -25.90 -64.22 -17.41
CA THR H 244 -24.65 -63.54 -17.71
C THR H 244 -24.12 -63.96 -19.07
N ALA H 245 -23.42 -65.09 -19.10
CA ALA H 245 -22.94 -65.63 -20.37
C ALA H 245 -24.09 -66.02 -21.27
N GLN H 246 -25.17 -66.55 -20.70
CA GLN H 246 -26.35 -66.88 -21.48
C GLN H 246 -26.97 -65.64 -22.10
N LEU H 247 -27.04 -64.55 -21.35
CA LEU H 247 -27.62 -63.33 -21.88
C LEU H 247 -26.70 -62.67 -22.90
N LEU H 248 -25.38 -62.82 -22.74
CA LEU H 248 -24.45 -62.32 -23.75
C LEU H 248 -24.59 -63.10 -25.06
N HIS H 249 -24.63 -64.43 -24.97
CA HIS H 249 -24.65 -65.27 -26.16
C HIS H 249 -25.53 -66.49 -25.86
N ALA H 250 -26.79 -66.42 -26.27
CA ALA H 250 -27.72 -67.52 -26.11
C ALA H 250 -27.62 -68.47 -27.30
N ASP H 251 -27.62 -69.77 -27.00
CA ASP H 251 -27.48 -70.77 -28.05
C ASP H 251 -28.64 -70.69 -29.03
N THR H 252 -28.32 -70.70 -30.32
CA THR H 252 -29.36 -70.61 -31.34
C THR H 252 -30.07 -71.94 -31.51
N PRO H 253 -31.37 -71.92 -31.78
CA PRO H 253 -32.11 -73.15 -32.05
C PRO H 253 -31.90 -73.61 -33.49
N ARG H 254 -32.36 -74.83 -33.76
CA ARG H 254 -32.33 -75.41 -35.10
C ARG H 254 -33.76 -75.44 -35.62
N LEU H 255 -34.06 -74.57 -36.58
CA LEU H 255 -35.41 -74.49 -37.14
C LEU H 255 -35.59 -75.41 -38.34
N VAL H 256 -34.76 -75.21 -39.37
CA VAL H 256 -34.86 -75.99 -40.60
C VAL H 256 -34.01 -77.24 -40.47
N THR H 257 -34.65 -78.41 -40.61
CA THR H 257 -33.97 -79.70 -40.60
C THR H 257 -34.60 -80.55 -41.68
N TRP H 258 -33.88 -80.79 -42.76
CA TRP H 258 -34.44 -81.47 -43.91
C TRP H 258 -34.58 -82.97 -43.65
N ASP H 259 -35.54 -83.58 -44.33
CA ASP H 259 -35.77 -85.02 -44.26
C ASP H 259 -35.83 -85.55 -45.69
N ALA H 260 -35.08 -86.62 -45.96
CA ALA H 260 -34.98 -87.17 -47.30
C ALA H 260 -35.82 -88.42 -47.50
N GLY H 261 -36.06 -89.20 -46.45
CA GLY H 261 -36.87 -90.39 -46.58
C GLY H 261 -38.36 -90.08 -46.62
N LEU H 262 -39.14 -91.12 -46.86
CA LEU H 262 -40.59 -90.98 -46.89
C LEU H 262 -41.12 -90.66 -45.49
N CYS H 263 -42.09 -89.75 -45.44
CA CYS H 263 -42.58 -89.20 -44.17
C CYS H 263 -43.80 -89.98 -43.71
N THR H 264 -43.64 -90.75 -42.63
CA THR H 264 -44.74 -91.45 -42.00
C THR H 264 -44.32 -91.85 -40.60
N SER H 265 -45.28 -92.31 -39.82
CA SER H 265 -45.01 -92.74 -38.45
C SER H 265 -45.70 -94.03 -38.06
N PHE H 266 -46.49 -94.64 -38.95
CA PHE H 266 -47.16 -95.91 -38.68
C PHE H 266 -46.55 -96.96 -39.59
N LYS H 267 -46.08 -98.05 -38.99
CA LYS H 267 -45.48 -99.16 -39.72
C LYS H 267 -46.32 -100.41 -39.52
N ILE H 268 -46.41 -101.23 -40.56
CA ILE H 268 -47.14 -102.48 -40.51
C ILE H 268 -46.16 -103.59 -40.13
N VAL H 269 -46.49 -104.34 -39.09
CA VAL H 269 -45.58 -105.37 -38.59
C VAL H 269 -46.29 -106.72 -38.53
N PRO H 270 -45.69 -107.77 -39.07
CA PRO H 270 -46.25 -109.12 -38.89
C PRO H 270 -46.09 -109.58 -37.45
N ILE H 271 -46.97 -110.51 -37.06
CA ILE H 271 -46.99 -111.04 -35.70
C ILE H 271 -46.61 -112.53 -35.66
N VAL H 272 -47.39 -113.36 -36.33
CA VAL H 272 -47.17 -114.81 -36.35
C VAL H 272 -46.80 -115.20 -37.77
N PRO H 273 -45.98 -116.23 -37.96
CA PRO H 273 -45.65 -116.65 -39.33
C PRO H 273 -46.88 -117.23 -40.03
N ALA H 274 -46.90 -117.10 -41.36
CA ALA H 274 -47.96 -117.66 -42.16
C ALA H 274 -47.71 -119.14 -42.44
N GLN H 275 -48.77 -119.83 -42.83
CA GLN H 275 -48.69 -121.26 -43.14
C GLN H 275 -48.54 -121.46 -44.65
N VAL H 276 -47.38 -121.01 -45.15
CA VAL H 276 -47.11 -121.13 -46.58
C VAL H 276 -47.07 -122.59 -47.03
N PRO H 277 -46.32 -123.50 -46.38
CA PRO H 277 -46.45 -124.93 -46.72
C PRO H 277 -47.65 -125.54 -46.02
N GLN H 278 -48.69 -125.86 -46.79
CA GLN H 278 -49.90 -126.43 -46.24
C GLN H 278 -50.43 -127.51 -47.18
N ASP H 279 -51.21 -128.42 -46.58
CA ASP H 279 -51.71 -129.57 -47.34
C ASP H 279 -52.77 -129.17 -48.36
N VAL H 280 -53.59 -128.17 -48.05
CA VAL H 280 -54.74 -127.86 -48.89
C VAL H 280 -54.30 -127.20 -50.20
N LEU H 281 -53.66 -126.04 -50.11
CA LEU H 281 -53.24 -125.30 -51.29
C LEU H 281 -51.79 -125.61 -51.63
N ALA H 282 -51.53 -125.85 -52.91
CA ALA H 282 -50.17 -126.12 -53.37
C ALA H 282 -49.28 -124.91 -53.14
N TYR H 283 -48.01 -125.16 -52.85
CA TYR H 283 -47.07 -124.09 -52.55
C TYR H 283 -46.80 -123.19 -53.74
N THR H 284 -47.19 -123.57 -54.95
CA THR H 284 -46.99 -122.74 -56.13
C THR H 284 -47.98 -121.59 -56.22
N PHE H 285 -49.04 -121.60 -55.40
CA PHE H 285 -50.03 -120.52 -55.46
C PHE H 285 -49.48 -119.24 -54.85
N PHE H 286 -48.82 -119.33 -53.71
CA PHE H 286 -48.39 -118.14 -52.99
C PHE H 286 -47.24 -117.44 -53.70
N THR H 287 -47.26 -116.11 -53.69
CA THR H 287 -46.17 -115.33 -54.26
C THR H 287 -44.89 -115.43 -53.45
N SER H 288 -44.98 -115.88 -52.20
CA SER H 288 -43.78 -116.06 -51.39
C SER H 288 -42.87 -117.13 -51.98
N SER H 289 -43.45 -118.11 -52.68
CA SER H 289 -42.65 -119.13 -53.36
C SER H 289 -41.84 -118.55 -54.50
N TYR H 290 -42.37 -117.52 -55.18
CA TYR H 290 -41.65 -116.84 -56.25
C TYR H 290 -40.88 -115.63 -55.77
N ALA H 291 -40.96 -115.32 -54.47
CA ALA H 291 -40.18 -114.24 -53.86
C ALA H 291 -40.48 -112.88 -54.48
N ILE H 292 -41.76 -112.65 -54.79
CA ILE H 292 -42.19 -111.36 -55.32
C ILE H 292 -42.41 -110.41 -54.15
N GLN H 293 -41.66 -109.31 -54.12
CA GLN H 293 -41.76 -108.34 -53.03
C GLN H 293 -43.13 -107.68 -53.04
N SER H 294 -43.73 -107.54 -51.85
CA SER H 294 -45.05 -106.96 -51.72
C SER H 294 -45.02 -105.79 -50.73
N PRO H 295 -45.91 -104.80 -50.91
CA PRO H 295 -45.92 -103.66 -49.97
C PRO H 295 -46.31 -104.04 -48.55
N PHE H 296 -47.04 -105.13 -48.37
CA PHE H 296 -47.49 -105.52 -47.04
C PHE H 296 -46.97 -106.90 -46.69
N PRO H 297 -46.70 -107.17 -45.42
CA PRO H 297 -46.29 -108.51 -45.01
C PRO H 297 -47.44 -109.51 -45.15
N GLU H 298 -47.07 -110.76 -45.39
CA GLU H 298 -48.03 -111.86 -45.54
C GLU H 298 -47.76 -112.87 -44.44
N ALA H 299 -48.43 -112.67 -43.29
CA ALA H 299 -48.16 -113.49 -42.12
C ALA H 299 -49.44 -113.89 -41.40
N ALA H 300 -50.58 -113.84 -42.09
CA ALA H 300 -51.86 -114.31 -41.60
C ALA H 300 -52.39 -113.46 -40.46
N VAL H 301 -51.57 -112.54 -39.95
CA VAL H 301 -51.97 -111.55 -38.95
C VAL H 301 -51.10 -110.32 -39.16
N SER H 302 -51.72 -109.16 -39.34
CA SER H 302 -51.01 -107.91 -39.51
C SER H 302 -51.59 -106.86 -38.57
N ARG H 303 -50.70 -106.07 -37.98
CA ARG H 303 -51.11 -105.06 -37.00
C ARG H 303 -50.19 -103.85 -37.15
N ILE H 304 -50.76 -102.66 -37.01
CA ILE H 304 -50.04 -101.41 -37.20
C ILE H 304 -49.69 -100.83 -35.84
N VAL H 305 -48.44 -100.38 -35.69
CA VAL H 305 -47.96 -99.79 -34.45
C VAL H 305 -47.45 -98.38 -34.73
N VAL H 306 -47.01 -97.69 -33.69
CA VAL H 306 -46.51 -96.33 -33.80
C VAL H 306 -44.99 -96.37 -33.72
N HIS H 307 -44.33 -95.89 -34.77
CA HIS H 307 -42.87 -95.86 -34.82
C HIS H 307 -42.46 -94.57 -35.54
N THR H 308 -41.94 -93.61 -34.78
CA THR H 308 -41.62 -92.30 -35.34
C THR H 308 -40.32 -92.38 -36.14
N ARG H 309 -40.38 -91.89 -37.39
CA ARG H 309 -39.21 -91.79 -38.26
C ARG H 309 -38.52 -93.14 -38.46
N TRP H 310 -39.31 -94.15 -38.81
CA TRP H 310 -38.75 -95.48 -39.04
C TRP H 310 -38.20 -95.64 -40.45
N ALA H 311 -38.53 -94.74 -41.38
CA ALA H 311 -38.11 -94.84 -42.77
C ALA H 311 -37.63 -93.47 -43.24
N SER H 312 -36.81 -92.81 -42.43
CA SER H 312 -36.40 -91.45 -42.73
C SER H 312 -34.88 -91.33 -42.63
N ASN H 313 -34.33 -90.44 -43.45
CA ASN H 313 -32.92 -90.06 -43.40
C ASN H 313 -32.85 -88.57 -43.10
N VAL H 314 -32.28 -88.21 -41.95
CA VAL H 314 -32.34 -86.85 -41.43
C VAL H 314 -30.93 -86.31 -41.29
N ASP H 315 -30.76 -85.02 -41.62
CA ASP H 315 -29.48 -84.36 -41.41
C ASP H 315 -29.21 -84.14 -39.93
N PHE H 316 -30.22 -83.65 -39.20
CA PHE H 316 -30.12 -83.43 -37.77
C PHE H 316 -31.17 -84.28 -37.06
N ASP H 317 -30.81 -84.82 -35.91
CA ASP H 317 -31.64 -85.79 -35.20
C ASP H 317 -32.22 -85.16 -33.95
N ARG H 318 -33.52 -84.91 -33.96
CA ARG H 318 -34.24 -84.58 -32.74
C ARG H 318 -34.40 -85.83 -31.89
N ASP H 319 -33.70 -85.88 -30.76
CA ASP H 319 -33.53 -87.11 -29.99
C ASP H 319 -34.80 -87.59 -29.32
N SER H 320 -35.85 -86.77 -29.25
CA SER H 320 -37.09 -87.17 -28.62
C SER H 320 -37.92 -87.99 -29.60
N SER H 321 -37.93 -89.31 -29.42
CA SER H 321 -38.59 -90.21 -30.35
C SER H 321 -39.54 -91.15 -29.60
N VAL H 322 -40.59 -91.58 -30.30
CA VAL H 322 -41.55 -92.54 -29.77
C VAL H 322 -41.43 -93.82 -30.58
N ILE H 323 -41.02 -94.90 -29.92
CA ILE H 323 -40.85 -96.20 -30.55
C ILE H 323 -41.65 -97.21 -29.74
N MET H 324 -42.44 -98.04 -30.44
CA MET H 324 -43.36 -98.96 -29.78
C MET H 324 -43.13 -100.37 -30.28
N ALA H 325 -43.06 -101.31 -29.34
CA ALA H 325 -42.93 -102.71 -29.66
C ALA H 325 -44.26 -103.27 -30.15
N PRO H 326 -44.24 -104.41 -30.84
CA PRO H 326 -45.50 -105.04 -31.23
C PRO H 326 -46.32 -105.41 -30.01
N PRO H 327 -47.64 -105.44 -30.14
CA PRO H 327 -48.50 -105.64 -28.96
C PRO H 327 -48.28 -106.95 -28.24
N THR H 328 -47.67 -107.95 -28.89
CA THR H 328 -47.35 -109.19 -28.21
C THR H 328 -46.25 -109.04 -27.17
N GLU H 329 -45.56 -107.89 -27.14
CA GLU H 329 -44.55 -107.59 -26.14
C GLU H 329 -45.09 -106.56 -25.17
N ASN H 330 -44.29 -106.26 -24.14
CA ASN H 330 -44.68 -105.30 -23.12
C ASN H 330 -44.51 -103.88 -23.63
N ASN H 331 -45.47 -103.01 -23.31
CA ASN H 331 -45.39 -101.60 -23.63
C ASN H 331 -45.66 -100.73 -22.41
N ILE H 332 -45.44 -101.28 -21.22
CA ILE H 332 -45.72 -100.54 -19.98
C ILE H 332 -44.65 -99.48 -19.69
N HIS H 333 -43.49 -99.56 -20.32
CA HIS H 333 -42.43 -98.59 -20.10
C HIS H 333 -42.66 -97.29 -20.85
N LEU H 334 -43.58 -97.27 -21.81
CA LEU H 334 -44.02 -96.01 -22.40
C LEU H 334 -44.93 -95.22 -21.46
N PHE H 335 -45.59 -95.91 -20.52
CA PHE H 335 -46.58 -95.29 -19.66
C PHE H 335 -46.16 -95.18 -18.21
N LYS H 336 -45.08 -95.85 -17.80
CA LYS H 336 -44.53 -95.67 -16.46
C LYS H 336 -43.33 -94.72 -16.47
N GLN H 337 -43.34 -93.73 -17.37
CA GLN H 337 -42.17 -92.91 -17.64
C GLN H 337 -42.10 -91.63 -16.81
N LEU H 338 -43.24 -90.98 -16.57
CA LEU H 338 -43.22 -89.60 -16.07
C LEU H 338 -43.14 -89.52 -14.55
N LEU H 339 -44.15 -90.07 -13.85
CA LEU H 339 -44.24 -89.91 -12.41
C LEU H 339 -44.15 -91.22 -11.66
N ASN H 340 -43.85 -92.33 -12.34
CA ASN H 340 -43.71 -93.63 -11.69
C ASN H 340 -42.29 -93.75 -11.12
N THR H 341 -42.10 -93.10 -9.97
CA THR H 341 -40.82 -93.12 -9.27
C THR H 341 -40.79 -94.08 -8.10
N GLU H 342 -41.88 -94.18 -7.34
CA GLU H 342 -41.96 -95.07 -6.18
C GLU H 342 -42.45 -96.46 -6.54
N THR H 343 -42.81 -96.71 -7.79
CA THR H 343 -43.27 -98.03 -8.19
C THR H 343 -42.12 -99.02 -8.21
N LEU H 344 -42.41 -100.25 -7.78
CA LEU H 344 -41.39 -101.29 -7.70
C LEU H 344 -41.39 -102.17 -8.94
N SER H 345 -42.53 -102.79 -9.25
CA SER H 345 -42.60 -103.77 -10.32
C SER H 345 -42.27 -103.14 -11.66
N VAL H 346 -41.42 -103.84 -12.43
CA VAL H 346 -41.09 -103.39 -13.77
C VAL H 346 -42.32 -103.50 -14.68
N ARG H 347 -43.13 -104.53 -14.48
CA ARG H 347 -44.31 -104.74 -15.30
C ARG H 347 -45.48 -103.84 -14.92
N GLY H 348 -45.38 -103.10 -13.82
CA GLY H 348 -46.47 -102.29 -13.33
C GLY H 348 -46.33 -100.82 -13.66
N ALA H 349 -47.47 -100.12 -13.61
CA ALA H 349 -47.51 -98.68 -13.82
C ALA H 349 -48.70 -98.11 -13.07
N ASN H 350 -48.55 -96.87 -12.61
CA ASN H 350 -49.58 -96.23 -11.81
C ASN H 350 -50.74 -95.80 -12.71
N PRO H 351 -51.96 -96.27 -12.46
CA PRO H 351 -53.08 -95.90 -13.34
C PRO H 351 -53.42 -94.42 -13.34
N LEU H 352 -53.02 -93.68 -12.31
CA LEU H 352 -53.41 -92.27 -12.18
C LEU H 352 -52.50 -91.31 -12.95
N MET H 353 -51.39 -91.79 -13.51
CA MET H 353 -50.49 -90.95 -14.28
C MET H 353 -50.68 -91.11 -15.78
N PHE H 354 -51.72 -91.82 -16.20
CA PHE H 354 -51.90 -92.15 -17.62
C PHE H 354 -52.11 -90.90 -18.47
N ARG H 355 -52.88 -89.93 -17.97
CA ARG H 355 -53.15 -88.73 -18.76
C ARG H 355 -51.86 -87.94 -19.00
N ALA H 356 -51.05 -87.76 -17.95
CA ALA H 356 -49.79 -87.05 -18.10
C ALA H 356 -48.84 -87.80 -19.03
N ASN H 357 -48.78 -89.13 -18.88
CA ASN H 357 -47.92 -89.93 -19.74
C ASN H 357 -48.35 -89.81 -21.21
N VAL H 358 -49.65 -89.86 -21.47
CA VAL H 358 -50.14 -89.77 -22.84
C VAL H 358 -49.86 -88.39 -23.41
N LEU H 359 -50.06 -87.34 -22.60
CA LEU H 359 -49.76 -85.98 -23.08
C LEU H 359 -48.28 -85.82 -23.40
N HIS H 360 -47.40 -86.37 -22.55
CA HIS H 360 -45.98 -86.32 -22.85
C HIS H 360 -45.66 -87.11 -24.12
N MET H 361 -46.32 -88.25 -24.34
CA MET H 361 -46.11 -89.01 -25.56
C MET H 361 -46.53 -88.23 -26.80
N LEU H 362 -47.67 -87.55 -26.73
CA LEU H 362 -48.12 -86.74 -27.87
C LEU H 362 -47.16 -85.57 -28.10
N LEU H 363 -46.67 -84.96 -27.02
CA LEU H 363 -45.68 -83.90 -27.18
C LEU H 363 -44.42 -84.42 -27.87
N GLU H 364 -43.95 -85.60 -27.47
CA GLU H 364 -42.78 -86.19 -28.11
C GLU H 364 -43.06 -86.47 -29.59
N PHE H 365 -44.25 -87.00 -29.89
CA PHE H 365 -44.61 -87.30 -31.27
C PHE H 365 -44.58 -86.04 -32.14
N VAL H 366 -45.25 -84.99 -31.69
CA VAL H 366 -45.31 -83.74 -32.46
C VAL H 366 -43.91 -83.13 -32.57
N LEU H 367 -43.17 -83.10 -31.47
CA LEU H 367 -41.87 -82.47 -31.43
C LEU H 367 -40.81 -83.29 -32.17
N ASP H 368 -41.10 -84.55 -32.49
CA ASP H 368 -40.22 -85.31 -33.37
C ASP H 368 -40.57 -85.09 -34.83
N ASN H 369 -41.86 -85.19 -35.17
CA ASN H 369 -42.29 -85.04 -36.56
C ASN H 369 -42.31 -83.56 -36.96
N LEU H 370 -41.12 -82.96 -36.92
CA LEU H 370 -40.94 -81.53 -37.18
C LEU H 370 -39.84 -81.31 -38.21
N TYR H 371 -39.87 -82.07 -39.29
CA TYR H 371 -38.90 -81.96 -40.37
C TYR H 371 -39.56 -81.42 -41.63
N LEU H 372 -38.73 -81.07 -42.60
CA LEU H 372 -39.16 -80.57 -43.89
C LEU H 372 -38.84 -81.62 -44.95
N ASN H 373 -39.85 -82.03 -45.72
CA ASN H 373 -39.65 -82.99 -46.78
C ASN H 373 -38.74 -82.40 -47.86
N ARG H 374 -37.76 -83.18 -48.30
CA ARG H 374 -36.76 -82.71 -49.24
C ARG H 374 -36.87 -83.48 -50.55
N HIS H 375 -36.83 -82.74 -51.67
CA HIS H 375 -36.77 -83.36 -52.99
C HIS H 375 -35.48 -84.15 -53.13
N THR H 376 -35.58 -85.38 -53.63
CA THR H 376 -34.43 -86.28 -53.75
C THR H 376 -34.07 -86.58 -55.19
N GLY H 377 -35.01 -87.06 -55.99
CA GLY H 377 -34.72 -87.42 -57.36
C GLY H 377 -35.79 -88.34 -57.92
N PHE H 378 -35.82 -88.42 -59.25
CA PHE H 378 -36.81 -89.21 -59.96
C PHE H 378 -36.15 -90.00 -61.08
N SER H 379 -36.86 -91.02 -61.55
CA SER H 379 -36.39 -91.87 -62.64
C SER H 379 -37.58 -92.45 -63.38
N GLN H 380 -37.59 -92.28 -64.70
CA GLN H 380 -38.69 -92.80 -65.51
C GLN H 380 -38.69 -94.32 -65.49
N ASP H 381 -39.89 -94.90 -65.41
CA ASP H 381 -40.05 -96.34 -65.38
C ASP H 381 -39.79 -96.93 -66.76
N HIS H 382 -39.11 -98.07 -66.80
CA HIS H 382 -38.88 -98.80 -68.04
C HIS H 382 -39.73 -100.04 -68.18
N THR H 383 -40.26 -100.57 -67.07
CA THR H 383 -41.07 -101.77 -67.08
C THR H 383 -42.55 -101.42 -67.24
N PRO H 384 -43.35 -102.34 -67.75
CA PRO H 384 -44.75 -102.04 -68.05
C PRO H 384 -45.71 -102.14 -66.88
N PHE H 385 -45.23 -102.25 -65.64
CA PHE H 385 -46.13 -102.18 -64.49
C PHE H 385 -46.83 -100.83 -64.42
N THR H 386 -46.06 -99.75 -64.25
CA THR H 386 -46.60 -98.40 -64.25
C THR H 386 -46.55 -97.85 -65.66
N GLU H 387 -47.66 -97.25 -66.10
CA GLU H 387 -47.77 -96.76 -67.46
C GLU H 387 -46.98 -95.46 -67.61
N GLY H 388 -45.66 -95.56 -67.70
CA GLY H 388 -44.80 -94.41 -67.86
C GLY H 388 -44.86 -93.44 -66.68
N ALA H 389 -44.51 -93.92 -65.49
CA ALA H 389 -44.55 -93.10 -64.28
C ALA H 389 -43.15 -92.63 -63.92
N ASN H 390 -43.10 -91.61 -63.07
CA ASN H 390 -41.85 -91.01 -62.60
C ASN H 390 -41.60 -91.50 -61.18
N LEU H 391 -40.94 -92.64 -61.07
CA LEU H 391 -40.65 -93.24 -59.76
C LEU H 391 -39.67 -92.37 -58.99
N ARG H 392 -39.75 -92.42 -57.67
CA ARG H 392 -38.90 -91.63 -56.79
C ARG H 392 -37.91 -92.54 -56.07
N SER H 393 -36.65 -92.13 -56.05
CA SER H 393 -35.58 -92.86 -55.38
C SER H 393 -35.30 -92.25 -54.01
N LEU H 394 -34.52 -92.99 -53.22
CA LEU H 394 -34.17 -92.56 -51.88
C LEU H 394 -32.67 -92.71 -51.65
N PRO H 395 -32.09 -91.87 -50.81
CA PRO H 395 -30.68 -92.06 -50.43
C PRO H 395 -30.51 -93.21 -49.45
N GLY H 396 -29.27 -93.66 -49.34
CA GLY H 396 -28.94 -94.73 -48.43
C GLY H 396 -28.25 -95.89 -49.11
N PRO H 397 -27.64 -96.78 -48.33
CA PRO H 397 -26.96 -97.93 -48.93
C PRO H 397 -27.91 -98.96 -49.53
N ASP H 398 -29.08 -99.15 -48.94
CA ASP H 398 -30.07 -100.09 -49.43
C ASP H 398 -31.30 -99.33 -49.91
N ALA H 399 -31.71 -99.58 -51.15
CA ALA H 399 -32.85 -98.87 -51.73
C ALA H 399 -33.84 -99.75 -52.46
N GLU H 400 -33.51 -101.02 -52.76
CA GLU H 400 -34.45 -101.87 -53.48
C GLU H 400 -35.68 -102.19 -52.65
N LYS H 401 -35.54 -102.17 -51.33
CA LYS H 401 -36.67 -102.54 -50.46
C LYS H 401 -37.72 -101.43 -50.41
N TRP H 402 -37.30 -100.17 -50.49
CA TRP H 402 -38.22 -99.07 -50.24
C TRP H 402 -39.24 -98.91 -51.36
N TYR H 403 -38.88 -99.34 -52.58
CA TYR H 403 -39.78 -99.13 -53.72
C TYR H 403 -41.10 -99.85 -53.53
N SER H 404 -41.05 -101.15 -53.18
CA SER H 404 -42.27 -101.91 -53.02
C SER H 404 -43.11 -101.41 -51.86
N ILE H 405 -42.46 -101.01 -50.77
CA ILE H 405 -43.18 -100.51 -49.61
C ILE H 405 -43.89 -99.20 -49.94
N MET H 406 -43.22 -98.31 -50.68
CA MET H 406 -43.76 -96.98 -50.87
C MET H 406 -44.72 -96.90 -52.04
N TYR H 407 -44.64 -97.85 -52.98
CA TYR H 407 -45.62 -97.88 -54.08
C TYR H 407 -46.37 -99.20 -54.06
N PRO H 408 -47.57 -99.25 -53.49
CA PRO H 408 -48.32 -100.51 -53.45
C PRO H 408 -48.99 -100.84 -54.78
N THR H 409 -49.31 -99.79 -55.55
CA THR H 409 -49.98 -99.93 -56.83
C THR H 409 -49.08 -100.55 -57.90
N ARG H 410 -47.77 -100.56 -57.68
CA ARG H 410 -46.82 -100.95 -58.71
C ARG H 410 -46.74 -102.46 -58.95
N MET H 411 -47.08 -103.28 -57.96
CA MET H 411 -46.96 -104.71 -58.12
C MET H 411 -47.98 -105.27 -59.10
N GLY H 412 -47.72 -106.47 -59.60
CA GLY H 412 -48.67 -107.17 -60.42
C GLY H 412 -49.75 -107.86 -59.61
N THR H 413 -50.68 -108.50 -60.32
CA THR H 413 -51.80 -109.22 -59.71
C THR H 413 -51.82 -110.64 -60.26
N PRO H 414 -50.93 -111.51 -59.77
CA PRO H 414 -50.90 -112.88 -60.33
C PRO H 414 -52.09 -113.72 -59.92
N ASN H 415 -52.51 -113.65 -58.66
CA ASN H 415 -53.55 -114.55 -58.17
C ASN H 415 -54.64 -113.80 -57.40
N VAL H 416 -55.54 -114.55 -56.78
CA VAL H 416 -56.63 -113.98 -55.98
C VAL H 416 -56.21 -114.06 -54.51
N SER H 417 -55.59 -112.99 -54.03
CA SER H 417 -55.18 -112.88 -52.65
C SER H 417 -55.84 -111.67 -52.01
N LYS H 418 -55.81 -111.62 -50.67
CA LYS H 418 -56.36 -110.46 -49.98
C LYS H 418 -55.57 -109.20 -50.27
N ILE H 419 -54.33 -109.32 -50.74
CA ILE H 419 -53.55 -108.18 -51.17
C ILE H 419 -53.74 -107.89 -52.65
N CYS H 420 -53.78 -108.95 -53.46
CA CYS H 420 -53.90 -108.76 -54.91
C CYS H 420 -55.26 -108.19 -55.28
N ASN H 421 -56.32 -108.58 -54.57
CA ASN H 421 -57.63 -108.00 -54.83
C ASN H 421 -57.63 -106.50 -54.55
N PHE H 422 -57.01 -106.09 -53.44
CA PHE H 422 -56.90 -104.66 -53.13
C PHE H 422 -56.09 -103.93 -54.19
N VAL H 423 -54.97 -104.52 -54.62
CA VAL H 423 -54.14 -103.89 -55.64
C VAL H 423 -54.92 -103.71 -56.94
N ALA H 424 -55.68 -104.75 -57.33
CA ALA H 424 -56.49 -104.66 -58.54
C ALA H 424 -57.58 -103.59 -58.40
N SER H 425 -58.23 -103.53 -57.25
CA SER H 425 -59.27 -102.53 -57.02
C SER H 425 -58.71 -101.12 -57.01
N CYS H 426 -57.44 -100.95 -56.65
CA CYS H 426 -56.82 -99.63 -56.63
C CYS H 426 -56.84 -99.00 -58.03
N VAL H 427 -56.56 -97.70 -58.06
CA VAL H 427 -56.53 -96.91 -59.29
C VAL H 427 -55.09 -96.76 -59.74
N ARG H 428 -54.86 -96.93 -61.05
CA ARG H 428 -53.52 -97.12 -61.59
C ARG H 428 -52.85 -95.83 -62.08
N ASN H 429 -53.48 -94.67 -61.93
CA ASN H 429 -52.91 -93.43 -62.44
C ASN H 429 -52.56 -92.46 -61.32
N ARG H 430 -52.25 -92.96 -60.13
CA ARG H 430 -51.75 -92.14 -59.01
C ARG H 430 -50.49 -92.82 -58.47
N VAL H 431 -49.36 -92.54 -59.11
CA VAL H 431 -48.07 -93.14 -58.73
C VAL H 431 -46.99 -92.11 -58.98
N GLY H 432 -46.16 -91.86 -57.97
CA GLY H 432 -45.01 -91.00 -58.16
C GLY H 432 -45.38 -89.53 -58.34
N ARG H 433 -44.44 -88.78 -58.88
CA ARG H 433 -44.63 -87.36 -59.10
C ARG H 433 -45.70 -87.12 -60.16
N PHE H 434 -46.54 -86.10 -59.91
CA PHE H 434 -47.56 -85.69 -60.86
C PHE H 434 -47.63 -84.18 -61.05
N ASP H 435 -46.78 -83.41 -60.35
CA ASP H 435 -46.77 -81.97 -60.49
C ASP H 435 -45.38 -81.46 -60.14
N ARG H 436 -44.94 -80.42 -60.85
CA ARG H 436 -43.61 -79.89 -60.67
C ARG H 436 -43.62 -78.39 -60.94
N ALA H 437 -42.60 -77.71 -60.41
CA ALA H 437 -42.40 -76.28 -60.61
C ALA H 437 -40.95 -76.06 -61.04
N GLN H 438 -40.70 -76.15 -62.35
CA GLN H 438 -39.36 -75.97 -62.91
C GLN H 438 -39.17 -74.50 -63.24
N MET H 439 -38.88 -73.72 -62.19
CA MET H 439 -38.77 -72.27 -62.35
C MET H 439 -37.51 -71.85 -63.10
N MET H 440 -36.53 -72.75 -63.27
CA MET H 440 -35.28 -72.39 -63.91
C MET H 440 -34.72 -73.60 -64.65
N ASN H 441 -34.37 -73.41 -65.91
CA ASN H 441 -33.77 -74.48 -66.69
C ASN H 441 -32.36 -74.80 -66.19
N GLY H 442 -32.01 -76.07 -66.23
CA GLY H 442 -30.70 -76.49 -65.74
C GLY H 442 -30.52 -76.27 -64.26
N ALA H 443 -31.57 -76.48 -63.47
CA ALA H 443 -31.51 -76.28 -62.03
C ALA H 443 -32.52 -77.20 -61.37
N MET H 444 -32.39 -77.33 -60.06
CA MET H 444 -33.32 -78.15 -59.28
C MET H 444 -34.74 -77.60 -59.38
N SER H 445 -35.71 -78.48 -59.63
CA SER H 445 -37.10 -78.07 -59.55
C SER H 445 -37.42 -77.62 -58.12
N GLU H 446 -38.15 -76.51 -58.01
CA GLU H 446 -38.32 -75.88 -56.71
C GLU H 446 -39.09 -76.77 -55.74
N TRP H 447 -40.16 -77.41 -56.22
CA TRP H 447 -40.91 -78.33 -55.39
C TRP H 447 -41.74 -79.25 -56.28
N VAL H 448 -42.04 -80.44 -55.78
CA VAL H 448 -42.83 -81.42 -56.50
C VAL H 448 -43.90 -81.99 -55.57
N ASP H 449 -44.93 -82.57 -56.18
CA ASP H 449 -45.99 -83.27 -55.46
C ASP H 449 -46.03 -84.71 -55.94
N VAL H 450 -45.90 -85.65 -55.01
CA VAL H 450 -45.74 -87.06 -55.36
C VAL H 450 -46.81 -87.89 -54.67
N PHE H 451 -47.10 -89.05 -55.24
CA PHE H 451 -48.03 -90.02 -54.66
C PHE H 451 -47.22 -91.15 -54.06
N GLU H 452 -46.89 -91.02 -52.77
CA GLU H 452 -46.14 -92.05 -52.05
C GLU H 452 -46.85 -92.34 -50.74
N THR H 453 -46.57 -93.51 -50.17
CA THR H 453 -47.14 -93.86 -48.88
C THR H 453 -46.65 -92.88 -47.82
N SER H 454 -47.51 -92.57 -46.87
CA SER H 454 -47.21 -91.58 -45.85
C SER H 454 -48.24 -91.72 -44.73
N ASP H 455 -48.22 -90.79 -43.80
CA ASP H 455 -49.21 -90.70 -42.73
C ASP H 455 -49.80 -89.30 -42.76
N ALA H 456 -51.13 -89.21 -42.86
CA ALA H 456 -51.76 -87.90 -42.99
C ALA H 456 -51.47 -87.02 -41.78
N LEU H 457 -51.36 -87.61 -40.59
CA LEU H 457 -51.06 -86.83 -39.39
C LEU H 457 -49.70 -86.15 -39.51
N THR H 458 -48.67 -86.92 -39.86
CA THR H 458 -47.34 -86.34 -40.01
C THR H 458 -47.29 -85.36 -41.16
N VAL H 459 -48.00 -85.66 -42.26
CA VAL H 459 -48.03 -84.76 -43.40
C VAL H 459 -48.63 -83.42 -43.00
N SER H 460 -49.74 -83.45 -42.26
CA SER H 460 -50.36 -82.20 -41.81
C SER H 460 -49.46 -81.46 -40.83
N ILE H 461 -48.80 -82.17 -39.93
CA ILE H 461 -47.92 -81.50 -38.97
C ILE H 461 -46.78 -80.79 -39.71
N ARG H 462 -46.16 -81.48 -40.66
CA ARG H 462 -45.08 -80.87 -41.41
C ARG H 462 -45.58 -79.74 -42.30
N GLY H 463 -46.81 -79.85 -42.80
CA GLY H 463 -47.39 -78.74 -43.54
C GLY H 463 -47.61 -77.51 -42.69
N ARG H 464 -48.11 -77.70 -41.46
CA ARG H 464 -48.25 -76.58 -40.55
C ARG H 464 -46.89 -75.97 -40.20
N TRP H 465 -45.89 -76.81 -39.99
CA TRP H 465 -44.55 -76.28 -39.69
C TRP H 465 -44.00 -75.48 -40.86
N MET H 466 -44.17 -75.99 -42.09
CA MET H 466 -43.72 -75.26 -43.27
C MET H 466 -44.49 -73.96 -43.45
N ALA H 467 -45.79 -73.96 -43.15
CA ALA H 467 -46.57 -72.73 -43.21
C ALA H 467 -46.08 -71.72 -42.19
N ARG H 468 -45.76 -72.17 -40.99
CA ARG H 468 -45.23 -71.27 -39.96
C ARG H 468 -43.89 -70.69 -40.40
N LEU H 469 -43.04 -71.52 -41.01
CA LEU H 469 -41.74 -71.05 -41.48
C LEU H 469 -41.84 -70.12 -42.69
N ALA H 470 -42.83 -70.32 -43.55
CA ALA H 470 -43.01 -69.50 -44.74
C ALA H 470 -43.64 -68.15 -44.45
N ARG H 471 -44.29 -68.02 -43.30
CA ARG H 471 -44.77 -66.72 -42.81
C ARG H 471 -43.63 -65.90 -42.24
N MET H 472 -42.46 -66.50 -42.04
CA MET H 472 -41.32 -65.84 -41.43
C MET H 472 -40.26 -65.48 -42.46
N ASN H 473 -40.51 -65.73 -43.75
CA ASN H 473 -39.49 -65.59 -44.77
C ASN H 473 -39.17 -64.12 -45.05
N ILE H 474 -37.95 -63.88 -45.52
CA ILE H 474 -37.46 -62.58 -45.93
C ILE H 474 -36.62 -62.72 -47.19
N ASN H 475 -36.37 -61.60 -47.84
CA ASN H 475 -35.55 -61.64 -49.04
C ASN H 475 -34.39 -60.64 -48.95
N PRO H 476 -33.35 -60.83 -49.74
CA PRO H 476 -32.24 -59.86 -49.73
C PRO H 476 -32.67 -58.45 -50.05
N THR H 477 -33.77 -58.26 -50.78
CA THR H 477 -34.25 -56.90 -51.05
C THR H 477 -34.63 -56.18 -49.77
N GLU H 478 -35.34 -56.83 -48.86
CA GLU H 478 -35.63 -56.22 -47.57
C GLU H 478 -34.43 -56.23 -46.64
N ILE H 479 -33.54 -57.22 -46.77
CA ILE H 479 -32.33 -57.24 -45.96
C ILE H 479 -31.48 -56.01 -46.25
N GLU H 480 -31.33 -55.66 -47.53
CA GLU H 480 -30.57 -54.48 -47.90
C GLU H 480 -31.17 -53.22 -47.28
N TRP H 481 -32.48 -53.06 -47.35
CA TRP H 481 -33.12 -51.87 -46.80
C TRP H 481 -32.95 -51.81 -45.28
N ALA H 482 -33.12 -52.94 -44.59
CA ALA H 482 -32.98 -52.96 -43.15
C ALA H 482 -31.56 -52.61 -42.72
N LEU H 483 -30.56 -53.25 -43.35
CA LEU H 483 -29.18 -53.00 -42.98
C LEU H 483 -28.72 -51.61 -43.40
N THR H 484 -29.33 -51.02 -44.42
CA THR H 484 -29.01 -49.64 -44.78
C THR H 484 -29.63 -48.64 -43.82
N GLU H 485 -30.84 -48.92 -43.33
CA GLU H 485 -31.50 -48.01 -42.42
C GLU H 485 -30.90 -48.06 -41.02
N CYS H 486 -30.49 -49.25 -40.55
CA CYS H 486 -29.87 -49.33 -39.23
C CYS H 486 -28.57 -48.55 -39.17
N ALA H 487 -27.78 -48.61 -40.24
CA ALA H 487 -26.48 -47.95 -40.26
C ALA H 487 -26.57 -46.43 -40.43
N GLN H 488 -27.78 -45.88 -40.54
CA GLN H 488 -27.98 -44.44 -40.70
C GLN H 488 -27.22 -43.89 -41.90
N GLY H 489 -27.18 -44.66 -42.97
CA GLY H 489 -26.57 -44.21 -44.20
C GLY H 489 -25.06 -44.20 -44.22
N TYR H 490 -24.41 -44.92 -43.29
CA TYR H 490 -22.96 -45.02 -43.27
C TYR H 490 -22.45 -46.27 -43.98
N VAL H 491 -22.98 -47.43 -43.62
CA VAL H 491 -22.61 -48.70 -44.23
C VAL H 491 -23.64 -49.04 -45.30
N THR H 492 -23.17 -49.40 -46.49
CA THR H 492 -24.03 -49.73 -47.61
C THR H 492 -23.85 -51.19 -47.98
N VAL H 493 -24.94 -51.83 -48.40
CA VAL H 493 -24.94 -53.23 -48.81
C VAL H 493 -25.68 -53.34 -50.13
N THR H 494 -25.41 -54.43 -50.85
CA THR H 494 -25.97 -54.65 -52.17
C THR H 494 -26.70 -56.00 -52.21
N SER H 495 -27.72 -56.06 -53.05
CA SER H 495 -28.51 -57.28 -53.25
C SER H 495 -28.66 -57.55 -54.74
N PRO H 496 -28.74 -58.82 -55.12
CA PRO H 496 -28.88 -59.14 -56.55
C PRO H 496 -30.24 -58.73 -57.10
N TYR H 497 -30.26 -58.46 -58.40
CA TYR H 497 -31.48 -58.11 -59.12
C TYR H 497 -31.56 -59.00 -60.36
N ALA H 498 -32.15 -60.19 -60.18
CA ALA H 498 -32.27 -61.17 -61.24
C ALA H 498 -33.21 -62.29 -60.81
N PRO H 499 -33.65 -63.15 -61.73
CA PRO H 499 -34.38 -64.36 -61.31
C PRO H 499 -33.55 -65.19 -60.35
N SER H 500 -34.19 -65.86 -59.39
CA SER H 500 -33.46 -66.48 -58.30
C SER H 500 -34.06 -67.84 -57.99
N VAL H 501 -33.26 -68.67 -57.35
CA VAL H 501 -33.73 -69.90 -56.73
C VAL H 501 -34.26 -69.56 -55.35
N ASN H 502 -35.41 -70.14 -55.00
CA ASN H 502 -36.08 -69.78 -53.77
C ASN H 502 -35.22 -70.09 -52.56
N ARG H 503 -35.30 -69.21 -51.56
CA ARG H 503 -34.47 -69.29 -50.37
C ARG H 503 -35.36 -69.19 -49.14
N LEU H 504 -34.91 -69.82 -48.05
CA LEU H 504 -35.67 -69.89 -46.81
C LEU H 504 -34.89 -69.17 -45.71
N MET H 505 -35.39 -67.99 -45.31
CA MET H 505 -34.80 -67.21 -44.22
C MET H 505 -35.89 -66.81 -43.23
N PRO H 506 -36.08 -67.56 -42.15
CA PRO H 506 -37.23 -67.34 -41.27
C PRO H 506 -37.05 -66.20 -40.27
N TYR H 507 -36.12 -65.29 -40.53
CA TYR H 507 -35.67 -64.37 -39.50
C TYR H 507 -36.77 -63.40 -39.03
N ARG H 508 -37.58 -62.87 -39.95
CA ARG H 508 -38.56 -61.87 -39.56
C ARG H 508 -39.58 -62.44 -38.58
N ILE H 509 -39.88 -61.68 -37.52
CA ILE H 509 -40.86 -62.06 -36.51
C ILE H 509 -41.72 -60.84 -36.20
N SER H 510 -42.76 -61.05 -35.39
CA SER H 510 -43.71 -60.01 -35.03
C SER H 510 -43.18 -59.21 -33.84
N ASN H 511 -44.04 -58.36 -33.28
CA ASN H 511 -43.66 -57.48 -32.18
C ASN H 511 -44.00 -58.08 -30.81
N ALA H 512 -45.09 -58.85 -30.71
CA ALA H 512 -45.46 -59.43 -29.44
C ALA H 512 -44.41 -60.40 -28.93
N GLU H 513 -43.81 -61.17 -29.84
CA GLU H 513 -42.73 -62.07 -29.45
C GLU H 513 -41.52 -61.31 -28.94
N ARG H 514 -41.16 -60.21 -29.59
CA ARG H 514 -40.06 -59.37 -29.10
C ARG H 514 -40.37 -58.82 -27.72
N GLN H 515 -41.59 -58.35 -27.50
CA GLN H 515 -41.95 -57.80 -26.19
C GLN H 515 -41.91 -58.87 -25.11
N ILE H 516 -42.42 -60.07 -25.41
CA ILE H 516 -42.40 -61.15 -24.45
C ILE H 516 -40.97 -61.55 -24.11
N SER H 517 -40.11 -61.63 -25.13
CA SER H 517 -38.70 -61.96 -24.89
C SER H 517 -38.03 -60.88 -24.05
N GLN H 518 -38.35 -59.61 -24.30
CA GLN H 518 -37.79 -58.54 -23.50
C GLN H 518 -38.24 -58.63 -22.05
N ILE H 519 -39.51 -58.97 -21.83
CA ILE H 519 -40.02 -59.14 -20.47
C ILE H 519 -39.29 -60.27 -19.78
N ILE H 520 -39.05 -61.38 -20.49
CA ILE H 520 -38.35 -62.51 -19.89
C ILE H 520 -36.90 -62.16 -19.60
N ARG H 521 -36.25 -61.37 -20.47
CA ARG H 521 -34.89 -60.93 -20.21
C ARG H 521 -34.83 -60.02 -18.99
N VAL H 522 -35.81 -59.13 -18.83
CA VAL H 522 -35.87 -58.29 -17.63
C VAL H 522 -36.04 -59.16 -16.39
N MET H 523 -36.92 -60.17 -16.49
CA MET H 523 -37.05 -61.17 -15.42
C MET H 523 -35.71 -61.78 -15.06
N ASN H 524 -34.95 -62.29 -16.01
CA ASN H 524 -33.71 -62.93 -15.58
C ASN H 524 -32.84 -61.96 -14.79
N ILE H 525 -32.77 -60.71 -15.22
CA ILE H 525 -31.87 -59.75 -14.58
C ILE H 525 -32.23 -59.53 -13.15
N GLY H 526 -33.51 -59.42 -12.85
CA GLY H 526 -33.92 -59.29 -11.48
C GLY H 526 -33.20 -58.13 -10.85
N ASN H 527 -32.68 -58.34 -9.66
CA ASN H 527 -31.90 -57.30 -9.03
C ASN H 527 -30.49 -57.82 -8.84
N ASN H 528 -30.06 -58.80 -9.64
CA ASN H 528 -28.76 -59.43 -9.41
C ASN H 528 -27.57 -58.54 -9.56
N ALA H 529 -27.51 -57.73 -10.61
CA ALA H 529 -26.43 -56.75 -10.78
C ALA H 529 -25.10 -57.36 -11.10
N THR H 530 -25.07 -58.63 -11.36
CA THR H 530 -23.84 -59.24 -11.71
C THR H 530 -24.16 -59.78 -13.04
N VAL H 531 -25.44 -59.81 -13.38
CA VAL H 531 -25.75 -60.19 -14.75
C VAL H 531 -25.70 -59.00 -15.70
N ILE H 532 -25.93 -57.79 -15.20
CA ILE H 532 -26.06 -56.62 -16.08
C ILE H 532 -24.74 -55.88 -16.26
N GLN H 533 -23.75 -56.11 -15.40
CA GLN H 533 -22.45 -55.48 -15.58
C GLN H 533 -21.77 -55.87 -16.90
N PRO H 534 -21.72 -57.15 -17.30
CA PRO H 534 -21.02 -57.49 -18.55
C PRO H 534 -21.59 -56.83 -19.79
N VAL H 535 -22.90 -56.60 -19.87
CA VAL H 535 -23.43 -55.95 -21.07
C VAL H 535 -22.97 -54.51 -21.14
N LEU H 536 -22.99 -53.78 -20.01
CA LEU H 536 -22.48 -52.42 -20.01
C LEU H 536 -21.00 -52.40 -20.38
N GLN H 537 -20.24 -53.39 -19.90
CA GLN H 537 -18.86 -53.51 -20.34
C GLN H 537 -18.75 -53.70 -21.85
N ASP H 538 -19.66 -54.49 -22.42
CA ASP H 538 -19.61 -54.79 -23.84
C ASP H 538 -19.90 -53.55 -24.68
N ILE H 539 -20.96 -52.81 -24.34
CA ILE H 539 -21.21 -51.56 -25.05
C ILE H 539 -20.09 -50.55 -24.80
N SER H 540 -19.47 -50.57 -23.62
CA SER H 540 -18.32 -49.69 -23.42
C SER H 540 -17.19 -50.03 -24.38
N VAL H 541 -16.90 -51.32 -24.57
CA VAL H 541 -15.85 -51.74 -25.48
C VAL H 541 -16.21 -51.35 -26.92
N LEU H 542 -17.46 -51.55 -27.31
CA LEU H 542 -17.88 -51.19 -28.66
C LEU H 542 -17.78 -49.68 -28.89
N LEU H 543 -18.17 -48.89 -27.89
CA LEU H 543 -18.05 -47.44 -28.01
C LEU H 543 -16.60 -47.01 -28.12
N GLN H 544 -15.72 -47.66 -27.34
CA GLN H 544 -14.29 -47.36 -27.47
C GLN H 544 -13.78 -47.69 -28.86
N ARG H 545 -14.23 -48.81 -29.42
CA ARG H 545 -13.78 -49.20 -30.76
C ARG H 545 -14.30 -48.22 -31.82
N ILE H 546 -15.53 -47.75 -31.67
CA ILE H 546 -16.19 -47.00 -32.73
C ILE H 546 -15.88 -45.51 -32.67
N SER H 547 -16.02 -44.90 -31.50
CA SER H 547 -16.02 -43.45 -31.39
C SER H 547 -14.67 -42.87 -31.82
N PRO H 548 -14.67 -41.72 -32.50
CA PRO H 548 -13.41 -41.08 -32.92
C PRO H 548 -12.77 -40.17 -31.89
N LEU H 549 -13.22 -40.19 -30.64
CA LEU H 549 -12.68 -39.31 -29.61
C LEU H 549 -11.63 -40.04 -28.79
N GLN H 550 -10.52 -39.37 -28.53
CA GLN H 550 -9.45 -39.88 -27.69
C GLN H 550 -9.32 -39.00 -26.47
N ILE H 551 -9.08 -39.63 -25.31
CA ILE H 551 -8.93 -38.91 -24.06
C ILE H 551 -7.45 -38.57 -23.89
N ASP H 552 -7.15 -37.27 -23.86
CA ASP H 552 -5.78 -36.80 -23.72
C ASP H 552 -5.64 -36.04 -22.41
N PRO H 553 -5.18 -36.68 -21.33
CA PRO H 553 -5.09 -35.98 -20.04
C PRO H 553 -4.09 -34.85 -20.01
N THR H 554 -3.17 -34.78 -20.97
CA THR H 554 -2.17 -33.72 -20.97
C THR H 554 -2.74 -32.34 -21.28
N ILE H 555 -4.00 -32.26 -21.74
CA ILE H 555 -4.60 -30.96 -22.02
C ILE H 555 -4.69 -30.13 -20.76
N ILE H 556 -5.17 -30.75 -19.67
CA ILE H 556 -5.30 -30.02 -18.40
C ILE H 556 -3.93 -29.59 -17.90
N SER H 557 -2.93 -30.49 -17.99
CA SER H 557 -1.60 -30.13 -17.53
C SER H 557 -1.02 -28.97 -18.34
N ASN H 558 -1.19 -29.00 -19.66
CA ASN H 558 -0.65 -27.94 -20.49
C ASN H 558 -1.36 -26.60 -20.24
N THR H 559 -2.67 -26.65 -20.02
CA THR H 559 -3.41 -25.40 -19.78
C THR H 559 -3.27 -24.90 -18.35
N MET H 560 -2.78 -25.75 -17.42
CA MET H 560 -2.58 -25.32 -16.05
C MET H 560 -1.14 -25.01 -15.71
N SER H 561 -0.18 -25.42 -16.56
CA SER H 561 1.22 -25.14 -16.30
C SER H 561 1.59 -23.68 -16.49
N THR H 562 0.69 -22.86 -17.03
CA THR H 562 1.03 -21.47 -17.30
C THR H 562 0.01 -20.58 -16.60
N VAL H 563 -0.23 -20.85 -15.33
CA VAL H 563 -1.12 -20.05 -14.49
C VAL H 563 -0.27 -19.15 -13.60
N SER H 564 -0.76 -17.94 -13.35
CA SER H 564 0.00 -16.96 -12.59
C SER H 564 -0.25 -17.16 -11.10
N GLU H 565 0.83 -17.39 -10.35
CA GLU H 565 0.74 -17.53 -8.90
C GLU H 565 2.11 -17.27 -8.31
N SER H 566 2.12 -17.01 -7.00
CA SER H 566 3.35 -16.75 -6.27
C SER H 566 3.97 -18.04 -5.76
N THR H 567 5.23 -17.95 -5.34
CA THR H 567 5.95 -19.10 -4.82
C THR H 567 5.88 -19.19 -3.31
N THR H 568 5.74 -18.07 -2.61
CA THR H 568 5.77 -18.04 -1.15
C THR H 568 4.44 -18.46 -0.52
N GLN H 569 3.37 -18.54 -1.29
CA GLN H 569 2.08 -18.89 -0.74
C GLN H 569 2.06 -20.35 -0.30
N THR H 570 1.27 -20.63 0.74
CA THR H 570 1.11 -21.99 1.25
C THR H 570 0.04 -22.77 0.51
N LEU H 571 -0.73 -22.13 -0.37
CA LEU H 571 -1.77 -22.79 -1.14
C LEU H 571 -1.55 -22.53 -2.62
N SER H 572 -1.58 -23.60 -3.41
CA SER H 572 -1.45 -23.50 -4.87
C SER H 572 -2.68 -24.13 -5.50
N PRO H 573 -3.59 -23.35 -6.08
CA PRO H 573 -4.80 -23.95 -6.67
C PRO H 573 -4.53 -24.92 -7.80
N ALA H 574 -3.56 -24.62 -8.66
CA ALA H 574 -3.24 -25.53 -9.76
C ALA H 574 -2.70 -26.85 -9.23
N SER H 575 -1.78 -26.79 -8.26
CA SER H 575 -1.27 -28.01 -7.65
C SER H 575 -2.38 -28.79 -6.98
N SER H 576 -3.30 -28.08 -6.30
CA SER H 576 -4.39 -28.75 -5.61
C SER H 576 -5.31 -29.47 -6.58
N ILE H 577 -5.67 -28.83 -7.70
CA ILE H 577 -6.56 -29.49 -8.65
C ILE H 577 -5.84 -30.65 -9.35
N LEU H 578 -4.56 -30.50 -9.63
CA LEU H 578 -3.80 -31.60 -10.23
C LEU H 578 -3.73 -32.79 -9.28
N GLY H 579 -3.54 -32.53 -7.98
CA GLY H 579 -3.51 -33.61 -7.01
C GLY H 579 -4.88 -34.18 -6.71
N LYS H 580 -5.94 -33.42 -6.97
CA LYS H 580 -7.29 -33.92 -6.75
C LYS H 580 -7.79 -34.77 -7.91
N LEU H 581 -7.36 -34.46 -9.13
CA LEU H 581 -7.80 -35.22 -10.30
C LEU H 581 -7.05 -36.55 -10.37
N ARG H 582 -7.51 -37.49 -9.54
CA ARG H 582 -6.92 -38.81 -9.43
C ARG H 582 -7.97 -39.89 -9.62
N PRO H 583 -7.60 -41.05 -10.15
CA PRO H 583 -8.56 -42.15 -10.27
C PRO H 583 -8.76 -42.87 -8.94
N SER H 584 -9.98 -43.36 -8.72
CA SER H 584 -10.24 -44.22 -7.57
C SER H 584 -9.87 -45.67 -7.90
N ASN H 585 -10.52 -46.24 -8.91
CA ASN H 585 -10.13 -47.54 -9.44
C ASN H 585 -9.94 -47.43 -10.96
N SER H 586 -9.67 -48.56 -11.62
CA SER H 586 -9.28 -48.51 -13.02
C SER H 586 -10.23 -49.26 -13.94
N ASP H 587 -10.55 -50.52 -13.63
CA ASP H 587 -10.90 -51.49 -14.67
C ASP H 587 -12.11 -51.08 -15.49
N PHE H 588 -13.17 -50.59 -14.86
CA PHE H 588 -14.46 -50.57 -15.53
C PHE H 588 -14.69 -49.34 -16.40
N SER H 589 -13.74 -48.41 -16.50
CA SER H 589 -13.79 -47.31 -17.46
C SER H 589 -15.06 -46.47 -17.28
N SER H 590 -15.07 -45.76 -16.14
CA SER H 590 -16.27 -45.08 -15.66
C SER H 590 -16.98 -44.26 -16.72
N PHE H 591 -16.26 -43.70 -17.69
CA PHE H 591 -16.86 -42.77 -18.63
C PHE H 591 -17.83 -43.47 -19.58
N ARG H 592 -17.34 -44.43 -20.36
CA ARG H 592 -18.17 -45.09 -21.35
C ARG H 592 -19.33 -45.87 -20.73
N VAL H 593 -19.21 -46.24 -19.46
CA VAL H 593 -20.27 -46.99 -18.81
C VAL H 593 -21.53 -46.14 -18.67
N ALA H 594 -21.36 -44.83 -18.42
CA ALA H 594 -22.52 -43.94 -18.34
C ALA H 594 -23.24 -43.86 -19.68
N LEU H 595 -22.49 -43.73 -20.77
CA LEU H 595 -23.10 -43.69 -22.08
C LEU H 595 -23.76 -45.01 -22.43
N ALA H 596 -23.19 -46.13 -21.97
CA ALA H 596 -23.81 -47.43 -22.20
C ALA H 596 -25.10 -47.57 -21.41
N GLY H 597 -25.10 -47.12 -20.14
CA GLY H 597 -26.26 -47.21 -19.29
C GLY H 597 -27.34 -46.19 -19.59
N TRP H 598 -27.04 -45.18 -20.42
CA TRP H 598 -28.10 -44.33 -20.95
C TRP H 598 -29.20 -45.16 -21.60
N LEU H 599 -28.81 -46.25 -22.27
CA LEU H 599 -29.78 -47.13 -22.91
C LEU H 599 -30.66 -47.84 -21.87
N TYR H 600 -30.07 -48.25 -20.75
CA TYR H 600 -30.76 -49.03 -19.73
C TYR H 600 -30.94 -48.16 -18.48
N ASN H 601 -32.09 -47.48 -18.40
CA ASN H 601 -32.45 -46.75 -17.19
C ASN H 601 -33.62 -47.39 -16.45
N GLY H 602 -34.27 -48.39 -17.04
CA GLY H 602 -35.34 -49.08 -16.34
C GLY H 602 -34.82 -50.09 -15.33
N VAL H 603 -33.64 -50.66 -15.58
CA VAL H 603 -33.04 -51.66 -14.71
C VAL H 603 -31.78 -51.13 -14.02
N VAL H 604 -31.05 -50.24 -14.70
CA VAL H 604 -29.81 -49.70 -14.18
C VAL H 604 -29.97 -48.22 -13.92
N THR H 605 -29.62 -47.78 -12.71
CA THR H 605 -29.60 -46.37 -12.34
C THR H 605 -28.17 -46.05 -11.91
N THR H 606 -27.35 -45.59 -12.85
CA THR H 606 -25.96 -45.27 -12.55
C THR H 606 -25.90 -44.04 -11.65
N VAL H 607 -25.16 -44.15 -10.54
CA VAL H 607 -25.03 -43.08 -9.58
C VAL H 607 -23.56 -42.87 -9.27
N ILE H 608 -23.24 -41.66 -8.80
CA ILE H 608 -21.87 -41.36 -8.41
C ILE H 608 -21.55 -42.09 -7.12
N ASP H 609 -20.39 -42.75 -7.09
CA ASP H 609 -20.00 -43.55 -5.93
C ASP H 609 -19.86 -42.66 -4.70
N ASP H 610 -20.24 -43.21 -3.54
CA ASP H 610 -20.25 -42.45 -2.30
C ASP H 610 -18.84 -42.05 -1.84
N SER H 611 -17.79 -42.65 -2.39
CA SER H 611 -16.44 -42.29 -2.00
C SER H 611 -15.96 -41.01 -2.69
N SER H 612 -16.61 -40.58 -3.77
CA SER H 612 -16.26 -39.34 -4.43
C SER H 612 -16.76 -38.11 -3.69
N TYR H 613 -17.73 -38.27 -2.79
CA TYR H 613 -18.20 -37.15 -2.01
C TYR H 613 -17.12 -36.73 -1.01
N PRO H 614 -17.05 -35.44 -0.67
CA PRO H 614 -15.88 -34.92 0.07
C PRO H 614 -15.81 -35.37 1.52
N LYS H 615 -15.84 -36.69 1.73
CA LYS H 615 -15.72 -37.33 3.05
C LYS H 615 -16.76 -36.69 3.98
N ASP H 616 -16.39 -36.32 5.21
CA ASP H 616 -17.27 -35.52 6.04
C ASP H 616 -17.56 -34.20 5.33
N GLY H 617 -18.81 -33.75 5.40
CA GLY H 617 -19.27 -32.59 4.66
C GLY H 617 -18.28 -31.45 4.59
N GLY H 618 -17.89 -31.07 3.38
CA GLY H 618 -16.78 -30.16 3.19
C GLY H 618 -16.98 -28.77 3.75
N SER H 619 -15.91 -27.99 3.78
CA SER H 619 -15.95 -26.62 4.25
C SER H 619 -15.45 -25.71 3.13
N VAL H 620 -16.19 -24.62 2.91
CA VAL H 620 -15.85 -23.70 1.82
C VAL H 620 -14.52 -23.02 2.10
N THR H 621 -14.09 -23.00 3.36
CA THR H 621 -12.78 -22.43 3.68
C THR H 621 -11.66 -23.26 3.07
N SER H 622 -11.86 -24.56 2.94
CA SER H 622 -10.87 -25.41 2.31
C SER H 622 -10.93 -25.29 0.79
N LEU H 623 -9.82 -25.63 0.15
CA LEU H 623 -9.71 -25.61 -1.31
C LEU H 623 -9.96 -26.99 -1.92
N GLU H 624 -9.55 -28.05 -1.24
CA GLU H 624 -9.80 -29.40 -1.74
C GLU H 624 -11.30 -29.69 -1.79
N ASN H 625 -12.05 -29.21 -0.79
CA ASN H 625 -13.50 -29.38 -0.83
C ASN H 625 -14.12 -28.61 -1.99
N LEU H 626 -13.59 -27.41 -2.28
CA LEU H 626 -14.08 -26.66 -3.42
C LEU H 626 -13.84 -27.41 -4.73
N TRP H 627 -12.65 -28.00 -4.87
CA TRP H 627 -12.38 -28.78 -6.08
C TRP H 627 -13.21 -30.05 -6.15
N ASP H 628 -13.51 -30.65 -4.99
CA ASP H 628 -14.44 -31.78 -4.97
C ASP H 628 -15.82 -31.36 -5.46
N PHE H 629 -16.29 -30.19 -5.03
CA PHE H 629 -17.58 -29.69 -5.51
C PHE H 629 -17.53 -29.43 -7.01
N PHE H 630 -16.41 -28.92 -7.51
CA PHE H 630 -16.24 -28.73 -8.95
C PHE H 630 -16.38 -30.06 -9.69
N ILE H 631 -15.67 -31.08 -9.22
CA ILE H 631 -15.72 -32.40 -9.87
C ILE H 631 -17.13 -32.95 -9.83
N LEU H 632 -17.79 -32.86 -8.67
CA LEU H 632 -19.14 -33.38 -8.54
C LEU H 632 -20.12 -32.66 -9.45
N ALA H 633 -20.01 -31.32 -9.53
CA ALA H 633 -20.91 -30.55 -10.36
C ALA H 633 -20.73 -30.90 -11.84
N LEU H 634 -19.49 -31.13 -12.26
CA LEU H 634 -19.30 -31.52 -13.65
C LEU H 634 -19.72 -32.96 -13.93
N ALA H 635 -19.60 -33.85 -12.95
CA ALA H 635 -19.84 -35.27 -13.19
C ALA H 635 -21.30 -35.68 -13.04
N LEU H 636 -22.06 -34.98 -12.20
CA LEU H 636 -23.44 -35.39 -11.94
C LEU H 636 -24.36 -35.39 -13.16
N PRO H 637 -24.35 -34.39 -14.05
CA PRO H 637 -25.39 -34.33 -15.09
C PRO H 637 -25.41 -35.53 -16.05
N LEU H 638 -24.32 -36.29 -16.18
CA LEU H 638 -24.29 -37.42 -17.10
C LEU H 638 -24.69 -38.73 -16.46
N THR H 639 -25.25 -38.70 -15.25
CA THR H 639 -25.75 -39.90 -14.61
C THR H 639 -27.25 -40.01 -14.81
N THR H 640 -27.72 -41.22 -15.11
CA THR H 640 -29.13 -41.46 -15.37
C THR H 640 -29.97 -41.46 -14.10
N ASP H 641 -29.41 -41.06 -12.98
CA ASP H 641 -30.17 -40.97 -11.73
C ASP H 641 -31.21 -39.86 -11.85
N PRO H 642 -32.50 -40.16 -11.68
CA PRO H 642 -33.52 -39.09 -11.78
C PRO H 642 -33.37 -38.03 -10.70
N CYS H 643 -32.74 -38.33 -9.58
CA CYS H 643 -32.59 -37.40 -8.45
C CYS H 643 -31.19 -36.80 -8.39
N ALA H 644 -30.60 -36.50 -9.53
CA ALA H 644 -29.26 -35.90 -9.59
C ALA H 644 -29.25 -34.41 -9.24
N PRO H 645 -30.21 -33.59 -9.71
CA PRO H 645 -30.18 -32.16 -9.35
C PRO H 645 -30.26 -31.91 -7.85
N VAL H 646 -31.05 -32.69 -7.11
CA VAL H 646 -31.16 -32.47 -5.68
C VAL H 646 -29.85 -32.80 -4.99
N LYS H 647 -29.16 -33.85 -5.44
CA LYS H 647 -27.84 -34.15 -4.89
C LYS H 647 -26.83 -33.06 -5.23
N ALA H 648 -26.90 -32.53 -6.45
CA ALA H 648 -25.99 -31.46 -6.84
C ALA H 648 -26.18 -30.22 -5.98
N PHE H 649 -27.44 -29.85 -5.72
CA PHE H 649 -27.71 -28.73 -4.83
C PHE H 649 -27.28 -29.04 -3.40
N MET H 650 -27.54 -30.27 -2.94
CA MET H 650 -27.29 -30.64 -1.56
C MET H 650 -25.81 -30.73 -1.24
N THR H 651 -24.97 -31.01 -2.23
CA THR H 651 -23.52 -31.01 -1.98
C THR H 651 -23.04 -29.63 -1.56
N LEU H 652 -23.38 -28.60 -2.35
CA LEU H 652 -23.00 -27.25 -2.00
C LEU H 652 -23.71 -26.79 -0.72
N ALA H 653 -24.95 -27.24 -0.52
CA ALA H 653 -25.64 -26.90 0.73
C ALA H 653 -24.91 -27.46 1.93
N ASN H 654 -24.45 -28.72 1.84
CA ASN H 654 -23.68 -29.33 2.93
C ASN H 654 -22.38 -28.59 3.16
N MET H 655 -21.69 -28.21 2.08
CA MET H 655 -20.46 -27.45 2.23
C MET H 655 -20.71 -26.10 2.90
N MET H 656 -21.82 -25.46 2.56
CA MET H 656 -22.13 -24.11 3.02
C MET H 656 -23.08 -24.24 4.21
N VAL H 657 -22.54 -24.66 5.36
CA VAL H 657 -23.31 -24.82 6.58
C VAL H 657 -22.63 -24.00 7.68
N GLY H 658 -23.44 -23.26 8.44
CA GLY H 658 -22.91 -22.33 9.41
C GLY H 658 -22.57 -21.00 8.77
N PHE H 659 -22.13 -21.04 7.51
CA PHE H 659 -21.83 -19.82 6.77
C PHE H 659 -23.14 -19.14 6.36
N GLU H 660 -24.14 -19.93 5.98
CA GLU H 660 -25.54 -19.55 6.10
C GLU H 660 -26.39 -20.80 6.10
N THR H 661 -27.69 -20.63 6.39
CA THR H 661 -28.63 -21.72 6.49
C THR H 661 -29.81 -21.51 5.56
N ILE H 662 -30.52 -22.59 5.26
CA ILE H 662 -31.73 -22.55 4.47
C ILE H 662 -32.81 -23.36 5.17
N PRO H 663 -34.09 -23.02 5.00
CA PRO H 663 -35.16 -23.76 5.69
C PRO H 663 -35.42 -25.11 5.02
N MET H 664 -35.24 -26.18 5.76
CA MET H 664 -35.46 -27.53 5.28
C MET H 664 -36.86 -27.99 5.66
N ASP H 665 -37.16 -29.27 5.41
CA ASP H 665 -38.49 -29.81 5.66
C ASP H 665 -38.60 -30.43 7.06
N ASN H 666 -37.65 -31.28 7.44
CA ASN H 666 -37.66 -31.93 8.74
C ASN H 666 -36.25 -31.93 9.31
N GLN H 667 -36.14 -32.38 10.55
CA GLN H 667 -34.86 -32.38 11.26
C GLN H 667 -34.15 -33.73 11.15
N ILE H 668 -34.60 -34.59 10.23
CA ILE H 668 -33.92 -35.83 9.91
C ILE H 668 -33.04 -35.57 8.71
N TYR H 669 -33.62 -34.99 7.66
CA TYR H 669 -32.88 -34.61 6.46
C TYR H 669 -32.51 -33.13 6.49
N THR H 670 -31.74 -32.77 7.51
CA THR H 670 -31.35 -31.38 7.71
C THR H 670 -30.25 -31.00 6.73
N GLN H 671 -29.81 -29.74 6.81
CA GLN H 671 -28.79 -29.24 5.89
C GLN H 671 -27.46 -29.97 6.07
N SER H 672 -27.20 -30.51 7.26
CA SER H 672 -25.94 -31.20 7.53
C SER H 672 -26.00 -32.67 7.17
N ARG H 673 -27.12 -33.18 6.68
CA ARG H 673 -27.22 -34.56 6.25
C ARG H 673 -26.33 -34.81 5.04
N ARG H 674 -25.80 -36.03 4.95
CA ARG H 674 -24.92 -36.39 3.85
C ARG H 674 -25.64 -36.21 2.51
N ALA H 675 -24.93 -35.62 1.55
CA ALA H 675 -25.55 -35.26 0.28
C ALA H 675 -25.97 -36.47 -0.54
N SER H 676 -25.45 -37.65 -0.24
CA SER H 676 -25.81 -38.86 -0.97
C SER H 676 -27.06 -39.54 -0.43
N ALA H 677 -27.65 -39.00 0.64
CA ALA H 677 -28.84 -39.59 1.25
C ALA H 677 -30.13 -38.98 0.69
N PHE H 678 -30.09 -38.39 -0.49
CA PHE H 678 -31.25 -37.73 -1.06
C PHE H 678 -31.69 -38.44 -2.34
N SER H 679 -31.72 -39.78 -2.29
CA SER H 679 -31.89 -40.61 -3.47
C SER H 679 -33.34 -40.95 -3.77
N THR H 680 -34.29 -40.28 -3.14
CA THR H 680 -35.70 -40.56 -3.38
C THR H 680 -36.46 -39.28 -3.66
N PRO H 681 -37.50 -39.35 -4.50
CA PRO H 681 -38.31 -38.14 -4.77
C PRO H 681 -38.98 -37.59 -3.53
N HIS H 682 -39.30 -38.44 -2.56
CA HIS H 682 -39.92 -37.98 -1.32
C HIS H 682 -39.03 -37.01 -0.56
N THR H 683 -37.71 -37.10 -0.73
CA THR H 683 -36.75 -36.41 0.10
C THR H 683 -36.38 -35.04 -0.46
N TRP H 684 -36.86 -34.68 -1.64
CA TRP H 684 -36.51 -33.40 -2.25
C TRP H 684 -36.99 -32.25 -1.38
N PRO H 685 -36.11 -31.35 -0.96
CA PRO H 685 -36.52 -30.29 -0.03
C PRO H 685 -37.44 -29.27 -0.67
N ARG H 686 -38.37 -28.77 0.15
CA ARG H 686 -39.27 -27.72 -0.31
C ARG H 686 -38.53 -26.45 -0.66
N CYS H 687 -37.42 -26.17 0.02
CA CYS H 687 -36.60 -25.02 -0.34
C CYS H 687 -36.03 -25.19 -1.75
N PHE H 688 -35.70 -26.41 -2.14
CA PHE H 688 -35.20 -26.65 -3.49
C PHE H 688 -36.33 -26.59 -4.52
N MET H 689 -37.53 -27.08 -4.16
CA MET H 689 -38.65 -26.99 -5.09
C MET H 689 -39.08 -25.55 -5.33
N ASN H 690 -39.29 -24.79 -4.25
CA ASN H 690 -39.73 -23.40 -4.32
C ASN H 690 -38.53 -22.54 -4.00
N ILE H 691 -37.97 -21.89 -5.03
CA ILE H 691 -36.73 -21.15 -4.89
C ILE H 691 -36.92 -19.96 -3.95
N GLN H 692 -38.14 -19.42 -3.87
CA GLN H 692 -38.38 -18.22 -3.07
C GLN H 692 -38.14 -18.44 -1.58
N LEU H 693 -38.17 -19.69 -1.11
CA LEU H 693 -37.89 -19.96 0.30
C LEU H 693 -36.46 -19.58 0.67
N ILE H 694 -35.52 -19.73 -0.26
CA ILE H 694 -34.13 -19.36 0.00
C ILE H 694 -34.03 -17.84 0.00
N SER H 695 -33.51 -17.29 1.09
CA SER H 695 -33.43 -15.84 1.23
C SER H 695 -32.36 -15.28 0.31
N PRO H 696 -32.68 -14.31 -0.55
CA PRO H 696 -31.66 -13.75 -1.46
C PRO H 696 -30.64 -12.88 -0.77
N ILE H 697 -30.84 -12.50 0.48
CA ILE H 697 -29.89 -11.64 1.18
C ILE H 697 -29.06 -12.39 2.22
N ASP H 698 -29.52 -13.55 2.68
CA ASP H 698 -28.75 -14.35 3.63
C ASP H 698 -28.05 -15.54 2.99
N ALA H 699 -28.59 -16.07 1.90
CA ALA H 699 -27.98 -17.19 1.18
C ALA H 699 -27.90 -16.83 -0.31
N PRO H 700 -27.11 -15.81 -0.67
CA PRO H 700 -27.09 -15.36 -2.06
C PRO H 700 -26.46 -16.38 -2.99
N ILE H 701 -25.31 -16.91 -2.60
CA ILE H 701 -24.58 -17.86 -3.44
C ILE H 701 -25.37 -19.15 -3.61
N LEU H 702 -25.97 -19.65 -2.52
CA LEU H 702 -26.76 -20.86 -2.63
C LEU H 702 -28.03 -20.62 -3.44
N ARG H 703 -28.62 -19.42 -3.33
CA ARG H 703 -29.74 -19.05 -4.16
C ARG H 703 -29.36 -19.06 -5.64
N GLN H 704 -28.19 -18.50 -5.96
CA GLN H 704 -27.70 -18.52 -7.33
C GLN H 704 -27.48 -19.94 -7.82
N TRP H 705 -26.96 -20.81 -6.94
CA TRP H 705 -26.76 -22.21 -7.32
C TRP H 705 -28.09 -22.89 -7.63
N ALA H 706 -29.11 -22.66 -6.80
CA ALA H 706 -30.42 -23.24 -7.06
C ALA H 706 -31.00 -22.73 -8.37
N GLU H 707 -30.86 -21.42 -8.62
CA GLU H 707 -31.34 -20.85 -9.87
C GLU H 707 -30.62 -21.47 -11.07
N ILE H 708 -29.31 -21.67 -10.96
CA ILE H 708 -28.55 -22.28 -12.04
C ILE H 708 -29.03 -23.71 -12.29
N ILE H 709 -29.25 -24.46 -11.21
CA ILE H 709 -29.78 -25.82 -11.35
C ILE H 709 -31.10 -25.80 -12.10
N HIS H 710 -32.01 -24.90 -11.73
CA HIS H 710 -33.32 -24.87 -12.37
C HIS H 710 -33.24 -24.45 -13.83
N ARG H 711 -32.37 -23.49 -14.15
CA ARG H 711 -32.38 -22.93 -15.50
C ARG H 711 -31.55 -23.77 -16.48
N TYR H 712 -30.30 -24.07 -16.13
CA TYR H 712 -29.34 -24.57 -17.10
C TYR H 712 -29.04 -26.06 -16.96
N TRP H 713 -29.97 -26.83 -16.42
CA TRP H 713 -29.81 -28.28 -16.35
C TRP H 713 -30.11 -28.90 -17.71
N PRO H 714 -29.46 -30.01 -18.04
CA PRO H 714 -29.73 -30.67 -19.33
C PRO H 714 -31.16 -31.15 -19.46
N ASN H 715 -31.66 -31.15 -20.71
CA ASN H 715 -33.01 -31.56 -21.05
C ASN H 715 -32.98 -32.67 -22.10
N PRO H 716 -34.00 -33.55 -22.11
CA PRO H 716 -33.93 -34.76 -22.95
C PRO H 716 -34.14 -34.52 -24.44
N SER H 717 -34.02 -35.60 -25.22
CA SER H 717 -34.21 -35.58 -26.66
C SER H 717 -34.46 -37.03 -27.12
N GLN H 718 -34.42 -37.25 -28.44
CA GLN H 718 -34.69 -38.56 -29.00
C GLN H 718 -33.95 -38.69 -30.33
N ILE H 719 -33.71 -39.94 -30.75
CA ILE H 719 -32.81 -40.17 -31.88
C ILE H 719 -33.37 -41.13 -32.93
N ARG H 720 -34.43 -41.88 -32.60
CA ARG H 720 -35.14 -42.70 -33.60
C ARG H 720 -34.22 -43.75 -34.24
N TYR H 721 -33.84 -44.74 -33.43
CA TYR H 721 -32.88 -45.74 -33.85
C TYR H 721 -33.53 -46.75 -34.79
N GLY H 722 -32.70 -47.64 -35.35
CA GLY H 722 -33.17 -48.92 -35.86
C GLY H 722 -34.21 -48.92 -36.97
N THR H 723 -34.66 -50.11 -37.34
CA THR H 723 -35.72 -50.29 -38.33
C THR H 723 -36.75 -51.29 -37.80
N PRO H 724 -38.03 -50.94 -37.79
CA PRO H 724 -39.05 -51.85 -37.29
C PRO H 724 -39.65 -52.78 -38.34
N ASN H 725 -39.14 -52.80 -39.56
CA ASN H 725 -39.76 -53.62 -40.61
C ASN H 725 -39.34 -55.08 -40.47
N VAL H 726 -38.03 -55.34 -40.60
CA VAL H 726 -37.53 -56.71 -40.46
C VAL H 726 -37.44 -57.09 -38.98
N PHE H 727 -36.63 -56.35 -38.22
CA PHE H 727 -36.60 -56.53 -36.78
C PHE H 727 -37.88 -55.99 -36.16
N GLY H 728 -38.25 -56.55 -35.01
CA GLY H 728 -39.41 -56.09 -34.29
C GLY H 728 -39.12 -54.86 -33.45
N SER H 729 -40.16 -54.41 -32.75
CA SER H 729 -40.06 -53.27 -31.83
C SER H 729 -40.08 -53.84 -30.42
N ALA H 730 -38.89 -54.12 -29.89
CA ALA H 730 -38.73 -54.76 -28.59
C ALA H 730 -38.72 -53.77 -27.44
N ASN H 731 -38.97 -52.48 -27.71
CA ASN H 731 -38.98 -51.47 -26.67
C ASN H 731 -40.37 -51.36 -26.05
N LEU H 732 -40.40 -51.11 -24.74
CA LEU H 732 -41.63 -51.00 -23.98
C LEU H 732 -41.65 -49.67 -23.23
N PHE H 733 -42.85 -49.22 -22.90
CA PHE H 733 -43.14 -47.96 -22.21
C PHE H 733 -42.84 -46.75 -23.07
N THR H 734 -42.34 -46.93 -24.28
CA THR H 734 -41.99 -45.87 -25.20
C THR H 734 -42.54 -46.20 -26.57
N PRO H 735 -42.74 -45.21 -27.44
CA PRO H 735 -43.11 -45.51 -28.81
C PRO H 735 -42.01 -46.30 -29.49
N PRO H 736 -42.35 -47.11 -30.48
CA PRO H 736 -41.32 -47.87 -31.19
C PRO H 736 -40.35 -46.95 -31.92
N GLU H 737 -39.12 -47.44 -32.10
CA GLU H 737 -38.11 -46.78 -32.93
C GLU H 737 -37.73 -45.41 -32.37
N VAL H 738 -37.23 -45.42 -31.13
CA VAL H 738 -36.76 -44.18 -30.50
C VAL H 738 -35.93 -44.46 -29.25
N LEU H 739 -34.87 -43.68 -29.03
CA LEU H 739 -34.19 -43.59 -27.74
C LEU H 739 -34.68 -42.37 -26.96
N LEU H 740 -34.20 -42.28 -25.72
CA LEU H 740 -34.32 -41.09 -24.91
C LEU H 740 -32.96 -40.79 -24.29
N LEU H 741 -32.59 -39.51 -24.25
CA LEU H 741 -31.27 -39.16 -23.80
C LEU H 741 -31.32 -38.18 -22.64
N PRO H 742 -30.40 -38.29 -21.68
CA PRO H 742 -30.36 -37.31 -20.59
C PRO H 742 -30.00 -35.91 -21.04
N ILE H 743 -29.39 -35.75 -22.21
CA ILE H 743 -28.95 -34.46 -22.71
C ILE H 743 -29.59 -34.21 -24.08
N ASP H 744 -29.50 -32.97 -24.54
CA ASP H 744 -30.09 -32.58 -25.81
C ASP H 744 -29.22 -33.08 -26.96
N HIS H 745 -29.81 -33.09 -28.16
CA HIS H 745 -29.14 -33.56 -29.36
C HIS H 745 -29.36 -32.57 -30.50
N GLN H 746 -28.28 -32.12 -31.11
CA GLN H 746 -28.34 -31.31 -32.33
C GLN H 746 -27.46 -31.99 -33.37
N PRO H 747 -28.03 -32.50 -34.46
CA PRO H 747 -27.22 -33.19 -35.47
C PRO H 747 -26.18 -32.26 -36.07
N ALA H 748 -25.00 -32.81 -36.34
CA ALA H 748 -23.93 -32.03 -36.94
C ALA H 748 -24.26 -31.71 -38.39
N ASN H 749 -24.08 -30.44 -38.77
CA ASN H 749 -24.39 -30.01 -40.12
C ASN H 749 -23.21 -30.23 -41.06
N VAL H 750 -21.99 -30.15 -40.56
CA VAL H 750 -20.80 -30.32 -41.36
C VAL H 750 -20.10 -31.62 -40.97
N THR H 751 -19.17 -32.07 -41.81
CA THR H 751 -18.40 -33.27 -41.55
C THR H 751 -16.95 -32.98 -41.18
N THR H 752 -16.55 -31.71 -41.19
CA THR H 752 -15.23 -31.32 -40.71
C THR H 752 -15.40 -30.59 -39.38
N PRO H 753 -15.46 -31.31 -38.26
CA PRO H 753 -15.79 -30.66 -36.99
C PRO H 753 -14.64 -29.79 -36.49
N THR H 754 -15.01 -28.60 -36.03
CA THR H 754 -14.06 -27.66 -35.45
C THR H 754 -14.67 -27.07 -34.18
N LEU H 755 -13.80 -26.62 -33.28
CA LEU H 755 -14.22 -26.28 -31.93
C LEU H 755 -15.24 -25.16 -31.91
N ASP H 756 -16.22 -25.29 -31.02
CA ASP H 756 -17.16 -24.22 -30.72
C ASP H 756 -17.58 -24.34 -29.27
N PHE H 757 -17.94 -23.20 -28.68
CA PHE H 757 -18.41 -23.15 -27.30
C PHE H 757 -19.90 -22.91 -27.19
N THR H 758 -20.64 -22.95 -28.30
CA THR H 758 -22.09 -22.80 -28.31
C THR H 758 -22.73 -24.12 -27.92
N ASN H 759 -22.42 -24.56 -26.70
CA ASN H 759 -22.80 -25.89 -26.26
C ASN H 759 -23.47 -25.82 -24.90
N GLU H 760 -24.40 -26.75 -24.67
CA GLU H 760 -25.11 -26.83 -23.41
C GLU H 760 -24.22 -27.30 -22.28
N LEU H 761 -23.45 -28.37 -22.50
CA LEU H 761 -22.51 -28.85 -21.49
C LEU H 761 -21.33 -27.92 -21.29
N THR H 762 -21.10 -26.99 -22.22
CA THR H 762 -20.10 -25.94 -22.00
C THR H 762 -20.69 -24.77 -21.22
N ASN H 763 -21.95 -24.43 -21.48
CA ASN H 763 -22.63 -23.42 -20.67
C ASN H 763 -22.73 -23.87 -19.22
N TRP H 764 -22.96 -25.18 -19.00
CA TRP H 764 -23.00 -25.69 -17.63
C TRP H 764 -21.68 -25.44 -16.90
N ARG H 765 -20.56 -25.79 -17.55
CA ARG H 765 -19.25 -25.57 -16.95
C ARG H 765 -18.98 -24.10 -16.73
N ALA H 766 -19.35 -23.26 -17.70
CA ALA H 766 -19.15 -21.82 -17.55
C ALA H 766 -19.94 -21.27 -16.37
N ARG H 767 -21.19 -21.71 -16.20
CA ARG H 767 -22.00 -21.24 -15.08
C ARG H 767 -21.41 -21.70 -13.75
N VAL H 768 -20.89 -22.93 -13.70
CA VAL H 768 -20.23 -23.39 -12.47
C VAL H 768 -19.03 -22.51 -12.16
N CYS H 769 -18.24 -22.17 -13.19
CA CYS H 769 -17.07 -21.33 -12.99
C CYS H 769 -17.47 -19.93 -12.50
N GLU H 770 -18.52 -19.35 -13.08
CA GLU H 770 -18.99 -18.04 -12.62
C GLU H 770 -19.50 -18.10 -11.19
N LEU H 771 -20.19 -19.19 -10.83
CA LEU H 771 -20.64 -19.34 -9.45
C LEU H 771 -19.46 -19.39 -8.49
N MET H 772 -18.40 -20.11 -8.87
CA MET H 772 -17.23 -20.18 -8.00
C MET H 772 -16.51 -18.83 -7.93
N LYS H 773 -16.48 -18.08 -9.03
CA LYS H 773 -15.92 -16.74 -8.98
C LYS H 773 -16.71 -15.85 -8.03
N ASN H 774 -18.04 -15.91 -8.10
CA ASN H 774 -18.87 -15.15 -7.18
C ASN H 774 -18.64 -15.58 -5.73
N LEU H 775 -18.40 -16.87 -5.52
CA LEU H 775 -18.06 -17.37 -4.19
C LEU H 775 -16.75 -16.77 -3.70
N VAL H 776 -15.73 -16.72 -4.57
CA VAL H 776 -14.42 -16.29 -4.11
C VAL H 776 -14.30 -14.77 -4.00
N ASP H 777 -15.16 -13.99 -4.64
CA ASP H 777 -15.19 -12.54 -4.42
C ASP H 777 -16.48 -12.17 -3.67
N ASN H 778 -16.43 -12.31 -2.35
CA ASN H 778 -17.55 -12.00 -1.49
C ASN H 778 -17.04 -11.35 -0.20
N GLN H 779 -17.71 -10.29 0.23
CA GLN H 779 -17.23 -9.53 1.38
C GLN H 779 -17.14 -10.38 2.64
N ARG H 780 -17.96 -11.42 2.76
CA ARG H 780 -17.86 -12.32 3.89
C ARG H 780 -16.86 -13.44 3.67
N TYR H 781 -16.25 -13.53 2.49
CA TYR H 781 -15.29 -14.58 2.17
C TYR H 781 -14.02 -14.07 1.53
N GLN H 782 -14.03 -12.90 0.88
CA GLN H 782 -12.82 -12.36 0.27
C GLN H 782 -11.70 -12.09 1.28
N PRO H 783 -11.94 -11.42 2.42
CA PRO H 783 -10.82 -11.06 3.30
C PRO H 783 -10.13 -12.25 3.95
N GLY H 784 -10.71 -13.45 3.87
CA GLY H 784 -10.07 -14.62 4.45
C GLY H 784 -8.90 -15.17 3.66
N TRP H 785 -8.65 -14.64 2.47
CA TRP H 785 -7.56 -15.10 1.61
C TRP H 785 -6.65 -13.93 1.26
N THR H 786 -5.41 -14.26 0.92
CA THR H 786 -4.47 -13.26 0.46
C THR H 786 -4.80 -12.86 -0.99
N GLN H 787 -4.33 -11.66 -1.35
CA GLN H 787 -4.57 -11.16 -2.70
C GLN H 787 -3.89 -12.03 -3.74
N SER H 788 -2.68 -12.51 -3.44
CA SER H 788 -1.96 -13.38 -4.37
C SER H 788 -2.72 -14.69 -4.60
N LEU H 789 -3.35 -15.22 -3.56
CA LEU H 789 -4.13 -16.44 -3.73
C LEU H 789 -5.43 -16.17 -4.47
N VAL H 790 -6.08 -15.04 -4.20
CA VAL H 790 -7.33 -14.74 -4.88
C VAL H 790 -7.11 -14.52 -6.37
N SER H 791 -6.06 -13.77 -6.73
CA SER H 791 -5.78 -13.50 -8.13
C SER H 791 -5.35 -14.75 -8.88
N SER H 792 -4.90 -15.78 -8.18
CA SER H 792 -4.57 -17.05 -8.81
C SER H 792 -5.78 -17.96 -8.90
N MET H 793 -6.64 -17.94 -7.88
CA MET H 793 -7.89 -18.71 -7.92
C MET H 793 -8.78 -18.22 -9.06
N ARG H 794 -8.90 -16.91 -9.23
CA ARG H 794 -9.72 -16.38 -10.32
C ARG H 794 -9.13 -16.75 -11.67
N GLY H 795 -7.80 -16.68 -11.79
CA GLY H 795 -7.17 -17.08 -13.04
C GLY H 795 -7.37 -18.54 -13.37
N THR H 796 -7.26 -19.41 -12.35
CA THR H 796 -7.51 -20.83 -12.55
C THR H 796 -8.95 -21.08 -12.96
N LEU H 797 -9.90 -20.38 -12.34
CA LEU H 797 -11.30 -20.52 -12.73
C LEU H 797 -11.52 -20.09 -14.17
N GLY H 798 -10.91 -18.97 -14.58
CA GLY H 798 -11.02 -18.53 -15.95
C GLY H 798 -10.42 -19.53 -16.93
N LYS H 799 -9.26 -20.10 -16.58
CA LYS H 799 -8.64 -21.10 -17.43
C LYS H 799 -9.52 -22.33 -17.57
N LEU H 800 -10.12 -22.77 -16.46
CA LEU H 800 -11.00 -23.94 -16.52
C LEU H 800 -12.28 -23.64 -17.30
N LYS H 801 -12.71 -22.37 -17.31
CA LYS H 801 -13.90 -22.03 -18.09
C LYS H 801 -13.57 -21.97 -19.58
N LEU H 802 -12.37 -21.49 -19.93
CA LEU H 802 -11.97 -21.37 -21.33
C LEU H 802 -11.18 -22.57 -21.83
N ILE H 803 -11.09 -23.65 -21.05
CA ILE H 803 -10.39 -24.85 -21.51
C ILE H 803 -11.06 -25.35 -22.80
N LYS H 804 -10.23 -25.88 -23.71
CA LYS H 804 -10.70 -26.28 -25.03
C LYS H 804 -10.67 -27.81 -25.14
N SER H 805 -11.79 -28.43 -24.81
CA SER H 805 -12.00 -29.86 -24.98
C SER H 805 -13.25 -30.10 -25.82
N MET H 806 -13.21 -31.14 -26.65
CA MET H 806 -14.28 -31.44 -27.58
C MET H 806 -15.26 -32.49 -27.05
N THR H 807 -15.13 -32.87 -25.78
CA THR H 807 -16.02 -33.88 -25.22
C THR H 807 -17.49 -33.46 -25.22
N PRO H 808 -17.86 -32.26 -24.77
CA PRO H 808 -19.29 -31.88 -24.88
C PRO H 808 -19.80 -31.84 -26.30
N MET H 809 -18.98 -31.34 -27.24
CA MET H 809 -19.37 -31.30 -28.64
C MET H 809 -19.64 -32.71 -29.16
N TYR H 810 -18.74 -33.63 -28.85
CA TYR H 810 -18.95 -35.02 -29.25
C TYR H 810 -20.21 -35.58 -28.63
N LEU H 811 -20.44 -35.31 -27.35
CA LEU H 811 -21.60 -35.85 -26.66
C LEU H 811 -22.91 -35.36 -27.27
N GLN H 812 -22.96 -34.08 -27.65
CA GLN H 812 -24.21 -33.53 -28.17
C GLN H 812 -24.30 -33.59 -29.69
N GLN H 813 -23.27 -34.09 -30.38
CA GLN H 813 -23.34 -34.24 -31.83
C GLN H 813 -23.30 -35.68 -32.31
N LEU H 814 -22.28 -36.44 -31.92
CA LEU H 814 -22.02 -37.74 -32.54
C LEU H 814 -22.38 -38.93 -31.66
N ALA H 815 -22.28 -38.80 -30.33
CA ALA H 815 -22.57 -39.93 -29.46
C ALA H 815 -23.98 -40.49 -29.64
N PRO H 816 -25.05 -39.68 -29.75
CA PRO H 816 -26.36 -40.28 -30.05
C PRO H 816 -26.39 -41.03 -31.38
N VAL H 817 -25.66 -40.54 -32.38
CA VAL H 817 -25.67 -41.20 -33.69
C VAL H 817 -25.07 -42.60 -33.58
N GLU H 818 -23.91 -42.72 -32.94
CA GLU H 818 -23.28 -44.03 -32.81
C GLU H 818 -24.05 -44.93 -31.86
N LEU H 819 -24.68 -44.36 -30.83
CA LEU H 819 -25.53 -45.18 -29.96
C LEU H 819 -26.71 -45.76 -30.73
N ALA H 820 -27.35 -44.94 -31.57
CA ALA H 820 -28.45 -45.43 -32.39
C ALA H 820 -27.97 -46.44 -33.42
N VAL H 821 -26.76 -46.28 -33.94
CA VAL H 821 -26.20 -47.29 -34.84
C VAL H 821 -25.98 -48.60 -34.11
N ILE H 822 -25.45 -48.55 -32.89
CA ILE H 822 -25.12 -49.75 -32.14
C ILE H 822 -26.39 -50.48 -31.70
N ALA H 823 -27.43 -49.72 -31.34
CA ALA H 823 -28.60 -50.31 -30.67
C ALA H 823 -29.21 -51.51 -31.39
N PRO H 824 -29.45 -51.50 -32.71
CA PRO H 824 -30.01 -52.71 -33.33
C PRO H 824 -29.12 -53.94 -33.18
N MET H 825 -27.81 -53.77 -33.29
CA MET H 825 -26.87 -54.89 -33.18
C MET H 825 -26.49 -55.05 -31.71
N LEU H 826 -27.41 -55.63 -30.95
CA LEU H 826 -27.23 -55.73 -29.51
C LEU H 826 -28.09 -56.87 -28.96
N PRO H 827 -27.49 -57.80 -28.22
CA PRO H 827 -28.26 -58.95 -27.72
C PRO H 827 -29.40 -58.57 -26.79
N PHE H 828 -29.22 -57.51 -25.99
CA PHE H 828 -30.26 -57.06 -25.07
C PHE H 828 -30.80 -55.72 -25.55
N PRO H 829 -31.99 -55.69 -26.15
CA PRO H 829 -32.49 -54.43 -26.70
C PRO H 829 -32.71 -53.41 -25.61
N PRO H 830 -32.59 -52.13 -25.93
CA PRO H 830 -32.72 -51.09 -24.90
C PRO H 830 -34.07 -51.14 -24.21
N PHE H 831 -34.05 -50.88 -22.90
CA PHE H 831 -35.25 -50.86 -22.06
C PHE H 831 -35.25 -49.53 -21.33
N GLN H 832 -36.12 -48.62 -21.74
CA GLN H 832 -36.08 -47.24 -21.28
C GLN H 832 -37.39 -46.82 -20.63
N VAL H 833 -37.28 -46.03 -19.57
CA VAL H 833 -38.40 -45.30 -19.00
C VAL H 833 -38.14 -43.81 -19.27
N PRO H 834 -39.16 -42.99 -19.41
CA PRO H 834 -38.93 -41.59 -19.83
C PRO H 834 -38.07 -40.83 -18.83
N TYR H 835 -37.19 -39.99 -19.36
CA TYR H 835 -36.40 -39.11 -18.52
C TYR H 835 -37.23 -37.90 -18.09
N VAL H 836 -36.97 -37.43 -16.88
CA VAL H 836 -37.72 -36.29 -16.32
C VAL H 836 -36.73 -35.40 -15.59
N ARG H 837 -36.88 -34.08 -15.79
CA ARG H 837 -35.85 -33.15 -15.34
C ARG H 837 -36.00 -32.76 -13.86
N LEU H 838 -37.07 -32.04 -13.53
CA LEU H 838 -37.16 -31.43 -12.21
C LEU H 838 -38.50 -31.68 -11.51
N ASP H 839 -39.58 -31.76 -12.27
CA ASP H 839 -40.89 -32.00 -11.67
C ASP H 839 -40.94 -33.43 -11.12
N ARG H 840 -40.95 -33.55 -9.80
CA ARG H 840 -40.85 -34.87 -9.19
C ARG H 840 -42.09 -35.71 -9.39
N ASP H 841 -43.20 -35.12 -9.83
CA ASP H 841 -44.46 -35.84 -9.98
C ASP H 841 -44.41 -36.89 -11.07
N ARG H 842 -43.39 -36.87 -11.93
CA ARG H 842 -43.26 -37.83 -13.01
C ARG H 842 -42.02 -38.71 -12.90
N VAL H 843 -41.35 -38.71 -11.75
CA VAL H 843 -40.14 -39.50 -11.55
C VAL H 843 -40.54 -40.97 -11.45
N PRO H 844 -39.99 -41.84 -12.30
CA PRO H 844 -40.33 -43.27 -12.21
C PRO H 844 -39.78 -43.91 -10.95
N THR H 845 -40.67 -44.32 -10.04
CA THR H 845 -40.26 -44.87 -8.76
C THR H 845 -40.03 -46.38 -8.81
N MET H 846 -40.80 -47.10 -9.62
CA MET H 846 -40.70 -48.55 -9.66
C MET H 846 -41.11 -49.07 -11.02
N VAL H 847 -40.54 -50.22 -11.39
CA VAL H 847 -40.94 -50.98 -12.55
C VAL H 847 -41.02 -52.45 -12.14
N GLY H 848 -42.10 -53.13 -12.55
CA GLY H 848 -42.34 -54.48 -12.10
C GLY H 848 -42.87 -55.36 -13.22
N VAL H 849 -42.68 -56.66 -13.02
CA VAL H 849 -43.18 -57.68 -13.94
C VAL H 849 -43.99 -58.70 -13.13
N THR H 850 -44.89 -59.39 -13.83
CA THR H 850 -45.77 -60.36 -13.19
C THR H 850 -45.59 -61.71 -13.87
N ARG H 851 -45.95 -62.76 -13.13
CA ARG H 851 -45.76 -64.13 -13.58
C ARG H 851 -46.99 -65.02 -13.37
N GLN H 852 -47.94 -64.60 -12.55
CA GLN H 852 -49.07 -65.43 -12.20
C GLN H 852 -50.22 -64.54 -11.74
N SER H 853 -51.42 -65.12 -11.68
CA SER H 853 -52.59 -64.45 -11.17
C SER H 853 -52.70 -64.70 -9.66
N ARG H 854 -53.39 -63.79 -8.97
CA ARG H 854 -53.45 -63.86 -7.51
C ARG H 854 -54.41 -64.95 -7.06
N ASP H 855 -55.70 -64.78 -7.34
CA ASP H 855 -56.71 -65.83 -7.13
C ASP H 855 -58.01 -65.39 -7.78
N THR H 856 -58.59 -66.24 -8.63
CA THR H 856 -59.89 -66.02 -9.26
C THR H 856 -59.83 -64.81 -10.19
N ILE H 857 -58.68 -64.14 -10.25
CA ILE H 857 -58.51 -62.96 -11.11
C ILE H 857 -57.98 -63.48 -12.44
N THR H 858 -58.92 -63.88 -13.31
CA THR H 858 -58.54 -64.35 -14.63
C THR H 858 -57.94 -63.23 -15.47
N GLN H 859 -58.50 -62.04 -15.38
CA GLN H 859 -58.03 -60.91 -16.17
C GLN H 859 -56.71 -60.40 -15.62
N PRO H 860 -55.64 -60.35 -16.42
CA PRO H 860 -54.34 -59.88 -15.90
C PRO H 860 -54.29 -58.40 -15.59
N ALA H 861 -55.27 -57.62 -16.04
CA ALA H 861 -55.26 -56.18 -15.82
C ALA H 861 -55.60 -55.80 -14.38
N LEU H 862 -56.02 -56.75 -13.55
CA LEU H 862 -56.40 -56.47 -12.17
C LEU H 862 -55.39 -56.99 -11.16
N SER H 863 -54.77 -58.14 -11.42
CA SER H 863 -53.78 -58.70 -10.51
C SER H 863 -52.38 -58.14 -10.72
N LEU H 864 -52.17 -57.35 -11.77
CA LEU H 864 -50.85 -56.82 -12.06
C LEU H 864 -50.37 -55.87 -10.97
N SER H 865 -51.28 -55.07 -10.42
CA SER H 865 -50.88 -54.09 -9.42
C SER H 865 -50.38 -54.74 -8.13
N THR H 866 -50.99 -55.87 -7.73
CA THR H 866 -50.66 -56.52 -6.47
C THR H 866 -49.97 -57.86 -6.67
N THR H 867 -49.43 -58.12 -7.87
CA THR H 867 -48.71 -59.35 -8.11
C THR H 867 -47.37 -59.11 -8.82
N ASN H 868 -47.03 -57.84 -9.09
CA ASN H 868 -45.81 -57.53 -9.82
C ASN H 868 -44.59 -57.79 -8.93
N THR H 869 -43.41 -57.54 -9.48
CA THR H 869 -42.15 -57.74 -8.78
C THR H 869 -41.16 -56.69 -9.25
N THR H 870 -40.72 -55.83 -8.34
CA THR H 870 -39.85 -54.72 -8.70
C THR H 870 -38.48 -55.22 -9.16
N VAL H 871 -37.97 -54.62 -10.23
CA VAL H 871 -36.65 -54.93 -10.76
C VAL H 871 -35.85 -53.65 -10.88
N GLY H 872 -34.53 -53.79 -10.83
CA GLY H 872 -33.63 -52.66 -10.96
C GLY H 872 -32.55 -52.61 -9.90
N VAL H 873 -31.35 -52.21 -10.29
CA VAL H 873 -30.21 -52.10 -9.39
C VAL H 873 -29.49 -50.77 -9.59
N PRO H 874 -28.80 -50.26 -8.57
CA PRO H 874 -27.93 -49.11 -8.78
C PRO H 874 -26.49 -49.54 -9.07
N LEU H 875 -25.78 -48.67 -9.79
CA LEU H 875 -24.40 -48.92 -10.16
C LEU H 875 -23.60 -47.65 -9.93
N ALA H 876 -22.33 -47.83 -9.55
CA ALA H 876 -21.47 -46.73 -9.13
C ALA H 876 -20.44 -46.40 -10.20
N LEU H 877 -20.16 -45.10 -10.35
CA LEU H 877 -19.18 -44.59 -11.30
C LEU H 877 -18.17 -43.73 -10.55
N ASP H 878 -17.21 -43.18 -11.30
CA ASP H 878 -16.15 -42.36 -10.73
C ASP H 878 -16.32 -40.93 -11.21
N ALA H 879 -16.63 -40.03 -10.27
CA ALA H 879 -16.81 -38.62 -10.61
C ALA H 879 -15.52 -38.03 -11.16
N ARG H 880 -14.38 -38.41 -10.58
CA ARG H 880 -13.10 -37.90 -11.07
C ARG H 880 -12.85 -38.34 -12.51
N ALA H 881 -13.13 -39.60 -12.82
CA ALA H 881 -12.95 -40.09 -14.19
C ALA H 881 -13.88 -39.37 -15.15
N ILE H 882 -15.14 -39.18 -14.76
CA ILE H 882 -16.08 -38.48 -15.63
C ILE H 882 -15.62 -37.04 -15.87
N THR H 883 -15.17 -36.35 -14.82
CA THR H 883 -14.72 -34.98 -14.98
C THR H 883 -13.46 -34.91 -15.85
N VAL H 884 -12.55 -35.85 -15.70
CA VAL H 884 -11.36 -35.88 -16.55
C VAL H 884 -11.76 -36.09 -18.01
N ALA H 885 -12.71 -36.99 -18.25
CA ALA H 885 -13.17 -37.22 -19.62
C ALA H 885 -13.81 -35.96 -20.20
N LEU H 886 -14.60 -35.25 -19.40
CA LEU H 886 -15.22 -34.01 -19.87
C LEU H 886 -14.18 -32.95 -20.17
N LEU H 887 -13.20 -32.77 -19.28
CA LEU H 887 -12.23 -31.69 -19.40
C LEU H 887 -11.11 -31.99 -20.38
N SER H 888 -10.93 -33.24 -20.79
CA SER H 888 -9.87 -33.62 -21.70
C SER H 888 -10.43 -34.48 -22.81
N GLY H 889 -10.29 -34.02 -24.05
CA GLY H 889 -10.74 -34.77 -25.21
C GLY H 889 -10.39 -34.08 -26.50
N LYS H 890 -9.82 -34.81 -27.46
CA LYS H 890 -9.39 -34.22 -28.71
C LYS H 890 -9.70 -35.18 -29.85
N TYR H 891 -9.85 -34.61 -31.04
CA TYR H 891 -10.06 -35.36 -32.26
C TYR H 891 -8.73 -35.61 -32.96
N PRO H 892 -8.71 -36.48 -33.98
CA PRO H 892 -7.54 -36.56 -34.85
C PRO H 892 -7.23 -35.20 -35.48
N PRO H 893 -6.01 -35.00 -35.95
CA PRO H 893 -5.62 -33.65 -36.43
C PRO H 893 -6.52 -33.11 -37.52
N ASP H 894 -7.01 -33.97 -38.43
CA ASP H 894 -7.99 -33.55 -39.44
C ASP H 894 -8.76 -34.80 -39.85
N LEU H 895 -9.98 -34.92 -39.34
CA LEU H 895 -10.83 -36.06 -39.60
C LEU H 895 -12.13 -35.62 -40.26
N VAL H 896 -12.73 -36.52 -41.03
CA VAL H 896 -14.05 -36.33 -41.61
C VAL H 896 -14.95 -37.45 -41.13
N THR H 897 -16.11 -37.07 -40.59
CA THR H 897 -16.96 -38.03 -39.89
C THR H 897 -17.48 -39.11 -40.83
N ASN H 898 -17.83 -38.72 -42.07
CA ASN H 898 -18.39 -39.71 -43.00
C ASN H 898 -17.39 -40.83 -43.27
N VAL H 899 -16.15 -40.49 -43.61
CA VAL H 899 -15.15 -41.51 -43.89
C VAL H 899 -14.82 -42.28 -42.61
N TRP H 900 -14.66 -41.59 -41.49
CA TRP H 900 -14.30 -42.27 -40.25
C TRP H 900 -15.34 -43.31 -39.87
N TYR H 901 -16.63 -42.95 -39.96
CA TYR H 901 -17.67 -43.89 -39.60
C TYR H 901 -17.84 -44.99 -40.65
N ALA H 902 -17.70 -44.65 -41.93
CA ALA H 902 -17.76 -45.68 -42.97
C ALA H 902 -16.65 -46.70 -42.82
N ASP H 903 -15.54 -46.32 -42.18
CA ASP H 903 -14.50 -47.29 -41.86
C ASP H 903 -14.76 -48.03 -40.55
N ALA H 904 -15.22 -47.33 -39.50
CA ALA H 904 -15.33 -47.95 -38.19
C ALA H 904 -16.53 -48.87 -38.07
N ILE H 905 -17.66 -48.51 -38.66
CA ILE H 905 -18.90 -49.27 -38.47
C ILE H 905 -18.99 -50.48 -39.40
N TYR H 906 -18.32 -50.46 -40.55
CA TYR H 906 -18.41 -51.56 -41.51
C TYR H 906 -18.11 -52.95 -40.92
N PRO H 907 -17.05 -53.15 -40.13
CA PRO H 907 -16.78 -54.52 -39.64
C PRO H 907 -17.91 -55.13 -38.84
N MET H 908 -18.62 -54.32 -38.03
CA MET H 908 -19.66 -54.90 -37.18
C MET H 908 -20.91 -55.28 -37.96
N TYR H 909 -21.14 -54.68 -39.12
CA TYR H 909 -22.33 -54.99 -39.92
C TYR H 909 -22.04 -56.09 -40.94
N ALA H 910 -21.47 -57.20 -40.45
CA ALA H 910 -21.24 -58.37 -41.28
C ALA H 910 -21.50 -59.66 -40.52
N ASP H 911 -21.99 -59.59 -39.28
CA ASP H 911 -22.20 -60.75 -38.44
C ASP H 911 -23.63 -61.26 -38.62
N THR H 912 -24.03 -62.21 -37.77
CA THR H 912 -25.35 -62.80 -37.84
C THR H 912 -25.98 -62.99 -36.45
N GLU H 913 -25.38 -62.44 -35.40
CA GLU H 913 -25.92 -62.62 -34.05
C GLU H 913 -27.30 -61.98 -33.93
N VAL H 914 -27.46 -60.78 -34.50
CA VAL H 914 -28.75 -60.09 -34.40
C VAL H 914 -29.85 -60.89 -35.09
N PHE H 915 -29.54 -61.48 -36.25
CA PHE H 915 -30.52 -62.32 -36.93
C PHE H 915 -30.73 -63.65 -36.22
N SER H 916 -29.73 -64.13 -35.49
CA SER H 916 -29.82 -65.38 -34.76
C SER H 916 -30.69 -65.29 -33.51
N ASN H 917 -30.67 -64.14 -32.83
CA ASN H 917 -31.46 -63.99 -31.60
C ASN H 917 -32.97 -64.04 -31.84
N LEU H 918 -33.44 -63.67 -33.03
CA LEU H 918 -34.87 -63.66 -33.29
C LEU H 918 -35.44 -65.09 -33.29
N GLN H 919 -34.69 -66.07 -33.79
CA GLN H 919 -35.15 -67.45 -33.74
C GLN H 919 -35.25 -67.94 -32.30
N ARG H 920 -34.29 -67.55 -31.45
CA ARG H 920 -34.38 -67.85 -30.03
C ARG H 920 -35.63 -67.24 -29.42
N ASP H 921 -35.95 -66.00 -29.81
CA ASP H 921 -37.16 -65.35 -29.31
C ASP H 921 -38.40 -66.13 -29.73
N VAL H 922 -38.42 -66.59 -30.98
CA VAL H 922 -39.56 -67.38 -31.48
C VAL H 922 -39.71 -68.64 -30.67
N ILE H 923 -38.61 -69.35 -30.41
CA ILE H 923 -38.69 -70.60 -29.67
C ILE H 923 -39.16 -70.35 -28.25
N THR H 924 -38.71 -69.27 -27.62
CA THR H 924 -39.17 -68.95 -26.27
C THR H 924 -40.67 -68.69 -26.25
N CYS H 925 -41.15 -67.87 -27.19
CA CYS H 925 -42.58 -67.54 -27.22
C CYS H 925 -43.44 -68.74 -27.60
N GLU H 926 -42.87 -69.69 -28.34
CA GLU H 926 -43.58 -70.93 -28.65
C GLU H 926 -43.64 -71.83 -27.42
N ALA H 927 -42.52 -71.96 -26.71
CA ALA H 927 -42.45 -72.88 -25.58
C ALA H 927 -43.33 -72.41 -24.43
N VAL H 928 -43.42 -71.10 -24.20
CA VAL H 928 -44.26 -70.61 -23.10
C VAL H 928 -45.72 -71.00 -23.34
N GLN H 929 -46.21 -70.80 -24.57
CA GLN H 929 -47.59 -71.12 -24.87
C GLN H 929 -47.83 -72.62 -24.87
N THR H 930 -46.85 -73.40 -25.36
CA THR H 930 -46.97 -74.86 -25.29
C THR H 930 -47.08 -75.33 -23.85
N LEU H 931 -46.25 -74.77 -22.96
CA LEU H 931 -46.32 -75.12 -21.55
C LEU H 931 -47.68 -74.76 -20.97
N VAL H 932 -48.19 -73.57 -21.30
CA VAL H 932 -49.48 -73.15 -20.79
C VAL H 932 -50.57 -74.15 -21.18
N THR H 933 -50.60 -74.51 -22.46
CA THR H 933 -51.62 -75.44 -22.94
C THR H 933 -51.48 -76.81 -22.31
N LEU H 934 -50.25 -77.32 -22.21
CA LEU H 934 -50.05 -78.65 -21.64
C LEU H 934 -50.43 -78.71 -20.17
N VAL H 935 -50.11 -77.66 -19.41
CA VAL H 935 -50.52 -77.61 -18.01
C VAL H 935 -52.03 -77.49 -17.90
N ALA H 936 -52.64 -76.68 -18.77
CA ALA H 936 -54.10 -76.54 -18.77
C ALA H 936 -54.79 -77.86 -19.07
N GLN H 937 -54.15 -78.73 -19.85
CA GLN H 937 -54.75 -80.02 -20.16
C GLN H 937 -54.90 -80.90 -18.92
N ILE H 938 -53.91 -80.89 -18.01
CA ILE H 938 -53.99 -81.74 -16.84
C ILE H 938 -54.59 -81.05 -15.62
N SER H 939 -54.66 -79.73 -15.61
CA SER H 939 -55.15 -79.01 -14.45
C SER H 939 -56.26 -78.05 -14.86
N GLU H 940 -56.68 -77.21 -13.91
CA GLU H 940 -57.70 -76.19 -14.15
C GLU H 940 -57.02 -74.83 -14.15
N THR H 941 -57.23 -74.07 -15.23
CA THR H 941 -56.52 -72.80 -15.40
C THR H 941 -57.47 -71.66 -15.75
N GLN H 942 -56.90 -70.50 -16.07
CA GLN H 942 -57.67 -69.31 -16.40
C GLN H 942 -57.94 -69.16 -17.89
N TYR H 943 -57.44 -70.09 -18.71
CA TYR H 943 -57.55 -69.94 -20.16
C TYR H 943 -58.60 -70.89 -20.72
N PRO H 944 -59.27 -70.50 -21.81
CA PRO H 944 -60.17 -71.44 -22.49
C PRO H 944 -59.37 -72.40 -23.37
N VAL H 945 -59.64 -73.69 -23.21
CA VAL H 945 -58.87 -74.73 -23.86
C VAL H 945 -59.76 -75.95 -24.09
N ASP H 946 -59.66 -76.53 -25.28
CA ASP H 946 -60.40 -77.74 -25.61
C ASP H 946 -59.75 -78.97 -24.97
N ARG H 947 -60.59 -79.96 -24.65
CA ARG H 947 -60.18 -81.13 -23.87
C ARG H 947 -60.75 -82.39 -24.54
N TYR H 948 -59.87 -83.15 -25.22
CA TYR H 948 -60.26 -84.44 -25.77
C TYR H 948 -59.62 -85.60 -25.02
N LEU H 949 -59.06 -85.36 -23.84
CA LEU H 949 -58.42 -86.43 -23.08
C LEU H 949 -58.93 -86.45 -21.64
N ASP H 950 -60.22 -86.14 -21.46
CA ASP H 950 -60.82 -86.21 -20.14
C ASP H 950 -61.31 -87.60 -19.77
N TRP H 951 -61.35 -88.53 -20.73
CA TRP H 951 -61.79 -89.90 -20.45
C TRP H 951 -60.68 -90.76 -19.86
N ILE H 952 -59.43 -90.29 -19.90
CA ILE H 952 -58.31 -91.02 -19.32
C ILE H 952 -58.23 -90.68 -17.84
N PRO H 953 -58.15 -91.68 -16.95
CA PRO H 953 -58.04 -91.38 -15.52
C PRO H 953 -56.77 -90.59 -15.23
N SER H 954 -56.88 -89.65 -14.28
CA SER H 954 -55.77 -88.77 -13.95
C SER H 954 -55.75 -88.50 -12.46
N LEU H 955 -54.57 -88.16 -11.96
CA LEU H 955 -54.38 -87.82 -10.57
C LEU H 955 -54.93 -86.44 -10.26
N ARG H 956 -55.24 -86.21 -8.98
CA ARG H 956 -55.62 -84.88 -8.51
C ARG H 956 -54.39 -83.99 -8.53
N ALA H 957 -54.13 -83.34 -9.66
CA ALA H 957 -52.88 -82.62 -9.86
C ALA H 957 -52.72 -81.49 -8.86
N SER H 958 -51.54 -81.39 -8.27
CA SER H 958 -51.20 -80.37 -7.29
C SER H 958 -50.07 -79.50 -7.84
N ALA H 959 -49.56 -78.60 -6.97
CA ALA H 959 -48.47 -77.72 -7.39
C ALA H 959 -47.22 -78.52 -7.75
N ALA H 960 -46.89 -79.54 -6.94
CA ALA H 960 -45.74 -80.36 -7.25
C ALA H 960 -45.91 -81.10 -8.57
N THR H 961 -47.10 -81.63 -8.82
CA THR H 961 -47.36 -82.31 -10.08
C THR H 961 -47.21 -81.37 -11.27
N ALA H 962 -47.76 -80.16 -11.15
CA ALA H 962 -47.64 -79.19 -12.23
C ALA H 962 -46.19 -78.80 -12.46
N ALA H 963 -45.43 -78.59 -11.38
CA ALA H 963 -44.03 -78.23 -11.51
C ALA H 963 -43.22 -79.33 -12.18
N THR H 964 -43.46 -80.58 -11.78
CA THR H 964 -42.73 -81.70 -12.38
C THR H 964 -43.08 -81.85 -13.86
N PHE H 965 -44.36 -81.74 -14.19
CA PHE H 965 -44.77 -81.82 -15.59
C PHE H 965 -44.16 -80.70 -16.41
N ALA H 966 -44.12 -79.48 -15.85
CA ALA H 966 -43.53 -78.36 -16.56
C ALA H 966 -42.04 -78.56 -16.75
N GLU H 967 -41.36 -79.09 -15.74
CA GLU H 967 -39.93 -79.37 -15.88
C GLU H 967 -39.67 -80.40 -16.98
N TRP H 968 -40.48 -81.45 -17.02
CA TRP H 968 -40.32 -82.45 -18.08
C TRP H 968 -40.59 -81.85 -19.46
N VAL H 969 -41.62 -81.00 -19.57
CA VAL H 969 -41.90 -80.34 -20.84
C VAL H 969 -40.74 -79.46 -21.27
N ASN H 970 -40.16 -78.70 -20.32
CA ASN H 970 -39.03 -77.85 -20.63
C ASN H 970 -37.84 -78.67 -21.12
N THR H 971 -37.54 -79.78 -20.43
CA THR H 971 -36.43 -80.62 -20.85
C THR H 971 -36.66 -81.19 -22.25
N SER H 972 -37.88 -81.67 -22.51
CA SER H 972 -38.19 -82.21 -23.83
C SER H 972 -38.10 -81.16 -24.92
N MET H 973 -38.57 -79.95 -24.65
CA MET H 973 -38.47 -78.87 -25.64
C MET H 973 -37.03 -78.45 -25.89
N LYS H 974 -36.18 -78.42 -24.86
CA LYS H 974 -34.78 -78.07 -25.03
C LYS H 974 -33.99 -79.14 -25.76
N THR H 975 -34.32 -80.42 -25.54
CA THR H 975 -33.48 -81.50 -26.07
C THR H 975 -33.41 -81.47 -27.59
N ALA H 976 -34.55 -81.34 -28.26
CA ALA H 976 -34.55 -81.42 -29.72
C ALA H 976 -34.02 -80.16 -30.37
N PHE H 977 -34.33 -78.98 -29.82
CA PHE H 977 -33.86 -77.74 -30.39
C PHE H 977 -32.44 -77.39 -29.95
N ASP H 978 -31.83 -78.23 -29.12
CA ASP H 978 -30.41 -78.09 -28.75
C ASP H 978 -30.18 -76.82 -27.95
N LEU H 979 -31.09 -76.52 -27.03
CA LEU H 979 -30.95 -75.39 -26.12
C LEU H 979 -30.29 -75.90 -24.83
N SER H 980 -28.96 -75.80 -24.78
CA SER H 980 -28.25 -76.16 -23.57
C SER H 980 -28.45 -75.11 -22.49
N ASP H 981 -28.68 -73.86 -22.88
CA ASP H 981 -28.85 -72.77 -21.94
C ASP H 981 -30.28 -72.76 -21.38
N MET H 982 -30.58 -71.72 -20.61
CA MET H 982 -31.86 -71.61 -19.94
C MET H 982 -33.00 -71.38 -20.92
N LEU H 983 -34.13 -72.01 -20.66
CA LEU H 983 -35.35 -71.81 -21.43
C LEU H 983 -36.53 -72.15 -20.53
N LEU H 984 -37.36 -71.14 -20.26
CA LEU H 984 -38.59 -71.20 -19.46
C LEU H 984 -38.30 -71.33 -17.98
N GLU H 985 -37.05 -71.56 -17.56
CA GLU H 985 -36.71 -71.65 -16.16
C GLU H 985 -36.99 -70.35 -15.40
N PRO H 986 -36.99 -69.19 -16.06
CA PRO H 986 -37.60 -68.01 -15.41
C PRO H 986 -39.03 -68.24 -14.96
N LEU H 987 -39.82 -68.98 -15.75
CA LEU H 987 -41.22 -69.22 -15.41
C LEU H 987 -41.43 -70.47 -14.58
N LEU H 988 -40.48 -71.41 -14.56
CA LEU H 988 -40.55 -72.52 -13.62
C LEU H 988 -40.37 -72.08 -12.17
N SER H 989 -39.92 -70.84 -11.94
CA SER H 989 -39.79 -70.35 -10.58
C SER H 989 -41.13 -70.08 -9.92
N GLY H 990 -42.23 -70.14 -10.69
CA GLY H 990 -43.56 -69.96 -10.15
C GLY H 990 -44.46 -71.15 -10.46
N ASP H 991 -45.74 -70.94 -10.23
CA ASP H 991 -46.74 -71.96 -10.51
C ASP H 991 -47.17 -71.88 -11.97
N PRO H 992 -47.05 -72.98 -12.73
CA PRO H 992 -47.44 -72.96 -14.15
C PRO H 992 -48.93 -72.96 -14.39
N ARG H 993 -49.76 -73.07 -13.35
CA ARG H 993 -51.21 -73.14 -13.54
C ARG H 993 -51.78 -71.81 -14.00
N MET H 994 -51.30 -70.70 -13.44
CA MET H 994 -51.87 -69.39 -13.65
C MET H 994 -50.90 -68.41 -14.28
N THR H 995 -50.06 -68.89 -15.19
CA THR H 995 -49.01 -68.05 -15.77
C THR H 995 -49.60 -66.92 -16.61
N GLN H 996 -48.96 -65.76 -16.54
CA GLN H 996 -49.32 -64.60 -17.34
C GLN H 996 -48.13 -63.65 -17.37
N LEU H 997 -48.02 -62.89 -18.45
CA LEU H 997 -46.90 -61.97 -18.64
C LEU H 997 -47.43 -60.55 -18.81
N ALA H 998 -46.93 -59.64 -17.97
CA ALA H 998 -47.26 -58.22 -18.07
C ALA H 998 -46.19 -57.43 -17.35
N ILE H 999 -46.13 -56.13 -17.66
CA ILE H 999 -45.12 -55.25 -17.10
C ILE H 999 -45.74 -53.88 -16.89
N GLN H 1000 -45.27 -53.17 -15.87
CA GLN H 1000 -45.76 -51.83 -15.58
C GLN H 1000 -44.67 -51.03 -14.89
N TYR H 1001 -44.80 -49.71 -14.96
CA TYR H 1001 -44.00 -48.80 -14.16
C TYR H 1001 -44.89 -47.70 -13.63
N GLN H 1002 -44.63 -47.27 -12.39
CA GLN H 1002 -45.50 -46.35 -11.66
C GLN H 1002 -44.78 -45.03 -11.46
N GLN H 1003 -45.47 -43.93 -11.77
CA GLN H 1003 -44.92 -42.60 -11.57
C GLN H 1003 -45.01 -42.25 -10.08
N TYR H 1004 -44.58 -41.02 -9.75
CA TYR H 1004 -44.59 -40.56 -8.37
C TYR H 1004 -45.99 -40.20 -7.89
N ASN H 1005 -46.84 -39.69 -8.78
CA ASN H 1005 -48.18 -39.27 -8.40
C ASN H 1005 -49.19 -40.40 -8.45
N GLY H 1006 -48.77 -41.61 -8.76
CA GLY H 1006 -49.65 -42.77 -8.81
C GLY H 1006 -50.09 -43.18 -10.19
N ARG H 1007 -49.72 -42.43 -11.23
CA ARG H 1007 -50.07 -42.80 -12.60
C ARG H 1007 -49.33 -44.09 -12.98
N THR H 1008 -50.07 -45.17 -13.18
CA THR H 1008 -49.50 -46.45 -13.54
C THR H 1008 -49.77 -46.74 -15.01
N PHE H 1009 -48.70 -47.02 -15.76
CA PHE H 1009 -48.79 -47.41 -17.16
C PHE H 1009 -48.29 -48.83 -17.30
N ASN H 1010 -49.10 -49.68 -17.93
CA ASN H 1010 -48.81 -51.10 -18.03
C ASN H 1010 -48.93 -51.58 -19.47
N VAL H 1011 -48.12 -52.59 -19.80
CA VAL H 1011 -48.11 -53.19 -21.13
C VAL H 1011 -48.39 -54.68 -20.96
N ILE H 1012 -49.42 -55.15 -21.64
CA ILE H 1012 -49.82 -56.56 -21.60
C ILE H 1012 -49.80 -57.10 -23.03
N PRO H 1013 -48.73 -57.76 -23.42
CA PRO H 1013 -48.65 -58.28 -24.80
C PRO H 1013 -49.65 -59.41 -25.02
N GLU H 1014 -50.10 -59.53 -26.27
CA GLU H 1014 -51.01 -60.59 -26.65
C GLU H 1014 -50.24 -61.80 -27.15
N MET H 1015 -50.74 -62.99 -26.77
CA MET H 1015 -50.07 -64.23 -27.12
C MET H 1015 -50.29 -64.54 -28.59
N PRO H 1016 -49.25 -64.69 -29.39
CA PRO H 1016 -49.45 -65.06 -30.80
C PRO H 1016 -49.75 -66.55 -30.94
N GLY H 1017 -50.06 -66.94 -32.17
CA GLY H 1017 -50.38 -68.34 -32.43
C GLY H 1017 -49.20 -69.24 -32.15
N SER H 1018 -49.49 -70.42 -31.62
CA SER H 1018 -48.48 -71.42 -31.28
C SER H 1018 -48.69 -72.63 -32.17
N VAL H 1019 -47.81 -72.81 -33.15
CA VAL H 1019 -47.95 -73.92 -34.09
C VAL H 1019 -47.71 -75.25 -33.39
N ILE H 1020 -46.76 -75.29 -32.45
CA ILE H 1020 -46.49 -76.53 -31.72
C ILE H 1020 -47.71 -76.94 -30.89
N ALA H 1021 -48.31 -75.98 -30.20
CA ALA H 1021 -49.49 -76.28 -29.39
C ALA H 1021 -50.67 -76.68 -30.28
N ASP H 1022 -50.84 -76.01 -31.42
CA ASP H 1022 -51.92 -76.39 -32.33
C ASP H 1022 -51.74 -77.82 -32.84
N CYS H 1023 -50.50 -78.17 -33.21
CA CYS H 1023 -50.24 -79.53 -33.68
C CYS H 1023 -50.44 -80.55 -32.57
N VAL H 1024 -50.07 -80.20 -31.33
CA VAL H 1024 -50.29 -81.11 -30.20
C VAL H 1024 -51.78 -81.33 -29.98
N GLN H 1025 -52.57 -80.26 -30.06
CA GLN H 1025 -54.02 -80.39 -29.92
C GLN H 1025 -54.61 -81.24 -31.04
N LEU H 1026 -54.13 -81.05 -32.27
CA LEU H 1026 -54.57 -81.88 -33.38
C LEU H 1026 -54.24 -83.35 -33.15
N THR H 1027 -53.02 -83.62 -32.65
CA THR H 1027 -52.62 -84.99 -32.37
C THR H 1027 -53.48 -85.60 -31.28
N ALA H 1028 -53.82 -84.82 -30.25
CA ALA H 1028 -54.71 -85.32 -29.21
C ALA H 1028 -56.10 -85.62 -29.77
N GLU H 1029 -56.61 -84.75 -30.65
CA GLU H 1029 -57.90 -85.00 -31.26
C GLU H 1029 -57.88 -86.28 -32.10
N VAL H 1030 -56.79 -86.50 -32.84
CA VAL H 1030 -56.68 -87.74 -33.61
C VAL H 1030 -56.57 -88.94 -32.69
N PHE H 1031 -55.81 -88.81 -31.60
CA PHE H 1031 -55.66 -89.90 -30.63
C PHE H 1031 -56.99 -90.27 -30.00
N ASN H 1032 -57.89 -89.29 -29.85
CA ASN H 1032 -59.21 -89.59 -29.29
C ASN H 1032 -59.94 -90.65 -30.10
N HIS H 1033 -59.61 -90.79 -31.38
CA HIS H 1033 -60.19 -91.83 -32.22
C HIS H 1033 -59.26 -92.99 -32.49
N GLU H 1034 -57.95 -92.74 -32.63
CA GLU H 1034 -56.96 -93.77 -32.90
C GLU H 1034 -56.22 -94.21 -31.64
N TYR H 1035 -56.90 -94.20 -30.49
CA TYR H 1035 -56.26 -94.61 -29.24
C TYR H 1035 -55.75 -96.04 -29.30
N ASN H 1036 -56.35 -96.88 -30.14
CA ASN H 1036 -55.96 -98.28 -30.17
C ASN H 1036 -54.60 -98.48 -30.82
N LEU H 1037 -54.18 -97.57 -31.69
CA LEU H 1037 -52.89 -97.71 -32.35
C LEU H 1037 -51.73 -97.45 -31.41
N PHE H 1038 -51.98 -96.81 -30.27
CA PHE H 1038 -50.95 -96.47 -29.31
C PHE H 1038 -50.91 -97.42 -28.11
N GLY H 1039 -51.58 -98.56 -28.20
CA GLY H 1039 -51.59 -99.53 -27.12
C GLY H 1039 -52.59 -99.25 -26.02
N ILE H 1040 -53.41 -98.20 -26.15
CA ILE H 1040 -54.43 -97.87 -25.17
C ILE H 1040 -55.77 -98.41 -25.64
N ALA H 1041 -56.47 -99.10 -24.74
CA ALA H 1041 -57.80 -99.62 -25.02
C ALA H 1041 -58.81 -98.88 -24.16
N ARG H 1042 -59.80 -98.28 -24.80
CA ARG H 1042 -60.82 -97.50 -24.09
C ARG H 1042 -61.91 -98.44 -23.56
N GLY H 1043 -62.44 -98.10 -22.39
CA GLY H 1043 -63.55 -98.83 -21.79
C GLY H 1043 -63.15 -99.48 -20.49
N ASP H 1044 -63.62 -100.71 -20.29
CA ASP H 1044 -63.33 -101.47 -19.08
C ASP H 1044 -63.43 -102.95 -19.41
N ILE H 1045 -63.15 -103.79 -18.43
CA ILE H 1045 -63.07 -105.23 -18.63
C ILE H 1045 -64.07 -105.93 -17.73
N ILE H 1046 -64.50 -107.11 -18.17
CA ILE H 1046 -65.38 -107.98 -17.39
C ILE H 1046 -64.65 -109.29 -17.17
N ILE H 1047 -64.54 -109.70 -15.90
CA ILE H 1047 -63.82 -110.91 -15.53
C ILE H 1047 -64.83 -112.01 -15.25
N GLY H 1048 -64.76 -113.09 -16.01
CA GLY H 1048 -65.68 -114.21 -15.84
C GLY H 1048 -65.40 -115.32 -16.83
N ARG H 1049 -65.49 -116.57 -16.37
CA ARG H 1049 -65.17 -117.71 -17.22
C ARG H 1049 -66.21 -117.87 -18.33
N VAL H 1050 -65.72 -118.17 -19.53
CA VAL H 1050 -66.57 -118.46 -20.68
C VAL H 1050 -65.94 -119.64 -21.40
N GLN H 1051 -66.56 -120.82 -21.29
CA GLN H 1051 -66.05 -122.04 -21.91
C GLN H 1051 -66.85 -122.31 -23.17
N SER H 1052 -66.25 -121.99 -24.32
CA SER H 1052 -66.90 -122.23 -25.60
C SER H 1052 -65.83 -122.45 -26.66
N THR H 1053 -66.22 -123.11 -27.74
CA THR H 1053 -65.34 -123.37 -28.87
C THR H 1053 -65.39 -122.28 -29.93
N HIS H 1054 -66.17 -121.23 -29.71
CA HIS H 1054 -66.31 -120.18 -30.70
C HIS H 1054 -65.02 -119.38 -30.85
N LEU H 1055 -64.92 -118.64 -31.95
CA LEU H 1055 -63.67 -118.01 -32.36
C LEU H 1055 -63.71 -116.48 -32.25
N TRP H 1056 -64.65 -115.93 -31.50
CA TRP H 1056 -64.76 -114.48 -31.39
C TRP H 1056 -63.59 -113.91 -30.58
N SER H 1057 -63.09 -112.78 -31.02
CA SER H 1057 -61.99 -112.12 -30.33
C SER H 1057 -62.52 -111.37 -29.11
N PRO H 1058 -61.90 -111.51 -27.93
CA PRO H 1058 -62.32 -110.72 -26.77
C PRO H 1058 -62.16 -109.22 -26.96
N LEU H 1059 -61.30 -108.78 -27.88
CA LEU H 1059 -61.21 -107.35 -28.17
C LEU H 1059 -62.43 -106.84 -28.92
N ALA H 1060 -63.21 -107.74 -29.53
CA ALA H 1060 -64.50 -107.40 -30.13
C ALA H 1060 -65.53 -108.39 -29.62
N PRO H 1061 -65.87 -108.31 -28.32
CA PRO H 1061 -66.72 -109.35 -27.74
C PRO H 1061 -68.15 -109.22 -28.21
N PRO H 1062 -68.92 -110.31 -28.19
CA PRO H 1062 -70.33 -110.21 -28.52
C PRO H 1062 -71.08 -109.43 -27.45
N PRO H 1063 -72.18 -108.76 -27.81
CA PRO H 1063 -72.94 -108.00 -26.81
C PRO H 1063 -73.73 -108.88 -25.84
N ASP H 1064 -73.73 -110.19 -26.04
CA ASP H 1064 -74.50 -111.08 -25.17
C ASP H 1064 -73.89 -111.22 -23.79
N LEU H 1065 -72.62 -110.85 -23.61
CA LEU H 1065 -71.91 -111.06 -22.35
C LEU H 1065 -71.38 -109.75 -21.77
N VAL H 1066 -72.06 -108.64 -22.04
CA VAL H 1066 -71.66 -107.33 -21.54
C VAL H 1066 -72.84 -106.72 -20.79
N PHE H 1067 -72.58 -106.31 -19.55
CA PHE H 1067 -73.58 -105.64 -18.72
C PHE H 1067 -73.00 -104.34 -18.19
N ASP H 1068 -73.88 -103.36 -17.97
CA ASP H 1068 -73.49 -102.06 -17.46
C ASP H 1068 -74.45 -101.67 -16.35
N ARG H 1069 -74.34 -100.41 -15.89
CA ARG H 1069 -75.16 -99.93 -14.79
C ARG H 1069 -76.63 -99.82 -15.16
N ASP H 1070 -76.98 -99.88 -16.44
CA ASP H 1070 -78.37 -99.83 -16.88
C ASP H 1070 -79.02 -101.20 -16.98
N THR H 1071 -78.28 -102.27 -16.72
CA THR H 1071 -78.81 -103.62 -16.81
C THR H 1071 -79.58 -103.97 -15.55
N PRO H 1072 -80.84 -104.40 -15.67
CA PRO H 1072 -81.58 -104.80 -14.46
C PRO H 1072 -80.98 -106.05 -13.83
N GLY H 1073 -81.06 -106.11 -12.51
CA GLY H 1073 -80.54 -107.24 -11.77
C GLY H 1073 -79.05 -107.21 -11.48
N VAL H 1074 -78.36 -106.13 -11.82
CA VAL H 1074 -76.94 -106.01 -11.55
C VAL H 1074 -76.75 -105.33 -10.19
N HIS H 1075 -75.61 -105.57 -9.57
CA HIS H 1075 -75.29 -105.00 -8.27
C HIS H 1075 -74.11 -104.03 -8.43
N ILE H 1076 -74.26 -102.84 -7.86
CA ILE H 1076 -73.30 -101.76 -7.99
C ILE H 1076 -72.68 -101.49 -6.63
N PHE H 1077 -71.35 -101.44 -6.58
CA PHE H 1077 -70.62 -101.20 -5.34
C PHE H 1077 -69.99 -99.81 -5.38
N GLY H 1078 -69.31 -99.45 -4.29
CA GLY H 1078 -68.85 -98.09 -4.15
C GLY H 1078 -68.15 -97.76 -2.85
N ARG H 1079 -68.60 -96.68 -2.21
CA ARG H 1079 -67.88 -96.07 -1.09
C ARG H 1079 -67.61 -97.08 0.03
N ASP H 1080 -68.67 -97.58 0.66
CA ASP H 1080 -68.55 -98.46 1.82
C ASP H 1080 -68.70 -99.91 1.39
N CYS H 1081 -67.77 -100.76 1.83
CA CYS H 1081 -67.82 -102.18 1.52
C CYS H 1081 -67.37 -102.96 2.75
N ARG H 1082 -68.26 -103.82 3.26
CA ARG H 1082 -67.97 -104.69 4.39
C ARG H 1082 -68.27 -106.12 4.00
N ILE H 1083 -67.32 -107.01 4.27
CA ILE H 1083 -67.48 -108.43 3.95
C ILE H 1083 -67.77 -109.16 5.26
N SER H 1084 -68.96 -109.75 5.36
CA SER H 1084 -69.37 -110.49 6.54
C SER H 1084 -69.34 -111.98 6.23
N PHE H 1085 -68.57 -112.73 7.01
CA PHE H 1085 -68.42 -114.15 6.78
C PHE H 1085 -69.71 -114.90 7.11
N GLY H 1086 -69.83 -116.10 6.57
CA GLY H 1086 -70.99 -116.93 6.83
C GLY H 1086 -70.62 -118.23 7.51
N MET H 1087 -71.26 -118.52 8.64
CA MET H 1087 -70.97 -119.72 9.42
C MET H 1087 -72.09 -120.74 9.26
N ASN H 1088 -71.80 -121.97 9.71
CA ASN H 1088 -72.77 -123.06 9.72
C ASN H 1088 -73.32 -123.33 8.32
N GLY H 1089 -72.47 -123.19 7.31
CA GLY H 1089 -72.86 -123.45 5.94
C GLY H 1089 -73.51 -122.28 5.23
N ALA H 1090 -73.74 -121.17 5.92
CA ALA H 1090 -74.35 -120.02 5.27
C ALA H 1090 -73.36 -119.35 4.33
N ALA H 1091 -73.86 -118.91 3.18
CA ALA H 1091 -73.00 -118.27 2.19
C ALA H 1091 -72.54 -116.91 2.71
N PRO H 1092 -71.25 -116.60 2.62
CA PRO H 1092 -70.78 -115.28 3.05
C PRO H 1092 -71.33 -114.18 2.17
N MET H 1093 -71.47 -112.98 2.73
CA MET H 1093 -72.12 -111.87 2.07
C MET H 1093 -71.22 -110.64 2.09
N ILE H 1094 -71.49 -109.72 1.17
CA ILE H 1094 -70.77 -108.45 1.08
C ILE H 1094 -71.80 -107.33 0.98
N ARG H 1095 -71.53 -106.24 1.71
CA ARG H 1095 -72.49 -105.13 1.77
C ARG H 1095 -72.60 -104.43 0.42
N ASP H 1096 -73.83 -104.22 -0.02
CA ASP H 1096 -74.09 -103.49 -1.25
C ASP H 1096 -73.93 -101.98 -1.02
N GLU H 1097 -73.91 -101.23 -2.12
CA GLU H 1097 -73.82 -99.79 -2.02
C GLU H 1097 -75.09 -99.18 -1.44
N THR H 1098 -76.24 -99.78 -1.73
CA THR H 1098 -77.51 -99.31 -1.21
C THR H 1098 -77.83 -99.87 0.17
N GLY H 1099 -76.81 -100.36 0.89
CA GLY H 1099 -77.00 -100.92 2.21
C GLY H 1099 -77.45 -102.36 2.26
N MET H 1100 -77.66 -103.00 1.11
CA MET H 1100 -78.11 -104.37 1.06
C MET H 1100 -76.94 -105.33 1.26
N MET H 1101 -77.27 -106.62 1.39
CA MET H 1101 -76.29 -107.69 1.49
C MET H 1101 -76.54 -108.68 0.36
N VAL H 1102 -75.47 -109.14 -0.27
CA VAL H 1102 -75.59 -110.02 -1.44
C VAL H 1102 -74.62 -111.17 -1.33
N PRO H 1103 -74.97 -112.36 -1.85
CA PRO H 1103 -74.02 -113.48 -1.85
C PRO H 1103 -72.98 -113.34 -2.95
N PHE H 1104 -72.13 -114.36 -3.10
CA PHE H 1104 -71.03 -114.31 -4.08
C PHE H 1104 -71.49 -114.98 -5.38
N GLU H 1105 -72.30 -114.26 -6.14
CA GLU H 1105 -72.78 -114.70 -7.44
C GLU H 1105 -73.37 -113.50 -8.16
N GLY H 1106 -73.85 -113.73 -9.38
CA GLY H 1106 -74.45 -112.68 -10.16
C GLY H 1106 -73.43 -111.81 -10.87
N ASN H 1107 -73.88 -110.62 -11.27
CA ASN H 1107 -73.06 -109.66 -11.99
C ASN H 1107 -72.81 -108.45 -11.09
N TRP H 1108 -71.53 -108.10 -10.93
CA TRP H 1108 -71.13 -107.00 -10.07
C TRP H 1108 -70.43 -105.92 -10.88
N ILE H 1109 -70.35 -104.74 -10.27
CA ILE H 1109 -69.61 -103.61 -10.86
C ILE H 1109 -68.73 -103.03 -9.77
N PHE H 1110 -67.41 -103.01 -10.01
CA PHE H 1110 -66.43 -102.50 -9.07
C PHE H 1110 -65.69 -101.31 -9.65
N PRO H 1111 -65.53 -100.23 -8.88
CA PRO H 1111 -64.53 -99.22 -9.25
C PRO H 1111 -63.13 -99.80 -9.13
N LEU H 1112 -62.22 -99.26 -9.94
CA LEU H 1112 -60.84 -99.77 -9.93
C LEU H 1112 -60.19 -99.56 -8.56
N ALA H 1113 -60.41 -98.39 -7.95
CA ALA H 1113 -59.76 -98.09 -6.68
C ALA H 1113 -60.22 -99.02 -5.57
N LEU H 1114 -61.47 -99.49 -5.62
CA LEU H 1114 -61.96 -100.38 -4.57
C LEU H 1114 -61.16 -101.68 -4.53
N TRP H 1115 -60.90 -102.28 -5.70
CA TRP H 1115 -60.07 -103.47 -5.75
C TRP H 1115 -58.60 -103.12 -5.50
N GLN H 1116 -58.17 -101.94 -5.96
CA GLN H 1116 -56.77 -101.57 -5.84
C GLN H 1116 -56.35 -101.41 -4.39
N MET H 1117 -57.21 -100.81 -3.56
CA MET H 1117 -56.91 -100.60 -2.15
C MET H 1117 -57.14 -101.84 -1.30
N ASN H 1118 -57.80 -102.86 -1.83
CA ASN H 1118 -58.04 -104.11 -1.12
C ASN H 1118 -57.61 -105.29 -1.98
N THR H 1119 -56.47 -105.15 -2.65
CA THR H 1119 -55.97 -106.12 -3.61
C THR H 1119 -55.62 -107.47 -2.97
N ARG H 1120 -55.52 -107.53 -1.66
CA ARG H 1120 -55.21 -108.80 -1.00
C ARG H 1120 -56.42 -109.40 -0.29
N TYR H 1121 -57.19 -108.60 0.44
CA TYR H 1121 -58.41 -109.12 1.05
C TYR H 1121 -59.40 -109.59 0.00
N PHE H 1122 -59.56 -108.80 -1.07
CA PHE H 1122 -60.45 -109.21 -2.15
C PHE H 1122 -59.91 -110.42 -2.91
N ASN H 1123 -58.59 -110.50 -3.06
CA ASN H 1123 -58.00 -111.57 -3.86
C ASN H 1123 -58.27 -112.94 -3.24
N GLN H 1124 -58.16 -113.04 -1.91
CA GLN H 1124 -58.36 -114.32 -1.24
C GLN H 1124 -59.82 -114.74 -1.15
N GLN H 1125 -60.75 -113.88 -1.52
CA GLN H 1125 -62.18 -114.17 -1.38
C GLN H 1125 -62.86 -114.50 -2.70
N PHE H 1126 -62.65 -113.68 -3.74
CA PHE H 1126 -63.41 -113.84 -4.98
C PHE H 1126 -62.83 -114.87 -5.93
N ASP H 1127 -61.51 -115.05 -5.93
CA ASP H 1127 -60.88 -115.90 -6.94
C ASP H 1127 -61.37 -117.34 -6.85
N ALA H 1128 -61.70 -117.82 -5.65
CA ALA H 1128 -62.24 -119.16 -5.53
C ALA H 1128 -63.59 -119.31 -6.22
N TRP H 1129 -64.28 -118.20 -6.48
CA TRP H 1129 -65.57 -118.22 -7.16
C TRP H 1129 -65.49 -117.82 -8.62
N ILE H 1130 -64.58 -116.90 -8.97
CA ILE H 1130 -64.42 -116.52 -10.37
C ILE H 1130 -63.93 -117.68 -11.20
N LYS H 1131 -62.97 -118.45 -10.68
CA LYS H 1131 -62.38 -119.55 -11.44
C LYS H 1131 -63.40 -120.64 -11.75
N THR H 1132 -64.21 -121.01 -10.77
CA THR H 1132 -65.14 -122.13 -10.92
C THR H 1132 -66.59 -121.72 -10.84
N GLY H 1133 -66.98 -120.97 -9.80
CA GLY H 1133 -68.36 -120.58 -9.63
C GLY H 1133 -68.83 -119.59 -10.70
N GLU H 1134 -69.99 -119.01 -10.44
CA GLU H 1134 -70.66 -118.13 -11.40
C GLU H 1134 -70.82 -116.74 -10.80
N LEU H 1135 -69.82 -115.89 -11.00
CA LEU H 1135 -69.96 -114.46 -10.76
C LEU H 1135 -69.00 -113.72 -11.68
N ARG H 1136 -69.44 -112.59 -12.21
CA ARG H 1136 -68.68 -111.80 -13.16
C ARG H 1136 -68.54 -110.38 -12.62
N ILE H 1137 -67.31 -109.88 -12.58
CA ILE H 1137 -67.00 -108.56 -12.04
C ILE H 1137 -66.58 -107.65 -13.19
N ARG H 1138 -67.22 -106.48 -13.28
CA ARG H 1138 -66.86 -105.47 -14.27
C ARG H 1138 -66.06 -104.39 -13.55
N ILE H 1139 -64.76 -104.34 -13.83
CA ILE H 1139 -63.86 -103.38 -13.21
C ILE H 1139 -63.77 -102.15 -14.12
N GLU H 1140 -64.42 -101.06 -13.72
CA GLU H 1140 -64.39 -99.85 -14.52
C GLU H 1140 -63.10 -99.07 -14.28
N MET H 1141 -62.36 -98.80 -15.36
CA MET H 1141 -61.10 -98.08 -15.26
C MET H 1141 -60.90 -97.01 -16.32
N GLY H 1142 -61.70 -96.98 -17.38
CA GLY H 1142 -61.57 -95.95 -18.39
C GLY H 1142 -60.62 -96.30 -19.52
N ALA H 1143 -59.33 -96.32 -19.22
CA ALA H 1143 -58.32 -96.64 -20.23
C ALA H 1143 -57.24 -97.50 -19.58
N TYR H 1144 -56.61 -98.34 -20.39
CA TYR H 1144 -55.61 -99.28 -19.88
C TYR H 1144 -54.77 -99.82 -21.01
N PRO H 1145 -53.47 -100.03 -20.80
CA PRO H 1145 -52.68 -100.74 -21.80
C PRO H 1145 -53.06 -102.21 -21.87
N TYR H 1146 -52.87 -102.81 -23.03
CA TYR H 1146 -53.22 -104.21 -23.25
C TYR H 1146 -52.06 -104.94 -23.92
N MET H 1147 -51.91 -106.21 -23.58
CA MET H 1147 -50.87 -107.07 -24.11
C MET H 1147 -51.51 -108.38 -24.54
N LEU H 1148 -51.15 -108.85 -25.73
CA LEU H 1148 -51.87 -109.93 -26.40
C LEU H 1148 -51.13 -111.26 -26.28
N HIS H 1149 -51.87 -112.33 -26.57
CA HIS H 1149 -51.34 -113.68 -26.68
C HIS H 1149 -52.13 -114.42 -27.74
N TYR H 1150 -51.44 -115.03 -28.70
CA TYR H 1150 -52.09 -115.78 -29.75
C TYR H 1150 -51.92 -117.27 -29.49
N TYR H 1151 -53.03 -118.01 -29.60
CA TYR H 1151 -53.04 -119.45 -29.37
C TYR H 1151 -53.65 -120.15 -30.58
N ASP H 1152 -53.16 -121.35 -30.86
CA ASP H 1152 -53.68 -122.12 -31.98
C ASP H 1152 -55.06 -122.62 -31.59
N PRO H 1153 -56.10 -122.31 -32.36
CA PRO H 1153 -57.47 -122.70 -31.95
C PRO H 1153 -57.71 -124.19 -31.90
N ARG H 1154 -56.87 -125.00 -32.56
CA ARG H 1154 -57.11 -126.44 -32.63
C ARG H 1154 -56.81 -127.16 -31.33
N GLN H 1155 -56.15 -126.52 -30.37
CA GLN H 1155 -55.69 -127.16 -29.16
C GLN H 1155 -56.30 -126.50 -27.92
N TYR H 1156 -56.24 -127.21 -26.81
CA TYR H 1156 -56.74 -126.70 -25.55
C TYR H 1156 -55.93 -125.48 -25.11
N ALA H 1157 -56.61 -124.52 -24.46
CA ALA H 1157 -55.96 -123.30 -24.03
C ALA H 1157 -56.74 -122.72 -22.86
N ASN H 1158 -56.10 -122.61 -21.70
CA ASN H 1158 -56.72 -122.06 -20.51
C ASN H 1158 -56.01 -120.75 -20.13
N ALA H 1159 -56.79 -119.74 -19.78
CA ALA H 1159 -56.27 -118.41 -19.47
C ALA H 1159 -56.20 -118.12 -17.99
N TRP H 1160 -56.58 -119.07 -17.12
CA TRP H 1160 -56.60 -118.79 -15.70
C TRP H 1160 -55.19 -118.55 -15.16
N ASN H 1161 -54.24 -119.39 -15.55
CA ASN H 1161 -52.86 -119.21 -15.10
C ASN H 1161 -52.28 -117.88 -15.56
N LEU H 1162 -52.85 -117.28 -16.60
CA LEU H 1162 -52.37 -116.03 -17.15
C LEU H 1162 -53.09 -114.81 -16.60
N THR H 1163 -54.35 -114.95 -16.17
CA THR H 1163 -55.06 -113.84 -15.55
C THR H 1163 -54.86 -113.76 -14.05
N SER H 1164 -54.54 -114.89 -13.40
CA SER H 1164 -54.28 -114.84 -11.96
C SER H 1164 -53.05 -114.01 -11.65
N ALA H 1165 -52.06 -114.01 -12.56
CA ALA H 1165 -50.88 -113.17 -12.36
C ALA H 1165 -51.27 -111.70 -12.30
N TRP H 1166 -52.13 -111.25 -13.22
CA TRP H 1166 -52.61 -109.88 -13.21
C TRP H 1166 -53.40 -109.59 -11.93
N LEU H 1167 -54.31 -110.50 -11.57
CA LEU H 1167 -55.15 -110.28 -10.40
C LEU H 1167 -54.34 -110.21 -9.11
N GLU H 1168 -53.21 -110.93 -9.06
CA GLU H 1168 -52.35 -110.89 -7.87
C GLU H 1168 -51.36 -109.74 -7.90
N GLU H 1169 -50.92 -109.32 -9.08
CA GLU H 1169 -49.97 -108.21 -9.20
C GLU H 1169 -50.64 -106.85 -9.17
N ILE H 1170 -51.98 -106.80 -9.19
CA ILE H 1170 -52.66 -105.55 -8.89
C ILE H 1170 -52.29 -105.11 -7.48
N THR H 1171 -51.81 -103.89 -7.35
CA THR H 1171 -51.36 -103.34 -6.08
C THR H 1171 -51.87 -101.91 -5.98
N PRO H 1172 -52.03 -101.38 -4.75
CA PRO H 1172 -52.62 -100.03 -4.60
C PRO H 1172 -52.05 -98.94 -5.49
N THR H 1173 -50.81 -99.06 -5.95
CA THR H 1173 -50.16 -97.96 -6.65
C THR H 1173 -49.71 -98.31 -8.07
N SER H 1174 -50.04 -99.49 -8.58
CA SER H 1174 -49.72 -99.83 -9.96
C SER H 1174 -50.51 -101.06 -10.38
N ILE H 1175 -50.68 -101.19 -11.69
CA ILE H 1175 -51.30 -102.38 -12.27
C ILE H 1175 -50.48 -102.85 -13.47
N PRO H 1176 -50.32 -104.15 -13.67
CA PRO H 1176 -49.68 -104.63 -14.90
C PRO H 1176 -50.64 -104.52 -16.08
N SER H 1177 -50.07 -104.60 -17.27
CA SER H 1177 -50.86 -104.50 -18.49
C SER H 1177 -51.91 -105.60 -18.56
N VAL H 1178 -53.11 -105.24 -18.99
CA VAL H 1178 -54.22 -106.18 -19.03
C VAL H 1178 -53.99 -107.18 -20.15
N PRO H 1179 -53.84 -108.46 -19.85
CA PRO H 1179 -53.53 -109.44 -20.90
C PRO H 1179 -54.77 -110.10 -21.51
N PHE H 1180 -54.86 -110.10 -22.83
CA PHE H 1180 -55.89 -110.80 -23.56
C PHE H 1180 -55.29 -111.92 -24.39
N MET H 1181 -56.12 -112.89 -24.75
CA MET H 1181 -55.73 -113.96 -25.66
C MET H 1181 -56.78 -114.08 -26.75
N VAL H 1182 -56.33 -114.20 -28.01
CA VAL H 1182 -57.23 -114.31 -29.14
C VAL H 1182 -56.78 -115.48 -30.01
N PRO H 1183 -57.66 -116.12 -30.75
CA PRO H 1183 -57.24 -117.22 -31.63
C PRO H 1183 -56.51 -116.70 -32.85
N ILE H 1184 -55.90 -117.64 -33.59
CA ILE H 1184 -55.13 -117.33 -34.78
C ILE H 1184 -55.98 -117.66 -35.99
N SER H 1185 -56.09 -116.70 -36.90
CA SER H 1185 -56.88 -116.90 -38.12
C SER H 1185 -56.22 -117.93 -39.02
N SER H 1186 -57.06 -118.79 -39.62
CA SER H 1186 -56.60 -119.84 -40.53
C SER H 1186 -57.44 -119.79 -41.79
N ASP H 1187 -56.79 -119.97 -42.94
CA ASP H 1187 -57.45 -119.88 -44.23
C ASP H 1187 -58.07 -121.20 -44.70
N HIS H 1188 -57.89 -122.28 -43.95
CA HIS H 1188 -58.49 -123.56 -44.28
C HIS H 1188 -59.27 -124.08 -43.08
N ASP H 1189 -60.37 -124.77 -43.36
CA ASP H 1189 -61.22 -125.26 -42.30
C ASP H 1189 -60.49 -126.22 -41.38
N ILE H 1190 -60.76 -126.11 -40.08
CA ILE H 1190 -60.07 -126.86 -39.05
C ILE H 1190 -61.10 -127.42 -38.07
N SER H 1191 -60.62 -128.22 -37.13
CA SER H 1191 -61.43 -128.73 -36.03
C SER H 1191 -60.97 -128.05 -34.75
N SER H 1192 -61.90 -127.43 -34.04
CA SER H 1192 -61.58 -126.60 -32.88
C SER H 1192 -61.74 -127.39 -31.59
N ALA H 1193 -60.91 -127.03 -30.61
CA ALA H 1193 -60.92 -127.59 -29.26
C ALA H 1193 -61.48 -126.56 -28.27
N PRO H 1194 -62.08 -127.00 -27.18
CA PRO H 1194 -62.63 -126.04 -26.21
C PRO H 1194 -61.56 -125.15 -25.62
N ALA H 1195 -61.91 -123.89 -25.40
CA ALA H 1195 -61.01 -122.90 -24.82
C ALA H 1195 -61.80 -122.02 -23.86
N VAL H 1196 -61.19 -121.69 -22.73
CA VAL H 1196 -61.82 -120.89 -21.69
C VAL H 1196 -61.15 -119.52 -21.65
N GLN H 1197 -61.96 -118.48 -21.53
CA GLN H 1197 -61.49 -117.10 -21.43
C GLN H 1197 -62.08 -116.45 -20.19
N TYR H 1198 -61.34 -115.50 -19.64
CA TYR H 1198 -61.75 -114.86 -18.38
C TYR H 1198 -61.89 -113.36 -18.50
N ILE H 1199 -61.01 -112.69 -19.24
CA ILE H 1199 -61.04 -111.23 -19.37
C ILE H 1199 -61.50 -110.89 -20.77
N ILE H 1200 -62.55 -110.07 -20.87
CA ILE H 1200 -63.09 -109.60 -22.14
C ILE H 1200 -63.38 -108.12 -22.02
N SER H 1201 -63.05 -107.37 -23.07
CA SER H 1201 -63.33 -105.94 -23.09
C SER H 1201 -64.84 -105.70 -23.17
N THR H 1202 -65.23 -104.43 -23.16
CA THR H 1202 -66.64 -104.05 -23.21
C THR H 1202 -67.00 -103.24 -24.44
N GLU H 1203 -66.05 -103.00 -25.36
CA GLU H 1203 -66.35 -102.32 -26.61
C GLU H 1203 -65.30 -102.73 -27.63
N TYR H 1204 -65.49 -102.28 -28.86
CA TYR H 1204 -64.62 -102.67 -29.97
C TYR H 1204 -63.23 -102.08 -29.77
N ASN H 1205 -62.22 -102.95 -29.77
CA ASN H 1205 -60.83 -102.55 -29.61
C ASN H 1205 -59.94 -103.18 -30.68
N ASP H 1206 -60.42 -103.28 -31.91
CA ASP H 1206 -59.67 -103.84 -33.03
C ASP H 1206 -59.53 -102.83 -34.15
N ARG H 1207 -59.22 -101.59 -33.82
CA ARG H 1207 -58.87 -100.59 -34.82
C ARG H 1207 -57.41 -100.67 -35.24
N SER H 1208 -56.64 -101.60 -34.66
CA SER H 1208 -55.24 -101.77 -35.00
C SER H 1208 -54.98 -102.99 -35.87
N LEU H 1209 -55.92 -103.93 -35.94
CA LEU H 1209 -55.74 -105.10 -36.79
C LEU H 1209 -55.81 -104.68 -38.25
N PHE H 1210 -54.75 -104.98 -39.01
CA PHE H 1210 -54.66 -104.54 -40.39
C PHE H 1210 -55.29 -105.55 -41.36
N CYS H 1211 -54.77 -106.78 -41.37
CA CYS H 1211 -55.27 -107.80 -42.28
C CYS H 1211 -54.95 -109.17 -41.71
N THR H 1212 -55.81 -110.13 -42.02
CA THR H 1212 -55.64 -111.51 -41.57
C THR H 1212 -55.63 -112.44 -42.79
N ASN H 1213 -54.73 -113.42 -42.76
CA ASN H 1213 -54.60 -114.40 -43.84
C ASN H 1213 -54.37 -113.72 -45.18
N SER H 1214 -53.51 -112.70 -45.19
CA SER H 1214 -53.12 -112.08 -46.44
C SER H 1214 -52.32 -113.06 -47.30
N SER H 1215 -52.29 -112.78 -48.60
CA SER H 1215 -51.72 -113.69 -49.59
C SER H 1215 -52.40 -115.06 -49.54
N SER H 1216 -53.72 -115.04 -49.32
CA SER H 1216 -54.53 -116.24 -49.27
C SER H 1216 -55.93 -115.86 -49.75
N PRO H 1217 -56.59 -116.71 -50.54
CA PRO H 1217 -57.85 -116.31 -51.16
C PRO H 1217 -58.95 -115.92 -50.17
N GLN H 1218 -59.05 -116.60 -49.02
CA GLN H 1218 -60.12 -116.29 -48.09
C GLN H 1218 -59.76 -116.84 -46.71
N THR H 1219 -60.51 -116.41 -45.70
CA THR H 1219 -60.39 -116.89 -44.34
C THR H 1219 -61.64 -117.70 -44.00
N ILE H 1220 -61.45 -118.93 -43.55
CA ILE H 1220 -62.58 -119.80 -43.24
C ILE H 1220 -62.99 -119.68 -41.78
N ALA H 1221 -62.03 -119.80 -40.86
CA ALA H 1221 -62.32 -119.77 -39.43
C ALA H 1221 -61.41 -118.77 -38.73
N GLY H 1222 -61.98 -118.03 -37.78
CA GLY H 1222 -61.22 -117.07 -37.02
C GLY H 1222 -61.62 -115.65 -37.32
N PRO H 1223 -61.19 -114.71 -36.49
CA PRO H 1223 -61.49 -113.28 -36.75
C PRO H 1223 -60.73 -112.81 -37.99
N ASP H 1224 -61.47 -112.23 -38.93
CA ASP H 1224 -60.88 -111.83 -40.20
C ASP H 1224 -61.38 -110.45 -40.62
N LYS H 1225 -60.54 -109.76 -41.38
CA LYS H 1225 -60.90 -108.51 -42.01
C LYS H 1225 -59.98 -108.29 -43.20
N HIS H 1226 -60.51 -107.64 -44.23
CA HIS H 1226 -59.72 -107.33 -45.41
C HIS H 1226 -58.88 -106.09 -45.17
N ILE H 1227 -58.05 -105.74 -46.16
CA ILE H 1227 -57.25 -104.51 -46.05
C ILE H 1227 -58.18 -103.31 -45.99
N PRO H 1228 -58.02 -102.40 -45.02
CA PRO H 1228 -58.98 -101.29 -44.88
C PRO H 1228 -59.07 -100.42 -46.12
N VAL H 1229 -60.22 -100.45 -46.79
CA VAL H 1229 -60.44 -99.64 -47.98
C VAL H 1229 -60.53 -98.17 -47.59
N GLU H 1230 -61.13 -97.87 -46.44
CA GLU H 1230 -61.37 -96.49 -46.06
C GLU H 1230 -60.08 -95.70 -45.94
N ARG H 1231 -59.03 -96.32 -45.39
CA ARG H 1231 -57.75 -95.65 -45.31
C ARG H 1231 -57.19 -95.34 -46.70
N TYR H 1232 -57.12 -96.35 -47.56
CA TYR H 1232 -56.62 -96.15 -48.92
C TYR H 1232 -57.72 -95.56 -49.80
N ASN H 1233 -58.26 -94.42 -49.33
CA ASN H 1233 -59.36 -93.76 -50.02
C ASN H 1233 -58.95 -93.23 -51.37
N ILE H 1234 -57.72 -92.68 -51.46
CA ILE H 1234 -57.27 -92.08 -52.71
C ILE H 1234 -57.20 -93.12 -53.82
N LEU H 1235 -56.62 -94.29 -53.51
CA LEU H 1235 -56.49 -95.32 -54.52
C LEU H 1235 -57.82 -96.02 -54.81
N THR H 1236 -58.59 -96.30 -53.75
CA THR H 1236 -59.79 -97.12 -53.93
C THR H 1236 -60.93 -96.31 -54.55
N ASN H 1237 -61.05 -95.03 -54.20
CA ASN H 1237 -62.16 -94.22 -54.67
C ASN H 1237 -61.68 -93.32 -55.80
N PRO H 1238 -62.13 -93.54 -57.04
CA PRO H 1238 -61.67 -92.70 -58.15
C PRO H 1238 -62.34 -91.34 -58.22
N ASP H 1239 -63.39 -91.10 -57.44
CA ASP H 1239 -64.10 -89.83 -57.48
C ASP H 1239 -63.64 -88.84 -56.43
N ALA H 1240 -62.60 -89.17 -55.67
CA ALA H 1240 -62.16 -88.20 -54.68
C ALA H 1240 -60.97 -87.40 -55.19
N PRO H 1241 -60.89 -86.11 -54.86
CA PRO H 1241 -59.74 -85.33 -55.27
C PRO H 1241 -58.48 -85.85 -54.61
N PRO H 1242 -57.33 -85.73 -55.28
CA PRO H 1242 -56.09 -86.30 -54.71
C PRO H 1242 -55.73 -85.73 -53.35
N THR H 1243 -55.94 -84.45 -53.13
CA THR H 1243 -55.61 -83.82 -51.85
C THR H 1243 -56.81 -83.76 -50.90
N GLN H 1244 -57.46 -84.90 -50.70
CA GLN H 1244 -58.62 -85.02 -49.82
C GLN H 1244 -58.30 -86.05 -48.74
N ILE H 1245 -58.32 -85.61 -47.48
CA ILE H 1245 -58.00 -86.47 -46.34
C ILE H 1245 -59.07 -86.28 -45.28
N GLN H 1246 -59.58 -87.38 -44.75
CA GLN H 1246 -60.47 -87.37 -43.60
C GLN H 1246 -59.66 -87.63 -42.33
N LEU H 1247 -58.77 -86.67 -42.05
CA LEU H 1247 -57.77 -86.87 -41.01
C LEU H 1247 -58.35 -87.06 -39.62
N PRO H 1248 -59.30 -86.24 -39.13
CA PRO H 1248 -59.69 -86.35 -37.72
C PRO H 1248 -60.34 -87.68 -37.33
N GLU H 1249 -60.54 -88.59 -38.28
CA GLU H 1249 -61.08 -89.91 -37.96
C GLU H 1249 -60.12 -91.04 -38.31
N VAL H 1250 -59.51 -90.99 -39.49
CA VAL H 1250 -58.53 -91.99 -39.90
C VAL H 1250 -57.31 -91.26 -40.49
N VAL H 1251 -56.20 -91.99 -40.58
CA VAL H 1251 -54.95 -91.41 -41.07
C VAL H 1251 -54.69 -91.73 -42.54
N ASP H 1252 -55.39 -92.71 -43.10
CA ASP H 1252 -55.46 -92.99 -44.54
C ASP H 1252 -54.20 -93.58 -45.13
N LEU H 1253 -53.09 -93.59 -44.37
CA LEU H 1253 -51.88 -94.34 -44.70
C LEU H 1253 -51.34 -94.05 -46.09
N TYR H 1254 -51.91 -93.07 -46.80
CA TYR H 1254 -51.51 -92.76 -48.17
C TYR H 1254 -52.14 -91.45 -48.60
N ASN H 1255 -51.33 -90.55 -49.16
CA ASN H 1255 -51.82 -89.25 -49.59
C ASN H 1255 -50.73 -88.55 -50.40
N VAL H 1256 -51.12 -87.44 -51.03
CA VAL H 1256 -50.17 -86.63 -51.78
C VAL H 1256 -49.35 -85.79 -50.81
N VAL H 1257 -48.03 -85.78 -51.00
CA VAL H 1257 -47.12 -85.03 -50.14
C VAL H 1257 -46.29 -84.11 -51.02
N THR H 1258 -46.04 -82.91 -50.53
CA THR H 1258 -45.19 -81.96 -51.24
C THR H 1258 -43.75 -82.06 -50.74
N ARG H 1259 -42.81 -82.00 -51.67
CA ARG H 1259 -41.39 -82.09 -51.35
C ARG H 1259 -40.68 -80.88 -51.93
N TYR H 1260 -39.99 -80.14 -51.07
CA TYR H 1260 -39.38 -78.88 -51.44
C TYR H 1260 -37.90 -79.07 -51.78
N ALA H 1261 -37.33 -78.03 -52.40
CA ALA H 1261 -35.91 -78.00 -52.72
C ALA H 1261 -35.32 -76.64 -52.41
N TYR H 1262 -35.84 -75.97 -51.39
CA TYR H 1262 -35.36 -74.64 -51.04
C TYR H 1262 -33.92 -74.70 -50.54
N GLU H 1263 -33.20 -73.60 -50.71
CA GLU H 1263 -31.81 -73.48 -50.30
C GLU H 1263 -31.71 -72.47 -49.18
N THR H 1264 -30.94 -72.79 -48.14
CA THR H 1264 -30.80 -71.91 -46.98
C THR H 1264 -29.35 -71.48 -46.84
N PRO H 1265 -28.95 -70.38 -47.50
CA PRO H 1265 -27.57 -69.90 -47.37
C PRO H 1265 -27.45 -68.93 -46.20
N PRO H 1266 -26.24 -68.66 -45.73
CA PRO H 1266 -26.04 -67.61 -44.73
C PRO H 1266 -26.29 -66.23 -45.32
N ILE H 1267 -26.59 -65.29 -44.42
CA ILE H 1267 -27.00 -63.95 -44.84
C ILE H 1267 -25.91 -63.28 -45.69
N THR H 1268 -24.68 -63.28 -45.19
CA THR H 1268 -23.55 -62.64 -45.84
C THR H 1268 -23.15 -63.32 -47.13
N ALA H 1269 -23.64 -64.53 -47.40
CA ALA H 1269 -23.37 -65.21 -48.66
C ALA H 1269 -24.23 -64.70 -49.80
N VAL H 1270 -25.32 -64.01 -49.51
CA VAL H 1270 -26.20 -63.46 -50.54
C VAL H 1270 -26.19 -61.95 -50.53
N VAL H 1271 -26.10 -61.32 -49.36
CA VAL H 1271 -26.02 -59.88 -49.26
C VAL H 1271 -24.59 -59.51 -48.89
N MET H 1272 -23.84 -59.00 -49.87
CA MET H 1272 -22.45 -58.60 -49.68
C MET H 1272 -22.37 -57.08 -49.60
N GLY H 1273 -21.67 -56.59 -48.58
CA GLY H 1273 -21.58 -55.16 -48.36
C GLY H 1273 -20.34 -54.57 -49.03
N VAL H 1274 -20.52 -53.40 -49.62
CA VAL H 1274 -19.38 -52.71 -50.24
C VAL H 1274 -18.45 -52.18 -49.16
N PRO H 1275 -17.15 -52.50 -49.19
CA PRO H 1275 -16.20 -52.04 -48.17
C PRO H 1275 -16.06 -50.52 -48.14
N SER I 213 4.69 -25.54 2.89
CA SER I 213 3.74 -26.18 3.79
C SER I 213 4.42 -27.26 4.63
N SER I 214 5.72 -27.46 4.38
CA SER I 214 6.47 -28.46 5.14
C SER I 214 6.61 -28.05 6.60
N GLU I 215 6.80 -26.76 6.87
CA GLU I 215 6.84 -26.27 8.24
C GLU I 215 5.51 -26.48 8.95
N ILE I 216 4.41 -26.18 8.27
CA ILE I 216 3.09 -26.41 8.83
C ILE I 216 2.89 -27.89 9.12
N GLN I 217 3.32 -28.76 8.20
CA GLN I 217 3.20 -30.19 8.41
C GLN I 217 4.07 -30.68 9.56
N ARG I 218 5.24 -30.07 9.75
CA ARG I 218 6.06 -30.39 10.91
C ARG I 218 5.32 -30.09 12.21
N HIS I 219 4.68 -28.92 12.27
CA HIS I 219 3.82 -28.64 13.43
C HIS I 219 2.65 -29.62 13.51
N ILE I 220 2.13 -30.07 12.37
CA ILE I 220 1.08 -31.11 12.37
C ILE I 220 1.56 -32.35 13.10
N THR I 221 2.75 -32.83 12.73
CA THR I 221 3.29 -34.02 13.37
C THR I 221 3.54 -33.79 14.86
N GLU I 222 4.05 -32.61 15.21
CA GLU I 222 4.29 -32.30 16.62
C GLU I 222 2.98 -32.33 17.42
N PHE I 223 1.93 -31.71 16.88
CA PHE I 223 0.64 -31.66 17.56
C PHE I 223 0.05 -33.06 17.73
N ILE I 224 0.09 -33.86 16.65
CA ILE I 224 -0.47 -35.20 16.72
C ILE I 224 0.32 -36.06 17.71
N SER I 225 1.64 -35.98 17.68
CA SER I 225 2.45 -36.75 18.62
C SER I 225 2.20 -36.33 20.06
N SER I 226 1.98 -35.04 20.29
CA SER I 226 1.70 -34.57 21.64
C SER I 226 0.33 -35.02 22.14
N TRP I 227 -0.69 -35.04 21.27
CA TRP I 227 -2.05 -35.30 21.72
C TRP I 227 -2.54 -36.73 21.45
N GLN I 228 -1.70 -37.60 20.90
CA GLN I 228 -2.15 -38.95 20.60
C GLN I 228 -2.24 -39.85 21.83
N ASN I 229 -1.74 -39.43 22.99
CA ASN I 229 -1.68 -40.32 24.15
C ASN I 229 -2.32 -39.76 25.42
N HIS I 230 -2.73 -38.50 25.44
CA HIS I 230 -3.29 -37.93 26.65
C HIS I 230 -4.59 -38.65 27.02
N PRO I 231 -4.86 -38.86 28.31
CA PRO I 231 -6.09 -39.58 28.69
C PRO I 231 -7.37 -38.88 28.29
N ILE I 232 -7.35 -37.56 28.04
CA ILE I 232 -8.53 -36.89 27.57
C ILE I 232 -8.94 -37.40 26.19
N VAL I 233 -8.01 -37.96 25.43
CA VAL I 233 -8.31 -38.60 24.15
C VAL I 233 -8.57 -40.08 24.40
N GLN I 234 -7.57 -40.77 24.96
CA GLN I 234 -7.68 -42.18 25.30
C GLN I 234 -8.10 -43.04 24.11
N THR I 244 -8.89 -41.69 50.43
CA THR I 244 -9.18 -43.11 50.61
C THR I 244 -10.44 -43.50 49.85
N ALA I 245 -10.70 -44.81 49.78
CA ALA I 245 -11.85 -45.35 49.07
C ALA I 245 -12.91 -45.90 50.01
N GLN I 246 -12.93 -45.44 51.27
CA GLN I 246 -13.95 -45.91 52.20
C GLN I 246 -15.33 -45.48 51.75
N LEU I 247 -15.48 -44.25 51.27
CA LEU I 247 -16.75 -43.81 50.73
C LEU I 247 -17.13 -44.60 49.48
N LEU I 248 -16.15 -44.90 48.63
CA LEU I 248 -16.44 -45.65 47.40
C LEU I 248 -16.93 -47.06 47.73
N HIS I 249 -16.32 -47.70 48.74
CA HIS I 249 -16.76 -49.01 49.24
C HIS I 249 -16.96 -48.89 50.75
N ALA I 250 -18.13 -48.39 51.15
CA ALA I 250 -18.53 -48.45 52.55
C ALA I 250 -18.90 -49.88 52.92
N ASP I 251 -18.46 -50.29 54.11
CA ASP I 251 -18.71 -51.66 54.55
C ASP I 251 -20.19 -51.88 54.81
N THR I 252 -20.78 -52.84 54.10
CA THR I 252 -22.19 -53.12 54.27
C THR I 252 -22.45 -53.75 55.63
N PRO I 253 -23.57 -53.44 56.27
CA PRO I 253 -23.93 -54.13 57.52
C PRO I 253 -24.69 -55.41 57.25
N ARG I 254 -25.07 -56.12 58.30
CA ARG I 254 -25.83 -57.36 58.17
C ARG I 254 -27.08 -57.23 59.05
N LEU I 255 -28.24 -57.14 58.40
CA LEU I 255 -29.49 -56.88 59.11
C LEU I 255 -30.23 -58.19 59.45
N VAL I 256 -30.53 -59.00 58.43
CA VAL I 256 -31.34 -60.18 58.62
C VAL I 256 -30.44 -61.32 59.12
N THR I 257 -30.62 -61.71 60.38
CA THR I 257 -29.93 -62.85 60.97
C THR I 257 -30.96 -63.70 61.69
N TRP I 258 -30.85 -65.02 61.50
CA TRP I 258 -31.87 -65.94 61.98
C TRP I 258 -31.44 -66.60 63.29
N ASP I 259 -32.32 -67.44 63.81
CA ASP I 259 -32.09 -68.12 65.09
C ASP I 259 -32.98 -69.34 65.14
N ALA I 260 -32.38 -70.53 65.23
CA ALA I 260 -33.14 -71.78 65.25
C ALA I 260 -33.44 -72.28 66.66
N GLY I 261 -32.67 -71.85 67.66
CA GLY I 261 -32.91 -72.27 69.02
C GLY I 261 -34.06 -71.52 69.66
N LEU I 262 -34.50 -72.04 70.80
CA LEU I 262 -35.60 -71.41 71.52
C LEU I 262 -35.18 -70.05 72.06
N CYS I 263 -36.11 -69.09 72.01
CA CYS I 263 -35.82 -67.70 72.33
C CYS I 263 -35.99 -67.47 73.82
N THR I 264 -34.87 -67.43 74.54
CA THR I 264 -34.89 -67.12 75.97
C THR I 264 -33.51 -66.64 76.38
N SER I 265 -33.47 -65.91 77.51
CA SER I 265 -32.20 -65.42 78.02
C SER I 265 -32.10 -65.54 79.54
N PHE I 266 -32.96 -66.35 80.17
CA PHE I 266 -32.93 -66.58 81.61
C PHE I 266 -32.94 -68.09 81.85
N LYS I 267 -31.77 -68.66 82.12
CA LYS I 267 -31.66 -70.07 82.45
C LYS I 267 -31.76 -70.27 83.96
N ILE I 268 -32.32 -71.42 84.35
CA ILE I 268 -32.45 -71.79 85.76
C ILE I 268 -31.30 -72.71 86.11
N VAL I 269 -30.47 -72.30 87.05
CA VAL I 269 -29.27 -73.03 87.45
C VAL I 269 -29.42 -73.47 88.90
N PRO I 270 -29.12 -74.72 89.23
CA PRO I 270 -29.13 -75.13 90.64
C PRO I 270 -27.93 -74.55 91.38
N ILE I 271 -28.07 -74.49 92.71
CA ILE I 271 -27.04 -73.95 93.58
C ILE I 271 -26.44 -75.04 94.47
N VAL I 272 -27.26 -75.67 95.31
CA VAL I 272 -26.82 -76.71 96.23
C VAL I 272 -27.50 -78.01 95.82
N PRO I 273 -26.76 -79.11 95.70
CA PRO I 273 -27.37 -80.35 95.21
C PRO I 273 -28.41 -80.90 96.16
N ALA I 274 -29.37 -81.62 95.60
CA ALA I 274 -30.43 -82.22 96.39
C ALA I 274 -29.89 -83.36 97.25
N GLN I 275 -30.59 -83.61 98.36
CA GLN I 275 -30.23 -84.69 99.27
C GLN I 275 -31.07 -85.93 98.94
N VAL I 276 -30.81 -86.47 97.75
CA VAL I 276 -31.57 -87.63 97.26
C VAL I 276 -31.34 -88.85 98.14
N PRO I 277 -30.18 -89.05 98.81
CA PRO I 277 -30.15 -90.08 99.86
C PRO I 277 -30.46 -89.49 101.23
N GLN I 278 -31.43 -90.07 101.94
CA GLN I 278 -31.79 -89.58 103.26
C GLN I 278 -32.54 -90.68 104.01
N ASP I 279 -32.27 -90.79 105.31
CA ASP I 279 -32.92 -91.80 106.13
C ASP I 279 -34.18 -91.28 106.79
N VAL I 280 -35.02 -90.60 106.01
CA VAL I 280 -36.38 -90.25 106.43
C VAL I 280 -37.35 -90.74 105.37
N LEU I 281 -36.99 -90.55 104.11
CA LEU I 281 -37.81 -90.92 102.96
C LEU I 281 -37.05 -91.89 102.08
N ALA I 282 -37.73 -92.93 101.62
CA ALA I 282 -37.09 -93.93 100.76
C ALA I 282 -36.73 -93.31 99.42
N TYR I 283 -35.65 -93.83 98.82
CA TYR I 283 -35.17 -93.30 97.54
C TYR I 283 -36.10 -93.62 96.38
N THR I 284 -37.06 -94.54 96.56
CA THR I 284 -38.02 -94.82 95.51
C THR I 284 -39.01 -93.69 95.30
N PHE I 285 -39.16 -92.81 96.30
CA PHE I 285 -40.09 -91.69 96.18
C PHE I 285 -39.67 -90.72 95.08
N PHE I 286 -38.37 -90.42 95.01
CA PHE I 286 -37.88 -89.41 94.10
C PHE I 286 -37.84 -89.90 92.66
N THR I 287 -38.10 -88.98 91.74
CA THR I 287 -38.05 -89.29 90.31
C THR I 287 -36.62 -89.40 89.79
N SER I 288 -35.63 -89.02 90.58
CA SER I 288 -34.24 -89.13 90.14
C SER I 288 -33.84 -90.60 89.98
N SER I 289 -34.32 -91.47 90.86
CA SER I 289 -33.97 -92.88 90.80
C SER I 289 -34.46 -93.55 89.52
N TYR I 290 -35.51 -93.01 88.90
CA TYR I 290 -36.05 -93.56 87.67
C TYR I 290 -35.48 -92.90 86.43
N ALA I 291 -34.50 -92.01 86.57
CA ALA I 291 -33.86 -91.33 85.46
C ALA I 291 -34.87 -90.58 84.60
N ILE I 292 -35.82 -89.93 85.26
CA ILE I 292 -36.85 -89.15 84.57
C ILE I 292 -36.35 -87.72 84.41
N GLN I 293 -36.24 -87.25 83.18
CA GLN I 293 -35.84 -85.88 82.92
C GLN I 293 -36.96 -84.92 83.30
N SER I 294 -36.57 -83.75 83.81
CA SER I 294 -37.53 -82.77 84.30
C SER I 294 -37.27 -81.41 83.68
N PRO I 295 -38.33 -80.63 83.43
CA PRO I 295 -38.12 -79.29 82.85
C PRO I 295 -37.29 -78.36 83.72
N PHE I 296 -37.41 -78.47 85.04
CA PHE I 296 -36.65 -77.59 85.91
C PHE I 296 -35.54 -78.35 86.61
N PRO I 297 -34.39 -77.72 86.84
CA PRO I 297 -33.31 -78.38 87.59
C PRO I 297 -33.77 -78.66 89.01
N GLU I 298 -33.71 -79.93 89.41
CA GLU I 298 -34.21 -80.36 90.70
C GLU I 298 -33.06 -80.44 91.69
N ALA I 299 -33.18 -79.71 92.79
CA ALA I 299 -32.15 -79.62 93.81
C ALA I 299 -32.75 -78.98 95.05
N ALA I 300 -31.91 -78.77 96.06
CA ALA I 300 -32.40 -78.16 97.30
C ALA I 300 -32.71 -76.69 97.11
N VAL I 301 -31.84 -75.95 96.42
CA VAL I 301 -32.04 -74.53 96.16
C VAL I 301 -31.67 -74.26 94.70
N SER I 302 -32.56 -73.56 93.99
CA SER I 302 -32.34 -73.21 92.59
C SER I 302 -32.62 -71.73 92.38
N ARG I 303 -31.82 -71.11 91.52
CA ARG I 303 -31.95 -69.68 91.22
C ARG I 303 -31.84 -69.50 89.71
N ILE I 304 -32.16 -68.28 89.26
CA ILE I 304 -32.14 -67.93 87.84
C ILE I 304 -31.15 -66.80 87.62
N VAL I 305 -30.42 -66.88 86.51
CA VAL I 305 -29.45 -65.87 86.12
C VAL I 305 -29.68 -65.52 84.66
N VAL I 306 -29.05 -64.44 84.22
CA VAL I 306 -29.20 -63.93 82.86
C VAL I 306 -27.99 -64.41 82.05
N HIS I 307 -28.21 -65.42 81.23
CA HIS I 307 -27.19 -65.96 80.32
C HIS I 307 -27.72 -65.79 78.91
N THR I 308 -27.38 -64.66 78.29
CA THR I 308 -28.03 -64.28 77.04
C THR I 308 -27.65 -65.23 75.90
N ARG I 309 -28.63 -65.47 75.02
CA ARG I 309 -28.46 -66.28 73.82
C ARG I 309 -27.97 -67.70 74.14
N TRP I 310 -28.30 -68.20 75.33
CA TRP I 310 -28.02 -69.60 75.62
C TRP I 310 -29.05 -70.48 74.94
N ALA I 311 -28.65 -71.72 74.65
CA ALA I 311 -29.52 -72.71 74.01
C ALA I 311 -30.08 -72.19 72.69
N SER I 312 -29.23 -71.50 71.93
CA SER I 312 -29.64 -70.90 70.66
C SER I 312 -28.67 -71.30 69.57
N ASN I 313 -29.21 -71.82 68.47
CA ASN I 313 -28.43 -72.11 67.26
C ASN I 313 -28.62 -70.95 66.30
N VAL I 314 -27.51 -70.39 65.82
CA VAL I 314 -27.55 -69.11 65.12
C VAL I 314 -26.77 -69.21 63.81
N ASP I 315 -27.27 -68.50 62.80
CA ASP I 315 -26.59 -68.41 61.52
C ASP I 315 -25.32 -67.57 61.64
N PHE I 316 -25.42 -66.39 62.26
CA PHE I 316 -24.28 -65.50 62.44
C PHE I 316 -24.37 -64.86 63.81
N ASP I 317 -23.24 -64.84 64.53
CA ASP I 317 -23.20 -64.53 65.94
C ASP I 317 -22.78 -63.08 66.15
N ARG I 318 -23.60 -62.31 66.84
CA ARG I 318 -23.21 -61.01 67.37
C ARG I 318 -22.56 -61.20 68.74
N ASP I 319 -21.28 -60.86 68.84
CA ASP I 319 -20.42 -61.34 69.91
C ASP I 319 -20.33 -60.36 71.09
N SER I 320 -21.35 -59.53 71.32
CA SER I 320 -21.37 -58.66 72.48
C SER I 320 -22.15 -59.31 73.62
N SER I 321 -21.65 -60.46 74.06
CA SER I 321 -22.41 -61.32 74.96
C SER I 321 -22.42 -60.78 76.39
N VAL I 322 -23.48 -61.11 77.11
CA VAL I 322 -23.62 -60.81 78.53
C VAL I 322 -23.86 -62.12 79.25
N ILE I 323 -22.94 -62.51 80.12
CA ILE I 323 -22.95 -63.81 80.78
C ILE I 323 -22.91 -63.61 82.28
N MET I 324 -23.95 -64.07 82.98
CA MET I 324 -24.01 -63.98 84.43
C MET I 324 -23.54 -65.28 85.06
N ALA I 325 -22.63 -65.17 86.01
CA ALA I 325 -22.20 -66.31 86.81
C ALA I 325 -23.25 -66.60 87.88
N PRO I 326 -23.27 -67.83 88.41
CA PRO I 326 -24.18 -68.13 89.51
C PRO I 326 -23.89 -67.25 90.70
N PRO I 327 -24.91 -66.91 91.49
CA PRO I 327 -24.71 -65.94 92.59
C PRO I 327 -23.66 -66.37 93.59
N THR I 328 -23.46 -67.67 93.81
CA THR I 328 -22.42 -68.11 94.72
C THR I 328 -21.03 -67.70 94.22
N GLU I 329 -20.80 -67.84 92.92
CA GLU I 329 -19.54 -67.37 92.34
C GLU I 329 -19.52 -65.86 92.26
N ASN I 330 -18.31 -65.31 92.20
CA ASN I 330 -18.14 -63.86 92.10
C ASN I 330 -18.27 -63.42 90.66
N ASN I 331 -19.05 -62.37 90.43
CA ASN I 331 -19.24 -61.82 89.09
C ASN I 331 -19.14 -60.29 89.13
N ILE I 332 -18.17 -59.79 89.89
CA ILE I 332 -17.96 -58.34 89.99
C ILE I 332 -17.31 -57.79 88.73
N HIS I 333 -16.68 -58.64 87.91
CA HIS I 333 -15.97 -58.16 86.74
C HIS I 333 -16.89 -57.53 85.70
N LEU I 334 -18.19 -57.77 85.78
CA LEU I 334 -19.13 -57.21 84.82
C LEU I 334 -19.54 -55.78 85.17
N PHE I 335 -19.13 -55.26 86.32
CA PHE I 335 -19.48 -53.91 86.73
C PHE I 335 -18.27 -52.99 86.78
N LYS I 336 -17.12 -53.43 86.27
CA LYS I 336 -15.90 -52.65 86.31
C LYS I 336 -15.22 -52.52 84.95
N GLN I 337 -15.90 -52.90 83.86
CA GLN I 337 -15.26 -52.93 82.55
C GLN I 337 -15.07 -51.54 81.96
N LEU I 338 -16.04 -50.64 82.18
CA LEU I 338 -16.12 -49.43 81.38
C LEU I 338 -15.06 -48.40 81.76
N LEU I 339 -15.12 -47.90 83.00
CA LEU I 339 -14.31 -46.76 83.41
C LEU I 339 -13.58 -47.02 84.71
N ASN I 340 -13.16 -48.26 84.94
CA ASN I 340 -12.30 -48.60 86.07
C ASN I 340 -10.93 -48.97 85.51
N THR I 341 -10.09 -47.96 85.31
CA THR I 341 -8.73 -48.15 84.86
C THR I 341 -7.69 -47.78 85.90
N GLU I 342 -8.08 -47.13 86.99
CA GLU I 342 -7.19 -46.78 88.08
C GLU I 342 -7.48 -47.58 89.34
N THR I 343 -8.24 -48.67 89.22
CA THR I 343 -8.57 -49.51 90.36
C THR I 343 -7.52 -50.62 90.50
N LEU I 344 -6.93 -50.71 91.68
CA LEU I 344 -5.85 -51.66 91.90
C LEU I 344 -6.38 -53.08 92.10
N SER I 345 -7.32 -53.26 93.02
CA SER I 345 -7.83 -54.59 93.33
C SER I 345 -8.58 -55.17 92.14
N VAL I 346 -8.28 -56.42 91.82
CA VAL I 346 -8.98 -57.08 90.71
C VAL I 346 -10.42 -57.41 91.10
N ARG I 347 -10.67 -57.67 92.37
CA ARG I 347 -12.00 -58.05 92.84
C ARG I 347 -12.85 -56.85 93.28
N GLY I 348 -12.34 -55.64 93.15
CA GLY I 348 -13.05 -54.45 93.57
C GLY I 348 -13.52 -53.63 92.38
N ALA I 349 -14.63 -52.92 92.57
CA ALA I 349 -15.21 -52.08 91.53
C ALA I 349 -15.53 -50.71 92.10
N ASN I 350 -15.49 -49.71 91.23
CA ASN I 350 -15.77 -48.34 91.64
C ASN I 350 -17.28 -48.14 91.74
N PRO I 351 -17.81 -47.79 92.92
CA PRO I 351 -19.27 -47.63 93.04
C PRO I 351 -19.86 -46.58 92.12
N LEU I 352 -19.13 -45.51 91.83
CA LEU I 352 -19.68 -44.40 91.07
C LEU I 352 -19.87 -44.71 89.58
N MET I 353 -19.30 -45.82 89.09
CA MET I 353 -19.38 -46.15 87.68
C MET I 353 -20.49 -47.15 87.38
N PHE I 354 -21.31 -47.47 88.39
CA PHE I 354 -22.30 -48.53 88.25
C PHE I 354 -23.34 -48.19 87.19
N ARG I 355 -23.77 -46.93 87.13
CA ARG I 355 -24.81 -46.56 86.17
C ARG I 355 -24.31 -46.73 84.74
N ALA I 356 -23.09 -46.26 84.47
CA ALA I 356 -22.52 -46.41 83.13
C ALA I 356 -22.32 -47.89 82.78
N ASN I 357 -21.82 -48.68 83.74
CA ASN I 357 -21.61 -50.10 83.46
C ASN I 357 -22.92 -50.82 83.20
N VAL I 358 -23.97 -50.49 83.95
CA VAL I 358 -25.27 -51.12 83.75
C VAL I 358 -25.88 -50.69 82.42
N LEU I 359 -25.70 -49.43 82.04
CA LEU I 359 -26.20 -48.98 80.75
C LEU I 359 -25.51 -49.71 79.61
N HIS I 360 -24.19 -49.89 79.71
CA HIS I 360 -23.47 -50.64 78.68
C HIS I 360 -23.91 -52.11 78.65
N MET I 361 -24.16 -52.69 79.83
CA MET I 361 -24.66 -54.06 79.88
C MET I 361 -26.02 -54.18 79.21
N LEU I 362 -26.92 -53.22 79.45
CA LEU I 362 -28.22 -53.24 78.79
C LEU I 362 -28.08 -53.07 77.29
N LEU I 363 -27.16 -52.21 76.85
CA LEU I 363 -26.93 -52.04 75.42
C LEU I 363 -26.47 -53.36 74.79
N GLU I 364 -25.53 -54.06 75.43
CA GLU I 364 -25.07 -55.34 74.92
C GLU I 364 -26.19 -56.37 74.93
N PHE I 365 -27.01 -56.37 75.98
CA PHE I 365 -28.13 -57.31 76.06
C PHE I 365 -29.11 -57.09 74.93
N VAL I 366 -29.43 -55.83 74.61
CA VAL I 366 -30.31 -55.53 73.49
C VAL I 366 -29.65 -55.95 72.18
N LEU I 367 -28.36 -55.66 72.03
CA LEU I 367 -27.67 -55.95 70.78
C LEU I 367 -27.55 -57.44 70.51
N ASP I 368 -27.52 -58.27 71.55
CA ASP I 368 -27.47 -59.72 71.36
C ASP I 368 -28.77 -60.32 70.87
N ASN I 369 -29.88 -59.57 70.92
CA ASN I 369 -31.19 -60.13 70.68
C ASN I 369 -31.81 -59.67 69.36
N LEU I 370 -31.04 -58.99 68.51
CA LEU I 370 -31.53 -58.56 67.21
C LEU I 370 -31.48 -59.76 66.26
N TYR I 371 -32.40 -60.70 66.48
CA TYR I 371 -32.46 -61.92 65.70
C TYR I 371 -33.91 -62.23 65.33
N LEU I 372 -34.06 -63.08 64.32
CA LEU I 372 -35.36 -63.55 63.88
C LEU I 372 -35.46 -65.05 64.13
N ASN I 373 -36.69 -65.53 64.29
CA ASN I 373 -36.95 -66.92 64.62
C ASN I 373 -37.23 -67.73 63.36
N ARG I 374 -36.58 -68.89 63.25
CA ARG I 374 -36.73 -69.76 62.11
C ARG I 374 -37.87 -70.75 62.32
N HIS I 375 -38.38 -71.29 61.21
CA HIS I 375 -39.31 -72.40 61.23
C HIS I 375 -38.54 -73.65 60.85
N THR I 376 -38.35 -74.56 61.81
CA THR I 376 -37.48 -75.72 61.63
C THR I 376 -38.25 -76.98 61.22
N GLY I 377 -39.21 -77.38 62.04
CA GLY I 377 -39.97 -78.57 61.74
C GLY I 377 -40.79 -78.99 62.93
N PHE I 378 -41.61 -80.02 62.70
CA PHE I 378 -42.49 -80.54 63.73
C PHE I 378 -42.65 -82.04 63.56
N SER I 379 -43.10 -82.69 64.63
CA SER I 379 -43.36 -84.12 64.60
C SER I 379 -44.44 -84.42 65.63
N GLN I 380 -45.51 -85.09 65.19
CA GLN I 380 -46.61 -85.39 66.08
C GLN I 380 -46.15 -86.32 67.20
N ASP I 381 -46.71 -86.11 68.38
CA ASP I 381 -46.31 -86.85 69.57
C ASP I 381 -47.00 -88.21 69.56
N HIS I 382 -46.22 -89.27 69.29
CA HIS I 382 -46.78 -90.61 69.23
C HIS I 382 -47.16 -91.14 70.61
N THR I 383 -46.70 -90.48 71.67
CA THR I 383 -46.91 -90.96 73.02
C THR I 383 -48.24 -90.44 73.58
N PRO I 384 -48.74 -91.04 74.67
CA PRO I 384 -50.02 -90.57 75.23
C PRO I 384 -49.90 -89.44 76.22
N PHE I 385 -48.72 -88.79 76.31
CA PHE I 385 -48.59 -87.63 77.18
C PHE I 385 -49.50 -86.50 76.74
N THR I 386 -49.28 -85.98 75.53
CA THR I 386 -50.09 -84.90 74.99
C THR I 386 -51.21 -85.47 74.11
N GLU I 387 -52.18 -84.62 73.82
CA GLU I 387 -53.33 -85.02 73.00
C GLU I 387 -53.00 -84.90 71.51
N GLY I 388 -51.93 -85.60 71.12
CA GLY I 388 -51.49 -85.58 69.73
C GLY I 388 -51.06 -84.21 69.25
N ALA I 389 -50.35 -83.46 70.09
CA ALA I 389 -49.91 -82.13 69.73
C ALA I 389 -48.58 -82.17 69.00
N ASN I 390 -48.39 -81.21 68.10
CA ASN I 390 -47.15 -81.11 67.34
C ASN I 390 -46.05 -80.52 68.22
N LEU I 391 -44.89 -81.17 68.22
CA LEU I 391 -43.75 -80.73 69.01
C LEU I 391 -42.64 -80.28 68.07
N ARG I 392 -42.13 -79.07 68.29
CA ARG I 392 -41.07 -78.54 67.44
C ARG I 392 -39.77 -79.31 67.66
N SER I 393 -39.03 -79.51 66.58
CA SER I 393 -37.72 -80.15 66.62
C SER I 393 -36.67 -79.15 66.15
N LEU I 394 -35.63 -78.97 66.96
CA LEU I 394 -34.60 -77.98 66.66
C LEU I 394 -33.26 -78.67 66.43
N PRO I 395 -32.41 -78.11 65.56
CA PRO I 395 -31.14 -78.77 65.25
C PRO I 395 -30.11 -78.61 66.37
N GLY I 396 -28.90 -79.10 66.12
CA GLY I 396 -27.84 -79.03 67.09
C GLY I 396 -27.15 -80.38 67.26
N PRO I 397 -26.10 -80.42 68.10
CA PRO I 397 -25.43 -81.70 68.36
C PRO I 397 -26.34 -82.74 68.96
N ASP I 398 -27.30 -82.33 69.80
CA ASP I 398 -28.29 -83.24 70.35
C ASP I 398 -29.56 -82.45 70.65
N ALA I 399 -30.68 -83.17 70.70
CA ALA I 399 -31.96 -82.53 70.98
C ALA I 399 -32.83 -83.34 71.92
N GLU I 400 -32.32 -84.45 72.47
CA GLU I 400 -33.11 -85.23 73.41
C GLU I 400 -33.41 -84.43 74.68
N LYS I 401 -32.42 -83.68 75.18
CA LYS I 401 -32.61 -82.91 76.40
C LYS I 401 -33.44 -81.65 76.19
N TRP I 402 -33.59 -81.19 74.95
CA TRP I 402 -34.25 -79.91 74.71
C TRP I 402 -35.77 -80.01 74.87
N TYR I 403 -36.36 -81.19 74.62
CA TYR I 403 -37.80 -81.32 74.69
C TYR I 403 -38.33 -81.09 76.10
N SER I 404 -37.66 -81.67 77.10
CA SER I 404 -38.10 -81.50 78.48
C SER I 404 -38.01 -80.04 78.91
N ILE I 405 -36.93 -79.36 78.52
CA ILE I 405 -36.78 -77.94 78.87
C ILE I 405 -37.84 -77.11 78.16
N MET I 406 -38.10 -77.41 76.89
CA MET I 406 -39.02 -76.60 76.10
C MET I 406 -40.46 -76.76 76.58
N TYR I 407 -40.90 -77.99 76.83
CA TYR I 407 -42.30 -78.25 77.15
C TYR I 407 -42.42 -78.78 78.57
N PRO I 408 -42.71 -77.92 79.56
CA PRO I 408 -42.82 -78.42 80.94
C PRO I 408 -44.03 -79.30 81.18
N THR I 409 -45.17 -78.96 80.60
CA THR I 409 -46.39 -79.72 80.81
C THR I 409 -46.33 -81.12 80.21
N ARG I 410 -45.43 -81.36 79.25
CA ARG I 410 -45.32 -82.68 78.61
C ARG I 410 -44.40 -83.54 79.48
N MET I 411 -44.94 -83.99 80.60
CA MET I 411 -44.23 -84.90 81.49
C MET I 411 -45.24 -85.59 82.38
N GLY I 412 -44.85 -86.77 82.87
CA GLY I 412 -45.70 -87.48 83.81
C GLY I 412 -45.71 -86.81 85.17
N THR I 413 -46.81 -87.02 85.90
CA THR I 413 -46.98 -86.47 87.24
C THR I 413 -47.37 -87.60 88.20
N PRO I 414 -46.44 -88.50 88.52
CA PRO I 414 -46.78 -89.60 89.43
C PRO I 414 -46.54 -89.24 90.90
N ASN I 415 -45.77 -88.18 91.13
CA ASN I 415 -45.30 -87.83 92.46
C ASN I 415 -46.02 -86.60 92.98
N VAL I 416 -45.79 -86.27 94.24
CA VAL I 416 -46.39 -85.11 94.88
C VAL I 416 -45.26 -84.10 95.06
N SER I 417 -44.25 -84.18 94.19
CA SER I 417 -43.18 -83.20 94.19
C SER I 417 -43.72 -81.82 93.82
N LYS I 418 -42.90 -80.80 94.06
CA LYS I 418 -43.30 -79.44 93.70
C LYS I 418 -43.43 -79.28 92.18
N ILE I 419 -42.49 -79.86 91.43
CA ILE I 419 -42.59 -79.81 89.97
C ILE I 419 -43.84 -80.53 89.50
N CYS I 420 -44.12 -81.70 90.08
CA CYS I 420 -45.32 -82.45 89.68
C CYS I 420 -46.59 -81.67 90.02
N ASN I 421 -46.62 -81.02 91.18
CA ASN I 421 -47.77 -80.20 91.54
C ASN I 421 -47.96 -79.04 90.56
N PHE I 422 -46.87 -78.38 90.19
CA PHE I 422 -46.97 -77.28 89.24
C PHE I 422 -47.47 -77.76 87.88
N VAL I 423 -46.93 -78.88 87.40
CA VAL I 423 -47.36 -79.40 86.10
C VAL I 423 -48.82 -79.83 86.15
N ALA I 424 -49.25 -80.40 87.28
CA ALA I 424 -50.65 -80.76 87.45
C ALA I 424 -51.54 -79.53 87.42
N SER I 425 -51.10 -78.44 88.05
CA SER I 425 -51.89 -77.22 88.07
C SER I 425 -51.99 -76.60 86.68
N CYS I 426 -50.93 -76.73 85.87
CA CYS I 426 -50.92 -76.11 84.56
C CYS I 426 -51.99 -76.71 83.64
N VAL I 427 -52.42 -75.90 82.66
CA VAL I 427 -53.41 -76.35 81.69
C VAL I 427 -52.75 -77.33 80.70
N ARG I 428 -53.56 -78.21 80.11
CA ARG I 428 -53.06 -79.33 79.34
C ARG I 428 -52.80 -79.01 77.88
N ASN I 429 -53.68 -78.23 77.24
CA ASN I 429 -53.69 -78.12 75.78
C ASN I 429 -52.85 -76.97 75.25
N ARG I 430 -52.10 -76.28 76.09
CA ARG I 430 -51.27 -75.16 75.64
C ARG I 430 -49.84 -75.65 75.39
N VAL I 431 -49.73 -76.53 74.38
CA VAL I 431 -48.46 -77.18 74.05
C VAL I 431 -48.25 -77.11 72.55
N GLY I 432 -47.05 -76.72 72.13
CA GLY I 432 -46.66 -76.84 70.74
C GLY I 432 -47.36 -75.86 69.82
N ARG I 433 -47.26 -76.16 68.52
CA ARG I 433 -47.87 -75.32 67.50
C ARG I 433 -49.38 -75.38 67.58
N PHE I 434 -50.03 -74.24 67.31
CA PHE I 434 -51.48 -74.17 67.27
C PHE I 434 -52.02 -73.32 66.14
N ASP I 435 -51.17 -72.74 65.30
CA ASP I 435 -51.62 -71.83 64.26
C ASP I 435 -50.51 -71.70 63.23
N ARG I 436 -50.84 -71.90 61.96
CA ARG I 436 -49.88 -71.80 60.88
C ARG I 436 -50.57 -71.23 59.65
N ALA I 437 -49.77 -70.73 58.71
CA ALA I 437 -50.27 -70.11 57.48
C ALA I 437 -49.65 -70.87 56.31
N GLN I 438 -50.34 -71.89 55.80
CA GLN I 438 -49.83 -72.66 54.67
C GLN I 438 -50.33 -71.99 53.43
N MET I 439 -49.70 -70.90 53.08
CA MET I 439 -50.13 -70.15 51.93
C MET I 439 -50.01 -70.97 50.67
N MET I 440 -48.92 -71.72 50.57
CA MET I 440 -48.76 -72.58 49.42
C MET I 440 -48.60 -74.03 49.75
N ASN I 441 -48.99 -74.88 48.84
CA ASN I 441 -48.91 -76.32 49.01
C ASN I 441 -47.57 -76.83 48.50
N GLY I 442 -47.06 -77.87 49.15
CA GLY I 442 -45.74 -78.36 48.82
C GLY I 442 -44.62 -77.39 49.11
N ALA I 443 -44.80 -76.53 50.10
CA ALA I 443 -43.80 -75.53 50.43
C ALA I 443 -43.90 -75.19 51.89
N MET I 444 -42.89 -74.55 52.44
CA MET I 444 -42.92 -74.28 53.87
C MET I 444 -44.01 -73.32 54.23
N SER I 445 -44.64 -73.54 55.36
CA SER I 445 -45.62 -72.61 55.83
C SER I 445 -44.80 -71.43 56.16
N GLU I 446 -45.29 -70.24 55.91
CA GLU I 446 -44.41 -69.12 56.12
C GLU I 446 -44.44 -68.52 57.51
N TRP I 447 -45.29 -69.02 58.40
CA TRP I 447 -45.26 -68.56 59.79
C TRP I 447 -46.09 -69.42 60.71
N VAL I 448 -45.58 -69.70 61.91
CA VAL I 448 -46.32 -70.50 62.88
C VAL I 448 -46.27 -69.80 64.24
N ASP I 449 -47.23 -70.16 65.08
CA ASP I 449 -47.30 -69.68 66.46
C ASP I 449 -47.25 -70.90 67.38
N VAL I 450 -46.30 -70.92 68.31
CA VAL I 450 -46.05 -72.08 69.14
C VAL I 450 -45.98 -71.67 70.60
N PHE I 451 -46.26 -72.63 71.48
CA PHE I 451 -46.01 -72.49 72.91
C PHE I 451 -44.73 -73.24 73.25
N GLU I 452 -43.76 -72.53 73.84
CA GLU I 452 -42.54 -73.15 74.31
C GLU I 452 -41.93 -72.27 75.38
N THR I 453 -41.03 -72.86 76.17
CA THR I 453 -40.29 -72.10 77.18
C THR I 453 -39.52 -70.98 76.51
N SER I 454 -39.84 -69.74 76.89
CA SER I 454 -39.28 -68.58 76.23
C SER I 454 -39.12 -67.46 77.26
N ASP I 455 -38.89 -66.25 76.79
CA ASP I 455 -38.73 -65.09 77.65
C ASP I 455 -39.49 -63.91 77.04
N ALA I 456 -40.32 -63.27 77.85
CA ALA I 456 -41.17 -62.20 77.34
C ALA I 456 -40.35 -61.02 76.84
N LEU I 457 -39.28 -60.67 77.56
CA LEU I 457 -38.45 -59.53 77.16
C LEU I 457 -37.80 -59.78 75.81
N THR I 458 -37.19 -60.95 75.63
CA THR I 458 -36.55 -61.26 74.36
C THR I 458 -37.57 -61.36 73.25
N VAL I 459 -38.75 -61.93 73.53
CA VAL I 459 -39.80 -62.02 72.53
C VAL I 459 -40.22 -60.62 72.08
N SER I 460 -40.39 -59.70 73.02
CA SER I 460 -40.78 -58.34 72.67
C SER I 460 -39.68 -57.63 71.88
N ILE I 461 -38.42 -57.81 72.28
CA ILE I 461 -37.32 -57.18 71.54
C ILE I 461 -37.30 -57.67 70.10
N ARG I 462 -37.40 -58.99 69.91
CA ARG I 462 -37.36 -59.52 68.55
C ARG I 462 -38.62 -59.15 67.77
N GLY I 463 -39.75 -58.99 68.45
CA GLY I 463 -40.94 -58.51 67.77
C GLY I 463 -40.79 -57.08 67.27
N ARG I 464 -40.23 -56.20 68.10
CA ARG I 464 -39.97 -54.83 67.65
C ARG I 464 -38.98 -54.81 66.50
N TRP I 465 -37.92 -55.63 66.59
CA TRP I 465 -36.94 -55.69 65.51
C TRP I 465 -37.58 -56.20 64.22
N MET I 466 -38.44 -57.21 64.32
CA MET I 466 -39.13 -57.74 63.14
C MET I 466 -40.07 -56.72 62.55
N ALA I 467 -40.77 -55.95 63.39
CA ALA I 467 -41.64 -54.89 62.88
C ALA I 467 -40.83 -53.82 62.14
N ARG I 468 -39.69 -53.44 62.71
CA ARG I 468 -38.84 -52.45 62.05
C ARG I 468 -38.33 -52.97 60.71
N LEU I 469 -37.93 -54.25 60.66
CA LEU I 469 -37.50 -54.84 59.40
C LEU I 469 -38.64 -54.92 58.38
N ALA I 470 -39.83 -55.30 58.83
CA ALA I 470 -40.97 -55.44 57.94
C ALA I 470 -41.43 -54.09 57.39
N ARG I 471 -41.23 -53.01 58.13
CA ARG I 471 -41.54 -51.69 57.60
C ARG I 471 -40.65 -51.30 56.42
N MET I 472 -39.55 -52.03 56.20
CA MET I 472 -38.62 -51.75 55.12
C MET I 472 -38.86 -52.58 53.88
N ASN I 473 -39.79 -53.53 53.93
CA ASN I 473 -39.93 -54.51 52.85
C ASN I 473 -40.45 -53.87 51.57
N ILE I 474 -39.87 -54.29 50.45
CA ILE I 474 -40.31 -53.87 49.12
C ILE I 474 -40.50 -55.12 48.26
N ASN I 475 -41.28 -54.97 47.19
CA ASN I 475 -41.63 -56.08 46.33
C ASN I 475 -41.01 -55.92 44.94
N PRO I 476 -40.88 -57.04 44.20
CA PRO I 476 -40.23 -56.97 42.88
C PRO I 476 -40.92 -56.02 41.91
N THR I 477 -42.23 -55.83 42.02
CA THR I 477 -42.91 -54.87 41.13
C THR I 477 -42.39 -53.45 41.37
N GLU I 478 -42.27 -53.06 42.64
CA GLU I 478 -41.73 -51.74 42.95
C GLU I 478 -40.26 -51.65 42.56
N ILE I 479 -39.52 -52.75 42.72
CA ILE I 479 -38.12 -52.75 42.30
C ILE I 479 -38.01 -52.50 40.80
N GLU I 480 -38.85 -53.18 40.01
CA GLU I 480 -38.86 -52.98 38.57
C GLU I 480 -39.24 -51.54 38.22
N TRP I 481 -40.27 -51.01 38.86
CA TRP I 481 -40.70 -49.64 38.56
C TRP I 481 -39.59 -48.64 38.86
N ALA I 482 -38.94 -48.79 40.01
CA ALA I 482 -37.85 -47.88 40.37
C ALA I 482 -36.69 -48.00 39.39
N LEU I 483 -36.31 -49.22 39.05
CA LEU I 483 -35.18 -49.40 38.12
C LEU I 483 -35.51 -48.82 36.75
N THR I 484 -36.74 -49.02 36.26
CA THR I 484 -37.11 -48.50 34.95
C THR I 484 -37.13 -46.97 34.95
N GLU I 485 -37.75 -46.37 35.96
CA GLU I 485 -37.83 -44.92 36.00
C GLU I 485 -36.46 -44.29 36.20
N CYS I 486 -35.56 -44.98 36.91
CA CYS I 486 -34.19 -44.52 37.01
C CYS I 486 -33.46 -44.62 35.67
N ALA I 487 -33.64 -45.74 34.96
CA ALA I 487 -32.99 -45.95 33.68
C ALA I 487 -33.58 -45.09 32.57
N GLN I 488 -34.71 -44.43 32.82
CA GLN I 488 -35.32 -43.51 31.86
C GLN I 488 -35.77 -44.23 30.59
N GLY I 489 -36.16 -45.49 30.72
CA GLY I 489 -36.65 -46.26 29.60
C GLY I 489 -35.59 -46.95 28.77
N TYR I 490 -34.32 -46.76 29.08
CA TYR I 490 -33.26 -47.43 28.32
C TYR I 490 -33.11 -48.88 28.75
N VAL I 491 -32.87 -49.11 30.04
CA VAL I 491 -32.76 -50.45 30.59
C VAL I 491 -34.14 -50.90 31.06
N THR I 492 -34.57 -52.08 30.63
CA THR I 492 -35.85 -52.64 31.01
C THR I 492 -35.64 -53.89 31.85
N VAL I 493 -36.33 -53.96 32.98
CA VAL I 493 -36.29 -55.11 33.86
C VAL I 493 -37.69 -55.71 33.93
N THR I 494 -37.74 -56.99 34.26
CA THR I 494 -38.99 -57.74 34.27
C THR I 494 -39.24 -58.30 35.66
N SER I 495 -40.47 -58.13 36.16
CA SER I 495 -40.85 -58.76 37.41
C SER I 495 -41.93 -59.81 37.17
N PRO I 496 -41.78 -60.99 37.77
CA PRO I 496 -42.77 -62.05 37.55
C PRO I 496 -44.11 -61.72 38.22
N TYR I 497 -45.16 -62.35 37.69
CA TYR I 497 -46.53 -62.12 38.13
C TYR I 497 -47.15 -63.47 38.50
N ALA I 498 -47.09 -63.83 39.79
CA ALA I 498 -47.66 -65.09 40.24
C ALA I 498 -47.65 -65.21 41.75
N PRO I 499 -48.37 -66.19 42.31
CA PRO I 499 -48.35 -66.40 43.76
C PRO I 499 -46.99 -66.83 44.22
N SER I 500 -46.60 -66.58 45.47
CA SER I 500 -45.23 -66.85 45.89
C SER I 500 -44.92 -67.22 47.30
N VAL I 501 -43.63 -67.42 47.57
CA VAL I 501 -43.19 -67.65 48.93
C VAL I 501 -42.78 -66.29 49.41
N ASN I 502 -43.26 -65.86 50.56
CA ASN I 502 -42.99 -64.51 51.01
C ASN I 502 -41.52 -64.22 51.14
N ARG I 503 -41.08 -63.02 50.76
CA ARG I 503 -39.65 -62.70 50.82
C ARG I 503 -39.34 -61.40 51.54
N LEU I 504 -38.15 -61.29 52.12
CA LEU I 504 -37.74 -60.04 52.79
C LEU I 504 -36.70 -59.25 52.01
N MET I 505 -36.99 -57.99 51.71
CA MET I 505 -36.06 -57.12 50.99
C MET I 505 -36.00 -55.73 51.70
N PRO I 506 -35.31 -55.55 52.86
CA PRO I 506 -35.23 -54.32 53.67
C PRO I 506 -34.38 -53.25 53.01
N TYR I 507 -34.92 -52.59 51.97
CA TYR I 507 -34.16 -51.59 51.23
C TYR I 507 -34.93 -50.29 51.04
N ARG I 508 -35.93 -50.02 51.88
CA ARG I 508 -36.69 -48.78 51.81
C ARG I 508 -36.48 -47.98 53.09
N ILE I 509 -36.07 -46.72 52.94
CA ILE I 509 -35.82 -45.83 54.07
C ILE I 509 -36.49 -44.49 53.78
N SER I 510 -36.65 -43.71 54.84
CA SER I 510 -37.36 -42.45 54.74
C SER I 510 -36.41 -41.31 54.37
N ASN I 511 -37.02 -40.19 53.95
CA ASN I 511 -36.24 -39.03 53.55
C ASN I 511 -35.42 -38.47 54.70
N ALA I 512 -35.96 -38.53 55.93
CA ALA I 512 -35.20 -38.07 57.09
C ALA I 512 -33.96 -38.91 57.30
N GLU I 513 -34.09 -40.24 57.20
CA GLU I 513 -32.94 -41.12 57.35
C GLU I 513 -31.92 -40.91 56.24
N ARG I 514 -32.38 -40.61 55.02
CA ARG I 514 -31.45 -40.33 53.95
C ARG I 514 -30.71 -39.02 54.18
N GLN I 515 -31.44 -37.97 54.58
CA GLN I 515 -30.86 -36.64 54.68
C GLN I 515 -29.92 -36.53 55.87
N ILE I 516 -30.23 -37.20 56.98
CA ILE I 516 -29.35 -37.17 58.15
C ILE I 516 -27.99 -37.76 57.80
N SER I 517 -28.00 -38.93 57.16
CA SER I 517 -26.74 -39.57 56.77
C SER I 517 -26.04 -38.76 55.69
N GLN I 518 -26.79 -38.10 54.80
CA GLN I 518 -26.17 -37.21 53.83
C GLN I 518 -25.45 -36.06 54.53
N ILE I 519 -26.07 -35.50 55.57
CA ILE I 519 -25.43 -34.43 56.34
C ILE I 519 -24.15 -34.94 57.00
N ILE I 520 -24.21 -36.15 57.56
CA ILE I 520 -23.03 -36.74 58.18
C ILE I 520 -21.92 -36.94 57.15
N ARG I 521 -22.28 -37.43 55.96
CA ARG I 521 -21.29 -37.63 54.91
C ARG I 521 -20.65 -36.31 54.49
N VAL I 522 -21.45 -35.26 54.34
CA VAL I 522 -20.90 -33.95 54.03
C VAL I 522 -19.96 -33.50 55.15
N MET I 523 -20.36 -33.74 56.39
CA MET I 523 -19.56 -33.32 57.53
C MET I 523 -18.19 -33.98 57.53
N ASN I 524 -18.14 -35.28 57.25
CA ASN I 524 -16.86 -35.97 57.30
C ASN I 524 -16.13 -36.02 55.97
N ILE I 525 -16.69 -35.45 54.91
CA ILE I 525 -15.96 -35.33 53.64
C ILE I 525 -15.49 -33.91 53.37
N GLY I 526 -16.12 -32.90 53.98
CA GLY I 526 -15.74 -31.53 53.69
C GLY I 526 -14.31 -31.22 54.12
N ASN I 527 -13.74 -30.23 53.43
CA ASN I 527 -12.38 -29.73 53.67
C ASN I 527 -11.30 -30.78 53.45
N ASN I 528 -11.60 -31.85 52.70
CA ASN I 528 -10.65 -32.94 52.52
C ASN I 528 -9.92 -32.87 51.18
N ALA I 529 -10.67 -32.80 50.08
CA ALA I 529 -10.10 -32.62 48.74
C ALA I 529 -9.18 -33.76 48.32
N THR I 530 -9.03 -34.78 49.18
CA THR I 530 -8.29 -35.98 48.83
C THR I 530 -9.16 -37.22 48.76
N VAL I 531 -10.36 -37.17 49.34
CA VAL I 531 -11.37 -38.19 49.08
C VAL I 531 -12.28 -37.76 47.94
N ILE I 532 -12.37 -36.46 47.65
CA ILE I 532 -13.13 -35.99 46.50
C ILE I 532 -12.52 -36.53 45.21
N GLN I 533 -11.19 -36.48 45.10
CA GLN I 533 -10.52 -36.87 43.85
C GLN I 533 -10.85 -38.31 43.44
N PRO I 534 -10.77 -39.32 44.30
CA PRO I 534 -11.21 -40.66 43.86
C PRO I 534 -12.64 -40.69 43.37
N VAL I 535 -13.56 -40.01 44.04
CA VAL I 535 -14.96 -40.01 43.62
C VAL I 535 -15.12 -39.27 42.30
N LEU I 536 -14.50 -38.08 42.19
CA LEU I 536 -14.69 -37.26 41.00
C LEU I 536 -13.92 -37.81 39.80
N GLN I 537 -13.02 -38.77 40.02
CA GLN I 537 -12.37 -39.45 38.91
C GLN I 537 -13.03 -40.77 38.57
N ASP I 538 -13.59 -41.47 39.56
CA ASP I 538 -14.40 -42.64 39.27
C ASP I 538 -15.64 -42.27 38.48
N ILE I 539 -16.28 -41.16 38.82
CA ILE I 539 -17.42 -40.69 38.05
C ILE I 539 -16.99 -40.35 36.63
N SER I 540 -15.80 -39.77 36.48
CA SER I 540 -15.28 -39.45 35.15
C SER I 540 -15.07 -40.71 34.32
N VAL I 541 -14.47 -41.75 34.92
CA VAL I 541 -14.23 -43.00 34.21
C VAL I 541 -15.56 -43.66 33.83
N LEU I 542 -16.52 -43.66 34.76
CA LEU I 542 -17.82 -44.25 34.48
C LEU I 542 -18.54 -43.50 33.37
N LEU I 543 -18.42 -42.17 33.36
CA LEU I 543 -19.01 -41.37 32.29
C LEU I 543 -18.33 -41.65 30.94
N GLN I 544 -17.00 -41.83 30.96
CA GLN I 544 -16.30 -42.18 29.73
C GLN I 544 -16.77 -43.53 29.19
N ARG I 545 -17.00 -44.50 30.08
CA ARG I 545 -17.46 -45.80 29.65
C ARG I 545 -18.84 -45.75 28.98
N ILE I 546 -19.60 -44.68 29.19
CA ILE I 546 -20.94 -44.57 28.60
C ILE I 546 -20.93 -43.68 27.37
N SER I 547 -20.28 -42.53 27.46
CA SER I 547 -20.48 -41.47 26.48
C SER I 547 -20.05 -41.93 25.09
N PRO I 548 -20.87 -41.74 24.07
CA PRO I 548 -20.46 -42.06 22.69
C PRO I 548 -19.61 -40.99 22.03
N LEU I 549 -19.16 -39.99 22.77
CA LEU I 549 -18.33 -38.92 22.23
C LEU I 549 -16.87 -39.37 22.22
N GLN I 550 -16.26 -39.35 21.04
CA GLN I 550 -14.86 -39.73 20.87
C GLN I 550 -14.08 -38.46 20.53
N ILE I 551 -13.29 -37.99 21.50
CA ILE I 551 -12.47 -36.80 21.29
C ILE I 551 -11.37 -37.15 20.30
N ASP I 552 -11.44 -36.57 19.11
CA ASP I 552 -10.44 -36.82 18.06
C ASP I 552 -9.71 -35.52 17.79
N PRO I 553 -8.50 -35.32 18.32
CA PRO I 553 -7.82 -34.03 18.17
C PRO I 553 -7.27 -33.79 16.77
N THR I 554 -7.52 -34.67 15.81
CA THR I 554 -7.06 -34.45 14.46
C THR I 554 -7.97 -33.54 13.65
N ILE I 555 -9.15 -33.19 14.19
CA ILE I 555 -10.05 -32.28 13.47
C ILE I 555 -9.42 -30.91 13.33
N ILE I 556 -8.83 -30.41 14.42
CA ILE I 556 -8.17 -29.10 14.38
C ILE I 556 -7.00 -29.14 13.39
N SER I 557 -6.22 -30.22 13.44
CA SER I 557 -5.07 -30.34 12.52
C SER I 557 -5.52 -30.36 11.07
N ASN I 558 -6.59 -31.12 10.78
CA ASN I 558 -7.08 -31.20 9.40
C ASN I 558 -7.62 -29.86 8.93
N THR I 559 -8.36 -29.16 9.78
CA THR I 559 -8.95 -27.90 9.34
C THR I 559 -7.92 -26.77 9.26
N MET I 560 -6.87 -26.80 10.07
CA MET I 560 -5.90 -25.72 10.12
C MET I 560 -4.79 -25.88 9.09
N SER I 561 -4.84 -26.91 8.26
CA SER I 561 -3.82 -27.15 7.25
C SER I 561 -4.15 -26.47 5.92
N THR I 562 -5.25 -25.73 5.84
CA THR I 562 -5.64 -25.03 4.63
C THR I 562 -5.64 -23.52 4.82
N VAL I 563 -4.98 -23.02 5.86
CA VAL I 563 -4.94 -21.58 6.10
C VAL I 563 -4.04 -20.92 5.07
N SER I 564 -4.56 -19.86 4.45
CA SER I 564 -3.81 -19.10 3.45
C SER I 564 -2.90 -18.11 4.14
N GLU I 565 -1.59 -18.24 3.93
CA GLU I 565 -0.62 -17.36 4.55
C GLU I 565 0.65 -17.34 3.72
N SER I 566 1.47 -16.32 3.97
CA SER I 566 2.73 -16.14 3.25
C SER I 566 3.87 -16.72 4.08
N THR I 567 4.76 -17.47 3.41
CA THR I 567 5.88 -18.08 4.10
C THR I 567 6.90 -17.04 4.56
N THR I 568 6.99 -15.93 3.82
CA THR I 568 7.98 -14.91 4.14
C THR I 568 7.70 -14.26 5.50
N GLN I 569 6.43 -14.19 5.89
CA GLN I 569 6.08 -13.57 7.16
C GLN I 569 6.59 -14.41 8.33
N THR I 570 7.05 -13.73 9.38
CA THR I 570 7.65 -14.42 10.51
C THR I 570 6.60 -15.12 11.37
N LEU I 571 5.55 -14.39 11.71
CA LEU I 571 4.54 -14.93 12.59
C LEU I 571 3.39 -15.48 11.81
N SER I 572 3.00 -16.71 12.11
CA SER I 572 1.88 -17.31 11.44
C SER I 572 0.84 -17.60 12.46
N PRO I 573 -0.40 -17.18 12.20
CA PRO I 573 -1.44 -17.50 13.12
C PRO I 573 -1.67 -18.97 13.25
N ALA I 574 -1.67 -19.71 12.15
CA ALA I 574 -2.00 -21.11 12.24
C ALA I 574 -1.05 -21.87 13.09
N SER I 575 0.23 -21.61 12.92
CA SER I 575 1.18 -22.37 13.67
C SER I 575 1.05 -22.12 15.14
N SER I 576 0.79 -20.89 15.54
CA SER I 576 0.74 -20.60 16.94
C SER I 576 -0.39 -21.37 17.59
N ILE I 577 -1.54 -21.47 16.96
CA ILE I 577 -2.64 -22.14 17.62
C ILE I 577 -2.29 -23.58 17.86
N LEU I 578 -1.69 -24.25 16.89
CA LEU I 578 -1.37 -25.65 17.05
C LEU I 578 -0.39 -25.77 18.18
N GLY I 579 0.57 -24.86 18.23
CA GLY I 579 1.53 -24.87 19.30
C GLY I 579 1.05 -24.61 20.72
N LYS I 580 0.12 -23.69 20.90
CA LYS I 580 -0.30 -23.32 22.25
C LYS I 580 -1.31 -24.29 22.79
N LEU I 581 -1.72 -25.23 21.96
CA LEU I 581 -2.76 -26.14 22.39
C LEU I 581 -2.22 -27.42 23.01
N ARG I 582 -0.92 -27.52 23.26
CA ARG I 582 -0.36 -28.69 23.92
C ARG I 582 -0.80 -28.82 25.38
N PRO I 583 -0.94 -30.06 25.88
CA PRO I 583 -1.42 -30.27 27.25
C PRO I 583 -0.46 -29.76 28.30
N SER I 584 -0.98 -29.15 29.36
CA SER I 584 -0.14 -28.67 30.46
C SER I 584 0.02 -29.67 31.60
N ASN I 585 -0.73 -30.75 31.60
CA ASN I 585 -0.61 -31.77 32.62
C ASN I 585 -1.22 -33.00 31.99
N SER I 586 -0.89 -34.19 32.49
CA SER I 586 -1.37 -35.41 31.84
C SER I 586 -1.88 -36.44 32.85
N ASP I 587 -2.44 -36.02 33.98
CA ASP I 587 -2.90 -36.97 34.98
C ASP I 587 -4.28 -37.52 34.63
N PHE I 588 -5.28 -36.64 34.54
CA PHE I 588 -6.67 -37.03 34.40
C PHE I 588 -7.30 -36.30 33.22
N SER I 589 -8.59 -36.57 33.00
CA SER I 589 -9.36 -35.97 31.91
C SER I 589 -10.09 -34.75 32.47
N SER I 590 -9.57 -33.56 32.15
CA SER I 590 -10.15 -32.34 32.69
C SER I 590 -11.58 -32.13 32.22
N PHE I 591 -11.87 -32.48 30.96
CA PHE I 591 -13.21 -32.30 30.42
C PHE I 591 -14.24 -33.10 31.22
N ARG I 592 -13.99 -34.41 31.39
CA ARG I 592 -14.95 -35.24 32.10
C ARG I 592 -14.97 -34.95 33.60
N VAL I 593 -13.84 -34.52 34.16
CA VAL I 593 -13.85 -34.11 35.57
C VAL I 593 -14.71 -32.87 35.75
N ALA I 594 -14.60 -31.89 34.85
CA ALA I 594 -15.46 -30.71 34.90
C ALA I 594 -16.91 -31.09 34.72
N LEU I 595 -17.20 -32.02 33.80
CA LEU I 595 -18.57 -32.46 33.60
C LEU I 595 -19.13 -33.11 34.86
N ALA I 596 -18.34 -33.95 35.53
CA ALA I 596 -18.77 -34.57 36.77
C ALA I 596 -18.90 -33.57 37.90
N GLY I 597 -18.13 -32.48 37.87
CA GLY I 597 -18.19 -31.48 38.92
C GLY I 597 -19.49 -30.72 39.01
N TRP I 598 -20.37 -30.85 38.01
CA TRP I 598 -21.68 -30.21 38.09
C TRP I 598 -22.55 -30.87 39.15
N LEU I 599 -22.30 -32.15 39.44
CA LEU I 599 -23.09 -32.85 40.44
C LEU I 599 -22.81 -32.37 41.85
N TYR I 600 -21.64 -31.80 42.09
CA TYR I 600 -21.27 -31.30 43.42
C TYR I 600 -20.70 -29.89 43.26
N ASN I 601 -21.48 -28.88 43.64
CA ASN I 601 -20.98 -27.52 43.72
C ASN I 601 -21.04 -26.92 45.11
N GLY I 602 -21.63 -27.62 46.08
CA GLY I 602 -21.67 -27.15 47.45
C GLY I 602 -20.47 -27.59 48.24
N VAL I 603 -19.72 -28.57 47.71
CA VAL I 603 -18.53 -29.05 48.38
C VAL I 603 -17.26 -28.77 47.59
N VAL I 604 -17.33 -28.70 46.25
CA VAL I 604 -16.17 -28.41 45.43
C VAL I 604 -16.54 -27.37 44.39
N THR I 605 -15.53 -26.59 43.99
CA THR I 605 -15.70 -25.57 42.96
C THR I 605 -14.53 -25.70 41.99
N THR I 606 -14.81 -26.14 40.76
CA THR I 606 -13.78 -26.33 39.76
C THR I 606 -13.39 -24.98 39.17
N VAL I 607 -12.11 -24.65 39.22
CA VAL I 607 -11.59 -23.39 38.70
C VAL I 607 -10.42 -23.69 37.78
N ILE I 608 -10.11 -22.72 36.91
CA ILE I 608 -8.98 -22.86 36.00
C ILE I 608 -7.68 -22.64 36.76
N ASP I 609 -6.68 -23.48 36.47
CA ASP I 609 -5.41 -23.41 37.16
C ASP I 609 -4.69 -22.10 36.81
N ASP I 610 -3.76 -21.72 37.69
CA ASP I 610 -3.03 -20.46 37.52
C ASP I 610 -2.20 -20.48 36.25
N SER I 611 -1.60 -21.62 35.92
CA SER I 611 -0.66 -21.70 34.80
C SER I 611 -1.31 -21.41 33.46
N SER I 612 -2.65 -21.45 33.37
CA SER I 612 -3.31 -21.20 32.10
C SER I 612 -3.39 -19.72 31.74
N TYR I 613 -3.12 -18.82 32.69
CA TYR I 613 -3.19 -17.40 32.43
C TYR I 613 -1.89 -16.90 31.82
N PRO I 614 -1.97 -15.83 31.00
CA PRO I 614 -0.78 -15.35 30.25
C PRO I 614 0.26 -14.66 31.13
N LYS I 615 0.89 -15.45 32.00
CA LYS I 615 2.03 -15.02 32.83
C LYS I 615 1.62 -13.78 33.62
N ASP I 616 2.47 -12.74 33.67
CA ASP I 616 2.09 -11.52 34.36
C ASP I 616 0.90 -10.83 33.71
N GLY I 617 0.88 -10.81 32.38
CA GLY I 617 -0.21 -10.19 31.66
C GLY I 617 0.01 -10.35 30.17
N GLY I 618 -0.88 -9.73 29.40
CA GLY I 618 -0.79 -9.85 27.97
C GLY I 618 -0.76 -8.54 27.22
N SER I 619 -0.54 -8.63 25.91
CA SER I 619 -0.60 -7.49 25.01
C SER I 619 -1.37 -7.90 23.77
N VAL I 620 -2.38 -7.12 23.42
CA VAL I 620 -3.19 -7.44 22.25
C VAL I 620 -2.36 -7.41 20.96
N THR I 621 -1.22 -6.70 20.98
CA THR I 621 -0.32 -6.76 19.85
C THR I 621 0.42 -8.10 19.80
N SER I 622 0.29 -8.90 20.86
CA SER I 622 0.97 -10.19 20.92
C SER I 622 0.02 -11.31 20.51
N LEU I 623 0.39 -12.01 19.44
CA LEU I 623 -0.39 -13.15 18.96
C LEU I 623 -0.48 -14.25 20.02
N GLU I 624 0.64 -14.52 20.69
CA GLU I 624 0.68 -15.60 21.65
C GLU I 624 -0.27 -15.36 22.82
N ASN I 625 -0.38 -14.11 23.27
CA ASN I 625 -1.31 -13.75 24.32
C ASN I 625 -2.76 -13.65 23.83
N LEU I 626 -2.98 -13.21 22.59
CA LEU I 626 -4.32 -13.20 22.04
C LEU I 626 -4.90 -14.62 22.00
N TRP I 627 -4.09 -15.59 21.56
CA TRP I 627 -4.58 -16.96 21.52
C TRP I 627 -4.82 -17.52 22.91
N ASP I 628 -4.02 -17.11 23.90
CA ASP I 628 -4.29 -17.49 25.28
C ASP I 628 -5.63 -16.96 25.75
N PHE I 629 -5.93 -15.71 25.40
CA PHE I 629 -7.23 -15.15 25.75
C PHE I 629 -8.37 -15.93 25.10
N PHE I 630 -8.19 -16.29 23.83
CA PHE I 630 -9.22 -17.09 23.16
C PHE I 630 -9.44 -18.42 23.86
N ILE I 631 -8.34 -19.10 24.23
CA ILE I 631 -8.44 -20.40 24.88
C ILE I 631 -9.15 -20.26 26.23
N LEU I 632 -8.78 -19.24 27.01
CA LEU I 632 -9.42 -19.02 28.30
C LEU I 632 -10.90 -18.71 28.15
N ALA I 633 -11.25 -17.89 27.16
CA ALA I 633 -12.65 -17.55 26.94
C ALA I 633 -13.47 -18.78 26.58
N LEU I 634 -12.91 -19.66 25.75
CA LEU I 634 -13.62 -20.91 25.45
C LEU I 634 -13.73 -21.81 26.67
N ALA I 635 -12.68 -21.87 27.49
CA ALA I 635 -12.65 -22.85 28.58
C ALA I 635 -13.51 -22.45 29.77
N LEU I 636 -13.60 -21.17 30.09
CA LEU I 636 -14.26 -20.74 31.32
C LEU I 636 -15.73 -21.14 31.45
N PRO I 637 -16.60 -21.02 30.42
CA PRO I 637 -18.03 -21.24 30.65
C PRO I 637 -18.42 -22.65 31.10
N LEU I 638 -17.46 -23.55 31.23
CA LEU I 638 -17.73 -24.92 31.66
C LEU I 638 -17.32 -25.18 33.11
N THR I 639 -17.11 -24.13 33.89
CA THR I 639 -16.69 -24.24 35.28
C THR I 639 -17.81 -23.84 36.22
N THR I 640 -17.75 -24.35 37.44
CA THR I 640 -18.73 -24.07 38.48
C THR I 640 -18.35 -22.87 39.34
N ASP I 641 -17.25 -22.20 39.03
CA ASP I 641 -16.86 -21.02 39.79
C ASP I 641 -17.84 -19.89 39.55
N PRO I 642 -18.44 -19.32 40.60
CA PRO I 642 -19.42 -18.23 40.39
C PRO I 642 -18.83 -16.99 39.75
N CYS I 643 -17.52 -16.77 39.86
CA CYS I 643 -16.88 -15.58 39.32
C CYS I 643 -16.27 -15.81 37.94
N ALA I 644 -16.75 -16.83 37.23
CA ALA I 644 -16.23 -17.10 35.89
C ALA I 644 -16.44 -15.95 34.93
N PRO I 645 -17.64 -15.34 34.82
CA PRO I 645 -17.76 -14.16 33.93
C PRO I 645 -16.84 -13.02 34.31
N VAL I 646 -16.66 -12.78 35.61
CA VAL I 646 -15.82 -11.66 36.04
C VAL I 646 -14.37 -11.91 35.65
N LYS I 647 -13.86 -13.11 35.92
CA LYS I 647 -12.48 -13.41 35.54
C LYS I 647 -12.33 -13.70 34.06
N ALA I 648 -13.43 -13.80 33.31
CA ALA I 648 -13.35 -13.80 31.85
C ALA I 648 -13.21 -12.39 31.31
N PHE I 649 -14.02 -11.46 31.82
CA PHE I 649 -13.88 -10.06 31.42
C PHE I 649 -12.52 -9.50 31.83
N MET I 650 -12.06 -9.87 33.03
CA MET I 650 -10.81 -9.30 33.54
C MET I 650 -9.59 -9.85 32.82
N THR I 651 -9.70 -10.97 32.11
CA THR I 651 -8.58 -11.42 31.28
C THR I 651 -8.32 -10.43 30.16
N LEU I 652 -9.38 -10.06 29.42
CA LEU I 652 -9.22 -9.04 28.38
C LEU I 652 -8.87 -7.69 28.99
N ALA I 653 -9.41 -7.39 30.17
CA ALA I 653 -9.05 -6.14 30.84
C ALA I 653 -7.55 -6.09 31.15
N ASN I 654 -6.99 -7.19 31.64
CA ASN I 654 -5.56 -7.26 31.92
C ASN I 654 -4.74 -7.15 30.65
N MET I 655 -5.15 -7.84 29.59
CA MET I 655 -4.41 -7.77 28.34
C MET I 655 -4.45 -6.36 27.75
N MET I 656 -5.54 -5.64 27.96
CA MET I 656 -5.70 -4.30 27.39
C MET I 656 -5.44 -3.25 28.47
N VAL I 657 -4.17 -3.05 28.77
CA VAL I 657 -3.72 -2.08 29.75
C VAL I 657 -2.79 -1.10 29.04
N GLY I 658 -3.06 0.20 29.21
CA GLY I 658 -2.35 1.24 28.49
C GLY I 658 -2.83 1.45 27.07
N PHE I 659 -3.41 0.43 26.45
CA PHE I 659 -4.05 0.55 25.15
C PHE I 659 -5.51 0.97 25.23
N GLU I 660 -6.17 0.67 26.35
CA GLU I 660 -7.62 0.85 26.46
C GLU I 660 -7.97 0.79 27.94
N THR I 661 -8.64 1.82 28.44
CA THR I 661 -8.74 2.06 29.88
C THR I 661 -10.20 2.07 30.33
N ILE I 662 -10.45 1.45 31.48
CA ILE I 662 -11.77 1.44 32.11
C ILE I 662 -11.61 1.83 33.58
N PRO I 663 -12.63 2.40 34.22
CA PRO I 663 -12.49 2.78 35.62
C PRO I 663 -12.73 1.61 36.56
N MET I 664 -11.91 1.53 37.60
CA MET I 664 -11.99 0.47 38.60
C MET I 664 -12.53 1.03 39.91
N ASP I 665 -12.56 0.16 40.92
CA ASP I 665 -13.14 0.52 42.22
C ASP I 665 -12.09 1.05 43.18
N ASN I 666 -11.08 0.25 43.49
CA ASN I 666 -10.07 0.58 44.47
C ASN I 666 -8.71 0.74 43.80
N GLN I 667 -7.71 1.12 44.60
CA GLN I 667 -6.33 1.15 44.15
C GLN I 667 -5.65 -0.21 44.25
N ILE I 668 -6.34 -1.20 44.81
CA ILE I 668 -5.80 -2.55 44.96
C ILE I 668 -6.22 -3.44 43.81
N TYR I 669 -7.51 -3.45 43.49
CA TYR I 669 -8.04 -4.26 42.40
C TYR I 669 -8.19 -3.42 41.13
N THR I 670 -7.06 -2.96 40.63
CA THR I 670 -7.04 -2.11 39.46
C THR I 670 -7.12 -2.95 38.18
N GLN I 671 -7.02 -2.28 37.04
CA GLN I 671 -7.09 -2.97 35.75
C GLN I 671 -5.92 -3.93 35.57
N SER I 672 -4.76 -3.62 36.15
CA SER I 672 -3.57 -4.44 36.01
C SER I 672 -3.52 -5.59 37.02
N ARG I 673 -4.49 -5.69 37.91
CA ARG I 673 -4.54 -6.81 38.84
C ARG I 673 -4.78 -8.11 38.08
N ARG I 674 -4.17 -9.18 38.59
CA ARG I 674 -4.28 -10.48 37.94
C ARG I 674 -5.74 -10.92 37.83
N ALA I 675 -6.10 -11.48 36.67
CA ALA I 675 -7.49 -11.83 36.41
C ALA I 675 -7.99 -12.90 37.38
N SER I 676 -7.16 -13.90 37.65
CA SER I 676 -7.57 -15.00 38.52
C SER I 676 -7.68 -14.61 39.99
N ALA I 677 -7.25 -13.40 40.35
CA ALA I 677 -7.17 -13.01 41.75
C ALA I 677 -8.48 -12.44 42.30
N PHE I 678 -9.55 -12.40 41.51
CA PHE I 678 -10.81 -11.84 42.02
C PHE I 678 -11.56 -12.88 42.84
N SER I 679 -12.05 -13.93 42.18
CA SER I 679 -12.45 -15.18 42.83
C SER I 679 -13.56 -15.06 43.87
N THR I 680 -14.09 -13.86 44.09
CA THR I 680 -15.11 -13.65 45.11
C THR I 680 -16.17 -12.69 44.61
N PRO I 681 -17.40 -12.81 45.09
CA PRO I 681 -18.46 -11.88 44.66
C PRO I 681 -18.19 -10.43 45.04
N HIS I 682 -17.43 -10.20 46.11
CA HIS I 682 -17.21 -8.84 46.59
C HIS I 682 -16.29 -8.03 45.68
N THR I 683 -15.55 -8.69 44.79
CA THR I 683 -14.58 -8.01 43.94
C THR I 683 -15.11 -7.74 42.54
N TRP I 684 -16.40 -7.89 42.31
CA TRP I 684 -16.95 -7.59 40.99
C TRP I 684 -16.89 -6.09 40.76
N PRO I 685 -16.22 -5.62 39.71
CA PRO I 685 -16.09 -4.17 39.52
C PRO I 685 -17.40 -3.51 39.14
N ARG I 686 -17.52 -2.23 39.51
CA ARG I 686 -18.69 -1.46 39.08
C ARG I 686 -18.74 -1.29 37.58
N CYS I 687 -17.58 -1.17 36.93
CA CYS I 687 -17.56 -1.05 35.47
C CYS I 687 -18.06 -2.29 34.77
N PHE I 688 -18.05 -3.43 35.46
CA PHE I 688 -18.65 -4.65 34.94
C PHE I 688 -20.08 -4.84 35.45
N MET I 689 -20.42 -4.26 36.60
CA MET I 689 -21.80 -4.32 37.06
C MET I 689 -22.72 -3.48 36.17
N ASN I 690 -22.26 -2.29 35.79
CA ASN I 690 -23.01 -1.34 34.98
C ASN I 690 -22.24 -1.08 33.70
N ILE I 691 -22.84 -1.45 32.57
CA ILE I 691 -22.14 -1.39 31.29
C ILE I 691 -21.86 0.06 30.90
N GLN I 692 -22.71 0.99 31.33
CA GLN I 692 -22.59 2.39 30.92
C GLN I 692 -21.32 3.06 31.43
N LEU I 693 -20.68 2.52 32.47
CA LEU I 693 -19.46 3.12 32.98
C LEU I 693 -18.30 3.01 32.00
N ILE I 694 -18.40 2.10 31.03
CA ILE I 694 -17.37 1.93 30.02
C ILE I 694 -17.72 2.78 28.81
N SER I 695 -16.84 3.71 28.46
CA SER I 695 -17.11 4.62 27.35
C SER I 695 -17.01 3.89 26.03
N PRO I 696 -18.04 3.95 25.17
CA PRO I 696 -17.98 3.23 23.89
C PRO I 696 -17.07 3.87 22.86
N ILE I 697 -16.57 5.09 23.10
CA ILE I 697 -15.68 5.73 22.14
C ILE I 697 -14.22 5.69 22.57
N ASP I 698 -13.95 5.43 23.86
CA ASP I 698 -12.59 5.23 24.33
C ASP I 698 -12.30 3.80 24.74
N ALA I 699 -13.33 3.02 25.08
CA ALA I 699 -13.17 1.58 25.36
C ALA I 699 -14.23 0.77 24.60
N PRO I 700 -14.24 0.85 23.26
CA PRO I 700 -15.28 0.11 22.52
C PRO I 700 -15.12 -1.40 22.60
N ILE I 701 -13.89 -1.90 22.54
CA ILE I 701 -13.68 -3.34 22.57
C ILE I 701 -14.12 -3.92 23.91
N LEU I 702 -13.74 -3.28 25.02
CA LEU I 702 -14.17 -3.77 26.32
C LEU I 702 -15.66 -3.58 26.53
N ARG I 703 -16.25 -2.51 25.99
CA ARG I 703 -17.70 -2.35 26.03
C ARG I 703 -18.38 -3.52 25.33
N GLN I 704 -17.89 -3.87 24.13
CA GLN I 704 -18.47 -4.98 23.38
C GLN I 704 -18.30 -6.30 24.12
N TRP I 705 -17.13 -6.51 24.73
CA TRP I 705 -16.89 -7.77 25.44
C TRP I 705 -17.78 -7.88 26.67
N ALA I 706 -17.98 -6.77 27.40
CA ALA I 706 -18.89 -6.79 28.54
C ALA I 706 -20.32 -7.07 28.09
N GLU I 707 -20.74 -6.45 26.99
CA GLU I 707 -22.08 -6.70 26.47
C GLU I 707 -22.24 -8.17 26.07
N ILE I 708 -21.22 -8.74 25.43
CA ILE I 708 -21.27 -10.15 25.04
C ILE I 708 -21.36 -11.04 26.28
N ILE I 709 -20.57 -10.73 27.30
CA ILE I 709 -20.61 -11.51 28.54
C ILE I 709 -22.00 -11.47 29.15
N HIS I 710 -22.59 -10.28 29.21
CA HIS I 710 -23.93 -10.14 29.80
C HIS I 710 -24.98 -10.89 28.97
N ARG I 711 -24.89 -10.81 27.64
CA ARG I 711 -25.98 -11.27 26.80
C ARG I 711 -25.91 -12.74 26.43
N TYR I 712 -24.71 -13.31 26.31
CA TYR I 712 -24.55 -14.63 25.72
C TYR I 712 -23.96 -15.66 26.66
N TRP I 713 -23.82 -15.35 27.94
CA TRP I 713 -23.37 -16.36 28.90
C TRP I 713 -24.43 -17.44 29.05
N PRO I 714 -24.04 -18.71 29.09
CA PRO I 714 -25.03 -19.78 29.25
C PRO I 714 -25.78 -19.67 30.56
N ASN I 715 -27.06 -20.02 30.51
CA ASN I 715 -27.94 -19.92 31.68
C ASN I 715 -28.34 -21.31 32.18
N PRO I 716 -28.59 -21.45 33.48
CA PRO I 716 -28.84 -22.79 34.03
C PRO I 716 -30.18 -23.36 33.60
N SER I 717 -30.31 -24.67 33.80
CA SER I 717 -31.54 -25.40 33.54
C SER I 717 -31.62 -26.51 34.57
N GLN I 718 -32.49 -27.50 34.32
CA GLN I 718 -32.71 -28.56 35.30
C GLN I 718 -33.10 -29.83 34.56
N ILE I 719 -32.99 -30.95 35.26
CA ILE I 719 -33.35 -32.25 34.72
C ILE I 719 -33.77 -33.16 35.88
N ARG I 720 -34.67 -34.09 35.59
CA ARG I 720 -35.25 -34.97 36.60
C ARG I 720 -34.48 -36.28 36.66
N TYR I 721 -34.40 -36.86 37.87
CA TYR I 721 -33.68 -38.10 38.07
C TYR I 721 -34.17 -38.78 39.33
N GLY I 722 -33.85 -40.07 39.45
CA GLY I 722 -34.09 -40.80 40.68
C GLY I 722 -35.53 -41.25 40.84
N THR I 723 -35.76 -42.02 41.89
CA THR I 723 -37.08 -42.55 42.22
C THR I 723 -37.33 -42.42 43.73
N PRO I 724 -38.20 -41.50 44.16
CA PRO I 724 -38.52 -41.41 45.58
C PRO I 724 -39.41 -42.53 46.09
N ASN I 725 -39.97 -43.35 45.21
CA ASN I 725 -40.85 -44.42 45.64
C ASN I 725 -40.10 -45.49 46.43
N VAL I 726 -38.97 -45.95 45.90
CA VAL I 726 -38.18 -46.98 46.58
C VAL I 726 -36.96 -46.33 47.23
N PHE I 727 -36.13 -45.68 46.43
CA PHE I 727 -35.02 -44.93 47.00
C PHE I 727 -35.53 -43.67 47.69
N GLY I 728 -34.68 -43.11 48.54
CA GLY I 728 -34.97 -41.87 49.22
C GLY I 728 -34.30 -40.68 48.53
N SER I 729 -34.94 -39.53 48.60
CA SER I 729 -34.38 -38.32 48.02
C SER I 729 -33.33 -37.74 48.96
N ALA I 730 -32.06 -37.81 48.56
CA ALA I 730 -30.96 -37.39 49.40
C ALA I 730 -30.57 -35.93 49.21
N ASN I 731 -30.96 -35.30 48.12
CA ASN I 731 -30.58 -33.93 47.87
C ASN I 731 -31.31 -32.97 48.80
N LEU I 732 -30.67 -31.84 49.09
CA LEU I 732 -31.24 -30.83 49.95
C LEU I 732 -30.74 -29.47 49.48
N PHE I 733 -31.44 -28.41 49.95
CA PHE I 733 -31.38 -27.05 49.44
C PHE I 733 -32.05 -26.92 48.09
N THR I 734 -32.52 -28.02 47.50
CA THR I 734 -33.24 -28.08 46.25
C THR I 734 -34.45 -28.96 46.43
N PRO I 735 -35.49 -28.79 45.62
CA PRO I 735 -36.63 -29.70 45.71
C PRO I 735 -36.21 -31.11 45.40
N PRO I 736 -36.90 -32.10 45.98
CA PRO I 736 -36.52 -33.49 45.72
C PRO I 736 -36.67 -33.86 44.25
N GLU I 737 -35.86 -34.82 43.82
CA GLU I 737 -35.91 -35.52 42.54
C GLU I 737 -35.31 -34.68 41.39
N VAL I 738 -34.88 -33.45 41.63
CA VAL I 738 -34.38 -32.57 40.57
C VAL I 738 -32.86 -32.54 40.61
N LEU I 739 -32.26 -32.25 39.45
CA LEU I 739 -30.82 -32.10 39.30
C LEU I 739 -30.54 -30.85 38.48
N LEU I 740 -29.66 -29.99 38.98
CA LEU I 740 -29.32 -28.74 38.32
C LEU I 740 -28.03 -28.87 37.54
N LEU I 741 -27.84 -27.96 36.59
CA LEU I 741 -26.65 -27.94 35.74
C LEU I 741 -26.47 -26.54 35.17
N PRO I 742 -25.22 -26.07 35.02
CA PRO I 742 -24.99 -24.68 34.60
C PRO I 742 -25.52 -24.35 33.21
N ILE I 743 -25.51 -25.29 32.28
CA ILE I 743 -25.90 -25.02 30.91
C ILE I 743 -27.33 -25.46 30.69
N ASP I 744 -28.00 -24.83 29.71
CA ASP I 744 -29.39 -25.16 29.41
C ASP I 744 -29.47 -26.51 28.71
N HIS I 745 -30.50 -27.27 29.03
CA HIS I 745 -30.71 -28.61 28.51
C HIS I 745 -31.88 -28.62 27.54
N GLN I 746 -31.63 -29.06 26.32
CA GLN I 746 -32.69 -29.22 25.31
C GLN I 746 -32.67 -30.65 24.80
N PRO I 747 -33.70 -31.44 25.05
CA PRO I 747 -33.70 -32.83 24.60
C PRO I 747 -33.75 -32.92 23.08
N ALA I 748 -33.23 -34.04 22.58
CA ALA I 748 -33.20 -34.32 21.14
C ALA I 748 -34.35 -35.25 20.78
N ASN I 749 -35.12 -34.87 19.77
CA ASN I 749 -36.28 -35.66 19.36
C ASN I 749 -35.94 -36.73 18.34
N VAL I 750 -34.70 -36.79 17.86
CA VAL I 750 -34.29 -37.79 16.88
C VAL I 750 -33.22 -38.68 17.51
N THR I 751 -33.16 -39.92 17.01
CA THR I 751 -32.18 -40.89 17.48
C THR I 751 -31.05 -41.12 16.49
N THR I 752 -30.94 -40.27 15.47
CA THR I 752 -29.86 -40.33 14.50
C THR I 752 -29.25 -38.94 14.36
N PRO I 753 -28.57 -38.46 15.39
CA PRO I 753 -28.13 -37.07 15.41
C PRO I 753 -27.08 -36.77 14.35
N THR I 754 -27.10 -35.51 13.88
CA THR I 754 -26.13 -35.01 12.93
C THR I 754 -25.82 -33.57 13.29
N LEU I 755 -24.92 -32.95 12.53
CA LEU I 755 -24.39 -31.65 12.89
C LEU I 755 -25.49 -30.60 13.02
N ASP I 756 -25.34 -29.74 14.02
CA ASP I 756 -26.29 -28.65 14.27
C ASP I 756 -25.53 -27.49 14.88
N PHE I 757 -25.73 -26.30 14.33
CA PHE I 757 -25.02 -25.10 14.76
C PHE I 757 -25.90 -24.16 15.58
N THR I 758 -27.02 -24.65 16.12
CA THR I 758 -28.00 -23.82 16.80
C THR I 758 -28.03 -24.19 18.28
N ASN I 759 -27.15 -23.58 19.05
CA ASN I 759 -27.11 -23.77 20.51
C ASN I 759 -26.16 -22.77 21.13
N GLU I 760 -26.29 -22.62 22.45
CA GLU I 760 -25.56 -21.57 23.16
C GLU I 760 -24.06 -21.79 23.09
N LEU I 761 -23.61 -23.04 23.19
CA LEU I 761 -22.18 -23.31 23.25
C LEU I 761 -21.48 -23.16 21.92
N THR I 762 -22.22 -23.01 20.82
CA THR I 762 -21.65 -22.62 19.54
C THR I 762 -21.84 -21.14 19.26
N ASN I 763 -22.96 -20.56 19.69
CA ASN I 763 -23.13 -19.13 19.58
C ASN I 763 -22.06 -18.39 20.38
N TRP I 764 -21.66 -18.95 21.52
CA TRP I 764 -20.63 -18.31 22.33
C TRP I 764 -19.30 -18.24 21.58
N ARG I 765 -18.88 -19.36 20.97
CA ARG I 765 -17.65 -19.36 20.19
C ARG I 765 -17.76 -18.44 18.98
N ALA I 766 -18.91 -18.43 18.31
CA ALA I 766 -19.10 -17.54 17.18
C ALA I 766 -18.96 -16.08 17.61
N ARG I 767 -19.53 -15.72 18.75
CA ARG I 767 -19.44 -14.34 19.23
C ARG I 767 -18.02 -13.98 19.64
N VAL I 768 -17.30 -14.93 20.25
CA VAL I 768 -15.90 -14.68 20.60
C VAL I 768 -15.07 -14.42 19.34
N CYS I 769 -15.27 -15.25 18.31
CA CYS I 769 -14.55 -15.05 17.06
C CYS I 769 -14.93 -13.73 16.41
N GLU I 770 -16.21 -13.36 16.46
CA GLU I 770 -16.64 -12.08 15.91
C GLU I 770 -15.98 -10.91 16.64
N LEU I 771 -15.91 -10.99 17.97
CA LEU I 771 -15.25 -9.94 18.73
C LEU I 771 -13.77 -9.85 18.38
N MET I 772 -13.11 -10.99 18.24
CA MET I 772 -11.69 -10.96 17.88
C MET I 772 -11.48 -10.39 16.48
N LYS I 773 -12.36 -10.73 15.54
CA LYS I 773 -12.27 -10.14 14.21
C LYS I 773 -12.47 -8.63 14.26
N ASN I 774 -13.42 -8.16 15.06
CA ASN I 774 -13.63 -6.73 15.20
C ASN I 774 -12.41 -6.04 15.80
N LEU I 775 -11.76 -6.70 16.77
CA LEU I 775 -10.53 -6.16 17.34
C LEU I 775 -9.42 -6.08 16.30
N VAL I 776 -9.27 -7.13 15.48
CA VAL I 776 -8.22 -7.14 14.47
C VAL I 776 -8.48 -6.06 13.42
N ASP I 777 -9.75 -5.81 13.09
CA ASP I 777 -10.10 -4.85 12.05
C ASP I 777 -10.20 -3.42 12.60
N ASN I 778 -9.54 -3.12 13.71
CA ASN I 778 -9.59 -1.79 14.30
C ASN I 778 -8.55 -0.87 13.65
N GLN I 779 -8.95 0.37 13.41
CA GLN I 779 -8.05 1.32 12.77
C GLN I 779 -6.89 1.71 13.68
N ARG I 780 -7.07 1.61 15.00
CA ARG I 780 -6.01 1.92 15.95
C ARG I 780 -5.05 0.75 16.15
N TYR I 781 -5.33 -0.41 15.56
CA TYR I 781 -4.54 -1.61 15.75
C TYR I 781 -4.03 -2.23 14.46
N GLN I 782 -4.80 -2.15 13.38
CA GLN I 782 -4.40 -2.80 12.13
C GLN I 782 -3.08 -2.27 11.57
N PRO I 783 -2.79 -0.96 11.52
CA PRO I 783 -1.52 -0.51 10.92
C PRO I 783 -0.29 -1.04 11.63
N GLY I 784 -0.40 -1.49 12.88
CA GLY I 784 0.73 -2.10 13.55
C GLY I 784 1.11 -3.46 13.00
N TRP I 785 0.21 -4.09 12.25
CA TRP I 785 0.45 -5.40 11.66
C TRP I 785 0.63 -5.27 10.16
N THR I 786 1.59 -5.99 9.62
CA THR I 786 1.86 -5.96 8.18
C THR I 786 0.67 -6.51 7.40
N GLN I 787 0.71 -6.30 6.09
CA GLN I 787 -0.38 -6.77 5.24
C GLN I 787 -0.32 -8.28 5.07
N SER I 788 -1.50 -8.86 4.84
CA SER I 788 -1.75 -10.28 4.61
C SER I 788 -1.62 -11.08 5.90
N LEU I 789 -1.07 -10.48 6.96
CA LEU I 789 -1.18 -11.12 8.26
C LEU I 789 -2.58 -10.95 8.83
N VAL I 790 -3.18 -9.77 8.60
CA VAL I 790 -4.58 -9.58 8.93
C VAL I 790 -5.45 -10.54 8.11
N SER I 791 -5.08 -10.77 6.85
CA SER I 791 -5.81 -11.72 6.02
C SER I 791 -5.70 -13.14 6.58
N SER I 792 -4.50 -13.54 7.01
CA SER I 792 -4.33 -14.85 7.62
C SER I 792 -5.14 -14.95 8.91
N MET I 793 -5.16 -13.89 9.71
CA MET I 793 -5.95 -13.88 10.93
C MET I 793 -7.44 -14.05 10.63
N ARG I 794 -7.93 -13.30 9.64
CA ARG I 794 -9.35 -13.38 9.30
C ARG I 794 -9.70 -14.77 8.80
N GLY I 795 -8.84 -15.36 7.96
CA GLY I 795 -9.08 -16.72 7.50
C GLY I 795 -9.08 -17.71 8.64
N THR I 796 -8.11 -17.61 9.54
CA THR I 796 -8.03 -18.53 10.67
C THR I 796 -9.25 -18.42 11.57
N LEU I 797 -9.68 -17.18 11.87
CA LEU I 797 -10.83 -17.00 12.76
C LEU I 797 -12.11 -17.48 12.10
N GLY I 798 -12.33 -17.13 10.83
CA GLY I 798 -13.53 -17.57 10.13
C GLY I 798 -13.56 -19.06 9.88
N LYS I 799 -12.40 -19.70 9.83
CA LYS I 799 -12.31 -21.15 9.67
C LYS I 799 -12.51 -21.88 10.99
N LEU I 800 -11.99 -21.31 12.08
CA LEU I 800 -12.16 -21.90 13.41
C LEU I 800 -13.56 -21.68 13.96
N LYS I 801 -14.26 -20.65 13.50
CA LYS I 801 -15.65 -20.45 13.91
C LYS I 801 -16.59 -21.43 13.23
N LEU I 802 -16.16 -22.06 12.13
CA LEU I 802 -16.98 -23.01 11.39
C LEU I 802 -16.50 -24.46 11.60
N ILE I 803 -15.80 -24.71 12.69
CA ILE I 803 -15.29 -26.05 12.97
C ILE I 803 -16.47 -26.97 13.27
N LYS I 804 -16.32 -28.25 12.92
CA LYS I 804 -17.38 -29.24 13.06
C LYS I 804 -17.14 -30.06 14.33
N SER I 805 -17.50 -29.48 15.46
CA SER I 805 -17.34 -30.11 16.76
C SER I 805 -18.70 -30.59 17.26
N MET I 806 -18.76 -31.86 17.64
CA MET I 806 -20.00 -32.44 18.17
C MET I 806 -20.21 -32.10 19.64
N THR I 807 -19.17 -31.62 20.32
CA THR I 807 -19.26 -31.39 21.76
C THR I 807 -20.29 -30.35 22.17
N PRO I 808 -20.42 -29.19 21.52
CA PRO I 808 -21.45 -28.22 21.96
C PRO I 808 -22.86 -28.78 21.91
N MET I 809 -23.18 -29.59 20.91
CA MET I 809 -24.51 -30.20 20.85
C MET I 809 -24.63 -31.36 21.84
N TYR I 810 -23.56 -32.14 22.00
CA TYR I 810 -23.57 -33.24 22.96
C TYR I 810 -23.85 -32.72 24.36
N LEU I 811 -23.18 -31.63 24.75
CA LEU I 811 -23.28 -31.14 26.12
C LEU I 811 -24.70 -30.72 26.47
N GLN I 812 -25.51 -30.34 25.48
CA GLN I 812 -26.89 -29.97 25.75
C GLN I 812 -27.88 -31.09 25.52
N GLN I 813 -27.56 -32.08 24.69
CA GLN I 813 -28.53 -33.12 24.35
C GLN I 813 -28.31 -34.44 25.06
N LEU I 814 -27.08 -34.90 25.22
CA LEU I 814 -26.82 -36.21 25.79
C LEU I 814 -26.10 -36.17 27.13
N ALA I 815 -25.32 -35.13 27.39
CA ALA I 815 -24.65 -35.03 28.70
C ALA I 815 -25.63 -34.91 29.86
N PRO I 816 -26.65 -34.04 29.82
CA PRO I 816 -27.56 -33.96 30.97
C PRO I 816 -28.29 -35.25 31.27
N VAL I 817 -28.79 -35.94 30.24
CA VAL I 817 -29.51 -37.19 30.48
C VAL I 817 -28.55 -38.27 30.99
N GLU I 818 -27.31 -38.28 30.48
CA GLU I 818 -26.32 -39.22 30.97
C GLU I 818 -26.03 -39.00 32.45
N LEU I 819 -25.84 -37.74 32.84
CA LEU I 819 -25.59 -37.43 34.24
C LEU I 819 -26.79 -37.78 35.10
N ALA I 820 -28.00 -37.51 34.60
CA ALA I 820 -29.20 -37.82 35.36
C ALA I 820 -29.36 -39.31 35.57
N VAL I 821 -29.02 -40.12 34.57
CA VAL I 821 -29.21 -41.56 34.72
C VAL I 821 -28.06 -42.19 35.51
N ILE I 822 -26.89 -41.55 35.54
CA ILE I 822 -25.79 -42.07 36.35
C ILE I 822 -25.95 -41.67 37.82
N ALA I 823 -26.56 -40.52 38.09
CA ALA I 823 -26.60 -39.98 39.44
C ALA I 823 -27.14 -40.94 40.50
N PRO I 824 -28.24 -41.66 40.31
CA PRO I 824 -28.73 -42.54 41.39
C PRO I 824 -27.74 -43.62 41.79
N MET I 825 -26.93 -44.13 40.86
CA MET I 825 -26.00 -45.21 41.15
C MET I 825 -24.62 -44.68 41.52
N LEU I 826 -24.58 -43.88 42.57
CA LEU I 826 -23.33 -43.35 43.11
C LEU I 826 -23.30 -43.53 44.62
N PRO I 827 -22.12 -43.78 45.19
CA PRO I 827 -22.02 -43.90 46.65
C PRO I 827 -22.19 -42.58 47.38
N PHE I 828 -22.04 -41.44 46.69
CA PHE I 828 -22.19 -40.12 47.30
C PHE I 828 -23.22 -39.35 46.48
N PRO I 829 -24.44 -39.19 46.99
CA PRO I 829 -25.47 -38.52 46.21
C PRO I 829 -25.12 -37.08 45.97
N PRO I 830 -25.63 -36.49 44.89
CA PRO I 830 -25.28 -35.10 44.58
C PRO I 830 -25.70 -34.15 45.69
N PHE I 831 -24.85 -33.16 45.96
CA PHE I 831 -25.08 -32.14 46.97
C PHE I 831 -24.91 -30.78 46.29
N GLN I 832 -26.02 -30.18 45.87
CA GLN I 832 -25.99 -29.00 45.02
C GLN I 832 -26.62 -27.80 45.70
N VAL I 833 -26.09 -26.63 45.38
CA VAL I 833 -26.67 -25.34 45.76
C VAL I 833 -27.12 -24.68 44.46
N PRO I 834 -28.11 -23.79 44.48
CA PRO I 834 -28.65 -23.26 43.23
C PRO I 834 -27.59 -22.55 42.39
N TYR I 835 -27.66 -22.78 41.08
CA TYR I 835 -26.78 -22.11 40.14
C TYR I 835 -27.31 -20.70 39.84
N VAL I 836 -26.38 -19.76 39.73
CA VAL I 836 -26.70 -18.36 39.46
C VAL I 836 -25.82 -17.86 38.33
N ARG I 837 -26.43 -17.15 37.38
CA ARG I 837 -25.72 -16.71 36.19
C ARG I 837 -24.93 -15.43 36.45
N LEU I 838 -25.62 -14.34 36.77
CA LEU I 838 -24.96 -13.04 36.90
C LEU I 838 -25.56 -12.19 38.01
N ASP I 839 -26.17 -12.81 39.02
CA ASP I 839 -26.85 -12.09 40.09
C ASP I 839 -26.02 -12.21 41.37
N ARG I 840 -25.36 -11.12 41.75
CA ARG I 840 -24.54 -11.14 42.98
C ARG I 840 -25.40 -11.32 44.22
N ASP I 841 -26.65 -10.82 44.17
CA ASP I 841 -27.52 -11.00 45.31
C ASP I 841 -27.93 -12.44 45.51
N ARG I 842 -27.65 -13.32 44.55
CA ARG I 842 -28.04 -14.72 44.64
C ARG I 842 -26.89 -15.66 44.35
N VAL I 843 -25.67 -15.29 44.74
CA VAL I 843 -24.50 -16.15 44.62
C VAL I 843 -24.24 -16.82 45.96
N PRO I 844 -24.04 -18.13 46.01
CA PRO I 844 -23.70 -18.78 47.29
C PRO I 844 -22.39 -18.24 47.84
N THR I 845 -22.32 -18.11 49.16
CA THR I 845 -21.13 -17.62 49.84
C THR I 845 -20.44 -18.69 50.67
N MET I 846 -21.19 -19.40 51.51
CA MET I 846 -20.64 -20.46 52.34
C MET I 846 -21.70 -21.51 52.60
N VAL I 847 -21.25 -22.72 52.90
CA VAL I 847 -22.11 -23.82 53.31
C VAL I 847 -21.54 -24.39 54.60
N GLY I 848 -22.39 -24.55 55.61
CA GLY I 848 -21.93 -24.96 56.92
C GLY I 848 -22.80 -26.06 57.50
N VAL I 849 -22.16 -26.93 58.27
CA VAL I 849 -22.82 -28.01 58.99
C VAL I 849 -22.49 -27.88 60.48
N THR I 850 -23.51 -27.97 61.32
CA THR I 850 -23.33 -27.91 62.76
C THR I 850 -23.47 -29.30 63.36
N ARG I 851 -22.90 -29.47 64.55
CA ARG I 851 -22.97 -30.76 65.22
C ARG I 851 -23.26 -30.67 66.71
N GLN I 852 -23.57 -29.48 67.24
CA GLN I 852 -23.85 -29.33 68.65
C GLN I 852 -24.50 -27.97 68.91
N SER I 853 -25.21 -27.87 70.02
CA SER I 853 -25.71 -26.59 70.51
C SER I 853 -24.56 -25.78 71.10
N ARG I 854 -24.72 -24.46 71.10
CA ARG I 854 -23.57 -23.61 71.39
C ARG I 854 -23.30 -23.48 72.89
N ASP I 855 -24.18 -22.79 73.62
CA ASP I 855 -23.97 -22.59 75.05
C ASP I 855 -25.10 -23.15 75.90
N THR I 856 -26.32 -22.64 75.72
CA THR I 856 -27.46 -23.08 76.52
C THR I 856 -28.75 -23.25 75.72
N ILE I 857 -28.90 -22.55 74.59
CA ILE I 857 -30.17 -22.57 73.86
C ILE I 857 -30.37 -23.93 73.21
N THR I 858 -31.63 -24.37 73.17
CA THR I 858 -32.00 -25.69 72.70
C THR I 858 -32.34 -25.73 71.22
N GLN I 859 -32.98 -24.68 70.71
CA GLN I 859 -33.49 -24.70 69.33
C GLN I 859 -32.34 -24.68 68.33
N PRO I 860 -32.24 -25.67 67.45
CA PRO I 860 -31.23 -25.61 66.39
C PRO I 860 -31.40 -24.40 65.49
N ALA I 861 -32.63 -23.96 65.23
CA ALA I 861 -32.85 -22.78 64.40
C ALA I 861 -32.21 -21.54 65.01
N LEU I 862 -32.01 -21.54 66.33
CA LEU I 862 -31.35 -20.44 66.99
C LEU I 862 -29.86 -20.67 67.20
N SER I 863 -29.44 -21.93 67.38
CA SER I 863 -28.04 -22.23 67.64
C SER I 863 -27.22 -22.47 66.38
N LEU I 864 -27.85 -22.52 65.20
CA LEU I 864 -27.13 -22.88 63.99
C LEU I 864 -26.25 -21.74 63.48
N SER I 865 -26.64 -20.50 63.71
CA SER I 865 -26.00 -19.37 63.04
C SER I 865 -24.52 -19.26 63.37
N THR I 866 -24.16 -19.43 64.64
CA THR I 866 -22.79 -19.20 65.10
C THR I 866 -22.17 -20.48 65.66
N THR I 867 -22.53 -21.64 65.08
CA THR I 867 -21.96 -22.90 65.52
C THR I 867 -21.62 -23.83 64.36
N ASN I 868 -21.94 -23.45 63.12
CA ASN I 868 -21.71 -24.33 61.97
C ASN I 868 -20.22 -24.34 61.62
N THR I 869 -19.89 -25.03 60.54
CA THR I 869 -18.51 -25.16 60.09
C THR I 869 -18.48 -25.11 58.56
N THR I 870 -17.78 -24.14 58.01
CA THR I 870 -17.74 -23.96 56.57
C THR I 870 -17.16 -25.17 55.87
N VAL I 871 -17.76 -25.55 54.74
CA VAL I 871 -17.38 -26.73 53.98
C VAL I 871 -17.17 -26.32 52.53
N GLY I 872 -16.07 -26.78 51.94
CA GLY I 872 -15.80 -26.50 50.54
C GLY I 872 -14.31 -26.43 50.20
N VAL I 873 -13.94 -27.03 49.07
CA VAL I 873 -12.55 -27.01 48.61
C VAL I 873 -12.52 -26.65 47.13
N PRO I 874 -11.46 -26.00 46.65
CA PRO I 874 -11.36 -25.67 45.23
C PRO I 874 -10.78 -26.84 44.43
N LEU I 875 -10.73 -26.64 43.12
CA LEU I 875 -10.15 -27.62 42.21
C LEU I 875 -9.63 -26.92 40.97
N ALA I 876 -8.45 -27.32 40.52
CA ALA I 876 -7.79 -26.72 39.37
C ALA I 876 -7.91 -27.63 38.16
N LEU I 877 -8.31 -27.05 37.04
CA LEU I 877 -8.49 -27.78 35.78
C LEU I 877 -7.49 -27.28 34.75
N ASP I 878 -7.59 -27.82 33.54
CA ASP I 878 -6.72 -27.46 32.42
C ASP I 878 -7.57 -26.77 31.35
N ALA I 879 -7.40 -25.44 31.26
CA ALA I 879 -8.19 -24.67 30.31
C ALA I 879 -7.95 -25.10 28.87
N ARG I 880 -6.69 -25.33 28.51
CA ARG I 880 -6.39 -25.75 27.15
C ARG I 880 -6.88 -27.16 26.87
N ALA I 881 -6.84 -28.06 27.86
CA ALA I 881 -7.41 -29.39 27.65
C ALA I 881 -8.92 -29.30 27.42
N ILE I 882 -9.62 -28.48 28.20
CA ILE I 882 -11.05 -28.31 27.99
C ILE I 882 -11.31 -27.69 26.61
N THR I 883 -10.47 -26.75 26.20
CA THR I 883 -10.65 -26.13 24.88
C THR I 883 -10.46 -27.15 23.77
N VAL I 884 -9.45 -28.02 23.88
CA VAL I 884 -9.25 -29.05 22.87
C VAL I 884 -10.43 -30.00 22.84
N ALA I 885 -10.93 -30.39 24.02
CA ALA I 885 -12.09 -31.28 24.07
C ALA I 885 -13.32 -30.64 23.41
N LEU I 886 -13.52 -29.34 23.66
CA LEU I 886 -14.66 -28.64 23.06
C LEU I 886 -14.50 -28.52 21.54
N LEU I 887 -13.29 -28.21 21.08
CA LEU I 887 -13.09 -27.94 19.66
C LEU I 887 -13.04 -29.21 18.82
N SER I 888 -12.56 -30.32 19.39
CA SER I 888 -12.34 -31.56 18.64
C SER I 888 -13.14 -32.68 19.30
N GLY I 889 -14.32 -32.95 18.76
CA GLY I 889 -15.14 -34.05 19.21
C GLY I 889 -16.04 -34.58 18.10
N LYS I 890 -16.03 -35.90 17.89
CA LYS I 890 -16.78 -36.49 16.79
C LYS I 890 -17.59 -37.68 17.29
N TYR I 891 -18.77 -37.84 16.70
CA TYR I 891 -19.62 -39.00 16.93
C TYR I 891 -19.16 -40.17 16.08
N PRO I 892 -19.57 -41.39 16.42
CA PRO I 892 -19.34 -42.51 15.53
C PRO I 892 -20.01 -42.27 14.19
N PRO I 893 -19.45 -42.82 13.09
CA PRO I 893 -19.98 -42.47 11.76
C PRO I 893 -21.44 -42.83 11.56
N ASP I 894 -21.92 -43.91 12.17
CA ASP I 894 -23.32 -44.34 12.03
C ASP I 894 -23.73 -44.87 13.41
N LEU I 895 -24.40 -44.02 14.19
CA LEU I 895 -24.84 -44.39 15.52
C LEU I 895 -26.33 -44.08 15.68
N VAL I 896 -26.98 -44.85 16.54
CA VAL I 896 -28.34 -44.57 16.99
C VAL I 896 -28.35 -44.59 18.51
N THR I 897 -28.86 -43.52 19.11
CA THR I 897 -28.64 -43.28 20.53
C THR I 897 -29.31 -44.37 21.38
N ASN I 898 -30.54 -44.76 21.04
CA ASN I 898 -31.26 -45.74 21.85
C ASN I 898 -30.53 -47.08 21.85
N VAL I 899 -30.16 -47.57 20.67
CA VAL I 899 -29.47 -48.87 20.58
C VAL I 899 -28.11 -48.79 21.26
N TRP I 900 -27.38 -47.69 21.06
CA TRP I 900 -26.08 -47.53 21.70
C TRP I 900 -26.20 -47.59 23.21
N TYR I 901 -27.11 -46.79 23.78
CA TYR I 901 -27.24 -46.72 25.23
C TYR I 901 -27.75 -48.04 25.80
N ALA I 902 -28.62 -48.74 25.08
CA ALA I 902 -29.22 -49.97 25.60
C ALA I 902 -28.17 -51.01 25.97
N ASP I 903 -26.98 -50.96 25.35
CA ASP I 903 -25.88 -51.80 25.77
C ASP I 903 -24.78 -51.04 26.50
N ALA I 904 -24.67 -49.73 26.31
CA ALA I 904 -23.64 -48.97 27.01
C ALA I 904 -23.94 -48.81 28.49
N ILE I 905 -25.22 -48.87 28.89
CA ILE I 905 -25.59 -48.65 30.28
C ILE I 905 -26.20 -49.89 30.92
N TYR I 906 -26.48 -50.94 30.15
CA TYR I 906 -27.04 -52.16 30.73
C TYR I 906 -26.16 -52.80 31.80
N PRO I 907 -24.84 -52.95 31.60
CA PRO I 907 -24.03 -53.63 32.64
C PRO I 907 -24.04 -52.95 34.00
N MET I 908 -24.30 -51.63 34.05
CA MET I 908 -24.32 -50.95 35.35
C MET I 908 -25.45 -51.45 36.23
N TYR I 909 -26.64 -51.60 35.67
CA TYR I 909 -27.81 -51.84 36.50
C TYR I 909 -27.94 -53.33 36.85
N ALA I 910 -26.86 -53.89 37.39
CA ALA I 910 -26.87 -55.21 37.98
C ALA I 910 -26.19 -55.24 39.34
N ASP I 911 -25.82 -54.09 39.89
CA ASP I 911 -25.15 -53.99 41.17
C ASP I 911 -26.14 -53.72 42.28
N THR I 912 -25.83 -54.24 43.47
CA THR I 912 -26.68 -54.08 44.64
C THR I 912 -26.08 -53.14 45.68
N GLU I 913 -24.97 -52.46 45.35
CA GLU I 913 -24.40 -51.51 46.30
C GLU I 913 -25.32 -50.31 46.51
N VAL I 914 -26.15 -49.99 45.52
CA VAL I 914 -27.10 -48.88 45.69
C VAL I 914 -28.14 -49.21 46.76
N PHE I 915 -28.40 -50.49 47.01
CA PHE I 915 -29.27 -50.91 48.11
C PHE I 915 -28.49 -51.11 49.40
N SER I 916 -27.26 -51.62 49.29
CA SER I 916 -26.40 -51.73 50.47
C SER I 916 -26.15 -50.38 51.12
N ASN I 917 -26.10 -49.32 50.31
CA ASN I 917 -25.92 -47.97 50.86
C ASN I 917 -27.09 -47.59 51.75
N LEU I 918 -28.32 -47.87 51.31
CA LEU I 918 -29.48 -47.61 52.15
C LEU I 918 -29.47 -48.49 53.41
N GLN I 919 -29.05 -49.74 53.25
CA GLN I 919 -28.88 -50.60 54.41
C GLN I 919 -28.00 -49.94 55.46
N ARG I 920 -26.85 -49.40 55.04
CA ARG I 920 -25.96 -48.69 55.97
C ARG I 920 -26.59 -47.39 56.47
N ASP I 921 -27.37 -46.73 55.62
CA ASP I 921 -28.04 -45.49 56.01
C ASP I 921 -28.96 -45.72 57.20
N VAL I 922 -29.58 -46.89 57.25
CA VAL I 922 -30.41 -47.25 58.40
C VAL I 922 -29.61 -47.15 59.69
N ILE I 923 -28.55 -47.95 59.80
CA ILE I 923 -27.78 -48.03 61.03
C ILE I 923 -27.09 -46.73 61.37
N THR I 924 -26.74 -45.90 60.40
CA THR I 924 -26.12 -44.62 60.76
C THR I 924 -27.04 -43.79 61.66
N CYS I 925 -28.26 -43.53 61.20
CA CYS I 925 -29.20 -42.75 61.99
C CYS I 925 -29.64 -43.49 63.24
N GLU I 926 -29.82 -44.81 63.14
CA GLU I 926 -30.22 -45.58 64.31
C GLU I 926 -29.16 -45.51 65.40
N ALA I 927 -27.88 -45.54 65.01
CA ALA I 927 -26.79 -45.46 65.97
C ALA I 927 -26.69 -44.06 66.57
N VAL I 928 -26.89 -43.01 65.77
CA VAL I 928 -26.80 -41.67 66.37
C VAL I 928 -27.95 -41.46 67.36
N GLN I 929 -29.15 -41.97 67.05
CA GLN I 929 -30.25 -41.89 68.00
C GLN I 929 -29.96 -42.68 69.25
N THR I 930 -29.41 -43.89 69.11
CA THR I 930 -29.05 -44.68 70.28
C THR I 930 -28.01 -43.95 71.13
N LEU I 931 -27.03 -43.32 70.48
CA LEU I 931 -26.01 -42.59 71.21
C LEU I 931 -26.59 -41.45 72.02
N VAL I 932 -27.46 -40.64 71.40
CA VAL I 932 -28.02 -39.51 72.13
C VAL I 932 -28.91 -39.99 73.25
N THR I 933 -29.68 -41.06 73.02
CA THR I 933 -30.54 -41.60 74.07
C THR I 933 -29.72 -42.10 75.25
N LEU I 934 -28.61 -42.79 74.98
CA LEU I 934 -27.78 -43.32 76.06
C LEU I 934 -27.07 -42.20 76.81
N VAL I 935 -26.55 -41.20 76.09
CA VAL I 935 -25.84 -40.11 76.75
C VAL I 935 -26.79 -39.28 77.59
N ALA I 936 -28.06 -39.19 77.19
CA ALA I 936 -29.01 -38.42 78.00
C ALA I 936 -29.31 -39.06 79.37
N GLN I 937 -28.67 -40.16 79.77
CA GLN I 937 -28.95 -40.80 81.05
C GLN I 937 -27.96 -40.43 82.15
N ILE I 938 -26.68 -40.24 81.81
CA ILE I 938 -25.66 -39.95 82.82
C ILE I 938 -25.38 -38.46 82.94
N SER I 939 -26.12 -37.62 82.22
CA SER I 939 -25.97 -36.18 82.29
C SER I 939 -27.31 -35.54 81.91
N GLU I 940 -27.29 -34.22 81.71
CA GLU I 940 -28.48 -33.49 81.30
C GLU I 940 -28.30 -32.99 79.88
N THR I 941 -29.33 -33.20 79.05
CA THR I 941 -29.28 -32.77 77.66
C THR I 941 -30.47 -31.87 77.33
N GLN I 942 -30.60 -31.47 76.07
CA GLN I 942 -31.75 -30.69 75.63
C GLN I 942 -32.89 -31.56 75.12
N TYR I 943 -32.68 -32.86 75.00
CA TYR I 943 -33.68 -33.76 74.43
C TYR I 943 -34.57 -34.31 75.55
N PRO I 944 -35.89 -34.33 75.37
CA PRO I 944 -36.78 -34.85 76.41
C PRO I 944 -36.79 -36.37 76.42
N VAL I 945 -36.21 -36.95 77.47
CA VAL I 945 -36.16 -38.38 77.65
C VAL I 945 -36.49 -38.71 79.09
N ASP I 946 -36.97 -39.93 79.32
CA ASP I 946 -37.24 -40.44 80.66
C ASP I 946 -36.04 -41.25 81.14
N ARG I 947 -35.77 -41.18 82.44
CA ARG I 947 -34.67 -41.90 83.05
C ARG I 947 -35.19 -42.73 84.22
N TYR I 948 -34.79 -44.01 84.26
CA TYR I 948 -35.23 -44.93 85.29
C TYR I 948 -34.11 -45.37 86.22
N LEU I 949 -32.85 -45.26 85.78
CA LEU I 949 -31.71 -45.69 86.59
C LEU I 949 -31.12 -44.50 87.33
N ASP I 950 -31.94 -43.91 88.21
CA ASP I 950 -31.49 -42.86 89.10
C ASP I 950 -31.09 -43.38 90.47
N TRP I 951 -31.67 -44.49 90.91
CA TRP I 951 -31.27 -45.09 92.18
C TRP I 951 -29.88 -45.69 92.12
N ILE I 952 -29.37 -45.99 90.93
CA ILE I 952 -27.99 -46.41 90.75
C ILE I 952 -27.10 -45.19 90.95
N PRO I 953 -26.13 -45.24 91.86
CA PRO I 953 -25.26 -44.08 92.07
C PRO I 953 -24.35 -43.85 90.88
N SER I 954 -24.04 -42.57 90.64
CA SER I 954 -23.12 -42.19 89.58
C SER I 954 -22.54 -40.82 89.89
N LEU I 955 -21.35 -40.57 89.34
CA LEU I 955 -20.67 -39.31 89.56
C LEU I 955 -21.19 -38.25 88.60
N ARG I 956 -20.71 -37.01 88.82
CA ARG I 956 -21.08 -35.89 87.94
C ARG I 956 -20.21 -35.95 86.70
N ALA I 957 -20.83 -36.22 85.55
CA ALA I 957 -20.09 -36.50 84.33
C ALA I 957 -19.38 -35.26 83.82
N SER I 958 -18.12 -35.42 83.45
CA SER I 958 -17.32 -34.36 82.85
C SER I 958 -17.47 -34.41 81.33
N ALA I 959 -16.63 -33.66 80.62
CA ALA I 959 -16.63 -33.67 79.17
C ALA I 959 -15.89 -34.86 78.58
N ALA I 960 -15.08 -35.56 79.37
CA ALA I 960 -14.35 -36.72 78.88
C ALA I 960 -15.05 -38.04 79.19
N THR I 961 -15.81 -38.09 80.29
CA THR I 961 -16.57 -39.28 80.60
C THR I 961 -17.59 -39.58 79.51
N ALA I 962 -18.30 -38.55 79.05
CA ALA I 962 -19.26 -38.73 77.96
C ALA I 962 -18.57 -39.17 76.69
N ALA I 963 -17.40 -38.60 76.38
CA ALA I 963 -16.67 -38.99 75.18
C ALA I 963 -16.24 -40.45 75.23
N THR I 964 -15.72 -40.90 76.38
CA THR I 964 -15.30 -42.29 76.49
C THR I 964 -16.51 -43.23 76.45
N PHE I 965 -17.62 -42.85 77.10
CA PHE I 965 -18.83 -43.66 77.02
C PHE I 965 -19.33 -43.78 75.59
N ALA I 966 -19.31 -42.67 74.85
CA ALA I 966 -19.74 -42.69 73.46
C ALA I 966 -18.80 -43.54 72.61
N GLU I 967 -17.50 -43.49 72.88
CA GLU I 967 -16.56 -44.34 72.16
C GLU I 967 -16.83 -45.81 72.42
N TRP I 968 -17.12 -46.17 73.68
CA TRP I 968 -17.47 -47.55 74.00
C TRP I 968 -18.75 -47.96 73.28
N VAL I 969 -19.75 -47.08 73.26
CA VAL I 969 -21.00 -47.37 72.57
C VAL I 969 -20.75 -47.59 71.09
N ASN I 970 -19.93 -46.74 70.47
CA ASN I 970 -19.61 -46.90 69.05
C ASN I 970 -18.87 -48.21 68.79
N THR I 971 -17.94 -48.57 69.66
CA THR I 971 -17.22 -49.83 69.49
C THR I 971 -18.17 -51.02 69.58
N SER I 972 -19.09 -50.99 70.54
CA SER I 972 -20.07 -52.07 70.65
C SER I 972 -20.98 -52.12 69.42
N MET I 973 -21.42 -50.94 68.95
CA MET I 973 -22.32 -50.87 67.81
C MET I 973 -21.62 -51.22 66.50
N LYS I 974 -20.29 -51.21 66.49
CA LYS I 974 -19.54 -51.70 65.34
C LYS I 974 -19.31 -53.21 65.40
N THR I 975 -18.90 -53.71 66.58
CA THR I 975 -18.72 -55.16 66.75
C THR I 975 -20.02 -55.89 66.46
N ALA I 976 -21.14 -55.38 66.97
CA ALA I 976 -22.42 -55.79 66.43
C ALA I 976 -22.62 -55.14 65.07
N PHE I 977 -23.27 -55.87 64.16
CA PHE I 977 -23.50 -55.46 62.78
C PHE I 977 -22.22 -55.50 61.95
N ASP I 978 -21.07 -55.71 62.59
CA ASP I 978 -19.84 -56.11 61.92
C ASP I 978 -19.47 -55.08 60.83
N LEU I 979 -19.12 -53.88 61.29
CA LEU I 979 -18.56 -52.84 60.43
C LEU I 979 -17.11 -52.61 60.81
N SER I 980 -16.22 -52.65 59.83
CA SER I 980 -14.79 -52.43 60.04
C SER I 980 -14.35 -51.03 59.63
N ASP I 981 -15.29 -50.15 59.29
CA ASP I 981 -14.99 -48.79 58.91
C ASP I 981 -15.61 -47.82 59.92
N MET I 982 -15.32 -46.54 59.75
CA MET I 982 -15.77 -45.54 60.71
C MET I 982 -17.29 -45.37 60.66
N LEU I 983 -17.92 -45.47 61.82
CA LEU I 983 -19.36 -45.22 61.98
C LEU I 983 -19.54 -44.33 63.20
N LEU I 984 -20.30 -43.25 63.03
CA LEU I 984 -20.69 -42.32 64.08
C LEU I 984 -19.50 -41.53 64.62
N GLU I 985 -18.27 -41.84 64.17
CA GLU I 985 -17.10 -41.09 64.62
C GLU I 985 -17.13 -39.59 64.31
N PRO I 986 -17.59 -39.12 63.14
CA PRO I 986 -17.43 -37.68 62.83
C PRO I 986 -18.07 -36.74 63.84
N LEU I 987 -19.09 -37.19 64.56
CA LEU I 987 -19.77 -36.33 65.52
C LEU I 987 -19.20 -36.43 66.93
N LEU I 988 -18.08 -37.12 67.11
CA LEU I 988 -17.35 -37.12 68.38
C LEU I 988 -16.25 -36.08 68.45
N SER I 989 -15.99 -35.36 67.36
CA SER I 989 -15.01 -34.28 67.43
C SER I 989 -15.47 -33.19 68.40
N GLY I 990 -16.77 -32.96 68.49
CA GLY I 990 -17.34 -32.04 69.46
C GLY I 990 -17.79 -32.75 70.72
N ASP I 991 -18.55 -32.02 71.53
CA ASP I 991 -19.05 -32.56 72.78
C ASP I 991 -20.24 -33.47 72.52
N PRO I 992 -20.18 -34.75 72.92
CA PRO I 992 -21.32 -35.65 72.67
C PRO I 992 -22.54 -35.37 73.52
N ARG I 993 -22.43 -34.51 74.54
CA ARG I 993 -23.56 -34.29 75.44
C ARG I 993 -24.68 -33.49 74.78
N MET I 994 -24.36 -32.62 73.84
CA MET I 994 -25.33 -31.70 73.26
C MET I 994 -25.34 -31.81 71.73
N THR I 995 -25.38 -33.05 71.23
CA THR I 995 -25.33 -33.27 69.79
C THR I 995 -26.61 -32.80 69.11
N GLN I 996 -26.46 -32.38 67.86
CA GLN I 996 -27.57 -32.02 66.99
C GLN I 996 -27.05 -32.00 65.57
N LEU I 997 -27.96 -32.15 64.61
CA LEU I 997 -27.60 -32.12 63.19
C LEU I 997 -28.43 -31.08 62.47
N ALA I 998 -27.75 -30.17 61.79
CA ALA I 998 -28.41 -29.14 60.98
C ALA I 998 -27.39 -28.59 59.99
N ILE I 999 -27.89 -27.96 58.94
CA ILE I 999 -27.06 -27.49 57.85
C ILE I 999 -27.69 -26.24 57.25
N GLN I 1000 -26.85 -25.31 56.81
CA GLN I 1000 -27.33 -24.11 56.14
C GLN I 1000 -26.32 -23.69 55.09
N TYR I 1001 -26.76 -22.84 54.17
CA TYR I 1001 -25.88 -22.15 53.25
C TYR I 1001 -26.29 -20.69 53.19
N GLN I 1002 -25.34 -19.79 53.39
CA GLN I 1002 -25.65 -18.38 53.47
C GLN I 1002 -25.63 -17.73 52.09
N GLN I 1003 -26.59 -16.86 51.85
CA GLN I 1003 -26.66 -16.09 50.63
C GLN I 1003 -25.78 -14.85 50.76
N TYR I 1004 -25.39 -14.28 49.61
CA TYR I 1004 -24.47 -13.15 49.63
C TYR I 1004 -25.08 -11.95 50.35
N ASN I 1005 -26.37 -11.70 50.13
CA ASN I 1005 -27.02 -10.53 50.72
C ASN I 1005 -27.56 -10.79 52.13
N GLY I 1006 -27.02 -11.78 52.83
CA GLY I 1006 -27.36 -12.04 54.21
C GLY I 1006 -28.44 -13.08 54.42
N ARG I 1007 -29.11 -13.53 53.36
CA ARG I 1007 -30.14 -14.55 53.52
C ARG I 1007 -29.52 -15.88 53.92
N THR I 1008 -30.14 -16.56 54.88
CA THR I 1008 -29.69 -17.86 55.34
C THR I 1008 -30.79 -18.88 55.11
N PHE I 1009 -30.50 -19.91 54.33
CA PHE I 1009 -31.40 -21.02 54.09
C PHE I 1009 -30.86 -22.23 54.84
N ASN I 1010 -31.67 -22.78 55.75
CA ASN I 1010 -31.24 -23.89 56.59
C ASN I 1010 -32.22 -25.03 56.48
N VAL I 1011 -31.69 -26.25 56.60
CA VAL I 1011 -32.51 -27.46 56.59
C VAL I 1011 -32.23 -28.21 57.90
N ILE I 1012 -33.27 -28.43 58.68
CA ILE I 1012 -33.17 -29.15 59.94
C ILE I 1012 -34.03 -30.41 59.82
N PRO I 1013 -33.41 -31.55 59.53
CA PRO I 1013 -34.18 -32.78 59.38
C PRO I 1013 -34.71 -33.28 60.72
N GLU I 1014 -35.94 -33.81 60.69
CA GLU I 1014 -36.49 -34.42 61.88
C GLU I 1014 -35.77 -35.74 62.17
N MET I 1015 -35.78 -36.14 63.44
CA MET I 1015 -35.09 -37.35 63.84
C MET I 1015 -36.09 -38.51 63.86
N PRO I 1016 -35.99 -39.47 62.94
CA PRO I 1016 -36.90 -40.62 62.98
C PRO I 1016 -36.56 -41.53 64.14
N GLY I 1017 -37.61 -42.01 64.81
CA GLY I 1017 -37.39 -42.88 65.96
C GLY I 1017 -36.73 -44.19 65.55
N SER I 1018 -35.73 -44.59 66.32
CA SER I 1018 -35.03 -45.86 66.13
C SER I 1018 -35.69 -46.94 66.98
N VAL I 1019 -35.28 -48.18 66.73
CA VAL I 1019 -35.87 -49.32 67.44
C VAL I 1019 -34.93 -49.79 68.54
N ILE I 1020 -33.62 -49.63 68.33
CA ILE I 1020 -32.66 -50.05 69.35
C ILE I 1020 -32.80 -49.18 70.61
N ALA I 1021 -33.01 -47.87 70.42
CA ALA I 1021 -33.21 -46.99 71.57
C ALA I 1021 -34.47 -47.37 72.34
N ASP I 1022 -35.55 -47.68 71.63
CA ASP I 1022 -36.78 -48.10 72.29
C ASP I 1022 -36.58 -49.40 73.05
N CYS I 1023 -35.87 -50.36 72.44
CA CYS I 1023 -35.61 -51.62 73.11
C CYS I 1023 -34.74 -51.42 74.36
N VAL I 1024 -33.75 -50.52 74.27
CA VAL I 1024 -32.91 -50.23 75.43
C VAL I 1024 -33.72 -49.60 76.54
N GLN I 1025 -34.61 -48.67 76.19
CA GLN I 1025 -35.47 -48.06 77.20
C GLN I 1025 -36.39 -49.08 77.84
N LEU I 1026 -36.94 -49.99 77.04
CA LEU I 1026 -37.78 -51.06 77.59
C LEU I 1026 -36.98 -51.97 78.52
N THR I 1027 -35.74 -52.29 78.13
CA THR I 1027 -34.89 -53.11 78.98
C THR I 1027 -34.60 -52.42 80.31
N ALA I 1028 -34.34 -51.11 80.26
CA ALA I 1028 -34.13 -50.36 81.50
C ALA I 1028 -35.40 -50.35 82.35
N GLU I 1029 -36.56 -50.20 81.71
CA GLU I 1029 -37.81 -50.22 82.45
C GLU I 1029 -38.02 -51.56 83.15
N VAL I 1030 -37.72 -52.66 82.47
CA VAL I 1030 -37.85 -53.96 83.09
C VAL I 1030 -36.84 -54.12 84.21
N PHE I 1031 -35.59 -53.69 83.97
CA PHE I 1031 -34.54 -53.81 84.98
C PHE I 1031 -34.85 -53.00 86.22
N ASN I 1032 -35.67 -51.95 86.09
CA ASN I 1032 -36.07 -51.17 87.26
C ASN I 1032 -36.74 -52.05 88.31
N HIS I 1033 -37.42 -53.10 87.87
CA HIS I 1033 -38.05 -54.07 88.77
C HIS I 1033 -37.26 -55.36 88.93
N GLU I 1034 -36.73 -55.89 87.84
CA GLU I 1034 -35.98 -57.14 87.86
C GLU I 1034 -34.48 -56.87 87.93
N TYR I 1035 -34.06 -56.27 89.05
CA TYR I 1035 -32.65 -56.00 89.26
C TYR I 1035 -31.91 -57.18 89.89
N ASN I 1036 -32.61 -58.00 90.68
CA ASN I 1036 -31.97 -59.12 91.35
C ASN I 1036 -31.49 -60.19 90.37
N LEU I 1037 -32.06 -60.24 89.17
CA LEU I 1037 -31.63 -61.24 88.20
C LEU I 1037 -30.24 -60.94 87.64
N PHE I 1038 -29.89 -59.66 87.54
CA PHE I 1038 -28.62 -59.25 86.97
C PHE I 1038 -27.52 -59.15 88.02
N GLY I 1039 -27.84 -59.31 89.30
CA GLY I 1039 -26.86 -59.24 90.37
C GLY I 1039 -26.86 -57.96 91.15
N ILE I 1040 -27.55 -56.92 90.68
CA ILE I 1040 -27.63 -55.66 91.40
C ILE I 1040 -28.76 -55.71 92.40
N ALA I 1041 -28.49 -55.33 93.64
CA ALA I 1041 -29.47 -55.38 94.72
C ALA I 1041 -29.84 -53.95 95.12
N ARG I 1042 -31.14 -53.68 95.16
CA ARG I 1042 -31.64 -52.38 95.58
C ARG I 1042 -31.56 -52.25 97.10
N GLY I 1043 -31.59 -51.00 97.57
CA GLY I 1043 -31.57 -50.72 98.99
C GLY I 1043 -30.18 -50.44 99.52
N ASP I 1044 -29.93 -50.79 100.77
CA ASP I 1044 -28.63 -50.58 101.40
C ASP I 1044 -28.47 -51.58 102.54
N ILE I 1045 -27.25 -51.68 103.05
CA ILE I 1045 -26.90 -52.71 104.01
C ILE I 1045 -26.96 -52.13 105.42
N ILE I 1046 -27.11 -53.04 106.40
CA ILE I 1046 -27.03 -52.71 107.81
C ILE I 1046 -25.99 -53.65 108.43
N ILE I 1047 -25.01 -53.08 109.11
CA ILE I 1047 -23.92 -53.84 109.71
C ILE I 1047 -24.19 -53.89 111.22
N GLY I 1048 -24.45 -55.09 111.73
CA GLY I 1048 -24.72 -55.28 113.14
C GLY I 1048 -24.78 -56.74 113.54
N ARG I 1049 -24.35 -57.03 114.76
CA ARG I 1049 -24.32 -58.42 115.22
C ARG I 1049 -25.73 -58.90 115.54
N VAL I 1050 -26.09 -60.06 114.97
CA VAL I 1050 -27.36 -60.71 115.23
C VAL I 1050 -27.07 -62.19 115.45
N GLN I 1051 -27.17 -62.64 116.70
CA GLN I 1051 -26.90 -64.03 117.07
C GLN I 1051 -28.20 -64.69 117.48
N SER I 1052 -28.68 -65.61 116.64
CA SER I 1052 -29.89 -66.37 116.93
C SER I 1052 -29.90 -67.63 116.09
N THR I 1053 -30.76 -68.57 116.48
CA THR I 1053 -30.89 -69.83 115.77
C THR I 1053 -31.98 -69.79 114.70
N HIS I 1054 -32.62 -68.66 114.50
CA HIS I 1054 -33.66 -68.56 113.48
C HIS I 1054 -33.07 -68.63 112.08
N LEU I 1055 -33.86 -69.14 111.14
CA LEU I 1055 -33.38 -69.47 109.80
C LEU I 1055 -33.87 -68.50 108.74
N TRP I 1056 -34.23 -67.27 109.12
CA TRP I 1056 -34.64 -66.30 108.12
C TRP I 1056 -33.45 -65.91 107.24
N SER I 1057 -33.74 -65.67 105.97
CA SER I 1057 -32.69 -65.28 105.04
C SER I 1057 -32.21 -63.87 105.36
N PRO I 1058 -30.90 -63.65 105.54
CA PRO I 1058 -30.42 -62.29 105.80
C PRO I 1058 -30.65 -61.35 104.64
N LEU I 1059 -30.85 -61.88 103.43
CA LEU I 1059 -31.14 -61.06 102.26
C LEU I 1059 -32.58 -60.59 102.22
N ALA I 1060 -33.46 -61.20 103.01
CA ALA I 1060 -34.84 -60.75 103.18
C ALA I 1060 -35.14 -60.70 104.67
N PRO I 1061 -34.59 -59.72 105.38
CA PRO I 1061 -34.63 -59.73 106.85
C PRO I 1061 -36.01 -59.37 107.36
N PRO I 1062 -36.32 -59.74 108.62
CA PRO I 1062 -37.59 -59.32 109.21
C PRO I 1062 -37.56 -57.82 109.49
N PRO I 1063 -38.73 -57.17 109.52
CA PRO I 1063 -38.75 -55.71 109.67
C PRO I 1063 -38.37 -55.22 111.06
N ASP I 1064 -38.40 -56.07 112.07
CA ASP I 1064 -38.12 -55.63 113.44
C ASP I 1064 -36.63 -55.50 113.74
N LEU I 1065 -35.77 -55.51 112.71
CA LEU I 1065 -34.34 -55.34 112.89
C LEU I 1065 -33.75 -54.20 112.10
N VAL I 1066 -34.50 -53.61 111.17
CA VAL I 1066 -33.98 -52.54 110.33
C VAL I 1066 -34.42 -51.19 110.88
N PHE I 1067 -33.72 -50.14 110.46
CA PHE I 1067 -34.05 -48.78 110.82
C PHE I 1067 -33.67 -47.87 109.66
N ASP I 1068 -34.22 -46.65 109.68
CA ASP I 1068 -33.99 -45.69 108.61
C ASP I 1068 -34.00 -44.29 109.21
N ARG I 1069 -33.86 -43.29 108.35
CA ARG I 1069 -33.99 -41.90 108.78
C ARG I 1069 -35.41 -41.66 109.27
N ASP I 1070 -35.52 -40.84 110.32
CA ASP I 1070 -36.69 -40.43 111.12
C ASP I 1070 -37.07 -41.50 112.15
N THR I 1071 -36.36 -42.62 112.22
CA THR I 1071 -36.61 -43.59 113.27
C THR I 1071 -36.23 -42.99 114.62
N PRO I 1072 -37.08 -43.07 115.63
CA PRO I 1072 -36.77 -42.43 116.92
C PRO I 1072 -35.54 -43.03 117.59
N GLY I 1073 -34.48 -42.23 117.71
CA GLY I 1073 -33.25 -42.68 118.34
C GLY I 1073 -32.19 -43.08 117.34
N VAL I 1074 -32.07 -42.32 116.26
CA VAL I 1074 -31.10 -42.60 115.20
C VAL I 1074 -30.28 -41.34 114.95
N HIS I 1075 -28.96 -41.50 114.90
CA HIS I 1075 -28.05 -40.38 114.69
C HIS I 1075 -27.56 -40.41 113.24
N ILE I 1076 -28.01 -39.45 112.45
CA ILE I 1076 -27.59 -39.33 111.06
C ILE I 1076 -26.29 -38.53 111.01
N PHE I 1077 -25.30 -39.05 110.30
CA PHE I 1077 -23.98 -38.46 110.25
C PHE I 1077 -23.75 -37.79 108.89
N GLY I 1078 -23.24 -36.58 108.93
CA GLY I 1078 -22.93 -35.79 107.74
C GLY I 1078 -21.48 -35.88 107.34
N ARG I 1079 -20.98 -34.82 106.72
CA ARG I 1079 -19.60 -34.76 106.26
C ARG I 1079 -18.65 -34.11 107.24
N ASP I 1080 -19.16 -33.28 108.15
CA ASP I 1080 -18.33 -32.57 109.12
C ASP I 1080 -18.20 -33.35 110.43
N CYS I 1081 -17.77 -34.60 110.34
CA CYS I 1081 -17.67 -35.49 111.49
C CYS I 1081 -16.23 -35.51 112.00
N ARG I 1082 -16.09 -35.45 113.32
CA ARG I 1082 -14.79 -35.58 113.97
C ARG I 1082 -14.93 -36.54 115.14
N ILE I 1083 -13.81 -37.15 115.53
CA ILE I 1083 -13.76 -38.10 116.63
C ILE I 1083 -12.83 -37.54 117.70
N SER I 1084 -13.31 -37.53 118.95
CA SER I 1084 -12.52 -37.07 120.08
C SER I 1084 -12.22 -38.27 120.98
N PHE I 1085 -10.94 -38.47 121.28
CA PHE I 1085 -10.54 -39.62 122.09
C PHE I 1085 -10.92 -39.41 123.55
N GLY I 1086 -11.11 -40.53 124.25
CA GLY I 1086 -11.46 -40.48 125.66
C GLY I 1086 -10.25 -40.60 126.57
N MET I 1087 -10.43 -40.14 127.80
CA MET I 1087 -9.35 -40.15 128.79
C MET I 1087 -9.87 -40.73 130.10
N ASN I 1088 -9.00 -41.45 130.80
CA ASN I 1088 -9.29 -41.97 132.14
C ASN I 1088 -10.55 -42.83 132.15
N GLY I 1089 -10.78 -43.56 131.07
CA GLY I 1089 -11.93 -44.42 130.95
C GLY I 1089 -13.15 -43.79 130.33
N ALA I 1090 -13.13 -42.48 130.06
CA ALA I 1090 -14.26 -41.84 129.41
C ALA I 1090 -14.44 -42.39 128.01
N ALA I 1091 -15.70 -42.66 127.65
CA ALA I 1091 -16.00 -43.26 126.37
C ALA I 1091 -15.65 -42.28 125.24
N PRO I 1092 -15.00 -42.77 124.18
CA PRO I 1092 -14.75 -41.90 123.02
C PRO I 1092 -16.04 -41.52 122.33
N MET I 1093 -16.04 -40.34 121.71
CA MET I 1093 -17.25 -39.80 121.10
C MET I 1093 -16.94 -39.27 119.71
N ILE I 1094 -17.96 -39.27 118.85
CA ILE I 1094 -17.87 -38.75 117.50
C ILE I 1094 -18.98 -37.72 117.31
N ARG I 1095 -18.67 -36.65 116.59
CA ARG I 1095 -19.58 -35.51 116.50
C ARG I 1095 -20.66 -35.78 115.46
N ASP I 1096 -21.92 -35.78 115.89
CA ASP I 1096 -23.04 -35.82 114.97
C ASP I 1096 -23.09 -34.52 114.17
N GLU I 1097 -23.65 -34.61 112.96
CA GLU I 1097 -23.73 -33.44 112.10
C GLU I 1097 -24.65 -32.36 112.67
N THR I 1098 -25.53 -32.72 113.61
CA THR I 1098 -26.38 -31.74 114.26
C THR I 1098 -25.66 -30.97 115.37
N GLY I 1099 -24.42 -31.32 115.67
CA GLY I 1099 -23.63 -30.62 116.66
C GLY I 1099 -23.33 -31.42 117.91
N MET I 1100 -24.08 -32.48 118.18
CA MET I 1100 -23.88 -33.26 119.39
C MET I 1100 -22.81 -34.32 119.19
N MET I 1101 -22.33 -34.87 120.31
CA MET I 1101 -21.35 -35.94 120.32
C MET I 1101 -21.93 -37.13 121.07
N VAL I 1102 -21.75 -38.32 120.51
CA VAL I 1102 -22.34 -39.53 121.07
C VAL I 1102 -21.28 -40.62 121.18
N PRO I 1103 -21.41 -41.56 122.11
CA PRO I 1103 -20.45 -42.66 122.21
C PRO I 1103 -20.64 -43.65 121.06
N PHE I 1104 -19.72 -44.62 121.00
CA PHE I 1104 -19.73 -45.64 119.95
C PHE I 1104 -20.76 -46.71 120.30
N GLU I 1105 -22.02 -46.31 120.27
CA GLU I 1105 -23.11 -47.20 120.66
C GLU I 1105 -24.41 -46.67 120.09
N GLY I 1106 -25.29 -47.59 119.67
CA GLY I 1106 -26.60 -47.24 119.17
C GLY I 1106 -26.74 -47.57 117.70
N ASN I 1107 -27.64 -46.84 117.04
CA ASN I 1107 -27.91 -47.01 115.62
C ASN I 1107 -27.44 -45.76 114.88
N TRP I 1108 -26.58 -45.95 113.90
CA TRP I 1108 -25.99 -44.85 113.14
C TRP I 1108 -26.35 -44.98 111.67
N ILE I 1109 -26.18 -43.88 110.93
CA ILE I 1109 -26.41 -43.85 109.50
C ILE I 1109 -25.23 -43.13 108.85
N PHE I 1110 -24.55 -43.82 107.94
CA PHE I 1110 -23.44 -43.27 107.19
C PHE I 1110 -23.72 -43.32 105.69
N PRO I 1111 -23.52 -42.22 104.98
CA PRO I 1111 -23.36 -42.32 103.52
C PRO I 1111 -22.10 -43.11 103.21
N LEU I 1112 -22.13 -43.83 102.08
CA LEU I 1112 -21.01 -44.71 101.73
C LEU I 1112 -19.72 -43.91 101.58
N ALA I 1113 -19.81 -42.68 101.07
CA ALA I 1113 -18.62 -41.88 100.81
C ALA I 1113 -17.84 -41.58 102.07
N LEU I 1114 -18.53 -41.46 103.22
CA LEU I 1114 -17.83 -41.18 104.47
C LEU I 1114 -16.84 -42.29 104.81
N TRP I 1115 -17.31 -43.54 104.81
CA TRP I 1115 -16.41 -44.67 105.04
C TRP I 1115 -15.40 -44.80 103.92
N GLN I 1116 -15.83 -44.57 102.67
CA GLN I 1116 -14.91 -44.71 101.54
C GLN I 1116 -13.76 -43.72 101.61
N MET I 1117 -13.97 -42.58 102.27
CA MET I 1117 -12.93 -41.57 102.41
C MET I 1117 -12.15 -41.69 103.72
N ASN I 1118 -12.76 -42.26 104.76
CA ASN I 1118 -12.06 -42.42 106.02
C ASN I 1118 -11.96 -43.90 106.39
N THR I 1119 -11.63 -44.73 105.40
CA THR I 1119 -11.68 -46.18 105.58
C THR I 1119 -10.72 -46.66 106.69
N ARG I 1120 -9.47 -46.19 106.68
CA ARG I 1120 -8.51 -46.74 107.63
C ARG I 1120 -8.78 -46.26 109.04
N TYR I 1121 -9.09 -44.97 109.21
CA TYR I 1121 -9.34 -44.43 110.54
C TYR I 1121 -10.61 -45.01 111.15
N PHE I 1122 -11.67 -45.14 110.34
CA PHE I 1122 -12.93 -45.67 110.86
C PHE I 1122 -12.83 -47.17 111.14
N ASN I 1123 -12.15 -47.92 110.27
CA ASN I 1123 -12.06 -49.36 110.43
C ASN I 1123 -11.24 -49.77 111.64
N GLN I 1124 -10.51 -48.85 112.26
CA GLN I 1124 -9.80 -49.16 113.49
C GLN I 1124 -10.62 -48.81 114.73
N GLN I 1125 -11.28 -47.65 114.72
CA GLN I 1125 -12.06 -47.24 115.89
C GLN I 1125 -13.35 -48.01 116.02
N PHE I 1126 -14.05 -48.24 114.90
CA PHE I 1126 -15.40 -48.79 114.95
C PHE I 1126 -15.45 -50.32 114.87
N ASP I 1127 -14.38 -50.97 114.38
CA ASP I 1127 -14.44 -52.41 114.15
C ASP I 1127 -14.61 -53.17 115.45
N ALA I 1128 -13.89 -52.78 116.51
CA ALA I 1128 -13.95 -53.50 117.77
C ALA I 1128 -15.31 -53.41 118.45
N TRP I 1129 -16.10 -52.40 118.12
CA TRP I 1129 -17.40 -52.23 118.75
C TRP I 1129 -18.52 -52.93 117.99
N ILE I 1130 -18.37 -53.10 116.68
CA ILE I 1130 -19.36 -53.85 115.91
C ILE I 1130 -19.29 -55.34 116.26
N LYS I 1131 -18.06 -55.85 116.45
CA LYS I 1131 -17.89 -57.29 116.64
C LYS I 1131 -18.56 -57.79 117.91
N THR I 1132 -18.39 -57.08 119.02
CA THR I 1132 -18.85 -57.58 120.31
C THR I 1132 -19.74 -56.58 121.03
N GLY I 1133 -19.55 -55.28 120.76
CA GLY I 1133 -20.30 -54.26 121.47
C GLY I 1133 -21.72 -54.09 120.96
N GLU I 1134 -22.21 -52.85 120.97
CA GLU I 1134 -23.59 -52.57 120.59
C GLU I 1134 -23.69 -51.67 119.37
N LEU I 1135 -22.60 -51.45 118.65
CA LEU I 1135 -22.64 -50.59 117.47
C LEU I 1135 -23.45 -51.25 116.36
N ARG I 1136 -24.15 -50.42 115.59
CA ARG I 1136 -24.97 -50.91 114.49
C ARG I 1136 -25.05 -49.80 113.45
N ILE I 1137 -24.31 -49.94 112.36
CA ILE I 1137 -24.15 -48.90 111.35
C ILE I 1137 -24.94 -49.28 110.11
N ARG I 1138 -25.70 -48.32 109.58
CA ARG I 1138 -26.44 -48.48 108.33
C ARG I 1138 -25.71 -47.69 107.25
N ILE I 1139 -24.87 -48.38 106.48
CA ILE I 1139 -24.19 -47.75 105.35
C ILE I 1139 -25.20 -47.51 104.24
N GLU I 1140 -25.31 -46.26 103.79
CA GLU I 1140 -26.30 -45.86 102.80
C GLU I 1140 -25.63 -45.79 101.43
N MET I 1141 -25.89 -46.80 100.60
CA MET I 1141 -25.41 -46.85 99.23
C MET I 1141 -26.51 -47.41 98.35
N GLY I 1142 -26.73 -46.76 97.20
CA GLY I 1142 -27.92 -47.04 96.41
C GLY I 1142 -27.98 -48.47 95.89
N ALA I 1143 -26.87 -48.95 95.32
CA ALA I 1143 -26.83 -50.28 94.71
C ALA I 1143 -25.56 -51.00 95.13
N TYR I 1144 -25.68 -52.28 95.46
CA TYR I 1144 -24.54 -53.08 95.85
C TYR I 1144 -24.66 -54.47 95.22
N PRO I 1145 -23.71 -54.89 94.40
CA PRO I 1145 -23.68 -56.29 93.97
C PRO I 1145 -23.50 -57.21 95.16
N TYR I 1146 -24.16 -58.36 95.12
CA TYR I 1146 -24.19 -59.28 96.26
C TYR I 1146 -23.68 -60.65 95.84
N MET I 1147 -22.92 -61.28 96.73
CA MET I 1147 -22.44 -62.63 96.56
C MET I 1147 -22.93 -63.47 97.73
N LEU I 1148 -23.39 -64.68 97.44
CA LEU I 1148 -24.06 -65.52 98.43
C LEU I 1148 -23.13 -66.62 98.94
N HIS I 1149 -23.27 -66.93 100.23
CA HIS I 1149 -22.56 -68.04 100.85
C HIS I 1149 -23.56 -68.88 101.62
N TYR I 1150 -23.60 -70.16 101.32
CA TYR I 1150 -24.55 -71.09 101.94
C TYR I 1150 -23.84 -71.90 103.02
N TYR I 1151 -24.55 -72.11 104.13
CA TYR I 1151 -24.03 -72.89 105.25
C TYR I 1151 -25.07 -73.88 105.73
N ASP I 1152 -24.60 -74.98 106.28
CA ASP I 1152 -25.49 -76.02 106.78
C ASP I 1152 -25.98 -75.59 108.16
N PRO I 1153 -27.30 -75.47 108.37
CA PRO I 1153 -27.81 -74.89 109.62
C PRO I 1153 -27.46 -75.66 110.88
N ARG I 1154 -27.11 -76.94 110.78
CA ARG I 1154 -26.94 -77.77 111.97
C ARG I 1154 -25.62 -77.54 112.69
N GLN I 1155 -24.67 -76.82 112.10
CA GLN I 1155 -23.39 -76.54 112.75
C GLN I 1155 -23.21 -75.04 112.94
N TYR I 1156 -22.37 -74.69 113.91
CA TYR I 1156 -22.06 -73.30 114.19
C TYR I 1156 -21.47 -72.61 112.96
N ALA I 1157 -21.93 -71.39 112.70
CA ALA I 1157 -21.48 -70.60 111.56
C ALA I 1157 -21.39 -69.15 111.96
N ASN I 1158 -20.30 -68.49 111.57
CA ASN I 1158 -20.06 -67.09 111.87
C ASN I 1158 -19.65 -66.38 110.59
N ALA I 1159 -20.23 -65.20 110.36
CA ALA I 1159 -19.96 -64.42 109.17
C ALA I 1159 -18.94 -63.31 109.40
N TRP I 1160 -18.28 -63.32 110.57
CA TRP I 1160 -17.34 -62.24 110.88
C TRP I 1160 -16.12 -62.29 109.96
N ASN I 1161 -15.64 -63.49 109.62
CA ASN I 1161 -14.46 -63.59 108.76
C ASN I 1161 -14.71 -62.99 107.39
N LEU I 1162 -15.96 -62.99 106.93
CA LEU I 1162 -16.31 -62.36 105.66
C LEU I 1162 -16.63 -60.89 105.83
N THR I 1163 -17.33 -60.52 106.91
CA THR I 1163 -17.68 -59.11 107.13
C THR I 1163 -16.43 -58.27 107.31
N SER I 1164 -15.47 -58.73 108.12
CA SER I 1164 -14.24 -57.98 108.31
C SER I 1164 -13.42 -57.89 107.02
N ALA I 1165 -13.38 -58.98 106.25
CA ALA I 1165 -12.67 -58.95 104.97
C ALA I 1165 -13.28 -57.95 104.00
N TRP I 1166 -14.62 -57.88 103.94
CA TRP I 1166 -15.25 -56.90 103.08
C TRP I 1166 -15.02 -55.48 103.59
N LEU I 1167 -15.08 -55.28 104.90
CA LEU I 1167 -14.91 -53.93 105.45
C LEU I 1167 -13.49 -53.43 105.27
N GLU I 1168 -12.49 -54.32 105.37
CA GLU I 1168 -11.11 -53.89 105.27
C GLU I 1168 -10.74 -53.48 103.85
N GLU I 1169 -11.37 -54.10 102.86
CA GLU I 1169 -11.06 -53.80 101.46
C GLU I 1169 -11.83 -52.62 100.92
N ILE I 1170 -12.70 -51.99 101.73
CA ILE I 1170 -13.35 -50.76 101.30
C ILE I 1170 -12.30 -49.66 101.23
N THR I 1171 -12.02 -49.18 100.02
CA THR I 1171 -10.97 -48.20 99.77
C THR I 1171 -11.57 -47.12 98.89
N PRO I 1172 -10.97 -45.92 98.87
CA PRO I 1172 -11.42 -44.91 97.92
C PRO I 1172 -11.40 -45.45 96.49
N THR I 1173 -12.50 -45.22 95.77
CA THR I 1173 -12.73 -45.57 94.37
C THR I 1173 -12.85 -47.08 94.14
N SER I 1174 -13.11 -47.89 95.16
CA SER I 1174 -13.27 -49.33 94.95
C SER I 1174 -13.90 -49.97 96.17
N ILE I 1175 -14.91 -50.81 95.92
CA ILE I 1175 -15.49 -51.66 96.96
C ILE I 1175 -15.70 -53.05 96.41
N PRO I 1176 -15.64 -54.05 97.27
CA PRO I 1176 -15.94 -55.42 96.86
C PRO I 1176 -17.43 -55.70 96.86
N SER I 1177 -17.79 -56.90 96.42
CA SER I 1177 -19.17 -57.34 96.48
C SER I 1177 -19.58 -57.64 97.92
N VAL I 1178 -20.82 -57.30 98.25
CA VAL I 1178 -21.31 -57.48 99.61
C VAL I 1178 -21.58 -58.97 99.86
N PRO I 1179 -20.90 -59.58 100.83
CA PRO I 1179 -21.13 -61.01 101.09
C PRO I 1179 -22.25 -61.28 102.08
N PHE I 1180 -23.21 -62.11 101.69
CA PHE I 1180 -24.26 -62.56 102.59
C PHE I 1180 -24.05 -64.03 102.95
N MET I 1181 -24.68 -64.45 104.04
CA MET I 1181 -24.58 -65.83 104.53
C MET I 1181 -25.99 -66.34 104.77
N VAL I 1182 -26.57 -66.96 103.76
CA VAL I 1182 -27.96 -67.43 103.80
C VAL I 1182 -27.96 -68.94 104.07
N PRO I 1183 -28.86 -69.43 104.92
CA PRO I 1183 -28.89 -70.87 105.22
C PRO I 1183 -29.49 -71.68 104.08
N ILE I 1184 -29.37 -73.00 104.22
CA ILE I 1184 -29.85 -73.96 103.24
C ILE I 1184 -31.14 -74.59 103.76
N SER I 1185 -32.19 -74.53 102.95
CA SER I 1185 -33.45 -75.13 103.34
C SER I 1185 -33.37 -76.65 103.27
N SER I 1186 -34.03 -77.30 104.23
CA SER I 1186 -34.05 -78.76 104.32
C SER I 1186 -35.49 -79.26 104.24
N ASP I 1187 -35.70 -80.31 103.45
CA ASP I 1187 -37.05 -80.83 103.24
C ASP I 1187 -37.58 -81.60 104.44
N HIS I 1188 -36.69 -82.07 105.32
CA HIS I 1188 -37.08 -82.79 106.53
C HIS I 1188 -36.61 -82.01 107.74
N ASP I 1189 -37.36 -82.15 108.84
CA ASP I 1189 -37.04 -81.42 110.06
C ASP I 1189 -35.63 -81.74 110.55
N ILE I 1190 -34.93 -80.71 111.02
CA ILE I 1190 -33.54 -80.81 111.43
C ILE I 1190 -33.39 -80.21 112.82
N SER I 1191 -32.15 -80.17 113.29
CA SER I 1191 -31.81 -79.56 114.57
C SER I 1191 -31.37 -78.12 114.36
N SER I 1192 -31.31 -77.38 115.46
CA SER I 1192 -30.99 -75.96 115.44
C SER I 1192 -29.64 -75.70 116.11
N ALA I 1193 -28.81 -74.89 115.45
CA ALA I 1193 -27.52 -74.48 115.97
C ALA I 1193 -27.37 -72.98 115.82
N PRO I 1194 -26.62 -72.33 116.71
CA PRO I 1194 -26.47 -70.88 116.62
C PRO I 1194 -25.72 -70.48 115.35
N ALA I 1195 -26.08 -69.31 114.83
CA ALA I 1195 -25.48 -68.78 113.60
C ALA I 1195 -25.37 -67.27 113.74
N VAL I 1196 -24.16 -66.78 114.03
CA VAL I 1196 -23.94 -65.36 114.19
C VAL I 1196 -23.97 -64.68 112.82
N GLN I 1197 -24.78 -63.64 112.70
CA GLN I 1197 -24.97 -62.93 111.44
C GLN I 1197 -24.62 -61.46 111.64
N TYR I 1198 -23.95 -60.88 110.65
CA TYR I 1198 -23.45 -59.51 110.77
C TYR I 1198 -23.98 -58.57 109.71
N ILE I 1199 -24.18 -59.03 108.48
CA ILE I 1199 -24.62 -58.17 107.39
C ILE I 1199 -25.99 -58.64 106.93
N ILE I 1200 -26.96 -57.73 106.96
CA ILE I 1200 -28.30 -57.98 106.44
C ILE I 1200 -28.70 -56.81 105.55
N SER I 1201 -29.65 -57.08 104.65
CA SER I 1201 -30.15 -56.05 103.75
C SER I 1201 -31.18 -55.20 104.48
N THR I 1202 -31.70 -54.18 103.78
CA THR I 1202 -32.73 -53.31 104.32
C THR I 1202 -34.11 -53.63 103.77
N GLU I 1203 -34.23 -53.88 102.47
CA GLU I 1203 -35.50 -54.16 101.83
C GLU I 1203 -35.38 -55.42 100.99
N TYR I 1204 -36.51 -55.92 100.52
CA TYR I 1204 -36.58 -57.23 99.89
C TYR I 1204 -35.74 -57.29 98.61
N ASN I 1205 -34.95 -58.35 98.49
CA ASN I 1205 -34.16 -58.56 97.28
C ASN I 1205 -34.18 -60.01 96.81
N ASP I 1206 -35.04 -60.85 97.38
CA ASP I 1206 -35.04 -62.28 97.08
C ASP I 1206 -36.05 -62.59 95.98
N ARG I 1207 -35.79 -62.03 94.80
CA ARG I 1207 -36.58 -62.33 93.62
C ARG I 1207 -35.85 -63.20 92.61
N SER I 1208 -34.52 -63.36 92.76
CA SER I 1208 -33.79 -64.30 91.92
C SER I 1208 -34.04 -65.74 92.32
N LEU I 1209 -34.49 -65.97 93.55
CA LEU I 1209 -34.82 -67.32 93.98
C LEU I 1209 -35.97 -67.88 93.14
N PHE I 1210 -35.85 -69.15 92.75
CA PHE I 1210 -36.83 -69.80 91.89
C PHE I 1210 -37.61 -70.85 92.66
N CYS I 1211 -36.94 -71.81 93.29
CA CYS I 1211 -37.60 -72.85 94.05
C CYS I 1211 -36.64 -73.42 95.07
N THR I 1212 -37.19 -73.90 96.18
CA THR I 1212 -36.41 -74.52 97.25
C THR I 1212 -36.96 -75.91 97.55
N ASN I 1213 -36.07 -76.89 97.60
CA ASN I 1213 -36.44 -78.29 97.79
C ASN I 1213 -37.49 -78.72 96.75
N SER I 1214 -37.11 -78.57 95.48
CA SER I 1214 -38.04 -78.85 94.39
C SER I 1214 -38.43 -80.32 94.35
N SER I 1215 -37.48 -81.22 94.60
CA SER I 1215 -37.75 -82.65 94.48
C SER I 1215 -38.72 -83.12 95.55
N SER I 1216 -38.61 -82.60 96.76
CA SER I 1216 -39.41 -83.07 97.88
C SER I 1216 -40.77 -82.40 97.91
N PRO I 1217 -41.77 -83.03 98.53
CA PRO I 1217 -43.11 -82.42 98.57
C PRO I 1217 -43.19 -81.16 99.40
N GLN I 1218 -42.42 -81.07 100.50
CA GLN I 1218 -42.54 -79.93 101.41
C GLN I 1218 -41.16 -79.48 101.86
N THR I 1219 -41.10 -78.22 102.31
CA THR I 1219 -39.89 -77.63 102.88
C THR I 1219 -40.18 -77.30 104.34
N ILE I 1220 -39.66 -78.13 105.24
CA ILE I 1220 -39.96 -77.97 106.66
C ILE I 1220 -39.28 -76.72 107.23
N ALA I 1221 -38.02 -76.51 106.92
CA ALA I 1221 -37.24 -75.43 107.53
C ALA I 1221 -36.49 -74.67 106.45
N GLY I 1222 -35.97 -73.51 106.85
CA GLY I 1222 -35.24 -72.65 105.94
C GLY I 1222 -36.17 -71.82 105.09
N PRO I 1223 -35.61 -70.98 104.23
CA PRO I 1223 -36.44 -70.23 103.29
C PRO I 1223 -37.26 -71.16 102.41
N ASP I 1224 -38.55 -70.85 102.28
CA ASP I 1224 -39.49 -71.69 101.54
C ASP I 1224 -40.05 -70.87 100.40
N LYS I 1225 -39.99 -71.43 99.19
CA LYS I 1225 -40.58 -70.81 98.01
C LYS I 1225 -41.11 -71.89 97.09
N HIS I 1226 -42.22 -71.59 96.44
CA HIS I 1226 -42.82 -72.47 95.45
C HIS I 1226 -42.47 -71.96 94.06
N ILE I 1227 -42.75 -72.78 93.05
CA ILE I 1227 -42.52 -72.38 91.67
C ILE I 1227 -43.41 -71.15 91.39
N PRO I 1228 -42.81 -70.04 90.95
CA PRO I 1228 -43.59 -68.79 90.83
C PRO I 1228 -44.73 -68.89 89.83
N VAL I 1229 -45.96 -68.76 90.34
CA VAL I 1229 -47.14 -68.76 89.48
C VAL I 1229 -47.15 -67.53 88.59
N GLU I 1230 -46.61 -66.41 89.08
CA GLU I 1230 -46.62 -65.17 88.31
C GLU I 1230 -45.88 -65.33 86.98
N ARG I 1231 -44.79 -66.09 86.97
CA ARG I 1231 -44.01 -66.27 85.74
C ARG I 1231 -44.80 -67.03 84.68
N TYR I 1232 -45.41 -68.16 85.08
CA TYR I 1232 -46.15 -69.01 84.15
C TYR I 1232 -47.64 -68.69 84.24
N ASN I 1233 -47.97 -67.46 83.83
CA ASN I 1233 -49.34 -66.99 83.91
C ASN I 1233 -50.26 -67.77 82.98
N ILE I 1234 -49.79 -68.06 81.77
CA ILE I 1234 -50.65 -68.71 80.77
C ILE I 1234 -51.08 -70.09 81.24
N LEU I 1235 -50.15 -70.88 81.75
CA LEU I 1235 -50.47 -72.25 82.15
C LEU I 1235 -51.30 -72.29 83.42
N THR I 1236 -51.10 -71.34 84.34
CA THR I 1236 -51.81 -71.36 85.60
C THR I 1236 -53.15 -70.65 85.56
N ASN I 1237 -53.33 -69.69 84.65
CA ASN I 1237 -54.59 -68.97 84.55
C ASN I 1237 -55.36 -69.46 83.34
N PRO I 1238 -56.45 -70.22 83.52
CA PRO I 1238 -57.18 -70.74 82.36
C PRO I 1238 -57.80 -69.65 81.48
N ASP I 1239 -58.18 -68.52 82.07
CA ASP I 1239 -58.91 -67.49 81.34
C ASP I 1239 -57.99 -66.45 80.70
N ALA I 1240 -56.68 -66.58 80.84
CA ALA I 1240 -55.87 -65.57 80.19
C ALA I 1240 -55.67 -65.91 78.71
N PRO I 1241 -55.80 -64.92 77.82
CA PRO I 1241 -55.54 -65.18 76.41
C PRO I 1241 -54.10 -65.56 76.18
N PRO I 1242 -53.81 -66.38 75.17
CA PRO I 1242 -52.41 -66.79 74.93
C PRO I 1242 -51.48 -65.62 74.64
N THR I 1243 -51.97 -64.60 73.95
CA THR I 1243 -51.15 -63.43 73.59
C THR I 1243 -51.31 -62.37 74.67
N GLN I 1244 -50.61 -62.58 75.78
CA GLN I 1244 -50.63 -61.63 76.89
C GLN I 1244 -49.24 -61.59 77.52
N ILE I 1245 -48.69 -60.38 77.63
CA ILE I 1245 -47.37 -60.18 78.23
C ILE I 1245 -47.45 -59.03 79.23
N GLN I 1246 -47.11 -59.31 80.49
CA GLN I 1246 -47.06 -58.30 81.54
C GLN I 1246 -45.62 -57.84 81.77
N LEU I 1247 -45.06 -57.22 80.73
CA LEU I 1247 -43.64 -56.87 80.73
C LEU I 1247 -43.20 -55.99 81.90
N PRO I 1248 -43.87 -54.87 82.24
CA PRO I 1248 -43.27 -53.96 83.22
C PRO I 1248 -43.03 -54.57 84.59
N GLU I 1249 -43.90 -55.47 85.04
CA GLU I 1249 -43.79 -55.97 86.40
C GLU I 1249 -42.96 -57.25 86.46
N VAL I 1250 -43.40 -58.31 85.77
CA VAL I 1250 -42.77 -59.62 85.87
C VAL I 1250 -42.63 -60.21 84.48
N VAL I 1251 -41.48 -60.80 84.20
CA VAL I 1251 -41.18 -61.38 82.89
C VAL I 1251 -41.63 -62.84 82.88
N ASP I 1252 -42.50 -63.19 81.94
CA ASP I 1252 -42.98 -64.56 81.83
C ASP I 1252 -41.89 -65.46 81.25
N LEU I 1253 -41.90 -66.72 81.70
CA LEU I 1253 -40.96 -67.72 81.20
C LEU I 1253 -41.59 -68.71 80.24
N TYR I 1254 -42.89 -68.59 79.97
CA TYR I 1254 -43.57 -69.39 78.98
C TYR I 1254 -44.48 -68.48 78.15
N ASN I 1255 -44.12 -68.25 76.89
CA ASN I 1255 -44.83 -67.30 76.06
C ASN I 1255 -45.14 -67.94 74.71
N VAL I 1256 -46.06 -67.30 73.99
CA VAL I 1256 -46.33 -67.63 72.59
C VAL I 1256 -45.38 -66.80 71.73
N VAL I 1257 -44.64 -67.48 70.86
CA VAL I 1257 -43.62 -66.84 70.03
C VAL I 1257 -43.91 -67.17 68.58
N THR I 1258 -43.85 -66.15 67.73
CA THR I 1258 -44.06 -66.33 66.30
C THR I 1258 -42.73 -66.66 65.62
N ARG I 1259 -42.73 -67.70 64.79
CA ARG I 1259 -41.55 -68.13 64.07
C ARG I 1259 -41.80 -68.02 62.58
N TYR I 1260 -40.89 -67.37 61.86
CA TYR I 1260 -41.04 -67.10 60.45
C TYR I 1260 -40.14 -68.01 59.63
N ALA I 1261 -40.48 -68.15 58.35
CA ALA I 1261 -39.71 -68.94 57.40
C ALA I 1261 -39.45 -68.15 56.13
N TYR I 1262 -39.22 -66.85 56.29
CA TYR I 1262 -38.99 -65.99 55.14
C TYR I 1262 -37.66 -66.34 54.48
N GLU I 1263 -37.58 -66.09 53.17
CA GLU I 1263 -36.36 -66.30 52.41
C GLU I 1263 -35.87 -64.96 51.87
N THR I 1264 -34.55 -64.82 51.78
CA THR I 1264 -33.90 -63.57 51.40
C THR I 1264 -32.98 -63.83 50.20
N PRO I 1265 -33.52 -63.79 48.99
CA PRO I 1265 -32.69 -63.97 47.80
C PRO I 1265 -32.11 -62.65 47.34
N PRO I 1266 -31.02 -62.67 46.56
CA PRO I 1266 -30.49 -61.42 46.01
C PRO I 1266 -31.46 -60.79 45.01
N ILE I 1267 -31.36 -59.47 44.91
CA ILE I 1267 -32.30 -58.71 44.08
C ILE I 1267 -32.19 -59.11 42.62
N THR I 1268 -30.96 -59.33 42.14
CA THR I 1268 -30.74 -59.71 40.75
C THR I 1268 -31.20 -61.14 40.45
N ALA I 1269 -31.39 -61.96 41.47
CA ALA I 1269 -31.97 -63.29 41.27
C ALA I 1269 -33.48 -63.26 41.19
N VAL I 1270 -34.10 -62.11 41.44
CA VAL I 1270 -35.54 -61.95 41.37
C VAL I 1270 -35.94 -61.11 40.16
N VAL I 1271 -35.26 -59.98 39.95
CA VAL I 1271 -35.52 -59.13 38.80
C VAL I 1271 -34.42 -59.39 37.77
N MET I 1272 -34.80 -59.98 36.65
CA MET I 1272 -33.86 -60.31 35.59
C MET I 1272 -34.07 -59.35 34.42
N GLY I 1273 -33.06 -58.54 34.13
CA GLY I 1273 -33.12 -57.66 32.98
C GLY I 1273 -32.96 -58.40 31.67
N VAL I 1274 -33.51 -57.82 30.61
CA VAL I 1274 -33.43 -58.40 29.27
C VAL I 1274 -31.99 -58.28 28.78
N PRO I 1275 -31.51 -59.17 27.90
CA PRO I 1275 -30.15 -59.08 27.37
C PRO I 1275 -29.95 -57.86 26.47
N GLU J 215 89.07 27.36 58.20
CA GLU J 215 87.97 27.58 57.28
C GLU J 215 87.16 26.30 57.07
N ILE J 216 87.83 25.15 57.21
CA ILE J 216 87.14 23.88 57.09
C ILE J 216 86.12 23.70 58.22
N GLN J 217 86.43 24.20 59.42
CA GLN J 217 85.46 24.16 60.49
C GLN J 217 84.21 24.97 60.15
N ARG J 218 84.41 26.17 59.58
CA ARG J 218 83.26 26.97 59.15
C ARG J 218 82.49 26.26 58.04
N HIS J 219 83.20 25.60 57.12
CA HIS J 219 82.53 24.90 56.04
C HIS J 219 81.66 23.76 56.55
N ILE J 220 82.20 22.95 57.46
CA ILE J 220 81.43 21.83 57.99
C ILE J 220 80.30 22.33 58.87
N THR J 221 80.51 23.43 59.61
CA THR J 221 79.43 24.03 60.38
C THR J 221 78.30 24.48 59.47
N GLU J 222 78.63 25.13 58.35
CA GLU J 222 77.62 25.56 57.39
C GLU J 222 76.89 24.36 56.80
N PHE J 223 77.62 23.29 56.48
CA PHE J 223 76.99 22.09 55.92
C PHE J 223 76.01 21.47 56.91
N ILE J 224 76.43 21.34 58.17
CA ILE J 224 75.55 20.73 59.17
C ILE J 224 74.33 21.63 59.43
N SER J 225 74.54 22.95 59.42
CA SER J 225 73.41 23.85 59.59
C SER J 225 72.43 23.73 58.43
N SER J 226 72.94 23.65 57.20
CA SER J 226 72.07 23.49 56.03
C SER J 226 71.39 22.13 56.01
N TRP J 227 71.97 21.12 56.66
CA TRP J 227 71.28 19.84 56.76
C TRP J 227 70.21 19.85 57.84
N GLN J 228 70.47 20.52 58.97
CA GLN J 228 69.56 20.50 60.10
C GLN J 228 68.50 21.60 60.06
N ASN J 229 68.60 22.56 59.13
CA ASN J 229 67.64 23.64 59.05
C ASN J 229 66.45 23.31 58.14
N HIS J 230 66.18 22.04 57.90
CA HIS J 230 65.06 21.67 57.04
C HIS J 230 63.74 22.06 57.71
N PRO J 231 62.82 22.69 56.98
CA PRO J 231 61.54 23.04 57.58
C PRO J 231 60.61 21.84 57.67
N ILE J 232 59.86 21.79 58.77
CA ILE J 232 58.91 20.69 59.00
C ILE J 232 57.58 21.12 58.35
N VAL J 233 57.52 20.92 57.03
CA VAL J 233 56.32 21.20 56.26
C VAL J 233 56.14 20.09 55.24
N GLN J 234 54.89 19.66 55.05
CA GLN J 234 54.56 18.57 54.13
C GLN J 234 53.65 19.13 53.05
N VAL J 235 54.20 19.33 51.85
CA VAL J 235 53.38 19.75 50.73
C VAL J 235 52.49 18.61 50.28
N SER J 236 51.31 18.95 49.78
CA SER J 236 50.34 17.94 49.35
C SER J 236 50.78 17.37 48.01
N ALA J 237 51.22 16.11 48.01
CA ALA J 237 51.62 15.42 46.79
C ALA J 237 50.63 14.34 46.38
N ASP J 238 50.33 13.40 47.28
CA ASP J 238 49.27 12.42 47.06
C ASP J 238 47.96 13.10 47.48
N VAL J 239 47.38 13.84 46.55
CA VAL J 239 46.31 14.78 46.84
C VAL J 239 44.93 14.17 46.63
N GLU J 240 44.72 13.58 45.44
CA GLU J 240 43.38 13.08 45.10
C GLU J 240 42.96 11.97 46.05
N ASN J 241 43.83 10.99 46.28
CA ASN J 241 43.49 9.89 47.16
C ASN J 241 43.22 10.36 48.58
N ARG J 242 44.05 11.28 49.08
CA ARG J 242 43.88 11.75 50.45
C ARG J 242 42.58 12.52 50.63
N LYS J 243 42.29 13.44 49.70
CA LYS J 243 41.04 14.18 49.81
C LYS J 243 39.83 13.27 49.67
N THR J 244 39.88 12.32 48.73
CA THR J 244 38.76 11.39 48.57
C THR J 244 38.56 10.54 49.82
N ALA J 245 39.66 10.05 50.41
CA ALA J 245 39.55 9.24 51.61
C ALA J 245 38.98 10.03 52.77
N GLN J 246 39.44 11.26 52.96
CA GLN J 246 38.91 12.08 54.05
C GLN J 246 37.42 12.38 53.84
N LEU J 247 37.05 12.73 52.61
CA LEU J 247 35.65 13.09 52.36
C LEU J 247 34.73 11.88 52.51
N LEU J 248 35.19 10.69 52.10
CA LEU J 248 34.39 9.49 52.25
C LEU J 248 34.39 8.96 53.68
N HIS J 249 35.39 9.32 54.48
CA HIS J 249 35.46 8.87 55.87
C HIS J 249 36.44 9.78 56.61
N ALA J 250 35.98 10.39 57.69
CA ALA J 250 36.77 11.38 58.42
C ALA J 250 37.18 10.84 59.78
N ASP J 251 38.42 11.12 60.16
CA ASP J 251 38.91 10.73 61.48
C ASP J 251 38.15 11.48 62.57
N THR J 252 37.90 10.80 63.67
CA THR J 252 37.11 11.42 64.73
C THR J 252 37.99 11.73 65.93
N PRO J 253 37.98 12.97 66.42
CA PRO J 253 38.82 13.33 67.55
C PRO J 253 38.34 12.69 68.85
N ARG J 254 39.29 12.51 69.76
CA ARG J 254 38.99 11.97 71.09
C ARG J 254 38.60 13.12 71.99
N LEU J 255 37.29 13.36 72.12
CA LEU J 255 36.81 14.48 72.91
C LEU J 255 36.90 14.19 74.40
N VAL J 256 36.24 13.13 74.86
CA VAL J 256 36.20 12.82 76.28
C VAL J 256 37.47 12.08 76.68
N THR J 257 38.16 12.61 77.68
CA THR J 257 39.28 11.93 78.32
C THR J 257 39.14 12.09 79.82
N TRP J 258 39.67 11.13 80.56
CA TRP J 258 39.42 11.04 82.00
C TRP J 258 40.73 11.17 82.75
N ASP J 259 40.76 12.07 83.73
CA ASP J 259 41.92 12.29 84.57
C ASP J 259 41.63 11.73 85.96
N ALA J 260 42.48 10.81 86.43
CA ALA J 260 42.28 10.19 87.72
C ALA J 260 43.11 10.83 88.82
N GLY J 261 44.20 11.52 88.48
CA GLY J 261 45.01 12.19 89.47
C GLY J 261 44.54 13.61 89.75
N LEU J 262 45.13 14.19 90.79
CA LEU J 262 44.80 15.56 91.17
C LEU J 262 45.23 16.53 90.08
N CYS J 263 44.37 17.50 89.79
CA CYS J 263 44.58 18.43 88.69
C CYS J 263 45.41 19.60 89.17
N THR J 264 46.61 19.75 88.61
CA THR J 264 47.48 20.87 88.96
C THR J 264 48.52 21.02 87.86
N SER J 265 49.18 22.18 87.84
CA SER J 265 50.24 22.43 86.89
C SER J 265 51.48 23.07 87.50
N PHE J 266 51.44 23.52 88.76
CA PHE J 266 52.55 24.21 89.39
C PHE J 266 53.06 23.36 90.55
N LYS J 267 54.26 22.81 90.41
CA LYS J 267 54.90 22.05 91.47
C LYS J 267 56.02 22.87 92.09
N ILE J 268 56.26 22.61 93.38
CA ILE J 268 57.24 23.36 94.16
C ILE J 268 58.51 22.52 94.23
N VAL J 269 59.61 23.07 93.72
CA VAL J 269 60.88 22.35 93.68
C VAL J 269 61.90 23.05 94.57
N PRO J 270 62.65 22.29 95.37
CA PRO J 270 63.75 22.90 96.14
C PRO J 270 64.90 23.32 95.24
N ILE J 271 65.70 24.25 95.76
CA ILE J 271 66.84 24.78 95.03
C ILE J 271 68.11 24.52 95.80
N VAL J 272 68.18 25.01 97.03
CA VAL J 272 69.35 24.84 97.89
C VAL J 272 69.01 23.82 98.97
N PRO J 273 69.84 22.81 99.20
CA PRO J 273 69.54 21.83 100.24
C PRO J 273 69.44 22.48 101.62
N ALA J 274 68.52 21.96 102.43
CA ALA J 274 68.34 22.48 103.77
C ALA J 274 69.54 22.14 104.65
N GLN J 275 69.89 23.06 105.53
CA GLN J 275 71.03 22.87 106.45
C GLN J 275 70.55 22.35 107.80
N VAL J 276 69.94 21.17 107.77
CA VAL J 276 69.40 20.57 108.99
C VAL J 276 70.51 20.17 109.97
N PRO J 277 71.76 19.85 109.54
CA PRO J 277 72.83 19.81 110.54
C PRO J 277 73.51 21.16 110.70
N GLN J 278 73.52 21.70 111.92
CA GLN J 278 74.13 23.00 112.15
C GLN J 278 74.50 23.13 113.62
N ASP J 279 75.45 24.03 113.89
CA ASP J 279 75.95 24.23 115.25
C ASP J 279 74.99 25.04 116.10
N VAL J 280 74.33 26.04 115.52
CA VAL J 280 73.51 26.96 116.31
C VAL J 280 72.29 26.26 116.91
N LEU J 281 71.71 25.30 116.19
CA LEU J 281 70.48 24.65 116.64
C LEU J 281 70.62 23.15 116.56
N ALA J 282 70.10 22.45 117.55
CA ALA J 282 70.23 21.01 117.62
C ALA J 282 69.42 20.32 116.54
N TYR J 283 69.77 19.07 116.26
CA TYR J 283 69.09 18.29 115.23
C TYR J 283 67.78 17.68 115.72
N THR J 284 67.47 17.78 117.01
CA THR J 284 66.22 17.28 117.55
C THR J 284 65.10 18.30 117.44
N PHE J 285 65.23 19.28 116.56
CA PHE J 285 64.25 20.34 116.34
C PHE J 285 63.52 20.20 115.02
N PHE J 286 64.25 19.96 113.93
CA PHE J 286 63.64 19.89 112.61
C PHE J 286 62.81 18.61 112.47
N THR J 287 61.71 18.72 111.73
CA THR J 287 60.85 17.56 111.52
C THR J 287 61.47 16.55 110.57
N SER J 288 62.42 16.95 109.74
CA SER J 288 63.05 16.01 108.82
C SER J 288 63.87 14.95 109.54
N SER J 289 64.32 15.23 110.77
CA SER J 289 65.03 14.23 111.54
C SER J 289 64.11 13.13 112.03
N TYR J 290 62.81 13.39 112.11
CA TYR J 290 61.82 12.41 112.54
C TYR J 290 61.11 11.75 111.38
N ALA J 291 61.56 11.98 110.15
CA ALA J 291 60.96 11.41 108.95
C ALA J 291 59.48 11.79 108.83
N ILE J 292 59.16 13.02 109.19
CA ILE J 292 57.79 13.51 109.08
C ILE J 292 57.58 14.08 107.68
N GLN J 293 56.69 13.44 106.93
CA GLN J 293 56.40 13.90 105.57
C GLN J 293 55.66 15.22 105.60
N SER J 294 56.13 16.19 104.82
CA SER J 294 55.57 17.53 104.81
C SER J 294 55.01 17.88 103.43
N PRO J 295 53.93 18.67 103.37
CA PRO J 295 53.39 19.05 102.06
C PRO J 295 54.35 19.86 101.20
N PHE J 296 55.19 20.68 101.82
CA PHE J 296 56.12 21.53 101.08
C PHE J 296 57.55 21.04 101.27
N PRO J 297 58.40 21.14 100.25
CA PRO J 297 59.79 20.72 100.41
C PRO J 297 60.50 21.57 101.45
N GLU J 298 61.30 20.92 102.28
CA GLU J 298 62.05 21.60 103.34
C GLU J 298 63.44 21.91 102.80
N ALA J 299 63.66 23.17 102.44
CA ALA J 299 64.91 23.57 101.81
C ALA J 299 65.20 25.03 102.13
N ALA J 300 66.45 25.43 101.93
CA ALA J 300 66.85 26.81 102.19
C ALA J 300 66.13 27.77 101.25
N VAL J 301 65.99 27.40 99.98
CA VAL J 301 65.27 28.20 99.00
C VAL J 301 64.35 27.29 98.20
N SER J 302 63.09 27.70 98.05
CA SER J 302 62.11 26.93 97.30
C SER J 302 61.48 27.79 96.23
N ARG J 303 61.47 27.29 95.00
CA ARG J 303 60.82 27.94 93.88
C ARG J 303 59.67 27.08 93.36
N ILE J 304 58.78 27.70 92.60
CA ILE J 304 57.67 27.02 91.97
C ILE J 304 57.81 27.18 90.46
N VAL J 305 57.66 26.07 89.74
CA VAL J 305 57.84 26.04 88.29
C VAL J 305 56.60 25.41 87.67
N VAL J 306 56.64 25.24 86.35
CA VAL J 306 55.50 24.77 85.58
C VAL J 306 55.82 23.39 85.03
N HIS J 307 54.92 22.44 85.30
CA HIS J 307 55.05 21.08 84.79
C HIS J 307 53.63 20.55 84.54
N THR J 308 53.18 20.67 83.29
CA THR J 308 51.82 20.28 82.95
C THR J 308 51.62 18.79 83.16
N ARG J 309 50.52 18.44 83.83
CA ARG J 309 50.10 17.05 84.03
C ARG J 309 51.17 16.25 84.77
N TRP J 310 51.66 16.79 85.88
CA TRP J 310 52.39 16.00 86.85
C TRP J 310 51.42 15.54 87.92
N ALA J 311 51.65 14.33 88.44
CA ALA J 311 50.72 13.66 89.34
C ALA J 311 49.35 13.49 88.68
N SER J 312 49.36 12.77 87.56
CA SER J 312 48.15 12.53 86.79
C SER J 312 48.14 11.08 86.32
N ASN J 313 46.93 10.54 86.16
CA ASN J 313 46.73 9.18 85.65
C ASN J 313 45.62 9.26 84.61
N VAL J 314 46.00 9.48 83.35
CA VAL J 314 45.04 9.72 82.28
C VAL J 314 44.99 8.49 81.38
N ASP J 315 43.83 8.28 80.75
CA ASP J 315 43.67 7.19 79.81
C ASP J 315 44.44 7.45 78.53
N PHE J 316 44.37 8.68 78.02
CA PHE J 316 45.01 9.06 76.77
C PHE J 316 45.82 10.33 76.99
N ASP J 317 47.10 10.29 76.65
CA ASP J 317 47.96 11.45 76.77
C ASP J 317 47.80 12.35 75.54
N ARG J 318 47.76 13.65 75.77
CA ARG J 318 47.56 14.62 74.69
C ARG J 318 48.82 14.90 73.89
N ASP J 319 49.94 14.24 74.24
CA ASP J 319 51.22 14.38 73.54
C ASP J 319 51.75 15.80 73.55
N SER J 320 51.29 16.62 74.50
CA SER J 320 51.80 17.97 74.68
C SER J 320 52.13 18.15 76.16
N SER J 321 53.19 18.91 76.43
CA SER J 321 53.62 19.12 77.82
C SER J 321 54.54 20.33 77.86
N VAL J 322 54.24 21.27 78.75
CA VAL J 322 55.08 22.42 79.02
C VAL J 322 55.84 22.11 80.31
N ILE J 323 57.06 21.63 80.18
CA ILE J 323 57.87 21.18 81.30
C ILE J 323 58.98 22.20 81.52
N MET J 324 59.06 22.77 82.71
CA MET J 324 60.06 23.74 83.06
C MET J 324 61.08 23.14 84.02
N ALA J 325 62.36 23.30 83.70
CA ALA J 325 63.42 23.00 84.62
C ALA J 325 63.50 24.09 85.68
N PRO J 326 64.13 23.81 86.83
CA PRO J 326 64.30 24.86 87.83
C PRO J 326 65.13 26.00 87.28
N PRO J 327 64.93 27.21 87.77
CA PRO J 327 65.65 28.37 87.21
C PRO J 327 67.16 28.25 87.28
N THR J 328 67.70 27.44 88.18
CA THR J 328 69.14 27.20 88.20
C THR J 328 69.63 26.49 86.95
N GLU J 329 68.72 25.89 86.18
CA GLU J 329 69.04 25.27 84.91
C GLU J 329 68.49 26.11 83.76
N ASN J 330 69.10 25.93 82.59
CA ASN J 330 68.73 26.72 81.42
C ASN J 330 67.36 26.31 80.89
N ASN J 331 66.67 27.28 80.28
CA ASN J 331 65.35 27.03 79.70
C ASN J 331 65.19 27.68 78.33
N ILE J 332 66.29 28.00 77.65
CA ILE J 332 66.22 28.66 76.35
C ILE J 332 65.74 27.73 75.25
N HIS J 333 65.75 26.42 75.49
CA HIS J 333 65.30 25.48 74.47
C HIS J 333 63.80 25.52 74.25
N LEU J 334 63.04 26.02 75.22
CA LEU J 334 61.60 26.17 75.06
C LEU J 334 61.22 27.51 74.42
N PHE J 335 62.18 28.40 74.22
CA PHE J 335 61.95 29.64 73.51
C PHE J 335 62.64 29.71 72.15
N LYS J 336 63.61 28.81 71.89
CA LYS J 336 64.26 28.77 70.59
C LYS J 336 63.65 27.73 69.65
N GLN J 337 62.35 27.47 69.77
CA GLN J 337 61.71 26.38 69.04
C GLN J 337 61.12 26.81 67.70
N LEU J 338 60.29 27.86 67.69
CA LEU J 338 59.35 28.04 66.58
C LEU J 338 60.05 28.49 65.31
N LEU J 339 60.62 29.70 65.30
CA LEU J 339 61.18 30.28 64.09
C LEU J 339 62.69 30.49 64.19
N ASN J 340 63.34 29.79 65.11
CA ASN J 340 64.77 29.95 65.33
C ASN J 340 65.56 28.94 64.48
N THR J 341 65.29 28.98 63.18
CA THR J 341 66.00 28.12 62.23
C THR J 341 67.40 28.64 61.95
N GLU J 342 67.60 29.95 61.95
CA GLU J 342 68.91 30.53 61.69
C GLU J 342 69.77 30.65 62.93
N THR J 343 69.23 30.34 64.11
CA THR J 343 69.99 30.42 65.35
C THR J 343 71.06 29.33 65.35
N LEU J 344 72.33 29.74 65.22
CA LEU J 344 73.42 28.77 65.11
C LEU J 344 73.71 28.10 66.45
N SER J 345 74.05 28.91 67.46
CA SER J 345 74.46 28.36 68.74
C SER J 345 73.32 27.63 69.42
N VAL J 346 73.65 26.55 70.13
CA VAL J 346 72.65 25.81 70.87
C VAL J 346 72.03 26.68 71.96
N ARG J 347 72.86 27.49 72.63
CA ARG J 347 72.35 28.45 73.59
C ARG J 347 71.73 29.65 72.85
N GLY J 348 70.87 30.37 73.57
CA GLY J 348 70.33 31.61 73.05
C GLY J 348 69.23 31.46 72.01
N ALA J 349 68.36 32.47 71.93
CA ALA J 349 67.28 32.49 70.96
C ALA J 349 67.15 33.90 70.40
N ASN J 350 66.44 34.01 69.28
CA ASN J 350 66.19 35.31 68.67
C ASN J 350 65.10 36.02 69.47
N PRO J 351 65.37 37.21 70.02
CA PRO J 351 64.37 37.88 70.85
C PRO J 351 63.22 38.48 70.07
N LEU J 352 63.19 38.32 68.75
CA LEU J 352 62.12 38.88 67.93
C LEU J 352 60.99 37.89 67.68
N MET J 353 61.10 36.65 68.16
CA MET J 353 60.00 35.70 68.10
C MET J 353 59.55 35.24 69.48
N PHE J 354 59.86 36.01 70.53
CA PHE J 354 59.43 35.63 71.87
C PHE J 354 57.91 35.63 71.98
N ARG J 355 57.24 36.58 71.34
CA ARG J 355 55.77 36.61 71.39
C ARG J 355 55.17 35.37 70.76
N ALA J 356 55.69 34.96 69.60
CA ALA J 356 55.18 33.76 68.96
C ALA J 356 55.48 32.51 69.79
N ASN J 357 56.68 32.45 70.38
CA ASN J 357 57.01 31.31 71.23
C ASN J 357 56.09 31.24 72.44
N VAL J 358 55.80 32.38 73.06
CA VAL J 358 54.92 32.41 74.22
C VAL J 358 53.50 32.02 73.82
N LEU J 359 53.03 32.50 72.67
CA LEU J 359 51.70 32.11 72.19
C LEU J 359 51.61 30.61 71.97
N HIS J 360 52.64 30.02 71.36
CA HIS J 360 52.65 28.58 71.15
C HIS J 360 52.71 27.83 72.47
N MET J 361 53.48 28.33 73.43
CA MET J 361 53.58 27.69 74.74
C MET J 361 52.23 27.69 75.45
N LEU J 362 51.54 28.84 75.44
CA LEU J 362 50.21 28.90 76.07
C LEU J 362 49.20 28.06 75.30
N LEU J 363 49.33 27.98 73.97
CA LEU J 363 48.46 27.11 73.21
C LEU J 363 48.62 25.66 73.64
N GLU J 364 49.86 25.20 73.79
CA GLU J 364 50.08 23.84 74.28
C GLU J 364 49.57 23.66 75.70
N PHE J 365 49.77 24.67 76.56
CA PHE J 365 49.26 24.61 77.93
C PHE J 365 47.76 24.36 77.93
N VAL J 366 47.00 25.22 77.26
CA VAL J 366 45.55 25.06 77.20
C VAL J 366 45.19 23.73 76.55
N LEU J 367 45.93 23.33 75.51
CA LEU J 367 45.49 22.23 74.68
C LEU J 367 45.76 20.88 75.34
N ASP J 368 46.78 20.78 76.20
CA ASP J 368 47.01 19.54 76.94
C ASP J 368 46.43 19.58 78.34
N ASN J 369 45.89 20.72 78.78
CA ASN J 369 45.20 20.77 80.05
C ASN J 369 43.72 20.41 79.94
N LEU J 370 43.28 19.94 78.77
CA LEU J 370 41.87 19.60 78.54
C LEU J 370 41.61 18.16 78.98
N TYR J 371 41.05 18.00 80.17
CA TYR J 371 40.68 16.68 80.67
C TYR J 371 39.44 16.80 81.54
N LEU J 372 38.91 15.66 81.95
CA LEU J 372 37.75 15.59 82.84
C LEU J 372 38.14 14.82 84.09
N ASN J 373 37.87 15.40 85.25
CA ASN J 373 38.25 14.77 86.51
C ASN J 373 37.37 13.55 86.80
N ARG J 374 37.95 12.58 87.50
CA ARG J 374 37.28 11.31 87.79
C ARG J 374 37.08 11.16 89.29
N HIS J 375 35.89 10.70 89.67
CA HIS J 375 35.65 10.24 91.03
C HIS J 375 36.27 8.85 91.20
N THR J 376 37.15 8.70 92.18
CA THR J 376 37.91 7.47 92.35
C THR J 376 37.50 6.69 93.59
N GLY J 377 37.52 7.30 94.75
CA GLY J 377 37.17 6.61 95.98
C GLY J 377 37.47 7.41 97.23
N PHE J 378 36.97 6.97 98.37
CA PHE J 378 37.16 7.67 99.62
C PHE J 378 37.28 6.67 100.76
N SER J 379 37.72 7.17 101.92
CA SER J 379 37.88 6.33 103.10
C SER J 379 37.85 7.23 104.33
N GLN J 380 37.13 6.79 105.36
CA GLN J 380 37.09 7.52 106.61
C GLN J 380 38.46 7.55 107.25
N ASP J 381 38.86 8.72 107.76
CA ASP J 381 40.17 8.86 108.40
C ASP J 381 40.14 8.21 109.77
N HIS J 382 41.16 7.40 110.05
CA HIS J 382 41.25 6.64 111.29
C HIS J 382 42.20 7.27 112.30
N THR J 383 42.57 8.53 112.12
CA THR J 383 43.55 9.20 112.96
C THR J 383 42.95 10.48 113.53
N PRO J 384 43.46 10.95 114.68
CA PRO J 384 42.95 12.20 115.24
C PRO J 384 43.48 13.44 114.53
N PHE J 385 44.22 13.24 113.44
CA PHE J 385 44.74 14.36 112.66
C PHE J 385 43.60 15.26 112.18
N THR J 386 42.74 14.72 111.33
CA THR J 386 41.53 15.42 110.93
C THR J 386 40.43 15.11 111.95
N GLU J 387 39.19 15.53 111.66
CA GLU J 387 38.05 15.25 112.52
C GLU J 387 37.00 14.53 111.68
N GLY J 388 37.13 13.21 111.58
CA GLY J 388 36.17 12.41 110.85
C GLY J 388 36.00 12.81 109.39
N ALA J 389 37.10 13.18 108.73
CA ALA J 389 37.02 13.64 107.36
C ALA J 389 37.05 12.47 106.39
N ASN J 390 36.74 12.76 105.13
CA ASN J 390 36.81 11.79 104.05
C ASN J 390 37.98 12.14 103.14
N LEU J 391 38.85 11.17 102.90
CA LEU J 391 40.06 11.38 102.12
C LEU J 391 39.98 10.57 100.83
N ARG J 392 40.36 11.20 99.72
CA ARG J 392 40.29 10.56 98.41
C ARG J 392 41.60 9.84 98.11
N SER J 393 41.48 8.65 97.54
CA SER J 393 42.62 7.84 97.15
C SER J 393 42.72 7.78 95.63
N LEU J 394 43.95 7.81 95.12
CA LEU J 394 44.17 7.82 93.69
C LEU J 394 45.06 6.64 93.28
N PRO J 395 44.85 6.09 92.09
CA PRO J 395 45.62 4.91 91.67
C PRO J 395 47.09 5.24 91.44
N GLY J 396 47.92 4.22 91.62
CA GLY J 396 49.35 4.35 91.44
C GLY J 396 50.12 3.33 92.26
N PRO J 397 51.35 3.05 91.86
CA PRO J 397 52.15 2.07 92.63
C PRO J 397 52.63 2.61 93.95
N ASP J 398 53.08 3.87 94.00
CA ASP J 398 53.59 4.50 95.21
C ASP J 398 52.59 5.60 95.57
N ALA J 399 51.55 5.22 96.30
CA ALA J 399 50.38 6.08 96.49
C ALA J 399 50.36 6.81 97.82
N GLU J 400 51.02 6.29 98.86
CA GLU J 400 50.95 6.96 100.16
C GLU J 400 51.73 8.26 100.21
N LYS J 401 52.52 8.58 99.17
CA LYS J 401 53.25 9.83 99.15
C LYS J 401 52.39 11.00 98.68
N TRP J 402 51.14 10.75 98.31
CA TRP J 402 50.30 11.80 97.76
C TRP J 402 49.41 12.47 98.80
N TYR J 403 49.08 11.77 99.89
CA TYR J 403 48.20 12.35 100.91
C TYR J 403 48.83 13.57 101.56
N SER J 404 50.10 13.47 101.94
CA SER J 404 50.76 14.60 102.60
C SER J 404 50.89 15.80 101.67
N ILE J 405 50.90 15.57 100.37
CA ILE J 405 51.00 16.66 99.40
C ILE J 405 49.63 17.28 99.14
N MET J 406 48.59 16.46 99.02
CA MET J 406 47.28 16.95 98.63
C MET J 406 46.42 17.38 99.81
N TYR J 407 46.85 17.13 101.05
CA TYR J 407 46.11 17.56 102.23
C TYR J 407 47.09 18.26 103.18
N PRO J 408 47.42 19.51 102.91
CA PRO J 408 48.40 20.21 103.78
C PRO J 408 47.95 20.34 105.23
N THR J 409 46.66 20.51 105.48
CA THR J 409 46.18 20.72 106.83
C THR J 409 46.21 19.46 107.68
N ARG J 410 46.45 18.29 107.08
CA ARG J 410 46.48 17.05 107.85
C ARG J 410 47.77 16.88 108.63
N MET J 411 48.83 17.60 108.28
CA MET J 411 50.11 17.47 108.97
C MET J 411 50.04 18.12 110.35
N GLY J 412 50.61 17.43 111.33
CA GLY J 412 50.68 17.97 112.68
C GLY J 412 51.67 19.12 112.79
N THR J 413 51.52 19.90 113.86
CA THR J 413 52.32 21.11 114.08
C THR J 413 53.01 21.02 115.43
N PRO J 414 54.11 20.27 115.53
CA PRO J 414 54.87 20.25 116.78
C PRO J 414 55.93 21.34 116.85
N ASN J 415 56.33 21.85 115.69
CA ASN J 415 57.47 22.74 115.58
C ASN J 415 57.00 24.20 115.49
N VAL J 416 57.97 25.11 115.36
CA VAL J 416 57.69 26.53 115.20
C VAL J 416 58.32 26.91 113.85
N SER J 417 58.43 25.94 112.96
CA SER J 417 58.92 26.22 111.62
C SER J 417 57.88 27.01 110.83
N LYS J 418 58.30 27.52 109.67
CA LYS J 418 57.39 28.32 108.85
C LYS J 418 56.23 27.46 108.35
N ILE J 419 56.50 26.23 107.94
CA ILE J 419 55.44 25.35 107.45
C ILE J 419 54.44 25.06 108.57
N CYS J 420 54.95 24.76 109.77
CA CYS J 420 54.06 24.49 110.89
C CYS J 420 53.25 25.72 111.27
N ASN J 421 53.86 26.90 111.22
CA ASN J 421 53.14 28.14 111.49
C ASN J 421 52.00 28.33 110.49
N PHE J 422 52.27 28.11 109.21
CA PHE J 422 51.24 28.27 108.19
C PHE J 422 50.13 27.25 108.38
N VAL J 423 50.47 25.99 108.67
CA VAL J 423 49.46 24.96 108.87
C VAL J 423 48.59 25.29 110.07
N ALA J 424 49.21 25.77 111.15
CA ALA J 424 48.44 26.19 112.32
C ALA J 424 47.51 27.36 111.99
N SER J 425 48.00 28.32 111.19
CA SER J 425 47.16 29.45 110.80
C SER J 425 46.03 29.06 109.87
N CYS J 426 46.15 27.93 109.16
CA CYS J 426 45.08 27.49 108.27
C CYS J 426 43.84 27.10 109.08
N VAL J 427 42.77 26.71 108.37
CA VAL J 427 41.48 26.40 108.97
C VAL J 427 41.25 24.90 108.90
N ARG J 428 40.73 24.34 109.99
CA ARG J 428 40.72 22.89 110.18
C ARG J 428 39.70 22.17 109.30
N ASN J 429 38.51 22.74 109.14
CA ASN J 429 37.35 21.99 108.64
C ASN J 429 37.19 22.09 107.12
N ARG J 430 38.29 22.21 106.38
CA ARG J 430 38.24 22.17 104.92
C ARG J 430 39.21 21.09 104.45
N VAL J 431 38.73 19.85 104.44
CA VAL J 431 39.54 18.69 104.02
C VAL J 431 38.62 17.72 103.29
N GLY J 432 39.04 17.31 102.10
CA GLY J 432 38.37 16.21 101.42
C GLY J 432 36.96 16.55 100.96
N ARG J 433 36.16 15.49 100.83
CA ARG J 433 34.80 15.62 100.33
C ARG J 433 33.93 16.40 101.30
N PHE J 434 33.08 17.27 100.76
CA PHE J 434 32.07 17.97 101.54
C PHE J 434 30.71 18.01 100.87
N ASP J 435 30.59 17.57 99.62
CA ASP J 435 29.32 17.50 98.93
C ASP J 435 29.31 16.26 98.06
N ARG J 436 28.16 15.60 97.98
CA ARG J 436 28.05 14.32 97.28
C ARG J 436 26.73 14.28 96.52
N ALA J 437 26.73 13.52 95.42
CA ALA J 437 25.53 13.29 94.63
C ALA J 437 25.33 11.78 94.49
N GLN J 438 24.69 11.18 95.49
CA GLN J 438 24.43 9.75 95.52
C GLN J 438 22.94 9.55 95.27
N MET J 439 22.58 9.48 94.00
CA MET J 439 21.18 9.33 93.60
C MET J 439 20.71 7.88 93.62
N MET J 440 21.58 6.93 93.96
CA MET J 440 21.26 5.52 93.84
C MET J 440 21.93 4.73 94.94
N ASN J 441 21.40 3.54 95.21
CA ASN J 441 22.02 2.60 96.12
C ASN J 441 22.91 1.64 95.36
N GLY J 442 24.09 1.36 95.91
CA GLY J 442 25.02 0.47 95.27
C GLY J 442 25.56 0.97 93.95
N ALA J 443 25.55 2.27 93.71
CA ALA J 443 26.03 2.86 92.47
C ALA J 443 26.98 4.01 92.78
N MET J 444 27.81 4.35 91.81
CA MET J 444 28.76 5.45 91.95
C MET J 444 28.03 6.77 92.16
N SER J 445 28.55 7.59 93.06
CA SER J 445 28.07 8.96 93.18
C SER J 445 28.33 9.70 91.86
N GLU J 446 27.30 10.42 91.39
CA GLU J 446 27.42 11.07 90.08
C GLU J 446 28.51 12.13 90.07
N TRP J 447 28.59 12.93 91.13
CA TRP J 447 29.67 13.91 91.25
C TRP J 447 29.87 14.23 92.72
N VAL J 448 31.12 14.56 93.06
CA VAL J 448 31.49 14.94 94.42
C VAL J 448 32.35 16.21 94.35
N ASP J 449 32.38 16.93 95.47
CA ASP J 449 33.19 18.13 95.60
C ASP J 449 34.21 17.91 96.70
N VAL J 450 35.48 18.18 96.39
CA VAL J 450 36.59 17.85 97.29
C VAL J 450 37.50 19.06 97.46
N PHE J 451 38.03 19.22 98.67
CA PHE J 451 39.07 20.20 98.95
C PHE J 451 40.42 19.50 98.83
N GLU J 452 41.22 19.89 97.83
CA GLU J 452 42.48 19.24 97.58
C GLU J 452 43.43 20.22 96.91
N THR J 453 44.73 19.95 97.03
CA THR J 453 45.73 20.77 96.37
C THR J 453 45.55 20.73 94.86
N SER J 454 45.29 21.89 94.27
CA SER J 454 45.02 21.99 92.84
C SER J 454 45.53 23.33 92.34
N ASP J 455 45.10 23.71 91.14
CA ASP J 455 45.47 24.98 90.54
C ASP J 455 44.21 25.63 89.99
N ALA J 456 44.00 26.92 90.32
CA ALA J 456 42.77 27.58 89.93
C ALA J 456 42.65 27.68 88.41
N LEU J 457 43.76 27.97 87.73
CA LEU J 457 43.71 28.08 86.27
C LEU J 457 43.33 26.76 85.63
N THR J 458 43.94 25.66 86.09
CA THR J 458 43.60 24.34 85.57
C THR J 458 42.15 23.98 85.86
N VAL J 459 41.68 24.27 87.07
CA VAL J 459 40.29 23.97 87.41
C VAL J 459 39.35 24.77 86.52
N SER J 460 39.65 26.04 86.28
CA SER J 460 38.81 26.86 85.42
C SER J 460 38.79 26.33 83.99
N ILE J 461 39.96 25.96 83.46
CA ILE J 461 40.00 25.43 82.09
C ILE J 461 39.18 24.15 81.99
N ARG J 462 39.34 23.23 82.94
CA ARG J 462 38.61 21.99 82.86
C ARG J 462 37.12 22.18 83.11
N GLY J 463 36.75 23.13 83.96
CA GLY J 463 35.34 23.46 84.12
C GLY J 463 34.73 24.04 82.86
N ARG J 464 35.47 24.90 82.15
CA ARG J 464 34.98 25.43 80.89
C ARG J 464 34.84 24.32 79.85
N TRP J 465 35.80 23.39 79.80
CA TRP J 465 35.71 22.27 78.87
C TRP J 465 34.50 21.40 79.18
N MET J 466 34.26 21.12 80.47
CA MET J 466 33.10 20.33 80.86
C MET J 466 31.80 21.07 80.53
N ALA J 467 31.78 22.40 80.71
CA ALA J 467 30.60 23.17 80.37
C ALA J 467 30.32 23.11 78.87
N ARG J 468 31.38 23.19 78.06
CA ARG J 468 31.20 23.05 76.61
C ARG J 468 30.66 21.66 76.26
N LEU J 469 31.18 20.62 76.92
CA LEU J 469 30.71 19.26 76.64
C LEU J 469 29.28 19.05 77.11
N ALA J 470 28.87 19.74 78.19
CA ALA J 470 27.58 19.47 78.80
C ALA J 470 26.41 19.88 77.90
N ARG J 471 26.56 20.94 77.13
CA ARG J 471 25.46 21.41 76.28
C ARG J 471 25.39 20.68 74.95
N MET J 472 26.29 19.74 74.72
CA MET J 472 26.16 18.81 73.61
C MET J 472 25.52 17.49 74.02
N ASN J 473 25.18 17.34 75.31
CA ASN J 473 24.67 16.08 75.82
C ASN J 473 23.23 15.86 75.36
N ILE J 474 22.92 14.61 75.01
CA ILE J 474 21.57 14.21 74.65
C ILE J 474 21.27 12.86 75.28
N ASN J 475 20.11 12.73 75.89
CA ASN J 475 19.64 11.47 76.45
C ASN J 475 18.89 10.66 75.40
N PRO J 476 18.75 9.35 75.61
CA PRO J 476 18.29 8.47 74.52
C PRO J 476 16.90 8.78 73.98
N THR J 477 16.11 9.62 74.66
CA THR J 477 14.75 9.88 74.18
C THR J 477 14.75 10.53 72.79
N GLU J 478 15.49 11.64 72.64
CA GLU J 478 15.56 12.26 71.32
C GLU J 478 16.40 11.48 70.34
N ILE J 479 17.29 10.59 70.80
CA ILE J 479 17.93 9.67 69.86
C ILE J 479 16.89 8.76 69.24
N GLU J 480 16.02 8.18 70.08
CA GLU J 480 14.91 7.39 69.57
C GLU J 480 14.05 8.20 68.61
N TRP J 481 13.69 9.43 69.01
CA TRP J 481 12.82 10.26 68.19
C TRP J 481 13.45 10.56 66.84
N ALA J 482 14.72 10.97 66.84
CA ALA J 482 15.40 11.32 65.60
C ALA J 482 15.58 10.12 64.69
N LEU J 483 15.95 8.96 65.25
CA LEU J 483 16.10 7.77 64.43
C LEU J 483 14.77 7.34 63.82
N THR J 484 13.69 7.38 64.61
CA THR J 484 12.38 7.02 64.06
C THR J 484 11.95 7.98 62.98
N GLU J 485 12.15 9.28 63.18
CA GLU J 485 11.75 10.26 62.17
C GLU J 485 12.62 10.17 60.93
N CYS J 486 13.89 9.77 61.07
CA CYS J 486 14.74 9.52 59.91
C CYS J 486 14.28 8.30 59.13
N ALA J 487 13.91 7.23 59.83
CA ALA J 487 13.46 6.01 59.17
C ALA J 487 12.01 6.10 58.68
N GLN J 488 11.28 7.15 59.05
CA GLN J 488 9.88 7.32 58.65
C GLN J 488 9.02 6.15 59.10
N GLY J 489 9.33 5.61 60.27
CA GLY J 489 8.59 4.50 60.81
C GLY J 489 8.95 3.14 60.28
N TYR J 490 9.80 3.07 59.24
CA TYR J 490 10.23 1.78 58.72
C TYR J 490 11.04 1.02 59.77
N VAL J 491 11.92 1.72 60.48
CA VAL J 491 12.72 1.13 61.55
C VAL J 491 12.31 1.80 62.85
N THR J 492 11.96 0.98 63.85
CA THR J 492 11.58 1.47 65.17
C THR J 492 12.68 1.13 66.16
N VAL J 493 12.91 2.05 67.09
CA VAL J 493 13.92 1.86 68.13
C VAL J 493 13.27 2.11 69.48
N THR J 494 13.82 1.48 70.52
CA THR J 494 13.27 1.54 71.86
C THR J 494 14.30 2.10 72.82
N SER J 495 13.86 2.98 73.72
CA SER J 495 14.70 3.52 74.77
C SER J 495 14.06 3.24 76.13
N PRO J 496 14.88 3.01 77.16
CA PRO J 496 14.33 2.65 78.47
C PRO J 496 13.62 3.82 79.14
N TYR J 497 12.67 3.47 80.00
CA TYR J 497 11.90 4.45 80.78
C TYR J 497 12.09 4.08 82.25
N ALA J 498 13.07 4.70 82.88
CA ALA J 498 13.45 4.40 84.25
C ALA J 498 14.46 5.45 84.71
N PRO J 499 14.70 5.49 86.06
CA PRO J 499 15.77 6.36 86.53
C PRO J 499 17.07 5.81 86.03
N SER J 500 18.18 6.53 86.14
CA SER J 500 19.41 6.07 85.55
C SER J 500 20.70 6.57 86.08
N VAL J 501 21.78 5.90 85.73
CA VAL J 501 23.07 6.42 86.10
C VAL J 501 23.29 7.49 85.06
N ASN J 502 23.71 8.67 85.48
CA ASN J 502 23.84 9.76 84.54
C ASN J 502 24.84 9.38 83.52
N ARG J 503 24.55 9.67 82.27
CA ARG J 503 25.45 9.30 81.20
C ARG J 503 25.83 10.51 80.43
N LEU J 504 26.87 10.40 79.62
CA LEU J 504 27.37 11.58 78.92
C LEU J 504 27.70 11.18 77.49
N MET J 505 26.85 11.60 76.55
CA MET J 505 27.01 11.26 75.13
C MET J 505 26.87 12.55 74.31
N PRO J 506 27.94 13.34 74.21
CA PRO J 506 27.85 14.64 73.54
C PRO J 506 27.82 14.55 72.03
N TYR J 507 26.66 14.81 71.42
CA TYR J 507 26.55 14.79 69.96
C TYR J 507 25.83 16.00 69.36
N ARG J 508 24.94 16.66 70.07
CA ARG J 508 24.16 17.75 69.47
C ARG J 508 25.03 18.97 69.19
N ILE J 509 24.86 19.56 68.02
CA ILE J 509 25.63 20.71 67.59
C ILE J 509 24.69 21.75 66.96
N SER J 510 25.19 22.98 66.84
CA SER J 510 24.43 24.05 66.23
C SER J 510 24.51 23.96 64.70
N ASN J 511 23.76 24.83 64.03
CA ASN J 511 23.73 24.84 62.57
C ASN J 511 24.92 25.59 61.97
N ALA J 512 25.47 26.57 62.68
CA ALA J 512 26.58 27.35 62.14
C ALA J 512 27.81 26.47 61.92
N GLU J 513 28.12 25.59 62.87
CA GLU J 513 29.25 24.69 62.71
C GLU J 513 29.04 23.74 61.54
N ARG J 514 27.82 23.22 61.39
CA ARG J 514 27.51 22.32 60.29
C ARG J 514 27.70 23.02 58.95
N GLN J 515 27.20 24.26 58.83
CA GLN J 515 27.36 25.00 57.59
C GLN J 515 28.82 25.33 57.31
N ILE J 516 29.58 25.69 58.35
CA ILE J 516 30.99 26.01 58.16
C ILE J 516 31.75 24.79 57.67
N SER J 517 31.50 23.63 58.27
CA SER J 517 32.18 22.41 57.84
C SER J 517 31.73 21.99 56.45
N GLN J 518 30.47 22.21 56.10
CA GLN J 518 30.03 21.95 54.73
C GLN J 518 30.78 22.83 53.74
N ILE J 519 31.00 24.10 54.10
CA ILE J 519 31.77 24.99 53.24
C ILE J 519 33.22 24.50 53.13
N ILE J 520 33.79 24.02 54.23
CA ILE J 520 35.15 23.47 54.19
C ILE J 520 35.20 22.30 53.21
N ARG J 521 34.22 21.41 53.29
CA ARG J 521 34.18 20.25 52.39
C ARG J 521 34.01 20.68 50.94
N VAL J 522 33.18 21.71 50.71
CA VAL J 522 33.00 22.21 49.35
C VAL J 522 34.30 22.77 48.80
N MET J 523 35.02 23.54 49.59
CA MET J 523 36.33 24.04 49.14
C MET J 523 37.29 22.89 48.88
N ASN J 524 37.25 21.86 49.71
CA ASN J 524 38.10 20.69 49.49
C ASN J 524 37.80 20.04 48.15
N ILE J 525 36.52 19.91 47.82
CA ILE J 525 36.10 19.33 46.54
C ILE J 525 35.96 20.48 45.56
N GLY J 526 37.08 20.88 44.97
CA GLY J 526 37.08 21.99 44.04
C GLY J 526 37.55 21.67 42.64
N ASN J 527 36.63 21.64 41.68
CA ASN J 527 36.94 21.47 40.25
C ASN J 527 37.88 20.29 40.00
N ASN J 528 37.51 19.14 40.54
CA ASN J 528 38.36 17.96 40.45
C ASN J 528 37.77 16.83 39.60
N ALA J 529 36.46 16.59 39.71
CA ALA J 529 35.75 15.60 38.89
C ALA J 529 36.20 14.17 39.20
N THR J 530 37.11 14.01 40.16
CA THR J 530 37.54 12.68 40.60
C THR J 530 37.35 12.44 42.09
N VAL J 531 37.22 13.48 42.90
CA VAL J 531 36.94 13.29 44.33
C VAL J 531 35.52 12.78 44.51
N ILE J 532 34.57 13.29 43.73
CA ILE J 532 33.16 12.97 43.92
C ILE J 532 32.75 11.65 43.30
N GLN J 533 33.50 11.14 42.33
CA GLN J 533 33.12 9.90 41.66
C GLN J 533 33.03 8.73 42.64
N PRO J 534 33.99 8.47 43.52
CA PRO J 534 33.81 7.39 44.50
C PRO J 534 32.63 7.62 45.42
N VAL J 535 32.31 8.87 45.75
CA VAL J 535 31.15 9.15 46.60
C VAL J 535 29.87 8.69 45.91
N LEU J 536 29.69 9.07 44.65
CA LEU J 536 28.51 8.67 43.91
C LEU J 536 28.48 7.16 43.70
N GLN J 537 29.64 6.53 43.49
CA GLN J 537 29.66 5.07 43.36
C GLN J 537 29.25 4.39 44.66
N ASP J 538 29.69 4.91 45.80
CA ASP J 538 29.30 4.36 47.10
C ASP J 538 27.80 4.51 47.30
N ILE J 539 27.25 5.69 46.98
CA ILE J 539 25.82 5.88 47.10
C ILE J 539 25.06 4.96 46.16
N SER J 540 25.61 4.72 44.97
CA SER J 540 24.99 3.78 44.04
C SER J 540 24.94 2.38 44.61
N VAL J 541 26.03 1.95 45.26
CA VAL J 541 26.03 0.64 45.92
C VAL J 541 24.98 0.61 47.02
N LEU J 542 24.87 1.70 47.79
CA LEU J 542 23.88 1.74 48.87
C LEU J 542 22.45 1.64 48.32
N LEU J 543 22.18 2.34 47.22
CA LEU J 543 20.90 2.19 46.52
C LEU J 543 20.67 0.76 46.06
N GLN J 544 21.68 0.14 45.46
CA GLN J 544 21.51 -1.21 44.93
C GLN J 544 21.25 -2.21 46.05
N ARG J 545 21.79 -1.97 47.24
CA ARG J 545 21.62 -2.93 48.33
C ARG J 545 20.16 -3.03 48.77
N ILE J 546 19.43 -1.91 48.79
CA ILE J 546 18.10 -1.86 49.39
C ILE J 546 17.00 -1.61 48.37
N SER J 547 17.33 -1.39 47.10
CA SER J 547 16.29 -1.07 46.13
C SER J 547 15.59 -2.33 45.65
N PRO J 548 14.27 -2.40 45.76
CA PRO J 548 13.55 -3.59 45.28
C PRO J 548 13.55 -3.78 43.78
N LEU J 549 13.76 -2.72 43.01
CA LEU J 549 13.76 -2.84 41.55
C LEU J 549 14.95 -3.66 41.10
N GLN J 550 14.77 -4.45 40.04
CA GLN J 550 15.79 -5.39 39.62
C GLN J 550 15.73 -5.54 38.10
N ILE J 551 16.33 -6.62 37.59
CA ILE J 551 16.74 -6.67 36.19
C ILE J 551 15.55 -6.95 35.27
N ASP J 552 14.91 -8.11 35.43
CA ASP J 552 13.99 -8.65 34.43
C ASP J 552 14.65 -8.67 33.07
N PRO J 553 15.59 -9.59 32.85
CA PRO J 553 16.48 -9.51 31.68
C PRO J 553 15.85 -9.92 30.35
N THR J 554 14.54 -10.18 30.29
CA THR J 554 13.94 -10.71 29.08
C THR J 554 12.82 -9.87 28.48
N ILE J 555 12.49 -8.73 29.09
CA ILE J 555 11.36 -7.94 28.60
C ILE J 555 11.65 -7.37 27.23
N ILE J 556 12.86 -6.84 27.02
CA ILE J 556 13.20 -6.20 25.75
C ILE J 556 13.15 -7.21 24.61
N SER J 557 13.75 -8.40 24.82
CA SER J 557 13.74 -9.41 23.77
C SER J 557 12.35 -10.00 23.56
N ASN J 558 11.59 -10.16 24.64
CA ASN J 558 10.25 -10.74 24.51
C ASN J 558 9.29 -9.81 23.78
N THR J 559 9.44 -8.49 23.95
CA THR J 559 8.57 -7.55 23.26
C THR J 559 9.07 -7.22 21.86
N MET J 560 10.18 -7.79 21.42
CA MET J 560 10.65 -7.63 20.05
C MET J 560 10.59 -8.91 19.23
N SER J 561 10.54 -10.08 19.89
CA SER J 561 10.46 -11.34 19.16
C SER J 561 9.09 -11.55 18.52
N THR J 562 8.08 -10.78 18.91
CA THR J 562 6.71 -10.95 18.44
C THR J 562 6.29 -9.83 17.49
N VAL J 563 7.24 -9.11 16.92
CA VAL J 563 6.95 -8.06 15.96
C VAL J 563 6.84 -8.69 14.59
N SER J 564 5.77 -8.36 13.86
CA SER J 564 5.49 -8.96 12.57
C SER J 564 6.25 -8.23 11.49
N GLU J 565 7.19 -8.91 10.85
CA GLU J 565 8.00 -8.35 9.77
C GLU J 565 7.98 -9.29 8.58
N SER J 566 8.67 -8.89 7.52
CA SER J 566 8.84 -9.70 6.32
C SER J 566 10.32 -10.04 6.16
N THR J 567 10.62 -11.33 5.97
CA THR J 567 12.00 -11.76 5.83
C THR J 567 12.64 -11.27 4.54
N THR J 568 11.84 -10.85 3.56
CA THR J 568 12.40 -10.33 2.31
C THR J 568 13.11 -9.00 2.52
N GLN J 569 12.61 -8.17 3.43
CA GLN J 569 13.17 -6.85 3.65
C GLN J 569 14.59 -6.95 4.21
N THR J 570 15.43 -5.99 3.82
CA THR J 570 16.81 -5.95 4.31
C THR J 570 16.90 -5.30 5.69
N LEU J 571 16.19 -4.19 5.87
CA LEU J 571 16.19 -3.49 7.15
C LEU J 571 15.13 -4.07 8.08
N SER J 572 15.49 -4.23 9.35
CA SER J 572 14.58 -4.77 10.34
C SER J 572 14.63 -3.96 11.63
N PRO J 573 13.57 -3.22 11.95
CA PRO J 573 13.63 -2.37 13.16
C PRO J 573 13.86 -3.12 14.45
N ALA J 574 13.28 -4.32 14.61
CA ALA J 574 13.48 -5.06 15.85
C ALA J 574 14.92 -5.51 16.00
N SER J 575 15.50 -6.09 14.95
CA SER J 575 16.90 -6.48 15.02
C SER J 575 17.84 -5.29 15.15
N SER J 576 17.44 -4.13 14.64
CA SER J 576 18.27 -2.94 14.81
C SER J 576 18.24 -2.44 16.24
N ILE J 577 17.05 -2.37 16.85
CA ILE J 577 16.95 -1.87 18.21
C ILE J 577 17.57 -2.86 19.21
N LEU J 578 17.41 -4.16 18.96
CA LEU J 578 18.00 -5.14 19.87
C LEU J 578 19.52 -5.11 19.84
N GLY J 579 20.12 -4.61 18.77
CA GLY J 579 21.56 -4.50 18.70
C GLY J 579 22.05 -3.14 19.15
N LYS J 580 21.20 -2.12 19.01
CA LYS J 580 21.55 -0.78 19.47
C LYS J 580 21.32 -0.58 20.95
N LEU J 581 20.54 -1.45 21.59
CA LEU J 581 20.14 -1.27 22.99
C LEU J 581 20.50 -2.51 23.80
N ARG J 582 21.74 -2.96 23.68
CA ARG J 582 22.16 -4.19 24.33
C ARG J 582 22.22 -4.00 25.84
N PRO J 583 21.54 -4.84 26.62
CA PRO J 583 21.62 -4.74 28.08
C PRO J 583 22.76 -5.56 28.66
N SER J 584 23.44 -4.98 29.65
CA SER J 584 24.52 -5.67 30.33
C SER J 584 24.53 -5.48 31.84
N ASN J 585 23.56 -4.77 32.40
CA ASN J 585 23.37 -4.63 33.84
C ASN J 585 24.48 -3.85 34.54
N SER J 586 25.49 -3.40 33.79
CA SER J 586 26.18 -2.19 34.18
C SER J 586 25.28 -0.98 33.97
N ASP J 587 24.22 -1.16 33.19
CA ASP J 587 23.23 -0.12 32.99
C ASP J 587 22.55 0.25 34.30
N PHE J 588 22.29 -0.74 35.16
CA PHE J 588 21.66 -0.43 36.43
C PHE J 588 22.60 0.34 37.35
N SER J 589 23.89 0.02 37.32
CA SER J 589 24.86 0.78 38.10
C SER J 589 24.94 2.22 37.60
N SER J 590 24.96 2.42 36.28
CA SER J 590 24.97 3.77 35.74
C SER J 590 23.69 4.53 36.10
N PHE J 591 22.55 3.83 36.06
CA PHE J 591 21.28 4.45 36.42
C PHE J 591 21.26 4.88 37.87
N ARG J 592 21.78 4.03 38.77
CA ARG J 592 21.82 4.41 40.18
C ARG J 592 22.81 5.54 40.43
N VAL J 593 23.92 5.59 39.69
CA VAL J 593 24.83 6.72 39.80
C VAL J 593 24.13 8.01 39.38
N ALA J 594 23.41 7.97 38.26
CA ALA J 594 22.67 9.15 37.80
C ALA J 594 21.62 9.56 38.82
N LEU J 595 20.90 8.59 39.38
CA LEU J 595 19.86 8.88 40.36
C LEU J 595 20.46 9.49 41.63
N ALA J 596 21.60 8.97 42.08
CA ALA J 596 22.25 9.52 43.27
C ALA J 596 22.89 10.87 43.00
N GLY J 597 23.18 11.18 41.75
CA GLY J 597 23.68 12.51 41.41
C GLY J 597 22.69 13.63 41.67
N TRP J 598 21.42 13.29 41.89
CA TRP J 598 20.41 14.31 42.18
C TRP J 598 20.74 15.07 43.46
N LEU J 599 21.40 14.42 44.42
CA LEU J 599 21.66 15.05 45.70
C LEU J 599 22.76 16.10 45.62
N TYR J 600 23.59 16.06 44.58
CA TYR J 600 24.72 16.97 44.42
C TYR J 600 24.65 17.58 43.02
N ASN J 601 23.89 18.67 42.89
CA ASN J 601 23.88 19.43 41.64
C ASN J 601 24.57 20.78 41.77
N GLY J 602 25.10 21.09 42.95
CA GLY J 602 25.85 22.32 43.13
C GLY J 602 27.33 22.14 42.90
N VAL J 603 27.79 20.89 42.88
CA VAL J 603 29.19 20.57 42.68
C VAL J 603 29.35 19.64 41.50
N VAL J 604 28.30 18.89 41.16
CA VAL J 604 28.32 17.90 40.10
C VAL J 604 27.18 18.20 39.14
N THR J 605 27.49 18.24 37.84
CA THR J 605 26.50 18.38 36.78
C THR J 605 26.58 17.11 35.94
N THR J 606 25.68 16.17 36.20
CA THR J 606 25.71 14.85 35.54
C THR J 606 25.22 14.99 34.11
N VAL J 607 26.09 15.51 33.25
CA VAL J 607 25.78 15.66 31.84
C VAL J 607 25.83 14.28 31.19
N ILE J 608 25.33 14.18 29.96
CA ILE J 608 25.33 12.90 29.25
C ILE J 608 26.59 12.81 28.40
N ASP J 609 27.07 11.58 28.23
CA ASP J 609 28.33 11.38 27.53
C ASP J 609 28.20 11.72 26.04
N ASP J 610 29.32 12.12 25.45
CA ASP J 610 29.33 12.53 24.05
C ASP J 610 29.20 11.34 23.10
N SER J 611 29.68 10.16 23.49
CA SER J 611 29.65 9.01 22.60
C SER J 611 28.22 8.58 22.29
N SER J 612 27.27 8.90 23.17
CA SER J 612 25.88 8.52 22.92
C SER J 612 25.30 9.25 21.71
N TYR J 613 25.74 10.48 21.46
CA TYR J 613 25.27 11.21 20.31
C TYR J 613 25.76 10.57 19.01
N PRO J 614 24.96 10.65 17.95
CA PRO J 614 25.39 10.06 16.67
C PRO J 614 26.67 10.71 16.15
N LYS J 615 27.51 9.89 15.53
CA LYS J 615 28.74 10.40 14.94
C LYS J 615 28.43 11.34 13.78
N ASP J 616 29.18 12.43 13.71
CA ASP J 616 28.95 13.51 12.75
C ASP J 616 27.50 13.97 12.97
N GLY J 617 26.62 13.89 11.98
CA GLY J 617 25.23 14.19 12.18
C GLY J 617 24.36 13.02 11.74
N GLY J 618 23.24 12.87 12.43
CA GLY J 618 22.32 11.81 12.11
C GLY J 618 21.50 12.10 10.87
N SER J 619 20.69 11.11 10.49
CA SER J 619 19.76 11.25 9.38
C SER J 619 18.45 10.56 9.73
N VAL J 620 17.33 11.26 9.53
CA VAL J 620 16.03 10.68 9.80
C VAL J 620 15.75 9.53 8.84
N THR J 621 16.42 9.52 7.70
CA THR J 621 16.31 8.40 6.76
C THR J 621 17.08 7.18 7.22
N SER J 622 17.78 7.25 8.36
CA SER J 622 18.56 6.14 8.87
C SER J 622 17.90 5.56 10.12
N LEU J 623 17.61 4.27 10.07
CA LEU J 623 16.95 3.60 11.19
C LEU J 623 17.81 3.62 12.44
N GLU J 624 19.12 3.40 12.30
CA GLU J 624 20.02 3.40 13.44
C GLU J 624 20.04 4.78 14.10
N ASN J 625 20.12 5.84 13.30
CA ASN J 625 20.10 7.18 13.86
C ASN J 625 18.76 7.50 14.53
N LEU J 626 17.66 7.01 13.95
CA LEU J 626 16.36 7.24 14.58
C LEU J 626 16.26 6.55 15.93
N TRP J 627 16.75 5.31 16.02
CA TRP J 627 16.74 4.61 17.31
C TRP J 627 17.69 5.27 18.30
N ASP J 628 18.82 5.79 17.83
CA ASP J 628 19.72 6.53 18.72
C ASP J 628 19.04 7.78 19.25
N PHE J 629 18.28 8.48 18.40
CA PHE J 629 17.51 9.62 18.85
C PHE J 629 16.48 9.23 19.91
N PHE J 630 15.81 8.09 19.71
CA PHE J 630 14.89 7.59 20.72
C PHE J 630 15.59 7.35 22.06
N ILE J 631 16.75 6.68 22.01
CA ILE J 631 17.48 6.38 23.24
C ILE J 631 17.89 7.67 23.94
N LEU J 632 18.40 8.64 23.17
CA LEU J 632 18.80 9.92 23.75
C LEU J 632 17.62 10.66 24.36
N ALA J 633 16.47 10.65 23.66
CA ALA J 633 15.30 11.36 24.15
C ALA J 633 14.79 10.76 25.45
N LEU J 634 14.83 9.42 25.57
CA LEU J 634 14.43 8.82 26.83
C LEU J 634 15.45 9.09 27.94
N ALA J 635 16.75 9.08 27.60
CA ALA J 635 17.76 9.17 28.63
C ALA J 635 17.96 10.58 29.18
N LEU J 636 17.79 11.60 28.34
CA LEU J 636 18.15 12.96 28.74
C LEU J 636 17.40 13.49 29.96
N PRO J 637 16.08 13.31 30.11
CA PRO J 637 15.38 13.98 31.23
C PRO J 637 15.87 13.58 32.61
N LEU J 638 16.55 12.43 32.75
CA LEU J 638 17.02 12.00 34.06
C LEU J 638 18.31 12.68 34.50
N THR J 639 18.92 13.49 33.64
CA THR J 639 20.15 14.18 34.01
C THR J 639 19.86 15.45 34.80
N THR J 640 20.88 15.96 35.47
CA THR J 640 20.79 17.20 36.24
C THR J 640 21.34 18.40 35.47
N ASP J 641 21.66 18.23 34.20
CA ASP J 641 22.16 19.33 33.41
C ASP J 641 21.04 20.36 33.19
N PRO J 642 21.26 21.63 33.54
CA PRO J 642 20.22 22.64 33.30
C PRO J 642 19.82 22.77 31.85
N CYS J 643 20.76 22.55 30.91
CA CYS J 643 20.49 22.67 29.50
C CYS J 643 20.08 21.34 28.86
N ALA J 644 19.46 20.45 29.63
CA ALA J 644 18.94 19.22 29.04
C ALA J 644 17.85 19.44 27.99
N PRO J 645 16.85 20.31 28.19
CA PRO J 645 15.81 20.45 27.15
C PRO J 645 16.33 20.94 25.82
N VAL J 646 17.27 21.88 25.80
CA VAL J 646 17.76 22.40 24.52
C VAL J 646 18.56 21.32 23.80
N LYS J 647 19.31 20.51 24.54
CA LYS J 647 20.01 19.38 23.93
C LYS J 647 19.02 18.35 23.40
N ALA J 648 17.92 18.12 24.12
CA ALA J 648 16.90 17.19 23.64
C ALA J 648 16.26 17.69 22.36
N PHE J 649 16.04 19.00 22.25
CA PHE J 649 15.51 19.56 21.02
C PHE J 649 16.52 19.46 19.88
N MET J 650 17.78 19.75 20.17
CA MET J 650 18.78 19.82 19.11
C MET J 650 19.24 18.44 18.64
N THR J 651 19.14 17.40 19.47
CA THR J 651 19.52 16.07 19.00
C THR J 651 18.60 15.60 17.89
N LEU J 652 17.38 16.16 17.83
CA LEU J 652 16.49 15.88 16.71
C LEU J 652 16.62 16.94 15.62
N ALA J 653 16.84 18.20 16.01
CA ALA J 653 17.00 19.25 15.02
C ALA J 653 18.22 19.03 14.13
N ASN J 654 19.26 18.37 14.67
CA ASN J 654 20.49 18.17 13.91
C ASN J 654 20.29 17.16 12.78
N MET J 655 19.66 16.03 13.09
CA MET J 655 19.63 14.89 12.19
C MET J 655 18.67 15.05 11.02
N MET J 656 18.03 16.20 10.88
CA MET J 656 17.06 16.38 9.79
C MET J 656 17.20 17.77 9.18
N VAL J 657 18.43 18.24 9.05
CA VAL J 657 18.70 19.51 8.38
C VAL J 657 18.58 19.32 6.87
N GLY J 658 18.13 20.35 6.18
CA GLY J 658 17.90 20.26 4.74
C GLY J 658 16.54 19.67 4.44
N PHE J 659 16.23 18.54 5.08
CA PHE J 659 14.89 17.97 4.99
C PHE J 659 13.87 18.87 5.65
N GLU J 660 14.28 19.60 6.70
CA GLU J 660 13.37 20.38 7.54
C GLU J 660 14.20 21.40 8.30
N THR J 661 13.93 22.68 8.06
CA THR J 661 14.81 23.75 8.51
C THR J 661 14.06 24.75 9.38
N ILE J 662 14.79 25.30 10.37
CA ILE J 662 14.27 26.29 11.30
C ILE J 662 15.32 27.39 11.48
N PRO J 663 14.92 28.62 11.80
CA PRO J 663 15.89 29.71 11.90
C PRO J 663 16.74 29.61 13.16
N MET J 664 17.92 30.23 13.10
CA MET J 664 18.89 30.18 14.19
C MET J 664 19.26 31.59 14.62
N ASP J 665 20.01 31.69 15.72
CA ASP J 665 20.41 32.99 16.23
C ASP J 665 21.58 33.56 15.43
N ASN J 666 22.70 32.85 15.40
CA ASN J 666 23.88 33.29 14.68
C ASN J 666 24.34 32.17 13.74
N GLN J 667 25.33 32.50 12.91
CA GLN J 667 25.89 31.54 11.96
C GLN J 667 27.04 30.73 12.55
N ILE J 668 27.40 30.98 13.81
CA ILE J 668 28.38 30.15 14.49
C ILE J 668 27.70 28.98 15.19
N TYR J 669 26.62 29.25 15.91
CA TYR J 669 25.83 28.21 16.57
C TYR J 669 24.63 27.86 15.69
N THR J 670 24.94 27.43 14.47
CA THR J 670 23.92 27.20 13.46
C THR J 670 23.16 25.91 13.75
N GLN J 671 22.28 25.55 12.81
CA GLN J 671 21.41 24.39 12.98
C GLN J 671 22.17 23.07 12.97
N SER J 672 23.39 23.03 12.44
CA SER J 672 24.13 21.79 12.24
C SER J 672 25.33 21.68 13.18
N ARG J 673 25.22 22.28 14.36
CA ARG J 673 26.22 22.07 15.41
C ARG J 673 25.90 20.81 16.20
N ARG J 674 26.91 20.28 16.87
CA ARG J 674 26.68 19.13 17.74
C ARG J 674 25.72 19.48 18.86
N ALA J 675 24.74 18.61 19.09
CA ALA J 675 23.73 18.87 20.10
C ALA J 675 24.32 18.94 21.51
N SER J 676 25.47 18.33 21.72
CA SER J 676 26.10 18.37 23.05
C SER J 676 26.82 19.68 23.30
N ALA J 677 27.01 20.50 22.28
CA ALA J 677 27.75 21.75 22.40
C ALA J 677 26.88 22.92 22.81
N PHE J 678 25.74 22.68 23.46
CA PHE J 678 24.82 23.72 23.89
C PHE J 678 24.74 23.80 25.42
N SER J 679 25.90 23.70 26.07
CA SER J 679 25.92 23.59 27.53
C SER J 679 25.64 24.91 28.23
N THR J 680 25.98 26.02 27.60
CA THR J 680 25.80 27.32 28.24
C THR J 680 24.31 27.69 28.30
N PRO J 681 23.84 28.25 29.41
CA PRO J 681 22.42 28.59 29.52
C PRO J 681 21.91 29.57 28.47
N HIS J 682 22.76 30.46 27.95
CA HIS J 682 22.34 31.43 26.95
C HIS J 682 22.90 31.10 25.57
N THR J 683 23.02 29.82 25.26
CA THR J 683 23.12 29.34 23.89
C THR J 683 21.82 28.77 23.39
N TRP J 684 20.75 28.86 24.18
CA TRP J 684 19.45 28.36 23.78
C TRP J 684 18.93 29.17 22.61
N PRO J 685 18.54 28.55 21.50
CA PRO J 685 18.06 29.31 20.34
C PRO J 685 16.77 30.06 20.64
N ARG J 686 16.67 31.24 20.02
CA ARG J 686 15.45 32.02 20.15
C ARG J 686 14.26 31.29 19.53
N CYS J 687 14.50 30.49 18.50
CA CYS J 687 13.42 29.69 17.91
C CYS J 687 12.91 28.63 18.87
N PHE J 688 13.74 28.18 19.81
CA PHE J 688 13.29 27.26 20.84
C PHE J 688 12.66 27.98 22.02
N MET J 689 13.15 29.17 22.36
CA MET J 689 12.52 29.94 23.43
C MET J 689 11.12 30.41 23.03
N ASN J 690 10.96 30.89 21.80
CA ASN J 690 9.67 31.31 21.28
C ASN J 690 9.26 30.31 20.21
N ILE J 691 8.24 29.49 20.53
CA ILE J 691 7.84 28.41 19.64
C ILE J 691 7.27 28.95 18.32
N GLN J 692 6.71 30.17 18.35
CA GLN J 692 6.08 30.73 17.17
C GLN J 692 7.04 30.91 16.00
N LEU J 693 8.35 30.93 16.26
CA LEU J 693 9.31 31.06 15.17
C LEU J 693 9.27 29.87 14.22
N ILE J 694 9.07 28.66 14.76
CA ILE J 694 9.01 27.46 13.95
C ILE J 694 7.66 27.43 13.23
N SER J 695 7.67 27.62 11.92
CA SER J 695 6.43 27.65 11.16
C SER J 695 5.83 26.25 11.07
N PRO J 696 4.50 26.12 11.15
CA PRO J 696 3.88 24.80 11.05
C PRO J 696 3.81 24.23 9.64
N ILE J 697 4.18 25.00 8.62
CA ILE J 697 4.14 24.55 7.24
C ILE J 697 5.51 24.07 6.77
N ASP J 698 6.52 24.92 6.89
CA ASP J 698 7.87 24.52 6.51
C ASP J 698 8.44 23.47 7.45
N ALA J 699 8.11 23.55 8.74
CA ALA J 699 8.65 22.66 9.76
C ALA J 699 7.51 22.08 10.58
N PRO J 700 6.85 21.04 10.10
CA PRO J 700 5.71 20.47 10.82
C PRO J 700 6.08 19.50 11.95
N ILE J 701 7.34 19.10 12.05
CA ILE J 701 7.78 18.11 13.04
C ILE J 701 8.49 18.76 14.22
N LEU J 702 9.39 19.70 13.94
CA LEU J 702 10.07 20.39 15.03
C LEU J 702 9.10 21.22 15.86
N ARG J 703 8.03 21.74 15.24
CA ARG J 703 7.01 22.44 15.99
C ARG J 703 6.38 21.54 17.04
N GLN J 704 5.97 20.33 16.64
CA GLN J 704 5.38 19.39 17.57
C GLN J 704 6.40 18.95 18.62
N TRP J 705 7.66 18.76 18.23
CA TRP J 705 8.68 18.38 19.20
C TRP J 705 8.89 19.47 20.24
N ALA J 706 8.90 20.74 19.82
CA ALA J 706 9.00 21.84 20.77
C ALA J 706 7.79 21.89 21.69
N GLU J 707 6.60 21.66 21.14
CA GLU J 707 5.40 21.63 21.97
C GLU J 707 5.49 20.53 23.03
N ILE J 708 5.94 19.33 22.64
CA ILE J 708 6.06 18.23 23.58
C ILE J 708 7.09 18.56 24.66
N ILE J 709 8.24 19.11 24.25
CA ILE J 709 9.27 19.46 25.22
C ILE J 709 8.74 20.50 26.21
N HIS J 710 8.01 21.51 25.71
CA HIS J 710 7.53 22.57 26.57
C HIS J 710 6.44 22.09 27.52
N ARG J 711 5.56 21.18 27.07
CA ARG J 711 4.38 20.86 27.85
C ARG J 711 4.50 19.60 28.69
N TYR J 712 5.33 18.62 28.29
CA TYR J 712 5.37 17.33 28.98
C TYR J 712 6.74 17.05 29.61
N TRP J 713 7.57 18.07 29.79
CA TRP J 713 8.81 17.87 30.53
C TRP J 713 8.50 17.74 32.01
N PRO J 714 9.16 16.81 32.72
CA PRO J 714 8.82 16.59 34.13
C PRO J 714 9.14 17.81 35.00
N ASN J 715 8.32 17.97 36.09
CA ASN J 715 8.33 19.07 37.04
C ASN J 715 9.07 18.68 38.32
N PRO J 716 9.72 19.65 38.98
CA PRO J 716 10.44 19.34 40.22
C PRO J 716 9.49 19.13 41.40
N SER J 717 10.06 18.62 42.48
CA SER J 717 9.33 18.36 43.72
C SER J 717 10.33 18.25 44.85
N GLN J 718 9.87 17.77 46.02
CA GLN J 718 10.74 17.67 47.19
C GLN J 718 10.19 16.60 48.12
N ILE J 719 11.03 16.19 49.08
CA ILE J 719 10.72 15.02 49.90
C ILE J 719 10.81 15.28 51.40
N ARG J 720 11.49 16.34 51.87
CA ARG J 720 11.49 16.73 53.28
C ARG J 720 12.06 15.63 54.18
N TYR J 721 13.36 15.39 54.01
CA TYR J 721 14.03 14.35 54.79
C TYR J 721 14.46 14.92 56.14
N GLY J 722 15.03 14.04 56.97
CA GLY J 722 15.90 14.45 58.05
C GLY J 722 15.19 14.92 59.30
N THR J 723 16.00 15.12 60.35
CA THR J 723 15.57 15.60 61.67
C THR J 723 16.56 16.65 62.18
N PRO J 724 16.09 17.83 62.57
CA PRO J 724 16.99 18.87 63.09
C PRO J 724 17.16 18.90 64.59
N ASN J 725 16.49 18.01 65.33
CA ASN J 725 16.57 18.06 66.79
C ASN J 725 17.93 17.60 67.29
N VAL J 726 18.49 16.56 66.69
CA VAL J 726 19.79 16.04 67.11
C VAL J 726 20.85 16.52 66.14
N PHE J 727 20.69 16.16 64.85
CA PHE J 727 21.60 16.65 63.84
C PHE J 727 21.26 18.10 63.48
N GLY J 728 22.20 18.76 62.81
CA GLY J 728 21.99 20.11 62.35
C GLY J 728 21.27 20.16 61.02
N SER J 729 21.32 21.33 60.39
CA SER J 729 20.75 21.54 59.06
C SER J 729 21.92 21.87 58.13
N ALA J 730 22.51 20.83 57.54
CA ALA J 730 23.69 21.01 56.70
C ALA J 730 23.35 21.67 55.37
N ASN J 731 22.14 21.45 54.87
CA ASN J 731 21.75 22.00 53.58
C ASN J 731 21.69 23.53 53.62
N LEU J 732 22.11 24.15 52.52
CA LEU J 732 22.12 25.60 52.40
C LEU J 732 21.79 25.97 50.96
N PHE J 733 21.36 27.23 50.78
CA PHE J 733 20.72 27.74 49.57
C PHE J 733 19.31 27.17 49.45
N THR J 734 18.95 26.28 50.36
CA THR J 734 17.63 25.68 50.47
C THR J 734 17.18 25.76 51.92
N PRO J 735 15.87 25.75 52.17
CA PRO J 735 15.40 25.73 53.55
C PRO J 735 15.86 24.45 54.24
N PRO J 736 15.99 24.48 55.56
CA PRO J 736 16.30 23.25 56.28
C PRO J 736 15.19 22.23 56.12
N GLU J 737 15.57 20.95 56.15
CA GLU J 737 14.62 19.84 56.11
C GLU J 737 13.87 19.78 54.78
N VAL J 738 14.61 19.76 53.68
CA VAL J 738 14.02 19.59 52.36
C VAL J 738 15.07 19.06 51.41
N LEU J 739 14.63 18.33 50.38
CA LEU J 739 15.51 17.79 49.35
C LEU J 739 14.80 17.93 48.01
N LEU J 740 15.42 18.66 47.09
CA LEU J 740 14.80 18.92 45.80
C LEU J 740 15.06 17.77 44.83
N LEU J 741 14.12 17.57 43.91
CA LEU J 741 14.18 16.49 42.94
C LEU J 741 13.93 17.02 41.54
N PRO J 742 14.54 16.42 40.52
CA PRO J 742 14.24 16.84 39.15
C PRO J 742 12.88 16.42 38.66
N ILE J 743 12.31 15.36 39.24
CA ILE J 743 11.01 14.84 38.82
C ILE J 743 10.03 14.95 39.97
N ASP J 744 8.74 14.97 39.63
CA ASP J 744 7.69 15.11 40.63
C ASP J 744 7.47 13.78 41.35
N HIS J 745 7.03 13.88 42.60
CA HIS J 745 6.89 12.72 43.48
C HIS J 745 5.51 12.74 44.14
N GLN J 746 4.69 11.73 43.85
CA GLN J 746 3.45 11.51 44.57
C GLN J 746 3.58 10.22 45.37
N PRO J 747 3.46 10.27 46.71
CA PRO J 747 3.59 9.04 47.49
C PRO J 747 2.48 8.05 47.19
N ALA J 748 2.81 6.77 47.30
CA ALA J 748 1.83 5.72 47.10
C ALA J 748 1.00 5.52 48.35
N ASN J 749 -0.26 5.11 48.15
CA ASN J 749 -1.18 4.87 49.24
C ASN J 749 -1.45 3.38 49.48
N VAL J 750 -0.77 2.50 48.75
CA VAL J 750 -0.92 1.06 48.91
C VAL J 750 0.47 0.44 49.04
N THR J 751 0.50 -0.73 49.68
CA THR J 751 1.73 -1.47 49.86
C THR J 751 1.86 -2.66 48.92
N THR J 752 0.86 -2.89 48.07
CA THR J 752 0.95 -3.95 47.07
C THR J 752 1.02 -3.30 45.69
N PRO J 753 2.20 -2.92 45.22
CA PRO J 753 2.30 -2.17 43.97
C PRO J 753 1.90 -3.01 42.77
N THR J 754 1.41 -2.33 41.74
CA THR J 754 1.02 -2.97 40.50
C THR J 754 1.19 -1.97 39.37
N LEU J 755 1.27 -2.49 38.15
CA LEU J 755 1.61 -1.68 37.00
C LEU J 755 0.54 -0.62 36.71
N ASP J 756 0.99 0.59 36.42
CA ASP J 756 0.11 1.65 35.94
C ASP J 756 0.91 2.56 35.01
N PHE J 757 0.19 3.25 34.13
CA PHE J 757 0.82 4.10 33.12
C PHE J 757 0.54 5.59 33.33
N THR J 758 -0.01 5.96 34.49
CA THR J 758 -0.39 7.35 34.75
C THR J 758 0.71 8.08 35.53
N ASN J 759 1.83 8.29 34.84
CA ASN J 759 2.94 9.02 35.44
C ASN J 759 3.78 9.67 34.35
N GLU J 760 4.65 10.59 34.80
CA GLU J 760 5.32 11.52 33.89
C GLU J 760 6.26 10.81 32.93
N LEU J 761 7.03 9.84 33.43
CA LEU J 761 8.01 9.17 32.58
C LEU J 761 7.32 8.34 31.50
N THR J 762 6.24 7.65 31.83
CA THR J 762 5.48 6.92 30.83
C THR J 762 4.84 7.87 29.83
N ASN J 763 4.34 9.01 30.30
CA ASN J 763 3.79 10.01 29.38
C ASN J 763 4.85 10.50 28.41
N TRP J 764 6.06 10.75 28.91
CA TRP J 764 7.16 11.19 28.06
C TRP J 764 7.51 10.14 27.02
N ARG J 765 7.61 8.87 27.44
CA ARG J 765 7.94 7.79 26.50
C ARG J 765 6.88 7.68 25.42
N ALA J 766 5.60 7.71 25.83
CA ALA J 766 4.52 7.66 24.87
C ALA J 766 4.62 8.79 23.87
N ARG J 767 4.73 10.03 24.36
CA ARG J 767 4.74 11.20 23.47
C ARG J 767 5.89 11.11 22.48
N VAL J 768 7.05 10.62 22.92
CA VAL J 768 8.13 10.37 21.98
C VAL J 768 7.70 9.35 20.93
N CYS J 769 6.96 8.31 21.36
CA CYS J 769 6.53 7.29 20.42
C CYS J 769 5.59 7.85 19.35
N GLU J 770 4.56 8.61 19.76
CA GLU J 770 3.70 9.21 18.73
C GLU J 770 4.42 10.26 17.90
N LEU J 771 5.42 10.95 18.47
CA LEU J 771 6.18 11.88 17.64
C LEU J 771 6.90 11.16 16.52
N MET J 772 7.59 10.06 16.84
CA MET J 772 8.26 9.31 15.78
C MET J 772 7.27 8.66 14.84
N LYS J 773 6.11 8.25 15.34
CA LYS J 773 5.08 7.70 14.47
C LYS J 773 4.59 8.74 13.46
N ASN J 774 4.37 9.97 13.92
CA ASN J 774 3.99 11.04 13.00
C ASN J 774 5.10 11.33 12.00
N LEU J 775 6.36 11.30 12.46
CA LEU J 775 7.48 11.51 11.55
C LEU J 775 7.51 10.44 10.45
N VAL J 776 7.32 9.17 10.84
CA VAL J 776 7.33 8.08 9.87
C VAL J 776 6.14 8.21 8.91
N ASP J 777 4.96 8.55 9.44
CA ASP J 777 3.74 8.62 8.64
C ASP J 777 3.70 9.85 7.74
N ASN J 778 4.68 10.75 7.86
CA ASN J 778 4.67 11.98 7.08
C ASN J 778 4.72 11.68 5.58
N GLN J 779 4.00 12.48 4.79
CA GLN J 779 3.86 12.22 3.37
C GLN J 779 5.14 12.51 2.59
N ARG J 780 6.05 13.31 3.15
CA ARG J 780 7.34 13.56 2.51
C ARG J 780 8.42 12.59 2.97
N TYR J 781 8.08 11.62 3.81
CA TYR J 781 9.01 10.62 4.30
C TYR J 781 8.57 9.19 4.07
N GLN J 782 7.27 8.91 4.15
CA GLN J 782 6.78 7.55 3.97
C GLN J 782 7.08 6.97 2.58
N PRO J 783 6.82 7.67 1.47
CA PRO J 783 7.05 7.04 0.15
C PRO J 783 8.48 6.61 -0.10
N GLY J 784 9.46 7.24 0.56
CA GLY J 784 10.83 6.75 0.45
C GLY J 784 11.04 5.38 1.04
N TRP J 785 10.14 4.95 1.92
CA TRP J 785 10.16 3.62 2.51
C TRP J 785 9.12 2.74 1.84
N THR J 786 9.35 1.43 1.94
CA THR J 786 8.37 0.47 1.43
C THR J 786 7.21 0.34 2.41
N GLN J 787 6.20 -0.45 2.02
CA GLN J 787 4.99 -0.58 2.83
C GLN J 787 5.17 -1.55 3.99
N SER J 788 5.82 -2.69 3.75
CA SER J 788 6.01 -3.67 4.81
C SER J 788 6.88 -3.11 5.93
N LEU J 789 7.93 -2.37 5.57
CA LEU J 789 8.80 -1.79 6.59
C LEU J 789 8.07 -0.71 7.38
N VAL J 790 7.23 0.08 6.70
CA VAL J 790 6.45 1.09 7.42
C VAL J 790 5.50 0.43 8.41
N SER J 791 4.82 -0.62 7.97
CA SER J 791 3.92 -1.33 8.89
C SER J 791 4.69 -1.95 10.06
N SER J 792 5.84 -2.54 9.79
CA SER J 792 6.65 -3.14 10.86
C SER J 792 7.14 -2.08 11.84
N MET J 793 7.55 -0.90 11.34
CA MET J 793 8.00 0.16 12.23
C MET J 793 6.86 0.74 13.05
N ARG J 794 5.67 0.86 12.45
CA ARG J 794 4.52 1.31 13.23
C ARG J 794 4.21 0.31 14.34
N GLY J 795 4.26 -0.98 14.02
CA GLY J 795 4.07 -1.99 15.06
C GLY J 795 5.14 -1.92 16.12
N THR J 796 6.39 -1.69 15.72
CA THR J 796 7.49 -1.57 16.67
C THR J 796 7.26 -0.40 17.63
N LEU J 797 6.90 0.76 17.10
CA LEU J 797 6.65 1.92 17.96
C LEU J 797 5.46 1.68 18.87
N GLY J 798 4.38 1.12 18.34
CA GLY J 798 3.21 0.86 19.16
C GLY J 798 3.42 -0.18 20.23
N LYS J 799 4.31 -1.14 19.99
CA LYS J 799 4.63 -2.19 20.96
C LYS J 799 5.68 -1.74 21.96
N LEU J 800 6.54 -0.79 21.58
CA LEU J 800 7.52 -0.25 22.52
C LEU J 800 6.92 0.83 23.40
N LYS J 801 5.85 1.49 22.94
CA LYS J 801 5.13 2.44 23.77
C LYS J 801 4.46 1.73 24.95
N LEU J 802 3.90 0.54 24.71
CA LEU J 802 3.17 -0.20 25.72
C LEU J 802 4.03 -1.26 26.39
N ILE J 803 5.33 -1.01 26.56
CA ILE J 803 6.17 -1.95 27.27
C ILE J 803 5.76 -2.00 28.74
N LYS J 804 5.91 -3.16 29.36
CA LYS J 804 5.52 -3.33 30.77
C LYS J 804 6.72 -3.07 31.68
N SER J 805 7.30 -1.88 31.51
CA SER J 805 8.38 -1.42 32.36
C SER J 805 7.81 -0.69 33.56
N MET J 806 8.39 -0.96 34.72
CA MET J 806 7.84 -0.49 35.99
C MET J 806 8.78 0.49 36.67
N THR J 807 9.96 0.73 36.06
CA THR J 807 10.90 1.74 36.55
C THR J 807 10.30 3.15 36.60
N PRO J 808 9.50 3.60 35.63
CA PRO J 808 8.87 4.92 35.81
C PRO J 808 8.04 5.02 37.07
N MET J 809 7.26 4.00 37.40
CA MET J 809 6.45 4.07 38.61
C MET J 809 7.32 3.96 39.86
N TYR J 810 8.39 3.16 39.78
CA TYR J 810 9.36 3.13 40.87
C TYR J 810 9.90 4.53 41.16
N LEU J 811 10.36 5.21 40.11
CA LEU J 811 10.87 6.57 40.27
C LEU J 811 9.80 7.50 40.82
N GLN J 812 8.56 7.36 40.34
CA GLN J 812 7.50 8.24 40.79
C GLN J 812 7.20 8.06 42.27
N GLN J 813 7.17 6.82 42.75
CA GLN J 813 6.63 6.53 44.07
C GLN J 813 7.69 6.22 45.13
N LEU J 814 8.56 5.23 44.90
CA LEU J 814 9.38 4.72 45.99
C LEU J 814 10.79 5.27 46.03
N ALA J 815 11.32 5.75 44.92
CA ALA J 815 12.69 6.27 44.91
C ALA J 815 12.88 7.46 45.85
N PRO J 816 12.04 8.50 45.82
CA PRO J 816 12.27 9.63 46.74
C PRO J 816 12.20 9.24 48.21
N VAL J 817 11.32 8.31 48.58
CA VAL J 817 11.20 7.91 49.97
C VAL J 817 12.49 7.28 50.47
N GLU J 818 13.02 6.33 49.69
CA GLU J 818 14.25 5.66 50.11
C GLU J 818 15.46 6.60 50.01
N LEU J 819 15.46 7.54 49.08
CA LEU J 819 16.52 8.56 49.08
C LEU J 819 16.46 9.41 50.34
N ALA J 820 15.26 9.79 50.77
CA ALA J 820 15.13 10.52 52.03
C ALA J 820 15.58 9.68 53.20
N VAL J 821 15.39 8.36 53.13
CA VAL J 821 15.92 7.47 54.16
C VAL J 821 17.44 7.49 54.16
N ILE J 822 18.05 7.43 52.97
CA ILE J 822 19.50 7.37 52.85
C ILE J 822 20.15 8.68 53.31
N ALA J 823 19.52 9.81 52.99
CA ALA J 823 20.18 11.10 53.09
C ALA J 823 20.81 11.43 54.44
N PRO J 824 20.16 11.24 55.60
CA PRO J 824 20.76 11.70 56.86
C PRO J 824 22.14 11.14 57.15
N MET J 825 22.26 9.82 57.21
CA MET J 825 23.52 9.17 57.52
C MET J 825 24.35 8.92 56.24
N LEU J 826 24.69 10.03 55.59
CA LEU J 826 25.53 10.04 54.42
C LEU J 826 26.77 10.86 54.75
N PRO J 827 27.99 10.39 54.43
CA PRO J 827 29.17 11.10 54.92
C PRO J 827 29.43 12.43 54.25
N PHE J 828 28.81 12.71 53.12
CA PHE J 828 28.82 14.04 52.52
C PHE J 828 27.38 14.52 52.42
N PRO J 829 26.95 15.44 53.27
CA PRO J 829 25.53 15.81 53.28
C PRO J 829 25.12 16.43 51.97
N PRO J 830 23.85 16.32 51.60
CA PRO J 830 23.39 16.86 50.31
C PRO J 830 23.65 18.37 50.21
N PHE J 831 24.04 18.79 49.01
CA PHE J 831 24.34 20.19 48.73
C PHE J 831 23.68 20.51 47.39
N GLN J 832 22.56 21.23 47.44
CA GLN J 832 21.70 21.38 46.28
C GLN J 832 21.41 22.85 45.98
N VAL J 833 21.12 23.10 44.72
CA VAL J 833 20.66 24.40 44.25
C VAL J 833 19.31 24.19 43.57
N PRO J 834 18.47 25.22 43.50
CA PRO J 834 17.11 25.02 42.99
C PRO J 834 17.08 24.46 41.58
N TYR J 835 16.16 23.53 41.35
CA TYR J 835 15.91 23.01 40.02
C TYR J 835 14.94 23.90 39.27
N VAL J 836 15.29 24.22 38.03
CA VAL J 836 14.44 25.04 37.15
C VAL J 836 14.37 24.35 35.80
N ARG J 837 13.18 24.29 35.23
CA ARG J 837 12.96 23.63 33.94
C ARG J 837 12.56 24.66 32.89
N LEU J 838 13.33 24.71 31.81
CA LEU J 838 13.05 25.47 30.60
C LEU J 838 13.00 26.98 30.85
N ASP J 839 13.10 27.44 32.08
CA ASP J 839 13.06 28.86 32.41
C ASP J 839 14.51 29.31 32.57
N ARG J 840 15.04 29.96 31.53
CA ARG J 840 16.43 30.41 31.54
C ARG J 840 16.57 31.81 32.13
N ASP J 841 16.01 32.01 33.32
CA ASP J 841 16.19 33.25 34.06
C ASP J 841 16.67 32.92 35.46
N ARG J 842 16.32 31.74 35.96
CA ARG J 842 16.74 31.25 37.26
C ARG J 842 17.73 30.09 37.16
N VAL J 843 18.31 29.88 35.97
CA VAL J 843 19.28 28.82 35.78
C VAL J 843 20.54 29.18 36.57
N PRO J 844 20.97 28.35 37.52
CA PRO J 844 22.09 28.72 38.38
C PRO J 844 23.43 28.53 37.69
N THR J 845 24.27 29.57 37.79
CA THR J 845 25.63 29.53 37.28
C THR J 845 26.56 30.16 38.30
N MET J 846 27.81 29.67 38.30
CA MET J 846 28.87 30.23 39.14
C MET J 846 28.47 30.17 40.62
N VAL J 847 28.39 28.96 41.13
CA VAL J 847 28.36 28.79 42.58
C VAL J 847 29.77 28.90 43.12
N GLY J 848 29.98 29.86 44.00
CA GLY J 848 31.32 30.25 44.40
C GLY J 848 31.49 30.31 45.90
N VAL J 849 32.71 30.10 46.35
CA VAL J 849 33.08 30.11 47.76
C VAL J 849 34.29 31.00 47.95
N THR J 850 34.40 31.58 49.14
CA THR J 850 35.51 32.47 49.48
C THR J 850 36.16 32.00 50.77
N ARG J 851 37.43 32.38 50.95
CA ARG J 851 38.14 32.05 52.18
C ARG J 851 39.00 33.19 52.70
N GLN J 852 38.83 34.41 52.18
CA GLN J 852 39.63 35.55 52.59
C GLN J 852 39.08 36.82 51.96
N SER J 853 39.22 37.94 52.67
CA SER J 853 39.05 39.25 52.06
C SER J 853 40.28 39.56 51.20
N ARG J 854 40.25 40.71 50.52
CA ARG J 854 41.32 41.00 49.57
C ARG J 854 42.25 42.14 50.00
N ASP J 855 41.76 43.38 50.13
CA ASP J 855 42.68 44.49 50.38
C ASP J 855 42.37 45.24 51.67
N THR J 856 41.18 45.82 51.80
CA THR J 856 40.84 46.59 52.98
C THR J 856 39.39 46.42 53.41
N ILE J 857 38.59 45.68 52.65
CA ILE J 857 37.18 45.48 52.99
C ILE J 857 37.10 44.48 54.13
N THR J 858 36.62 44.94 55.28
CA THR J 858 36.50 44.11 56.47
C THR J 858 35.13 43.45 56.60
N GLN J 859 34.27 43.63 55.60
CA GLN J 859 32.91 43.12 55.64
C GLN J 859 32.73 42.04 54.57
N PRO J 860 32.41 40.80 54.95
CA PRO J 860 32.25 39.75 53.94
C PRO J 860 31.17 40.03 52.91
N ALA J 861 30.08 40.69 53.31
CA ALA J 861 29.01 40.99 52.37
C ALA J 861 29.48 41.86 51.22
N LEU J 862 30.52 42.67 51.43
CA LEU J 862 31.08 43.50 50.37
C LEU J 862 32.32 42.90 49.74
N SER J 863 33.05 42.05 50.45
CA SER J 863 34.26 41.43 49.93
C SER J 863 34.02 40.05 49.32
N LEU J 864 32.76 39.62 49.24
CA LEU J 864 32.44 38.28 48.75
C LEU J 864 32.20 38.22 47.25
N SER J 865 31.53 39.23 46.69
CA SER J 865 31.09 39.17 45.30
C SER J 865 32.25 39.14 44.31
N THR J 866 33.46 39.52 44.74
CA THR J 866 34.59 39.60 43.82
C THR J 866 35.83 38.87 44.34
N THR J 867 35.69 38.01 45.34
CA THR J 867 36.82 37.31 45.93
C THR J 867 36.43 35.85 46.19
N ASN J 868 35.79 35.23 45.19
CA ASN J 868 35.31 33.87 45.31
C ASN J 868 36.01 32.97 44.30
N THR J 869 35.82 31.66 44.46
CA THR J 869 36.36 30.66 43.55
C THR J 869 35.22 29.75 43.11
N THR J 870 35.05 29.62 41.79
CA THR J 870 33.98 28.80 41.26
C THR J 870 34.21 27.33 41.59
N VAL J 871 33.12 26.61 41.82
CA VAL J 871 33.17 25.19 42.18
C VAL J 871 32.16 24.45 41.30
N GLY J 872 32.59 23.34 40.71
CA GLY J 872 31.69 22.49 39.95
C GLY J 872 32.41 21.78 38.82
N VAL J 873 31.94 20.56 38.54
CA VAL J 873 32.49 19.76 37.44
C VAL J 873 31.35 19.07 36.71
N PRO J 874 31.55 18.80 35.42
CA PRO J 874 30.61 17.93 34.70
C PRO J 874 31.01 16.47 34.79
N LEU J 875 30.00 15.62 34.95
CA LEU J 875 30.18 14.17 35.01
C LEU J 875 29.44 13.54 33.84
N ALA J 876 30.09 12.58 33.18
CA ALA J 876 29.59 12.01 31.93
C ALA J 876 28.98 10.63 32.17
N LEU J 877 27.78 10.42 31.62
CA LEU J 877 27.12 9.13 31.67
C LEU J 877 26.55 8.84 30.29
N ASP J 878 26.45 7.55 29.94
CA ASP J 878 26.00 7.14 28.62
C ASP J 878 24.51 6.85 28.60
N ALA J 879 23.89 7.11 27.45
CA ALA J 879 22.45 6.97 27.30
C ALA J 879 22.02 5.51 27.17
N ARG J 880 22.85 4.66 26.58
CA ARG J 880 22.48 3.26 26.38
C ARG J 880 22.23 2.53 27.69
N ALA J 881 22.86 2.98 28.78
CA ALA J 881 22.65 2.35 30.07
C ALA J 881 21.37 2.85 30.73
N ILE J 882 21.17 4.16 30.75
CA ILE J 882 20.00 4.74 31.40
C ILE J 882 18.72 4.30 30.68
N THR J 883 18.77 4.24 29.35
CA THR J 883 17.58 3.82 28.61
C THR J 883 17.23 2.37 28.90
N VAL J 884 18.23 1.48 28.97
CA VAL J 884 17.96 0.09 29.30
C VAL J 884 17.37 -0.02 30.70
N ALA J 885 17.95 0.71 31.65
CA ALA J 885 17.43 0.66 33.02
C ALA J 885 16.02 1.21 33.11
N LEU J 886 15.69 2.21 32.30
CA LEU J 886 14.36 2.81 32.33
C LEU J 886 13.33 2.00 31.54
N LEU J 887 13.79 1.09 30.68
CA LEU J 887 12.88 0.26 29.90
C LEU J 887 12.75 -1.16 30.42
N SER J 888 13.64 -1.61 31.31
CA SER J 888 13.60 -2.96 31.84
C SER J 888 13.64 -2.90 33.36
N GLY J 889 12.68 -3.58 34.00
CA GLY J 889 12.67 -3.70 35.45
C GLY J 889 11.38 -4.21 36.04
N LYS J 890 11.48 -5.01 37.11
CA LYS J 890 10.31 -5.46 37.86
C LYS J 890 10.58 -5.34 39.35
N TYR J 891 9.68 -5.92 40.12
CA TYR J 891 9.82 -6.17 41.54
C TYR J 891 9.79 -7.66 41.79
N PRO J 892 10.09 -8.11 43.01
CA PRO J 892 9.87 -9.52 43.32
C PRO J 892 8.42 -9.89 43.12
N PRO J 893 8.14 -11.15 42.77
CA PRO J 893 6.78 -11.50 42.31
C PRO J 893 5.69 -11.26 43.34
N ASP J 894 6.03 -11.23 44.62
CA ASP J 894 5.03 -10.96 45.66
C ASP J 894 5.75 -10.25 46.81
N LEU J 895 5.64 -8.92 46.84
CA LEU J 895 6.30 -8.10 47.84
C LEU J 895 5.31 -7.14 48.46
N VAL J 896 5.62 -6.71 49.67
CA VAL J 896 4.93 -5.61 50.34
C VAL J 896 5.97 -4.59 50.76
N THR J 897 5.73 -3.32 50.42
CA THR J 897 6.76 -2.30 50.51
C THR J 897 7.22 -2.08 51.95
N ASN J 898 6.29 -2.07 52.90
CA ASN J 898 6.66 -1.80 54.29
C ASN J 898 7.60 -2.88 54.82
N VAL J 899 7.24 -4.15 54.64
CA VAL J 899 8.07 -5.24 55.14
C VAL J 899 9.42 -5.27 54.41
N TRP J 900 9.39 -5.10 53.09
CA TRP J 900 10.62 -5.12 52.32
C TRP J 900 11.58 -4.04 52.78
N TYR J 901 11.09 -2.80 52.90
CA TYR J 901 11.95 -1.70 53.33
C TYR J 901 12.43 -1.89 54.75
N ALA J 902 11.56 -2.35 55.65
CA ALA J 902 12.00 -2.59 57.02
C ALA J 902 13.15 -3.60 57.07
N ASP J 903 12.96 -4.74 56.40
CA ASP J 903 14.00 -5.77 56.40
C ASP J 903 15.28 -5.28 55.73
N ALA J 904 15.14 -4.46 54.68
CA ALA J 904 16.32 -4.02 53.95
C ALA J 904 17.11 -2.98 54.72
N ILE J 905 16.43 -2.05 55.40
CA ILE J 905 17.12 -0.91 56.00
C ILE J 905 17.26 -0.99 57.50
N TYR J 906 16.82 -2.08 58.14
CA TYR J 906 17.12 -2.25 59.56
C TYR J 906 18.62 -2.32 59.85
N PRO J 907 19.43 -3.12 59.13
CA PRO J 907 20.87 -3.12 59.44
C PRO J 907 21.55 -1.79 59.20
N MET J 908 20.95 -0.94 58.36
CA MET J 908 21.61 0.31 57.98
C MET J 908 21.69 1.29 59.14
N TYR J 909 20.68 1.29 60.01
CA TYR J 909 20.58 2.30 61.05
C TYR J 909 21.29 1.91 62.34
N ALA J 910 22.01 0.78 62.35
CA ALA J 910 22.71 0.37 63.56
C ALA J 910 23.98 1.17 63.78
N ASP J 911 24.55 1.72 62.71
CA ASP J 911 25.83 2.40 62.82
C ASP J 911 25.70 3.76 63.50
N THR J 912 26.85 4.32 63.87
CA THR J 912 26.92 5.61 64.54
C THR J 912 27.89 6.54 63.81
N GLU J 913 28.05 6.33 62.51
CA GLU J 913 29.03 7.09 61.75
C GLU J 913 28.70 8.57 61.73
N VAL J 914 27.43 8.91 61.50
CA VAL J 914 27.03 10.32 61.47
C VAL J 914 27.24 10.96 62.84
N PHE J 915 26.99 10.21 63.91
CA PHE J 915 27.28 10.70 65.24
C PHE J 915 28.76 10.99 65.43
N SER J 916 29.62 10.18 64.80
CA SER J 916 31.06 10.44 64.85
C SER J 916 31.44 11.69 64.04
N ASN J 917 30.87 11.84 62.85
CA ASN J 917 31.13 13.05 62.06
C ASN J 917 30.65 14.31 62.77
N LEU J 918 29.60 14.21 63.60
CA LEU J 918 29.20 15.39 64.37
C LEU J 918 30.30 15.84 65.33
N GLN J 919 30.91 14.89 66.03
CA GLN J 919 32.02 15.22 66.91
C GLN J 919 33.21 15.75 66.13
N ARG J 920 33.44 15.23 64.92
CA ARG J 920 34.46 15.81 64.05
C ARG J 920 34.11 17.24 63.65
N ASP J 921 32.82 17.50 63.40
CA ASP J 921 32.37 18.82 63.02
C ASP J 921 32.61 19.83 64.14
N VAL J 922 32.54 19.38 65.39
CA VAL J 922 32.85 20.26 66.50
C VAL J 922 34.27 20.82 66.37
N ILE J 923 35.25 19.93 66.19
CA ILE J 923 36.65 20.35 66.19
C ILE J 923 37.00 21.10 64.92
N THR J 924 36.42 20.71 63.78
CA THR J 924 36.77 21.39 62.54
C THR J 924 36.30 22.85 62.54
N CYS J 925 35.42 23.22 63.47
CA CYS J 925 35.03 24.61 63.66
C CYS J 925 35.71 25.27 64.85
N GLU J 926 36.10 24.48 65.86
CA GLU J 926 36.93 25.03 66.94
C GLU J 926 38.28 25.51 66.39
N ALA J 927 38.86 24.73 65.48
CA ALA J 927 40.23 24.98 65.04
C ALA J 927 40.36 26.31 64.31
N VAL J 928 39.40 26.65 63.44
CA VAL J 928 39.51 27.87 62.65
C VAL J 928 39.43 29.10 63.54
N GLN J 929 38.51 29.10 64.50
CA GLN J 929 38.41 30.23 65.43
C GLN J 929 39.67 30.35 66.28
N THR J 930 40.20 29.23 66.75
CA THR J 930 41.45 29.28 67.51
C THR J 930 42.57 29.85 66.65
N LEU J 931 42.64 29.43 65.39
CA LEU J 931 43.69 29.92 64.49
C LEU J 931 43.60 31.42 64.28
N VAL J 932 42.39 31.93 64.01
CA VAL J 932 42.26 33.36 63.75
C VAL J 932 42.56 34.16 65.01
N THR J 933 42.11 33.66 66.17
CA THR J 933 42.40 34.36 67.41
C THR J 933 43.89 34.42 67.68
N LEU J 934 44.60 33.32 67.45
CA LEU J 934 46.05 33.31 67.68
C LEU J 934 46.77 34.21 66.68
N VAL J 935 46.35 34.20 65.42
CA VAL J 935 47.02 34.99 64.40
C VAL J 935 46.82 36.48 64.66
N ALA J 936 45.64 36.87 65.16
CA ALA J 936 45.31 38.28 65.32
C ALA J 936 46.18 39.00 66.34
N GLN J 937 46.93 38.24 67.15
CA GLN J 937 47.80 38.85 68.15
C GLN J 937 49.24 39.02 67.68
N ILE J 938 49.62 38.46 66.54
CA ILE J 938 50.91 38.73 65.92
C ILE J 938 50.77 39.43 64.58
N SER J 939 49.57 39.54 64.04
CA SER J 939 49.31 40.27 62.81
C SER J 939 48.26 41.35 63.06
N GLU J 940 47.84 42.01 61.99
CA GLU J 940 46.81 43.02 62.04
C GLU J 940 45.64 42.54 61.21
N THR J 941 44.53 42.22 61.87
CA THR J 941 43.38 41.59 61.23
C THR J 941 42.17 42.51 61.32
N GLN J 942 41.03 42.01 60.83
CA GLN J 942 39.78 42.75 60.91
C GLN J 942 38.91 42.35 62.08
N TYR J 943 39.12 41.16 62.65
CA TYR J 943 38.33 40.72 63.78
C TYR J 943 38.69 41.51 65.03
N PRO J 944 37.74 41.78 65.92
CA PRO J 944 38.06 42.45 67.19
C PRO J 944 38.58 41.45 68.20
N VAL J 945 39.83 41.64 68.62
CA VAL J 945 40.48 40.73 69.55
C VAL J 945 41.10 41.55 70.68
N ASP J 946 41.19 40.93 71.86
CA ASP J 946 41.76 41.58 73.04
C ASP J 946 43.21 41.13 73.15
N ARG J 947 44.13 42.09 73.07
CA ARG J 947 45.56 41.81 73.05
C ARG J 947 46.16 42.15 74.40
N TYR J 948 46.89 41.19 74.98
CA TYR J 948 47.55 41.38 76.26
C TYR J 948 49.06 41.35 76.17
N LEU J 949 49.64 40.55 75.29
CA LEU J 949 51.09 40.38 75.21
C LEU J 949 51.72 41.32 74.21
N ASP J 950 51.45 42.62 74.35
CA ASP J 950 52.09 43.63 73.52
C ASP J 950 53.42 44.08 74.07
N TRP J 951 53.74 43.76 75.33
CA TRP J 951 55.01 44.13 75.91
C TRP J 951 56.15 43.20 75.50
N ILE J 952 55.84 41.96 75.14
CA ILE J 952 56.85 41.00 74.69
C ILE J 952 57.30 41.41 73.29
N PRO J 953 58.60 41.61 73.06
CA PRO J 953 59.04 42.04 71.73
C PRO J 953 58.78 40.99 70.67
N SER J 954 58.51 41.48 69.46
CA SER J 954 58.25 40.62 68.32
C SER J 954 58.60 41.35 67.04
N LEU J 955 58.81 40.58 65.98
CA LEU J 955 59.17 41.15 64.68
C LEU J 955 57.92 41.63 63.95
N ARG J 956 58.14 42.23 62.78
CA ARG J 956 57.03 42.61 61.89
C ARG J 956 56.79 41.45 60.95
N ALA J 957 55.74 40.67 61.25
CA ALA J 957 55.51 39.42 60.54
C ALA J 957 55.11 39.68 59.10
N SER J 958 55.67 38.86 58.20
CA SER J 958 55.31 38.91 56.79
C SER J 958 54.17 37.93 56.52
N ALA J 959 53.87 37.69 55.24
CA ALA J 959 52.81 36.76 54.89
C ALA J 959 53.23 35.30 55.09
N ALA J 960 54.54 35.02 55.13
CA ALA J 960 55.02 33.66 55.35
C ALA J 960 55.13 33.31 56.83
N THR J 961 55.42 34.30 57.68
CA THR J 961 55.46 34.04 59.12
C THR J 961 54.11 33.60 59.64
N ALA J 962 53.05 34.25 59.18
CA ALA J 962 51.70 33.84 59.57
C ALA J 962 51.39 32.43 59.11
N ALA J 963 51.80 32.08 57.88
CA ALA J 963 51.57 30.72 57.39
C ALA J 963 52.32 29.69 58.22
N THR J 964 53.57 29.97 58.57
CA THR J 964 54.34 29.04 59.41
C THR J 964 53.71 28.89 60.78
N PHE J 965 53.27 30.00 61.38
CA PHE J 965 52.61 29.94 62.67
C PHE J 965 51.32 29.13 62.60
N ALA J 966 50.55 29.32 61.53
CA ALA J 966 49.31 28.56 61.35
C ALA J 966 49.59 27.08 61.18
N GLU J 967 50.65 26.74 60.44
CA GLU J 967 51.02 25.33 60.28
C GLU J 967 51.39 24.72 61.62
N TRP J 968 52.16 25.45 62.44
CA TRP J 968 52.48 24.93 63.77
C TRP J 968 51.23 24.77 64.62
N VAL J 969 50.31 25.72 64.55
CA VAL J 969 49.07 25.63 65.34
C VAL J 969 48.27 24.40 64.93
N ASN J 970 48.11 24.17 63.63
CA ASN J 970 47.30 23.02 63.23
C ASN J 970 48.01 21.70 63.53
N THR J 971 49.34 21.67 63.42
CA THR J 971 50.08 20.48 63.81
C THR J 971 49.87 20.15 65.28
N SER J 972 49.99 21.16 66.14
CA SER J 972 49.77 20.94 67.57
C SER J 972 48.34 20.49 67.85
N MET J 973 47.36 21.13 67.19
CA MET J 973 45.97 20.78 67.42
C MET J 973 45.68 19.35 67.03
N LYS J 974 46.14 18.93 65.84
CA LYS J 974 45.86 17.57 65.39
C LYS J 974 46.64 16.54 66.20
N THR J 975 47.85 16.89 66.65
CA THR J 975 48.61 15.99 67.50
C THR J 975 47.89 15.76 68.82
N ALA J 976 47.35 16.83 69.42
CA ALA J 976 46.68 16.68 70.71
C ALA J 976 45.34 15.98 70.56
N PHE J 977 44.60 16.25 69.50
CA PHE J 977 43.28 15.66 69.31
C PHE J 977 43.33 14.35 68.53
N ASP J 978 44.52 13.84 68.25
CA ASP J 978 44.71 12.51 67.66
C ASP J 978 43.97 12.42 66.32
N LEU J 979 44.46 13.18 65.35
CA LEU J 979 43.97 13.14 63.98
C LEU J 979 45.11 12.79 63.03
N SER J 980 44.80 12.05 61.99
CA SER J 980 45.80 11.60 61.03
C SER J 980 45.52 12.09 59.61
N ASP J 981 44.51 12.93 59.43
CA ASP J 981 44.18 13.47 58.11
C ASP J 981 44.20 15.00 58.17
N MET J 982 43.85 15.61 57.03
CA MET J 982 43.97 17.06 56.92
C MET J 982 42.97 17.77 57.81
N LEU J 983 43.47 18.78 58.54
CA LEU J 983 42.64 19.64 59.37
C LEU J 983 43.06 21.09 59.16
N LEU J 984 42.09 21.93 58.78
CA LEU J 984 42.30 23.38 58.67
C LEU J 984 43.29 23.73 57.55
N GLU J 985 43.82 22.71 56.88
CA GLU J 985 44.81 22.90 55.82
C GLU J 985 44.25 23.59 54.57
N PRO J 986 43.01 23.33 54.15
CA PRO J 986 42.49 24.08 52.98
C PRO J 986 42.54 25.59 53.14
N LEU J 987 42.33 26.09 54.36
CA LEU J 987 42.44 27.53 54.59
C LEU J 987 43.89 27.99 54.44
N LEU J 988 44.85 27.13 54.79
CA LEU J 988 46.25 27.54 54.80
C LEU J 988 46.80 27.82 53.40
N SER J 989 46.17 27.30 52.35
CA SER J 989 46.63 27.58 51.01
C SER J 989 46.47 29.04 50.63
N GLY J 990 45.66 29.80 51.36
CA GLY J 990 45.55 31.23 51.17
C GLY J 990 46.30 31.98 52.26
N ASP J 991 46.26 33.31 52.21
CA ASP J 991 46.95 34.09 53.21
C ASP J 991 46.18 34.05 54.54
N PRO J 992 46.80 33.56 55.61
CA PRO J 992 46.04 33.37 56.87
C PRO J 992 45.78 34.64 57.66
N ARG J 993 46.35 35.79 57.27
CA ARG J 993 46.13 37.00 58.07
C ARG J 993 44.66 37.41 58.05
N MET J 994 44.02 37.38 56.89
CA MET J 994 42.62 37.73 56.74
C MET J 994 41.85 36.52 56.20
N THR J 995 40.90 36.02 56.99
CA THR J 995 40.14 34.83 56.63
C THR J 995 38.66 35.07 56.93
N GLN J 996 37.80 34.59 56.04
CA GLN J 996 36.36 34.65 56.25
C GLN J 996 35.71 33.52 55.46
N LEU J 997 34.57 33.05 55.95
CA LEU J 997 33.84 31.94 55.34
C LEU J 997 32.53 32.47 54.79
N ALA J 998 32.31 32.24 53.49
CA ALA J 998 31.08 32.68 52.84
C ALA J 998 30.94 31.97 51.50
N ILE J 999 29.71 31.69 51.12
CA ILE J 999 29.39 31.00 49.88
C ILE J 999 28.28 31.78 49.18
N GLN J 1000 28.23 31.66 47.85
CA GLN J 1000 27.24 32.39 47.08
C GLN J 1000 27.00 31.69 45.74
N TYR J 1001 25.89 32.04 45.11
CA TYR J 1001 25.60 31.64 43.74
C TYR J 1001 24.65 32.66 43.14
N GLN J 1002 24.71 32.80 41.82
CA GLN J 1002 23.89 33.78 41.12
C GLN J 1002 23.16 33.11 39.96
N GLN J 1003 21.99 33.66 39.63
CA GLN J 1003 21.19 33.15 38.53
C GLN J 1003 21.71 33.71 37.21
N TYR J 1004 21.02 33.35 36.12
CA TYR J 1004 21.41 33.86 34.81
C TYR J 1004 21.21 35.36 34.71
N ASN J 1005 20.12 35.88 35.27
CA ASN J 1005 19.81 37.30 35.18
C ASN J 1005 20.60 38.15 36.16
N GLY J 1006 21.61 37.58 36.83
CA GLY J 1006 22.47 38.33 37.71
C GLY J 1006 22.00 38.42 39.15
N ARG J 1007 20.80 37.94 39.46
CA ARG J 1007 20.31 37.98 40.83
C ARG J 1007 21.10 36.99 41.67
N THR J 1008 21.90 37.49 42.59
CA THR J 1008 22.80 36.66 43.38
C THR J 1008 22.26 36.47 44.79
N PHE J 1009 22.61 35.32 45.38
CA PHE J 1009 22.27 35.00 46.76
C PHE J 1009 23.52 34.53 47.47
N ASN J 1010 23.68 34.94 48.73
CA ASN J 1010 24.86 34.61 49.50
C ASN J 1010 24.45 34.07 50.87
N VAL J 1011 25.28 33.17 51.40
CA VAL J 1011 25.07 32.58 52.72
C VAL J 1011 26.36 32.75 53.51
N ILE J 1012 26.30 33.50 54.61
CA ILE J 1012 27.44 33.74 55.48
C ILE J 1012 27.09 33.21 56.86
N PRO J 1013 27.62 32.05 57.25
CA PRO J 1013 27.31 31.51 58.57
C PRO J 1013 27.99 32.30 59.67
N GLU J 1014 27.28 32.45 60.78
CA GLU J 1014 27.84 33.15 61.94
C GLU J 1014 28.88 32.28 62.62
N MET J 1015 29.85 32.92 63.25
CA MET J 1015 30.94 32.22 63.92
C MET J 1015 30.57 31.96 65.37
N PRO J 1016 30.39 30.70 65.78
CA PRO J 1016 30.11 30.42 67.19
C PRO J 1016 31.37 30.54 68.05
N GLY J 1017 31.14 30.70 69.35
CA GLY J 1017 32.24 30.81 70.28
C GLY J 1017 33.06 29.54 70.36
N SER J 1018 34.33 29.69 70.72
CA SER J 1018 35.26 28.58 70.80
C SER J 1018 35.91 28.57 72.17
N VAL J 1019 35.64 27.51 72.94
CA VAL J 1019 36.16 27.42 74.31
C VAL J 1019 37.68 27.33 74.32
N ILE J 1020 38.28 26.76 73.26
CA ILE J 1020 39.73 26.65 73.21
C ILE J 1020 40.36 28.04 73.16
N ALA J 1021 39.88 28.90 72.26
CA ALA J 1021 40.41 30.25 72.19
C ALA J 1021 40.04 31.06 73.43
N ASP J 1022 38.87 30.82 74.01
CA ASP J 1022 38.53 31.52 75.25
C ASP J 1022 39.52 31.17 76.36
N CYS J 1023 39.84 29.89 76.51
CA CYS J 1023 40.80 29.48 77.53
C CYS J 1023 42.21 29.97 77.20
N VAL J 1024 42.56 30.04 75.92
CA VAL J 1024 43.86 30.60 75.54
C VAL J 1024 43.95 32.07 75.94
N GLN J 1025 42.88 32.83 75.69
CA GLN J 1025 42.86 34.23 76.11
C GLN J 1025 42.95 34.35 77.62
N LEU J 1026 42.25 33.47 78.35
CA LEU J 1026 42.33 33.48 79.80
C LEU J 1026 43.75 33.21 80.29
N THR J 1027 44.42 32.23 79.67
CA THR J 1027 45.79 31.91 80.04
C THR J 1027 46.73 33.06 79.74
N ALA J 1028 46.53 33.74 78.60
CA ALA J 1028 47.35 34.91 78.31
C ALA J 1028 47.12 36.02 79.33
N GLU J 1029 45.87 36.23 79.74
CA GLU J 1029 45.57 37.23 80.76
C GLU J 1029 46.26 36.88 82.07
N VAL J 1030 46.25 35.61 82.45
CA VAL J 1030 46.94 35.20 83.68
C VAL J 1030 48.44 35.40 83.54
N PHE J 1031 49.00 35.02 82.38
CA PHE J 1031 50.42 35.19 82.13
C PHE J 1031 50.83 36.66 82.24
N ASN J 1032 49.94 37.57 81.86
CA ASN J 1032 50.23 39.00 81.97
C ASN J 1032 50.65 39.38 83.38
N HIS J 1033 50.04 38.76 84.39
CA HIS J 1033 50.37 39.04 85.79
C HIS J 1033 51.36 38.06 86.39
N GLU J 1034 51.45 36.85 85.84
CA GLU J 1034 52.26 35.77 86.42
C GLU J 1034 53.27 35.26 85.40
N TYR J 1035 53.90 36.16 84.67
CA TYR J 1035 54.95 35.77 83.72
C TYR J 1035 56.14 35.10 84.38
N ASN J 1036 56.37 35.35 85.67
CA ASN J 1036 57.55 34.81 86.34
C ASN J 1036 57.51 33.29 86.43
N LEU J 1037 56.34 32.73 86.73
CA LEU J 1037 56.26 31.28 86.93
C LEU J 1037 56.59 30.50 85.66
N PHE J 1038 56.05 30.93 84.52
CA PHE J 1038 56.37 30.27 83.26
C PHE J 1038 57.83 30.46 82.89
N GLY J 1039 58.47 31.49 83.44
CA GLY J 1039 59.88 31.77 83.26
C GLY J 1039 60.06 32.85 82.22
N ILE J 1040 60.10 34.10 82.69
CA ILE J 1040 60.09 35.31 81.86
C ILE J 1040 60.49 36.45 82.77
N ALA J 1041 61.26 37.41 82.23
CA ALA J 1041 61.54 38.64 82.94
C ALA J 1041 60.88 39.81 82.22
N ARG J 1042 60.42 40.78 82.99
CA ARG J 1042 59.77 41.97 82.45
C ARG J 1042 60.59 43.21 82.78
N GLY J 1043 60.69 44.10 81.80
CA GLY J 1043 61.44 45.32 82.00
C GLY J 1043 62.73 45.36 81.20
N ASP J 1044 63.82 45.80 81.84
CA ASP J 1044 65.11 45.86 81.19
C ASP J 1044 66.20 45.76 82.24
N ILE J 1045 67.40 45.40 81.79
CA ILE J 1045 68.53 45.18 82.68
C ILE J 1045 69.37 46.44 82.75
N ILE J 1046 70.18 46.53 83.81
CA ILE J 1046 71.14 47.60 83.99
C ILE J 1046 72.49 46.97 84.30
N ILE J 1047 73.52 47.37 83.56
CA ILE J 1047 74.85 46.80 83.67
C ILE J 1047 75.77 47.85 84.29
N GLY J 1048 76.39 47.48 85.41
CA GLY J 1048 77.31 48.38 86.09
C GLY J 1048 77.83 47.77 87.38
N ARG J 1049 78.97 48.25 87.87
CA ARG J 1049 79.56 47.68 89.08
C ARG J 1049 78.71 48.03 90.29
N VAL J 1050 78.42 47.01 91.11
CA VAL J 1050 77.82 47.23 92.43
C VAL J 1050 78.59 46.36 93.42
N GLN J 1051 79.54 46.96 94.13
CA GLN J 1051 80.36 46.25 95.10
C GLN J 1051 79.92 46.64 96.51
N SER J 1052 79.47 45.66 97.28
CA SER J 1052 78.98 45.90 98.63
C SER J 1052 78.92 44.57 99.37
N THR J 1053 78.54 44.63 100.65
CA THR J 1053 78.36 43.45 101.47
C THR J 1053 76.88 43.25 101.82
N HIS J 1054 75.99 43.77 100.98
CA HIS J 1054 74.56 43.66 101.18
C HIS J 1054 74.02 42.42 100.47
N LEU J 1055 72.85 41.97 100.91
CA LEU J 1055 72.29 40.70 100.46
C LEU J 1055 70.97 40.86 99.71
N TRP J 1056 70.71 42.03 99.13
CA TRP J 1056 69.49 42.21 98.36
C TRP J 1056 69.56 41.41 97.07
N SER J 1057 68.42 40.84 96.68
CA SER J 1057 68.37 40.06 95.45
C SER J 1057 68.33 41.00 94.24
N PRO J 1058 69.06 40.66 93.17
CA PRO J 1058 69.00 41.49 91.95
C PRO J 1058 67.61 41.57 91.34
N LEU J 1059 66.79 40.54 91.50
CA LEU J 1059 65.42 40.58 90.99
C LEU J 1059 64.53 41.52 91.78
N ALA J 1060 64.96 41.97 92.95
CA ALA J 1060 64.27 42.99 93.73
C ALA J 1060 65.28 44.03 94.17
N PRO J 1061 65.83 44.80 93.23
CA PRO J 1061 66.90 45.73 93.56
C PRO J 1061 66.38 46.93 94.32
N PRO J 1062 67.24 47.61 95.10
CA PRO J 1062 66.83 48.85 95.73
C PRO J 1062 66.56 49.91 94.68
N PRO J 1063 65.64 50.84 94.96
CA PRO J 1063 65.28 51.83 93.93
C PRO J 1063 66.37 52.84 93.62
N ASP J 1064 67.42 52.93 94.44
CA ASP J 1064 68.47 53.92 94.21
C ASP J 1064 69.22 53.64 92.90
N LEU J 1065 69.54 52.37 92.64
CA LEU J 1065 70.41 52.04 91.51
C LEU J 1065 69.74 52.28 90.17
N VAL J 1066 68.44 52.03 90.06
CA VAL J 1066 67.78 52.07 88.76
C VAL J 1066 67.61 53.52 88.30
N PHE J 1067 67.46 53.68 86.98
CA PHE J 1067 67.17 54.98 86.38
C PHE J 1067 66.38 54.74 85.10
N ASP J 1068 65.69 55.78 84.65
CA ASP J 1068 64.84 55.69 83.47
C ASP J 1068 65.10 56.90 82.57
N ARG J 1069 64.32 57.01 81.49
CA ARG J 1069 64.49 58.12 80.56
C ARG J 1069 64.23 59.47 81.21
N ASP J 1070 63.37 59.51 82.23
CA ASP J 1070 63.03 60.76 82.90
C ASP J 1070 64.02 61.15 83.98
N THR J 1071 65.04 60.33 84.22
CA THR J 1071 66.06 60.67 85.20
C THR J 1071 66.98 61.73 84.64
N PRO J 1072 67.17 62.87 85.31
CA PRO J 1072 68.03 63.92 84.76
C PRO J 1072 69.47 63.46 84.66
N GLY J 1073 70.16 63.95 83.63
CA GLY J 1073 71.55 63.62 83.41
C GLY J 1073 71.80 62.30 82.71
N VAL J 1074 70.77 61.66 82.17
CA VAL J 1074 70.91 60.38 81.49
C VAL J 1074 70.95 60.62 79.99
N HIS J 1075 71.98 60.09 79.33
CA HIS J 1075 72.15 60.26 77.89
C HIS J 1075 71.47 59.09 77.18
N ILE J 1076 70.39 59.39 76.47
CA ILE J 1076 69.64 58.38 75.74
C ILE J 1076 70.20 58.30 74.33
N PHE J 1077 70.65 57.11 73.94
CA PHE J 1077 71.15 56.88 72.59
C PHE J 1077 70.06 56.23 71.76
N GLY J 1078 70.41 55.78 70.55
CA GLY J 1078 69.39 55.25 69.67
C GLY J 1078 69.72 55.20 68.20
N ARG J 1079 68.84 55.82 67.39
CA ARG J 1079 68.86 55.65 65.94
C ARG J 1079 70.23 55.89 65.33
N ASP J 1080 70.93 56.94 65.77
CA ASP J 1080 72.22 57.29 65.20
C ASP J 1080 73.28 57.30 66.29
N CYS J 1081 74.44 56.73 65.97
CA CYS J 1081 75.56 56.70 66.91
C CYS J 1081 76.86 56.50 66.13
N ARG J 1082 77.85 57.35 66.42
CA ARG J 1082 79.19 57.23 65.87
C ARG J 1082 80.19 57.36 66.99
N ILE J 1083 81.32 56.66 66.87
CA ILE J 1083 82.38 56.68 67.87
C ILE J 1083 83.60 57.37 67.28
N SER J 1084 84.09 58.38 67.98
CA SER J 1084 85.27 59.14 67.57
C SER J 1084 86.42 58.80 68.51
N PHE J 1085 87.53 58.32 67.95
CA PHE J 1085 88.66 57.91 68.76
C PHE J 1085 89.31 59.12 69.41
N GLY J 1086 89.80 58.92 70.65
CA GLY J 1086 90.54 59.96 71.32
C GLY J 1086 91.95 60.10 70.78
N MET J 1087 92.54 61.27 70.99
CA MET J 1087 93.86 61.57 70.46
C MET J 1087 94.70 62.26 71.53
N ASN J 1088 95.94 61.80 71.69
CA ASN J 1088 96.90 62.39 72.62
C ASN J 1088 96.35 62.46 74.04
N GLY J 1089 95.68 61.39 74.46
CA GLY J 1089 95.13 61.30 75.80
C GLY J 1089 93.70 61.79 75.94
N ALA J 1090 93.12 62.36 74.90
CA ALA J 1090 91.73 62.78 74.97
C ALA J 1090 90.81 61.58 75.09
N ALA J 1091 89.78 61.71 75.91
CA ALA J 1091 88.85 60.61 76.14
C ALA J 1091 88.07 60.33 74.85
N PRO J 1092 87.90 59.05 74.49
CA PRO J 1092 87.06 58.72 73.33
C PRO J 1092 85.62 59.15 73.57
N MET J 1093 84.95 59.53 72.48
CA MET J 1093 83.61 60.09 72.57
C MET J 1093 82.67 59.37 71.62
N ILE J 1094 81.44 59.14 72.09
CA ILE J 1094 80.37 58.56 71.29
C ILE J 1094 79.25 59.60 71.20
N ARG J 1095 78.71 59.77 70.00
CA ARG J 1095 77.74 60.84 69.78
C ARG J 1095 76.40 60.48 70.38
N ASP J 1096 75.73 61.48 70.94
CA ASP J 1096 74.43 61.30 71.54
C ASP J 1096 73.36 61.23 70.46
N GLU J 1097 72.17 60.77 70.84
CA GLU J 1097 71.05 60.72 69.90
C GLU J 1097 70.57 62.12 69.52
N THR J 1098 70.85 63.12 70.35
CA THR J 1098 70.46 64.50 70.07
C THR J 1098 71.61 65.31 69.47
N GLY J 1099 72.63 64.65 68.94
CA GLY J 1099 73.73 65.32 68.29
C GLY J 1099 74.90 65.69 69.19
N MET J 1100 74.78 65.46 70.50
CA MET J 1100 75.86 65.80 71.41
C MET J 1100 76.97 64.75 71.34
N MET J 1101 78.12 65.08 71.94
CA MET J 1101 79.27 64.18 72.02
C MET J 1101 79.61 63.99 73.49
N VAL J 1102 79.62 62.74 73.95
CA VAL J 1102 79.82 62.46 75.37
C VAL J 1102 80.93 61.43 75.55
N PRO J 1103 81.65 61.46 76.67
CA PRO J 1103 82.69 60.45 76.91
C PRO J 1103 82.11 59.11 77.37
N PHE J 1104 82.98 58.17 77.73
CA PHE J 1104 82.55 56.85 78.16
C PHE J 1104 82.34 56.81 79.67
N GLU J 1105 81.40 57.63 80.14
CA GLU J 1105 81.12 57.74 81.55
C GLU J 1105 79.75 58.39 81.74
N GLY J 1106 78.98 57.86 82.69
CA GLY J 1106 77.66 58.38 83.02
C GLY J 1106 76.63 57.27 82.97
N ASN J 1107 75.37 57.67 82.82
CA ASN J 1107 74.26 56.75 82.70
C ASN J 1107 73.71 56.81 81.29
N TRP J 1108 73.67 55.66 80.61
CA TRP J 1108 73.21 55.57 79.24
C TRP J 1108 71.96 54.72 79.16
N ILE J 1109 71.28 54.81 78.02
CA ILE J 1109 70.13 53.97 77.72
C ILE J 1109 70.30 53.44 76.31
N PHE J 1110 70.28 52.12 76.15
CA PHE J 1110 70.55 51.48 74.88
C PHE J 1110 69.34 50.68 74.42
N PRO J 1111 68.88 50.84 73.18
CA PRO J 1111 68.05 49.81 72.57
C PRO J 1111 68.87 48.56 72.33
N LEU J 1112 68.25 47.40 72.52
CA LEU J 1112 68.96 46.14 72.37
C LEU J 1112 69.36 45.90 70.92
N ALA J 1113 68.60 46.48 69.98
CA ALA J 1113 68.93 46.33 68.57
C ALA J 1113 70.29 46.96 68.25
N LEU J 1114 70.62 48.07 68.91
CA LEU J 1114 71.92 48.71 68.67
C LEU J 1114 73.06 47.79 69.08
N TRP J 1115 72.96 47.17 70.24
CA TRP J 1115 74.02 46.25 70.67
C TRP J 1115 74.06 45.01 69.79
N GLN J 1116 72.91 44.52 69.36
CA GLN J 1116 72.92 43.40 68.43
C GLN J 1116 73.63 43.76 67.12
N MET J 1117 73.37 44.97 66.62
CA MET J 1117 73.97 45.37 65.35
C MET J 1117 75.46 45.69 65.46
N ASN J 1118 75.94 46.06 66.65
CA ASN J 1118 77.33 46.45 66.83
C ASN J 1118 77.98 45.73 68.01
N THR J 1119 77.68 44.43 68.16
CA THR J 1119 78.18 43.66 69.30
C THR J 1119 79.69 43.73 69.44
N ARG J 1120 80.44 43.43 68.38
CA ARG J 1120 81.90 43.33 68.53
C ARG J 1120 82.53 44.68 68.80
N TYR J 1121 82.13 45.69 68.03
CA TYR J 1121 82.63 47.05 68.25
C TYR J 1121 82.31 47.53 69.66
N PHE J 1122 81.05 47.41 70.07
CA PHE J 1122 80.64 47.92 71.37
C PHE J 1122 81.31 47.15 72.50
N ASN J 1123 81.48 45.84 72.35
CA ASN J 1123 82.19 45.07 73.36
C ASN J 1123 83.63 45.57 73.50
N GLN J 1124 84.35 45.64 72.39
CA GLN J 1124 85.76 46.04 72.45
C GLN J 1124 85.92 47.47 72.93
N GLN J 1125 84.88 48.30 72.77
CA GLN J 1125 85.02 49.70 73.19
C GLN J 1125 84.56 49.90 74.63
N PHE J 1126 83.63 49.08 75.12
CA PHE J 1126 82.95 49.39 76.37
C PHE J 1126 83.21 48.41 77.50
N ASP J 1127 83.68 47.19 77.22
CA ASP J 1127 83.78 46.19 78.29
C ASP J 1127 84.80 46.61 79.34
N ALA J 1128 85.94 47.15 78.92
CA ALA J 1128 86.96 47.58 79.87
C ALA J 1128 86.42 48.67 80.79
N TRP J 1129 85.71 49.66 80.22
CA TRP J 1129 85.15 50.73 81.01
C TRP J 1129 84.03 50.23 81.93
N ILE J 1130 83.25 49.26 81.49
CA ILE J 1130 82.21 48.71 82.37
C ILE J 1130 82.85 47.95 83.53
N LYS J 1131 83.95 47.24 83.26
CA LYS J 1131 84.59 46.44 84.30
C LYS J 1131 85.32 47.33 85.30
N THR J 1132 85.95 48.41 84.85
CA THR J 1132 86.75 49.25 85.73
C THR J 1132 86.26 50.69 85.86
N GLY J 1133 85.60 51.24 84.85
CA GLY J 1133 85.23 52.64 84.88
C GLY J 1133 83.99 52.94 85.70
N GLU J 1134 83.13 53.85 85.19
CA GLU J 1134 82.01 54.35 85.96
C GLU J 1134 80.68 54.32 85.24
N LEU J 1135 80.64 54.02 83.95
CA LEU J 1135 79.39 54.11 83.22
C LEU J 1135 78.46 52.94 83.58
N ARG J 1136 77.17 53.17 83.43
CA ARG J 1136 76.15 52.15 83.65
C ARG J 1136 75.15 52.22 82.51
N ILE J 1137 74.99 51.12 81.79
CA ILE J 1137 74.17 51.07 80.58
C ILE J 1137 72.87 50.35 80.90
N ARG J 1138 71.75 50.96 80.53
CA ARG J 1138 70.43 50.35 80.66
C ARG J 1138 70.00 49.88 79.28
N ILE J 1139 69.97 48.57 79.08
CA ILE J 1139 69.62 47.99 77.80
C ILE J 1139 68.14 47.65 77.80
N GLU J 1140 67.35 48.39 77.01
CA GLU J 1140 65.92 48.15 76.93
C GLU J 1140 65.66 46.85 76.18
N MET J 1141 65.08 45.88 76.88
CA MET J 1141 64.92 44.53 76.34
C MET J 1141 63.46 44.13 76.15
N GLY J 1142 62.59 44.53 77.05
CA GLY J 1142 61.17 44.17 76.97
C GLY J 1142 60.79 42.88 77.68
N ALA J 1143 61.42 41.78 77.29
CA ALA J 1143 61.18 40.49 77.92
C ALA J 1143 62.37 39.58 77.61
N TYR J 1144 62.76 38.76 78.60
CA TYR J 1144 63.94 37.92 78.43
C TYR J 1144 63.94 36.79 79.43
N PRO J 1145 64.39 35.60 79.06
CA PRO J 1145 64.58 34.54 80.06
C PRO J 1145 65.82 34.82 80.91
N TYR J 1146 65.84 34.20 82.09
CA TYR J 1146 66.90 34.43 83.05
C TYR J 1146 67.37 33.12 83.65
N MET J 1147 68.62 33.13 84.11
CA MET J 1147 69.18 32.04 84.90
C MET J 1147 69.57 32.57 86.27
N LEU J 1148 69.60 31.68 87.27
CA LEU J 1148 69.89 32.06 88.63
C LEU J 1148 71.06 31.21 89.15
N HIS J 1149 72.11 31.89 89.60
CA HIS J 1149 73.27 31.23 90.20
C HIS J 1149 73.35 31.66 91.65
N TYR J 1150 73.29 30.70 92.57
CA TYR J 1150 73.30 30.98 94.00
C TYR J 1150 74.71 30.82 94.53
N TYR J 1151 75.18 31.81 95.27
CA TYR J 1151 76.54 31.84 95.79
C TYR J 1151 76.52 31.88 97.31
N ASP J 1152 77.59 31.37 97.91
CA ASP J 1152 77.72 31.37 99.36
C ASP J 1152 78.00 32.79 99.84
N PRO J 1153 77.17 33.37 100.71
CA PRO J 1153 77.38 34.76 101.12
C PRO J 1153 78.66 35.02 101.90
N ARG J 1154 79.29 33.99 102.46
CA ARG J 1154 80.45 34.17 103.31
C ARG J 1154 81.77 34.15 102.56
N GLN J 1155 81.73 34.10 101.22
CA GLN J 1155 82.94 34.09 100.42
C GLN J 1155 82.84 35.13 99.31
N TYR J 1156 84.01 35.64 98.91
CA TYR J 1156 84.08 36.63 97.83
C TYR J 1156 83.59 36.01 96.53
N ALA J 1157 82.60 36.66 95.90
CA ALA J 1157 82.01 36.17 94.67
C ALA J 1157 81.96 37.30 93.65
N ASN J 1158 82.35 37.00 92.42
CA ASN J 1158 82.42 37.98 91.34
C ASN J 1158 81.53 37.54 90.18
N ALA J 1159 80.79 38.49 89.62
CA ALA J 1159 79.89 38.23 88.50
C ALA J 1159 80.47 38.66 87.15
N TRP J 1160 81.73 39.11 87.11
CA TRP J 1160 82.28 39.62 85.87
C TRP J 1160 82.37 38.53 84.81
N ASN J 1161 82.77 37.32 85.21
CA ASN J 1161 82.87 36.23 84.24
C ASN J 1161 81.52 35.93 83.62
N LEU J 1162 80.46 35.85 84.45
CA LEU J 1162 79.14 35.56 83.94
C LEU J 1162 78.64 36.67 83.02
N THR J 1163 78.81 37.93 83.43
CA THR J 1163 78.29 39.01 82.60
C THR J 1163 79.08 39.15 81.30
N SER J 1164 80.38 38.85 81.31
CA SER J 1164 81.14 38.88 80.07
C SER J 1164 80.76 37.71 79.16
N ALA J 1165 80.56 36.53 79.73
CA ALA J 1165 80.12 35.38 78.95
C ALA J 1165 78.66 35.50 78.52
N TRP J 1166 77.94 36.49 79.02
CA TRP J 1166 76.65 36.84 78.43
C TRP J 1166 76.76 37.92 77.38
N LEU J 1167 77.62 38.92 77.59
CA LEU J 1167 77.74 40.03 76.65
C LEU J 1167 78.48 39.65 75.38
N GLU J 1168 79.35 38.64 75.41
CA GLU J 1168 80.13 38.30 74.23
C GLU J 1168 79.38 37.43 73.23
N GLU J 1169 78.15 37.02 73.55
CA GLU J 1169 77.34 36.21 72.64
C GLU J 1169 76.09 36.94 72.15
N ILE J 1170 75.96 38.24 72.44
CA ILE J 1170 74.90 39.01 71.82
C ILE J 1170 75.16 39.09 70.33
N THR J 1171 74.17 38.75 69.53
CA THR J 1171 74.31 38.49 68.11
C THR J 1171 73.20 39.21 67.36
N PRO J 1172 73.45 39.65 66.11
CA PRO J 1172 72.36 40.21 65.30
C PRO J 1172 71.18 39.26 65.13
N THR J 1173 71.34 38.01 65.56
CA THR J 1173 70.28 37.02 65.51
C THR J 1173 69.81 36.58 66.89
N SER J 1174 70.72 36.12 67.75
CA SER J 1174 70.33 35.47 68.99
C SER J 1174 71.03 36.11 70.18
N ILE J 1175 70.39 36.02 71.34
CA ILE J 1175 71.00 36.43 72.60
C ILE J 1175 70.76 35.32 73.62
N PRO J 1176 71.70 35.06 74.53
CA PRO J 1176 71.51 34.02 75.53
C PRO J 1176 70.69 34.54 76.71
N SER J 1177 70.47 33.67 77.68
CA SER J 1177 69.69 34.02 78.86
C SER J 1177 70.53 34.81 79.85
N VAL J 1178 69.90 35.78 80.50
CA VAL J 1178 70.59 36.68 81.41
C VAL J 1178 70.91 35.96 82.71
N PRO J 1179 72.17 35.93 83.14
CA PRO J 1179 72.51 35.29 84.42
C PRO J 1179 72.47 36.27 85.58
N PHE J 1180 71.98 35.77 86.72
CA PHE J 1180 71.90 36.54 87.95
C PHE J 1180 72.54 35.77 89.09
N MET J 1181 73.10 36.49 90.05
CA MET J 1181 73.60 35.90 91.29
C MET J 1181 72.71 36.30 92.44
N VAL J 1182 72.14 35.31 93.13
CA VAL J 1182 71.23 35.53 94.24
C VAL J 1182 71.86 34.92 95.48
N PRO J 1183 71.96 35.65 96.59
CA PRO J 1183 72.56 35.08 97.80
C PRO J 1183 71.67 34.00 98.39
N ILE J 1184 72.30 33.14 99.18
CA ILE J 1184 71.62 32.05 99.88
C ILE J 1184 71.17 32.57 101.23
N SER J 1185 69.87 32.43 101.51
CA SER J 1185 69.30 32.94 102.76
C SER J 1185 69.60 31.98 103.89
N SER J 1186 70.40 32.42 104.85
CA SER J 1186 70.74 31.61 106.02
C SER J 1186 69.82 31.95 107.18
N ASP J 1187 69.51 30.93 107.99
CA ASP J 1187 68.62 31.08 109.12
C ASP J 1187 69.35 31.40 110.42
N HIS J 1188 70.68 31.52 110.38
CA HIS J 1188 71.45 31.92 111.54
C HIS J 1188 72.45 33.00 111.12
N ASP J 1189 72.81 33.85 112.08
CA ASP J 1189 73.72 34.95 111.79
C ASP J 1189 75.06 34.43 111.26
N ILE J 1190 75.56 35.09 110.22
CA ILE J 1190 76.79 34.69 109.55
C ILE J 1190 77.68 35.93 109.43
N SER J 1191 78.91 35.71 108.96
CA SER J 1191 79.83 36.81 108.70
C SER J 1191 79.46 37.44 107.37
N SER J 1192 80.28 38.40 106.91
CA SER J 1192 80.02 39.10 105.66
C SER J 1192 81.30 39.18 104.84
N ALA J 1193 81.17 38.90 103.55
CA ALA J 1193 82.27 38.98 102.61
C ALA J 1193 81.84 39.83 101.42
N PRO J 1194 82.77 40.52 100.78
CA PRO J 1194 82.40 41.38 99.64
C PRO J 1194 81.86 40.57 98.47
N ALA J 1195 80.92 41.18 97.77
CA ALA J 1195 80.31 40.59 96.58
C ALA J 1195 80.21 41.65 95.50
N VAL J 1196 80.48 41.26 94.26
CA VAL J 1196 80.45 42.16 93.12
C VAL J 1196 79.41 41.65 92.13
N GLN J 1197 78.46 42.52 91.79
CA GLN J 1197 77.38 42.17 90.87
C GLN J 1197 77.34 43.19 89.75
N TYR J 1198 76.93 42.76 88.56
CA TYR J 1198 76.90 43.64 87.40
C TYR J 1198 75.52 43.80 86.78
N ILE J 1199 74.69 42.77 86.80
CA ILE J 1199 73.37 42.79 86.17
C ILE J 1199 72.31 42.82 87.25
N ILE J 1200 71.45 43.83 87.20
CA ILE J 1200 70.31 43.96 88.11
C ILE J 1200 69.07 44.27 87.29
N SER J 1201 67.93 43.76 87.75
CA SER J 1201 66.68 43.99 87.06
C SER J 1201 66.18 45.41 87.32
N THR J 1202 65.02 45.72 86.75
CA THR J 1202 64.41 47.03 86.89
C THR J 1202 63.16 47.02 87.77
N GLU J 1203 62.25 46.09 87.54
CA GLU J 1203 61.04 45.95 88.34
C GLU J 1203 61.24 44.86 89.39
N TYR J 1204 60.29 44.76 90.31
CA TYR J 1204 60.25 43.63 91.23
C TYR J 1204 59.95 42.38 90.43
N ASN J 1205 60.96 41.52 90.28
CA ASN J 1205 60.90 40.39 89.37
C ASN J 1205 61.15 39.09 90.12
N ASP J 1206 60.63 38.99 91.34
CA ASP J 1206 60.86 37.84 92.21
C ASP J 1206 59.53 37.21 92.63
N ARG J 1207 58.60 37.07 91.68
CA ARG J 1207 57.32 36.45 91.98
C ARG J 1207 57.41 34.94 92.11
N SER J 1208 58.44 34.33 91.53
CA SER J 1208 58.56 32.88 91.52
C SER J 1208 58.96 32.32 92.88
N LEU J 1209 59.54 33.14 93.75
CA LEU J 1209 59.97 32.65 95.06
C LEU J 1209 58.76 32.21 95.88
N PHE J 1210 58.93 31.10 96.61
CA PHE J 1210 57.86 30.52 97.41
C PHE J 1210 58.13 30.63 98.90
N CYS J 1211 59.27 30.10 99.35
CA CYS J 1211 59.61 30.13 100.77
C CYS J 1211 61.10 29.92 100.94
N THR J 1212 61.70 30.67 101.87
CA THR J 1212 63.11 30.57 102.18
C THR J 1212 63.28 30.08 103.61
N ASN J 1213 64.10 29.05 103.79
CA ASN J 1213 64.33 28.42 105.08
C ASN J 1213 63.01 27.98 105.71
N SER J 1214 62.35 27.05 105.02
CA SER J 1214 61.03 26.60 105.43
C SER J 1214 61.05 25.99 106.82
N SER J 1215 61.81 24.90 106.99
CA SER J 1215 61.89 24.19 108.26
C SER J 1215 62.94 24.86 109.15
N SER J 1216 62.61 26.07 109.61
CA SER J 1216 63.49 26.83 110.48
C SER J 1216 62.68 27.92 111.16
N PRO J 1217 62.98 28.28 112.41
CA PRO J 1217 62.13 29.25 113.12
C PRO J 1217 62.05 30.61 112.44
N GLN J 1218 63.15 31.10 111.85
CA GLN J 1218 63.10 32.37 111.13
C GLN J 1218 64.20 32.37 110.06
N THR J 1219 64.22 33.45 109.28
CA THR J 1219 65.28 33.71 108.31
C THR J 1219 65.96 35.01 108.69
N ILE J 1220 67.21 34.92 109.13
CA ILE J 1220 67.92 36.07 109.68
C ILE J 1220 68.56 36.88 108.56
N ALA J 1221 69.44 36.25 107.79
CA ALA J 1221 70.21 36.92 106.75
C ALA J 1221 69.78 36.43 105.38
N GLY J 1222 69.69 37.36 104.43
CA GLY J 1222 69.31 37.03 103.08
C GLY J 1222 67.87 37.39 102.78
N PRO J 1223 67.45 37.19 101.53
CA PRO J 1223 66.05 37.46 101.17
C PRO J 1223 65.12 36.45 101.83
N ASP J 1224 64.14 36.96 102.57
CA ASP J 1224 63.19 36.12 103.27
C ASP J 1224 61.79 36.27 102.66
N LYS J 1225 61.01 35.20 102.77
CA LYS J 1225 59.63 35.21 102.30
C LYS J 1225 58.90 34.05 102.95
N HIS J 1226 57.88 34.36 103.75
CA HIS J 1226 57.03 33.32 104.32
C HIS J 1226 56.18 32.68 103.23
N ILE J 1227 55.55 31.58 103.58
CA ILE J 1227 54.66 30.92 102.61
C ILE J 1227 53.56 31.89 102.20
N PRO J 1228 53.30 32.09 100.91
CA PRO J 1228 52.38 33.15 100.49
C PRO J 1228 50.96 32.94 101.00
N VAL J 1229 50.52 33.81 101.91
CA VAL J 1229 49.19 33.71 102.47
C VAL J 1229 48.12 34.01 101.42
N GLU J 1230 48.41 34.95 100.51
CA GLU J 1230 47.42 35.34 99.51
C GLU J 1230 47.04 34.19 98.58
N ARG J 1231 47.88 33.15 98.48
CA ARG J 1231 47.52 32.01 97.66
C ARG J 1231 46.44 31.16 98.32
N TYR J 1232 46.76 30.57 99.48
CA TYR J 1232 45.83 29.69 100.17
C TYR J 1232 44.75 30.54 100.86
N ASN J 1233 43.98 31.25 100.02
CA ASN J 1233 42.97 32.16 100.52
C ASN J 1233 41.81 31.41 101.17
N ILE J 1234 41.41 30.28 100.59
CA ILE J 1234 40.30 29.51 101.16
C ILE J 1234 40.66 29.03 102.57
N LEU J 1235 41.92 28.65 102.77
CA LEU J 1235 42.34 28.13 104.07
C LEU J 1235 42.57 29.26 105.07
N THR J 1236 43.36 30.26 104.69
CA THR J 1236 43.78 31.28 105.65
C THR J 1236 42.66 32.25 106.00
N ASN J 1237 41.74 32.50 105.06
CA ASN J 1237 40.68 33.47 105.30
C ASN J 1237 39.41 32.75 105.69
N PRO J 1238 38.96 32.85 106.95
CA PRO J 1238 37.70 32.19 107.33
C PRO J 1238 36.48 32.75 106.64
N ASP J 1239 36.49 34.03 106.26
CA ASP J 1239 35.31 34.67 105.69
C ASP J 1239 35.11 34.36 104.21
N ALA J 1240 36.16 34.00 103.49
CA ALA J 1240 36.03 33.75 102.07
C ALA J 1240 35.23 32.48 101.82
N PRO J 1241 34.22 32.50 100.95
CA PRO J 1241 33.48 31.28 100.65
C PRO J 1241 34.38 30.29 99.93
N PRO J 1242 34.09 28.99 100.04
CA PRO J 1242 34.98 27.98 99.43
C PRO J 1242 35.15 28.14 97.93
N THR J 1243 34.12 28.55 97.21
CA THR J 1243 34.18 28.65 95.76
C THR J 1243 34.91 29.90 95.28
N GLN J 1244 35.03 30.91 96.14
CA GLN J 1244 35.61 32.19 95.71
C GLN J 1244 37.07 32.03 95.30
N ILE J 1245 37.40 32.52 94.11
CA ILE J 1245 38.76 32.49 93.59
C ILE J 1245 39.06 33.85 92.96
N GLN J 1246 40.30 34.31 93.13
CA GLN J 1246 40.80 35.51 92.46
C GLN J 1246 41.79 35.05 91.40
N LEU J 1247 41.26 34.78 90.21
CA LEU J 1247 41.97 34.11 89.13
C LEU J 1247 42.97 34.99 88.40
N PRO J 1248 42.59 36.18 87.90
CA PRO J 1248 43.54 36.94 87.05
C PRO J 1248 44.83 37.32 87.75
N GLU J 1249 44.81 37.51 89.06
CA GLU J 1249 46.00 37.95 89.78
C GLU J 1249 46.88 36.78 90.23
N VAL J 1250 46.32 35.86 91.00
CA VAL J 1250 47.06 34.73 91.56
C VAL J 1250 46.35 33.43 91.18
N VAL J 1251 46.99 32.32 91.50
CA VAL J 1251 46.45 31.00 91.20
C VAL J 1251 46.00 30.25 92.44
N ASP J 1252 46.41 30.68 93.63
CA ASP J 1252 45.88 30.24 94.92
C ASP J 1252 46.31 28.83 95.32
N LEU J 1253 46.86 28.05 94.37
CA LEU J 1253 47.49 26.77 94.65
C LEU J 1253 46.60 25.79 95.41
N TYR J 1254 45.34 26.14 95.62
CA TYR J 1254 44.41 25.32 96.42
C TYR J 1254 42.99 25.85 96.27
N ASN J 1255 42.05 24.96 95.96
CA ASN J 1255 40.65 25.34 95.82
C ASN J 1255 39.81 24.08 95.69
N VAL J 1256 38.49 24.28 95.64
CA VAL J 1256 37.57 23.16 95.47
C VAL J 1256 37.53 22.75 94.01
N VAL J 1257 37.51 21.45 93.76
CA VAL J 1257 37.42 20.89 92.43
C VAL J 1257 36.32 19.83 92.42
N THR J 1258 35.51 19.83 91.36
CA THR J 1258 34.41 18.89 91.24
C THR J 1258 34.86 17.69 90.42
N ARG J 1259 34.58 16.49 90.91
CA ARG J 1259 35.01 15.25 90.28
C ARG J 1259 33.78 14.46 89.84
N TYR J 1260 33.78 14.06 88.58
CA TYR J 1260 32.62 13.43 87.96
C TYR J 1260 32.81 11.92 87.84
N ALA J 1261 31.69 11.22 87.64
CA ALA J 1261 31.71 9.78 87.42
C ALA J 1261 30.72 9.38 86.33
N TYR J 1262 30.50 10.27 85.35
CA TYR J 1262 29.58 9.97 84.27
C TYR J 1262 30.14 8.87 83.38
N GLU J 1263 29.26 7.98 82.93
CA GLU J 1263 29.65 6.92 82.01
C GLU J 1263 29.40 7.35 80.57
N THR J 1264 30.13 6.71 79.65
CA THR J 1264 30.07 7.03 78.23
C THR J 1264 29.82 5.75 77.44
N PRO J 1265 28.58 5.27 77.43
CA PRO J 1265 28.28 4.01 76.74
C PRO J 1265 28.06 4.25 75.26
N PRO J 1266 28.18 3.22 74.43
CA PRO J 1266 27.84 3.36 73.02
C PRO J 1266 26.34 3.56 72.82
N ILE J 1267 26.00 4.17 71.69
CA ILE J 1267 24.59 4.44 71.40
C ILE J 1267 23.81 3.16 71.22
N THR J 1268 24.45 2.13 70.65
CA THR J 1268 23.76 0.86 70.43
C THR J 1268 23.41 0.16 71.73
N ALA J 1269 24.29 0.24 72.73
CA ALA J 1269 24.05 -0.43 74.00
C ALA J 1269 22.92 0.21 74.80
N VAL J 1270 22.44 1.38 74.41
CA VAL J 1270 21.34 2.02 75.11
C VAL J 1270 20.09 2.15 74.23
N VAL J 1271 20.22 2.13 72.91
CA VAL J 1271 19.08 2.15 72.00
C VAL J 1271 19.20 0.90 71.15
N MET J 1272 18.37 -0.12 71.45
CA MET J 1272 18.56 -1.44 70.87
C MET J 1272 18.12 -1.51 69.41
N GLY J 1273 16.84 -1.28 69.15
CA GLY J 1273 16.36 -1.26 67.77
C GLY J 1273 15.27 -2.26 67.45
N VAL J 1274 14.96 -3.15 68.39
CA VAL J 1274 13.86 -4.11 68.32
C VAL J 1274 13.76 -4.73 66.93
N PRO J 1275 14.69 -5.62 66.54
CA PRO J 1275 14.72 -6.22 65.20
C PRO J 1275 13.44 -6.96 64.83
N ALA K 2 10.25 63.73 -34.37
CA ALA K 2 11.27 62.89 -34.97
C ALA K 2 10.93 61.41 -34.84
N ASN K 3 11.69 60.55 -35.52
CA ASN K 3 11.46 59.11 -35.50
C ASN K 3 12.81 58.43 -35.35
N VAL K 4 13.08 57.89 -34.16
CA VAL K 4 14.39 57.28 -33.91
C VAL K 4 14.57 56.03 -34.76
N TRP K 5 13.71 55.03 -34.58
CA TRP K 5 13.70 53.84 -35.44
C TRP K 5 12.26 53.35 -35.46
N GLY K 6 11.51 53.78 -36.47
CA GLY K 6 10.12 53.40 -36.60
C GLY K 6 9.25 53.78 -35.41
N VAL K 7 9.80 54.52 -34.47
CA VAL K 7 9.10 54.95 -33.26
C VAL K 7 8.85 56.45 -33.39
N ARG K 8 7.58 56.84 -33.40
CA ARG K 8 7.21 58.24 -33.60
C ARG K 8 7.09 58.94 -32.26
N LEU K 9 7.71 60.10 -32.15
CA LEU K 9 7.71 60.91 -30.94
C LEU K 9 6.87 62.15 -31.17
N ALA K 10 6.02 62.48 -30.20
CA ALA K 10 5.21 63.70 -30.29
C ALA K 10 6.10 64.93 -30.33
N ASP K 11 5.68 65.93 -31.10
CA ASP K 11 6.50 67.13 -31.29
C ASP K 11 6.70 67.88 -29.98
N SER K 12 5.66 67.98 -29.16
CA SER K 12 5.73 68.77 -27.95
C SER K 12 6.64 68.11 -26.92
N LEU K 13 7.15 68.93 -25.99
CA LEU K 13 8.02 68.48 -24.91
C LEU K 13 7.36 68.75 -23.56
N SER K 14 7.65 67.88 -22.60
CA SER K 14 7.13 68.05 -21.26
C SER K 14 8.01 67.27 -20.29
N SER K 15 8.01 67.70 -19.03
CA SER K 15 8.83 67.07 -18.01
C SER K 15 8.35 67.55 -16.64
N PRO K 16 8.56 66.78 -15.59
CA PRO K 16 8.22 67.24 -14.24
C PRO K 16 9.13 68.38 -13.81
N THR K 17 8.67 69.12 -12.79
CA THR K 17 9.37 70.33 -12.38
C THR K 17 9.66 70.34 -10.87
N ILE K 18 8.83 69.67 -10.09
CA ILE K 18 8.88 69.74 -8.63
C ILE K 18 9.26 68.38 -8.08
N GLU K 19 10.26 68.36 -7.19
CA GLU K 19 10.70 67.15 -6.52
C GLU K 19 10.11 67.12 -5.10
N THR K 20 9.55 65.99 -4.72
CA THR K 20 9.05 65.83 -3.36
C THR K 20 10.19 65.50 -2.41
N ARG K 21 10.12 66.06 -1.21
CA ARG K 21 11.17 65.83 -0.22
C ARG K 21 11.07 64.42 0.33
N THR K 22 12.22 63.80 0.54
CA THR K 22 12.29 62.40 0.96
C THR K 22 12.09 62.29 2.46
N ARG K 23 11.35 61.27 2.88
CA ARG K 23 11.18 60.96 4.30
C ARG K 23 12.18 59.89 4.71
N HIS K 24 12.60 59.94 5.97
CA HIS K 24 13.57 59.01 6.51
C HIS K 24 12.83 57.89 7.26
N TYR K 25 13.22 56.64 6.96
CA TYR K 25 12.55 55.47 7.53
C TYR K 25 12.70 55.47 9.05
N THR K 26 11.60 55.71 9.75
CA THR K 26 11.58 55.70 11.21
C THR K 26 11.01 54.38 11.71
N LEU K 27 11.25 54.11 12.99
CA LEU K 27 10.96 52.78 13.53
C LEU K 27 9.46 52.53 13.60
N HIS K 28 8.68 53.57 13.93
CA HIS K 28 7.22 53.44 13.90
C HIS K 28 6.73 53.09 12.50
N ASP K 29 7.33 53.68 11.46
CA ASP K 29 7.00 53.31 10.10
C ASP K 29 7.33 51.85 9.83
N PHE K 30 8.44 51.37 10.40
CA PHE K 30 8.80 49.96 10.24
C PHE K 30 7.74 49.06 10.85
N TYR K 31 7.25 49.39 12.04
CA TYR K 31 6.20 48.54 12.62
C TYR K 31 4.89 48.67 11.85
N SER K 32 4.58 49.86 11.33
CA SER K 32 3.38 50.02 10.52
C SER K 32 3.45 49.16 9.27
N ASP K 33 4.62 49.12 8.62
CA ASP K 33 4.79 48.26 7.45
C ASP K 33 4.70 46.78 7.84
N LEU K 34 5.28 46.41 8.97
CA LEU K 34 5.26 45.01 9.39
C LEU K 34 3.85 44.56 9.77
N ASP K 35 3.02 45.45 10.30
CA ASP K 35 1.68 45.08 10.74
C ASP K 35 0.78 44.71 9.56
N ALA K 36 1.10 45.17 8.35
CA ALA K 36 0.34 44.83 7.13
C ALA K 36 -1.12 45.28 7.26
N SER K 37 -1.29 46.59 7.34
CA SER K 37 -2.64 47.17 7.39
C SER K 37 -3.33 47.02 6.04
N VAL K 38 -4.65 47.24 6.04
CA VAL K 38 -5.45 47.05 4.84
C VAL K 38 -5.06 48.05 3.76
N GLY K 39 -4.77 49.29 4.15
CA GLY K 39 -4.39 50.32 3.20
C GLY K 39 -2.90 50.51 3.05
N LYS K 40 -2.12 49.96 3.97
CA LYS K 40 -0.68 50.19 4.02
C LYS K 40 0.12 48.90 3.91
N GLU K 41 -0.47 47.84 3.38
CA GLU K 41 0.26 46.59 3.18
C GLU K 41 1.38 46.82 2.16
N PRO K 42 2.57 46.24 2.37
CA PRO K 42 3.72 46.51 1.51
C PRO K 42 3.76 45.67 0.22
N TRP K 43 2.63 45.62 -0.48
CA TRP K 43 2.59 44.94 -1.77
C TRP K 43 1.40 45.45 -2.57
N ARG K 44 1.47 45.23 -3.88
CA ARG K 44 0.41 45.62 -4.79
C ARG K 44 0.17 44.50 -5.80
N PRO K 45 -1.06 44.00 -5.90
CA PRO K 45 -1.33 42.92 -6.86
C PRO K 45 -1.22 43.39 -8.29
N LEU K 46 -0.79 42.48 -9.16
CA LEU K 46 -0.75 42.71 -10.61
C LEU K 46 -1.74 41.75 -11.26
N ARG K 47 -2.44 42.23 -12.28
CA ARG K 47 -3.55 41.50 -12.86
C ARG K 47 -3.35 41.32 -14.35
N ASN K 48 -3.79 40.17 -14.86
CA ASN K 48 -3.81 39.95 -16.31
C ASN K 48 -4.96 40.74 -16.92
N GLN K 49 -4.69 41.42 -18.04
CA GLN K 49 -5.67 42.33 -18.62
C GLN K 49 -6.87 41.58 -19.18
N ARG K 50 -6.65 40.39 -19.75
CA ARG K 50 -7.72 39.70 -20.45
C ARG K 50 -8.77 39.17 -19.48
N THR K 51 -8.34 38.50 -18.40
CA THR K 51 -9.26 37.80 -17.51
C THR K 51 -9.25 38.32 -16.08
N ASN K 52 -8.42 39.31 -15.76
CA ASN K 52 -8.41 39.95 -14.44
C ASN K 52 -8.16 38.95 -13.32
N GLU K 53 -7.18 38.07 -13.52
CA GLU K 53 -6.66 37.24 -12.45
C GLU K 53 -5.35 37.82 -11.94
N ILE K 54 -5.14 37.72 -10.62
CA ILE K 54 -3.90 38.18 -10.01
C ILE K 54 -2.84 37.12 -10.27
N VAL K 55 -1.88 37.44 -11.14
CA VAL K 55 -0.85 36.50 -11.54
C VAL K 55 0.50 36.81 -10.93
N ALA K 56 0.76 38.04 -10.51
CA ALA K 56 2.04 38.42 -9.92
C ALA K 56 1.81 39.53 -8.92
N VAL K 57 2.78 39.72 -8.03
CA VAL K 57 2.73 40.75 -7.02
C VAL K 57 4.00 41.58 -7.10
N GLN K 58 3.92 42.80 -6.59
CA GLN K 58 5.05 43.72 -6.53
C GLN K 58 5.42 43.93 -5.08
N LEU K 59 6.72 43.85 -4.78
CA LEU K 59 7.22 43.93 -3.42
C LEU K 59 7.73 45.34 -3.14
N PHE K 60 7.21 45.95 -2.08
CA PHE K 60 7.49 47.35 -1.75
C PHE K 60 8.68 47.44 -0.80
N ARG K 61 8.85 48.62 -0.21
CA ARG K 61 10.07 48.98 0.50
C ARG K 61 10.52 48.00 1.60
N PRO K 62 9.67 47.53 2.52
CA PRO K 62 10.17 46.64 3.58
C PRO K 62 10.27 45.18 3.18
N LEU K 63 9.98 44.82 1.92
CA LEU K 63 10.03 43.43 1.48
C LEU K 63 10.98 43.24 0.29
N GLN K 64 11.87 44.19 0.04
CA GLN K 64 12.67 44.15 -1.17
C GLN K 64 13.73 43.06 -1.13
N GLY K 65 14.41 42.90 0.01
CA GLY K 65 15.58 42.04 0.07
C GLY K 65 15.30 40.56 0.26
N LEU K 66 14.87 39.87 -0.79
CA LEU K 66 14.67 38.42 -0.73
C LEU K 66 15.90 37.67 -1.25
N VAL K 67 16.28 37.93 -2.49
CA VAL K 67 17.51 37.47 -3.14
C VAL K 67 17.81 35.99 -2.85
N PHE K 68 16.78 35.17 -2.78
CA PHE K 68 16.95 33.73 -2.64
C PHE K 68 15.99 33.00 -3.57
N ASP K 69 16.21 31.69 -3.70
CA ASP K 69 15.39 30.86 -4.56
C ASP K 69 13.97 30.77 -4.02
N THR K 70 13.00 30.64 -4.94
CA THR K 70 11.60 30.72 -4.55
C THR K 70 11.16 29.49 -3.76
N GLN K 71 11.74 28.32 -4.05
CA GLN K 71 11.31 27.11 -3.38
C GLN K 71 11.81 27.06 -1.94
N LEU K 72 12.90 27.78 -1.65
CA LEU K 72 13.42 27.82 -0.29
C LEU K 72 12.41 28.49 0.66
N TYR K 73 11.75 29.55 0.19
CA TYR K 73 10.73 30.20 1.01
C TYR K 73 9.50 29.30 1.19
N GLY K 74 9.10 28.62 0.13
CA GLY K 74 7.94 27.74 0.19
C GLY K 74 6.64 28.49 0.30
N PHE K 75 6.38 29.40 -0.64
CA PHE K 75 5.17 30.21 -0.65
C PHE K 75 3.98 29.40 -1.12
N PRO K 76 2.78 29.73 -0.63
CA PRO K 76 1.59 28.93 -1.02
C PRO K 76 1.32 28.90 -2.51
N GLY K 77 1.55 30.01 -3.21
CA GLY K 77 1.33 30.07 -4.65
C GLY K 77 0.00 30.66 -5.08
N THR K 78 -0.88 31.00 -4.13
CA THR K 78 -2.13 31.66 -4.43
C THR K 78 -2.19 32.96 -3.64
N PHE K 79 -2.83 33.98 -4.24
CA PHE K 79 -2.71 35.34 -3.71
C PHE K 79 -3.25 35.44 -2.30
N SER K 80 -4.41 34.84 -2.02
CA SER K 80 -4.99 34.93 -0.68
C SER K 80 -4.14 34.16 0.33
N GLN K 81 -3.77 32.93 0.00
CA GLN K 81 -2.96 32.12 0.90
C GLN K 81 -1.57 32.74 1.11
N TRP K 82 -0.96 33.24 0.03
CA TRP K 82 0.31 33.93 0.15
C TRP K 82 0.18 35.17 1.03
N GLU K 83 -0.94 35.90 0.88
CA GLU K 83 -1.17 37.09 1.69
C GLU K 83 -1.26 36.74 3.16
N GLN K 84 -2.01 35.67 3.48
CA GLN K 84 -2.13 35.24 4.88
C GLN K 84 -0.77 34.80 5.43
N PHE K 85 0.00 34.06 4.63
CA PHE K 85 1.33 33.64 5.05
C PHE K 85 2.21 34.84 5.36
N MET K 86 2.22 35.83 4.47
CA MET K 86 2.99 37.05 4.70
C MET K 86 2.54 37.77 5.96
N LYS K 87 1.22 37.89 6.15
CA LYS K 87 0.72 38.61 7.33
C LYS K 87 1.17 37.92 8.61
N GLU K 88 1.07 36.59 8.67
CA GLU K 88 1.46 35.87 9.88
C GLU K 88 2.95 36.01 10.14
N LYS K 89 3.77 35.82 9.09
CA LYS K 89 5.21 35.90 9.28
C LYS K 89 5.64 37.31 9.71
N LEU K 90 5.07 38.33 9.08
CA LEU K 90 5.41 39.69 9.44
C LEU K 90 4.93 40.04 10.84
N ARG K 91 3.80 39.49 11.27
CA ARG K 91 3.35 39.72 12.65
C ARG K 91 4.34 39.11 13.65
N VAL K 92 4.81 37.88 13.38
CA VAL K 92 5.78 37.26 14.28
C VAL K 92 7.05 38.09 14.33
N LEU K 93 7.55 38.52 13.17
CA LEU K 93 8.77 39.32 13.14
C LEU K 93 8.57 40.65 13.87
N LYS K 94 7.37 41.21 13.84
CA LYS K 94 7.16 42.44 14.59
C LYS K 94 7.49 42.28 16.04
N TYR K 95 6.97 41.24 16.68
CA TYR K 95 7.16 41.09 18.10
C TYR K 95 8.59 40.92 18.56
N GLU K 96 9.42 40.23 17.82
CA GLU K 96 10.82 40.14 18.19
C GLU K 96 11.44 41.50 18.24
N VAL K 97 11.22 42.32 17.22
CA VAL K 97 11.84 43.63 17.17
C VAL K 97 11.37 44.47 18.32
N LEU K 98 10.08 44.42 18.62
CA LEU K 98 9.52 45.20 19.70
C LEU K 98 10.09 44.82 21.03
N ARG K 99 10.33 43.55 21.26
CA ARG K 99 10.91 43.10 22.51
C ARG K 99 12.30 43.68 22.73
N ILE K 100 13.17 43.64 21.72
CA ILE K 100 14.48 44.25 21.84
C ILE K 100 14.41 45.75 21.86
N TYR K 101 13.56 46.33 21.03
CA TYR K 101 13.45 47.77 20.95
C TYR K 101 12.04 48.23 21.28
N PRO K 102 11.78 48.56 22.54
CA PRO K 102 10.40 48.90 22.88
C PRO K 102 9.99 50.22 22.28
N ILE K 103 8.75 50.35 21.84
CA ILE K 103 8.31 51.57 21.16
C ILE K 103 8.42 52.77 22.07
N SER K 104 8.16 52.59 23.36
CA SER K 104 8.31 53.68 24.32
C SER K 104 9.73 54.28 24.38
N THR K 105 10.74 53.46 24.52
CA THR K 105 12.11 53.97 24.58
C THR K 105 12.59 54.47 23.22
N TYR K 106 12.28 53.73 22.15
CA TYR K 106 12.64 54.13 20.79
C TYR K 106 11.36 54.39 20.01
N ASN K 107 10.97 55.65 19.89
CA ASN K 107 9.77 56.03 19.15
C ASN K 107 10.08 56.60 17.77
N HIS K 108 11.02 57.55 17.68
CA HIS K 108 11.35 58.20 16.42
C HIS K 108 12.79 57.93 15.98
N ASP K 109 13.38 56.82 16.43
CA ASP K 109 14.72 56.48 16.01
C ASP K 109 14.73 56.05 14.55
N ARG K 110 15.80 56.39 13.84
CA ARG K 110 15.93 56.03 12.44
C ARG K 110 16.16 54.53 12.30
N VAL K 111 15.80 54.00 11.12
CA VAL K 111 15.96 52.59 10.81
C VAL K 111 16.94 52.45 9.66
N ASN K 112 17.82 51.46 9.78
CA ASN K 112 18.82 51.17 8.77
C ASN K 112 18.18 50.25 7.74
N VAL K 113 17.83 50.83 6.59
CA VAL K 113 16.97 50.13 5.63
C VAL K 113 17.63 48.88 5.08
N PHE K 114 18.95 48.91 4.90
CA PHE K 114 19.67 47.70 4.49
C PHE K 114 19.48 46.60 5.51
N VAL K 115 19.62 46.94 6.80
CA VAL K 115 19.46 45.95 7.86
C VAL K 115 18.02 45.46 7.91
N ALA K 116 17.05 46.35 7.72
CA ALA K 116 15.65 45.94 7.74
C ALA K 116 15.34 44.95 6.62
N ASN K 117 15.77 45.28 5.40
CA ASN K 117 15.54 44.38 4.27
C ASN K 117 16.23 43.04 4.48
N ALA K 118 17.49 43.07 4.93
CA ALA K 118 18.21 41.82 5.16
C ALA K 118 17.56 40.99 6.25
N LEU K 119 17.08 41.64 7.32
CA LEU K 119 16.42 40.92 8.40
C LEU K 119 15.13 40.27 7.94
N VAL K 120 14.33 41.00 7.16
CA VAL K 120 13.08 40.42 6.65
C VAL K 120 13.39 39.24 5.74
N GLY K 121 14.34 39.41 4.83
CA GLY K 121 14.69 38.32 3.93
C GLY K 121 15.26 37.12 4.64
N ALA K 122 16.01 37.34 5.72
CA ALA K 122 16.58 36.23 6.47
C ALA K 122 15.52 35.51 7.28
N PHE K 123 14.60 36.25 7.88
CA PHE K 123 13.52 35.60 8.62
C PHE K 123 12.63 34.79 7.70
N LEU K 124 12.28 35.34 6.53
CA LEU K 124 11.50 34.56 5.58
C LEU K 124 12.30 33.40 4.98
N SER K 125 13.62 33.46 5.04
CA SER K 125 14.48 32.37 4.59
C SER K 125 14.87 31.43 5.73
N ASN K 126 14.46 31.74 6.96
CA ASN K 126 14.71 30.90 8.13
C ASN K 126 16.21 30.65 8.34
N GLN K 127 16.94 31.75 8.57
CA GLN K 127 18.37 31.65 8.83
C GLN K 127 18.90 32.93 9.45
N ALA K 128 19.58 32.80 10.60
CA ALA K 128 20.50 33.81 11.13
C ALA K 128 19.89 35.22 11.16
N PHE K 129 18.66 35.31 11.65
CA PHE K 129 17.99 36.61 11.70
C PHE K 129 18.29 37.39 12.96
N TYR K 130 18.87 36.75 14.00
CA TYR K 130 18.98 37.41 15.29
C TYR K 130 20.19 38.33 15.40
N ASP K 131 21.15 38.21 14.48
CA ASP K 131 22.34 39.06 14.56
C ASP K 131 22.08 40.46 14.04
N LEU K 132 21.02 40.64 13.26
CA LEU K 132 20.75 41.94 12.65
C LEU K 132 19.90 42.85 13.53
N LEU K 133 19.37 42.34 14.64
CA LEU K 133 18.61 43.20 15.55
C LEU K 133 19.44 44.32 16.15
N PRO K 134 20.65 44.09 16.67
CA PRO K 134 21.43 45.21 17.23
C PRO K 134 21.80 46.27 16.21
N LEU K 135 21.80 45.95 14.92
CA LEU K 135 22.19 46.90 13.89
C LEU K 135 21.02 47.64 13.27
N LEU K 136 19.81 47.45 13.81
CA LEU K 136 18.63 48.07 13.21
C LEU K 136 18.68 49.59 13.33
N ILE K 137 19.15 50.10 14.46
CA ILE K 137 19.18 51.55 14.71
C ILE K 137 20.47 52.12 14.12
N VAL K 138 20.32 53.19 13.33
CA VAL K 138 21.46 53.82 12.70
C VAL K 138 22.27 54.58 13.75
N ASN K 139 23.59 54.43 13.69
CA ASN K 139 24.48 55.15 14.59
C ASN K 139 24.96 56.47 14.00
N ASP K 140 25.71 56.42 12.90
CA ASP K 140 26.08 57.62 12.16
C ASP K 140 25.52 57.60 10.74
N THR K 141 25.89 56.59 9.94
CA THR K 141 25.40 56.43 8.58
C THR K 141 25.27 54.95 8.29
N MET K 142 24.46 54.61 7.29
CA MET K 142 24.21 53.21 6.96
C MET K 142 25.47 52.53 6.44
N ILE K 143 26.11 53.13 5.44
CA ILE K 143 27.24 52.49 4.78
C ILE K 143 28.40 52.29 5.74
N SER K 144 28.72 53.34 6.52
CA SER K 144 29.81 53.22 7.49
C SER K 144 29.48 52.18 8.56
N ASP K 145 28.21 52.13 8.99
CA ASP K 145 27.83 51.16 10.01
C ASP K 145 28.01 49.74 9.51
N LEU K 146 27.60 49.47 8.27
CA LEU K 146 27.71 48.11 7.75
C LEU K 146 29.12 47.69 7.37
N LEU K 147 30.07 48.62 7.34
CA LEU K 147 31.40 48.30 6.84
C LEU K 147 32.17 47.46 7.87
N GLY K 148 32.54 46.25 7.49
CA GLY K 148 33.40 45.41 8.30
C GLY K 148 32.71 44.64 9.40
N THR K 149 31.40 44.77 9.56
CA THR K 149 30.71 44.07 10.63
C THR K 149 30.74 42.56 10.44
N GLY K 150 30.34 42.09 9.26
CA GLY K 150 30.32 40.67 8.98
C GLY K 150 29.35 39.85 9.80
N ALA K 151 28.39 40.49 10.47
CA ALA K 151 27.48 39.75 11.32
C ALA K 151 26.49 38.92 10.50
N ALA K 152 25.95 39.49 9.43
CA ALA K 152 24.98 38.79 8.60
C ALA K 152 25.68 37.92 7.56
N LEU K 153 24.88 37.14 6.85
CA LEU K 153 25.40 36.27 5.80
C LEU K 153 25.93 37.11 4.64
N SER K 154 26.82 36.50 3.86
CA SER K 154 27.51 37.24 2.80
C SER K 154 26.57 37.61 1.66
N GLN K 155 25.49 36.84 1.46
CA GLN K 155 24.60 37.12 0.34
C GLN K 155 23.87 38.45 0.50
N PHE K 156 23.51 38.80 1.75
CA PHE K 156 22.75 40.02 1.97
C PHE K 156 23.58 41.26 1.64
N PHE K 157 24.80 41.34 2.16
CA PHE K 157 25.68 42.46 1.83
C PHE K 157 27.11 42.06 2.09
N GLN K 158 28.02 42.76 1.42
CA GLN K 158 29.45 42.46 1.48
C GLN K 158 30.24 43.76 1.45
N SER K 159 31.36 43.78 2.15
CA SER K 159 32.21 44.96 2.26
C SER K 159 33.49 44.73 1.46
N HIS K 160 33.66 45.50 0.39
CA HIS K 160 34.89 45.45 -0.40
C HIS K 160 35.85 46.55 0.03
N GLY K 161 36.20 46.52 1.30
CA GLY K 161 37.11 47.51 1.86
C GLY K 161 36.45 48.83 2.17
N GLU K 162 35.95 49.51 1.14
CA GLU K 162 35.31 50.80 1.31
C GLU K 162 33.94 50.82 0.63
N VAL K 163 33.79 50.01 -0.40
CA VAL K 163 32.57 49.96 -1.20
C VAL K 163 31.70 48.82 -0.69
N LEU K 164 30.51 49.16 -0.20
CA LEU K 164 29.57 48.14 0.26
C LEU K 164 28.77 47.59 -0.91
N GLU K 165 28.72 46.27 -1.01
CA GLU K 165 27.99 45.58 -2.08
C GLU K 165 26.73 44.98 -1.46
N VAL K 166 25.56 45.47 -1.90
CA VAL K 166 24.28 45.00 -1.42
C VAL K 166 23.56 44.34 -2.59
N ALA K 167 23.20 43.07 -2.42
CA ALA K 167 22.49 42.35 -3.47
C ALA K 167 21.08 42.90 -3.64
N ALA K 168 20.67 43.07 -4.90
CA ALA K 168 19.35 43.59 -5.20
C ALA K 168 18.32 42.47 -5.13
N GLY K 169 17.27 42.69 -4.33
CA GLY K 169 16.25 41.69 -4.14
C GLY K 169 15.18 41.73 -5.22
N ARG K 170 14.27 40.77 -5.13
CA ARG K 170 13.20 40.63 -6.12
C ARG K 170 12.22 41.79 -6.01
N LYS K 171 11.92 42.43 -7.14
CA LYS K 171 10.91 43.47 -7.15
C LYS K 171 9.51 42.89 -7.36
N TYR K 172 9.40 41.90 -8.25
CA TYR K 172 8.14 41.23 -8.52
C TYR K 172 8.23 39.78 -8.09
N LEU K 173 7.08 39.21 -7.73
CA LEU K 173 6.96 37.80 -7.42
C LEU K 173 5.74 37.25 -8.14
N GLN K 174 5.92 36.18 -8.90
CA GLN K 174 4.86 35.63 -9.73
C GLN K 174 4.25 34.39 -9.09
N MET K 175 2.93 34.27 -9.22
CA MET K 175 2.20 33.15 -8.64
C MET K 175 2.08 32.02 -9.66
N ASN K 176 1.26 31.02 -9.33
CA ASN K 176 1.09 29.88 -10.24
C ASN K 176 0.30 30.23 -11.48
N ASN K 177 -0.51 31.30 -11.43
CA ASN K 177 -1.35 31.65 -12.57
C ASN K 177 -0.56 32.21 -13.74
N TYR K 178 0.70 32.61 -13.52
CA TYR K 178 1.50 33.18 -14.59
C TYR K 178 1.82 32.11 -15.63
N SER K 179 1.59 32.44 -16.91
CA SER K 179 1.84 31.49 -17.99
C SER K 179 2.49 32.14 -19.21
N ASN K 180 3.18 33.28 -19.03
CA ASN K 180 3.84 33.99 -20.12
C ASN K 180 2.85 34.33 -21.24
N ASP K 181 1.64 34.71 -20.85
CA ASP K 181 0.60 35.02 -21.82
C ASP K 181 0.88 36.36 -22.49
N ASP K 182 0.18 36.60 -23.60
CA ASP K 182 0.36 37.85 -24.34
C ASP K 182 -0.10 39.05 -23.51
N ASP K 183 -1.10 38.85 -22.66
CA ASP K 183 -1.66 39.93 -21.86
C ASP K 183 -1.12 39.96 -20.43
N ASP K 184 -0.25 39.03 -20.07
CA ASP K 184 0.33 39.03 -18.74
C ASP K 184 1.28 40.22 -18.58
N PRO K 185 1.36 40.78 -17.37
CA PRO K 185 2.26 41.92 -17.15
C PRO K 185 3.71 41.52 -17.33
N PRO K 186 4.54 42.42 -17.87
CA PRO K 186 5.97 42.11 -18.02
C PRO K 186 6.70 42.30 -16.69
N LEU K 187 7.43 41.26 -16.27
CA LEU K 187 8.13 41.30 -15.00
C LEU K 187 9.56 41.84 -15.12
N PHE K 188 10.04 42.06 -16.34
CA PHE K 188 11.34 42.70 -16.58
C PHE K 188 12.49 41.96 -15.90
N ALA K 189 12.36 40.63 -15.84
CA ALA K 189 13.39 39.73 -15.29
C ALA K 189 13.73 40.02 -13.83
N LYS K 190 12.93 40.84 -13.15
CA LYS K 190 13.19 41.13 -11.73
C LYS K 190 12.64 40.07 -10.80
N ASP K 191 11.91 39.07 -11.32
CA ASP K 191 11.46 37.97 -10.50
C ASP K 191 12.54 36.91 -10.28
N LEU K 192 13.67 37.03 -10.97
CA LEU K 192 14.73 36.04 -10.86
C LEU K 192 15.51 36.21 -9.56
N SER K 193 16.32 35.21 -9.24
CA SER K 193 17.06 35.22 -7.98
C SER K 193 18.09 36.33 -7.93
N ASP K 194 18.82 36.54 -9.02
CA ASP K 194 19.92 37.51 -9.06
C ASP K 194 19.92 38.18 -10.44
N TYR K 195 19.37 39.39 -10.51
CA TYR K 195 19.34 40.15 -11.76
C TYR K 195 20.29 41.34 -11.77
N ALA K 196 20.70 41.83 -10.59
CA ALA K 196 21.60 42.97 -10.54
C ALA K 196 22.29 42.99 -9.18
N LYS K 197 23.41 43.72 -9.12
CA LYS K 197 24.16 43.92 -7.90
C LYS K 197 24.44 45.41 -7.73
N ALA K 198 24.33 45.89 -6.49
CA ALA K 198 24.47 47.30 -6.18
C ALA K 198 25.70 47.51 -5.30
N PHE K 199 26.52 48.49 -5.67
CA PHE K 199 27.70 48.87 -4.90
C PHE K 199 27.50 50.27 -4.35
N TYR K 200 27.64 50.43 -3.03
CA TYR K 200 27.33 51.68 -2.36
C TYR K 200 28.60 52.32 -1.82
N SER K 201 28.72 53.62 -2.01
CA SER K 201 29.82 54.40 -1.45
C SER K 201 29.39 55.86 -1.36
N ASP K 202 30.07 56.62 -0.51
CA ASP K 202 29.66 58.01 -0.27
C ASP K 202 29.93 58.88 -1.50
N THR K 203 31.10 58.72 -2.13
CA THR K 203 31.49 59.56 -3.25
C THR K 203 31.68 58.72 -4.50
N TYR K 204 31.54 59.38 -5.66
CA TYR K 204 31.56 58.66 -6.92
C TYR K 204 32.97 58.26 -7.32
N GLU K 205 33.98 59.03 -6.89
CA GLU K 205 35.36 58.73 -7.27
C GLU K 205 35.82 57.42 -6.66
N VAL K 206 35.38 57.10 -5.44
CA VAL K 206 35.70 55.82 -4.84
C VAL K 206 35.11 54.68 -5.66
N LEU K 207 33.88 54.85 -6.13
CA LEU K 207 33.27 53.83 -6.98
C LEU K 207 34.02 53.68 -8.30
N ASP K 208 34.47 54.79 -8.88
CA ASP K 208 35.26 54.72 -10.10
C ASP K 208 36.57 53.98 -9.87
N ARG K 209 37.24 54.26 -8.75
CA ARG K 209 38.48 53.55 -8.43
C ARG K 209 38.21 52.06 -8.22
N PHE K 210 37.09 51.73 -7.58
CA PHE K 210 36.75 50.32 -7.37
C PHE K 210 36.48 49.61 -8.69
N PHE K 211 35.74 50.26 -9.59
CA PHE K 211 35.43 49.65 -10.88
C PHE K 211 36.59 49.70 -11.86
N TRP K 212 37.67 50.41 -11.54
CA TRP K 212 38.90 50.29 -12.32
C TRP K 212 39.34 48.84 -12.43
N THR K 213 39.13 48.07 -11.37
CA THR K 213 39.54 46.67 -11.33
C THR K 213 38.40 45.70 -11.60
N HIS K 214 37.21 45.95 -11.05
CA HIS K 214 36.12 45.01 -11.19
C HIS K 214 35.76 44.79 -12.66
N ASP K 215 35.12 43.66 -12.93
CA ASP K 215 34.93 43.21 -14.31
C ASP K 215 34.14 44.22 -15.13
N SER K 216 32.88 44.44 -14.75
CA SER K 216 31.98 45.35 -15.46
C SER K 216 31.87 44.98 -16.94
N SER K 217 31.86 43.67 -17.23
CA SER K 217 31.69 43.23 -18.61
C SER K 217 30.33 43.67 -19.14
N ALA K 218 29.28 43.54 -18.33
CA ALA K 218 28.01 44.18 -18.61
C ALA K 218 28.07 45.61 -18.09
N GLY K 219 27.53 46.54 -18.87
CA GLY K 219 27.67 47.94 -18.51
C GLY K 219 27.03 48.26 -17.17
N VAL K 220 27.67 49.13 -16.41
CA VAL K 220 27.15 49.55 -15.12
C VAL K 220 26.17 50.69 -15.32
N LEU K 221 25.15 50.74 -14.46
CA LEU K 221 24.10 51.74 -14.54
C LEU K 221 24.13 52.62 -13.30
N VAL K 222 24.19 53.92 -13.50
CA VAL K 222 24.12 54.91 -12.43
C VAL K 222 22.81 55.68 -12.58
N HIS K 223 22.33 56.25 -11.48
CA HIS K 223 21.02 56.89 -11.51
C HIS K 223 21.13 58.41 -11.49
N TYR K 224 22.06 58.96 -10.69
CA TYR K 224 22.45 60.37 -10.67
C TYR K 224 21.40 61.30 -10.10
N ASP K 225 20.21 60.82 -9.75
CA ASP K 225 19.13 61.70 -9.28
C ASP K 225 18.38 60.99 -8.15
N LYS K 226 18.69 61.38 -6.91
CA LYS K 226 18.08 60.84 -5.70
C LYS K 226 18.07 59.32 -5.72
N PRO K 227 19.21 58.66 -5.53
CA PRO K 227 19.21 57.20 -5.42
C PRO K 227 18.44 56.76 -4.19
N THR K 228 17.95 55.52 -4.23
CA THR K 228 17.04 55.04 -3.20
C THR K 228 17.65 55.10 -1.82
N ASN K 229 18.92 54.70 -1.68
CA ASN K 229 19.57 54.68 -0.39
C ASN K 229 20.93 55.37 -0.37
N GLY K 230 21.31 56.05 -1.45
CA GLY K 230 22.60 56.72 -1.48
C GLY K 230 23.34 56.48 -2.78
N ASN K 231 24.42 57.23 -3.00
CA ASN K 231 25.20 57.12 -4.24
C ASN K 231 25.63 55.67 -4.45
N HIS K 232 25.13 55.06 -5.53
CA HIS K 232 25.42 53.65 -5.78
C HIS K 232 25.44 53.39 -7.27
N TYR K 233 26.11 52.30 -7.64
CA TYR K 233 26.17 51.83 -9.02
C TYR K 233 25.40 50.51 -9.12
N ILE K 234 24.77 50.30 -10.28
CA ILE K 234 24.04 49.07 -10.56
C ILE K 234 24.77 48.33 -11.66
N LEU K 235 25.12 47.08 -11.40
CA LEU K 235 25.82 46.23 -12.36
C LEU K 235 24.89 45.11 -12.82
N GLY K 236 24.79 44.92 -14.12
CA GLY K 236 23.96 43.87 -14.66
C GLY K 236 24.61 42.50 -14.54
N THR K 237 23.84 41.47 -14.90
CA THR K 237 24.29 40.09 -14.84
C THR K 237 23.90 39.39 -16.14
N LEU K 238 24.16 38.09 -16.19
CA LEU K 238 23.94 37.32 -17.40
C LEU K 238 22.52 36.79 -17.54
N THR K 239 21.68 36.97 -16.52
CA THR K 239 20.29 36.52 -16.63
C THR K 239 19.55 37.31 -17.69
N GLN K 240 18.63 36.64 -18.38
CA GLN K 240 17.94 37.20 -19.52
C GLN K 240 16.43 37.08 -19.34
N MET K 241 15.70 37.98 -19.98
CA MET K 241 14.24 38.02 -19.91
C MET K 241 13.67 37.46 -21.21
N VAL K 242 12.77 36.48 -21.09
CA VAL K 242 12.13 35.85 -22.23
C VAL K 242 10.62 35.99 -22.20
N SER K 243 10.10 36.94 -21.41
CA SER K 243 8.65 37.16 -21.38
C SER K 243 8.15 37.64 -22.73
N ALA K 244 8.87 38.55 -23.37
CA ALA K 244 8.55 38.93 -24.74
C ALA K 244 9.05 37.85 -25.69
N PRO K 245 8.17 37.22 -26.48
CA PRO K 245 8.57 36.07 -27.29
C PRO K 245 9.62 36.42 -28.33
N PRO K 246 9.39 37.40 -29.20
CA PRO K 246 10.32 37.57 -30.34
C PRO K 246 11.75 37.90 -29.94
N HIS K 247 11.95 38.64 -28.85
CA HIS K 247 13.28 39.10 -28.46
C HIS K 247 13.69 38.49 -27.13
N ILE K 248 14.98 38.17 -27.01
CA ILE K 248 15.57 37.71 -25.76
C ILE K 248 16.57 38.78 -25.32
N ILE K 249 16.27 39.44 -24.20
CA ILE K 249 17.05 40.57 -23.73
C ILE K 249 17.55 40.27 -22.32
N ASN K 250 18.79 40.66 -22.06
CA ASN K 250 19.43 40.39 -20.78
C ASN K 250 19.00 41.41 -19.73
N ALA K 251 19.65 41.35 -18.56
CA ALA K 251 19.19 42.13 -17.41
C ALA K 251 19.40 43.63 -17.62
N THR K 252 20.54 44.03 -18.16
CA THR K 252 20.82 45.46 -18.29
C THR K 252 19.83 46.13 -19.24
N ASP K 253 19.55 45.50 -20.38
CA ASP K 253 18.58 46.05 -21.32
C ASP K 253 17.19 46.10 -20.70
N ALA K 254 16.84 45.10 -19.90
CA ALA K 254 15.54 45.13 -19.22
C ALA K 254 15.45 46.28 -18.24
N LEU K 255 16.51 46.52 -17.46
CA LEU K 255 16.53 47.65 -16.54
C LEU K 255 16.37 48.96 -17.29
N LEU K 256 17.14 49.13 -18.36
CA LEU K 256 17.06 50.35 -19.15
C LEU K 256 15.67 50.53 -19.74
N LEU K 257 15.08 49.45 -20.25
CA LEU K 257 13.75 49.51 -20.85
C LEU K 257 12.70 49.92 -19.84
N GLU K 258 12.71 49.30 -18.66
CA GLU K 258 11.71 49.64 -17.65
C GLU K 258 11.86 51.08 -17.19
N SER K 259 13.10 51.51 -16.92
CA SER K 259 13.31 52.89 -16.49
C SER K 259 12.87 53.88 -17.57
N CYS K 260 13.20 53.59 -18.83
CA CYS K 260 12.85 54.49 -19.92
C CYS K 260 11.34 54.58 -20.10
N LEU K 261 10.64 53.44 -20.04
CA LEU K 261 9.19 53.46 -20.18
C LEU K 261 8.54 54.19 -19.01
N GLU K 262 9.04 54.00 -17.79
CA GLU K 262 8.52 54.73 -16.64
C GLU K 262 8.72 56.23 -16.83
N GLN K 263 9.88 56.63 -17.35
CA GLN K 263 10.13 58.05 -17.56
C GLN K 263 9.21 58.62 -18.63
N PHE K 264 8.97 57.87 -19.71
CA PHE K 264 7.99 58.34 -20.70
C PHE K 264 6.61 58.50 -20.08
N ALA K 265 6.18 57.55 -19.26
CA ALA K 265 4.88 57.67 -18.62
C ALA K 265 4.81 58.92 -17.72
N ALA K 266 5.86 59.14 -16.93
CA ALA K 266 5.90 60.31 -16.06
C ALA K 266 5.88 61.60 -16.87
N ASN K 267 6.62 61.63 -17.99
CA ASN K 267 6.61 62.80 -18.86
C ASN K 267 5.23 63.06 -19.43
N VAL K 268 4.53 61.99 -19.84
CA VAL K 268 3.20 62.14 -20.40
C VAL K 268 2.22 62.69 -19.38
N ARG K 269 2.27 62.17 -18.15
CA ARG K 269 1.30 62.55 -17.13
C ARG K 269 1.80 63.66 -16.21
N ALA K 270 2.89 64.34 -16.56
CA ALA K 270 3.43 65.39 -15.70
C ALA K 270 2.60 66.65 -15.77
N ARG K 271 2.51 67.35 -14.64
CA ARG K 271 1.85 68.65 -14.55
C ARG K 271 2.75 69.61 -13.80
N SER K 272 2.48 70.91 -13.98
CA SER K 272 3.32 71.93 -13.37
C SER K 272 3.22 71.90 -11.85
N ALA K 273 2.01 71.70 -11.32
CA ALA K 273 1.84 71.74 -9.87
C ALA K 273 2.13 70.39 -9.21
N GLN K 274 1.80 69.30 -9.89
CA GLN K 274 1.97 67.98 -9.29
C GLN K 274 3.44 67.60 -9.26
N PRO K 275 3.95 67.13 -8.12
CA PRO K 275 5.35 66.70 -8.05
C PRO K 275 5.52 65.22 -8.35
N VAL K 276 6.78 64.79 -8.38
CA VAL K 276 7.13 63.40 -8.59
C VAL K 276 8.20 63.01 -7.58
N THR K 277 8.38 61.70 -7.41
CA THR K 277 9.41 61.21 -6.50
C THR K 277 10.81 61.62 -6.96
N ARG K 278 11.07 61.53 -8.26
CA ARG K 278 12.33 61.95 -8.83
C ARG K 278 12.07 62.43 -10.25
N LEU K 279 12.82 63.44 -10.68
CA LEU K 279 12.56 64.08 -11.96
C LEU K 279 12.74 63.12 -13.12
N ASP K 280 13.79 62.32 -13.10
CA ASP K 280 14.05 61.35 -14.16
C ASP K 280 14.31 59.98 -13.57
N GLN K 281 13.60 58.98 -14.09
CA GLN K 281 13.77 57.60 -13.68
C GLN K 281 14.84 56.87 -14.49
N CYS K 282 15.33 57.48 -15.57
CA CYS K 282 16.18 56.77 -16.52
C CYS K 282 17.51 56.38 -15.90
N TYR K 283 17.97 55.18 -16.26
CA TYR K 283 19.32 54.74 -15.93
C TYR K 283 20.30 55.22 -16.99
N HIS K 284 21.49 55.62 -16.54
CA HIS K 284 22.54 56.07 -17.43
C HIS K 284 23.71 55.09 -17.36
N LEU K 285 24.16 54.65 -18.53
CA LEU K 285 25.27 53.68 -18.61
C LEU K 285 26.58 54.42 -18.41
N ARG K 286 27.30 54.10 -17.33
CA ARG K 286 28.50 54.83 -16.96
C ARG K 286 29.76 54.17 -17.50
N TRP K 287 29.87 52.84 -17.43
CA TRP K 287 31.04 52.12 -17.89
C TRP K 287 30.59 50.94 -18.76
N GLY K 288 31.58 50.29 -19.38
CA GLY K 288 31.30 49.11 -20.17
C GLY K 288 30.67 49.35 -21.52
N ALA K 289 30.85 50.53 -22.10
CA ALA K 289 30.30 50.79 -23.42
C ALA K 289 31.09 50.12 -24.53
N GLN K 290 32.33 49.73 -24.26
CA GLN K 290 33.14 49.08 -25.29
C GLN K 290 32.57 47.72 -25.67
N TYR K 291 32.01 46.99 -24.70
CA TYR K 291 31.34 45.73 -25.01
C TYR K 291 30.04 45.97 -25.78
N VAL K 292 29.38 47.09 -25.53
CA VAL K 292 28.12 47.38 -26.21
C VAL K 292 28.37 47.62 -27.70
N GLY K 293 27.66 46.88 -28.55
CA GLY K 293 27.83 47.03 -29.97
C GLY K 293 27.26 48.34 -30.50
N GLU K 294 27.64 48.67 -31.73
CA GLU K 294 27.16 49.90 -32.35
C GLU K 294 25.66 49.86 -32.61
N ASP K 295 25.15 48.70 -33.03
CA ASP K 295 23.73 48.54 -33.31
C ASP K 295 23.05 47.55 -32.37
N SER K 296 23.68 47.25 -31.23
CA SER K 296 23.05 46.42 -30.23
C SER K 296 21.90 47.17 -29.57
N LEU K 297 20.99 46.41 -28.97
CA LEU K 297 19.80 47.02 -28.35
C LEU K 297 20.17 47.97 -27.22
N THR K 298 21.30 47.74 -26.55
CA THR K 298 21.70 48.61 -25.46
C THR K 298 21.96 50.04 -25.94
N TYR K 299 22.60 50.17 -27.11
CA TYR K 299 22.85 51.50 -27.66
C TYR K 299 21.56 52.24 -27.94
N ARG K 300 20.60 51.58 -28.60
CA ARG K 300 19.34 52.22 -28.92
C ARG K 300 18.56 52.56 -27.66
N LEU K 301 18.57 51.66 -26.67
CA LEU K 301 17.89 51.93 -25.41
C LEU K 301 18.52 53.12 -24.70
N GLY K 302 19.84 53.26 -24.78
CA GLY K 302 20.49 54.44 -24.26
C GLY K 302 20.05 55.70 -24.96
N VAL K 303 19.91 55.64 -26.29
CA VAL K 303 19.46 56.81 -27.05
C VAL K 303 18.06 57.22 -26.60
N LEU K 304 17.14 56.26 -26.54
CA LEU K 304 15.79 56.57 -26.11
C LEU K 304 15.74 57.06 -24.67
N SER K 305 16.55 56.47 -23.78
CA SER K 305 16.56 56.95 -22.40
C SER K 305 17.07 58.39 -22.32
N LEU K 306 18.13 58.70 -23.07
CA LEU K 306 18.67 60.06 -23.05
C LEU K 306 17.67 61.07 -23.58
N LEU K 307 16.95 60.72 -24.65
CA LEU K 307 15.96 61.65 -25.18
C LEU K 307 14.68 61.68 -24.35
N ALA K 308 14.43 60.65 -23.55
CA ALA K 308 13.29 60.67 -22.64
C ALA K 308 13.57 61.53 -21.42
N THR K 309 14.83 61.53 -20.96
CA THR K 309 15.19 62.41 -19.84
C THR K 309 14.98 63.88 -20.21
N ASN K 310 15.26 64.25 -21.45
CA ASN K 310 15.10 65.63 -21.89
C ASN K 310 13.64 66.07 -21.99
N GLY K 311 12.71 65.16 -22.27
CA GLY K 311 11.31 65.54 -22.27
C GLY K 311 10.50 65.10 -23.46
N TYR K 312 11.03 64.22 -24.29
CA TYR K 312 10.26 63.71 -25.42
C TYR K 312 9.13 62.81 -24.94
N GLN K 313 8.07 62.76 -25.74
CA GLN K 313 6.88 61.98 -25.40
C GLN K 313 6.55 61.01 -26.53
N LEU K 314 6.17 59.79 -26.16
CA LEU K 314 5.78 58.79 -27.13
C LEU K 314 4.44 59.15 -27.76
N ALA K 315 4.34 58.96 -29.07
CA ALA K 315 3.08 59.25 -29.76
C ALA K 315 2.01 58.23 -29.39
N ARG K 316 2.35 56.95 -29.40
CA ARG K 316 1.39 55.92 -29.04
C ARG K 316 1.07 56.01 -27.55
N PRO K 317 -0.20 55.91 -27.16
CA PRO K 317 -0.55 55.95 -25.74
C PRO K 317 0.09 54.79 -24.98
N ILE K 318 0.57 55.08 -23.79
CA ILE K 318 1.20 54.09 -22.91
C ILE K 318 0.13 53.55 -21.97
N PRO K 319 -0.16 52.26 -21.97
CA PRO K 319 -1.15 51.72 -21.04
C PRO K 319 -0.72 51.92 -19.60
N LYS K 320 -1.71 52.10 -18.73
CA LYS K 320 -1.42 52.27 -17.30
C LYS K 320 -0.74 51.02 -16.74
N GLN K 321 -1.17 49.85 -17.19
CA GLN K 321 -0.53 48.58 -16.86
C GLN K 321 0.01 47.98 -18.15
N LEU K 322 1.31 47.71 -18.17
CA LEU K 322 1.95 47.20 -19.37
C LEU K 322 1.57 45.74 -19.62
N THR K 323 1.70 45.33 -20.87
CA THR K 323 1.42 43.96 -21.29
C THR K 323 2.62 43.42 -22.07
N ASN K 324 2.71 42.10 -22.13
CA ASN K 324 3.80 41.48 -22.89
C ASN K 324 3.72 41.84 -24.36
N ARG K 325 2.51 41.85 -24.93
CA ARG K 325 2.36 42.19 -26.34
C ARG K 325 2.80 43.62 -26.62
N TRP K 326 2.40 44.56 -25.75
CA TRP K 326 2.79 45.95 -25.95
C TRP K 326 4.30 46.13 -25.86
N LEU K 327 4.93 45.50 -24.88
CA LEU K 327 6.37 45.60 -24.74
C LEU K 327 7.09 44.98 -25.94
N SER K 328 6.60 43.83 -26.40
CA SER K 328 7.19 43.20 -27.58
C SER K 328 7.05 44.07 -28.81
N SER K 329 5.88 44.70 -28.98
CA SER K 329 5.69 45.60 -30.13
C SER K 329 6.62 46.79 -30.05
N PHE K 330 6.78 47.37 -28.85
CA PHE K 330 7.68 48.50 -28.70
C PHE K 330 9.13 48.11 -29.01
N VAL K 331 9.57 46.95 -28.51
CA VAL K 331 10.93 46.51 -28.77
C VAL K 331 11.14 46.23 -30.25
N SER K 332 10.17 45.58 -30.89
CA SER K 332 10.28 45.31 -32.32
C SER K 332 10.32 46.61 -33.12
N GLN K 333 9.56 47.61 -32.69
CA GLN K 333 9.63 48.93 -33.33
C GLN K 333 11.02 49.52 -33.20
N VAL K 334 11.58 49.50 -31.99
CA VAL K 334 12.90 50.10 -31.76
C VAL K 334 13.97 49.39 -32.58
N VAL K 335 13.92 48.07 -32.64
CA VAL K 335 14.94 47.31 -33.36
C VAL K 335 14.79 47.51 -34.87
N SER K 336 13.61 47.92 -35.32
CA SER K 336 13.35 48.06 -36.76
C SER K 336 14.30 49.07 -37.38
N ASP K 337 14.69 48.81 -38.62
CA ASP K 337 15.68 49.63 -39.31
C ASP K 337 15.15 51.05 -39.54
N GLY K 338 16.05 52.02 -39.44
CA GLY K 338 15.67 53.40 -39.64
C GLY K 338 16.85 54.32 -39.38
N ILE K 339 16.55 55.62 -39.33
CA ILE K 339 17.55 56.65 -39.09
C ILE K 339 17.12 57.48 -37.90
N ASN K 340 18.05 57.71 -36.98
CA ASN K 340 17.80 58.53 -35.79
C ASN K 340 18.07 59.98 -36.15
N GLU K 341 17.00 60.76 -36.36
CA GLU K 341 17.16 62.16 -36.72
C GLU K 341 17.27 63.06 -35.49
N THR K 342 17.09 62.54 -34.29
CA THR K 342 17.25 63.34 -33.09
C THR K 342 18.71 63.74 -32.92
N PRO K 343 19.01 65.02 -32.70
CA PRO K 343 20.41 65.43 -32.55
C PRO K 343 21.11 64.80 -31.37
N LEU K 344 20.36 64.32 -30.37
CA LEU K 344 20.97 63.77 -29.17
C LEU K 344 21.62 62.42 -29.46
N TRP K 345 22.84 62.25 -28.97
CA TRP K 345 23.58 61.00 -29.09
C TRP K 345 24.15 60.62 -27.73
N PRO K 346 24.09 59.34 -27.36
CA PRO K 346 24.55 58.94 -26.03
C PRO K 346 26.04 59.22 -25.84
N GLN K 347 26.40 59.62 -24.63
CA GLN K 347 27.78 59.95 -24.30
C GLN K 347 28.11 59.39 -22.92
N GLU K 348 29.33 58.87 -22.80
CA GLU K 348 29.75 58.20 -21.58
C GLU K 348 30.08 59.17 -20.45
N ARG K 349 30.62 60.34 -20.78
CA ARG K 349 31.14 61.24 -19.75
C ARG K 349 30.04 61.74 -18.83
N TYR K 350 28.91 62.16 -19.40
CA TYR K 350 27.84 62.74 -18.59
C TYR K 350 26.54 62.68 -19.38
N VAL K 351 25.43 62.90 -18.69
CA VAL K 351 24.13 63.04 -19.32
C VAL K 351 24.00 64.46 -19.85
N GLN K 352 23.77 64.59 -21.14
CA GLN K 352 23.70 65.89 -21.81
C GLN K 352 22.26 66.32 -21.98
N ILE K 353 21.97 67.58 -21.65
CA ILE K 353 20.63 68.14 -21.72
C ILE K 353 20.67 69.33 -22.66
N ALA K 354 19.73 69.36 -23.61
CA ALA K 354 19.67 70.46 -24.57
C ALA K 354 19.29 71.76 -23.88
N TYR K 355 19.67 72.88 -24.51
CA TYR K 355 19.39 74.19 -23.94
C TYR K 355 17.89 74.45 -23.85
N ASP K 356 17.14 74.08 -24.89
CA ASP K 356 15.70 74.30 -24.92
C ASP K 356 14.96 73.35 -23.99
N SER K 357 15.52 72.17 -23.73
CA SER K 357 14.79 71.12 -23.03
C SER K 357 14.29 71.62 -21.67
N PRO K 358 13.01 71.41 -21.34
CA PRO K 358 12.44 71.92 -20.09
C PRO K 358 12.62 70.97 -18.91
N SER K 359 13.86 70.60 -18.62
CA SER K 359 14.18 69.73 -17.50
C SER K 359 15.01 70.50 -16.49
N VAL K 360 14.58 70.52 -15.24
CA VAL K 360 15.26 71.25 -14.19
C VAL K 360 16.12 70.31 -13.33
N VAL K 361 16.40 69.10 -13.81
CA VAL K 361 17.19 68.16 -13.04
C VAL K 361 18.63 68.64 -12.90
N ASP K 362 19.16 69.32 -13.92
CA ASP K 362 20.54 69.80 -13.86
C ASP K 362 20.74 70.79 -12.72
N GLY K 363 19.78 71.69 -12.52
CA GLY K 363 19.90 72.64 -11.42
C GLY K 363 19.78 71.98 -10.06
N ALA K 364 18.88 71.01 -9.93
CA ALA K 364 18.66 70.36 -8.64
C ALA K 364 19.83 69.46 -8.26
N THR K 365 20.41 68.76 -9.23
CA THR K 365 21.46 67.78 -8.97
C THR K 365 22.83 68.43 -9.15
N GLN K 366 23.70 68.24 -8.16
CA GLN K 366 25.02 68.86 -8.20
C GLN K 366 25.92 68.18 -9.22
N TYR K 367 25.94 66.85 -9.25
CA TYR K 367 26.87 66.09 -10.08
C TYR K 367 26.07 65.12 -10.94
N GLY K 368 26.31 65.17 -12.25
CA GLY K 368 25.74 64.17 -13.14
C GLY K 368 25.18 64.69 -14.44
N TYR K 369 24.88 65.99 -14.51
CA TYR K 369 24.19 66.56 -15.66
C TYR K 369 24.94 67.79 -16.16
N VAL K 370 24.98 67.93 -17.48
CA VAL K 370 25.59 69.08 -18.15
C VAL K 370 24.62 69.59 -19.19
N ARG K 371 24.35 70.90 -19.15
CA ARG K 371 23.45 71.54 -20.11
C ARG K 371 24.30 72.15 -21.23
N ARG K 372 24.05 71.73 -22.47
CA ARG K 372 24.84 72.17 -23.61
C ARG K 372 24.16 73.36 -24.27
N ASN K 373 24.83 74.50 -24.29
CA ASN K 373 24.26 75.70 -24.88
C ASN K 373 24.11 75.57 -26.39
N GLN K 374 25.11 74.98 -27.06
CA GLN K 374 25.10 74.90 -28.51
C GLN K 374 24.12 73.86 -29.05
N LEU K 375 23.58 72.99 -28.20
CA LEU K 375 22.63 71.96 -28.61
C LEU K 375 21.24 72.42 -28.20
N ARG K 376 20.48 72.93 -29.17
CA ARG K 376 19.14 73.45 -28.94
C ARG K 376 18.15 72.70 -29.80
N LEU K 377 17.00 72.36 -29.23
CA LEU K 377 15.94 71.69 -29.96
C LEU K 377 14.91 72.70 -30.45
N GLY K 378 14.14 72.29 -31.47
CA GLY K 378 13.12 73.12 -32.05
C GLY K 378 11.70 72.84 -31.61
N MET K 379 11.51 72.15 -30.49
CA MET K 379 10.19 71.75 -30.04
C MET K 379 9.59 72.76 -29.08
N ARG K 380 8.27 72.69 -28.92
CA ARG K 380 7.53 73.50 -27.97
C ARG K 380 7.31 72.71 -26.67
N ILE K 381 6.85 73.43 -25.65
CA ILE K 381 6.69 72.87 -24.31
C ILE K 381 5.21 72.82 -23.99
N SER K 382 4.63 71.62 -24.05
CA SER K 382 3.23 71.42 -23.68
C SER K 382 3.00 69.93 -23.48
N ALA K 383 2.29 69.59 -22.40
CA ALA K 383 2.00 68.20 -22.11
C ALA K 383 1.08 67.60 -23.17
N LEU K 384 1.21 66.30 -23.38
CA LEU K 384 0.40 65.61 -24.37
C LEU K 384 -0.98 65.31 -23.79
N GLN K 385 -2.02 65.75 -24.50
CA GLN K 385 -3.38 65.49 -24.08
C GLN K 385 -3.71 64.01 -24.22
N SER K 386 -4.48 63.48 -23.27
CA SER K 386 -4.83 62.07 -23.24
C SER K 386 -6.23 61.87 -23.80
N LEU K 387 -6.37 60.97 -24.76
CA LEU K 387 -7.65 60.63 -25.36
C LEU K 387 -7.89 59.13 -25.24
N SER K 388 -9.15 58.76 -25.09
CA SER K 388 -9.53 57.36 -24.99
C SER K 388 -9.43 56.68 -26.34
N ASP K 389 -9.42 55.35 -26.32
CA ASP K 389 -9.41 54.56 -27.54
C ASP K 389 -10.69 54.80 -28.32
N THR K 390 -10.57 55.06 -29.63
CA THR K 390 -11.82 55.26 -30.34
C THR K 390 -12.18 54.02 -31.15
N PRO K 391 -13.46 53.64 -31.18
CA PRO K 391 -13.83 52.35 -31.76
C PRO K 391 -13.88 52.34 -33.29
N ALA K 392 -14.14 53.48 -33.91
CA ALA K 392 -14.39 53.50 -35.35
C ALA K 392 -13.46 54.50 -36.04
N PRO K 393 -13.12 54.23 -37.30
CA PRO K 393 -12.31 55.19 -38.05
C PRO K 393 -13.05 56.51 -38.24
N VAL K 394 -12.28 57.60 -38.27
CA VAL K 394 -12.83 58.94 -38.37
C VAL K 394 -12.57 59.49 -39.76
N GLN K 395 -13.41 60.43 -40.18
CA GLN K 395 -13.26 61.06 -41.48
C GLN K 395 -12.06 62.00 -41.48
N TRP K 396 -11.39 62.08 -42.63
CA TRP K 396 -10.20 62.92 -42.78
C TRP K 396 -10.28 63.65 -44.11
N LEU K 397 -10.06 64.98 -44.07
CA LEU K 397 -10.07 65.79 -45.27
C LEU K 397 -8.68 66.37 -45.51
N PRO K 398 -7.93 65.86 -46.48
CA PRO K 398 -6.57 66.35 -46.69
C PRO K 398 -6.54 67.76 -47.26
N GLN K 399 -5.42 68.44 -47.02
CA GLN K 399 -5.17 69.78 -47.54
C GLN K 399 -3.85 69.78 -48.28
N TYR K 400 -3.82 70.45 -49.42
CA TYR K 400 -2.69 70.39 -50.34
C TYR K 400 -1.73 71.56 -50.13
N THR K 401 -0.55 71.44 -50.72
CA THR K 401 0.50 72.44 -50.65
C THR K 401 1.01 72.75 -52.05
N ILE K 402 2.07 73.55 -52.12
CA ILE K 402 2.56 74.02 -53.41
C ILE K 402 3.46 72.99 -54.09
N ASP K 403 4.12 72.13 -53.32
CA ASP K 403 5.09 71.21 -53.89
C ASP K 403 4.39 70.16 -54.75
N GLN K 404 5.05 69.75 -55.83
CA GLN K 404 4.46 68.87 -56.83
C GLN K 404 5.39 67.70 -57.12
N VAL K 405 4.84 66.69 -57.80
CA VAL K 405 5.59 65.50 -58.16
C VAL K 405 4.90 64.85 -59.35
N ALA K 406 5.62 64.00 -60.07
CA ALA K 406 5.08 63.36 -61.26
C ALA K 406 3.99 62.35 -60.89
N VAL K 407 3.04 62.16 -61.81
CA VAL K 407 1.92 61.25 -61.58
C VAL K 407 2.39 59.80 -61.56
N ASP K 408 3.37 59.46 -62.39
CA ASP K 408 3.84 58.08 -62.46
C ASP K 408 4.45 57.64 -61.14
N GLU K 409 5.21 58.53 -60.49
CA GLU K 409 5.78 58.20 -59.19
C GLU K 409 4.68 57.95 -58.17
N GLY K 410 3.63 58.77 -58.18
CA GLY K 410 2.51 58.54 -57.27
C GLY K 410 1.81 57.22 -57.52
N ASP K 411 1.59 56.89 -58.79
CA ASP K 411 0.95 55.62 -59.13
C ASP K 411 1.80 54.44 -58.65
N ALA K 412 3.11 54.51 -58.89
CA ALA K 412 4.00 53.44 -58.45
C ALA K 412 4.00 53.32 -56.93
N MET K 413 4.05 54.45 -56.22
CA MET K 413 4.05 54.41 -54.77
C MET K 413 2.74 53.84 -54.22
N VAL K 414 1.62 54.21 -54.83
CA VAL K 414 0.33 53.67 -54.40
C VAL K 414 0.30 52.16 -54.62
N SER K 415 0.77 51.71 -55.79
CA SER K 415 0.82 50.27 -56.04
C SER K 415 1.74 49.56 -55.08
N GLN K 416 2.78 50.26 -54.60
CA GLN K 416 3.70 49.65 -53.63
C GLN K 416 3.06 49.54 -52.25
N LEU K 417 2.31 50.56 -51.84
CA LEU K 417 1.76 50.63 -50.49
C LEU K 417 0.36 50.06 -50.36
N THR K 418 -0.24 49.55 -51.43
CA THR K 418 -1.65 49.22 -51.42
C THR K 418 -1.92 47.87 -50.76
N GLN K 419 -3.16 47.71 -50.30
CA GLN K 419 -3.73 46.44 -49.87
C GLN K 419 -4.96 46.13 -50.72
N LEU K 420 -4.95 46.58 -51.97
CA LEU K 420 -6.16 46.59 -52.78
C LEU K 420 -6.76 45.21 -53.00
N PRO K 421 -6.00 44.14 -53.33
CA PRO K 421 -6.64 42.83 -53.52
C PRO K 421 -7.31 42.37 -52.24
N LEU K 422 -8.65 42.33 -52.26
CA LEU K 422 -9.45 42.17 -51.05
C LEU K 422 -10.90 42.01 -51.46
N ARG K 423 -11.67 41.30 -50.63
CA ARG K 423 -13.09 41.09 -50.91
C ARG K 423 -13.91 41.99 -49.99
N PRO K 424 -14.45 43.11 -50.49
CA PRO K 424 -15.21 44.00 -49.63
C PRO K 424 -16.65 43.51 -49.46
N ASP K 425 -17.31 44.07 -48.45
CA ASP K 425 -18.74 43.86 -48.27
C ASP K 425 -19.50 44.81 -49.16
N TYR K 426 -20.42 44.28 -49.97
CA TYR K 426 -21.04 45.08 -51.03
C TYR K 426 -21.98 46.13 -50.45
N GLY K 427 -23.02 45.68 -49.76
CA GLY K 427 -24.02 46.60 -49.26
C GLY K 427 -25.33 46.52 -50.02
N SER K 428 -26.05 47.63 -50.11
CA SER K 428 -27.34 47.67 -50.80
C SER K 428 -27.33 48.81 -51.81
N ILE K 429 -27.62 48.49 -53.07
CA ILE K 429 -27.73 49.52 -54.10
C ILE K 429 -28.98 50.37 -53.87
N TRP K 430 -30.11 49.73 -53.58
CA TRP K 430 -31.37 50.41 -53.40
C TRP K 430 -31.98 49.99 -52.06
N ILE K 431 -32.80 50.87 -51.48
CA ILE K 431 -33.53 50.59 -50.25
C ILE K 431 -34.91 51.24 -50.34
N GLY K 432 -35.75 50.90 -49.38
CA GLY K 432 -37.05 51.52 -49.24
C GLY K 432 -38.17 50.73 -49.92
N GLU K 433 -39.38 51.24 -49.74
CA GLU K 433 -40.56 50.59 -50.30
C GLU K 433 -40.61 50.76 -51.82
N ALA K 434 -41.48 49.97 -52.44
CA ALA K 434 -41.59 49.96 -53.90
C ALA K 434 -42.46 51.11 -54.40
N LEU K 435 -42.30 51.43 -55.68
CA LEU K 435 -43.07 52.47 -56.35
C LEU K 435 -43.96 51.84 -57.40
N SER K 436 -45.18 52.37 -57.53
CA SER K 436 -46.18 51.83 -58.44
C SER K 436 -46.67 52.91 -59.38
N TYR K 437 -46.70 52.59 -60.68
CA TYR K 437 -47.26 53.46 -61.71
C TYR K 437 -48.45 52.74 -62.33
N TYR K 438 -49.58 53.44 -62.43
CA TYR K 438 -50.80 52.84 -62.93
C TYR K 438 -51.46 53.77 -63.95
N VAL K 439 -52.14 53.15 -64.91
CA VAL K 439 -52.91 53.87 -65.92
C VAL K 439 -54.23 53.15 -66.12
N ASP K 440 -55.31 53.91 -66.25
CA ASP K 440 -56.65 53.36 -66.39
C ASP K 440 -57.22 53.70 -67.76
N TYR K 441 -58.23 52.93 -68.16
CA TYR K 441 -58.93 53.21 -69.41
C TYR K 441 -59.74 54.49 -69.27
N ASN K 442 -59.69 55.32 -70.31
CA ASN K 442 -60.44 56.57 -70.34
C ASN K 442 -61.22 56.64 -71.65
N ARG K 443 -62.52 56.94 -71.54
CA ARG K 443 -63.37 56.99 -72.73
C ARG K 443 -63.00 58.16 -73.64
N SER K 444 -62.66 59.31 -73.05
CA SER K 444 -62.41 60.51 -73.83
C SER K 444 -61.03 60.55 -74.46
N HIS K 445 -60.16 59.60 -74.12
CA HIS K 445 -58.80 59.62 -74.64
C HIS K 445 -58.78 59.19 -76.12
N ARG K 446 -57.65 59.48 -76.77
CA ARG K 446 -57.50 59.13 -78.17
C ARG K 446 -57.27 57.63 -78.35
N VAL K 447 -57.88 57.07 -79.37
CA VAL K 447 -57.77 55.63 -79.64
C VAL K 447 -56.42 55.35 -80.28
N VAL K 448 -55.71 54.35 -79.75
CA VAL K 448 -54.40 53.96 -80.24
C VAL K 448 -54.45 52.49 -80.64
N LEU K 449 -53.95 52.18 -81.83
CA LEU K 449 -53.91 50.80 -82.30
C LEU K 449 -52.75 50.05 -81.64
N SER K 450 -52.84 48.72 -81.68
CA SER K 450 -51.86 47.87 -81.00
C SER K 450 -50.48 48.03 -81.61
N SER K 451 -50.40 48.14 -82.94
CA SER K 451 -49.11 48.25 -83.61
C SER K 451 -48.34 49.51 -83.20
N GLU K 452 -49.05 50.53 -82.71
CA GLU K 452 -48.37 51.75 -82.28
C GLU K 452 -47.65 51.55 -80.94
N LEU K 453 -48.13 50.63 -80.11
CA LEU K 453 -47.54 50.43 -78.81
C LEU K 453 -46.12 49.89 -78.94
N PRO K 454 -45.19 50.34 -78.12
CA PRO K 454 -43.81 49.83 -78.20
C PRO K 454 -43.69 48.48 -77.51
N GLN K 455 -42.65 47.74 -77.92
CA GLN K 455 -42.34 46.43 -77.36
C GLN K 455 -40.96 46.49 -76.69
N LEU K 456 -40.61 45.39 -76.04
CA LEU K 456 -39.35 45.34 -75.31
C LEU K 456 -38.17 45.39 -76.28
N PRO K 457 -37.02 45.89 -75.84
CA PRO K 457 -35.83 45.88 -76.69
C PRO K 457 -35.44 44.46 -77.08
N ASP K 458 -34.98 44.31 -78.32
CA ASP K 458 -34.62 42.98 -78.81
C ASP K 458 -33.39 42.43 -78.09
N THR K 459 -32.52 43.30 -77.58
CA THR K 459 -31.31 42.89 -76.89
C THR K 459 -31.54 42.59 -75.41
N TYR K 460 -32.79 42.33 -75.01
CA TYR K 460 -33.10 42.12 -73.60
C TYR K 460 -32.47 40.85 -73.05
N PHE K 461 -32.23 39.85 -73.90
CA PHE K 461 -31.84 38.53 -73.44
C PHE K 461 -30.35 38.24 -73.59
N ASP K 462 -29.54 39.25 -73.91
CA ASP K 462 -28.10 39.04 -73.96
C ASP K 462 -27.51 38.92 -72.56
N GLY K 463 -26.27 38.45 -72.50
CA GLY K 463 -25.65 38.18 -71.22
C GLY K 463 -25.46 39.42 -70.36
N ASP K 464 -25.11 40.54 -70.98
CA ASP K 464 -24.88 41.76 -70.23
C ASP K 464 -26.15 42.25 -69.54
N GLU K 465 -27.28 42.21 -70.26
CA GLU K 465 -28.55 42.63 -69.68
C GLU K 465 -28.94 41.74 -68.51
N GLN K 466 -28.77 40.42 -68.67
CA GLN K 466 -29.07 39.49 -67.59
C GLN K 466 -28.18 39.76 -66.39
N TYR K 467 -26.88 40.01 -66.62
CA TYR K 467 -25.97 40.31 -65.52
C TYR K 467 -26.41 41.59 -64.79
N GLY K 468 -26.74 42.64 -65.53
CA GLY K 468 -27.15 43.88 -64.90
C GLY K 468 -28.41 43.73 -64.07
N ARG K 469 -29.43 43.09 -64.64
CA ARG K 469 -30.68 42.93 -63.91
C ARG K 469 -30.53 41.98 -62.73
N SER K 470 -29.68 40.95 -62.86
CA SER K 470 -29.44 40.05 -61.74
C SER K 470 -28.71 40.77 -60.60
N LEU K 471 -27.73 41.61 -60.93
CA LEU K 471 -27.05 42.38 -59.90
C LEU K 471 -28.00 43.35 -59.21
N PHE K 472 -28.86 44.01 -59.98
CA PHE K 472 -29.82 44.93 -59.39
C PHE K 472 -30.80 44.19 -58.48
N SER K 473 -31.24 43.01 -58.90
CA SER K 473 -32.11 42.20 -58.04
C SER K 473 -31.40 41.75 -56.77
N LEU K 474 -30.13 41.35 -56.90
CA LEU K 474 -29.37 40.88 -55.75
C LEU K 474 -29.19 41.98 -54.71
N ALA K 475 -28.88 43.20 -55.16
CA ALA K 475 -28.62 44.30 -54.24
C ALA K 475 -29.85 45.14 -53.94
N ARG K 476 -31.05 44.56 -54.08
CA ARG K 476 -32.26 45.34 -53.89
C ARG K 476 -32.57 45.58 -52.41
N LYS K 477 -32.36 44.56 -51.57
CA LYS K 477 -32.58 44.65 -50.12
C LYS K 477 -33.97 45.23 -49.81
N VAL K 478 -34.99 44.47 -50.21
CA VAL K 478 -36.37 44.86 -49.98
C VAL K 478 -37.09 43.93 -49.01
N GLY K 479 -36.54 42.75 -48.74
CA GLY K 479 -37.24 41.76 -47.95
C GLY K 479 -37.93 40.76 -48.85
N ASP K 480 -39.25 40.63 -48.72
CA ASP K 480 -40.03 39.82 -49.65
C ASP K 480 -40.54 40.71 -50.77
N ARG K 481 -40.44 40.20 -52.01
CA ARG K 481 -40.91 40.94 -53.17
C ARG K 481 -42.35 40.61 -53.52
N SER K 482 -42.72 39.33 -53.38
CA SER K 482 -44.07 38.90 -53.73
C SER K 482 -45.11 39.58 -52.87
N LEU K 483 -44.87 39.65 -51.56
CA LEU K 483 -45.86 40.23 -50.65
C LEU K 483 -46.15 41.69 -51.01
N VAL K 484 -45.09 42.48 -51.22
CA VAL K 484 -45.30 43.89 -51.53
C VAL K 484 -45.93 44.05 -52.90
N LYS K 485 -45.52 43.22 -53.87
CA LYS K 485 -46.13 43.32 -55.21
C LYS K 485 -47.62 43.02 -55.17
N ASP K 486 -48.00 41.93 -54.50
CA ASP K 486 -49.42 41.58 -54.43
C ASP K 486 -50.21 42.63 -53.65
N THR K 487 -49.68 43.12 -52.53
CA THR K 487 -50.45 44.10 -51.78
C THR K 487 -50.60 45.40 -52.56
N ALA K 488 -49.57 45.81 -53.30
CA ALA K 488 -49.67 47.02 -54.10
C ALA K 488 -50.71 46.85 -55.21
N VAL K 489 -50.65 45.72 -55.93
CA VAL K 489 -51.58 45.55 -57.04
C VAL K 489 -53.02 45.42 -56.54
N LEU K 490 -53.22 44.77 -55.38
CA LEU K 490 -54.57 44.68 -54.84
C LEU K 490 -55.08 46.05 -54.39
N LYS K 491 -54.25 46.79 -53.64
CA LYS K 491 -54.65 48.12 -53.19
C LYS K 491 -54.98 49.02 -54.37
N HIS K 492 -54.30 48.82 -55.51
CA HIS K 492 -54.68 49.57 -56.70
C HIS K 492 -55.95 49.01 -57.34
N ALA K 493 -56.19 47.71 -57.21
CA ALA K 493 -57.26 47.07 -57.95
C ALA K 493 -58.64 47.35 -57.35
N TYR K 494 -58.77 47.25 -56.02
CA TYR K 494 -60.11 47.31 -55.43
C TYR K 494 -60.82 48.64 -55.67
N GLN K 495 -60.12 49.76 -55.55
CA GLN K 495 -60.76 51.06 -55.79
C GLN K 495 -60.84 51.31 -57.31
N ALA K 496 -61.76 50.56 -57.93
CA ALA K 496 -62.12 50.73 -59.32
C ALA K 496 -63.64 50.67 -59.42
N ILE K 497 -64.24 51.61 -60.15
CA ILE K 497 -65.69 51.78 -60.18
C ILE K 497 -66.18 51.65 -61.61
N ASP K 498 -67.36 50.99 -61.78
CA ASP K 498 -67.99 50.82 -63.09
C ASP K 498 -68.85 52.03 -63.44
N PRO K 499 -69.03 52.30 -64.74
CA PRO K 499 -69.95 53.37 -65.14
C PRO K 499 -71.41 53.06 -64.85
N ASN K 500 -71.76 51.81 -64.59
CA ASN K 500 -73.13 51.39 -64.36
C ASN K 500 -73.33 51.13 -62.87
N THR K 501 -74.36 51.76 -62.30
CA THR K 501 -74.79 51.61 -60.90
C THR K 501 -73.80 52.27 -59.94
N GLY K 502 -72.66 52.73 -60.44
CA GLY K 502 -71.72 53.50 -59.65
C GLY K 502 -71.23 52.81 -58.39
N LYS K 503 -70.83 51.55 -58.50
CA LYS K 503 -70.36 50.77 -57.35
C LYS K 503 -69.03 50.11 -57.69
N GLU K 504 -68.38 49.58 -56.66
CA GLU K 504 -67.10 48.90 -56.85
C GLU K 504 -67.27 47.62 -57.64
N TYR K 505 -66.22 47.28 -58.39
CA TYR K 505 -66.22 46.05 -59.17
C TYR K 505 -66.35 44.82 -58.29
N LEU K 506 -65.58 44.76 -57.21
CA LEU K 506 -65.57 43.60 -56.33
C LEU K 506 -65.63 44.07 -54.88
N ARG K 507 -66.39 43.34 -54.08
CA ARG K 507 -66.64 43.65 -52.67
C ARG K 507 -66.16 42.48 -51.81
N ALA K 508 -66.48 42.54 -50.52
CA ALA K 508 -66.19 41.43 -49.63
C ALA K 508 -67.04 40.21 -50.00
N GLY K 509 -66.50 39.03 -49.72
CA GLY K 509 -67.20 37.78 -49.96
C GLY K 509 -67.00 37.18 -51.35
N GLN K 510 -66.20 37.81 -52.21
CA GLN K 510 -65.94 37.25 -53.52
C GLN K 510 -65.16 35.94 -53.39
N SER K 511 -65.48 34.98 -54.26
CA SER K 511 -64.75 33.73 -54.32
C SER K 511 -63.53 33.91 -55.24
N VAL K 512 -62.34 33.86 -54.66
CA VAL K 512 -61.12 34.18 -55.38
C VAL K 512 -60.30 32.91 -55.60
N ALA K 513 -59.49 32.91 -56.65
CA ALA K 513 -58.61 31.80 -56.98
C ALA K 513 -57.21 32.35 -57.22
N TYR K 514 -56.22 31.77 -56.55
CA TYR K 514 -54.84 32.20 -56.66
C TYR K 514 -54.12 31.23 -57.60
N PHE K 515 -54.04 31.62 -58.88
CA PHE K 515 -53.33 30.81 -59.86
C PHE K 515 -51.82 30.96 -59.66
N GLY K 516 -51.10 29.85 -59.82
CA GLY K 516 -49.65 29.87 -59.71
C GLY K 516 -49.13 30.17 -58.32
N ALA K 517 -49.80 29.69 -57.28
CA ALA K 517 -49.29 29.84 -55.93
C ALA K 517 -48.00 29.03 -55.76
N SER K 518 -47.15 29.49 -54.84
CA SER K 518 -45.84 28.87 -54.65
C SER K 518 -45.61 28.61 -53.17
N ALA K 519 -44.93 27.51 -52.87
CA ALA K 519 -44.52 27.18 -51.52
C ALA K 519 -43.10 27.73 -51.29
N GLY K 520 -42.48 27.37 -50.17
CA GLY K 520 -41.11 27.77 -49.90
C GLY K 520 -40.90 29.23 -49.61
N HIS K 521 -41.96 29.96 -49.24
CA HIS K 521 -41.83 31.38 -48.90
C HIS K 521 -41.33 31.51 -47.47
N SER K 522 -40.02 31.35 -47.32
CA SER K 522 -39.34 31.47 -46.02
C SER K 522 -39.99 30.58 -44.97
N GLY K 523 -40.31 29.35 -45.36
CA GLY K 523 -40.93 28.41 -44.47
C GLY K 523 -42.44 28.47 -44.39
N ALA K 524 -43.06 29.40 -45.11
CA ALA K 524 -44.52 29.52 -45.16
C ALA K 524 -45.01 28.98 -46.49
N ASP K 525 -45.79 27.91 -46.44
CA ASP K 525 -46.23 27.26 -47.67
C ASP K 525 -47.14 28.16 -48.50
N GLN K 526 -48.07 28.86 -47.85
CA GLN K 526 -48.96 29.74 -48.56
C GLN K 526 -48.22 30.99 -49.04
N PRO K 527 -48.70 31.64 -50.10
CA PRO K 527 -48.21 32.98 -50.41
C PRO K 527 -48.47 33.91 -49.24
N LEU K 528 -47.51 34.80 -48.98
CA LEU K 528 -47.55 35.60 -47.76
C LEU K 528 -48.72 36.58 -47.77
N VAL K 529 -49.23 36.93 -48.96
CA VAL K 529 -50.32 37.87 -49.05
C VAL K 529 -51.66 37.24 -48.67
N ILE K 530 -51.74 35.92 -48.61
CA ILE K 530 -53.01 35.25 -48.38
C ILE K 530 -53.50 35.49 -46.95
N GLU K 531 -52.62 35.34 -45.97
CA GLU K 531 -53.06 35.38 -44.57
C GLU K 531 -53.62 36.75 -44.17
N PRO K 532 -52.92 37.86 -44.37
CA PRO K 532 -53.54 39.17 -44.09
C PRO K 532 -54.77 39.43 -44.93
N TRP K 533 -54.80 38.91 -46.15
CA TRP K 533 -55.99 39.05 -47.01
C TRP K 533 -57.19 38.36 -46.36
N MET K 534 -56.98 37.17 -45.79
CA MET K 534 -58.07 36.47 -45.13
C MET K 534 -58.50 37.17 -43.85
N GLN K 535 -57.55 37.63 -43.04
CA GLN K 535 -57.93 38.33 -41.82
C GLN K 535 -58.35 39.77 -42.07
N GLY K 536 -58.19 40.28 -43.29
CA GLY K 536 -58.53 41.66 -43.56
C GLY K 536 -57.61 42.67 -42.93
N LYS K 537 -56.36 42.28 -42.64
CA LYS K 537 -55.41 43.21 -42.03
C LYS K 537 -55.00 44.34 -42.97
N ILE K 538 -55.27 44.21 -44.26
CA ILE K 538 -54.97 45.26 -45.22
C ILE K 538 -56.10 46.28 -45.17
N SER K 539 -55.73 47.57 -45.13
CA SER K 539 -56.70 48.62 -44.83
C SER K 539 -57.81 48.68 -45.87
N GLY K 540 -57.44 48.76 -47.15
CA GLY K 540 -58.43 48.91 -48.20
C GLY K 540 -58.98 47.61 -48.76
N VAL K 541 -58.51 46.47 -48.28
CA VAL K 541 -58.86 45.17 -48.86
C VAL K 541 -59.81 44.46 -47.90
N PRO K 542 -61.08 44.30 -48.24
CA PRO K 542 -61.98 43.47 -47.43
C PRO K 542 -61.63 42.00 -47.59
N PRO K 543 -61.92 41.17 -46.58
CA PRO K 543 -61.59 39.76 -46.70
C PRO K 543 -62.46 39.07 -47.73
N PRO K 544 -61.94 38.06 -48.42
CA PRO K 544 -62.75 37.30 -49.37
C PRO K 544 -63.39 36.08 -48.71
N SER K 545 -64.27 35.43 -49.46
CA SER K 545 -64.95 34.25 -48.94
C SER K 545 -63.99 33.10 -48.72
N SER K 546 -63.19 32.77 -49.74
CA SER K 546 -62.23 31.68 -49.64
C SER K 546 -61.21 31.81 -50.76
N VAL K 547 -60.02 31.26 -50.52
CA VAL K 547 -58.94 31.26 -51.50
C VAL K 547 -58.61 29.82 -51.85
N ARG K 548 -58.72 29.49 -53.13
CA ARG K 548 -58.35 28.18 -53.64
C ARG K 548 -57.16 28.36 -54.59
N GLN K 549 -56.08 27.62 -54.31
CA GLN K 549 -54.80 27.84 -54.97
C GLN K 549 -54.51 26.72 -55.99
N PHE K 550 -54.01 27.13 -57.15
CA PHE K 550 -53.55 26.19 -58.17
C PHE K 550 -52.15 26.60 -58.59
N GLY K 551 -51.27 25.63 -58.76
CA GLY K 551 -49.91 25.94 -59.16
C GLY K 551 -49.11 24.69 -59.44
N TYR K 552 -47.94 24.89 -60.04
CA TYR K 552 -47.06 23.77 -60.35
C TYR K 552 -46.44 23.20 -59.08
N ASP K 553 -46.11 24.06 -58.13
CA ASP K 553 -45.41 23.64 -56.91
C ASP K 553 -46.14 24.10 -55.64
N VAL K 554 -47.44 24.35 -55.73
CA VAL K 554 -48.19 24.78 -54.55
C VAL K 554 -48.29 23.62 -53.55
N ALA K 555 -48.35 23.96 -52.27
CA ALA K 555 -48.44 22.99 -51.19
C ALA K 555 -49.85 22.84 -50.65
N LYS K 556 -50.52 23.95 -50.34
CA LYS K 556 -51.89 23.87 -49.83
C LYS K 556 -52.88 23.56 -50.93
N GLY K 557 -52.64 24.09 -52.14
CA GLY K 557 -53.56 23.91 -53.24
C GLY K 557 -53.25 22.67 -54.07
N ALA K 558 -54.01 22.52 -55.15
CA ALA K 558 -53.85 21.38 -56.04
C ALA K 558 -52.78 21.64 -57.09
N ILE K 559 -52.09 20.58 -57.48
CA ILE K 559 -51.05 20.64 -58.50
C ILE K 559 -51.70 20.37 -59.85
N VAL K 560 -51.50 21.27 -60.81
CA VAL K 560 -52.10 21.15 -62.13
C VAL K 560 -51.38 22.10 -63.08
N ASP K 561 -51.29 21.72 -64.34
CA ASP K 561 -50.77 22.60 -65.39
C ASP K 561 -51.88 23.57 -65.80
N LEU K 562 -51.62 24.86 -65.65
CA LEU K 562 -52.68 25.86 -65.81
C LEU K 562 -53.04 26.06 -67.28
N ALA K 563 -52.10 25.88 -68.19
CA ALA K 563 -52.37 26.13 -69.61
C ALA K 563 -53.45 25.20 -70.15
N ARG K 564 -53.36 23.92 -69.81
CA ARG K 564 -54.34 22.95 -70.28
C ARG K 564 -55.61 23.02 -69.42
N PRO K 565 -56.76 22.68 -69.99
CA PRO K 565 -58.00 22.69 -69.21
C PRO K 565 -57.96 21.68 -68.08
N PHE K 566 -58.58 22.02 -66.97
CA PHE K 566 -58.57 21.21 -65.76
C PHE K 566 -59.92 21.31 -65.07
N PRO K 567 -60.29 20.30 -64.28
CA PRO K 567 -61.60 20.34 -63.59
C PRO K 567 -61.62 21.33 -62.44
N SER K 568 -62.40 22.39 -62.58
CA SER K 568 -62.56 23.38 -61.52
C SER K 568 -63.83 24.17 -61.76
N GLY K 569 -64.40 24.69 -60.68
CA GLY K 569 -65.57 25.54 -60.78
C GLY K 569 -65.23 26.95 -61.18
N ASP K 570 -66.27 27.76 -61.35
CA ASP K 570 -66.07 29.16 -61.68
C ASP K 570 -65.65 29.96 -60.45
N TYR K 571 -65.02 31.11 -60.69
CA TYR K 571 -64.58 31.98 -59.62
C TYR K 571 -64.89 33.42 -60.00
N GLN K 572 -65.09 34.25 -58.98
CA GLN K 572 -65.45 35.65 -59.21
C GLN K 572 -64.24 36.58 -59.31
N PHE K 573 -63.06 36.11 -58.91
CA PHE K 573 -61.84 36.90 -59.00
C PHE K 573 -60.66 35.95 -59.17
N VAL K 574 -59.96 36.07 -60.29
CA VAL K 574 -58.86 35.17 -60.63
C VAL K 574 -57.57 35.97 -60.54
N TYR K 575 -56.65 35.51 -59.69
CA TYR K 575 -55.35 36.12 -59.53
C TYR K 575 -54.30 35.13 -60.02
N SER K 576 -53.46 35.57 -60.95
CA SER K 576 -52.50 34.70 -61.60
C SER K 576 -51.11 35.30 -61.50
N ASP K 577 -50.20 34.59 -60.82
CA ASP K 577 -48.78 34.91 -60.82
C ASP K 577 -47.97 33.90 -61.59
N VAL K 578 -48.62 33.15 -62.48
CA VAL K 578 -47.92 32.15 -63.29
C VAL K 578 -46.91 32.83 -64.19
N ASP K 579 -45.70 32.28 -64.23
CA ASP K 579 -44.62 32.80 -65.05
C ASP K 579 -44.47 31.97 -66.32
N GLN K 580 -43.90 32.61 -67.35
CA GLN K 580 -43.74 31.97 -68.65
C GLN K 580 -42.39 31.27 -68.81
N VAL K 581 -41.53 31.32 -67.80
CA VAL K 581 -40.22 30.71 -67.92
C VAL K 581 -40.32 29.19 -67.92
N VAL K 582 -41.22 28.63 -67.11
CA VAL K 582 -41.21 27.20 -66.86
C VAL K 582 -41.69 26.43 -68.08
N ASP K 583 -42.97 26.61 -68.44
CA ASP K 583 -43.52 25.83 -69.56
C ASP K 583 -43.02 26.35 -70.90
N GLY K 584 -42.97 27.67 -71.06
CA GLY K 584 -42.47 28.23 -72.30
C GLY K 584 -40.97 28.05 -72.40
N HIS K 585 -40.51 27.66 -73.59
CA HIS K 585 -39.09 27.45 -73.82
C HIS K 585 -38.40 28.80 -74.01
N ASP K 586 -37.13 28.77 -74.40
CA ASP K 586 -36.36 30.00 -74.54
C ASP K 586 -36.88 30.90 -75.65
N ASP K 587 -37.62 30.35 -76.62
CA ASP K 587 -38.15 31.15 -77.71
C ASP K 587 -39.21 32.13 -77.21
N LEU K 588 -39.16 33.36 -77.73
CA LEU K 588 -40.15 34.36 -77.34
C LEU K 588 -41.53 34.03 -77.89
N SER K 589 -41.60 33.41 -79.07
CA SER K 589 -42.89 33.04 -79.63
C SER K 589 -43.62 32.03 -78.75
N ILE K 590 -42.89 31.07 -78.20
CA ILE K 590 -43.50 30.10 -77.29
C ILE K 590 -44.01 30.79 -76.04
N SER K 591 -43.26 31.78 -75.53
CA SER K 591 -43.72 32.53 -74.37
C SER K 591 -45.00 33.31 -74.68
N SER K 592 -45.06 33.90 -75.88
CA SER K 592 -46.28 34.61 -76.28
C SER K 592 -47.46 33.65 -76.39
N GLY K 593 -47.23 32.47 -76.98
CA GLY K 593 -48.29 31.48 -77.08
C GLY K 593 -48.78 31.00 -75.72
N LEU K 594 -47.86 30.80 -74.78
CA LEU K 594 -48.26 30.39 -73.44
C LEU K 594 -49.01 31.51 -72.73
N VAL K 595 -48.61 32.77 -72.96
CA VAL K 595 -49.39 33.90 -72.46
C VAL K 595 -50.80 33.86 -73.03
N GLU K 596 -50.92 33.56 -74.31
CA GLU K 596 -52.23 33.44 -74.94
C GLU K 596 -53.07 32.37 -74.25
N SER K 597 -52.47 31.20 -74.01
CA SER K 597 -53.19 30.11 -73.36
C SER K 597 -53.59 30.49 -71.94
N LEU K 598 -52.70 31.17 -71.21
CA LEU K 598 -53.01 31.60 -69.85
C LEU K 598 -54.17 32.58 -69.83
N LEU K 599 -54.19 33.53 -70.78
CA LEU K 599 -55.30 34.46 -70.85
C LEU K 599 -56.60 33.74 -71.17
N ASP K 600 -56.56 32.77 -72.09
CA ASP K 600 -57.76 31.99 -72.39
C ASP K 600 -58.26 31.23 -71.16
N SER K 601 -57.34 30.61 -70.41
CA SER K 601 -57.73 29.89 -69.21
C SER K 601 -58.32 30.82 -68.16
N CYS K 602 -57.73 32.00 -67.99
CA CYS K 602 -58.26 32.97 -67.04
C CYS K 602 -59.66 33.43 -67.43
N VAL K 603 -59.88 33.66 -68.73
CA VAL K 603 -61.21 34.04 -69.20
C VAL K 603 -62.21 32.93 -68.96
N HIS K 604 -61.80 31.68 -69.19
CA HIS K 604 -62.69 30.55 -68.94
C HIS K 604 -63.03 30.41 -67.47
N ALA K 605 -62.05 30.62 -66.58
CA ALA K 605 -62.25 30.34 -65.16
C ALA K 605 -63.11 31.39 -64.47
N THR K 606 -63.05 32.65 -64.90
CA THR K 606 -63.73 33.72 -64.18
C THR K 606 -65.25 33.61 -64.33
N ALA K 607 -65.96 34.14 -63.35
CA ALA K 607 -67.40 34.14 -63.36
C ALA K 607 -67.93 35.10 -64.42
N PRO K 608 -69.18 34.94 -64.85
CA PRO K 608 -69.75 35.87 -65.84
C PRO K 608 -69.73 37.33 -65.38
N GLY K 609 -69.83 37.58 -64.08
CA GLY K 609 -69.76 38.93 -63.54
C GLY K 609 -68.46 39.28 -62.84
N GLY K 610 -67.42 38.47 -62.99
CA GLY K 610 -66.20 38.64 -62.22
C GLY K 610 -65.13 39.42 -62.96
N SER K 611 -63.90 39.25 -62.49
CA SER K 611 -62.73 39.95 -63.04
C SER K 611 -61.50 39.13 -62.71
N PHE K 612 -60.40 39.44 -63.41
CA PHE K 612 -59.16 38.69 -63.22
C PHE K 612 -57.96 39.64 -63.31
N VAL K 613 -56.85 39.19 -62.73
CA VAL K 613 -55.58 39.91 -62.74
C VAL K 613 -54.54 39.01 -63.38
N MET K 614 -53.82 39.54 -64.37
CA MET K 614 -52.85 38.77 -65.13
C MET K 614 -51.49 39.47 -65.12
N LYS K 615 -50.44 38.67 -65.06
CA LYS K 615 -49.06 39.17 -65.08
C LYS K 615 -48.40 38.75 -66.39
N ILE K 616 -47.79 39.72 -67.07
CA ILE K 616 -47.10 39.48 -68.35
C ILE K 616 -45.61 39.69 -68.13
N ASN K 617 -44.84 38.62 -68.30
CA ASN K 617 -43.40 38.71 -68.06
C ASN K 617 -42.71 39.55 -69.14
N PHE K 618 -43.00 39.28 -70.41
CA PHE K 618 -42.35 39.96 -71.53
C PHE K 618 -43.42 40.53 -72.44
N PRO K 619 -43.86 41.77 -72.19
CA PRO K 619 -44.81 42.41 -73.10
C PRO K 619 -44.24 42.53 -74.51
N THR K 620 -45.11 42.32 -75.50
CA THR K 620 -44.72 42.40 -76.90
C THR K 620 -45.95 42.74 -77.73
N ARG K 621 -45.71 43.15 -78.98
CA ARG K 621 -46.81 43.63 -79.82
C ARG K 621 -47.83 42.54 -80.12
N THR K 622 -47.38 41.30 -80.27
CA THR K 622 -48.33 40.20 -80.48
C THR K 622 -49.26 40.03 -79.30
N VAL K 623 -48.72 40.13 -78.08
CA VAL K 623 -49.53 40.02 -76.87
C VAL K 623 -50.56 41.14 -76.83
N TRP K 624 -50.14 42.37 -77.14
CA TRP K 624 -51.08 43.48 -77.17
C TRP K 624 -52.17 43.27 -78.21
N HIS K 625 -51.80 42.79 -79.39
CA HIS K 625 -52.77 42.54 -80.45
C HIS K 625 -53.80 41.51 -79.99
N TYR K 626 -53.33 40.42 -79.38
CA TYR K 626 -54.26 39.42 -78.86
C TYR K 626 -55.20 40.03 -77.83
N ILE K 627 -54.63 40.72 -76.83
CA ILE K 627 -55.43 41.26 -75.74
C ILE K 627 -56.50 42.17 -76.30
N GLU K 628 -56.12 43.09 -77.20
CA GLU K 628 -57.12 43.93 -77.83
C GLU K 628 -58.19 43.06 -78.48
N GLN K 629 -57.79 42.36 -79.56
CA GLN K 629 -58.76 41.76 -80.48
C GLN K 629 -59.74 40.85 -79.76
N LYS K 630 -59.29 40.13 -78.74
CA LYS K 630 -60.22 39.21 -78.07
C LYS K 630 -60.75 39.77 -76.76
N ILE K 631 -59.86 40.14 -75.84
CA ILE K 631 -60.31 40.50 -74.49
C ILE K 631 -61.11 41.80 -74.50
N LEU K 632 -60.63 42.82 -75.22
CA LEU K 632 -61.26 44.13 -75.07
C LEU K 632 -62.75 44.16 -75.40
N PRO K 633 -63.24 43.48 -76.45
CA PRO K 633 -64.70 43.44 -76.63
C PRO K 633 -65.45 42.79 -75.49
N ASN K 634 -64.80 41.91 -74.72
CA ASN K 634 -65.49 41.10 -73.73
C ASN K 634 -65.32 41.61 -72.30
N VAL K 635 -64.78 42.82 -72.11
CA VAL K 635 -64.59 43.38 -70.78
C VAL K 635 -65.14 44.79 -70.77
N THR K 636 -65.21 45.37 -69.56
CA THR K 636 -65.74 46.71 -69.36
C THR K 636 -64.64 47.75 -69.14
N SER K 637 -63.64 47.43 -68.33
CA SER K 637 -62.53 48.34 -68.10
C SER K 637 -61.28 47.51 -67.79
N TYR K 638 -60.12 48.16 -67.92
CA TYR K 638 -58.85 47.50 -67.69
C TYR K 638 -57.91 48.44 -66.94
N MET K 639 -56.88 47.85 -66.34
CA MET K 639 -55.92 48.58 -65.54
C MET K 639 -54.53 47.98 -65.72
N LEU K 640 -53.53 48.85 -65.88
CA LEU K 640 -52.15 48.45 -66.01
C LEU K 640 -51.37 48.96 -64.80
N ILE K 641 -50.77 48.05 -64.04
CA ILE K 641 -50.09 48.40 -62.80
C ILE K 641 -48.72 47.71 -62.79
N LYS K 642 -47.72 48.40 -62.22
CA LYS K 642 -46.43 47.77 -61.99
C LYS K 642 -45.79 48.30 -60.72
N PRO K 643 -45.62 47.45 -59.69
CA PRO K 643 -44.82 47.85 -58.52
C PRO K 643 -43.34 47.70 -58.85
N PHE K 644 -42.61 48.81 -58.79
CA PHE K 644 -41.20 48.83 -59.18
C PHE K 644 -40.35 48.31 -58.03
N VAL K 645 -39.83 47.09 -58.18
CA VAL K 645 -38.89 46.49 -57.22
C VAL K 645 -37.54 46.23 -57.86
N THR K 646 -37.54 45.62 -59.05
CA THR K 646 -36.33 45.40 -59.81
C THR K 646 -36.57 45.83 -61.24
N ASN K 647 -35.53 46.34 -61.90
CA ASN K 647 -35.67 46.86 -63.26
C ASN K 647 -35.93 45.71 -64.24
N ASN K 648 -37.20 45.54 -64.58
CA ASN K 648 -37.61 44.47 -65.49
C ASN K 648 -38.85 44.93 -66.26
N VAL K 649 -39.14 44.19 -67.34
CA VAL K 649 -40.19 44.59 -68.28
C VAL K 649 -41.57 44.11 -67.85
N GLU K 650 -41.68 43.25 -66.83
CA GLU K 650 -42.95 42.66 -66.48
C GLU K 650 -43.97 43.73 -66.08
N VAL K 651 -45.22 43.50 -66.44
CA VAL K 651 -46.31 44.41 -66.13
C VAL K 651 -47.53 43.57 -65.72
N PHE K 652 -48.39 44.16 -64.90
CA PHE K 652 -49.60 43.50 -64.44
C PHE K 652 -50.79 44.01 -65.22
N PHE K 653 -51.54 43.08 -65.83
CA PHE K 653 -52.73 43.42 -66.60
C PHE K 653 -53.96 43.02 -65.78
N VAL K 654 -54.83 43.98 -65.52
CA VAL K 654 -56.04 43.78 -64.75
C VAL K 654 -57.23 44.17 -65.61
N ALA K 655 -58.23 43.29 -65.69
CA ALA K 655 -59.44 43.54 -66.45
C ALA K 655 -60.65 43.32 -65.57
N PHE K 656 -61.70 44.12 -65.79
CA PHE K 656 -62.92 44.06 -65.01
C PHE K 656 -64.12 43.88 -65.92
N GLY K 657 -65.19 43.32 -65.36
CA GLY K 657 -66.40 43.11 -66.12
C GLY K 657 -66.24 42.13 -67.26
N VAL K 658 -65.56 41.01 -67.01
CA VAL K 658 -65.33 40.02 -68.06
C VAL K 658 -66.65 39.36 -68.44
N HIS K 659 -66.71 38.85 -69.67
CA HIS K 659 -67.86 38.11 -70.21
C HIS K 659 -69.06 39.00 -70.50
N GLN K 660 -68.84 40.30 -70.64
CA GLN K 660 -69.88 41.24 -71.03
C GLN K 660 -69.41 42.04 -72.23
N GLN K 661 -70.27 42.13 -73.25
CA GLN K 661 -69.88 42.78 -74.49
C GLN K 661 -69.72 44.29 -74.30
N SER K 662 -68.71 44.85 -74.95
CA SER K 662 -68.44 46.28 -74.90
C SER K 662 -67.48 46.63 -76.02
N ALA K 663 -67.31 47.93 -76.26
CA ALA K 663 -66.38 48.44 -77.26
C ALA K 663 -65.22 49.13 -76.53
N LEU K 664 -64.05 48.49 -76.54
CA LEU K 664 -62.89 49.00 -75.86
C LEU K 664 -61.67 48.95 -76.78
N THR K 665 -60.85 50.00 -76.72
CA THR K 665 -59.62 50.08 -77.48
C THR K 665 -58.53 50.70 -76.61
N TRP K 666 -57.28 50.52 -77.03
CA TRP K 666 -56.16 51.11 -76.32
C TRP K 666 -56.20 52.63 -76.41
N THR K 667 -55.72 53.29 -75.37
CA THR K 667 -55.74 54.74 -75.27
C THR K 667 -54.33 55.30 -75.26
N SER K 668 -54.25 56.63 -75.37
CA SER K 668 -52.95 57.31 -75.38
C SER K 668 -52.25 57.19 -74.04
N GLY K 669 -53.00 57.17 -72.94
CA GLY K 669 -52.37 57.01 -71.64
C GLY K 669 -51.60 55.72 -71.51
N VAL K 670 -52.13 54.64 -72.09
CA VAL K 670 -51.40 53.37 -72.10
C VAL K 670 -50.10 53.51 -72.88
N TYR K 671 -50.14 54.24 -74.00
CA TYR K 671 -48.92 54.46 -74.78
C TYR K 671 -47.88 55.20 -73.97
N PHE K 672 -48.29 56.29 -73.30
CA PHE K 672 -47.35 57.05 -72.48
C PHE K 672 -46.79 56.20 -71.35
N PHE K 673 -47.65 55.42 -70.68
CA PHE K 673 -47.20 54.57 -69.59
C PHE K 673 -46.18 53.54 -70.07
N LEU K 674 -46.46 52.88 -71.20
CA LEU K 674 -45.53 51.87 -71.71
C LEU K 674 -44.21 52.50 -72.15
N VAL K 675 -44.27 53.67 -72.78
CA VAL K 675 -43.05 54.34 -73.22
C VAL K 675 -42.18 54.69 -72.01
N ASP K 676 -42.80 55.27 -70.98
CA ASP K 676 -42.04 55.63 -69.78
C ASP K 676 -41.48 54.39 -69.10
N HIS K 677 -42.26 53.31 -69.05
CA HIS K 677 -41.79 52.06 -68.45
C HIS K 677 -40.57 51.52 -69.18
N PHE K 678 -40.65 51.45 -70.51
CA PHE K 678 -39.53 50.94 -71.29
C PHE K 678 -38.29 51.82 -71.13
N TYR K 679 -38.48 53.14 -71.15
CA TYR K 679 -37.34 54.04 -71.00
C TYR K 679 -36.70 53.90 -69.63
N ARG K 680 -37.52 53.77 -68.58
CA ARG K 680 -36.98 53.57 -67.24
C ARG K 680 -36.19 52.28 -67.16
N TYR K 681 -36.72 51.19 -67.72
CA TYR K 681 -35.96 49.94 -67.71
C TYR K 681 -34.65 50.09 -68.46
N GLU K 682 -34.68 50.77 -69.62
CA GLU K 682 -33.46 50.93 -70.41
C GLU K 682 -32.39 51.68 -69.65
N THR K 683 -32.76 52.80 -69.02
CA THR K 683 -31.75 53.58 -68.30
C THR K 683 -31.26 52.84 -67.06
N LEU K 684 -32.15 52.11 -66.37
CA LEU K 684 -31.72 51.35 -65.21
C LEU K 684 -30.78 50.21 -65.60
N SER K 685 -31.04 49.54 -66.73
CA SER K 685 -30.12 48.53 -67.21
C SER K 685 -28.77 49.14 -67.58
N ALA K 686 -28.80 50.30 -68.25
CA ALA K 686 -27.56 50.96 -68.63
C ALA K 686 -26.72 51.32 -67.41
N ILE K 687 -27.37 51.83 -66.35
CA ILE K 687 -26.62 52.18 -65.14
C ILE K 687 -26.15 50.92 -64.42
N SER K 688 -26.95 49.86 -64.42
CA SER K 688 -26.60 48.67 -63.66
C SER K 688 -25.47 47.88 -64.32
N ARG K 689 -25.31 48.00 -65.64
CA ARG K 689 -24.25 47.25 -66.31
C ARG K 689 -22.86 47.76 -66.00
N GLN K 690 -22.73 48.90 -65.33
CA GLN K 690 -21.43 49.51 -65.03
C GLN K 690 -21.02 49.32 -63.57
N LEU K 691 -21.32 48.17 -62.97
CA LEU K 691 -20.99 47.93 -61.58
C LEU K 691 -20.35 46.56 -61.41
N PRO K 692 -19.54 46.39 -60.38
CA PRO K 692 -18.92 45.08 -60.13
C PRO K 692 -19.94 44.07 -59.64
N SER K 693 -19.53 42.79 -59.69
CA SER K 693 -20.39 41.71 -59.24
C SER K 693 -20.71 41.86 -57.75
N PHE K 694 -21.69 41.08 -57.30
CA PHE K 694 -22.15 41.18 -55.92
C PHE K 694 -21.03 40.87 -54.94
N GLY K 695 -20.28 39.82 -55.20
CA GLY K 695 -19.04 39.54 -54.48
C GLY K 695 -17.89 39.56 -55.45
N TYR K 696 -16.81 40.24 -55.06
CA TYR K 696 -15.68 40.38 -55.96
C TYR K 696 -14.45 40.77 -55.16
N VAL K 697 -13.29 40.59 -55.78
CA VAL K 697 -12.01 41.06 -55.26
C VAL K 697 -11.57 42.26 -56.10
N ASP K 698 -11.23 43.35 -55.42
CA ASP K 698 -10.93 44.60 -56.09
C ASP K 698 -9.44 44.65 -56.42
N ASP K 699 -9.11 44.70 -57.71
CA ASP K 699 -7.74 44.81 -58.16
C ASP K 699 -7.49 46.12 -58.90
N GLY K 700 -8.45 47.04 -58.90
CA GLY K 700 -8.32 48.31 -59.57
C GLY K 700 -8.80 48.33 -61.01
N SER K 701 -9.11 47.17 -61.58
CA SER K 701 -9.64 47.14 -62.94
C SER K 701 -10.99 47.82 -63.04
N SER K 702 -11.86 47.59 -62.05
CA SER K 702 -13.18 48.22 -62.07
C SER K 702 -13.08 49.71 -61.80
N VAL K 703 -13.90 50.49 -62.51
CA VAL K 703 -13.91 51.94 -62.31
C VAL K 703 -14.48 52.28 -60.93
N THR K 704 -15.49 51.53 -60.48
CA THR K 704 -16.11 51.75 -59.19
C THR K 704 -15.61 50.69 -58.21
N GLY K 705 -15.02 51.13 -57.12
CA GLY K 705 -14.51 50.21 -56.12
C GLY K 705 -13.76 50.96 -55.04
N ILE K 706 -13.50 50.25 -53.95
CA ILE K 706 -12.76 50.83 -52.83
C ILE K 706 -11.27 50.87 -53.18
N GLU K 707 -10.51 51.66 -52.42
CA GLU K 707 -9.07 51.75 -52.59
C GLU K 707 -8.44 52.01 -51.23
N ILE K 708 -7.50 51.16 -50.84
CA ILE K 708 -6.89 51.21 -49.51
C ILE K 708 -5.38 51.20 -49.65
N ILE K 709 -4.72 52.04 -48.85
CA ILE K 709 -3.27 52.03 -48.72
C ILE K 709 -2.92 51.87 -47.25
N SER K 710 -1.71 51.39 -47.00
CA SER K 710 -1.27 51.09 -45.64
C SER K 710 0.21 51.44 -45.48
N ILE K 711 0.56 52.07 -44.36
CA ILE K 711 1.93 52.46 -44.06
C ILE K 711 2.31 51.84 -42.72
N GLU K 712 3.49 51.23 -42.67
CA GLU K 712 3.99 50.60 -41.45
C GLU K 712 5.08 51.46 -40.83
N ASN K 713 4.99 51.62 -39.51
CA ASN K 713 5.90 52.49 -38.76
C ASN K 713 5.94 53.89 -39.39
N PRO K 714 4.81 54.58 -39.44
CA PRO K 714 4.75 55.84 -40.20
C PRO K 714 5.61 56.92 -39.57
N GLY K 715 6.10 57.81 -40.43
CA GLY K 715 6.87 58.96 -39.98
C GLY K 715 6.34 60.25 -40.56
N PHE K 716 5.86 61.14 -39.69
CA PHE K 716 5.24 62.38 -40.14
C PHE K 716 6.00 63.64 -39.77
N SER K 717 6.86 63.59 -38.74
CA SER K 717 7.69 64.74 -38.43
C SER K 717 8.67 65.03 -39.56
N ASN K 718 9.22 63.97 -40.16
CA ASN K 718 10.16 64.10 -41.28
C ASN K 718 9.66 63.23 -42.42
N MET K 719 9.29 63.87 -43.53
CA MET K 719 8.82 63.13 -44.70
C MET K 719 9.95 62.28 -45.29
N THR K 720 9.60 61.09 -45.73
CA THR K 720 10.53 60.20 -46.41
C THR K 720 10.44 60.29 -47.93
N GLN K 721 9.58 61.17 -48.45
CA GLN K 721 9.29 61.36 -49.87
C GLN K 721 8.67 60.13 -50.50
N ALA K 722 8.32 59.10 -49.71
CA ALA K 722 7.60 57.94 -50.20
C ALA K 722 6.19 57.85 -49.63
N ALA K 723 6.05 57.98 -48.30
CA ALA K 723 4.73 57.98 -47.70
C ALA K 723 3.89 59.16 -48.18
N ARG K 724 4.50 60.34 -48.26
CA ARG K 724 3.79 61.52 -48.75
C ARG K 724 3.32 61.32 -50.18
N VAL K 725 4.20 60.79 -51.04
CA VAL K 725 3.83 60.58 -52.44
C VAL K 725 2.71 59.56 -52.54
N GLY K 726 2.80 58.47 -51.77
CA GLY K 726 1.75 57.47 -51.80
C GLY K 726 0.41 58.00 -51.35
N ILE K 727 0.39 58.75 -50.25
CA ILE K 727 -0.86 59.29 -49.74
C ILE K 727 -1.45 60.31 -50.71
N SER K 728 -0.59 61.14 -51.31
CA SER K 728 -1.09 62.12 -52.29
C SER K 728 -1.64 61.44 -53.53
N GLY K 729 -0.97 60.38 -53.99
CA GLY K 729 -1.51 59.61 -55.11
C GLY K 729 -2.85 58.98 -54.77
N LEU K 730 -2.98 58.43 -53.56
CA LEU K 730 -4.28 57.90 -53.14
C LEU K 730 -5.34 58.99 -53.17
N CYS K 731 -5.01 60.17 -52.63
CA CYS K 731 -5.98 61.26 -52.61
C CYS K 731 -6.37 61.68 -54.02
N ALA K 732 -5.41 61.67 -54.94
CA ALA K 732 -5.73 61.99 -56.33
C ALA K 732 -6.67 60.95 -56.94
N ASN K 733 -6.42 59.67 -56.66
CA ASN K 733 -7.30 58.63 -57.21
C ASN K 733 -8.70 58.68 -56.61
N VAL K 734 -8.83 59.03 -55.33
CA VAL K 734 -10.16 59.10 -54.73
C VAL K 734 -10.99 60.21 -55.34
N GLY K 735 -10.41 61.41 -55.45
CA GLY K 735 -11.15 62.51 -56.03
C GLY K 735 -12.31 63.00 -55.18
N ASN K 736 -11.99 63.65 -54.05
CA ASN K 736 -12.95 64.43 -53.26
C ASN K 736 -13.98 63.56 -52.55
N ALA K 737 -13.92 62.24 -52.72
CA ALA K 737 -14.82 61.37 -51.97
C ALA K 737 -14.37 61.28 -50.52
N ARG K 738 -15.28 60.80 -49.68
CA ARG K 738 -15.01 60.73 -48.25
C ARG K 738 -13.84 59.79 -47.96
N LYS K 739 -13.03 60.17 -46.98
CA LYS K 739 -11.83 59.43 -46.61
C LYS K 739 -11.88 59.09 -45.13
N SER K 740 -11.16 58.04 -44.75
CA SER K 740 -11.10 57.59 -43.37
C SER K 740 -9.67 57.17 -43.04
N ILE K 741 -9.32 57.29 -41.76
CA ILE K 741 -8.02 56.87 -41.27
C ILE K 741 -8.20 55.99 -40.05
N ALA K 742 -7.20 55.15 -39.80
CA ALA K 742 -7.22 54.26 -38.64
C ALA K 742 -5.79 53.95 -38.24
N ILE K 743 -5.46 54.19 -36.98
CA ILE K 743 -4.12 53.94 -36.44
C ILE K 743 -4.24 52.88 -35.36
N TYR K 744 -3.53 51.77 -35.55
CA TYR K 744 -3.59 50.66 -34.61
C TYR K 744 -2.31 49.85 -34.72
N GLU K 745 -2.15 48.89 -33.82
CA GLU K 745 -0.97 48.05 -33.76
C GLU K 745 -1.30 46.65 -34.25
N SER K 746 -0.49 46.15 -35.18
CA SER K 746 -0.67 44.81 -35.72
C SER K 746 0.69 44.18 -35.97
N HIS K 747 0.88 42.97 -35.44
CA HIS K 747 2.09 42.18 -35.64
C HIS K 747 3.34 42.95 -35.20
N GLY K 748 3.24 43.64 -34.07
CA GLY K 748 4.38 44.33 -33.51
C GLY K 748 4.82 45.56 -34.27
N ALA K 749 3.92 46.22 -34.99
CA ALA K 749 4.26 47.43 -35.71
C ALA K 749 3.00 48.26 -35.91
N ARG K 750 3.01 49.50 -35.42
CA ARG K 750 1.85 50.36 -35.57
C ARG K 750 1.65 50.72 -37.03
N VAL K 751 0.39 50.69 -37.46
CA VAL K 751 0.05 50.83 -38.87
C VAL K 751 -1.05 51.87 -39.01
N LEU K 752 -0.97 52.68 -40.06
CA LEU K 752 -1.99 53.68 -40.39
C LEU K 752 -2.62 53.29 -41.72
N THR K 753 -3.94 53.20 -41.74
CA THR K 753 -4.69 52.75 -42.90
C THR K 753 -5.62 53.86 -43.37
N ILE K 754 -5.60 54.14 -44.68
CA ILE K 754 -6.50 55.09 -45.31
C ILE K 754 -7.34 54.34 -46.34
N THR K 755 -8.65 54.51 -46.27
CA THR K 755 -9.57 53.82 -47.16
C THR K 755 -10.57 54.82 -47.73
N SER K 756 -11.03 54.55 -48.95
CA SER K 756 -11.94 55.42 -49.67
C SER K 756 -12.50 54.63 -50.85
N ARG K 757 -13.24 55.32 -51.73
CA ARG K 757 -13.91 54.69 -52.86
C ARG K 757 -13.63 55.46 -54.14
N ARG K 758 -13.48 54.72 -55.24
CA ARG K 758 -13.28 55.32 -56.55
C ARG K 758 -14.61 55.69 -57.19
N SER K 759 -14.53 56.34 -58.34
CA SER K 759 -15.72 56.77 -59.09
C SER K 759 -15.28 57.22 -60.48
N PRO K 760 -16.16 57.13 -61.48
CA PRO K 760 -15.79 57.66 -62.80
C PRO K 760 -15.47 59.15 -62.79
N ALA K 761 -16.18 59.93 -61.98
CA ALA K 761 -15.86 61.35 -61.86
C ALA K 761 -14.46 61.54 -61.27
N SER K 762 -14.05 60.65 -60.36
CA SER K 762 -12.69 60.71 -59.85
C SER K 762 -11.67 60.50 -60.95
N ALA K 763 -11.92 59.54 -61.84
CA ALA K 763 -11.02 59.32 -62.97
C ALA K 763 -11.00 60.53 -63.90
N ARG K 764 -12.17 61.13 -64.12
CA ARG K 764 -12.23 62.32 -64.98
C ARG K 764 -11.43 63.47 -64.38
N ARG K 765 -11.53 63.66 -63.06
CA ARG K 765 -10.71 64.69 -62.40
C ARG K 765 -9.23 64.36 -62.49
N LYS K 766 -8.88 63.07 -62.31
CA LYS K 766 -7.47 62.67 -62.36
C LYS K 766 -6.89 62.90 -63.73
N ALA K 767 -7.69 62.74 -64.79
CA ALA K 767 -7.21 62.99 -66.14
C ALA K 767 -6.81 64.45 -66.35
N ARG K 768 -7.26 65.35 -65.48
CA ARG K 768 -6.94 66.77 -65.59
C ARG K 768 -5.63 67.14 -64.90
N LEU K 769 -4.97 66.19 -64.25
CA LEU K 769 -3.78 66.48 -63.44
C LEU K 769 -2.54 66.35 -64.32
N ARG K 770 -1.85 67.47 -64.54
CA ARG K 770 -0.54 67.41 -65.18
C ARG K 770 0.51 66.85 -64.23
N TYR K 771 0.51 67.32 -62.98
CA TYR K 771 1.41 66.84 -61.96
C TYR K 771 0.62 66.43 -60.73
N LEU K 772 1.23 65.57 -59.91
CA LEU K 772 0.58 65.14 -58.68
C LEU K 772 0.87 66.13 -57.56
N PRO K 773 -0.15 66.71 -56.93
CA PRO K 773 0.11 67.59 -55.77
C PRO K 773 0.53 66.79 -54.55
N LEU K 774 0.85 67.48 -53.46
CA LEU K 774 1.25 66.82 -52.21
C LEU K 774 0.43 67.38 -51.06
N ILE K 775 0.04 66.50 -50.14
CA ILE K 775 -0.81 66.86 -49.01
C ILE K 775 0.03 67.47 -47.90
N ASP K 776 -0.64 68.08 -46.91
CA ASP K 776 0.02 68.59 -45.72
C ASP K 776 -0.12 67.56 -44.60
N PRO K 777 0.97 66.99 -44.11
CA PRO K 777 0.86 65.90 -43.14
C PRO K 777 0.71 66.36 -41.70
N ARG K 778 0.35 67.63 -41.50
CA ARG K 778 0.23 68.16 -40.15
C ARG K 778 -0.87 67.44 -39.37
N SER K 779 -2.02 67.20 -40.00
CA SER K 779 -3.13 66.56 -39.30
C SER K 779 -2.76 65.15 -38.85
N LEU K 780 -2.13 64.37 -39.72
CA LEU K 780 -1.68 63.04 -39.34
C LEU K 780 -0.58 63.10 -38.29
N GLU K 781 0.31 64.10 -38.40
CA GLU K 781 1.39 64.24 -37.43
C GLU K 781 0.85 64.51 -36.03
N VAL K 782 -0.22 65.30 -35.93
CA VAL K 782 -0.75 65.68 -34.62
C VAL K 782 -1.34 64.47 -33.89
N GLN K 783 -1.90 63.51 -34.63
CA GLN K 783 -2.72 62.45 -34.05
C GLN K 783 -1.83 61.51 -33.24
N ALA K 784 -1.77 61.74 -31.93
CA ALA K 784 -1.11 60.82 -30.99
C ALA K 784 -2.15 59.96 -30.26
N ARG K 785 -2.81 59.09 -31.02
CA ARG K 785 -3.85 58.24 -30.44
C ARG K 785 -4.04 57.01 -31.31
N THR K 786 -4.91 56.11 -30.86
CA THR K 786 -5.17 54.84 -31.51
C THR K 786 -6.60 54.80 -32.02
N ILE K 787 -6.77 54.42 -33.28
CA ILE K 787 -8.08 54.34 -33.93
C ILE K 787 -8.27 52.92 -34.44
N LEU K 788 -9.29 52.24 -33.93
CA LEU K 788 -9.55 50.86 -34.34
C LEU K 788 -10.12 50.83 -35.75
N PRO K 789 -9.64 49.94 -36.61
CA PRO K 789 -10.14 49.86 -37.98
C PRO K 789 -11.43 49.06 -38.04
N SER K 790 -11.93 48.88 -39.27
CA SER K 790 -13.14 48.12 -39.50
C SER K 790 -13.10 47.54 -40.91
N ASN K 791 -13.91 46.52 -41.14
CA ASN K 791 -13.97 45.89 -42.45
C ASN K 791 -14.51 46.86 -43.49
N PRO K 792 -13.90 46.95 -44.66
CA PRO K 792 -14.36 47.90 -45.68
C PRO K 792 -15.70 47.49 -46.25
N VAL K 793 -16.48 48.50 -46.65
CA VAL K 793 -17.77 48.31 -47.30
C VAL K 793 -17.82 49.22 -48.52
N LEU K 794 -18.25 48.66 -49.65
CA LEU K 794 -18.35 49.46 -50.87
C LEU K 794 -19.41 50.54 -50.74
N PHE K 795 -20.60 50.16 -50.29
CA PHE K 795 -21.69 51.12 -50.06
C PHE K 795 -21.76 51.40 -48.56
N ASP K 796 -20.90 52.32 -48.11
CA ASP K 796 -20.78 52.60 -46.69
C ASP K 796 -22.05 53.23 -46.12
N ASN K 797 -22.80 53.96 -46.93
CA ASN K 797 -24.01 54.63 -46.47
C ASN K 797 -25.08 53.58 -46.21
N ILE K 798 -25.26 53.21 -44.94
CA ILE K 798 -26.28 52.25 -44.59
C ILE K 798 -27.67 52.82 -44.85
N ASN K 799 -27.87 54.10 -44.55
CA ASN K 799 -29.12 54.76 -44.88
C ASN K 799 -29.07 55.34 -46.28
N GLY K 800 -30.24 55.73 -46.78
CA GLY K 800 -30.32 56.33 -48.10
C GLY K 800 -29.81 57.76 -48.10
N ALA K 801 -29.54 58.25 -49.30
CA ALA K 801 -29.10 59.63 -49.44
C ALA K 801 -30.23 60.60 -49.13
N SER K 802 -29.90 61.72 -48.49
CA SER K 802 -30.91 62.70 -48.16
C SER K 802 -31.46 63.35 -49.43
N PRO K 803 -32.72 63.79 -49.41
CA PRO K 803 -33.32 64.35 -50.63
C PRO K 803 -32.58 65.54 -51.21
N HIS K 804 -32.02 66.40 -50.36
CA HIS K 804 -31.27 67.55 -50.86
C HIS K 804 -30.03 67.11 -51.62
N VAL K 805 -29.39 66.04 -51.17
CA VAL K 805 -28.25 65.48 -51.91
C VAL K 805 -28.71 64.96 -53.27
N CYS K 806 -29.89 64.34 -53.32
CA CYS K 806 -30.43 63.90 -54.60
C CYS K 806 -30.69 65.08 -55.52
N LEU K 807 -31.20 66.19 -54.97
CA LEU K 807 -31.43 67.39 -55.77
C LEU K 807 -30.13 67.96 -56.33
N THR K 808 -29.10 68.05 -55.47
CA THR K 808 -27.83 68.59 -55.95
C THR K 808 -27.17 67.66 -56.95
N MET K 809 -27.40 66.35 -56.83
CA MET K 809 -26.89 65.44 -57.86
C MET K 809 -27.66 65.56 -59.17
N MET K 810 -28.97 65.84 -59.10
CA MET K 810 -29.71 66.14 -60.32
C MET K 810 -29.13 67.38 -61.02
N TYR K 811 -28.85 68.42 -60.24
CA TYR K 811 -28.23 69.61 -60.80
C TYR K 811 -26.87 69.29 -61.40
N ASN K 812 -26.07 68.47 -60.71
CA ASN K 812 -24.76 68.09 -61.21
C ASN K 812 -24.86 67.30 -62.50
N PHE K 813 -25.85 66.41 -62.60
CA PHE K 813 -26.03 65.65 -63.83
C PHE K 813 -26.41 66.55 -64.98
N GLU K 814 -27.28 67.53 -64.73
CA GLU K 814 -27.61 68.48 -65.80
C GLU K 814 -26.37 69.25 -66.24
N VAL K 815 -25.55 69.69 -65.29
CA VAL K 815 -24.32 70.40 -65.63
C VAL K 815 -23.42 69.51 -66.48
N SER K 816 -23.25 68.25 -66.07
CA SER K 816 -22.37 67.33 -66.80
C SER K 816 -22.88 67.07 -68.21
N SER K 817 -24.19 66.89 -68.36
CA SER K 817 -24.76 66.59 -69.67
C SER K 817 -24.75 67.80 -70.59
N ALA K 818 -24.86 69.01 -70.02
CA ALA K 818 -24.99 70.19 -70.85
C ALA K 818 -23.68 70.61 -71.51
N VAL K 819 -22.55 70.29 -70.89
CA VAL K 819 -21.25 70.75 -71.36
C VAL K 819 -20.64 69.69 -72.27
N TYR K 820 -20.18 70.12 -73.45
CA TYR K 820 -19.50 69.26 -74.40
C TYR K 820 -17.98 69.33 -74.19
N ASP K 821 -17.24 68.79 -75.13
CA ASP K 821 -15.79 68.67 -75.01
C ASP K 821 -15.09 69.86 -75.64
N GLY K 822 -14.07 70.36 -74.97
CA GLY K 822 -13.21 71.38 -75.54
C GLY K 822 -13.79 72.79 -75.58
N ASP K 823 -14.81 73.08 -74.78
CA ASP K 823 -15.40 74.41 -74.72
C ASP K 823 -15.26 75.00 -73.31
N VAL K 824 -14.88 76.28 -73.25
CA VAL K 824 -14.65 76.91 -71.96
C VAL K 824 -15.97 77.13 -71.24
N VAL K 825 -15.93 77.01 -69.91
CA VAL K 825 -17.11 77.17 -69.07
C VAL K 825 -16.78 78.10 -67.91
N LEU K 826 -17.81 78.71 -67.35
CA LEU K 826 -17.68 79.65 -66.24
C LEU K 826 -18.68 79.27 -65.16
N ASP K 827 -18.22 79.25 -63.92
CA ASP K 827 -19.04 78.90 -62.76
C ASP K 827 -19.10 80.09 -61.82
N LEU K 828 -20.30 80.67 -61.66
CA LEU K 828 -20.47 81.78 -60.72
C LEU K 828 -20.47 81.29 -59.27
N GLY K 829 -21.12 80.16 -59.00
CA GLY K 829 -21.26 79.72 -57.62
C GLY K 829 -20.62 78.39 -57.32
N THR K 830 -19.60 78.39 -56.48
CA THR K 830 -18.88 77.18 -56.09
C THR K 830 -18.46 77.30 -54.64
N GLY K 831 -18.37 76.17 -53.96
CA GLY K 831 -17.85 76.13 -52.61
C GLY K 831 -16.34 76.03 -52.61
N PRO K 832 -15.74 75.92 -51.41
CA PRO K 832 -14.28 75.72 -51.35
C PRO K 832 -13.82 74.48 -52.10
N GLU K 833 -14.59 73.39 -52.02
CA GLU K 833 -14.36 72.26 -52.90
C GLU K 833 -15.06 72.50 -54.22
N ALA K 834 -14.44 72.01 -55.30
CA ALA K 834 -14.92 72.25 -56.65
C ALA K 834 -15.38 70.94 -57.27
N LYS K 835 -16.70 70.73 -57.29
CA LYS K 835 -17.27 69.61 -58.03
C LYS K 835 -17.35 69.88 -59.52
N ILE K 836 -17.25 71.14 -59.94
CA ILE K 836 -17.35 71.47 -61.37
C ILE K 836 -16.19 70.85 -62.14
N LEU K 837 -15.06 70.62 -61.47
CA LEU K 837 -13.93 69.99 -62.14
C LEU K 837 -14.20 68.53 -62.45
N GLU K 838 -14.88 67.84 -61.53
CA GLU K 838 -15.24 66.45 -61.76
C GLU K 838 -16.37 66.32 -62.77
N LEU K 839 -17.22 67.35 -62.87
CA LEU K 839 -18.39 67.28 -63.72
C LEU K 839 -18.02 67.51 -65.19
N ILE K 840 -17.44 68.66 -65.50
CA ILE K 840 -17.10 69.02 -66.87
C ILE K 840 -15.97 68.12 -67.36
N PRO K 841 -15.82 67.91 -68.66
CA PRO K 841 -14.72 67.10 -69.17
C PRO K 841 -13.36 67.75 -68.88
N SER K 842 -12.34 66.90 -68.80
CA SER K 842 -11.01 67.37 -68.43
C SER K 842 -10.42 68.32 -69.45
N THR K 843 -10.80 68.17 -70.73
CA THR K 843 -10.22 69.01 -71.77
C THR K 843 -10.74 70.44 -71.70
N SER K 844 -11.94 70.65 -71.19
CA SER K 844 -12.56 71.97 -71.21
C SER K 844 -11.97 72.86 -70.11
N PRO K 845 -11.41 74.02 -70.46
CA PRO K 845 -10.96 74.95 -69.42
C PRO K 845 -12.13 75.54 -68.66
N VAL K 846 -11.89 75.86 -67.39
CA VAL K 846 -12.92 76.39 -66.51
C VAL K 846 -12.32 77.49 -65.65
N THR K 847 -13.08 78.56 -65.44
CA THR K 847 -12.76 79.61 -64.47
C THR K 847 -13.81 79.57 -63.37
N CYS K 848 -13.35 79.56 -62.12
CA CYS K 848 -14.22 79.43 -60.96
C CYS K 848 -14.25 80.74 -60.20
N VAL K 849 -15.46 81.20 -59.86
CA VAL K 849 -15.66 82.44 -59.12
C VAL K 849 -16.22 82.08 -57.75
N ASP K 850 -15.62 82.62 -56.70
CA ASP K 850 -16.01 82.31 -55.33
C ASP K 850 -15.89 83.56 -54.48
N ILE K 851 -16.63 83.56 -53.36
CA ILE K 851 -16.46 84.57 -52.33
C ILE K 851 -15.64 84.06 -51.15
N ARG K 852 -15.47 82.74 -51.02
CA ARG K 852 -14.71 82.08 -49.99
C ARG K 852 -13.39 81.57 -50.56
N PRO K 853 -12.34 81.47 -49.74
CA PRO K 853 -11.05 80.97 -50.25
C PRO K 853 -11.17 79.56 -50.77
N THR K 854 -10.46 79.29 -51.87
CA THR K 854 -10.47 77.97 -52.49
C THR K 854 -9.50 77.03 -51.77
N ALA K 855 -9.87 75.76 -51.73
CA ALA K 855 -9.05 74.73 -51.09
C ALA K 855 -8.36 73.81 -52.08
N GLN K 856 -8.54 74.03 -53.38
CA GLN K 856 -7.93 73.16 -54.38
C GLN K 856 -6.52 73.64 -54.74
N PRO K 857 -5.65 72.73 -55.16
CA PRO K 857 -4.31 73.13 -55.61
C PRO K 857 -4.38 73.93 -56.89
N ASN K 858 -3.34 74.73 -57.10
CA ASN K 858 -3.28 75.68 -58.22
C ASN K 858 -2.34 75.24 -59.33
N GLY K 859 -1.10 74.86 -59.01
CA GLY K 859 -0.13 74.57 -60.05
C GLY K 859 -0.45 73.32 -60.84
N CYS K 860 -0.93 72.27 -60.17
CA CYS K 860 -1.08 70.94 -60.78
C CYS K 860 -2.37 70.88 -61.57
N TRP K 861 -2.36 71.47 -62.76
CA TRP K 861 -3.50 71.39 -63.66
C TRP K 861 -3.00 71.34 -65.10
N ASN K 862 -3.57 70.43 -65.89
CA ASN K 862 -3.18 70.31 -67.29
C ASN K 862 -3.77 71.45 -68.12
N VAL K 863 -5.09 71.55 -68.14
CA VAL K 863 -5.74 72.66 -68.83
C VAL K 863 -5.83 73.85 -67.87
N ARG K 864 -6.09 75.02 -68.44
CA ARG K 864 -6.09 76.26 -67.67
C ARG K 864 -7.32 76.31 -66.77
N THR K 865 -7.10 76.30 -65.45
CA THR K 865 -8.16 76.45 -64.46
C THR K 865 -7.74 77.57 -63.51
N THR K 866 -8.61 78.58 -63.37
CA THR K 866 -8.34 79.72 -62.52
C THR K 866 -9.44 79.87 -61.48
N PHE K 867 -9.05 80.17 -60.25
CA PHE K 867 -9.99 80.41 -59.16
C PHE K 867 -9.87 81.87 -58.74
N LEU K 868 -10.99 82.58 -58.78
CA LEU K 868 -11.04 84.00 -58.45
C LEU K 868 -11.91 84.20 -57.21
N GLU K 869 -11.41 84.98 -56.26
CA GLU K 869 -12.10 85.22 -55.00
C GLU K 869 -12.73 86.62 -55.04
N LEU K 870 -14.02 86.68 -55.39
CA LEU K 870 -14.77 87.92 -55.40
C LEU K 870 -16.24 87.60 -55.60
N ASP K 871 -17.09 88.53 -55.20
CA ASP K 871 -18.54 88.36 -55.34
C ASP K 871 -18.94 88.50 -56.81
N TYR K 872 -19.69 87.53 -57.31
CA TYR K 872 -20.10 87.57 -58.71
C TYR K 872 -21.23 88.57 -58.94
N LEU K 873 -22.01 88.88 -57.92
CA LEU K 873 -23.06 89.88 -58.07
C LEU K 873 -22.49 91.27 -58.31
N SER K 874 -21.27 91.52 -57.82
CA SER K 874 -20.59 92.78 -58.13
C SER K 874 -20.18 92.81 -59.60
N ASP K 875 -20.11 94.01 -60.16
CA ASP K 875 -19.79 94.20 -61.56
C ASP K 875 -18.38 94.75 -61.74
N GLY K 876 -17.97 94.83 -63.00
CA GLY K 876 -16.67 95.35 -63.37
C GLY K 876 -15.62 94.30 -63.65
N TRP K 877 -15.85 93.05 -63.25
CA TRP K 877 -14.89 91.99 -63.43
C TRP K 877 -15.23 91.05 -64.60
N ILE K 878 -16.47 91.07 -65.07
CA ILE K 878 -16.93 90.07 -66.03
C ILE K 878 -16.26 90.23 -67.38
N THR K 879 -15.72 91.41 -67.68
CA THR K 879 -15.08 91.63 -68.98
C THR K 879 -13.80 90.82 -69.10
N GLY K 880 -13.61 90.21 -70.28
CA GLY K 880 -12.39 89.50 -70.59
C GLY K 880 -12.25 88.11 -69.98
N VAL K 881 -13.27 87.63 -69.27
CA VAL K 881 -13.14 86.33 -68.63
C VAL K 881 -13.18 85.21 -69.66
N ARG K 882 -13.87 85.43 -70.78
CA ARG K 882 -13.90 84.49 -71.92
C ARG K 882 -14.48 83.13 -71.49
N GLY K 883 -15.75 83.16 -71.10
CA GLY K 883 -16.47 81.95 -70.79
C GLY K 883 -17.65 81.71 -71.70
N ASP K 884 -17.78 80.49 -72.23
CA ASP K 884 -18.87 80.18 -73.15
C ASP K 884 -20.13 79.70 -72.43
N ILE K 885 -19.97 78.91 -71.38
CA ILE K 885 -21.10 78.37 -70.61
C ILE K 885 -21.03 78.92 -69.20
N VAL K 886 -22.14 79.48 -68.72
CA VAL K 886 -22.22 80.07 -67.41
C VAL K 886 -23.17 79.23 -66.56
N THR K 887 -22.68 78.75 -65.42
CA THR K 887 -23.46 77.93 -64.49
C THR K 887 -23.49 78.59 -63.12
N CYS K 888 -24.68 78.74 -62.56
CA CYS K 888 -24.86 79.29 -61.21
C CYS K 888 -26.10 78.63 -60.61
N MET K 889 -25.88 77.56 -59.85
CA MET K 889 -26.95 76.80 -59.23
C MET K 889 -26.72 76.69 -57.74
N LEU K 890 -27.82 76.73 -56.97
CA LEU K 890 -27.85 76.66 -55.52
C LEU K 890 -27.17 77.84 -54.85
N SER K 891 -26.72 78.84 -55.60
CA SER K 891 -26.09 80.03 -55.04
C SER K 891 -26.87 81.30 -55.26
N LEU K 892 -27.63 81.40 -56.35
CA LEU K 892 -28.37 82.62 -56.63
C LEU K 892 -29.43 82.90 -55.57
N GLY K 893 -30.18 81.86 -55.18
CA GLY K 893 -31.20 82.06 -54.16
C GLY K 893 -30.62 82.43 -52.81
N ALA K 894 -29.53 81.76 -52.41
CA ALA K 894 -28.88 82.09 -51.15
C ALA K 894 -28.33 83.51 -51.17
N ALA K 895 -27.72 83.91 -52.28
CA ALA K 895 -27.20 85.27 -52.39
C ALA K 895 -28.32 86.30 -52.33
N ALA K 896 -29.44 86.03 -52.99
CA ALA K 896 -30.58 86.95 -52.93
C ALA K 896 -31.13 87.05 -51.52
N ALA K 897 -31.23 85.91 -50.81
CA ALA K 897 -31.72 85.93 -49.43
C ALA K 897 -30.77 86.69 -48.52
N GLY K 898 -29.46 86.52 -48.72
CA GLY K 898 -28.49 87.20 -47.88
C GLY K 898 -28.53 88.71 -48.00
N LYS K 899 -28.84 89.22 -49.20
CA LYS K 899 -28.89 90.65 -49.43
C LYS K 899 -30.22 91.28 -49.02
N SER K 900 -31.16 90.49 -48.51
CA SER K 900 -32.49 90.97 -48.15
C SER K 900 -33.16 91.66 -49.32
N MET K 901 -33.00 91.06 -50.51
CA MET K 901 -33.45 91.64 -51.76
C MET K 901 -34.22 90.59 -52.56
N THR K 902 -35.27 91.02 -53.25
CA THR K 902 -36.18 90.11 -53.92
C THR K 902 -35.48 89.37 -55.06
N PHE K 903 -36.00 88.18 -55.36
CA PHE K 903 -35.34 87.29 -56.32
C PHE K 903 -35.27 87.90 -57.71
N ASP K 904 -36.34 88.61 -58.12
CA ASP K 904 -36.35 89.18 -59.47
C ASP K 904 -35.25 90.23 -59.64
N ALA K 905 -35.02 91.04 -58.61
CA ALA K 905 -33.94 92.04 -58.70
C ALA K 905 -32.58 91.38 -58.78
N ALA K 906 -32.37 90.30 -58.03
CA ALA K 906 -31.11 89.56 -58.13
C ALA K 906 -30.93 88.96 -59.52
N PHE K 907 -32.02 88.42 -60.09
CA PHE K 907 -31.95 87.90 -61.45
C PHE K 907 -31.60 89.01 -62.44
N GLN K 908 -32.20 90.18 -62.29
CA GLN K 908 -31.89 91.30 -63.17
C GLN K 908 -30.42 91.71 -63.04
N GLN K 909 -29.90 91.74 -61.81
CA GLN K 909 -28.49 92.07 -61.61
C GLN K 909 -27.59 91.04 -62.28
N LEU K 910 -27.91 89.76 -62.13
CA LEU K 910 -27.11 88.72 -62.76
C LEU K 910 -27.15 88.84 -64.28
N VAL K 911 -28.33 89.15 -64.84
CA VAL K 911 -28.44 89.32 -66.29
C VAL K 911 -27.62 90.52 -66.76
N ARG K 912 -27.67 91.64 -66.02
CA ARG K 912 -26.90 92.80 -66.45
C ARG K 912 -25.40 92.52 -66.34
N VAL K 913 -24.98 91.74 -65.34
CA VAL K 913 -23.58 91.38 -65.22
C VAL K 913 -23.15 90.52 -66.40
N LEU K 914 -23.94 89.50 -66.74
CA LEU K 914 -23.57 88.61 -67.83
C LEU K 914 -23.82 89.20 -69.21
N THR K 915 -24.49 90.35 -69.30
CA THR K 915 -24.71 90.96 -70.61
C THR K 915 -23.38 91.35 -71.26
N ARG K 916 -22.43 91.85 -70.47
CA ARG K 916 -21.15 92.24 -71.03
C ARG K 916 -20.39 91.04 -71.57
N SER K 917 -20.46 89.90 -70.89
CA SER K 917 -19.70 88.73 -71.29
C SER K 917 -20.29 88.11 -72.56
N THR K 918 -19.49 87.25 -73.19
CA THR K 918 -19.90 86.54 -74.40
C THR K 918 -20.08 85.06 -74.05
N ALA K 919 -21.29 84.72 -73.61
CA ALA K 919 -21.64 83.35 -73.23
C ALA K 919 -22.78 82.89 -74.13
N ASN K 920 -22.55 81.78 -74.87
CA ASN K 920 -23.57 81.27 -75.77
C ASN K 920 -24.68 80.55 -75.01
N VAL K 921 -24.33 79.77 -73.98
CA VAL K 921 -25.28 78.97 -73.22
C VAL K 921 -25.20 79.39 -71.76
N LEU K 922 -26.35 79.62 -71.16
CA LEU K 922 -26.45 80.00 -69.75
C LEU K 922 -27.29 78.98 -69.00
N LEU K 923 -26.76 78.49 -67.88
CA LEU K 923 -27.47 77.56 -67.00
C LEU K 923 -27.66 78.23 -65.65
N ILE K 924 -28.92 78.48 -65.29
CA ILE K 924 -29.26 79.15 -64.04
C ILE K 924 -30.32 78.32 -63.33
N GLN K 925 -30.11 78.07 -62.04
CA GLN K 925 -31.13 77.47 -61.19
C GLN K 925 -31.91 78.58 -60.50
N VAL K 926 -33.21 78.62 -60.75
CA VAL K 926 -34.05 79.71 -60.25
C VAL K 926 -35.07 79.13 -59.27
N ASN K 927 -35.56 80.00 -58.39
CA ASN K 927 -36.62 79.64 -57.45
C ASN K 927 -37.93 80.20 -57.97
N CYS K 928 -38.53 79.44 -58.89
CA CYS K 928 -39.83 79.79 -59.46
C CYS K 928 -40.69 78.54 -59.50
N PRO K 929 -42.01 78.69 -59.39
CA PRO K 929 -42.88 77.51 -59.41
C PRO K 929 -43.22 77.04 -60.80
N THR K 930 -42.83 75.80 -61.13
CA THR K 930 -43.19 75.23 -62.42
C THR K 930 -44.66 74.85 -62.47
N ASP K 931 -45.20 74.38 -61.34
CA ASP K 931 -46.59 73.94 -61.25
C ASP K 931 -47.31 74.84 -60.25
N VAL K 932 -48.55 74.47 -59.92
CA VAL K 932 -49.34 75.25 -58.97
C VAL K 932 -48.62 75.31 -57.63
N ILE K 933 -48.74 76.44 -56.94
CA ILE K 933 -47.92 76.69 -55.77
C ILE K 933 -48.56 76.10 -54.53
N ARG K 934 -47.93 75.06 -53.97
CA ARG K 934 -48.31 74.50 -52.69
C ARG K 934 -47.11 73.82 -52.05
N THR K 935 -47.23 73.53 -50.76
CA THR K 935 -46.11 73.16 -49.92
C THR K 935 -45.87 71.65 -49.92
N ILE K 936 -44.68 71.25 -49.50
CA ILE K 936 -44.33 69.86 -49.25
C ILE K 936 -44.12 69.69 -47.76
N LYS K 937 -44.75 68.66 -47.18
CA LYS K 937 -44.76 68.50 -45.73
C LYS K 937 -43.36 68.17 -45.22
N GLY K 938 -42.80 69.07 -44.41
CA GLY K 938 -41.55 68.83 -43.73
C GLY K 938 -40.30 69.02 -44.56
N TYR K 939 -40.42 69.40 -45.82
CA TYR K 939 -39.25 69.57 -46.67
C TYR K 939 -39.20 70.93 -47.36
N LEU K 940 -40.34 71.48 -47.75
CA LEU K 940 -40.37 72.77 -48.43
C LEU K 940 -41.70 73.44 -48.15
N GLU K 941 -41.68 74.52 -47.37
CA GLU K 941 -42.87 75.31 -47.08
C GLU K 941 -42.81 76.60 -47.89
N ILE K 942 -43.89 76.87 -48.63
CA ILE K 942 -43.97 78.03 -49.50
C ILE K 942 -45.01 78.99 -48.94
N ASP K 943 -44.65 80.24 -48.78
CA ASP K 943 -45.55 81.28 -48.28
C ASP K 943 -45.94 82.19 -49.43
N GLN K 944 -47.25 82.29 -49.69
CA GLN K 944 -47.73 83.21 -50.72
C GLN K 944 -47.36 84.64 -50.39
N THR K 945 -47.60 85.05 -49.14
CA THR K 945 -47.18 86.37 -48.69
C THR K 945 -45.67 86.38 -48.50
N ASN K 946 -45.04 87.51 -48.82
CA ASN K 946 -43.61 87.75 -48.70
C ASN K 946 -42.82 86.99 -49.74
N LYS K 947 -43.50 86.14 -50.51
CA LYS K 947 -42.91 85.40 -51.64
C LYS K 947 -41.57 84.75 -51.26
N ARG K 948 -41.63 83.84 -50.29
CA ARG K 948 -40.43 83.21 -49.78
C ARG K 948 -40.67 81.75 -49.47
N TYR K 949 -39.74 80.89 -49.86
CA TYR K 949 -39.73 79.50 -49.43
C TYR K 949 -39.17 79.38 -48.03
N LYS K 950 -39.24 78.16 -47.48
CA LYS K 950 -38.64 77.87 -46.18
C LYS K 950 -38.23 76.41 -46.13
N PHE K 951 -37.03 76.14 -45.64
CA PHE K 951 -36.51 74.80 -45.52
C PHE K 951 -36.43 74.43 -44.04
N PRO K 952 -37.35 73.60 -43.52
CA PRO K 952 -37.29 73.26 -42.09
C PRO K 952 -36.01 72.56 -41.69
N LYS K 953 -35.44 71.74 -42.58
CA LYS K 953 -34.25 70.97 -42.22
C LYS K 953 -33.01 71.86 -42.16
N PHE K 954 -32.87 72.79 -43.11
CA PHE K 954 -31.74 73.70 -43.13
C PHE K 954 -32.00 74.99 -42.36
N GLY K 955 -33.24 75.28 -42.01
CA GLY K 955 -33.56 76.50 -41.30
C GLY K 955 -33.23 77.75 -42.08
N ARG K 956 -33.59 77.77 -43.36
CA ARG K 956 -33.30 78.89 -44.24
C ARG K 956 -34.55 79.27 -45.02
N ASP K 957 -34.61 80.54 -45.42
CA ASP K 957 -35.67 81.05 -46.28
C ASP K 957 -35.06 81.74 -47.49
N GLU K 958 -35.72 81.60 -48.65
CA GLU K 958 -35.22 82.15 -49.89
C GLU K 958 -36.35 82.79 -50.67
N PRO K 959 -36.11 83.91 -51.34
CA PRO K 959 -37.16 84.55 -52.14
C PRO K 959 -37.47 83.74 -53.39
N TYR K 960 -38.68 83.95 -53.90
CA TYR K 960 -39.11 83.33 -55.15
C TYR K 960 -39.98 84.31 -55.92
N SER K 961 -40.04 84.11 -57.23
CA SER K 961 -40.79 84.98 -58.11
C SER K 961 -41.41 84.16 -59.23
N ASP K 962 -42.41 84.74 -59.88
CA ASP K 962 -43.11 84.06 -60.96
C ASP K 962 -42.18 83.83 -62.15
N MET K 963 -42.37 82.69 -62.82
CA MET K 963 -41.59 82.38 -64.01
C MET K 963 -41.84 83.38 -65.13
N ASP K 964 -43.04 83.96 -65.18
CA ASP K 964 -43.35 84.93 -66.22
C ASP K 964 -42.45 86.16 -66.10
N SER K 965 -42.17 86.60 -64.88
CA SER K 965 -41.29 87.74 -64.68
C SER K 965 -39.88 87.46 -65.21
N LEU K 966 -39.35 86.26 -64.94
CA LEU K 966 -38.04 85.90 -65.44
C LEU K 966 -38.02 85.81 -66.96
N GLU K 967 -39.07 85.24 -67.55
CA GLU K 967 -39.14 85.17 -69.01
C GLU K 967 -39.19 86.56 -69.61
N ARG K 968 -39.98 87.46 -69.02
CA ARG K 968 -40.05 88.84 -69.50
C ARG K 968 -38.69 89.53 -69.36
N ILE K 969 -37.98 89.26 -68.26
CA ILE K 969 -36.66 89.83 -68.08
C ILE K 969 -35.72 89.35 -69.19
N CYS K 970 -35.76 88.06 -69.51
CA CYS K 970 -34.92 87.53 -70.58
C CYS K 970 -35.24 88.22 -71.91
N ARG K 971 -36.52 88.31 -72.25
CA ARG K 971 -36.89 88.89 -73.53
C ARG K 971 -36.55 90.37 -73.61
N ALA K 972 -36.75 91.11 -72.52
CA ALA K 972 -36.45 92.54 -72.53
C ALA K 972 -34.94 92.78 -72.61
N ALA K 973 -34.16 92.06 -71.80
CA ALA K 973 -32.72 92.28 -71.78
C ALA K 973 -32.06 91.76 -73.05
N TRP K 974 -32.41 90.54 -73.46
CA TRP K 974 -31.80 89.91 -74.64
C TRP K 974 -32.87 89.56 -75.66
N PRO K 975 -32.92 90.22 -76.80
CA PRO K 975 -33.81 89.76 -77.88
C PRO K 975 -33.41 88.37 -78.36
N ASN K 976 -34.42 87.60 -78.76
CA ASN K 976 -34.25 86.27 -79.32
C ASN K 976 -33.62 85.28 -78.35
N CYS K 977 -33.72 85.52 -77.04
CA CYS K 977 -33.20 84.53 -76.10
C CYS K 977 -34.16 83.35 -76.03
N SER K 978 -33.63 82.15 -76.19
CA SER K 978 -34.43 80.93 -76.23
C SER K 978 -34.46 80.33 -74.84
N ILE K 979 -35.60 80.43 -74.17
CA ILE K 979 -35.77 79.89 -72.82
C ILE K 979 -36.31 78.47 -72.94
N THR K 980 -35.63 77.54 -72.28
CA THR K 980 -36.06 76.14 -72.27
C THR K 980 -35.94 75.61 -70.83
N TRP K 981 -37.09 75.37 -70.21
CA TRP K 981 -37.11 74.81 -68.86
C TRP K 981 -36.80 73.32 -68.92
N VAL K 982 -35.87 72.88 -68.09
CA VAL K 982 -35.37 71.51 -68.14
C VAL K 982 -36.41 70.55 -67.56
N PRO K 983 -36.84 69.53 -68.34
CA PRO K 983 -37.77 68.51 -67.83
C PRO K 983 -37.06 67.35 -67.15
N LEU K 984 -36.23 67.66 -66.15
CA LEU K 984 -35.44 66.64 -65.45
C LEU K 984 -36.21 65.97 -64.33
N SER K 985 -37.44 66.41 -64.05
CA SER K 985 -38.17 65.87 -62.90
C SER K 985 -38.44 64.38 -63.06
N TYR K 986 -38.91 63.96 -64.24
CA TYR K 986 -39.22 62.55 -64.48
C TYR K 986 -38.03 61.75 -64.96
N ASP K 987 -36.91 62.39 -65.28
CA ASP K 987 -35.74 61.68 -65.74
C ASP K 987 -35.16 60.82 -64.63
N LEU K 988 -34.58 59.69 -65.02
CA LEU K 988 -33.88 58.81 -64.08
C LEU K 988 -32.41 58.65 -64.42
N ARG K 989 -31.91 59.36 -65.44
CA ARG K 989 -30.49 59.31 -65.76
C ARG K 989 -29.64 59.99 -64.69
N TRP K 990 -30.20 60.97 -63.97
CA TRP K 990 -29.42 61.70 -62.98
C TRP K 990 -28.91 60.81 -61.86
N THR K 991 -29.51 59.63 -61.67
CA THR K 991 -29.04 58.69 -60.67
C THR K 991 -27.67 58.10 -61.00
N LYS K 992 -27.05 58.49 -62.12
CA LYS K 992 -25.76 57.93 -62.48
C LYS K 992 -24.69 58.27 -61.45
N LEU K 993 -24.58 59.55 -61.09
CA LEU K 993 -23.60 59.95 -60.09
C LEU K 993 -23.92 59.33 -58.73
N ALA K 994 -25.20 59.26 -58.37
CA ALA K 994 -25.58 58.70 -57.08
C ALA K 994 -25.21 57.23 -56.98
N LEU K 995 -25.59 56.44 -57.98
CA LEU K 995 -25.40 55.00 -57.89
C LEU K 995 -23.96 54.60 -58.14
N LEU K 996 -23.28 55.30 -59.06
CA LEU K 996 -21.91 54.93 -59.40
C LEU K 996 -20.95 55.33 -58.29
N GLU K 997 -21.21 56.45 -57.61
CA GLU K 997 -20.30 56.92 -56.57
C GLU K 997 -20.67 56.40 -55.19
N SER K 998 -20.92 55.09 -55.09
CA SER K 998 -21.05 54.37 -53.83
C SER K 998 -21.97 55.08 -52.84
N THR K 999 -23.16 55.44 -53.30
CA THR K 999 -24.19 56.03 -52.44
C THR K 999 -25.51 55.32 -52.66
N THR K 1000 -26.17 54.95 -51.56
CA THR K 1000 -27.44 54.24 -51.64
C THR K 1000 -28.59 55.22 -51.82
N LEU K 1001 -29.50 54.89 -52.72
CA LEU K 1001 -30.67 55.70 -53.01
C LEU K 1001 -31.90 55.12 -52.32
N SER K 1002 -32.74 56.01 -51.79
CA SER K 1002 -34.02 55.63 -51.20
C SER K 1002 -35.15 56.15 -52.07
N SER K 1003 -36.16 55.30 -52.29
CA SER K 1003 -37.25 55.66 -53.20
C SER K 1003 -38.01 56.89 -52.71
N ALA K 1004 -38.29 56.97 -51.41
CA ALA K 1004 -38.96 58.15 -50.88
C ALA K 1004 -38.11 59.40 -51.07
N SER K 1005 -36.80 59.28 -50.89
CA SER K 1005 -35.91 60.40 -51.14
C SER K 1005 -35.96 60.81 -52.61
N VAL K 1006 -36.01 59.84 -53.51
CA VAL K 1006 -36.10 60.14 -54.94
C VAL K 1006 -37.38 60.90 -55.25
N ARG K 1007 -38.50 60.46 -54.67
CA ARG K 1007 -39.77 61.15 -54.91
C ARG K 1007 -39.75 62.57 -54.34
N ILE K 1008 -39.19 62.74 -53.15
CA ILE K 1008 -39.12 64.08 -52.55
C ILE K 1008 -38.23 65.00 -53.39
N ALA K 1009 -37.10 64.48 -53.88
CA ALA K 1009 -36.24 65.26 -54.75
C ALA K 1009 -36.95 65.62 -56.04
N GLU K 1010 -37.72 64.69 -56.59
CA GLU K 1010 -38.50 64.98 -57.79
C GLU K 1010 -39.48 66.12 -57.55
N LEU K 1011 -40.19 66.08 -56.42
CA LEU K 1011 -41.14 67.15 -56.11
C LEU K 1011 -40.42 68.49 -55.94
N MET K 1012 -39.30 68.50 -55.19
CA MET K 1012 -38.59 69.75 -54.98
C MET K 1012 -38.06 70.32 -56.30
N TYR K 1013 -37.55 69.46 -57.18
CA TYR K 1013 -37.11 69.94 -58.48
C TYR K 1013 -38.28 70.46 -59.30
N LYS K 1014 -39.45 69.81 -59.17
CA LYS K 1014 -40.65 70.35 -59.79
C LYS K 1014 -40.94 71.76 -59.28
N TYR K 1015 -40.57 72.04 -58.03
CA TYR K 1015 -40.68 73.40 -57.53
C TYR K 1015 -39.40 74.21 -57.68
N MET K 1016 -38.31 73.60 -58.13
CA MET K 1016 -37.03 74.29 -58.34
C MET K 1016 -36.44 73.88 -59.68
N PRO K 1017 -36.90 74.49 -60.76
CA PRO K 1017 -36.42 74.09 -62.09
C PRO K 1017 -35.07 74.72 -62.42
N ILE K 1018 -34.53 74.31 -63.57
CA ILE K 1018 -33.28 74.83 -64.09
C ILE K 1018 -33.59 75.60 -65.37
N MET K 1019 -33.12 76.84 -65.44
CA MET K 1019 -33.34 77.69 -66.60
C MET K 1019 -32.10 77.65 -67.50
N ARG K 1020 -32.28 77.19 -68.73
CA ARG K 1020 -31.20 77.15 -69.72
C ARG K 1020 -31.48 78.25 -70.73
N ILE K 1021 -30.73 79.35 -70.63
CA ILE K 1021 -30.91 80.51 -71.49
C ILE K 1021 -29.96 80.41 -72.67
N ASP K 1022 -30.51 80.35 -73.87
CA ASP K 1022 -29.73 80.37 -75.11
C ASP K 1022 -29.77 81.78 -75.67
N ILE K 1023 -28.62 82.46 -75.66
CA ILE K 1023 -28.57 83.85 -76.07
C ILE K 1023 -28.86 83.99 -77.56
N HIS K 1024 -28.53 82.97 -78.34
CA HIS K 1024 -28.73 82.97 -79.78
C HIS K 1024 -29.59 81.78 -80.18
N GLY K 1025 -30.83 82.05 -80.58
CA GLY K 1025 -31.74 81.01 -80.99
C GLY K 1025 -33.06 81.61 -81.41
N LEU K 1026 -33.88 80.77 -82.03
CA LEU K 1026 -35.19 81.23 -82.49
C LEU K 1026 -36.16 81.25 -81.32
N PRO K 1027 -36.76 82.41 -81.00
CA PRO K 1027 -37.66 82.47 -79.85
C PRO K 1027 -39.10 82.10 -80.19
N MET K 1028 -39.95 82.05 -79.17
CA MET K 1028 -41.38 81.78 -79.35
C MET K 1028 -42.17 82.75 -78.50
N GLU K 1029 -43.46 82.86 -78.82
CA GLU K 1029 -44.39 83.71 -78.09
C GLU K 1029 -45.57 82.87 -77.61
N LYS K 1030 -45.79 82.85 -76.30
CA LYS K 1030 -46.95 82.20 -75.72
C LYS K 1030 -48.06 83.23 -75.61
N GLN K 1031 -49.10 83.07 -76.44
CA GLN K 1031 -50.16 84.07 -76.57
C GLN K 1031 -51.33 83.83 -75.62
N GLY K 1032 -51.23 82.85 -74.73
CA GLY K 1032 -52.31 82.58 -73.80
C GLY K 1032 -51.82 81.78 -72.61
N ASN K 1033 -52.72 81.61 -71.65
CA ASN K 1033 -52.42 80.83 -70.46
C ASN K 1033 -52.35 79.34 -70.80
N PHE K 1034 -51.42 78.64 -70.16
CA PHE K 1034 -51.18 77.23 -70.43
C PHE K 1034 -51.71 76.41 -69.26
N ILE K 1035 -52.97 76.00 -69.37
CA ILE K 1035 -53.62 75.13 -68.39
C ILE K 1035 -54.40 74.08 -69.15
N VAL K 1036 -54.30 72.82 -68.70
CA VAL K 1036 -54.96 71.73 -69.40
C VAL K 1036 -56.47 71.96 -69.42
N GLY K 1037 -57.11 71.50 -70.49
CA GLY K 1037 -58.53 71.73 -70.69
C GLY K 1037 -58.86 73.06 -71.32
N GLN K 1038 -57.87 73.90 -71.61
CA GLN K 1038 -58.07 75.21 -72.21
C GLN K 1038 -57.23 75.32 -73.48
N ASN K 1039 -57.75 76.04 -74.46
CA ASN K 1039 -57.02 76.23 -75.71
C ASN K 1039 -55.77 77.05 -75.48
N CYS K 1040 -54.65 76.59 -76.05
CA CYS K 1040 -53.36 77.26 -75.92
C CYS K 1040 -52.82 77.56 -77.31
N SER K 1041 -52.36 78.79 -77.51
CA SER K 1041 -51.84 79.25 -78.79
C SER K 1041 -50.33 79.48 -78.68
N LEU K 1042 -49.60 79.09 -79.72
CA LEU K 1042 -48.16 79.23 -79.76
C LEU K 1042 -47.74 79.78 -81.13
N VAL K 1043 -46.66 80.55 -81.16
CA VAL K 1043 -46.25 81.17 -82.41
C VAL K 1043 -44.76 80.99 -82.63
N ILE K 1044 -44.35 80.38 -83.75
CA ILE K 1044 -42.93 80.23 -84.06
C ILE K 1044 -42.56 81.13 -85.22
N PRO K 1045 -41.97 82.28 -84.92
CA PRO K 1045 -41.71 83.23 -86.02
C PRO K 1045 -40.75 82.85 -87.12
N GLY K 1046 -39.59 82.29 -86.80
CA GLY K 1046 -38.59 82.03 -87.83
C GLY K 1046 -38.77 81.03 -88.95
N PHE K 1047 -39.28 79.86 -88.64
CA PHE K 1047 -39.38 78.81 -89.64
C PHE K 1047 -40.36 79.21 -90.72
N ASN K 1048 -40.07 78.83 -91.95
CA ASN K 1048 -40.91 79.26 -93.05
C ASN K 1048 -41.13 78.17 -94.08
N ALA K 1049 -42.11 78.36 -94.96
CA ALA K 1049 -42.46 77.35 -95.96
C ALA K 1049 -42.93 76.07 -95.29
N GLN K 1050 -42.37 74.94 -95.67
CA GLN K 1050 -42.84 73.69 -95.11
C GLN K 1050 -41.85 73.12 -94.12
N ASP K 1051 -42.23 73.09 -92.85
CA ASP K 1051 -41.38 72.50 -91.83
C ASP K 1051 -42.25 71.70 -90.89
N VAL K 1052 -41.67 70.71 -90.25
CA VAL K 1052 -42.46 69.87 -89.39
C VAL K 1052 -42.02 70.12 -87.95
N PHE K 1053 -42.98 70.36 -87.06
CA PHE K 1053 -42.64 70.54 -85.67
C PHE K 1053 -42.98 69.31 -84.84
N ASN K 1054 -42.06 68.86 -84.01
CA ASN K 1054 -42.25 67.68 -83.17
C ASN K 1054 -42.23 68.09 -81.71
N CYS K 1055 -43.24 67.67 -80.96
CA CYS K 1055 -43.35 67.94 -79.54
C CYS K 1055 -43.16 66.65 -78.75
N TYR K 1056 -42.22 66.67 -77.82
CA TYR K 1056 -41.88 65.49 -77.03
C TYR K 1056 -42.26 65.73 -75.58
N PHE K 1057 -43.15 64.89 -75.05
CA PHE K 1057 -43.57 64.95 -73.66
C PHE K 1057 -42.89 63.82 -72.90
N ASN K 1058 -41.84 64.14 -72.17
CA ASN K 1058 -41.08 63.17 -71.37
C ASN K 1058 -40.55 62.04 -72.24
N SER K 1059 -39.78 62.41 -73.28
CA SER K 1059 -39.14 61.51 -74.24
C SER K 1059 -40.15 60.71 -75.05
N ALA K 1060 -41.42 61.12 -75.08
CA ALA K 1060 -42.45 60.45 -75.85
C ALA K 1060 -43.06 61.45 -76.82
N LEU K 1061 -43.11 61.08 -78.10
CA LEU K 1061 -43.69 61.95 -79.11
C LEU K 1061 -45.18 62.13 -78.86
N ALA K 1062 -45.64 63.38 -78.86
CA ALA K 1062 -47.03 63.71 -78.61
C ALA K 1062 -47.79 64.05 -79.89
N PHE K 1063 -47.30 65.01 -80.67
CA PHE K 1063 -47.93 65.36 -81.94
C PHE K 1063 -46.86 65.81 -82.92
N SER K 1064 -47.20 65.75 -84.20
CA SER K 1064 -46.33 66.19 -85.27
C SER K 1064 -47.14 66.99 -86.28
N THR K 1065 -46.47 67.97 -86.90
CA THR K 1065 -47.14 68.80 -87.89
C THR K 1065 -47.59 67.97 -89.09
N GLU K 1066 -46.84 66.92 -89.42
CA GLU K 1066 -47.18 66.09 -90.57
C GLU K 1066 -48.53 65.39 -90.38
N ASP K 1067 -48.79 64.88 -89.16
CA ASP K 1067 -50.02 64.14 -88.86
C ASP K 1067 -50.59 64.72 -87.56
N VAL K 1068 -51.48 65.70 -87.70
CA VAL K 1068 -52.12 66.29 -86.53
C VAL K 1068 -53.28 65.43 -86.05
N ASN K 1069 -53.87 64.66 -86.96
CA ASN K 1069 -55.02 63.82 -86.60
C ASN K 1069 -54.62 62.72 -85.62
N SER K 1070 -53.47 62.10 -85.83
CA SER K 1070 -53.02 61.00 -84.97
C SER K 1070 -52.33 61.50 -83.70
N ALA K 1071 -52.52 62.75 -83.33
CA ALA K 1071 -51.89 63.29 -82.13
C ALA K 1071 -52.38 62.55 -80.89
N MET K 1072 -51.45 62.19 -80.01
CA MET K 1072 -51.82 61.50 -78.77
C MET K 1072 -52.61 62.42 -77.85
N ILE K 1073 -52.22 63.70 -77.77
CA ILE K 1073 -52.96 64.67 -76.99
C ILE K 1073 -54.27 64.98 -77.72
N PRO K 1074 -55.30 65.47 -77.02
CA PRO K 1074 -56.66 65.44 -77.62
C PRO K 1074 -56.78 66.15 -78.96
N GLN K 1075 -56.47 67.44 -79.02
CA GLN K 1075 -56.73 68.22 -80.23
C GLN K 1075 -55.58 69.17 -80.52
N VAL K 1076 -55.11 69.15 -81.76
CA VAL K 1076 -54.08 70.08 -82.23
C VAL K 1076 -54.47 70.56 -83.63
N THR K 1077 -54.24 71.84 -83.89
CA THR K 1077 -54.34 72.39 -85.24
C THR K 1077 -53.15 73.30 -85.48
N ALA K 1078 -52.50 73.13 -86.63
CA ALA K 1078 -51.32 73.90 -86.99
C ALA K 1078 -51.63 74.75 -88.21
N GLN K 1079 -51.96 76.02 -87.97
CA GLN K 1079 -52.23 76.93 -89.07
C GLN K 1079 -50.98 77.13 -89.92
N PHE K 1080 -51.16 77.07 -91.23
CA PHE K 1080 -50.04 77.23 -92.15
C PHE K 1080 -49.46 78.64 -92.03
N ASP K 1081 -48.15 78.73 -92.28
CA ASP K 1081 -47.46 80.00 -92.14
C ASP K 1081 -48.00 81.03 -93.12
N ALA K 1082 -48.44 82.17 -92.59
CA ALA K 1082 -48.82 83.29 -93.44
C ALA K 1082 -47.60 83.86 -94.13
N ASN K 1083 -47.75 84.22 -95.41
CA ASN K 1083 -46.64 84.83 -96.13
C ASN K 1083 -46.19 86.12 -95.47
N LYS K 1084 -47.13 86.92 -94.99
CA LYS K 1084 -46.76 88.09 -94.19
C LYS K 1084 -46.25 87.67 -92.81
N GLY K 1085 -46.84 86.62 -92.24
CA GLY K 1085 -46.53 86.23 -90.87
C GLY K 1085 -45.73 84.96 -90.72
N GLU K 1086 -46.28 84.00 -89.98
CA GLU K 1086 -45.53 82.81 -89.58
C GLU K 1086 -46.52 81.72 -89.18
N TRP K 1087 -45.98 80.61 -88.69
CA TRP K 1087 -46.81 79.49 -88.25
C TRP K 1087 -47.56 79.86 -86.98
N SER K 1088 -48.77 79.31 -86.84
CA SER K 1088 -49.58 79.47 -85.65
C SER K 1088 -50.12 78.10 -85.24
N LEU K 1089 -50.05 77.80 -83.95
CA LEU K 1089 -50.48 76.51 -83.42
C LEU K 1089 -51.50 76.73 -82.31
N ASP K 1090 -52.65 76.08 -82.42
CA ASP K 1090 -53.66 76.03 -81.37
C ASP K 1090 -53.83 74.59 -80.95
N MET K 1091 -53.79 74.35 -79.63
CA MET K 1091 -53.75 72.99 -79.14
C MET K 1091 -54.23 72.95 -77.69
N VAL K 1092 -54.64 71.76 -77.26
CA VAL K 1092 -55.12 71.53 -75.90
C VAL K 1092 -54.44 70.27 -75.38
N PHE K 1093 -54.14 70.26 -74.07
CA PHE K 1093 -53.37 69.20 -73.45
C PHE K 1093 -54.23 68.46 -72.44
N SER K 1094 -53.97 67.15 -72.30
CA SER K 1094 -54.72 66.35 -71.34
C SER K 1094 -53.99 66.25 -70.01
N ASP K 1095 -52.67 66.09 -70.04
CA ASP K 1095 -51.86 65.95 -68.84
C ASP K 1095 -50.86 67.11 -68.75
N ALA K 1096 -50.73 67.67 -67.55
CA ALA K 1096 -49.82 68.78 -67.35
C ALA K 1096 -48.37 68.30 -67.27
N GLY K 1097 -47.45 69.22 -67.49
CA GLY K 1097 -46.04 68.91 -67.43
C GLY K 1097 -45.24 69.89 -68.26
N ILE K 1098 -44.00 69.50 -68.54
CA ILE K 1098 -43.08 70.29 -69.35
C ILE K 1098 -42.94 69.61 -70.70
N TYR K 1099 -43.25 70.35 -71.76
CA TYR K 1099 -43.18 69.84 -73.13
C TYR K 1099 -42.04 70.52 -73.87
N THR K 1100 -41.14 69.72 -74.43
CA THR K 1100 -40.03 70.22 -75.23
C THR K 1100 -40.34 69.99 -76.71
N MET K 1101 -40.16 71.03 -77.51
CA MET K 1101 -40.45 70.98 -78.94
C MET K 1101 -39.17 71.20 -79.72
N GLN K 1102 -38.88 70.28 -80.66
CA GLN K 1102 -37.80 70.43 -81.60
C GLN K 1102 -38.36 70.27 -83.01
N ALA K 1103 -37.88 71.10 -83.93
CA ALA K 1103 -38.46 71.20 -85.26
C ALA K 1103 -37.46 70.71 -86.31
N LEU K 1104 -37.96 69.94 -87.27
CA LEU K 1104 -37.15 69.48 -88.39
C LEU K 1104 -37.05 70.56 -89.45
N VAL K 1105 -35.83 70.82 -89.92
CA VAL K 1105 -35.63 71.83 -90.96
C VAL K 1105 -36.31 71.41 -92.25
N GLY K 1106 -36.19 70.15 -92.62
CA GLY K 1106 -36.72 69.64 -93.87
C GLY K 1106 -35.63 69.06 -94.76
N SER K 1107 -36.08 68.34 -95.78
CA SER K 1107 -35.20 67.61 -96.70
C SER K 1107 -34.33 66.68 -95.87
N ASN K 1108 -33.01 66.84 -95.86
CA ASN K 1108 -32.13 66.03 -95.02
C ASN K 1108 -31.35 66.98 -94.10
N ALA K 1109 -31.82 67.11 -92.86
CA ALA K 1109 -31.15 67.95 -91.88
C ALA K 1109 -31.52 67.46 -90.48
N ASN K 1110 -30.55 67.55 -89.57
CA ASN K 1110 -30.80 67.15 -88.20
C ASN K 1110 -31.81 68.10 -87.54
N PRO K 1111 -32.60 67.60 -86.58
CA PRO K 1111 -33.59 68.45 -85.93
C PRO K 1111 -32.93 69.61 -85.18
N VAL K 1112 -33.57 70.77 -85.23
CA VAL K 1112 -33.10 71.97 -84.54
C VAL K 1112 -33.92 72.11 -83.26
N SER K 1113 -33.26 71.97 -82.12
CA SER K 1113 -33.94 72.06 -80.85
C SER K 1113 -34.43 73.48 -80.58
N LEU K 1114 -35.64 73.60 -80.06
CA LEU K 1114 -36.23 74.87 -79.68
C LEU K 1114 -36.50 74.88 -78.18
N GLY K 1115 -36.96 76.02 -77.69
CA GLY K 1115 -37.27 76.14 -76.28
C GLY K 1115 -38.48 75.31 -75.90
N SER K 1116 -38.58 75.00 -74.61
CA SER K 1116 -39.68 74.22 -74.08
C SER K 1116 -40.70 75.12 -73.40
N PHE K 1117 -41.92 74.58 -73.25
CA PHE K 1117 -42.99 75.29 -72.58
C PHE K 1117 -43.63 74.35 -71.55
N VAL K 1118 -44.25 74.96 -70.55
CA VAL K 1118 -44.88 74.22 -69.46
C VAL K 1118 -46.38 74.47 -69.49
N VAL K 1119 -47.14 73.46 -69.10
CA VAL K 1119 -48.60 73.55 -68.97
C VAL K 1119 -48.95 73.36 -67.51
N ASP K 1120 -49.70 74.31 -66.95
CA ASP K 1120 -50.02 74.30 -65.54
C ASP K 1120 -51.21 73.41 -65.24
N SER K 1121 -51.23 72.84 -64.04
CA SER K 1121 -52.33 72.02 -63.60
C SER K 1121 -53.56 72.89 -63.34
N PRO K 1122 -54.76 72.30 -63.37
CA PRO K 1122 -55.96 73.08 -63.08
C PRO K 1122 -55.95 73.60 -61.65
N ASP K 1123 -56.62 74.73 -61.46
CA ASP K 1123 -56.69 75.34 -60.13
C ASP K 1123 -57.34 74.39 -59.12
N VAL K 1124 -56.82 74.40 -57.91
CA VAL K 1124 -57.32 73.55 -56.83
C VAL K 1124 -58.26 74.38 -55.96
N ASP K 1125 -59.52 73.95 -55.89
CA ASP K 1125 -60.53 74.65 -55.10
C ASP K 1125 -61.48 73.61 -54.53
N ILE K 1126 -61.47 73.45 -53.21
CA ILE K 1126 -62.25 72.44 -52.52
C ILE K 1126 -63.21 73.12 -51.58
N THR K 1127 -64.48 72.70 -51.61
CA THR K 1127 -65.50 73.19 -50.70
C THR K 1127 -66.65 72.20 -50.68
N ASP K 1128 -67.20 71.96 -49.50
CA ASP K 1128 -68.31 71.04 -49.32
C ASP K 1128 -69.47 71.75 -48.64
N ALA K 1129 -70.66 71.59 -49.20
CA ALA K 1129 -71.88 72.20 -48.65
C ALA K 1129 -72.74 71.07 -48.09
N TRP K 1130 -72.71 70.91 -46.78
CA TRP K 1130 -73.49 69.86 -46.13
C TRP K 1130 -74.98 70.20 -46.17
N PRO K 1131 -75.84 69.22 -46.45
CA PRO K 1131 -77.27 69.50 -46.47
C PRO K 1131 -77.86 69.62 -45.08
N ALA K 1132 -79.00 70.30 -45.01
CA ALA K 1132 -79.72 70.45 -43.76
C ALA K 1132 -80.45 69.15 -43.40
N GLN K 1133 -80.59 68.91 -42.10
CA GLN K 1133 -81.27 67.74 -41.56
C GLN K 1133 -80.62 66.45 -42.08
N LEU K 1134 -79.35 66.27 -41.71
CA LEU K 1134 -78.59 65.09 -42.10
C LEU K 1134 -79.20 63.83 -41.48
N ASP K 1135 -79.09 62.73 -42.21
CA ASP K 1135 -79.75 61.47 -41.85
C ASP K 1135 -78.73 60.43 -41.41
N PHE K 1136 -79.14 59.57 -40.48
CA PHE K 1136 -78.31 58.51 -39.93
C PHE K 1136 -78.69 57.13 -40.45
N THR K 1137 -79.54 57.06 -41.46
CA THR K 1137 -80.03 55.77 -41.96
C THR K 1137 -78.94 55.09 -42.78
N ILE K 1138 -79.28 53.94 -43.37
CA ILE K 1138 -78.32 53.23 -44.21
C ILE K 1138 -78.01 54.05 -45.46
N ALA K 1139 -78.97 54.80 -45.97
CA ALA K 1139 -78.72 55.74 -47.06
C ALA K 1139 -78.15 57.02 -46.47
N GLY K 1140 -76.86 57.25 -46.67
CA GLY K 1140 -76.20 58.38 -46.06
C GLY K 1140 -76.58 59.71 -46.70
N THR K 1141 -76.16 60.77 -46.03
CA THR K 1141 -76.42 62.12 -46.52
C THR K 1141 -75.66 62.38 -47.80
N ASP K 1142 -76.26 63.16 -48.71
CA ASP K 1142 -75.64 63.50 -49.98
C ASP K 1142 -75.09 64.92 -49.88
N VAL K 1143 -73.76 65.03 -49.92
CA VAL K 1143 -73.10 66.33 -49.84
C VAL K 1143 -72.67 66.76 -51.24
N ASP K 1144 -72.74 68.06 -51.50
CA ASP K 1144 -72.41 68.61 -52.80
C ASP K 1144 -71.12 69.41 -52.71
N ILE K 1145 -70.21 69.16 -53.64
CA ILE K 1145 -68.93 69.84 -53.71
C ILE K 1145 -68.76 70.43 -55.10
N THR K 1146 -67.72 71.25 -55.26
CA THR K 1146 -67.40 71.90 -56.54
C THR K 1146 -65.93 71.65 -56.82
N VAL K 1147 -65.66 70.67 -57.69
CA VAL K 1147 -64.30 70.26 -58.03
C VAL K 1147 -64.22 70.07 -59.54
N ASN K 1148 -63.10 70.52 -60.12
CA ASN K 1148 -62.86 70.29 -61.52
C ASN K 1148 -62.80 68.78 -61.79
N PRO K 1149 -63.56 68.27 -62.77
CA PRO K 1149 -63.59 66.82 -63.01
C PRO K 1149 -62.26 66.20 -63.38
N TYR K 1150 -61.21 67.03 -63.53
CA TYR K 1150 -59.88 66.50 -63.84
C TYR K 1150 -59.36 65.63 -62.70
N TYR K 1151 -59.63 66.02 -61.46
CA TYR K 1151 -59.11 65.32 -60.29
C TYR K 1151 -60.04 64.19 -59.87
N ARG K 1152 -59.44 63.06 -59.52
CA ARG K 1152 -60.16 61.93 -58.93
C ARG K 1152 -59.82 61.89 -57.45
N LEU K 1153 -60.85 61.87 -56.60
CA LEU K 1153 -60.70 62.12 -55.18
C LEU K 1153 -61.32 61.00 -54.36
N MET K 1154 -60.61 60.59 -53.30
CA MET K 1154 -61.08 59.56 -52.38
C MET K 1154 -60.72 59.97 -50.96
N ALA K 1155 -61.49 59.46 -50.00
CA ALA K 1155 -61.24 59.75 -48.59
C ALA K 1155 -60.13 58.86 -48.04
N PHE K 1156 -59.43 59.38 -47.04
CA PHE K 1156 -58.29 58.68 -46.44
C PHE K 1156 -58.28 58.89 -44.93
N VAL K 1157 -57.54 58.02 -44.25
CA VAL K 1157 -57.42 58.04 -42.79
C VAL K 1157 -55.97 57.83 -42.41
N LYS K 1158 -55.51 58.59 -41.42
CA LYS K 1158 -54.18 58.41 -40.84
C LYS K 1158 -54.33 57.79 -39.45
N ILE K 1159 -53.74 56.62 -39.27
CA ILE K 1159 -53.75 55.91 -37.98
C ILE K 1159 -52.31 55.67 -37.57
N ASP K 1160 -51.99 56.04 -36.32
CA ASP K 1160 -50.63 55.95 -35.78
C ASP K 1160 -49.73 56.78 -36.69
N GLY K 1161 -48.68 56.22 -37.27
CA GLY K 1161 -47.83 56.91 -38.22
C GLY K 1161 -48.07 56.55 -39.67
N GLN K 1162 -49.17 55.89 -39.99
CA GLN K 1162 -49.44 55.42 -41.34
C GLN K 1162 -50.80 55.91 -41.79
N TRP K 1163 -50.98 55.97 -43.11
CA TRP K 1163 -52.23 56.37 -43.73
C TRP K 1163 -52.96 55.14 -44.25
N GLN K 1164 -54.25 55.06 -43.93
CA GLN K 1164 -55.08 53.92 -44.30
C GLN K 1164 -56.21 54.36 -45.23
N ILE K 1165 -56.55 53.49 -46.18
CA ILE K 1165 -57.61 53.80 -47.13
C ILE K 1165 -58.97 53.69 -46.45
N ALA K 1166 -59.83 54.68 -46.67
CA ALA K 1166 -61.19 54.63 -46.14
C ALA K 1166 -61.96 53.48 -46.77
N ASN K 1167 -62.87 52.90 -45.99
CA ASN K 1167 -63.63 51.75 -46.47
C ASN K 1167 -64.52 52.15 -47.63
N PRO K 1168 -64.51 51.40 -48.74
CA PRO K 1168 -65.34 51.77 -49.90
C PRO K 1168 -66.83 51.78 -49.63
N ASP K 1169 -67.30 51.07 -48.60
CA ASP K 1169 -68.72 51.12 -48.26
C ASP K 1169 -69.10 52.48 -47.72
N LYS K 1170 -68.22 53.11 -46.93
CA LYS K 1170 -68.57 54.36 -46.26
C LYS K 1170 -68.79 55.50 -47.25
N PHE K 1171 -68.06 55.51 -48.37
CA PHE K 1171 -68.11 56.61 -49.30
C PHE K 1171 -68.28 56.08 -50.72
N GLN K 1172 -69.01 56.85 -51.55
CA GLN K 1172 -69.12 56.55 -52.98
C GLN K 1172 -69.06 57.86 -53.75
N PHE K 1173 -68.13 57.92 -54.71
CA PHE K 1173 -67.94 59.13 -55.53
C PHE K 1173 -68.58 58.95 -56.90
N PHE K 1174 -69.91 59.00 -56.90
CA PHE K 1174 -70.67 58.86 -58.14
C PHE K 1174 -70.90 60.23 -58.76
N SER K 1175 -71.64 60.27 -59.87
CA SER K 1175 -72.06 61.50 -60.54
C SER K 1175 -70.86 62.38 -60.88
N SER K 1176 -70.00 61.85 -61.76
CA SER K 1176 -68.84 62.61 -62.22
C SER K 1176 -69.26 63.80 -63.08
N ASN K 1177 -70.45 63.73 -63.67
CA ASN K 1177 -70.93 64.82 -64.51
C ASN K 1177 -71.57 65.92 -63.66
N THR K 1178 -71.61 67.13 -64.23
CA THR K 1178 -72.18 68.32 -63.59
C THR K 1178 -71.48 68.50 -62.25
N GLY K 1179 -72.19 68.81 -61.16
CA GLY K 1179 -71.59 68.83 -59.85
C GLY K 1179 -71.26 67.42 -59.37
N THR K 1180 -70.13 67.33 -58.69
CA THR K 1180 -69.62 66.03 -58.24
C THR K 1180 -70.44 65.58 -57.04
N LEU K 1181 -71.62 65.01 -57.30
CA LEU K 1181 -72.55 64.59 -56.26
C LEU K 1181 -71.98 63.35 -55.58
N VAL K 1182 -71.36 63.55 -54.42
CA VAL K 1182 -70.59 62.54 -53.73
C VAL K 1182 -70.93 62.56 -52.25
N MET K 1183 -70.16 61.80 -51.47
CA MET K 1183 -70.11 61.92 -50.01
C MET K 1183 -71.37 61.35 -49.34
N ASN K 1184 -71.88 60.26 -49.90
CA ASN K 1184 -72.87 59.48 -49.18
C ASN K 1184 -72.18 58.76 -48.03
N VAL K 1185 -72.26 59.34 -46.83
CA VAL K 1185 -71.46 58.92 -45.69
C VAL K 1185 -72.34 58.16 -44.71
N LYS K 1186 -71.85 57.01 -44.25
CA LYS K 1186 -72.52 56.24 -43.22
C LYS K 1186 -72.03 56.73 -41.85
N LEU K 1187 -72.83 57.58 -41.22
CA LEU K 1187 -72.42 58.23 -39.98
C LEU K 1187 -72.28 57.21 -38.86
N ASP K 1188 -71.24 57.37 -38.04
CA ASP K 1188 -70.96 56.48 -36.93
C ASP K 1188 -70.68 57.30 -35.68
N ILE K 1189 -70.83 56.67 -34.52
CA ILE K 1189 -70.42 57.29 -33.27
C ILE K 1189 -68.92 57.54 -33.27
N ALA K 1190 -68.15 56.57 -33.79
CA ALA K 1190 -66.70 56.72 -33.88
C ALA K 1190 -66.28 57.74 -34.93
N ASP K 1191 -67.21 58.24 -35.76
CA ASP K 1191 -66.85 59.24 -36.75
C ASP K 1191 -66.41 60.54 -36.09
N ARG K 1192 -67.02 60.90 -34.96
CA ARG K 1192 -66.63 62.12 -34.25
C ARG K 1192 -65.23 62.04 -33.67
N TYR K 1193 -64.66 60.83 -33.58
CA TYR K 1193 -63.30 60.66 -33.09
C TYR K 1193 -62.28 60.44 -34.20
N LEU K 1194 -62.74 60.22 -35.43
CA LEU K 1194 -61.84 60.07 -36.56
C LEU K 1194 -61.83 61.33 -37.41
N LEU K 1195 -60.74 61.55 -38.13
CA LEU K 1195 -60.60 62.67 -39.05
C LEU K 1195 -60.47 62.12 -40.46
N TYR K 1196 -61.32 62.63 -41.36
CA TYR K 1196 -61.39 62.15 -42.74
C TYR K 1196 -60.79 63.19 -43.68
N TYR K 1197 -59.75 62.79 -44.38
CA TYR K 1197 -59.09 63.64 -45.37
C TYR K 1197 -59.48 63.18 -46.76
N ILE K 1198 -59.94 64.12 -47.58
CA ILE K 1198 -60.24 63.86 -48.98
C ILE K 1198 -58.96 64.10 -49.78
N ARG K 1199 -58.34 63.02 -50.25
CA ARG K 1199 -57.06 63.07 -50.93
C ARG K 1199 -57.25 63.02 -52.44
N ASP K 1200 -56.14 63.08 -53.16
CA ASP K 1200 -56.12 62.98 -54.61
C ASP K 1200 -55.41 61.69 -55.00
N VAL K 1201 -56.07 60.88 -55.83
CA VAL K 1201 -55.53 59.59 -56.23
C VAL K 1201 -55.23 59.52 -57.71
N GLN K 1202 -55.77 60.44 -58.52
CA GLN K 1202 -55.55 60.40 -59.96
C GLN K 1202 -54.08 60.55 -60.32
N SER K 1203 -53.32 61.30 -59.53
CA SER K 1203 -51.90 61.47 -59.79
C SER K 1203 -51.14 60.20 -59.39
N ARG K 1204 -49.90 60.12 -59.88
CA ARG K 1204 -49.04 59.00 -59.52
C ARG K 1204 -48.76 58.99 -58.02
N ASP K 1205 -48.48 60.15 -57.44
CA ASP K 1205 -48.21 60.28 -56.02
C ASP K 1205 -49.50 60.66 -55.31
N VAL K 1206 -50.01 59.75 -54.48
CA VAL K 1206 -51.20 60.06 -53.68
C VAL K 1206 -50.85 61.14 -52.67
N GLY K 1207 -51.67 62.16 -52.60
CA GLY K 1207 -51.31 63.35 -51.87
C GLY K 1207 -50.63 64.37 -52.77
N PHE K 1208 -50.11 65.42 -52.13
CA PHE K 1208 -49.43 66.52 -52.79
C PHE K 1208 -50.42 67.34 -53.61
N TYR K 1209 -51.65 66.87 -53.68
CA TYR K 1209 -52.76 67.60 -54.28
C TYR K 1209 -53.85 67.65 -53.21
N ILE K 1210 -55.07 68.05 -53.63
CA ILE K 1210 -56.12 68.43 -52.69
C ILE K 1210 -56.21 67.42 -51.55
N GLN K 1211 -56.13 67.92 -50.32
CA GLN K 1211 -56.10 67.11 -49.10
C GLN K 1211 -56.99 67.75 -48.04
N HIS K 1212 -58.21 68.06 -48.45
CA HIS K 1212 -59.13 68.79 -47.57
C HIS K 1212 -59.68 67.88 -46.49
N PRO K 1213 -59.48 68.21 -45.21
CA PRO K 1213 -60.11 67.43 -44.15
C PRO K 1213 -61.59 67.75 -44.02
N LEU K 1214 -62.34 66.77 -43.54
CA LEU K 1214 -63.78 66.92 -43.35
C LEU K 1214 -64.06 67.33 -41.90
N GLN K 1215 -63.73 68.60 -41.61
CA GLN K 1215 -63.95 69.13 -40.28
C GLN K 1215 -65.43 69.26 -39.97
N LEU K 1216 -66.26 69.54 -40.98
CA LEU K 1216 -67.70 69.61 -40.76
C LEU K 1216 -68.25 68.25 -40.34
N LEU K 1217 -67.74 67.17 -40.94
CA LEU K 1217 -68.15 65.83 -40.54
C LEU K 1217 -67.76 65.53 -39.10
N ASN K 1218 -66.68 66.13 -38.62
CA ASN K 1218 -66.26 65.91 -37.23
C ASN K 1218 -67.24 66.52 -36.24
N THR K 1219 -67.85 67.65 -36.60
CA THR K 1219 -68.78 68.36 -35.72
C THR K 1219 -70.20 68.05 -36.20
N ILE K 1220 -70.76 66.95 -35.69
CA ILE K 1220 -72.12 66.53 -36.03
C ILE K 1220 -72.88 66.22 -34.74
N THR K 1221 -74.12 66.70 -34.68
CA THR K 1221 -74.98 66.40 -33.54
C THR K 1221 -75.51 64.97 -33.66
N LEU K 1222 -75.73 64.32 -32.52
CA LEU K 1222 -76.23 62.95 -32.46
C LEU K 1222 -77.62 62.94 -31.84
N PRO K 1223 -78.67 63.08 -32.63
CA PRO K 1223 -80.03 62.96 -32.09
C PRO K 1223 -80.29 61.55 -31.57
N THR K 1224 -81.15 61.48 -30.56
CA THR K 1224 -81.48 60.22 -29.90
C THR K 1224 -82.79 59.62 -30.42
N ASN K 1225 -83.31 60.14 -31.53
CA ASN K 1225 -84.56 59.62 -32.07
C ASN K 1225 -84.40 58.31 -32.82
N GLU K 1226 -83.22 58.04 -33.39
CA GLU K 1226 -83.02 56.91 -34.26
C GLU K 1226 -81.75 56.17 -33.86
N ASP K 1227 -81.72 54.87 -34.16
CA ASP K 1227 -80.54 54.05 -33.91
C ASP K 1227 -79.35 54.57 -34.70
N LEU K 1228 -78.17 54.50 -34.10
CA LEU K 1228 -76.94 55.00 -34.69
C LEU K 1228 -75.88 53.91 -34.73
N PHE K 1229 -75.22 53.77 -35.88
CA PHE K 1229 -74.15 52.79 -36.03
C PHE K 1229 -72.90 53.27 -35.30
N LEU K 1230 -72.00 52.33 -35.03
CA LEU K 1230 -70.76 52.63 -34.34
C LEU K 1230 -69.74 51.55 -34.65
N SER K 1231 -68.48 51.82 -34.30
CA SER K 1231 -67.40 50.86 -34.45
C SER K 1231 -66.26 51.29 -33.56
N ALA K 1232 -65.26 50.43 -33.44
CA ALA K 1232 -64.08 50.76 -32.66
C ALA K 1232 -63.22 51.76 -33.44
N PRO K 1233 -62.92 52.94 -32.87
CA PRO K 1233 -62.06 53.89 -33.60
C PRO K 1233 -60.67 53.34 -33.88
N ASP K 1234 -60.14 52.48 -33.01
CA ASP K 1234 -58.79 51.96 -33.18
C ASP K 1234 -58.73 50.62 -32.48
N MET K 1235 -57.69 49.83 -32.80
CA MET K 1235 -57.54 48.50 -32.24
C MET K 1235 -57.45 48.51 -30.71
N ARG K 1236 -57.07 49.65 -30.12
CA ARG K 1236 -57.01 49.74 -28.67
C ARG K 1236 -58.40 49.71 -28.07
N GLU K 1237 -58.48 49.49 -26.76
CA GLU K 1237 -59.75 49.45 -26.07
C GLU K 1237 -60.40 50.82 -26.05
N TRP K 1238 -61.71 50.86 -26.29
CA TRP K 1238 -62.49 52.09 -26.32
C TRP K 1238 -63.74 51.89 -25.49
N ALA K 1239 -63.78 52.51 -24.31
CA ALA K 1239 -64.97 52.42 -23.46
C ALA K 1239 -66.13 53.18 -24.09
N VAL K 1240 -67.33 52.68 -23.88
CA VAL K 1240 -68.56 53.28 -24.41
C VAL K 1240 -69.37 53.81 -23.24
N LYS K 1241 -69.74 55.09 -23.31
CA LYS K 1241 -70.51 55.74 -22.26
C LYS K 1241 -71.88 56.11 -22.78
N GLU K 1242 -72.92 55.63 -22.09
CA GLU K 1242 -74.30 56.00 -22.37
C GLU K 1242 -74.84 56.77 -21.18
N SER K 1243 -75.26 58.01 -21.42
CA SER K 1243 -75.63 58.95 -20.35
C SER K 1243 -74.45 59.03 -19.40
N GLY K 1244 -74.62 58.76 -18.10
CA GLY K 1244 -73.50 58.73 -17.19
C GLY K 1244 -73.15 57.32 -16.75
N ASN K 1245 -73.24 56.37 -17.67
CA ASN K 1245 -73.02 54.96 -17.37
C ASN K 1245 -72.09 54.35 -18.40
N THR K 1246 -71.17 53.50 -17.94
CA THR K 1246 -70.27 52.75 -18.81
C THR K 1246 -70.94 51.41 -19.11
N ILE K 1247 -71.64 51.33 -20.24
CA ILE K 1247 -72.42 50.14 -20.54
C ILE K 1247 -71.51 48.95 -20.86
N CYS K 1248 -70.45 49.18 -21.64
CA CYS K 1248 -69.54 48.09 -22.02
C CYS K 1248 -68.27 48.68 -22.59
N ILE K 1249 -67.27 47.82 -22.74
CA ILE K 1249 -65.98 48.18 -23.35
C ILE K 1249 -65.90 47.48 -24.71
N LEU K 1250 -65.58 48.25 -25.75
CA LEU K 1250 -65.64 47.71 -27.10
C LEU K 1250 -64.60 46.63 -27.34
N ASN K 1251 -63.34 46.91 -27.02
CA ASN K 1251 -62.23 46.04 -27.41
C ASN K 1251 -61.57 45.36 -26.21
N SER K 1252 -62.34 45.03 -25.19
CA SER K 1252 -61.83 44.24 -24.08
C SER K 1252 -61.54 42.81 -24.55
N PRO K 1253 -60.62 42.11 -23.88
CA PRO K 1253 -60.33 40.72 -24.26
C PRO K 1253 -61.57 39.85 -24.24
N GLY K 1254 -62.27 39.82 -23.10
CA GLY K 1254 -63.55 39.14 -23.03
C GLY K 1254 -64.69 40.10 -23.28
N PHE K 1255 -65.20 40.12 -24.51
CA PHE K 1255 -66.23 41.06 -24.92
C PHE K 1255 -67.54 40.32 -25.15
N ILE K 1256 -68.57 40.69 -24.39
CA ILE K 1256 -69.92 40.17 -24.55
C ILE K 1256 -70.81 41.33 -25.00
N PRO K 1257 -71.20 41.41 -26.27
CA PRO K 1257 -72.03 42.51 -26.73
C PRO K 1257 -73.37 42.54 -26.00
N PRO K 1258 -73.92 43.73 -25.75
CA PRO K 1258 -75.22 43.81 -25.08
C PRO K 1258 -76.30 43.14 -25.91
N GLN K 1259 -77.28 42.54 -25.21
CA GLN K 1259 -78.34 41.81 -25.88
C GLN K 1259 -79.21 42.73 -26.73
N ASP K 1260 -79.25 44.02 -26.39
CA ASP K 1260 -80.07 44.97 -27.13
C ASP K 1260 -79.45 45.34 -28.48
N TRP K 1261 -78.13 45.22 -28.60
CA TRP K 1261 -77.46 45.67 -29.81
C TRP K 1261 -77.73 44.72 -30.98
N ASP K 1262 -77.61 45.28 -32.19
CA ASP K 1262 -77.75 44.52 -33.43
C ASP K 1262 -76.53 44.74 -34.29
N VAL K 1263 -76.04 43.67 -34.91
CA VAL K 1263 -74.82 43.71 -35.69
C VAL K 1263 -75.14 43.92 -37.15
N LEU K 1264 -74.43 44.85 -37.79
CA LEU K 1264 -74.59 45.10 -39.22
C LEU K 1264 -73.96 43.98 -40.02
N THR K 1265 -74.57 43.70 -41.18
CA THR K 1265 -74.08 42.62 -42.03
C THR K 1265 -72.67 42.91 -42.56
N ASP K 1266 -72.41 44.15 -42.96
CA ASP K 1266 -71.12 44.54 -43.51
C ASP K 1266 -70.54 45.68 -42.68
N THR K 1267 -69.24 45.62 -42.43
CA THR K 1267 -68.58 46.61 -41.59
C THR K 1267 -68.51 47.96 -42.29
N ILE K 1268 -68.42 49.02 -41.48
CA ILE K 1268 -68.29 50.37 -41.99
C ILE K 1268 -66.93 50.98 -41.66
N SER K 1269 -66.27 50.53 -40.60
CA SER K 1269 -64.98 51.09 -40.21
C SER K 1269 -63.92 50.81 -41.28
N TRP K 1270 -62.84 51.59 -41.21
CA TRP K 1270 -61.77 51.45 -42.20
C TRP K 1270 -61.13 50.07 -42.13
N SER K 1271 -60.92 49.55 -40.93
CA SER K 1271 -60.39 48.20 -40.78
C SER K 1271 -61.49 47.19 -40.99
N PRO K 1272 -61.37 46.29 -41.98
CA PRO K 1272 -62.43 45.30 -42.21
C PRO K 1272 -62.68 44.38 -41.04
N SER K 1273 -61.65 44.08 -40.24
CA SER K 1273 -61.82 43.16 -39.12
C SER K 1273 -62.75 43.74 -38.07
N LEU K 1274 -62.66 45.05 -37.82
CA LEU K 1274 -63.48 45.66 -36.77
C LEU K 1274 -64.95 45.60 -37.15
N PRO K 1275 -65.82 45.16 -36.24
CA PRO K 1275 -67.24 45.03 -36.57
C PRO K 1275 -67.97 46.36 -36.48
N THR K 1276 -69.26 46.31 -36.79
CA THR K 1276 -70.15 47.46 -36.71
C THR K 1276 -71.45 47.04 -36.04
N TYR K 1277 -71.87 47.78 -35.02
CA TYR K 1277 -73.07 47.47 -34.27
C TYR K 1277 -74.11 48.56 -34.48
N VAL K 1278 -75.33 48.28 -34.04
CA VAL K 1278 -76.45 49.23 -34.12
C VAL K 1278 -76.99 49.39 -32.70
N VAL K 1279 -76.58 50.45 -32.02
CA VAL K 1279 -77.04 50.70 -30.66
C VAL K 1279 -78.47 51.23 -30.70
N PRO K 1280 -79.33 50.86 -29.76
CA PRO K 1280 -80.67 51.47 -29.67
C PRO K 1280 -80.57 52.98 -29.54
N PRO K 1281 -81.67 53.70 -29.79
CA PRO K 1281 -81.61 55.18 -29.76
C PRO K 1281 -81.02 55.75 -28.48
N GLY K 1282 -80.15 56.74 -28.62
CA GLY K 1282 -79.60 57.43 -27.48
C GLY K 1282 -78.25 56.96 -26.99
N ASP K 1283 -77.27 56.83 -27.89
CA ASP K 1283 -75.90 56.59 -27.48
C ASP K 1283 -75.10 57.89 -27.52
N TYR K 1284 -73.98 57.88 -26.79
CA TYR K 1284 -73.25 59.12 -26.53
C TYR K 1284 -71.73 58.92 -26.60
N THR K 1285 -70.99 59.89 -26.06
CA THR K 1285 -69.55 59.98 -26.29
C THR K 1285 -68.81 58.76 -25.74
N LEU K 1286 -67.75 58.37 -26.42
CA LEU K 1286 -66.86 57.31 -26.00
C LEU K 1286 -65.70 57.86 -25.17
N THR K 1287 -64.77 56.97 -24.82
CA THR K 1287 -63.57 57.35 -24.08
C THR K 1287 -62.44 56.37 -24.36
N PRO K 1288 -61.30 56.85 -24.87
CA PRO K 1288 -60.17 55.95 -25.10
C PRO K 1288 -59.73 55.26 -23.82
N LEU K 1289 -59.30 54.00 -23.96
CA LEU K 1289 -58.81 53.19 -22.86
C LEU K 1289 -59.85 52.98 -21.76
N ALA L 2 -53.47 7.26 50.50
CA ALA L 2 -52.50 6.38 51.14
C ALA L 2 -51.12 6.53 50.50
N ASN L 3 -50.09 6.35 51.32
CA ASN L 3 -48.69 6.44 50.86
C ASN L 3 -47.98 5.16 51.29
N VAL L 4 -47.87 4.20 50.37
CA VAL L 4 -47.24 2.93 50.69
C VAL L 4 -45.75 3.13 50.99
N TRP L 5 -45.01 3.67 50.03
CA TRP L 5 -43.61 4.05 50.24
C TRP L 5 -43.35 5.24 49.32
N GLY L 6 -43.56 6.45 49.84
CA GLY L 6 -43.38 7.65 49.07
C GLY L 6 -44.24 7.75 47.82
N VAL L 7 -45.09 6.75 47.59
CA VAL L 7 -45.97 6.70 46.42
C VAL L 7 -47.36 7.12 46.87
N ARG L 8 -47.74 8.36 46.56
CA ARG L 8 -49.05 8.86 46.94
C ARG L 8 -50.12 8.26 46.03
N LEU L 9 -51.29 8.02 46.61
CA LEU L 9 -52.40 7.40 45.89
C LEU L 9 -53.62 8.32 45.94
N ALA L 10 -54.36 8.37 44.84
CA ALA L 10 -55.58 9.15 44.79
C ALA L 10 -56.64 8.57 45.71
N ASP L 11 -57.49 9.44 46.23
CA ASP L 11 -58.51 9.01 47.18
C ASP L 11 -59.56 8.12 46.51
N SER L 12 -59.87 8.38 45.25
CA SER L 12 -60.95 7.67 44.58
C SER L 12 -60.52 6.25 44.21
N LEU L 13 -61.52 5.43 43.89
CA LEU L 13 -61.32 4.06 43.45
C LEU L 13 -62.08 3.83 42.15
N SER L 14 -61.48 3.08 41.23
CA SER L 14 -62.11 2.80 39.96
C SER L 14 -61.51 1.53 39.37
N SER L 15 -62.33 0.82 38.59
CA SER L 15 -61.91 -0.44 37.98
C SER L 15 -62.84 -0.74 36.82
N PRO L 16 -62.33 -1.36 35.75
CA PRO L 16 -63.22 -1.74 34.64
C PRO L 16 -64.23 -2.80 35.07
N THR L 17 -65.40 -2.77 34.43
CA THR L 17 -66.51 -3.63 34.82
C THR L 17 -67.03 -4.52 33.69
N ILE L 18 -66.66 -4.26 32.44
CA ILE L 18 -67.17 -5.02 31.31
C ILE L 18 -65.98 -5.67 30.59
N GLU L 19 -66.10 -6.97 30.33
CA GLU L 19 -65.05 -7.75 29.71
C GLU L 19 -65.56 -8.28 28.36
N THR L 20 -64.75 -8.10 27.32
CA THR L 20 -65.14 -8.52 25.98
C THR L 20 -65.01 -10.03 25.84
N ARG L 21 -65.93 -10.59 25.05
CA ARG L 21 -65.87 -12.02 24.75
C ARG L 21 -64.67 -12.36 23.87
N THR L 22 -64.08 -13.51 24.13
CA THR L 22 -62.89 -13.93 23.41
C THR L 22 -63.22 -14.29 21.97
N ARG L 23 -62.31 -13.96 21.06
CA ARG L 23 -62.46 -14.25 19.64
C ARG L 23 -61.47 -15.33 19.27
N HIS L 24 -61.97 -16.48 18.81
CA HIS L 24 -61.11 -17.61 18.49
C HIS L 24 -60.35 -17.34 17.19
N TYR L 25 -59.08 -17.75 17.16
CA TYR L 25 -58.25 -17.53 15.99
C TYR L 25 -58.72 -18.41 14.84
N THR L 26 -58.85 -17.83 13.66
CA THR L 26 -59.29 -18.54 12.47
C THR L 26 -58.25 -18.44 11.38
N LEU L 27 -58.39 -19.29 10.36
CA LEU L 27 -57.39 -19.37 9.31
C LEU L 27 -57.40 -18.11 8.46
N HIS L 28 -58.60 -17.56 8.20
CA HIS L 28 -58.70 -16.30 7.48
C HIS L 28 -58.03 -15.18 8.26
N ASP L 29 -58.16 -15.18 9.58
CA ASP L 29 -57.46 -14.18 10.40
C ASP L 29 -55.95 -14.35 10.29
N PHE L 30 -55.48 -15.59 10.28
CA PHE L 30 -54.04 -15.83 10.13
C PHE L 30 -53.53 -15.30 8.80
N TYR L 31 -54.28 -15.54 7.71
CA TYR L 31 -53.88 -15.00 6.42
C TYR L 31 -53.96 -13.48 6.39
N SER L 32 -54.95 -12.89 7.04
CA SER L 32 -55.04 -11.43 7.11
C SER L 32 -53.84 -10.84 7.84
N ASP L 33 -53.42 -11.47 8.94
CA ASP L 33 -52.22 -11.03 9.63
C ASP L 33 -50.99 -11.18 8.75
N LEU L 34 -50.92 -12.29 8.00
CA LEU L 34 -49.75 -12.52 7.15
C LEU L 34 -49.72 -11.57 5.96
N ASP L 35 -50.87 -11.02 5.56
CA ASP L 35 -50.89 -10.07 4.45
C ASP L 35 -50.08 -8.83 4.76
N ALA L 36 -49.99 -8.44 6.03
CA ALA L 36 -49.30 -7.22 6.46
C ALA L 36 -49.88 -6.00 5.74
N SER L 37 -51.20 -5.84 5.88
CA SER L 37 -51.87 -4.68 5.30
C SER L 37 -51.49 -3.42 6.05
N VAL L 38 -51.79 -2.27 5.45
CA VAL L 38 -51.38 -0.99 6.03
C VAL L 38 -52.02 -0.78 7.39
N GLY L 39 -53.29 -1.19 7.55
CA GLY L 39 -53.99 -0.94 8.80
C GLY L 39 -53.84 -2.05 9.82
N LYS L 40 -53.42 -3.24 9.41
CA LYS L 40 -53.37 -4.40 10.29
C LYS L 40 -51.97 -5.04 10.31
N GLU L 41 -50.94 -4.20 10.44
CA GLU L 41 -49.59 -4.73 10.59
C GLU L 41 -49.45 -5.37 11.96
N PRO L 42 -48.84 -6.56 12.06
CA PRO L 42 -48.63 -7.18 13.38
C PRO L 42 -47.57 -6.49 14.24
N TRP L 43 -46.93 -5.44 13.73
CA TRP L 43 -45.90 -4.72 14.47
C TRP L 43 -46.35 -3.29 14.71
N ARG L 44 -46.20 -2.82 15.94
CA ARG L 44 -46.51 -1.44 16.29
C ARG L 44 -45.23 -0.71 16.64
N PRO L 45 -44.84 0.31 15.89
CA PRO L 45 -43.58 1.01 16.18
C PRO L 45 -43.66 1.81 17.46
N LEU L 46 -42.50 1.95 18.11
CA LEU L 46 -42.35 2.76 19.31
C LEU L 46 -41.39 3.90 19.02
N ARG L 47 -41.72 5.09 19.50
CA ARG L 47 -41.01 6.31 19.17
C ARG L 47 -40.36 6.90 20.42
N ASN L 48 -39.12 7.31 20.29
CA ASN L 48 -38.46 8.05 21.37
C ASN L 48 -39.17 9.37 21.60
N GLN L 49 -39.35 9.72 22.88
CA GLN L 49 -40.19 10.86 23.21
C GLN L 49 -39.51 12.19 22.91
N ARG L 50 -38.20 12.28 23.14
CA ARG L 50 -37.52 13.56 23.02
C ARG L 50 -37.41 14.02 21.57
N THR L 51 -36.97 13.13 20.68
CA THR L 51 -36.66 13.51 19.31
C THR L 51 -37.49 12.77 18.25
N ASN L 52 -38.35 11.85 18.64
CA ASN L 52 -39.35 11.25 17.75
C ASN L 52 -38.70 10.53 16.56
N GLU L 53 -37.97 9.47 16.87
CA GLU L 53 -37.57 8.49 15.87
C GLU L 53 -37.89 7.10 16.39
N ILE L 54 -38.19 6.19 15.46
CA ILE L 54 -38.59 4.85 15.82
C ILE L 54 -37.37 4.08 16.31
N VAL L 55 -37.47 3.53 17.52
CA VAL L 55 -36.35 2.79 18.12
C VAL L 55 -36.70 1.35 18.43
N ALA L 56 -37.97 0.99 18.54
CA ALA L 56 -38.35 -0.38 18.86
C ALA L 56 -39.74 -0.66 18.31
N VAL L 57 -40.07 -1.94 18.20
CA VAL L 57 -41.37 -2.39 17.73
C VAL L 57 -41.95 -3.36 18.74
N GLN L 58 -43.27 -3.50 18.72
CA GLN L 58 -44.01 -4.39 19.60
C GLN L 58 -44.67 -5.47 18.76
N LEU L 59 -44.47 -6.72 19.14
CA LEU L 59 -44.96 -7.86 18.37
C LEU L 59 -46.31 -8.35 18.91
N PHE L 60 -47.27 -8.49 18.02
CA PHE L 60 -48.64 -8.86 18.35
C PHE L 60 -48.78 -10.39 18.28
N ARG L 61 -50.03 -10.88 18.19
CA ARG L 61 -50.30 -12.32 18.26
C ARG L 61 -49.44 -13.16 17.31
N PRO L 62 -49.30 -12.84 16.03
CA PRO L 62 -48.30 -13.52 15.21
C PRO L 62 -46.94 -12.86 15.42
N LEU L 63 -45.91 -13.50 14.86
CA LEU L 63 -44.54 -13.02 15.01
C LEU L 63 -44.08 -13.04 16.47
N GLN L 64 -44.70 -13.91 17.27
CA GLN L 64 -44.47 -13.95 18.71
C GLN L 64 -43.66 -15.16 19.13
N GLY L 65 -43.16 -15.93 18.17
CA GLY L 65 -42.35 -17.11 18.45
C GLY L 65 -40.86 -16.91 18.27
N LEU L 66 -40.38 -15.67 18.18
CA LEU L 66 -38.96 -15.40 17.99
C LEU L 66 -38.21 -15.66 19.29
N VAL L 67 -37.61 -16.84 19.42
CA VAL L 67 -36.96 -17.28 20.65
C VAL L 67 -35.46 -17.41 20.51
N PHE L 68 -34.92 -17.32 19.30
CA PHE L 68 -33.49 -17.50 19.09
C PHE L 68 -32.77 -16.16 19.20
N ASP L 69 -31.47 -16.17 18.93
CA ASP L 69 -30.66 -14.96 19.02
C ASP L 69 -31.06 -13.98 17.93
N THR L 70 -30.88 -12.69 18.23
CA THR L 70 -31.29 -11.65 17.29
C THR L 70 -30.39 -11.60 16.06
N GLN L 71 -29.14 -12.06 16.18
CA GLN L 71 -28.24 -12.07 15.03
C GLN L 71 -28.51 -13.21 14.07
N LEU L 72 -29.20 -14.27 14.53
CA LEU L 72 -29.49 -15.39 13.64
C LEU L 72 -30.53 -15.02 12.59
N TYR L 73 -31.48 -14.15 12.95
CA TYR L 73 -32.51 -13.75 12.00
C TYR L 73 -31.96 -12.82 10.92
N GLY L 74 -30.91 -12.06 11.25
CA GLY L 74 -30.34 -11.13 10.29
C GLY L 74 -31.25 -9.99 9.93
N PHE L 75 -31.91 -9.38 10.91
CA PHE L 75 -32.81 -8.27 10.64
C PHE L 75 -32.02 -7.05 10.18
N PRO L 76 -32.60 -6.23 9.29
CA PRO L 76 -31.85 -5.08 8.75
C PRO L 76 -31.38 -4.09 9.82
N GLY L 77 -32.17 -3.87 10.86
CA GLY L 77 -31.81 -2.91 11.89
C GLY L 77 -32.35 -1.52 11.69
N THR L 78 -33.13 -1.28 10.64
CA THR L 78 -33.79 0.00 10.41
C THR L 78 -35.26 -0.28 10.10
N PHE L 79 -36.14 0.60 10.59
CA PHE L 79 -37.56 0.28 10.63
C PHE L 79 -38.15 0.02 9.25
N SER L 80 -37.80 0.86 8.27
CA SER L 80 -38.37 0.69 6.94
C SER L 80 -37.86 -0.58 6.26
N GLN L 81 -36.53 -0.79 6.30
CA GLN L 81 -35.96 -2.01 5.73
C GLN L 81 -36.46 -3.24 6.47
N TRP L 82 -36.57 -3.15 7.80
CA TRP L 82 -37.13 -4.26 8.58
C TRP L 82 -38.57 -4.56 8.14
N GLU L 83 -39.37 -3.53 7.94
CA GLU L 83 -40.75 -3.73 7.52
C GLU L 83 -40.82 -4.42 6.16
N GLN L 84 -40.00 -3.94 5.20
CA GLN L 84 -40.01 -4.55 3.88
C GLN L 84 -39.56 -6.01 3.93
N PHE L 85 -38.48 -6.28 4.65
CA PHE L 85 -37.96 -7.63 4.80
C PHE L 85 -39.01 -8.56 5.41
N MET L 86 -39.63 -8.13 6.50
CA MET L 86 -40.57 -9.01 7.18
C MET L 86 -41.84 -9.18 6.36
N LYS L 87 -42.26 -8.14 5.63
CA LYS L 87 -43.40 -8.28 4.73
C LYS L 87 -43.14 -9.35 3.68
N GLU L 88 -41.95 -9.31 3.06
CA GLU L 88 -41.68 -10.30 2.01
C GLU L 88 -41.57 -11.71 2.59
N LYS L 89 -40.95 -11.86 3.77
CA LYS L 89 -40.86 -13.18 4.38
C LYS L 89 -42.24 -13.73 4.74
N LEU L 90 -43.09 -12.88 5.34
CA LEU L 90 -44.43 -13.33 5.67
C LEU L 90 -45.26 -13.63 4.43
N ARG L 91 -45.03 -12.90 3.33
CA ARG L 91 -45.72 -13.23 2.09
C ARG L 91 -45.32 -14.61 1.58
N VAL L 92 -44.03 -14.92 1.64
CA VAL L 92 -43.57 -16.25 1.21
C VAL L 92 -44.20 -17.34 2.07
N LEU L 93 -44.18 -17.15 3.39
CA LEU L 93 -44.77 -18.16 4.28
C LEU L 93 -46.27 -18.30 4.02
N LYS L 94 -46.96 -17.18 3.78
CA LYS L 94 -48.37 -17.22 3.48
C LYS L 94 -48.64 -18.00 2.20
N TYR L 95 -47.84 -17.77 1.17
CA TYR L 95 -48.06 -18.49 -0.07
C TYR L 95 -47.83 -19.99 0.12
N GLU L 96 -46.85 -20.37 0.94
CA GLU L 96 -46.65 -21.79 1.23
C GLU L 96 -47.87 -22.38 1.93
N VAL L 97 -48.35 -21.73 2.99
CA VAL L 97 -49.46 -22.30 3.76
C VAL L 97 -50.75 -22.30 2.93
N LEU L 98 -50.93 -21.32 2.04
CA LEU L 98 -52.02 -21.42 1.06
C LEU L 98 -51.82 -22.61 0.14
N ARG L 99 -50.60 -22.89 -0.30
CA ARG L 99 -50.38 -24.01 -1.20
C ARG L 99 -50.81 -25.33 -0.55
N ILE L 100 -50.48 -25.52 0.73
CA ILE L 100 -50.87 -26.77 1.35
C ILE L 100 -52.31 -26.71 1.87
N TYR L 101 -52.73 -25.59 2.43
CA TYR L 101 -54.11 -25.44 2.89
C TYR L 101 -54.86 -24.48 1.99
N PRO L 102 -55.67 -24.96 1.04
CA PRO L 102 -56.53 -24.06 0.26
C PRO L 102 -57.57 -23.40 1.15
N ILE L 103 -57.91 -22.16 0.82
CA ILE L 103 -58.90 -21.44 1.61
C ILE L 103 -60.32 -21.81 1.22
N SER L 104 -60.53 -22.39 0.04
CA SER L 104 -61.87 -22.77 -0.38
C SER L 104 -62.40 -23.97 0.40
N THR L 105 -61.57 -24.62 1.20
CA THR L 105 -61.98 -25.79 1.97
C THR L 105 -61.87 -25.58 3.47
N TYR L 106 -60.87 -24.83 3.93
CA TYR L 106 -60.63 -24.65 5.36
C TYR L 106 -60.86 -23.19 5.76
N ASN L 107 -61.94 -22.59 5.24
CA ASN L 107 -62.15 -21.15 5.41
C ASN L 107 -62.33 -20.77 6.87
N HIS L 108 -63.11 -21.54 7.63
CA HIS L 108 -63.51 -21.16 8.99
C HIS L 108 -63.00 -22.12 10.05
N ASP L 109 -61.98 -22.91 9.74
CA ASP L 109 -61.40 -23.79 10.75
C ASP L 109 -60.47 -23.00 11.67
N ARG L 110 -60.43 -23.40 12.93
CA ARG L 110 -59.59 -22.73 13.91
C ARG L 110 -58.12 -23.04 13.67
N VAL L 111 -57.26 -22.13 14.11
CA VAL L 111 -55.82 -22.24 13.94
C VAL L 111 -55.18 -22.42 15.31
N ASN L 112 -54.24 -23.36 15.39
CA ASN L 112 -53.52 -23.62 16.62
C ASN L 112 -52.50 -22.52 16.85
N VAL L 113 -52.71 -21.72 17.91
CA VAL L 113 -51.90 -20.53 18.11
C VAL L 113 -50.44 -20.89 18.34
N PHE L 114 -50.17 -21.91 19.16
CA PHE L 114 -48.80 -22.33 19.40
C PHE L 114 -48.13 -22.77 18.11
N VAL L 115 -48.84 -23.55 17.29
CA VAL L 115 -48.27 -24.01 16.03
C VAL L 115 -48.01 -22.84 15.09
N ALA L 116 -48.92 -21.88 15.04
CA ALA L 116 -48.71 -20.72 14.17
C ALA L 116 -47.49 -19.92 14.59
N ASN L 117 -47.37 -19.64 15.89
CA ASN L 117 -46.23 -18.87 16.38
C ASN L 117 -44.92 -19.63 16.14
N ALA L 118 -44.92 -20.93 16.42
CA ALA L 118 -43.72 -21.73 16.20
C ALA L 118 -43.36 -21.80 14.72
N LEU L 119 -44.36 -21.89 13.85
CA LEU L 119 -44.12 -21.91 12.41
C LEU L 119 -43.46 -20.61 11.95
N VAL L 120 -44.01 -19.48 12.39
CA VAL L 120 -43.44 -18.19 11.99
C VAL L 120 -42.03 -18.05 12.50
N GLY L 121 -41.80 -18.41 13.77
CA GLY L 121 -40.47 -18.30 14.34
C GLY L 121 -39.46 -19.20 13.66
N ALA L 122 -39.86 -20.43 13.34
CA ALA L 122 -38.96 -21.36 12.68
C ALA L 122 -38.63 -20.91 11.27
N PHE L 123 -39.63 -20.42 10.53
CA PHE L 123 -39.37 -19.96 9.17
C PHE L 123 -38.45 -18.74 9.17
N LEU L 124 -38.71 -17.78 10.08
CA LEU L 124 -37.80 -16.64 10.19
C LEU L 124 -36.42 -17.05 10.69
N SER L 125 -36.32 -18.17 11.38
CA SER L 125 -35.04 -18.72 11.81
C SER L 125 -34.44 -19.69 10.80
N ASN L 126 -35.18 -20.02 9.72
CA ASN L 126 -34.72 -20.95 8.70
C ASN L 126 -34.42 -22.32 9.29
N GLN L 127 -35.41 -22.88 10.00
CA GLN L 127 -35.21 -24.11 10.76
C GLN L 127 -36.47 -24.99 10.67
N ALA L 128 -36.50 -25.86 9.66
CA ALA L 128 -37.41 -27.01 9.60
C ALA L 128 -38.86 -26.60 9.91
N PHE L 129 -39.45 -25.83 9.00
CA PHE L 129 -40.81 -25.34 9.23
C PHE L 129 -41.87 -26.31 8.73
N TYR L 130 -41.49 -27.31 7.94
CA TYR L 130 -42.50 -28.12 7.25
C TYR L 130 -43.18 -29.10 8.21
N ASP L 131 -42.48 -29.53 9.27
CA ASP L 131 -43.07 -30.50 10.19
C ASP L 131 -44.26 -29.91 10.93
N LEU L 132 -44.17 -28.65 11.34
CA LEU L 132 -45.22 -28.03 12.14
C LEU L 132 -46.49 -27.77 11.34
N LEU L 133 -46.39 -27.58 10.03
CA LEU L 133 -47.55 -27.13 9.25
C LEU L 133 -48.74 -28.08 9.31
N PRO L 134 -48.59 -29.41 9.22
CA PRO L 134 -49.78 -30.27 9.31
C PRO L 134 -50.51 -30.16 10.63
N LEU L 135 -49.88 -29.64 11.68
CA LEU L 135 -50.51 -29.47 12.98
C LEU L 135 -51.21 -28.12 13.13
N LEU L 136 -51.32 -27.35 12.03
CA LEU L 136 -51.89 -26.01 12.12
C LEU L 136 -53.35 -26.04 12.56
N ILE L 137 -54.13 -26.97 12.02
CA ILE L 137 -55.56 -27.04 12.32
C ILE L 137 -55.77 -27.89 13.56
N VAL L 138 -56.53 -27.37 14.51
CA VAL L 138 -56.78 -28.09 15.76
C VAL L 138 -57.73 -29.25 15.52
N ASN L 139 -57.62 -30.26 16.38
CA ASN L 139 -58.50 -31.42 16.33
C ASN L 139 -59.39 -31.51 17.56
N ASP L 140 -58.80 -31.59 18.75
CA ASP L 140 -59.56 -31.56 20.00
C ASP L 140 -59.24 -30.34 20.84
N THR L 141 -57.97 -30.16 21.23
CA THR L 141 -57.51 -29.00 21.97
C THR L 141 -56.06 -28.74 21.57
N MET L 142 -55.58 -27.54 21.91
CA MET L 142 -54.20 -27.18 21.58
C MET L 142 -53.21 -28.06 22.35
N ILE L 143 -53.36 -28.12 23.67
CA ILE L 143 -52.38 -28.79 24.52
C ILE L 143 -52.37 -30.29 24.25
N SER L 144 -53.55 -30.91 24.19
CA SER L 144 -53.62 -32.34 23.93
C SER L 144 -53.05 -32.68 22.56
N ASP L 145 -53.27 -31.79 21.58
CA ASP L 145 -52.71 -32.02 20.25
C ASP L 145 -51.18 -31.97 20.30
N LEU L 146 -50.61 -31.02 21.04
CA LEU L 146 -49.15 -30.90 21.07
C LEU L 146 -48.48 -31.80 22.10
N LEU L 147 -49.24 -32.54 22.90
CA LEU L 147 -48.64 -33.40 23.92
C LEU L 147 -47.98 -34.60 23.26
N GLY L 148 -46.65 -34.65 23.32
CA GLY L 148 -45.91 -35.81 22.87
C GLY L 148 -45.79 -35.99 21.37
N THR L 149 -45.96 -34.93 20.58
CA THR L 149 -45.88 -35.09 19.13
C THR L 149 -44.43 -35.28 18.68
N GLY L 150 -43.49 -34.55 19.28
CA GLY L 150 -42.08 -34.72 18.99
C GLY L 150 -41.63 -34.21 17.64
N ALA L 151 -42.52 -33.62 16.84
CA ALA L 151 -42.12 -33.19 15.50
C ALA L 151 -41.31 -31.90 15.54
N ALA L 152 -41.64 -30.99 16.45
CA ALA L 152 -41.01 -29.68 16.49
C ALA L 152 -39.65 -29.73 17.17
N LEU L 153 -38.88 -28.66 16.95
CA LEU L 153 -37.64 -28.45 17.71
C LEU L 153 -37.95 -28.21 19.18
N SER L 154 -37.08 -28.71 20.04
CA SER L 154 -37.31 -28.66 21.47
C SER L 154 -37.29 -27.24 22.02
N GLN L 155 -36.69 -26.29 21.30
CA GLN L 155 -36.66 -24.92 21.77
C GLN L 155 -38.05 -24.30 21.82
N PHE L 156 -38.88 -24.57 20.81
CA PHE L 156 -40.19 -23.95 20.74
C PHE L 156 -41.09 -24.42 21.88
N PHE L 157 -41.20 -25.73 22.06
CA PHE L 157 -42.00 -26.25 23.17
C PHE L 157 -41.55 -27.66 23.50
N GLN L 158 -41.86 -28.08 24.74
CA GLN L 158 -41.52 -29.40 25.24
C GLN L 158 -42.74 -30.02 25.92
N SER L 159 -42.73 -31.35 26.01
CA SER L 159 -43.82 -32.10 26.64
C SER L 159 -43.27 -32.80 27.87
N HIS L 160 -43.66 -32.34 29.04
CA HIS L 160 -43.25 -32.96 30.30
C HIS L 160 -44.34 -33.91 30.81
N GLY L 161 -44.62 -34.93 30.00
CA GLY L 161 -45.61 -35.93 30.37
C GLY L 161 -47.03 -35.43 30.28
N GLU L 162 -47.40 -34.49 31.15
CA GLU L 162 -48.75 -33.94 31.18
C GLU L 162 -48.78 -32.43 30.99
N VAL L 163 -47.71 -31.70 31.30
CA VAL L 163 -47.67 -30.25 31.21
C VAL L 163 -46.88 -29.86 29.98
N LEU L 164 -47.46 -29.00 29.15
CA LEU L 164 -46.80 -28.51 27.94
C LEU L 164 -46.04 -27.24 28.27
N GLU L 165 -44.73 -27.25 28.05
CA GLU L 165 -43.87 -26.11 28.31
C GLU L 165 -43.60 -25.39 26.98
N VAL L 166 -44.06 -24.15 26.88
CA VAL L 166 -43.92 -23.36 25.66
C VAL L 166 -43.00 -22.18 25.95
N ALA L 167 -41.97 -22.02 25.12
CA ALA L 167 -41.04 -20.90 25.28
C ALA L 167 -41.75 -19.58 25.00
N ALA L 168 -41.38 -18.55 25.76
CA ALA L 168 -41.97 -17.24 25.62
C ALA L 168 -41.15 -16.41 24.63
N GLY L 169 -41.78 -15.99 23.54
CA GLY L 169 -41.09 -15.21 22.53
C GLY L 169 -40.94 -13.76 22.91
N ARG L 170 -40.11 -13.06 22.13
CA ARG L 170 -39.83 -11.66 22.40
C ARG L 170 -41.07 -10.81 22.14
N LYS L 171 -41.48 -10.04 23.15
CA LYS L 171 -42.57 -9.09 22.96
C LYS L 171 -42.09 -7.85 22.21
N TYR L 172 -40.87 -7.39 22.49
CA TYR L 172 -40.33 -6.19 21.88
C TYR L 172 -39.08 -6.53 21.07
N LEU L 173 -38.87 -5.79 19.99
CA LEU L 173 -37.67 -5.88 19.19
C LEU L 173 -37.11 -4.48 19.00
N GLN L 174 -35.84 -4.31 19.34
CA GLN L 174 -35.19 -2.99 19.32
C GLN L 174 -34.35 -2.84 18.07
N MET L 175 -34.34 -1.62 17.52
CA MET L 175 -33.58 -1.32 16.33
C MET L 175 -32.19 -0.79 16.71
N ASN L 176 -31.43 -0.31 15.73
CA ASN L 176 -30.11 0.24 16.01
C ASN L 176 -30.18 1.60 16.69
N ASN L 177 -31.30 2.31 16.55
CA ASN L 177 -31.44 3.64 17.15
C ASN L 177 -31.48 3.59 18.67
N TYR L 178 -31.78 2.43 19.26
CA TYR L 178 -31.87 2.33 20.71
C TYR L 178 -30.50 2.58 21.33
N SER L 179 -30.46 3.46 22.34
CA SER L 179 -29.20 3.79 22.99
C SER L 179 -29.36 3.91 24.51
N ASN L 180 -30.38 3.28 25.09
CA ASN L 180 -30.63 3.34 26.53
C ASN L 180 -30.79 4.80 27.00
N ASP L 181 -31.39 5.62 26.16
CA ASP L 181 -31.59 7.03 26.49
C ASP L 181 -32.66 7.17 27.57
N ASP L 182 -32.72 8.38 28.15
CA ASP L 182 -33.67 8.63 29.22
C ASP L 182 -35.10 8.57 28.72
N ASP L 183 -35.37 9.08 27.53
CA ASP L 183 -36.71 9.12 26.98
C ASP L 183 -37.00 7.94 26.07
N ASP L 184 -36.10 6.98 25.96
CA ASP L 184 -36.40 5.76 25.23
C ASP L 184 -37.44 4.94 25.99
N PRO L 185 -38.37 4.30 25.29
CA PRO L 185 -39.37 3.48 25.97
C PRO L 185 -38.72 2.30 26.67
N PRO L 186 -39.24 1.91 27.83
CA PRO L 186 -38.68 0.74 28.54
C PRO L 186 -39.17 -0.55 27.88
N LEU L 187 -38.24 -1.44 27.58
CA LEU L 187 -38.57 -2.71 26.96
C LEU L 187 -38.87 -3.81 27.98
N PHE L 188 -38.67 -3.55 29.27
CA PHE L 188 -39.05 -4.46 30.34
C PHE L 188 -38.42 -5.84 30.17
N ALA L 189 -37.16 -5.86 29.72
CA ALA L 189 -36.35 -7.06 29.57
C ALA L 189 -36.97 -8.09 28.62
N LYS L 190 -38.01 -7.71 27.88
CA LYS L 190 -38.63 -8.62 26.93
C LYS L 190 -37.96 -8.59 25.57
N ASP L 191 -36.98 -7.72 25.36
CA ASP L 191 -36.13 -7.78 24.18
C ASP L 191 -35.06 -8.86 24.29
N LEU L 192 -34.93 -9.48 25.45
CA LEU L 192 -33.97 -10.54 25.64
C LEU L 192 -34.47 -11.84 25.02
N SER L 193 -33.53 -12.75 24.76
CA SER L 193 -33.88 -14.01 24.11
C SER L 193 -34.75 -14.89 25.00
N ASP L 194 -34.32 -15.08 26.25
CA ASP L 194 -34.99 -15.99 27.18
C ASP L 194 -35.32 -15.22 28.46
N TYR L 195 -36.51 -14.64 28.52
CA TYR L 195 -36.94 -13.91 29.70
C TYR L 195 -37.94 -14.67 30.55
N ALA L 196 -38.62 -15.68 30.01
CA ALA L 196 -39.59 -16.45 30.78
C ALA L 196 -39.91 -17.74 30.05
N LYS L 197 -40.47 -18.69 30.79
CA LYS L 197 -40.99 -19.94 30.24
C LYS L 197 -42.40 -20.15 30.75
N ALA L 198 -43.29 -20.62 29.88
CA ALA L 198 -44.70 -20.80 30.21
C ALA L 198 -45.03 -22.29 30.19
N PHE L 199 -45.76 -22.74 31.20
CA PHE L 199 -46.18 -24.14 31.33
C PHE L 199 -47.70 -24.19 31.24
N TYR L 200 -48.21 -24.94 30.27
CA TYR L 200 -49.64 -24.97 29.98
C TYR L 200 -50.21 -26.34 30.35
N SER L 201 -51.40 -26.33 30.95
CA SER L 201 -52.13 -27.55 31.25
C SER L 201 -53.59 -27.19 31.49
N ASP L 202 -54.43 -28.23 31.56
CA ASP L 202 -55.87 -28.00 31.69
C ASP L 202 -56.25 -27.50 33.07
N THR L 203 -55.71 -28.11 34.13
CA THR L 203 -56.10 -27.79 35.49
C THR L 203 -54.91 -27.25 36.28
N TYR L 204 -55.21 -26.45 37.30
CA TYR L 204 -54.16 -25.81 38.08
C TYR L 204 -53.49 -26.79 39.03
N GLU L 205 -54.25 -27.79 39.50
CA GLU L 205 -53.68 -28.77 40.43
C GLU L 205 -52.56 -29.57 39.76
N VAL L 206 -52.71 -29.86 38.46
CA VAL L 206 -51.64 -30.54 37.74
C VAL L 206 -50.39 -29.66 37.70
N LEU L 207 -50.56 -28.36 37.51
CA LEU L 207 -49.42 -27.45 37.54
C LEU L 207 -48.76 -27.45 38.92
N ASP L 208 -49.56 -27.47 39.98
CA ASP L 208 -49.00 -27.51 41.33
C ASP L 208 -48.20 -28.80 41.55
N ARG L 209 -48.76 -29.93 41.11
CA ARG L 209 -48.08 -31.21 41.21
C ARG L 209 -46.76 -31.19 40.45
N PHE L 210 -46.78 -30.61 39.25
CA PHE L 210 -45.57 -30.52 38.45
C PHE L 210 -44.52 -29.64 39.11
N PHE L 211 -44.93 -28.50 39.66
CA PHE L 211 -44.00 -27.59 40.30
C PHE L 211 -43.54 -28.08 41.67
N TRP L 212 -44.19 -29.10 42.23
CA TRP L 212 -43.64 -29.73 43.43
C TRP L 212 -42.25 -30.26 43.18
N THR L 213 -42.02 -30.91 42.02
CA THR L 213 -40.72 -31.42 41.67
C THR L 213 -39.90 -30.47 40.81
N HIS L 214 -40.47 -29.33 40.41
CA HIS L 214 -39.71 -28.32 39.69
C HIS L 214 -38.92 -27.46 40.67
N ASP L 215 -37.94 -26.72 40.14
CA ASP L 215 -37.08 -25.91 40.99
C ASP L 215 -37.83 -24.69 41.51
N SER L 216 -38.26 -23.81 40.60
CA SER L 216 -39.07 -22.65 40.94
C SER L 216 -38.40 -21.74 41.96
N SER L 217 -37.07 -21.67 41.93
CA SER L 217 -36.36 -20.74 42.80
C SER L 217 -36.75 -19.30 42.50
N ALA L 218 -36.81 -18.95 41.21
CA ALA L 218 -37.40 -17.68 40.79
C ALA L 218 -38.92 -17.80 40.90
N GLY L 219 -39.53 -16.86 41.62
CA GLY L 219 -40.94 -16.98 41.90
C GLY L 219 -41.77 -17.04 40.62
N VAL L 220 -42.74 -17.96 40.60
CA VAL L 220 -43.61 -18.10 39.45
C VAL L 220 -44.73 -17.08 39.51
N LEU L 221 -45.29 -16.78 38.34
CA LEU L 221 -46.38 -15.82 38.23
C LEU L 221 -47.55 -16.47 37.51
N VAL L 222 -48.75 -16.22 37.99
CA VAL L 222 -49.97 -16.75 37.41
C VAL L 222 -50.93 -15.59 37.16
N HIS L 223 -51.81 -15.76 36.18
CA HIS L 223 -52.65 -14.67 35.68
C HIS L 223 -54.05 -14.67 36.27
N TYR L 224 -54.70 -15.83 36.32
CA TYR L 224 -55.96 -16.13 37.00
C TYR L 224 -57.18 -15.55 36.30
N ASP L 225 -57.05 -14.75 35.25
CA ASP L 225 -58.19 -14.11 34.62
C ASP L 225 -57.97 -14.03 33.13
N LYS L 226 -58.75 -14.80 32.36
CA LYS L 226 -58.65 -14.90 30.91
C LYS L 226 -57.20 -15.09 30.49
N PRO L 227 -56.62 -16.28 30.70
CA PRO L 227 -55.25 -16.49 30.26
C PRO L 227 -55.14 -16.41 28.75
N THR L 228 -53.92 -16.13 28.27
CA THR L 228 -53.70 -15.86 26.86
C THR L 228 -54.20 -17.03 25.99
N ASN L 229 -53.78 -18.25 26.32
CA ASN L 229 -54.21 -19.42 25.57
C ASN L 229 -54.70 -20.55 26.45
N GLY L 230 -54.81 -20.36 27.75
CA GLY L 230 -55.24 -21.40 28.65
C GLY L 230 -54.51 -21.30 29.98
N ASN L 231 -55.03 -22.05 30.96
CA ASN L 231 -54.46 -22.03 32.30
C ASN L 231 -52.98 -22.36 32.25
N HIS L 232 -52.16 -21.41 32.69
CA HIS L 232 -50.71 -21.56 32.57
C HIS L 232 -50.01 -20.84 33.72
N TYR L 233 -48.77 -21.26 33.97
CA TYR L 233 -47.90 -20.64 34.95
C TYR L 233 -46.71 -20.02 34.24
N ILE L 234 -46.26 -18.86 34.73
CA ILE L 234 -45.14 -18.14 34.15
C ILE L 234 -43.96 -18.24 35.10
N LEU L 235 -42.83 -18.72 34.59
CA LEU L 235 -41.60 -18.84 35.36
C LEU L 235 -40.59 -17.80 34.89
N GLY L 236 -40.01 -17.08 35.83
CA GLY L 236 -38.99 -16.10 35.52
C GLY L 236 -37.66 -16.74 35.18
N THR L 237 -36.68 -15.89 34.91
CA THR L 237 -35.33 -16.34 34.56
C THR L 237 -34.34 -15.50 35.35
N LEU L 238 -33.05 -15.65 35.00
CA LEU L 238 -31.98 -14.92 35.67
C LEU L 238 -31.49 -13.72 34.88
N THR L 239 -32.09 -13.43 33.73
CA THR L 239 -31.77 -12.20 33.03
C THR L 239 -32.33 -11.00 33.77
N GLN L 240 -31.71 -9.84 33.57
CA GLN L 240 -32.02 -8.64 34.34
C GLN L 240 -32.19 -7.46 33.41
N MET L 241 -32.93 -6.46 33.89
CA MET L 241 -33.20 -5.24 33.15
C MET L 241 -32.26 -4.14 33.59
N VAL L 242 -31.57 -3.54 32.63
CA VAL L 242 -30.60 -2.47 32.89
C VAL L 242 -31.05 -1.15 32.27
N SER L 243 -32.23 -1.14 31.65
CA SER L 243 -32.71 0.08 30.98
C SER L 243 -32.86 1.23 31.98
N ALA L 244 -33.37 0.95 33.17
CA ALA L 244 -33.38 1.95 34.23
C ALA L 244 -32.00 1.98 34.88
N PRO L 245 -31.27 3.09 34.80
CA PRO L 245 -29.87 3.10 35.24
C PRO L 245 -29.72 2.88 36.74
N PRO L 246 -30.38 3.68 37.60
CA PRO L 246 -30.04 3.60 39.03
C PRO L 246 -30.33 2.25 39.66
N HIS L 247 -31.27 1.49 39.13
CA HIS L 247 -31.72 0.25 39.73
C HIS L 247 -31.58 -0.91 38.76
N ILE L 248 -31.16 -2.06 39.26
CA ILE L 248 -31.04 -3.28 38.49
C ILE L 248 -32.13 -4.24 38.95
N ILE L 249 -33.00 -4.63 38.02
CA ILE L 249 -34.16 -5.46 38.34
C ILE L 249 -34.16 -6.67 37.41
N ASN L 250 -34.51 -7.83 37.96
CA ASN L 250 -34.50 -9.07 37.21
C ASN L 250 -35.81 -9.21 36.42
N ALA L 251 -36.01 -10.38 35.82
CA ALA L 251 -37.14 -10.57 34.91
C ALA L 251 -38.48 -10.54 35.65
N THR L 252 -38.55 -11.21 36.82
CA THR L 252 -39.80 -11.25 37.56
C THR L 252 -40.25 -9.85 37.97
N ASP L 253 -39.31 -9.05 38.46
CA ASP L 253 -39.65 -7.68 38.86
C ASP L 253 -40.12 -6.87 37.66
N ALA L 254 -39.48 -7.05 36.50
CA ALA L 254 -39.90 -6.32 35.31
C ALA L 254 -41.31 -6.71 34.88
N LEU L 255 -41.61 -8.01 34.90
CA LEU L 255 -42.95 -8.47 34.53
C LEU L 255 -44.00 -7.91 35.48
N LEU L 256 -43.72 -7.98 36.79
CA LEU L 256 -44.66 -7.46 37.77
C LEU L 256 -44.84 -5.95 37.60
N LEU L 257 -43.75 -5.24 37.32
CA LEU L 257 -43.82 -3.79 37.14
C LEU L 257 -44.69 -3.44 35.94
N GLU L 258 -44.47 -4.13 34.81
CA GLU L 258 -45.29 -3.85 33.63
C GLU L 258 -46.76 -4.15 33.88
N SER L 259 -47.05 -5.27 34.55
CA SER L 259 -48.44 -5.59 34.86
C SER L 259 -49.06 -4.54 35.77
N CYS L 260 -48.32 -4.09 36.79
CA CYS L 260 -48.82 -3.07 37.70
C CYS L 260 -49.13 -1.78 36.96
N LEU L 261 -48.21 -1.33 36.10
CA LEU L 261 -48.42 -0.07 35.40
C LEU L 261 -49.57 -0.16 34.41
N GLU L 262 -49.68 -1.29 33.70
CA GLU L 262 -50.81 -1.48 32.80
C GLU L 262 -52.13 -1.45 33.55
N GLN L 263 -52.20 -2.12 34.71
CA GLN L 263 -53.43 -2.13 35.48
C GLN L 263 -53.75 -0.76 36.05
N PHE L 264 -52.73 -0.01 36.47
CA PHE L 264 -52.96 1.35 36.95
C PHE L 264 -53.50 2.23 35.85
N ALA L 265 -52.95 2.13 34.64
CA ALA L 265 -53.47 2.90 33.52
C ALA L 265 -54.91 2.52 33.21
N ALA L 266 -55.21 1.23 33.21
CA ALA L 266 -56.58 0.79 32.95
C ALA L 266 -57.55 1.30 34.01
N ASN L 267 -57.13 1.29 35.28
CA ASN L 267 -57.95 1.84 36.35
C ASN L 267 -58.19 3.33 36.16
N VAL L 268 -57.15 4.06 35.75
CA VAL L 268 -57.28 5.50 35.56
C VAL L 268 -58.25 5.80 34.43
N ARG L 269 -58.15 5.07 33.32
CA ARG L 269 -58.98 5.34 32.15
C ARG L 269 -60.29 4.55 32.15
N ALA L 270 -60.63 3.89 33.24
CA ALA L 270 -61.79 3.01 33.26
C ALA L 270 -63.09 3.81 33.12
N ARG L 271 -64.03 3.25 32.36
CA ARG L 271 -65.38 3.79 32.23
C ARG L 271 -66.39 2.67 32.43
N SER L 272 -67.64 3.06 32.67
CA SER L 272 -68.68 2.08 32.94
C SER L 272 -69.07 1.32 31.68
N ALA L 273 -69.18 2.02 30.56
CA ALA L 273 -69.62 1.37 29.32
C ALA L 273 -68.45 0.87 28.48
N GLN L 274 -67.27 1.43 28.66
CA GLN L 274 -66.11 1.02 27.86
C GLN L 274 -65.61 -0.34 28.32
N PRO L 275 -65.55 -1.34 27.45
CA PRO L 275 -65.06 -2.66 27.85
C PRO L 275 -63.56 -2.79 27.67
N VAL L 276 -63.01 -3.85 28.29
CA VAL L 276 -61.59 -4.14 28.24
C VAL L 276 -61.39 -5.60 27.90
N THR L 277 -60.19 -5.94 27.45
CA THR L 277 -59.88 -7.33 27.11
C THR L 277 -59.93 -8.22 28.34
N ARG L 278 -59.39 -7.76 29.46
CA ARG L 278 -59.45 -8.50 30.71
C ARG L 278 -59.52 -7.52 31.86
N LEU L 279 -60.17 -7.95 32.94
CA LEU L 279 -60.45 -7.04 34.04
C LEU L 279 -59.18 -6.58 34.75
N ASP L 280 -58.24 -7.50 34.99
CA ASP L 280 -57.00 -7.16 35.66
C ASP L 280 -55.81 -7.77 34.92
N GLN L 281 -54.71 -7.02 34.90
CA GLN L 281 -53.48 -7.44 34.25
C GLN L 281 -52.43 -7.98 35.22
N CYS L 282 -52.61 -7.75 36.52
CA CYS L 282 -51.55 -8.02 37.48
C CYS L 282 -51.27 -9.51 37.60
N TYR L 283 -50.00 -9.87 37.63
CA TYR L 283 -49.58 -11.22 37.92
C TYR L 283 -49.67 -11.49 39.42
N HIS L 284 -49.81 -12.76 39.78
CA HIS L 284 -49.86 -13.19 41.16
C HIS L 284 -48.74 -14.19 41.41
N LEU L 285 -47.99 -14.00 42.49
CA LEU L 285 -46.87 -14.86 42.84
C LEU L 285 -47.43 -16.09 43.55
N ARG L 286 -47.34 -17.24 42.89
CA ARG L 286 -47.99 -18.45 43.41
C ARG L 286 -47.01 -19.34 44.16
N TRP L 287 -45.73 -19.32 43.78
CA TRP L 287 -44.72 -20.15 44.41
C TRP L 287 -43.42 -19.37 44.52
N GLY L 288 -42.53 -19.85 45.39
CA GLY L 288 -41.20 -19.27 45.51
C GLY L 288 -41.12 -18.02 46.36
N ALA L 289 -42.12 -17.75 47.19
CA ALA L 289 -42.08 -16.58 48.05
C ALA L 289 -41.01 -16.68 49.13
N GLN L 290 -40.56 -17.90 49.46
CA GLN L 290 -39.53 -18.05 50.47
C GLN L 290 -38.22 -17.41 50.03
N TYR L 291 -37.86 -17.58 48.76
CA TYR L 291 -36.62 -17.00 48.26
C TYR L 291 -36.67 -15.48 48.23
N VAL L 292 -37.85 -14.90 48.02
CA VAL L 292 -38.00 -13.45 48.01
C VAL L 292 -37.89 -12.92 49.43
N GLY L 293 -37.06 -11.90 49.62
CA GLY L 293 -36.87 -11.32 50.92
C GLY L 293 -38.06 -10.51 51.39
N GLU L 294 -38.04 -10.19 52.68
CA GLU L 294 -39.13 -9.42 53.26
C GLU L 294 -39.17 -7.99 52.73
N ASP L 295 -37.99 -7.41 52.46
CA ASP L 295 -37.89 -6.05 51.95
C ASP L 295 -37.36 -5.99 50.53
N SER L 296 -37.40 -7.12 49.81
CA SER L 296 -37.00 -7.12 48.41
C SER L 296 -38.02 -6.36 47.57
N LEU L 297 -37.56 -5.88 46.41
CA LEU L 297 -38.44 -5.12 45.52
C LEU L 297 -39.60 -5.96 45.02
N THR L 298 -39.42 -7.29 44.96
CA THR L 298 -40.52 -8.16 44.53
C THR L 298 -41.69 -8.09 45.50
N TYR L 299 -41.40 -8.02 46.80
CA TYR L 299 -42.47 -7.92 47.80
C TYR L 299 -43.28 -6.63 47.62
N ARG L 300 -42.58 -5.51 47.47
CA ARG L 300 -43.28 -4.24 47.28
C ARG L 300 -44.05 -4.21 45.97
N LEU L 301 -43.48 -4.81 44.92
CA LEU L 301 -44.18 -4.88 43.65
C LEU L 301 -45.43 -5.73 43.75
N GLY L 302 -45.38 -6.82 44.52
CA GLY L 302 -46.57 -7.61 44.76
C GLY L 302 -47.62 -6.84 45.53
N VAL L 303 -47.20 -6.06 46.53
CA VAL L 303 -48.14 -5.20 47.25
C VAL L 303 -48.80 -4.22 46.30
N LEU L 304 -48.01 -3.61 45.41
CA LEU L 304 -48.56 -2.65 44.45
C LEU L 304 -49.51 -3.33 43.48
N SER L 305 -49.20 -4.56 43.04
CA SER L 305 -50.10 -5.29 42.17
C SER L 305 -51.42 -5.60 42.87
N LEU L 306 -51.35 -6.00 44.14
CA LEU L 306 -52.56 -6.24 44.91
C LEU L 306 -53.39 -4.97 45.03
N LEU L 307 -52.74 -3.82 45.24
CA LEU L 307 -53.45 -2.56 45.30
C LEU L 307 -54.09 -2.22 43.96
N ALA L 308 -53.36 -2.40 42.86
CA ALA L 308 -53.88 -2.07 41.54
C ALA L 308 -55.04 -2.98 41.14
N THR L 309 -55.05 -4.22 41.63
CA THR L 309 -56.15 -5.12 41.34
C THR L 309 -57.46 -4.60 41.91
N ASN L 310 -57.44 -4.10 43.14
CA ASN L 310 -58.63 -3.68 43.85
C ASN L 310 -59.05 -2.24 43.56
N GLY L 311 -58.52 -1.64 42.50
CA GLY L 311 -59.02 -0.37 42.03
C GLY L 311 -58.30 0.87 42.50
N TYR L 312 -57.10 0.75 43.07
CA TYR L 312 -56.34 1.93 43.44
C TYR L 312 -55.84 2.66 42.19
N GLN L 313 -55.58 3.95 42.34
CA GLN L 313 -55.12 4.80 41.24
C GLN L 313 -53.91 5.60 41.69
N LEU L 314 -52.94 5.72 40.80
CA LEU L 314 -51.73 6.47 41.11
C LEU L 314 -52.02 7.97 41.10
N ALA L 315 -51.43 8.69 42.04
CA ALA L 315 -51.64 10.13 42.13
C ALA L 315 -51.00 10.86 40.96
N ARG L 316 -49.75 10.52 40.65
CA ARG L 316 -49.07 11.17 39.55
C ARG L 316 -49.67 10.74 38.21
N PRO L 317 -49.69 11.64 37.22
CA PRO L 317 -50.21 11.25 35.91
C PRO L 317 -49.28 10.26 35.22
N ILE L 318 -49.88 9.21 34.67
CA ILE L 318 -49.15 8.16 33.98
C ILE L 318 -49.08 8.52 32.49
N PRO L 319 -47.89 8.70 31.92
CA PRO L 319 -47.82 9.02 30.49
C PRO L 319 -48.34 7.87 29.64
N LYS L 320 -48.89 8.22 28.48
CA LYS L 320 -49.42 7.21 27.56
C LYS L 320 -48.31 6.27 27.10
N GLN L 321 -47.15 6.82 26.76
CA GLN L 321 -45.97 6.03 26.41
C GLN L 321 -44.92 6.24 27.49
N LEU L 322 -44.47 5.15 28.10
CA LEU L 322 -43.54 5.23 29.21
C LEU L 322 -42.13 5.56 28.72
N THR L 323 -41.35 6.15 29.62
CA THR L 323 -39.96 6.47 29.36
C THR L 323 -39.09 5.86 30.46
N ASN L 324 -37.78 5.80 30.19
CA ASN L 324 -36.86 5.25 31.18
C ASN L 324 -36.82 6.13 32.43
N ARG L 325 -36.83 7.46 32.25
CA ARG L 325 -36.78 8.36 33.39
C ARG L 325 -37.99 8.16 34.30
N TRP L 326 -39.18 8.07 33.72
CA TRP L 326 -40.40 7.91 34.52
C TRP L 326 -40.38 6.59 35.27
N LEU L 327 -39.97 5.50 34.60
CA LEU L 327 -39.92 4.20 35.28
C LEU L 327 -38.89 4.20 36.40
N SER L 328 -37.74 4.81 36.16
CA SER L 328 -36.71 4.90 37.20
C SER L 328 -37.22 5.71 38.40
N SER L 329 -37.91 6.81 38.13
CA SER L 329 -38.47 7.61 39.21
C SER L 329 -39.51 6.83 40.00
N PHE L 330 -40.37 6.09 39.31
CA PHE L 330 -41.39 5.29 40.00
C PHE L 330 -40.75 4.22 40.87
N VAL L 331 -39.74 3.53 40.35
CA VAL L 331 -39.09 2.48 41.13
C VAL L 331 -38.34 3.08 42.32
N SER L 332 -37.71 4.23 42.12
CA SER L 332 -37.02 4.90 43.22
C SER L 332 -38.01 5.32 44.30
N GLN L 333 -39.19 5.78 43.89
CA GLN L 333 -40.25 6.06 44.85
C GLN L 333 -40.62 4.81 45.63
N VAL L 334 -40.82 3.70 44.92
CA VAL L 334 -41.26 2.46 45.57
C VAL L 334 -40.22 1.98 46.58
N VAL L 335 -38.93 2.02 46.21
CA VAL L 335 -37.88 1.53 47.08
C VAL L 335 -37.71 2.43 48.30
N SER L 336 -38.12 3.70 48.20
CA SER L 336 -37.88 4.68 49.25
C SER L 336 -38.49 4.22 50.58
N ASP L 337 -37.91 4.71 51.66
CA ASP L 337 -38.32 4.28 52.99
C ASP L 337 -39.71 4.80 53.34
N GLY L 338 -40.48 3.97 54.04
CA GLY L 338 -41.81 4.35 54.44
C GLY L 338 -42.51 3.21 55.14
N ILE L 339 -43.82 3.35 55.30
CA ILE L 339 -44.66 2.32 55.91
C ILE L 339 -45.93 2.18 55.07
N ASN L 340 -46.35 0.93 54.87
CA ASN L 340 -47.55 0.64 54.08
C ASN L 340 -48.73 0.61 55.04
N GLU L 341 -49.39 1.76 55.19
CA GLU L 341 -50.54 1.86 56.08
C GLU L 341 -51.83 1.32 55.47
N THR L 342 -51.81 0.97 54.19
CA THR L 342 -52.97 0.34 53.59
C THR L 342 -53.24 -1.01 54.26
N PRO L 343 -54.50 -1.32 54.59
CA PRO L 343 -54.78 -2.62 55.23
C PRO L 343 -54.42 -3.82 54.39
N LEU L 344 -54.22 -3.64 53.08
CA LEU L 344 -53.93 -4.77 52.21
C LEU L 344 -52.50 -5.26 52.40
N TRP L 345 -52.35 -6.57 52.57
CA TRP L 345 -51.05 -7.21 52.61
C TRP L 345 -51.05 -8.40 51.67
N PRO L 346 -49.94 -8.67 50.98
CA PRO L 346 -49.92 -9.78 50.02
C PRO L 346 -50.01 -11.11 50.74
N GLN L 347 -50.76 -12.04 50.13
CA GLN L 347 -50.92 -13.38 50.68
C GLN L 347 -50.70 -14.39 49.58
N GLU L 348 -50.17 -15.56 49.95
CA GLU L 348 -49.70 -16.52 48.96
C GLU L 348 -50.83 -17.37 48.41
N ARG L 349 -51.82 -17.69 49.25
CA ARG L 349 -52.84 -18.67 48.86
C ARG L 349 -53.74 -18.13 47.75
N TYR L 350 -54.12 -16.86 47.80
CA TYR L 350 -55.07 -16.33 46.84
C TYR L 350 -54.92 -14.83 46.74
N VAL L 351 -55.53 -14.27 45.70
CA VAL L 351 -55.65 -12.82 45.55
C VAL L 351 -56.89 -12.38 46.31
N GLN L 352 -56.71 -11.50 47.28
CA GLN L 352 -57.79 -11.07 48.16
C GLN L 352 -58.38 -9.75 47.68
N ILE L 353 -59.71 -9.67 47.65
CA ILE L 353 -60.44 -8.50 47.20
C ILE L 353 -61.19 -7.92 48.40
N ALA L 354 -61.05 -6.62 48.61
CA ALA L 354 -61.74 -5.95 49.70
C ALA L 354 -63.25 -5.93 49.44
N TYR L 355 -64.01 -5.85 50.52
CA TYR L 355 -65.47 -5.82 50.39
C TYR L 355 -65.94 -4.57 49.66
N ASP L 356 -65.32 -3.42 49.95
CA ASP L 356 -65.69 -2.17 49.31
C ASP L 356 -65.01 -1.96 47.96
N SER L 357 -64.15 -2.87 47.54
CA SER L 357 -63.45 -2.70 46.27
C SER L 357 -64.44 -2.77 45.12
N PRO L 358 -64.40 -1.83 44.16
CA PRO L 358 -65.32 -1.85 43.01
C PRO L 358 -64.84 -2.76 41.88
N SER L 359 -64.48 -3.99 42.23
CA SER L 359 -63.98 -4.97 41.27
C SER L 359 -64.94 -6.15 41.21
N VAL L 360 -65.33 -6.52 39.99
CA VAL L 360 -66.23 -7.65 39.78
C VAL L 360 -65.47 -8.85 39.20
N VAL L 361 -64.16 -8.89 39.35
CA VAL L 361 -63.37 -9.99 38.81
C VAL L 361 -63.64 -11.28 39.57
N ASP L 362 -64.05 -11.19 40.84
CA ASP L 362 -64.32 -12.38 41.63
C ASP L 362 -65.47 -13.19 41.04
N GLY L 363 -66.54 -12.51 40.61
CA GLY L 363 -67.65 -13.21 40.01
C GLY L 363 -67.40 -13.62 38.57
N ALA L 364 -66.47 -12.96 37.90
CA ALA L 364 -66.18 -13.28 36.51
C ALA L 364 -65.51 -14.65 36.38
N THR L 365 -64.58 -14.97 37.28
CA THR L 365 -63.86 -16.23 37.26
C THR L 365 -64.31 -17.11 38.42
N GLN L 366 -63.99 -18.40 38.32
CA GLN L 366 -64.38 -19.36 39.34
C GLN L 366 -63.26 -19.67 40.32
N TYR L 367 -62.01 -19.37 39.97
CA TYR L 367 -60.86 -19.74 40.79
C TYR L 367 -59.88 -18.57 40.84
N GLY L 368 -59.36 -18.31 42.04
CA GLY L 368 -58.23 -17.41 42.20
C GLY L 368 -58.51 -16.13 42.97
N TYR L 369 -59.76 -15.83 43.29
CA TYR L 369 -60.11 -14.59 43.96
C TYR L 369 -61.04 -14.87 45.13
N VAL L 370 -60.76 -14.23 46.26
CA VAL L 370 -61.58 -14.35 47.47
C VAL L 370 -61.89 -12.94 47.97
N ARG L 371 -63.16 -12.68 48.26
CA ARG L 371 -63.60 -11.38 48.75
C ARG L 371 -63.75 -11.45 50.27
N ARG L 372 -62.97 -10.64 50.98
CA ARG L 372 -62.95 -10.65 52.44
C ARG L 372 -63.98 -9.65 52.97
N ASN L 373 -64.95 -10.16 53.72
CA ASN L 373 -65.95 -9.27 54.33
C ASN L 373 -65.33 -8.39 55.40
N GLN L 374 -64.41 -8.93 56.20
CA GLN L 374 -63.82 -8.17 57.29
C GLN L 374 -62.90 -7.05 56.80
N LEU L 375 -62.35 -7.18 55.60
CA LEU L 375 -61.44 -6.16 55.06
C LEU L 375 -62.26 -5.09 54.35
N ARG L 376 -62.32 -3.90 54.94
CA ARG L 376 -63.15 -2.82 54.45
C ARG L 376 -62.31 -1.57 54.20
N LEU L 377 -62.63 -0.85 53.13
CA LEU L 377 -61.97 0.40 52.78
C LEU L 377 -62.97 1.54 52.85
N GLY L 378 -62.47 2.71 53.24
CA GLY L 378 -63.32 3.87 53.41
C GLY L 378 -63.27 4.86 52.26
N MET L 379 -62.82 4.40 51.10
CA MET L 379 -62.66 5.28 49.94
C MET L 379 -63.90 5.24 49.06
N ARG L 380 -64.15 6.37 48.39
CA ARG L 380 -65.26 6.48 47.46
C ARG L 380 -64.86 5.91 46.10
N ILE L 381 -65.89 5.66 45.27
CA ILE L 381 -65.70 5.03 43.97
C ILE L 381 -65.95 6.10 42.90
N SER L 382 -64.89 6.47 42.19
CA SER L 382 -64.99 7.39 41.06
C SER L 382 -63.71 7.31 40.26
N ALA L 383 -63.79 7.75 39.01
CA ALA L 383 -62.65 7.72 38.10
C ALA L 383 -61.87 9.02 38.20
N LEU L 384 -60.54 8.90 38.23
CA LEU L 384 -59.69 10.07 38.27
C LEU L 384 -59.80 10.86 36.96
N GLN L 385 -59.85 12.18 37.08
CA GLN L 385 -60.03 13.05 35.92
C GLN L 385 -58.67 13.42 35.34
N SER L 386 -58.51 13.21 34.03
CA SER L 386 -57.26 13.54 33.36
C SER L 386 -57.14 15.05 33.20
N LEU L 387 -55.98 15.59 33.59
CA LEU L 387 -55.72 17.01 33.51
C LEU L 387 -54.38 17.25 32.81
N SER L 388 -54.30 18.37 32.09
CA SER L 388 -53.05 18.74 31.42
C SER L 388 -52.16 19.52 32.37
N ASP L 389 -50.86 19.30 32.25
CA ASP L 389 -49.89 20.00 33.08
C ASP L 389 -49.87 21.48 32.74
N THR L 390 -49.70 22.31 33.77
CA THR L 390 -49.68 23.76 33.55
C THR L 390 -48.25 24.26 33.52
N PRO L 391 -47.92 25.22 32.67
CA PRO L 391 -46.52 25.69 32.59
C PRO L 391 -46.12 26.59 33.76
N ALA L 392 -47.06 27.10 34.54
CA ALA L 392 -46.75 28.05 35.60
C ALA L 392 -47.40 27.63 36.90
N PRO L 393 -46.78 27.98 38.04
CA PRO L 393 -47.40 27.67 39.34
C PRO L 393 -48.72 28.39 39.52
N VAL L 394 -49.62 27.77 40.27
CA VAL L 394 -50.95 28.31 40.53
C VAL L 394 -51.00 28.84 41.95
N GLN L 395 -51.92 29.77 42.18
CA GLN L 395 -52.12 30.33 43.51
C GLN L 395 -52.89 29.35 44.39
N TRP L 396 -52.62 29.42 45.70
CA TRP L 396 -53.26 28.53 46.66
C TRP L 396 -53.60 29.31 47.92
N LEU L 397 -54.80 29.09 48.45
CA LEU L 397 -55.25 29.76 49.65
C LEU L 397 -55.47 28.74 50.76
N PRO L 398 -54.57 28.66 51.75
CA PRO L 398 -54.76 27.69 52.84
C PRO L 398 -55.95 28.04 53.70
N GLN L 399 -56.53 27.00 54.30
CA GLN L 399 -57.65 27.15 55.23
C GLN L 399 -57.26 26.47 56.54
N TYR L 400 -57.36 27.22 57.64
CA TYR L 400 -56.89 26.77 58.93
C TYR L 400 -57.95 25.95 59.65
N THR L 401 -57.48 25.09 60.56
CA THR L 401 -58.35 24.24 61.36
C THR L 401 -58.11 24.54 62.85
N ILE L 402 -58.74 23.74 63.71
CA ILE L 402 -58.71 24.01 65.14
C ILE L 402 -57.38 23.58 65.76
N ASP L 403 -56.69 22.63 65.16
CA ASP L 403 -55.46 22.10 65.74
C ASP L 403 -54.38 23.18 65.77
N GLN L 404 -53.59 23.17 66.85
CA GLN L 404 -52.57 24.18 67.05
C GLN L 404 -51.28 23.53 67.55
N VAL L 405 -50.15 24.16 67.23
CA VAL L 405 -48.82 23.68 67.63
C VAL L 405 -48.03 24.89 68.15
N ALA L 406 -47.00 24.60 68.93
CA ALA L 406 -46.13 25.66 69.43
C ALA L 406 -45.37 26.32 68.28
N VAL L 407 -45.03 27.60 68.48
CA VAL L 407 -44.38 28.38 67.43
C VAL L 407 -42.98 27.86 67.16
N ASP L 408 -42.24 27.47 68.20
CA ASP L 408 -40.87 27.03 68.02
C ASP L 408 -40.79 25.78 67.14
N GLU L 409 -41.72 24.85 67.32
CA GLU L 409 -41.75 23.66 66.48
C GLU L 409 -41.96 24.02 65.01
N GLY L 410 -42.88 24.95 64.74
CA GLY L 410 -43.10 25.39 63.37
C GLY L 410 -41.87 26.06 62.78
N ASP L 411 -41.20 26.90 63.57
CA ASP L 411 -39.99 27.55 63.08
C ASP L 411 -38.91 26.52 62.77
N ALA L 412 -38.73 25.53 63.64
CA ALA L 412 -37.73 24.50 63.40
C ALA L 412 -38.07 23.69 62.14
N MET L 413 -39.34 23.34 61.96
CA MET L 413 -39.74 22.59 60.77
C MET L 413 -39.51 23.41 59.51
N VAL L 414 -39.82 24.70 59.55
CA VAL L 414 -39.60 25.56 58.39
C VAL L 414 -38.10 25.64 58.08
N SER L 415 -37.29 25.84 59.11
CA SER L 415 -35.84 25.91 58.89
C SER L 415 -35.29 24.61 58.34
N GLN L 416 -35.88 23.48 58.72
CA GLN L 416 -35.40 22.20 58.20
C GLN L 416 -35.83 21.99 56.75
N LEU L 417 -37.06 22.37 56.40
CA LEU L 417 -37.60 22.07 55.09
C LEU L 417 -37.30 23.12 54.04
N THR L 418 -36.73 24.26 54.41
CA THR L 418 -36.61 25.38 53.48
C THR L 418 -35.45 25.18 52.50
N GLN L 419 -35.63 25.72 51.29
CA GLN L 419 -34.55 25.89 50.33
C GLN L 419 -34.13 27.35 50.22
N LEU L 420 -34.15 28.06 51.35
CA LEU L 420 -34.10 29.52 51.31
C LEU L 420 -32.82 30.12 50.73
N PRO L 421 -31.60 29.66 51.06
CA PRO L 421 -30.42 30.41 50.64
C PRO L 421 -30.18 30.37 49.14
N LEU L 422 -30.92 31.20 48.40
CA LEU L 422 -30.80 31.32 46.96
C LEU L 422 -30.80 32.79 46.58
N ARG L 423 -30.55 33.06 45.29
CA ARG L 423 -30.49 34.42 44.78
C ARG L 423 -31.68 34.68 43.88
N PRO L 424 -32.68 35.43 44.30
CA PRO L 424 -33.86 35.69 43.48
C PRO L 424 -33.59 36.78 42.46
N ASP L 425 -34.60 37.07 41.65
CA ASP L 425 -34.58 38.21 40.74
C ASP L 425 -35.27 39.39 41.42
N TYR L 426 -34.56 40.52 41.53
CA TYR L 426 -35.13 41.67 42.22
C TYR L 426 -36.27 42.28 41.43
N GLY L 427 -36.16 42.29 40.10
CA GLY L 427 -37.19 42.92 39.30
C GLY L 427 -37.13 44.44 39.39
N SER L 428 -38.30 45.06 39.37
CA SER L 428 -38.43 46.51 39.45
C SER L 428 -39.40 46.89 40.56
N ILE L 429 -39.08 47.97 41.27
CA ILE L 429 -39.95 48.47 42.33
C ILE L 429 -40.83 49.60 41.86
N TRP L 430 -40.51 50.24 40.74
CA TRP L 430 -41.27 51.36 40.22
C TRP L 430 -41.24 51.29 38.70
N ILE L 431 -42.37 51.61 38.06
CA ILE L 431 -42.48 51.65 36.61
C ILE L 431 -43.33 52.84 36.21
N GLY L 432 -43.36 53.12 34.91
CA GLY L 432 -44.22 54.14 34.35
C GLY L 432 -43.44 55.38 33.95
N GLU L 433 -44.20 56.35 33.43
CA GLU L 433 -43.62 57.61 33.01
C GLU L 433 -43.21 58.44 34.23
N ALA L 434 -42.39 59.46 33.96
CA ALA L 434 -41.91 60.35 35.01
C ALA L 434 -42.75 61.62 35.05
N LEU L 435 -43.26 61.94 36.24
CA LEU L 435 -44.04 63.14 36.46
C LEU L 435 -43.15 64.23 37.03
N SER L 436 -43.47 65.48 36.73
CA SER L 436 -42.64 66.61 37.09
C SER L 436 -43.45 67.65 37.85
N TYR L 437 -42.75 68.41 38.70
CA TYR L 437 -43.33 69.52 39.44
C TYR L 437 -42.60 70.81 39.08
N TYR L 438 -43.35 71.90 39.00
CA TYR L 438 -42.77 73.18 38.62
C TYR L 438 -43.46 74.30 39.37
N VAL L 439 -42.72 75.38 39.61
CA VAL L 439 -43.24 76.61 40.20
C VAL L 439 -42.65 77.79 39.45
N ASP L 440 -43.49 78.74 39.07
CA ASP L 440 -43.07 79.92 38.33
C ASP L 440 -43.17 81.16 39.20
N TYR L 441 -42.45 82.20 38.80
CA TYR L 441 -42.47 83.46 39.53
C TYR L 441 -43.83 84.13 39.40
N ASN L 442 -44.28 84.72 40.50
CA ASN L 442 -45.55 85.44 40.54
C ASN L 442 -45.40 86.68 41.41
N ARG L 443 -45.93 87.80 40.92
CA ARG L 443 -45.85 89.05 41.68
C ARG L 443 -46.83 89.06 42.85
N SER L 444 -47.95 88.34 42.73
CA SER L 444 -48.96 88.37 43.77
C SER L 444 -48.49 87.66 45.04
N HIS L 445 -47.51 86.78 44.93
CA HIS L 445 -47.01 86.05 46.08
C HIS L 445 -46.21 86.98 47.00
N ARG L 446 -46.04 86.54 48.24
CA ARG L 446 -45.32 87.32 49.23
C ARG L 446 -43.81 87.16 49.05
N VAL L 447 -43.08 88.19 49.48
CA VAL L 447 -41.63 88.20 49.37
C VAL L 447 -41.02 87.32 50.45
N VAL L 448 -40.04 86.50 50.07
CA VAL L 448 -39.35 85.61 51.00
C VAL L 448 -37.85 85.81 50.82
N LEU L 449 -37.14 86.02 51.92
CA LEU L 449 -35.70 86.17 51.87
C LEU L 449 -35.04 84.80 51.72
N SER L 450 -33.78 84.81 51.28
CA SER L 450 -33.09 83.55 50.99
C SER L 450 -32.83 82.74 52.24
N SER L 451 -32.76 83.38 53.40
CA SER L 451 -32.51 82.64 54.64
C SER L 451 -33.67 81.72 54.98
N GLU L 452 -34.90 82.14 54.71
CA GLU L 452 -36.07 81.36 55.08
C GLU L 452 -36.20 80.06 54.29
N LEU L 453 -35.56 79.97 53.13
CA LEU L 453 -35.66 78.74 52.33
C LEU L 453 -34.97 77.59 53.05
N PRO L 454 -35.53 76.37 52.95
CA PRO L 454 -34.91 75.23 53.63
C PRO L 454 -33.64 74.78 52.93
N GLN L 455 -32.88 73.96 53.66
CA GLN L 455 -31.62 73.42 53.17
C GLN L 455 -31.71 71.89 53.10
N LEU L 456 -30.84 71.30 52.29
CA LEU L 456 -30.81 69.86 52.16
C LEU L 456 -30.39 69.23 53.50
N PRO L 457 -30.81 67.99 53.76
CA PRO L 457 -30.43 67.35 55.02
C PRO L 457 -28.92 67.23 55.15
N ASP L 458 -28.42 67.47 56.37
CA ASP L 458 -26.99 67.40 56.62
C ASP L 458 -26.44 65.98 56.51
N THR L 459 -27.29 64.98 56.60
CA THR L 459 -26.90 63.59 56.42
C THR L 459 -27.07 63.10 54.99
N TYR L 460 -27.03 64.01 54.02
CA TYR L 460 -27.23 63.62 52.62
C TYR L 460 -26.14 62.66 52.15
N PHE L 461 -24.88 62.94 52.50
CA PHE L 461 -23.76 62.12 52.09
C PHE L 461 -23.44 61.15 53.22
N ASP L 462 -24.00 59.94 53.12
CA ASP L 462 -23.77 58.89 54.09
C ASP L 462 -23.88 57.55 53.37
N GLY L 463 -23.38 56.51 54.04
CA GLY L 463 -23.44 55.18 53.44
C GLY L 463 -24.87 54.70 53.24
N ASP L 464 -25.71 54.86 54.26
CA ASP L 464 -27.08 54.39 54.16
C ASP L 464 -27.88 55.18 53.13
N GLU L 465 -27.75 56.51 53.14
CA GLU L 465 -28.49 57.33 52.19
C GLU L 465 -28.06 57.05 50.75
N GLN L 466 -26.74 56.97 50.53
CA GLN L 466 -26.24 56.65 49.20
C GLN L 466 -26.69 55.28 48.75
N TYR L 467 -26.65 54.30 49.66
CA TYR L 467 -27.13 52.96 49.33
C TYR L 467 -28.59 52.98 48.91
N GLY L 468 -29.44 53.67 49.69
CA GLY L 468 -30.85 53.71 49.36
C GLY L 468 -31.12 54.39 48.04
N ARG L 469 -30.49 55.54 47.81
CA ARG L 469 -30.75 56.28 46.58
C ARG L 469 -30.19 55.55 45.36
N SER L 470 -29.05 54.87 45.51
CA SER L 470 -28.52 54.06 44.40
C SER L 470 -29.43 52.88 44.11
N LEU L 471 -29.97 52.25 45.16
CA LEU L 471 -30.90 51.15 44.95
C LEU L 471 -32.15 51.61 44.21
N PHE L 472 -32.69 52.77 44.61
CA PHE L 472 -33.86 53.30 43.90
C PHE L 472 -33.51 53.68 42.46
N SER L 473 -32.29 54.17 42.24
CA SER L 473 -31.86 54.54 40.89
C SER L 473 -31.77 53.33 39.99
N LEU L 474 -31.16 52.24 40.48
CA LEU L 474 -30.96 51.07 39.63
C LEU L 474 -32.14 50.11 39.66
N ALA L 475 -33.18 50.40 40.44
CA ALA L 475 -34.42 49.65 40.39
C ALA L 475 -35.54 50.44 39.73
N ARG L 476 -35.22 51.53 39.03
CA ARG L 476 -36.25 52.43 38.51
C ARG L 476 -36.93 51.87 37.27
N LYS L 477 -36.20 51.17 36.41
CA LYS L 477 -36.75 50.61 35.16
C LYS L 477 -37.48 51.69 34.36
N VAL L 478 -36.69 52.68 33.94
CA VAL L 478 -37.23 53.81 33.20
C VAL L 478 -36.65 53.93 31.79
N GLY L 479 -35.53 53.29 31.49
CA GLY L 479 -34.88 53.47 30.21
C GLY L 479 -33.85 54.59 30.26
N ASP L 480 -33.90 55.48 29.29
CA ASP L 480 -33.02 56.64 29.32
C ASP L 480 -33.64 57.73 30.19
N ARG L 481 -32.83 58.30 31.09
CA ARG L 481 -33.30 59.34 31.99
C ARG L 481 -33.08 60.73 31.42
N SER L 482 -31.96 60.91 30.71
CA SER L 482 -31.65 62.22 30.13
C SER L 482 -32.71 62.65 29.13
N LEU L 483 -33.17 61.73 28.29
CA LEU L 483 -34.16 62.08 27.26
C LEU L 483 -35.46 62.58 27.90
N VAL L 484 -36.01 61.81 28.84
CA VAL L 484 -37.29 62.19 29.43
C VAL L 484 -37.15 63.47 30.26
N LYS L 485 -36.08 63.58 31.03
CA LYS L 485 -35.87 64.80 31.81
C LYS L 485 -35.74 66.02 30.90
N ASP L 486 -34.98 65.88 29.82
CA ASP L 486 -34.77 67.00 28.90
C ASP L 486 -36.05 67.39 28.21
N THR L 487 -36.85 66.41 27.76
CA THR L 487 -38.11 66.72 27.11
C THR L 487 -39.06 67.42 28.07
N ALA L 488 -39.13 66.95 29.33
CA ALA L 488 -39.99 67.61 30.30
C ALA L 488 -39.54 69.05 30.54
N VAL L 489 -38.24 69.26 30.69
CA VAL L 489 -37.72 70.60 30.96
C VAL L 489 -38.02 71.53 29.79
N LEU L 490 -37.77 71.07 28.56
CA LEU L 490 -38.03 71.91 27.40
C LEU L 490 -39.52 72.22 27.24
N LYS L 491 -40.37 71.21 27.45
CA LYS L 491 -41.81 71.44 27.32
C LYS L 491 -42.30 72.44 28.36
N HIS L 492 -41.77 72.36 29.58
CA HIS L 492 -42.16 73.34 30.59
C HIS L 492 -41.59 74.72 30.28
N ALA L 493 -40.39 74.79 29.69
CA ALA L 493 -39.75 76.07 29.47
C ALA L 493 -40.38 76.83 28.32
N TYR L 494 -40.74 76.14 27.23
CA TYR L 494 -41.26 76.83 26.05
C TYR L 494 -42.63 77.47 26.28
N GLN L 495 -43.33 77.12 27.35
CA GLN L 495 -44.65 77.68 27.61
C GLN L 495 -44.63 78.98 28.39
N ALA L 496 -43.46 79.42 28.85
CA ALA L 496 -43.36 80.67 29.58
C ALA L 496 -43.62 81.85 28.66
N ILE L 497 -44.27 82.88 29.19
CA ILE L 497 -44.66 84.06 28.44
C ILE L 497 -44.06 85.29 29.10
N ASP L 498 -43.52 86.19 28.30
CA ASP L 498 -42.98 87.44 28.82
C ASP L 498 -44.12 88.35 29.27
N PRO L 499 -44.01 89.00 30.44
CA PRO L 499 -45.03 90.00 30.79
C PRO L 499 -45.12 91.13 29.80
N ASN L 500 -44.01 91.49 29.15
CA ASN L 500 -44.04 92.48 28.08
C ASN L 500 -44.43 91.82 26.77
N THR L 501 -45.39 92.42 26.07
CA THR L 501 -45.89 92.00 24.76
C THR L 501 -46.64 90.68 24.83
N GLY L 502 -46.68 90.06 26.01
CA GLY L 502 -47.41 88.81 26.17
C GLY L 502 -46.98 87.71 25.23
N LYS L 503 -45.67 87.57 25.02
CA LYS L 503 -45.13 86.66 24.03
C LYS L 503 -44.07 85.77 24.68
N GLU L 504 -43.93 84.55 24.17
CA GLU L 504 -42.93 83.63 24.69
C GLU L 504 -41.53 84.16 24.45
N TYR L 505 -40.64 83.96 25.42
CA TYR L 505 -39.27 84.44 25.31
C TYR L 505 -38.55 83.76 24.14
N LEU L 506 -38.73 82.45 24.01
CA LEU L 506 -37.99 81.66 23.04
C LEU L 506 -38.97 81.04 22.04
N ARG L 507 -38.55 80.97 20.78
CA ARG L 507 -39.44 80.56 19.70
C ARG L 507 -38.71 79.68 18.68
N ALA L 508 -39.30 79.49 17.52
CA ALA L 508 -38.65 78.73 16.47
C ALA L 508 -37.42 79.49 15.94
N GLY L 509 -36.42 78.72 15.51
CA GLY L 509 -35.23 79.28 14.91
C GLY L 509 -34.19 79.80 15.88
N GLN L 510 -34.33 79.53 17.17
CA GLN L 510 -33.34 79.98 18.14
C GLN L 510 -32.01 79.25 17.93
N SER L 511 -30.93 79.89 18.33
CA SER L 511 -29.61 79.27 18.36
C SER L 511 -29.31 78.84 19.79
N VAL L 512 -29.04 77.55 19.97
CA VAL L 512 -28.94 76.94 21.29
C VAL L 512 -27.57 76.34 21.47
N ALA L 513 -27.06 76.42 22.70
CA ALA L 513 -25.81 75.77 23.09
C ALA L 513 -26.11 74.77 24.20
N TYR L 514 -25.63 73.54 24.03
CA TYR L 514 -25.87 72.47 24.98
C TYR L 514 -24.59 72.22 25.77
N PHE L 515 -24.56 72.69 27.02
CA PHE L 515 -23.41 72.50 27.89
C PHE L 515 -23.46 71.12 28.54
N GLY L 516 -22.28 70.58 28.82
CA GLY L 516 -22.19 69.28 29.49
C GLY L 516 -22.74 68.14 28.69
N ALA L 517 -22.59 68.18 27.36
CA ALA L 517 -23.02 67.07 26.52
C ALA L 517 -22.13 65.85 26.75
N SER L 518 -22.73 64.68 26.67
CA SER L 518 -22.02 63.43 26.91
C SER L 518 -22.34 62.43 25.81
N ALA L 519 -21.36 61.60 25.47
CA ALA L 519 -21.51 60.55 24.48
C ALA L 519 -21.68 59.18 25.10
N GLY L 520 -21.88 59.11 26.42
CA GLY L 520 -22.02 57.84 27.10
C GLY L 520 -23.27 57.06 26.75
N HIS L 521 -24.21 57.69 26.05
CA HIS L 521 -25.42 57.00 25.63
C HIS L 521 -25.11 55.90 24.63
N SER L 522 -25.99 54.91 24.57
CA SER L 522 -25.73 53.73 23.74
C SER L 522 -25.68 54.09 22.26
N GLY L 523 -26.45 55.07 21.84
CA GLY L 523 -26.59 55.40 20.42
C GLY L 523 -26.16 56.80 20.09
N ALA L 524 -25.57 56.96 18.90
CA ALA L 524 -25.28 58.22 18.23
C ALA L 524 -24.17 59.04 18.88
N ASP L 525 -23.64 58.62 20.02
CA ASP L 525 -22.60 59.38 20.73
C ASP L 525 -23.04 60.82 20.95
N GLN L 526 -24.32 60.99 21.30
CA GLN L 526 -24.95 62.30 21.33
C GLN L 526 -26.13 62.24 22.30
N PRO L 527 -26.44 63.34 22.98
CA PRO L 527 -27.69 63.38 23.75
C PRO L 527 -28.88 63.07 22.87
N LEU L 528 -29.77 62.22 23.36
CA LEU L 528 -30.89 61.72 22.56
C LEU L 528 -32.01 62.73 22.40
N VAL L 529 -31.95 63.86 23.11
CA VAL L 529 -32.99 64.87 22.97
C VAL L 529 -32.72 65.79 21.77
N ILE L 530 -31.50 65.82 21.27
CA ILE L 530 -31.14 66.78 20.22
C ILE L 530 -31.85 66.44 18.91
N GLU L 531 -31.79 65.17 18.50
CA GLU L 531 -32.32 64.80 17.18
C GLU L 531 -33.82 65.05 17.05
N PRO L 532 -34.69 64.62 17.98
CA PRO L 532 -36.10 65.00 17.88
C PRO L 532 -36.31 66.50 17.97
N TRP L 533 -35.41 67.22 18.66
CA TRP L 533 -35.53 68.67 18.75
C TRP L 533 -35.34 69.32 17.39
N MET L 534 -34.34 68.89 16.63
CA MET L 534 -34.14 69.43 15.29
C MET L 534 -35.23 68.95 14.33
N GLN L 535 -35.58 67.67 14.39
CA GLN L 535 -36.60 67.15 13.47
C GLN L 535 -38.00 67.62 13.83
N GLY L 536 -38.18 68.26 14.98
CA GLY L 536 -39.50 68.69 15.37
C GLY L 536 -40.42 67.59 15.85
N LYS L 537 -39.87 66.45 16.27
CA LYS L 537 -40.68 65.34 16.73
C LYS L 537 -41.27 65.60 18.12
N ILE L 538 -40.83 66.64 18.81
CA ILE L 538 -41.40 67.03 20.09
C ILE L 538 -42.50 68.05 19.82
N SER L 539 -43.70 67.77 20.33
CA SER L 539 -44.86 68.58 20.00
C SER L 539 -44.73 70.00 20.52
N GLY L 540 -44.31 70.16 21.77
CA GLY L 540 -44.33 71.47 22.39
C GLY L 540 -43.32 72.44 21.79
N VAL L 541 -42.13 71.95 21.46
CA VAL L 541 -41.00 72.81 21.12
C VAL L 541 -40.86 72.86 19.60
N PRO L 542 -40.66 74.03 19.01
CA PRO L 542 -40.25 74.12 17.61
C PRO L 542 -38.76 73.86 17.47
N PRO L 543 -38.29 73.50 16.28
CA PRO L 543 -36.87 73.20 16.12
C PRO L 543 -36.02 74.45 16.26
N PRO L 544 -34.80 74.31 16.78
CA PRO L 544 -33.89 75.45 16.85
C PRO L 544 -33.02 75.54 15.60
N SER L 545 -32.26 76.63 15.51
CA SER L 545 -31.39 76.84 14.36
C SER L 545 -30.25 75.83 14.33
N SER L 546 -29.55 75.67 15.45
CA SER L 546 -28.44 74.74 15.53
C SER L 546 -28.10 74.52 17.00
N VAL L 547 -27.45 73.39 17.28
CA VAL L 547 -27.04 73.01 18.62
C VAL L 547 -25.52 72.91 18.64
N ARG L 548 -24.89 73.65 19.56
CA ARG L 548 -23.46 73.57 19.78
C ARG L 548 -23.24 72.91 21.15
N GLN L 549 -22.45 71.83 21.15
CA GLN L 549 -22.26 71.01 22.34
C GLN L 549 -20.87 71.26 22.93
N PHE L 550 -20.83 71.55 24.23
CA PHE L 550 -19.58 71.68 24.97
C PHE L 550 -19.65 70.80 26.20
N GLY L 551 -18.56 70.13 26.52
CA GLY L 551 -18.53 69.28 27.69
C GLY L 551 -17.24 68.49 27.74
N TYR L 552 -16.98 67.90 28.91
CA TYR L 552 -15.78 67.11 29.10
C TYR L 552 -15.80 65.82 28.30
N ASP L 553 -16.98 65.22 28.11
CA ASP L 553 -17.11 63.93 27.45
C ASP L 553 -17.93 64.02 26.16
N VAL L 554 -17.97 65.17 25.51
CA VAL L 554 -18.73 65.34 24.28
C VAL L 554 -17.95 64.69 23.13
N ALA L 555 -18.69 64.24 22.12
CA ALA L 555 -18.10 63.61 20.95
C ALA L 555 -18.13 64.51 19.72
N LYS L 556 -19.30 65.02 19.34
CA LYS L 556 -19.39 65.87 18.16
C LYS L 556 -18.90 67.29 18.44
N GLY L 557 -19.12 67.78 19.66
CA GLY L 557 -18.73 69.13 20.01
C GLY L 557 -17.29 69.22 20.49
N ALA L 558 -16.93 70.41 20.95
CA ALA L 558 -15.60 70.65 21.48
C ALA L 558 -15.56 70.41 22.99
N ILE L 559 -14.39 70.01 23.48
CA ILE L 559 -14.19 69.72 24.89
C ILE L 559 -13.46 70.90 25.53
N VAL L 560 -14.04 71.43 26.60
CA VAL L 560 -13.51 72.59 27.31
C VAL L 560 -13.76 72.40 28.80
N ASP L 561 -13.32 73.37 29.59
CA ASP L 561 -13.63 73.44 31.01
C ASP L 561 -14.62 74.60 31.19
N LEU L 562 -15.87 74.26 31.50
CA LEU L 562 -16.93 75.27 31.49
C LEU L 562 -16.74 76.31 32.59
N ALA L 563 -16.07 75.95 33.70
CA ALA L 563 -15.87 76.90 34.77
C ALA L 563 -15.00 78.07 34.33
N ARG L 564 -13.92 77.79 33.62
CA ARG L 564 -13.04 78.84 33.14
C ARG L 564 -13.57 79.45 31.85
N PRO L 565 -13.25 80.71 31.58
CA PRO L 565 -13.67 81.31 30.30
C PRO L 565 -13.06 80.58 29.11
N PHE L 566 -13.84 80.50 28.04
CA PHE L 566 -13.44 79.81 26.82
C PHE L 566 -13.90 80.61 25.61
N PRO L 567 -13.21 80.49 24.47
CA PRO L 567 -13.56 81.28 23.29
C PRO L 567 -14.81 80.73 22.61
N SER L 568 -15.88 81.53 22.61
CA SER L 568 -17.14 81.12 22.00
C SER L 568 -18.00 82.35 21.79
N GLY L 569 -18.73 82.36 20.67
CA GLY L 569 -19.70 83.41 20.43
C GLY L 569 -20.91 83.29 21.34
N ASP L 570 -21.68 84.38 21.39
CA ASP L 570 -22.85 84.39 22.25
C ASP L 570 -23.95 83.48 21.70
N TYR L 571 -24.86 83.10 22.59
CA TYR L 571 -25.99 82.26 22.22
C TYR L 571 -27.24 82.79 22.91
N GLN L 572 -28.38 82.61 22.25
CA GLN L 572 -29.62 83.18 22.76
C GLN L 572 -30.44 82.15 23.52
N PHE L 573 -29.92 80.94 23.69
CA PHE L 573 -30.45 79.97 24.63
C PHE L 573 -29.35 79.00 25.02
N VAL L 574 -29.13 78.83 26.31
CA VAL L 574 -28.05 78.00 26.83
C VAL L 574 -28.64 76.95 27.75
N TYR L 575 -28.39 75.68 27.44
CA TYR L 575 -28.84 74.55 28.25
C TYR L 575 -27.62 73.89 28.86
N SER L 576 -27.56 73.88 30.19
CA SER L 576 -26.39 73.36 30.92
C SER L 576 -26.82 72.13 31.70
N ASP L 577 -26.29 70.96 31.30
CA ASP L 577 -26.50 69.71 32.00
C ASP L 577 -25.28 69.29 32.81
N VAL L 578 -24.31 70.18 32.98
CA VAL L 578 -23.06 69.83 33.64
C VAL L 578 -23.29 69.62 35.14
N ASP L 579 -22.69 68.56 35.67
CA ASP L 579 -22.80 68.21 37.08
C ASP L 579 -21.55 68.68 37.83
N GLN L 580 -21.76 69.08 39.08
CA GLN L 580 -20.71 69.70 39.88
C GLN L 580 -19.75 68.70 40.52
N VAL L 581 -20.06 67.40 40.48
CA VAL L 581 -19.25 66.43 41.21
C VAL L 581 -17.94 66.12 40.50
N VAL L 582 -17.82 66.42 39.21
CA VAL L 582 -16.61 66.06 38.47
C VAL L 582 -15.44 66.94 38.90
N ASP L 583 -15.54 68.25 38.67
CA ASP L 583 -14.45 69.15 39.03
C ASP L 583 -14.39 69.35 40.53
N GLY L 584 -15.53 69.47 41.19
CA GLY L 584 -15.53 69.72 42.62
C GLY L 584 -15.16 68.48 43.41
N HIS L 585 -14.43 68.69 44.49
CA HIS L 585 -14.04 67.61 45.38
C HIS L 585 -15.22 67.23 46.27
N ASP L 586 -14.97 66.39 47.28
CA ASP L 586 -16.04 65.90 48.13
C ASP L 586 -16.68 67.00 48.96
N ASP L 587 -16.03 68.15 49.10
CA ASP L 587 -16.58 69.24 49.90
C ASP L 587 -17.81 69.84 49.21
N LEU L 588 -18.81 70.18 50.03
CA LEU L 588 -20.03 70.78 49.49
C LEU L 588 -19.83 72.24 49.10
N SER L 589 -18.98 72.96 49.85
CA SER L 589 -18.73 74.37 49.55
C SER L 589 -18.06 74.52 48.18
N ILE L 590 -17.20 73.58 47.82
CA ILE L 590 -16.59 73.61 46.49
C ILE L 590 -17.65 73.40 45.42
N SER L 591 -18.63 72.53 45.68
CA SER L 591 -19.73 72.36 44.74
C SER L 591 -20.54 73.64 44.60
N SER L 592 -20.79 74.33 45.72
CA SER L 592 -21.50 75.60 45.66
C SER L 592 -20.71 76.63 44.85
N GLY L 593 -19.40 76.69 45.05
CA GLY L 593 -18.57 77.60 44.27
C GLY L 593 -18.59 77.27 42.80
N LEU L 594 -18.61 75.97 42.46
CA LEU L 594 -18.73 75.57 41.07
C LEU L 594 -20.08 76.00 40.50
N VAL L 595 -21.14 75.91 41.29
CA VAL L 595 -22.44 76.41 40.84
C VAL L 595 -22.35 77.89 40.55
N GLU L 596 -21.69 78.65 41.44
CA GLU L 596 -21.51 80.08 41.23
C GLU L 596 -20.80 80.37 39.91
N SER L 597 -19.66 79.69 39.70
CA SER L 597 -18.86 79.94 38.50
C SER L 597 -19.61 79.52 37.24
N LEU L 598 -20.31 78.39 37.28
CA LEU L 598 -21.06 77.94 36.12
C LEU L 598 -22.20 78.90 35.80
N LEU L 599 -22.87 79.44 36.83
CA LEU L 599 -23.90 80.44 36.58
C LEU L 599 -23.31 81.70 35.96
N ASP L 600 -22.14 82.13 36.44
CA ASP L 600 -21.49 83.29 35.84
C ASP L 600 -21.15 83.03 34.38
N SER L 601 -20.62 81.85 34.07
CA SER L 601 -20.28 81.53 32.69
C SER L 601 -21.52 81.46 31.81
N CYS L 602 -22.61 80.90 32.33
CA CYS L 602 -23.84 80.83 31.56
C CYS L 602 -24.40 82.22 31.29
N VAL L 603 -24.34 83.11 32.28
CA VAL L 603 -24.80 84.47 32.08
C VAL L 603 -23.94 85.18 31.03
N HIS L 604 -22.62 85.01 31.11
CA HIS L 604 -21.74 85.65 30.15
C HIS L 604 -21.98 85.13 28.73
N ALA L 605 -22.16 83.82 28.59
CA ALA L 605 -22.32 83.24 27.26
C ALA L 605 -23.67 83.60 26.64
N THR L 606 -24.69 83.74 27.46
CA THR L 606 -26.05 83.96 26.95
C THR L 606 -26.17 85.34 26.30
N ALA L 607 -26.93 85.41 25.22
CA ALA L 607 -27.15 86.66 24.52
C ALA L 607 -27.93 87.64 25.39
N PRO L 608 -27.81 88.94 25.11
CA PRO L 608 -28.52 89.93 25.95
C PRO L 608 -30.03 89.71 26.02
N GLY L 609 -30.64 89.23 24.95
CA GLY L 609 -32.06 88.96 24.94
C GLY L 609 -32.46 87.51 25.09
N GLY L 610 -31.54 86.63 25.47
CA GLY L 610 -31.79 85.21 25.54
C GLY L 610 -32.18 84.73 26.92
N SER L 611 -31.98 83.43 27.14
CA SER L 611 -32.32 82.79 28.40
C SER L 611 -31.47 81.53 28.54
N PHE L 612 -31.37 81.02 29.77
CA PHE L 612 -30.55 79.86 30.03
C PHE L 612 -31.23 78.95 31.04
N VAL L 613 -30.81 77.68 31.05
CA VAL L 613 -31.33 76.66 31.94
C VAL L 613 -30.15 76.05 32.70
N MET L 614 -30.27 75.96 34.02
CA MET L 614 -29.19 75.47 34.87
C MET L 614 -29.70 74.35 35.77
N LYS L 615 -28.83 73.35 35.99
CA LYS L 615 -29.11 72.24 36.90
C LYS L 615 -28.23 72.39 38.13
N ILE L 616 -28.83 72.21 39.31
CA ILE L 616 -28.12 72.28 40.58
C ILE L 616 -28.21 70.91 41.24
N ASN L 617 -27.07 70.26 41.41
CA ASN L 617 -27.06 68.94 42.04
C ASN L 617 -27.39 69.02 43.53
N PHE L 618 -26.75 69.95 44.24
CA PHE L 618 -26.89 70.08 45.69
C PHE L 618 -27.32 71.50 46.03
N PRO L 619 -28.62 71.78 45.99
CA PRO L 619 -29.10 73.11 46.42
C PRO L 619 -28.73 73.38 47.88
N THR L 620 -28.41 74.64 48.15
CA THR L 620 -27.95 75.05 49.47
C THR L 620 -28.34 76.51 49.66
N ARG L 621 -28.49 76.91 50.93
CA ARG L 621 -28.86 78.30 51.24
C ARG L 621 -27.88 79.29 50.63
N THR L 622 -26.60 78.92 50.53
CA THR L 622 -25.63 79.77 49.85
C THR L 622 -26.00 79.97 48.39
N VAL L 623 -26.46 78.89 47.73
CA VAL L 623 -26.87 79.00 46.34
C VAL L 623 -28.05 79.95 46.20
N TRP L 624 -29.05 79.83 47.07
CA TRP L 624 -30.19 80.74 47.03
C TRP L 624 -29.76 82.19 47.25
N HIS L 625 -28.86 82.41 48.21
CA HIS L 625 -28.38 83.76 48.44
C HIS L 625 -27.67 84.32 47.22
N TYR L 626 -26.85 83.49 46.57
CA TYR L 626 -26.14 83.95 45.38
C TYR L 626 -27.10 84.28 44.24
N ILE L 627 -28.12 83.44 44.03
CA ILE L 627 -29.13 83.75 43.01
C ILE L 627 -29.80 85.07 43.33
N GLU L 628 -30.27 85.24 44.57
CA GLU L 628 -30.98 86.45 44.94
C GLU L 628 -30.10 87.68 44.78
N GLN L 629 -28.79 87.54 45.05
CA GLN L 629 -27.90 88.69 44.96
C GLN L 629 -27.55 89.04 43.52
N LYS L 630 -27.36 88.05 42.65
CA LYS L 630 -26.83 88.30 41.32
C LYS L 630 -27.86 88.08 40.21
N ILE L 631 -28.45 86.90 40.14
CA ILE L 631 -29.20 86.51 38.95
C ILE L 631 -30.54 87.22 38.88
N LEU L 632 -31.25 87.27 40.01
CA LEU L 632 -32.61 87.82 40.00
C LEU L 632 -32.70 89.26 39.52
N PRO L 633 -31.84 90.19 39.94
CA PRO L 633 -31.93 91.56 39.37
C PRO L 633 -31.59 91.63 37.89
N ASN L 634 -30.92 90.61 37.34
CA ASN L 634 -30.46 90.65 35.96
C ASN L 634 -31.33 89.82 35.02
N VAL L 635 -32.48 89.33 35.47
CA VAL L 635 -33.36 88.52 34.64
C VAL L 635 -34.78 89.04 34.76
N THR L 636 -35.61 88.66 33.79
CA THR L 636 -37.01 89.10 33.78
C THR L 636 -37.89 88.16 34.61
N SER L 637 -37.76 86.86 34.39
CA SER L 637 -38.58 85.88 35.11
C SER L 637 -37.78 84.59 35.25
N TYR L 638 -38.19 83.79 36.23
CA TYR L 638 -37.53 82.51 36.51
C TYR L 638 -38.59 81.46 36.83
N MET L 639 -38.17 80.20 36.80
CA MET L 639 -39.07 79.09 37.04
C MET L 639 -38.26 77.84 37.36
N LEU L 640 -38.69 77.11 38.39
CA LEU L 640 -37.99 75.94 38.89
C LEU L 640 -38.71 74.68 38.43
N ILE L 641 -37.99 73.67 37.94
CA ILE L 641 -38.63 72.40 37.55
C ILE L 641 -37.87 71.15 37.98
N LYS L 642 -38.52 70.21 38.63
CA LYS L 642 -37.87 68.95 38.98
C LYS L 642 -38.62 67.80 38.39
N PRO L 643 -37.94 66.93 37.64
CA PRO L 643 -38.62 65.74 37.13
C PRO L 643 -38.24 64.52 37.95
N PHE L 644 -39.22 63.77 38.45
CA PHE L 644 -38.92 62.65 39.35
C PHE L 644 -38.58 61.32 38.70
N VAL L 645 -37.48 61.24 37.98
CA VAL L 645 -37.06 59.95 37.48
C VAL L 645 -36.53 59.06 38.60
N THR L 646 -35.72 59.60 39.51
CA THR L 646 -35.15 58.83 40.63
C THR L 646 -35.07 59.76 41.81
N ASN L 647 -34.93 59.26 43.05
CA ASN L 647 -34.99 60.18 44.20
C ASN L 647 -33.69 60.88 44.51
N ASN L 648 -33.67 62.20 44.35
CA ASN L 648 -32.48 62.98 44.58
C ASN L 648 -32.91 64.41 44.77
N VAL L 649 -32.02 65.28 45.21
CA VAL L 649 -32.36 66.67 45.47
C VAL L 649 -32.19 67.59 44.27
N GLU L 650 -31.75 67.06 43.13
CA GLU L 650 -31.49 67.92 41.98
C GLU L 650 -32.70 68.67 41.47
N VAL L 651 -32.52 69.93 41.09
CA VAL L 651 -33.60 70.75 40.57
C VAL L 651 -33.08 71.55 39.38
N PHE L 652 -33.93 71.94 38.45
CA PHE L 652 -33.48 72.65 37.26
C PHE L 652 -33.90 74.10 37.30
N PHE L 653 -32.97 75.01 37.54
CA PHE L 653 -33.25 76.43 37.62
C PHE L 653 -33.27 77.01 36.21
N VAL L 654 -34.39 77.63 35.84
CA VAL L 654 -34.59 78.18 34.51
C VAL L 654 -34.87 79.67 34.65
N ALA L 655 -34.13 80.49 33.92
CA ALA L 655 -34.27 81.94 33.97
C ALA L 655 -34.55 82.48 32.57
N PHE L 656 -35.42 83.48 32.51
CA PHE L 656 -35.82 84.12 31.26
C PHE L 656 -35.49 85.61 31.30
N GLY L 657 -35.30 86.19 30.12
CA GLY L 657 -35.05 87.61 30.00
C GLY L 657 -33.80 88.07 30.72
N VAL L 658 -32.69 87.36 30.51
CA VAL L 658 -31.44 87.69 31.19
C VAL L 658 -30.93 89.05 30.70
N HIS L 659 -30.02 89.63 31.50
CA HIS L 659 -29.31 90.87 31.19
C HIS L 659 -30.22 92.09 31.15
N GLN L 660 -31.44 91.99 31.67
CA GLN L 660 -32.36 93.10 31.72
C GLN L 660 -32.61 93.48 33.18
N GLN L 661 -32.49 94.76 33.49
CA GLN L 661 -32.66 95.22 34.86
C GLN L 661 -34.09 95.01 35.31
N SER L 662 -34.25 94.45 36.51
CA SER L 662 -35.58 94.19 37.07
C SER L 662 -35.44 94.00 38.57
N ALA L 663 -36.59 94.06 39.25
CA ALA L 663 -36.66 93.85 40.69
C ALA L 663 -37.32 92.48 40.92
N LEU L 664 -36.51 91.50 41.28
CA LEU L 664 -36.98 90.14 41.47
C LEU L 664 -36.57 89.62 42.84
N THR L 665 -37.35 88.68 43.36
CA THR L 665 -37.09 88.10 44.67
C THR L 665 -37.81 86.76 44.77
N TRP L 666 -37.40 85.96 45.74
CA TRP L 666 -38.05 84.68 45.98
C TRP L 666 -39.48 84.88 46.47
N THR L 667 -40.34 83.92 46.16
CA THR L 667 -41.74 83.96 46.51
C THR L 667 -42.10 82.80 47.43
N SER L 668 -43.27 82.92 48.07
CA SER L 668 -43.73 81.87 48.98
C SER L 668 -43.94 80.55 48.26
N GLY L 669 -44.32 80.60 46.98
CA GLY L 669 -44.46 79.37 46.22
C GLY L 669 -43.15 78.59 46.14
N VAL L 670 -42.03 79.28 46.01
CA VAL L 670 -40.74 78.63 45.99
C VAL L 670 -40.48 77.93 47.32
N TYR L 671 -40.80 78.61 48.42
CA TYR L 671 -40.61 78.01 49.74
C TYR L 671 -41.45 76.75 49.90
N PHE L 672 -42.72 76.82 49.52
CA PHE L 672 -43.59 75.65 49.63
C PHE L 672 -43.08 74.51 48.75
N PHE L 673 -42.67 74.83 47.51
CA PHE L 673 -42.17 73.80 46.61
C PHE L 673 -40.92 73.13 47.16
N LEU L 674 -39.99 73.91 47.69
CA LEU L 674 -38.78 73.33 48.25
C LEU L 674 -39.07 72.49 49.48
N VAL L 675 -39.99 72.94 50.34
CA VAL L 675 -40.35 72.15 51.51
C VAL L 675 -40.94 70.81 51.09
N ASP L 676 -41.87 70.83 50.13
CA ASP L 676 -42.47 69.58 49.66
C ASP L 676 -41.43 68.68 49.01
N HIS L 677 -40.52 69.27 48.24
CA HIS L 677 -39.47 68.50 47.57
C HIS L 677 -38.58 67.80 48.59
N PHE L 678 -38.11 68.54 49.59
CA PHE L 678 -37.25 67.95 50.62
C PHE L 678 -37.99 66.88 51.40
N TYR L 679 -39.26 67.12 51.73
CA TYR L 679 -40.03 66.14 52.47
C TYR L 679 -40.22 64.85 51.66
N ARG L 680 -40.52 65.00 50.36
CA ARG L 680 -40.69 63.82 49.51
C ARG L 680 -39.39 63.04 49.40
N TYR L 681 -38.27 63.73 49.20
CA TYR L 681 -36.99 63.03 49.14
C TYR L 681 -36.70 62.29 50.44
N GLU L 682 -36.96 62.95 51.58
CA GLU L 682 -36.65 62.34 52.87
C GLU L 682 -37.50 61.08 53.08
N THR L 683 -38.80 61.16 52.81
CA THR L 683 -39.65 60.00 53.04
C THR L 683 -39.30 58.87 52.07
N LEU L 684 -38.98 59.21 50.81
CA LEU L 684 -38.60 58.17 49.86
C LEU L 684 -37.29 57.50 50.25
N SER L 685 -36.33 58.27 50.75
CA SER L 685 -35.09 57.67 51.24
C SER L 685 -35.35 56.76 52.42
N ALA L 686 -36.18 57.21 53.37
CA ALA L 686 -36.52 56.36 54.51
C ALA L 686 -37.21 55.07 54.07
N ILE L 687 -37.99 55.14 53.00
CA ILE L 687 -38.60 53.94 52.45
C ILE L 687 -37.54 53.02 51.84
N SER L 688 -36.63 53.60 51.05
CA SER L 688 -35.71 52.79 50.27
C SER L 688 -34.61 52.16 51.12
N ARG L 689 -34.30 52.76 52.28
CA ARG L 689 -33.23 52.20 53.10
C ARG L 689 -33.57 50.86 53.74
N GLN L 690 -34.83 50.43 53.66
CA GLN L 690 -35.26 49.18 54.30
C GLN L 690 -35.43 48.04 53.30
N LEU L 691 -34.75 48.10 52.16
CA LEU L 691 -34.87 47.05 51.16
C LEU L 691 -33.55 46.31 50.97
N PRO L 692 -33.59 45.03 50.61
CA PRO L 692 -32.35 44.28 50.40
C PRO L 692 -31.64 44.74 49.13
N SER L 693 -30.37 44.33 49.02
CA SER L 693 -29.55 44.68 47.88
C SER L 693 -30.15 44.10 46.59
N PHE L 694 -29.67 44.63 45.46
CA PHE L 694 -30.24 44.28 44.16
C PHE L 694 -30.08 42.80 43.85
N GLY L 695 -28.84 42.33 43.71
CA GLY L 695 -28.61 40.90 43.58
C GLY L 695 -28.09 40.33 44.88
N TYR L 696 -28.95 39.71 45.66
CA TYR L 696 -28.61 39.26 47.00
C TYR L 696 -29.14 37.86 47.25
N VAL L 697 -28.50 37.17 48.19
CA VAL L 697 -28.94 35.85 48.62
C VAL L 697 -29.85 36.03 49.83
N ASP L 698 -31.00 35.37 49.81
CA ASP L 698 -31.98 35.50 50.88
C ASP L 698 -31.77 34.38 51.88
N ASP L 699 -31.28 34.72 53.06
CA ASP L 699 -31.07 33.76 54.14
C ASP L 699 -32.16 33.83 55.21
N GLY L 700 -33.09 34.77 55.11
CA GLY L 700 -34.16 34.92 56.07
C GLY L 700 -33.96 36.00 57.10
N SER L 701 -32.80 36.68 57.09
CA SER L 701 -32.57 37.76 58.05
C SER L 701 -33.37 39.01 57.68
N SER L 702 -33.44 39.32 56.39
CA SER L 702 -34.14 40.51 55.94
C SER L 702 -35.64 40.38 56.21
N VAL L 703 -36.26 41.51 56.58
CA VAL L 703 -37.70 41.51 56.83
C VAL L 703 -38.48 41.27 55.54
N THR L 704 -37.98 41.77 54.41
CA THR L 704 -38.63 41.62 53.13
C THR L 704 -37.82 40.63 52.29
N GLY L 705 -38.49 39.60 51.78
CA GLY L 705 -37.83 38.60 50.96
C GLY L 705 -38.77 37.43 50.72
N ILE L 706 -38.33 36.56 49.82
CA ILE L 706 -39.12 35.38 49.46
C ILE L 706 -38.84 34.27 50.45
N GLU L 707 -39.76 33.31 50.54
CA GLU L 707 -39.61 32.15 51.40
C GLU L 707 -40.12 30.92 50.66
N ILE L 708 -39.29 29.88 50.59
CA ILE L 708 -39.58 28.69 49.81
C ILE L 708 -39.26 27.45 50.64
N ILE L 709 -40.14 26.46 50.60
CA ILE L 709 -39.86 25.12 51.12
C ILE L 709 -40.22 24.11 50.05
N SER L 710 -39.62 22.93 50.16
CA SER L 710 -39.92 21.83 49.25
C SER L 710 -40.02 20.54 50.05
N ILE L 711 -41.08 19.77 49.79
CA ILE L 711 -41.31 18.49 50.45
C ILE L 711 -41.22 17.41 49.39
N GLU L 712 -40.35 16.44 49.62
CA GLU L 712 -40.11 15.36 48.65
C GLU L 712 -40.92 14.13 49.03
N ASN L 713 -41.59 13.55 48.05
CA ASN L 713 -42.51 12.43 48.26
C ASN L 713 -43.51 12.73 49.37
N PRO L 714 -44.36 13.74 49.21
CA PRO L 714 -45.24 14.16 50.30
C PRO L 714 -46.38 13.18 50.51
N GLY L 715 -46.97 13.26 51.70
CA GLY L 715 -48.14 12.48 52.02
C GLY L 715 -49.23 13.33 52.64
N PHE L 716 -50.38 13.44 51.97
CA PHE L 716 -51.48 14.27 52.44
C PHE L 716 -52.65 13.47 53.01
N SER L 717 -52.90 12.27 52.50
CA SER L 717 -53.97 11.45 53.06
C SER L 717 -53.70 11.08 54.51
N ASN L 718 -52.44 10.74 54.82
CA ASN L 718 -51.99 10.46 56.18
C ASN L 718 -50.77 11.35 56.43
N MET L 719 -51.01 12.53 56.98
CA MET L 719 -49.94 13.50 57.16
C MET L 719 -48.92 13.02 58.17
N THR L 720 -47.66 13.34 57.91
CA THR L 720 -46.55 12.98 58.79
C THR L 720 -46.50 13.86 60.03
N GLN L 721 -47.26 14.96 60.05
CA GLN L 721 -47.31 15.95 61.14
C GLN L 721 -46.04 16.79 61.11
N ALA L 722 -45.08 16.42 60.27
CA ALA L 722 -43.91 17.25 60.04
C ALA L 722 -44.13 18.20 58.86
N ALA L 723 -44.58 17.66 57.72
CA ALA L 723 -44.90 18.51 56.57
C ALA L 723 -46.03 19.47 56.88
N ARG L 724 -47.05 19.00 57.61
CA ARG L 724 -48.16 19.87 57.97
C ARG L 724 -47.68 21.05 58.81
N VAL L 725 -46.85 20.78 59.82
CA VAL L 725 -46.35 21.85 60.68
C VAL L 725 -45.43 22.78 59.91
N GLY L 726 -44.62 22.23 58.99
CA GLY L 726 -43.75 23.07 58.20
C GLY L 726 -44.53 24.02 57.30
N ILE L 727 -45.56 23.51 56.63
CA ILE L 727 -46.36 24.36 55.75
C ILE L 727 -47.14 25.37 56.59
N SER L 728 -47.61 24.98 57.77
CA SER L 728 -48.29 25.93 58.65
C SER L 728 -47.34 27.04 59.09
N GLY L 729 -46.08 26.70 59.40
CA GLY L 729 -45.11 27.71 59.76
C GLY L 729 -44.80 28.65 58.62
N LEU L 730 -44.70 28.11 57.40
CA LEU L 730 -44.53 28.98 56.24
C LEU L 730 -45.73 29.90 56.05
N CYS L 731 -46.94 29.38 56.25
CA CYS L 731 -48.13 30.21 56.12
C CYS L 731 -48.13 31.33 57.15
N ALA L 732 -47.73 31.03 58.38
CA ALA L 732 -47.64 32.06 59.40
C ALA L 732 -46.57 33.09 59.05
N ASN L 733 -45.42 32.65 58.53
CA ASN L 733 -44.34 33.57 58.18
C ASN L 733 -44.75 34.48 57.02
N VAL L 734 -45.46 33.94 56.03
CA VAL L 734 -45.84 34.71 54.86
C VAL L 734 -46.86 35.79 55.23
N GLY L 735 -47.88 35.42 55.99
CA GLY L 735 -48.85 36.39 56.46
C GLY L 735 -49.71 37.02 55.39
N ASN L 736 -50.62 36.25 54.81
CA ASN L 736 -51.71 36.66 53.92
C ASN L 736 -51.21 37.02 52.52
N ALA L 737 -49.91 37.05 52.25
CA ALA L 737 -49.45 37.35 50.91
C ALA L 737 -49.78 36.20 49.96
N ARG L 738 -49.71 36.49 48.67
CA ARG L 738 -50.03 35.48 47.66
C ARG L 738 -49.04 34.32 47.72
N LYS L 739 -49.58 33.11 47.67
CA LYS L 739 -48.79 31.89 47.79
C LYS L 739 -48.95 31.07 46.51
N SER L 740 -47.82 30.60 45.96
CA SER L 740 -47.82 29.80 44.75
C SER L 740 -47.26 28.41 45.06
N ILE L 741 -47.84 27.40 44.43
CA ILE L 741 -47.45 26.01 44.64
C ILE L 741 -47.14 25.38 43.28
N ALA L 742 -46.35 24.31 43.33
CA ALA L 742 -45.96 23.60 42.12
C ALA L 742 -45.60 22.17 42.47
N ILE L 743 -46.09 21.23 41.68
CA ILE L 743 -45.84 19.80 41.85
C ILE L 743 -45.17 19.27 40.61
N TYR L 744 -43.99 18.67 40.77
CA TYR L 744 -43.23 18.14 39.64
C TYR L 744 -42.32 17.04 40.14
N GLU L 745 -41.53 16.48 39.23
CA GLU L 745 -40.61 15.39 39.52
C GLU L 745 -39.18 15.87 39.30
N SER L 746 -38.31 15.58 40.26
CA SER L 746 -36.90 15.98 40.17
C SER L 746 -36.05 14.91 40.85
N HIS L 747 -35.10 14.36 40.09
CA HIS L 747 -34.12 13.41 40.60
C HIS L 747 -34.80 12.17 41.19
N GLY L 748 -35.78 11.65 40.46
CA GLY L 748 -36.45 10.41 40.84
C GLY L 748 -37.51 10.55 41.91
N ALA L 749 -37.81 11.76 42.37
CA ALA L 749 -38.80 11.97 43.40
C ALA L 749 -39.73 13.10 43.00
N ARG L 750 -40.99 13.00 43.43
CA ARG L 750 -41.98 14.04 43.19
C ARG L 750 -42.01 14.97 44.39
N VAL L 751 -41.80 16.26 44.14
CA VAL L 751 -41.66 17.25 45.20
C VAL L 751 -42.76 18.29 45.08
N LEU L 752 -43.11 18.88 46.21
CA LEU L 752 -44.08 19.98 46.28
C LEU L 752 -43.35 21.24 46.73
N THR L 753 -43.44 22.28 45.92
CA THR L 753 -42.74 23.54 46.16
C THR L 753 -43.75 24.64 46.44
N ILE L 754 -43.58 25.33 47.56
CA ILE L 754 -44.44 26.45 47.94
C ILE L 754 -43.55 27.69 48.09
N THR L 755 -43.95 28.77 47.43
CA THR L 755 -43.16 30.00 47.44
C THR L 755 -44.05 31.20 47.71
N SER L 756 -43.52 32.17 48.45
CA SER L 756 -44.20 33.44 48.71
C SER L 756 -43.19 34.38 49.35
N ARG L 757 -43.64 35.59 49.67
CA ARG L 757 -42.75 36.66 50.10
C ARG L 757 -43.17 37.19 51.47
N ARG L 758 -42.18 37.45 52.31
CA ARG L 758 -42.41 38.00 53.65
C ARG L 758 -42.67 39.50 53.57
N SER L 759 -42.94 40.10 54.73
CA SER L 759 -43.27 41.51 54.82
C SER L 759 -43.21 41.93 56.28
N PRO L 760 -42.90 43.20 56.58
CA PRO L 760 -42.95 43.64 57.98
C PRO L 760 -44.33 43.48 58.62
N ALA L 761 -45.40 43.71 57.84
CA ALA L 761 -46.73 43.44 58.34
C ALA L 761 -46.93 41.96 58.66
N SER L 762 -46.32 41.08 57.85
CA SER L 762 -46.37 39.65 58.14
C SER L 762 -45.70 39.34 59.47
N ALA L 763 -44.55 39.96 59.73
CA ALA L 763 -43.87 39.76 61.01
C ALA L 763 -44.71 40.29 62.17
N ARG L 764 -45.36 41.44 61.97
CA ARG L 764 -46.22 41.98 63.01
C ARG L 764 -47.38 41.05 63.31
N ARG L 765 -47.98 40.46 62.27
CA ARG L 765 -49.04 39.48 62.48
C ARG L 765 -48.51 38.24 63.19
N LYS L 766 -47.32 37.78 62.80
CA LYS L 766 -46.73 36.60 63.42
C LYS L 766 -46.44 36.81 64.90
N ALA L 767 -46.10 38.05 65.28
CA ALA L 767 -45.84 38.33 66.69
C ALA L 767 -47.09 38.19 67.55
N ARG L 768 -48.28 38.14 66.94
CA ARG L 768 -49.53 38.05 67.67
C ARG L 768 -49.95 36.62 67.97
N LEU L 769 -49.23 35.62 67.46
CA LEU L 769 -49.64 34.23 67.58
C LEU L 769 -49.04 33.62 68.85
N ARG L 770 -49.90 33.17 69.75
CA ARG L 770 -49.44 32.38 70.89
C ARG L 770 -49.08 30.96 70.47
N TYR L 771 -49.90 30.35 69.60
CA TYR L 771 -49.66 29.01 69.08
C TYR L 771 -49.83 29.02 67.57
N LEU L 772 -49.08 28.16 66.90
CA LEU L 772 -49.14 28.07 65.45
C LEU L 772 -50.41 27.36 65.01
N PRO L 773 -51.22 27.97 64.15
CA PRO L 773 -52.39 27.26 63.60
C PRO L 773 -51.96 26.20 62.59
N LEU L 774 -52.91 25.32 62.27
CA LEU L 774 -52.65 24.23 61.33
C LEU L 774 -53.63 24.31 60.18
N ILE L 775 -53.14 24.01 58.97
CA ILE L 775 -53.93 24.12 57.75
C ILE L 775 -54.69 22.82 57.49
N ASP L 776 -55.66 22.88 56.58
CA ASP L 776 -56.37 21.68 56.13
C ASP L 776 -55.77 21.22 54.82
N PRO L 777 -55.16 20.03 54.75
CA PRO L 777 -54.46 19.61 53.54
C PRO L 777 -55.37 18.98 52.48
N ARG L 778 -56.68 19.18 52.60
CA ARG L 778 -57.61 18.57 51.67
C ARG L 778 -57.37 19.05 50.24
N SER L 779 -57.15 20.35 50.06
CA SER L 779 -56.94 20.89 48.72
C SER L 779 -55.68 20.30 48.09
N LEU L 780 -54.60 20.21 48.85
CA LEU L 780 -53.39 19.59 48.32
C LEU L 780 -53.57 18.08 48.16
N GLU L 781 -54.40 17.47 49.00
CA GLU L 781 -54.67 16.04 48.86
C GLU L 781 -55.36 15.73 47.54
N VAL L 782 -56.29 16.59 47.13
CA VAL L 782 -57.09 16.33 45.94
C VAL L 782 -56.22 16.35 44.68
N GLN L 783 -55.20 17.22 44.64
CA GLN L 783 -54.52 17.54 43.40
C GLN L 783 -53.73 16.35 42.85
N ALA L 784 -54.30 15.64 41.90
CA ALA L 784 -53.59 14.58 41.18
C ALA L 784 -53.14 15.09 39.81
N ARG L 785 -52.18 16.00 39.82
CA ARG L 785 -51.66 16.56 38.58
C ARG L 785 -50.21 16.98 38.78
N THR L 786 -49.65 17.60 37.74
CA THR L 786 -48.28 18.08 37.74
C THR L 786 -48.26 19.57 37.43
N ILE L 787 -47.54 20.35 38.24
CA ILE L 787 -47.48 21.80 38.09
C ILE L 787 -46.02 22.17 37.94
N LEU L 788 -45.65 22.66 36.76
CA LEU L 788 -44.25 22.98 36.48
C LEU L 788 -43.80 24.17 37.33
N PRO L 789 -42.60 24.11 37.90
CA PRO L 789 -42.09 25.23 38.70
C PRO L 789 -41.54 26.34 37.83
N SER L 790 -41.21 27.45 38.48
CA SER L 790 -40.63 28.61 37.81
C SER L 790 -39.65 29.29 38.76
N ASN L 791 -38.71 30.03 38.17
CA ASN L 791 -37.73 30.75 38.97
C ASN L 791 -38.41 31.85 39.77
N PRO L 792 -38.10 31.98 41.06
CA PRO L 792 -38.75 33.01 41.87
C PRO L 792 -38.27 34.41 41.54
N VAL L 793 -39.15 35.38 41.80
CA VAL L 793 -38.87 36.79 41.62
C VAL L 793 -39.44 37.56 42.79
N LEU L 794 -38.69 38.54 43.30
CA LEU L 794 -39.13 39.28 44.46
C LEU L 794 -40.37 40.12 44.17
N PHE L 795 -40.32 40.90 43.08
CA PHE L 795 -41.44 41.76 42.68
C PHE L 795 -42.11 41.12 41.48
N ASP L 796 -43.11 40.28 41.75
CA ASP L 796 -43.72 39.46 40.70
C ASP L 796 -44.82 40.18 39.93
N ASN L 797 -45.20 41.38 40.33
CA ASN L 797 -46.27 42.12 39.65
C ASN L 797 -45.61 43.09 38.67
N ILE L 798 -45.41 42.63 37.43
CA ILE L 798 -44.74 43.47 36.44
C ILE L 798 -45.65 44.61 36.01
N ASN L 799 -46.94 44.35 35.82
CA ASN L 799 -47.85 45.36 35.29
C ASN L 799 -47.96 46.55 36.24
N GLY L 800 -47.99 46.30 37.54
CA GLY L 800 -48.06 47.35 38.53
C GLY L 800 -49.25 47.16 39.44
N ALA L 801 -49.54 48.19 40.22
CA ALA L 801 -50.64 48.18 41.17
C ALA L 801 -51.76 49.06 40.65
N SER L 802 -52.98 48.51 40.64
CA SER L 802 -54.14 49.29 40.21
C SER L 802 -54.41 50.41 41.20
N PRO L 803 -54.99 51.53 40.74
CA PRO L 803 -55.25 52.65 41.64
C PRO L 803 -56.15 52.31 42.83
N HIS L 804 -57.09 51.39 42.66
CA HIS L 804 -57.94 51.00 43.79
C HIS L 804 -57.12 50.33 44.88
N VAL L 805 -56.14 49.50 44.50
CA VAL L 805 -55.26 48.89 45.49
C VAL L 805 -54.48 49.97 46.23
N CYS L 806 -53.97 50.96 45.50
CA CYS L 806 -53.23 52.05 46.14
C CYS L 806 -54.11 52.82 47.10
N LEU L 807 -55.37 53.07 46.72
CA LEU L 807 -56.29 53.80 47.60
C LEU L 807 -56.60 53.01 48.86
N THR L 808 -56.93 51.72 48.71
CA THR L 808 -57.18 50.87 49.88
C THR L 808 -55.95 50.81 50.78
N MET L 809 -54.76 50.83 50.19
CA MET L 809 -53.55 50.76 50.98
C MET L 809 -53.24 52.10 51.66
N MET L 810 -53.63 53.21 51.04
CA MET L 810 -53.60 54.49 51.73
C MET L 810 -54.48 54.46 52.97
N TYR L 811 -55.69 53.92 52.83
CA TYR L 811 -56.57 53.79 53.97
C TYR L 811 -55.96 52.88 55.04
N ASN L 812 -55.34 51.79 54.60
CA ASN L 812 -54.69 50.87 55.54
C ASN L 812 -53.55 51.56 56.29
N PHE L 813 -52.75 52.36 55.59
CA PHE L 813 -51.69 53.10 56.26
C PHE L 813 -52.25 54.09 57.26
N GLU L 814 -53.33 54.79 56.90
CA GLU L 814 -53.95 55.71 57.85
C GLU L 814 -54.40 54.98 59.10
N VAL L 815 -55.04 53.82 58.92
CA VAL L 815 -55.50 53.04 60.07
C VAL L 815 -54.31 52.61 60.93
N SER L 816 -53.25 52.13 60.29
CA SER L 816 -52.09 51.66 61.04
C SER L 816 -51.41 52.80 61.80
N SER L 817 -51.32 53.97 61.19
CA SER L 817 -50.66 55.10 61.85
C SER L 817 -51.51 55.65 62.99
N ALA L 818 -52.83 55.63 62.84
CA ALA L 818 -53.70 56.20 63.86
C ALA L 818 -53.58 55.44 65.18
N VAL L 819 -53.53 54.12 65.13
CA VAL L 819 -53.56 53.32 66.36
C VAL L 819 -52.21 53.37 67.05
N TYR L 820 -52.23 53.32 68.38
CA TYR L 820 -51.04 53.26 69.22
C TYR L 820 -50.96 51.89 69.90
N ASP L 821 -50.00 51.74 70.79
CA ASP L 821 -49.78 50.47 71.47
C ASP L 821 -50.76 50.30 72.64
N GLY L 822 -51.28 49.08 72.77
CA GLY L 822 -52.10 48.72 73.92
C GLY L 822 -53.40 49.47 74.10
N ASP L 823 -54.16 49.66 73.03
CA ASP L 823 -55.48 50.25 73.11
C ASP L 823 -56.48 49.39 72.34
N VAL L 824 -57.66 49.20 72.93
CA VAL L 824 -58.68 48.38 72.29
C VAL L 824 -59.21 49.09 71.05
N VAL L 825 -59.29 48.35 69.95
CA VAL L 825 -59.74 48.89 68.67
C VAL L 825 -60.87 48.02 68.15
N LEU L 826 -61.88 48.67 67.58
CA LEU L 826 -63.05 47.99 67.03
C LEU L 826 -63.07 48.19 65.52
N ASP L 827 -62.81 47.11 64.78
CA ASP L 827 -62.85 47.15 63.33
C ASP L 827 -64.29 46.96 62.88
N LEU L 828 -64.88 48.01 62.31
CA LEU L 828 -66.30 48.00 62.03
C LEU L 828 -66.64 47.16 60.80
N GLY L 829 -65.73 47.10 59.83
CA GLY L 829 -65.95 46.32 58.63
C GLY L 829 -64.72 45.57 58.17
N THR L 830 -64.88 44.27 57.89
CA THR L 830 -63.75 43.43 57.50
C THR L 830 -64.25 42.38 56.52
N GLY L 831 -63.36 41.91 55.66
CA GLY L 831 -63.67 40.83 54.76
C GLY L 831 -63.51 39.48 55.43
N PRO L 832 -63.59 38.40 54.66
CA PRO L 832 -63.36 37.06 55.25
C PRO L 832 -61.98 36.92 55.88
N GLU L 833 -60.97 37.56 55.30
CA GLU L 833 -59.63 37.61 55.88
C GLU L 833 -59.45 38.91 56.64
N ALA L 834 -58.86 38.81 57.84
CA ALA L 834 -58.70 39.96 58.72
C ALA L 834 -57.39 40.67 58.37
N LYS L 835 -57.49 41.70 57.53
CA LYS L 835 -56.34 42.54 57.22
C LYS L 835 -55.98 43.47 58.36
N ILE L 836 -56.92 43.72 59.29
CA ILE L 836 -56.66 44.60 60.41
C ILE L 836 -55.62 44.01 61.38
N LEU L 837 -55.39 42.70 61.30
CA LEU L 837 -54.42 42.07 62.18
C LEU L 837 -53.01 42.61 61.93
N GLU L 838 -52.66 42.80 60.66
CA GLU L 838 -51.33 43.31 60.33
C GLU L 838 -51.19 44.80 60.58
N LEU L 839 -52.27 45.57 60.39
CA LEU L 839 -52.17 47.02 60.50
C LEU L 839 -51.92 47.45 61.94
N ILE L 840 -52.72 46.95 62.88
CA ILE L 840 -52.64 47.36 64.27
C ILE L 840 -51.44 46.68 64.93
N PRO L 841 -50.90 47.23 66.01
CA PRO L 841 -49.83 46.52 66.74
C PRO L 841 -50.35 45.22 67.33
N SER L 842 -49.44 44.25 67.44
CA SER L 842 -49.84 42.92 67.92
C SER L 842 -50.28 42.96 69.38
N THR L 843 -49.87 43.99 70.13
CA THR L 843 -50.24 44.08 71.53
C THR L 843 -51.70 44.47 71.70
N SER L 844 -52.17 45.43 70.90
CA SER L 844 -53.50 45.99 71.09
C SER L 844 -54.57 44.95 70.73
N PRO L 845 -55.56 44.73 71.58
CA PRO L 845 -56.66 43.83 71.22
C PRO L 845 -57.53 44.44 70.13
N VAL L 846 -58.20 43.56 69.38
CA VAL L 846 -59.03 43.97 68.26
C VAL L 846 -60.38 43.28 68.35
N THR L 847 -61.39 43.86 67.71
CA THR L 847 -62.72 43.27 67.60
C THR L 847 -63.25 43.54 66.21
N CYS L 848 -63.45 42.47 65.44
CA CYS L 848 -63.91 42.58 64.06
C CYS L 848 -65.36 42.13 63.96
N VAL L 849 -66.14 42.89 63.21
CA VAL L 849 -67.56 42.59 63.03
C VAL L 849 -67.94 42.63 61.57
N ASP L 850 -68.45 41.53 61.02
CA ASP L 850 -68.95 41.53 59.63
C ASP L 850 -70.08 40.53 59.41
N ILE L 851 -70.94 40.76 58.42
CA ILE L 851 -71.99 39.81 58.10
C ILE L 851 -71.45 38.51 57.54
N ARG L 852 -70.49 38.59 56.65
CA ARG L 852 -69.87 37.39 56.10
C ARG L 852 -68.99 36.70 57.11
N PRO L 853 -68.93 35.35 57.07
CA PRO L 853 -68.14 34.59 58.03
C PRO L 853 -66.63 34.79 57.92
N THR L 854 -65.92 34.79 59.05
CA THR L 854 -64.47 34.97 59.06
C THR L 854 -63.71 33.75 58.64
N ALA L 855 -62.53 33.92 58.06
CA ALA L 855 -61.70 32.77 57.73
C ALA L 855 -60.48 32.63 58.61
N GLN L 856 -60.27 33.58 59.52
CA GLN L 856 -59.12 33.53 60.41
C GLN L 856 -59.30 32.47 61.50
N PRO L 857 -58.21 31.92 62.03
CA PRO L 857 -58.33 30.92 63.08
C PRO L 857 -58.57 31.57 64.41
N ASN L 858 -59.71 31.29 65.01
CA ASN L 858 -60.06 31.96 66.24
C ASN L 858 -59.27 31.70 67.50
N GLY L 859 -58.95 30.45 67.78
CA GLY L 859 -58.30 30.14 69.04
C GLY L 859 -56.91 30.56 69.47
N CYS L 860 -55.93 30.43 68.60
CA CYS L 860 -54.56 30.70 69.02
C CYS L 860 -54.12 32.11 68.83
N TRP L 861 -54.40 32.96 69.81
CA TRP L 861 -54.07 34.36 69.69
C TRP L 861 -53.54 34.87 71.02
N ASN L 862 -52.45 35.65 70.96
CA ASN L 862 -51.82 36.13 72.19
C ASN L 862 -52.73 37.09 72.93
N VAL L 863 -53.43 37.97 72.21
CA VAL L 863 -54.30 38.97 72.81
C VAL L 863 -55.73 38.73 72.34
N ARG L 864 -56.66 39.42 73.00
CA ARG L 864 -58.08 39.24 72.72
C ARG L 864 -58.43 39.64 71.29
N THR L 865 -58.79 38.66 70.47
CA THR L 865 -59.22 38.89 69.09
C THR L 865 -60.47 38.06 68.84
N THR L 866 -61.59 38.73 68.59
CA THR L 866 -62.86 38.05 68.39
C THR L 866 -63.51 38.53 67.10
N PHE L 867 -64.30 37.64 66.50
CA PHE L 867 -65.04 37.94 65.28
C PHE L 867 -66.53 37.69 65.53
N LEU L 868 -67.36 38.62 65.09
CA LEU L 868 -68.80 38.56 65.31
C LEU L 868 -69.53 38.63 63.98
N GLU L 869 -70.53 37.76 63.80
CA GLU L 869 -71.33 37.73 62.58
C GLU L 869 -72.58 38.58 62.80
N LEU L 870 -72.39 39.89 62.71
CA LEU L 870 -73.47 40.85 62.94
C LEU L 870 -73.46 41.91 61.85
N ASP L 871 -74.64 42.50 61.63
CA ASP L 871 -74.78 43.64 60.72
C ASP L 871 -74.68 44.92 61.54
N TYR L 872 -73.62 45.69 61.32
CA TYR L 872 -73.35 46.83 62.18
C TYR L 872 -74.36 47.96 61.97
N LEU L 873 -75.05 47.97 60.83
CA LEU L 873 -76.12 48.95 60.64
C LEU L 873 -77.26 48.74 61.63
N SER L 874 -77.47 47.49 62.06
CA SER L 874 -78.50 47.19 63.05
C SER L 874 -78.06 47.66 64.43
N ASP L 875 -79.02 47.68 65.35
CA ASP L 875 -78.80 48.16 66.71
C ASP L 875 -78.91 47.00 67.70
N GLY L 876 -78.44 47.27 68.92
CA GLY L 876 -78.53 46.33 70.01
C GLY L 876 -77.27 45.54 70.29
N TRP L 877 -76.32 45.54 69.36
CA TRP L 877 -75.09 44.76 69.53
C TRP L 877 -73.93 45.58 70.06
N ILE L 878 -73.98 46.91 69.92
CA ILE L 878 -72.83 47.74 70.24
C ILE L 878 -72.61 47.88 71.74
N THR L 879 -73.63 47.58 72.56
CA THR L 879 -73.53 47.82 73.99
C THR L 879 -72.43 47.00 74.63
N GLY L 880 -72.34 45.71 74.28
CA GLY L 880 -71.38 44.84 74.96
C GLY L 880 -69.95 45.11 74.56
N VAL L 881 -69.70 45.38 73.28
CA VAL L 881 -68.34 45.52 72.80
C VAL L 881 -67.72 46.82 73.28
N ARG L 882 -66.44 46.78 73.61
CA ARG L 882 -65.68 47.95 74.05
C ARG L 882 -64.56 48.21 73.05
N GLY L 883 -64.35 49.48 72.72
CA GLY L 883 -63.29 49.85 71.80
C GLY L 883 -62.97 51.34 71.81
N ASP L 884 -61.69 51.68 71.92
CA ASP L 884 -61.29 53.07 71.91
C ASP L 884 -61.35 53.68 70.52
N ILE L 885 -61.01 52.90 69.49
CA ILE L 885 -60.92 53.37 68.12
C ILE L 885 -61.86 52.54 67.26
N VAL L 886 -62.65 53.21 66.43
CA VAL L 886 -63.57 52.57 65.50
C VAL L 886 -63.15 52.94 64.09
N THR L 887 -62.87 51.92 63.27
CA THR L 887 -62.39 52.11 61.91
C THR L 887 -63.38 51.50 60.93
N CYS L 888 -63.71 52.25 59.88
CA CYS L 888 -64.65 51.80 58.86
C CYS L 888 -64.19 52.32 57.51
N MET L 889 -63.64 51.44 56.68
CA MET L 889 -63.15 51.80 55.35
C MET L 889 -63.81 50.92 54.31
N LEU L 890 -64.33 51.54 53.24
CA LEU L 890 -64.92 50.90 52.07
C LEU L 890 -66.21 50.14 52.39
N SER L 891 -66.75 50.24 53.60
CA SER L 891 -67.92 49.48 53.98
C SER L 891 -69.18 50.32 54.11
N LEU L 892 -69.05 51.56 54.59
CA LEU L 892 -70.24 52.38 54.85
C LEU L 892 -70.99 52.70 53.56
N GLY L 893 -70.26 53.09 52.51
CA GLY L 893 -70.92 53.42 51.26
C GLY L 893 -71.59 52.23 50.62
N ALA L 894 -70.91 51.07 50.63
CA ALA L 894 -71.50 49.86 50.08
C ALA L 894 -72.73 49.44 50.87
N ALA L 895 -72.67 49.54 52.19
CA ALA L 895 -73.83 49.21 53.01
C ALA L 895 -75.00 50.15 52.74
N ALA L 896 -74.71 51.43 52.57
CA ALA L 896 -75.77 52.39 52.23
C ALA L 896 -76.38 52.06 50.87
N ALA L 897 -75.55 51.71 49.89
CA ALA L 897 -76.07 51.36 48.57
C ALA L 897 -76.90 50.09 48.62
N GLY L 898 -76.51 49.13 49.46
CA GLY L 898 -77.26 47.88 49.56
C GLY L 898 -78.67 48.08 50.09
N LYS L 899 -78.85 49.01 51.02
CA LYS L 899 -80.14 49.28 51.61
C LYS L 899 -80.96 50.29 50.81
N SER L 900 -80.40 50.84 49.73
CA SER L 900 -81.09 51.77 48.84
C SER L 900 -81.59 52.99 49.61
N MET L 901 -80.63 53.75 50.16
CA MET L 901 -80.93 54.96 50.91
C MET L 901 -79.79 55.94 50.73
N THR L 902 -80.09 57.21 51.07
CA THR L 902 -79.10 58.27 50.93
C THR L 902 -77.96 58.08 51.93
N PHE L 903 -76.82 58.69 51.61
CA PHE L 903 -75.64 58.57 52.48
C PHE L 903 -75.86 59.26 53.83
N ASP L 904 -76.68 60.32 53.86
CA ASP L 904 -76.96 60.99 55.13
C ASP L 904 -77.66 60.06 56.10
N ALA L 905 -78.64 59.29 55.62
CA ALA L 905 -79.34 58.37 56.50
C ALA L 905 -78.41 57.30 57.05
N ALA L 906 -77.53 56.76 56.19
CA ALA L 906 -76.57 55.76 56.66
C ALA L 906 -75.61 56.33 57.68
N PHE L 907 -75.11 57.55 57.44
CA PHE L 907 -74.20 58.16 58.40
C PHE L 907 -74.90 58.44 59.73
N GLN L 908 -76.15 58.91 59.67
CA GLN L 908 -76.89 59.16 60.91
C GLN L 908 -77.14 57.86 61.67
N GLN L 909 -77.48 56.79 60.96
CA GLN L 909 -77.66 55.50 61.62
C GLN L 909 -76.36 55.03 62.27
N LEU L 910 -75.23 55.18 61.55
CA LEU L 910 -73.96 54.77 62.11
C LEU L 910 -73.62 55.57 63.36
N VAL L 911 -73.86 56.89 63.35
CA VAL L 911 -73.47 57.71 64.49
C VAL L 911 -74.40 57.43 65.67
N ARG L 912 -75.70 57.21 65.43
CA ARG L 912 -76.57 56.89 66.55
C ARG L 912 -76.28 55.51 67.13
N VAL L 913 -75.80 54.58 66.30
CA VAL L 913 -75.37 53.29 66.82
C VAL L 913 -74.10 53.45 67.65
N LEU L 914 -73.12 54.20 67.14
CA LEU L 914 -71.84 54.37 67.83
C LEU L 914 -71.93 55.28 69.03
N THR L 915 -73.04 56.02 69.21
CA THR L 915 -73.19 56.86 70.38
C THR L 915 -73.14 56.05 71.67
N ARG L 916 -73.77 54.87 71.67
CA ARG L 916 -73.79 54.04 72.86
C ARG L 916 -72.38 53.60 73.27
N SER L 917 -71.55 53.25 72.29
CA SER L 917 -70.21 52.77 72.57
C SER L 917 -69.35 53.90 73.12
N THR L 918 -68.29 53.51 73.83
CA THR L 918 -67.34 54.45 74.43
C THR L 918 -66.06 54.40 73.62
N ALA L 919 -65.98 55.26 72.60
CA ALA L 919 -64.81 55.36 71.74
C ALA L 919 -64.31 56.80 71.75
N ASN L 920 -63.00 56.97 71.98
CA ASN L 920 -62.44 58.32 72.02
C ASN L 920 -62.30 58.92 70.64
N VAL L 921 -61.87 58.11 69.66
CA VAL L 921 -61.62 58.59 68.30
C VAL L 921 -62.34 57.68 67.31
N LEU L 922 -62.56 58.21 66.11
CA LEU L 922 -63.20 57.49 65.03
C LEU L 922 -62.42 57.66 63.74
N LEU L 923 -62.44 56.63 62.90
CA LEU L 923 -61.87 56.67 61.55
C LEU L 923 -62.92 56.16 60.58
N ILE L 924 -63.53 57.07 59.84
CA ILE L 924 -64.61 56.74 58.91
C ILE L 924 -64.22 57.22 57.51
N GLN L 925 -64.38 56.35 56.53
CA GLN L 925 -64.19 56.70 55.12
C GLN L 925 -65.56 56.97 54.51
N VAL L 926 -65.84 58.24 54.22
CA VAL L 926 -67.14 58.64 53.72
C VAL L 926 -67.03 58.97 52.24
N ASN L 927 -68.18 59.19 51.61
CA ASN L 927 -68.29 59.53 50.20
C ASN L 927 -68.73 61.00 50.11
N CYS L 928 -67.77 61.89 49.91
CA CYS L 928 -68.07 63.31 49.77
C CYS L 928 -66.99 63.96 48.92
N PRO L 929 -67.32 64.91 48.06
CA PRO L 929 -66.30 65.57 47.23
C PRO L 929 -65.60 66.66 48.01
N THR L 930 -64.32 66.46 48.30
CA THR L 930 -63.56 67.43 49.09
C THR L 930 -63.40 68.74 48.34
N ASP L 931 -62.93 68.67 47.09
CA ASP L 931 -62.75 69.85 46.26
C ASP L 931 -63.96 70.02 45.34
N VAL L 932 -63.85 70.91 44.36
CA VAL L 932 -64.90 71.07 43.37
C VAL L 932 -65.09 69.76 42.62
N ILE L 933 -66.29 69.53 42.11
CA ILE L 933 -66.68 68.25 41.55
C ILE L 933 -66.41 68.24 40.05
N ARG L 934 -65.60 67.28 39.61
CA ARG L 934 -65.38 67.04 38.19
C ARG L 934 -65.13 65.55 38.00
N THR L 935 -65.58 65.04 36.85
CA THR L 935 -65.48 63.61 36.58
C THR L 935 -64.03 63.20 36.30
N ILE L 936 -63.59 62.12 36.95
CA ILE L 936 -62.33 61.48 36.63
C ILE L 936 -62.60 60.48 35.51
N LYS L 937 -61.98 60.70 34.36
CA LYS L 937 -62.33 59.94 33.15
C LYS L 937 -61.91 58.48 33.30
N GLY L 938 -62.90 57.59 33.28
CA GLY L 938 -62.65 56.16 33.24
C GLY L 938 -62.52 55.47 34.58
N TYR L 939 -62.46 56.22 35.68
CA TYR L 939 -62.31 55.62 37.00
C TYR L 939 -63.40 56.04 37.98
N LEU L 940 -63.92 57.26 37.86
CA LEU L 940 -64.97 57.74 38.76
C LEU L 940 -65.82 58.74 37.99
N GLU L 941 -67.01 58.31 37.58
CA GLU L 941 -67.97 59.14 36.87
C GLU L 941 -69.07 59.53 37.85
N ILE L 942 -69.28 60.83 38.02
CA ILE L 942 -70.16 61.36 39.05
C ILE L 942 -71.41 61.95 38.41
N ASP L 943 -72.54 61.80 39.10
CA ASP L 943 -73.82 62.34 38.65
C ASP L 943 -74.28 63.40 39.65
N GLN L 944 -74.38 64.65 39.21
CA GLN L 944 -74.81 65.72 40.09
C GLN L 944 -76.27 65.54 40.52
N THR L 945 -77.13 65.12 39.58
CA THR L 945 -78.57 65.09 39.86
C THR L 945 -78.93 64.03 40.88
N ASN L 946 -78.35 62.83 40.75
CA ASN L 946 -78.72 61.71 41.61
C ASN L 946 -77.85 61.58 42.84
N LYS L 947 -76.87 62.47 43.02
CA LYS L 947 -75.97 62.44 44.17
C LYS L 947 -75.28 61.08 44.31
N ARG L 948 -74.88 60.50 43.18
CA ARG L 948 -74.23 59.21 43.14
C ARG L 948 -73.11 59.23 42.12
N TYR L 949 -72.09 58.42 42.36
CA TYR L 949 -71.05 58.19 41.36
C TYR L 949 -70.71 56.70 41.31
N LYS L 950 -70.22 56.28 40.14
CA LYS L 950 -69.99 54.87 39.85
C LYS L 950 -68.54 54.64 39.43
N PHE L 951 -68.09 53.41 39.60
CA PHE L 951 -66.73 53.00 39.22
C PHE L 951 -66.81 52.04 38.04
N PRO L 952 -66.49 52.48 36.83
CA PRO L 952 -66.57 51.59 35.66
C PRO L 952 -65.67 50.37 35.76
N LYS L 953 -64.59 50.46 36.52
CA LYS L 953 -63.67 49.32 36.65
C LYS L 953 -64.34 48.15 37.35
N PHE L 954 -65.23 48.44 38.30
CA PHE L 954 -65.95 47.40 39.03
C PHE L 954 -67.45 47.41 38.77
N GLY L 955 -67.98 48.45 38.14
CA GLY L 955 -69.40 48.50 37.84
C GLY L 955 -70.30 48.57 39.06
N ARG L 956 -69.94 49.38 40.05
CA ARG L 956 -70.73 49.58 41.24
C ARG L 956 -71.04 51.05 41.43
N ASP L 957 -72.20 51.34 42.01
CA ASP L 957 -72.65 52.70 42.26
C ASP L 957 -72.68 52.96 43.75
N GLU L 958 -72.27 54.16 44.16
CA GLU L 958 -72.11 54.50 45.56
C GLU L 958 -72.66 55.89 45.82
N PRO L 959 -73.61 56.05 46.73
CA PRO L 959 -74.14 57.39 47.03
C PRO L 959 -73.13 58.24 47.78
N TYR L 960 -73.27 59.55 47.61
CA TYR L 960 -72.43 60.51 48.30
C TYR L 960 -73.27 61.67 48.80
N SER L 961 -72.73 62.42 49.75
CA SER L 961 -73.42 63.53 50.38
C SER L 961 -72.45 64.69 50.58
N ASP L 962 -73.02 65.89 50.71
CA ASP L 962 -72.21 67.07 50.96
C ASP L 962 -71.58 67.01 52.34
N MET L 963 -70.36 67.55 52.46
CA MET L 963 -69.61 67.43 53.71
C MET L 963 -70.27 68.22 54.83
N ASP L 964 -70.95 69.33 54.49
CA ASP L 964 -71.59 70.14 55.53
C ASP L 964 -72.71 69.38 56.23
N SER L 965 -73.43 68.53 55.47
CA SER L 965 -74.46 67.70 56.10
C SER L 965 -73.85 66.76 57.13
N LEU L 966 -72.70 66.16 56.81
CA LEU L 966 -72.01 65.31 57.78
C LEU L 966 -71.54 66.12 58.98
N GLU L 967 -71.06 67.35 58.74
CA GLU L 967 -70.63 68.19 59.85
C GLU L 967 -71.77 68.51 60.79
N ARG L 968 -72.96 68.80 60.23
CA ARG L 968 -74.12 69.04 61.08
C ARG L 968 -74.42 67.83 61.96
N ILE L 969 -74.36 66.63 61.38
CA ILE L 969 -74.63 65.42 62.15
C ILE L 969 -73.59 65.24 63.25
N CYS L 970 -72.32 65.48 62.94
CA CYS L 970 -71.27 65.33 63.95
C CYS L 970 -71.48 66.30 65.09
N ARG L 971 -71.81 67.56 64.77
CA ARG L 971 -72.00 68.56 65.81
C ARG L 971 -73.25 68.27 66.64
N ALA L 972 -74.29 67.73 66.00
CA ALA L 972 -75.53 67.44 66.72
C ALA L 972 -75.36 66.25 67.65
N ALA L 973 -74.96 65.09 67.09
CA ALA L 973 -74.84 63.89 67.91
C ALA L 973 -73.77 64.05 68.97
N TRP L 974 -72.61 64.60 68.61
CA TRP L 974 -71.52 64.83 69.55
C TRP L 974 -71.20 66.32 69.64
N PRO L 975 -71.68 67.02 70.65
CA PRO L 975 -71.19 68.39 70.88
C PRO L 975 -69.70 68.38 71.15
N ASN L 976 -69.03 69.41 70.68
CA ASN L 976 -67.57 69.60 70.74
C ASN L 976 -66.83 68.56 69.92
N CYS L 977 -67.44 67.98 68.90
CA CYS L 977 -66.74 66.98 68.09
C CYS L 977 -65.70 67.67 67.21
N SER L 978 -64.48 67.15 67.26
CA SER L 978 -63.36 67.71 66.51
C SER L 978 -63.25 66.99 65.17
N ILE L 979 -63.70 67.67 64.11
CA ILE L 979 -63.68 67.12 62.77
C ILE L 979 -62.31 67.38 62.16
N THR L 980 -61.64 66.31 61.74
CA THR L 980 -60.31 66.40 61.15
C THR L 980 -60.28 65.61 59.84
N TRP L 981 -59.83 66.27 58.78
CA TRP L 981 -59.66 65.64 57.47
C TRP L 981 -58.17 65.38 57.27
N VAL L 982 -57.79 64.11 57.26
CA VAL L 982 -56.38 63.76 57.14
C VAL L 982 -55.89 64.06 55.72
N PRO L 983 -54.81 64.81 55.56
CA PRO L 983 -54.27 65.13 54.22
C PRO L 983 -53.29 64.08 53.69
N LEU L 984 -53.84 62.96 53.25
CA LEU L 984 -53.04 61.86 52.73
C LEU L 984 -52.72 62.01 51.24
N SER L 985 -53.24 63.05 50.59
CA SER L 985 -53.06 63.17 49.15
C SER L 985 -51.60 63.37 48.77
N TYR L 986 -50.87 64.21 49.51
CA TYR L 986 -49.51 64.59 49.14
C TYR L 986 -48.46 63.94 50.02
N ASP L 987 -48.80 62.89 50.76
CA ASP L 987 -47.85 62.16 51.58
C ASP L 987 -47.60 60.79 50.97
N LEU L 988 -46.34 60.34 51.03
CA LEU L 988 -45.91 59.15 50.31
C LEU L 988 -45.43 58.05 51.27
N ARG L 989 -46.19 57.82 52.34
CA ARG L 989 -45.87 56.73 53.26
C ARG L 989 -46.68 55.47 52.97
N TRP L 990 -47.87 55.62 52.39
CA TRP L 990 -48.50 54.46 51.78
C TRP L 990 -47.62 53.88 50.69
N THR L 991 -46.75 54.70 50.10
CA THR L 991 -45.70 54.18 49.24
C THR L 991 -44.76 53.25 50.01
N LYS L 992 -44.45 53.61 51.27
CA LYS L 992 -43.67 52.70 52.11
C LYS L 992 -44.42 51.40 52.32
N LEU L 993 -45.71 51.49 52.64
CA LEU L 993 -46.49 50.28 52.86
C LEU L 993 -46.55 49.41 51.60
N ALA L 994 -46.53 50.04 50.42
CA ALA L 994 -46.54 49.29 49.17
C ALA L 994 -45.19 48.62 48.92
N LEU L 995 -44.10 49.37 49.10
CA LEU L 995 -42.78 48.86 48.74
C LEU L 995 -42.30 47.79 49.71
N LEU L 996 -42.52 48.00 51.01
CA LEU L 996 -42.11 47.01 52.00
C LEU L 996 -42.90 45.72 51.88
N GLU L 997 -44.08 45.76 51.27
CA GLU L 997 -44.90 44.58 51.04
C GLU L 997 -44.58 43.91 49.71
N SER L 998 -43.58 44.42 48.99
CA SER L 998 -43.14 43.86 47.70
C SER L 998 -44.24 43.97 46.64
N THR L 999 -44.71 45.19 46.41
CA THR L 999 -45.68 45.49 45.37
C THR L 999 -45.15 46.62 44.49
N THR L 1000 -45.13 46.38 43.18
CA THR L 1000 -44.64 47.39 42.25
C THR L 1000 -45.63 48.53 42.12
N LEU L 1001 -45.12 49.74 41.93
CA LEU L 1001 -45.94 50.94 41.84
C LEU L 1001 -45.71 51.65 40.51
N SER L 1002 -46.75 52.32 40.02
CA SER L 1002 -46.68 53.11 38.80
C SER L 1002 -47.11 54.54 39.10
N SER L 1003 -46.39 55.51 38.51
CA SER L 1003 -46.63 56.91 38.82
C SER L 1003 -48.03 57.35 38.41
N ALA L 1004 -48.47 56.92 37.22
CA ALA L 1004 -49.82 57.28 36.77
C ALA L 1004 -50.88 56.72 37.69
N SER L 1005 -50.71 55.46 38.12
CA SER L 1005 -51.64 54.87 39.08
C SER L 1005 -51.61 55.63 40.41
N VAL L 1006 -50.43 56.08 40.83
CA VAL L 1006 -50.31 56.86 42.05
C VAL L 1006 -51.11 58.15 41.94
N ARG L 1007 -50.99 58.85 40.80
CA ARG L 1007 -51.73 60.09 40.62
C ARG L 1007 -53.23 59.84 40.56
N ILE L 1008 -53.65 58.77 39.89
CA ILE L 1008 -55.08 58.45 39.82
C ILE L 1008 -55.62 58.15 41.21
N ALA L 1009 -54.87 57.38 42.01
CA ALA L 1009 -55.30 57.09 43.36
C ALA L 1009 -55.35 58.35 44.22
N GLU L 1010 -54.39 59.26 44.01
CA GLU L 1010 -54.41 60.53 44.73
C GLU L 1010 -55.66 61.32 44.41
N LEU L 1011 -56.04 61.38 43.13
CA LEU L 1011 -57.27 62.08 42.75
C LEU L 1011 -58.49 61.39 43.34
N MET L 1012 -58.53 60.06 43.32
CA MET L 1012 -59.66 59.33 43.86
C MET L 1012 -59.80 59.58 45.36
N TYR L 1013 -58.69 59.62 46.08
CA TYR L 1013 -58.74 59.99 47.50
C TYR L 1013 -59.18 61.43 47.67
N LYS L 1014 -58.74 62.32 46.77
CA LYS L 1014 -59.22 63.70 46.79
C LYS L 1014 -60.72 63.77 46.69
N TYR L 1015 -61.34 62.83 45.98
CA TYR L 1015 -62.80 62.81 45.91
C TYR L 1015 -63.45 61.93 46.98
N MET L 1016 -62.68 61.19 47.78
CA MET L 1016 -63.21 60.43 48.91
C MET L 1016 -62.24 60.50 50.07
N PRO L 1017 -62.47 61.40 51.03
CA PRO L 1017 -61.55 61.56 52.15
C PRO L 1017 -61.85 60.65 53.34
N ILE L 1018 -61.11 60.84 54.43
CA ILE L 1018 -61.29 60.07 55.66
C ILE L 1018 -61.75 61.02 56.76
N MET L 1019 -62.81 60.64 57.46
CA MET L 1019 -63.29 61.39 58.62
C MET L 1019 -62.61 60.89 59.88
N ARG L 1020 -61.93 61.78 60.58
CA ARG L 1020 -61.40 61.51 61.91
C ARG L 1020 -62.12 62.44 62.89
N ILE L 1021 -62.96 61.85 63.73
CA ILE L 1021 -63.84 62.61 64.62
C ILE L 1021 -63.38 62.38 66.06
N ASP L 1022 -63.09 63.47 66.77
CA ASP L 1022 -62.66 63.41 68.16
C ASP L 1022 -63.79 63.93 69.02
N ILE L 1023 -64.32 63.07 69.90
CA ILE L 1023 -65.44 63.48 70.76
C ILE L 1023 -64.96 64.44 71.83
N HIS L 1024 -64.04 63.99 72.68
CA HIS L 1024 -63.48 64.83 73.74
C HIS L 1024 -62.31 65.61 73.14
N GLY L 1025 -62.63 66.74 72.51
CA GLY L 1025 -61.61 67.57 71.90
C GLY L 1025 -62.09 68.99 71.73
N LEU L 1026 -61.13 69.89 71.51
CA LEU L 1026 -61.45 71.30 71.36
C LEU L 1026 -62.23 71.52 70.07
N PRO L 1027 -63.31 72.30 70.11
CA PRO L 1027 -64.11 72.53 68.89
C PRO L 1027 -63.63 73.72 68.08
N MET L 1028 -64.20 73.88 66.88
CA MET L 1028 -63.92 75.03 66.04
C MET L 1028 -65.09 75.23 65.09
N GLU L 1029 -65.38 76.49 64.76
CA GLU L 1029 -66.52 76.83 63.93
C GLU L 1029 -66.08 77.75 62.80
N LYS L 1030 -66.65 77.53 61.62
CA LYS L 1030 -66.34 78.33 60.43
C LYS L 1030 -67.60 79.05 59.98
N GLN L 1031 -67.48 80.34 59.71
CA GLN L 1031 -68.60 81.17 59.29
C GLN L 1031 -68.30 81.90 57.98
N GLY L 1032 -67.42 81.33 57.15
CA GLY L 1032 -67.02 81.98 55.92
C GLY L 1032 -67.16 81.05 54.72
N ASN L 1033 -66.96 81.62 53.54
CA ASN L 1033 -67.06 80.85 52.31
C ASN L 1033 -65.97 79.79 52.22
N PHE L 1034 -64.76 80.12 52.65
CA PHE L 1034 -63.60 79.23 52.57
C PHE L 1034 -63.37 78.77 51.13
N ILE L 1035 -63.35 79.74 50.22
CA ILE L 1035 -62.95 79.53 48.83
C ILE L 1035 -61.87 80.56 48.51
N VAL L 1036 -60.81 80.10 47.83
CA VAL L 1036 -59.67 80.97 47.58
C VAL L 1036 -60.11 82.25 46.86
N GLY L 1037 -59.43 83.35 47.16
CA GLY L 1037 -59.79 84.63 46.60
C GLY L 1037 -60.93 85.33 47.30
N GLN L 1038 -61.41 84.80 48.41
CA GLN L 1038 -62.52 85.38 49.15
C GLN L 1038 -62.20 85.43 50.64
N ASN L 1039 -62.83 86.37 51.33
CA ASN L 1039 -62.61 86.52 52.77
C ASN L 1039 -63.19 85.33 53.52
N CYS L 1040 -62.43 84.82 54.49
CA CYS L 1040 -62.83 83.69 55.30
C CYS L 1040 -62.76 84.06 56.77
N SER L 1041 -63.69 83.55 57.56
CA SER L 1041 -63.76 83.82 58.99
C SER L 1041 -63.66 82.50 59.76
N LEU L 1042 -62.83 82.49 60.80
CA LEU L 1042 -62.67 81.33 61.66
C LEU L 1042 -62.65 81.77 63.11
N VAL L 1043 -63.42 81.09 63.96
CA VAL L 1043 -63.53 81.41 65.37
C VAL L 1043 -63.18 80.17 66.18
N ILE L 1044 -62.30 80.33 67.17
CA ILE L 1044 -61.91 79.27 68.07
C ILE L 1044 -62.32 79.67 69.49
N PRO L 1045 -63.43 79.12 69.99
CA PRO L 1045 -63.93 79.55 71.31
C PRO L 1045 -63.38 78.73 72.46
N GLY L 1046 -62.35 77.93 72.20
CA GLY L 1046 -61.80 77.03 73.20
C GLY L 1046 -60.52 77.46 73.87
N PHE L 1047 -60.12 78.72 73.75
CA PHE L 1047 -58.86 79.18 74.31
C PHE L 1047 -59.04 80.56 74.92
N ASN L 1048 -58.04 80.98 75.71
CA ASN L 1048 -58.11 82.21 76.47
C ASN L 1048 -56.74 82.89 76.53
N ALA L 1049 -56.76 84.17 76.88
CA ALA L 1049 -55.56 84.98 77.13
C ALA L 1049 -54.71 85.00 75.86
N GLN L 1050 -53.39 84.90 75.95
CA GLN L 1050 -52.52 84.97 74.79
C GLN L 1050 -51.99 83.57 74.48
N ASP L 1051 -52.03 83.20 73.20
CA ASP L 1051 -51.49 81.92 72.74
C ASP L 1051 -51.28 82.00 71.24
N VAL L 1052 -50.46 81.10 70.73
CA VAL L 1052 -50.09 81.06 69.32
C VAL L 1052 -50.75 79.88 68.64
N PHE L 1053 -51.29 80.11 67.45
CA PHE L 1053 -51.90 79.06 66.64
C PHE L 1053 -51.07 78.87 65.39
N ASN L 1054 -50.66 77.64 65.13
CA ASN L 1054 -49.83 77.29 63.97
C ASN L 1054 -50.66 76.45 63.01
N CYS L 1055 -50.76 76.92 61.78
CA CYS L 1055 -51.50 76.22 60.73
C CYS L 1055 -50.53 75.70 59.69
N TYR L 1056 -50.58 74.40 59.43
CA TYR L 1056 -49.65 73.73 58.52
C TYR L 1056 -50.39 73.31 57.26
N PHE L 1057 -49.77 73.57 56.10
CA PHE L 1057 -50.30 73.15 54.81
C PHE L 1057 -49.28 72.24 54.15
N ASN L 1058 -49.60 70.95 54.10
CA ASN L 1058 -48.72 69.94 53.50
C ASN L 1058 -47.34 69.94 54.16
N SER L 1059 -47.35 69.82 55.50
CA SER L 1059 -46.12 69.80 56.30
C SER L 1059 -45.30 71.07 56.11
N ALA L 1060 -45.98 72.19 55.93
CA ALA L 1060 -45.33 73.50 55.78
C ALA L 1060 -46.12 74.53 56.55
N LEU L 1061 -45.40 75.34 57.34
CA LEU L 1061 -46.04 76.35 58.19
C LEU L 1061 -46.61 77.46 57.32
N ALA L 1062 -47.94 77.45 57.17
CA ALA L 1062 -48.59 78.50 56.38
C ALA L 1062 -48.49 79.86 57.07
N PHE L 1063 -48.82 79.92 58.35
CA PHE L 1063 -48.74 81.16 59.11
C PHE L 1063 -48.67 80.83 60.59
N SER L 1064 -48.30 81.83 61.38
CA SER L 1064 -48.22 81.69 62.83
C SER L 1064 -48.74 82.96 63.49
N THR L 1065 -49.31 82.79 64.69
CA THR L 1065 -49.92 83.93 65.38
C THR L 1065 -48.87 84.86 65.96
N GLU L 1066 -47.71 84.33 66.37
CA GLU L 1066 -46.69 85.17 66.97
C GLU L 1066 -46.15 86.21 65.99
N ASP L 1067 -46.03 85.84 64.71
CA ASP L 1067 -45.59 86.76 63.66
C ASP L 1067 -46.61 86.69 62.53
N VAL L 1068 -47.67 87.49 62.64
CA VAL L 1068 -48.71 87.50 61.62
C VAL L 1068 -48.20 88.12 60.32
N ASN L 1069 -47.26 89.06 60.41
CA ASN L 1069 -46.76 89.73 59.21
C ASN L 1069 -45.99 88.77 58.31
N SER L 1070 -45.31 87.78 58.88
CA SER L 1070 -44.54 86.82 58.10
C SER L 1070 -45.38 85.68 57.55
N ALA L 1071 -46.69 85.85 57.47
CA ALA L 1071 -47.56 84.80 56.94
C ALA L 1071 -47.29 84.59 55.46
N MET L 1072 -47.24 83.31 55.05
CA MET L 1072 -47.01 82.99 53.65
C MET L 1072 -48.23 83.31 52.79
N ILE L 1073 -49.42 83.08 53.33
CA ILE L 1073 -50.66 83.42 52.61
C ILE L 1073 -50.84 84.93 52.68
N PRO L 1074 -51.59 85.54 51.75
CA PRO L 1074 -51.65 87.01 51.66
C PRO L 1074 -51.94 87.74 52.96
N GLN L 1075 -53.06 87.45 53.61
CA GLN L 1075 -53.51 88.22 54.76
C GLN L 1075 -53.87 87.30 55.92
N VAL L 1076 -53.46 87.69 57.13
CA VAL L 1076 -53.77 86.97 58.36
C VAL L 1076 -54.02 87.99 59.46
N THR L 1077 -55.09 87.78 60.23
CA THR L 1077 -55.35 88.58 61.42
C THR L 1077 -56.01 87.71 62.48
N ALA L 1078 -55.69 87.97 63.74
CA ALA L 1078 -56.23 87.20 64.86
C ALA L 1078 -56.03 87.97 66.14
N GLN L 1079 -57.01 87.87 67.03
CA GLN L 1079 -56.93 88.53 68.33
C GLN L 1079 -57.93 87.89 69.29
N PHE L 1080 -57.73 88.15 70.58
CA PHE L 1080 -58.63 87.66 71.63
C PHE L 1080 -59.74 88.69 71.80
N ASP L 1081 -60.78 88.54 70.97
CA ASP L 1081 -61.75 89.61 70.79
C ASP L 1081 -62.54 89.91 72.06
N ALA L 1082 -63.14 88.89 72.66
CA ALA L 1082 -64.16 89.11 73.69
C ALA L 1082 -63.68 88.60 75.04
N ASN L 1083 -64.38 89.05 76.09
CA ASN L 1083 -64.16 88.48 77.42
C ASN L 1083 -64.49 87.00 77.44
N LYS L 1084 -65.59 86.61 76.78
CA LYS L 1084 -65.82 85.20 76.48
C LYS L 1084 -64.71 84.70 75.57
N GLY L 1085 -64.30 83.45 75.77
CA GLY L 1085 -63.24 82.88 74.97
C GLY L 1085 -63.56 82.90 73.50
N GLU L 1086 -62.90 83.78 72.76
CA GLU L 1086 -63.14 83.95 71.33
C GLU L 1086 -61.84 84.31 70.64
N TRP L 1087 -61.58 83.68 69.50
CA TRP L 1087 -60.40 83.95 68.70
C TRP L 1087 -60.83 83.98 67.24
N SER L 1088 -61.18 85.17 66.75
CA SER L 1088 -61.66 85.34 65.39
C SER L 1088 -60.46 85.47 64.44
N LEU L 1089 -60.44 84.65 63.41
CA LEU L 1089 -59.35 84.64 62.44
C LEU L 1089 -59.92 84.92 61.05
N ASP L 1090 -59.31 85.89 60.36
CA ASP L 1090 -59.70 86.23 58.99
C ASP L 1090 -58.48 86.11 58.09
N MET L 1091 -58.63 85.39 56.98
CA MET L 1091 -57.52 85.18 56.06
C MET L 1091 -58.06 84.89 54.67
N VAL L 1092 -57.18 85.04 53.69
CA VAL L 1092 -57.47 84.71 52.30
C VAL L 1092 -56.37 83.79 51.80
N PHE L 1093 -56.76 82.66 51.22
CA PHE L 1093 -55.82 81.64 50.78
C PHE L 1093 -55.55 81.78 49.29
N SER L 1094 -54.27 81.75 48.92
CA SER L 1094 -53.89 81.83 47.51
C SER L 1094 -54.08 80.51 46.79
N ASP L 1095 -54.10 79.40 47.50
CA ASP L 1095 -54.22 78.07 46.90
C ASP L 1095 -55.20 77.23 47.69
N ALA L 1096 -55.72 76.18 47.04
CA ALA L 1096 -56.75 75.33 47.60
C ALA L 1096 -56.15 74.02 48.08
N GLY L 1097 -56.67 73.53 49.21
CA GLY L 1097 -56.20 72.29 49.77
C GLY L 1097 -56.76 72.10 51.16
N ILE L 1098 -56.19 71.13 51.88
CA ILE L 1098 -56.56 70.83 53.25
C ILE L 1098 -55.55 71.46 54.18
N TYR L 1099 -56.01 72.35 55.05
CA TYR L 1099 -55.16 73.07 55.99
C TYR L 1099 -55.41 72.55 57.39
N THR L 1100 -54.36 72.01 58.01
CA THR L 1100 -54.43 71.53 59.39
C THR L 1100 -53.69 72.49 60.30
N MET L 1101 -54.24 72.71 61.50
CA MET L 1101 -53.68 73.67 62.44
C MET L 1101 -53.60 73.05 63.82
N GLN L 1102 -52.54 73.39 64.55
CA GLN L 1102 -52.36 72.99 65.92
C GLN L 1102 -52.20 74.22 66.79
N ALA L 1103 -52.74 74.15 68.02
CA ALA L 1103 -52.74 75.27 68.94
C ALA L 1103 -51.78 75.00 70.09
N LEU L 1104 -50.96 75.99 70.42
CA LEU L 1104 -50.04 75.86 71.55
C LEU L 1104 -50.58 76.72 72.67
N VAL L 1105 -50.60 76.19 73.88
CA VAL L 1105 -51.19 76.90 75.01
C VAL L 1105 -50.49 78.20 75.31
N GLY L 1106 -49.17 78.20 75.20
CA GLY L 1106 -48.42 79.39 75.56
C GLY L 1106 -47.61 78.91 76.73
N SER L 1107 -46.80 79.78 77.33
CA SER L 1107 -45.90 79.34 78.41
C SER L 1107 -45.14 78.14 77.88
N ASN L 1108 -45.39 76.96 78.43
CA ASN L 1108 -44.76 75.79 77.87
C ASN L 1108 -45.84 74.86 77.35
N ALA L 1109 -45.70 74.44 76.10
CA ALA L 1109 -46.74 73.61 75.53
C ALA L 1109 -46.25 72.56 74.57
N ASN L 1110 -46.97 71.45 74.50
CA ASN L 1110 -46.66 70.44 73.51
C ASN L 1110 -47.88 70.67 72.67
N PRO L 1111 -47.71 70.74 71.35
CA PRO L 1111 -48.86 71.13 70.54
C PRO L 1111 -50.10 70.30 70.71
N VAL L 1112 -51.24 70.97 70.82
CA VAL L 1112 -52.50 70.27 70.93
C VAL L 1112 -53.13 70.40 69.57
N SER L 1113 -53.44 69.29 68.93
CA SER L 1113 -53.97 69.36 67.58
C SER L 1113 -55.36 69.89 67.55
N LEU L 1114 -55.73 70.51 66.43
CA LEU L 1114 -57.08 70.99 66.28
C LEU L 1114 -57.64 70.44 64.99
N GLY L 1115 -58.89 70.74 64.71
CA GLY L 1115 -59.53 70.25 63.49
C GLY L 1115 -58.98 70.93 62.25
N SER L 1116 -59.04 70.21 61.14
CA SER L 1116 -58.60 70.72 59.86
C SER L 1116 -59.78 71.26 59.07
N PHE L 1117 -59.48 72.17 58.14
CA PHE L 1117 -60.48 72.74 57.25
C PHE L 1117 -59.95 72.72 55.83
N VAL L 1118 -60.88 72.72 54.88
CA VAL L 1118 -60.54 72.63 53.45
C VAL L 1118 -61.07 73.88 52.76
N VAL L 1119 -60.28 74.40 51.82
CA VAL L 1119 -60.64 75.57 51.04
C VAL L 1119 -60.83 75.13 49.59
N ASP L 1120 -61.97 75.48 49.01
CA ASP L 1120 -62.34 75.01 47.68
C ASP L 1120 -61.80 75.94 46.61
N SER L 1121 -61.55 75.36 45.42
CA SER L 1121 -61.11 76.12 44.28
C SER L 1121 -62.27 76.91 43.68
N PRO L 1122 -61.98 77.96 42.90
CA PRO L 1122 -63.06 78.72 42.27
C PRO L 1122 -63.81 77.88 41.25
N ASP L 1123 -65.06 78.27 41.02
CA ASP L 1123 -65.91 77.55 40.08
C ASP L 1123 -65.28 77.57 38.68
N VAL L 1124 -65.27 76.40 38.05
CA VAL L 1124 -64.67 76.22 36.72
C VAL L 1124 -65.78 76.39 35.70
N ASP L 1125 -65.86 77.59 35.12
CA ASP L 1125 -66.86 77.90 34.10
C ASP L 1125 -66.19 78.71 33.00
N ILE L 1126 -66.27 78.22 31.77
CA ILE L 1126 -65.68 78.87 30.61
C ILE L 1126 -66.78 79.17 29.61
N THR L 1127 -66.86 80.41 29.16
CA THR L 1127 -67.85 80.85 28.17
C THR L 1127 -67.14 81.69 27.12
N ASP L 1128 -67.26 81.29 25.86
CA ASP L 1128 -66.63 81.98 24.74
C ASP L 1128 -67.68 82.61 23.85
N ALA L 1129 -67.41 83.84 23.41
CA ALA L 1129 -68.33 84.60 22.56
C ALA L 1129 -67.56 85.05 21.31
N TRP L 1130 -67.67 84.27 20.25
CA TRP L 1130 -67.01 84.60 18.99
C TRP L 1130 -67.71 85.79 18.32
N PRO L 1131 -66.97 86.61 17.59
CA PRO L 1131 -67.56 87.79 16.95
C PRO L 1131 -68.41 87.40 15.75
N ALA L 1132 -69.11 88.39 15.22
CA ALA L 1132 -69.98 88.17 14.07
C ALA L 1132 -69.19 88.00 12.78
N GLN L 1133 -68.00 88.59 12.71
CA GLN L 1133 -67.16 88.51 11.52
C GLN L 1133 -65.81 87.91 11.90
N LEU L 1134 -65.29 87.06 11.01
CA LEU L 1134 -64.03 86.36 11.24
C LEU L 1134 -62.99 86.83 10.23
N ASP L 1135 -61.79 87.11 10.72
CA ASP L 1135 -60.68 87.57 9.89
C ASP L 1135 -59.69 86.43 9.68
N PHE L 1136 -59.34 86.16 8.44
CA PHE L 1136 -58.43 85.08 8.08
C PHE L 1136 -57.01 85.57 7.85
N THR L 1137 -56.72 86.84 8.15
CA THR L 1137 -55.39 87.40 7.94
C THR L 1137 -54.45 86.92 9.06
N ILE L 1138 -53.22 87.43 9.05
CA ILE L 1138 -52.27 87.09 10.10
C ILE L 1138 -52.69 87.61 11.47
N ALA L 1139 -53.51 88.65 11.51
CA ALA L 1139 -54.11 89.13 12.74
C ALA L 1139 -55.39 88.33 12.98
N GLY L 1140 -55.29 87.28 13.78
CA GLY L 1140 -56.41 86.37 13.96
C GLY L 1140 -57.57 87.02 14.68
N THR L 1141 -58.71 86.33 14.60
CA THR L 1141 -59.93 86.83 15.23
C THR L 1141 -59.76 86.86 16.75
N ASP L 1142 -60.44 87.83 17.37
CA ASP L 1142 -60.34 88.04 18.81
C ASP L 1142 -61.63 87.57 19.48
N VAL L 1143 -61.49 86.65 20.43
CA VAL L 1143 -62.62 86.10 21.17
C VAL L 1143 -62.34 86.29 22.66
N ASP L 1144 -63.34 86.75 23.40
CA ASP L 1144 -63.22 86.98 24.83
C ASP L 1144 -63.89 85.84 25.60
N ILE L 1145 -63.18 85.30 26.59
CA ILE L 1145 -63.69 84.22 27.42
C ILE L 1145 -63.64 84.67 28.88
N THR L 1146 -64.52 84.11 29.68
CA THR L 1146 -64.65 84.47 31.10
C THR L 1146 -64.22 83.29 31.96
N VAL L 1147 -63.01 83.37 32.51
CA VAL L 1147 -62.48 82.37 33.41
C VAL L 1147 -61.90 83.10 34.62
N ASN L 1148 -61.83 82.40 35.75
CA ASN L 1148 -61.26 82.99 36.95
C ASN L 1148 -59.78 83.28 36.73
N PRO L 1149 -59.27 84.41 37.22
CA PRO L 1149 -57.86 84.76 37.00
C PRO L 1149 -56.90 83.76 37.65
N TYR L 1150 -57.39 82.99 38.62
CA TYR L 1150 -56.55 82.00 39.28
C TYR L 1150 -56.08 80.92 38.32
N TYR L 1151 -56.84 80.66 37.26
CA TYR L 1151 -56.54 79.58 36.33
C TYR L 1151 -55.71 80.09 35.16
N ARG L 1152 -54.57 79.46 34.94
CA ARG L 1152 -53.75 79.70 33.74
C ARG L 1152 -54.02 78.57 32.77
N LEU L 1153 -54.45 78.93 31.55
CA LEU L 1153 -55.04 77.97 30.62
C LEU L 1153 -54.34 78.02 29.28
N MET L 1154 -54.34 76.88 28.59
CA MET L 1154 -53.66 76.73 27.32
C MET L 1154 -54.42 75.73 26.45
N ALA L 1155 -54.18 75.80 25.15
CA ALA L 1155 -54.84 74.90 24.21
C ALA L 1155 -54.03 73.62 24.03
N PHE L 1156 -54.74 72.53 23.75
CA PHE L 1156 -54.12 71.22 23.58
C PHE L 1156 -54.77 70.48 22.43
N VAL L 1157 -54.10 69.42 21.97
CA VAL L 1157 -54.54 68.64 20.82
C VAL L 1157 -54.47 67.16 21.19
N LYS L 1158 -55.48 66.40 20.76
CA LYS L 1158 -55.50 64.96 20.93
C LYS L 1158 -55.25 64.30 19.59
N ILE L 1159 -54.12 63.60 19.47
CA ILE L 1159 -53.75 62.85 18.27
C ILE L 1159 -53.39 61.43 18.68
N ASP L 1160 -54.06 60.46 18.06
CA ASP L 1160 -53.83 59.04 18.33
C ASP L 1160 -54.10 58.69 19.80
N GLY L 1161 -54.99 59.45 20.44
CA GLY L 1161 -55.32 59.22 21.84
C GLY L 1161 -54.35 59.84 22.83
N GLN L 1162 -53.31 60.52 22.37
CA GLN L 1162 -52.32 61.13 23.23
C GLN L 1162 -52.36 62.65 23.10
N TRP L 1163 -52.30 63.33 24.23
CA TRP L 1163 -52.37 64.79 24.23
C TRP L 1163 -51.16 65.41 23.57
N GLN L 1164 -51.40 66.47 22.80
CA GLN L 1164 -50.34 67.21 22.11
C GLN L 1164 -50.54 68.70 22.36
N ILE L 1165 -49.42 69.39 22.61
CA ILE L 1165 -49.47 70.82 22.89
C ILE L 1165 -49.67 71.60 21.60
N ALA L 1166 -50.61 72.54 21.61
CA ALA L 1166 -50.87 73.37 20.44
C ALA L 1166 -49.66 74.26 20.15
N ASN L 1167 -49.46 74.54 18.87
CA ASN L 1167 -48.34 75.38 18.45
C ASN L 1167 -48.53 76.80 18.99
N PRO L 1168 -47.54 77.38 19.67
CA PRO L 1168 -47.72 78.72 20.23
C PRO L 1168 -47.99 79.80 19.19
N ASP L 1169 -47.58 79.60 17.94
CA ASP L 1169 -47.85 80.60 16.91
C ASP L 1169 -49.35 80.73 16.66
N LYS L 1170 -50.05 79.61 16.59
CA LYS L 1170 -51.49 79.64 16.31
C LYS L 1170 -52.26 80.25 17.48
N PHE L 1171 -51.95 79.81 18.70
CA PHE L 1171 -52.71 80.19 19.88
C PHE L 1171 -51.87 81.13 20.74
N GLN L 1172 -52.38 82.33 20.99
CA GLN L 1172 -51.64 83.38 21.69
C GLN L 1172 -52.57 84.05 22.69
N PHE L 1173 -52.46 83.64 23.96
CA PHE L 1173 -53.28 84.22 25.02
C PHE L 1173 -52.69 85.55 25.48
N PHE L 1174 -53.56 86.53 25.75
CA PHE L 1174 -53.11 87.84 26.17
C PHE L 1174 -54.27 88.60 26.78
N SER L 1175 -53.96 89.73 27.42
CA SER L 1175 -54.94 90.62 28.07
C SER L 1175 -55.70 89.90 29.19
N SER L 1176 -54.96 89.45 30.20
CA SER L 1176 -55.57 88.84 31.36
C SER L 1176 -56.22 89.90 32.26
N ASN L 1177 -57.28 89.49 32.95
CA ASN L 1177 -58.00 90.24 33.97
C ASN L 1177 -58.78 91.43 33.40
N THR L 1178 -58.70 91.69 32.11
CA THR L 1178 -59.46 92.76 31.46
C THR L 1178 -60.64 92.20 30.66
N GLY L 1179 -61.30 91.16 31.18
CA GLY L 1179 -62.25 90.39 30.41
C GLY L 1179 -61.65 89.14 29.80
N THR L 1180 -60.34 88.98 29.86
CA THR L 1180 -59.63 87.79 29.39
C THR L 1180 -59.94 87.55 27.91
N LEU L 1181 -59.46 88.47 27.08
CA LEU L 1181 -59.58 88.36 25.62
C LEU L 1181 -58.33 87.63 25.10
N VAL L 1182 -58.13 86.44 25.66
CA VAL L 1182 -56.93 85.66 25.33
C VAL L 1182 -57.07 85.01 23.96
N MET L 1183 -58.29 84.64 23.58
CA MET L 1183 -58.50 83.82 22.40
C MET L 1183 -58.22 84.63 21.14
N ASN L 1184 -57.01 84.46 20.60
CA ASN L 1184 -56.62 85.07 19.32
C ASN L 1184 -56.08 83.96 18.45
N VAL L 1185 -56.90 83.51 17.49
CA VAL L 1185 -56.65 82.28 16.75
C VAL L 1185 -56.38 82.62 15.28
N LYS L 1186 -55.28 82.08 14.76
CA LYS L 1186 -55.03 82.09 13.32
C LYS L 1186 -55.82 80.96 12.67
N LEU L 1187 -56.68 81.31 11.71
CA LEU L 1187 -57.57 80.35 11.11
C LEU L 1187 -56.90 79.60 9.96
N ASP L 1188 -57.30 78.36 9.77
CA ASP L 1188 -56.76 77.51 8.72
C ASP L 1188 -57.80 76.45 8.36
N ILE L 1189 -57.52 75.71 7.27
CA ILE L 1189 -58.43 74.66 6.85
C ILE L 1189 -58.44 73.49 7.83
N ALA L 1190 -57.28 73.19 8.44
CA ALA L 1190 -57.15 71.98 9.25
C ALA L 1190 -58.04 71.98 10.48
N ASP L 1191 -58.55 73.15 10.89
CA ASP L 1191 -59.41 73.20 12.08
C ASP L 1191 -60.72 72.46 11.86
N ARG L 1192 -61.19 72.39 10.61
CA ARG L 1192 -62.45 71.69 10.33
C ARG L 1192 -62.34 70.20 10.64
N TYR L 1193 -61.15 69.63 10.51
CA TYR L 1193 -60.93 68.21 10.76
C TYR L 1193 -60.18 67.95 12.06
N LEU L 1194 -60.15 68.94 12.96
CA LEU L 1194 -59.47 68.79 14.24
C LEU L 1194 -60.31 69.44 15.33
N LEU L 1195 -60.12 68.97 16.56
CA LEU L 1195 -60.80 69.50 17.73
C LEU L 1195 -59.76 70.08 18.67
N TYR L 1196 -60.00 71.31 19.12
CA TYR L 1196 -59.08 72.02 19.99
C TYR L 1196 -59.64 72.08 21.40
N TYR L 1197 -58.87 71.58 22.37
CA TYR L 1197 -59.28 71.52 23.75
C TYR L 1197 -58.53 72.56 24.57
N ILE L 1198 -59.25 73.25 25.45
CA ILE L 1198 -58.68 74.22 26.36
C ILE L 1198 -58.56 73.56 27.72
N ARG L 1199 -57.36 73.52 28.26
CA ARG L 1199 -57.06 72.80 29.50
C ARG L 1199 -56.47 73.75 30.54
N ASP L 1200 -56.10 73.18 31.68
CA ASP L 1200 -55.49 73.92 32.78
C ASP L 1200 -54.04 73.47 32.94
N VAL L 1201 -53.14 74.43 33.13
CA VAL L 1201 -51.71 74.12 33.18
C VAL L 1201 -51.09 74.72 34.45
N GLN L 1202 -51.85 75.60 35.12
CA GLN L 1202 -51.32 76.25 36.33
C GLN L 1202 -51.07 75.24 37.44
N SER L 1203 -51.93 74.22 37.56
CA SER L 1203 -51.73 73.20 38.56
C SER L 1203 -50.71 72.17 38.09
N ARG L 1204 -50.23 71.36 39.04
CA ARG L 1204 -49.25 70.33 38.71
C ARG L 1204 -49.84 69.26 37.81
N ASP L 1205 -51.14 68.99 37.93
CA ASP L 1205 -51.84 68.13 36.99
C ASP L 1205 -52.39 68.95 35.84
N VAL L 1206 -52.53 68.31 34.69
CA VAL L 1206 -52.87 69.02 33.45
C VAL L 1206 -54.29 68.67 33.02
N GLY L 1207 -55.11 69.70 32.83
CA GLY L 1207 -56.44 69.53 32.29
C GLY L 1207 -57.49 69.02 33.26
N PHE L 1208 -57.14 68.85 34.55
CA PHE L 1208 -58.09 68.33 35.50
C PHE L 1208 -59.23 69.32 35.77
N TYR L 1209 -58.88 70.58 36.03
CA TYR L 1209 -59.87 71.53 36.52
C TYR L 1209 -60.78 72.02 35.39
N ILE L 1210 -60.24 72.23 34.20
CA ILE L 1210 -61.02 72.70 33.07
C ILE L 1210 -60.68 71.88 31.83
N GLN L 1211 -61.72 71.52 31.07
CA GLN L 1211 -61.56 70.90 29.76
C GLN L 1211 -62.71 71.34 28.87
N HIS L 1212 -62.50 72.40 28.11
CA HIS L 1212 -63.59 73.01 27.34
C HIS L 1212 -63.35 72.82 25.86
N PRO L 1213 -64.15 72.02 25.16
CA PRO L 1213 -64.00 71.92 23.71
C PRO L 1213 -64.35 73.24 23.03
N LEU L 1214 -63.64 73.52 21.94
CA LEU L 1214 -63.90 74.72 21.14
C LEU L 1214 -64.80 74.32 19.97
N GLN L 1215 -66.08 74.10 20.29
CA GLN L 1215 -67.03 73.67 19.27
C GLN L 1215 -67.22 74.73 18.19
N LEU L 1216 -67.24 76.01 18.59
CA LEU L 1216 -67.40 77.08 17.62
C LEU L 1216 -66.27 77.09 16.61
N LEU L 1217 -65.04 76.87 17.08
CA LEU L 1217 -63.88 76.85 16.18
C LEU L 1217 -63.98 75.70 15.17
N ASN L 1218 -64.43 74.53 15.62
CA ASN L 1218 -64.46 73.36 14.75
C ASN L 1218 -65.42 73.57 13.57
N THR L 1219 -66.62 74.10 13.84
CA THR L 1219 -67.61 74.33 12.80
C THR L 1219 -67.64 75.82 12.46
N ILE L 1220 -66.92 76.18 11.38
CA ILE L 1220 -66.91 77.53 10.86
C ILE L 1220 -67.16 77.46 9.36
N THR L 1221 -67.62 78.59 8.81
CA THR L 1221 -67.79 78.71 7.37
C THR L 1221 -66.51 79.29 6.77
N LEU L 1222 -66.05 78.70 5.67
CA LEU L 1222 -64.82 79.14 5.02
C LEU L 1222 -65.20 79.89 3.75
N PRO L 1223 -65.09 81.21 3.71
CA PRO L 1223 -65.44 81.95 2.50
C PRO L 1223 -64.48 81.64 1.36
N THR L 1224 -65.02 81.65 0.14
CA THR L 1224 -64.24 81.46 -1.06
C THR L 1224 -63.65 82.76 -1.58
N ASN L 1225 -63.95 83.90 -0.94
CA ASN L 1225 -63.51 85.19 -1.43
C ASN L 1225 -62.04 85.45 -1.16
N GLU L 1226 -61.54 85.06 0.02
CA GLU L 1226 -60.22 85.46 0.48
C GLU L 1226 -59.30 84.25 0.62
N ASP L 1227 -58.00 84.54 0.71
CA ASP L 1227 -56.99 83.50 0.88
C ASP L 1227 -57.12 82.86 2.26
N LEU L 1228 -56.76 81.57 2.33
CA LEU L 1228 -56.84 80.79 3.55
C LEU L 1228 -55.53 80.08 3.79
N PHE L 1229 -55.43 79.41 4.94
CA PHE L 1229 -54.24 78.68 5.34
C PHE L 1229 -54.54 77.20 5.36
N LEU L 1230 -53.59 76.39 4.87
CA LEU L 1230 -53.76 74.95 4.77
C LEU L 1230 -52.61 74.24 5.49
N SER L 1231 -52.95 73.20 6.23
CA SER L 1231 -51.95 72.38 6.92
C SER L 1231 -52.49 70.96 7.05
N ALA L 1232 -51.60 69.99 6.92
CA ALA L 1232 -51.99 68.59 7.05
C ALA L 1232 -52.37 68.29 8.50
N PRO L 1233 -53.56 67.75 8.76
CA PRO L 1233 -53.96 67.51 10.16
C PRO L 1233 -53.03 66.59 10.93
N ASP L 1234 -52.49 65.54 10.29
CA ASP L 1234 -51.66 64.57 10.99
C ASP L 1234 -50.80 63.83 9.97
N MET L 1235 -50.13 62.77 10.43
CA MET L 1235 -49.14 62.08 9.62
C MET L 1235 -49.74 61.36 8.43
N ARG L 1236 -51.04 61.07 8.45
CA ARG L 1236 -51.67 60.34 7.36
C ARG L 1236 -51.66 61.18 6.08
N GLU L 1237 -51.92 60.49 4.96
CA GLU L 1237 -52.04 61.18 3.69
C GLU L 1237 -53.41 61.83 3.57
N TRP L 1238 -53.43 63.11 3.22
CA TRP L 1238 -54.67 63.86 3.09
C TRP L 1238 -54.77 64.42 1.69
N ALA L 1239 -55.99 64.40 1.15
CA ALA L 1239 -56.24 64.79 -0.24
C ALA L 1239 -57.03 66.09 -0.26
N VAL L 1240 -56.37 67.18 -0.67
CA VAL L 1240 -57.08 68.44 -0.85
C VAL L 1240 -57.90 68.38 -2.13
N LYS L 1241 -59.08 68.99 -2.09
CA LYS L 1241 -59.98 69.04 -3.24
C LYS L 1241 -60.44 70.46 -3.46
N GLU L 1242 -60.62 70.82 -4.73
CA GLU L 1242 -61.20 72.08 -5.13
C GLU L 1242 -62.33 71.82 -6.13
N SER L 1243 -63.48 72.44 -5.88
CA SER L 1243 -64.69 72.23 -6.68
C SER L 1243 -65.01 70.74 -6.62
N GLY L 1244 -64.96 70.00 -7.73
CA GLY L 1244 -65.24 68.58 -7.73
C GLY L 1244 -64.07 67.67 -8.00
N ASN L 1245 -62.85 68.19 -8.11
CA ASN L 1245 -61.68 67.38 -8.41
C ASN L 1245 -60.57 67.68 -7.42
N THR L 1246 -59.67 66.72 -7.27
CA THR L 1246 -58.56 66.81 -6.33
C THR L 1246 -57.43 67.62 -6.95
N ILE L 1247 -56.71 68.37 -6.12
CA ILE L 1247 -55.58 69.16 -6.62
C ILE L 1247 -54.27 68.39 -6.43
N CYS L 1248 -54.01 67.92 -5.23
CA CYS L 1248 -52.78 67.21 -4.92
C CYS L 1248 -52.99 66.39 -3.65
N ILE L 1249 -51.99 65.58 -3.32
CA ILE L 1249 -52.01 64.76 -2.11
C ILE L 1249 -50.99 65.36 -1.15
N LEU L 1250 -51.45 65.69 0.07
CA LEU L 1250 -50.63 66.51 0.96
C LEU L 1250 -49.40 65.77 1.44
N ASN L 1251 -49.56 64.54 1.95
CA ASN L 1251 -48.48 63.85 2.64
C ASN L 1251 -47.84 62.73 1.81
N SER L 1252 -48.21 62.59 0.54
CA SER L 1252 -47.62 61.56 -0.28
C SER L 1252 -46.18 61.91 -0.62
N PRO L 1253 -45.32 60.90 -0.78
CA PRO L 1253 -43.97 61.15 -1.29
C PRO L 1253 -44.04 61.73 -2.70
N GLY L 1254 -43.10 62.63 -2.99
CA GLY L 1254 -43.11 63.33 -4.26
C GLY L 1254 -44.17 64.41 -4.38
N PHE L 1255 -44.74 64.86 -3.27
CA PHE L 1255 -45.75 65.91 -3.29
C PHE L 1255 -45.12 67.22 -3.73
N ILE L 1256 -45.54 67.70 -4.89
CA ILE L 1256 -45.09 68.97 -5.45
C ILE L 1256 -46.24 69.97 -5.31
N PRO L 1257 -46.12 70.99 -4.46
CA PRO L 1257 -47.20 71.97 -4.32
C PRO L 1257 -47.45 72.70 -5.63
N PRO L 1258 -48.70 73.00 -5.94
CA PRO L 1258 -48.99 73.85 -7.09
C PRO L 1258 -48.34 75.22 -6.92
N GLN L 1259 -47.85 75.77 -8.04
CA GLN L 1259 -47.11 77.02 -7.99
C GLN L 1259 -47.97 78.20 -7.57
N ASP L 1260 -49.30 78.04 -7.59
CA ASP L 1260 -50.17 79.08 -7.06
C ASP L 1260 -50.12 79.18 -5.55
N TRP L 1261 -49.61 78.15 -4.87
CA TRP L 1261 -49.54 78.17 -3.42
C TRP L 1261 -48.34 78.98 -2.95
N ASP L 1262 -48.39 79.41 -1.69
CA ASP L 1262 -47.29 80.12 -1.06
C ASP L 1262 -47.14 79.64 0.38
N VAL L 1263 -45.92 79.27 0.75
CA VAL L 1263 -45.62 78.72 2.07
C VAL L 1263 -45.38 79.87 3.05
N LEU L 1264 -45.86 79.70 4.28
CA LEU L 1264 -45.62 80.67 5.34
C LEU L 1264 -44.31 80.38 6.06
N THR L 1265 -43.72 81.44 6.61
CA THR L 1265 -42.49 81.29 7.38
C THR L 1265 -42.72 80.46 8.64
N ASP L 1266 -43.84 80.69 9.32
CA ASP L 1266 -44.17 80.01 10.57
C ASP L 1266 -45.27 78.99 10.32
N THR L 1267 -45.01 77.74 10.66
CA THR L 1267 -46.00 76.69 10.51
C THR L 1267 -47.12 76.87 11.53
N ILE L 1268 -48.33 76.46 11.16
CA ILE L 1268 -49.49 76.59 12.01
C ILE L 1268 -49.93 75.25 12.61
N SER L 1269 -49.50 74.13 12.03
CA SER L 1269 -49.89 72.83 12.53
C SER L 1269 -49.24 72.54 13.88
N TRP L 1270 -49.82 71.58 14.60
CA TRP L 1270 -49.27 71.21 15.91
C TRP L 1270 -47.87 70.65 15.79
N SER L 1271 -47.62 69.86 14.74
CA SER L 1271 -46.28 69.34 14.51
C SER L 1271 -45.42 70.42 13.84
N PRO L 1272 -44.30 70.82 14.44
CA PRO L 1272 -43.46 71.85 13.81
C PRO L 1272 -42.92 71.45 12.45
N SER L 1273 -42.68 70.15 12.23
CA SER L 1273 -42.13 69.70 10.95
C SER L 1273 -43.11 69.96 9.81
N LEU L 1274 -44.39 69.74 10.04
CA LEU L 1274 -45.39 69.92 8.98
C LEU L 1274 -45.57 71.41 8.68
N PRO L 1275 -45.41 71.83 7.44
CA PRO L 1275 -45.54 73.25 7.12
C PRO L 1275 -46.98 73.63 6.76
N THR L 1276 -47.16 74.91 6.49
CA THR L 1276 -48.45 75.47 6.11
C THR L 1276 -48.30 76.31 4.85
N TYR L 1277 -49.39 76.44 4.11
CA TYR L 1277 -49.39 77.11 2.82
C TYR L 1277 -50.52 78.12 2.74
N VAL L 1278 -50.30 79.17 1.94
CA VAL L 1278 -51.37 80.08 1.57
C VAL L 1278 -52.03 79.56 0.30
N VAL L 1279 -53.36 79.46 0.33
CA VAL L 1279 -54.10 78.90 -0.80
C VAL L 1279 -54.74 80.04 -1.59
N PRO L 1280 -54.93 79.89 -2.90
CA PRO L 1280 -55.74 80.86 -3.64
C PRO L 1280 -57.19 80.79 -3.18
N PRO L 1281 -57.95 81.87 -3.36
CA PRO L 1281 -59.31 81.87 -2.83
C PRO L 1281 -60.18 80.82 -3.51
N GLY L 1282 -61.11 80.26 -2.73
CA GLY L 1282 -62.03 79.27 -3.22
C GLY L 1282 -61.78 77.84 -2.78
N ASP L 1283 -60.62 77.55 -2.21
CA ASP L 1283 -60.29 76.19 -1.79
C ASP L 1283 -60.84 75.95 -0.39
N TYR L 1284 -61.87 75.11 -0.30
CA TYR L 1284 -62.53 74.85 0.99
C TYR L 1284 -62.47 73.39 1.41
N THR L 1285 -62.82 72.46 0.52
CA THR L 1285 -63.04 71.08 0.90
C THR L 1285 -61.74 70.28 0.94
N LEU L 1286 -61.75 69.21 1.74
CA LEU L 1286 -60.60 68.34 1.90
C LEU L 1286 -61.08 66.98 2.41
N THR L 1287 -60.37 65.93 2.03
CA THR L 1287 -60.75 64.57 2.41
C THR L 1287 -59.53 63.78 2.84
N PRO L 1288 -59.71 62.80 3.73
CA PRO L 1288 -58.59 61.93 4.11
C PRO L 1288 -58.30 60.87 3.07
N LEU L 1289 -57.04 60.44 3.05
CA LEU L 1289 -56.57 59.36 2.17
C LEU L 1289 -56.80 59.66 0.69
N ALA M 2 -73.33 -21.18 -15.61
CA ALA M 2 -72.92 -22.42 -14.97
C ALA M 2 -71.51 -22.30 -14.40
N ASN M 3 -71.24 -23.04 -13.34
CA ASN M 3 -69.95 -23.04 -12.68
C ASN M 3 -69.13 -24.26 -13.12
N VAL M 4 -67.84 -24.04 -13.36
CA VAL M 4 -66.98 -25.13 -13.83
C VAL M 4 -66.32 -25.83 -12.65
N TRP M 5 -65.47 -25.11 -11.93
CA TRP M 5 -64.96 -25.53 -10.62
C TRP M 5 -64.72 -24.24 -9.83
N GLY M 6 -65.73 -23.84 -9.07
CA GLY M 6 -65.64 -22.58 -8.32
C GLY M 6 -65.51 -21.34 -9.19
N VAL M 7 -65.49 -21.53 -10.51
CA VAL M 7 -65.39 -20.43 -11.46
C VAL M 7 -66.78 -20.11 -11.97
N ARG M 8 -67.17 -18.85 -11.89
CA ARG M 8 -68.51 -18.41 -12.28
C ARG M 8 -68.48 -17.89 -13.71
N LEU M 9 -69.43 -18.33 -14.52
CA LEU M 9 -69.53 -17.95 -15.91
C LEU M 9 -70.82 -17.17 -16.14
N ALA M 10 -70.74 -16.12 -16.96
CA ALA M 10 -71.91 -15.31 -17.26
C ALA M 10 -72.92 -16.11 -18.07
N ASP M 11 -74.19 -15.76 -17.92
CA ASP M 11 -75.25 -16.48 -18.63
C ASP M 11 -75.25 -16.18 -20.12
N SER M 12 -74.61 -15.09 -20.54
CA SER M 12 -74.61 -14.72 -21.95
C SER M 12 -73.50 -15.46 -22.69
N LEU M 13 -73.62 -15.47 -24.01
CA LEU M 13 -72.64 -16.08 -24.90
C LEU M 13 -72.25 -15.08 -25.99
N SER M 14 -70.96 -15.01 -26.30
CA SER M 14 -70.48 -14.09 -27.31
C SER M 14 -69.22 -14.66 -27.95
N SER M 15 -68.96 -14.25 -29.19
CA SER M 15 -67.80 -14.71 -29.93
C SER M 15 -67.56 -13.77 -31.09
N PRO M 16 -66.31 -13.55 -31.49
CA PRO M 16 -66.06 -12.75 -32.69
C PRO M 16 -66.59 -13.45 -33.93
N THR M 17 -66.90 -12.65 -34.95
CA THR M 17 -67.56 -13.16 -36.14
C THR M 17 -66.73 -13.02 -37.41
N ILE M 18 -66.06 -11.91 -37.61
CA ILE M 18 -65.40 -11.60 -38.87
C ILE M 18 -63.90 -11.83 -38.72
N GLU M 19 -63.32 -12.54 -39.69
CA GLU M 19 -61.88 -12.78 -39.76
C GLU M 19 -61.25 -11.78 -40.71
N THR M 20 -60.24 -11.05 -40.23
CA THR M 20 -59.45 -10.21 -41.11
C THR M 20 -58.50 -11.06 -41.93
N ARG M 21 -58.26 -10.64 -43.17
CA ARG M 21 -57.37 -11.39 -44.03
C ARG M 21 -55.92 -11.22 -43.59
N THR M 22 -55.08 -12.14 -44.05
CA THR M 22 -53.69 -12.21 -43.60
C THR M 22 -52.77 -11.50 -44.59
N ARG M 23 -51.92 -10.62 -44.06
CA ARG M 23 -50.87 -10.01 -44.85
C ARG M 23 -49.74 -11.00 -45.08
N HIS M 24 -49.09 -10.88 -46.24
CA HIS M 24 -47.94 -11.71 -46.58
C HIS M 24 -46.68 -10.89 -46.42
N TYR M 25 -45.76 -11.39 -45.60
CA TYR M 25 -44.64 -10.60 -45.13
C TYR M 25 -43.69 -10.30 -46.28
N THR M 26 -43.32 -9.03 -46.44
CA THR M 26 -42.56 -8.59 -47.60
C THR M 26 -41.26 -7.93 -47.17
N LEU M 27 -40.36 -7.79 -48.13
CA LEU M 27 -39.00 -7.31 -47.84
C LEU M 27 -39.01 -5.85 -47.39
N HIS M 28 -39.91 -5.04 -47.95
CA HIS M 28 -40.03 -3.66 -47.51
C HIS M 28 -40.45 -3.60 -46.05
N ASP M 29 -41.37 -4.48 -45.63
CA ASP M 29 -41.75 -4.57 -44.23
C ASP M 29 -40.56 -5.03 -43.39
N PHE M 30 -39.71 -5.91 -43.93
CA PHE M 30 -38.50 -6.31 -43.24
C PHE M 30 -37.61 -5.11 -42.96
N TYR M 31 -37.36 -4.30 -43.99
CA TYR M 31 -36.54 -3.10 -43.80
C TYR M 31 -37.18 -2.13 -42.82
N SER M 32 -38.51 -1.96 -42.90
CA SER M 32 -39.19 -1.08 -41.97
C SER M 32 -39.05 -1.56 -40.53
N ASP M 33 -39.14 -2.87 -40.32
CA ASP M 33 -38.98 -3.41 -38.97
C ASP M 33 -37.57 -3.20 -38.46
N LEU M 34 -36.56 -3.42 -39.30
CA LEU M 34 -35.19 -3.17 -38.86
C LEU M 34 -34.85 -1.69 -38.75
N ASP M 35 -35.65 -0.79 -39.32
CA ASP M 35 -35.46 0.63 -39.04
C ASP M 35 -35.74 0.96 -37.58
N ALA M 36 -36.60 0.18 -36.94
CA ALA M 36 -36.99 0.40 -35.54
C ALA M 36 -37.52 1.82 -35.34
N SER M 37 -38.44 2.21 -36.21
CA SER M 37 -39.03 3.53 -36.12
C SER M 37 -39.82 3.67 -34.82
N VAL M 38 -40.00 4.93 -34.39
CA VAL M 38 -40.61 5.19 -33.09
C VAL M 38 -42.04 4.64 -33.04
N GLY M 39 -42.76 4.71 -34.15
CA GLY M 39 -44.11 4.17 -34.17
C GLY M 39 -44.14 2.66 -34.35
N LYS M 40 -43.22 2.13 -35.14
CA LYS M 40 -43.22 0.72 -35.54
C LYS M 40 -42.10 -0.07 -34.87
N GLU M 41 -41.82 0.24 -33.61
CA GLU M 41 -40.85 -0.55 -32.86
C GLU M 41 -41.39 -1.96 -32.64
N PRO M 42 -40.64 -3.00 -33.01
CA PRO M 42 -41.10 -4.39 -32.83
C PRO M 42 -40.98 -4.89 -31.40
N TRP M 43 -41.42 -4.06 -30.45
CA TRP M 43 -41.43 -4.44 -29.04
C TRP M 43 -42.45 -3.58 -28.31
N ARG M 44 -42.90 -4.08 -27.15
CA ARG M 44 -43.80 -3.33 -26.29
C ARG M 44 -43.40 -3.50 -24.84
N PRO M 45 -43.11 -2.42 -24.13
CA PRO M 45 -42.77 -2.53 -22.71
C PRO M 45 -43.96 -3.03 -21.90
N LEU M 46 -43.66 -3.81 -20.86
CA LEU M 46 -44.65 -4.27 -19.90
C LEU M 46 -44.30 -3.69 -18.55
N ARG M 47 -45.25 -2.94 -17.98
CA ARG M 47 -45.02 -2.17 -16.76
C ARG M 47 -45.67 -2.87 -15.57
N ASN M 48 -44.96 -2.87 -14.45
CA ASN M 48 -45.54 -3.37 -13.20
C ASN M 48 -46.72 -2.49 -12.79
N GLN M 49 -47.83 -3.13 -12.40
CA GLN M 49 -49.03 -2.38 -12.08
C GLN M 49 -48.89 -1.59 -10.78
N ARG M 50 -48.14 -2.11 -9.81
CA ARG M 50 -48.07 -1.45 -8.51
C ARG M 50 -47.25 -0.17 -8.57
N THR M 51 -46.10 -0.20 -9.23
CA THR M 51 -45.16 0.92 -9.21
C THR M 51 -44.98 1.59 -10.56
N ASN M 52 -45.62 1.09 -11.62
CA ASN M 52 -45.49 1.64 -12.96
C ASN M 52 -44.03 1.71 -13.41
N GLU M 53 -43.33 0.60 -13.24
CA GLU M 53 -41.94 0.46 -13.66
C GLU M 53 -41.83 -0.66 -14.69
N ILE M 54 -41.03 -0.42 -15.73
CA ILE M 54 -40.89 -1.38 -16.81
C ILE M 54 -40.02 -2.55 -16.36
N VAL M 55 -40.54 -3.76 -16.53
CA VAL M 55 -39.81 -4.96 -16.12
C VAL M 55 -39.64 -5.98 -17.24
N ALA M 56 -40.47 -5.97 -18.28
CA ALA M 56 -40.37 -6.98 -19.33
C ALA M 56 -40.85 -6.37 -20.65
N VAL M 57 -40.46 -7.02 -21.74
CA VAL M 57 -40.84 -6.59 -23.08
C VAL M 57 -41.41 -7.78 -23.85
N GLN M 58 -42.18 -7.47 -24.89
CA GLN M 58 -42.76 -8.47 -25.76
C GLN M 58 -42.15 -8.35 -27.15
N LEU M 59 -41.77 -9.49 -27.72
CA LEU M 59 -41.05 -9.54 -28.98
C LEU M 59 -42.00 -9.90 -30.12
N PHE M 60 -41.94 -9.12 -31.21
CA PHE M 60 -42.79 -9.34 -32.36
C PHE M 60 -42.04 -10.16 -33.42
N ARG M 61 -42.61 -10.23 -34.62
CA ARG M 61 -42.20 -11.13 -35.70
C ARG M 61 -40.71 -11.11 -36.00
N PRO M 62 -40.10 -9.98 -36.36
CA PRO M 62 -38.68 -10.03 -36.78
C PRO M 62 -37.73 -10.39 -35.66
N LEU M 63 -38.08 -10.09 -34.41
CA LEU M 63 -37.20 -10.35 -33.28
C LEU M 63 -37.40 -11.72 -32.67
N GLN M 64 -38.39 -12.48 -33.13
CA GLN M 64 -38.56 -13.84 -32.64
C GLN M 64 -37.43 -14.74 -33.12
N GLY M 65 -37.16 -15.77 -32.35
CA GLY M 65 -36.11 -16.72 -32.69
C GLY M 65 -34.88 -16.69 -31.81
N LEU M 66 -34.87 -15.92 -30.74
CA LEU M 66 -33.76 -15.92 -29.79
C LEU M 66 -33.83 -17.22 -29.01
N VAL M 67 -32.97 -18.18 -29.35
CA VAL M 67 -33.05 -19.53 -28.80
C VAL M 67 -31.92 -19.84 -27.84
N PHE M 68 -30.95 -18.95 -27.65
CA PHE M 68 -29.83 -19.19 -26.76
C PHE M 68 -30.05 -18.49 -25.42
N ASP M 69 -29.10 -18.68 -24.51
CA ASP M 69 -29.18 -18.09 -23.19
C ASP M 69 -28.94 -16.58 -23.27
N THR M 70 -29.54 -15.86 -22.32
CA THR M 70 -29.41 -14.41 -22.31
C THR M 70 -27.99 -13.94 -22.03
N GLN M 71 -27.16 -14.76 -21.40
CA GLN M 71 -25.78 -14.38 -21.14
C GLN M 71 -24.99 -14.25 -22.43
N LEU M 72 -25.29 -15.10 -23.41
CA LEU M 72 -24.59 -15.04 -24.69
C LEU M 72 -24.89 -13.74 -25.43
N TYR M 73 -26.15 -13.28 -25.37
CA TYR M 73 -26.52 -12.06 -26.07
C TYR M 73 -25.91 -10.83 -25.41
N GLY M 74 -25.79 -10.84 -24.09
CA GLY M 74 -25.22 -9.72 -23.37
C GLY M 74 -26.04 -8.45 -23.43
N PHE M 75 -27.35 -8.55 -23.23
CA PHE M 75 -28.20 -7.37 -23.25
C PHE M 75 -27.90 -6.48 -22.04
N PRO M 76 -28.03 -5.16 -22.21
CA PRO M 76 -27.68 -4.25 -21.11
C PRO M 76 -28.49 -4.48 -19.83
N GLY M 77 -29.75 -4.84 -19.94
CA GLY M 77 -30.59 -5.09 -18.78
C GLY M 77 -31.48 -3.94 -18.38
N THR M 78 -31.27 -2.75 -18.93
CA THR M 78 -32.12 -1.59 -18.68
C THR M 78 -32.87 -1.25 -19.97
N PHE M 79 -34.16 -0.93 -19.83
CA PHE M 79 -35.03 -0.84 -20.99
C PHE M 79 -34.53 0.19 -22.01
N SER M 80 -34.10 1.36 -21.54
CA SER M 80 -33.60 2.37 -22.46
C SER M 80 -32.30 1.91 -23.13
N GLN M 81 -31.35 1.43 -22.34
CA GLN M 81 -30.08 0.96 -22.90
C GLN M 81 -30.29 -0.24 -23.82
N TRP M 82 -31.17 -1.17 -23.42
CA TRP M 82 -31.49 -2.30 -24.27
C TRP M 82 -32.11 -1.84 -25.58
N GLU M 83 -33.01 -0.86 -25.52
CA GLU M 83 -33.65 -0.34 -26.72
C GLU M 83 -32.62 0.27 -27.67
N GLN M 84 -31.71 1.08 -27.14
CA GLN M 84 -30.69 1.69 -27.98
C GLN M 84 -29.77 0.63 -28.58
N PHE M 85 -29.36 -0.35 -27.78
CA PHE M 85 -28.46 -1.40 -28.27
C PHE M 85 -29.10 -2.21 -29.38
N MET M 86 -30.36 -2.61 -29.19
CA MET M 86 -31.07 -3.36 -30.22
C MET M 86 -31.29 -2.51 -31.47
N LYS M 87 -31.59 -1.22 -31.29
CA LYS M 87 -31.76 -0.34 -32.44
C LYS M 87 -30.48 -0.28 -33.26
N GLU M 88 -29.34 -0.13 -32.59
CA GLU M 88 -28.07 -0.09 -33.29
C GLU M 88 -27.79 -1.41 -34.02
N LYS M 89 -28.06 -2.54 -33.36
CA LYS M 89 -27.80 -3.83 -33.98
C LYS M 89 -28.65 -4.02 -35.23
N LEU M 90 -29.95 -3.72 -35.14
CA LEU M 90 -30.82 -3.88 -36.31
C LEU M 90 -30.46 -2.90 -37.41
N ARG M 91 -30.02 -1.68 -37.04
CA ARG M 91 -29.58 -0.74 -38.06
C ARG M 91 -28.36 -1.27 -38.80
N VAL M 92 -27.43 -1.90 -38.07
CA VAL M 92 -26.26 -2.47 -38.72
C VAL M 92 -26.67 -3.62 -39.65
N LEU M 93 -27.57 -4.48 -39.20
CA LEU M 93 -27.96 -5.64 -40.00
C LEU M 93 -28.72 -5.22 -41.26
N LYS M 94 -29.54 -4.17 -41.15
CA LYS M 94 -30.35 -3.72 -42.27
C LYS M 94 -29.49 -3.32 -43.46
N TYR M 95 -28.34 -2.71 -43.21
CA TYR M 95 -27.48 -2.28 -44.30
C TYR M 95 -26.90 -3.45 -45.06
N GLU M 96 -26.50 -4.51 -44.35
CA GLU M 96 -26.05 -5.73 -45.04
C GLU M 96 -27.17 -6.33 -45.86
N VAL M 97 -28.38 -6.41 -45.29
CA VAL M 97 -29.51 -6.98 -46.01
C VAL M 97 -29.80 -6.15 -47.27
N LEU M 98 -29.68 -4.83 -47.16
CA LEU M 98 -29.80 -3.96 -48.33
C LEU M 98 -28.71 -4.24 -49.35
N ARG M 99 -27.48 -4.44 -48.88
CA ARG M 99 -26.36 -4.66 -49.80
C ARG M 99 -26.57 -5.90 -50.65
N ILE M 100 -27.00 -7.01 -50.02
CA ILE M 100 -27.22 -8.21 -50.82
C ILE M 100 -28.50 -8.09 -51.64
N TYR M 101 -29.56 -7.54 -51.07
CA TYR M 101 -30.84 -7.37 -51.77
C TYR M 101 -31.17 -5.89 -51.87
N PRO M 102 -30.79 -5.23 -52.97
CA PRO M 102 -31.17 -3.82 -53.16
C PRO M 102 -32.68 -3.67 -53.26
N ILE M 103 -33.19 -2.57 -52.72
CA ILE M 103 -34.63 -2.33 -52.75
C ILE M 103 -35.10 -1.84 -54.12
N SER M 104 -34.19 -1.34 -54.96
CA SER M 104 -34.59 -0.90 -56.29
C SER M 104 -35.07 -2.08 -57.13
N THR M 105 -34.42 -3.23 -57.00
CA THR M 105 -34.79 -4.43 -57.75
C THR M 105 -35.81 -5.27 -56.99
N TYR M 106 -35.47 -5.69 -55.78
CA TYR M 106 -36.34 -6.54 -54.96
C TYR M 106 -37.19 -5.64 -54.08
N ASN M 107 -38.49 -5.55 -54.40
CA ASN M 107 -39.40 -4.76 -53.59
C ASN M 107 -40.60 -5.55 -53.08
N HIS M 108 -41.22 -6.38 -53.93
CA HIS M 108 -42.43 -7.11 -53.57
C HIS M 108 -42.18 -8.60 -53.40
N ASP M 109 -40.92 -9.04 -53.47
CA ASP M 109 -40.62 -10.45 -53.31
C ASP M 109 -40.88 -10.90 -51.87
N ARG M 110 -41.50 -12.06 -51.73
CA ARG M 110 -41.90 -12.55 -50.42
C ARG M 110 -40.67 -12.98 -49.62
N VAL M 111 -40.82 -12.99 -48.30
CA VAL M 111 -39.73 -13.25 -47.38
C VAL M 111 -40.08 -14.46 -46.51
N ASN M 112 -39.16 -15.41 -46.43
CA ASN M 112 -39.30 -16.54 -45.52
C ASN M 112 -39.21 -16.03 -44.10
N VAL M 113 -40.33 -16.09 -43.36
CA VAL M 113 -40.32 -15.61 -41.98
C VAL M 113 -39.40 -16.46 -41.12
N PHE M 114 -39.32 -17.76 -41.40
CA PHE M 114 -38.36 -18.61 -40.69
C PHE M 114 -36.94 -18.14 -40.93
N VAL M 115 -36.61 -17.83 -42.19
CA VAL M 115 -35.26 -17.37 -42.51
C VAL M 115 -34.99 -16.02 -41.89
N ALA M 116 -35.99 -15.14 -41.87
CA ALA M 116 -35.80 -13.83 -41.25
C ALA M 116 -35.53 -13.96 -39.76
N ASN M 117 -36.32 -14.78 -39.07
CA ASN M 117 -36.11 -14.98 -37.64
C ASN M 117 -34.76 -15.63 -37.36
N ALA M 118 -34.39 -16.62 -38.17
CA ALA M 118 -33.10 -17.27 -38.01
C ALA M 118 -31.95 -16.30 -38.23
N LEU M 119 -32.06 -15.44 -39.25
CA LEU M 119 -31.03 -14.45 -39.52
C LEU M 119 -30.89 -13.47 -38.37
N VAL M 120 -32.01 -12.98 -37.84
CA VAL M 120 -31.95 -12.04 -36.73
C VAL M 120 -31.32 -12.69 -35.51
N GLY M 121 -31.77 -13.90 -35.18
CA GLY M 121 -31.22 -14.59 -34.02
C GLY M 121 -29.75 -14.93 -34.17
N ALA M 122 -29.33 -15.28 -35.38
CA ALA M 122 -27.94 -15.62 -35.61
C ALA M 122 -27.04 -14.38 -35.54
N PHE M 123 -27.50 -13.27 -36.12
CA PHE M 123 -26.71 -12.04 -36.04
C PHE M 123 -26.61 -11.54 -34.60
N LEU M 124 -27.73 -11.60 -33.86
CA LEU M 124 -27.69 -11.16 -32.46
C LEU M 124 -26.83 -12.08 -31.61
N SER M 125 -26.74 -13.36 -31.98
CA SER M 125 -25.89 -14.31 -31.28
C SER M 125 -24.50 -14.43 -31.89
N ASN M 126 -24.21 -13.64 -32.92
CA ASN M 126 -22.89 -13.58 -33.54
C ASN M 126 -22.49 -14.94 -34.12
N GLN M 127 -23.39 -15.53 -34.91
CA GLN M 127 -23.23 -16.94 -35.30
C GLN M 127 -23.70 -17.17 -36.73
N ALA M 128 -22.78 -17.03 -37.69
CA ALA M 128 -22.95 -17.53 -39.06
C ALA M 128 -24.27 -17.09 -39.67
N PHE M 129 -24.41 -15.78 -39.88
CA PHE M 129 -25.63 -15.26 -40.46
C PHE M 129 -25.60 -15.24 -41.98
N TYR M 130 -24.40 -15.24 -42.58
CA TYR M 130 -24.29 -15.00 -44.02
C TYR M 130 -24.87 -16.13 -44.84
N ASP M 131 -24.95 -17.34 -44.28
CA ASP M 131 -25.47 -18.48 -45.04
C ASP M 131 -26.97 -18.34 -45.30
N LEU M 132 -27.72 -17.79 -44.36
CA LEU M 132 -29.17 -17.69 -44.51
C LEU M 132 -29.59 -16.63 -45.51
N LEU M 133 -28.73 -15.65 -45.78
CA LEU M 133 -29.11 -14.54 -46.65
C LEU M 133 -29.50 -14.96 -48.06
N PRO M 134 -28.80 -15.89 -48.74
CA PRO M 134 -29.30 -16.36 -50.04
C PRO M 134 -30.67 -17.00 -49.98
N LEU M 135 -31.07 -17.52 -48.82
CA LEU M 135 -32.37 -18.16 -48.64
C LEU M 135 -33.44 -17.20 -48.15
N LEU M 136 -33.18 -15.89 -48.18
CA LEU M 136 -34.13 -14.94 -47.61
C LEU M 136 -35.41 -14.85 -48.44
N ILE M 137 -35.29 -14.96 -49.75
CA ILE M 137 -36.44 -14.85 -50.64
C ILE M 137 -37.06 -16.23 -50.84
N VAL M 138 -38.36 -16.25 -51.09
CA VAL M 138 -39.12 -17.48 -51.26
C VAL M 138 -39.22 -17.80 -52.74
N ASN M 139 -38.88 -19.03 -53.11
CA ASN M 139 -38.99 -19.47 -54.50
C ASN M 139 -40.32 -20.19 -54.75
N ASP M 140 -40.56 -21.29 -54.03
CA ASP M 140 -41.80 -22.04 -54.19
C ASP M 140 -42.64 -22.03 -52.91
N THR M 141 -42.09 -22.49 -51.79
CA THR M 141 -42.82 -22.52 -50.52
C THR M 141 -41.80 -22.46 -49.40
N MET M 142 -42.25 -22.01 -48.23
CA MET M 142 -41.35 -21.88 -47.08
C MET M 142 -40.76 -23.23 -46.69
N ILE M 143 -41.62 -24.22 -46.47
CA ILE M 143 -41.14 -25.54 -46.05
C ILE M 143 -40.31 -26.18 -47.15
N SER M 144 -40.76 -26.09 -48.41
CA SER M 144 -40.03 -26.69 -49.52
C SER M 144 -38.65 -26.05 -49.68
N ASP M 145 -38.56 -24.73 -49.54
CA ASP M 145 -37.28 -24.06 -49.70
C ASP M 145 -36.37 -24.30 -48.51
N LEU M 146 -36.94 -24.52 -47.33
CA LEU M 146 -36.13 -24.73 -46.13
C LEU M 146 -35.82 -26.19 -45.86
N LEU M 147 -36.33 -27.12 -46.66
CA LEU M 147 -36.15 -28.53 -46.39
C LEU M 147 -34.86 -29.04 -47.04
N GLY M 148 -34.01 -29.68 -46.23
CA GLY M 148 -32.81 -30.32 -46.73
C GLY M 148 -31.63 -29.39 -46.96
N THR M 149 -31.78 -28.09 -46.69
CA THR M 149 -30.71 -27.15 -46.99
C THR M 149 -29.48 -27.38 -46.13
N GLY M 150 -29.66 -27.46 -44.82
CA GLY M 150 -28.52 -27.52 -43.93
C GLY M 150 -27.64 -26.29 -43.98
N ALA M 151 -28.21 -25.14 -44.36
CA ALA M 151 -27.41 -23.92 -44.47
C ALA M 151 -27.13 -23.30 -43.11
N ALA M 152 -28.08 -23.40 -42.18
CA ALA M 152 -27.96 -22.81 -40.86
C ALA M 152 -27.78 -23.90 -39.81
N LEU M 153 -27.63 -23.46 -38.56
CA LEU M 153 -27.45 -24.40 -37.46
C LEU M 153 -28.72 -25.21 -37.23
N SER M 154 -28.53 -26.41 -36.69
CA SER M 154 -29.66 -27.27 -36.38
C SER M 154 -30.47 -26.77 -35.18
N GLN M 155 -29.95 -25.78 -34.45
CA GLN M 155 -30.71 -25.23 -33.33
C GLN M 155 -31.90 -24.42 -33.81
N PHE M 156 -31.79 -23.77 -34.96
CA PHE M 156 -32.87 -22.94 -35.47
C PHE M 156 -33.97 -23.79 -36.10
N PHE M 157 -33.64 -24.55 -37.15
CA PHE M 157 -34.60 -25.44 -37.79
C PHE M 157 -33.90 -26.72 -38.20
N GLN M 158 -34.70 -27.79 -38.30
CA GLN M 158 -34.19 -29.13 -38.57
C GLN M 158 -35.10 -29.80 -39.58
N SER M 159 -34.56 -30.81 -40.27
CA SER M 159 -35.29 -31.57 -41.27
C SER M 159 -35.45 -33.01 -40.80
N HIS M 160 -36.69 -33.46 -40.71
CA HIS M 160 -37.02 -34.84 -40.37
C HIS M 160 -37.88 -35.41 -41.50
N GLY M 161 -37.22 -35.94 -42.54
CA GLY M 161 -37.95 -36.44 -43.68
C GLY M 161 -38.62 -35.32 -44.47
N GLU M 162 -39.94 -35.24 -44.39
CA GLU M 162 -40.70 -34.20 -45.08
C GLU M 162 -41.45 -33.29 -44.13
N VAL M 163 -41.10 -33.31 -42.84
CA VAL M 163 -41.63 -32.37 -41.86
C VAL M 163 -40.50 -31.49 -41.37
N LEU M 164 -40.78 -30.21 -41.18
CA LEU M 164 -39.79 -29.23 -40.75
C LEU M 164 -40.03 -28.89 -39.29
N GLU M 165 -39.02 -29.09 -38.46
CA GLU M 165 -39.10 -28.78 -37.03
C GLU M 165 -38.34 -27.49 -36.77
N VAL M 166 -39.04 -26.48 -36.25
CA VAL M 166 -38.47 -25.17 -35.98
C VAL M 166 -38.61 -24.89 -34.49
N ALA M 167 -37.49 -24.56 -33.85
CA ALA M 167 -37.52 -24.21 -32.44
C ALA M 167 -38.28 -22.91 -32.23
N ALA M 168 -38.97 -22.81 -31.10
CA ALA M 168 -39.78 -21.65 -30.76
C ALA M 168 -38.96 -20.67 -29.95
N GLY M 169 -38.87 -19.43 -30.42
CA GLY M 169 -38.12 -18.41 -29.71
C GLY M 169 -38.90 -17.80 -28.56
N ARG M 170 -38.19 -17.00 -27.77
CA ARG M 170 -38.81 -16.36 -26.61
C ARG M 170 -39.85 -15.34 -27.07
N LYS M 171 -41.00 -15.34 -26.41
CA LYS M 171 -42.02 -14.33 -26.66
C LYS M 171 -41.87 -13.13 -25.74
N TYR M 172 -41.54 -13.37 -24.46
CA TYR M 172 -41.30 -12.31 -23.50
C TYR M 172 -39.83 -12.33 -23.07
N LEU M 173 -39.32 -11.16 -22.73
CA LEU M 173 -37.96 -11.01 -22.22
C LEU M 173 -38.01 -10.09 -21.02
N GLN M 174 -37.47 -10.57 -19.90
CA GLN M 174 -37.55 -9.85 -18.63
C GLN M 174 -36.26 -9.09 -18.36
N MET M 175 -36.39 -7.90 -17.77
CA MET M 175 -35.25 -7.06 -17.46
C MET M 175 -34.77 -7.37 -16.04
N ASN M 176 -33.87 -6.54 -15.52
CA ASN M 176 -33.35 -6.76 -14.17
C ASN M 176 -34.35 -6.37 -13.08
N ASN M 177 -35.36 -5.55 -13.41
CA ASN M 177 -36.33 -5.12 -12.41
C ASN M 177 -37.33 -6.21 -12.08
N TYR M 178 -37.38 -7.28 -12.86
CA TYR M 178 -38.30 -8.38 -12.60
C TYR M 178 -37.87 -9.12 -11.33
N SER M 179 -38.73 -9.09 -10.30
CA SER M 179 -38.40 -9.70 -9.02
C SER M 179 -39.49 -10.68 -8.58
N ASN M 180 -40.24 -11.24 -9.52
CA ASN M 180 -41.35 -12.15 -9.21
C ASN M 180 -42.32 -11.51 -8.22
N ASP M 181 -42.59 -10.22 -8.43
CA ASP M 181 -43.43 -9.47 -7.51
C ASP M 181 -44.88 -9.93 -7.62
N ASP M 182 -45.69 -9.44 -6.67
CA ASP M 182 -47.10 -9.80 -6.65
C ASP M 182 -47.82 -9.28 -7.88
N ASP M 183 -47.49 -8.07 -8.32
CA ASP M 183 -48.16 -7.42 -9.44
C ASP M 183 -47.36 -7.48 -10.74
N ASP M 184 -46.29 -8.27 -10.79
CA ASP M 184 -45.50 -8.38 -11.99
C ASP M 184 -46.28 -9.13 -13.08
N PRO M 185 -46.00 -8.84 -14.35
CA PRO M 185 -46.70 -9.54 -15.43
C PRO M 185 -46.38 -11.02 -15.42
N PRO M 186 -47.35 -11.86 -15.78
CA PRO M 186 -47.07 -13.30 -15.93
C PRO M 186 -46.38 -13.55 -17.26
N LEU M 187 -45.18 -14.14 -17.20
CA LEU M 187 -44.43 -14.44 -18.41
C LEU M 187 -44.82 -15.78 -19.03
N PHE M 188 -45.59 -16.60 -18.32
CA PHE M 188 -46.13 -17.85 -18.85
C PHE M 188 -45.03 -18.79 -19.36
N ALA M 189 -43.88 -18.77 -18.69
CA ALA M 189 -42.74 -19.64 -19.00
C ALA M 189 -42.25 -19.49 -20.44
N LYS M 190 -42.57 -18.37 -21.09
CA LYS M 190 -42.12 -18.10 -22.44
C LYS M 190 -40.83 -17.29 -22.48
N ASP M 191 -40.24 -17.00 -21.33
CA ASP M 191 -38.98 -16.26 -21.27
C ASP M 191 -37.77 -17.18 -21.27
N LEU M 192 -37.97 -18.48 -21.40
CA LEU M 192 -36.88 -19.45 -21.44
C LEU M 192 -36.61 -19.89 -22.87
N SER M 193 -35.44 -20.51 -23.06
CA SER M 193 -34.97 -20.82 -24.40
C SER M 193 -35.69 -22.02 -25.00
N ASP M 194 -36.07 -23.00 -24.17
CA ASP M 194 -36.56 -24.27 -24.70
C ASP M 194 -37.93 -24.64 -24.16
N TYR M 195 -38.87 -23.69 -24.20
CA TYR M 195 -40.20 -23.97 -23.65
C TYR M 195 -41.04 -24.84 -24.57
N ALA M 196 -40.85 -24.75 -25.88
CA ALA M 196 -41.68 -25.52 -26.80
C ALA M 196 -40.96 -25.68 -28.14
N LYS M 197 -41.44 -26.65 -28.92
CA LYS M 197 -40.94 -26.91 -30.27
C LYS M 197 -42.13 -27.02 -31.23
N ALA M 198 -41.93 -26.56 -32.46
CA ALA M 198 -42.98 -26.55 -33.48
C ALA M 198 -42.55 -27.41 -34.66
N PHE M 199 -43.44 -28.30 -35.08
CA PHE M 199 -43.20 -29.18 -36.23
C PHE M 199 -44.10 -28.72 -37.38
N TYR M 200 -43.49 -28.12 -38.40
CA TYR M 200 -44.22 -27.55 -39.52
C TYR M 200 -44.29 -28.54 -40.67
N SER M 201 -45.46 -28.65 -41.29
CA SER M 201 -45.65 -29.50 -42.46
C SER M 201 -46.85 -29.00 -43.26
N ASP M 202 -46.93 -29.44 -44.51
CA ASP M 202 -48.01 -28.99 -45.38
C ASP M 202 -49.32 -29.71 -45.07
N THR M 203 -49.25 -30.97 -44.66
CA THR M 203 -50.44 -31.79 -44.44
C THR M 203 -50.47 -32.30 -43.01
N TYR M 204 -51.67 -32.37 -42.44
CA TYR M 204 -51.83 -32.86 -41.08
C TYR M 204 -51.58 -34.36 -41.00
N GLU M 205 -51.92 -35.09 -42.05
CA GLU M 205 -51.74 -36.54 -42.04
C GLU M 205 -50.26 -36.91 -41.92
N VAL M 206 -49.40 -36.17 -42.61
CA VAL M 206 -47.96 -36.42 -42.51
C VAL M 206 -47.47 -36.15 -41.10
N LEU M 207 -48.02 -35.11 -40.45
CA LEU M 207 -47.65 -34.82 -39.07
C LEU M 207 -48.07 -35.94 -38.14
N ASP M 208 -49.28 -36.48 -38.35
CA ASP M 208 -49.73 -37.61 -37.53
C ASP M 208 -48.85 -38.83 -37.74
N ARG M 209 -48.48 -39.11 -38.99
CA ARG M 209 -47.58 -40.22 -39.28
C ARG M 209 -46.24 -40.03 -38.60
N PHE M 210 -45.73 -38.79 -38.60
CA PHE M 210 -44.46 -38.51 -37.94
C PHE M 210 -44.58 -38.72 -36.43
N PHE M 211 -45.66 -38.25 -35.83
CA PHE M 211 -45.84 -38.38 -34.38
C PHE M 211 -46.22 -39.79 -33.95
N TRP M 212 -46.55 -40.66 -34.90
CA TRP M 212 -46.74 -42.07 -34.56
C TRP M 212 -45.51 -42.64 -33.87
N THR M 213 -44.33 -42.35 -34.41
CA THR M 213 -43.09 -42.87 -33.84
C THR M 213 -42.46 -41.92 -32.84
N HIS M 214 -42.59 -40.61 -33.05
CA HIS M 214 -42.03 -39.64 -32.13
C HIS M 214 -42.77 -39.68 -30.80
N ASP M 215 -42.02 -39.56 -29.71
CA ASP M 215 -42.63 -39.56 -28.38
C ASP M 215 -43.42 -38.29 -28.15
N SER M 216 -44.54 -38.42 -27.44
CA SER M 216 -45.43 -37.31 -27.12
C SER M 216 -45.83 -37.36 -25.66
N SER M 217 -44.84 -37.57 -24.78
CA SER M 217 -45.12 -37.68 -23.35
C SER M 217 -45.68 -36.38 -22.80
N ALA M 218 -45.12 -35.24 -23.21
CA ALA M 218 -45.56 -33.95 -22.71
C ALA M 218 -46.83 -33.46 -23.38
N GLY M 219 -47.33 -34.16 -24.39
CA GLY M 219 -48.54 -33.75 -25.08
C GLY M 219 -48.26 -32.72 -26.15
N VAL M 220 -49.03 -32.74 -27.24
CA VAL M 220 -48.85 -31.84 -28.36
C VAL M 220 -50.11 -31.00 -28.52
N LEU M 221 -49.93 -29.72 -28.81
CA LEU M 221 -51.04 -28.78 -28.96
C LEU M 221 -51.13 -28.34 -30.41
N VAL M 222 -52.31 -28.52 -31.01
CA VAL M 222 -52.59 -28.06 -32.36
C VAL M 222 -53.55 -26.89 -32.27
N HIS M 223 -53.53 -26.04 -33.29
CA HIS M 223 -54.20 -24.75 -33.20
C HIS M 223 -55.45 -24.65 -34.07
N TYR M 224 -55.45 -25.25 -35.26
CA TYR M 224 -56.61 -25.45 -36.12
C TYR M 224 -57.26 -24.18 -36.65
N ASP M 225 -56.74 -23.00 -36.37
CA ASP M 225 -57.38 -21.77 -36.83
C ASP M 225 -56.31 -20.76 -37.23
N LYS M 226 -56.06 -20.63 -38.53
CA LYS M 226 -55.12 -19.68 -39.10
C LYS M 226 -53.77 -19.76 -38.39
N PRO M 227 -52.98 -20.80 -38.63
CA PRO M 227 -51.68 -20.90 -37.96
C PRO M 227 -50.78 -19.74 -38.35
N THR M 228 -49.79 -19.49 -37.48
CA THR M 228 -48.93 -18.31 -37.65
C THR M 228 -48.24 -18.32 -39.01
N ASN M 229 -47.72 -19.47 -39.41
CA ASN M 229 -47.06 -19.61 -40.70
C ASN M 229 -47.58 -20.78 -41.53
N GLY M 230 -47.94 -21.88 -40.89
CA GLY M 230 -48.47 -23.03 -41.60
C GLY M 230 -48.90 -24.10 -40.62
N ASN M 231 -49.51 -25.15 -41.16
CA ASN M 231 -49.97 -26.26 -40.35
C ASN M 231 -48.82 -26.82 -39.52
N HIS M 232 -48.96 -26.73 -38.20
CA HIS M 232 -47.87 -27.11 -37.31
C HIS M 232 -48.43 -27.72 -36.03
N TYR M 233 -47.59 -28.50 -35.36
CA TYR M 233 -47.89 -29.10 -34.08
C TYR M 233 -46.94 -28.55 -33.04
N ILE M 234 -47.47 -28.09 -31.91
CA ILE M 234 -46.67 -27.52 -30.84
C ILE M 234 -46.52 -28.56 -29.74
N LEU M 235 -45.30 -29.02 -29.53
CA LEU M 235 -44.99 -30.03 -28.52
C LEU M 235 -44.36 -29.36 -27.31
N GLY M 236 -44.95 -29.56 -26.14
CA GLY M 236 -44.43 -28.96 -24.93
C GLY M 236 -43.15 -29.62 -24.46
N THR M 237 -42.47 -28.92 -23.55
CA THR M 237 -41.23 -29.39 -22.96
C THR M 237 -41.43 -29.55 -21.44
N LEU M 238 -40.33 -29.84 -20.75
CA LEU M 238 -40.38 -30.09 -19.32
C LEU M 238 -40.13 -28.84 -18.48
N THR M 239 -39.84 -27.70 -19.11
CA THR M 239 -39.69 -26.46 -18.36
C THR M 239 -41.02 -26.04 -17.75
N GLN M 240 -40.94 -25.43 -16.57
CA GLN M 240 -42.12 -25.07 -15.80
C GLN M 240 -42.07 -23.60 -15.42
N MET M 241 -43.22 -23.07 -14.97
CA MET M 241 -43.31 -21.66 -14.57
C MET M 241 -43.59 -21.55 -13.10
N VAL M 242 -42.75 -20.83 -12.37
CA VAL M 242 -42.92 -20.69 -10.92
C VAL M 242 -43.40 -19.35 -10.44
N SER M 243 -43.74 -18.44 -11.34
CA SER M 243 -44.12 -17.10 -10.94
C SER M 243 -45.41 -16.98 -10.13
N ALA M 244 -46.42 -17.82 -10.40
CA ALA M 244 -47.63 -17.79 -9.59
C ALA M 244 -47.19 -18.53 -8.40
N PRO M 245 -47.26 -17.91 -7.25
CA PRO M 245 -46.67 -18.62 -6.13
C PRO M 245 -47.25 -19.91 -5.60
N PRO M 246 -48.56 -19.99 -5.42
CA PRO M 246 -49.01 -21.25 -4.85
C PRO M 246 -48.75 -22.44 -5.74
N HIS M 247 -48.92 -22.30 -7.04
CA HIS M 247 -48.83 -23.45 -7.94
C HIS M 247 -47.71 -23.45 -8.97
N ILE M 248 -47.13 -24.60 -9.26
CA ILE M 248 -46.11 -24.71 -10.31
C ILE M 248 -46.72 -25.36 -11.55
N ILE M 249 -46.61 -24.73 -12.71
CA ILE M 249 -47.24 -25.26 -13.92
C ILE M 249 -46.22 -25.47 -15.05
N ASN M 250 -46.22 -26.64 -15.69
CA ASN M 250 -45.28 -26.89 -16.78
C ASN M 250 -45.63 -26.05 -18.00
N ALA M 251 -44.86 -26.23 -19.07
CA ALA M 251 -45.00 -25.37 -20.25
C ALA M 251 -46.35 -25.53 -20.92
N THR M 252 -46.82 -26.77 -21.05
CA THR M 252 -48.09 -27.01 -21.74
C THR M 252 -49.25 -26.32 -21.01
N ASP M 253 -49.28 -26.43 -19.69
CA ASP M 253 -50.31 -25.75 -18.91
C ASP M 253 -50.21 -24.24 -19.06
N ALA M 254 -48.98 -23.72 -19.13
CA ALA M 254 -48.81 -22.28 -19.33
C ALA M 254 -49.37 -21.83 -20.67
N LEU M 255 -49.06 -22.57 -21.74
CA LEU M 255 -49.58 -22.21 -23.06
C LEU M 255 -51.10 -22.28 -23.07
N LEU M 256 -51.67 -23.34 -22.49
CA LEU M 256 -53.12 -23.46 -22.44
C LEU M 256 -53.75 -22.32 -21.65
N LEU M 257 -53.15 -21.97 -20.51
CA LEU M 257 -53.66 -20.87 -19.69
C LEU M 257 -53.65 -19.55 -20.45
N GLU M 258 -52.53 -19.25 -21.11
CA GLU M 258 -52.43 -18.00 -21.85
C GLU M 258 -53.46 -17.94 -22.98
N SER M 259 -53.59 -19.05 -23.72
CA SER M 259 -54.56 -19.06 -24.82
C SER M 259 -55.98 -18.93 -24.31
N CYS M 260 -56.31 -19.61 -23.21
CA CYS M 260 -57.66 -19.49 -22.66
C CYS M 260 -57.95 -18.07 -22.22
N LEU M 261 -57.01 -17.42 -21.54
CA LEU M 261 -57.24 -16.05 -21.09
C LEU M 261 -57.39 -15.10 -22.28
N GLU M 262 -56.55 -15.25 -23.30
CA GLU M 262 -56.67 -14.39 -24.48
C GLU M 262 -58.02 -14.60 -25.17
N GLN M 263 -58.44 -15.85 -25.32
CA GLN M 263 -59.72 -16.10 -25.99
C GLN M 263 -60.89 -15.58 -25.16
N PHE M 264 -60.81 -15.71 -23.83
CA PHE M 264 -61.88 -15.19 -22.99
C PHE M 264 -61.96 -13.66 -23.08
N ALA M 265 -60.80 -12.99 -23.09
CA ALA M 265 -60.82 -11.54 -23.26
C ALA M 265 -61.41 -11.15 -24.60
N ALA M 266 -61.03 -11.85 -25.67
CA ALA M 266 -61.59 -11.56 -26.98
C ALA M 266 -63.11 -11.77 -27.00
N ASN M 267 -63.56 -12.84 -26.35
CA ASN M 267 -65.01 -13.09 -26.26
C ASN M 267 -65.72 -11.96 -25.52
N VAL M 268 -65.13 -11.48 -24.43
CA VAL M 268 -65.74 -10.39 -23.67
C VAL M 268 -65.82 -9.13 -24.51
N ARG M 269 -64.74 -8.81 -25.23
CA ARG M 269 -64.67 -7.55 -25.97
C ARG M 269 -65.12 -7.66 -27.42
N ALA M 270 -65.64 -8.82 -27.83
CA ALA M 270 -66.03 -9.01 -29.22
C ALA M 270 -67.19 -8.11 -29.62
N ARG M 271 -67.17 -7.70 -30.88
CA ARG M 271 -68.24 -6.89 -31.47
C ARG M 271 -68.63 -7.47 -32.82
N SER M 272 -69.84 -7.12 -33.26
CA SER M 272 -70.36 -7.65 -34.52
C SER M 272 -69.54 -7.17 -35.71
N ALA M 273 -69.14 -5.90 -35.70
CA ALA M 273 -68.44 -5.31 -36.84
C ALA M 273 -66.92 -5.43 -36.73
N GLN M 274 -66.37 -5.31 -35.54
CA GLN M 274 -64.93 -5.35 -35.36
C GLN M 274 -64.40 -6.76 -35.59
N PRO M 275 -63.47 -6.97 -36.52
CA PRO M 275 -62.90 -8.30 -36.72
C PRO M 275 -61.62 -8.50 -35.92
N VAL M 276 -61.16 -9.75 -35.90
CA VAL M 276 -59.97 -10.14 -35.18
C VAL M 276 -59.08 -10.97 -36.11
N THR M 277 -57.83 -11.15 -35.69
CA THR M 277 -56.89 -11.91 -36.51
C THR M 277 -57.35 -13.36 -36.70
N ARG M 278 -57.84 -13.99 -35.63
CA ARG M 278 -58.33 -15.36 -35.71
C ARG M 278 -59.43 -15.54 -34.69
N LEU M 279 -60.46 -16.30 -35.07
CA LEU M 279 -61.61 -16.47 -34.20
C LEU M 279 -61.26 -17.26 -32.95
N ASP M 280 -60.44 -18.30 -33.08
CA ASP M 280 -60.11 -19.21 -31.99
C ASP M 280 -58.68 -18.96 -31.54
N GLN M 281 -58.50 -18.69 -30.24
CA GLN M 281 -57.19 -18.47 -29.65
C GLN M 281 -56.66 -19.66 -28.89
N CYS M 282 -57.49 -20.66 -28.60
CA CYS M 282 -57.12 -21.75 -27.70
C CYS M 282 -56.45 -22.88 -28.48
N TYR M 283 -55.32 -23.35 -27.96
CA TYR M 283 -54.73 -24.59 -28.45
C TYR M 283 -55.63 -25.77 -28.11
N HIS M 284 -55.53 -26.82 -28.91
CA HIS M 284 -56.27 -28.04 -28.71
C HIS M 284 -55.29 -29.20 -28.52
N LEU M 285 -55.51 -29.99 -27.47
CA LEU M 285 -54.64 -31.12 -27.17
C LEU M 285 -55.02 -32.27 -28.10
N ARG M 286 -54.07 -32.69 -28.93
CA ARG M 286 -54.35 -33.74 -29.92
C ARG M 286 -53.77 -35.09 -29.52
N TRP M 287 -52.54 -35.12 -29.01
CA TRP M 287 -51.92 -36.36 -28.57
C TRP M 287 -51.40 -36.20 -27.15
N GLY M 288 -51.36 -37.31 -26.43
CA GLY M 288 -50.86 -37.33 -25.08
C GLY M 288 -51.90 -37.48 -23.99
N ALA M 289 -53.05 -38.08 -24.29
CA ALA M 289 -54.09 -38.23 -23.27
C ALA M 289 -53.65 -39.20 -22.18
N GLN M 290 -52.85 -40.20 -22.53
CA GLN M 290 -52.46 -41.21 -21.55
C GLN M 290 -51.64 -40.60 -20.41
N TYR M 291 -50.69 -39.73 -20.73
CA TYR M 291 -49.84 -39.16 -19.70
C TYR M 291 -50.54 -38.06 -18.90
N VAL M 292 -51.63 -37.50 -19.42
CA VAL M 292 -52.39 -36.50 -18.70
C VAL M 292 -53.27 -37.17 -17.66
N GLY M 293 -53.20 -36.71 -16.42
CA GLY M 293 -54.00 -37.29 -15.37
C GLY M 293 -55.48 -37.04 -15.54
N GLU M 294 -56.28 -37.87 -14.86
CA GLU M 294 -57.73 -37.74 -14.96
C GLU M 294 -58.21 -36.40 -14.42
N ASP M 295 -57.67 -35.98 -13.27
CA ASP M 295 -58.04 -34.72 -12.65
C ASP M 295 -56.85 -33.78 -12.49
N SER M 296 -55.92 -33.83 -13.45
CA SER M 296 -54.79 -32.91 -13.43
C SER M 296 -55.22 -31.54 -13.95
N LEU M 297 -54.28 -30.59 -13.90
CA LEU M 297 -54.58 -29.25 -14.37
C LEU M 297 -54.77 -29.20 -15.88
N THR M 298 -54.09 -30.10 -16.62
CA THR M 298 -54.20 -30.09 -18.07
C THR M 298 -55.63 -30.40 -18.52
N TYR M 299 -56.28 -31.37 -17.87
CA TYR M 299 -57.65 -31.72 -18.23
C TYR M 299 -58.61 -30.56 -17.97
N ARG M 300 -58.48 -29.93 -16.80
CA ARG M 300 -59.33 -28.79 -16.49
C ARG M 300 -59.09 -27.63 -17.44
N LEU M 301 -57.83 -27.39 -17.80
CA LEU M 301 -57.53 -26.33 -18.74
C LEU M 301 -58.06 -26.64 -20.13
N GLY M 302 -58.06 -27.92 -20.52
CA GLY M 302 -58.70 -28.29 -21.77
C GLY M 302 -60.19 -28.03 -21.75
N VAL M 303 -60.85 -28.32 -20.62
CA VAL M 303 -62.27 -28.02 -20.49
C VAL M 303 -62.50 -26.51 -20.60
N LEU M 304 -61.66 -25.72 -19.94
CA LEU M 304 -61.79 -24.26 -20.02
C LEU M 304 -61.57 -23.76 -21.45
N SER M 305 -60.60 -24.33 -22.16
CA SER M 305 -60.38 -23.94 -23.55
C SER M 305 -61.59 -24.28 -24.42
N LEU M 306 -62.17 -25.47 -24.19
CA LEU M 306 -63.38 -25.84 -24.93
C LEU M 306 -64.52 -24.88 -24.65
N LEU M 307 -64.66 -24.45 -23.40
CA LEU M 307 -65.69 -23.47 -23.07
C LEU M 307 -65.42 -22.14 -23.74
N ALA M 308 -64.16 -21.69 -23.73
CA ALA M 308 -63.82 -20.39 -24.30
C ALA M 308 -64.05 -20.38 -25.81
N THR M 309 -63.73 -21.48 -26.49
CA THR M 309 -63.93 -21.53 -27.94
C THR M 309 -65.41 -21.43 -28.28
N ASN M 310 -66.27 -22.08 -27.51
CA ASN M 310 -67.68 -22.16 -27.84
C ASN M 310 -68.46 -20.89 -27.54
N GLY M 311 -67.85 -19.91 -26.86
CA GLY M 311 -68.49 -18.64 -26.63
C GLY M 311 -68.75 -18.29 -25.17
N TYR M 312 -68.33 -19.12 -24.22
CA TYR M 312 -68.48 -18.75 -22.82
C TYR M 312 -67.54 -17.61 -22.46
N GLN M 313 -67.85 -16.94 -21.35
CA GLN M 313 -67.10 -15.78 -20.92
C GLN M 313 -67.13 -15.68 -19.40
N LEU M 314 -65.99 -15.31 -18.82
CA LEU M 314 -65.86 -15.25 -17.36
C LEU M 314 -66.74 -14.16 -16.77
N ALA M 315 -67.28 -14.45 -15.58
CA ALA M 315 -68.06 -13.44 -14.87
C ALA M 315 -67.15 -12.38 -14.27
N ARG M 316 -66.04 -12.80 -13.66
CA ARG M 316 -65.12 -11.83 -13.06
C ARG M 316 -64.45 -11.00 -14.17
N PRO M 317 -64.19 -9.72 -13.91
CA PRO M 317 -63.51 -8.90 -14.91
C PRO M 317 -62.09 -9.38 -15.15
N ILE M 318 -61.63 -9.17 -16.37
CA ILE M 318 -60.27 -9.53 -16.78
C ILE M 318 -59.49 -8.23 -16.96
N PRO M 319 -58.38 -8.03 -16.24
CA PRO M 319 -57.60 -6.81 -16.41
C PRO M 319 -57.03 -6.70 -17.81
N LYS M 320 -56.83 -5.45 -18.25
CA LYS M 320 -56.24 -5.22 -19.56
C LYS M 320 -54.85 -5.81 -19.65
N GLN M 321 -54.06 -5.66 -18.58
CA GLN M 321 -52.74 -6.27 -18.48
C GLN M 321 -52.73 -7.19 -17.27
N LEU M 322 -52.44 -8.46 -17.49
CA LEU M 322 -52.56 -9.47 -16.45
C LEU M 322 -51.50 -9.29 -15.37
N THR M 323 -51.80 -9.80 -14.18
CA THR M 323 -50.91 -9.74 -13.04
C THR M 323 -50.73 -11.13 -12.45
N ASN M 324 -49.68 -11.29 -11.65
CA ASN M 324 -49.41 -12.59 -11.02
C ASN M 324 -50.51 -12.98 -10.05
N ARG M 325 -51.02 -12.01 -9.27
CA ARG M 325 -52.07 -12.32 -8.31
C ARG M 325 -53.33 -12.82 -8.99
N TRP M 326 -53.72 -12.16 -10.08
CA TRP M 326 -54.93 -12.58 -10.79
C TRP M 326 -54.78 -13.99 -11.37
N LEU M 327 -53.62 -14.28 -11.96
CA LEU M 327 -53.40 -15.61 -12.52
C LEU M 327 -53.38 -16.67 -11.43
N SER M 328 -52.74 -16.37 -10.29
CA SER M 328 -52.71 -17.32 -9.19
C SER M 328 -54.11 -17.60 -8.66
N SER M 329 -54.92 -16.54 -8.51
CA SER M 329 -56.29 -16.73 -8.06
C SER M 329 -57.10 -17.54 -9.06
N PHE M 330 -56.91 -17.29 -10.36
CA PHE M 330 -57.64 -18.05 -11.37
C PHE M 330 -57.25 -19.52 -11.32
N VAL M 331 -55.96 -19.81 -11.19
CA VAL M 331 -55.52 -21.21 -11.14
C VAL M 331 -56.07 -21.88 -9.88
N SER M 332 -56.02 -21.19 -8.75
CA SER M 332 -56.54 -21.75 -7.51
C SER M 332 -58.03 -22.03 -7.62
N GLN M 333 -58.77 -21.16 -8.30
CA GLN M 333 -60.18 -21.44 -8.55
C GLN M 333 -60.35 -22.67 -9.43
N VAL M 334 -59.55 -22.78 -10.50
CA VAL M 334 -59.69 -23.90 -11.42
C VAL M 334 -59.41 -25.22 -10.72
N VAL M 335 -58.46 -25.23 -9.79
CA VAL M 335 -58.06 -26.47 -9.14
C VAL M 335 -58.78 -26.59 -7.80
N SER M 336 -59.89 -25.87 -7.66
CA SER M 336 -60.69 -25.98 -6.45
C SER M 336 -61.61 -27.20 -6.51
N ASP M 337 -62.50 -27.31 -5.53
CA ASP M 337 -63.40 -28.44 -5.46
C ASP M 337 -64.74 -28.12 -6.10
N GLY M 338 -65.34 -29.12 -6.72
CA GLY M 338 -66.63 -28.97 -7.36
C GLY M 338 -66.79 -29.94 -8.50
N ILE M 339 -67.86 -29.74 -9.26
CA ILE M 339 -68.18 -30.58 -10.42
C ILE M 339 -68.43 -29.68 -11.61
N ASN M 340 -68.36 -30.27 -12.80
CA ASN M 340 -68.54 -29.53 -14.05
C ASN M 340 -69.99 -29.73 -14.53
N GLU M 341 -70.83 -28.72 -14.37
CA GLU M 341 -72.21 -28.83 -14.81
C GLU M 341 -72.33 -28.70 -16.32
N THR M 342 -71.33 -28.10 -16.98
CA THR M 342 -71.42 -27.88 -18.41
C THR M 342 -71.43 -29.22 -19.16
N PRO M 343 -72.34 -29.41 -20.12
CA PRO M 343 -72.36 -30.67 -20.87
C PRO M 343 -71.10 -30.94 -21.65
N LEU M 344 -70.32 -29.91 -21.95
CA LEU M 344 -69.11 -30.09 -22.76
C LEU M 344 -68.07 -30.93 -22.03
N TRP M 345 -67.45 -31.85 -22.75
CA TRP M 345 -66.35 -32.66 -22.25
C TRP M 345 -65.32 -32.79 -23.36
N PRO M 346 -64.04 -32.54 -23.07
CA PRO M 346 -63.04 -32.52 -24.14
C PRO M 346 -62.84 -33.89 -24.78
N GLN M 347 -62.54 -33.86 -26.07
CA GLN M 347 -62.19 -35.05 -26.83
C GLN M 347 -60.99 -34.75 -27.70
N GLU M 348 -60.12 -35.74 -27.88
CA GLU M 348 -58.94 -35.58 -28.70
C GLU M 348 -59.21 -35.74 -30.19
N ARG M 349 -60.38 -36.25 -30.57
CA ARG M 349 -60.70 -36.42 -31.99
C ARG M 349 -60.84 -35.07 -32.69
N TYR M 350 -61.64 -34.17 -32.11
CA TYR M 350 -61.90 -32.88 -32.73
C TYR M 350 -62.46 -31.93 -31.69
N VAL M 351 -62.53 -30.65 -32.05
CA VAL M 351 -63.11 -29.65 -31.18
C VAL M 351 -64.62 -29.62 -31.39
N GLN M 352 -65.37 -29.79 -30.31
CA GLN M 352 -66.82 -29.86 -30.38
C GLN M 352 -67.41 -28.45 -30.27
N ILE M 353 -68.31 -28.12 -31.19
CA ILE M 353 -69.01 -26.85 -31.18
C ILE M 353 -70.50 -27.13 -31.02
N ALA M 354 -71.11 -26.52 -30.00
CA ALA M 354 -72.53 -26.74 -29.75
C ALA M 354 -73.36 -26.13 -30.87
N TYR M 355 -74.56 -26.71 -31.07
CA TYR M 355 -75.45 -26.23 -32.12
C TYR M 355 -75.88 -24.79 -31.88
N ASP M 356 -75.98 -24.39 -30.61
CA ASP M 356 -76.39 -23.04 -30.25
C ASP M 356 -75.23 -22.09 -30.03
N SER M 357 -73.99 -22.56 -30.22
CA SER M 357 -72.83 -21.70 -29.99
C SER M 357 -72.76 -20.62 -31.05
N PRO M 358 -72.62 -19.34 -30.67
CA PRO M 358 -72.56 -18.28 -31.68
C PRO M 358 -71.29 -18.28 -32.50
N SER M 359 -70.27 -19.04 -32.09
CA SER M 359 -69.01 -19.05 -32.84
C SER M 359 -69.23 -19.59 -34.25
N VAL M 360 -68.57 -18.95 -35.22
CA VAL M 360 -68.70 -19.29 -36.63
C VAL M 360 -67.37 -19.81 -37.19
N VAL M 361 -66.48 -20.28 -36.33
CA VAL M 361 -65.19 -20.79 -36.79
C VAL M 361 -65.34 -22.06 -37.61
N ASP M 362 -66.48 -22.75 -37.50
CA ASP M 362 -66.69 -23.98 -38.25
C ASP M 362 -66.65 -23.74 -39.75
N GLY M 363 -67.29 -22.66 -40.21
CA GLY M 363 -67.30 -22.37 -41.64
C GLY M 363 -65.94 -21.97 -42.16
N ALA M 364 -65.20 -21.18 -41.39
CA ALA M 364 -63.92 -20.65 -41.86
C ALA M 364 -62.90 -21.76 -42.08
N THR M 365 -62.83 -22.72 -41.16
CA THR M 365 -61.81 -23.77 -41.20
C THR M 365 -62.41 -25.03 -41.83
N GLN M 366 -61.65 -25.63 -42.76
CA GLN M 366 -62.15 -26.81 -43.46
C GLN M 366 -62.11 -28.05 -42.57
N TYR M 367 -61.02 -28.24 -41.83
CA TYR M 367 -60.82 -29.45 -41.04
C TYR M 367 -60.37 -29.08 -39.64
N GLY M 368 -60.93 -29.77 -38.65
CA GLY M 368 -60.57 -29.60 -37.26
C GLY M 368 -61.71 -29.24 -36.34
N TYR M 369 -62.90 -28.94 -36.87
CA TYR M 369 -64.05 -28.55 -36.06
C TYR M 369 -65.27 -29.33 -36.51
N VAL M 370 -66.03 -29.84 -35.53
CA VAL M 370 -67.26 -30.57 -35.79
C VAL M 370 -68.36 -29.98 -34.92
N ARG M 371 -69.48 -29.63 -35.52
CA ARG M 371 -70.60 -29.04 -34.82
C ARG M 371 -71.64 -30.12 -34.53
N ARG M 372 -71.91 -30.36 -33.25
CA ARG M 372 -72.83 -31.41 -32.83
C ARG M 372 -74.26 -30.85 -32.79
N ASN M 373 -75.17 -31.51 -33.51
CA ASN M 373 -76.55 -31.03 -33.57
C ASN M 373 -77.30 -31.30 -32.28
N GLN M 374 -77.12 -32.49 -31.70
CA GLN M 374 -77.87 -32.87 -30.51
C GLN M 374 -77.50 -31.98 -29.32
N LEU M 375 -76.22 -31.68 -29.17
CA LEU M 375 -75.76 -30.90 -28.02
C LEU M 375 -76.27 -29.46 -28.12
N ARG M 376 -76.87 -28.98 -27.04
CA ARG M 376 -77.48 -27.65 -27.00
C ARG M 376 -77.11 -26.94 -25.71
N LEU M 377 -76.96 -25.62 -25.80
CA LEU M 377 -76.75 -24.75 -24.65
C LEU M 377 -77.83 -23.68 -24.66
N GLY M 378 -78.86 -23.86 -23.84
CA GLY M 378 -79.98 -22.96 -23.82
C GLY M 378 -79.71 -21.64 -23.11
N MET M 379 -78.77 -20.86 -23.64
CA MET M 379 -78.42 -19.57 -23.07
C MET M 379 -78.45 -18.50 -24.15
N ARG M 380 -78.73 -17.28 -23.73
CA ARG M 380 -78.88 -16.17 -24.67
C ARG M 380 -77.51 -15.74 -25.20
N ILE M 381 -77.55 -14.91 -26.25
CA ILE M 381 -76.35 -14.44 -26.93
C ILE M 381 -76.24 -12.94 -26.70
N SER M 382 -75.17 -12.53 -26.00
CA SER M 382 -74.90 -11.12 -25.75
C SER M 382 -73.48 -11.00 -25.24
N ALA M 383 -72.99 -9.76 -25.15
CA ALA M 383 -71.65 -9.47 -24.67
C ALA M 383 -71.73 -8.69 -23.36
N LEU M 384 -70.85 -9.01 -22.43
CA LEU M 384 -70.83 -8.35 -21.14
C LEU M 384 -70.47 -6.87 -21.29
N GLN M 385 -71.07 -6.05 -20.44
CA GLN M 385 -70.77 -4.63 -20.37
C GLN M 385 -69.76 -4.41 -19.26
N SER M 386 -68.71 -3.64 -19.55
CA SER M 386 -67.66 -3.39 -18.57
C SER M 386 -68.04 -2.24 -17.66
N LEU M 387 -67.89 -2.45 -16.36
CA LEU M 387 -68.22 -1.46 -15.35
C LEU M 387 -66.99 -1.13 -14.52
N SER M 388 -66.91 0.13 -14.08
CA SER M 388 -65.85 0.54 -13.18
C SER M 388 -66.07 -0.06 -11.79
N ASP M 389 -64.97 -0.36 -11.11
CA ASP M 389 -65.05 -0.96 -9.78
C ASP M 389 -65.62 0.03 -8.78
N THR M 390 -66.63 -0.40 -8.03
CA THR M 390 -67.28 0.47 -7.07
C THR M 390 -66.49 0.49 -5.77
N PRO M 391 -66.05 1.66 -5.31
CA PRO M 391 -65.25 1.70 -4.05
C PRO M 391 -66.01 1.21 -2.83
N ALA M 392 -67.33 1.33 -2.81
CA ALA M 392 -68.11 1.00 -1.63
C ALA M 392 -69.21 0.00 -1.95
N PRO M 393 -69.63 -0.82 -0.99
CA PRO M 393 -70.72 -1.76 -1.24
C PRO M 393 -72.02 -1.05 -1.59
N VAL M 394 -72.81 -1.68 -2.45
CA VAL M 394 -74.07 -1.12 -2.92
C VAL M 394 -75.21 -1.82 -2.21
N GLN M 395 -76.31 -1.09 -2.03
CA GLN M 395 -77.49 -1.65 -1.38
C GLN M 395 -78.16 -2.68 -2.29
N TRP M 396 -78.75 -3.71 -1.66
CA TRP M 396 -79.45 -4.75 -2.38
C TRP M 396 -80.79 -5.02 -1.70
N LEU M 397 -81.81 -5.28 -2.50
CA LEU M 397 -83.14 -5.61 -1.99
C LEU M 397 -83.55 -6.99 -2.48
N PRO M 398 -83.59 -8.00 -1.62
CA PRO M 398 -83.94 -9.35 -2.07
C PRO M 398 -85.41 -9.47 -2.41
N GLN M 399 -85.71 -10.45 -3.26
CA GLN M 399 -87.07 -10.78 -3.65
C GLN M 399 -87.30 -12.27 -3.42
N TYR M 400 -88.48 -12.60 -2.89
CA TYR M 400 -88.78 -13.95 -2.42
C TYR M 400 -89.55 -14.74 -3.47
N THR M 401 -89.61 -16.05 -3.26
CA THR M 401 -90.30 -16.96 -4.16
C THR M 401 -91.21 -17.91 -3.38
N ILE M 402 -91.75 -18.92 -4.06
CA ILE M 402 -92.75 -19.79 -3.43
C ILE M 402 -92.10 -20.90 -2.61
N ASP M 403 -90.80 -21.13 -2.78
CA ASP M 403 -90.14 -22.23 -2.09
C ASP M 403 -89.92 -21.89 -0.62
N GLN M 404 -90.06 -22.91 0.24
CA GLN M 404 -89.90 -22.75 1.68
C GLN M 404 -89.00 -23.84 2.23
N VAL M 405 -88.24 -23.48 3.27
CA VAL M 405 -87.30 -24.38 3.93
C VAL M 405 -87.53 -24.28 5.43
N ALA M 406 -87.12 -25.33 6.15
CA ALA M 406 -87.21 -25.33 7.60
C ALA M 406 -86.33 -24.24 8.20
N VAL M 407 -86.81 -23.63 9.29
CA VAL M 407 -86.09 -22.51 9.89
C VAL M 407 -84.78 -22.97 10.52
N ASP M 408 -84.77 -24.18 11.09
CA ASP M 408 -83.58 -24.66 11.77
C ASP M 408 -82.40 -24.81 10.81
N GLU M 409 -82.66 -25.32 9.60
CA GLU M 409 -81.60 -25.44 8.61
C GLU M 409 -81.05 -24.08 8.21
N GLY M 410 -81.93 -23.09 8.05
CA GLY M 410 -81.48 -21.75 7.74
C GLY M 410 -80.63 -21.15 8.84
N ASP M 411 -81.03 -21.35 10.09
CA ASP M 411 -80.23 -20.86 11.21
C ASP M 411 -78.88 -21.55 11.26
N ALA M 412 -78.85 -22.87 11.05
CA ALA M 412 -77.59 -23.59 11.08
C ALA M 412 -76.65 -23.12 9.97
N MET M 413 -77.18 -22.90 8.77
CA MET M 413 -76.32 -22.46 7.68
C MET M 413 -75.89 -21.01 7.85
N VAL M 414 -76.74 -20.16 8.45
CA VAL M 414 -76.31 -18.80 8.79
C VAL M 414 -75.16 -18.85 9.77
N SER M 415 -75.25 -19.72 10.78
CA SER M 415 -74.14 -19.89 11.71
C SER M 415 -72.88 -20.38 11.01
N GLN M 416 -73.05 -21.32 10.08
CA GLN M 416 -71.89 -21.90 9.40
C GLN M 416 -71.20 -20.89 8.48
N LEU M 417 -71.98 -20.05 7.79
CA LEU M 417 -71.43 -19.15 6.78
C LEU M 417 -71.02 -17.79 7.32
N THR M 418 -71.28 -17.51 8.59
CA THR M 418 -71.11 -16.15 9.09
C THR M 418 -69.66 -15.86 9.44
N GLN M 419 -69.31 -14.57 9.42
CA GLN M 419 -68.08 -14.03 9.98
C GLN M 419 -68.41 -13.20 11.22
N LEU M 420 -69.38 -13.69 12.00
CA LEU M 420 -70.03 -12.87 13.02
C LEU M 420 -69.10 -12.34 14.11
N PRO M 421 -68.15 -13.11 14.66
CA PRO M 421 -67.29 -12.55 15.71
C PRO M 421 -66.29 -11.54 15.18
N LEU M 422 -66.52 -10.25 15.46
CA LEU M 422 -65.56 -9.20 15.18
C LEU M 422 -65.93 -7.99 16.02
N ARG M 423 -65.15 -6.92 15.86
CA ARG M 423 -65.38 -5.68 16.61
C ARG M 423 -65.96 -4.62 15.69
N PRO M 424 -67.24 -4.29 15.79
CA PRO M 424 -67.81 -3.24 14.94
C PRO M 424 -67.29 -1.87 15.32
N ASP M 425 -67.32 -0.96 14.35
CA ASP M 425 -67.01 0.44 14.57
C ASP M 425 -68.26 1.14 15.09
N TYR M 426 -68.31 1.37 16.39
CA TYR M 426 -69.51 1.94 17.00
C TYR M 426 -69.67 3.40 16.57
N GLY M 427 -70.87 3.74 16.12
CA GLY M 427 -71.14 5.07 15.63
C GLY M 427 -71.74 5.99 16.67
N SER M 428 -71.93 7.26 16.31
CA SER M 428 -72.53 8.23 17.23
C SER M 428 -74.05 8.16 17.10
N ILE M 429 -74.72 7.74 18.19
CA ILE M 429 -76.16 7.56 18.14
C ILE M 429 -76.88 8.90 18.06
N TRP M 430 -76.31 9.95 18.65
CA TRP M 430 -76.94 11.26 18.70
C TRP M 430 -75.94 12.33 18.28
N ILE M 431 -76.42 13.30 17.51
CA ILE M 431 -75.61 14.41 17.01
C ILE M 431 -76.46 15.68 17.05
N GLY M 432 -75.81 16.81 16.84
CA GLY M 432 -76.49 18.09 16.72
C GLY M 432 -76.33 18.95 17.96
N GLU M 433 -76.95 20.12 17.88
CA GLU M 433 -76.90 21.09 18.97
C GLU M 433 -77.79 20.63 20.13
N ALA M 434 -77.56 21.22 21.29
CA ALA M 434 -78.21 20.79 22.54
C ALA M 434 -79.33 21.77 22.89
N LEU M 435 -80.57 21.32 22.78
CA LEU M 435 -81.71 22.14 23.16
C LEU M 435 -81.78 22.28 24.67
N SER M 436 -82.51 23.30 25.12
CA SER M 436 -82.60 23.64 26.53
C SER M 436 -84.06 23.77 26.95
N TYR M 437 -84.34 23.35 28.19
CA TYR M 437 -85.65 23.52 28.80
C TYR M 437 -85.50 24.43 30.01
N TYR M 438 -86.35 25.46 30.07
CA TYR M 438 -86.27 26.43 31.16
C TYR M 438 -87.67 26.79 31.63
N VAL M 439 -87.77 27.20 32.89
CA VAL M 439 -89.02 27.68 33.48
C VAL M 439 -88.72 28.95 34.26
N ASP M 440 -89.71 29.83 34.36
CA ASP M 440 -89.55 31.11 35.03
C ASP M 440 -90.61 31.27 36.10
N TYR M 441 -90.28 32.02 37.14
CA TYR M 441 -91.24 32.31 38.20
C TYR M 441 -92.39 33.16 37.67
N ASN M 442 -93.60 32.85 38.11
CA ASN M 442 -94.79 33.58 37.73
C ASN M 442 -95.64 33.86 38.97
N ARG M 443 -96.13 35.09 39.07
CA ARG M 443 -96.95 35.46 40.22
C ARG M 443 -98.30 34.75 40.20
N SER M 444 -98.90 34.62 39.01
CA SER M 444 -100.25 34.09 38.91
C SER M 444 -100.33 32.59 39.19
N HIS M 445 -99.22 31.87 39.05
CA HIS M 445 -99.25 30.42 39.22
C HIS M 445 -99.53 30.05 40.68
N ARG M 446 -100.08 28.86 40.86
CA ARG M 446 -100.49 28.39 42.19
C ARG M 446 -99.28 28.19 43.09
N VAL M 447 -99.47 28.45 44.39
CA VAL M 447 -98.46 28.19 45.38
C VAL M 447 -98.33 26.69 45.59
N VAL M 448 -97.10 26.18 45.55
CA VAL M 448 -96.83 24.75 45.65
C VAL M 448 -95.80 24.54 46.75
N LEU M 449 -96.12 23.65 47.69
CA LEU M 449 -95.21 23.33 48.78
C LEU M 449 -94.12 22.37 48.28
N SER M 450 -93.02 22.32 49.03
CA SER M 450 -91.88 21.51 48.62
C SER M 450 -92.14 20.02 48.82
N SER M 451 -93.22 19.67 49.51
CA SER M 451 -93.49 18.26 49.80
C SER M 451 -93.83 17.47 48.54
N GLU M 452 -94.57 18.08 47.62
CA GLU M 452 -95.06 17.36 46.45
C GLU M 452 -94.14 17.44 45.24
N LEU M 453 -93.01 18.13 45.35
CA LEU M 453 -92.06 18.12 44.24
C LEU M 453 -91.37 16.76 44.16
N PRO M 454 -91.14 16.23 42.96
CA PRO M 454 -90.56 14.90 42.81
C PRO M 454 -89.06 14.90 43.05
N GLN M 455 -88.54 13.71 43.34
CA GLN M 455 -87.11 13.47 43.51
C GLN M 455 -86.55 12.76 42.28
N LEU M 456 -85.26 12.47 42.33
CA LEU M 456 -84.66 11.57 41.37
C LEU M 456 -85.08 10.13 41.70
N PRO M 457 -85.07 9.24 40.71
CA PRO M 457 -85.50 7.86 40.96
C PRO M 457 -84.61 7.17 41.99
N ASP M 458 -85.20 6.24 42.74
CA ASP M 458 -84.47 5.55 43.78
C ASP M 458 -83.33 4.72 43.22
N THR M 459 -83.55 4.11 42.05
CA THR M 459 -82.56 3.26 41.41
C THR M 459 -81.55 4.04 40.57
N TYR M 460 -81.37 5.33 40.86
CA TYR M 460 -80.44 6.15 40.06
C TYR M 460 -79.03 5.62 40.15
N PHE M 461 -78.58 5.21 41.33
CA PHE M 461 -77.21 4.73 41.54
C PHE M 461 -77.24 3.20 41.56
N ASP M 462 -77.16 2.60 40.37
CA ASP M 462 -77.09 1.16 40.22
C ASP M 462 -76.32 0.87 38.93
N GLY M 463 -75.93 -0.40 38.77
CA GLY M 463 -75.10 -0.78 37.64
C GLY M 463 -75.77 -0.52 36.30
N ASP M 464 -77.06 -0.84 36.19
CA ASP M 464 -77.74 -0.74 34.90
C ASP M 464 -77.89 0.73 34.47
N GLU M 465 -78.35 1.58 35.38
CA GLU M 465 -78.53 2.99 35.03
C GLU M 465 -77.19 3.68 34.80
N GLN M 466 -76.18 3.35 35.59
CA GLN M 466 -74.84 3.89 35.35
C GLN M 466 -74.33 3.48 33.98
N TYR M 467 -74.52 2.21 33.61
CA TYR M 467 -74.13 1.74 32.30
C TYR M 467 -74.87 2.49 31.20
N GLY M 468 -76.18 2.67 31.37
CA GLY M 468 -76.95 3.37 30.35
C GLY M 468 -76.52 4.81 30.17
N ARG M 469 -76.34 5.54 31.27
CA ARG M 469 -75.94 6.94 31.14
C ARG M 469 -74.51 7.07 30.63
N SER M 470 -73.61 6.16 31.03
CA SER M 470 -72.25 6.19 30.50
C SER M 470 -72.23 5.92 29.00
N LEU M 471 -73.03 4.96 28.55
CA LEU M 471 -73.11 4.68 27.11
C LEU M 471 -73.68 5.87 26.36
N PHE M 472 -74.73 6.50 26.90
CA PHE M 472 -75.31 7.66 26.25
C PHE M 472 -74.31 8.80 26.16
N SER M 473 -73.56 9.03 27.23
CA SER M 473 -72.56 10.09 27.21
C SER M 473 -71.43 9.79 26.22
N LEU M 474 -71.00 8.53 26.16
CA LEU M 474 -69.91 8.17 25.26
C LEU M 474 -70.33 8.28 23.80
N ALA M 475 -71.56 7.85 23.49
CA ALA M 475 -71.98 7.79 22.10
C ALA M 475 -72.30 9.19 21.55
N ARG M 476 -72.73 10.11 22.43
CA ARG M 476 -73.08 11.45 21.98
C ARG M 476 -71.87 12.15 21.39
N LYS M 477 -72.07 12.78 20.22
CA LYS M 477 -70.99 13.47 19.51
C LYS M 477 -71.21 14.98 19.66
N VAL M 478 -70.61 15.56 20.69
CA VAL M 478 -70.58 17.01 20.87
C VAL M 478 -69.20 17.39 21.34
N GLY M 479 -68.84 18.66 21.18
CA GLY M 479 -67.55 19.17 21.60
C GLY M 479 -67.70 20.19 22.70
N ASP M 480 -66.96 19.98 23.79
CA ASP M 480 -66.91 20.91 24.93
C ASP M 480 -68.32 21.12 25.51
N ARG M 481 -68.83 20.03 26.09
CA ARG M 481 -70.15 20.06 26.72
C ARG M 481 -70.28 21.22 27.70
N SER M 482 -69.22 21.47 28.47
CA SER M 482 -69.23 22.60 29.39
C SER M 482 -69.43 23.91 28.64
N LEU M 483 -68.79 24.06 27.48
CA LEU M 483 -68.91 25.29 26.72
C LEU M 483 -70.35 25.56 26.29
N VAL M 484 -70.99 24.56 25.68
CA VAL M 484 -72.36 24.75 25.19
C VAL M 484 -73.31 24.96 26.36
N LYS M 485 -73.13 24.22 27.46
CA LYS M 485 -73.99 24.41 28.61
C LYS M 485 -73.86 25.81 29.19
N ASP M 486 -72.61 26.31 29.31
CA ASP M 486 -72.40 27.65 29.84
C ASP M 486 -73.00 28.70 28.91
N THR M 487 -72.82 28.55 27.60
CA THR M 487 -73.41 29.51 26.67
C THR M 487 -74.93 29.51 26.78
N ALA M 488 -75.55 28.33 26.86
CA ALA M 488 -76.99 28.26 26.97
C ALA M 488 -77.50 28.93 28.25
N VAL M 489 -76.87 28.62 29.38
CA VAL M 489 -77.35 29.16 30.64
C VAL M 489 -77.12 30.67 30.70
N LEU M 490 -76.00 31.15 30.16
CA LEU M 490 -75.76 32.59 30.15
C LEU M 490 -76.74 33.31 29.24
N LYS M 491 -77.02 32.74 28.06
CA LYS M 491 -77.98 33.36 27.14
C LYS M 491 -79.36 33.43 27.76
N HIS M 492 -79.77 32.37 28.48
CA HIS M 492 -81.09 32.38 29.08
C HIS M 492 -81.14 33.28 30.31
N ALA M 493 -80.04 33.40 31.05
CA ALA M 493 -80.04 34.21 32.27
C ALA M 493 -80.01 35.69 31.94
N TYR M 494 -79.23 36.10 30.94
CA TYR M 494 -79.09 37.52 30.64
C TYR M 494 -80.37 38.14 30.10
N GLN M 495 -81.26 37.33 29.53
CA GLN M 495 -82.52 37.85 28.99
C GLN M 495 -83.55 38.17 30.05
N ALA M 496 -83.29 37.81 31.32
CA ALA M 496 -84.26 38.03 32.37
C ALA M 496 -84.47 39.53 32.62
N ILE M 497 -85.68 39.88 33.06
CA ILE M 497 -86.08 41.26 33.30
C ILE M 497 -86.46 41.41 34.76
N ASP M 498 -85.92 42.43 35.41
CA ASP M 498 -86.28 42.72 36.79
C ASP M 498 -87.70 43.26 36.85
N PRO M 499 -88.57 42.69 37.70
CA PRO M 499 -89.91 43.27 37.84
C PRO M 499 -89.89 44.73 38.25
N ASN M 500 -88.93 45.14 39.08
CA ASN M 500 -88.75 46.55 39.43
C ASN M 500 -87.92 47.22 38.35
N THR M 501 -88.38 48.40 37.92
CA THR M 501 -87.71 49.25 36.93
C THR M 501 -87.82 48.63 35.54
N GLY M 502 -88.33 47.40 35.46
CA GLY M 502 -88.56 46.74 34.19
C GLY M 502 -87.32 46.41 33.39
N LYS M 503 -86.13 46.72 33.89
CA LYS M 503 -84.91 46.49 33.13
C LYS M 503 -84.35 45.10 33.39
N GLU M 504 -83.24 44.79 32.74
CA GLU M 504 -82.58 43.50 32.92
C GLU M 504 -81.83 43.46 34.24
N TYR M 505 -81.63 42.23 34.75
CA TYR M 505 -80.92 42.05 36.01
C TYR M 505 -79.42 42.27 35.84
N LEU M 506 -78.84 41.75 34.76
CA LEU M 506 -77.41 41.81 34.53
C LEU M 506 -77.12 42.73 33.35
N ARG M 507 -76.23 43.68 33.56
CA ARG M 507 -75.87 44.68 32.55
C ARG M 507 -74.40 44.50 32.16
N ALA M 508 -73.94 45.37 31.27
CA ALA M 508 -72.54 45.35 30.87
C ALA M 508 -71.64 45.84 32.00
N GLY M 509 -70.40 45.38 31.99
CA GLY M 509 -69.41 45.81 32.97
C GLY M 509 -69.49 45.13 34.31
N GLN M 510 -70.28 44.05 34.44
CA GLN M 510 -70.38 43.36 35.72
C GLN M 510 -69.09 42.62 36.04
N SER M 511 -68.85 42.41 37.33
CA SER M 511 -67.72 41.64 37.81
C SER M 511 -68.21 40.25 38.18
N VAL M 512 -67.60 39.23 37.59
CA VAL M 512 -68.08 37.86 37.72
C VAL M 512 -66.99 36.99 38.31
N ALA M 513 -67.41 35.93 39.00
CA ALA M 513 -66.50 34.94 39.57
C ALA M 513 -66.93 33.55 39.11
N TYR M 514 -65.99 32.79 38.54
CA TYR M 514 -66.27 31.46 38.02
C TYR M 514 -65.82 30.44 39.05
N PHE M 515 -66.76 29.98 39.87
CA PHE M 515 -66.47 28.94 40.84
C PHE M 515 -66.36 27.58 40.15
N GLY M 516 -65.46 26.74 40.67
CA GLY M 516 -65.32 25.40 40.15
C GLY M 516 -64.64 25.29 38.80
N ALA M 517 -63.96 26.34 38.36
CA ALA M 517 -63.26 26.30 37.08
C ALA M 517 -62.13 25.28 37.13
N SER M 518 -61.91 24.62 35.99
CA SER M 518 -60.90 23.59 35.88
C SER M 518 -60.21 23.67 34.52
N ALA M 519 -58.99 23.14 34.47
CA ALA M 519 -58.23 23.08 33.23
C ALA M 519 -58.68 21.86 32.44
N GLY M 520 -59.32 22.09 31.30
CA GLY M 520 -59.85 21.01 30.50
C GLY M 520 -58.77 20.21 29.80
N HIS M 521 -59.22 19.19 29.07
CA HIS M 521 -58.29 18.34 28.33
C HIS M 521 -57.55 19.14 27.26
N SER M 522 -58.25 20.04 26.58
CA SER M 522 -57.60 20.91 25.61
C SER M 522 -56.65 21.87 26.30
N GLY M 523 -55.62 22.29 25.56
CA GLY M 523 -54.61 23.17 26.11
C GLY M 523 -55.08 24.61 26.28
N ALA M 524 -56.13 24.81 27.06
CA ALA M 524 -56.66 26.14 27.33
C ALA M 524 -56.48 26.59 28.77
N ASP M 525 -56.34 25.66 29.71
CA ASP M 525 -56.09 25.93 31.14
C ASP M 525 -57.20 26.72 31.80
N GLN M 526 -58.38 26.81 31.17
CA GLN M 526 -59.50 27.55 31.72
C GLN M 526 -60.76 27.13 30.98
N PRO M 527 -61.94 27.43 31.53
CA PRO M 527 -63.18 27.11 30.81
C PRO M 527 -63.23 27.81 29.46
N LEU M 528 -63.80 27.12 28.48
CA LEU M 528 -63.77 27.62 27.10
C LEU M 528 -64.65 28.86 26.93
N VAL M 529 -65.67 29.03 27.77
CA VAL M 529 -66.63 30.11 27.56
C VAL M 529 -66.07 31.47 27.97
N ILE M 530 -64.99 31.49 28.75
CA ILE M 530 -64.53 32.76 29.33
C ILE M 530 -64.03 33.70 28.26
N GLU M 531 -63.16 33.21 27.37
CA GLU M 531 -62.55 34.10 26.38
C GLU M 531 -63.55 34.72 25.42
N PRO M 532 -64.45 33.97 24.78
CA PRO M 532 -65.48 34.64 23.95
C PRO M 532 -66.38 35.57 24.75
N TRP M 533 -66.67 35.21 26.00
CA TRP M 533 -67.48 36.09 26.84
C TRP M 533 -66.77 37.41 27.10
N MET M 534 -65.47 37.37 27.38
CA MET M 534 -64.71 38.60 27.57
C MET M 534 -64.61 39.40 26.28
N GLN M 535 -64.42 38.72 25.15
CA GLN M 535 -64.28 39.41 23.87
C GLN M 535 -65.62 39.76 23.23
N GLY M 536 -66.73 39.40 23.86
CA GLY M 536 -68.03 39.76 23.32
C GLY M 536 -68.46 38.96 22.11
N LYS M 537 -67.86 37.78 21.90
CA LYS M 537 -68.21 36.97 20.74
C LYS M 537 -69.66 36.49 20.81
N ILE M 538 -70.13 36.11 21.99
CA ILE M 538 -71.52 35.68 22.14
C ILE M 538 -72.42 36.89 22.00
N SER M 539 -73.40 36.79 21.09
CA SER M 539 -74.27 37.93 20.81
C SER M 539 -75.14 38.29 22.00
N GLY M 540 -75.67 37.30 22.70
CA GLY M 540 -76.65 37.57 23.74
C GLY M 540 -76.07 38.32 24.94
N VAL M 541 -74.88 37.93 25.37
CA VAL M 541 -74.31 38.41 26.63
C VAL M 541 -73.28 39.50 26.35
N PRO M 542 -73.35 40.64 27.02
CA PRO M 542 -72.27 41.62 26.95
C PRO M 542 -71.07 41.16 27.77
N PRO M 543 -69.87 41.64 27.45
CA PRO M 543 -68.70 41.20 28.21
C PRO M 543 -68.74 41.69 29.64
N PRO M 544 -68.20 40.93 30.58
CA PRO M 544 -68.10 41.39 31.95
C PRO M 544 -66.79 42.14 32.20
N SER M 545 -66.72 42.79 33.36
CA SER M 545 -65.54 43.57 33.70
C SER M 545 -64.31 42.68 33.89
N SER M 546 -64.44 41.63 34.69
CA SER M 546 -63.34 40.72 34.93
C SER M 546 -63.89 39.40 35.46
N VAL M 547 -63.10 38.34 35.29
CA VAL M 547 -63.46 37.00 35.74
C VAL M 547 -62.38 36.51 36.69
N ARG M 548 -62.79 36.06 37.87
CA ARG M 548 -61.90 35.41 38.82
C ARG M 548 -62.35 33.97 39.01
N GLN M 549 -61.41 33.05 38.97
CA GLN M 549 -61.70 31.62 38.97
C GLN M 549 -61.27 30.99 40.29
N PHE M 550 -62.19 30.29 40.93
CA PHE M 550 -61.91 29.52 42.14
C PHE M 550 -62.36 28.09 41.92
N GLY M 551 -61.50 27.13 42.22
CA GLY M 551 -61.85 25.73 42.07
C GLY M 551 -60.67 24.85 42.42
N TYR M 552 -60.98 23.57 42.60
CA TYR M 552 -59.94 22.60 42.96
C TYR M 552 -58.92 22.44 41.84
N ASP M 553 -59.37 22.40 40.59
CA ASP M 553 -58.50 22.10 39.46
C ASP M 553 -58.17 23.33 38.63
N VAL M 554 -58.42 24.54 39.14
CA VAL M 554 -58.18 25.75 38.36
C VAL M 554 -56.68 25.94 38.15
N ALA M 555 -56.34 26.60 37.04
CA ALA M 555 -54.96 26.93 36.70
C ALA M 555 -54.67 28.42 36.77
N LYS M 556 -55.53 29.26 36.18
CA LYS M 556 -55.31 30.69 36.25
C LYS M 556 -55.61 31.26 37.63
N GLY M 557 -56.65 30.76 38.29
CA GLY M 557 -57.06 31.25 39.59
C GLY M 557 -56.44 30.47 40.73
N ALA M 558 -57.03 30.66 41.91
CA ALA M 558 -56.54 30.03 43.13
C ALA M 558 -57.39 28.82 43.49
N ILE M 559 -56.75 27.84 44.12
CA ILE M 559 -57.41 26.60 44.53
C ILE M 559 -57.83 26.74 45.99
N VAL M 560 -59.11 26.50 46.26
CA VAL M 560 -59.70 26.63 47.59
C VAL M 560 -60.69 25.49 47.81
N ASP M 561 -61.10 25.35 49.07
CA ASP M 561 -62.22 24.49 49.42
C ASP M 561 -63.46 25.38 49.54
N LEU M 562 -64.35 25.30 48.56
CA LEU M 562 -65.43 26.27 48.45
C LEU M 562 -66.50 26.10 49.52
N ALA M 563 -66.63 24.92 50.10
CA ALA M 563 -67.63 24.71 51.15
C ALA M 563 -67.30 25.53 52.39
N ARG M 564 -66.06 25.43 52.87
CA ARG M 564 -65.66 26.19 54.03
C ARG M 564 -65.46 27.67 53.67
N PRO M 565 -65.64 28.57 54.62
CA PRO M 565 -65.37 29.99 54.34
C PRO M 565 -63.90 30.20 53.96
N PHE M 566 -63.68 31.06 52.98
CA PHE M 566 -62.35 31.30 52.44
C PHE M 566 -62.17 32.78 52.16
N PRO M 567 -60.93 33.28 52.19
CA PRO M 567 -60.69 34.71 51.96
C PRO M 567 -60.94 35.08 50.50
N SER M 568 -61.95 35.91 50.28
CA SER M 568 -62.28 36.36 48.93
C SER M 568 -63.15 37.60 49.03
N GLY M 569 -62.93 38.55 48.14
CA GLY M 569 -63.74 39.75 48.09
C GLY M 569 -65.13 39.48 47.53
N ASP M 570 -66.00 40.46 47.70
CA ASP M 570 -67.37 40.34 47.20
C ASP M 570 -67.40 40.45 45.69
N TYR M 571 -68.38 39.77 45.08
CA TYR M 571 -68.61 39.83 43.65
C TYR M 571 -70.10 40.02 43.40
N GLN M 572 -70.42 40.61 42.25
CA GLN M 572 -71.81 40.91 41.91
C GLN M 572 -72.40 39.96 40.88
N PHE M 573 -71.69 38.87 40.55
CA PHE M 573 -72.29 37.76 39.81
C PHE M 573 -71.42 36.54 40.03
N VAL M 574 -72.00 35.48 40.58
CA VAL M 574 -71.27 34.26 40.90
C VAL M 574 -71.78 33.14 40.01
N TYR M 575 -70.90 32.53 39.23
CA TYR M 575 -71.22 31.40 38.37
C TYR M 575 -70.44 30.19 38.86
N SER M 576 -71.15 29.19 39.37
CA SER M 576 -70.53 28.04 40.01
C SER M 576 -70.95 26.76 39.30
N ASP M 577 -69.98 25.87 39.06
CA ASP M 577 -70.21 24.56 38.48
C ASP M 577 -69.57 23.47 39.34
N VAL M 578 -69.52 23.67 40.64
CA VAL M 578 -68.82 22.74 41.53
C VAL M 578 -69.60 21.43 41.60
N ASP M 579 -68.97 20.35 41.17
CA ASP M 579 -69.58 19.03 41.24
C ASP M 579 -69.70 18.58 42.68
N GLN M 580 -70.84 17.98 43.02
CA GLN M 580 -71.10 17.55 44.39
C GLN M 580 -70.57 16.16 44.70
N VAL M 581 -69.97 15.48 43.73
CA VAL M 581 -69.49 14.12 43.95
C VAL M 581 -68.11 14.09 44.58
N VAL M 582 -67.35 15.18 44.48
CA VAL M 582 -65.97 15.18 44.99
C VAL M 582 -65.95 14.96 46.50
N ASP M 583 -66.82 15.67 47.22
CA ASP M 583 -66.88 15.55 48.67
C ASP M 583 -68.17 14.89 49.15
N GLY M 584 -68.88 14.20 48.24
CA GLY M 584 -70.13 13.55 48.61
C GLY M 584 -69.97 12.26 49.37
N HIS M 585 -68.76 11.67 49.37
CA HIS M 585 -68.48 10.42 50.06
C HIS M 585 -69.40 9.29 49.61
N ASP M 586 -69.89 9.38 48.37
CA ASP M 586 -70.79 8.38 47.79
C ASP M 586 -72.04 8.18 48.65
N ASP M 587 -72.55 9.29 49.20
CA ASP M 587 -73.78 9.27 50.00
C ASP M 587 -74.66 10.42 49.57
N LEU M 588 -75.95 10.14 49.41
CA LEU M 588 -76.88 11.14 48.88
C LEU M 588 -77.14 12.25 49.90
N SER M 589 -77.29 11.88 51.17
CA SER M 589 -77.54 12.90 52.21
C SER M 589 -76.35 13.84 52.34
N ILE M 590 -75.13 13.31 52.26
CA ILE M 590 -73.95 14.16 52.29
C ILE M 590 -73.91 15.06 51.05
N SER M 591 -74.37 14.55 49.91
CA SER M 591 -74.45 15.39 48.71
C SER M 591 -75.43 16.54 48.91
N SER M 592 -76.58 16.26 49.54
CA SER M 592 -77.54 17.32 49.82
C SER M 592 -76.96 18.35 50.79
N GLY M 593 -76.24 17.88 51.80
CA GLY M 593 -75.56 18.80 52.71
C GLY M 593 -74.53 19.65 52.01
N LEU M 594 -73.79 19.06 51.08
CA LEU M 594 -72.84 19.82 50.27
C LEU M 594 -73.55 20.86 49.42
N VAL M 595 -74.71 20.50 48.87
CA VAL M 595 -75.51 21.46 48.11
C VAL M 595 -75.91 22.63 48.98
N GLU M 596 -76.36 22.35 50.21
CA GLU M 596 -76.73 23.43 51.13
C GLU M 596 -75.53 24.30 51.47
N SER M 597 -74.38 23.69 51.71
CA SER M 597 -73.18 24.47 52.04
C SER M 597 -72.76 25.35 50.87
N LEU M 598 -72.84 24.83 49.64
CA LEU M 598 -72.51 25.64 48.47
C LEU M 598 -73.52 26.76 48.27
N LEU M 599 -74.79 26.50 48.56
CA LEU M 599 -75.79 27.56 48.55
C LEU M 599 -75.42 28.67 49.53
N ASP M 600 -75.04 28.31 50.75
CA ASP M 600 -74.65 29.31 51.73
C ASP M 600 -73.43 30.09 51.25
N SER M 601 -72.43 29.39 50.70
CA SER M 601 -71.23 30.06 50.21
C SER M 601 -71.55 31.03 49.08
N CYS M 602 -72.41 30.62 48.14
CA CYS M 602 -72.78 31.48 47.04
C CYS M 602 -73.57 32.70 47.53
N VAL M 603 -74.45 32.50 48.50
CA VAL M 603 -75.22 33.62 49.06
C VAL M 603 -74.28 34.61 49.74
N HIS M 604 -73.30 34.11 50.49
CA HIS M 604 -72.37 35.01 51.17
C HIS M 604 -71.48 35.74 50.17
N ALA M 605 -71.04 35.04 49.11
CA ALA M 605 -70.07 35.63 48.19
C ALA M 605 -70.69 36.73 47.34
N THR M 606 -71.96 36.57 46.95
CA THR M 606 -72.57 37.50 46.01
C THR M 606 -72.82 38.86 46.65
N ALA M 607 -73.03 39.85 45.78
CA ALA M 607 -73.23 41.22 46.22
C ALA M 607 -74.61 41.40 46.84
N PRO M 608 -74.81 42.47 47.61
CA PRO M 608 -76.17 42.74 48.14
C PRO M 608 -77.22 42.92 47.06
N GLY M 609 -76.82 43.30 45.85
CA GLY M 609 -77.74 43.44 44.74
C GLY M 609 -77.46 42.58 43.53
N GLY M 610 -76.60 41.57 43.64
CA GLY M 610 -76.21 40.74 42.52
C GLY M 610 -77.08 39.51 42.36
N SER M 611 -76.48 38.48 41.77
CA SER M 611 -77.17 37.22 41.50
C SER M 611 -76.14 36.11 41.39
N PHE M 612 -76.61 34.87 41.46
CA PHE M 612 -75.72 33.72 41.42
C PHE M 612 -76.39 32.55 40.72
N VAL M 613 -75.56 31.65 40.20
CA VAL M 613 -76.01 30.45 39.50
C VAL M 613 -75.22 29.27 40.02
N MET M 614 -75.89 28.16 40.28
CA MET M 614 -75.22 26.92 40.64
C MET M 614 -75.87 25.74 39.93
N LYS M 615 -75.05 24.76 39.58
CA LYS M 615 -75.51 23.47 39.07
C LYS M 615 -75.83 22.54 40.24
N ILE M 616 -77.02 21.95 40.21
CA ILE M 616 -77.43 20.96 41.20
C ILE M 616 -77.29 19.60 40.54
N ASN M 617 -76.39 18.76 41.06
CA ASN M 617 -76.10 17.49 40.41
C ASN M 617 -77.22 16.47 40.66
N PHE M 618 -77.71 16.38 41.90
CA PHE M 618 -78.74 15.40 42.27
C PHE M 618 -79.88 16.09 42.98
N PRO M 619 -80.93 16.48 42.26
CA PRO M 619 -82.09 17.10 42.91
C PRO M 619 -82.81 16.13 43.83
N THR M 620 -83.40 16.67 44.89
CA THR M 620 -84.15 15.89 45.87
C THR M 620 -85.01 16.83 46.69
N ARG M 621 -86.00 16.25 47.39
CA ARG M 621 -86.95 17.08 48.13
C ARG M 621 -86.28 17.90 49.23
N THR M 622 -85.22 17.36 49.85
CA THR M 622 -84.54 18.11 50.90
C THR M 622 -83.93 19.39 50.36
N VAL M 623 -83.37 19.34 49.15
CA VAL M 623 -82.79 20.53 48.54
C VAL M 623 -83.86 21.58 48.31
N TRP M 624 -85.01 21.16 47.76
CA TRP M 624 -86.10 22.10 47.52
C TRP M 624 -86.62 22.71 48.81
N HIS M 625 -86.77 21.88 49.86
CA HIS M 625 -87.25 22.37 51.14
C HIS M 625 -86.28 23.39 51.72
N TYR M 626 -84.98 23.09 51.68
CA TYR M 626 -83.99 24.03 52.20
C TYR M 626 -84.00 25.33 51.41
N ILE M 627 -84.09 25.25 50.08
CA ILE M 627 -84.14 26.46 49.26
C ILE M 627 -85.34 27.31 49.62
N GLU M 628 -86.52 26.69 49.67
CA GLU M 628 -87.75 27.42 49.97
C GLU M 628 -87.69 28.04 51.36
N GLN M 629 -87.11 27.33 52.33
CA GLN M 629 -87.09 27.83 53.69
C GLN M 629 -86.09 28.96 53.88
N LYS M 630 -84.95 28.92 53.18
CA LYS M 630 -83.87 29.86 53.48
C LYS M 630 -83.64 30.92 52.41
N ILE M 631 -83.51 30.54 51.15
CA ILE M 631 -82.98 31.48 50.16
C ILE M 631 -84.10 32.18 49.39
N LEU M 632 -85.19 31.48 49.10
CA LEU M 632 -86.28 32.10 48.36
C LEU M 632 -86.78 33.39 48.99
N PRO M 633 -86.94 33.53 50.31
CA PRO M 633 -87.31 34.84 50.86
C PRO M 633 -86.29 35.93 50.58
N ASN M 634 -85.02 35.58 50.39
CA ASN M 634 -83.95 36.56 50.22
C ASN M 634 -83.65 36.89 48.76
N VAL M 635 -84.44 36.38 47.82
CA VAL M 635 -84.22 36.66 46.40
C VAL M 635 -85.50 37.24 45.82
N THR M 636 -85.38 37.85 44.64
CA THR M 636 -86.51 38.45 43.96
C THR M 636 -87.13 37.53 42.91
N SER M 637 -86.29 36.82 42.15
CA SER M 637 -86.79 35.90 41.14
C SER M 637 -85.80 34.75 40.99
N TYR M 638 -86.30 33.62 40.49
CA TYR M 638 -85.47 32.44 40.30
C TYR M 638 -85.73 31.84 38.92
N MET M 639 -84.76 31.09 38.44
CA MET M 639 -84.81 30.49 37.11
C MET M 639 -84.22 29.09 37.16
N LEU M 640 -84.93 28.14 36.55
CA LEU M 640 -84.45 26.77 36.41
C LEU M 640 -84.17 26.49 34.94
N ILE M 641 -82.97 26.06 34.59
CA ILE M 641 -82.64 25.78 33.19
C ILE M 641 -81.87 24.49 33.03
N LYS M 642 -82.31 23.59 32.16
CA LYS M 642 -81.52 22.41 31.91
C LYS M 642 -81.13 22.35 30.46
N PRO M 643 -79.83 22.31 30.18
CA PRO M 643 -79.45 22.13 28.78
C PRO M 643 -79.21 20.66 28.56
N PHE M 644 -79.82 20.06 27.57
CA PHE M 644 -79.69 18.61 27.41
C PHE M 644 -78.58 18.18 26.50
N VAL M 645 -77.53 17.60 27.07
CA VAL M 645 -76.47 17.06 26.23
C VAL M 645 -76.34 15.57 26.44
N THR M 646 -76.63 15.08 27.64
CA THR M 646 -76.54 13.66 27.94
C THR M 646 -77.63 13.41 28.94
N ASN M 647 -78.00 12.16 29.21
CA ASN M 647 -79.11 11.98 30.13
C ASN M 647 -78.60 12.05 31.55
N ASN M 648 -79.12 13.00 32.31
CA ASN M 648 -78.68 13.20 33.66
C ASN M 648 -79.86 13.87 34.26
N VAL M 649 -79.96 13.88 35.58
CA VAL M 649 -81.05 14.59 36.21
C VAL M 649 -80.66 15.99 36.61
N GLU M 650 -79.41 16.37 36.39
CA GLU M 650 -78.94 17.67 36.85
C GLU M 650 -79.64 18.87 36.27
N VAL M 651 -79.74 19.94 37.05
CA VAL M 651 -80.40 21.15 36.61
C VAL M 651 -79.57 22.32 37.08
N PHE M 652 -79.72 23.48 36.47
CA PHE M 652 -78.94 24.63 36.85
C PHE M 652 -79.88 25.60 37.49
N PHE M 653 -79.53 26.12 38.65
CA PHE M 653 -80.43 27.01 39.37
C PHE M 653 -79.94 28.41 39.25
N VAL M 654 -80.82 29.34 38.90
CA VAL M 654 -80.46 30.74 38.76
C VAL M 654 -81.38 31.56 39.64
N ALA M 655 -80.80 32.41 40.49
CA ALA M 655 -81.55 33.27 41.39
C ALA M 655 -81.10 34.71 41.19
N PHE M 656 -82.08 35.61 41.14
CA PHE M 656 -81.82 37.04 40.95
C PHE M 656 -82.28 37.82 42.17
N GLY M 657 -81.75 39.04 42.29
CA GLY M 657 -82.17 39.93 43.36
C GLY M 657 -81.87 39.41 44.75
N VAL M 658 -80.68 38.87 44.96
CA VAL M 658 -80.29 38.29 46.25
C VAL M 658 -80.18 39.39 47.30
N HIS M 659 -80.18 38.98 48.57
CA HIS M 659 -80.02 39.86 49.73
C HIS M 659 -81.11 40.92 49.84
N GLN M 660 -82.25 40.70 49.21
CA GLN M 660 -83.40 41.60 49.31
C GLN M 660 -84.60 40.81 49.78
N GLN M 661 -85.28 41.31 50.81
CA GLN M 661 -86.42 40.61 51.38
C GLN M 661 -87.57 40.55 50.37
N SER M 662 -88.17 39.38 50.23
CA SER M 662 -89.29 39.19 49.31
C SER M 662 -90.05 37.93 49.72
N ALA M 663 -91.25 37.80 49.16
CA ALA M 663 -92.11 36.65 49.42
C ALA M 663 -92.20 35.82 48.15
N LEU M 664 -91.51 34.69 48.12
CA LEU M 664 -91.51 33.81 46.96
C LEU M 664 -91.81 32.38 47.39
N THR M 665 -92.25 31.58 46.43
CA THR M 665 -92.56 30.18 46.65
C THR M 665 -92.51 29.44 45.33
N TRP M 666 -92.45 28.12 45.42
CA TRP M 666 -92.48 27.29 44.22
C TRP M 666 -93.84 27.40 43.53
N THR M 667 -93.82 27.36 42.20
CA THR M 667 -95.01 27.50 41.38
C THR M 667 -95.29 26.19 40.64
N SER M 668 -96.51 26.10 40.11
CA SER M 668 -96.92 24.89 39.41
C SER M 668 -96.07 24.64 38.16
N GLY M 669 -95.59 25.71 37.53
CA GLY M 669 -94.72 25.54 36.38
C GLY M 669 -93.46 24.78 36.71
N VAL M 670 -92.88 25.04 37.88
CA VAL M 670 -91.71 24.29 38.32
C VAL M 670 -92.04 22.82 38.48
N TYR M 671 -93.20 22.53 39.06
CA TYR M 671 -93.64 21.14 39.21
C TYR M 671 -93.76 20.45 37.86
N PHE M 672 -94.42 21.11 36.90
CA PHE M 672 -94.55 20.51 35.58
C PHE M 672 -93.20 20.30 34.92
N PHE M 673 -92.31 21.29 35.01
CA PHE M 673 -91.00 21.18 34.39
C PHE M 673 -90.21 20.02 34.97
N LEU M 674 -90.20 19.89 36.30
CA LEU M 674 -89.47 18.79 36.93
C LEU M 674 -90.08 17.45 36.60
N VAL M 675 -91.41 17.36 36.55
CA VAL M 675 -92.06 16.10 36.22
C VAL M 675 -91.68 15.66 34.81
N ASP M 676 -91.76 16.57 33.84
CA ASP M 676 -91.39 16.21 32.47
C ASP M 676 -89.92 15.89 32.36
N HIS M 677 -89.06 16.61 33.10
CA HIS M 677 -87.64 16.31 33.08
C HIS M 677 -87.35 14.90 33.58
N PHE M 678 -87.95 14.53 34.72
CA PHE M 678 -87.73 13.20 35.26
C PHE M 678 -88.28 12.13 34.34
N TYR M 679 -89.46 12.36 33.75
CA TYR M 679 -90.03 11.40 32.82
C TYR M 679 -89.14 11.20 31.61
N ARG M 680 -88.59 12.30 31.07
CA ARG M 680 -87.70 12.20 29.91
C ARG M 680 -86.44 11.44 30.27
N TYR M 681 -85.86 11.72 31.45
CA TYR M 681 -84.66 10.99 31.85
C TYR M 681 -84.96 9.50 31.99
N GLU M 682 -86.10 9.16 32.61
CA GLU M 682 -86.44 7.75 32.82
C GLU M 682 -86.62 7.03 31.49
N THR M 683 -87.37 7.62 30.56
CA THR M 683 -87.59 6.94 29.29
C THR M 683 -86.30 6.84 28.48
N LEU M 684 -85.46 7.88 28.51
CA LEU M 684 -84.19 7.82 27.79
C LEU M 684 -83.28 6.74 28.37
N SER M 685 -83.22 6.63 29.69
CA SER M 685 -82.42 5.58 30.31
C SER M 685 -82.94 4.20 29.95
N ALA M 686 -84.27 4.03 29.98
CA ALA M 686 -84.85 2.73 29.62
C ALA M 686 -84.53 2.36 28.19
N ILE M 687 -84.60 3.33 27.27
CA ILE M 687 -84.25 3.06 25.88
C ILE M 687 -82.77 2.72 25.74
N SER M 688 -81.91 3.47 26.44
CA SER M 688 -80.47 3.31 26.23
C SER M 688 -79.92 2.05 26.90
N ARG M 689 -80.61 1.51 27.91
CA ARG M 689 -80.08 0.35 28.61
C ARG M 689 -80.01 -0.89 27.74
N GLN M 690 -80.74 -0.92 26.62
CA GLN M 690 -80.83 -2.11 25.79
C GLN M 690 -79.79 -2.14 24.67
N LEU M 691 -78.93 -1.12 24.59
CA LEU M 691 -77.91 -1.08 23.55
C LEU M 691 -76.65 -1.81 23.99
N PRO M 692 -75.88 -2.35 23.05
CA PRO M 692 -74.64 -3.06 23.43
C PRO M 692 -73.56 -2.12 23.93
N SER M 693 -72.40 -2.68 24.28
CA SER M 693 -71.30 -1.89 24.80
C SER M 693 -70.73 -0.98 23.72
N PHE M 694 -69.75 -0.15 24.11
CA PHE M 694 -69.13 0.75 23.16
C PHE M 694 -68.16 -0.01 22.24
N GLY M 695 -67.37 -0.92 22.80
CA GLY M 695 -66.41 -1.67 22.02
C GLY M 695 -66.64 -3.16 22.06
N TYR M 696 -67.90 -3.58 21.94
CA TYR M 696 -68.24 -4.99 22.10
C TYR M 696 -67.72 -5.80 20.92
N VAL M 697 -67.76 -7.13 21.09
CA VAL M 697 -67.50 -8.07 20.02
C VAL M 697 -68.79 -8.86 19.81
N ASP M 698 -69.41 -8.67 18.65
CA ASP M 698 -70.72 -9.26 18.39
C ASP M 698 -70.59 -10.73 18.06
N ASP M 699 -71.48 -11.55 18.65
CA ASP M 699 -71.55 -12.98 18.35
C ASP M 699 -72.98 -13.46 18.24
N GLY M 700 -73.93 -12.56 17.98
CA GLY M 700 -75.32 -12.92 17.83
C GLY M 700 -76.13 -12.95 19.11
N SER M 701 -75.48 -12.80 20.27
CA SER M 701 -76.22 -12.82 21.53
C SER M 701 -77.07 -11.57 21.69
N SER M 702 -76.53 -10.40 21.38
CA SER M 702 -77.26 -9.16 21.54
C SER M 702 -78.42 -9.07 20.55
N VAL M 703 -79.49 -8.41 20.99
CA VAL M 703 -80.65 -8.20 20.11
C VAL M 703 -80.28 -7.28 18.97
N THR M 704 -79.42 -6.29 19.22
CA THR M 704 -79.00 -5.32 18.22
C THR M 704 -77.53 -5.53 17.91
N GLY M 705 -77.19 -5.54 16.62
CA GLY M 705 -75.82 -5.72 16.21
C GLY M 705 -75.71 -5.78 14.71
N ILE M 706 -74.52 -6.16 14.24
CA ILE M 706 -74.24 -6.29 12.81
C ILE M 706 -74.17 -7.78 12.48
N GLU M 707 -74.87 -8.18 11.42
CA GLU M 707 -74.87 -9.55 10.95
C GLU M 707 -74.22 -9.60 9.58
N ILE M 708 -73.18 -10.43 9.45
CA ILE M 708 -72.41 -10.54 8.23
C ILE M 708 -72.15 -12.01 7.94
N ILE M 709 -72.33 -12.41 6.68
CA ILE M 709 -71.96 -13.73 6.21
C ILE M 709 -71.10 -13.56 4.96
N SER M 710 -70.29 -14.58 4.68
CA SER M 710 -69.43 -14.56 3.51
C SER M 710 -69.50 -15.91 2.81
N ILE M 711 -69.59 -15.89 1.49
CA ILE M 711 -69.61 -17.10 0.68
C ILE M 711 -68.42 -17.04 -0.27
N GLU M 712 -67.57 -18.06 -0.20
CA GLU M 712 -66.35 -18.11 -1.00
C GLU M 712 -66.58 -18.94 -2.26
N ASN M 713 -66.15 -18.40 -3.40
CA ASN M 713 -66.41 -19.00 -4.70
C ASN M 713 -67.90 -19.31 -4.88
N PRO M 714 -68.76 -18.31 -4.81
CA PRO M 714 -70.20 -18.58 -4.81
C PRO M 714 -70.70 -19.08 -6.15
N GLY M 715 -71.80 -19.83 -6.10
CA GLY M 715 -72.44 -20.31 -7.31
C GLY M 715 -73.88 -19.86 -7.39
N PHE M 716 -74.19 -19.01 -8.38
CA PHE M 716 -75.54 -18.46 -8.54
C PHE M 716 -76.31 -19.08 -9.69
N SER M 717 -75.63 -19.55 -10.74
CA SER M 717 -76.32 -20.18 -11.86
C SER M 717 -77.05 -21.44 -11.42
N ASN M 718 -76.38 -22.27 -10.60
CA ASN M 718 -76.97 -23.49 -10.05
C ASN M 718 -76.70 -23.46 -8.54
N MET M 719 -77.62 -22.88 -7.80
CA MET M 719 -77.48 -22.81 -6.34
C MET M 719 -77.44 -24.22 -5.76
N THR M 720 -76.53 -24.44 -4.83
CA THR M 720 -76.34 -25.75 -4.20
C THR M 720 -77.23 -25.94 -2.99
N GLN M 721 -78.23 -25.08 -2.81
CA GLN M 721 -79.13 -25.12 -1.65
C GLN M 721 -78.34 -24.88 -0.36
N ALA M 722 -77.10 -24.42 -0.50
CA ALA M 722 -76.29 -24.00 0.64
C ALA M 722 -76.21 -22.48 0.75
N ALA M 723 -75.68 -21.82 -0.29
CA ALA M 723 -75.60 -20.37 -0.30
C ALA M 723 -76.99 -19.74 -0.31
N ARG M 724 -77.92 -20.34 -1.06
CA ARG M 724 -79.28 -19.83 -1.10
C ARG M 724 -79.92 -19.86 0.28
N VAL M 725 -79.78 -20.98 0.99
CA VAL M 725 -80.35 -21.09 2.32
C VAL M 725 -79.67 -20.13 3.29
N GLY M 726 -78.35 -19.98 3.18
CA GLY M 726 -77.65 -19.04 4.05
C GLY M 726 -78.11 -17.61 3.86
N ILE M 727 -78.21 -17.18 2.59
CA ILE M 727 -78.63 -15.81 2.31
C ILE M 727 -80.09 -15.60 2.72
N SER M 728 -80.94 -16.60 2.49
CA SER M 728 -82.32 -16.49 2.91
C SER M 728 -82.45 -16.40 4.43
N GLY M 729 -81.63 -17.17 5.15
CA GLY M 729 -81.63 -17.08 6.60
C GLY M 729 -81.18 -15.72 7.09
N LEU M 730 -80.15 -15.16 6.45
CA LEU M 730 -79.73 -13.81 6.81
C LEU M 730 -80.85 -12.79 6.54
N CYS M 731 -81.51 -12.92 5.39
CA CYS M 731 -82.59 -11.98 5.07
C CYS M 731 -83.72 -12.09 6.07
N ALA M 732 -84.06 -13.31 6.50
CA ALA M 732 -85.08 -13.50 7.52
C ALA M 732 -84.66 -12.88 8.85
N ASN M 733 -83.38 -13.08 9.23
CA ASN M 733 -82.89 -12.54 10.49
C ASN M 733 -82.92 -11.01 10.48
N VAL M 734 -82.55 -10.40 9.35
CA VAL M 734 -82.45 -8.95 9.30
C VAL M 734 -83.83 -8.31 9.35
N GLY M 735 -84.79 -8.86 8.60
CA GLY M 735 -86.15 -8.39 8.69
C GLY M 735 -86.40 -7.01 8.11
N ASN M 736 -86.27 -6.88 6.79
CA ASN M 736 -86.63 -5.66 6.05
C ASN M 736 -85.80 -4.46 6.52
N ALA M 737 -84.50 -4.56 6.31
CA ALA M 737 -83.57 -3.46 6.56
C ALA M 737 -82.60 -3.36 5.40
N ARG M 738 -81.80 -2.29 5.41
CA ARG M 738 -80.85 -2.05 4.34
C ARG M 738 -79.79 -3.15 4.32
N LYS M 739 -79.54 -3.70 3.14
CA LYS M 739 -78.57 -4.78 2.95
C LYS M 739 -77.56 -4.35 1.90
N SER M 740 -76.28 -4.50 2.22
CA SER M 740 -75.18 -4.12 1.32
C SER M 740 -74.41 -5.37 0.92
N ILE M 741 -74.12 -5.49 -0.37
CA ILE M 741 -73.38 -6.63 -0.90
C ILE M 741 -72.05 -6.15 -1.47
N ALA M 742 -71.08 -7.06 -1.53
CA ALA M 742 -69.77 -6.75 -2.06
C ALA M 742 -69.13 -8.02 -2.60
N ILE M 743 -68.55 -7.94 -3.80
CA ILE M 743 -67.84 -9.05 -4.43
C ILE M 743 -66.43 -8.59 -4.69
N TYR M 744 -65.45 -9.31 -4.16
CA TYR M 744 -64.05 -8.92 -4.29
C TYR M 744 -63.17 -10.16 -4.25
N GLU M 745 -61.86 -9.93 -4.27
CA GLU M 745 -60.85 -10.97 -4.33
C GLU M 745 -60.10 -11.02 -3.02
N SER M 746 -59.93 -12.22 -2.46
CA SER M 746 -59.25 -12.38 -1.19
C SER M 746 -58.63 -13.77 -1.13
N HIS M 747 -57.30 -13.81 -0.96
CA HIS M 747 -56.57 -15.05 -0.71
C HIS M 747 -56.83 -16.10 -1.80
N GLY M 748 -56.81 -15.66 -3.05
CA GLY M 748 -56.97 -16.56 -4.17
C GLY M 748 -58.38 -17.04 -4.42
N ALA M 749 -59.39 -16.31 -3.94
CA ALA M 749 -60.77 -16.69 -4.17
C ALA M 749 -61.63 -15.44 -4.21
N ARG M 750 -62.79 -15.56 -4.84
CA ARG M 750 -63.76 -14.49 -4.94
C ARG M 750 -64.88 -14.74 -3.92
N VAL M 751 -65.12 -13.76 -3.05
CA VAL M 751 -66.02 -13.92 -1.93
C VAL M 751 -67.15 -12.89 -2.02
N LEU M 752 -68.35 -13.31 -1.65
CA LEU M 752 -69.51 -12.44 -1.55
C LEU M 752 -69.76 -12.11 -0.09
N THR M 753 -69.97 -10.83 0.22
CA THR M 753 -70.17 -10.37 1.58
C THR M 753 -71.49 -9.61 1.66
N ILE M 754 -72.33 -9.98 2.62
CA ILE M 754 -73.61 -9.33 2.88
C ILE M 754 -73.59 -8.79 4.30
N THR M 755 -73.94 -7.52 4.46
CA THR M 755 -73.88 -6.86 5.75
C THR M 755 -75.21 -6.19 6.05
N SER M 756 -75.68 -6.33 7.29
CA SER M 756 -76.92 -5.69 7.72
C SER M 756 -76.94 -5.66 9.24
N ARG M 757 -78.06 -5.23 9.81
CA ARG M 757 -78.19 -5.01 11.24
C ARG M 757 -79.44 -5.70 11.77
N ARG M 758 -79.35 -6.23 12.98
CA ARG M 758 -80.51 -6.81 13.65
C ARG M 758 -81.26 -5.73 14.43
N SER M 759 -82.41 -6.12 14.99
CA SER M 759 -83.23 -5.22 15.78
C SER M 759 -84.28 -6.05 16.51
N PRO M 760 -84.80 -5.57 17.64
CA PRO M 760 -85.90 -6.29 18.31
C PRO M 760 -87.12 -6.45 17.42
N ALA M 761 -87.44 -5.45 16.61
CA ALA M 761 -88.52 -5.59 15.65
C ALA M 761 -88.22 -6.68 14.63
N SER M 762 -86.95 -6.82 14.23
CA SER M 762 -86.57 -7.91 13.34
C SER M 762 -86.84 -9.26 13.99
N ALA M 763 -86.50 -9.40 15.27
CA ALA M 763 -86.79 -10.65 15.98
C ALA M 763 -88.28 -10.89 16.07
N ARG M 764 -89.06 -9.83 16.31
CA ARG M 764 -90.51 -9.96 16.37
C ARG M 764 -91.07 -10.46 15.05
N ARG M 765 -90.57 -9.92 13.93
CA ARG M 765 -91.00 -10.39 12.62
C ARG M 765 -90.57 -11.85 12.40
N LYS M 766 -89.34 -12.19 12.80
CA LYS M 766 -88.84 -13.53 12.58
C LYS M 766 -89.63 -14.56 13.38
N ALA M 767 -90.16 -14.18 14.55
CA ALA M 767 -90.96 -15.09 15.35
C ALA M 767 -92.24 -15.52 14.62
N ARG M 768 -92.63 -14.80 13.57
CA ARG M 768 -93.84 -15.12 12.82
C ARG M 768 -93.59 -16.13 11.70
N LEU M 769 -92.34 -16.53 11.47
CA LEU M 769 -92.01 -17.41 10.36
C LEU M 769 -92.21 -18.86 10.78
N ARG M 770 -93.21 -19.52 10.19
CA ARG M 770 -93.34 -20.96 10.37
C ARG M 770 -92.33 -21.71 9.51
N TYR M 771 -92.08 -21.21 8.29
CA TYR M 771 -91.08 -21.78 7.40
C TYR M 771 -90.21 -20.64 6.84
N LEU M 772 -88.97 -20.98 6.51
CA LEU M 772 -88.05 -20.00 5.97
C LEU M 772 -88.33 -19.75 4.49
N PRO M 773 -88.57 -18.53 4.06
CA PRO M 773 -88.72 -18.25 2.63
C PRO M 773 -87.39 -18.36 1.93
N LEU M 774 -87.45 -18.29 0.59
CA LEU M 774 -86.26 -18.36 -0.24
C LEU M 774 -86.20 -17.18 -1.20
N ILE M 775 -85.00 -16.65 -1.40
CA ILE M 775 -84.79 -15.49 -2.26
C ILE M 775 -84.66 -15.92 -3.71
N ASP M 776 -84.71 -14.95 -4.63
CA ASP M 776 -84.48 -15.19 -6.04
C ASP M 776 -83.08 -14.70 -6.38
N PRO M 777 -82.14 -15.58 -6.74
CA PRO M 777 -80.75 -15.14 -6.90
C PRO M 777 -80.43 -14.57 -8.28
N ARG M 778 -81.45 -14.19 -9.04
CA ARG M 778 -81.22 -13.67 -10.39
C ARG M 778 -80.39 -12.40 -10.37
N SER M 779 -80.70 -11.48 -9.46
CA SER M 779 -79.98 -10.21 -9.40
C SER M 779 -78.50 -10.43 -9.08
N LEU M 780 -78.21 -11.31 -8.12
CA LEU M 780 -76.82 -11.62 -7.81
C LEU M 780 -76.16 -12.42 -8.93
N GLU M 781 -76.94 -13.23 -9.64
CA GLU M 781 -76.40 -13.97 -10.78
C GLU M 781 -75.95 -13.02 -11.88
N VAL M 782 -76.69 -11.93 -12.10
CA VAL M 782 -76.39 -11.01 -13.19
C VAL M 782 -75.06 -10.30 -12.96
N GLN M 783 -74.73 -9.99 -11.71
CA GLN M 783 -73.65 -9.06 -11.39
C GLN M 783 -72.31 -9.67 -11.77
N ALA M 784 -71.81 -9.32 -12.96
CA ALA M 784 -70.47 -9.70 -13.38
C ALA M 784 -69.49 -8.53 -13.23
N ARG M 785 -69.24 -8.15 -11.98
CA ARG M 785 -68.35 -7.03 -11.70
C ARG M 785 -67.69 -7.23 -10.34
N THR M 786 -66.96 -6.21 -9.90
CA THR M 786 -66.23 -6.24 -8.64
C THR M 786 -66.69 -5.09 -7.75
N ILE M 787 -67.03 -5.39 -6.51
CA ILE M 787 -67.48 -4.40 -5.53
C ILE M 787 -66.60 -4.55 -4.31
N LEU M 788 -65.78 -3.53 -4.04
CA LEU M 788 -64.85 -3.59 -2.93
C LEU M 788 -65.60 -3.55 -1.59
N PRO M 789 -65.09 -4.24 -0.58
CA PRO M 789 -65.74 -4.22 0.73
C PRO M 789 -65.34 -3.00 1.54
N SER M 790 -65.93 -2.90 2.74
CA SER M 790 -65.64 -1.81 3.65
C SER M 790 -65.81 -2.30 5.08
N ASN M 791 -65.19 -1.57 6.01
CA ASN M 791 -65.30 -1.93 7.42
C ASN M 791 -66.73 -1.70 7.90
N PRO M 792 -67.29 -2.62 8.68
CA PRO M 792 -68.67 -2.46 9.14
C PRO M 792 -68.80 -1.40 10.23
N VAL M 793 -69.95 -0.74 10.22
CA VAL M 793 -70.29 0.27 11.21
C VAL M 793 -71.72 0.02 11.66
N LEU M 794 -71.94 0.04 12.98
CA LEU M 794 -73.29 -0.18 13.51
C LEU M 794 -74.21 0.97 13.14
N PHE M 795 -73.86 2.18 13.56
CA PHE M 795 -74.67 3.36 13.25
C PHE M 795 -74.03 4.04 12.03
N ASP M 796 -74.40 3.52 10.85
CA ASP M 796 -73.77 3.99 9.61
C ASP M 796 -74.28 5.35 9.17
N ASN M 797 -75.43 5.78 9.68
CA ASN M 797 -75.97 7.08 9.33
C ASN M 797 -75.09 8.19 9.93
N ILE M 798 -74.29 8.84 9.09
CA ILE M 798 -73.43 9.92 9.56
C ILE M 798 -74.28 11.08 10.07
N ASN M 799 -75.32 11.45 9.33
CA ASN M 799 -76.24 12.49 9.75
C ASN M 799 -77.51 11.88 10.32
N GLY M 800 -78.28 12.72 11.01
CA GLY M 800 -79.51 12.25 11.63
C GLY M 800 -80.59 11.94 10.60
N ALA M 801 -81.62 11.25 11.09
CA ALA M 801 -82.74 10.88 10.23
C ALA M 801 -83.54 12.11 9.82
N SER M 802 -84.18 12.01 8.66
CA SER M 802 -85.00 13.10 8.17
C SER M 802 -86.25 13.26 9.04
N PRO M 803 -86.77 14.48 9.16
CA PRO M 803 -87.98 14.68 9.98
C PRO M 803 -89.17 13.84 9.54
N HIS M 804 -89.32 13.59 8.24
CA HIS M 804 -90.41 12.73 7.78
C HIS M 804 -90.23 11.30 8.28
N VAL M 805 -88.97 10.83 8.32
CA VAL M 805 -88.70 9.50 8.86
C VAL M 805 -89.08 9.44 10.33
N CYS M 806 -88.75 10.48 11.09
CA CYS M 806 -89.13 10.52 12.50
C CYS M 806 -90.65 10.56 12.67
N LEU M 807 -91.34 11.30 11.81
CA LEU M 807 -92.80 11.36 11.88
C LEU M 807 -93.43 10.00 11.62
N THR M 808 -93.04 9.35 10.52
CA THR M 808 -93.62 8.04 10.21
C THR M 808 -93.20 7.00 11.25
N MET M 809 -92.03 7.18 11.88
CA MET M 809 -91.62 6.26 12.92
C MET M 809 -92.42 6.48 14.20
N MET M 810 -92.77 7.72 14.52
CA MET M 810 -93.68 7.98 15.62
C MET M 810 -95.04 7.33 15.37
N TYR M 811 -95.54 7.45 14.14
CA TYR M 811 -96.80 6.79 13.78
C TYR M 811 -96.68 5.29 13.95
N ASN M 812 -95.57 4.70 13.49
CA ASN M 812 -95.36 3.27 13.60
C ASN M 812 -95.30 2.82 15.06
N PHE M 813 -94.61 3.59 15.90
CA PHE M 813 -94.52 3.23 17.31
C PHE M 813 -95.89 3.29 17.98
N GLU M 814 -96.68 4.33 17.66
CA GLU M 814 -98.02 4.42 18.22
C GLU M 814 -98.88 3.23 17.78
N VAL M 815 -98.78 2.87 16.50
CA VAL M 815 -99.54 1.72 16.00
C VAL M 815 -99.13 0.44 16.71
N SER M 816 -97.82 0.24 16.90
CA SER M 816 -97.33 -0.96 17.56
C SER M 816 -97.80 -1.01 19.02
N SER M 817 -97.78 0.14 19.71
CA SER M 817 -98.19 0.16 21.10
C SER M 817 -99.68 0.02 21.26
N ALA M 818 -100.46 0.38 20.23
CA ALA M 818 -101.91 0.36 20.36
C ALA M 818 -102.48 -1.06 20.24
N VAL M 819 -101.67 -2.01 19.78
CA VAL M 819 -102.15 -3.37 19.50
C VAL M 819 -101.69 -4.31 20.61
N TYR M 820 -102.64 -5.05 21.17
CA TYR M 820 -102.34 -6.09 22.15
C TYR M 820 -102.22 -7.45 21.47
N ASP M 821 -101.72 -8.43 22.22
CA ASP M 821 -101.53 -9.77 21.69
C ASP M 821 -102.87 -10.43 21.39
N GLY M 822 -102.94 -11.16 20.29
CA GLY M 822 -104.12 -11.91 19.94
C GLY M 822 -105.29 -11.08 19.45
N ASP M 823 -105.04 -9.88 18.93
CA ASP M 823 -106.09 -9.01 18.42
C ASP M 823 -105.93 -8.87 16.91
N VAL M 824 -106.95 -9.29 16.16
CA VAL M 824 -106.90 -9.19 14.71
C VAL M 824 -106.95 -7.72 14.31
N VAL M 825 -106.01 -7.31 13.46
CA VAL M 825 -105.88 -5.92 13.05
C VAL M 825 -105.97 -5.84 11.54
N LEU M 826 -106.61 -4.78 11.05
CA LEU M 826 -106.77 -4.53 9.63
C LEU M 826 -106.04 -3.23 9.28
N ASP M 827 -105.01 -3.34 8.45
CA ASP M 827 -104.20 -2.19 8.07
C ASP M 827 -104.64 -1.70 6.69
N LEU M 828 -105.15 -0.48 6.64
CA LEU M 828 -105.72 0.04 5.40
C LEU M 828 -104.65 0.49 4.42
N GLY M 829 -103.55 1.07 4.92
CA GLY M 829 -102.53 1.60 4.04
C GLY M 829 -101.16 1.00 4.24
N THR M 830 -100.67 0.27 3.23
CA THR M 830 -99.36 -0.34 3.27
C THR M 830 -98.76 -0.29 1.87
N GLY M 831 -97.45 -0.12 1.80
CA GLY M 831 -96.74 -0.18 0.55
C GLY M 831 -96.46 -1.61 0.14
N PRO M 832 -95.63 -1.80 -0.89
CA PRO M 832 -95.27 -3.17 -1.28
C PRO M 832 -94.57 -3.94 -0.18
N GLU M 833 -93.80 -3.27 0.67
CA GLU M 833 -93.21 -3.90 1.83
C GLU M 833 -94.10 -3.64 3.04
N ALA M 834 -94.29 -4.67 3.86
CA ALA M 834 -95.22 -4.61 4.99
C ALA M 834 -94.44 -4.35 6.26
N LYS M 835 -94.37 -3.08 6.68
CA LYS M 835 -93.79 -2.74 7.97
C LYS M 835 -94.74 -3.04 9.12
N ILE M 836 -96.05 -3.11 8.85
CA ILE M 836 -97.01 -3.45 9.89
C ILE M 836 -96.77 -4.87 10.39
N LEU M 837 -96.29 -5.75 9.52
CA LEU M 837 -95.99 -7.12 9.92
C LEU M 837 -94.81 -7.21 10.88
N GLU M 838 -94.07 -6.12 11.05
CA GLU M 838 -92.91 -6.10 11.93
C GLU M 838 -93.21 -5.46 13.28
N LEU M 839 -94.18 -4.56 13.34
CA LEU M 839 -94.43 -3.81 14.58
C LEU M 839 -95.27 -4.62 15.56
N ILE M 840 -96.34 -5.23 15.07
CA ILE M 840 -97.33 -5.90 15.93
C ILE M 840 -96.72 -7.16 16.55
N PRO M 841 -97.28 -7.65 17.66
CA PRO M 841 -96.84 -8.96 18.17
C PRO M 841 -97.14 -10.07 17.16
N SER M 842 -96.28 -11.08 17.16
CA SER M 842 -96.39 -12.15 16.17
C SER M 842 -97.64 -13.01 16.37
N THR M 843 -98.30 -12.92 17.52
CA THR M 843 -99.48 -13.74 17.76
C THR M 843 -100.70 -13.21 17.02
N SER M 844 -100.83 -11.89 16.92
CA SER M 844 -102.04 -11.29 16.36
C SER M 844 -102.03 -11.40 14.84
N PRO M 845 -103.12 -11.86 14.22
CA PRO M 845 -103.16 -11.91 12.75
C PRO M 845 -103.37 -10.53 12.15
N VAL M 846 -103.17 -10.46 10.83
CA VAL M 846 -103.36 -9.23 10.07
C VAL M 846 -104.18 -9.51 8.81
N THR M 847 -104.66 -8.42 8.22
CA THR M 847 -105.29 -8.46 6.90
C THR M 847 -104.88 -7.18 6.19
N CYS M 848 -103.91 -7.28 5.29
CA CYS M 848 -103.32 -6.12 4.64
C CYS M 848 -104.10 -5.78 3.37
N VAL M 849 -104.42 -4.50 3.21
CA VAL M 849 -105.12 -3.99 2.04
C VAL M 849 -104.20 -2.99 1.35
N ASP M 850 -103.99 -3.17 0.05
CA ASP M 850 -103.06 -2.35 -0.69
C ASP M 850 -103.58 -2.13 -2.10
N ILE M 851 -103.14 -1.02 -2.71
CA ILE M 851 -103.47 -0.71 -4.10
C ILE M 851 -102.39 -1.16 -5.07
N ARG M 852 -101.24 -1.62 -4.57
CA ARG M 852 -100.15 -2.10 -5.39
C ARG M 852 -99.71 -3.49 -4.93
N PRO M 853 -99.14 -4.29 -5.83
CA PRO M 853 -98.70 -5.64 -5.43
C PRO M 853 -97.63 -5.57 -4.34
N THR M 854 -97.69 -6.54 -3.43
CA THR M 854 -96.77 -6.62 -2.32
C THR M 854 -95.68 -7.65 -2.61
N ALA M 855 -94.47 -7.35 -2.15
CA ALA M 855 -93.32 -8.23 -2.36
C ALA M 855 -93.14 -9.25 -1.26
N GLN M 856 -93.92 -9.17 -0.18
CA GLN M 856 -93.76 -10.09 0.92
C GLN M 856 -94.23 -11.50 0.51
N PRO M 857 -93.57 -12.54 0.99
CA PRO M 857 -94.05 -13.90 0.71
C PRO M 857 -95.36 -14.18 1.42
N ASN M 858 -96.12 -15.12 0.87
CA ASN M 858 -97.45 -15.43 1.37
C ASN M 858 -97.61 -16.86 1.88
N GLY M 859 -96.85 -17.81 1.36
CA GLY M 859 -97.10 -19.21 1.69
C GLY M 859 -96.82 -19.53 3.15
N CYS M 860 -95.70 -19.05 3.68
CA CYS M 860 -95.19 -19.47 4.98
C CYS M 860 -95.37 -18.37 6.01
N TRP M 861 -96.33 -18.55 6.91
CA TRP M 861 -96.55 -17.65 8.04
C TRP M 861 -97.20 -18.43 9.17
N ASN M 862 -96.76 -18.15 10.40
CA ASN M 862 -97.27 -18.88 11.56
C ASN M 862 -98.77 -18.62 11.77
N VAL M 863 -99.19 -17.37 11.62
CA VAL M 863 -100.59 -17.00 11.84
C VAL M 863 -101.19 -16.48 10.53
N ARG M 864 -102.47 -16.13 10.56
CA ARG M 864 -103.16 -15.70 9.36
C ARG M 864 -102.64 -14.34 8.91
N THR M 865 -102.14 -14.28 7.68
CA THR M 865 -101.65 -13.05 7.07
C THR M 865 -102.11 -13.00 5.63
N THR M 866 -102.99 -12.05 5.31
CA THR M 866 -103.55 -11.93 3.97
C THR M 866 -103.28 -10.55 3.40
N PHE M 867 -102.96 -10.50 2.11
CA PHE M 867 -102.74 -9.27 1.38
C PHE M 867 -103.78 -9.16 0.28
N LEU M 868 -104.48 -8.03 0.23
CA LEU M 868 -105.58 -7.83 -0.71
C LEU M 868 -105.23 -6.74 -1.70
N GLU M 869 -105.46 -7.00 -2.99
CA GLU M 869 -105.17 -6.05 -4.05
C GLU M 869 -106.45 -5.29 -4.42
N LEU M 870 -106.89 -4.45 -3.48
CA LEU M 870 -108.09 -3.65 -3.68
C LEU M 870 -107.86 -2.25 -3.13
N ASP M 871 -108.62 -1.29 -3.69
CA ASP M 871 -108.62 0.07 -3.17
C ASP M 871 -109.60 0.15 -2.01
N TYR M 872 -109.12 0.62 -0.85
CA TYR M 872 -109.94 0.58 0.35
C TYR M 872 -111.03 1.65 0.33
N LEU M 873 -110.82 2.74 -0.39
CA LEU M 873 -111.86 3.76 -0.46
C LEU M 873 -113.08 3.28 -1.23
N SER M 874 -112.91 2.30 -2.11
CA SER M 874 -114.04 1.66 -2.77
C SER M 874 -114.84 0.83 -1.77
N ASP M 875 -116.12 0.66 -2.06
CA ASP M 875 -117.03 -0.06 -1.18
C ASP M 875 -117.32 -1.45 -1.74
N GLY M 876 -118.03 -2.26 -0.94
CA GLY M 876 -118.44 -3.58 -1.32
C GLY M 876 -117.50 -4.70 -0.92
N TRP M 877 -116.33 -4.37 -0.37
CA TRP M 877 -115.34 -5.38 -0.02
C TRP M 877 -115.18 -5.58 1.49
N ILE M 878 -115.50 -4.57 2.29
CA ILE M 878 -115.17 -4.59 3.71
C ILE M 878 -116.00 -5.61 4.49
N THR M 879 -117.10 -6.09 3.91
CA THR M 879 -118.00 -6.97 4.65
C THR M 879 -117.31 -8.27 5.04
N GLY M 880 -116.55 -8.88 4.12
CA GLY M 880 -115.98 -10.18 4.39
C GLY M 880 -114.95 -10.18 5.50
N VAL M 881 -114.04 -9.20 5.49
CA VAL M 881 -112.92 -9.18 6.42
C VAL M 881 -113.39 -8.77 7.80
N ARG M 882 -112.63 -9.20 8.82
CA ARG M 882 -112.90 -8.86 10.20
C ARG M 882 -111.62 -8.37 10.86
N GLY M 883 -111.76 -7.39 11.76
CA GLY M 883 -110.61 -6.84 12.45
C GLY M 883 -110.97 -6.08 13.72
N ASP M 884 -110.25 -6.35 14.80
CA ASP M 884 -110.52 -5.67 16.05
C ASP M 884 -110.01 -4.23 16.03
N ILE M 885 -108.83 -4.00 15.45
CA ILE M 885 -108.18 -2.70 15.45
C ILE M 885 -107.94 -2.27 14.01
N VAL M 886 -108.22 -1.00 13.72
CA VAL M 886 -108.10 -0.43 12.39
C VAL M 886 -107.03 0.65 12.40
N THR M 887 -106.06 0.53 11.49
CA THR M 887 -104.99 1.49 11.36
C THR M 887 -104.92 1.99 9.92
N CYS M 888 -104.75 3.31 9.75
CA CYS M 888 -104.58 3.91 8.43
C CYS M 888 -103.69 5.14 8.60
N MET M 889 -102.38 4.94 8.43
CA MET M 889 -101.38 5.98 8.64
C MET M 889 -100.93 6.55 7.30
N LEU M 890 -100.95 7.88 7.20
CA LEU M 890 -100.35 8.61 6.08
C LEU M 890 -100.95 8.24 4.74
N SER M 891 -102.14 7.64 4.74
CA SER M 891 -102.76 7.20 3.50
C SER M 891 -104.02 7.96 3.13
N LEU M 892 -104.80 8.41 4.12
CA LEU M 892 -106.07 9.05 3.83
C LEU M 892 -105.87 10.36 3.07
N GLY M 893 -104.94 11.20 3.54
CA GLY M 893 -104.71 12.47 2.88
C GLY M 893 -104.15 12.31 1.47
N ALA M 894 -103.20 11.39 1.30
CA ALA M 894 -102.65 11.13 -0.03
C ALA M 894 -103.71 10.60 -0.97
N ALA M 895 -104.57 9.70 -0.49
CA ALA M 895 -105.65 9.17 -1.32
C ALA M 895 -106.64 10.26 -1.69
N ALA M 896 -106.97 11.15 -0.75
CA ALA M 896 -107.87 12.26 -1.06
C ALA M 896 -107.25 13.19 -2.09
N ALA M 897 -105.95 13.46 -1.97
CA ALA M 897 -105.27 14.29 -2.96
C ALA M 897 -105.26 13.63 -4.33
N GLY M 898 -105.06 12.31 -4.37
CA GLY M 898 -105.02 11.62 -5.65
C GLY M 898 -106.34 11.68 -6.39
N LYS M 899 -107.44 11.50 -5.68
CA LYS M 899 -108.78 11.56 -6.27
C LYS M 899 -109.32 12.98 -6.35
N SER M 900 -108.58 13.97 -5.85
CA SER M 900 -108.94 15.38 -5.93
C SER M 900 -110.30 15.66 -5.26
N MET M 901 -110.38 15.31 -3.99
CA MET M 901 -111.55 15.63 -3.17
C MET M 901 -111.09 16.20 -1.84
N THR M 902 -111.97 16.95 -1.20
CA THR M 902 -111.67 17.53 0.10
C THR M 902 -111.51 16.42 1.15
N PHE M 903 -110.77 16.75 2.21
CA PHE M 903 -110.50 15.77 3.26
C PHE M 903 -111.79 15.33 3.95
N ASP M 904 -112.78 16.21 4.05
CA ASP M 904 -114.04 15.86 4.70
C ASP M 904 -114.74 14.73 3.95
N ALA M 905 -114.80 14.83 2.62
CA ALA M 905 -115.50 13.81 1.84
C ALA M 905 -114.80 12.46 1.93
N ALA M 906 -113.47 12.45 1.81
CA ALA M 906 -112.74 11.20 1.92
C ALA M 906 -112.88 10.59 3.31
N PHE M 907 -112.80 11.42 4.35
CA PHE M 907 -112.97 10.92 5.71
C PHE M 907 -114.36 10.34 5.89
N GLN M 908 -115.40 11.01 5.38
CA GLN M 908 -116.76 10.49 5.51
C GLN M 908 -116.91 9.17 4.77
N GLN M 909 -116.33 9.07 3.56
CA GLN M 909 -116.40 7.82 2.81
C GLN M 909 -115.73 6.69 3.58
N LEU M 910 -114.56 6.96 4.16
CA LEU M 910 -113.89 5.95 4.98
C LEU M 910 -114.73 5.56 6.17
N VAL M 911 -115.43 6.53 6.78
CA VAL M 911 -116.29 6.22 7.92
C VAL M 911 -117.44 5.31 7.51
N ARG M 912 -118.06 5.58 6.35
CA ARG M 912 -119.11 4.68 5.87
C ARG M 912 -118.58 3.28 5.61
N VAL M 913 -117.41 3.19 4.97
CA VAL M 913 -116.81 1.89 4.67
C VAL M 913 -116.56 1.11 5.97
N LEU M 914 -116.00 1.79 6.98
CA LEU M 914 -115.76 1.14 8.26
C LEU M 914 -117.06 0.78 8.96
N THR M 915 -118.09 1.61 8.80
CA THR M 915 -119.40 1.31 9.38
C THR M 915 -119.99 0.04 8.79
N ARG M 916 -119.78 -0.19 7.51
CA ARG M 916 -120.22 -1.46 6.92
C ARG M 916 -119.47 -2.69 7.53
N SER M 917 -118.48 -2.48 8.39
CA SER M 917 -117.72 -3.55 9.02
C SER M 917 -117.95 -3.54 10.53
N THR M 918 -117.17 -4.36 11.22
CA THR M 918 -117.25 -4.50 12.68
C THR M 918 -115.83 -4.37 13.24
N ALA M 919 -115.53 -3.22 13.84
CA ALA M 919 -114.20 -2.96 14.40
C ALA M 919 -114.36 -2.06 15.61
N ASN M 920 -113.81 -2.49 16.75
CA ASN M 920 -113.97 -1.74 17.99
C ASN M 920 -113.10 -0.48 18.01
N VAL M 921 -111.85 -0.59 17.57
CA VAL M 921 -110.86 0.48 17.71
C VAL M 921 -110.43 0.94 16.33
N LEU M 922 -110.40 2.26 16.14
CA LEU M 922 -109.98 2.87 14.88
C LEU M 922 -108.84 3.83 15.13
N LEU M 923 -107.79 3.73 14.31
CA LEU M 923 -106.67 4.66 14.32
C LEU M 923 -106.56 5.30 12.95
N ILE M 924 -106.81 6.61 12.87
CA ILE M 924 -106.82 7.34 11.62
C ILE M 924 -105.86 8.52 11.72
N GLN M 925 -104.99 8.66 10.73
CA GLN M 925 -104.10 9.81 10.63
C GLN M 925 -104.80 10.91 9.85
N VAL M 926 -105.12 12.01 10.53
CA VAL M 926 -105.94 13.08 9.96
C VAL M 926 -105.11 14.35 9.90
N ASN M 927 -105.29 15.11 8.82
CA ASN M 927 -104.58 16.38 8.62
C ASN M 927 -105.47 17.51 9.12
N CYS M 928 -105.40 17.75 10.42
CA CYS M 928 -106.13 18.85 11.04
C CYS M 928 -105.20 19.63 11.95
N PRO M 929 -105.40 20.95 12.05
CA PRO M 929 -104.52 21.76 12.90
C PRO M 929 -104.92 21.72 14.37
N THR M 930 -104.04 21.15 15.20
CA THR M 930 -104.31 21.09 16.63
C THR M 930 -104.21 22.47 17.27
N ASP M 931 -103.26 23.29 16.80
CA ASP M 931 -103.03 24.62 17.37
C ASP M 931 -103.31 25.69 16.32
N VAL M 932 -102.98 26.94 16.65
CA VAL M 932 -103.19 28.04 15.72
C VAL M 932 -102.43 27.77 14.44
N ILE M 933 -103.01 28.18 13.31
CA ILE M 933 -102.44 27.86 12.01
C ILE M 933 -101.16 28.65 11.79
N ARG M 934 -100.03 27.94 11.75
CA ARG M 934 -98.73 28.54 11.50
C ARG M 934 -97.95 27.65 10.56
N THR M 935 -96.96 28.23 9.90
CA THR M 935 -96.19 27.56 8.86
C THR M 935 -94.80 27.21 9.38
N ILE M 936 -94.41 25.95 9.21
CA ILE M 936 -93.05 25.51 9.50
C ILE M 936 -92.25 25.74 8.21
N LYS M 937 -91.43 26.79 8.20
CA LYS M 937 -90.71 27.16 6.99
C LYS M 937 -89.72 26.08 6.58
N GLY M 938 -89.79 25.67 5.31
CA GLY M 938 -88.87 24.72 4.74
C GLY M 938 -89.30 23.27 4.85
N TYR M 939 -90.27 22.96 5.70
CA TYR M 939 -90.71 21.58 5.89
C TYR M 939 -92.20 21.39 5.68
N LEU M 940 -93.03 22.32 6.15
CA LEU M 940 -94.48 22.22 5.98
C LEU M 940 -95.03 23.64 5.92
N GLU M 941 -95.27 24.13 4.70
CA GLU M 941 -95.88 25.43 4.49
C GLU M 941 -97.34 25.25 4.12
N ILE M 942 -98.23 25.92 4.85
CA ILE M 942 -99.67 25.72 4.73
C ILE M 942 -100.33 27.07 4.52
N ASP M 943 -101.38 27.09 3.70
CA ASP M 943 -102.16 28.28 3.43
C ASP M 943 -103.58 28.07 3.92
N GLN M 944 -104.09 29.03 4.70
CA GLN M 944 -105.45 28.93 5.20
C GLN M 944 -106.46 28.91 4.06
N THR M 945 -106.25 29.75 3.05
CA THR M 945 -107.10 29.71 1.87
C THR M 945 -106.81 28.46 1.05
N ASN M 946 -107.84 27.99 0.35
CA ASN M 946 -107.79 26.85 -0.56
C ASN M 946 -107.66 25.52 0.19
N LYS M 947 -107.47 25.60 1.51
CA LYS M 947 -107.49 24.45 2.40
C LYS M 947 -106.58 23.31 1.89
N ARG M 948 -105.28 23.60 1.84
CA ARG M 948 -104.32 22.62 1.35
C ARG M 948 -103.04 22.69 2.16
N TYR M 949 -102.34 21.55 2.22
CA TYR M 949 -101.01 21.45 2.76
C TYR M 949 -99.99 21.38 1.63
N LYS M 950 -98.77 21.81 1.90
CA LYS M 950 -97.69 21.78 0.92
C LYS M 950 -96.41 21.27 1.58
N PHE M 951 -95.82 20.25 0.99
CA PHE M 951 -94.55 19.69 1.47
C PHE M 951 -93.44 20.04 0.49
N PRO M 952 -92.53 20.94 0.84
CA PRO M 952 -91.51 21.36 -0.14
C PRO M 952 -90.53 20.26 -0.51
N LYS M 953 -89.95 19.58 0.49
CA LYS M 953 -88.88 18.62 0.21
C LYS M 953 -89.40 17.43 -0.61
N PHE M 954 -90.60 16.95 -0.30
CA PHE M 954 -91.15 15.82 -1.03
C PHE M 954 -91.96 16.23 -2.26
N GLY M 955 -92.43 17.48 -2.31
CA GLY M 955 -93.10 18.00 -3.49
C GLY M 955 -94.56 17.67 -3.61
N ARG M 956 -95.14 16.93 -2.66
CA ARG M 956 -96.55 16.62 -2.76
C ARG M 956 -97.38 17.72 -2.08
N ASP M 957 -98.70 17.55 -2.12
CA ASP M 957 -99.63 18.47 -1.47
C ASP M 957 -100.87 17.69 -1.05
N GLU M 958 -101.40 18.01 0.12
CA GLU M 958 -102.53 17.30 0.68
C GLU M 958 -103.59 18.28 1.17
N PRO M 959 -104.87 17.92 1.11
CA PRO M 959 -105.92 18.77 1.69
C PRO M 959 -105.98 18.63 3.20
N TYR M 960 -106.68 19.56 3.83
CA TYR M 960 -106.84 19.55 5.28
C TYR M 960 -108.16 20.22 5.63
N SER M 961 -108.61 19.97 6.86
CA SER M 961 -109.86 20.56 7.36
C SER M 961 -109.81 20.59 8.87
N ASP M 962 -110.73 21.36 9.45
CA ASP M 962 -110.78 21.52 10.90
C ASP M 962 -111.20 20.22 11.58
N MET M 963 -110.81 20.08 12.84
CA MET M 963 -111.13 18.87 13.59
C MET M 963 -112.60 18.80 13.96
N ASP M 964 -113.27 19.96 14.05
CA ASP M 964 -114.69 19.96 14.42
C ASP M 964 -115.53 19.23 13.40
N SER M 965 -115.23 19.38 12.11
CA SER M 965 -115.94 18.64 11.08
C SER M 965 -115.75 17.13 11.26
N LEU M 966 -114.53 16.70 11.56
CA LEU M 966 -114.27 15.28 11.76
C LEU M 966 -115.03 14.73 12.95
N GLU M 967 -115.04 15.48 14.06
CA GLU M 967 -115.79 15.06 15.24
C GLU M 967 -117.28 14.99 14.94
N ARG M 968 -117.79 15.97 14.20
CA ARG M 968 -119.20 15.96 13.83
C ARG M 968 -119.54 14.74 12.97
N ILE M 969 -118.67 14.42 12.02
CA ILE M 969 -118.90 13.25 11.16
C ILE M 969 -118.92 11.98 12.00
N CYS M 970 -117.95 11.82 12.90
CA CYS M 970 -117.89 10.59 13.69
C CYS M 970 -119.10 10.47 14.60
N ARG M 971 -119.49 11.56 15.27
CA ARG M 971 -120.62 11.48 16.19
C ARG M 971 -121.95 11.35 15.46
N ALA M 972 -122.06 11.85 14.22
CA ALA M 972 -123.27 11.63 13.44
C ALA M 972 -123.36 10.21 12.94
N ALA M 973 -122.25 9.65 12.45
CA ALA M 973 -122.25 8.28 11.95
C ALA M 973 -122.34 7.28 13.09
N TRP M 974 -121.55 7.49 14.15
CA TRP M 974 -121.50 6.56 15.27
C TRP M 974 -121.79 7.32 16.56
N PRO M 975 -122.87 7.01 17.28
CA PRO M 975 -122.98 7.46 18.66
C PRO M 975 -121.90 6.81 19.52
N ASN M 976 -121.51 7.51 20.58
CA ASN M 976 -120.44 7.07 21.47
C ASN M 976 -119.11 6.94 20.72
N CYS M 977 -118.79 7.98 19.92
CA CYS M 977 -117.56 7.96 19.14
C CYS M 977 -116.33 7.92 20.04
N SER M 978 -116.33 8.73 21.10
CA SER M 978 -115.25 8.78 22.08
C SER M 978 -113.91 9.11 21.40
N ILE M 979 -113.83 10.33 20.86
CA ILE M 979 -112.61 10.79 20.21
C ILE M 979 -111.50 10.95 21.23
N THR M 980 -110.31 10.44 20.89
CA THR M 980 -109.14 10.58 21.74
C THR M 980 -107.96 11.01 20.87
N TRP M 981 -107.42 12.20 21.13
CA TRP M 981 -106.21 12.67 20.47
C TRP M 981 -105.02 12.35 21.36
N VAL M 982 -104.17 11.44 20.90
CA VAL M 982 -103.12 10.89 21.76
C VAL M 982 -102.00 11.91 21.94
N PRO M 983 -101.61 12.24 23.18
CA PRO M 983 -100.41 13.06 23.39
C PRO M 983 -99.17 12.34 22.89
N LEU M 984 -98.52 12.87 21.86
CA LEU M 984 -97.30 12.27 21.34
C LEU M 984 -96.23 13.30 21.03
N SER M 985 -96.56 14.59 21.02
CA SER M 985 -95.57 15.62 20.70
C SER M 985 -94.48 15.68 21.76
N TYR M 986 -94.86 15.77 23.02
CA TYR M 986 -93.90 15.97 24.10
C TYR M 986 -93.38 14.66 24.69
N ASP M 987 -93.86 13.53 24.23
CA ASP M 987 -93.38 12.24 24.71
C ASP M 987 -92.18 11.77 23.90
N LEU M 988 -91.20 11.18 24.58
CA LEU M 988 -89.97 10.74 23.96
C LEU M 988 -89.85 9.21 23.88
N ARG M 989 -90.92 8.48 24.21
CA ARG M 989 -90.85 7.02 24.14
C ARG M 989 -90.76 6.50 22.72
N TRP M 990 -91.13 7.31 21.73
CA TRP M 990 -91.12 6.86 20.35
C TRP M 990 -89.70 6.65 19.81
N THR M 991 -88.69 7.19 20.47
CA THR M 991 -87.32 7.02 20.02
C THR M 991 -86.81 5.59 20.18
N LYS M 992 -87.64 4.68 20.70
CA LYS M 992 -87.23 3.29 20.83
C LYS M 992 -86.91 2.68 19.47
N LEU M 993 -87.77 2.91 18.48
CA LEU M 993 -87.53 2.39 17.14
C LEU M 993 -86.27 3.00 16.53
N ALA M 994 -86.06 4.30 16.78
CA ALA M 994 -84.91 4.99 16.21
C ALA M 994 -83.60 4.49 16.81
N LEU M 995 -83.57 4.27 18.12
CA LEU M 995 -82.29 4.04 18.79
C LEU M 995 -81.99 2.55 18.92
N LEU M 996 -83.00 1.73 19.19
CA LEU M 996 -82.77 0.28 19.22
C LEU M 996 -82.34 -0.24 17.86
N GLU M 997 -83.03 0.17 16.80
CA GLU M 997 -82.56 -0.11 15.46
C GLU M 997 -81.39 0.82 15.11
N SER M 998 -80.56 0.38 14.17
CA SER M 998 -79.35 1.12 13.83
C SER M 998 -79.75 2.38 13.06
N THR M 999 -80.08 3.44 13.80
CA THR M 999 -80.44 4.72 13.22
C THR M 999 -80.02 5.83 14.17
N THR M 1000 -79.49 6.91 13.60
CA THR M 1000 -78.98 8.03 14.38
C THR M 1000 -79.98 9.17 14.36
N LEU M 1001 -80.09 9.87 15.49
CA LEU M 1001 -81.04 10.95 15.67
C LEU M 1001 -80.31 12.27 15.84
N SER M 1002 -80.89 13.34 15.30
CA SER M 1002 -80.41 14.70 15.50
C SER M 1002 -81.49 15.53 16.17
N SER M 1003 -81.07 16.39 17.10
CA SER M 1003 -82.03 17.13 17.91
C SER M 1003 -82.91 18.04 17.05
N ALA M 1004 -82.32 18.72 16.07
CA ALA M 1004 -83.10 19.60 15.21
C ALA M 1004 -84.15 18.81 14.44
N SER M 1005 -83.78 17.63 13.93
CA SER M 1005 -84.75 16.80 13.23
C SER M 1005 -85.89 16.37 14.15
N VAL M 1006 -85.58 16.04 15.40
CA VAL M 1006 -86.61 15.66 16.36
C VAL M 1006 -87.55 16.83 16.61
N ARG M 1007 -87.00 18.03 16.78
CA ARG M 1007 -87.85 19.21 16.99
C ARG M 1007 -88.77 19.45 15.79
N ILE M 1008 -88.22 19.38 14.58
CA ILE M 1008 -89.03 19.59 13.40
C ILE M 1008 -90.11 18.52 13.29
N ALA M 1009 -89.77 17.28 13.67
CA ALA M 1009 -90.75 16.21 13.66
C ALA M 1009 -91.88 16.48 14.63
N GLU M 1010 -91.56 16.97 15.83
CA GLU M 1010 -92.62 17.28 16.79
C GLU M 1010 -93.51 18.40 16.28
N LEU M 1011 -92.92 19.46 15.73
CA LEU M 1011 -93.72 20.56 15.20
C LEU M 1011 -94.59 20.10 14.04
N MET M 1012 -94.07 19.23 13.18
CA MET M 1012 -94.88 18.69 12.09
C MET M 1012 -96.03 17.83 12.62
N TYR M 1013 -95.75 16.99 13.62
CA TYR M 1013 -96.81 16.16 14.20
C TYR M 1013 -97.88 17.00 14.86
N LYS M 1014 -97.51 18.17 15.37
CA LYS M 1014 -98.50 19.06 15.98
C LYS M 1014 -99.64 19.37 15.03
N TYR M 1015 -99.37 19.39 13.72
CA TYR M 1015 -100.39 19.68 12.73
C TYR M 1015 -100.94 18.43 12.03
N MET M 1016 -100.38 17.26 12.31
CA MET M 1016 -100.86 15.99 11.74
C MET M 1016 -101.03 14.98 12.87
N PRO M 1017 -102.06 15.13 13.69
CA PRO M 1017 -102.25 14.23 14.83
C PRO M 1017 -102.83 12.89 14.39
N ILE M 1018 -102.94 11.97 15.34
CA ILE M 1018 -103.55 10.66 15.14
C ILE M 1018 -104.88 10.66 15.89
N MET M 1019 -105.97 10.42 15.15
CA MET M 1019 -107.30 10.42 15.73
C MET M 1019 -107.71 8.98 16.05
N ARG M 1020 -107.75 8.65 17.33
CA ARG M 1020 -108.11 7.32 17.79
C ARG M 1020 -109.58 7.31 18.17
N ILE M 1021 -110.35 6.43 17.54
CA ILE M 1021 -111.80 6.36 17.74
C ILE M 1021 -112.12 5.02 18.37
N ASP M 1022 -112.72 5.04 19.56
CA ASP M 1022 -113.10 3.84 20.29
C ASP M 1022 -114.62 3.77 20.38
N ILE M 1023 -115.21 2.82 19.68
CA ILE M 1023 -116.65 2.59 19.81
C ILE M 1023 -116.94 1.89 21.14
N HIS M 1024 -118.19 2.00 21.59
CA HIS M 1024 -118.61 1.51 22.90
C HIS M 1024 -117.83 2.20 24.02
N GLY M 1025 -117.86 3.52 24.00
CA GLY M 1025 -117.22 4.32 25.03
C GLY M 1025 -118.11 5.47 25.46
N LEU M 1026 -117.83 5.97 26.65
CA LEU M 1026 -118.64 7.05 27.20
C LEU M 1026 -118.36 8.34 26.44
N PRO M 1027 -119.38 8.98 25.86
CA PRO M 1027 -119.13 10.20 25.08
C PRO M 1027 -119.05 11.45 25.95
N MET M 1028 -117.93 12.16 25.85
CA MET M 1028 -117.73 13.39 26.60
C MET M 1028 -118.02 14.58 25.71
N GLU M 1029 -118.94 15.44 26.15
CA GLU M 1029 -119.40 16.58 25.37
C GLU M 1029 -118.80 17.85 25.92
N LYS M 1030 -118.19 18.65 25.05
CA LYS M 1030 -117.57 19.92 25.42
C LYS M 1030 -118.31 21.06 24.74
N GLN M 1031 -118.59 22.12 25.50
CA GLN M 1031 -119.33 23.26 25.01
C GLN M 1031 -118.43 24.48 24.92
N GLY M 1032 -118.71 25.34 23.94
CA GLY M 1032 -117.95 26.55 23.78
C GLY M 1032 -116.60 26.31 23.10
N ASN M 1033 -115.66 27.20 23.40
CA ASN M 1033 -114.32 27.14 22.83
C ASN M 1033 -113.31 26.75 23.91
N PHE M 1034 -112.27 26.03 23.49
CA PHE M 1034 -111.22 25.58 24.39
C PHE M 1034 -109.94 26.36 24.06
N ILE M 1035 -109.82 27.54 24.65
CA ILE M 1035 -108.65 28.39 24.49
C ILE M 1035 -108.19 28.82 25.88
N VAL M 1036 -106.88 29.05 26.02
CA VAL M 1036 -106.34 29.46 27.30
C VAL M 1036 -106.89 30.83 27.69
N GLY M 1037 -107.11 31.02 28.99
CA GLY M 1037 -107.66 32.26 29.49
C GLY M 1037 -109.16 32.41 29.33
N GLN M 1038 -109.87 31.35 28.99
CA GLN M 1038 -111.32 31.41 28.83
C GLN M 1038 -111.95 30.21 29.53
N ASN M 1039 -113.20 30.37 29.92
CA ASN M 1039 -113.91 29.32 30.65
C ASN M 1039 -114.38 28.24 29.68
N CYS M 1040 -114.11 26.98 30.04
CA CYS M 1040 -114.53 25.83 29.25
C CYS M 1040 -115.46 24.97 30.10
N SER M 1041 -116.60 24.59 29.53
CA SER M 1041 -117.59 23.76 30.21
C SER M 1041 -117.57 22.37 29.61
N LEU M 1042 -117.65 21.35 30.48
CA LEU M 1042 -117.55 19.96 30.08
C LEU M 1042 -118.76 19.19 30.60
N VAL M 1043 -119.24 18.24 29.80
CA VAL M 1043 -120.42 17.45 30.13
C VAL M 1043 -120.06 15.97 30.02
N ILE M 1044 -120.25 15.23 31.11
CA ILE M 1044 -120.00 13.79 31.14
C ILE M 1044 -121.24 13.09 31.67
N PRO M 1045 -122.16 12.66 30.82
CA PRO M 1045 -123.45 12.14 31.31
C PRO M 1045 -123.40 10.69 31.78
N GLY M 1046 -122.43 9.92 31.27
CA GLY M 1046 -122.45 8.48 31.52
C GLY M 1046 -122.26 8.12 32.98
N PHE M 1047 -121.29 8.76 33.63
CA PHE M 1047 -120.94 8.37 34.99
C PHE M 1047 -122.00 8.84 36.00
N ASN M 1048 -122.01 8.17 37.15
CA ASN M 1048 -122.96 8.47 38.21
C ASN M 1048 -122.30 9.38 39.24
N ALA M 1049 -122.97 9.61 40.37
CA ALA M 1049 -122.44 10.44 41.44
C ALA M 1049 -121.34 9.69 42.19
N GLN M 1050 -120.59 10.45 43.00
CA GLN M 1050 -119.49 9.92 43.80
C GLN M 1050 -118.45 9.22 42.93
N ASP M 1051 -118.07 9.90 41.85
CA ASP M 1051 -117.06 9.40 40.92
C ASP M 1051 -115.86 10.33 40.92
N VAL M 1052 -114.74 9.80 40.41
CA VAL M 1052 -113.45 10.51 40.42
C VAL M 1052 -112.99 10.67 38.99
N PHE M 1053 -112.56 11.89 38.64
CA PHE M 1053 -112.00 12.19 37.33
C PHE M 1053 -110.61 12.79 37.50
N ASN M 1054 -109.64 12.25 36.79
CA ASN M 1054 -108.26 12.73 36.84
C ASN M 1054 -107.84 13.19 35.45
N CYS M 1055 -107.36 14.42 35.36
CA CYS M 1055 -106.90 15.00 34.10
C CYS M 1055 -105.38 15.01 34.07
N TYR M 1056 -104.81 14.56 32.96
CA TYR M 1056 -103.36 14.45 32.81
C TYR M 1056 -102.88 15.34 31.68
N PHE M 1057 -101.69 15.91 31.86
CA PHE M 1057 -101.06 16.78 30.86
C PHE M 1057 -99.60 16.36 30.75
N ASN M 1058 -99.29 15.54 29.74
CA ASN M 1058 -97.93 15.05 29.48
C ASN M 1058 -97.34 14.37 30.72
N SER M 1059 -98.00 13.30 31.14
CA SER M 1059 -97.60 12.48 32.29
C SER M 1059 -97.58 13.28 33.58
N ALA M 1060 -98.39 14.33 33.68
CA ALA M 1060 -98.50 15.14 34.88
C ALA M 1060 -99.97 15.34 35.23
N LEU M 1061 -100.29 15.19 36.50
CA LEU M 1061 -101.67 15.29 36.98
C LEU M 1061 -102.07 16.76 37.02
N ALA M 1062 -102.97 17.16 36.12
CA ALA M 1062 -103.43 18.55 36.10
C ALA M 1062 -104.25 18.87 37.35
N PHE M 1063 -105.24 18.04 37.66
CA PHE M 1063 -106.10 18.25 38.81
C PHE M 1063 -106.89 16.98 39.07
N SER M 1064 -107.51 16.92 40.25
CA SER M 1064 -108.37 15.82 40.64
C SER M 1064 -109.71 16.35 41.12
N THR M 1065 -110.75 15.53 40.96
CA THR M 1065 -112.09 15.97 41.32
C THR M 1065 -112.24 16.16 42.82
N GLU M 1066 -111.57 15.31 43.62
CA GLU M 1066 -111.69 15.42 45.07
C GLU M 1066 -111.14 16.75 45.59
N ASP M 1067 -110.00 17.20 45.08
CA ASP M 1067 -109.35 18.42 45.55
C ASP M 1067 -109.30 19.45 44.43
N VAL M 1068 -110.42 20.15 44.24
CA VAL M 1068 -110.45 21.25 43.28
C VAL M 1068 -109.60 22.41 43.76
N ASN M 1069 -109.47 22.57 45.09
CA ASN M 1069 -108.64 23.63 45.63
C ASN M 1069 -107.17 23.43 45.28
N SER M 1070 -106.70 22.18 45.30
CA SER M 1070 -105.31 21.86 45.02
C SER M 1070 -105.04 21.66 43.53
N ALA M 1071 -105.88 22.21 42.67
CA ALA M 1071 -105.68 22.08 41.24
C ALA M 1071 -104.44 22.86 40.79
N MET M 1072 -103.64 22.25 39.93
CA MET M 1072 -102.45 22.92 39.41
C MET M 1072 -102.80 23.96 38.36
N ILE M 1073 -103.86 23.73 37.58
CA ILE M 1073 -104.33 24.69 36.59
C ILE M 1073 -105.03 25.82 37.34
N PRO M 1074 -105.23 26.99 36.72
CA PRO M 1074 -105.72 28.14 37.49
C PRO M 1074 -107.03 27.92 38.23
N GLN M 1075 -107.99 27.19 37.65
CA GLN M 1075 -109.30 27.09 38.29
C GLN M 1075 -110.00 25.82 37.83
N VAL M 1076 -110.57 25.09 38.80
CA VAL M 1076 -111.42 23.93 38.53
C VAL M 1076 -112.68 24.04 39.37
N THR M 1077 -113.84 24.00 38.71
CA THR M 1077 -115.12 23.97 39.39
C THR M 1077 -115.98 22.89 38.74
N ALA M 1078 -116.57 22.02 39.54
CA ALA M 1078 -117.33 20.89 38.97
C ALA M 1078 -118.54 20.44 39.79
N GLN M 1079 -119.69 20.25 39.12
CA GLN M 1079 -120.90 19.81 39.82
C GLN M 1079 -121.59 18.63 39.15
N PHE M 1080 -122.05 17.66 39.93
CA PHE M 1080 -122.69 16.46 39.38
C PHE M 1080 -123.96 16.75 38.60
N ASP M 1081 -124.77 17.70 39.08
CA ASP M 1081 -126.00 18.09 38.38
C ASP M 1081 -127.19 17.14 38.54
N ALA M 1082 -127.14 16.24 39.51
CA ALA M 1082 -128.31 15.42 39.82
C ALA M 1082 -128.94 14.51 38.77
N ASN M 1083 -130.21 14.73 38.48
CA ASN M 1083 -130.95 13.84 37.59
C ASN M 1083 -130.38 13.72 36.18
N LYS M 1084 -129.89 14.82 35.64
CA LYS M 1084 -129.33 14.80 34.30
C LYS M 1084 -128.17 13.82 34.32
N GLY M 1085 -127.41 13.81 35.41
CA GLY M 1085 -126.35 12.85 35.53
C GLY M 1085 -125.05 13.28 34.89
N GLU M 1086 -125.01 14.53 34.46
CA GLU M 1086 -123.83 14.97 33.78
C GLU M 1086 -123.02 15.87 34.66
N TRP M 1087 -121.79 15.49 34.92
CA TRP M 1087 -120.93 16.36 35.68
C TRP M 1087 -120.64 17.57 34.83
N SER M 1088 -120.71 18.76 35.40
CA SER M 1088 -120.37 19.96 34.65
C SER M 1088 -119.07 20.47 35.21
N LEU M 1089 -118.05 20.63 34.37
CA LEU M 1089 -116.74 21.04 34.85
C LEU M 1089 -116.28 22.34 34.22
N ASP M 1090 -116.42 23.44 34.95
CA ASP M 1090 -116.03 24.74 34.42
C ASP M 1090 -114.60 25.02 34.85
N MET M 1091 -113.70 25.18 33.88
CA MET M 1091 -112.27 25.23 34.16
C MET M 1091 -111.57 26.04 33.08
N VAL M 1092 -110.38 26.53 33.42
CA VAL M 1092 -109.57 27.36 32.53
C VAL M 1092 -108.13 26.87 32.58
N PHE M 1093 -107.47 26.88 31.42
CA PHE M 1093 -106.11 26.37 31.29
C PHE M 1093 -105.13 27.50 31.05
N SER M 1094 -104.01 27.47 31.77
CA SER M 1094 -102.97 28.48 31.57
C SER M 1094 -102.18 28.24 30.29
N ASP M 1095 -101.85 26.98 30.00
CA ASP M 1095 -101.01 26.63 28.87
C ASP M 1095 -101.77 25.74 27.89
N ALA M 1096 -101.58 25.99 26.60
CA ALA M 1096 -102.23 25.22 25.56
C ALA M 1096 -101.59 23.84 25.42
N GLY M 1097 -102.34 22.91 24.84
CA GLY M 1097 -101.83 21.57 24.63
C GLY M 1097 -102.99 20.58 24.52
N ILE M 1098 -102.66 19.33 24.83
CA ILE M 1098 -103.63 18.23 24.80
C ILE M 1098 -103.75 17.67 26.21
N TYR M 1099 -104.99 17.56 26.70
CA TYR M 1099 -105.27 17.05 28.04
C TYR M 1099 -106.15 15.81 27.92
N THR M 1100 -105.81 14.77 28.67
CA THR M 1100 -106.52 13.50 28.63
C THR M 1100 -107.31 13.31 29.93
N MET M 1101 -108.57 12.93 29.80
CA MET M 1101 -109.43 12.69 30.94
C MET M 1101 -109.55 11.19 31.17
N GLN M 1102 -109.24 10.75 32.38
CA GLN M 1102 -109.49 9.38 32.82
C GLN M 1102 -110.29 9.43 34.11
N ALA M 1103 -111.22 8.50 34.26
CA ALA M 1103 -112.19 8.53 35.34
C ALA M 1103 -112.13 7.24 36.13
N LEU M 1104 -112.06 7.36 37.45
CA LEU M 1104 -112.20 6.20 38.32
C LEU M 1104 -113.67 5.96 38.63
N VAL M 1105 -114.08 4.69 38.55
CA VAL M 1105 -115.49 4.35 38.73
C VAL M 1105 -115.95 4.68 40.14
N GLY M 1106 -115.05 4.67 41.11
CA GLY M 1106 -115.44 4.91 42.49
C GLY M 1106 -115.71 3.61 43.23
N SER M 1107 -115.35 3.60 44.51
CA SER M 1107 -115.43 2.43 45.37
C SER M 1107 -114.68 1.24 44.78
N ASN M 1108 -113.69 1.50 43.95
CA ASN M 1108 -112.91 0.45 43.29
C ASN M 1108 -111.58 1.04 42.86
N ALA M 1109 -110.65 0.15 42.53
CA ALA M 1109 -109.29 0.54 42.13
C ALA M 1109 -109.08 0.47 40.63
N ASN M 1110 -110.16 0.40 39.83
CA ASN M 1110 -110.04 0.26 38.40
C ASN M 1110 -110.32 1.60 37.73
N PRO M 1111 -109.32 2.23 37.12
CA PRO M 1111 -109.58 3.47 36.37
C PRO M 1111 -110.11 3.18 34.97
N VAL M 1112 -110.81 4.17 34.42
CA VAL M 1112 -111.39 4.08 33.08
C VAL M 1112 -110.91 5.26 32.27
N SER M 1113 -110.44 4.99 31.05
CA SER M 1113 -109.95 6.03 30.16
C SER M 1113 -111.10 6.63 29.37
N LEU M 1114 -111.14 7.95 29.30
CA LEU M 1114 -112.16 8.69 28.56
C LEU M 1114 -111.52 9.43 27.39
N GLY M 1115 -112.34 10.22 26.71
CA GLY M 1115 -111.85 10.99 25.59
C GLY M 1115 -110.96 12.15 26.02
N SER M 1116 -110.13 12.61 25.10
CA SER M 1116 -109.24 13.72 25.33
C SER M 1116 -109.72 14.95 24.56
N PHE M 1117 -109.09 16.09 24.84
CA PHE M 1117 -109.43 17.34 24.19
C PHE M 1117 -108.17 18.18 24.05
N VAL M 1118 -108.25 19.21 23.20
CA VAL M 1118 -107.14 20.09 22.91
C VAL M 1118 -107.52 21.52 23.29
N VAL M 1119 -106.54 22.31 23.68
CA VAL M 1119 -106.73 23.72 24.02
C VAL M 1119 -105.85 24.55 23.10
N ASP M 1120 -106.44 25.54 22.46
CA ASP M 1120 -105.73 26.35 21.48
C ASP M 1120 -105.03 27.53 22.14
N SER M 1121 -104.00 28.02 21.46
CA SER M 1121 -103.28 29.22 21.89
C SER M 1121 -104.02 30.47 21.43
N PRO M 1122 -103.78 31.62 22.08
CA PRO M 1122 -104.42 32.85 21.64
C PRO M 1122 -103.98 33.24 20.24
N ASP M 1123 -104.88 33.93 19.53
CA ASP M 1123 -104.58 34.36 18.17
C ASP M 1123 -103.36 35.28 18.15
N VAL M 1124 -102.47 35.05 17.20
CA VAL M 1124 -101.22 35.80 17.08
C VAL M 1124 -101.43 36.88 16.03
N ASP M 1125 -101.89 38.05 16.48
CA ASP M 1125 -102.09 39.20 15.62
C ASP M 1125 -101.45 40.41 16.28
N ILE M 1126 -100.47 41.00 15.62
CA ILE M 1126 -99.68 42.10 16.17
C ILE M 1126 -99.86 43.32 15.28
N THR M 1127 -100.29 44.43 15.88
CA THR M 1127 -100.42 45.70 15.19
C THR M 1127 -99.57 46.73 15.90
N ASP M 1128 -98.63 47.35 15.19
CA ASP M 1128 -97.72 48.34 15.74
C ASP M 1128 -97.99 49.70 15.12
N ALA M 1129 -98.05 50.72 15.97
CA ALA M 1129 -98.32 52.09 15.53
C ALA M 1129 -97.24 53.01 16.07
N TRP M 1130 -96.48 53.62 15.18
CA TRP M 1130 -95.40 54.52 15.56
C TRP M 1130 -95.92 55.94 15.79
N PRO M 1131 -95.25 56.72 16.62
CA PRO M 1131 -95.67 58.12 16.81
C PRO M 1131 -95.34 58.98 15.61
N ALA M 1132 -95.98 60.15 15.56
CA ALA M 1132 -95.77 61.05 14.44
C ALA M 1132 -94.34 61.54 14.36
N GLN M 1133 -93.75 61.88 15.49
CA GLN M 1133 -92.39 62.40 15.55
C GLN M 1133 -91.41 61.30 15.98
N LEU M 1134 -90.18 61.42 15.51
CA LEU M 1134 -89.10 60.49 15.85
C LEU M 1134 -88.05 61.22 16.67
N ASP M 1135 -87.74 60.69 17.84
CA ASP M 1135 -86.74 61.25 18.74
C ASP M 1135 -85.47 60.41 18.67
N PHE M 1136 -84.33 61.06 18.45
CA PHE M 1136 -83.05 60.39 18.30
C PHE M 1136 -82.11 60.66 19.48
N THR M 1137 -82.65 60.99 20.64
CA THR M 1137 -81.84 61.18 21.84
C THR M 1137 -81.63 59.84 22.53
N ILE M 1138 -81.10 59.87 23.75
CA ILE M 1138 -80.92 58.63 24.52
C ILE M 1138 -82.26 57.99 24.83
N ALA M 1139 -83.33 58.78 24.89
CA ALA M 1139 -84.67 58.26 25.09
C ALA M 1139 -85.29 57.96 23.72
N GLY M 1140 -85.35 56.69 23.37
CA GLY M 1140 -85.85 56.29 22.07
C GLY M 1140 -87.35 56.50 21.95
N THR M 1141 -87.83 56.40 20.70
CA THR M 1141 -89.25 56.57 20.43
C THR M 1141 -90.06 55.46 21.09
N ASP M 1142 -91.25 55.82 21.56
CA ASP M 1142 -92.16 54.89 22.21
C ASP M 1142 -93.23 54.47 21.23
N VAL M 1143 -93.33 53.17 20.97
CA VAL M 1143 -94.32 52.61 20.05
C VAL M 1143 -95.26 51.72 20.85
N ASP M 1144 -96.56 52.03 20.78
CA ASP M 1144 -97.57 51.26 21.48
C ASP M 1144 -98.09 50.17 20.56
N ILE M 1145 -98.04 48.92 21.04
CA ILE M 1145 -98.43 47.77 20.25
C ILE M 1145 -99.49 46.99 21.02
N THR M 1146 -100.27 46.20 20.28
CA THR M 1146 -101.31 45.35 20.86
C THR M 1146 -100.87 43.89 20.73
N VAL M 1147 -100.60 43.26 21.87
CA VAL M 1147 -100.19 41.86 21.94
C VAL M 1147 -100.89 41.22 23.13
N ASN M 1148 -101.32 39.99 22.95
CA ASN M 1148 -101.94 39.27 24.05
C ASN M 1148 -100.94 39.11 25.19
N PRO M 1149 -101.36 39.34 26.45
CA PRO M 1149 -100.41 39.26 27.56
C PRO M 1149 -99.80 37.88 27.76
N TYR M 1150 -100.42 36.83 27.20
CA TYR M 1150 -99.86 35.49 27.35
C TYR M 1150 -98.48 35.38 26.72
N TYR M 1151 -98.29 35.98 25.56
CA TYR M 1151 -97.04 35.85 24.83
C TYR M 1151 -96.00 36.84 25.33
N ARG M 1152 -94.77 36.37 25.51
CA ARG M 1152 -93.63 37.21 25.84
C ARG M 1152 -92.76 37.36 24.61
N LEU M 1153 -92.37 38.59 24.30
CA LEU M 1153 -91.77 38.93 23.02
C LEU M 1153 -90.53 39.79 23.21
N MET M 1154 -89.56 39.60 22.33
CA MET M 1154 -88.37 40.45 22.28
C MET M 1154 -87.76 40.35 20.89
N ALA M 1155 -86.86 41.30 20.59
CA ALA M 1155 -86.33 41.46 19.25
C ALA M 1155 -85.16 40.51 18.99
N PHE M 1156 -85.03 40.12 17.73
CA PHE M 1156 -83.93 39.29 17.27
C PHE M 1156 -83.39 39.84 15.95
N VAL M 1157 -82.15 39.47 15.64
CA VAL M 1157 -81.47 39.94 14.43
C VAL M 1157 -81.01 38.73 13.64
N LYS M 1158 -81.20 38.80 12.32
CA LYS M 1158 -80.83 37.73 11.39
C LYS M 1158 -79.53 38.12 10.69
N ILE M 1159 -78.43 37.52 11.12
CA ILE M 1159 -77.10 37.77 10.54
C ILE M 1159 -76.55 36.44 10.04
N ASP M 1160 -76.07 36.44 8.79
CA ASP M 1160 -75.52 35.26 8.13
C ASP M 1160 -76.61 34.20 8.12
N GLY M 1161 -76.34 32.96 8.55
CA GLY M 1161 -77.35 31.93 8.63
C GLY M 1161 -77.87 31.65 10.02
N GLN M 1162 -77.45 32.40 11.03
CA GLN M 1162 -77.86 32.17 12.41
C GLN M 1162 -78.70 33.33 12.92
N TRP M 1163 -79.44 33.08 14.00
CA TRP M 1163 -80.27 34.08 14.62
C TRP M 1163 -79.54 34.68 15.81
N GLN M 1164 -79.48 36.01 15.88
CA GLN M 1164 -78.77 36.71 16.93
C GLN M 1164 -79.75 37.51 17.79
N ILE M 1165 -79.48 37.56 19.08
CA ILE M 1165 -80.32 38.30 20.01
C ILE M 1165 -79.97 39.77 19.94
N ALA M 1166 -80.99 40.62 19.86
CA ALA M 1166 -80.78 42.06 19.85
C ALA M 1166 -80.18 42.51 21.18
N ASN M 1167 -79.50 43.65 21.14
CA ASN M 1167 -78.79 44.14 22.32
C ASN M 1167 -79.79 44.46 23.42
N PRO M 1168 -79.53 44.04 24.67
CA PRO M 1168 -80.51 44.28 25.74
C PRO M 1168 -80.82 45.75 25.99
N ASP M 1169 -79.84 46.63 25.82
CA ASP M 1169 -80.08 48.05 26.05
C ASP M 1169 -80.75 48.71 24.85
N LYS M 1170 -80.68 48.09 23.66
CA LYS M 1170 -81.31 48.68 22.49
C LYS M 1170 -82.82 48.62 22.59
N PHE M 1171 -83.38 47.52 23.06
CA PHE M 1171 -84.82 47.35 23.21
C PHE M 1171 -85.12 47.03 24.67
N GLN M 1172 -86.03 47.79 25.27
CA GLN M 1172 -86.43 47.59 26.65
C GLN M 1172 -87.95 47.55 26.71
N PHE M 1173 -88.51 46.39 27.00
CA PHE M 1173 -89.96 46.17 27.02
C PHE M 1173 -90.45 46.40 28.45
N PHE M 1174 -91.28 47.43 28.64
CA PHE M 1174 -91.74 47.80 29.97
C PHE M 1174 -93.25 48.06 29.93
N SER M 1175 -93.85 48.07 31.12
CA SER M 1175 -95.29 48.29 31.28
C SER M 1175 -96.10 47.24 30.53
N SER M 1176 -95.75 45.97 30.70
CA SER M 1176 -96.49 44.89 30.07
C SER M 1176 -97.91 44.82 30.62
N ASN M 1177 -98.89 44.77 29.71
CA ASN M 1177 -100.30 44.75 30.08
C ASN M 1177 -101.13 44.37 28.86
N THR M 1178 -102.46 44.57 28.94
CA THR M 1178 -103.28 44.41 27.75
C THR M 1178 -102.83 45.36 26.65
N GLY M 1179 -102.50 46.60 27.02
CA GLY M 1179 -101.83 47.53 26.13
C GLY M 1179 -100.42 47.77 26.61
N THR M 1180 -99.46 47.47 25.75
CA THR M 1180 -98.04 47.41 26.11
C THR M 1180 -97.30 48.60 25.51
N LEU M 1181 -96.69 49.41 26.37
CA LEU M 1181 -95.75 50.46 25.94
C LEU M 1181 -94.33 49.91 26.05
N VAL M 1182 -94.08 48.86 25.28
CA VAL M 1182 -92.88 48.03 25.44
C VAL M 1182 -91.81 48.36 24.41
N MET M 1183 -91.85 49.54 23.79
CA MET M 1183 -90.95 49.85 22.70
C MET M 1183 -90.13 51.08 23.05
N ASN M 1184 -88.83 50.87 23.29
CA ASN M 1184 -87.87 51.95 23.49
C ASN M 1184 -86.75 51.69 22.48
N VAL M 1185 -86.93 52.22 21.27
CA VAL M 1185 -86.13 51.76 20.14
C VAL M 1185 -84.68 52.22 20.25
N LYS M 1186 -84.46 53.50 20.57
CA LYS M 1186 -83.14 54.12 20.49
C LYS M 1186 -82.56 53.99 19.08
N LEU M 1187 -83.25 54.66 18.15
CA LEU M 1187 -83.00 54.51 16.72
C LEU M 1187 -81.53 54.71 16.38
N ASP M 1188 -81.10 54.10 15.29
CA ASP M 1188 -79.71 54.10 14.84
C ASP M 1188 -79.65 54.34 13.34
N ILE M 1189 -78.51 54.86 12.89
CA ILE M 1189 -78.26 55.03 11.46
C ILE M 1189 -78.23 53.67 10.76
N ALA M 1190 -77.57 52.69 11.39
CA ALA M 1190 -77.45 51.36 10.81
C ALA M 1190 -78.78 50.63 10.73
N ASP M 1191 -79.82 51.13 11.41
CA ASP M 1191 -81.13 50.50 11.32
C ASP M 1191 -81.69 50.53 9.91
N ARG M 1192 -81.22 51.46 9.08
CA ARG M 1192 -81.66 51.51 7.69
C ARG M 1192 -81.21 50.29 6.90
N TYR M 1193 -80.22 49.54 7.39
CA TYR M 1193 -79.67 48.39 6.68
C TYR M 1193 -79.85 47.08 7.42
N LEU M 1194 -80.50 47.08 8.58
CA LEU M 1194 -80.77 45.86 9.33
C LEU M 1194 -82.27 45.72 9.54
N LEU M 1195 -82.77 44.49 9.39
CA LEU M 1195 -84.17 44.18 9.65
C LEU M 1195 -84.28 43.46 10.98
N TYR M 1196 -85.09 44.00 11.88
CA TYR M 1196 -85.24 43.48 13.23
C TYR M 1196 -86.55 42.69 13.33
N TYR M 1197 -86.45 41.46 13.79
CA TYR M 1197 -87.60 40.56 13.90
C TYR M 1197 -88.03 40.48 15.36
N ILE M 1198 -89.33 40.60 15.60
CA ILE M 1198 -89.91 40.42 16.91
C ILE M 1198 -90.37 38.97 17.04
N ARG M 1199 -89.68 38.20 17.87
CA ARG M 1199 -89.96 36.77 18.01
C ARG M 1199 -90.66 36.50 19.34
N ASP M 1200 -90.91 35.23 19.60
CA ASP M 1200 -91.60 34.77 20.79
C ASP M 1200 -90.69 33.82 21.57
N VAL M 1201 -90.56 34.06 22.88
CA VAL M 1201 -89.62 33.31 23.69
C VAL M 1201 -90.27 32.81 24.98
N GLN M 1202 -91.61 32.80 25.01
CA GLN M 1202 -92.30 32.35 26.20
C GLN M 1202 -92.52 30.84 26.23
N SER M 1203 -92.05 30.11 25.23
CA SER M 1203 -92.20 28.67 25.14
C SER M 1203 -90.83 28.01 25.03
N ARG M 1204 -90.83 26.67 24.94
CA ARG M 1204 -89.57 25.93 24.82
C ARG M 1204 -88.91 26.21 23.48
N ASP M 1205 -89.70 26.50 22.44
CA ASP M 1205 -89.18 26.78 21.11
C ASP M 1205 -89.29 28.28 20.81
N VAL M 1206 -88.18 28.87 20.38
CA VAL M 1206 -88.17 30.29 20.03
C VAL M 1206 -88.92 30.49 18.72
N GLY M 1207 -89.74 31.53 18.67
CA GLY M 1207 -90.50 31.82 17.46
C GLY M 1207 -91.63 30.82 17.24
N PHE M 1208 -92.01 30.68 15.97
CA PHE M 1208 -93.01 29.73 15.50
C PHE M 1208 -94.41 30.14 15.92
N TYR M 1209 -94.51 31.18 16.75
CA TYR M 1209 -95.79 31.76 17.13
C TYR M 1209 -95.91 33.23 16.75
N ILE M 1210 -94.87 34.02 16.99
CA ILE M 1210 -94.80 35.41 16.56
C ILE M 1210 -93.44 35.62 15.91
N GLN M 1211 -93.45 36.07 14.66
CA GLN M 1211 -92.23 36.51 13.97
C GLN M 1211 -92.64 37.70 13.11
N HIS M 1212 -92.53 38.90 13.70
CA HIS M 1212 -93.04 40.11 13.06
C HIS M 1212 -91.88 40.99 12.63
N PRO M 1213 -91.63 41.14 11.32
CA PRO M 1213 -90.60 42.08 10.89
C PRO M 1213 -90.99 43.51 11.19
N LEU M 1214 -89.99 44.34 11.46
CA LEU M 1214 -90.19 45.76 11.72
C LEU M 1214 -89.87 46.53 10.44
N GLN M 1215 -90.82 46.54 9.52
CA GLN M 1215 -90.62 47.23 8.24
C GLN M 1215 -90.57 48.75 8.44
N LEU M 1216 -91.36 49.27 9.37
CA LEU M 1216 -91.33 50.70 9.65
C LEU M 1216 -90.00 51.14 10.25
N LEU M 1217 -89.28 50.23 10.92
CA LEU M 1217 -87.99 50.57 11.47
C LEU M 1217 -86.98 50.88 10.37
N ASN M 1218 -87.00 50.11 9.29
CA ASN M 1218 -86.06 50.34 8.19
C ASN M 1218 -86.31 51.68 7.51
N THR M 1219 -87.58 52.04 7.31
CA THR M 1219 -87.94 53.28 6.62
C THR M 1219 -88.13 54.38 7.66
N ILE M 1220 -87.03 55.01 8.05
CA ILE M 1220 -87.03 56.10 9.01
C ILE M 1220 -86.34 57.31 8.38
N THR M 1221 -86.96 58.47 8.52
CA THR M 1221 -86.37 59.70 8.01
C THR M 1221 -85.20 60.13 8.90
N LEU M 1222 -84.06 60.44 8.27
CA LEU M 1222 -82.87 60.84 9.01
C LEU M 1222 -82.84 62.35 9.13
N PRO M 1223 -82.92 62.90 10.35
CA PRO M 1223 -82.94 64.36 10.49
C PRO M 1223 -81.61 65.00 10.12
N THR M 1224 -81.71 66.24 9.64
CA THR M 1224 -80.54 67.06 9.34
C THR M 1224 -80.20 68.02 10.48
N ASN M 1225 -81.03 68.07 11.53
CA ASN M 1225 -80.86 69.10 12.55
C ASN M 1225 -79.98 68.63 13.70
N GLU M 1226 -80.18 67.39 14.16
CA GLU M 1226 -79.55 66.91 15.39
C GLU M 1226 -78.57 65.78 15.07
N ASP M 1227 -77.77 65.43 16.08
CA ASP M 1227 -76.80 64.35 15.95
C ASP M 1227 -77.49 63.00 15.89
N LEU M 1228 -76.77 62.01 15.37
CA LEU M 1228 -77.33 60.69 15.14
C LEU M 1228 -76.32 59.62 15.56
N PHE M 1229 -76.82 58.56 16.19
CA PHE M 1229 -75.97 57.43 16.56
C PHE M 1229 -75.66 56.59 15.33
N LEU M 1230 -74.50 55.92 15.36
CA LEU M 1230 -74.09 55.06 14.26
C LEU M 1230 -73.27 53.90 14.81
N SER M 1231 -73.30 52.78 14.10
CA SER M 1231 -72.57 51.59 14.48
C SER M 1231 -72.34 50.74 13.24
N ALA M 1232 -71.37 49.84 13.33
CA ALA M 1232 -71.02 48.99 12.19
C ALA M 1232 -72.10 47.95 11.94
N PRO M 1233 -72.73 47.92 10.78
CA PRO M 1233 -73.78 46.92 10.53
C PRO M 1233 -73.29 45.48 10.59
N ASP M 1234 -72.06 45.22 10.17
CA ASP M 1234 -71.58 43.85 10.04
C ASP M 1234 -70.05 43.85 10.14
N MET M 1235 -69.48 42.65 10.31
CA MET M 1235 -68.03 42.52 10.42
C MET M 1235 -67.31 43.03 9.17
N ARG M 1236 -67.98 42.99 8.03
CA ARG M 1236 -67.37 43.41 6.77
C ARG M 1236 -67.09 44.91 6.80
N GLU M 1237 -66.18 45.33 5.92
CA GLU M 1237 -65.87 46.75 5.79
C GLU M 1237 -67.09 47.52 5.35
N TRP M 1238 -67.36 48.63 6.04
CA TRP M 1238 -68.57 49.43 5.85
C TRP M 1238 -68.16 50.87 5.62
N ALA M 1239 -68.12 51.29 4.36
CA ALA M 1239 -67.83 52.69 4.05
C ALA M 1239 -68.99 53.58 4.49
N VAL M 1240 -68.66 54.67 5.16
CA VAL M 1240 -69.65 55.64 5.63
C VAL M 1240 -69.59 56.85 4.70
N LYS M 1241 -70.77 57.33 4.30
CA LYS M 1241 -70.91 58.36 3.28
C LYS M 1241 -71.66 59.55 3.86
N GLU M 1242 -70.99 60.68 3.97
CA GLU M 1242 -71.67 61.93 4.26
C GLU M 1242 -72.25 62.52 2.97
N SER M 1243 -72.64 63.78 3.05
CA SER M 1243 -73.20 64.44 1.88
C SER M 1243 -72.11 64.65 0.82
N GLY M 1244 -72.05 63.73 -0.13
CA GLY M 1244 -71.15 63.84 -1.26
C GLY M 1244 -69.76 63.27 -1.07
N ASN M 1245 -69.40 62.81 0.13
CA ASN M 1245 -68.04 62.34 0.38
C ASN M 1245 -68.10 61.17 1.37
N THR M 1246 -66.98 60.44 1.44
CA THR M 1246 -66.79 59.38 2.42
C THR M 1246 -65.72 59.84 3.40
N ILE M 1247 -66.00 59.72 4.70
CA ILE M 1247 -65.07 60.25 5.69
C ILE M 1247 -64.08 59.17 6.16
N CYS M 1248 -64.53 57.91 6.22
CA CYS M 1248 -63.67 56.84 6.70
C CYS M 1248 -64.32 55.50 6.38
N ILE M 1249 -63.66 54.43 6.82
CA ILE M 1249 -64.15 53.07 6.70
C ILE M 1249 -64.29 52.51 8.11
N LEU M 1250 -65.47 51.96 8.42
CA LEU M 1250 -65.77 51.54 9.79
C LEU M 1250 -64.86 50.41 10.23
N ASN M 1251 -64.62 49.43 9.38
CA ASN M 1251 -63.89 48.22 9.75
C ASN M 1251 -62.65 48.02 8.88
N SER M 1252 -61.95 49.12 8.58
CA SER M 1252 -60.68 49.00 7.88
C SER M 1252 -59.61 48.50 8.84
N PRO M 1253 -58.56 47.83 8.33
CA PRO M 1253 -57.46 47.42 9.21
C PRO M 1253 -56.83 48.59 9.95
N GLY M 1254 -56.65 49.72 9.27
CA GLY M 1254 -56.25 50.95 9.94
C GLY M 1254 -57.39 51.94 10.00
N PHE M 1255 -57.99 52.09 11.18
CA PHE M 1255 -59.17 52.94 11.36
C PHE M 1255 -58.86 53.99 12.43
N ILE M 1256 -59.00 55.26 12.07
CA ILE M 1256 -58.88 56.36 13.01
C ILE M 1256 -60.16 57.19 12.94
N PRO M 1257 -60.96 57.21 14.01
CA PRO M 1257 -62.22 57.94 13.96
C PRO M 1257 -61.98 59.43 13.80
N PRO M 1258 -62.88 60.14 13.11
CA PRO M 1258 -62.74 61.60 13.02
C PRO M 1258 -62.93 62.24 14.39
N GLN M 1259 -62.28 63.40 14.56
CA GLN M 1259 -62.33 64.10 15.84
C GLN M 1259 -63.73 64.60 16.18
N ASP M 1260 -64.61 64.75 15.18
CA ASP M 1260 -65.94 65.26 15.44
C ASP M 1260 -66.80 64.24 16.18
N TRP M 1261 -66.55 62.95 15.97
CA TRP M 1261 -67.43 61.92 16.50
C TRP M 1261 -67.28 61.77 18.01
N ASP M 1262 -68.33 61.25 18.64
CA ASP M 1262 -68.36 61.00 20.07
C ASP M 1262 -68.74 59.54 20.30
N VAL M 1263 -68.06 58.90 21.26
CA VAL M 1263 -68.24 57.48 21.53
C VAL M 1263 -68.99 57.30 22.83
N LEU M 1264 -70.03 56.47 22.82
CA LEU M 1264 -70.82 56.19 24.00
C LEU M 1264 -70.05 55.28 24.96
N THR M 1265 -70.46 55.32 26.23
CA THR M 1265 -69.89 54.41 27.21
C THR M 1265 -70.28 52.96 26.93
N ASP M 1266 -71.54 52.74 26.55
CA ASP M 1266 -72.05 51.42 26.24
C ASP M 1266 -72.56 51.37 24.81
N THR M 1267 -72.32 50.25 24.14
CA THR M 1267 -72.68 50.12 22.74
C THR M 1267 -74.18 49.84 22.58
N ILE M 1268 -74.66 50.04 21.36
CA ILE M 1268 -76.05 49.75 21.02
C ILE M 1268 -76.17 48.65 19.97
N SER M 1269 -75.09 48.33 19.25
CA SER M 1269 -75.15 47.32 18.21
C SER M 1269 -75.34 45.93 18.82
N TRP M 1270 -75.79 44.99 17.99
CA TRP M 1270 -76.04 43.63 18.45
C TRP M 1270 -74.76 42.98 18.95
N SER M 1271 -73.66 43.16 18.22
CA SER M 1271 -72.38 42.63 18.66
C SER M 1271 -71.75 43.58 19.66
N PRO M 1272 -71.49 43.15 20.90
CA PRO M 1272 -70.92 44.07 21.90
C PRO M 1272 -69.54 44.59 21.50
N SER M 1273 -68.78 43.86 20.70
CA SER M 1273 -67.45 44.31 20.32
C SER M 1273 -67.51 45.53 19.40
N LEU M 1274 -68.66 45.78 18.80
CA LEU M 1274 -68.80 46.92 17.90
C LEU M 1274 -69.09 48.19 18.70
N PRO M 1275 -68.27 49.23 18.58
CA PRO M 1275 -68.55 50.49 19.29
C PRO M 1275 -69.65 51.27 18.59
N THR M 1276 -70.15 52.29 19.28
CA THR M 1276 -71.19 53.17 18.79
C THR M 1276 -70.70 54.60 18.82
N TYR M 1277 -70.86 55.31 17.72
CA TYR M 1277 -70.39 56.68 17.59
C TYR M 1277 -71.57 57.65 17.46
N VAL M 1278 -71.27 58.93 17.62
CA VAL M 1278 -72.25 60.00 17.55
C VAL M 1278 -71.73 61.01 16.52
N VAL M 1279 -72.33 61.00 15.33
CA VAL M 1279 -71.86 61.82 14.22
C VAL M 1279 -72.51 63.21 14.33
N PRO M 1280 -71.88 64.25 13.79
CA PRO M 1280 -72.59 65.52 13.63
C PRO M 1280 -73.69 65.39 12.59
N PRO M 1281 -74.67 66.28 12.59
CA PRO M 1281 -75.77 66.16 11.62
C PRO M 1281 -75.26 66.19 10.19
N GLY M 1282 -75.86 65.35 9.34
CA GLY M 1282 -75.53 65.30 7.94
C GLY M 1282 -74.90 64.01 7.44
N ASP M 1283 -74.77 62.99 8.28
CA ASP M 1283 -74.24 61.69 7.86
C ASP M 1283 -75.39 60.73 7.65
N TYR M 1284 -75.57 60.26 6.42
CA TYR M 1284 -76.79 59.54 6.05
C TYR M 1284 -76.55 58.09 5.65
N THR M 1285 -75.70 57.83 4.66
CA THR M 1285 -75.70 56.55 3.96
C THR M 1285 -74.41 55.76 4.20
N LEU M 1286 -74.52 54.45 3.98
CA LEU M 1286 -73.40 53.52 4.10
C LEU M 1286 -73.35 52.65 2.85
N THR M 1287 -72.16 52.16 2.53
CA THR M 1287 -71.95 51.33 1.35
C THR M 1287 -71.00 50.18 1.65
N PRO M 1288 -71.36 48.95 1.29
CA PRO M 1288 -70.48 47.81 1.53
C PRO M 1288 -69.11 48.02 0.89
N LEU M 1289 -68.07 47.55 1.58
CA LEU M 1289 -66.70 47.59 1.09
C LEU M 1289 -66.24 49.01 0.74
N ALA N 2 -33.87 14.18 -67.91
CA ALA N 2 -33.55 12.80 -68.25
C ALA N 2 -33.17 12.01 -67.01
N ASN N 3 -32.67 10.80 -67.22
CA ASN N 3 -32.27 9.91 -66.14
C ASN N 3 -30.88 9.35 -66.42
N VAL N 4 -30.19 8.96 -65.34
CA VAL N 4 -28.93 8.24 -65.43
C VAL N 4 -28.96 7.13 -64.37
N TRP N 5 -29.24 5.90 -64.81
CA TRP N 5 -29.24 4.72 -63.94
C TRP N 5 -30.17 4.93 -62.74
N GLY N 6 -31.34 5.49 -63.00
CA GLY N 6 -32.33 5.72 -61.97
C GLY N 6 -32.22 7.05 -61.26
N VAL N 7 -31.17 7.83 -61.52
CA VAL N 7 -31.02 9.16 -60.93
C VAL N 7 -31.75 10.15 -61.82
N ARG N 8 -32.81 10.76 -61.29
CA ARG N 8 -33.60 11.70 -62.06
C ARG N 8 -32.92 13.05 -62.11
N LEU N 9 -32.94 13.66 -63.29
CA LEU N 9 -32.31 14.96 -63.53
C LEU N 9 -33.36 15.95 -64.00
N ALA N 10 -33.18 17.20 -63.58
CA ALA N 10 -34.14 18.25 -63.90
C ALA N 10 -34.09 18.58 -65.39
N ASP N 11 -35.09 19.34 -65.83
CA ASP N 11 -35.27 19.68 -67.24
C ASP N 11 -34.65 21.00 -67.63
N SER N 12 -33.83 21.60 -66.77
CA SER N 12 -33.21 22.89 -67.06
C SER N 12 -31.72 22.83 -66.76
N LEU N 13 -30.97 23.67 -67.47
CA LEU N 13 -29.52 23.74 -67.34
C LEU N 13 -29.11 25.10 -66.79
N SER N 14 -28.08 25.11 -65.95
CA SER N 14 -27.53 26.35 -65.43
C SER N 14 -26.08 26.10 -65.01
N SER N 15 -25.28 27.16 -65.05
CA SER N 15 -23.87 27.08 -64.69
C SER N 15 -23.39 28.46 -64.30
N PRO N 16 -22.39 28.56 -63.43
CA PRO N 16 -21.83 29.88 -63.11
C PRO N 16 -21.18 30.51 -64.33
N THR N 17 -21.24 31.83 -64.38
CA THR N 17 -20.73 32.60 -65.52
C THR N 17 -19.57 33.51 -65.15
N ILE N 18 -19.60 34.12 -63.98
CA ILE N 18 -18.55 35.04 -63.54
C ILE N 18 -17.63 34.31 -62.58
N GLU N 19 -16.33 34.50 -62.77
CA GLU N 19 -15.31 33.84 -61.97
C GLU N 19 -14.36 34.88 -61.39
N THR N 20 -14.12 34.79 -60.08
CA THR N 20 -13.36 35.79 -59.37
C THR N 20 -11.86 35.66 -59.66
N ARG N 21 -11.15 36.77 -59.48
CA ARG N 21 -9.69 36.76 -59.57
C ARG N 21 -9.10 36.08 -58.35
N THR N 22 -7.81 35.77 -58.43
CA THR N 22 -7.11 35.04 -57.39
C THR N 22 -6.20 35.98 -56.60
N ARG N 23 -6.25 35.89 -55.27
CA ARG N 23 -5.35 36.65 -54.43
C ARG N 23 -4.02 35.92 -54.26
N HIS N 24 -2.99 36.68 -53.91
CA HIS N 24 -1.67 36.13 -53.67
C HIS N 24 -1.43 36.04 -52.16
N TYR N 25 -0.96 34.89 -51.71
CA TYR N 25 -0.66 34.71 -50.29
C TYR N 25 0.47 35.64 -49.88
N THR N 26 0.25 36.42 -48.83
CA THR N 26 1.21 37.41 -48.37
C THR N 26 1.52 37.16 -46.90
N LEU N 27 2.54 37.87 -46.40
CA LEU N 27 2.95 37.70 -45.02
C LEU N 27 1.85 38.14 -44.06
N HIS N 28 1.09 39.18 -44.43
CA HIS N 28 -0.04 39.59 -43.60
C HIS N 28 -1.08 38.49 -43.49
N ASP N 29 -1.42 37.85 -44.61
CA ASP N 29 -2.40 36.78 -44.58
C ASP N 29 -1.91 35.61 -43.74
N PHE N 30 -0.64 35.22 -43.91
CA PHE N 30 -0.07 34.14 -43.12
C PHE N 30 -0.09 34.46 -41.64
N TYR N 31 0.30 35.69 -41.27
CA TYR N 31 0.34 36.08 -39.87
C TYR N 31 -1.07 36.12 -39.27
N SER N 32 -2.04 36.63 -40.02
CA SER N 32 -3.42 36.66 -39.52
C SER N 32 -3.96 35.25 -39.34
N ASP N 33 -3.65 34.35 -40.27
CA ASP N 33 -4.08 32.96 -40.13
C ASP N 33 -3.41 32.30 -38.93
N LEU N 34 -2.13 32.59 -38.70
CA LEU N 34 -1.44 32.04 -37.54
C LEU N 34 -2.03 32.56 -36.25
N ASP N 35 -2.42 33.84 -36.23
CA ASP N 35 -3.02 34.41 -35.02
C ASP N 35 -4.34 33.72 -34.68
N ALA N 36 -5.12 33.36 -35.70
CA ALA N 36 -6.39 32.66 -35.54
C ALA N 36 -7.36 33.46 -34.67
N SER N 37 -7.76 34.61 -35.20
CA SER N 37 -8.73 35.45 -34.51
C SER N 37 -10.10 34.77 -34.51
N VAL N 38 -11.01 35.32 -33.71
CA VAL N 38 -12.33 34.70 -33.52
C VAL N 38 -13.09 34.65 -34.84
N GLY N 39 -13.12 35.78 -35.57
CA GLY N 39 -13.87 35.83 -36.80
C GLY N 39 -13.14 35.28 -38.01
N LYS N 40 -11.84 35.08 -37.90
CA LYS N 40 -11.01 34.65 -39.03
C LYS N 40 -10.21 33.39 -38.71
N GLU N 41 -10.71 32.55 -37.80
CA GLU N 41 -10.02 31.31 -37.48
C GLU N 41 -10.02 30.39 -38.69
N PRO N 42 -8.89 29.75 -39.01
CA PRO N 42 -8.76 28.94 -40.22
C PRO N 42 -9.29 27.51 -40.09
N TRP N 43 -10.48 27.37 -39.52
CA TRP N 43 -11.12 26.07 -39.42
C TRP N 43 -12.62 26.27 -39.28
N ARG N 44 -13.38 25.21 -39.56
CA ARG N 44 -14.83 25.26 -39.48
C ARG N 44 -15.36 23.98 -38.83
N PRO N 45 -16.09 24.10 -37.73
CA PRO N 45 -16.70 22.91 -37.12
C PRO N 45 -17.79 22.32 -38.00
N LEU N 46 -17.94 21.00 -37.91
CA LEU N 46 -19.02 20.28 -38.56
C LEU N 46 -19.90 19.64 -37.51
N ARG N 47 -21.21 19.74 -37.68
CA ARG N 47 -22.18 19.33 -36.67
C ARG N 47 -23.03 18.18 -37.18
N ASN N 48 -23.28 17.21 -36.30
CA ASN N 48 -24.23 16.15 -36.60
C ASN N 48 -25.64 16.73 -36.69
N GLN N 49 -26.36 16.36 -37.74
CA GLN N 49 -27.65 16.98 -38.00
C GLN N 49 -28.67 16.67 -36.91
N ARG N 50 -28.69 15.41 -36.43
CA ARG N 50 -29.72 15.01 -35.49
C ARG N 50 -29.52 15.64 -34.11
N THR N 51 -28.29 15.68 -33.62
CA THR N 51 -28.02 16.12 -32.25
C THR N 51 -27.35 17.49 -32.17
N ASN N 52 -26.91 18.06 -33.29
CA ASN N 52 -26.24 19.37 -33.30
C ASN N 52 -25.03 19.40 -32.37
N GLU N 53 -24.24 18.32 -32.39
CA GLU N 53 -23.03 18.22 -31.62
C GLU N 53 -21.84 18.11 -32.57
N ILE N 54 -20.81 18.91 -32.32
CA ILE N 54 -19.67 18.96 -33.23
C ILE N 54 -18.91 17.65 -33.19
N VAL N 55 -18.66 17.08 -34.37
CA VAL N 55 -17.96 15.81 -34.48
C VAL N 55 -16.70 15.89 -35.32
N ALA N 56 -16.56 16.89 -36.20
CA ALA N 56 -15.38 16.98 -37.05
C ALA N 56 -15.17 18.43 -37.45
N VAL N 57 -13.95 18.72 -37.93
CA VAL N 57 -13.57 20.05 -38.36
C VAL N 57 -12.93 19.97 -39.74
N GLN N 58 -12.94 21.10 -40.44
CA GLN N 58 -12.34 21.22 -41.76
C GLN N 58 -11.18 22.21 -41.69
N LEU N 59 -10.07 21.86 -42.34
CA LEU N 59 -8.83 22.61 -42.26
C LEU N 59 -8.63 23.44 -43.53
N PHE N 60 -8.44 24.74 -43.35
CA PHE N 60 -8.29 25.68 -44.45
C PHE N 60 -6.82 25.87 -44.80
N ARG N 61 -6.52 26.92 -45.57
CA ARG N 61 -5.23 27.08 -46.25
C ARG N 61 -3.99 26.89 -45.37
N PRO N 62 -3.86 27.54 -44.21
CA PRO N 62 -2.59 27.42 -43.48
C PRO N 62 -2.41 26.09 -42.76
N LEU N 63 -3.44 25.25 -42.69
CA LEU N 63 -3.36 23.97 -41.99
C LEU N 63 -3.69 22.81 -42.92
N GLN N 64 -3.34 22.93 -44.20
CA GLN N 64 -3.64 21.87 -45.16
C GLN N 64 -2.70 20.68 -44.98
N GLY N 65 -1.41 20.93 -44.79
CA GLY N 65 -0.41 19.89 -44.81
C GLY N 65 -0.09 19.21 -43.50
N LEU N 66 -1.01 18.40 -42.98
CA LEU N 66 -0.67 17.61 -41.80
C LEU N 66 0.04 16.31 -42.18
N VAL N 67 -0.54 15.54 -43.12
CA VAL N 67 0.05 14.37 -43.76
C VAL N 67 0.81 13.50 -42.76
N PHE N 68 0.22 13.27 -41.60
CA PHE N 68 0.85 12.41 -40.60
C PHE N 68 -0.21 11.75 -39.74
N ASP N 69 0.20 10.69 -39.05
CA ASP N 69 -0.70 9.98 -38.15
C ASP N 69 -1.15 10.88 -37.02
N THR N 70 -2.40 10.69 -36.59
CA THR N 70 -2.98 11.54 -35.54
C THR N 70 -2.31 11.31 -34.19
N GLN N 71 -1.61 10.19 -34.00
CA GLN N 71 -0.99 9.92 -32.70
C GLN N 71 0.21 10.82 -32.44
N LEU N 72 0.92 11.23 -33.50
CA LEU N 72 2.07 12.11 -33.32
C LEU N 72 1.65 13.46 -32.75
N TYR N 73 0.55 14.01 -33.26
CA TYR N 73 0.11 15.33 -32.82
C TYR N 73 -0.38 15.31 -31.37
N GLY N 74 -1.08 14.25 -30.98
CA GLY N 74 -1.63 14.19 -29.64
C GLY N 74 -2.72 15.21 -29.39
N PHE N 75 -3.65 15.37 -30.33
CA PHE N 75 -4.72 16.33 -30.16
C PHE N 75 -5.62 15.93 -28.98
N PRO N 76 -6.18 16.91 -28.28
CA PRO N 76 -7.00 16.58 -27.10
C PRO N 76 -8.19 15.70 -27.40
N GLY N 77 -8.83 15.88 -28.56
CA GLY N 77 -9.99 15.10 -28.93
C GLY N 77 -11.32 15.78 -28.69
N THR N 78 -11.33 16.92 -28.01
CA THR N 78 -12.54 17.70 -27.76
C THR N 78 -12.39 19.06 -28.43
N PHE N 79 -13.51 19.58 -28.95
CA PHE N 79 -13.45 20.72 -29.85
C PHE N 79 -12.89 21.96 -29.18
N SER N 80 -13.32 22.26 -27.95
CA SER N 80 -12.83 23.45 -27.27
C SER N 80 -11.35 23.34 -26.93
N GLN N 81 -10.95 22.19 -26.38
CA GLN N 81 -9.53 21.97 -26.08
C GLN N 81 -8.70 21.93 -27.36
N TRP N 82 -9.27 21.40 -28.44
CA TRP N 82 -8.59 21.44 -29.73
C TRP N 82 -8.35 22.87 -30.18
N GLU N 83 -9.37 23.73 -30.07
CA GLU N 83 -9.19 25.13 -30.40
C GLU N 83 -8.09 25.77 -29.56
N GLN N 84 -8.09 25.49 -28.25
CA GLN N 84 -7.06 26.05 -27.39
C GLN N 84 -5.68 25.59 -27.86
N PHE N 85 -5.47 24.28 -27.91
CA PHE N 85 -4.17 23.71 -28.26
C PHE N 85 -3.65 24.29 -29.56
N MET N 86 -4.51 24.34 -30.58
CA MET N 86 -4.12 24.95 -31.85
C MET N 86 -3.78 26.42 -31.68
N LYS N 87 -4.52 27.14 -30.82
CA LYS N 87 -4.27 28.56 -30.65
C LYS N 87 -2.88 28.83 -30.08
N GLU N 88 -2.52 28.18 -28.97
CA GLU N 88 -1.16 28.39 -28.45
C GLU N 88 -0.08 27.91 -29.42
N LYS N 89 -0.26 26.74 -30.05
CA LYS N 89 0.77 26.27 -30.95
C LYS N 89 0.98 27.24 -32.12
N LEU N 90 -0.11 27.70 -32.74
CA LEU N 90 0.01 28.62 -33.86
C LEU N 90 0.52 29.97 -33.41
N ARG N 91 0.20 30.41 -32.20
CA ARG N 91 0.77 31.65 -31.68
C ARG N 91 2.29 31.53 -31.53
N VAL N 92 2.77 30.40 -31.02
CA VAL N 92 4.22 30.20 -30.90
C VAL N 92 4.87 30.21 -32.27
N LEU N 93 4.27 29.54 -33.24
CA LEU N 93 4.84 29.53 -34.60
C LEU N 93 4.85 30.93 -35.20
N LYS N 94 3.78 31.70 -34.96
CA LYS N 94 3.74 33.07 -35.45
C LYS N 94 4.83 33.92 -34.82
N TYR N 95 5.06 33.74 -33.52
CA TYR N 95 6.14 34.49 -32.87
C TYR N 95 7.48 34.12 -33.45
N GLU N 96 7.70 32.83 -33.76
CA GLU N 96 8.95 32.43 -34.40
C GLU N 96 9.14 33.12 -35.75
N VAL N 97 8.11 33.06 -36.61
CA VAL N 97 8.26 33.62 -37.95
C VAL N 97 8.38 35.15 -37.89
N LEU N 98 7.74 35.79 -36.91
CA LEU N 98 7.98 37.21 -36.69
C LEU N 98 9.41 37.47 -36.24
N ARG N 99 9.97 36.57 -35.41
CA ARG N 99 11.34 36.74 -34.96
C ARG N 99 12.31 36.70 -36.12
N ILE N 100 12.11 35.78 -37.07
CA ILE N 100 13.08 35.70 -38.16
C ILE N 100 12.72 36.65 -39.30
N TYR N 101 11.43 36.88 -39.55
CA TYR N 101 11.00 37.82 -40.59
C TYR N 101 10.23 38.97 -39.96
N PRO N 102 10.88 40.12 -39.72
CA PRO N 102 10.13 41.27 -39.22
C PRO N 102 9.16 41.79 -40.26
N ILE N 103 7.95 42.11 -39.81
CA ILE N 103 6.92 42.57 -40.74
C ILE N 103 7.21 43.96 -41.29
N SER N 104 8.00 44.77 -40.58
CA SER N 104 8.35 46.10 -41.08
C SER N 104 9.18 46.00 -42.35
N THR N 105 10.13 45.07 -42.39
CA THR N 105 10.99 44.95 -43.57
C THR N 105 10.30 44.18 -44.69
N TYR N 106 9.81 42.98 -44.42
CA TYR N 106 9.08 42.18 -45.39
C TYR N 106 7.59 42.35 -45.14
N ASN N 107 6.89 42.88 -46.13
CA ASN N 107 5.44 43.02 -46.08
C ASN N 107 4.91 43.01 -47.51
N HIS N 108 3.75 42.39 -47.69
CA HIS N 108 3.17 42.21 -49.03
C HIS N 108 4.13 41.51 -49.97
N ASP N 109 4.83 40.51 -49.43
CA ASP N 109 5.76 39.69 -50.20
C ASP N 109 5.19 38.29 -50.34
N ARG N 110 5.34 37.70 -51.51
CA ARG N 110 4.76 36.39 -51.79
C ARG N 110 5.30 35.35 -50.84
N VAL N 111 4.40 34.55 -50.28
CA VAL N 111 4.75 33.47 -49.35
C VAL N 111 4.44 32.14 -50.03
N ASN N 112 5.41 31.23 -50.00
CA ASN N 112 5.26 29.95 -50.67
C ASN N 112 4.23 29.10 -49.94
N VAL N 113 3.16 28.70 -50.64
CA VAL N 113 2.09 27.95 -50.00
C VAL N 113 2.57 26.58 -49.57
N PHE N 114 3.32 25.89 -50.43
CA PHE N 114 3.85 24.58 -50.08
C PHE N 114 4.76 24.68 -48.85
N VAL N 115 5.63 25.68 -48.82
CA VAL N 115 6.55 25.84 -47.69
C VAL N 115 5.77 26.16 -46.42
N ALA N 116 4.75 27.00 -46.52
CA ALA N 116 3.95 27.34 -45.34
C ALA N 116 3.24 26.11 -44.79
N ASN N 117 2.60 25.32 -45.66
CA ASN N 117 1.92 24.12 -45.22
C ASN N 117 2.90 23.13 -44.60
N ALA N 118 4.05 22.93 -45.24
CA ALA N 118 5.04 22.00 -44.70
C ALA N 118 5.57 22.48 -43.35
N LEU N 119 5.79 23.78 -43.20
CA LEU N 119 6.28 24.33 -41.94
C LEU N 119 5.26 24.12 -40.82
N VAL N 120 3.98 24.40 -41.12
CA VAL N 120 2.94 24.22 -40.11
C VAL N 120 2.85 22.75 -39.70
N GLY N 121 2.83 21.87 -40.70
CA GLY N 121 2.75 20.44 -40.40
C GLY N 121 3.94 19.92 -39.63
N ALA N 122 5.13 20.44 -39.94
CA ALA N 122 6.34 19.99 -39.26
C ALA N 122 6.37 20.49 -37.82
N PHE N 123 6.01 21.75 -37.60
CA PHE N 123 6.00 22.26 -36.23
C PHE N 123 4.95 21.56 -35.40
N LEU N 124 3.77 21.32 -35.97
CA LEU N 124 2.74 20.60 -35.22
C LEU N 124 3.11 19.14 -34.99
N SER N 125 4.02 18.58 -35.78
CA SER N 125 4.48 17.22 -35.61
C SER N 125 5.85 17.13 -34.97
N ASN N 126 6.46 18.28 -34.63
CA ASN N 126 7.74 18.33 -33.92
C ASN N 126 8.85 17.66 -34.73
N GLN N 127 9.04 18.11 -35.96
CA GLN N 127 10.05 17.54 -36.86
C GLN N 127 10.66 18.64 -37.72
N ALA N 128 11.78 19.20 -37.25
CA ALA N 128 12.69 20.01 -38.07
C ALA N 128 11.96 21.11 -38.83
N PHE N 129 11.40 22.06 -38.08
CA PHE N 129 10.71 23.18 -38.71
C PHE N 129 11.68 24.28 -39.15
N TYR N 130 12.86 24.35 -38.53
CA TYR N 130 13.76 25.47 -38.79
C TYR N 130 14.36 25.41 -40.19
N ASP N 131 14.47 24.21 -40.76
CA ASP N 131 15.15 24.06 -42.05
C ASP N 131 14.29 24.61 -43.20
N LEU N 132 12.98 24.34 -43.16
CA LEU N 132 12.08 24.80 -44.20
C LEU N 132 11.91 26.31 -44.21
N LEU N 133 12.17 26.96 -43.09
CA LEU N 133 11.83 28.36 -42.82
C LEU N 133 12.50 29.36 -43.77
N PRO N 134 13.81 29.23 -44.09
CA PRO N 134 14.42 30.19 -45.01
C PRO N 134 13.81 30.20 -46.41
N LEU N 135 13.04 29.17 -46.78
CA LEU N 135 12.43 29.09 -48.10
C LEU N 135 11.02 29.66 -48.13
N LEU N 136 10.60 30.35 -47.07
CA LEU N 136 9.23 30.85 -47.00
C LEU N 136 8.95 31.89 -48.08
N ILE N 137 9.89 32.80 -48.31
CA ILE N 137 9.69 33.88 -49.28
C ILE N 137 9.97 33.36 -50.68
N VAL N 138 9.01 33.55 -51.58
CA VAL N 138 9.18 33.12 -52.97
C VAL N 138 10.22 34.00 -53.66
N ASN N 139 11.17 33.36 -54.33
CA ASN N 139 12.22 34.08 -55.05
C ASN N 139 11.84 34.32 -56.50
N ASP N 140 11.63 33.26 -57.27
CA ASP N 140 11.15 33.37 -58.64
C ASP N 140 9.86 32.61 -58.87
N THR N 141 9.77 31.36 -58.44
CA THR N 141 8.56 30.56 -58.58
C THR N 141 8.60 29.45 -57.54
N MET N 142 7.43 29.09 -57.03
CA MET N 142 7.35 28.09 -55.96
C MET N 142 7.94 26.76 -56.40
N ILE N 143 7.49 26.25 -57.55
CA ILE N 143 7.95 24.94 -58.00
C ILE N 143 9.45 24.97 -58.30
N SER N 144 9.92 26.02 -58.97
CA SER N 144 11.33 26.13 -59.29
C SER N 144 12.18 26.21 -58.01
N ASP N 145 11.71 26.97 -57.02
CA ASP N 145 12.45 27.07 -55.77
C ASP N 145 12.50 25.72 -55.04
N LEU N 146 11.39 24.99 -55.04
CA LEU N 146 11.33 23.72 -54.32
C LEU N 146 11.93 22.55 -55.09
N LEU N 147 12.29 22.74 -56.35
CA LEU N 147 12.83 21.64 -57.15
C LEU N 147 14.25 21.30 -56.69
N GLY N 148 14.40 20.13 -56.07
CA GLY N 148 15.72 19.66 -55.67
C GLY N 148 16.41 20.51 -54.62
N THR N 149 15.68 21.01 -53.62
CA THR N 149 16.31 21.80 -52.58
C THR N 149 17.08 20.93 -51.58
N GLY N 150 16.59 19.72 -51.33
CA GLY N 150 17.27 18.82 -50.41
C GLY N 150 17.22 19.21 -48.95
N ALA N 151 16.51 20.28 -48.61
CA ALA N 151 16.41 20.76 -47.23
C ALA N 151 15.00 20.59 -46.68
N ALA N 152 14.31 19.53 -47.08
CA ALA N 152 12.93 19.30 -46.66
C ALA N 152 12.76 17.84 -46.29
N LEU N 153 11.88 17.59 -45.31
CA LEU N 153 11.56 16.23 -44.93
C LEU N 153 10.81 15.56 -46.07
N SER N 154 11.24 14.35 -46.43
CA SER N 154 10.74 13.70 -47.65
C SER N 154 9.25 13.40 -47.58
N GLN N 155 8.66 13.30 -46.39
CA GLN N 155 7.23 13.05 -46.30
C GLN N 155 6.42 14.24 -46.75
N PHE N 156 7.02 15.44 -46.77
CA PHE N 156 6.28 16.63 -47.15
C PHE N 156 6.22 16.78 -48.67
N PHE N 157 7.38 16.87 -49.33
CA PHE N 157 7.38 16.91 -50.78
C PHE N 157 8.69 16.33 -51.29
N GLN N 158 8.63 15.82 -52.53
CA GLN N 158 9.75 15.16 -53.18
C GLN N 158 9.80 15.62 -54.63
N SER N 159 11.02 15.72 -55.17
CA SER N 159 11.23 16.21 -56.53
C SER N 159 11.79 15.08 -57.39
N HIS N 160 10.98 14.61 -58.32
CA HIS N 160 11.42 13.62 -59.31
C HIS N 160 11.78 14.34 -60.59
N GLY N 161 13.04 14.73 -60.72
CA GLY N 161 13.46 15.46 -61.91
C GLY N 161 12.90 16.86 -61.92
N GLU N 162 12.06 17.15 -62.90
CA GLU N 162 11.40 18.44 -63.01
C GLU N 162 9.97 18.44 -62.48
N VAL N 163 9.52 17.33 -61.90
CA VAL N 163 8.18 17.19 -61.36
C VAL N 163 8.28 17.16 -59.85
N LEU N 164 7.55 18.05 -59.18
CA LEU N 164 7.55 18.13 -57.73
C LEU N 164 6.32 17.42 -57.20
N GLU N 165 6.54 16.43 -56.34
CA GLU N 165 5.46 15.65 -55.74
C GLU N 165 5.20 16.20 -54.34
N VAL N 166 3.97 16.64 -54.10
CA VAL N 166 3.55 17.17 -52.81
C VAL N 166 2.43 16.29 -52.27
N ALA N 167 2.66 15.71 -51.10
CA ALA N 167 1.64 14.86 -50.49
C ALA N 167 0.45 15.70 -50.03
N ALA N 168 -0.74 15.14 -50.16
CA ALA N 168 -1.97 15.83 -49.81
C ALA N 168 -2.32 15.54 -48.35
N GLY N 169 -2.37 16.60 -47.54
CA GLY N 169 -2.72 16.45 -46.14
C GLY N 169 -4.21 16.22 -45.95
N ARG N 170 -4.56 15.86 -44.71
CA ARG N 170 -5.96 15.60 -44.38
C ARG N 170 -6.77 16.88 -44.48
N LYS N 171 -7.99 16.74 -45.02
CA LYS N 171 -8.91 17.88 -45.12
C LYS N 171 -9.84 17.99 -43.93
N TYR N 172 -10.24 16.87 -43.35
CA TYR N 172 -11.12 16.85 -42.19
C TYR N 172 -10.46 16.10 -41.04
N LEU N 173 -10.58 16.65 -39.84
CA LEU N 173 -10.16 15.99 -38.62
C LEU N 173 -11.39 15.64 -37.80
N GLN N 174 -11.53 14.36 -37.45
CA GLN N 174 -12.70 13.87 -36.76
C GLN N 174 -12.42 13.72 -35.28
N MET N 175 -13.31 14.24 -34.45
CA MET N 175 -13.21 14.08 -33.01
C MET N 175 -13.69 12.68 -32.60
N ASN N 176 -13.49 12.37 -31.32
CA ASN N 176 -13.87 11.05 -30.81
C ASN N 176 -15.37 10.83 -30.84
N ASN N 177 -16.18 11.89 -30.97
CA ASN N 177 -17.62 11.74 -31.03
C ASN N 177 -18.10 11.18 -32.36
N TYR N 178 -17.23 11.11 -33.37
CA TYR N 178 -17.62 10.56 -34.67
C TYR N 178 -17.86 9.06 -34.54
N SER N 179 -19.13 8.66 -34.55
CA SER N 179 -19.52 7.26 -34.35
C SER N 179 -20.01 6.61 -35.63
N ASN N 180 -19.69 7.18 -36.79
CA ASN N 180 -20.16 6.68 -38.08
C ASN N 180 -21.69 6.60 -38.12
N ASP N 181 -22.34 7.58 -37.51
CA ASP N 181 -23.79 7.59 -37.42
C ASP N 181 -24.41 7.93 -38.77
N ASP N 182 -25.72 7.69 -38.88
CA ASP N 182 -26.42 7.92 -40.14
C ASP N 182 -26.41 9.40 -40.49
N ASP N 183 -26.48 10.28 -39.49
CA ASP N 183 -26.56 11.72 -39.73
C ASP N 183 -25.22 12.42 -39.56
N ASP N 184 -24.12 11.67 -39.43
CA ASP N 184 -22.81 12.29 -39.35
C ASP N 184 -22.36 12.76 -40.74
N PRO N 185 -21.64 13.87 -40.81
CA PRO N 185 -21.15 14.36 -42.10
C PRO N 185 -20.18 13.38 -42.73
N PRO N 186 -20.24 13.20 -44.04
CA PRO N 186 -19.30 12.27 -44.70
C PRO N 186 -17.94 12.92 -44.87
N LEU N 187 -16.90 12.19 -44.44
CA LEU N 187 -15.53 12.70 -44.54
C LEU N 187 -14.91 12.45 -45.91
N PHE N 188 -15.52 11.60 -46.74
CA PHE N 188 -15.02 11.31 -48.09
C PHE N 188 -13.58 10.81 -48.07
N ALA N 189 -13.23 10.05 -47.04
CA ALA N 189 -11.92 9.43 -46.85
C ALA N 189 -10.79 10.45 -46.79
N LYS N 190 -11.09 11.73 -46.66
CA LYS N 190 -10.06 12.76 -46.54
C LYS N 190 -9.43 12.80 -45.16
N ASP N 191 -10.00 12.10 -44.18
CA ASP N 191 -9.43 12.10 -42.84
C ASP N 191 -8.06 11.41 -42.80
N LEU N 192 -7.90 10.32 -43.55
CA LEU N 192 -6.70 9.52 -43.46
C LEU N 192 -5.52 10.21 -44.16
N SER N 193 -4.32 9.74 -43.83
CA SER N 193 -3.11 10.47 -44.19
C SER N 193 -2.76 10.34 -45.67
N ASP N 194 -2.94 9.14 -46.23
CA ASP N 194 -2.38 8.86 -47.54
C ASP N 194 -3.45 8.56 -48.58
N TYR N 195 -4.50 9.38 -48.63
CA TYR N 195 -5.59 9.14 -49.58
C TYR N 195 -5.19 9.50 -51.00
N ALA N 196 -4.33 10.50 -51.19
CA ALA N 196 -3.98 10.93 -52.53
C ALA N 196 -2.62 11.62 -52.52
N LYS N 197 -2.05 11.77 -53.71
CA LYS N 197 -0.79 12.45 -53.92
C LYS N 197 -0.92 13.42 -55.09
N ALA N 198 -0.13 14.50 -55.04
CA ALA N 198 -0.17 15.54 -56.06
C ALA N 198 1.21 15.76 -56.65
N PHE N 199 1.26 15.93 -57.97
CA PHE N 199 2.50 16.17 -58.70
C PHE N 199 2.37 17.50 -59.42
N TYR N 200 3.27 18.43 -59.12
CA TYR N 200 3.23 19.79 -59.66
C TYR N 200 4.31 19.97 -60.71
N SER N 201 3.92 20.52 -61.87
CA SER N 201 4.87 20.85 -62.92
C SER N 201 4.33 22.04 -63.69
N ASP N 202 5.25 22.72 -64.39
CA ASP N 202 4.87 23.93 -65.14
C ASP N 202 3.93 23.62 -66.28
N THR N 203 4.20 22.54 -67.02
CA THR N 203 3.44 22.19 -68.21
C THR N 203 2.89 20.78 -68.12
N TYR N 204 1.80 20.53 -68.84
CA TYR N 204 1.13 19.24 -68.81
C TYR N 204 1.92 18.17 -69.58
N GLU N 205 2.65 18.57 -70.61
CA GLU N 205 3.41 17.61 -71.40
C GLU N 205 4.47 16.92 -70.57
N VAL N 206 5.15 17.67 -69.70
CA VAL N 206 6.13 17.08 -68.80
C VAL N 206 5.46 16.08 -67.86
N LEU N 207 4.27 16.41 -67.36
CA LEU N 207 3.56 15.49 -66.49
C LEU N 207 3.19 14.20 -67.21
N ASP N 208 2.74 14.31 -68.47
CA ASP N 208 2.41 13.12 -69.23
C ASP N 208 3.65 12.27 -69.50
N ARG N 209 4.76 12.92 -69.86
CA ARG N 209 5.99 12.17 -70.09
C ARG N 209 6.46 11.47 -68.82
N PHE N 210 6.31 12.13 -67.67
CA PHE N 210 6.66 11.50 -66.40
C PHE N 210 5.74 10.32 -66.10
N PHE N 211 4.44 10.49 -66.34
CA PHE N 211 3.48 9.42 -66.05
C PHE N 211 3.57 8.28 -67.05
N TRP N 212 4.29 8.45 -68.15
CA TRP N 212 4.62 7.30 -69.00
C TRP N 212 5.29 6.18 -68.21
N THR N 213 6.09 6.55 -67.20
CA THR N 213 6.80 5.56 -66.38
C THR N 213 6.18 5.37 -65.01
N HIS N 214 5.30 6.28 -64.56
CA HIS N 214 4.61 6.10 -63.30
C HIS N 214 3.58 4.98 -63.40
N ASP N 215 3.12 4.51 -62.24
CA ASP N 215 2.21 3.37 -62.22
C ASP N 215 0.83 3.78 -62.76
N SER N 216 0.19 4.73 -62.10
CA SER N 216 -1.13 5.22 -62.51
C SER N 216 -2.15 4.09 -62.58
N SER N 217 -2.01 3.12 -61.68
CA SER N 217 -2.92 1.98 -61.67
C SER N 217 -4.29 2.38 -61.11
N ALA N 218 -4.31 3.18 -60.06
CA ALA N 218 -5.58 3.62 -59.49
C ALA N 218 -6.25 4.68 -60.35
N GLY N 219 -5.46 5.40 -61.15
CA GLY N 219 -6.00 6.46 -61.98
C GLY N 219 -5.58 7.84 -61.49
N VAL N 220 -5.49 8.80 -62.40
CA VAL N 220 -5.07 10.15 -62.07
C VAL N 220 -6.19 11.12 -62.40
N LEU N 221 -6.38 12.11 -61.53
CA LEU N 221 -7.45 13.09 -61.67
C LEU N 221 -6.83 14.47 -61.88
N VAL N 222 -7.27 15.14 -62.94
CA VAL N 222 -6.76 16.46 -63.30
C VAL N 222 -7.86 17.49 -63.06
N HIS N 223 -7.48 18.62 -62.49
CA HIS N 223 -8.40 19.71 -62.19
C HIS N 223 -8.04 20.87 -63.12
N TYR N 224 -8.81 21.03 -64.19
CA TYR N 224 -8.38 21.88 -65.30
C TYR N 224 -8.52 23.37 -64.97
N ASP N 225 -9.61 23.76 -64.30
CA ASP N 225 -9.93 25.17 -64.12
C ASP N 225 -9.29 25.68 -62.84
N LYS N 226 -8.15 26.37 -62.97
CA LYS N 226 -7.42 27.01 -61.87
C LYS N 226 -7.24 26.08 -60.68
N PRO N 227 -6.33 25.13 -60.74
CA PRO N 227 -6.07 24.27 -59.59
C PRO N 227 -5.63 25.09 -58.38
N THR N 228 -5.53 24.39 -57.23
CA THR N 228 -5.34 25.09 -55.97
C THR N 228 -4.03 25.88 -55.96
N ASN N 229 -2.95 25.31 -56.50
CA ASN N 229 -1.65 25.96 -56.48
C ASN N 229 -0.93 25.97 -57.81
N GLY N 230 -1.46 25.31 -58.84
CA GLY N 230 -0.79 25.27 -60.13
C GLY N 230 -1.13 23.97 -60.83
N ASN N 231 -0.57 23.84 -62.04
CA ASN N 231 -0.81 22.64 -62.84
C ASN N 231 -0.36 21.39 -62.09
N HIS N 232 -1.32 20.54 -61.73
CA HIS N 232 -1.01 19.36 -60.95
C HIS N 232 -1.96 18.23 -61.30
N TYR N 233 -1.52 17.01 -60.99
CA TYR N 233 -2.31 15.79 -61.15
C TYR N 233 -2.50 15.13 -59.78
N ILE N 234 -3.68 14.59 -59.55
CA ILE N 234 -4.00 13.88 -58.31
C ILE N 234 -4.09 12.40 -58.62
N LEU N 235 -3.28 11.60 -57.92
CA LEU N 235 -3.26 10.15 -58.08
C LEU N 235 -3.86 9.53 -56.84
N GLY N 236 -5.00 8.86 -57.01
CA GLY N 236 -5.64 8.18 -55.89
C GLY N 236 -4.86 6.97 -55.44
N THR N 237 -5.18 6.50 -54.24
CA THR N 237 -4.51 5.35 -53.63
C THR N 237 -5.54 4.31 -53.21
N LEU N 238 -5.08 3.31 -52.47
CA LEU N 238 -5.89 2.17 -52.07
C LEU N 238 -6.70 2.43 -50.81
N THR N 239 -6.58 3.61 -50.22
CA THR N 239 -7.36 3.96 -49.03
C THR N 239 -8.85 3.94 -49.38
N GLN N 240 -9.65 3.40 -48.46
CA GLN N 240 -11.08 3.21 -48.69
C GLN N 240 -11.90 4.08 -47.74
N MET N 241 -13.14 4.36 -48.17
CA MET N 241 -14.10 5.11 -47.38
C MET N 241 -15.23 4.19 -46.96
N VAL N 242 -15.48 4.11 -45.66
CA VAL N 242 -16.47 3.20 -45.10
C VAL N 242 -17.60 3.93 -44.39
N SER N 243 -17.70 5.25 -44.55
CA SER N 243 -18.77 6.00 -43.90
C SER N 243 -20.14 5.55 -44.40
N ALA N 244 -20.27 5.35 -45.70
CA ALA N 244 -21.50 4.79 -46.26
C ALA N 244 -21.54 3.29 -45.99
N PRO N 245 -22.52 2.79 -45.26
CA PRO N 245 -22.52 1.38 -44.86
C PRO N 245 -22.59 0.42 -46.05
N PRO N 246 -23.61 0.53 -46.93
CA PRO N 246 -23.81 -0.55 -47.91
C PRO N 246 -22.70 -0.66 -48.94
N HIS N 247 -21.87 0.36 -49.12
CA HIS N 247 -20.88 0.38 -50.19
C HIS N 247 -19.48 0.60 -49.61
N ILE N 248 -18.49 0.06 -50.32
CA ILE N 248 -17.08 0.28 -50.03
C ILE N 248 -16.51 1.12 -51.16
N ILE N 249 -16.05 2.32 -50.84
CA ILE N 249 -15.62 3.30 -51.83
C ILE N 249 -14.14 3.59 -51.59
N ASN N 250 -13.34 3.43 -52.65
CA ASN N 250 -11.92 3.74 -52.57
C ASN N 250 -11.70 5.25 -52.69
N ALA N 251 -10.44 5.67 -52.68
CA ALA N 251 -10.11 7.08 -52.58
C ALA N 251 -10.54 7.86 -53.81
N THR N 252 -10.17 7.37 -55.00
CA THR N 252 -10.45 8.11 -56.23
C THR N 252 -11.95 8.28 -56.46
N ASP N 253 -12.73 7.22 -56.20
CA ASP N 253 -14.18 7.34 -56.35
C ASP N 253 -14.76 8.32 -55.34
N ALA N 254 -14.20 8.34 -54.12
CA ALA N 254 -14.66 9.31 -53.13
C ALA N 254 -14.38 10.74 -53.58
N LEU N 255 -13.19 10.98 -54.14
CA LEU N 255 -12.87 12.31 -54.65
C LEU N 255 -13.82 12.70 -55.77
N LEU N 256 -14.07 11.78 -56.70
CA LEU N 256 -15.00 12.05 -57.79
C LEU N 256 -16.39 12.37 -57.26
N LEU N 257 -16.87 11.60 -56.29
CA LEU N 257 -18.20 11.81 -55.74
C LEU N 257 -18.31 13.17 -55.06
N GLU N 258 -17.33 13.51 -54.22
CA GLU N 258 -17.38 14.78 -53.52
C GLU N 258 -17.32 15.95 -54.48
N SER N 259 -16.43 15.87 -55.49
CA SER N 259 -16.31 16.97 -56.44
C SER N 259 -17.59 17.12 -57.27
N CYS N 260 -18.17 15.99 -57.69
CA CYS N 260 -19.40 16.04 -58.49
C CYS N 260 -20.55 16.64 -57.67
N LEU N 261 -20.66 16.25 -56.40
CA LEU N 261 -21.72 16.81 -55.56
C LEU N 261 -21.51 18.29 -55.32
N GLU N 262 -20.27 18.72 -55.11
CA GLU N 262 -19.99 20.14 -54.94
C GLU N 262 -20.37 20.92 -56.20
N GLN N 263 -20.03 20.38 -57.37
CA GLN N 263 -20.38 21.08 -58.61
C GLN N 263 -21.89 21.12 -58.81
N PHE N 264 -22.59 20.04 -58.45
CA PHE N 264 -24.05 20.05 -58.56
C PHE N 264 -24.66 21.11 -57.64
N ALA N 265 -24.16 21.21 -56.41
CA ALA N 265 -24.65 22.23 -55.50
C ALA N 265 -24.38 23.64 -56.03
N ALA N 266 -23.18 23.85 -56.61
CA ALA N 266 -22.87 25.14 -57.19
C ALA N 266 -23.78 25.46 -58.36
N ASN N 267 -24.08 24.46 -59.20
CA ASN N 267 -24.97 24.66 -60.33
C ASN N 267 -26.38 25.01 -59.87
N VAL N 268 -26.86 24.34 -58.82
CA VAL N 268 -28.18 24.67 -58.27
C VAL N 268 -28.19 26.09 -57.73
N ARG N 269 -27.15 26.48 -57.00
CA ARG N 269 -27.06 27.83 -56.44
C ARG N 269 -26.21 28.72 -57.35
N ALA N 270 -26.75 29.03 -58.52
CA ALA N 270 -26.07 29.81 -59.53
C ALA N 270 -26.88 31.05 -59.87
N ARG N 271 -26.21 32.20 -59.92
CA ARG N 271 -26.83 33.45 -60.33
C ARG N 271 -25.98 34.09 -61.42
N SER N 272 -26.63 34.95 -62.22
CA SER N 272 -25.94 35.57 -63.35
C SER N 272 -24.82 36.49 -62.89
N ALA N 273 -25.05 37.25 -61.81
CA ALA N 273 -24.06 38.20 -61.34
C ALA N 273 -23.18 37.64 -60.22
N GLN N 274 -23.73 36.78 -59.38
CA GLN N 274 -22.96 36.21 -58.27
C GLN N 274 -21.92 35.24 -58.80
N PRO N 275 -20.64 35.44 -58.51
CA PRO N 275 -19.60 34.56 -59.04
C PRO N 275 -19.25 33.43 -58.08
N VAL N 276 -18.42 32.52 -58.57
CA VAL N 276 -17.91 31.38 -57.81
C VAL N 276 -16.40 31.38 -57.94
N THR N 277 -15.73 30.70 -57.01
CA THR N 277 -14.26 30.65 -57.01
C THR N 277 -13.74 30.08 -58.32
N ARG N 278 -14.33 28.99 -58.79
CA ARG N 278 -13.97 28.44 -60.10
C ARG N 278 -15.24 27.98 -60.79
N LEU N 279 -15.20 27.95 -62.12
CA LEU N 279 -16.41 27.69 -62.89
C LEU N 279 -16.91 26.26 -62.71
N ASP N 280 -16.01 25.29 -62.84
CA ASP N 280 -16.36 23.89 -62.62
C ASP N 280 -15.33 23.25 -61.70
N GLN N 281 -15.81 22.42 -60.78
CA GLN N 281 -14.97 21.76 -59.80
C GLN N 281 -14.82 20.26 -60.04
N CYS N 282 -15.44 19.73 -61.09
CA CYS N 282 -15.39 18.30 -61.33
C CYS N 282 -13.97 17.83 -61.62
N TYR N 283 -13.63 16.65 -61.11
CA TYR N 283 -12.37 16.00 -61.42
C TYR N 283 -12.53 15.14 -62.67
N HIS N 284 -11.58 15.25 -63.58
CA HIS N 284 -11.60 14.51 -64.84
C HIS N 284 -10.51 13.47 -64.82
N LEU N 285 -10.87 12.23 -65.14
CA LEU N 285 -9.94 11.10 -65.12
C LEU N 285 -9.09 11.17 -66.39
N ARG N 286 -7.80 11.47 -66.22
CA ARG N 286 -6.92 11.63 -67.37
C ARG N 286 -6.33 10.31 -67.82
N TRP N 287 -5.81 9.51 -66.89
CA TRP N 287 -5.22 8.22 -67.20
C TRP N 287 -5.83 7.15 -66.30
N GLY N 288 -5.40 5.91 -66.48
CA GLY N 288 -5.86 4.82 -65.66
C GLY N 288 -7.21 4.25 -66.03
N ALA N 289 -7.75 4.59 -67.20
CA ALA N 289 -9.05 4.08 -67.60
C ALA N 289 -9.01 2.59 -67.92
N GLN N 290 -7.83 2.04 -68.22
CA GLN N 290 -7.72 0.62 -68.53
C GLN N 290 -8.12 -0.24 -67.34
N TYR N 291 -7.67 0.13 -66.13
CA TYR N 291 -7.99 -0.65 -64.95
C TYR N 291 -9.40 -0.40 -64.45
N VAL N 292 -10.07 0.65 -64.94
CA VAL N 292 -11.44 0.92 -64.54
C VAL N 292 -12.37 0.02 -65.34
N GLY N 293 -13.30 -0.64 -64.64
CA GLY N 293 -14.21 -1.55 -65.29
C GLY N 293 -15.23 -0.84 -66.16
N GLU N 294 -15.90 -1.63 -67.00
CA GLU N 294 -16.91 -1.08 -67.90
C GLU N 294 -18.15 -0.61 -67.14
N ASP N 295 -18.52 -1.32 -66.08
CA ASP N 295 -19.70 -0.99 -65.28
C ASP N 295 -19.33 -0.76 -63.82
N SER N 296 -18.10 -0.35 -63.56
CA SER N 296 -17.66 -0.07 -62.21
C SER N 296 -18.18 1.29 -61.75
N LEU N 297 -17.98 1.57 -60.46
CA LEU N 297 -18.45 2.82 -59.89
C LEU N 297 -17.72 4.02 -60.46
N THR N 298 -16.43 3.86 -60.78
CA THR N 298 -15.65 4.97 -61.31
C THR N 298 -16.20 5.45 -62.65
N TYR N 299 -16.62 4.53 -63.51
CA TYR N 299 -17.19 4.91 -64.80
C TYR N 299 -18.45 5.74 -64.63
N ARG N 300 -19.35 5.31 -63.75
CA ARG N 300 -20.60 6.04 -63.54
C ARG N 300 -20.34 7.39 -62.89
N LEU N 301 -19.39 7.46 -61.95
CA LEU N 301 -19.05 8.76 -61.37
C LEU N 301 -18.43 9.69 -62.39
N GLY N 302 -17.63 9.16 -63.32
CA GLY N 302 -17.13 9.99 -64.42
C GLY N 302 -18.25 10.52 -65.29
N VAL N 303 -19.23 9.67 -65.59
CA VAL N 303 -20.40 10.11 -66.35
C VAL N 303 -21.11 11.25 -65.63
N LEU N 304 -21.31 11.07 -64.32
CA LEU N 304 -22.01 12.09 -63.54
C LEU N 304 -21.23 13.40 -63.49
N SER N 305 -19.91 13.30 -63.35
CA SER N 305 -19.08 14.51 -63.34
C SER N 305 -19.15 15.23 -64.69
N LEU N 306 -19.11 14.48 -65.79
CA LEU N 306 -19.23 15.09 -67.11
C LEU N 306 -20.58 15.77 -67.27
N LEU N 307 -21.65 15.15 -66.76
CA LEU N 307 -22.96 15.78 -66.81
C LEU N 307 -22.99 17.06 -65.98
N ALA N 308 -22.41 17.03 -64.78
CA ALA N 308 -22.43 18.20 -63.91
C ALA N 308 -21.64 19.35 -64.50
N THR N 309 -20.53 19.04 -65.18
CA THR N 309 -19.73 20.09 -65.81
C THR N 309 -20.52 20.82 -66.90
N ASN N 310 -21.41 20.12 -67.59
CA ASN N 310 -22.17 20.71 -68.69
C ASN N 310 -23.34 21.56 -68.23
N GLY N 311 -23.68 21.54 -66.94
CA GLY N 311 -24.73 22.39 -66.42
C GLY N 311 -25.99 21.68 -65.95
N TYR N 312 -26.00 20.36 -65.87
CA TYR N 312 -27.17 19.65 -65.38
C TYR N 312 -27.36 19.91 -63.88
N GLN N 313 -28.57 19.65 -63.40
CA GLN N 313 -28.90 19.82 -62.00
C GLN N 313 -29.60 18.56 -61.48
N LEU N 314 -29.49 18.33 -60.18
CA LEU N 314 -30.06 17.16 -59.54
C LEU N 314 -31.48 17.49 -59.06
N ALA N 315 -32.42 16.59 -59.33
CA ALA N 315 -33.80 16.82 -58.95
C ALA N 315 -33.95 16.87 -57.43
N ARG N 316 -33.42 15.87 -56.74
CA ARG N 316 -33.52 15.86 -55.28
C ARG N 316 -32.74 17.04 -54.70
N PRO N 317 -33.29 17.71 -53.68
CA PRO N 317 -32.58 18.85 -53.10
C PRO N 317 -31.27 18.42 -52.45
N ILE N 318 -30.27 19.29 -52.56
CA ILE N 318 -28.95 19.05 -51.99
C ILE N 318 -28.91 19.69 -50.60
N PRO N 319 -28.71 18.93 -49.54
CA PRO N 319 -28.62 19.54 -48.21
C PRO N 319 -27.42 20.47 -48.09
N LYS N 320 -27.55 21.48 -47.23
CA LYS N 320 -26.45 22.39 -47.00
C LYS N 320 -25.24 21.66 -46.44
N GLN N 321 -25.46 20.75 -45.49
CA GLN N 321 -24.44 19.86 -44.97
C GLN N 321 -24.83 18.42 -45.30
N LEU N 322 -23.94 17.71 -45.99
CA LEU N 322 -24.23 16.35 -46.39
C LEU N 322 -24.28 15.42 -45.19
N THR N 323 -25.01 14.32 -45.35
CA THR N 323 -25.13 13.31 -44.32
C THR N 323 -24.79 11.95 -44.91
N ASN N 324 -24.43 11.01 -44.03
CA ASN N 324 -24.10 9.67 -44.48
C ASN N 324 -25.30 8.98 -45.12
N ARG N 325 -26.50 9.22 -44.56
CA ARG N 325 -27.71 8.63 -45.13
C ARG N 325 -27.95 9.12 -46.55
N TRP N 326 -27.85 10.45 -46.75
CA TRP N 326 -28.07 11.01 -48.07
C TRP N 326 -27.02 10.55 -49.07
N LEU N 327 -25.75 10.49 -48.65
CA LEU N 327 -24.69 10.04 -49.54
C LEU N 327 -24.89 8.58 -49.92
N SER N 328 -25.26 7.74 -48.95
CA SER N 328 -25.53 6.34 -49.24
C SER N 328 -26.70 6.19 -50.20
N SER N 329 -27.76 6.97 -49.99
CA SER N 329 -28.90 6.93 -50.90
C SER N 329 -28.49 7.33 -52.32
N PHE N 330 -27.69 8.39 -52.43
CA PHE N 330 -27.27 8.85 -53.76
C PHE N 330 -26.42 7.81 -54.47
N VAL N 331 -25.45 7.22 -53.75
CA VAL N 331 -24.57 6.24 -54.39
C VAL N 331 -25.36 4.97 -54.74
N SER N 332 -26.30 4.57 -53.89
CA SER N 332 -27.13 3.41 -54.20
C SER N 332 -28.02 3.68 -55.41
N GLN N 333 -28.48 4.92 -55.56
CA GLN N 333 -29.20 5.31 -56.77
C GLN N 333 -28.30 5.21 -57.98
N VAL N 334 -27.04 5.65 -57.84
CA VAL N 334 -26.11 5.62 -58.96
C VAL N 334 -25.84 4.20 -59.41
N VAL N 335 -25.60 3.29 -58.46
CA VAL N 335 -25.31 1.90 -58.80
C VAL N 335 -26.54 1.14 -59.26
N SER N 336 -27.73 1.69 -59.04
CA SER N 336 -28.96 0.99 -59.39
C SER N 336 -29.02 0.73 -60.90
N ASP N 337 -29.82 -0.27 -61.27
CA ASP N 337 -29.89 -0.69 -62.66
C ASP N 337 -30.57 0.34 -63.54
N GLY N 338 -30.33 0.25 -64.83
CA GLY N 338 -30.90 1.18 -65.78
C GLY N 338 -29.94 1.42 -66.93
N ILE N 339 -30.19 2.52 -67.64
CA ILE N 339 -29.37 2.94 -68.77
C ILE N 339 -29.14 4.44 -68.68
N ASN N 340 -28.21 4.93 -69.50
CA ASN N 340 -27.88 6.35 -69.59
C ASN N 340 -28.57 6.90 -70.82
N GLU N 341 -29.55 7.79 -70.61
CA GLU N 341 -30.27 8.41 -71.71
C GLU N 341 -29.63 9.70 -72.20
N THR N 342 -28.79 10.33 -71.38
CA THR N 342 -28.15 11.58 -71.81
C THR N 342 -27.18 11.32 -72.95
N PRO N 343 -27.08 12.22 -73.92
CA PRO N 343 -26.13 12.00 -75.04
C PRO N 343 -24.69 11.97 -74.60
N LEU N 344 -24.34 12.65 -73.52
CA LEU N 344 -22.95 12.78 -73.11
C LEU N 344 -22.39 11.44 -72.63
N TRP N 345 -21.22 11.07 -73.16
CA TRP N 345 -20.49 9.90 -72.71
C TRP N 345 -19.08 10.31 -72.35
N PRO N 346 -18.50 9.70 -71.31
CA PRO N 346 -17.15 10.11 -70.88
C PRO N 346 -16.09 9.74 -71.91
N GLN N 347 -15.15 10.65 -72.11
CA GLN N 347 -14.02 10.42 -73.00
C GLN N 347 -12.74 10.81 -72.27
N GLU N 348 -11.69 10.00 -72.43
CA GLU N 348 -10.51 10.14 -71.58
C GLU N 348 -9.65 11.33 -71.99
N ARG N 349 -9.55 11.61 -73.30
CA ARG N 349 -8.56 12.57 -73.77
C ARG N 349 -8.95 14.01 -73.47
N TYR N 350 -10.24 14.33 -73.38
CA TYR N 350 -10.65 15.69 -73.06
C TYR N 350 -12.04 15.69 -72.47
N VAL N 351 -12.41 16.83 -71.89
CA VAL N 351 -13.75 17.04 -71.36
C VAL N 351 -14.61 17.66 -72.46
N GLN N 352 -15.76 17.04 -72.73
CA GLN N 352 -16.64 17.48 -73.80
C GLN N 352 -17.68 18.45 -73.24
N ILE N 353 -17.82 19.60 -73.89
CA ILE N 353 -18.84 20.60 -73.56
C ILE N 353 -19.83 20.66 -74.71
N ALA N 354 -21.10 20.49 -74.39
CA ALA N 354 -22.14 20.53 -75.41
C ALA N 354 -22.25 21.92 -76.02
N TYR N 355 -22.66 21.96 -77.28
CA TYR N 355 -22.78 23.25 -77.97
C TYR N 355 -23.84 24.13 -77.33
N ASP N 356 -24.97 23.54 -76.92
CA ASP N 356 -26.04 24.32 -76.33
C ASP N 356 -25.85 24.45 -74.82
N SER N 357 -24.80 23.84 -74.27
CA SER N 357 -24.57 23.91 -72.84
C SER N 357 -24.28 25.35 -72.43
N PRO N 358 -24.76 25.79 -71.26
CA PRO N 358 -24.53 27.18 -70.83
C PRO N 358 -23.19 27.42 -70.15
N SER N 359 -22.33 26.41 -70.08
CA SER N 359 -21.04 26.58 -69.43
C SER N 359 -20.16 27.55 -70.20
N VAL N 360 -19.40 28.36 -69.47
CA VAL N 360 -18.52 29.36 -70.05
C VAL N 360 -17.05 29.01 -69.80
N VAL N 361 -16.78 27.83 -69.22
CA VAL N 361 -15.42 27.42 -68.90
C VAL N 361 -14.55 27.26 -70.14
N ASP N 362 -15.16 27.13 -71.32
CA ASP N 362 -14.38 26.98 -72.54
C ASP N 362 -13.49 28.19 -72.77
N GLY N 363 -14.05 29.39 -72.65
CA GLY N 363 -13.26 30.60 -72.87
C GLY N 363 -12.21 30.81 -71.80
N ALA N 364 -12.55 30.52 -70.54
CA ALA N 364 -11.64 30.82 -69.43
C ALA N 364 -10.38 29.97 -69.49
N THR N 365 -10.52 28.68 -69.77
CA THR N 365 -9.41 27.73 -69.72
C THR N 365 -9.00 27.36 -71.13
N GLN N 366 -7.69 27.45 -71.41
CA GLN N 366 -7.18 27.17 -72.75
C GLN N 366 -7.12 25.68 -73.06
N TYR N 367 -6.77 24.86 -72.07
CA TYR N 367 -6.48 23.45 -72.29
C TYR N 367 -7.47 22.57 -71.53
N GLY N 368 -7.95 21.52 -72.19
CA GLY N 368 -8.76 20.51 -71.56
C GLY N 368 -10.23 20.51 -71.95
N TYR N 369 -10.71 21.58 -72.59
CA TYR N 369 -12.12 21.70 -72.95
C TYR N 369 -12.24 21.95 -74.44
N VAL N 370 -13.22 21.30 -75.08
CA VAL N 370 -13.52 21.49 -76.49
C VAL N 370 -15.03 21.61 -76.64
N ARG N 371 -15.46 22.53 -77.51
CA ARG N 371 -16.88 22.76 -77.77
C ARG N 371 -17.29 21.90 -78.96
N ARG N 372 -18.01 20.82 -78.68
CA ARG N 372 -18.47 19.89 -79.71
C ARG N 372 -19.75 20.43 -80.33
N ASN N 373 -19.68 20.83 -81.60
CA ASN N 373 -20.83 21.45 -82.25
C ASN N 373 -21.97 20.45 -82.45
N GLN N 374 -21.64 19.21 -82.80
CA GLN N 374 -22.67 18.23 -83.12
C GLN N 374 -23.51 17.89 -81.89
N LEU N 375 -22.89 17.76 -80.73
CA LEU N 375 -23.62 17.43 -79.51
C LEU N 375 -24.60 18.55 -79.17
N ARG N 376 -25.89 18.26 -79.30
CA ARG N 376 -26.95 19.25 -79.09
C ARG N 376 -27.87 18.76 -77.99
N LEU N 377 -28.12 19.63 -77.01
CA LEU N 377 -29.05 19.34 -75.93
C LEU N 377 -30.34 20.12 -76.14
N GLY N 378 -31.47 19.45 -75.96
CA GLY N 378 -32.76 20.05 -76.22
C GLY N 378 -33.40 20.70 -75.01
N MET N 379 -32.59 21.01 -74.01
CA MET N 379 -33.11 21.54 -72.75
C MET N 379 -32.99 23.07 -72.70
N ARG N 380 -33.73 23.66 -71.78
CA ARG N 380 -33.72 25.10 -71.56
C ARG N 380 -32.68 25.48 -70.51
N ILE N 381 -32.52 26.78 -70.32
CA ILE N 381 -31.55 27.34 -69.37
C ILE N 381 -32.33 28.01 -68.25
N SER N 382 -32.20 27.45 -67.04
CA SER N 382 -32.88 28.00 -65.86
C SER N 382 -32.29 27.34 -64.62
N ALA N 383 -32.62 27.91 -63.47
CA ALA N 383 -32.18 27.40 -62.18
C ALA N 383 -33.40 27.02 -61.34
N LEU N 384 -33.34 25.84 -60.74
CA LEU N 384 -34.45 25.37 -59.91
C LEU N 384 -34.62 26.24 -58.67
N GLN N 385 -35.87 26.52 -58.33
CA GLN N 385 -36.18 27.25 -57.11
C GLN N 385 -36.08 26.31 -55.91
N SER N 386 -35.49 26.80 -54.84
CA SER N 386 -35.32 26.03 -53.61
C SER N 386 -36.56 26.18 -52.75
N LEU N 387 -37.24 25.07 -52.49
CA LEU N 387 -38.47 25.07 -51.72
C LEU N 387 -38.31 24.22 -50.47
N SER N 388 -39.00 24.63 -49.41
CA SER N 388 -38.98 23.86 -48.17
C SER N 388 -39.80 22.58 -48.33
N ASP N 389 -39.49 21.61 -47.48
CA ASP N 389 -40.17 20.32 -47.55
C ASP N 389 -41.58 20.43 -46.98
N THR N 390 -42.56 19.95 -47.74
CA THR N 390 -43.95 20.02 -47.30
C THR N 390 -44.26 18.83 -46.40
N PRO N 391 -44.65 19.06 -45.14
CA PRO N 391 -44.91 17.92 -44.23
C PRO N 391 -46.06 17.03 -44.68
N ALA N 392 -47.07 17.58 -45.36
CA ALA N 392 -48.25 16.80 -45.70
C ALA N 392 -48.34 16.58 -47.20
N PRO N 393 -48.94 15.47 -47.64
CA PRO N 393 -49.12 15.24 -49.07
C PRO N 393 -50.03 16.30 -49.68
N VAL N 394 -49.77 16.61 -50.96
CA VAL N 394 -50.48 17.65 -51.68
C VAL N 394 -51.40 17.02 -52.71
N GLN N 395 -52.50 17.71 -53.01
CA GLN N 395 -53.45 17.22 -53.99
C GLN N 395 -52.88 17.37 -55.41
N TRP N 396 -53.26 16.44 -56.28
CA TRP N 396 -52.79 16.41 -57.65
C TRP N 396 -53.95 16.13 -58.58
N LEU N 397 -54.10 16.97 -59.62
CA LEU N 397 -55.16 16.79 -60.61
C LEU N 397 -54.55 16.28 -61.91
N PRO N 398 -54.81 15.03 -62.29
CA PRO N 398 -54.24 14.51 -63.54
C PRO N 398 -54.92 15.12 -64.76
N GLN N 399 -54.17 15.17 -65.85
CA GLN N 399 -54.69 15.64 -67.14
C GLN N 399 -54.33 14.61 -68.20
N TYR N 400 -55.35 14.06 -68.85
CA TYR N 400 -55.17 12.94 -69.75
C TYR N 400 -54.63 13.40 -71.10
N THR N 401 -54.22 12.43 -71.92
CA THR N 401 -53.66 12.66 -73.25
C THR N 401 -54.37 11.75 -74.24
N ILE N 402 -53.85 11.71 -75.47
CA ILE N 402 -54.51 10.96 -76.54
C ILE N 402 -54.11 9.48 -76.52
N ASP N 403 -52.93 9.16 -75.97
CA ASP N 403 -52.45 7.80 -75.99
C ASP N 403 -53.36 6.88 -75.18
N GLN N 404 -53.54 5.65 -75.66
CA GLN N 404 -54.43 4.69 -75.03
C GLN N 404 -53.80 3.31 -75.07
N VAL N 405 -54.18 2.47 -74.10
CA VAL N 405 -53.74 1.09 -74.01
C VAL N 405 -54.93 0.22 -73.60
N ALA N 406 -54.68 -1.07 -73.46
CA ALA N 406 -55.71 -2.00 -73.03
C ALA N 406 -55.96 -1.88 -71.53
N VAL N 407 -57.21 -2.14 -71.14
CA VAL N 407 -57.58 -2.03 -69.72
C VAL N 407 -56.93 -3.14 -68.90
N ASP N 408 -56.82 -4.35 -69.48
CA ASP N 408 -56.29 -5.48 -68.73
C ASP N 408 -54.83 -5.25 -68.32
N GLU N 409 -54.02 -4.71 -69.22
CA GLU N 409 -52.63 -4.41 -68.87
C GLU N 409 -52.55 -3.37 -67.76
N GLY N 410 -53.41 -2.35 -67.82
CA GLY N 410 -53.42 -1.36 -66.76
C GLY N 410 -53.78 -1.95 -65.41
N ASP N 411 -54.82 -2.79 -65.38
CA ASP N 411 -55.21 -3.44 -64.13
C ASP N 411 -54.09 -4.32 -63.60
N ALA N 412 -53.47 -5.11 -64.48
CA ALA N 412 -52.40 -6.01 -64.06
C ALA N 412 -51.23 -5.23 -63.47
N MET N 413 -50.81 -4.14 -64.13
CA MET N 413 -49.64 -3.43 -63.64
C MET N 413 -49.98 -2.56 -62.44
N VAL N 414 -51.24 -2.14 -62.29
CA VAL N 414 -51.67 -1.50 -61.05
C VAL N 414 -51.56 -2.49 -59.90
N SER N 415 -52.02 -3.73 -60.12
CA SER N 415 -51.86 -4.76 -59.09
C SER N 415 -50.39 -5.04 -58.82
N GLN N 416 -49.55 -4.92 -59.84
CA GLN N 416 -48.12 -5.15 -59.66
C GLN N 416 -47.48 -4.07 -58.79
N LEU N 417 -47.77 -2.80 -59.09
CA LEU N 417 -47.09 -1.69 -58.42
C LEU N 417 -47.67 -1.35 -57.06
N THR N 418 -48.86 -1.84 -56.74
CA THR N 418 -49.59 -1.34 -55.57
C THR N 418 -48.96 -1.82 -54.26
N GLN N 419 -49.15 -1.00 -53.23
CA GLN N 419 -48.90 -1.36 -51.84
C GLN N 419 -50.20 -1.70 -51.14
N LEU N 420 -51.11 -2.34 -51.87
CA LEU N 420 -52.53 -2.37 -51.48
C LEU N 420 -52.80 -3.03 -50.14
N PRO N 421 -52.23 -4.19 -49.79
CA PRO N 421 -52.59 -4.79 -48.50
C PRO N 421 -52.04 -4.03 -47.31
N LEU N 422 -52.90 -3.29 -46.61
CA LEU N 422 -52.55 -2.63 -45.36
C LEU N 422 -53.84 -2.31 -44.62
N ARG N 423 -53.70 -1.75 -43.42
CA ARG N 423 -54.85 -1.43 -42.59
C ARG N 423 -55.07 0.08 -42.56
N PRO N 424 -56.06 0.60 -43.27
CA PRO N 424 -56.35 2.04 -43.19
C PRO N 424 -56.89 2.43 -41.83
N ASP N 425 -56.64 3.69 -41.46
CA ASP N 425 -57.16 4.24 -40.22
C ASP N 425 -58.60 4.68 -40.46
N TYR N 426 -59.56 3.85 -40.03
CA TYR N 426 -60.97 4.14 -40.24
C TYR N 426 -61.36 5.40 -39.49
N GLY N 427 -62.08 6.29 -40.17
CA GLY N 427 -62.55 7.54 -39.59
C GLY N 427 -63.93 7.39 -39.00
N SER N 428 -64.64 8.52 -38.95
CA SER N 428 -66.01 8.57 -38.45
C SER N 428 -66.93 8.91 -39.62
N ILE N 429 -67.85 8.00 -39.94
CA ILE N 429 -68.75 8.21 -41.07
C ILE N 429 -69.70 9.36 -40.80
N TRP N 430 -70.16 9.48 -39.55
CA TRP N 430 -71.10 10.52 -39.15
C TRP N 430 -70.51 11.31 -37.99
N ILE N 431 -70.73 12.62 -38.00
CA ILE N 431 -70.37 13.49 -36.87
C ILE N 431 -71.51 14.48 -36.67
N GLY N 432 -71.53 15.09 -35.49
CA GLY N 432 -72.49 16.12 -35.19
C GLY N 432 -73.25 15.81 -33.92
N GLU N 433 -74.29 16.60 -33.68
CA GLU N 433 -75.12 16.46 -32.50
C GLU N 433 -76.26 15.47 -32.75
N ALA N 434 -77.13 15.35 -31.75
CA ALA N 434 -78.26 14.43 -31.86
C ALA N 434 -79.49 15.15 -32.38
N LEU N 435 -80.25 14.47 -33.23
CA LEU N 435 -81.50 14.98 -33.78
C LEU N 435 -82.68 14.28 -33.12
N SER N 436 -83.71 15.05 -32.81
CA SER N 436 -84.89 14.54 -32.11
C SER N 436 -86.12 14.69 -33.00
N TYR N 437 -86.84 13.59 -33.19
CA TYR N 437 -88.12 13.58 -33.88
C TYR N 437 -89.19 13.20 -32.88
N TYR N 438 -90.22 14.05 -32.76
CA TYR N 438 -91.25 13.84 -31.77
C TYR N 438 -92.63 14.06 -32.39
N VAL N 439 -93.61 13.35 -31.86
CA VAL N 439 -95.01 13.54 -32.22
C VAL N 439 -95.81 13.60 -30.93
N ASP N 440 -96.94 14.32 -30.99
CA ASP N 440 -97.75 14.58 -29.80
C ASP N 440 -99.21 14.28 -30.11
N TYR N 441 -99.96 13.97 -29.05
CA TYR N 441 -101.38 13.71 -29.19
C TYR N 441 -102.11 14.99 -29.57
N ASN N 442 -102.96 14.90 -30.60
CA ASN N 442 -103.76 16.03 -31.07
C ASN N 442 -105.21 15.61 -31.13
N ARG N 443 -106.09 16.43 -30.56
CA ARG N 443 -107.51 16.08 -30.51
C ARG N 443 -108.14 16.10 -31.89
N SER N 444 -107.62 16.90 -32.82
CA SER N 444 -108.21 17.02 -34.15
C SER N 444 -107.83 15.88 -35.09
N HIS N 445 -106.84 15.07 -34.72
CA HIS N 445 -106.40 13.99 -35.59
C HIS N 445 -107.42 12.85 -35.61
N ARG N 446 -107.30 12.00 -36.62
CA ARG N 446 -108.20 10.87 -36.77
C ARG N 446 -107.78 9.71 -35.86
N VAL N 447 -108.77 8.89 -35.51
CA VAL N 447 -108.52 7.74 -34.65
C VAL N 447 -107.94 6.60 -35.47
N VAL N 448 -106.82 6.05 -35.02
CA VAL N 448 -106.14 4.95 -35.68
C VAL N 448 -106.00 3.81 -34.70
N LEU N 449 -106.42 2.61 -35.10
CA LEU N 449 -106.28 1.43 -34.26
C LEU N 449 -104.85 0.89 -34.33
N SER N 450 -104.56 -0.07 -33.45
CA SER N 450 -103.21 -0.64 -33.39
C SER N 450 -102.91 -1.57 -34.54
N SER N 451 -103.93 -2.05 -35.27
CA SER N 451 -103.69 -2.99 -36.36
C SER N 451 -103.00 -2.32 -37.54
N GLU N 452 -103.34 -1.05 -37.82
CA GLU N 452 -102.79 -0.36 -38.97
C GLU N 452 -101.41 0.24 -38.72
N LEU N 453 -100.93 0.23 -37.49
CA LEU N 453 -99.61 0.78 -37.20
C LEU N 453 -98.53 -0.12 -37.79
N PRO N 454 -97.42 0.46 -38.27
CA PRO N 454 -96.34 -0.37 -38.81
C PRO N 454 -95.62 -1.14 -37.71
N GLN N 455 -94.90 -2.18 -38.14
CA GLN N 455 -94.26 -3.11 -37.22
C GLN N 455 -92.76 -3.19 -37.52
N LEU N 456 -92.01 -3.61 -36.51
CA LEU N 456 -90.58 -3.82 -36.66
C LEU N 456 -90.31 -4.86 -37.75
N PRO N 457 -89.32 -4.63 -38.60
CA PRO N 457 -89.08 -5.56 -39.72
C PRO N 457 -88.71 -6.95 -39.24
N ASP N 458 -89.17 -7.96 -39.99
CA ASP N 458 -88.94 -9.34 -39.59
C ASP N 458 -87.46 -9.71 -39.62
N THR N 459 -86.71 -9.14 -40.55
CA THR N 459 -85.29 -9.44 -40.71
C THR N 459 -84.40 -8.55 -39.85
N TYR N 460 -84.94 -7.98 -38.77
CA TYR N 460 -84.14 -7.12 -37.90
C TYR N 460 -82.99 -7.89 -37.26
N PHE N 461 -83.26 -9.09 -36.75
CA PHE N 461 -82.24 -9.90 -36.11
C PHE N 461 -81.60 -10.83 -37.14
N ASP N 462 -80.64 -10.26 -37.87
CA ASP N 462 -79.91 -10.99 -38.90
C ASP N 462 -78.44 -10.57 -38.85
N GLY N 463 -77.58 -11.41 -39.41
CA GLY N 463 -76.16 -11.14 -39.37
C GLY N 463 -75.78 -9.85 -40.07
N ASP N 464 -76.30 -9.64 -41.28
CA ASP N 464 -75.96 -8.45 -42.03
C ASP N 464 -76.52 -7.19 -41.36
N GLU N 465 -77.76 -7.25 -40.88
CA GLU N 465 -78.35 -6.09 -40.21
C GLU N 465 -77.59 -5.75 -38.93
N GLN N 466 -77.25 -6.77 -38.14
CA GLN N 466 -76.48 -6.55 -36.92
C GLN N 466 -75.11 -5.96 -37.25
N TYR N 467 -74.46 -6.47 -38.30
CA TYR N 467 -73.18 -5.94 -38.72
C TYR N 467 -73.28 -4.47 -39.11
N GLY N 468 -74.31 -4.12 -39.90
CA GLY N 468 -74.47 -2.75 -40.32
C GLY N 468 -74.72 -1.80 -39.16
N ARG N 469 -75.63 -2.19 -38.26
CA ARG N 469 -75.93 -1.31 -37.13
C ARG N 469 -74.75 -1.21 -36.16
N SER N 470 -74.00 -2.30 -35.99
CA SER N 470 -72.81 -2.24 -35.15
C SER N 470 -71.75 -1.34 -35.77
N LEU N 471 -71.58 -1.40 -37.08
CA LEU N 471 -70.64 -0.50 -37.74
C LEU N 471 -71.05 0.95 -37.58
N PHE N 472 -72.35 1.24 -37.76
CA PHE N 472 -72.81 2.61 -37.60
C PHE N 472 -72.62 3.10 -36.17
N SER N 473 -72.88 2.24 -35.18
CA SER N 473 -72.66 2.62 -33.79
C SER N 473 -71.18 2.83 -33.50
N LEU N 474 -70.31 2.00 -34.10
CA LEU N 474 -68.88 2.09 -33.84
C LEU N 474 -68.24 3.32 -34.48
N ALA N 475 -68.75 3.76 -35.63
CA ALA N 475 -68.17 4.89 -36.34
C ALA N 475 -69.03 6.15 -36.24
N ARG N 476 -69.62 6.39 -35.08
CA ARG N 476 -70.54 7.52 -34.93
C ARG N 476 -69.89 8.75 -34.31
N LYS N 477 -68.92 8.58 -33.42
CA LYS N 477 -68.20 9.71 -32.80
C LYS N 477 -69.18 10.70 -32.20
N VAL N 478 -69.89 10.27 -31.16
CA VAL N 478 -70.91 11.09 -30.51
C VAL N 478 -70.54 11.47 -29.09
N GLY N 479 -69.44 10.93 -28.57
CA GLY N 479 -69.13 11.17 -27.17
C GLY N 479 -69.78 10.13 -26.31
N ASP N 480 -70.82 10.54 -25.57
CA ASP N 480 -71.62 9.61 -24.78
C ASP N 480 -73.08 9.70 -25.24
N ARG N 481 -73.67 8.54 -25.52
CA ARG N 481 -75.02 8.52 -26.08
C ARG N 481 -76.07 8.83 -25.03
N SER N 482 -75.90 8.29 -23.82
CA SER N 482 -76.93 8.41 -22.80
C SER N 482 -77.17 9.87 -22.43
N LEU N 483 -76.09 10.65 -22.27
CA LEU N 483 -76.24 12.04 -21.85
C LEU N 483 -77.06 12.84 -22.85
N VAL N 484 -76.71 12.74 -24.14
CA VAL N 484 -77.41 13.53 -25.15
C VAL N 484 -78.85 13.06 -25.31
N LYS N 485 -79.06 11.74 -25.29
CA LYS N 485 -80.43 11.22 -25.43
C LYS N 485 -81.31 11.68 -24.27
N ASP N 486 -80.79 11.57 -23.04
CA ASP N 486 -81.56 12.00 -21.87
C ASP N 486 -81.82 13.49 -21.89
N THR N 487 -80.82 14.30 -22.26
CA THR N 487 -81.04 15.74 -22.31
C THR N 487 -82.11 16.09 -23.32
N ALA N 488 -82.07 15.47 -24.51
CA ALA N 488 -83.07 15.76 -25.53
C ALA N 488 -84.47 15.37 -25.06
N VAL N 489 -84.60 14.15 -24.50
CA VAL N 489 -85.93 13.69 -24.11
C VAL N 489 -86.46 14.51 -22.94
N LEU N 490 -85.58 14.93 -22.01
CA LEU N 490 -86.04 15.75 -20.89
C LEU N 490 -86.45 17.13 -21.35
N LYS N 491 -85.68 17.74 -22.26
CA LYS N 491 -86.05 19.05 -22.78
C LYS N 491 -87.38 19.00 -23.51
N HIS N 492 -87.62 17.93 -24.27
CA HIS N 492 -88.91 17.81 -24.94
C HIS N 492 -90.04 17.47 -23.96
N ALA N 493 -89.72 16.77 -22.87
CA ALA N 493 -90.76 16.38 -21.93
C ALA N 493 -91.23 17.56 -21.07
N TYR N 494 -90.30 18.39 -20.61
CA TYR N 494 -90.68 19.51 -19.77
C TYR N 494 -91.44 20.60 -20.53
N GLN N 495 -91.50 20.50 -21.86
CA GLN N 495 -92.26 21.44 -22.67
C GLN N 495 -93.72 21.03 -22.84
N ALA N 496 -94.18 20.03 -22.08
CA ALA N 496 -95.53 19.50 -22.21
C ALA N 496 -96.48 20.33 -21.36
N ILE N 497 -97.58 20.77 -21.98
CA ILE N 497 -98.58 21.58 -21.31
C ILE N 497 -99.69 20.67 -20.79
N ASP N 498 -100.39 21.13 -19.75
CA ASP N 498 -101.51 20.39 -19.20
C ASP N 498 -102.79 20.83 -19.89
N PRO N 499 -103.54 19.92 -20.53
CA PRO N 499 -104.81 20.33 -21.16
C PRO N 499 -105.81 20.91 -20.17
N ASN N 500 -105.74 20.53 -18.91
CA ASN N 500 -106.57 21.09 -17.86
C ASN N 500 -105.71 21.98 -16.97
N THR N 501 -106.21 23.18 -16.68
CA THR N 501 -105.61 24.24 -15.89
C THR N 501 -104.46 24.94 -16.62
N GLY N 502 -104.06 24.45 -17.79
CA GLY N 502 -103.05 25.11 -18.60
C GLY N 502 -101.71 25.28 -17.92
N LYS N 503 -101.25 24.26 -17.22
CA LYS N 503 -99.97 24.27 -16.53
C LYS N 503 -99.01 23.28 -17.18
N GLU N 504 -97.82 23.15 -16.58
CA GLU N 504 -96.83 22.19 -17.02
C GLU N 504 -96.92 20.93 -16.17
N TYR N 505 -96.87 19.78 -16.83
CA TYR N 505 -96.96 18.50 -16.13
C TYR N 505 -95.82 18.31 -15.14
N LEU N 506 -94.60 18.69 -15.55
CA LEU N 506 -93.42 18.50 -14.73
C LEU N 506 -93.01 19.82 -14.10
N ARG N 507 -92.89 19.84 -12.78
CA ARG N 507 -92.56 21.04 -12.03
C ARG N 507 -91.32 20.82 -11.18
N ALA N 508 -90.76 21.91 -10.70
CA ALA N 508 -89.56 21.84 -9.86
C ALA N 508 -89.86 21.17 -8.53
N GLY N 509 -88.86 20.48 -8.00
CA GLY N 509 -88.99 19.83 -6.71
C GLY N 509 -89.72 18.52 -6.71
N GLN N 510 -90.08 17.99 -7.88
CA GLN N 510 -90.80 16.73 -7.95
C GLN N 510 -89.86 15.55 -7.66
N SER N 511 -90.36 14.58 -6.91
CA SER N 511 -89.59 13.38 -6.64
C SER N 511 -89.47 12.54 -7.91
N VAL N 512 -88.25 12.13 -8.24
CA VAL N 512 -87.99 11.40 -9.48
C VAL N 512 -87.26 10.11 -9.17
N ALA N 513 -87.38 9.16 -10.09
CA ALA N 513 -86.69 7.88 -10.02
C ALA N 513 -86.06 7.57 -11.38
N TYR N 514 -84.91 6.91 -11.35
CA TYR N 514 -84.15 6.60 -12.56
C TYR N 514 -83.97 5.08 -12.63
N PHE N 515 -84.90 4.42 -13.31
CA PHE N 515 -84.82 2.97 -13.45
C PHE N 515 -83.75 2.58 -14.46
N GLY N 516 -82.79 1.79 -14.02
CA GLY N 516 -81.75 1.31 -14.91
C GLY N 516 -80.47 2.09 -14.93
N ALA N 517 -80.05 2.65 -13.79
CA ALA N 517 -78.80 3.38 -13.73
C ALA N 517 -77.63 2.42 -13.92
N SER N 518 -76.61 2.89 -14.65
CA SER N 518 -75.45 2.07 -14.97
C SER N 518 -74.17 2.84 -14.65
N ALA N 519 -73.17 2.11 -14.16
CA ALA N 519 -71.87 2.68 -13.83
C ALA N 519 -70.77 2.25 -14.80
N GLY N 520 -71.15 1.82 -16.00
CA GLY N 520 -70.16 1.33 -16.95
C GLY N 520 -69.19 2.41 -17.39
N HIS N 521 -69.69 3.62 -17.62
CA HIS N 521 -68.85 4.72 -18.09
C HIS N 521 -67.82 5.11 -17.04
N SER N 522 -66.69 5.61 -17.50
CA SER N 522 -65.55 5.89 -16.62
C SER N 522 -65.82 7.09 -15.72
N GLY N 523 -66.60 8.07 -16.20
CA GLY N 523 -66.74 9.34 -15.51
C GLY N 523 -67.27 9.25 -14.09
N ALA N 524 -68.54 8.85 -13.94
CA ALA N 524 -69.18 8.78 -12.63
C ALA N 524 -69.93 7.47 -12.49
N ASP N 525 -70.18 7.08 -11.23
CA ASP N 525 -70.96 5.87 -10.99
C ASP N 525 -72.41 6.05 -11.42
N GLN N 526 -73.03 7.14 -11.00
CA GLN N 526 -74.38 7.46 -11.46
C GLN N 526 -74.32 7.95 -12.90
N PRO N 527 -75.44 7.86 -13.63
CA PRO N 527 -75.46 8.40 -15.00
C PRO N 527 -75.15 9.89 -14.99
N LEU N 528 -74.43 10.31 -16.05
CA LEU N 528 -73.94 11.69 -16.08
C LEU N 528 -75.06 12.70 -16.19
N VAL N 529 -76.28 12.24 -16.50
CA VAL N 529 -77.40 13.17 -16.65
C VAL N 529 -77.82 13.74 -15.30
N ILE N 530 -77.58 13.00 -14.22
CA ILE N 530 -78.11 13.38 -12.92
C ILE N 530 -77.49 14.68 -12.42
N GLU N 531 -76.17 14.83 -12.59
CA GLU N 531 -75.49 15.99 -12.03
C GLU N 531 -75.95 17.32 -12.63
N PRO N 532 -75.96 17.51 -13.95
CA PRO N 532 -76.52 18.77 -14.48
C PRO N 532 -77.98 18.97 -14.13
N TRP N 533 -78.74 17.88 -14.06
CA TRP N 533 -80.14 17.97 -13.66
C TRP N 533 -80.25 18.45 -12.22
N MET N 534 -79.38 17.94 -11.34
CA MET N 534 -79.44 18.31 -9.93
C MET N 534 -78.97 19.74 -9.70
N GLN N 535 -77.87 20.13 -10.32
CA GLN N 535 -77.38 21.50 -10.14
C GLN N 535 -78.14 22.51 -10.97
N GLY N 536 -79.06 22.08 -11.83
CA GLY N 536 -79.82 23.01 -12.63
C GLY N 536 -79.07 23.61 -13.80
N LYS N 537 -77.96 23.00 -14.21
CA LYS N 537 -77.20 23.53 -15.34
C LYS N 537 -78.02 23.49 -16.62
N ILE N 538 -78.80 22.42 -16.82
CA ILE N 538 -79.64 22.32 -18.00
C ILE N 538 -80.73 23.39 -17.94
N SER N 539 -80.92 24.10 -19.05
CA SER N 539 -81.85 25.22 -19.07
C SER N 539 -83.29 24.76 -18.92
N GLY N 540 -83.68 23.74 -19.67
CA GLY N 540 -85.08 23.35 -19.72
C GLY N 540 -85.62 22.82 -18.40
N VAL N 541 -84.84 21.97 -17.73
CA VAL N 541 -85.32 21.23 -16.57
C VAL N 541 -84.95 22.00 -15.31
N PRO N 542 -85.92 22.41 -14.48
CA PRO N 542 -85.58 22.87 -13.14
C PRO N 542 -85.07 21.70 -12.31
N PRO N 543 -84.21 21.97 -11.32
CA PRO N 543 -83.64 20.88 -10.52
C PRO N 543 -84.72 20.17 -9.72
N PRO N 544 -84.62 18.85 -9.57
CA PRO N 544 -85.58 18.11 -8.77
C PRO N 544 -85.16 18.04 -7.30
N SER N 545 -86.10 17.62 -6.46
CA SER N 545 -85.84 17.52 -5.04
C SER N 545 -84.84 16.42 -4.72
N SER N 546 -85.05 15.22 -5.28
CA SER N 546 -84.18 14.10 -5.01
C SER N 546 -84.32 13.07 -6.13
N VAL N 547 -83.25 12.32 -6.35
CA VAL N 547 -83.21 11.28 -7.38
C VAL N 547 -82.82 9.96 -6.73
N ARG N 548 -83.62 8.93 -6.95
CA ARG N 548 -83.33 7.58 -6.47
C ARG N 548 -83.13 6.67 -7.68
N GLN N 549 -82.06 5.88 -7.66
CA GLN N 549 -81.67 5.05 -8.79
C GLN N 549 -81.93 3.58 -8.48
N PHE N 550 -82.54 2.88 -9.44
CA PHE N 550 -82.73 1.44 -9.34
C PHE N 550 -82.26 0.81 -10.65
N GLY N 551 -81.57 -0.31 -10.55
CA GLY N 551 -81.09 -1.00 -11.74
C GLY N 551 -80.18 -2.14 -11.37
N TYR N 552 -79.88 -2.97 -12.37
CA TYR N 552 -78.97 -4.08 -12.16
C TYR N 552 -77.53 -3.62 -11.95
N ASP N 553 -77.12 -2.56 -12.65
CA ASP N 553 -75.74 -2.11 -12.67
C ASP N 553 -75.53 -0.82 -11.88
N VAL N 554 -76.50 -0.42 -11.06
CA VAL N 554 -76.41 0.82 -10.32
C VAL N 554 -75.38 0.69 -9.20
N ALA N 555 -74.65 1.79 -8.95
CA ALA N 555 -73.65 1.82 -7.89
C ALA N 555 -74.04 2.70 -6.72
N LYS N 556 -75.09 3.51 -6.86
CA LYS N 556 -75.54 4.37 -5.77
C LYS N 556 -76.81 3.86 -5.12
N GLY N 557 -77.79 3.41 -5.91
CA GLY N 557 -79.03 2.91 -5.39
C GLY N 557 -79.04 1.39 -5.25
N ALA N 558 -80.20 0.88 -4.81
CA ALA N 558 -80.36 -0.55 -4.62
C ALA N 558 -80.48 -1.26 -5.96
N ILE N 559 -80.11 -2.54 -5.97
CA ILE N 559 -80.23 -3.40 -7.14
C ILE N 559 -81.41 -4.35 -6.94
N VAL N 560 -82.30 -4.40 -7.93
CA VAL N 560 -83.52 -5.18 -7.86
C VAL N 560 -83.81 -5.77 -9.23
N ASP N 561 -84.88 -6.55 -9.31
CA ASP N 561 -85.43 -7.02 -10.57
C ASP N 561 -86.70 -6.22 -10.84
N LEU N 562 -86.63 -5.31 -11.80
CA LEU N 562 -87.70 -4.34 -12.01
C LEU N 562 -89.00 -4.99 -12.47
N ALA N 563 -88.93 -6.18 -13.08
CA ALA N 563 -90.14 -6.84 -13.56
C ALA N 563 -91.05 -7.26 -12.40
N ARG N 564 -90.46 -7.66 -11.29
CA ARG N 564 -91.20 -8.14 -10.13
C ARG N 564 -91.32 -7.06 -9.07
N PRO N 565 -92.33 -7.13 -8.21
CA PRO N 565 -92.54 -6.07 -7.21
C PRO N 565 -91.34 -5.90 -6.29
N PHE N 566 -91.09 -4.65 -5.91
CA PHE N 566 -89.96 -4.26 -5.08
C PHE N 566 -90.41 -3.24 -4.04
N PRO N 567 -89.75 -3.20 -2.89
CA PRO N 567 -90.33 -2.51 -1.71
C PRO N 567 -90.42 -1.00 -1.82
N SER N 568 -89.87 -0.36 -2.86
CA SER N 568 -89.88 1.09 -2.89
C SER N 568 -91.30 1.62 -3.10
N GLY N 569 -91.49 2.88 -2.70
CA GLY N 569 -92.80 3.52 -2.74
C GLY N 569 -93.07 4.23 -4.05
N ASP N 570 -93.93 5.24 -3.98
CA ASP N 570 -94.38 5.96 -5.16
C ASP N 570 -93.54 7.20 -5.41
N TYR N 571 -93.52 7.64 -6.67
CA TYR N 571 -92.80 8.84 -7.08
C TYR N 571 -93.63 9.60 -8.10
N GLN N 572 -93.40 10.91 -8.17
CA GLN N 572 -94.16 11.75 -9.09
C GLN N 572 -93.69 11.59 -10.53
N PHE N 573 -92.39 11.44 -10.74
CA PHE N 573 -91.83 11.30 -12.09
C PHE N 573 -90.95 10.06 -12.11
N VAL N 574 -91.25 9.14 -13.02
CA VAL N 574 -90.53 7.88 -13.13
C VAL N 574 -89.86 7.84 -14.50
N TYR N 575 -88.54 7.71 -14.50
CA TYR N 575 -87.77 7.59 -15.73
C TYR N 575 -87.13 6.21 -15.78
N SER N 576 -87.36 5.50 -16.88
CA SER N 576 -86.89 4.12 -17.03
C SER N 576 -86.09 3.99 -18.31
N ASP N 577 -84.86 3.51 -18.18
CA ASP N 577 -84.00 3.20 -19.33
C ASP N 577 -83.53 1.75 -19.31
N VAL N 578 -84.21 0.89 -18.54
CA VAL N 578 -83.83 -0.51 -18.46
C VAL N 578 -84.13 -1.20 -19.79
N ASP N 579 -83.15 -1.93 -20.31
CA ASP N 579 -83.26 -2.57 -21.60
C ASP N 579 -84.08 -3.86 -21.51
N GLN N 580 -84.42 -4.40 -22.67
CA GLN N 580 -85.27 -5.58 -22.77
C GLN N 580 -84.51 -6.84 -23.15
N VAL N 581 -83.18 -6.81 -23.15
CA VAL N 581 -82.41 -7.94 -23.65
C VAL N 581 -81.82 -8.79 -22.53
N VAL N 582 -81.65 -8.24 -21.33
CA VAL N 582 -81.02 -8.99 -20.25
C VAL N 582 -81.98 -10.01 -19.67
N ASP N 583 -83.10 -9.54 -19.11
CA ASP N 583 -84.06 -10.45 -18.49
C ASP N 583 -84.96 -11.14 -19.51
N GLY N 584 -84.89 -10.74 -20.78
CA GLY N 584 -85.69 -11.35 -21.84
C GLY N 584 -84.78 -12.07 -22.81
N HIS N 585 -85.09 -13.36 -23.04
CA HIS N 585 -84.29 -14.17 -23.94
C HIS N 585 -84.45 -13.69 -25.39
N ASP N 586 -83.78 -14.38 -26.30
CA ASP N 586 -83.71 -13.93 -27.69
C ASP N 586 -85.07 -13.92 -28.38
N ASP N 587 -86.06 -14.60 -27.82
CA ASP N 587 -87.40 -14.60 -28.41
C ASP N 587 -88.03 -13.22 -28.29
N LEU N 588 -88.76 -12.82 -29.34
CA LEU N 588 -89.37 -11.50 -29.37
C LEU N 588 -90.62 -11.41 -28.49
N SER N 589 -91.39 -12.49 -28.41
CA SER N 589 -92.59 -12.47 -27.59
C SER N 589 -92.26 -12.28 -26.12
N ILE N 590 -91.18 -12.91 -25.66
CA ILE N 590 -90.73 -12.71 -24.28
C ILE N 590 -90.32 -11.26 -24.07
N SER N 591 -89.70 -10.64 -25.08
CA SER N 591 -89.35 -9.23 -24.96
C SER N 591 -90.59 -8.35 -24.85
N SER N 592 -91.64 -8.66 -25.64
CA SER N 592 -92.88 -7.89 -25.53
C SER N 592 -93.52 -8.08 -24.16
N GLY N 593 -93.54 -9.31 -23.64
CA GLY N 593 -94.07 -9.53 -22.31
C GLY N 593 -93.28 -8.79 -21.25
N LEU N 594 -91.96 -8.73 -21.42
CA LEU N 594 -91.12 -7.97 -20.50
C LEU N 594 -91.43 -6.47 -20.58
N VAL N 595 -91.68 -5.97 -21.79
CA VAL N 595 -92.10 -4.59 -21.96
C VAL N 595 -93.38 -4.33 -21.18
N GLU N 596 -94.35 -5.23 -21.32
CA GLU N 596 -95.63 -5.08 -20.61
C GLU N 596 -95.42 -5.11 -19.10
N SER N 597 -94.57 -6.02 -18.62
CA SER N 597 -94.32 -6.13 -17.19
C SER N 597 -93.66 -4.88 -16.63
N LEU N 598 -92.65 -4.34 -17.35
CA LEU N 598 -92.03 -3.10 -16.91
C LEU N 598 -93.01 -1.94 -16.95
N LEU N 599 -93.90 -1.91 -17.94
CA LEU N 599 -94.91 -0.87 -18.00
C LEU N 599 -95.84 -0.94 -16.81
N ASP N 600 -96.25 -2.15 -16.44
CA ASP N 600 -97.10 -2.32 -15.25
C ASP N 600 -96.36 -1.88 -13.99
N SER N 601 -95.08 -2.23 -13.89
CA SER N 601 -94.29 -1.82 -12.73
C SER N 601 -94.18 -0.30 -12.64
N CYS N 602 -93.95 0.37 -13.78
CA CYS N 602 -93.86 1.82 -13.79
C CYS N 602 -95.20 2.46 -13.43
N VAL N 603 -96.30 1.90 -13.92
CA VAL N 603 -97.62 2.45 -13.60
C VAL N 603 -97.90 2.27 -12.11
N HIS N 604 -97.48 1.14 -11.53
CA HIS N 604 -97.70 0.93 -10.10
C HIS N 604 -96.80 1.83 -9.26
N ALA N 605 -95.60 2.15 -9.77
CA ALA N 605 -94.63 2.88 -8.96
C ALA N 605 -94.80 4.40 -9.05
N THR N 606 -95.64 4.88 -9.96
CA THR N 606 -95.78 6.32 -10.14
C THR N 606 -96.84 6.89 -9.20
N ALA N 607 -96.82 8.21 -9.04
CA ALA N 607 -97.75 8.89 -8.17
C ALA N 607 -99.14 8.94 -8.81
N PRO N 608 -100.19 9.15 -8.00
CA PRO N 608 -101.54 9.26 -8.57
C PRO N 608 -101.69 10.38 -9.59
N GLY N 609 -100.96 11.49 -9.42
CA GLY N 609 -101.04 12.61 -10.34
C GLY N 609 -99.80 12.89 -11.15
N GLY N 610 -98.84 11.97 -11.18
CA GLY N 610 -97.57 12.21 -11.84
C GLY N 610 -97.53 11.73 -13.27
N SER N 611 -96.32 11.39 -13.71
CA SER N 611 -96.08 10.93 -15.08
C SER N 611 -94.86 10.01 -15.08
N PHE N 612 -94.63 9.35 -16.20
CA PHE N 612 -93.51 8.43 -16.31
C PHE N 612 -92.97 8.40 -17.73
N VAL N 613 -91.75 7.93 -17.87
CA VAL N 613 -91.05 7.82 -19.15
C VAL N 613 -90.62 6.37 -19.33
N MET N 614 -90.89 5.81 -20.51
CA MET N 614 -90.58 4.42 -20.80
C MET N 614 -89.83 4.31 -22.12
N LYS N 615 -88.83 3.43 -22.15
CA LYS N 615 -88.06 3.15 -23.35
C LYS N 615 -88.48 1.80 -23.93
N ILE N 616 -88.82 1.80 -25.22
CA ILE N 616 -89.23 0.59 -25.92
C ILE N 616 -88.07 0.19 -26.84
N ASN N 617 -87.39 -0.90 -26.50
CA ASN N 617 -86.23 -1.32 -27.27
C ASN N 617 -86.64 -1.91 -28.62
N PHE N 618 -87.66 -2.76 -28.63
CA PHE N 618 -88.13 -3.43 -29.83
C PHE N 618 -89.63 -3.20 -29.99
N PRO N 619 -90.04 -2.05 -30.52
CA PRO N 619 -91.46 -1.80 -30.75
C PRO N 619 -92.04 -2.82 -31.74
N THR N 620 -93.28 -3.23 -31.46
CA THR N 620 -93.99 -4.15 -32.34
C THR N 620 -95.49 -3.97 -32.10
N ARG N 621 -96.28 -4.59 -32.98
CA ARG N 621 -97.72 -4.31 -33.01
C ARG N 621 -98.40 -4.71 -31.69
N THR N 622 -98.02 -5.86 -31.12
CA THR N 622 -98.63 -6.27 -29.86
C THR N 622 -98.28 -5.31 -28.73
N VAL N 623 -97.06 -4.76 -28.76
CA VAL N 623 -96.68 -3.75 -27.77
C VAL N 623 -97.56 -2.52 -27.92
N TRP N 624 -97.80 -2.07 -29.16
CA TRP N 624 -98.67 -0.93 -29.38
C TRP N 624 -100.10 -1.20 -28.89
N HIS N 625 -100.60 -2.40 -29.16
CA HIS N 625 -101.94 -2.77 -28.70
C HIS N 625 -102.01 -2.73 -27.18
N TYR N 626 -100.97 -3.24 -26.51
CA TYR N 626 -100.95 -3.19 -25.05
C TYR N 626 -100.90 -1.76 -24.55
N ILE N 627 -100.01 -0.93 -25.15
CA ILE N 627 -99.98 0.50 -24.84
C ILE N 627 -101.38 1.07 -24.85
N GLU N 628 -102.06 0.96 -26.00
CA GLU N 628 -103.40 1.53 -26.11
C GLU N 628 -104.30 0.98 -25.02
N GLN N 629 -104.57 -0.33 -25.07
CA GLN N 629 -105.66 -0.91 -24.30
C GLN N 629 -105.46 -0.73 -22.80
N LYS N 630 -104.21 -0.75 -22.33
CA LYS N 630 -103.98 -0.60 -20.89
C LYS N 630 -103.72 0.84 -20.49
N ILE N 631 -102.70 1.46 -21.07
CA ILE N 631 -102.25 2.76 -20.58
C ILE N 631 -103.25 3.85 -20.96
N LEU N 632 -103.69 3.89 -22.22
CA LEU N 632 -104.36 5.09 -22.70
C LEU N 632 -105.64 5.45 -21.94
N PRO N 633 -106.52 4.51 -21.57
CA PRO N 633 -107.68 4.89 -20.74
C PRO N 633 -107.29 5.53 -19.42
N ASN N 634 -106.13 5.19 -18.85
CA ASN N 634 -105.77 5.63 -17.51
C ASN N 634 -104.80 6.81 -17.49
N VAL N 635 -104.51 7.41 -18.64
CA VAL N 635 -103.61 8.55 -18.70
C VAL N 635 -104.30 9.71 -19.42
N THR N 636 -103.74 10.90 -19.24
CA THR N 636 -104.32 12.11 -19.79
C THR N 636 -103.69 12.51 -21.12
N SER N 637 -102.39 12.31 -21.27
CA SER N 637 -101.71 12.66 -22.51
C SER N 637 -100.44 11.83 -22.64
N TYR N 638 -99.93 11.75 -23.87
CA TYR N 638 -98.73 10.99 -24.16
C TYR N 638 -97.95 11.69 -25.26
N MET N 639 -96.73 11.20 -25.50
CA MET N 639 -95.85 11.78 -26.50
C MET N 639 -94.79 10.76 -26.88
N LEU N 640 -94.49 10.66 -28.17
CA LEU N 640 -93.47 9.76 -28.69
C LEU N 640 -92.26 10.59 -29.12
N ILE N 641 -91.09 10.24 -28.59
CA ILE N 641 -89.85 10.96 -28.87
C ILE N 641 -88.77 9.94 -29.20
N LYS N 642 -87.84 10.32 -30.07
CA LYS N 642 -86.69 9.49 -30.42
C LYS N 642 -85.50 10.38 -30.75
N PRO N 643 -84.53 10.51 -29.84
CA PRO N 643 -83.28 11.15 -30.19
C PRO N 643 -82.46 10.25 -31.11
N PHE N 644 -82.00 10.82 -32.22
CA PHE N 644 -81.29 10.07 -33.25
C PHE N 644 -79.79 10.16 -32.97
N VAL N 645 -79.24 9.08 -32.42
CA VAL N 645 -77.80 8.98 -32.19
C VAL N 645 -77.26 7.79 -32.99
N THR N 646 -78.09 6.76 -33.16
CA THR N 646 -77.71 5.58 -33.89
C THR N 646 -78.95 4.98 -34.54
N ASN N 647 -78.76 4.40 -35.72
CA ASN N 647 -79.88 3.87 -36.49
C ASN N 647 -80.38 2.58 -35.84
N ASN N 648 -81.60 2.62 -35.32
CA ASN N 648 -82.25 1.47 -34.72
C ASN N 648 -83.71 1.83 -34.49
N VAL N 649 -84.48 0.86 -33.96
CA VAL N 649 -85.91 1.06 -33.75
C VAL N 649 -86.21 1.52 -32.33
N GLU N 650 -85.19 1.73 -31.50
CA GLU N 650 -85.41 2.20 -30.14
C GLU N 650 -86.18 3.52 -30.13
N VAL N 651 -87.25 3.56 -29.34
CA VAL N 651 -88.11 4.72 -29.24
C VAL N 651 -88.42 4.97 -27.77
N PHE N 652 -88.76 6.21 -27.45
CA PHE N 652 -89.08 6.62 -26.09
C PHE N 652 -90.55 6.97 -26.00
N PHE N 653 -91.23 6.42 -25.00
CA PHE N 653 -92.64 6.66 -24.75
C PHE N 653 -92.79 7.36 -23.40
N VAL N 654 -93.47 8.50 -23.41
CA VAL N 654 -93.76 9.26 -22.19
C VAL N 654 -95.27 9.46 -22.10
N ALA N 655 -95.80 9.33 -20.89
CA ALA N 655 -97.22 9.49 -20.64
C ALA N 655 -97.42 10.43 -19.46
N PHE N 656 -98.33 11.39 -19.62
CA PHE N 656 -98.61 12.40 -18.61
C PHE N 656 -100.01 12.22 -18.06
N GLY N 657 -100.22 12.70 -16.84
CA GLY N 657 -101.52 12.56 -16.20
C GLY N 657 -101.92 11.12 -15.93
N VAL N 658 -100.97 10.32 -15.43
CA VAL N 658 -101.27 8.92 -15.15
C VAL N 658 -102.28 8.81 -14.02
N HIS N 659 -102.94 7.65 -13.95
CA HIS N 659 -103.96 7.33 -12.94
C HIS N 659 -105.14 8.29 -12.99
N GLN N 660 -105.43 8.85 -14.15
CA GLN N 660 -106.58 9.74 -14.36
C GLN N 660 -107.41 9.18 -15.50
N GLN N 661 -108.69 8.93 -15.23
CA GLN N 661 -109.57 8.37 -16.26
C GLN N 661 -109.71 9.35 -17.42
N SER N 662 -109.55 8.82 -18.63
CA SER N 662 -109.63 9.63 -19.85
C SER N 662 -109.88 8.70 -21.03
N ALA N 663 -110.26 9.31 -22.15
CA ALA N 663 -110.49 8.59 -23.40
C ALA N 663 -109.40 8.99 -24.39
N LEU N 664 -108.41 8.12 -24.56
CA LEU N 664 -107.29 8.38 -25.43
C LEU N 664 -107.12 7.22 -26.42
N THR N 665 -106.55 7.54 -27.57
CA THR N 665 -106.32 6.55 -28.61
C THR N 665 -105.22 7.05 -29.53
N TRP N 666 -104.69 6.13 -30.34
CA TRP N 666 -103.67 6.49 -31.31
C TRP N 666 -104.23 7.43 -32.37
N THR N 667 -103.38 8.31 -32.87
CA THR N 667 -103.76 9.31 -33.86
C THR N 667 -102.95 9.11 -35.14
N SER N 668 -103.34 9.86 -36.18
CA SER N 668 -102.66 9.76 -37.47
C SER N 668 -101.22 10.24 -37.40
N GLY N 669 -100.95 11.24 -36.55
CA GLY N 669 -99.58 11.72 -36.42
C GLY N 669 -98.63 10.64 -35.92
N VAL N 670 -99.09 9.81 -35.00
CA VAL N 670 -98.29 8.67 -34.53
C VAL N 670 -98.00 7.72 -35.69
N TYR N 671 -99.01 7.45 -36.52
CA TYR N 671 -98.82 6.59 -37.66
C TYR N 671 -97.76 7.14 -38.61
N PHE N 672 -97.85 8.44 -38.92
CA PHE N 672 -96.87 9.05 -39.81
C PHE N 672 -95.48 9.00 -39.21
N PHE N 673 -95.36 9.31 -37.91
CA PHE N 673 -94.05 9.29 -37.26
C PHE N 673 -93.45 7.89 -37.28
N LEU N 674 -94.27 6.87 -37.00
CA LEU N 674 -93.77 5.50 -37.01
C LEU N 674 -93.33 5.08 -38.41
N VAL N 675 -94.11 5.43 -39.43
CA VAL N 675 -93.74 5.06 -40.79
C VAL N 675 -92.43 5.72 -41.18
N ASP N 676 -92.28 7.01 -40.86
CA ASP N 676 -91.04 7.70 -41.19
C ASP N 676 -89.86 7.11 -40.43
N HIS N 677 -90.05 6.75 -39.16
CA HIS N 677 -89.00 6.13 -38.38
C HIS N 677 -88.54 4.82 -39.00
N PHE N 678 -89.51 3.95 -39.33
CA PHE N 678 -89.15 2.66 -39.92
C PHE N 678 -88.47 2.82 -41.26
N TYR N 679 -88.97 3.74 -42.10
CA TYR N 679 -88.35 3.95 -43.40
C TYR N 679 -86.93 4.47 -43.27
N ARG N 680 -86.71 5.42 -42.36
CA ARG N 680 -85.37 5.95 -42.14
C ARG N 680 -84.42 4.87 -41.65
N TYR N 681 -84.87 4.04 -40.70
CA TYR N 681 -84.00 2.96 -40.24
C TYR N 681 -83.69 1.99 -41.36
N GLU N 682 -84.68 1.64 -42.17
CA GLU N 682 -84.46 0.70 -43.27
C GLU N 682 -83.43 1.24 -44.25
N THR N 683 -83.61 2.48 -44.70
CA THR N 683 -82.68 3.02 -45.69
C THR N 683 -81.28 3.17 -45.12
N LEU N 684 -81.16 3.64 -43.86
CA LEU N 684 -79.84 3.81 -43.28
C LEU N 684 -79.13 2.47 -43.09
N SER N 685 -79.86 1.44 -42.64
CA SER N 685 -79.26 0.12 -42.50
C SER N 685 -78.83 -0.43 -43.85
N ALA N 686 -79.66 -0.27 -44.87
CA ALA N 686 -79.32 -0.76 -46.21
C ALA N 686 -78.08 -0.07 -46.74
N ILE N 687 -77.95 1.24 -46.50
CA ILE N 687 -76.76 1.95 -46.96
C ILE N 687 -75.53 1.51 -46.16
N SER N 688 -75.68 1.34 -44.85
CA SER N 688 -74.52 1.02 -44.02
C SER N 688 -74.05 -0.41 -44.19
N ARG N 689 -74.91 -1.30 -44.70
CA ARG N 689 -74.51 -2.69 -44.89
C ARG N 689 -73.46 -2.86 -45.98
N GLN N 690 -73.21 -1.83 -46.80
CA GLN N 690 -72.29 -1.93 -47.91
C GLN N 690 -70.92 -1.34 -47.61
N LEU N 691 -70.62 -1.07 -46.35
CA LEU N 691 -69.34 -0.49 -45.98
C LEU N 691 -68.42 -1.55 -45.39
N PRO N 692 -67.10 -1.39 -45.53
CA PRO N 692 -66.18 -2.35 -44.92
C PRO N 692 -66.19 -2.27 -43.40
N SER N 693 -65.74 -3.35 -42.77
CA SER N 693 -65.71 -3.42 -41.32
C SER N 693 -64.80 -2.34 -40.74
N PHE N 694 -64.85 -2.18 -39.43
CA PHE N 694 -64.18 -1.08 -38.74
C PHE N 694 -62.68 -1.11 -38.96
N GLY N 695 -62.00 -2.13 -38.44
CA GLY N 695 -60.59 -2.29 -38.71
C GLY N 695 -60.32 -3.44 -39.66
N TYR N 696 -60.04 -3.13 -40.92
CA TYR N 696 -59.92 -4.14 -41.95
C TYR N 696 -58.65 -3.92 -42.76
N VAL N 697 -58.20 -4.99 -43.40
CA VAL N 697 -57.09 -4.92 -44.36
C VAL N 697 -57.68 -4.83 -45.76
N ASP N 698 -57.19 -3.87 -46.53
CA ASP N 698 -57.74 -3.59 -47.86
C ASP N 698 -56.98 -4.42 -48.89
N ASP N 699 -57.67 -5.36 -49.53
CA ASP N 699 -57.10 -6.17 -50.59
C ASP N 699 -57.66 -5.80 -51.96
N GLY N 700 -58.48 -4.75 -52.04
CA GLY N 700 -59.09 -4.33 -53.28
C GLY N 700 -60.40 -5.03 -53.61
N SER N 701 -60.80 -6.03 -52.82
CA SER N 701 -62.04 -6.73 -53.08
C SER N 701 -63.25 -5.84 -52.83
N SER N 702 -63.24 -5.10 -51.72
CA SER N 702 -64.36 -4.23 -51.40
C SER N 702 -64.48 -3.08 -52.39
N VAL N 703 -65.73 -2.70 -52.68
CA VAL N 703 -65.96 -1.60 -53.61
C VAL N 703 -65.45 -0.28 -53.04
N THR N 704 -65.56 -0.09 -51.73
CA THR N 704 -65.10 1.12 -51.07
C THR N 704 -63.83 0.81 -50.30
N GLY N 705 -62.81 1.64 -50.47
CA GLY N 705 -61.54 1.44 -49.80
C GLY N 705 -60.50 2.38 -50.36
N ILE N 706 -59.26 2.16 -49.91
CA ILE N 706 -58.12 2.99 -50.30
C ILE N 706 -57.31 2.23 -51.34
N GLU N 707 -56.81 2.95 -52.34
CA GLU N 707 -55.94 2.40 -53.38
C GLU N 707 -54.65 3.18 -53.37
N ILE N 708 -53.52 2.47 -53.24
CA ILE N 708 -52.21 3.09 -53.10
C ILE N 708 -51.21 2.34 -53.98
N ILE N 709 -50.43 3.09 -54.76
CA ILE N 709 -49.31 2.54 -55.50
C ILE N 709 -48.08 3.40 -55.22
N SER N 710 -46.91 2.83 -55.43
CA SER N 710 -45.65 3.52 -55.19
C SER N 710 -44.67 3.19 -56.30
N ILE N 711 -44.06 4.23 -56.87
CA ILE N 711 -43.05 4.09 -57.92
C ILE N 711 -41.73 4.58 -57.35
N GLU N 712 -40.71 3.74 -57.42
CA GLU N 712 -39.39 4.06 -56.89
C GLU N 712 -38.42 4.35 -58.02
N ASN N 713 -37.57 5.35 -57.81
CA ASN N 713 -36.66 5.85 -58.83
C ASN N 713 -37.43 6.21 -60.10
N PRO N 714 -38.35 7.17 -60.03
CA PRO N 714 -39.26 7.42 -61.16
C PRO N 714 -38.55 8.01 -62.36
N GLY N 715 -39.15 7.76 -63.52
CA GLY N 715 -38.59 8.21 -64.79
C GLY N 715 -39.49 9.16 -65.55
N PHE N 716 -40.07 10.14 -64.86
CA PHE N 716 -41.04 11.03 -65.48
C PHE N 716 -40.49 11.70 -66.74
N SER N 717 -39.20 12.03 -66.75
CA SER N 717 -38.62 12.73 -67.89
C SER N 717 -38.71 11.89 -69.16
N ASN N 718 -38.40 10.60 -69.08
CA ASN N 718 -38.52 9.66 -70.19
C ASN N 718 -39.31 8.47 -69.66
N MET N 719 -40.63 8.56 -69.72
CA MET N 719 -41.47 7.52 -69.15
C MET N 719 -41.34 6.23 -69.96
N THR N 720 -41.26 5.11 -69.25
CA THR N 720 -40.96 3.82 -69.86
C THR N 720 -42.21 3.00 -70.16
N GLN N 721 -43.35 3.64 -70.33
CA GLN N 721 -44.62 2.98 -70.64
C GLN N 721 -45.07 1.99 -69.56
N ALA N 722 -44.42 1.99 -68.40
CA ALA N 722 -44.80 1.15 -67.28
C ALA N 722 -45.35 1.97 -66.13
N ALA N 723 -44.58 2.94 -65.63
CA ALA N 723 -45.10 3.83 -64.60
C ALA N 723 -46.28 4.64 -65.13
N ARG N 724 -46.21 5.06 -66.40
CA ARG N 724 -47.31 5.79 -67.00
C ARG N 724 -48.58 4.96 -67.02
N VAL N 725 -48.47 3.70 -67.44
CA VAL N 725 -49.63 2.81 -67.49
C VAL N 725 -50.15 2.56 -66.07
N GLY N 726 -49.26 2.35 -65.11
CA GLY N 726 -49.70 2.13 -63.75
C GLY N 726 -50.46 3.31 -63.17
N ILE N 727 -49.94 4.52 -63.37
CA ILE N 727 -50.62 5.71 -62.84
C ILE N 727 -51.93 5.94 -63.57
N SER N 728 -51.97 5.68 -64.88
CA SER N 728 -53.22 5.81 -65.62
C SER N 728 -54.27 4.83 -65.11
N GLY N 729 -53.86 3.59 -64.85
CA GLY N 729 -54.79 2.62 -64.28
C GLY N 729 -55.27 3.00 -62.90
N LEU N 730 -54.37 3.55 -62.08
CA LEU N 730 -54.78 4.05 -60.78
C LEU N 730 -55.81 5.16 -60.92
N CYS N 731 -55.57 6.08 -61.84
CA CYS N 731 -56.51 7.18 -62.06
C CYS N 731 -57.86 6.66 -62.53
N ALA N 732 -57.85 5.65 -63.40
CA ALA N 732 -59.10 5.04 -63.85
C ALA N 732 -59.84 4.39 -62.69
N ASN N 733 -59.11 3.73 -61.79
CA ASN N 733 -59.74 3.11 -60.62
C ASN N 733 -60.31 4.16 -59.68
N VAL N 734 -59.60 5.29 -59.52
CA VAL N 734 -60.05 6.32 -58.59
C VAL N 734 -61.35 6.96 -59.05
N GLY N 735 -61.42 7.35 -60.32
CA GLY N 735 -62.63 7.96 -60.85
C GLY N 735 -62.99 9.28 -60.23
N ASN N 736 -62.18 10.31 -60.48
CA ASN N 736 -62.42 11.72 -60.17
C ASN N 736 -62.34 12.04 -58.68
N ALA N 737 -62.01 11.09 -57.83
CA ALA N 737 -61.84 11.41 -56.42
C ALA N 737 -60.51 12.13 -56.18
N ARG N 738 -60.38 12.72 -54.99
CA ARG N 738 -59.17 13.45 -54.67
C ARG N 738 -57.97 12.51 -54.63
N LYS N 739 -56.85 12.99 -55.18
CA LYS N 739 -55.62 12.23 -55.24
C LYS N 739 -54.48 13.03 -54.62
N SER N 740 -53.65 12.35 -53.84
CA SER N 740 -52.54 12.98 -53.13
C SER N 740 -51.24 12.27 -53.49
N ILE N 741 -50.18 13.06 -53.67
CA ILE N 741 -48.86 12.54 -54.04
C ILE N 741 -47.87 12.96 -52.96
N ALA N 742 -46.81 12.18 -52.81
CA ALA N 742 -45.74 12.46 -51.85
C ALA N 742 -44.43 11.89 -52.37
N ILE N 743 -43.37 12.68 -52.27
CA ILE N 743 -42.04 12.28 -52.71
C ILE N 743 -41.12 12.30 -51.50
N TYR N 744 -40.49 11.17 -51.20
CA TYR N 744 -39.65 11.06 -50.03
C TYR N 744 -38.61 9.97 -50.24
N GLU N 745 -37.89 9.66 -49.16
CA GLU N 745 -36.80 8.69 -49.18
C GLU N 745 -37.18 7.44 -48.40
N SER N 746 -36.81 6.28 -48.94
CA SER N 746 -37.13 5.01 -48.29
C SER N 746 -36.06 3.99 -48.66
N HIS N 747 -35.14 3.73 -47.72
CA HIS N 747 -34.13 2.69 -47.87
C HIS N 747 -33.27 2.88 -49.12
N GLY N 748 -32.72 4.09 -49.25
CA GLY N 748 -31.78 4.37 -50.30
C GLY N 748 -32.38 4.59 -51.68
N ALA N 749 -33.70 4.68 -51.78
CA ALA N 749 -34.36 4.94 -53.04
C ALA N 749 -35.41 6.03 -52.86
N ARG N 750 -35.60 6.83 -53.90
CA ARG N 750 -36.59 7.89 -53.91
C ARG N 750 -37.88 7.34 -54.48
N VAL N 751 -38.96 7.41 -53.70
CA VAL N 751 -40.23 6.80 -54.04
C VAL N 751 -41.33 7.86 -54.01
N LEU N 752 -42.26 7.76 -54.95
CA LEU N 752 -43.43 8.62 -55.01
C LEU N 752 -44.67 7.77 -54.79
N THR N 753 -45.51 8.21 -53.85
CA THR N 753 -46.71 7.46 -53.46
C THR N 753 -47.95 8.26 -53.79
N ILE N 754 -48.92 7.59 -54.42
CA ILE N 754 -50.22 8.20 -54.74
C ILE N 754 -51.29 7.43 -54.00
N THR N 755 -52.17 8.15 -53.32
CA THR N 755 -53.25 7.55 -52.54
C THR N 755 -54.57 8.21 -52.88
N SER N 756 -55.63 7.40 -52.89
CA SER N 756 -56.99 7.88 -53.10
C SER N 756 -57.94 6.76 -52.71
N ARG N 757 -59.23 6.94 -53.00
CA ARG N 757 -60.27 6.04 -52.54
C ARG N 757 -61.19 5.66 -53.70
N ARG N 758 -61.59 4.39 -53.74
CA ARG N 758 -62.55 3.91 -54.73
C ARG N 758 -63.97 4.22 -54.28
N SER N 759 -64.93 3.93 -55.16
CA SER N 759 -66.33 4.21 -54.91
C SER N 759 -67.16 3.48 -55.96
N PRO N 760 -68.44 3.22 -55.67
CA PRO N 760 -69.30 2.62 -56.72
C PRO N 760 -69.41 3.48 -57.96
N ALA N 761 -69.42 4.80 -57.80
CA ALA N 761 -69.43 5.69 -58.96
C ALA N 761 -68.16 5.52 -59.78
N SER N 762 -67.01 5.33 -59.11
CA SER N 762 -65.77 5.09 -59.82
C SER N 762 -65.83 3.81 -60.64
N ALA N 763 -66.39 2.75 -60.07
CA ALA N 763 -66.54 1.49 -60.81
C ALA N 763 -67.49 1.67 -61.98
N ARG N 764 -68.57 2.42 -61.78
CA ARG N 764 -69.52 2.68 -62.86
C ARG N 764 -68.84 3.41 -64.01
N ARG N 765 -68.02 4.41 -63.69
CA ARG N 765 -67.29 5.12 -64.74
C ARG N 765 -66.27 4.20 -65.41
N LYS N 766 -65.58 3.36 -64.63
CA LYS N 766 -64.56 2.48 -65.18
C LYS N 766 -65.17 1.48 -66.16
N ALA N 767 -66.36 0.96 -65.85
CA ALA N 767 -67.02 0.02 -66.76
C ALA N 767 -67.32 0.66 -68.11
N ARG N 768 -67.36 2.00 -68.19
CA ARG N 768 -67.59 2.71 -69.43
C ARG N 768 -66.34 2.85 -70.28
N LEU N 769 -65.18 2.47 -69.76
CA LEU N 769 -63.90 2.70 -70.44
C LEU N 769 -63.60 1.50 -71.34
N ARG N 770 -63.60 1.72 -72.65
CA ARG N 770 -63.20 0.68 -73.59
C ARG N 770 -61.69 0.51 -73.60
N TYR N 771 -60.94 1.62 -73.60
CA TYR N 771 -59.49 1.60 -73.56
C TYR N 771 -59.01 2.44 -72.40
N LEU N 772 -57.90 2.03 -71.79
CA LEU N 772 -57.33 2.79 -70.69
C LEU N 772 -56.70 4.07 -71.22
N PRO N 773 -57.08 5.25 -70.71
CA PRO N 773 -56.49 6.49 -71.20
C PRO N 773 -55.20 6.84 -70.45
N LEU N 774 -54.15 7.18 -71.19
CA LEU N 774 -52.90 7.58 -70.58
C LEU N 774 -52.96 9.03 -70.14
N ILE N 775 -52.06 9.39 -69.24
CA ILE N 775 -52.02 10.72 -68.67
C ILE N 775 -50.80 11.47 -69.19
N ASP N 776 -50.76 12.78 -68.95
CA ASP N 776 -49.61 13.59 -69.31
C ASP N 776 -48.75 13.78 -68.08
N PRO N 777 -47.54 13.24 -68.02
CA PRO N 777 -46.72 13.31 -66.80
C PRO N 777 -45.88 14.58 -66.65
N ARG N 778 -46.16 15.62 -67.43
CA ARG N 778 -45.39 16.86 -67.28
C ARG N 778 -45.62 17.49 -65.91
N SER N 779 -46.87 17.47 -65.43
CA SER N 779 -47.18 18.09 -64.15
C SER N 779 -46.40 17.43 -63.01
N LEU N 780 -46.27 16.10 -63.06
CA LEU N 780 -45.45 15.41 -62.07
C LEU N 780 -43.97 15.67 -62.30
N GLU N 781 -43.56 15.86 -63.55
CA GLU N 781 -42.15 16.00 -63.86
C GLU N 781 -41.60 17.35 -63.44
N VAL N 782 -42.43 18.40 -63.42
CA VAL N 782 -41.92 19.76 -63.22
C VAL N 782 -41.26 19.91 -61.86
N GLN N 783 -41.95 19.52 -60.79
CA GLN N 783 -41.44 19.82 -59.46
C GLN N 783 -40.32 18.88 -59.08
N ALA N 784 -39.37 19.39 -58.30
CA ALA N 784 -38.25 18.61 -57.77
C ALA N 784 -38.06 19.02 -56.31
N ARG N 785 -38.74 18.30 -55.41
CA ARG N 785 -38.72 18.62 -53.99
C ARG N 785 -38.97 17.33 -53.22
N THR N 786 -39.23 17.46 -51.92
CA THR N 786 -39.54 16.34 -51.06
C THR N 786 -40.86 16.59 -50.34
N ILE N 787 -41.78 15.64 -50.46
CA ILE N 787 -43.10 15.72 -49.83
C ILE N 787 -43.22 14.53 -48.89
N LEU N 788 -43.26 14.81 -47.59
CA LEU N 788 -43.32 13.73 -46.60
C LEU N 788 -44.64 12.99 -46.71
N PRO N 789 -44.64 11.68 -46.55
CA PRO N 789 -45.89 10.90 -46.66
C PRO N 789 -46.72 11.04 -45.39
N SER N 790 -47.83 10.30 -45.36
CA SER N 790 -48.74 10.33 -44.22
C SER N 790 -49.46 9.00 -44.14
N ASN N 791 -49.99 8.71 -42.95
CA ASN N 791 -50.73 7.48 -42.74
C ASN N 791 -52.08 7.57 -43.45
N PRO N 792 -52.39 6.64 -44.36
CA PRO N 792 -53.66 6.73 -45.09
C PRO N 792 -54.85 6.61 -44.15
N VAL N 793 -55.89 7.39 -44.43
CA VAL N 793 -57.14 7.38 -43.67
C VAL N 793 -58.29 7.22 -44.64
N LEU N 794 -59.18 6.26 -44.36
CA LEU N 794 -60.29 5.99 -45.26
C LEU N 794 -61.25 7.18 -45.32
N PHE N 795 -61.81 7.55 -44.17
CA PHE N 795 -62.70 8.72 -44.09
C PHE N 795 -61.87 9.90 -43.58
N ASP N 796 -61.20 10.55 -44.54
CA ASP N 796 -60.18 11.55 -44.20
C ASP N 796 -60.80 12.81 -43.62
N ASN N 797 -61.95 13.24 -44.13
CA ASN N 797 -62.53 14.52 -43.74
C ASN N 797 -62.87 14.57 -42.26
N ILE N 798 -62.11 15.35 -41.49
CA ILE N 798 -62.42 15.52 -40.08
C ILE N 798 -63.70 16.32 -39.91
N ASN N 799 -63.82 17.42 -40.64
CA ASN N 799 -65.03 18.24 -40.58
C ASN N 799 -66.12 17.64 -41.47
N GLY N 800 -67.36 18.02 -41.17
CA GLY N 800 -68.48 17.54 -41.95
C GLY N 800 -68.54 18.16 -43.33
N ALA N 801 -69.28 17.51 -44.21
CA ALA N 801 -69.46 18.01 -45.56
C ALA N 801 -70.25 19.32 -45.56
N SER N 802 -69.87 20.22 -46.46
CA SER N 802 -70.56 21.50 -46.56
C SER N 802 -71.99 21.30 -47.07
N PRO N 803 -72.92 22.17 -46.65
CA PRO N 803 -74.31 22.03 -47.13
C PRO N 803 -74.44 22.11 -48.63
N HIS N 804 -73.61 22.92 -49.30
CA HIS N 804 -73.66 22.98 -50.76
C HIS N 804 -73.29 21.64 -51.37
N VAL N 805 -72.27 20.97 -50.80
CA VAL N 805 -71.88 19.65 -51.27
C VAL N 805 -73.01 18.66 -51.09
N CYS N 806 -73.70 18.73 -49.94
CA CYS N 806 -74.83 17.82 -49.71
C CYS N 806 -75.96 18.08 -50.68
N LEU N 807 -76.25 19.36 -50.97
CA LEU N 807 -77.29 19.68 -51.95
C LEU N 807 -76.93 19.15 -53.32
N THR N 808 -75.68 19.33 -53.73
CA THR N 808 -75.23 18.79 -55.01
C THR N 808 -75.33 17.26 -55.03
N MET N 809 -75.01 16.63 -53.91
CA MET N 809 -75.12 15.18 -53.82
C MET N 809 -76.57 14.71 -53.97
N MET N 810 -77.51 15.44 -53.35
CA MET N 810 -78.92 15.10 -53.50
C MET N 810 -79.37 15.26 -54.94
N TYR N 811 -78.95 16.34 -55.60
CA TYR N 811 -79.30 16.53 -57.01
C TYR N 811 -78.74 15.40 -57.87
N ASN N 812 -77.48 15.02 -57.62
CA ASN N 812 -76.86 13.94 -58.37
C ASN N 812 -77.58 12.62 -58.12
N PHE N 813 -77.97 12.37 -56.87
CA PHE N 813 -78.68 11.13 -56.56
C PHE N 813 -80.03 11.07 -57.26
N GLU N 814 -80.76 12.19 -57.29
CA GLU N 814 -82.03 12.21 -58.00
C GLU N 814 -81.82 11.99 -59.50
N VAL N 815 -80.79 12.59 -60.08
CA VAL N 815 -80.50 12.40 -61.49
C VAL N 815 -80.19 10.94 -61.78
N SER N 816 -79.36 10.32 -60.93
CA SER N 816 -78.98 8.92 -61.15
C SER N 816 -80.18 8.00 -60.99
N SER N 817 -81.04 8.27 -60.01
CA SER N 817 -82.21 7.42 -59.80
C SER N 817 -83.21 7.56 -60.94
N ALA N 818 -83.37 8.76 -61.48
CA ALA N 818 -84.36 8.97 -62.54
C ALA N 818 -84.02 8.20 -63.81
N VAL N 819 -82.73 8.15 -64.17
CA VAL N 819 -82.34 7.54 -65.43
C VAL N 819 -82.33 6.02 -65.30
N TYR N 820 -82.58 5.34 -66.41
CA TYR N 820 -82.61 3.89 -66.49
C TYR N 820 -81.56 3.39 -67.47
N ASP N 821 -81.41 2.07 -67.52
CA ASP N 821 -80.43 1.44 -68.39
C ASP N 821 -80.82 1.62 -69.85
N GLY N 822 -79.81 1.87 -70.69
CA GLY N 822 -80.04 1.93 -72.12
C GLY N 822 -80.81 3.14 -72.60
N ASP N 823 -80.82 4.23 -71.84
CA ASP N 823 -81.53 5.45 -72.19
C ASP N 823 -80.52 6.55 -72.50
N VAL N 824 -80.68 7.19 -73.65
CA VAL N 824 -79.81 8.30 -74.02
C VAL N 824 -80.16 9.53 -73.18
N VAL N 825 -79.14 10.21 -72.68
CA VAL N 825 -79.31 11.33 -71.78
C VAL N 825 -78.56 12.54 -72.34
N LEU N 826 -79.15 13.72 -72.18
CA LEU N 826 -78.56 14.98 -72.62
C LEU N 826 -78.40 15.88 -71.40
N ASP N 827 -77.21 16.46 -71.25
CA ASP N 827 -76.88 17.29 -70.09
C ASP N 827 -76.69 18.73 -70.55
N LEU N 828 -77.60 19.61 -70.13
CA LEU N 828 -77.48 21.03 -70.48
C LEU N 828 -76.34 21.68 -69.72
N GLY N 829 -76.25 21.44 -68.42
CA GLY N 829 -75.23 22.06 -67.60
C GLY N 829 -74.25 21.08 -67.00
N THR N 830 -72.99 21.15 -67.46
CA THR N 830 -71.94 20.28 -66.95
C THR N 830 -70.68 21.10 -66.75
N GLY N 831 -69.88 20.70 -65.76
CA GLY N 831 -68.59 21.31 -65.53
C GLY N 831 -67.49 20.54 -66.22
N PRO N 832 -66.25 21.04 -66.12
CA PRO N 832 -65.12 20.30 -66.70
C PRO N 832 -64.87 18.96 -66.02
N GLU N 833 -65.37 18.77 -64.80
CA GLU N 833 -65.21 17.49 -64.12
C GLU N 833 -66.03 16.39 -64.80
N ALA N 834 -67.19 16.75 -65.36
CA ALA N 834 -68.09 15.82 -66.02
C ALA N 834 -68.51 14.69 -65.06
N LYS N 835 -69.20 15.10 -63.99
CA LYS N 835 -69.67 14.15 -62.99
C LYS N 835 -70.81 13.27 -63.50
N ILE N 836 -71.47 13.68 -64.60
CA ILE N 836 -72.59 12.91 -65.13
C ILE N 836 -72.17 11.52 -65.59
N LEU N 837 -70.89 11.33 -65.91
CA LEU N 837 -70.43 10.02 -66.36
C LEU N 837 -70.60 8.97 -65.28
N GLU N 838 -70.30 9.33 -64.03
CA GLU N 838 -70.42 8.38 -62.92
C GLU N 838 -71.87 8.14 -62.53
N LEU N 839 -72.76 9.09 -62.83
CA LEU N 839 -74.15 8.96 -62.42
C LEU N 839 -74.90 7.98 -63.31
N ILE N 840 -74.82 8.18 -64.63
CA ILE N 840 -75.59 7.41 -65.60
C ILE N 840 -75.09 5.97 -65.65
N PRO N 841 -75.91 5.03 -66.11
CA PRO N 841 -75.42 3.65 -66.28
C PRO N 841 -74.29 3.59 -67.30
N SER N 842 -73.44 2.58 -67.15
CA SER N 842 -72.21 2.49 -67.94
C SER N 842 -72.46 2.31 -69.43
N THR N 843 -73.66 1.87 -69.82
CA THR N 843 -73.96 1.63 -71.22
C THR N 843 -75.03 2.56 -71.77
N SER N 844 -75.29 3.67 -71.09
CA SER N 844 -76.27 4.65 -71.53
C SER N 844 -75.55 5.82 -72.19
N PRO N 845 -75.79 6.09 -73.47
CA PRO N 845 -75.06 7.18 -74.14
C PRO N 845 -75.39 8.54 -73.55
N VAL N 846 -74.42 9.44 -73.60
CA VAL N 846 -74.52 10.76 -73.00
C VAL N 846 -74.00 11.80 -73.98
N THR N 847 -74.67 12.96 -74.00
CA THR N 847 -74.20 14.13 -74.72
C THR N 847 -74.04 15.29 -73.74
N CYS N 848 -72.85 15.86 -73.69
CA CYS N 848 -72.53 16.93 -72.75
C CYS N 848 -72.41 18.25 -73.49
N VAL N 849 -73.08 19.27 -72.97
CA VAL N 849 -73.07 20.62 -73.56
C VAL N 849 -72.48 21.57 -72.55
N ASP N 850 -71.45 22.31 -72.94
CA ASP N 850 -70.69 23.16 -72.04
C ASP N 850 -70.42 24.50 -72.71
N ILE N 851 -69.77 25.39 -71.96
CA ILE N 851 -69.18 26.59 -72.53
C ILE N 851 -67.67 26.64 -72.32
N ARG N 852 -67.12 25.78 -71.48
CA ARG N 852 -65.72 25.61 -71.18
C ARG N 852 -65.21 24.28 -71.75
N PRO N 853 -63.94 24.20 -72.15
CA PRO N 853 -63.42 22.94 -72.67
C PRO N 853 -63.51 21.82 -71.65
N THR N 854 -63.81 20.62 -72.14
CA THR N 854 -63.94 19.46 -71.26
C THR N 854 -62.57 18.89 -70.91
N ALA N 855 -62.53 18.14 -69.81
CA ALA N 855 -61.28 17.53 -69.35
C ALA N 855 -61.21 16.03 -69.57
N GLN N 856 -62.34 15.37 -69.82
CA GLN N 856 -62.34 13.94 -70.02
C GLN N 856 -61.75 13.58 -71.38
N PRO N 857 -61.11 12.42 -71.50
CA PRO N 857 -60.58 12.00 -72.81
C PRO N 857 -61.71 11.61 -73.74
N ASN N 858 -61.71 12.19 -74.95
CA ASN N 858 -62.79 11.98 -75.89
C ASN N 858 -62.71 10.63 -76.59
N GLY N 859 -61.50 10.10 -76.77
CA GLY N 859 -61.31 8.92 -77.61
C GLY N 859 -61.88 7.62 -77.08
N CYS N 860 -61.39 7.16 -75.94
CA CYS N 860 -61.70 5.82 -75.44
C CYS N 860 -62.98 5.86 -74.63
N TRP N 861 -64.08 5.37 -75.23
CA TRP N 861 -65.35 5.21 -74.54
C TRP N 861 -66.09 4.04 -75.17
N ASN N 862 -66.66 3.20 -74.30
CA ASN N 862 -67.36 2.01 -74.79
C ASN N 862 -68.57 2.38 -75.64
N VAL N 863 -69.33 3.39 -75.20
CA VAL N 863 -70.51 3.84 -75.92
C VAL N 863 -70.25 5.25 -76.44
N ARG N 864 -71.22 5.78 -77.18
CA ARG N 864 -71.08 7.09 -77.80
C ARG N 864 -71.23 8.17 -76.73
N THR N 865 -70.11 8.76 -76.32
CA THR N 865 -70.10 9.89 -75.39
C THR N 865 -69.42 11.05 -76.09
N THR N 866 -70.14 12.18 -76.21
CA THR N 866 -69.64 13.34 -76.92
C THR N 866 -69.80 14.59 -76.07
N PHE N 867 -68.88 15.53 -76.26
CA PHE N 867 -68.88 16.79 -75.53
C PHE N 867 -68.98 17.93 -76.54
N LEU N 868 -69.86 18.88 -76.26
CA LEU N 868 -70.04 20.07 -77.09
C LEU N 868 -69.80 21.30 -76.25
N GLU N 869 -69.17 22.32 -76.85
CA GLU N 869 -68.91 23.58 -76.17
C GLU N 869 -69.74 24.66 -76.89
N LEU N 870 -71.02 24.75 -76.52
CA LEU N 870 -71.92 25.76 -77.03
C LEU N 870 -72.82 26.23 -75.89
N ASP N 871 -73.13 27.52 -75.91
CA ASP N 871 -74.07 28.07 -74.92
C ASP N 871 -75.44 27.46 -75.15
N TYR N 872 -75.88 26.59 -74.24
CA TYR N 872 -77.13 25.88 -74.44
C TYR N 872 -78.33 26.81 -74.40
N LEU N 873 -78.17 28.03 -73.93
CA LEU N 873 -79.23 29.03 -74.06
C LEU N 873 -79.38 29.49 -75.51
N SER N 874 -78.31 29.44 -76.28
CA SER N 874 -78.36 29.89 -77.66
C SER N 874 -79.15 28.89 -78.52
N ASP N 875 -79.60 29.38 -79.67
CA ASP N 875 -80.42 28.59 -80.59
C ASP N 875 -79.58 28.06 -81.74
N GLY N 876 -80.15 27.12 -82.48
CA GLY N 876 -79.55 26.59 -83.69
C GLY N 876 -78.81 25.29 -83.53
N TRP N 877 -78.66 24.77 -82.31
CA TRP N 877 -77.90 23.56 -82.08
C TRP N 877 -78.76 22.36 -81.67
N ILE N 878 -79.94 22.60 -81.10
CA ILE N 878 -80.72 21.53 -80.48
C ILE N 878 -81.28 20.55 -81.50
N THR N 879 -81.34 20.92 -82.78
CA THR N 879 -82.00 20.08 -83.77
C THR N 879 -81.26 18.76 -83.97
N GLY N 880 -79.94 18.81 -84.12
CA GLY N 880 -79.19 17.60 -84.43
C GLY N 880 -79.17 16.59 -83.31
N VAL N 881 -78.99 17.05 -82.07
CA VAL N 881 -78.83 16.13 -80.94
C VAL N 881 -80.14 15.41 -80.65
N ARG N 882 -80.01 14.24 -80.03
CA ARG N 882 -81.15 13.42 -79.64
C ARG N 882 -80.96 12.95 -78.20
N GLY N 883 -82.07 12.89 -77.46
CA GLY N 883 -82.04 12.42 -76.09
C GLY N 883 -83.42 12.39 -75.45
N ASP N 884 -83.76 11.27 -74.81
CA ASP N 884 -85.08 11.14 -74.21
C ASP N 884 -85.19 11.88 -72.89
N ILE N 885 -84.11 12.00 -72.13
CA ILE N 885 -84.11 12.65 -70.83
C ILE N 885 -83.11 13.81 -70.88
N VAL N 886 -83.52 14.97 -70.36
CA VAL N 886 -82.71 16.17 -70.32
C VAL N 886 -82.51 16.57 -68.87
N THR N 887 -81.27 16.81 -68.48
CA THR N 887 -80.91 17.17 -67.11
C THR N 887 -80.17 18.50 -67.11
N CYS N 888 -80.49 19.35 -66.14
CA CYS N 888 -79.84 20.66 -66.00
C CYS N 888 -79.93 21.05 -64.53
N MET N 889 -78.82 20.91 -63.80
CA MET N 889 -78.77 21.17 -62.37
C MET N 889 -77.76 22.29 -62.10
N LEU N 890 -78.18 23.27 -61.30
CA LEU N 890 -77.34 24.35 -60.78
C LEU N 890 -76.77 25.25 -61.86
N SER N 891 -77.27 25.18 -63.09
CA SER N 891 -76.75 26.00 -64.18
C SER N 891 -77.75 27.03 -64.70
N LEU N 892 -79.05 26.74 -64.62
CA LEU N 892 -80.05 27.65 -65.15
C LEU N 892 -80.05 28.99 -64.42
N GLY N 893 -79.96 28.96 -63.08
CA GLY N 893 -79.94 30.20 -62.33
C GLY N 893 -78.70 31.02 -62.59
N ALA N 894 -77.54 30.36 -62.68
CA ALA N 894 -76.30 31.09 -63.00
C ALA N 894 -76.38 31.70 -64.39
N ALA N 895 -76.93 30.97 -65.37
CA ALA N 895 -77.07 31.51 -66.70
C ALA N 895 -78.02 32.71 -66.72
N ALA N 896 -79.11 32.63 -65.96
CA ALA N 896 -80.03 33.76 -65.87
C ALA N 896 -79.35 34.97 -65.23
N ALA N 897 -78.57 34.74 -64.18
CA ALA N 897 -77.89 35.85 -63.51
C ALA N 897 -76.81 36.47 -64.40
N GLY N 898 -76.15 35.65 -65.23
CA GLY N 898 -75.09 36.19 -66.08
C GLY N 898 -75.59 37.20 -67.09
N LYS N 899 -76.76 36.95 -67.68
CA LYS N 899 -77.34 37.85 -68.68
C LYS N 899 -78.27 38.89 -68.07
N SER N 900 -78.44 38.89 -66.75
CA SER N 900 -79.17 39.92 -66.03
C SER N 900 -80.61 40.05 -66.55
N MET N 901 -81.35 38.95 -66.43
CA MET N 901 -82.76 38.94 -66.80
C MET N 901 -83.50 38.03 -65.82
N THR N 902 -84.82 38.24 -65.75
CA THR N 902 -85.63 37.53 -64.78
C THR N 902 -85.65 36.02 -65.05
N PHE N 903 -85.85 35.24 -63.98
CA PHE N 903 -85.85 33.79 -64.09
C PHE N 903 -86.95 33.30 -65.03
N ASP N 904 -88.07 34.01 -65.10
CA ASP N 904 -89.13 33.62 -66.02
C ASP N 904 -88.66 33.68 -67.46
N ALA N 905 -87.91 34.73 -67.82
CA ALA N 905 -87.41 34.86 -69.18
C ALA N 905 -86.44 33.74 -69.51
N ALA N 906 -85.55 33.40 -68.59
CA ALA N 906 -84.59 32.32 -68.82
C ALA N 906 -85.30 30.98 -68.96
N PHE N 907 -86.29 30.72 -68.11
CA PHE N 907 -87.04 29.47 -68.22
C PHE N 907 -87.80 29.41 -69.54
N GLN N 908 -88.40 30.52 -69.97
CA GLN N 908 -89.10 30.55 -71.24
C GLN N 908 -88.14 30.29 -72.39
N GLN N 909 -86.94 30.88 -72.33
CA GLN N 909 -85.95 30.65 -73.38
C GLN N 909 -85.52 29.18 -73.42
N LEU N 910 -85.30 28.58 -72.25
CA LEU N 910 -84.95 27.16 -72.20
C LEU N 910 -86.07 26.30 -72.75
N VAL N 911 -87.32 26.66 -72.42
CA VAL N 911 -88.46 25.92 -72.95
C VAL N 911 -88.49 26.00 -74.47
N ARG N 912 -88.28 27.21 -75.02
CA ARG N 912 -88.32 27.35 -76.48
C ARG N 912 -87.20 26.58 -77.15
N VAL N 913 -86.00 26.57 -76.55
CA VAL N 913 -84.89 25.88 -77.21
C VAL N 913 -85.05 24.36 -77.09
N LEU N 914 -85.62 23.86 -75.99
CA LEU N 914 -85.87 22.41 -75.88
C LEU N 914 -87.16 21.98 -76.55
N THR N 915 -88.01 22.90 -77.01
CA THR N 915 -89.23 22.50 -77.70
C THR N 915 -88.90 21.72 -78.97
N ARG N 916 -87.85 22.13 -79.69
CA ARG N 916 -87.52 21.49 -80.96
C ARG N 916 -87.09 20.04 -80.75
N SER N 917 -86.33 19.75 -79.69
CA SER N 917 -85.79 18.42 -79.50
C SER N 917 -86.87 17.43 -79.12
N THR N 918 -86.54 16.15 -79.26
CA THR N 918 -87.45 15.05 -78.93
C THR N 918 -87.00 14.44 -77.62
N ALA N 919 -87.60 14.89 -76.52
CA ALA N 919 -87.27 14.42 -75.18
C ALA N 919 -88.55 14.00 -74.47
N ASN N 920 -88.42 12.96 -73.63
CA ASN N 920 -89.59 12.43 -72.92
C ASN N 920 -89.77 13.10 -71.56
N VAL N 921 -88.73 13.07 -70.73
CA VAL N 921 -88.77 13.63 -69.38
C VAL N 921 -87.71 14.70 -69.25
N LEU N 922 -88.03 15.78 -68.53
CA LEU N 922 -87.13 16.90 -68.31
C LEU N 922 -86.86 17.04 -66.82
N LEU N 923 -85.58 17.09 -66.45
CA LEU N 923 -85.15 17.31 -65.08
C LEU N 923 -84.50 18.69 -65.02
N ILE N 924 -85.27 19.69 -64.61
CA ILE N 924 -84.82 21.08 -64.58
C ILE N 924 -84.91 21.57 -63.15
N GLN N 925 -83.77 21.88 -62.54
CA GLN N 925 -83.74 22.50 -61.23
C GLN N 925 -84.10 23.98 -61.37
N VAL N 926 -85.02 24.46 -60.54
CA VAL N 926 -85.54 25.81 -60.65
C VAL N 926 -85.43 26.50 -59.29
N ASN N 927 -85.54 27.83 -59.33
CA ASN N 927 -85.50 28.65 -58.12
C ASN N 927 -86.91 29.16 -57.85
N CYS N 928 -87.59 28.52 -56.89
CA CYS N 928 -88.93 28.94 -56.51
C CYS N 928 -89.21 28.46 -55.10
N PRO N 929 -89.86 29.26 -54.26
CA PRO N 929 -90.13 28.85 -52.88
C PRO N 929 -91.25 27.83 -52.81
N THR N 930 -90.91 26.61 -52.35
CA THR N 930 -91.93 25.58 -52.17
C THR N 930 -92.89 25.94 -51.05
N ASP N 931 -92.37 26.51 -49.96
CA ASP N 931 -93.15 26.87 -48.79
C ASP N 931 -93.10 28.38 -48.59
N VAL N 932 -93.63 28.84 -47.46
CA VAL N 932 -93.60 30.26 -47.13
C VAL N 932 -92.16 30.74 -47.10
N ILE N 933 -91.95 31.96 -47.60
CA ILE N 933 -90.60 32.48 -47.76
C ILE N 933 -90.07 32.94 -46.41
N ARG N 934 -88.91 32.41 -46.02
CA ARG N 934 -88.24 32.78 -44.78
C ARG N 934 -86.75 32.67 -44.98
N THR N 935 -86.01 33.60 -44.37
CA THR N 935 -84.56 33.62 -44.52
C THR N 935 -83.91 32.47 -43.77
N ILE N 936 -82.78 32.01 -44.30
CA ILE N 936 -81.93 31.04 -43.63
C ILE N 936 -80.63 31.75 -43.24
N LYS N 937 -80.35 31.78 -41.94
CA LYS N 937 -79.23 32.58 -41.45
C LYS N 937 -77.91 32.00 -41.91
N GLY N 938 -77.16 32.79 -42.68
CA GLY N 938 -75.82 32.42 -43.10
C GLY N 938 -75.73 31.50 -44.29
N TYR N 939 -76.84 31.05 -44.84
CA TYR N 939 -76.78 30.15 -45.98
C TYR N 939 -77.65 30.59 -47.15
N LEU N 940 -78.80 31.20 -46.89
CA LEU N 940 -79.67 31.65 -47.97
C LEU N 940 -80.58 32.75 -47.44
N GLU N 941 -80.41 33.97 -47.95
CA GLU N 941 -81.25 35.11 -47.61
C GLU N 941 -82.00 35.54 -48.85
N ILE N 942 -83.31 35.74 -48.71
CA ILE N 942 -84.19 35.97 -49.85
C ILE N 942 -84.69 37.41 -49.80
N ASP N 943 -84.57 38.11 -50.93
CA ASP N 943 -85.04 39.49 -51.05
C ASP N 943 -86.36 39.49 -51.81
N GLN N 944 -87.40 40.05 -51.20
CA GLN N 944 -88.71 40.07 -51.84
C GLN N 944 -88.77 41.08 -52.97
N THR N 945 -88.20 42.27 -52.76
CA THR N 945 -88.34 43.36 -53.73
C THR N 945 -87.65 43.03 -55.05
N ASN N 946 -86.38 42.62 -54.98
CA ASN N 946 -85.62 42.34 -56.19
C ASN N 946 -85.78 40.90 -56.68
N LYS N 947 -86.42 40.03 -55.90
CA LYS N 947 -86.63 38.63 -56.27
C LYS N 947 -85.30 37.95 -56.60
N ARG N 948 -84.31 38.16 -55.74
CA ARG N 948 -82.94 37.69 -55.97
C ARG N 948 -82.45 36.94 -54.75
N TYR N 949 -82.13 35.66 -54.93
CA TYR N 949 -81.43 34.92 -53.90
C TYR N 949 -80.01 35.46 -53.74
N LYS N 950 -79.54 35.48 -52.48
CA LYS N 950 -78.19 35.92 -52.18
C LYS N 950 -77.55 34.93 -51.23
N PHE N 951 -76.36 34.43 -51.60
CA PHE N 951 -75.68 33.39 -50.83
C PHE N 951 -74.52 34.00 -50.08
N PRO N 952 -74.42 33.81 -48.76
CA PRO N 952 -73.29 34.38 -48.02
C PRO N 952 -71.98 33.67 -48.33
N LYS N 953 -72.00 32.33 -48.35
CA LYS N 953 -70.77 31.56 -48.53
C LYS N 953 -70.18 31.79 -49.92
N PHE N 954 -71.01 31.71 -50.96
CA PHE N 954 -70.59 31.97 -52.33
C PHE N 954 -71.21 33.29 -52.76
N GLY N 955 -70.38 34.25 -53.14
CA GLY N 955 -70.83 35.61 -53.39
C GLY N 955 -71.80 35.76 -54.55
N ARG N 956 -72.11 34.68 -55.27
CA ARG N 956 -73.00 34.78 -56.40
C ARG N 956 -74.41 35.14 -55.96
N ASP N 957 -75.09 35.94 -56.77
CA ASP N 957 -76.50 36.28 -56.57
C ASP N 957 -77.32 35.71 -57.72
N GLU N 958 -78.45 35.09 -57.37
CA GLU N 958 -79.26 34.38 -58.35
C GLU N 958 -80.72 34.80 -58.21
N PRO N 959 -81.42 35.05 -59.31
CA PRO N 959 -82.83 35.41 -59.23
C PRO N 959 -83.71 34.18 -59.02
N TYR N 960 -85.01 34.44 -58.86
CA TYR N 960 -85.99 33.38 -58.74
C TYR N 960 -87.33 33.87 -59.29
N SER N 961 -88.31 32.98 -59.31
CA SER N 961 -89.63 33.29 -59.83
C SER N 961 -90.67 32.50 -59.05
N ASP N 962 -91.94 32.74 -59.37
CA ASP N 962 -93.05 32.08 -58.69
C ASP N 962 -93.38 30.77 -59.38
N MET N 963 -93.93 29.83 -58.58
CA MET N 963 -94.25 28.50 -59.09
C MET N 963 -95.32 28.56 -60.17
N ASP N 964 -96.36 29.37 -59.97
CA ASP N 964 -97.48 29.39 -60.90
C ASP N 964 -97.05 29.83 -62.29
N SER N 965 -96.10 30.76 -62.36
CA SER N 965 -95.57 31.18 -63.65
C SER N 965 -94.90 30.01 -64.37
N LEU N 966 -94.09 29.23 -63.66
CA LEU N 966 -93.43 28.09 -64.29
C LEU N 966 -94.43 27.03 -64.73
N GLU N 967 -95.46 26.77 -63.91
CA GLU N 967 -96.49 25.82 -64.32
C GLU N 967 -97.24 26.31 -65.56
N ARG N 968 -97.53 27.61 -65.62
CA ARG N 968 -98.17 28.17 -66.80
C ARG N 968 -97.28 28.03 -68.03
N ILE N 969 -95.97 28.25 -67.86
CA ILE N 969 -95.05 28.08 -68.98
C ILE N 969 -95.05 26.64 -69.47
N CYS N 970 -95.04 25.67 -68.54
CA CYS N 970 -95.09 24.27 -68.94
C CYS N 970 -96.37 23.96 -69.69
N ARG N 971 -97.51 24.46 -69.19
CA ARG N 971 -98.79 24.19 -69.84
C ARG N 971 -98.85 24.81 -71.23
N ALA N 972 -98.34 26.03 -71.38
CA ALA N 972 -98.33 26.68 -72.69
C ALA N 972 -97.40 25.96 -73.65
N ALA N 973 -96.26 25.48 -73.16
CA ALA N 973 -95.27 24.81 -74.00
C ALA N 973 -95.81 23.54 -74.63
N TRP N 974 -96.12 22.56 -73.80
CA TRP N 974 -96.63 21.27 -74.25
C TRP N 974 -97.96 21.00 -73.56
N PRO N 975 -99.07 20.93 -74.29
CA PRO N 975 -100.34 20.57 -73.64
C PRO N 975 -100.24 19.20 -72.99
N ASN N 976 -100.92 19.07 -71.85
CA ASN N 976 -100.90 17.84 -71.05
C ASN N 976 -99.49 17.52 -70.55
N CYS N 977 -98.80 18.54 -70.02
CA CYS N 977 -97.49 18.34 -69.44
C CYS N 977 -97.63 17.97 -67.97
N SER N 978 -97.01 16.87 -67.58
CA SER N 978 -97.10 16.37 -66.21
C SER N 978 -96.02 17.04 -65.36
N ILE N 979 -96.45 17.81 -64.37
CA ILE N 979 -95.54 18.55 -63.49
C ILE N 979 -95.52 17.86 -62.13
N THR N 980 -94.35 17.45 -61.71
CA THR N 980 -94.17 16.82 -60.40
C THR N 980 -92.87 17.29 -59.78
N TRP N 981 -92.85 17.34 -58.45
CA TRP N 981 -91.67 17.74 -57.69
C TRP N 981 -91.21 16.56 -56.87
N VAL N 982 -89.96 16.16 -57.06
CA VAL N 982 -89.43 14.98 -56.38
C VAL N 982 -89.13 15.30 -54.92
N PRO N 983 -89.72 14.56 -53.98
CA PRO N 983 -89.48 14.83 -52.55
C PRO N 983 -88.14 14.26 -52.10
N LEU N 984 -87.21 15.15 -51.75
CA LEU N 984 -85.94 14.74 -51.17
C LEU N 984 -85.65 15.39 -49.83
N SER N 985 -86.52 16.27 -49.34
CA SER N 985 -86.28 16.93 -48.07
C SER N 985 -86.33 15.94 -46.91
N TYR N 986 -87.30 15.02 -46.93
CA TYR N 986 -87.44 14.08 -45.82
C TYR N 986 -86.89 12.70 -46.14
N ASP N 987 -86.83 12.32 -47.42
CA ASP N 987 -86.20 11.06 -47.79
C ASP N 987 -84.69 11.13 -47.56
N LEU N 988 -84.12 10.05 -47.02
CA LEU N 988 -82.71 10.02 -46.66
C LEU N 988 -81.91 9.06 -47.52
N ARG N 989 -82.43 8.66 -48.68
CA ARG N 989 -81.69 7.76 -49.56
C ARG N 989 -80.52 8.45 -50.25
N TRP N 990 -80.48 9.79 -50.24
CA TRP N 990 -79.38 10.51 -50.87
C TRP N 990 -78.08 10.43 -50.10
N THR N 991 -78.10 9.90 -48.87
CA THR N 991 -76.89 9.79 -48.08
C THR N 991 -75.89 8.81 -48.66
N LYS N 992 -76.29 8.01 -49.64
CA LYS N 992 -75.38 7.07 -50.28
C LYS N 992 -74.21 7.78 -50.95
N LEU N 993 -74.50 8.85 -51.70
CA LEU N 993 -73.46 9.56 -52.41
C LEU N 993 -72.48 10.26 -51.46
N ALA N 994 -72.86 10.40 -50.20
CA ALA N 994 -71.91 10.89 -49.20
C ALA N 994 -71.14 9.74 -48.56
N LEU N 995 -71.86 8.69 -48.15
CA LEU N 995 -71.26 7.68 -47.29
C LEU N 995 -70.40 6.68 -48.06
N LEU N 996 -70.84 6.26 -49.25
CA LEU N 996 -70.09 5.23 -49.96
C LEU N 996 -68.87 5.77 -50.68
N GLU N 997 -68.75 7.09 -50.81
CA GLU N 997 -67.59 7.74 -51.44
C GLU N 997 -66.66 8.38 -50.41
N SER N 998 -66.65 7.84 -49.18
CA SER N 998 -65.69 8.25 -48.14
C SER N 998 -65.80 9.75 -47.83
N THR N 999 -67.02 10.24 -47.72
CA THR N 999 -67.28 11.63 -47.33
C THR N 999 -68.11 11.63 -46.05
N THR N 1000 -67.54 12.17 -44.98
CA THR N 1000 -68.24 12.23 -43.70
C THR N 1000 -69.37 13.24 -43.75
N LEU N 1001 -70.31 13.09 -42.82
CA LEU N 1001 -71.53 13.90 -42.79
C LEU N 1001 -71.71 14.55 -41.43
N SER N 1002 -72.42 15.68 -41.44
CA SER N 1002 -72.79 16.39 -40.22
C SER N 1002 -74.29 16.63 -40.21
N SER N 1003 -74.90 16.44 -39.04
CA SER N 1003 -76.36 16.56 -38.95
C SER N 1003 -76.83 17.98 -39.25
N ALA N 1004 -76.11 18.99 -38.73
CA ALA N 1004 -76.49 20.38 -38.99
C ALA N 1004 -76.38 20.70 -40.48
N SER N 1005 -75.30 20.25 -41.12
CA SER N 1005 -75.15 20.47 -42.56
C SER N 1005 -76.27 19.77 -43.33
N VAL N 1006 -76.64 18.57 -42.89
CA VAL N 1006 -77.73 17.85 -43.54
C VAL N 1006 -79.02 18.66 -43.43
N ARG N 1007 -79.33 19.18 -42.24
CA ARG N 1007 -80.56 19.95 -42.05
C ARG N 1007 -80.56 21.21 -42.91
N ILE N 1008 -79.41 21.90 -42.98
CA ILE N 1008 -79.31 23.09 -43.81
C ILE N 1008 -79.53 22.73 -45.28
N ALA N 1009 -78.96 21.60 -45.72
CA ALA N 1009 -79.16 21.17 -47.09
C ALA N 1009 -80.63 20.85 -47.38
N GLU N 1010 -81.31 20.22 -46.42
CA GLU N 1010 -82.72 19.93 -46.62
C GLU N 1010 -83.53 21.21 -46.73
N LEU N 1011 -83.23 22.20 -45.89
CA LEU N 1011 -83.93 23.48 -45.98
C LEU N 1011 -83.66 24.16 -47.33
N MET N 1012 -82.40 24.14 -47.78
CA MET N 1012 -82.05 24.75 -49.05
C MET N 1012 -82.79 24.07 -50.21
N TYR N 1013 -82.90 22.74 -50.16
CA TYR N 1013 -83.70 22.04 -51.16
C TYR N 1013 -85.17 22.44 -51.05
N LYS N 1014 -85.68 22.61 -49.82
CA LYS N 1014 -87.03 23.10 -49.63
C LYS N 1014 -87.23 24.45 -50.30
N TYR N 1015 -86.17 25.24 -50.41
CA TYR N 1015 -86.26 26.52 -51.10
C TYR N 1015 -85.81 26.46 -52.56
N MET N 1016 -85.07 25.42 -52.96
CA MET N 1016 -84.66 25.22 -54.35
C MET N 1016 -84.99 23.79 -54.76
N PRO N 1017 -86.22 23.56 -55.22
CA PRO N 1017 -86.65 22.21 -55.57
C PRO N 1017 -86.24 21.81 -56.98
N ILE N 1018 -86.70 20.64 -57.39
CA ILE N 1018 -86.43 20.09 -58.72
C ILE N 1018 -87.76 19.93 -59.44
N MET N 1019 -87.81 20.42 -60.69
CA MET N 1019 -88.99 20.26 -61.53
C MET N 1019 -88.76 19.10 -62.48
N ARG N 1020 -89.66 18.12 -62.46
CA ARG N 1020 -89.61 16.98 -63.36
C ARG N 1020 -90.76 17.11 -64.35
N ILE N 1021 -90.49 17.71 -65.50
CA ILE N 1021 -91.49 17.86 -66.56
C ILE N 1021 -91.51 16.59 -67.39
N ASP N 1022 -92.69 15.99 -67.53
CA ASP N 1022 -92.87 14.76 -68.27
C ASP N 1022 -93.75 15.03 -69.47
N ILE N 1023 -93.16 15.01 -70.67
CA ILE N 1023 -93.92 15.18 -71.89
C ILE N 1023 -94.83 13.97 -72.10
N HIS N 1024 -96.00 14.21 -72.67
CA HIS N 1024 -97.04 13.22 -72.93
C HIS N 1024 -97.60 12.61 -71.65
N GLY N 1025 -97.34 13.22 -70.49
CA GLY N 1025 -97.85 12.70 -69.24
C GLY N 1025 -99.32 13.02 -69.04
N LEU N 1026 -99.92 12.30 -68.11
CA LEU N 1026 -101.34 12.50 -67.83
C LEU N 1026 -101.55 13.83 -67.11
N PRO N 1027 -102.50 14.65 -67.58
CA PRO N 1027 -102.66 15.99 -67.01
C PRO N 1027 -103.33 15.95 -65.63
N MET N 1028 -103.13 17.05 -64.91
CA MET N 1028 -103.80 17.29 -63.64
C MET N 1028 -103.81 18.78 -63.39
N GLU N 1029 -104.93 19.30 -62.89
CA GLU N 1029 -105.13 20.72 -62.72
C GLU N 1029 -105.29 21.07 -61.24
N LYS N 1030 -104.70 22.20 -60.84
CA LYS N 1030 -104.82 22.73 -59.50
C LYS N 1030 -105.60 24.04 -59.59
N GLN N 1031 -106.82 24.04 -59.06
CA GLN N 1031 -107.70 25.20 -59.13
C GLN N 1031 -107.75 25.88 -57.75
N GLY N 1032 -107.48 27.18 -57.73
CA GLY N 1032 -107.52 27.95 -56.50
C GLY N 1032 -106.20 27.95 -55.75
N ASN N 1033 -106.26 27.81 -54.44
CA ASN N 1033 -105.08 27.83 -53.58
C ASN N 1033 -105.01 26.54 -52.78
N PHE N 1034 -103.78 26.06 -52.57
CA PHE N 1034 -103.53 24.84 -51.80
C PHE N 1034 -102.84 25.26 -50.50
N ILE N 1035 -103.64 25.45 -49.45
CA ILE N 1035 -103.15 25.86 -48.14
C ILE N 1035 -103.78 24.96 -47.09
N VAL N 1036 -102.97 24.54 -46.10
CA VAL N 1036 -103.50 23.72 -45.02
C VAL N 1036 -104.59 24.49 -44.28
N GLY N 1037 -105.66 23.78 -43.95
CA GLY N 1037 -106.82 24.40 -43.35
C GLY N 1037 -107.81 24.98 -44.34
N GLN N 1038 -107.55 24.85 -45.64
CA GLN N 1038 -108.44 25.34 -46.69
C GLN N 1038 -108.72 24.22 -47.68
N ASN N 1039 -109.94 24.20 -48.21
CA ASN N 1039 -110.35 23.17 -49.15
C ASN N 1039 -109.55 23.27 -50.44
N CYS N 1040 -109.08 22.13 -50.93
CA CYS N 1040 -108.28 22.04 -52.14
C CYS N 1040 -109.08 21.35 -53.24
N SER N 1041 -109.09 21.94 -54.42
CA SER N 1041 -109.80 21.38 -55.58
C SER N 1041 -108.79 20.76 -56.53
N LEU N 1042 -108.98 19.47 -56.83
CA LEU N 1042 -108.11 18.73 -57.73
C LEU N 1042 -108.96 18.10 -58.82
N VAL N 1043 -108.53 18.28 -60.08
CA VAL N 1043 -109.29 17.83 -61.24
C VAL N 1043 -108.39 16.98 -62.11
N ILE N 1044 -108.80 15.75 -62.39
CA ILE N 1044 -108.02 14.86 -63.24
C ILE N 1044 -108.85 14.43 -64.45
N PRO N 1045 -108.59 15.00 -65.62
CA PRO N 1045 -109.33 14.70 -66.86
C PRO N 1045 -109.20 13.34 -67.48
N GLY N 1046 -108.01 12.76 -67.47
CA GLY N 1046 -107.79 11.51 -68.18
C GLY N 1046 -108.47 10.20 -67.84
N PHE N 1047 -108.63 9.87 -66.57
CA PHE N 1047 -109.16 8.57 -66.21
C PHE N 1047 -110.64 8.33 -66.43
N ASN N 1048 -111.03 7.06 -66.46
CA ASN N 1048 -112.42 6.73 -66.75
C ASN N 1048 -113.03 5.72 -65.82
N ALA N 1049 -114.36 5.69 -65.78
CA ALA N 1049 -115.08 4.73 -64.95
C ALA N 1049 -114.77 4.81 -63.49
N GLN N 1050 -114.45 3.66 -62.91
CA GLN N 1050 -114.14 3.63 -61.50
C GLN N 1050 -112.64 3.48 -61.39
N ASP N 1051 -112.01 4.34 -60.63
CA ASP N 1051 -110.56 4.30 -60.52
C ASP N 1051 -110.14 4.62 -59.10
N VAL N 1052 -108.94 4.20 -58.73
CA VAL N 1052 -108.45 4.49 -57.40
C VAL N 1052 -107.25 5.42 -57.46
N PHE N 1053 -107.27 6.48 -56.66
CA PHE N 1053 -106.16 7.42 -56.63
C PHE N 1053 -105.53 7.40 -55.26
N ASN N 1054 -104.28 7.01 -55.17
CA ASN N 1054 -103.58 6.92 -53.90
C ASN N 1054 -102.57 8.05 -53.80
N CYS N 1055 -102.67 8.83 -52.72
CA CYS N 1055 -101.75 9.94 -52.48
C CYS N 1055 -100.72 9.51 -51.44
N TYR N 1056 -99.46 9.79 -51.72
CA TYR N 1056 -98.35 9.39 -50.87
C TYR N 1056 -97.73 10.63 -50.22
N PHE N 1057 -97.45 10.54 -48.93
CA PHE N 1057 -96.84 11.65 -48.18
C PHE N 1057 -95.60 11.11 -47.48
N ASN N 1058 -94.42 11.38 -48.06
CA ASN N 1058 -93.15 10.94 -47.52
C ASN N 1058 -93.11 9.41 -47.36
N SER N 1059 -93.40 8.71 -48.46
CA SER N 1059 -93.44 7.25 -48.52
C SER N 1059 -94.48 6.65 -47.60
N ALA N 1060 -95.46 7.44 -47.17
CA ALA N 1060 -96.55 6.99 -46.32
C ALA N 1060 -97.88 7.28 -47.01
N LEU N 1061 -98.72 6.26 -47.13
CA LEU N 1061 -100.02 6.43 -47.76
C LEU N 1061 -100.87 7.41 -46.96
N ALA N 1062 -101.48 8.37 -47.66
CA ALA N 1062 -102.35 9.34 -47.03
C ALA N 1062 -103.80 8.90 -47.05
N PHE N 1063 -104.31 8.52 -48.22
CA PHE N 1063 -105.69 8.06 -48.35
C PHE N 1063 -105.82 7.24 -49.62
N SER N 1064 -106.95 6.57 -49.74
CA SER N 1064 -107.31 5.82 -50.94
C SER N 1064 -108.68 6.27 -51.42
N THR N 1065 -108.82 6.44 -52.74
CA THR N 1065 -110.10 6.86 -53.29
C THR N 1065 -111.18 5.80 -53.07
N GLU N 1066 -110.80 4.53 -53.14
CA GLU N 1066 -111.77 3.45 -52.94
C GLU N 1066 -112.32 3.47 -51.51
N ASP N 1067 -111.49 3.81 -50.53
CA ASP N 1067 -111.89 3.82 -49.12
C ASP N 1067 -111.60 5.20 -48.56
N VAL N 1068 -112.61 6.09 -48.60
CA VAL N 1068 -112.44 7.43 -48.06
C VAL N 1068 -112.48 7.46 -46.55
N ASN N 1069 -113.03 6.41 -45.91
CA ASN N 1069 -113.07 6.39 -44.45
C ASN N 1069 -111.69 6.24 -43.84
N SER N 1070 -110.78 5.52 -44.52
CA SER N 1070 -109.43 5.29 -44.02
C SER N 1070 -108.49 6.46 -44.27
N ALA N 1071 -109.02 7.61 -44.67
CA ALA N 1071 -108.16 8.77 -44.96
C ALA N 1071 -107.52 9.28 -43.68
N MET N 1072 -106.20 9.49 -43.73
CA MET N 1072 -105.50 10.07 -42.58
C MET N 1072 -105.74 11.58 -42.48
N ILE N 1073 -105.83 12.26 -43.62
CA ILE N 1073 -106.12 13.69 -43.64
C ILE N 1073 -107.58 13.88 -43.27
N PRO N 1074 -107.98 15.07 -42.80
CA PRO N 1074 -109.33 15.21 -42.20
C PRO N 1074 -110.47 14.82 -43.13
N GLN N 1075 -110.41 15.14 -44.42
CA GLN N 1075 -111.57 14.93 -45.27
C GLN N 1075 -111.13 14.71 -46.71
N VAL N 1076 -111.80 13.77 -47.38
CA VAL N 1076 -111.64 13.54 -48.81
C VAL N 1076 -113.02 13.29 -49.42
N THR N 1077 -113.28 13.91 -50.57
CA THR N 1077 -114.51 13.69 -51.31
C THR N 1077 -114.17 13.60 -52.79
N ALA N 1078 -114.46 12.45 -53.39
CA ALA N 1078 -114.19 12.23 -54.81
C ALA N 1078 -115.42 11.59 -55.44
N GLN N 1079 -116.08 12.33 -56.33
CA GLN N 1079 -117.27 11.86 -57.01
C GLN N 1079 -117.07 11.97 -58.52
N PHE N 1080 -117.33 10.88 -59.23
CA PHE N 1080 -117.20 10.89 -60.68
C PHE N 1080 -118.21 11.84 -61.30
N ASP N 1081 -117.78 12.57 -62.33
CA ASP N 1081 -118.61 13.54 -63.01
C ASP N 1081 -119.07 12.97 -64.35
N ALA N 1082 -120.38 13.08 -64.62
CA ALA N 1082 -120.92 12.56 -65.86
C ALA N 1082 -120.50 13.42 -67.04
N ASN N 1083 -120.48 12.79 -68.23
CA ASN N 1083 -120.16 13.39 -69.52
C ASN N 1083 -118.69 13.78 -69.66
N LYS N 1084 -117.89 13.65 -68.61
CA LYS N 1084 -116.46 13.91 -68.69
C LYS N 1084 -115.72 12.87 -67.86
N GLY N 1085 -114.42 12.75 -68.10
CA GLY N 1085 -113.59 11.84 -67.33
C GLY N 1085 -113.00 12.50 -66.11
N GLU N 1086 -113.82 13.22 -65.34
CA GLU N 1086 -113.38 13.97 -64.19
C GLU N 1086 -113.73 13.23 -62.90
N TRP N 1087 -113.02 13.58 -61.83
CA TRP N 1087 -113.30 13.05 -60.50
C TRP N 1087 -113.47 14.11 -59.43
N SER N 1088 -112.92 15.31 -59.61
CA SER N 1088 -113.15 16.46 -58.75
C SER N 1088 -112.87 16.15 -57.27
N LEU N 1089 -111.60 15.87 -56.99
CA LEU N 1089 -111.19 15.61 -55.62
C LEU N 1089 -111.22 16.90 -54.81
N ASP N 1090 -111.87 16.85 -53.64
CA ASP N 1090 -111.94 17.97 -52.72
C ASP N 1090 -111.44 17.50 -51.36
N MET N 1091 -110.52 18.26 -50.77
CA MET N 1091 -109.76 17.76 -49.64
C MET N 1091 -109.25 18.91 -48.79
N VAL N 1092 -108.89 18.59 -47.56
CA VAL N 1092 -108.28 19.53 -46.62
C VAL N 1092 -107.11 18.82 -45.95
N PHE N 1093 -106.01 19.56 -45.74
CA PHE N 1093 -104.77 18.99 -45.26
C PHE N 1093 -104.45 19.46 -43.85
N SER N 1094 -103.88 18.55 -43.05
CA SER N 1094 -103.42 18.91 -41.71
C SER N 1094 -101.95 19.26 -41.65
N ASP N 1095 -101.17 18.82 -42.64
CA ASP N 1095 -99.74 19.07 -42.67
C ASP N 1095 -99.34 19.59 -44.04
N ALA N 1096 -98.22 20.30 -44.07
CA ALA N 1096 -97.71 20.93 -45.29
C ALA N 1096 -96.52 20.17 -45.83
N GLY N 1097 -96.50 19.99 -47.15
CA GLY N 1097 -95.39 19.30 -47.79
C GLY N 1097 -95.75 18.91 -49.20
N ILE N 1098 -94.91 18.08 -49.79
CA ILE N 1098 -95.07 17.65 -51.19
C ILE N 1098 -95.82 16.32 -51.19
N TYR N 1099 -97.01 16.31 -51.76
CA TYR N 1099 -97.85 15.12 -51.83
C TYR N 1099 -97.82 14.60 -53.26
N THR N 1100 -97.50 13.32 -53.42
CA THR N 1100 -97.40 12.70 -54.73
C THR N 1100 -98.64 11.86 -55.00
N MET N 1101 -99.20 12.00 -56.19
CA MET N 1101 -100.40 11.28 -56.59
C MET N 1101 -100.01 10.11 -57.48
N GLN N 1102 -100.35 8.90 -57.04
CA GLN N 1102 -100.18 7.68 -57.84
C GLN N 1102 -101.53 7.00 -57.98
N ALA N 1103 -101.89 6.66 -59.21
CA ALA N 1103 -103.23 6.21 -59.54
C ALA N 1103 -103.20 4.75 -59.98
N LEU N 1104 -104.22 4.00 -59.54
CA LEU N 1104 -104.41 2.62 -59.95
C LEU N 1104 -105.54 2.56 -60.96
N VAL N 1105 -105.26 1.96 -62.12
CA VAL N 1105 -106.24 1.86 -63.19
C VAL N 1105 -106.24 0.42 -63.71
N GLY N 1106 -107.40 -0.01 -64.22
CA GLY N 1106 -107.50 -1.33 -64.80
C GLY N 1106 -107.50 -2.44 -63.75
N SER N 1107 -107.20 -3.64 -64.24
CA SER N 1107 -107.19 -4.84 -63.39
C SER N 1107 -105.77 -5.03 -62.85
N ASN N 1108 -105.49 -4.38 -61.72
CA ASN N 1108 -104.20 -4.51 -61.03
C ASN N 1108 -103.03 -4.17 -61.95
N ALA N 1109 -103.20 -3.13 -62.76
CA ALA N 1109 -102.10 -2.65 -63.58
C ALA N 1109 -101.09 -1.89 -62.71
N ASN N 1110 -99.91 -1.65 -63.28
CA ASN N 1110 -98.89 -0.92 -62.55
C ASN N 1110 -99.37 0.49 -62.26
N PRO N 1111 -99.07 1.04 -61.09
CA PRO N 1111 -99.55 2.39 -60.73
C PRO N 1111 -99.01 3.43 -61.68
N VAL N 1112 -99.92 4.05 -62.43
CA VAL N 1112 -99.55 5.09 -63.39
C VAL N 1112 -99.36 6.39 -62.61
N SER N 1113 -98.12 6.85 -62.53
CA SER N 1113 -97.81 8.05 -61.76
C SER N 1113 -98.41 9.27 -62.41
N LEU N 1114 -98.91 10.18 -61.57
CA LEU N 1114 -99.48 11.45 -61.99
C LEU N 1114 -98.66 12.59 -61.40
N GLY N 1115 -99.13 13.81 -61.61
CA GLY N 1115 -98.44 14.96 -61.07
C GLY N 1115 -98.54 15.03 -59.55
N SER N 1116 -97.59 15.72 -58.94
CA SER N 1116 -97.56 15.90 -57.51
C SER N 1116 -97.79 17.36 -57.15
N PHE N 1117 -98.66 17.59 -56.18
CA PHE N 1117 -98.96 18.92 -55.68
C PHE N 1117 -98.36 19.11 -54.29
N VAL N 1118 -98.13 20.37 -53.93
CA VAL N 1118 -97.54 20.72 -52.64
C VAL N 1118 -98.45 21.72 -51.95
N VAL N 1119 -98.63 21.53 -50.64
CA VAL N 1119 -99.44 22.42 -49.82
C VAL N 1119 -98.49 23.19 -48.90
N ASP N 1120 -98.62 24.50 -48.89
CA ASP N 1120 -97.70 25.36 -48.15
C ASP N 1120 -98.19 25.59 -46.72
N SER N 1121 -97.28 26.10 -45.89
CA SER N 1121 -97.61 26.43 -44.51
C SER N 1121 -98.48 27.68 -44.46
N PRO N 1122 -99.20 27.90 -43.36
CA PRO N 1122 -100.05 29.09 -43.25
C PRO N 1122 -99.22 30.37 -43.18
N ASP N 1123 -99.92 31.48 -43.23
CA ASP N 1123 -99.27 32.79 -43.17
C ASP N 1123 -98.59 32.99 -41.82
N VAL N 1124 -97.43 33.63 -41.84
CA VAL N 1124 -96.69 33.91 -40.61
C VAL N 1124 -96.72 35.41 -40.28
N ASP N 1125 -97.71 35.80 -39.49
CA ASP N 1125 -97.89 37.17 -39.04
C ASP N 1125 -98.09 37.18 -37.54
N ILE N 1126 -97.31 38.02 -36.84
CA ILE N 1126 -97.40 38.13 -35.38
C ILE N 1126 -97.59 39.60 -35.04
N THR N 1127 -98.65 39.90 -34.29
CA THR N 1127 -98.93 41.25 -33.81
C THR N 1127 -99.33 41.15 -32.34
N ASP N 1128 -98.40 41.48 -31.45
CA ASP N 1128 -98.64 41.45 -30.01
C ASP N 1128 -98.80 42.86 -29.49
N ALA N 1129 -99.95 43.15 -28.90
CA ALA N 1129 -100.28 44.48 -28.40
C ALA N 1129 -100.27 44.46 -26.88
N TRP N 1130 -99.30 45.14 -26.28
CA TRP N 1130 -99.21 45.19 -24.83
C TRP N 1130 -100.35 46.04 -24.26
N PRO N 1131 -100.82 45.71 -23.06
CA PRO N 1131 -101.96 46.43 -22.50
C PRO N 1131 -101.56 47.82 -22.00
N ALA N 1132 -102.59 48.60 -21.67
CA ALA N 1132 -102.37 49.96 -21.21
C ALA N 1132 -101.61 49.99 -19.88
N GLN N 1133 -101.96 49.10 -18.95
CA GLN N 1133 -101.37 49.09 -17.63
C GLN N 1133 -100.47 47.86 -17.47
N LEU N 1134 -99.28 48.08 -16.92
CA LEU N 1134 -98.32 47.01 -16.66
C LEU N 1134 -98.27 46.77 -15.16
N ASP N 1135 -98.51 45.52 -14.76
CA ASP N 1135 -98.53 45.13 -13.35
C ASP N 1135 -97.22 44.47 -13.00
N PHE N 1136 -96.47 45.08 -12.08
CA PHE N 1136 -95.17 44.56 -11.67
C PHE N 1136 -95.29 43.66 -10.44
N THR N 1137 -96.17 42.67 -10.53
CA THR N 1137 -96.42 41.74 -9.43
C THR N 1137 -96.49 40.33 -10.00
N ILE N 1138 -96.97 39.39 -9.17
CA ILE N 1138 -97.11 38.01 -9.62
C ILE N 1138 -98.20 37.92 -10.69
N ALA N 1139 -98.18 36.81 -11.43
CA ALA N 1139 -99.13 36.49 -12.50
C ALA N 1139 -98.89 37.34 -13.74
N GLY N 1140 -97.96 38.28 -13.66
CA GLY N 1140 -97.55 39.03 -14.84
C GLY N 1140 -98.64 39.92 -15.43
N THR N 1141 -98.47 40.20 -16.72
CA THR N 1141 -99.40 41.03 -17.47
C THR N 1141 -99.89 40.25 -18.68
N ASP N 1142 -101.15 40.47 -19.05
CA ASP N 1142 -101.75 39.77 -20.17
C ASP N 1142 -101.56 40.56 -21.47
N VAL N 1143 -101.03 39.89 -22.49
CA VAL N 1143 -100.82 40.49 -23.80
C VAL N 1143 -101.45 39.58 -24.84
N ASP N 1144 -102.25 40.16 -25.74
CA ASP N 1144 -102.91 39.39 -26.77
C ASP N 1144 -102.06 39.33 -28.04
N ILE N 1145 -102.02 38.17 -28.66
CA ILE N 1145 -101.24 37.94 -29.88
C ILE N 1145 -102.16 37.34 -30.93
N THR N 1146 -101.98 37.78 -32.18
CA THR N 1146 -102.78 37.32 -33.31
C THR N 1146 -101.92 36.42 -34.17
N VAL N 1147 -102.04 35.10 -33.94
CA VAL N 1147 -101.29 34.09 -34.68
C VAL N 1147 -102.24 32.96 -35.04
N ASN N 1148 -102.06 32.40 -36.22
CA ASN N 1148 -102.81 31.22 -36.62
C ASN N 1148 -102.52 30.08 -35.64
N PRO N 1149 -103.53 29.46 -35.03
CA PRO N 1149 -103.27 28.43 -34.02
C PRO N 1149 -102.55 27.19 -34.53
N TYR N 1150 -102.22 27.16 -35.82
CA TYR N 1150 -101.43 26.06 -36.35
C TYR N 1150 -100.05 26.00 -35.69
N TYR N 1151 -99.43 27.15 -35.48
CA TYR N 1151 -98.11 27.22 -34.89
C TYR N 1151 -98.20 27.16 -33.37
N ARG N 1152 -97.22 26.50 -32.76
CA ARG N 1152 -97.07 26.43 -31.31
C ARG N 1152 -95.90 27.32 -30.91
N LEU N 1153 -96.17 28.32 -30.07
CA LEU N 1153 -95.22 29.38 -29.77
C LEU N 1153 -94.66 29.22 -28.37
N MET N 1154 -93.34 29.32 -28.25
CA MET N 1154 -92.65 29.32 -26.97
C MET N 1154 -91.53 30.33 -26.99
N ALA N 1155 -91.13 30.77 -25.80
CA ALA N 1155 -90.12 31.81 -25.66
C ALA N 1155 -88.71 31.22 -25.63
N PHE N 1156 -87.73 32.04 -26.01
CA PHE N 1156 -86.34 31.64 -26.06
C PHE N 1156 -85.46 32.86 -25.86
N VAL N 1157 -84.20 32.61 -25.52
CA VAL N 1157 -83.18 33.65 -25.48
C VAL N 1157 -81.93 33.16 -26.22
N LYS N 1158 -81.11 34.10 -26.64
CA LYS N 1158 -79.92 33.83 -27.45
C LYS N 1158 -78.71 34.28 -26.62
N ILE N 1159 -78.17 33.35 -25.84
CA ILE N 1159 -77.14 33.65 -24.84
C ILE N 1159 -75.84 32.98 -25.27
N ASP N 1160 -74.82 33.80 -25.53
CA ASP N 1160 -73.45 33.33 -25.74
C ASP N 1160 -73.35 32.29 -26.85
N GLY N 1161 -74.04 32.54 -27.96
CA GLY N 1161 -73.90 31.71 -29.13
C GLY N 1161 -74.80 30.49 -29.19
N GLN N 1162 -75.54 30.20 -28.13
CA GLN N 1162 -76.42 29.04 -28.10
C GLN N 1162 -77.75 29.40 -27.46
N TRP N 1163 -78.85 28.96 -28.06
CA TRP N 1163 -80.18 29.31 -27.58
C TRP N 1163 -80.46 28.64 -26.24
N GLN N 1164 -81.16 29.37 -25.38
CA GLN N 1164 -81.61 28.86 -24.08
C GLN N 1164 -83.11 29.06 -23.97
N ILE N 1165 -83.81 28.00 -23.56
CA ILE N 1165 -85.26 28.08 -23.43
C ILE N 1165 -85.62 28.88 -22.18
N ALA N 1166 -86.69 29.65 -22.27
CA ALA N 1166 -87.13 30.45 -21.14
C ALA N 1166 -87.68 29.56 -20.03
N ASN N 1167 -87.66 30.08 -18.81
CA ASN N 1167 -88.19 29.34 -17.68
C ASN N 1167 -89.69 29.18 -17.83
N PRO N 1168 -90.23 27.96 -17.65
CA PRO N 1168 -91.68 27.77 -17.81
C PRO N 1168 -92.51 28.59 -16.84
N ASP N 1169 -91.95 28.96 -15.68
CA ASP N 1169 -92.70 29.78 -14.74
C ASP N 1169 -92.86 31.21 -15.25
N LYS N 1170 -91.87 31.72 -15.99
CA LYS N 1170 -91.92 33.09 -16.46
C LYS N 1170 -93.01 33.29 -17.51
N PHE N 1171 -93.12 32.37 -18.47
CA PHE N 1171 -94.12 32.45 -19.53
C PHE N 1171 -95.10 31.30 -19.37
N GLN N 1172 -96.38 31.65 -19.19
CA GLN N 1172 -97.46 30.66 -19.03
C GLN N 1172 -98.51 30.96 -20.09
N PHE N 1173 -98.52 30.16 -21.15
CA PHE N 1173 -99.44 30.38 -22.26
C PHE N 1173 -100.86 29.96 -21.88
N PHE N 1174 -101.81 30.44 -22.67
CA PHE N 1174 -103.23 30.20 -22.45
C PHE N 1174 -103.82 29.42 -23.62
N SER N 1175 -105.14 29.27 -23.61
CA SER N 1175 -105.82 28.53 -24.67
C SER N 1175 -105.66 29.23 -26.01
N SER N 1176 -105.54 28.43 -27.06
CA SER N 1176 -105.33 28.94 -28.42
C SER N 1176 -106.32 28.34 -29.41
N ASN N 1177 -107.57 28.14 -28.98
CA ASN N 1177 -108.60 27.63 -29.89
C ASN N 1177 -108.85 28.62 -31.03
N THR N 1178 -109.35 29.80 -30.69
CA THR N 1178 -109.57 30.86 -31.66
C THR N 1178 -108.73 32.10 -31.38
N GLY N 1179 -108.83 32.64 -30.16
CA GLY N 1179 -107.96 33.71 -29.73
C GLY N 1179 -106.94 33.19 -28.74
N THR N 1180 -105.80 33.89 -28.67
CA THR N 1180 -104.68 33.42 -27.85
C THR N 1180 -104.71 33.99 -26.45
N LEU N 1181 -104.56 35.31 -26.31
CA LEU N 1181 -104.44 35.97 -25.00
C LEU N 1181 -103.49 35.19 -24.09
N VAL N 1182 -102.36 34.78 -24.66
CA VAL N 1182 -101.53 33.76 -24.02
C VAL N 1182 -100.40 34.34 -23.17
N MET N 1183 -99.99 35.57 -23.43
CA MET N 1183 -98.76 36.09 -22.84
C MET N 1183 -98.97 36.44 -21.37
N ASN N 1184 -98.33 35.66 -20.49
CA ASN N 1184 -98.12 36.03 -19.10
C ASN N 1184 -96.61 36.04 -18.89
N VAL N 1185 -96.05 37.23 -18.62
CA VAL N 1185 -94.62 37.45 -18.77
C VAL N 1185 -93.90 37.66 -17.45
N LYS N 1186 -94.52 38.31 -16.46
CA LYS N 1186 -93.92 38.52 -15.14
C LYS N 1186 -92.62 39.34 -15.26
N LEU N 1187 -92.80 40.61 -15.61
CA LEU N 1187 -91.68 41.50 -15.90
C LEU N 1187 -90.65 41.48 -14.78
N ASP N 1188 -89.38 41.68 -15.17
CA ASP N 1188 -88.25 41.65 -14.24
C ASP N 1188 -87.33 42.83 -14.54
N ILE N 1189 -86.29 42.97 -13.71
CA ILE N 1189 -85.22 43.91 -14.02
C ILE N 1189 -84.46 43.46 -15.26
N ALA N 1190 -84.17 42.17 -15.36
CA ALA N 1190 -83.34 41.65 -16.45
C ALA N 1190 -83.98 41.79 -17.82
N ASP N 1191 -85.27 42.10 -17.88
CA ASP N 1191 -85.92 42.26 -19.17
C ASP N 1191 -85.33 43.43 -19.96
N ARG N 1192 -84.84 44.45 -19.28
CA ARG N 1192 -84.18 45.55 -19.97
C ARG N 1192 -82.79 45.17 -20.45
N TYR N 1193 -82.18 44.16 -19.84
CA TYR N 1193 -80.83 43.73 -20.19
C TYR N 1193 -80.80 42.42 -20.97
N LEU N 1194 -81.96 41.90 -21.34
CA LEU N 1194 -82.03 40.67 -22.12
C LEU N 1194 -83.14 40.81 -23.16
N LEU N 1195 -83.00 40.07 -24.26
CA LEU N 1195 -83.98 40.07 -25.34
C LEU N 1195 -84.55 38.66 -25.47
N TYR N 1196 -85.87 38.55 -25.37
CA TYR N 1196 -86.55 37.26 -25.43
C TYR N 1196 -87.17 37.09 -26.81
N TYR N 1197 -86.99 35.90 -27.40
CA TYR N 1197 -87.47 35.60 -28.74
C TYR N 1197 -88.59 34.56 -28.67
N ILE N 1198 -89.60 34.74 -29.52
CA ILE N 1198 -90.70 33.80 -29.63
C ILE N 1198 -90.47 32.93 -30.86
N ARG N 1199 -90.46 31.62 -30.66
CA ARG N 1199 -90.14 30.67 -31.72
C ARG N 1199 -91.21 29.59 -31.80
N ASP N 1200 -91.33 29.00 -32.97
CA ASP N 1200 -92.31 27.95 -33.24
C ASP N 1200 -91.65 26.58 -33.15
N VAL N 1201 -92.36 25.62 -32.56
CA VAL N 1201 -91.75 24.33 -32.24
C VAL N 1201 -92.67 23.19 -32.68
N GLN N 1202 -93.63 23.49 -33.55
CA GLN N 1202 -94.58 22.45 -33.98
C GLN N 1202 -93.89 21.36 -34.79
N SER N 1203 -92.82 21.71 -35.51
CA SER N 1203 -92.12 20.79 -36.37
C SER N 1203 -90.80 20.36 -35.71
N ARG N 1204 -90.05 19.52 -36.43
CA ARG N 1204 -88.75 19.08 -35.92
C ARG N 1204 -87.80 20.27 -35.78
N ASP N 1205 -87.79 21.17 -36.77
CA ASP N 1205 -87.02 22.39 -36.66
C ASP N 1205 -87.77 23.41 -35.82
N VAL N 1206 -87.03 24.12 -34.96
CA VAL N 1206 -87.61 25.09 -34.04
C VAL N 1206 -87.11 26.48 -34.42
N GLY N 1207 -88.03 27.44 -34.43
CA GLY N 1207 -87.70 28.82 -34.74
C GLY N 1207 -87.53 29.15 -36.21
N PHE N 1208 -87.80 28.20 -37.10
CA PHE N 1208 -87.62 28.47 -38.53
C PHE N 1208 -88.74 29.35 -39.07
N TYR N 1209 -89.98 28.88 -38.96
CA TYR N 1209 -91.11 29.64 -39.51
C TYR N 1209 -91.33 30.94 -38.76
N ILE N 1210 -91.15 30.93 -37.43
CA ILE N 1210 -91.44 32.08 -36.59
C ILE N 1210 -90.22 32.38 -35.74
N GLN N 1211 -89.72 33.62 -35.83
CA GLN N 1211 -88.69 34.14 -34.93
C GLN N 1211 -89.03 35.61 -34.69
N HIS N 1212 -89.80 35.87 -33.63
CA HIS N 1212 -90.30 37.21 -33.37
C HIS N 1212 -89.66 37.78 -32.11
N PRO N 1213 -88.75 38.75 -32.23
CA PRO N 1213 -88.19 39.38 -31.03
C PRO N 1213 -89.26 40.12 -30.25
N LEU N 1214 -89.12 40.10 -28.93
CA LEU N 1214 -90.02 40.83 -28.03
C LEU N 1214 -89.41 42.19 -27.75
N GLN N 1215 -89.54 43.09 -28.74
CA GLN N 1215 -88.91 44.40 -28.66
C GLN N 1215 -89.55 45.26 -27.57
N LEU N 1216 -90.88 45.19 -27.43
CA LEU N 1216 -91.55 46.01 -26.42
C LEU N 1216 -91.22 45.55 -25.01
N LEU N 1217 -90.93 44.27 -24.83
CA LEU N 1217 -90.55 43.78 -23.51
C LEU N 1217 -89.23 44.39 -23.06
N ASN N 1218 -88.29 44.56 -23.98
CA ASN N 1218 -87.01 45.16 -23.62
C ASN N 1218 -87.16 46.60 -23.14
N THR N 1219 -88.00 47.38 -23.83
CA THR N 1219 -88.19 48.79 -23.50
C THR N 1219 -89.43 48.92 -22.64
N ILE N 1220 -89.22 49.00 -21.32
CA ILE N 1220 -90.30 49.15 -20.34
C ILE N 1220 -89.94 50.28 -19.38
N THR N 1221 -90.98 50.85 -18.78
CA THR N 1221 -90.83 51.92 -17.80
C THR N 1221 -90.99 51.32 -16.40
N LEU N 1222 -89.90 51.29 -15.66
CA LEU N 1222 -89.92 50.69 -14.33
C LEU N 1222 -90.71 51.58 -13.36
N PRO N 1223 -91.67 51.03 -12.62
CA PRO N 1223 -92.40 51.85 -11.63
C PRO N 1223 -91.59 51.97 -10.35
N THR N 1224 -91.36 53.22 -9.93
CA THR N 1224 -90.52 53.46 -8.75
C THR N 1224 -91.25 53.13 -7.45
N ASN N 1225 -92.57 53.32 -7.41
CA ASN N 1225 -93.31 53.16 -6.17
C ASN N 1225 -93.52 51.69 -5.80
N GLU N 1226 -93.76 50.83 -6.80
CA GLU N 1226 -94.07 49.43 -6.54
C GLU N 1226 -92.81 48.59 -6.47
N ASP N 1227 -92.87 47.52 -5.67
CA ASP N 1227 -91.78 46.57 -5.59
C ASP N 1227 -91.70 45.76 -6.89
N LEU N 1228 -90.51 45.23 -7.17
CA LEU N 1228 -90.30 44.50 -8.41
C LEU N 1228 -89.11 43.55 -8.24
N PHE N 1229 -89.06 42.54 -9.11
CA PHE N 1229 -88.10 41.47 -9.01
C PHE N 1229 -86.87 41.76 -9.87
N LEU N 1230 -85.73 41.17 -9.49
CA LEU N 1230 -84.53 41.19 -10.31
C LEU N 1230 -83.92 39.80 -10.35
N SER N 1231 -82.95 39.64 -11.25
CA SER N 1231 -82.20 38.40 -11.36
C SER N 1231 -80.89 38.70 -12.09
N ALA N 1232 -79.96 37.77 -11.99
CA ALA N 1232 -78.67 37.91 -12.66
C ALA N 1232 -78.85 37.62 -14.16
N PRO N 1233 -78.59 38.59 -15.04
CA PRO N 1233 -78.77 38.33 -16.47
C PRO N 1233 -77.86 37.25 -17.03
N ASP N 1234 -76.70 37.03 -16.41
CA ASP N 1234 -75.71 36.10 -16.95
C ASP N 1234 -74.85 35.59 -15.81
N MET N 1235 -74.03 34.57 -16.12
CA MET N 1235 -73.15 33.98 -15.11
C MET N 1235 -72.14 34.99 -14.60
N ARG N 1236 -71.65 35.87 -15.47
CA ARG N 1236 -70.66 36.85 -15.08
C ARG N 1236 -71.23 37.81 -14.04
N GLU N 1237 -70.33 38.46 -13.30
CA GLU N 1237 -70.74 39.34 -12.21
C GLU N 1237 -71.47 40.57 -12.75
N TRP N 1238 -72.53 40.96 -12.06
CA TRP N 1238 -73.28 42.16 -12.37
C TRP N 1238 -73.33 43.05 -11.15
N ALA N 1239 -73.36 44.36 -11.38
CA ALA N 1239 -73.39 45.36 -10.32
C ALA N 1239 -74.76 46.02 -10.33
N VAL N 1240 -75.54 45.78 -9.27
CA VAL N 1240 -76.83 46.44 -9.10
C VAL N 1240 -76.59 47.84 -8.55
N LYS N 1241 -77.21 48.83 -9.18
CA LYS N 1241 -76.95 50.23 -8.86
C LYS N 1241 -78.26 50.93 -8.54
N GLU N 1242 -78.50 51.17 -7.25
CA GLU N 1242 -79.54 52.09 -6.84
C GLU N 1242 -79.10 53.51 -7.20
N SER N 1243 -80.07 54.42 -7.28
CA SER N 1243 -79.79 55.79 -7.70
C SER N 1243 -78.69 56.40 -6.83
N GLY N 1244 -77.54 56.65 -7.44
CA GLY N 1244 -76.41 57.25 -6.76
C GLY N 1244 -75.60 56.34 -5.87
N ASN N 1245 -75.91 55.04 -5.82
CA ASN N 1245 -75.23 54.12 -4.92
C ASN N 1245 -75.02 52.77 -5.61
N THR N 1246 -74.05 52.02 -5.09
CA THR N 1246 -73.79 50.65 -5.51
C THR N 1246 -74.22 49.73 -4.38
N ILE N 1247 -75.31 48.99 -4.57
CA ILE N 1247 -75.86 48.17 -3.50
C ILE N 1247 -74.95 46.98 -3.21
N CYS N 1248 -74.66 46.19 -4.24
CA CYS N 1248 -73.88 44.97 -4.09
C CYS N 1248 -73.53 44.44 -5.47
N ILE N 1249 -72.82 43.31 -5.49
CA ILE N 1249 -72.45 42.62 -6.72
C ILE N 1249 -73.21 41.30 -6.76
N LEU N 1250 -73.82 41.01 -7.91
CA LEU N 1250 -74.73 39.88 -8.00
C LEU N 1250 -74.02 38.54 -7.79
N ASN N 1251 -72.89 38.34 -8.46
CA ASN N 1251 -72.23 37.04 -8.46
C ASN N 1251 -70.79 37.11 -7.94
N SER N 1252 -70.47 38.07 -7.09
CA SER N 1252 -69.15 38.13 -6.51
C SER N 1252 -68.97 37.05 -5.44
N PRO N 1253 -67.75 36.57 -5.23
CA PRO N 1253 -67.51 35.65 -4.11
C PRO N 1253 -67.80 36.32 -2.78
N GLY N 1254 -68.37 35.55 -1.84
CA GLY N 1254 -68.74 36.10 -0.56
C GLY N 1254 -69.85 37.14 -0.62
N PHE N 1255 -70.74 37.04 -1.59
CA PHE N 1255 -71.80 38.02 -1.74
C PHE N 1255 -72.86 37.82 -0.66
N ILE N 1256 -73.18 38.90 0.05
CA ILE N 1256 -74.20 38.91 1.10
C ILE N 1256 -75.37 39.74 0.60
N PRO N 1257 -76.55 39.16 0.41
CA PRO N 1257 -77.69 39.94 -0.04
C PRO N 1257 -78.09 40.96 1.02
N PRO N 1258 -78.62 42.11 0.60
CA PRO N 1258 -79.08 43.10 1.58
C PRO N 1258 -80.23 42.58 2.42
N GLN N 1259 -80.32 43.10 3.65
CA GLN N 1259 -81.34 42.62 4.59
C GLN N 1259 -82.74 42.96 4.09
N ASP N 1260 -82.92 44.15 3.50
CA ASP N 1260 -84.24 44.57 3.07
C ASP N 1260 -84.79 43.72 1.93
N TRP N 1261 -83.93 43.00 1.21
CA TRP N 1261 -84.39 42.17 0.11
C TRP N 1261 -85.10 40.94 0.62
N ASP N 1262 -85.99 40.40 -0.21
CA ASP N 1262 -86.73 39.18 0.09
C ASP N 1262 -86.48 38.15 -1.01
N VAL N 1263 -86.25 36.91 -0.61
CA VAL N 1263 -85.91 35.85 -1.55
C VAL N 1263 -87.15 35.00 -1.80
N LEU N 1264 -87.46 34.77 -3.08
CA LEU N 1264 -88.55 33.91 -3.49
C LEU N 1264 -88.01 32.65 -4.15
N THR N 1265 -88.79 31.57 -4.06
CA THR N 1265 -88.41 30.29 -4.61
C THR N 1265 -88.83 30.11 -6.06
N ASP N 1266 -89.40 31.15 -6.68
CA ASP N 1266 -89.85 31.04 -8.06
C ASP N 1266 -88.69 30.75 -9.01
N THR N 1267 -87.59 31.48 -8.85
CA THR N 1267 -86.41 31.35 -9.72
C THR N 1267 -86.82 31.45 -11.19
N ILE N 1268 -87.40 32.59 -11.55
CA ILE N 1268 -87.98 32.79 -12.88
C ILE N 1268 -86.91 33.20 -13.89
N SER N 1269 -85.65 33.14 -13.47
CA SER N 1269 -84.55 33.37 -14.41
C SER N 1269 -84.46 32.22 -15.42
N TRP N 1270 -83.79 32.49 -16.54
CA TRP N 1270 -83.65 31.47 -17.57
C TRP N 1270 -82.85 30.29 -17.06
N SER N 1271 -81.81 30.54 -16.28
CA SER N 1271 -81.06 29.47 -15.62
C SER N 1271 -81.65 29.23 -14.24
N PRO N 1272 -82.13 28.02 -13.94
CA PRO N 1272 -82.77 27.78 -12.64
C PRO N 1272 -81.83 28.00 -11.45
N SER N 1273 -80.52 27.86 -11.66
CA SER N 1273 -79.58 28.02 -10.55
C SER N 1273 -79.58 29.45 -10.02
N LEU N 1274 -79.68 30.44 -10.91
CA LEU N 1274 -79.63 31.84 -10.49
C LEU N 1274 -80.90 32.19 -9.70
N PRO N 1275 -80.76 32.77 -8.51
CA PRO N 1275 -81.94 33.08 -7.69
C PRO N 1275 -82.62 34.36 -8.15
N THR N 1276 -83.75 34.65 -7.51
CA THR N 1276 -84.55 35.84 -7.76
C THR N 1276 -84.90 36.48 -6.45
N TYR N 1277 -84.73 37.80 -6.35
CA TYR N 1277 -84.96 38.54 -5.12
C TYR N 1277 -86.09 39.55 -5.28
N VAL N 1278 -86.83 39.76 -4.19
CA VAL N 1278 -87.81 40.85 -4.11
C VAL N 1278 -87.10 42.07 -3.54
N VAL N 1279 -87.37 43.23 -4.11
CA VAL N 1279 -86.57 44.42 -3.85
C VAL N 1279 -87.45 45.54 -3.31
N PRO N 1280 -86.94 46.38 -2.41
CA PRO N 1280 -87.65 47.61 -2.03
C PRO N 1280 -88.01 48.45 -3.25
N PRO N 1281 -88.88 49.45 -3.09
CA PRO N 1281 -89.33 50.21 -4.28
C PRO N 1281 -88.22 50.84 -5.08
N GLY N 1282 -87.09 51.20 -4.46
CA GLY N 1282 -86.01 51.84 -5.18
C GLY N 1282 -84.99 50.89 -5.77
N ASP N 1283 -85.03 50.70 -7.09
CA ASP N 1283 -84.04 49.91 -7.80
C ASP N 1283 -84.10 50.26 -9.29
N TYR N 1284 -82.99 50.73 -9.85
CA TYR N 1284 -83.04 51.39 -11.16
C TYR N 1284 -82.26 50.64 -12.24
N THR N 1285 -80.97 50.35 -12.05
CA THR N 1285 -80.15 49.91 -13.16
C THR N 1285 -79.08 48.94 -12.69
N LEU N 1286 -78.51 48.22 -13.66
CA LEU N 1286 -77.41 47.29 -13.45
C LEU N 1286 -76.30 47.60 -14.44
N THR N 1287 -75.06 47.30 -14.04
CA THR N 1287 -73.88 47.53 -14.87
C THR N 1287 -73.08 46.26 -14.98
N PRO N 1288 -72.77 45.79 -16.19
CA PRO N 1288 -71.98 44.55 -16.32
C PRO N 1288 -70.60 44.70 -15.69
N LEU N 1289 -70.16 43.61 -15.05
CA LEU N 1289 -68.84 43.52 -14.40
C LEU N 1289 -68.68 44.50 -13.24
N ALA O 2 -2.64 59.21 39.44
CA ALA O 2 -1.27 59.43 39.01
C ALA O 2 -0.86 58.41 37.95
N ASN O 3 0.44 58.13 37.88
CA ASN O 3 0.99 57.19 36.92
C ASN O 3 1.87 56.16 37.62
N VAL O 4 1.95 54.97 37.04
CA VAL O 4 2.85 53.93 37.51
C VAL O 4 3.58 53.31 36.33
N TRP O 5 4.80 53.78 36.07
CA TRP O 5 5.65 53.27 34.99
C TRP O 5 4.94 53.34 33.64
N GLY O 6 4.16 54.39 33.43
CA GLY O 6 3.47 54.57 32.17
C GLY O 6 2.05 54.05 32.12
N VAL O 7 1.46 53.68 33.26
CA VAL O 7 0.07 53.27 33.33
C VAL O 7 -0.69 54.40 33.99
N ARG O 8 -1.57 55.06 33.23
CA ARG O 8 -2.26 56.24 33.69
C ARG O 8 -3.53 55.83 34.42
N LEU O 9 -3.58 56.10 35.72
CA LEU O 9 -4.75 55.82 36.53
C LEU O 9 -5.66 57.03 36.59
N ALA O 10 -6.97 56.78 36.62
CA ALA O 10 -7.94 57.85 36.71
C ALA O 10 -7.85 58.53 38.09
N ASP O 11 -8.26 59.79 38.13
CA ASP O 11 -8.15 60.56 39.36
C ASP O 11 -9.07 60.02 40.45
N SER O 12 -10.28 59.62 40.09
CA SER O 12 -11.27 59.22 41.08
C SER O 12 -10.96 57.84 41.64
N LEU O 13 -11.62 57.50 42.75
CA LEU O 13 -11.49 56.20 43.38
C LEU O 13 -12.88 55.63 43.62
N SER O 14 -13.00 54.30 43.49
CA SER O 14 -14.28 53.64 43.68
C SER O 14 -14.04 52.16 43.94
N SER O 15 -14.61 51.64 45.01
CA SER O 15 -14.48 50.24 45.38
C SER O 15 -15.84 49.71 45.82
N PRO O 16 -16.11 48.42 45.58
CA PRO O 16 -17.37 47.85 46.05
C PRO O 16 -17.47 47.89 47.57
N THR O 17 -18.70 48.04 48.07
CA THR O 17 -18.94 48.25 49.48
C THR O 17 -19.78 47.16 50.15
N ILE O 18 -20.52 46.35 49.39
CA ILE O 18 -21.40 45.34 49.94
C ILE O 18 -20.89 43.97 49.52
N GLU O 19 -20.77 43.05 50.47
CA GLU O 19 -20.25 41.72 50.24
C GLU O 19 -21.37 40.71 50.45
N THR O 20 -21.60 39.87 49.44
CA THR O 20 -22.70 38.91 49.52
C THR O 20 -22.36 37.78 50.49
N ARG O 21 -23.40 37.07 50.92
CA ARG O 21 -23.25 35.95 51.82
C ARG O 21 -23.12 34.66 51.02
N THR O 22 -22.20 33.80 51.44
CA THR O 22 -21.93 32.57 50.69
C THR O 22 -23.05 31.56 50.89
N ARG O 23 -23.34 30.82 49.81
CA ARG O 23 -24.25 29.69 49.85
C ARG O 23 -23.44 28.41 49.82
N HIS O 24 -23.57 27.60 50.87
CA HIS O 24 -22.77 26.40 50.99
C HIS O 24 -23.31 25.30 50.09
N TYR O 25 -22.39 24.56 49.47
CA TYR O 25 -22.74 23.57 48.47
C TYR O 25 -23.57 22.45 49.08
N THR O 26 -24.59 22.01 48.34
CA THR O 26 -25.50 20.99 48.83
C THR O 26 -25.69 19.91 47.77
N LEU O 27 -26.23 18.77 48.21
CA LEU O 27 -26.34 17.60 47.34
C LEU O 27 -27.28 17.86 46.18
N HIS O 28 -28.39 18.57 46.43
CA HIS O 28 -29.32 18.89 45.35
C HIS O 28 -28.65 19.78 44.30
N ASP O 29 -27.87 20.76 44.75
CA ASP O 29 -27.12 21.59 43.81
C ASP O 29 -26.08 20.77 43.06
N PHE O 30 -25.46 19.79 43.73
CA PHE O 30 -24.51 18.92 43.04
C PHE O 30 -25.21 18.12 41.94
N TYR O 31 -26.40 17.59 42.23
CA TYR O 31 -27.16 16.86 41.21
C TYR O 31 -27.55 17.78 40.05
N SER O 32 -28.01 18.98 40.37
CA SER O 32 -28.40 19.93 39.32
C SER O 32 -27.20 20.37 38.49
N ASP O 33 -26.00 20.39 39.08
CA ASP O 33 -24.80 20.73 38.32
C ASP O 33 -24.37 19.57 37.43
N LEU O 34 -24.47 18.34 37.95
CA LEU O 34 -24.16 17.18 37.11
C LEU O 34 -25.11 17.10 35.93
N ASP O 35 -26.40 17.31 36.17
CA ASP O 35 -27.34 17.44 35.05
C ASP O 35 -27.02 18.71 34.28
N ALA O 36 -26.99 18.61 32.95
CA ALA O 36 -26.71 19.75 32.10
C ALA O 36 -28.02 20.41 31.69
N SER O 37 -28.52 21.27 32.57
CA SER O 37 -29.75 21.99 32.30
C SER O 37 -29.57 22.91 31.11
N VAL O 38 -30.67 23.16 30.39
CA VAL O 38 -30.61 23.99 29.19
C VAL O 38 -30.18 25.40 29.55
N GLY O 39 -30.78 25.96 30.60
CA GLY O 39 -30.45 27.32 30.99
C GLY O 39 -29.08 27.44 31.64
N LYS O 40 -28.73 26.49 32.51
CA LYS O 40 -27.51 26.57 33.31
C LYS O 40 -26.70 25.30 33.14
N GLU O 41 -25.40 25.47 32.87
CA GLU O 41 -24.45 24.38 32.72
C GLU O 41 -23.14 24.78 33.39
N PRO O 42 -22.36 23.81 33.89
CA PRO O 42 -21.11 24.12 34.59
C PRO O 42 -19.94 24.44 33.66
N TRP O 43 -20.20 25.29 32.66
CA TRP O 43 -19.18 25.78 31.76
C TRP O 43 -19.72 26.98 31.01
N ARG O 44 -18.81 27.76 30.42
CA ARG O 44 -19.18 28.96 29.69
C ARG O 44 -18.23 29.13 28.51
N PRO O 45 -18.74 29.13 27.28
CA PRO O 45 -17.87 29.26 26.11
C PRO O 45 -17.24 30.64 26.03
N LEU O 46 -16.04 30.68 25.43
CA LEU O 46 -15.34 31.92 25.14
C LEU O 46 -15.14 32.03 23.64
N ARG O 47 -15.51 33.18 23.08
CA ARG O 47 -15.50 33.38 21.64
C ARG O 47 -14.39 34.35 21.25
N ASN O 48 -13.72 34.04 20.13
CA ASN O 48 -12.74 34.95 19.57
C ASN O 48 -13.44 36.25 19.14
N GLN O 49 -12.82 37.37 19.47
CA GLN O 49 -13.47 38.66 19.24
C GLN O 49 -13.61 38.97 17.76
N ARG O 50 -12.64 38.56 16.95
CA ARG O 50 -12.67 38.92 15.52
C ARG O 50 -13.71 38.13 14.76
N THR O 51 -13.82 36.82 15.02
CA THR O 51 -14.67 35.95 14.22
C THR O 51 -15.86 35.38 14.97
N ASN O 52 -15.99 35.64 16.28
CA ASN O 52 -17.07 35.11 17.09
C ASN O 52 -17.12 33.58 17.01
N GLU O 53 -15.95 32.95 16.99
CA GLU O 53 -15.82 31.51 16.91
C GLU O 53 -15.34 30.98 18.25
N ILE O 54 -16.02 29.98 18.78
CA ILE O 54 -15.73 29.48 20.11
C ILE O 54 -14.41 28.72 20.09
N VAL O 55 -13.47 29.14 20.93
CA VAL O 55 -12.15 28.52 20.99
C VAL O 55 -11.78 27.99 22.36
N ALA O 56 -12.50 28.39 23.41
CA ALA O 56 -12.15 27.96 24.75
C ALA O 56 -13.38 27.99 25.64
N VAL O 57 -13.29 27.29 26.78
CA VAL O 57 -14.36 27.21 27.76
C VAL O 57 -13.77 27.49 29.14
N GLN O 58 -14.65 27.80 30.09
CA GLN O 58 -14.26 28.07 31.47
C GLN O 58 -15.04 27.11 32.37
N LEU O 59 -14.32 26.38 33.21
CA LEU O 59 -14.91 25.32 34.02
C LEU O 59 -15.34 25.87 35.37
N PHE O 60 -16.60 25.63 35.72
CA PHE O 60 -17.20 26.14 36.94
C PHE O 60 -17.07 25.09 38.06
N ARG O 61 -17.81 25.28 39.15
CA ARG O 61 -17.71 24.60 40.44
C ARG O 61 -17.42 23.10 40.36
N PRO O 62 -18.26 22.28 39.70
CA PRO O 62 -18.02 20.82 39.77
C PRO O 62 -17.03 20.29 38.77
N LEU O 63 -16.59 21.10 37.80
CA LEU O 63 -15.71 20.64 36.74
C LEU O 63 -14.28 21.14 36.88
N GLN O 64 -13.93 21.75 38.01
CA GLN O 64 -12.60 22.32 38.21
C GLN O 64 -11.62 21.33 38.82
N GLY O 65 -11.86 20.04 38.64
CA GLY O 65 -10.95 19.00 39.09
C GLY O 65 -10.14 18.33 38.01
N LEU O 66 -10.15 18.86 36.77
CA LEU O 66 -9.44 18.24 35.66
C LEU O 66 -7.95 18.54 35.80
N VAL O 67 -7.27 17.68 36.55
CA VAL O 67 -5.86 17.91 36.85
C VAL O 67 -4.93 17.13 35.93
N PHE O 68 -5.38 16.02 35.37
CA PHE O 68 -4.50 15.18 34.56
C PHE O 68 -4.32 15.77 33.16
N ASP O 69 -3.57 15.06 32.33
CA ASP O 69 -3.31 15.51 30.97
C ASP O 69 -4.57 15.45 30.12
N THR O 70 -4.63 16.33 29.11
CA THR O 70 -5.79 16.37 28.24
C THR O 70 -5.89 15.15 27.34
N GLN O 71 -4.81 14.37 27.19
CA GLN O 71 -4.85 13.19 26.34
C GLN O 71 -5.68 12.08 26.98
N LEU O 72 -5.65 11.96 28.30
CA LEU O 72 -6.40 10.91 28.97
C LEU O 72 -7.90 11.07 28.79
N TYR O 73 -8.39 12.31 28.85
CA TYR O 73 -9.82 12.55 28.78
C TYR O 73 -10.38 12.29 27.38
N GLY O 74 -9.57 12.54 26.35
CA GLY O 74 -10.03 12.32 24.99
C GLY O 74 -11.17 13.22 24.57
N PHE O 75 -11.06 14.51 24.86
CA PHE O 75 -12.11 15.44 24.50
C PHE O 75 -12.21 15.58 22.97
N PRO O 76 -13.42 15.75 22.45
CA PRO O 76 -13.58 15.79 20.99
C PRO O 76 -12.82 16.91 20.30
N GLY O 77 -12.71 18.08 20.94
CA GLY O 77 -12.04 19.22 20.36
C GLY O 77 -12.95 20.26 19.75
N THR O 78 -14.22 19.93 19.52
CA THR O 78 -15.20 20.88 19.02
C THR O 78 -16.30 21.06 20.07
N PHE O 79 -16.87 22.26 20.11
CA PHE O 79 -17.73 22.64 21.22
C PHE O 79 -18.97 21.76 21.33
N SER O 80 -19.62 21.48 20.21
CA SER O 80 -20.86 20.71 20.26
C SER O 80 -20.63 19.27 20.72
N GLN O 81 -19.65 18.58 20.10
CA GLN O 81 -19.36 17.22 20.49
C GLN O 81 -18.81 17.15 21.92
N TRP O 82 -18.01 18.15 22.31
CA TRP O 82 -17.56 18.23 23.69
C TRP O 82 -18.74 18.36 24.66
N GLU O 83 -19.71 19.18 24.30
CA GLU O 83 -20.90 19.33 25.14
C GLU O 83 -21.65 18.02 25.27
N GLN O 84 -21.86 17.31 24.15
CA GLN O 84 -22.57 16.03 24.21
C GLN O 84 -21.80 15.02 25.06
N PHE O 85 -20.48 14.94 24.87
CA PHE O 85 -19.65 14.01 25.63
C PHE O 85 -19.74 14.29 27.13
N MET O 86 -19.59 15.56 27.51
CA MET O 86 -19.67 15.93 28.91
C MET O 86 -21.05 15.64 29.48
N LYS O 87 -22.10 15.92 28.70
CA LYS O 87 -23.46 15.67 29.16
C LYS O 87 -23.66 14.18 29.45
N GLU O 88 -23.23 13.32 28.53
CA GLU O 88 -23.43 11.89 28.74
C GLU O 88 -22.65 11.39 29.96
N LYS O 89 -21.38 11.80 30.07
CA LYS O 89 -20.57 11.32 31.19
C LYS O 89 -21.12 11.82 32.52
N LEU O 90 -21.52 13.10 32.58
CA LEU O 90 -22.08 13.63 33.82
C LEU O 90 -23.41 12.95 34.15
N ARG O 91 -24.19 12.59 33.13
CA ARG O 91 -25.43 11.86 33.39
C ARG O 91 -25.15 10.50 34.03
N VAL O 92 -24.17 9.78 33.50
CA VAL O 92 -23.83 8.47 34.08
C VAL O 92 -23.34 8.64 35.52
N LEU O 93 -22.48 9.63 35.74
CA LEU O 93 -21.96 9.85 37.09
C LEU O 93 -23.07 10.22 38.07
N LYS O 94 -24.01 11.06 37.62
CA LYS O 94 -25.13 11.44 38.46
C LYS O 94 -26.01 10.24 38.78
N TYR O 95 -26.22 9.36 37.81
CA TYR O 95 -26.97 8.13 38.08
C TYR O 95 -26.28 7.28 39.12
N GLU O 96 -24.96 7.15 39.03
CA GLU O 96 -24.24 6.36 40.04
C GLU O 96 -24.39 6.98 41.43
N VAL O 97 -24.20 8.29 41.54
CA VAL O 97 -24.27 8.92 42.86
C VAL O 97 -25.70 8.89 43.40
N LEU O 98 -26.71 8.95 42.53
CA LEU O 98 -28.08 8.72 42.97
C LEU O 98 -28.26 7.30 43.49
N ARG O 99 -27.64 6.32 42.81
CA ARG O 99 -27.76 4.95 43.27
C ARG O 99 -27.20 4.78 44.66
N ILE O 100 -26.05 5.39 44.95
CA ILE O 100 -25.48 5.26 46.28
C ILE O 100 -26.18 6.18 47.29
N TYR O 101 -26.45 7.42 46.91
CA TYR O 101 -27.14 8.36 47.80
C TYR O 101 -28.52 8.68 47.27
N PRO O 102 -29.58 8.09 47.82
CA PRO O 102 -30.93 8.44 47.39
C PRO O 102 -31.30 9.85 47.80
N ILE O 103 -32.15 10.48 47.00
CA ILE O 103 -32.59 11.84 47.29
C ILE O 103 -33.56 11.86 48.48
N SER O 104 -34.33 10.79 48.68
CA SER O 104 -35.31 10.78 49.77
C SER O 104 -34.63 10.80 51.13
N THR O 105 -33.56 10.03 51.29
CA THR O 105 -32.85 10.01 52.57
C THR O 105 -31.98 11.24 52.75
N TYR O 106 -31.40 11.76 51.66
CA TYR O 106 -30.57 12.97 51.71
C TYR O 106 -31.19 14.01 50.78
N ASN O 107 -32.11 14.81 51.31
CA ASN O 107 -32.71 15.87 50.51
C ASN O 107 -31.74 17.02 50.30
N HIS O 108 -31.23 17.58 51.40
CA HIS O 108 -30.20 18.63 51.34
C HIS O 108 -29.19 18.37 52.45
N ASP O 109 -27.94 18.12 52.06
CA ASP O 109 -26.87 17.83 53.00
C ASP O 109 -25.59 18.48 52.50
N ARG O 110 -24.67 18.70 53.44
CA ARG O 110 -23.39 19.34 53.11
C ARG O 110 -22.60 18.44 52.16
N VAL O 111 -21.84 19.07 51.26
CA VAL O 111 -21.06 18.34 50.27
C VAL O 111 -19.61 18.81 50.33
N ASN O 112 -18.69 17.86 50.45
CA ASN O 112 -17.26 18.15 50.30
C ASN O 112 -17.00 18.62 48.88
N VAL O 113 -16.64 19.90 48.73
CA VAL O 113 -16.28 20.40 47.41
C VAL O 113 -15.03 19.70 46.90
N PHE O 114 -14.05 19.48 47.78
CA PHE O 114 -12.83 18.77 47.38
C PHE O 114 -13.16 17.38 46.86
N VAL O 115 -13.98 16.63 47.60
CA VAL O 115 -14.32 15.27 47.19
C VAL O 115 -15.16 15.28 45.92
N ALA O 116 -16.06 16.26 45.77
CA ALA O 116 -16.85 16.33 44.54
C ALA O 116 -15.96 16.55 43.32
N ASN O 117 -15.04 17.52 43.41
CA ASN O 117 -14.14 17.78 42.29
C ASN O 117 -13.24 16.59 42.02
N ALA O 118 -12.72 15.95 43.07
CA ALA O 118 -11.86 14.79 42.89
C ALA O 118 -12.63 13.64 42.25
N LEU O 119 -13.88 13.43 42.66
CA LEU O 119 -14.71 12.38 42.09
C LEU O 119 -14.96 12.63 40.61
N VAL O 120 -15.30 13.87 40.25
CA VAL O 120 -15.55 14.19 38.84
C VAL O 120 -14.29 13.99 38.03
N GLY O 121 -13.15 14.46 38.54
CA GLY O 121 -11.90 14.28 37.81
C GLY O 121 -11.51 12.83 37.65
N ALA O 122 -11.69 12.03 38.71
CA ALA O 122 -11.33 10.62 38.65
C ALA O 122 -12.22 9.86 37.68
N PHE O 123 -13.53 10.15 37.67
CA PHE O 123 -14.41 9.48 36.73
C PHE O 123 -14.09 9.89 35.30
N LEU O 124 -13.86 11.19 35.07
CA LEU O 124 -13.55 11.64 33.72
C LEU O 124 -12.20 11.13 33.24
N SER O 125 -11.26 10.89 34.15
CA SER O 125 -9.94 10.39 33.79
C SER O 125 -9.87 8.87 33.76
N ASN O 126 -10.99 8.18 33.98
CA ASN O 126 -11.06 6.72 33.99
C ASN O 126 -10.11 6.13 35.02
N GLN O 127 -10.31 6.54 36.28
CA GLN O 127 -9.51 6.11 37.41
C GLN O 127 -10.42 5.63 38.53
N ALA O 128 -9.81 5.24 39.65
CA ALA O 128 -10.55 4.72 40.79
C ALA O 128 -11.40 5.83 41.43
N PHE O 129 -12.71 5.78 41.23
CA PHE O 129 -13.62 6.78 41.75
C PHE O 129 -14.61 6.24 42.77
N TYR O 130 -14.90 4.93 42.76
CA TYR O 130 -15.92 4.39 43.65
C TYR O 130 -15.57 4.53 45.11
N ASP O 131 -14.28 4.64 45.45
CA ASP O 131 -13.89 4.79 46.85
C ASP O 131 -14.14 6.19 47.38
N LEU O 132 -14.31 7.18 46.51
CA LEU O 132 -14.57 8.54 46.94
C LEU O 132 -16.02 8.78 47.30
N LEU O 133 -16.93 7.89 46.91
CA LEU O 133 -18.35 8.10 47.17
C LEU O 133 -18.70 8.19 48.64
N PRO O 134 -18.17 7.33 49.54
CA PRO O 134 -18.56 7.43 50.96
C PRO O 134 -18.18 8.75 51.61
N LEU O 135 -17.36 9.56 50.97
CA LEU O 135 -16.93 10.79 51.60
C LEU O 135 -17.67 12.06 51.16
N LEU O 136 -18.64 11.96 50.27
CA LEU O 136 -19.30 13.16 49.77
C LEU O 136 -20.04 13.96 50.82
N ILE O 137 -20.76 13.30 51.71
CA ILE O 137 -21.44 14.00 52.79
C ILE O 137 -20.43 14.42 53.85
N VAL O 138 -20.59 15.59 54.47
CA VAL O 138 -19.57 16.05 55.40
C VAL O 138 -19.89 15.75 56.84
N ASN O 139 -19.18 14.80 57.44
CA ASN O 139 -19.35 14.49 58.85
C ASN O 139 -18.90 15.57 59.83
N ASP O 140 -17.73 16.16 59.59
CA ASP O 140 -17.21 17.16 60.51
C ASP O 140 -16.85 18.46 59.83
N THR O 141 -15.65 18.54 59.28
CA THR O 141 -15.25 19.72 58.54
C THR O 141 -14.66 19.25 57.24
N MET O 142 -14.70 20.07 56.21
CA MET O 142 -14.26 19.59 54.93
C MET O 142 -12.81 19.17 54.95
N ILE O 143 -11.95 19.99 55.53
CA ILE O 143 -10.55 19.67 55.55
C ILE O 143 -10.32 18.47 56.41
N SER O 144 -10.99 18.42 57.55
CA SER O 144 -10.73 17.35 58.49
C SER O 144 -10.91 15.95 58.01
N ASP O 145 -12.06 15.63 57.44
CA ASP O 145 -12.30 14.25 57.10
C ASP O 145 -11.27 13.78 56.12
N LEU O 146 -10.88 14.65 55.21
CA LEU O 146 -9.91 14.27 54.22
C LEU O 146 -8.53 13.98 54.82
N LEU O 147 -8.17 14.67 55.89
CA LEU O 147 -6.87 14.45 56.52
C LEU O 147 -6.69 13.05 57.08
N GLY O 148 -5.58 12.41 56.74
CA GLY O 148 -5.27 11.07 57.21
C GLY O 148 -6.24 10.00 56.78
N THR O 149 -6.61 10.00 55.50
CA THR O 149 -7.54 9.01 54.96
C THR O 149 -6.87 8.03 54.01
N GLY O 150 -6.24 8.53 52.95
CA GLY O 150 -5.53 7.68 52.02
C GLY O 150 -6.42 6.87 51.08
N ALA O 151 -7.74 7.01 51.17
CA ALA O 151 -8.63 6.28 50.27
C ALA O 151 -8.59 6.85 48.86
N ALA O 152 -8.24 8.12 48.73
CA ALA O 152 -8.15 8.77 47.44
C ALA O 152 -6.71 8.73 46.91
N LEU O 153 -6.59 8.77 45.59
CA LEU O 153 -5.28 8.83 44.97
C LEU O 153 -4.53 10.08 45.42
N SER O 154 -3.24 9.92 45.72
CA SER O 154 -2.45 11.03 46.23
C SER O 154 -2.30 12.16 45.21
N GLN O 155 -2.59 11.89 43.93
CA GLN O 155 -2.48 12.93 42.93
C GLN O 155 -3.50 14.04 43.18
N PHE O 156 -4.74 13.66 43.52
CA PHE O 156 -5.79 14.66 43.71
C PHE O 156 -5.52 15.54 44.93
N PHE O 157 -5.23 14.93 46.08
CA PHE O 157 -4.86 15.70 47.26
C PHE O 157 -4.05 14.81 48.20
N GLN O 158 -2.93 15.35 48.69
CA GLN O 158 -2.04 14.66 49.60
C GLN O 158 -2.00 15.42 50.93
N SER O 159 -1.90 14.67 52.02
CA SER O 159 -1.96 15.25 53.37
C SER O 159 -0.55 15.38 53.93
N HIS O 160 -0.25 16.55 54.48
CA HIS O 160 1.02 16.84 55.14
C HIS O 160 0.73 17.26 56.58
N GLY O 161 0.71 16.29 57.49
CA GLY O 161 0.42 16.60 58.88
C GLY O 161 -0.98 17.16 59.02
N GLU O 162 -1.07 18.36 59.59
CA GLU O 162 -2.34 19.05 59.76
C GLU O 162 -2.70 19.94 58.58
N VAL O 163 -1.89 19.95 57.53
CA VAL O 163 -2.10 20.78 56.35
C VAL O 163 -2.46 19.89 55.18
N LEU O 164 -3.56 20.22 54.50
CA LEU O 164 -4.03 19.45 53.35
C LEU O 164 -3.59 20.15 52.08
N GLU O 165 -2.87 19.43 51.22
CA GLU O 165 -2.40 19.95 49.95
C GLU O 165 -3.31 19.42 48.83
N VAL O 166 -3.95 20.34 48.11
CA VAL O 166 -4.87 20.00 47.04
C VAL O 166 -4.35 20.61 45.75
N ALA O 167 -4.21 19.78 44.73
CA ALA O 167 -3.78 20.27 43.43
C ALA O 167 -4.86 21.16 42.81
N ALA O 168 -4.42 22.13 42.03
CA ALA O 168 -5.31 23.10 41.41
C ALA O 168 -5.73 22.61 40.03
N GLY O 169 -7.03 22.46 39.81
CA GLY O 169 -7.52 22.05 38.52
C GLY O 169 -7.53 23.17 37.51
N ARG O 170 -7.70 22.79 36.25
CA ARG O 170 -7.70 23.78 35.17
C ARG O 170 -8.93 24.66 35.25
N LYS O 171 -8.74 25.95 34.99
CA LYS O 171 -9.85 26.89 34.91
C LYS O 171 -10.35 27.08 33.48
N TYR O 172 -9.49 26.85 32.50
CA TYR O 172 -9.86 26.98 31.09
C TYR O 172 -9.42 25.75 30.32
N LEU O 173 -10.22 25.40 29.32
CA LEU O 173 -9.89 24.35 28.36
C LEU O 173 -9.93 24.95 26.96
N GLN O 174 -8.89 24.68 26.17
CA GLN O 174 -8.80 25.21 24.81
C GLN O 174 -9.19 24.13 23.82
N MET O 175 -9.89 24.56 22.77
CA MET O 175 -10.33 23.64 21.72
C MET O 175 -9.32 23.64 20.59
N ASN O 176 -9.64 22.94 19.50
CA ASN O 176 -8.73 22.88 18.36
C ASN O 176 -8.58 24.23 17.68
N ASN O 177 -9.59 25.10 17.82
CA ASN O 177 -9.60 26.39 17.12
C ASN O 177 -8.59 27.39 17.70
N TYR O 178 -8.06 27.14 18.89
CA TYR O 178 -7.11 28.08 19.49
C TYR O 178 -5.82 28.08 18.69
N SER O 179 -5.38 29.26 18.27
CA SER O 179 -4.17 29.39 17.45
C SER O 179 -3.27 30.53 17.94
N ASN O 180 -3.40 30.93 19.20
CA ASN O 180 -2.61 32.03 19.77
C ASN O 180 -2.81 33.32 18.99
N ASP O 181 -4.03 33.52 18.49
CA ASP O 181 -4.33 34.71 17.72
C ASP O 181 -4.38 35.94 18.63
N ASP O 182 -4.24 37.13 18.02
CA ASP O 182 -4.24 38.36 18.78
C ASP O 182 -5.59 38.61 19.46
N ASP O 183 -6.68 38.17 18.83
CA ASP O 183 -8.01 38.37 19.38
C ASP O 183 -8.50 37.19 20.21
N ASP O 184 -7.71 36.12 20.32
CA ASP O 184 -8.09 35.01 21.16
C ASP O 184 -7.98 35.41 22.64
N PRO O 185 -8.94 35.00 23.48
CA PRO O 185 -8.89 35.37 24.90
C PRO O 185 -7.67 34.74 25.57
N PRO O 186 -7.05 35.45 26.50
CA PRO O 186 -5.90 34.88 27.21
C PRO O 186 -6.34 33.87 28.26
N LEU O 187 -5.51 32.84 28.44
CA LEU O 187 -5.81 31.77 29.38
C LEU O 187 -5.09 31.90 30.71
N PHE O 188 -4.12 32.82 30.81
CA PHE O 188 -3.42 33.11 32.07
C PHE O 188 -2.77 31.86 32.65
N ALA O 189 -2.22 31.02 31.79
CA ALA O 189 -1.45 29.83 32.15
C ALA O 189 -2.25 28.83 32.97
N LYS O 190 -3.57 28.99 33.08
CA LYS O 190 -4.41 28.03 33.78
C LYS O 190 -4.86 26.88 32.87
N ASP O 191 -4.51 26.93 31.59
CA ASP O 191 -4.77 25.79 30.70
C ASP O 191 -3.94 24.59 31.12
N LEU O 192 -2.69 24.81 31.51
CA LEU O 192 -1.79 23.72 31.85
C LEU O 192 -2.25 22.99 33.12
N SER O 193 -1.79 21.76 33.27
CA SER O 193 -2.30 20.87 34.29
C SER O 193 -1.77 21.18 35.68
N ASP O 194 -0.54 21.69 35.78
CA ASP O 194 0.16 21.82 37.06
C ASP O 194 0.60 23.26 37.30
N TYR O 195 -0.32 24.20 37.09
CA TYR O 195 0.03 25.61 37.18
C TYR O 195 0.14 26.11 38.61
N ALA O 196 -0.41 25.39 39.58
CA ALA O 196 -0.38 25.86 40.96
C ALA O 196 -0.63 24.70 41.91
N LYS O 197 -0.32 24.93 43.18
CA LYS O 197 -0.62 24.00 44.27
C LYS O 197 -1.22 24.78 45.42
N ALA O 198 -2.27 24.21 46.02
CA ALA O 198 -3.01 24.86 47.10
C ALA O 198 -2.91 24.05 48.38
N PHE O 199 -2.65 24.75 49.49
CA PHE O 199 -2.52 24.12 50.81
C PHE O 199 -3.58 24.72 51.72
N TYR O 200 -4.52 23.89 52.18
CA TYR O 200 -5.64 24.33 53.00
C TYR O 200 -5.40 23.96 54.46
N SER O 201 -5.66 24.91 55.35
CA SER O 201 -5.59 24.68 56.79
C SER O 201 -6.51 25.67 57.49
N ASP O 202 -6.83 25.38 58.75
CA ASP O 202 -7.79 26.21 59.47
C ASP O 202 -7.17 27.53 59.90
N THR O 203 -5.94 27.51 60.39
CA THR O 203 -5.28 28.70 60.92
C THR O 203 -4.04 29.02 60.09
N TYR O 204 -3.72 30.32 59.99
CA TYR O 204 -2.60 30.76 59.19
C TYR O 204 -1.26 30.48 59.85
N GLU O 205 -1.22 30.38 61.19
CA GLU O 205 0.03 30.10 61.87
C GLU O 205 0.54 28.70 61.51
N VAL O 206 -0.37 27.73 61.37
CA VAL O 206 0.03 26.39 60.94
C VAL O 206 0.60 26.44 59.53
N LEU O 207 -0.01 27.23 58.65
CA LEU O 207 0.52 27.37 57.29
C LEU O 207 1.91 28.00 57.30
N ASP O 208 2.13 29.01 58.14
CA ASP O 208 3.45 29.61 58.23
C ASP O 208 4.48 28.62 58.75
N ARG O 209 4.12 27.86 59.79
CA ARG O 209 5.05 26.84 60.31
C ARG O 209 5.35 25.79 59.26
N PHE O 210 4.35 25.43 58.45
CA PHE O 210 4.56 24.47 57.37
C PHE O 210 5.52 25.02 56.32
N PHE O 211 5.31 26.28 55.92
CA PHE O 211 6.15 26.90 54.90
C PHE O 211 7.53 27.26 55.41
N TRP O 212 7.75 27.22 56.73
CA TRP O 212 9.11 27.33 57.25
C TRP O 212 10.03 26.25 56.69
N THR O 213 9.47 25.06 56.40
CA THR O 213 10.24 23.94 55.90
C THR O 213 9.84 23.55 54.48
N HIS O 214 9.42 24.53 53.68
CA HIS O 214 9.07 24.31 52.29
C HIS O 214 9.92 25.22 51.42
N ASP O 215 10.06 24.82 50.15
CA ASP O 215 10.91 25.57 49.22
C ASP O 215 10.44 27.00 49.07
N SER O 216 9.23 27.19 48.54
CA SER O 216 8.64 28.51 48.32
C SER O 216 9.56 29.42 47.49
N SER O 217 10.31 28.82 46.56
CA SER O 217 11.12 29.64 45.66
C SER O 217 10.24 30.54 44.81
N ALA O 218 9.20 29.97 44.21
CA ALA O 218 8.14 30.78 43.62
C ALA O 218 7.27 31.34 44.72
N GLY O 219 6.84 32.60 44.55
CA GLY O 219 6.13 33.26 45.62
C GLY O 219 4.80 32.60 45.92
N VAL O 220 4.35 32.77 47.16
CA VAL O 220 3.07 32.25 47.60
C VAL O 220 2.06 33.39 47.65
N LEU O 221 0.79 33.05 47.46
CA LEU O 221 -0.28 34.04 47.37
C LEU O 221 -1.41 33.65 48.30
N VAL O 222 -2.28 34.62 48.58
CA VAL O 222 -3.43 34.41 49.47
C VAL O 222 -4.45 35.51 49.19
N HIS O 223 -5.73 35.15 49.32
CA HIS O 223 -6.80 36.13 49.11
C HIS O 223 -7.04 37.00 50.34
N TYR O 224 -7.06 36.38 51.53
CA TYR O 224 -7.36 37.02 52.82
C TYR O 224 -8.80 37.47 52.95
N ASP O 225 -9.63 37.31 51.91
CA ASP O 225 -11.01 37.80 51.94
C ASP O 225 -11.91 36.76 51.29
N LYS O 226 -12.61 35.97 52.12
CA LYS O 226 -13.51 34.91 51.69
C LYS O 226 -12.84 34.01 50.66
N PRO O 227 -11.92 33.14 51.08
CA PRO O 227 -11.30 32.20 50.12
C PRO O 227 -12.32 31.25 49.53
N THR O 228 -11.86 30.49 48.54
CA THR O 228 -12.76 29.59 47.81
C THR O 228 -13.39 28.55 48.74
N ASN O 229 -12.58 27.92 49.59
CA ASN O 229 -13.07 26.92 50.52
C ASN O 229 -12.55 27.08 51.94
N GLY O 230 -11.54 27.90 52.16
CA GLY O 230 -10.99 28.08 53.49
C GLY O 230 -9.63 28.72 53.40
N ASN O 231 -9.08 29.06 54.57
CA ASN O 231 -7.77 29.67 54.65
C ASN O 231 -6.73 28.81 53.94
N HIS O 232 -6.18 29.31 52.84
CA HIS O 232 -5.28 28.51 52.03
C HIS O 232 -4.24 29.41 51.37
N TYR O 233 -3.13 28.78 50.98
CA TYR O 233 -2.05 29.45 50.29
C TYR O 233 -1.93 28.87 48.88
N ILE O 234 -1.52 29.72 47.94
CA ILE O 234 -1.36 29.34 46.54
C ILE O 234 0.12 29.44 46.20
N LEU O 235 0.71 28.32 45.79
CA LEU O 235 2.13 28.25 45.45
C LEU O 235 2.28 28.20 43.93
N GLY O 236 3.05 29.12 43.39
CA GLY O 236 3.30 29.15 41.96
C GLY O 236 4.23 28.03 41.53
N THR O 237 4.30 27.82 40.22
CA THR O 237 5.14 26.78 39.65
C THR O 237 6.07 27.35 38.60
N LEU O 238 6.78 26.48 37.89
CA LEU O 238 7.74 26.90 36.88
C LEU O 238 7.16 26.95 35.46
N THR O 239 5.88 26.64 35.30
CA THR O 239 5.26 26.75 33.99
C THR O 239 5.07 28.20 33.60
N GLN O 240 5.00 28.46 32.30
CA GLN O 240 4.97 29.81 31.76
C GLN O 240 3.80 29.96 30.80
N MET O 241 3.38 31.21 30.60
CA MET O 241 2.36 31.58 29.63
C MET O 241 2.99 32.27 28.44
N VAL O 242 2.56 31.87 27.24
CA VAL O 242 3.15 32.35 26.00
C VAL O 242 2.16 33.12 25.13
N SER O 243 0.90 33.25 25.58
CA SER O 243 -0.12 33.89 24.76
C SER O 243 0.27 35.33 24.42
N ALA O 244 0.77 36.08 25.40
CA ALA O 244 1.29 37.41 25.12
C ALA O 244 2.58 37.27 24.31
N PRO O 245 2.64 37.82 23.10
CA PRO O 245 3.77 37.53 22.21
C PRO O 245 5.10 38.05 22.75
N PRO O 246 5.24 39.34 23.09
CA PRO O 246 6.57 39.85 23.43
C PRO O 246 7.06 39.41 24.81
N HIS O 247 6.19 38.88 25.66
CA HIS O 247 6.53 38.63 27.05
C HIS O 247 6.33 37.17 27.40
N ILE O 248 7.29 36.61 28.14
CA ILE O 248 7.17 35.29 28.75
C ILE O 248 6.86 35.52 30.23
N ILE O 249 5.66 35.11 30.65
CA ILE O 249 5.13 35.43 31.97
C ILE O 249 5.06 34.16 32.79
N ASN O 250 5.63 34.21 34.00
CA ASN O 250 5.59 33.07 34.91
C ASN O 250 4.18 32.88 35.47
N ALA O 251 3.95 31.70 36.03
CA ALA O 251 2.62 31.35 36.51
C ALA O 251 2.16 32.28 37.63
N THR O 252 3.04 32.58 38.58
CA THR O 252 2.69 33.50 39.67
C THR O 252 2.35 34.88 39.12
N ASP O 253 3.17 35.37 38.18
CA ASP O 253 2.88 36.66 37.56
C ASP O 253 1.55 36.62 36.80
N ALA O 254 1.24 35.49 36.17
CA ALA O 254 -0.04 35.37 35.47
C ALA O 254 -1.21 35.45 36.45
N LEU O 255 -1.11 34.75 37.59
CA LEU O 255 -2.16 34.82 38.59
C LEU O 255 -2.33 36.24 39.12
N LEU O 256 -1.20 36.90 39.41
CA LEU O 256 -1.27 38.28 39.90
C LEU O 256 -1.91 39.19 38.86
N LEU O 257 -1.53 39.04 37.58
CA LEU O 257 -2.09 39.88 36.53
C LEU O 257 -3.59 39.67 36.38
N GLU O 258 -4.04 38.41 36.40
CA GLU O 258 -5.46 38.14 36.26
C GLU O 258 -6.25 38.71 37.43
N SER O 259 -5.73 38.55 38.66
CA SER O 259 -6.41 39.11 39.82
C SER O 259 -6.46 40.64 39.74
N CYS O 260 -5.36 41.27 39.31
CA CYS O 260 -5.33 42.71 39.17
C CYS O 260 -6.38 43.19 38.18
N LEU O 261 -6.45 42.54 37.01
CA LEU O 261 -7.40 42.96 35.99
C LEU O 261 -8.84 42.76 36.46
N GLU O 262 -9.12 41.64 37.11
CA GLU O 262 -10.47 41.39 37.60
C GLU O 262 -10.87 42.43 38.64
N GLN O 263 -9.96 42.75 39.58
CA GLN O 263 -10.29 43.73 40.60
C GLN O 263 -10.44 45.14 40.01
N PHE O 264 -9.63 45.48 39.01
CA PHE O 264 -9.78 46.79 38.37
C PHE O 264 -11.13 46.88 37.66
N ALA O 265 -11.53 45.81 36.97
CA ALA O 265 -12.84 45.80 36.33
C ALA O 265 -13.96 45.93 37.36
N ALA O 266 -13.84 45.23 38.49
CA ALA O 266 -14.84 45.34 39.54
C ALA O 266 -14.89 46.76 40.10
N ASN O 267 -13.73 47.39 40.28
CA ASN O 267 -13.68 48.76 40.77
C ASN O 267 -14.37 49.72 39.81
N VAL O 268 -14.12 49.54 38.51
CA VAL O 268 -14.77 50.40 37.51
C VAL O 268 -16.28 50.19 37.52
N ARG O 269 -16.72 48.94 37.61
CA ARG O 269 -18.13 48.59 37.51
C ARG O 269 -18.89 48.76 38.82
N ALA O 270 -18.18 48.99 39.94
CA ALA O 270 -18.81 48.96 41.25
C ALA O 270 -19.89 50.02 41.40
N ARG O 271 -20.93 49.67 42.15
CA ARG O 271 -22.03 50.57 42.49
C ARG O 271 -22.34 50.46 43.97
N SER O 272 -23.02 51.48 44.49
CA SER O 272 -23.28 51.54 45.93
C SER O 272 -24.20 50.40 46.39
N ALA O 273 -25.21 50.08 45.59
CA ALA O 273 -26.18 49.07 45.99
C ALA O 273 -25.85 47.68 45.47
N GLN O 274 -25.10 47.58 44.37
CA GLN O 274 -24.77 46.27 43.82
C GLN O 274 -23.69 45.60 44.66
N PRO O 275 -23.94 44.40 45.19
CA PRO O 275 -22.89 43.70 45.93
C PRO O 275 -22.04 42.80 45.04
N VAL O 276 -20.96 42.25 45.60
CA VAL O 276 -20.04 41.41 44.85
C VAL O 276 -19.78 40.14 45.65
N THR O 277 -19.22 39.14 44.95
CA THR O 277 -18.87 37.89 45.61
C THR O 277 -17.83 38.10 46.71
N ARG O 278 -16.81 38.91 46.42
CA ARG O 278 -15.85 39.32 47.43
C ARG O 278 -15.33 40.70 47.06
N LEU O 279 -14.93 41.46 48.09
CA LEU O 279 -14.58 42.86 47.87
C LEU O 279 -13.33 43.01 47.01
N ASP O 280 -12.30 42.21 47.28
CA ASP O 280 -11.08 42.25 46.49
C ASP O 280 -10.66 40.84 46.11
N GLN O 281 -10.38 40.63 44.83
CA GLN O 281 -9.88 39.36 44.33
C GLN O 281 -8.37 39.36 44.13
N CYS O 282 -7.69 40.46 44.48
CA CYS O 282 -6.25 40.55 44.25
C CYS O 282 -5.49 39.60 45.17
N TYR O 283 -4.54 38.88 44.58
CA TYR O 283 -3.64 38.05 45.35
C TYR O 283 -2.62 38.93 46.07
N HIS O 284 -2.10 38.41 47.19
CA HIS O 284 -1.10 39.10 47.97
C HIS O 284 0.10 38.18 48.17
N LEU O 285 1.29 38.66 47.79
CA LEU O 285 2.51 37.89 47.96
C LEU O 285 2.92 37.92 49.42
N ARG O 286 3.09 36.74 50.01
CA ARG O 286 3.41 36.62 51.42
C ARG O 286 4.83 36.12 51.69
N TRP O 287 5.28 35.09 50.98
CA TRP O 287 6.61 34.54 51.16
C TRP O 287 7.29 34.45 49.80
N GLY O 288 8.62 34.41 49.84
CA GLY O 288 9.41 34.27 48.64
C GLY O 288 9.76 35.57 47.93
N ALA O 289 9.73 36.70 48.64
CA ALA O 289 10.09 37.98 48.03
C ALA O 289 11.59 38.15 47.84
N GLN O 290 12.40 37.23 48.35
CA GLN O 290 13.84 37.31 48.12
C GLN O 290 14.16 37.11 46.64
N TYR O 291 13.38 36.28 45.96
CA TYR O 291 13.67 35.86 44.59
C TYR O 291 13.02 36.74 43.53
N VAL O 292 12.11 37.63 43.91
CA VAL O 292 11.32 38.35 42.92
C VAL O 292 12.18 39.36 42.17
N GLY O 293 13.09 40.03 42.85
CA GLY O 293 13.85 41.09 42.22
C GLY O 293 13.18 42.44 42.37
N GLU O 294 14.01 43.46 42.60
CA GLU O 294 13.48 44.80 42.87
C GLU O 294 12.80 45.40 41.65
N ASP O 295 13.26 45.07 40.45
CA ASP O 295 12.69 45.59 39.20
C ASP O 295 12.39 44.41 38.29
N SER O 296 11.20 43.83 38.44
CA SER O 296 10.76 42.73 37.61
C SER O 296 9.25 42.81 37.45
N LEU O 297 8.67 41.81 36.79
CA LEU O 297 7.23 41.78 36.61
C LEU O 297 6.51 41.57 37.94
N THR O 298 7.06 40.74 38.81
CA THR O 298 6.37 40.39 40.05
C THR O 298 6.22 41.60 40.97
N TYR O 299 7.27 42.41 41.10
CA TYR O 299 7.23 43.55 42.00
C TYR O 299 6.23 44.59 41.51
N ARG O 300 6.26 44.90 40.21
CA ARG O 300 5.33 45.86 39.64
C ARG O 300 3.90 45.35 39.71
N LEU O 301 3.71 44.04 39.49
CA LEU O 301 2.38 43.47 39.60
C LEU O 301 1.86 43.53 41.04
N GLY O 302 2.75 43.34 42.01
CA GLY O 302 2.34 43.51 43.40
C GLY O 302 1.95 44.95 43.71
N VAL O 303 2.71 45.91 43.17
CA VAL O 303 2.37 47.32 43.35
C VAL O 303 0.99 47.59 42.75
N LEU O 304 0.74 47.07 41.55
CA LEU O 304 -0.55 47.31 40.89
C LEU O 304 -1.69 46.63 41.63
N SER O 305 -1.44 45.44 42.20
CA SER O 305 -2.46 44.79 43.01
C SER O 305 -2.78 45.61 44.26
N LEU O 306 -1.75 46.16 44.90
CA LEU O 306 -1.98 47.03 46.04
C LEU O 306 -2.79 48.27 45.65
N LEU O 307 -2.50 48.82 44.47
CA LEU O 307 -3.29 49.95 43.97
C LEU O 307 -4.74 49.55 43.74
N ALA O 308 -4.96 48.38 43.13
CA ALA O 308 -6.31 47.93 42.82
C ALA O 308 -7.11 47.68 44.09
N THR O 309 -6.46 47.13 45.12
CA THR O 309 -7.17 46.87 46.38
C THR O 309 -7.67 48.16 47.02
N ASN O 310 -6.96 49.27 46.81
CA ASN O 310 -7.31 50.55 47.41
C ASN O 310 -8.34 51.33 46.60
N GLY O 311 -8.76 50.82 45.44
CA GLY O 311 -9.83 51.43 44.69
C GLY O 311 -9.42 52.28 43.51
N TYR O 312 -8.20 52.15 43.00
CA TYR O 312 -7.79 52.90 41.83
C TYR O 312 -8.50 52.38 40.59
N GLN O 313 -8.53 53.20 39.54
CA GLN O 313 -9.22 52.88 38.30
C GLN O 313 -8.34 53.27 37.11
N LEU O 314 -8.20 52.36 36.16
CA LEU O 314 -7.44 52.65 34.96
C LEU O 314 -8.18 53.64 34.08
N ALA O 315 -7.41 54.48 33.38
CA ALA O 315 -8.01 55.44 32.45
C ALA O 315 -8.51 54.73 31.18
N ARG O 316 -7.75 53.77 30.68
CA ARG O 316 -8.17 53.06 29.47
C ARG O 316 -9.40 52.20 29.77
N PRO O 317 -10.35 52.13 28.84
CA PRO O 317 -11.56 51.32 29.08
C PRO O 317 -11.23 49.84 28.98
N ILE O 318 -11.37 49.13 30.09
CA ILE O 318 -11.13 47.69 30.11
C ILE O 318 -12.23 46.98 29.33
N PRO O 319 -11.90 46.09 28.41
CA PRO O 319 -12.94 45.38 27.65
C PRO O 319 -13.65 44.35 28.51
N LYS O 320 -14.88 44.02 28.11
CA LYS O 320 -15.64 42.99 28.81
C LYS O 320 -14.96 41.63 28.68
N GLN O 321 -14.46 41.32 27.49
CA GLN O 321 -13.70 40.10 27.24
C GLN O 321 -12.27 40.47 26.89
N LEU O 322 -11.32 39.95 27.65
CA LEU O 322 -9.92 40.28 27.43
C LEU O 322 -9.40 39.63 26.15
N THR O 323 -8.43 40.29 25.54
CA THR O 323 -7.79 39.81 24.32
C THR O 323 -6.28 39.72 24.55
N ASN O 324 -5.61 38.94 23.70
CA ASN O 324 -4.16 38.84 23.78
C ASN O 324 -3.50 40.19 23.52
N ARG O 325 -4.03 40.95 22.56
CA ARG O 325 -3.47 42.27 22.28
C ARG O 325 -3.58 43.19 23.48
N TRP O 326 -4.74 43.21 24.14
CA TRP O 326 -4.93 44.09 25.29
C TRP O 326 -4.00 43.71 26.43
N LEU O 327 -3.89 42.40 26.72
CA LEU O 327 -3.01 41.96 27.80
C LEU O 327 -1.56 42.28 27.48
N SER O 328 -1.14 42.06 26.24
CA SER O 328 0.23 42.38 25.85
C SER O 328 0.51 43.87 25.97
N SER O 329 -0.45 44.71 25.54
CA SER O 329 -0.27 46.15 25.68
C SER O 329 -0.19 46.56 27.14
N PHE O 330 -1.04 45.97 27.99
CA PHE O 330 -1.03 46.31 29.41
C PHE O 330 0.30 45.95 30.05
N VAL O 331 0.79 44.73 29.79
CA VAL O 331 2.06 44.32 30.41
C VAL O 331 3.23 45.12 29.85
N SER O 332 3.19 45.46 28.56
CA SER O 332 4.24 46.28 27.98
C SER O 332 4.25 47.67 28.61
N GLN O 333 3.06 48.23 28.86
CA GLN O 333 3.00 49.51 29.57
C GLN O 333 3.54 49.36 30.99
N VAL O 334 3.24 48.25 31.65
CA VAL O 334 3.69 48.05 33.02
C VAL O 334 5.22 48.00 33.09
N VAL O 335 5.84 47.25 32.18
CA VAL O 335 7.30 47.08 32.23
C VAL O 335 8.05 48.27 31.66
N SER O 336 7.37 49.33 31.23
CA SER O 336 8.03 50.47 30.64
C SER O 336 8.81 51.25 31.70
N ASP O 337 9.79 52.02 31.23
CA ASP O 337 10.59 52.83 32.13
C ASP O 337 9.78 53.99 32.68
N GLY O 338 9.99 54.30 33.95
CA GLY O 338 9.28 55.39 34.58
C GLY O 338 9.48 55.39 36.08
N ILE O 339 8.65 56.16 36.76
CA ILE O 339 8.70 56.34 38.20
C ILE O 339 7.30 56.06 38.76
N ASN O 340 7.25 55.55 39.99
CA ASN O 340 5.99 55.32 40.68
C ASN O 340 5.65 56.57 41.49
N GLU O 341 4.62 57.30 41.05
CA GLU O 341 4.16 58.50 41.74
C GLU O 341 3.03 58.23 42.72
N THR O 342 2.97 57.02 43.29
CA THR O 342 1.95 56.68 44.26
C THR O 342 2.61 56.29 45.57
N PRO O 343 2.15 56.82 46.71
CA PRO O 343 2.79 56.49 47.99
C PRO O 343 2.73 55.02 48.36
N LEU O 344 1.76 54.28 47.82
CA LEU O 344 1.61 52.87 48.19
C LEU O 344 2.80 52.04 47.69
N TRP O 345 3.36 51.24 48.58
CA TRP O 345 4.44 50.32 48.27
C TRP O 345 4.15 48.96 48.86
N PRO O 346 4.53 47.88 48.18
CA PRO O 346 4.19 46.54 48.70
C PRO O 346 4.95 46.21 49.96
N GLN O 347 4.30 45.42 50.82
CA GLN O 347 4.90 44.96 52.07
C GLN O 347 4.43 43.55 52.36
N GLU O 348 5.34 42.72 52.87
CA GLU O 348 5.03 41.31 53.10
C GLU O 348 4.08 41.12 54.29
N ARG O 349 4.36 41.81 55.41
CA ARG O 349 3.69 41.47 56.66
C ARG O 349 2.19 41.71 56.59
N TYR O 350 1.77 42.83 56.00
CA TYR O 350 0.35 43.11 55.89
C TYR O 350 0.08 43.95 54.65
N VAL O 351 -1.16 43.89 54.18
CA VAL O 351 -1.60 44.71 53.05
C VAL O 351 -1.93 46.11 53.56
N GLN O 352 -1.35 47.12 52.92
CA GLN O 352 -1.54 48.50 53.34
C GLN O 352 -2.78 49.08 52.69
N ILE O 353 -3.68 49.63 53.52
CA ILE O 353 -4.89 50.28 53.06
C ILE O 353 -4.86 51.72 53.54
N ALA O 354 -5.00 52.65 52.60
CA ALA O 354 -4.93 54.07 52.93
C ALA O 354 -6.12 54.50 53.77
N TYR O 355 -5.94 55.63 54.47
CA TYR O 355 -7.02 56.16 55.30
C TYR O 355 -8.19 56.63 54.47
N ASP O 356 -7.93 57.23 53.30
CA ASP O 356 -8.97 57.81 52.47
C ASP O 356 -9.54 56.84 51.44
N SER O 357 -9.02 55.63 51.36
CA SER O 357 -9.53 54.67 50.38
C SER O 357 -10.96 54.27 50.72
N PRO O 358 -11.87 54.24 49.75
CA PRO O 358 -13.27 53.89 50.01
C PRO O 358 -13.52 52.38 50.03
N SER O 359 -12.69 51.65 50.78
CA SER O 359 -12.82 50.20 50.90
C SER O 359 -13.09 49.84 52.35
N VAL O 360 -14.00 48.89 52.56
CA VAL O 360 -14.36 48.43 53.89
C VAL O 360 -13.98 46.96 54.08
N VAL O 361 -13.00 46.47 53.32
CA VAL O 361 -12.58 45.08 53.44
C VAL O 361 -11.93 44.81 54.80
N ASP O 362 -11.39 45.85 55.45
CA ASP O 362 -10.82 45.66 56.78
C ASP O 362 -11.88 45.25 57.79
N GLY O 363 -13.09 45.79 57.65
CA GLY O 363 -14.16 45.42 58.57
C GLY O 363 -14.58 43.98 58.42
N ALA O 364 -14.65 43.48 57.19
CA ALA O 364 -15.11 42.12 56.96
C ALA O 364 -14.04 41.09 57.34
N THR O 365 -12.77 41.44 57.23
CA THR O 365 -11.67 40.52 57.46
C THR O 365 -10.96 40.86 58.76
N GLN O 366 -10.83 39.86 59.63
CA GLN O 366 -10.20 40.08 60.93
C GLN O 366 -8.69 40.17 60.82
N TYR O 367 -8.07 39.35 59.96
CA TYR O 367 -6.62 39.28 59.86
C TYR O 367 -6.19 39.42 58.41
N GLY O 368 -5.31 40.38 58.15
CA GLY O 368 -4.74 40.52 56.82
C GLY O 368 -4.66 41.94 56.29
N TYR O 369 -5.53 42.82 56.78
CA TYR O 369 -5.63 44.18 56.26
C TYR O 369 -5.42 45.17 57.40
N VAL O 370 -4.67 46.23 57.11
CA VAL O 370 -4.33 47.25 58.10
C VAL O 370 -4.51 48.62 57.48
N ARG O 371 -5.16 49.54 58.21
CA ARG O 371 -5.26 50.92 57.81
C ARG O 371 -4.10 51.72 58.39
N ARG O 372 -3.44 52.50 57.54
CA ARG O 372 -2.34 53.36 57.96
C ARG O 372 -2.85 54.79 58.01
N ASN O 373 -3.05 55.31 59.23
CA ASN O 373 -3.58 56.66 59.39
C ASN O 373 -2.62 57.72 58.86
N GLN O 374 -1.31 57.49 58.99
CA GLN O 374 -0.33 58.46 58.51
C GLN O 374 -0.38 58.61 56.99
N LEU O 375 -0.94 57.62 56.30
CA LEU O 375 -0.99 57.61 54.84
C LEU O 375 -2.36 58.08 54.39
N ARG O 376 -2.41 59.17 53.63
CA ARG O 376 -3.65 59.77 53.16
C ARG O 376 -3.61 59.91 51.64
N LEU O 377 -4.74 59.65 50.99
CA LEU O 377 -4.88 59.76 49.55
C LEU O 377 -5.75 60.97 49.23
N GLY O 378 -5.16 61.96 48.55
CA GLY O 378 -5.85 63.21 48.33
C GLY O 378 -7.04 63.10 47.39
N MET O 379 -6.96 62.21 46.41
CA MET O 379 -7.94 62.19 45.33
C MET O 379 -9.34 61.83 45.84
N ARG O 380 -10.35 62.27 45.10
CA ARG O 380 -11.73 62.15 45.51
C ARG O 380 -12.26 60.73 45.26
N ILE O 381 -13.56 60.54 45.50
CA ILE O 381 -14.18 59.23 45.44
C ILE O 381 -15.34 59.31 44.46
N SER O 382 -15.24 58.56 43.35
CA SER O 382 -16.29 58.47 42.35
C SER O 382 -15.94 57.34 41.40
N ALA O 383 -16.93 56.91 40.62
CA ALA O 383 -16.77 55.85 39.64
C ALA O 383 -16.71 56.44 38.23
N LEU O 384 -16.00 55.75 37.36
CA LEU O 384 -15.84 56.22 35.99
C LEU O 384 -17.16 56.15 35.23
N GLN O 385 -17.32 57.06 34.27
CA GLN O 385 -18.48 57.07 33.39
C GLN O 385 -18.15 56.27 32.14
N SER O 386 -18.84 55.15 31.96
CA SER O 386 -18.56 54.26 30.84
C SER O 386 -18.99 54.92 29.53
N LEU O 387 -18.09 54.95 28.55
CA LEU O 387 -18.35 55.56 27.26
C LEU O 387 -17.94 54.61 26.15
N SER O 388 -18.66 54.69 25.03
CA SER O 388 -18.26 53.99 23.82
C SER O 388 -17.15 54.76 23.11
N ASP O 389 -16.36 54.03 22.34
CA ASP O 389 -15.26 54.65 21.61
C ASP O 389 -15.78 55.61 20.54
N THR O 390 -15.01 56.66 20.27
CA THR O 390 -15.39 57.67 19.29
C THR O 390 -14.68 57.40 17.98
N PRO O 391 -15.40 57.18 16.88
CA PRO O 391 -14.74 56.83 15.62
C PRO O 391 -13.99 57.97 14.97
N ALA O 392 -14.17 59.21 15.42
CA ALA O 392 -13.54 60.36 14.78
C ALA O 392 -12.90 61.24 15.84
N PRO O 393 -11.86 62.00 15.46
CA PRO O 393 -11.24 62.92 16.42
C PRO O 393 -12.21 63.99 16.89
N VAL O 394 -12.04 64.41 18.15
CA VAL O 394 -12.92 65.36 18.80
C VAL O 394 -12.17 66.68 18.96
N GLN O 395 -12.85 67.78 18.63
CA GLN O 395 -12.23 69.09 18.71
C GLN O 395 -11.90 69.45 20.16
N TRP O 396 -10.75 70.11 20.35
CA TRP O 396 -10.26 70.48 21.67
C TRP O 396 -9.90 71.95 21.68
N LEU O 397 -10.39 72.68 22.67
CA LEU O 397 -10.06 74.09 22.83
C LEU O 397 -9.21 74.27 24.08
N PRO O 398 -7.93 74.61 23.95
CA PRO O 398 -7.07 74.75 25.13
C PRO O 398 -7.40 75.99 25.94
N GLN O 399 -7.08 75.93 27.23
CA GLN O 399 -7.22 77.05 28.14
C GLN O 399 -5.89 77.29 28.83
N TYR O 400 -5.45 78.55 28.81
CA TYR O 400 -4.11 78.90 29.25
C TYR O 400 -4.05 79.15 30.75
N THR O 401 -2.82 79.10 31.28
CA THR O 401 -2.57 79.43 32.69
C THR O 401 -1.47 80.48 32.78
N ILE O 402 -0.99 80.74 34.01
CA ILE O 402 0.01 81.79 34.21
C ILE O 402 1.44 81.29 34.07
N ASP O 403 1.66 80.01 33.87
CA ASP O 403 3.01 79.49 33.69
C ASP O 403 3.58 79.92 32.36
N GLN O 404 4.90 80.20 32.35
CA GLN O 404 5.59 80.70 31.17
C GLN O 404 6.90 79.96 30.99
N VAL O 405 7.41 79.98 29.75
CA VAL O 405 8.66 79.34 29.41
C VAL O 405 9.15 79.95 28.10
N ALA O 406 10.44 79.80 27.82
CA ALA O 406 11.03 80.37 26.63
C ALA O 406 10.48 79.72 25.37
N VAL O 407 10.42 80.50 24.29
CA VAL O 407 9.85 80.02 23.03
C VAL O 407 10.77 79.02 22.36
N ASP O 408 12.09 79.19 22.50
CA ASP O 408 13.03 78.29 21.85
C ASP O 408 12.91 76.87 22.39
N GLU O 409 12.73 76.73 23.71
CA GLU O 409 12.51 75.42 24.29
C GLU O 409 11.24 74.78 23.74
N GLY O 410 10.17 75.57 23.60
CA GLY O 410 8.94 75.05 23.03
C GLY O 410 9.13 74.56 21.61
N ASP O 411 9.80 75.36 20.78
CA ASP O 411 10.04 74.95 19.40
C ASP O 411 10.89 73.68 19.34
N ALA O 412 11.93 73.61 20.17
CA ALA O 412 12.80 72.44 20.17
C ALA O 412 12.03 71.18 20.57
N MET O 413 11.22 71.26 21.63
CA MET O 413 10.49 70.07 22.03
C MET O 413 9.37 69.72 21.07
N VAL O 414 8.74 70.70 20.44
CA VAL O 414 7.78 70.40 19.39
C VAL O 414 8.46 69.61 18.29
N SER O 415 9.60 70.11 17.79
CA SER O 415 10.34 69.38 16.77
C SER O 415 10.76 68.00 17.24
N GLN O 416 10.98 67.84 18.55
CA GLN O 416 11.29 66.52 19.08
C GLN O 416 10.07 65.60 19.03
N LEU O 417 8.87 66.16 19.21
CA LEU O 417 7.66 65.37 19.28
C LEU O 417 6.83 65.39 17.99
N THR O 418 7.33 66.01 16.93
CA THR O 418 6.54 66.11 15.70
C THR O 418 6.43 64.76 14.99
N GLN O 419 5.29 64.58 14.33
CA GLN O 419 5.12 63.58 13.26
C GLN O 419 5.01 64.28 11.91
N LEU O 420 5.68 65.41 11.77
CA LEU O 420 5.45 66.30 10.62
C LEU O 420 5.65 65.63 9.26
N PRO O 421 6.73 64.88 9.00
CA PRO O 421 6.91 64.38 7.63
C PRO O 421 5.90 63.29 7.27
N LEU O 422 4.91 63.65 6.46
CA LEU O 422 3.99 62.69 5.86
C LEU O 422 3.28 63.40 4.70
N ARG O 423 2.52 62.62 3.95
CA ARG O 423 1.79 63.14 2.80
C ARG O 423 0.32 63.31 3.16
N PRO O 424 -0.16 64.52 3.35
CA PRO O 424 -1.58 64.72 3.69
C PRO O 424 -2.45 64.66 2.44
N ASP O 425 -3.76 64.57 2.68
CA ASP O 425 -4.75 64.61 1.60
C ASP O 425 -5.13 66.08 1.39
N TYR O 426 -4.84 66.60 0.20
CA TYR O 426 -4.98 68.03 -0.04
C TYR O 426 -6.44 68.47 0.01
N GLY O 427 -7.32 67.74 -0.65
CA GLY O 427 -8.70 68.17 -0.74
C GLY O 427 -8.90 69.20 -1.84
N SER O 428 -9.98 69.98 -1.70
CA SER O 428 -10.36 70.99 -2.67
C SER O 428 -10.37 72.35 -2.00
N ILE O 429 -9.85 73.36 -2.70
CA ILE O 429 -9.80 74.71 -2.15
C ILE O 429 -11.02 75.53 -2.56
N TRP O 430 -11.68 75.16 -3.66
CA TRP O 430 -12.82 75.89 -4.18
C TRP O 430 -13.85 74.87 -4.66
N ILE O 431 -15.13 75.13 -4.36
CA ILE O 431 -16.23 74.31 -4.83
C ILE O 431 -17.36 75.22 -5.28
N GLY O 432 -18.32 74.65 -5.99
CA GLY O 432 -19.48 75.37 -6.45
C GLY O 432 -19.51 75.49 -7.97
N GLU O 433 -20.60 76.06 -8.45
CA GLU O 433 -20.79 76.24 -9.88
C GLU O 433 -19.99 77.42 -10.39
N ALA O 434 -20.03 77.63 -11.70
CA ALA O 434 -19.22 78.65 -12.35
C ALA O 434 -19.83 80.03 -12.18
N LEU O 435 -19.06 81.05 -12.54
CA LEU O 435 -19.48 82.43 -12.51
C LEU O 435 -19.43 82.99 -13.92
N SER O 436 -20.46 83.77 -14.28
CA SER O 436 -20.64 84.25 -15.66
C SER O 436 -20.67 85.77 -15.67
N TYR O 437 -19.53 86.39 -15.96
CA TYR O 437 -19.49 87.83 -16.17
C TYR O 437 -19.70 88.14 -17.65
N TYR O 438 -20.65 89.02 -17.94
CA TYR O 438 -20.99 89.33 -19.31
C TYR O 438 -21.11 90.83 -19.51
N VAL O 439 -20.75 91.28 -20.71
CA VAL O 439 -20.90 92.67 -21.13
C VAL O 439 -21.35 92.68 -22.58
N ASP O 440 -22.34 93.51 -22.87
CA ASP O 440 -22.91 93.62 -24.21
C ASP O 440 -22.62 95.00 -24.78
N TYR O 441 -23.02 95.18 -26.04
CA TYR O 441 -22.80 96.45 -26.73
C TYR O 441 -23.97 97.38 -26.47
N ASN O 442 -23.66 98.61 -26.07
CA ASN O 442 -24.66 99.65 -25.86
C ASN O 442 -24.24 100.91 -26.58
N ARG O 443 -25.18 101.51 -27.32
CA ARG O 443 -24.86 102.70 -28.11
C ARG O 443 -24.58 103.91 -27.22
N SER O 444 -25.23 103.99 -26.07
CA SER O 444 -25.08 105.17 -25.20
C SER O 444 -23.66 105.31 -24.69
N HIS O 445 -22.94 104.21 -24.52
CA HIS O 445 -21.57 104.26 -24.02
C HIS O 445 -20.66 104.94 -25.03
N ARG O 446 -19.67 105.66 -24.52
CA ARG O 446 -18.78 106.44 -25.36
C ARG O 446 -17.81 105.54 -26.13
N VAL O 447 -17.28 106.08 -27.22
CA VAL O 447 -16.37 105.32 -28.08
C VAL O 447 -15.02 105.18 -27.41
N VAL O 448 -14.48 103.97 -27.43
CA VAL O 448 -13.17 103.67 -26.88
C VAL O 448 -12.31 103.04 -27.97
N LEU O 449 -11.10 103.58 -28.16
CA LEU O 449 -10.18 103.03 -29.14
C LEU O 449 -9.48 101.80 -28.56
N SER O 450 -8.85 101.03 -29.45
CA SER O 450 -8.19 99.79 -29.05
C SER O 450 -6.92 100.04 -28.26
N SER O 451 -6.40 101.27 -28.24
CA SER O 451 -5.17 101.56 -27.52
C SER O 451 -5.39 101.57 -26.01
N GLU O 452 -6.54 102.08 -25.57
CA GLU O 452 -6.78 102.22 -24.14
C GLU O 452 -7.13 100.90 -23.45
N LEU O 453 -7.48 99.88 -24.22
CA LEU O 453 -7.83 98.60 -23.62
C LEU O 453 -6.60 97.96 -22.98
N PRO O 454 -6.75 97.31 -21.84
CA PRO O 454 -5.61 96.65 -21.19
C PRO O 454 -5.28 95.33 -21.87
N GLN O 455 -4.08 94.83 -21.57
CA GLN O 455 -3.60 93.56 -22.08
C GLN O 455 -3.18 92.67 -20.93
N LEU O 456 -2.86 91.41 -21.25
CA LEU O 456 -2.46 90.46 -20.23
C LEU O 456 -1.12 90.87 -19.61
N PRO O 457 -0.91 90.54 -18.33
CA PRO O 457 0.35 90.90 -17.69
C PRO O 457 1.55 90.29 -18.41
N ASP O 458 2.63 91.06 -18.49
CA ASP O 458 3.79 90.63 -19.28
C ASP O 458 4.43 89.37 -18.69
N THR O 459 4.30 89.15 -17.39
CA THR O 459 4.85 87.98 -16.73
C THR O 459 3.89 86.80 -16.69
N TYR O 460 2.93 86.76 -17.63
CA TYR O 460 1.93 85.69 -17.63
C TYR O 460 2.59 84.32 -17.83
N PHE O 461 3.54 84.23 -18.78
CA PHE O 461 4.23 82.97 -19.05
C PHE O 461 5.49 82.91 -18.19
N ASP O 462 5.29 82.57 -16.92
CA ASP O 462 6.37 82.45 -15.96
C ASP O 462 6.14 81.20 -15.13
N GLY O 463 7.24 80.68 -14.57
CA GLY O 463 7.14 79.46 -13.78
C GLY O 463 6.22 79.59 -12.59
N ASP O 464 6.33 80.72 -11.87
CA ASP O 464 5.48 80.94 -10.70
C ASP O 464 4.00 81.03 -11.08
N GLU O 465 3.70 81.78 -12.14
CA GLU O 465 2.31 81.91 -12.58
C GLU O 465 1.76 80.57 -13.05
N GLN O 466 2.57 79.82 -13.80
CA GLN O 466 2.14 78.50 -14.26
C GLN O 466 1.88 77.57 -13.07
N TYR O 467 2.77 77.59 -12.07
CA TYR O 467 2.58 76.76 -10.89
C TYR O 467 1.29 77.14 -10.16
N GLY O 468 1.06 78.43 -9.97
CA GLY O 468 -0.14 78.85 -9.25
C GLY O 468 -1.41 78.48 -9.99
N ARG O 469 -1.45 78.73 -11.30
CA ARG O 469 -2.67 78.44 -12.06
C ARG O 469 -2.88 76.93 -12.21
N SER O 470 -1.79 76.14 -12.29
CA SER O 470 -1.94 74.70 -12.32
C SER O 470 -2.46 74.17 -11.00
N LEU O 471 -1.99 74.72 -9.88
CA LEU O 471 -2.53 74.33 -8.58
C LEU O 471 -4.02 74.67 -8.48
N PHE O 472 -4.39 75.87 -8.92
CA PHE O 472 -5.80 76.26 -8.87
C PHE O 472 -6.66 75.36 -9.75
N SER O 473 -6.17 74.99 -10.93
CA SER O 473 -6.89 74.08 -11.79
C SER O 473 -7.02 72.70 -11.15
N LEU O 474 -5.95 72.21 -10.52
CA LEU O 474 -5.98 70.89 -9.92
C LEU O 474 -6.95 70.84 -8.73
N ALA O 475 -7.05 71.92 -7.97
CA ALA O 475 -7.90 71.96 -6.80
C ALA O 475 -9.27 72.57 -7.06
N ARG O 476 -9.69 72.64 -8.34
CA ARG O 476 -10.96 73.28 -8.64
C ARG O 476 -12.14 72.40 -8.25
N LYS O 477 -12.07 71.10 -8.53
CA LYS O 477 -13.11 70.13 -8.16
C LYS O 477 -14.48 70.60 -8.63
N VAL O 478 -14.64 70.66 -9.95
CA VAL O 478 -15.89 71.13 -10.54
C VAL O 478 -16.58 70.08 -11.40
N GLY O 479 -15.85 69.12 -11.97
CA GLY O 479 -16.45 68.11 -12.82
C GLY O 479 -15.95 68.25 -14.26
N ASP O 480 -16.88 68.36 -15.20
CA ASP O 480 -16.54 68.53 -16.60
C ASP O 480 -16.61 70.02 -16.92
N ARG O 481 -15.45 70.63 -17.14
CA ARG O 481 -15.38 72.09 -17.29
C ARG O 481 -16.00 72.53 -18.60
N SER O 482 -15.80 71.76 -19.68
CA SER O 482 -16.36 72.12 -20.96
C SER O 482 -17.88 72.19 -20.91
N LEU O 483 -18.50 71.26 -20.18
CA LEU O 483 -19.95 71.25 -20.06
C LEU O 483 -20.48 72.57 -19.50
N VAL O 484 -19.95 72.98 -18.36
CA VAL O 484 -20.46 74.19 -17.71
C VAL O 484 -20.12 75.43 -18.52
N LYS O 485 -18.90 75.50 -19.07
CA LYS O 485 -18.53 76.67 -19.85
C LYS O 485 -19.43 76.81 -21.08
N ASP O 486 -19.63 75.72 -21.82
CA ASP O 486 -20.44 75.78 -23.03
C ASP O 486 -21.90 76.06 -22.71
N THR O 487 -22.44 75.46 -21.63
CA THR O 487 -23.83 75.72 -21.31
C THR O 487 -24.04 77.16 -20.88
N ALA O 488 -23.09 77.74 -20.13
CA ALA O 488 -23.21 79.13 -19.74
C ALA O 488 -23.14 80.05 -20.95
N VAL O 489 -22.18 79.82 -21.85
CA VAL O 489 -22.04 80.71 -23.00
C VAL O 489 -23.25 80.56 -23.93
N LEU O 490 -23.80 79.35 -24.04
CA LEU O 490 -24.99 79.16 -24.88
C LEU O 490 -26.20 79.87 -24.28
N LYS O 491 -26.40 79.74 -22.96
CA LYS O 491 -27.52 80.41 -22.32
C LYS O 491 -27.41 81.93 -22.48
N HIS O 492 -26.21 82.47 -22.35
CA HIS O 492 -26.04 83.91 -22.53
C HIS O 492 -26.22 84.32 -23.98
N ALA O 493 -25.77 83.49 -24.93
CA ALA O 493 -25.78 83.88 -26.34
C ALA O 493 -27.19 83.85 -26.92
N TYR O 494 -27.97 82.82 -26.56
CA TYR O 494 -29.28 82.66 -27.19
C TYR O 494 -30.24 83.79 -26.80
N GLN O 495 -29.96 84.47 -25.68
CA GLN O 495 -30.82 85.56 -25.22
C GLN O 495 -30.24 86.90 -25.68
N ALA O 496 -30.33 87.14 -26.99
CA ALA O 496 -29.87 88.38 -27.59
C ALA O 496 -30.99 88.98 -28.42
N ILE O 497 -31.16 90.29 -28.30
CA ILE O 497 -32.20 91.01 -29.02
C ILE O 497 -31.57 91.73 -30.21
N ASP O 498 -32.39 92.00 -31.22
CA ASP O 498 -31.97 92.49 -32.52
C ASP O 498 -32.46 93.90 -32.77
N PRO O 499 -31.62 94.80 -33.28
CA PRO O 499 -32.12 96.08 -33.78
C PRO O 499 -32.98 95.88 -35.02
N ASN O 500 -33.91 96.83 -35.22
CA ASN O 500 -34.74 96.93 -36.42
C ASN O 500 -35.81 95.85 -36.50
N THR O 501 -35.81 94.92 -35.56
CA THR O 501 -36.79 93.84 -35.50
C THR O 501 -36.81 93.21 -34.12
N GLY O 502 -38.00 92.84 -33.66
CA GLY O 502 -38.16 92.35 -32.30
C GLY O 502 -37.68 90.93 -32.10
N LYS O 503 -37.34 90.22 -33.16
CA LYS O 503 -36.94 88.83 -33.03
C LYS O 503 -35.52 88.73 -32.46
N GLU O 504 -35.17 87.52 -32.02
CA GLU O 504 -33.83 87.25 -31.50
C GLU O 504 -32.91 86.84 -32.64
N TYR O 505 -31.62 86.66 -32.30
CA TYR O 505 -30.65 86.27 -33.31
C TYR O 505 -30.70 84.77 -33.62
N LEU O 506 -30.65 83.93 -32.59
CA LEU O 506 -30.61 82.49 -32.76
C LEU O 506 -32.00 81.92 -32.49
N ARG O 507 -32.54 81.21 -33.47
CA ARG O 507 -33.84 80.58 -33.38
C ARG O 507 -33.70 79.06 -33.37
N ALA O 508 -34.83 78.38 -33.33
CA ALA O 508 -34.82 76.92 -33.38
C ALA O 508 -34.58 76.44 -34.80
N GLY O 509 -34.05 75.22 -34.92
CA GLY O 509 -33.81 74.62 -36.21
C GLY O 509 -32.58 75.14 -36.94
N GLN O 510 -31.72 75.89 -36.28
CA GLN O 510 -30.53 76.40 -36.93
C GLN O 510 -29.52 75.27 -37.16
N SER O 511 -28.65 75.48 -38.15
CA SER O 511 -27.58 74.55 -38.46
C SER O 511 -26.28 75.08 -37.85
N VAL O 512 -25.63 74.25 -37.03
CA VAL O 512 -24.48 74.69 -36.26
C VAL O 512 -23.28 73.81 -36.58
N ALA O 513 -22.10 74.32 -36.27
CA ALA O 513 -20.83 73.61 -36.46
C ALA O 513 -19.98 73.79 -35.22
N TYR O 514 -19.44 72.69 -34.70
CA TYR O 514 -18.63 72.70 -33.49
C TYR O 514 -17.16 72.59 -33.91
N PHE O 515 -16.48 73.73 -33.96
CA PHE O 515 -15.06 73.74 -34.30
C PHE O 515 -14.22 73.33 -33.11
N GLY O 516 -13.17 72.57 -33.38
CA GLY O 516 -12.28 72.12 -32.32
C GLY O 516 -12.91 71.16 -31.33
N ALA O 517 -13.82 70.32 -31.80
CA ALA O 517 -14.43 69.33 -30.92
C ALA O 517 -13.41 68.27 -30.52
N SER O 518 -13.49 67.85 -29.26
CA SER O 518 -12.54 66.88 -28.71
C SER O 518 -13.29 65.66 -28.22
N ALA O 519 -12.77 64.48 -28.58
CA ALA O 519 -13.36 63.23 -28.12
C ALA O 519 -13.27 63.10 -26.60
N GLY O 520 -12.13 63.47 -26.03
CA GLY O 520 -11.94 63.41 -24.60
C GLY O 520 -11.81 61.99 -24.09
N HIS O 521 -11.89 61.87 -22.77
CA HIS O 521 -11.82 60.58 -22.09
C HIS O 521 -12.98 60.47 -21.10
N SER O 522 -13.34 59.23 -20.79
CA SER O 522 -14.47 58.92 -19.92
C SER O 522 -15.75 59.59 -20.42
N GLY O 523 -15.98 59.46 -21.73
CA GLY O 523 -17.14 60.07 -22.36
C GLY O 523 -17.59 59.26 -23.55
N ALA O 524 -18.56 59.83 -24.27
CA ALA O 524 -19.15 59.19 -25.45
C ALA O 524 -18.48 59.62 -26.74
N ASP O 525 -17.19 59.98 -26.70
CA ASP O 525 -16.42 60.42 -27.86
C ASP O 525 -16.97 61.68 -28.49
N GLN O 526 -17.74 62.47 -27.74
CA GLN O 526 -18.37 63.68 -28.22
C GLN O 526 -18.28 64.76 -27.16
N PRO O 527 -18.27 66.03 -27.55
CA PRO O 527 -18.48 67.10 -26.57
C PRO O 527 -19.80 66.89 -25.85
N LEU O 528 -19.75 66.97 -24.52
CA LEU O 528 -20.89 66.54 -23.70
C LEU O 528 -22.09 67.46 -23.86
N VAL O 529 -21.86 68.71 -24.30
CA VAL O 529 -22.95 69.67 -24.39
C VAL O 529 -23.84 69.39 -25.58
N ILE O 530 -23.38 68.58 -26.53
CA ILE O 530 -24.16 68.35 -27.75
C ILE O 530 -25.44 67.59 -27.43
N GLU O 531 -25.35 66.57 -26.58
CA GLU O 531 -26.52 65.72 -26.32
C GLU O 531 -27.66 66.48 -25.66
N PRO O 532 -27.47 67.22 -24.55
CA PRO O 532 -28.59 68.03 -24.04
C PRO O 532 -29.04 69.09 -25.03
N TRP O 533 -28.11 69.66 -25.80
CA TRP O 533 -28.48 70.65 -26.81
C TRP O 533 -29.34 70.01 -27.89
N MET O 534 -28.96 68.83 -28.37
CA MET O 534 -29.70 68.17 -29.44
C MET O 534 -31.07 67.69 -28.94
N GLN O 535 -31.14 67.17 -27.72
CA GLN O 535 -32.38 66.67 -27.17
C GLN O 535 -33.27 67.76 -26.59
N GLY O 536 -32.80 69.00 -26.54
CA GLY O 536 -33.58 70.08 -26.00
C GLY O 536 -33.73 70.09 -24.50
N LYS O 537 -32.88 69.35 -23.78
CA LYS O 537 -32.99 69.30 -22.33
C LYS O 537 -32.62 70.64 -21.69
N ILE O 538 -31.69 71.37 -22.29
CA ILE O 538 -31.32 72.68 -21.77
C ILE O 538 -32.49 73.63 -21.96
N SER O 539 -32.86 74.33 -20.89
CA SER O 539 -34.07 75.15 -20.91
C SER O 539 -33.93 76.34 -21.85
N GLY O 540 -32.82 77.07 -21.74
CA GLY O 540 -32.70 78.33 -22.46
C GLY O 540 -32.63 78.17 -23.97
N VAL O 541 -31.91 77.17 -24.44
CA VAL O 541 -31.55 77.03 -25.85
C VAL O 541 -32.55 76.10 -26.53
N PRO O 542 -33.19 76.52 -27.62
CA PRO O 542 -33.94 75.56 -28.43
C PRO O 542 -33.00 74.60 -29.13
N PRO O 543 -33.46 73.40 -29.46
CA PRO O 543 -32.58 72.41 -30.11
C PRO O 543 -32.18 72.86 -31.50
N PRO O 544 -30.97 72.56 -31.93
CA PRO O 544 -30.55 72.89 -33.30
C PRO O 544 -30.91 71.78 -34.27
N SER O 545 -30.82 72.12 -35.57
CA SER O 545 -31.15 71.14 -36.60
C SER O 545 -30.11 70.02 -36.65
N SER O 546 -28.83 70.37 -36.70
CA SER O 546 -27.77 69.38 -36.76
C SER O 546 -26.46 70.04 -36.32
N VAL O 547 -25.52 69.19 -35.90
CA VAL O 547 -24.22 69.63 -35.43
C VAL O 547 -23.14 68.91 -36.23
N ARG O 548 -22.24 69.68 -36.83
CA ARG O 548 -21.09 69.13 -37.55
C ARG O 548 -19.82 69.51 -36.80
N GLN O 549 -19.02 68.50 -36.45
CA GLN O 549 -17.85 68.69 -35.60
C GLN O 549 -16.58 68.61 -36.43
N PHE O 550 -15.75 69.65 -36.34
CA PHE O 550 -14.44 69.69 -36.95
C PHE O 550 -13.42 70.01 -35.88
N GLY O 551 -12.28 69.32 -35.91
CA GLY O 551 -11.23 69.57 -34.93
C GLY O 551 -10.02 68.73 -35.22
N TYR O 552 -8.94 69.04 -34.51
CA TYR O 552 -7.70 68.28 -34.67
C TYR O 552 -7.87 66.85 -34.17
N ASP O 553 -8.65 66.66 -33.10
CA ASP O 553 -8.89 65.34 -32.52
C ASP O 553 -10.39 65.20 -32.22
N VAL O 554 -11.13 64.67 -33.19
CA VAL O 554 -12.56 64.45 -33.07
C VAL O 554 -12.86 63.03 -33.54
N ALA O 555 -13.92 62.44 -32.98
CA ALA O 555 -14.23 61.05 -33.30
C ALA O 555 -15.38 60.94 -34.31
N LYS O 556 -16.39 61.80 -34.17
CA LYS O 556 -17.59 61.74 -35.01
C LYS O 556 -17.60 62.81 -36.09
N GLY O 557 -16.44 63.30 -36.51
CA GLY O 557 -16.38 64.31 -37.53
C GLY O 557 -15.06 64.26 -38.27
N ALA O 558 -14.94 65.11 -39.28
CA ALA O 558 -13.70 65.20 -40.03
C ALA O 558 -12.63 65.91 -39.20
N ILE O 559 -11.37 65.56 -39.46
CA ILE O 559 -10.23 66.22 -38.81
C ILE O 559 -9.48 67.01 -39.87
N VAL O 560 -9.30 68.32 -39.61
CA VAL O 560 -8.68 69.24 -40.55
C VAL O 560 -7.86 70.24 -39.76
N ASP O 561 -7.21 71.15 -40.50
CA ASP O 561 -6.54 72.31 -39.91
C ASP O 561 -7.44 73.52 -40.15
N LEU O 562 -8.03 74.04 -39.07
CA LEU O 562 -9.04 75.08 -39.21
C LEU O 562 -8.43 76.41 -39.66
N ALA O 563 -7.12 76.57 -39.49
CA ALA O 563 -6.47 77.81 -39.92
C ALA O 563 -6.51 77.96 -41.44
N ARG O 564 -6.30 76.87 -42.17
CA ARG O 564 -6.26 76.91 -43.62
C ARG O 564 -7.60 76.50 -44.21
N PRO O 565 -7.91 76.97 -45.43
CA PRO O 565 -9.21 76.65 -46.03
C PRO O 565 -9.41 75.15 -46.19
N PHE O 566 -10.65 74.71 -46.00
CA PHE O 566 -11.03 73.32 -46.07
C PHE O 566 -12.42 73.22 -46.69
N PRO O 567 -12.75 72.08 -47.31
CA PRO O 567 -14.06 71.95 -47.96
C PRO O 567 -15.22 71.86 -46.99
N SER O 568 -16.04 72.91 -46.94
CA SER O 568 -17.21 72.93 -46.08
C SER O 568 -18.21 73.93 -46.61
N GLY O 569 -19.46 73.81 -46.15
CA GLY O 569 -20.52 74.70 -46.53
C GLY O 569 -20.63 75.89 -45.59
N ASP O 570 -21.78 76.54 -45.66
CA ASP O 570 -22.08 77.70 -44.83
C ASP O 570 -23.06 77.30 -43.73
N TYR O 571 -22.70 77.61 -42.48
CA TYR O 571 -23.51 77.26 -41.33
C TYR O 571 -24.07 78.52 -40.68
N GLN O 572 -25.23 78.37 -40.04
CA GLN O 572 -25.91 79.54 -39.48
C GLN O 572 -25.33 79.96 -38.14
N PHE O 573 -24.58 79.08 -37.48
CA PHE O 573 -23.94 79.41 -36.22
C PHE O 573 -22.78 78.46 -35.98
N VAL O 574 -21.55 78.95 -36.14
CA VAL O 574 -20.36 78.13 -35.96
C VAL O 574 -19.80 78.43 -34.58
N TYR O 575 -19.54 77.37 -33.82
CA TYR O 575 -19.07 77.46 -32.43
C TYR O 575 -17.68 76.85 -32.36
N SER O 576 -16.72 77.64 -31.88
CA SER O 576 -15.32 77.25 -31.89
C SER O 576 -14.75 77.29 -30.48
N ASP O 577 -14.13 76.18 -30.06
CA ASP O 577 -13.33 76.12 -28.85
C ASP O 577 -11.88 75.76 -29.14
N VAL O 578 -11.43 75.96 -30.38
CA VAL O 578 -10.07 75.61 -30.75
C VAL O 578 -9.10 76.50 -29.99
N ASP O 579 -8.08 75.88 -29.41
CA ASP O 579 -7.07 76.60 -28.64
C ASP O 579 -5.90 76.99 -29.55
N GLN O 580 -5.24 78.10 -29.20
CA GLN O 580 -4.15 78.60 -30.02
C GLN O 580 -2.81 77.98 -29.65
N VAL O 581 -2.75 77.23 -28.55
CA VAL O 581 -1.46 76.72 -28.06
C VAL O 581 -0.99 75.54 -28.92
N VAL O 582 -1.93 74.80 -29.49
CA VAL O 582 -1.56 73.55 -30.18
C VAL O 582 -0.79 73.85 -31.46
N ASP O 583 -1.44 74.54 -32.41
CA ASP O 583 -0.81 74.78 -33.70
C ASP O 583 0.35 75.78 -33.58
N GLY O 584 0.15 76.84 -32.80
CA GLY O 584 1.17 77.86 -32.72
C GLY O 584 2.25 77.51 -31.70
N HIS O 585 3.44 78.04 -31.91
CA HIS O 585 4.55 77.82 -31.02
C HIS O 585 4.38 78.66 -29.75
N ASP O 586 5.39 78.63 -28.88
CA ASP O 586 5.30 79.31 -27.60
C ASP O 586 5.22 80.83 -27.74
N ASP O 587 5.57 81.36 -28.90
CA ASP O 587 5.56 82.80 -29.10
C ASP O 587 4.14 83.36 -29.03
N LEU O 588 4.02 84.56 -28.45
CA LEU O 588 2.71 85.20 -28.32
C LEU O 588 2.25 85.77 -29.66
N SER O 589 3.19 86.26 -30.47
CA SER O 589 2.84 86.82 -31.76
C SER O 589 2.23 85.76 -32.68
N ILE O 590 2.77 84.55 -32.64
CA ILE O 590 2.20 83.46 -33.42
C ILE O 590 0.80 83.13 -32.93
N SER O 591 0.57 83.21 -31.62
CA SER O 591 -0.77 82.99 -31.09
C SER O 591 -1.74 84.05 -31.59
N SER O 592 -1.32 85.31 -31.62
CA SER O 592 -2.17 86.36 -32.15
C SER O 592 -2.46 86.16 -33.63
N GLY O 593 -1.44 85.75 -34.39
CA GLY O 593 -1.66 85.43 -35.79
C GLY O 593 -2.66 84.31 -35.99
N LEU O 594 -2.59 83.28 -35.13
CA LEU O 594 -3.58 82.21 -35.18
C LEU O 594 -4.97 82.73 -34.83
N VAL O 595 -5.06 83.62 -33.86
CA VAL O 595 -6.36 84.22 -33.54
C VAL O 595 -6.93 84.92 -34.77
N GLU O 596 -6.10 85.70 -35.46
CA GLU O 596 -6.56 86.40 -36.67
C GLU O 596 -6.99 85.42 -37.75
N SER O 597 -6.19 84.37 -37.98
CA SER O 597 -6.49 83.42 -39.04
C SER O 597 -7.75 82.62 -38.75
N LEU O 598 -7.90 82.13 -37.52
CA LEU O 598 -9.11 81.40 -37.15
C LEU O 598 -10.33 82.31 -37.18
N LEU O 599 -10.15 83.59 -36.83
CA LEU O 599 -11.25 84.54 -36.92
C LEU O 599 -11.68 84.72 -38.38
N ASP O 600 -10.71 84.84 -39.28
CA ASP O 600 -11.04 84.94 -40.71
C ASP O 600 -11.76 83.69 -41.19
N SER O 601 -11.30 82.52 -40.76
CA SER O 601 -11.95 81.27 -41.15
C SER O 601 -13.38 81.21 -40.62
N CYS O 602 -13.60 81.64 -39.38
CA CYS O 602 -14.95 81.65 -38.82
C CYS O 602 -15.85 82.63 -39.56
N VAL O 603 -15.31 83.79 -39.94
CA VAL O 603 -16.09 84.76 -40.72
C VAL O 603 -16.48 84.17 -42.06
N HIS O 604 -15.54 83.48 -42.71
CA HIS O 604 -15.85 82.88 -44.01
C HIS O 604 -16.86 81.74 -43.88
N ALA O 605 -16.79 80.98 -42.79
CA ALA O 605 -17.63 79.79 -42.65
C ALA O 605 -19.08 80.15 -42.38
N THR O 606 -19.33 81.15 -41.56
CA THR O 606 -20.68 81.45 -41.12
C THR O 606 -21.53 81.99 -42.27
N ALA O 607 -22.85 81.79 -42.15
CA ALA O 607 -23.79 82.23 -43.16
C ALA O 607 -23.93 83.75 -43.14
N PRO O 608 -24.44 84.34 -44.22
CA PRO O 608 -24.62 85.81 -44.24
C PRO O 608 -25.51 86.32 -43.11
N GLY O 609 -26.48 85.54 -42.66
CA GLY O 609 -27.32 85.92 -41.55
C GLY O 609 -26.98 85.28 -40.23
N GLY O 610 -25.79 84.72 -40.07
CA GLY O 610 -25.47 83.92 -38.91
C GLY O 610 -24.69 84.67 -37.84
N SER O 611 -24.05 83.88 -36.97
CA SER O 611 -23.26 84.39 -35.87
C SER O 611 -22.23 83.34 -35.48
N PHE O 612 -21.24 83.74 -34.69
CA PHE O 612 -20.20 82.81 -34.27
C PHE O 612 -19.72 83.17 -32.87
N VAL O 613 -19.23 82.14 -32.16
CA VAL O 613 -18.61 82.30 -30.85
C VAL O 613 -17.18 81.80 -30.96
N MET O 614 -16.22 82.68 -30.63
CA MET O 614 -14.81 82.35 -30.74
C MET O 614 -14.13 82.53 -29.38
N LYS O 615 -13.27 81.56 -29.04
CA LYS O 615 -12.57 81.56 -27.76
C LYS O 615 -11.16 82.11 -27.95
N ILE O 616 -10.79 83.07 -27.12
CA ILE O 616 -9.48 83.72 -27.18
C ILE O 616 -8.71 83.32 -25.92
N ASN O 617 -7.64 82.55 -26.10
CA ASN O 617 -6.85 82.11 -24.96
C ASN O 617 -6.05 83.25 -24.36
N PHE O 618 -5.37 84.04 -25.19
CA PHE O 618 -4.48 85.11 -24.73
C PHE O 618 -4.96 86.44 -25.29
N PRO O 619 -5.81 87.18 -24.56
CA PRO O 619 -6.22 88.51 -25.03
C PRO O 619 -5.06 89.49 -25.02
N THR O 620 -4.93 90.27 -26.09
CA THR O 620 -3.86 91.25 -26.20
C THR O 620 -4.33 92.42 -27.06
N ARG O 621 -3.56 93.51 -27.00
CA ARG O 621 -3.96 94.74 -27.67
C ARG O 621 -4.03 94.58 -29.18
N THR O 622 -3.10 93.80 -29.75
CA THR O 622 -3.13 93.58 -31.19
C THR O 622 -4.40 92.85 -31.61
N VAL O 623 -4.87 91.91 -30.78
CA VAL O 623 -6.11 91.22 -31.08
C VAL O 623 -7.28 92.19 -31.11
N TRP O 624 -7.35 93.09 -30.12
CA TRP O 624 -8.43 94.08 -30.09
C TRP O 624 -8.36 95.00 -31.30
N HIS O 625 -7.14 95.41 -31.67
CA HIS O 625 -6.99 96.26 -32.85
C HIS O 625 -7.48 95.55 -34.10
N TYR O 626 -7.14 94.27 -34.25
CA TYR O 626 -7.62 93.51 -35.41
C TYR O 626 -9.13 93.39 -35.41
N ILE O 627 -9.72 93.12 -34.24
CA ILE O 627 -11.18 93.02 -34.13
C ILE O 627 -11.82 94.32 -34.60
N GLU O 628 -11.37 95.45 -34.06
CA GLU O 628 -12.01 96.72 -34.36
C GLU O 628 -11.75 97.14 -35.80
N GLN O 629 -10.63 96.73 -36.38
CA GLN O 629 -10.34 97.07 -37.77
C GLN O 629 -11.18 96.26 -38.73
N LYS O 630 -11.40 94.97 -38.45
CA LYS O 630 -11.98 94.07 -39.45
C LYS O 630 -13.40 93.63 -39.12
N ILE O 631 -13.64 93.08 -37.93
CA ILE O 631 -14.88 92.34 -37.72
C ILE O 631 -16.02 93.26 -37.30
N LEU O 632 -15.73 94.21 -36.40
CA LEU O 632 -16.78 95.10 -35.92
C LEU O 632 -17.50 95.86 -37.04
N PRO O 633 -16.82 96.39 -38.07
CA PRO O 633 -17.59 97.02 -39.17
C PRO O 633 -18.51 96.05 -39.90
N ASN O 634 -18.23 94.75 -39.83
CA ASN O 634 -18.99 93.76 -40.59
C ASN O 634 -19.95 92.94 -39.74
N VAL O 635 -20.17 93.31 -38.48
CA VAL O 635 -21.10 92.60 -37.60
C VAL O 635 -22.09 93.60 -37.03
N THR O 636 -23.27 93.09 -36.63
CA THR O 636 -24.31 93.96 -36.10
C THR O 636 -24.14 94.21 -34.61
N SER O 637 -23.72 93.19 -33.86
CA SER O 637 -23.59 93.31 -32.42
C SER O 637 -22.59 92.27 -31.92
N TYR O 638 -22.16 92.43 -30.67
CA TYR O 638 -21.19 91.54 -30.08
C TYR O 638 -21.39 91.48 -28.58
N MET O 639 -20.83 90.44 -27.96
CA MET O 639 -20.89 90.24 -26.52
C MET O 639 -19.57 89.65 -26.04
N LEU O 640 -19.32 89.78 -24.74
CA LEU O 640 -18.13 89.22 -24.11
C LEU O 640 -18.56 88.37 -22.93
N ILE O 641 -18.14 87.11 -22.92
CA ILE O 641 -18.55 86.14 -21.91
C ILE O 641 -17.31 85.48 -21.32
N LYS O 642 -17.42 85.14 -20.04
CA LYS O 642 -16.39 84.33 -19.37
C LYS O 642 -17.01 83.50 -18.26
N PRO O 643 -17.16 82.19 -18.45
CA PRO O 643 -17.54 81.31 -17.34
C PRO O 643 -16.34 81.05 -16.44
N PHE O 644 -16.34 81.66 -15.27
CA PHE O 644 -15.19 81.60 -14.36
C PHE O 644 -15.14 80.22 -13.72
N VAL O 645 -14.26 79.36 -14.24
CA VAL O 645 -14.03 78.03 -13.69
C VAL O 645 -12.60 77.85 -13.22
N THR O 646 -11.64 78.26 -14.03
CA THR O 646 -10.22 78.18 -13.71
C THR O 646 -9.60 79.56 -13.82
N ASN O 647 -8.63 79.85 -12.95
CA ASN O 647 -7.97 81.15 -12.95
C ASN O 647 -7.15 81.30 -14.21
N ASN O 648 -7.65 82.11 -15.15
CA ASN O 648 -6.95 82.37 -16.40
C ASN O 648 -7.52 83.62 -17.03
N VAL O 649 -6.79 84.14 -18.02
CA VAL O 649 -7.22 85.33 -18.76
C VAL O 649 -8.12 84.90 -19.91
N GLU O 650 -8.51 83.63 -19.91
CA GLU O 650 -9.38 83.09 -20.96
C GLU O 650 -10.69 83.87 -21.03
N VAL O 651 -11.13 84.15 -22.25
CA VAL O 651 -12.36 84.92 -22.47
C VAL O 651 -13.01 84.44 -23.75
N PHE O 652 -14.33 84.57 -23.81
CA PHE O 652 -15.11 84.18 -24.99
C PHE O 652 -15.59 85.41 -25.74
N PHE O 653 -15.47 85.38 -27.06
CA PHE O 653 -15.93 86.45 -27.93
C PHE O 653 -17.09 85.95 -28.77
N VAL O 654 -18.21 86.67 -28.70
CA VAL O 654 -19.41 86.33 -29.44
C VAL O 654 -19.77 87.50 -30.34
N ALA O 655 -20.00 87.22 -31.62
CA ALA O 655 -20.38 88.22 -32.60
C ALA O 655 -21.75 87.87 -33.17
N PHE O 656 -22.54 88.90 -33.45
CA PHE O 656 -23.89 88.72 -33.97
C PHE O 656 -24.07 89.56 -35.23
N GLY O 657 -24.99 89.11 -36.09
CA GLY O 657 -25.27 89.85 -37.32
C GLY O 657 -24.09 89.98 -38.25
N VAL O 658 -23.36 88.89 -38.46
CA VAL O 658 -22.17 88.93 -39.31
C VAL O 658 -22.56 89.22 -40.76
N HIS O 659 -21.59 89.67 -41.55
CA HIS O 659 -21.73 89.90 -42.99
C HIS O 659 -22.74 90.98 -43.32
N GLN O 660 -23.04 91.85 -42.37
CA GLN O 660 -23.92 93.00 -42.60
C GLN O 660 -23.18 94.28 -42.21
N GLN O 661 -23.18 95.25 -43.11
CA GLN O 661 -22.45 96.49 -42.87
C GLN O 661 -23.03 97.23 -41.67
N SER O 662 -22.15 97.68 -40.78
CA SER O 662 -22.56 98.40 -39.58
C SER O 662 -21.40 99.23 -39.09
N ALA O 663 -21.70 100.17 -38.20
CA ALA O 663 -20.71 101.05 -37.58
C ALA O 663 -20.64 100.70 -36.10
N LEU O 664 -19.62 99.92 -35.73
CA LEU O 664 -19.44 99.46 -34.36
C LEU O 664 -18.05 99.84 -33.88
N THR O 665 -17.91 99.93 -32.56
CA THR O 665 -16.64 100.28 -31.94
C THR O 665 -16.65 99.82 -30.48
N TRP O 666 -15.47 99.75 -29.89
CA TRP O 666 -15.35 99.36 -28.49
C TRP O 666 -15.97 100.42 -27.59
N THR O 667 -16.60 99.98 -26.51
CA THR O 667 -17.32 100.86 -25.59
C THR O 667 -16.65 100.83 -24.22
N SER O 668 -17.13 101.74 -23.35
CA SER O 668 -16.59 101.84 -22.00
C SER O 668 -16.86 100.59 -21.17
N GLY O 669 -18.00 99.93 -21.42
CA GLY O 669 -18.30 98.71 -20.69
C GLY O 669 -17.25 97.64 -20.92
N VAL O 670 -16.78 97.50 -22.16
CA VAL O 670 -15.74 96.53 -22.46
C VAL O 670 -14.46 96.87 -21.70
N TYR O 671 -14.11 98.16 -21.63
CA TYR O 671 -12.93 98.58 -20.89
C TYR O 671 -13.04 98.21 -19.42
N PHE O 672 -14.18 98.53 -18.80
CA PHE O 672 -14.37 98.21 -17.39
C PHE O 672 -14.32 96.70 -17.17
N PHE O 673 -14.97 95.94 -18.05
CA PHE O 673 -14.99 94.48 -17.93
C PHE O 673 -13.59 93.91 -17.99
N LEU O 674 -12.79 94.37 -18.96
CA LEU O 674 -11.42 93.89 -19.08
C LEU O 674 -10.59 94.28 -17.86
N VAL O 675 -10.80 95.49 -17.34
CA VAL O 675 -10.05 95.94 -16.17
C VAL O 675 -10.31 95.03 -14.98
N ASP O 676 -11.59 94.77 -14.67
CA ASP O 676 -11.85 93.91 -13.51
C ASP O 676 -11.45 92.47 -13.78
N HIS O 677 -11.55 92.01 -15.03
CA HIS O 677 -11.06 90.69 -15.40
C HIS O 677 -9.58 90.54 -15.07
N PHE O 678 -8.75 91.48 -15.54
CA PHE O 678 -7.32 91.37 -15.31
C PHE O 678 -6.98 91.54 -13.84
N TYR O 679 -7.67 92.44 -13.14
CA TYR O 679 -7.41 92.61 -11.71
C TYR O 679 -7.76 91.34 -10.93
N ARG O 680 -8.90 90.71 -11.25
CA ARG O 680 -9.28 89.47 -10.59
C ARG O 680 -8.27 88.37 -10.84
N TYR O 681 -7.82 88.23 -12.10
CA TYR O 681 -6.81 87.21 -12.40
C TYR O 681 -5.54 87.47 -11.62
N GLU O 682 -5.11 88.74 -11.56
CA GLU O 682 -3.87 89.08 -10.87
C GLU O 682 -3.96 88.74 -9.39
N THR O 683 -5.04 89.17 -8.73
CA THR O 683 -5.14 88.93 -7.29
C THR O 683 -5.29 87.44 -6.99
N LEU O 684 -6.08 86.71 -7.79
CA LEU O 684 -6.25 85.29 -7.54
C LEU O 684 -4.95 84.53 -7.76
N SER O 685 -4.19 84.88 -8.80
CA SER O 685 -2.90 84.24 -9.01
C SER O 685 -1.94 84.55 -7.87
N ALA O 686 -1.91 85.79 -7.41
CA ALA O 686 -1.04 86.16 -6.30
C ALA O 686 -1.38 85.36 -5.05
N ILE O 687 -2.68 85.17 -4.78
CA ILE O 687 -3.08 84.35 -3.65
C ILE O 687 -2.66 82.90 -3.86
N SER O 688 -2.83 82.39 -5.09
CA SER O 688 -2.62 80.97 -5.34
C SER O 688 -1.15 80.58 -5.30
N ARG O 689 -0.24 81.49 -5.65
CA ARG O 689 1.17 81.13 -5.72
C ARG O 689 1.73 80.72 -4.36
N GLN O 690 1.14 81.22 -3.27
CA GLN O 690 1.69 80.96 -1.95
C GLN O 690 1.34 79.58 -1.39
N LEU O 691 0.30 78.93 -1.92
CA LEU O 691 -0.10 77.64 -1.38
C LEU O 691 0.88 76.55 -1.79
N PRO O 692 1.00 75.49 -0.99
CA PRO O 692 1.88 74.37 -1.34
C PRO O 692 1.34 73.59 -2.53
N SER O 693 2.17 72.65 -2.99
CA SER O 693 1.82 71.84 -4.15
C SER O 693 0.60 70.96 -3.85
N PHE O 694 0.03 70.40 -4.92
CA PHE O 694 -1.14 69.53 -4.76
C PHE O 694 -0.82 68.32 -3.89
N GLY O 695 0.30 67.68 -4.16
CA GLY O 695 0.85 66.66 -3.27
C GLY O 695 2.18 67.16 -2.72
N TYR O 696 2.45 66.86 -1.46
CA TYR O 696 3.66 67.35 -0.82
C TYR O 696 3.82 66.66 0.53
N VAL O 697 5.00 66.82 1.11
CA VAL O 697 5.31 66.36 2.46
C VAL O 697 5.57 67.57 3.32
N ASP O 698 4.94 67.62 4.49
CA ASP O 698 4.94 68.80 5.35
C ASP O 698 6.01 68.68 6.41
N ASP O 699 7.21 69.18 6.11
CA ASP O 699 8.28 69.20 7.10
C ASP O 699 8.16 70.36 8.08
N GLY O 700 7.24 71.29 7.84
CA GLY O 700 7.11 72.48 8.66
C GLY O 700 7.74 73.73 8.09
N SER O 701 8.46 73.61 6.96
CA SER O 701 9.05 74.79 6.34
C SER O 701 7.99 75.65 5.67
N SER O 702 6.97 75.02 5.08
CA SER O 702 5.91 75.76 4.43
C SER O 702 5.10 76.54 5.45
N VAL O 703 4.68 77.75 5.05
CA VAL O 703 3.90 78.59 5.95
C VAL O 703 2.54 77.96 6.24
N THR O 704 1.94 77.32 5.24
CA THR O 704 0.66 76.66 5.38
C THR O 704 0.87 75.14 5.37
N GLY O 705 0.29 74.46 6.35
CA GLY O 705 0.46 73.02 6.43
C GLY O 705 -0.28 72.47 7.63
N ILE O 706 0.10 71.24 7.99
CA ILE O 706 -0.52 70.51 9.09
C ILE O 706 0.53 70.24 10.16
N GLU O 707 0.19 70.47 11.42
CA GLU O 707 1.06 70.18 12.55
C GLU O 707 0.45 69.03 13.36
N ILE O 708 1.23 67.97 13.55
CA ILE O 708 0.81 66.81 14.32
C ILE O 708 1.93 66.41 15.26
N ILE O 709 1.59 66.20 16.53
CA ILE O 709 2.53 65.66 17.51
C ILE O 709 1.87 64.47 18.20
N SER O 710 2.67 63.48 18.54
CA SER O 710 2.19 62.27 19.21
C SER O 710 2.97 62.06 20.50
N ILE O 711 2.25 61.88 21.59
CA ILE O 711 2.85 61.61 22.90
C ILE O 711 2.46 60.20 23.30
N GLU O 712 3.46 59.35 23.51
CA GLU O 712 3.23 57.95 23.82
C GLU O 712 3.33 57.71 25.33
N ASN O 713 2.42 56.88 25.85
CA ASN O 713 2.26 56.66 27.28
C ASN O 713 2.15 57.99 28.04
N PRO O 714 1.13 58.79 27.74
CA PRO O 714 1.04 60.11 28.37
C PRO O 714 0.52 60.02 29.80
N GLY O 715 1.06 60.87 30.66
CA GLY O 715 0.55 61.01 32.01
C GLY O 715 0.21 62.46 32.30
N PHE O 716 -1.05 62.73 32.65
CA PHE O 716 -1.52 64.10 32.82
C PHE O 716 -1.67 64.53 34.28
N SER O 717 -1.91 63.59 35.20
CA SER O 717 -2.11 63.96 36.60
C SER O 717 -0.88 64.67 37.16
N ASN O 718 0.30 64.08 36.98
CA ASN O 718 1.58 64.74 37.26
C ASN O 718 2.33 64.77 35.93
N MET O 719 2.02 65.79 35.12
CA MET O 719 2.46 65.77 33.73
C MET O 719 3.74 66.58 33.58
N THR O 720 4.72 65.98 32.93
CA THR O 720 6.08 66.48 32.93
C THR O 720 6.18 67.85 32.26
N GLN O 721 7.12 68.67 32.71
CA GLN O 721 7.34 69.96 32.08
C GLN O 721 7.64 69.80 30.59
N ALA O 722 8.23 68.66 30.21
CA ALA O 722 8.55 68.43 28.81
C ALA O 722 7.29 68.38 27.94
N ALA O 723 6.33 67.54 28.31
CA ALA O 723 5.11 67.41 27.53
C ALA O 723 4.31 68.71 27.53
N ARG O 724 4.26 69.39 28.67
CA ARG O 724 3.53 70.66 28.75
C ARG O 724 4.14 71.69 27.81
N VAL O 725 5.47 71.78 27.79
CA VAL O 725 6.15 72.72 26.89
C VAL O 725 5.90 72.35 25.44
N GLY O 726 5.92 71.06 25.11
CA GLY O 726 5.65 70.64 23.74
C GLY O 726 4.24 71.00 23.29
N ILE O 727 3.25 70.69 24.12
CA ILE O 727 1.86 70.97 23.73
C ILE O 727 1.62 72.46 23.66
N SER O 728 2.20 73.22 24.60
CA SER O 728 2.08 74.68 24.54
C SER O 728 2.74 75.24 23.30
N GLY O 729 3.88 74.68 22.89
CA GLY O 729 4.52 75.13 21.67
C GLY O 729 3.66 74.88 20.44
N LEU O 730 3.02 73.71 20.39
CA LEU O 730 2.08 73.46 19.29
C LEU O 730 0.94 74.46 19.32
N CYS O 731 0.38 74.72 20.51
CA CYS O 731 -0.73 75.66 20.61
C CYS O 731 -0.33 77.05 20.15
N ALA O 732 0.89 77.48 20.51
CA ALA O 732 1.38 78.78 20.06
C ALA O 732 1.60 78.79 18.55
N ASN O 733 2.09 77.67 17.99
CA ASN O 733 2.31 77.59 16.55
C ASN O 733 0.99 77.66 15.79
N VAL O 734 -0.08 77.11 16.34
CA VAL O 734 -1.35 77.05 15.62
C VAL O 734 -2.18 78.31 15.83
N GLY O 735 -2.32 78.75 17.07
CA GLY O 735 -3.07 79.97 17.36
C GLY O 735 -4.54 79.68 17.65
N ASN O 736 -5.43 80.26 16.84
CA ASN O 736 -6.87 80.14 17.03
C ASN O 736 -7.52 79.17 16.05
N ALA O 737 -6.72 78.39 15.31
CA ALA O 737 -7.29 77.45 14.36
C ALA O 737 -7.86 76.23 15.09
N ARG O 738 -8.59 75.41 14.34
CA ARG O 738 -9.22 74.24 14.92
C ARG O 738 -8.16 73.21 15.34
N LYS O 739 -8.37 72.61 16.51
CA LYS O 739 -7.50 71.57 17.03
C LYS O 739 -8.34 70.35 17.39
N SER O 740 -7.82 69.16 17.08
CA SER O 740 -8.50 67.91 17.37
C SER O 740 -7.53 66.95 18.05
N ILE O 741 -8.08 66.05 18.85
CA ILE O 741 -7.29 65.09 19.61
C ILE O 741 -7.80 63.68 19.34
N ALA O 742 -6.94 62.71 19.61
CA ALA O 742 -7.29 61.30 19.43
C ALA O 742 -6.45 60.47 20.38
N ILE O 743 -7.10 59.59 21.14
CA ILE O 743 -6.45 58.68 22.08
C ILE O 743 -6.73 57.27 21.62
N TYR O 744 -5.68 56.50 21.37
CA TYR O 744 -5.82 55.15 20.83
C TYR O 744 -4.58 54.35 21.20
N GLU O 745 -4.62 53.06 20.87
CA GLU O 745 -3.55 52.12 21.17
C GLU O 745 -2.81 51.77 19.90
N SER O 746 -1.48 51.89 19.93
CA SER O 746 -0.65 51.61 18.76
C SER O 746 0.64 50.95 19.23
N HIS O 747 0.83 49.68 18.82
CA HIS O 747 2.06 48.94 19.10
C HIS O 747 2.36 48.86 20.59
N GLY O 748 1.40 48.37 21.35
CA GLY O 748 1.59 48.14 22.77
C GLY O 748 1.74 49.39 23.62
N ALA O 749 1.26 50.54 23.15
CA ALA O 749 1.37 51.77 23.91
C ALA O 749 0.14 52.63 23.67
N ARG O 750 -0.16 53.50 24.63
CA ARG O 750 -1.22 54.49 24.50
C ARG O 750 -0.60 55.80 24.05
N VAL O 751 -1.08 56.33 22.94
CA VAL O 751 -0.52 57.54 22.34
C VAL O 751 -1.63 58.54 22.09
N LEU O 752 -1.32 59.82 22.28
CA LEU O 752 -2.26 60.92 22.05
C LEU O 752 -1.73 61.78 20.92
N THR O 753 -2.56 62.01 19.90
CA THR O 753 -2.18 62.78 18.72
C THR O 753 -3.07 64.01 18.61
N ILE O 754 -2.46 65.16 18.35
CA ILE O 754 -3.17 66.42 18.17
C ILE O 754 -2.89 66.92 16.76
N THR O 755 -3.94 67.23 16.02
CA THR O 755 -3.84 67.67 14.63
C THR O 755 -4.31 69.11 14.52
N SER O 756 -3.56 69.92 13.78
CA SER O 756 -3.90 71.33 13.59
C SER O 756 -3.16 71.86 12.38
N ARG O 757 -3.48 73.09 11.99
CA ARG O 757 -3.00 73.67 10.75
C ARG O 757 -2.44 75.06 10.98
N ARG O 758 -1.36 75.37 10.28
CA ARG O 758 -0.72 76.68 10.37
C ARG O 758 -1.42 77.70 9.47
N SER O 759 -1.00 78.95 9.61
CA SER O 759 -1.53 80.04 8.80
C SER O 759 -0.58 81.23 8.92
N PRO O 760 -0.56 82.12 7.94
CA PRO O 760 0.23 83.35 8.09
C PRO O 760 -0.20 84.18 9.29
N ALA O 761 -1.50 84.22 9.59
CA ALA O 761 -1.96 84.88 10.80
C ALA O 761 -1.43 84.20 12.05
N SER O 762 -1.31 82.87 12.03
CA SER O 762 -0.74 82.17 13.17
C SER O 762 0.71 82.60 13.40
N ALA O 763 1.50 82.70 12.34
CA ALA O 763 2.88 83.15 12.47
C ALA O 763 2.92 84.60 12.96
N ARG O 764 2.02 85.45 12.44
CA ARG O 764 1.97 86.83 12.89
C ARG O 764 1.68 86.93 14.37
N ARG O 765 0.74 86.11 14.86
CA ARG O 765 0.45 86.09 16.30
C ARG O 765 1.65 85.57 17.08
N LYS O 766 2.29 84.50 16.59
CA LYS O 766 3.43 83.93 17.31
C LYS O 766 4.60 84.92 17.39
N ALA O 767 4.72 85.81 16.40
CA ALA O 767 5.76 86.82 16.46
C ALA O 767 5.56 87.80 17.62
N ARG O 768 4.35 87.87 18.17
CA ARG O 768 4.05 88.77 19.27
C ARG O 768 4.36 88.15 20.64
N LEU O 769 4.64 86.86 20.70
CA LEU O 769 4.90 86.18 21.96
C LEU O 769 6.33 86.43 22.42
N ARG O 770 6.49 86.78 23.70
CA ARG O 770 7.80 86.88 24.32
C ARG O 770 8.18 85.58 25.02
N TYR O 771 7.28 85.05 25.85
CA TYR O 771 7.44 83.76 26.48
C TYR O 771 6.30 82.85 26.06
N LEU O 772 6.55 81.55 26.06
CA LEU O 772 5.54 80.59 25.67
C LEU O 772 4.58 80.34 26.82
N PRO O 773 3.28 80.61 26.67
CA PRO O 773 2.34 80.33 27.76
C PRO O 773 1.96 78.86 27.82
N LEU O 774 1.80 78.35 29.04
CA LEU O 774 1.51 76.95 29.25
C LEU O 774 0.01 76.68 29.34
N ILE O 775 -0.40 75.51 28.85
CA ILE O 775 -1.79 75.11 28.85
C ILE O 775 -2.17 74.49 30.19
N ASP O 776 -3.47 74.30 30.42
CA ASP O 776 -3.97 73.60 31.59
C ASP O 776 -4.43 72.21 31.19
N PRO O 777 -3.81 71.14 31.71
CA PRO O 777 -4.10 69.80 31.18
C PRO O 777 -5.29 69.10 31.84
N ARG O 778 -6.13 69.84 32.55
CA ARG O 778 -7.26 69.22 33.24
C ARG O 778 -8.22 68.56 32.26
N SER O 779 -8.49 69.23 31.13
CA SER O 779 -9.44 68.69 30.17
C SER O 779 -8.99 67.35 29.62
N LEU O 780 -7.69 67.22 29.30
CA LEU O 780 -7.17 65.94 28.83
C LEU O 780 -7.06 64.94 29.98
N GLU O 781 -6.77 65.40 31.19
CA GLU O 781 -6.66 64.50 32.33
C GLU O 781 -7.99 63.85 32.67
N VAL O 782 -9.10 64.56 32.44
CA VAL O 782 -10.41 64.00 32.75
C VAL O 782 -10.75 62.85 31.83
N GLN O 783 -10.36 62.94 30.55
CA GLN O 783 -10.79 61.97 29.56
C GLN O 783 -10.30 60.57 29.89
N ALA O 784 -11.24 59.62 29.97
CA ALA O 784 -10.93 58.19 30.11
C ALA O 784 -11.78 57.44 29.08
N ARG O 785 -11.27 57.34 27.86
CA ARG O 785 -11.97 56.70 26.75
C ARG O 785 -10.98 56.53 25.61
N THR O 786 -11.48 56.09 24.45
CA THR O 786 -10.67 55.86 23.26
C THR O 786 -11.26 56.65 22.10
N ILE O 787 -10.40 57.39 21.40
CA ILE O 787 -10.79 58.19 20.25
C ILE O 787 -9.94 57.74 19.07
N LEU O 788 -10.57 57.08 18.10
CA LEU O 788 -9.84 56.54 16.97
C LEU O 788 -9.31 57.67 16.09
N PRO O 789 -8.16 57.47 15.45
CA PRO O 789 -7.57 58.52 14.61
C PRO O 789 -8.21 58.55 13.22
N SER O 790 -7.87 59.60 12.48
CA SER O 790 -8.28 59.76 11.10
C SER O 790 -7.11 60.26 10.28
N ASN O 791 -7.14 59.96 8.98
CA ASN O 791 -6.08 60.41 8.10
C ASN O 791 -6.10 61.93 7.98
N PRO O 792 -4.91 62.58 7.88
CA PRO O 792 -4.99 64.05 7.87
C PRO O 792 -5.32 64.68 6.53
N VAL O 793 -6.28 65.62 6.48
CA VAL O 793 -6.60 66.32 5.23
C VAL O 793 -6.39 67.81 5.41
N LEU O 794 -5.58 68.44 4.56
CA LEU O 794 -5.28 69.86 4.79
C LEU O 794 -6.47 70.75 4.67
N PHE O 795 -7.24 70.63 3.60
CA PHE O 795 -8.44 71.41 3.50
C PHE O 795 -9.56 70.58 4.00
N ASP O 796 -9.73 70.53 5.31
CA ASP O 796 -10.74 69.65 5.92
C ASP O 796 -12.18 69.94 5.62
N ASN O 797 -12.54 71.21 5.54
CA ASN O 797 -13.94 71.50 5.38
C ASN O 797 -14.36 70.85 4.09
N ILE O 798 -15.42 70.05 4.14
CA ILE O 798 -15.87 69.37 2.96
C ILE O 798 -17.02 70.12 2.36
N ASN O 799 -17.52 71.10 3.10
CA ASN O 799 -18.60 71.92 2.62
C ASN O 799 -18.09 73.32 2.74
N GLY O 800 -18.52 74.19 1.86
CA GLY O 800 -17.98 75.53 1.86
C GLY O 800 -18.31 76.37 3.05
N ALA O 801 -17.46 77.35 3.32
CA ALA O 801 -17.69 78.24 4.43
C ALA O 801 -19.00 79.00 4.27
N SER O 802 -19.72 79.19 5.37
CA SER O 802 -21.00 79.86 5.32
C SER O 802 -20.87 81.33 5.01
N PRO O 803 -21.89 81.92 4.40
CA PRO O 803 -21.84 83.34 4.09
C PRO O 803 -21.30 84.22 5.18
N HIS O 804 -21.79 84.11 6.39
CA HIS O 804 -21.40 84.96 7.51
C HIS O 804 -19.91 84.81 7.79
N VAL O 805 -19.36 83.62 7.59
CA VAL O 805 -17.92 83.42 7.77
C VAL O 805 -17.13 84.27 6.77
N CYS O 806 -17.59 84.30 5.52
CA CYS O 806 -16.89 85.12 4.52
C CYS O 806 -17.09 86.60 4.79
N LEU O 807 -18.24 86.99 5.35
CA LEU O 807 -18.43 88.37 5.79
C LEU O 807 -17.42 88.75 6.86
N THR O 808 -17.24 87.87 7.84
CA THR O 808 -16.25 88.10 8.88
C THR O 808 -14.84 88.16 8.29
N MET O 809 -14.55 87.31 7.31
CA MET O 809 -13.25 87.34 6.65
C MET O 809 -13.02 88.66 5.94
N MET O 810 -14.03 89.19 5.24
CA MET O 810 -13.88 90.48 4.60
C MET O 810 -13.63 91.58 5.62
N TYR O 811 -14.37 91.58 6.72
CA TYR O 811 -14.17 92.59 7.76
C TYR O 811 -12.76 92.50 8.34
N ASN O 812 -12.30 91.28 8.64
CA ASN O 812 -10.98 91.09 9.22
C ASN O 812 -9.88 91.49 8.24
N PHE O 813 -10.07 91.18 6.94
CA PHE O 813 -9.08 91.58 5.95
C PHE O 813 -9.01 93.10 5.84
N GLU O 814 -10.16 93.78 5.89
CA GLU O 814 -10.13 95.24 5.87
C GLU O 814 -9.40 95.78 7.10
N VAL O 815 -9.63 95.20 8.27
CA VAL O 815 -8.93 95.62 9.48
C VAL O 815 -7.42 95.42 9.31
N SER O 816 -7.02 94.26 8.80
CA SER O 816 -5.59 93.97 8.65
C SER O 816 -4.93 94.90 7.66
N SER O 817 -5.62 95.21 6.55
CA SER O 817 -5.04 96.07 5.53
C SER O 817 -4.96 97.52 6.01
N ALA O 818 -5.92 97.96 6.82
CA ALA O 818 -5.98 99.36 7.21
C ALA O 818 -4.90 99.74 8.24
N VAL O 819 -4.27 98.76 8.87
CA VAL O 819 -3.33 99.02 9.96
C VAL O 819 -1.91 98.80 9.47
N TYR O 820 -1.04 99.78 9.71
CA TYR O 820 0.38 99.68 9.37
C TYR O 820 1.18 99.33 10.63
N ASP O 821 2.51 99.34 10.49
CA ASP O 821 3.39 98.99 11.59
C ASP O 821 3.47 100.13 12.60
N GLY O 822 3.53 99.76 13.89
CA GLY O 822 3.72 100.74 14.93
C GLY O 822 2.57 101.67 15.19
N ASP O 823 1.34 101.24 14.91
CA ASP O 823 0.15 102.05 15.14
C ASP O 823 -0.65 101.43 16.29
N VAL O 824 -0.79 102.19 17.39
CA VAL O 824 -1.59 101.71 18.51
C VAL O 824 -3.06 101.69 18.11
N VAL O 825 -3.72 100.57 18.38
CA VAL O 825 -5.09 100.35 17.94
C VAL O 825 -5.95 100.03 19.15
N LEU O 826 -7.25 100.30 19.01
CA LEU O 826 -8.23 100.05 20.07
C LEU O 826 -9.40 99.30 19.45
N ASP O 827 -9.72 98.14 20.02
CA ASP O 827 -10.79 97.28 19.52
C ASP O 827 -11.98 97.37 20.47
N LEU O 828 -13.17 97.53 19.92
CA LEU O 828 -14.36 97.76 20.72
C LEU O 828 -15.09 96.47 21.09
N GLY O 829 -15.32 95.59 20.12
CA GLY O 829 -15.92 94.31 20.40
C GLY O 829 -15.06 93.17 19.88
N THR O 830 -14.52 92.36 20.79
CA THR O 830 -13.54 91.36 20.43
C THR O 830 -13.97 89.94 20.76
N GLY O 831 -14.36 89.69 22.00
CA GLY O 831 -14.66 88.35 22.45
C GLY O 831 -13.44 87.65 23.02
N PRO O 832 -13.66 86.53 23.71
CA PRO O 832 -12.53 85.83 24.35
C PRO O 832 -11.49 85.31 23.37
N GLU O 833 -11.87 85.07 22.10
CA GLU O 833 -10.94 84.49 21.14
C GLU O 833 -9.80 85.46 20.80
N ALA O 834 -10.08 86.76 20.79
CA ALA O 834 -9.09 87.80 20.48
C ALA O 834 -8.44 87.55 19.10
N LYS O 835 -9.29 87.59 18.07
CA LYS O 835 -8.80 87.43 16.71
C LYS O 835 -7.99 88.64 16.26
N ILE O 836 -8.14 89.79 16.91
CA ILE O 836 -7.46 91.00 16.49
C ILE O 836 -5.94 90.86 16.60
N LEU O 837 -5.46 89.97 17.47
CA LEU O 837 -4.02 89.78 17.62
C LEU O 837 -3.41 89.21 16.34
N GLU O 838 -4.14 88.34 15.64
CA GLU O 838 -3.60 87.70 14.45
C GLU O 838 -3.74 88.57 13.20
N LEU O 839 -4.52 89.65 13.28
CA LEU O 839 -4.73 90.49 12.11
C LEU O 839 -3.72 91.61 12.03
N ILE O 840 -3.64 92.44 13.07
CA ILE O 840 -2.75 93.60 13.10
C ILE O 840 -1.31 93.14 13.18
N PRO O 841 -0.34 93.94 12.73
CA PRO O 841 1.06 93.53 12.80
C PRO O 841 1.52 93.34 14.24
N SER O 842 2.53 92.49 14.42
CA SER O 842 3.02 92.16 15.75
C SER O 842 3.61 93.39 16.45
N THR O 843 4.24 94.29 15.70
CA THR O 843 4.89 95.44 16.33
C THR O 843 3.88 96.39 16.95
N SER O 844 2.73 96.56 16.34
CA SER O 844 1.76 97.56 16.79
C SER O 844 1.12 97.15 18.11
N PRO O 845 1.17 97.99 19.15
CA PRO O 845 0.48 97.66 20.40
C PRO O 845 -1.03 97.72 20.22
N VAL O 846 -1.73 96.95 21.05
CA VAL O 846 -3.19 96.82 20.96
C VAL O 846 -3.78 96.89 22.35
N THR O 847 -4.92 97.56 22.45
CA THR O 847 -5.74 97.57 23.65
C THR O 847 -7.13 97.02 23.30
N CYS O 848 -7.68 96.21 24.21
CA CYS O 848 -8.92 95.49 23.94
C CYS O 848 -9.91 95.71 25.07
N VAL O 849 -11.19 95.77 24.72
CA VAL O 849 -12.27 95.92 25.68
C VAL O 849 -13.46 95.07 25.21
N ASP O 850 -14.10 94.39 26.17
CA ASP O 850 -15.32 93.64 25.90
C ASP O 850 -16.02 93.36 27.22
N ILE O 851 -17.30 93.01 27.13
CA ILE O 851 -18.09 92.74 28.33
C ILE O 851 -17.60 91.48 29.02
N ARG O 852 -17.43 90.41 28.25
CA ARG O 852 -17.06 89.09 28.75
C ARG O 852 -15.54 88.98 28.92
N PRO O 853 -15.09 88.14 29.84
CA PRO O 853 -13.65 87.98 30.05
C PRO O 853 -12.96 87.37 28.84
N THR O 854 -11.65 87.59 28.77
CA THR O 854 -10.83 87.13 27.65
C THR O 854 -10.03 85.90 28.08
N ALA O 855 -10.07 84.85 27.26
CA ALA O 855 -9.36 83.62 27.58
C ALA O 855 -7.88 83.68 27.22
N GLN O 856 -7.47 84.67 26.42
CA GLN O 856 -6.07 84.77 26.04
C GLN O 856 -5.22 85.19 27.24
N PRO O 857 -4.00 84.66 27.37
CA PRO O 857 -3.14 85.07 28.48
C PRO O 857 -2.67 86.51 28.33
N ASN O 858 -2.43 87.15 29.47
CA ASN O 858 -2.02 88.54 29.50
C ASN O 858 -0.59 88.75 29.97
N GLY O 859 0.07 87.71 30.47
CA GLY O 859 1.39 87.85 31.03
C GLY O 859 2.50 88.04 30.02
N CYS O 860 2.62 87.09 29.08
CA CYS O 860 3.74 87.06 28.14
C CYS O 860 3.30 87.66 26.81
N TRP O 861 3.77 88.87 26.53
CA TRP O 861 3.50 89.55 25.26
C TRP O 861 4.67 90.47 24.96
N ASN O 862 5.28 90.31 23.78
CA ASN O 862 6.44 91.11 23.41
C ASN O 862 6.11 92.60 23.27
N VAL O 863 4.85 92.92 22.99
CA VAL O 863 4.40 94.30 22.88
C VAL O 863 3.22 94.49 23.81
N ARG O 864 2.99 95.74 24.23
CA ARG O 864 1.94 96.05 25.20
C ARG O 864 0.57 95.65 24.68
N THR O 865 -0.05 94.65 25.33
CA THR O 865 -1.41 94.25 25.04
C THR O 865 -2.21 94.31 26.33
N THR O 866 -3.31 95.06 26.33
CA THR O 866 -4.14 95.24 27.50
C THR O 866 -5.57 94.81 27.20
N PHE O 867 -6.20 94.18 28.19
CA PHE O 867 -7.58 93.73 28.08
C PHE O 867 -8.41 94.39 29.18
N LEU O 868 -9.61 94.85 28.80
CA LEU O 868 -10.51 95.54 29.72
C LEU O 868 -11.87 94.85 29.70
N GLU O 869 -12.44 94.66 30.89
CA GLU O 869 -13.78 94.11 31.05
C GLU O 869 -14.74 95.26 31.30
N LEU O 870 -15.09 95.97 30.23
CA LEU O 870 -15.84 97.21 30.33
C LEU O 870 -16.90 97.26 29.23
N ASP O 871 -17.90 98.10 29.46
CA ASP O 871 -18.92 98.40 28.45
C ASP O 871 -18.45 99.64 27.68
N TYR O 872 -18.14 99.45 26.40
CA TYR O 872 -17.51 100.52 25.63
C TYR O 872 -18.48 101.68 25.38
N LEU O 873 -19.78 101.40 25.27
CA LEU O 873 -20.75 102.48 25.11
C LEU O 873 -20.94 103.28 26.39
N SER O 874 -20.46 102.78 27.53
CA SER O 874 -20.57 103.53 28.77
C SER O 874 -19.53 104.65 28.81
N ASP O 875 -19.69 105.53 29.80
CA ASP O 875 -18.84 106.70 29.94
C ASP O 875 -17.81 106.50 31.05
N GLY O 876 -16.89 107.46 31.14
CA GLY O 876 -15.93 107.49 32.22
C GLY O 876 -14.77 106.52 32.10
N TRP O 877 -14.48 106.00 30.91
CA TRP O 877 -13.45 105.00 30.73
C TRP O 877 -12.43 105.31 29.64
N ILE O 878 -12.77 106.18 28.69
CA ILE O 878 -11.89 106.43 27.54
C ILE O 878 -10.89 107.54 27.78
N THR O 879 -10.99 108.26 28.90
CA THR O 879 -10.11 109.41 29.13
C THR O 879 -8.65 109.03 29.28
N GLY O 880 -8.34 107.77 29.57
CA GLY O 880 -6.96 107.37 29.77
C GLY O 880 -6.36 106.58 28.63
N VAL O 881 -7.14 105.66 28.06
CA VAL O 881 -6.62 104.77 27.03
C VAL O 881 -6.30 105.55 25.77
N ARG O 882 -5.13 105.28 25.20
CA ARG O 882 -4.67 105.94 23.98
C ARG O 882 -4.75 104.95 22.82
N GLY O 883 -5.21 105.44 21.67
CA GLY O 883 -5.27 104.61 20.48
C GLY O 883 -5.36 105.42 19.19
N ASP O 884 -4.48 105.12 18.24
CA ASP O 884 -4.51 105.80 16.94
C ASP O 884 -5.66 105.31 16.08
N ILE O 885 -5.92 104.00 16.06
CA ILE O 885 -6.92 103.39 15.21
C ILE O 885 -8.00 102.79 16.09
N VAL O 886 -9.26 103.10 15.78
CA VAL O 886 -10.41 102.62 16.53
C VAL O 886 -11.27 101.79 15.58
N THR O 887 -11.52 100.54 15.96
CA THR O 887 -12.30 99.62 15.14
C THR O 887 -13.40 98.99 15.97
N CYS O 888 -14.62 98.97 15.40
CA CYS O 888 -15.79 98.38 16.04
C CYS O 888 -16.56 97.62 14.97
N MET O 889 -16.35 96.31 14.89
CA MET O 889 -16.90 95.48 13.84
C MET O 889 -17.85 94.45 14.42
N LEU O 890 -19.04 94.34 13.82
CA LEU O 890 -20.05 93.35 14.19
C LEU O 890 -20.46 93.45 15.66
N SER O 891 -20.43 94.66 16.23
CA SER O 891 -20.78 94.87 17.62
C SER O 891 -21.80 95.97 17.84
N LEU O 892 -21.77 97.04 17.04
CA LEU O 892 -22.66 98.17 17.27
C LEU O 892 -24.12 97.79 17.09
N GLY O 893 -24.43 97.02 16.04
CA GLY O 893 -25.81 96.62 15.82
C GLY O 893 -26.35 95.74 16.93
N ALA O 894 -25.55 94.75 17.36
CA ALA O 894 -25.96 93.88 18.45
C ALA O 894 -26.13 94.66 19.75
N ALA O 895 -25.23 95.60 20.02
CA ALA O 895 -25.34 96.43 21.22
C ALA O 895 -26.60 97.28 21.19
N ALA O 896 -26.90 97.87 20.03
CA ALA O 896 -28.11 98.67 19.91
C ALA O 896 -29.37 97.82 20.09
N ALA O 897 -29.37 96.62 19.51
CA ALA O 897 -30.51 95.72 19.65
C ALA O 897 -30.71 95.29 21.10
N GLY O 898 -29.61 95.00 21.80
CA GLY O 898 -29.72 94.53 23.17
C GLY O 898 -30.29 95.58 24.11
N LYS O 899 -29.89 96.84 23.93
CA LYS O 899 -30.34 97.92 24.79
C LYS O 899 -31.66 98.54 24.34
N SER O 900 -32.26 98.03 23.27
CA SER O 900 -33.56 98.49 22.77
C SER O 900 -33.52 99.99 22.46
N MET O 901 -32.55 100.39 21.65
CA MET O 901 -32.42 101.77 21.22
C MET O 901 -32.23 101.81 19.70
N THR O 902 -32.60 102.94 19.11
CA THR O 902 -32.43 103.12 17.67
C THR O 902 -30.95 103.15 17.31
N PHE O 903 -30.66 102.77 16.08
CA PHE O 903 -29.27 102.65 15.63
C PHE O 903 -28.55 103.99 15.69
N ASP O 904 -29.23 105.07 15.30
CA ASP O 904 -28.60 106.38 15.32
C ASP O 904 -28.27 106.80 16.75
N ALA O 905 -29.10 106.43 17.72
CA ALA O 905 -28.83 106.78 19.11
C ALA O 905 -27.58 106.09 19.64
N ALA O 906 -27.45 104.79 19.37
CA ALA O 906 -26.25 104.07 19.78
C ALA O 906 -25.02 104.61 19.05
N PHE O 907 -25.18 104.94 17.77
CA PHE O 907 -24.07 105.54 17.04
C PHE O 907 -23.65 106.86 17.66
N GLN O 908 -24.61 107.70 18.06
CA GLN O 908 -24.29 108.98 18.68
C GLN O 908 -23.60 108.77 20.03
N GLN O 909 -24.03 107.76 20.79
CA GLN O 909 -23.35 107.45 22.04
C GLN O 909 -21.90 107.06 21.79
N LEU O 910 -21.67 106.21 20.78
CA LEU O 910 -20.31 105.83 20.42
C LEU O 910 -19.50 107.05 19.97
N VAL O 911 -20.13 107.94 19.22
CA VAL O 911 -19.46 109.14 18.73
C VAL O 911 -19.04 110.02 19.89
N ARG O 912 -19.92 110.18 20.89
CA ARG O 912 -19.53 110.96 22.07
C ARG O 912 -18.37 110.30 22.81
N VAL O 913 -18.43 108.96 22.96
CA VAL O 913 -17.37 108.25 23.67
C VAL O 913 -16.03 108.47 22.98
N LEU O 914 -16.00 108.37 21.65
CA LEU O 914 -14.76 108.61 20.93
C LEU O 914 -14.38 110.09 20.83
N THR O 915 -15.37 110.99 20.93
CA THR O 915 -15.06 112.41 20.99
C THR O 915 -14.33 112.75 22.28
N ARG O 916 -14.61 112.02 23.35
CA ARG O 916 -13.81 112.13 24.56
C ARG O 916 -12.48 111.37 24.44
N SER O 917 -12.10 110.93 23.24
CA SER O 917 -10.86 110.22 22.99
C SER O 917 -10.03 110.99 21.96
N THR O 918 -8.95 110.36 21.52
CA THR O 918 -8.02 110.94 20.55
C THR O 918 -7.56 109.84 19.59
N ALA O 919 -8.23 109.74 18.44
CA ALA O 919 -7.87 108.78 17.41
C ALA O 919 -7.94 109.45 16.05
N ASN O 920 -6.95 109.17 15.20
CA ASN O 920 -6.90 109.79 13.88
C ASN O 920 -7.91 109.19 12.91
N VAL O 921 -8.02 107.86 12.88
CA VAL O 921 -8.85 107.16 11.90
C VAL O 921 -9.75 106.18 12.64
N LEU O 922 -11.04 106.18 12.28
CA LEU O 922 -12.02 105.30 12.88
C LEU O 922 -12.59 104.38 11.82
N LEU O 923 -12.65 103.08 12.13
CA LEU O 923 -13.28 102.08 11.27
C LEU O 923 -14.48 101.51 12.01
N ILE O 924 -15.68 101.83 11.53
CA ILE O 924 -16.93 101.46 12.21
C ILE O 924 -17.77 100.63 11.23
N GLN O 925 -18.25 99.49 11.71
CA GLN O 925 -19.18 98.66 10.95
C GLN O 925 -20.60 99.02 11.36
N VAL O 926 -21.41 99.43 10.40
CA VAL O 926 -22.76 99.90 10.67
C VAL O 926 -23.74 99.18 9.74
N ASN O 927 -25.01 99.20 10.14
CA ASN O 927 -26.09 98.66 9.31
C ASN O 927 -26.71 99.84 8.57
N CYS O 928 -26.25 100.06 7.33
CA CYS O 928 -26.72 101.17 6.52
C CYS O 928 -26.94 100.68 5.10
N PRO O 929 -28.12 100.91 4.52
CA PRO O 929 -28.36 100.45 3.15
C PRO O 929 -27.57 101.25 2.13
N THR O 930 -26.50 100.65 1.59
CA THR O 930 -25.71 101.32 0.57
C THR O 930 -26.46 101.44 -0.76
N ASP O 931 -27.27 100.43 -1.10
CA ASP O 931 -28.05 100.41 -2.31
C ASP O 931 -29.53 100.41 -1.95
N VAL O 932 -30.39 100.23 -2.97
CA VAL O 932 -31.82 100.17 -2.73
C VAL O 932 -32.14 98.97 -1.84
N ILE O 933 -33.14 99.14 -0.98
CA ILE O 933 -33.47 98.14 0.04
C ILE O 933 -34.33 97.06 -0.60
N ARG O 934 -33.73 95.89 -0.85
CA ARG O 934 -34.46 94.70 -1.27
C ARG O 934 -33.91 93.51 -0.51
N THR O 935 -34.83 92.68 -0.02
CA THR O 935 -34.48 91.60 0.89
C THR O 935 -33.94 90.39 0.13
N ILE O 936 -32.93 89.75 0.72
CA ILE O 936 -32.44 88.47 0.24
C ILE O 936 -33.16 87.36 0.98
N LYS O 937 -33.45 86.27 0.27
CA LYS O 937 -34.18 85.15 0.86
C LYS O 937 -33.22 84.31 1.70
N GLY O 938 -33.51 84.16 2.98
CA GLY O 938 -32.70 83.40 3.90
C GLY O 938 -31.67 84.21 4.65
N TYR O 939 -31.31 85.40 4.17
CA TYR O 939 -30.35 86.26 4.84
C TYR O 939 -30.79 87.70 4.67
N LEU O 940 -30.68 88.48 5.75
CA LEU O 940 -31.05 89.90 5.77
C LEU O 940 -32.49 90.10 5.29
N GLU O 941 -33.42 89.53 6.05
CA GLU O 941 -34.85 89.73 5.79
C GLU O 941 -35.21 91.13 6.28
N ILE O 942 -34.86 92.11 5.46
CA ILE O 942 -35.06 93.51 5.83
C ILE O 942 -36.54 93.84 5.90
N ASP O 943 -36.90 94.73 6.82
CA ASP O 943 -38.28 95.17 6.98
C ASP O 943 -38.36 96.65 6.62
N GLN O 944 -39.28 97.00 5.72
CA GLN O 944 -39.42 98.39 5.29
C GLN O 944 -39.79 99.29 6.45
N THR O 945 -40.72 98.85 7.29
CA THR O 945 -41.19 99.60 8.45
C THR O 945 -40.51 99.08 9.70
N ASN O 946 -40.40 99.95 10.71
CA ASN O 946 -39.84 99.74 12.04
C ASN O 946 -38.31 99.74 12.03
N LYS O 947 -37.67 99.81 10.85
CA LYS O 947 -36.21 99.97 10.74
C LYS O 947 -35.47 98.86 11.50
N ARG O 948 -35.66 97.63 11.04
CA ARG O 948 -35.05 96.47 11.68
C ARG O 948 -34.65 95.44 10.64
N TYR O 949 -33.47 94.85 10.81
CA TYR O 949 -33.05 93.73 10.00
C TYR O 949 -33.61 92.42 10.58
N LYS O 950 -33.24 91.31 9.95
CA LYS O 950 -33.60 89.99 10.45
C LYS O 950 -32.68 88.96 9.83
N PHE O 951 -32.06 88.14 10.68
CA PHE O 951 -31.18 87.06 10.24
C PHE O 951 -31.87 85.72 10.49
N PRO O 952 -32.45 85.09 9.47
CA PRO O 952 -33.14 83.80 9.70
C PRO O 952 -32.23 82.71 10.23
N LYS O 953 -30.96 82.69 9.83
CA LYS O 953 -30.05 81.64 10.26
C LYS O 953 -29.77 81.74 11.76
N PHE O 954 -29.44 82.93 12.24
CA PHE O 954 -29.09 83.11 13.64
C PHE O 954 -30.26 83.54 14.50
N GLY O 955 -31.37 83.98 13.90
CA GLY O 955 -32.53 84.38 14.65
C GLY O 955 -32.43 85.69 15.38
N ARG O 956 -31.39 86.48 15.12
CA ARG O 956 -31.21 87.77 15.78
C ARG O 956 -31.62 88.90 14.85
N ASP O 957 -32.06 90.00 15.45
CA ASP O 957 -32.50 91.18 14.72
C ASP O 957 -31.78 92.41 15.26
N GLU O 958 -31.38 93.30 14.36
CA GLU O 958 -30.70 94.52 14.73
C GLU O 958 -31.29 95.70 13.98
N PRO O 959 -31.27 96.89 14.58
CA PRO O 959 -31.78 98.08 13.90
C PRO O 959 -30.79 98.61 12.86
N TYR O 960 -31.31 99.49 12.00
CA TYR O 960 -30.49 100.13 10.98
C TYR O 960 -31.02 101.54 10.75
N SER O 961 -30.13 102.40 10.24
CA SER O 961 -30.44 103.81 10.03
C SER O 961 -30.06 104.20 8.60
N ASP O 962 -30.33 105.46 8.26
CA ASP O 962 -30.07 105.99 6.93
C ASP O 962 -28.67 106.57 6.84
N MET O 963 -28.19 106.69 5.59
CA MET O 963 -26.85 107.23 5.37
C MET O 963 -26.75 108.69 5.78
N ASP O 964 -27.77 109.49 5.45
CA ASP O 964 -27.70 110.93 5.69
C ASP O 964 -27.63 111.24 7.19
N SER O 965 -28.32 110.46 8.01
CA SER O 965 -28.27 110.68 9.45
C SER O 965 -26.86 110.47 9.98
N LEU O 966 -26.18 109.40 9.55
CA LEU O 966 -24.81 109.17 9.98
C LEU O 966 -23.87 110.25 9.45
N GLU O 967 -24.10 110.69 8.21
CA GLU O 967 -23.33 111.80 7.67
C GLU O 967 -23.45 113.03 8.55
N ARG O 968 -24.68 113.39 8.92
CA ARG O 968 -24.90 114.57 9.76
C ARG O 968 -24.28 114.39 11.14
N ILE O 969 -24.36 113.18 11.69
CA ILE O 969 -23.74 112.93 13.00
C ILE O 969 -22.24 113.16 12.94
N CYS O 970 -21.59 112.61 11.90
CA CYS O 970 -20.14 112.81 11.76
C CYS O 970 -19.82 114.29 11.57
N ARG O 971 -20.59 114.99 10.75
CA ARG O 971 -20.28 116.38 10.47
C ARG O 971 -20.46 117.25 11.71
N ALA O 972 -21.52 117.01 12.49
CA ALA O 972 -21.73 117.79 13.71
C ALA O 972 -20.68 117.45 14.77
N ALA O 973 -20.26 116.18 14.83
CA ALA O 973 -19.30 115.78 15.84
C ALA O 973 -17.91 116.32 15.54
N TRP O 974 -17.33 115.90 14.42
CA TRP O 974 -16.00 116.34 14.01
C TRP O 974 -16.10 117.09 12.70
N PRO O 975 -15.96 118.41 12.70
CA PRO O 975 -15.89 119.14 11.43
C PRO O 975 -14.71 118.65 10.60
N ASN O 976 -14.88 118.68 9.28
CA ASN O 976 -13.89 118.23 8.31
C ASN O 976 -13.70 116.72 8.33
N CYS O 977 -14.64 115.96 8.89
CA CYS O 977 -14.50 114.51 8.90
C CYS O 977 -14.75 113.97 7.50
N SER O 978 -13.79 113.20 6.99
CA SER O 978 -13.83 112.69 5.63
C SER O 978 -14.35 111.26 5.67
N ILE O 979 -15.62 111.08 5.30
CA ILE O 979 -16.26 109.78 5.33
C ILE O 979 -16.04 109.10 3.98
N THR O 980 -15.39 107.93 4.01
CA THR O 980 -15.18 107.12 2.82
C THR O 980 -15.72 105.72 3.10
N TRP O 981 -16.62 105.26 2.24
CA TRP O 981 -17.13 103.89 2.33
C TRP O 981 -16.21 102.97 1.55
N VAL O 982 -15.45 102.14 2.26
CA VAL O 982 -14.45 101.29 1.61
C VAL O 982 -15.14 100.17 0.85
N PRO O 983 -14.85 99.99 -0.43
CA PRO O 983 -15.50 98.95 -1.23
C PRO O 983 -14.75 97.63 -1.11
N LEU O 984 -15.47 96.57 -0.71
CA LEU O 984 -14.92 95.23 -0.69
C LEU O 984 -15.77 94.23 -1.47
N SER O 985 -16.88 94.67 -2.06
CA SER O 985 -17.78 93.74 -2.75
C SER O 985 -17.15 93.19 -4.02
N TYR O 986 -16.53 94.06 -4.81
CA TYR O 986 -16.03 93.69 -6.13
C TYR O 986 -14.55 93.33 -6.14
N ASP O 987 -13.94 93.21 -4.96
CA ASP O 987 -12.53 92.85 -4.84
C ASP O 987 -12.41 91.51 -4.11
N LEU O 988 -11.59 90.62 -4.66
CA LEU O 988 -11.39 89.29 -4.09
C LEU O 988 -10.13 89.22 -3.23
N ARG O 989 -9.57 90.36 -2.85
CA ARG O 989 -8.36 90.36 -2.03
C ARG O 989 -8.63 89.77 -0.64
N TRP O 990 -9.87 89.86 -0.15
CA TRP O 990 -10.19 89.32 1.15
C TRP O 990 -10.10 87.80 1.19
N THR O 991 -10.07 87.15 0.03
CA THR O 991 -9.95 85.69 -0.03
C THR O 991 -8.57 85.20 0.37
N LYS O 992 -7.62 86.10 0.62
CA LYS O 992 -6.31 85.68 1.11
C LYS O 992 -6.43 84.98 2.46
N LEU O 993 -7.22 85.53 3.36
CA LEU O 993 -7.45 84.89 4.65
C LEU O 993 -8.15 83.54 4.47
N ALA O 994 -9.09 83.47 3.52
CA ALA O 994 -9.83 82.24 3.30
C ALA O 994 -8.94 81.13 2.75
N LEU O 995 -8.07 81.46 1.81
CA LEU O 995 -7.32 80.45 1.08
C LEU O 995 -5.99 80.11 1.73
N LEU O 996 -5.26 81.11 2.25
CA LEU O 996 -4.00 80.82 2.92
C LEU O 996 -4.23 79.97 4.16
N GLU O 997 -5.29 80.26 4.92
CA GLU O 997 -5.75 79.34 5.94
C GLU O 997 -6.52 78.20 5.29
N SER O 998 -6.59 77.07 6.00
CA SER O 998 -7.18 75.85 5.46
C SER O 998 -8.70 75.96 5.51
N THR O 999 -9.25 76.74 4.57
CA THR O 999 -10.69 76.92 4.43
C THR O 999 -11.06 76.82 2.97
N THR O 1000 -12.20 76.19 2.69
CA THR O 1000 -12.69 75.98 1.33
C THR O 1000 -13.87 76.90 1.07
N LEU O 1001 -13.82 77.64 -0.04
CA LEU O 1001 -14.85 78.60 -0.39
C LEU O 1001 -15.82 78.00 -1.41
N SER O 1002 -17.07 78.45 -1.33
CA SER O 1002 -18.11 78.11 -2.29
C SER O 1002 -18.48 79.36 -3.07
N SER O 1003 -18.65 79.20 -4.38
CA SER O 1003 -18.96 80.35 -5.23
C SER O 1003 -20.25 81.02 -4.81
N ALA O 1004 -21.29 80.23 -4.55
CA ALA O 1004 -22.55 80.79 -4.06
C ALA O 1004 -22.36 81.48 -2.73
N SER O 1005 -21.58 80.87 -1.83
CA SER O 1005 -21.33 81.48 -0.53
C SER O 1005 -20.60 82.81 -0.66
N VAL O 1006 -19.60 82.88 -1.54
CA VAL O 1006 -18.88 84.13 -1.75
C VAL O 1006 -19.79 85.19 -2.31
N ARG O 1007 -20.61 84.82 -3.31
CA ARG O 1007 -21.58 85.77 -3.87
C ARG O 1007 -22.51 86.31 -2.80
N ILE O 1008 -23.08 85.43 -1.97
CA ILE O 1008 -24.03 85.85 -0.96
C ILE O 1008 -23.36 86.70 0.10
N ALA O 1009 -22.10 86.38 0.45
CA ALA O 1009 -21.38 87.20 1.42
C ALA O 1009 -21.17 88.61 0.88
N GLU O 1010 -20.77 88.74 -0.38
CA GLU O 1010 -20.61 90.07 -0.96
C GLU O 1010 -21.94 90.81 -1.00
N LEU O 1011 -23.02 90.11 -1.38
CA LEU O 1011 -24.31 90.74 -1.50
C LEU O 1011 -24.82 91.22 -0.14
N MET O 1012 -24.54 90.44 0.91
CA MET O 1012 -24.84 90.87 2.27
C MET O 1012 -24.01 92.07 2.66
N TYR O 1013 -22.72 92.07 2.32
CA TYR O 1013 -21.87 93.22 2.61
C TYR O 1013 -22.37 94.48 1.94
N LYS O 1014 -23.09 94.33 0.82
CA LYS O 1014 -23.67 95.50 0.17
C LYS O 1014 -24.64 96.26 1.08
N TYR O 1015 -25.19 95.60 2.11
CA TYR O 1015 -26.12 96.26 3.02
C TYR O 1015 -25.52 96.58 4.38
N MET O 1016 -24.34 96.06 4.70
CA MET O 1016 -23.65 96.35 5.96
C MET O 1016 -22.23 96.80 5.65
N PRO O 1017 -22.06 98.03 5.20
CA PRO O 1017 -20.74 98.49 4.76
C PRO O 1017 -19.84 98.86 5.93
N ILE O 1018 -18.61 99.20 5.59
CA ILE O 1018 -17.61 99.65 6.56
C ILE O 1018 -17.40 101.14 6.36
N MET O 1019 -17.77 101.93 7.36
CA MET O 1019 -17.64 103.38 7.29
C MET O 1019 -16.31 103.79 7.93
N ARG O 1020 -15.42 104.37 7.12
CA ARG O 1020 -14.12 104.83 7.57
C ARG O 1020 -14.17 106.34 7.74
N ILE O 1021 -13.96 106.81 8.97
CA ILE O 1021 -14.00 108.23 9.29
C ILE O 1021 -12.58 108.69 9.60
N ASP O 1022 -12.13 109.73 8.92
CA ASP O 1022 -10.81 110.29 9.12
C ASP O 1022 -10.95 111.71 9.68
N ILE O 1023 -10.35 111.93 10.84
CA ILE O 1023 -10.34 113.25 11.47
C ILE O 1023 -9.11 114.00 10.96
N HIS O 1024 -9.22 115.33 10.92
CA HIS O 1024 -8.19 116.19 10.34
C HIS O 1024 -7.94 115.83 8.87
N GLY O 1025 -9.00 115.42 8.18
CA GLY O 1025 -8.97 115.19 6.76
C GLY O 1025 -9.70 116.30 6.02
N LEU O 1026 -9.59 116.27 4.70
CA LEU O 1026 -10.21 117.30 3.88
C LEU O 1026 -11.59 116.83 3.43
N PRO O 1027 -12.66 117.55 3.77
CA PRO O 1027 -14.01 117.03 3.53
C PRO O 1027 -14.49 117.28 2.10
N MET O 1028 -15.61 116.63 1.78
CA MET O 1028 -16.33 116.85 0.54
C MET O 1028 -17.82 116.81 0.83
N GLU O 1029 -18.58 117.68 0.18
CA GLU O 1029 -20.01 117.80 0.42
C GLU O 1029 -20.78 117.46 -0.86
N LYS O 1030 -21.89 116.74 -0.70
CA LYS O 1030 -22.76 116.40 -1.80
C LYS O 1030 -23.92 117.40 -1.83
N GLN O 1031 -24.10 118.08 -2.96
CA GLN O 1031 -25.10 119.13 -3.09
C GLN O 1031 -26.41 118.64 -3.67
N GLY O 1032 -26.55 117.34 -3.95
CA GLY O 1032 -27.77 116.83 -4.52
C GLY O 1032 -27.86 115.33 -4.38
N ASN O 1033 -28.96 114.77 -4.90
CA ASN O 1033 -29.17 113.34 -4.85
C ASN O 1033 -28.17 112.62 -5.75
N PHE O 1034 -27.75 111.43 -5.33
CA PHE O 1034 -26.79 110.62 -6.06
C PHE O 1034 -27.48 109.35 -6.53
N ILE O 1035 -28.01 109.39 -7.75
CA ILE O 1035 -28.63 108.24 -8.38
C ILE O 1035 -28.04 108.10 -9.78
N VAL O 1036 -28.37 106.99 -10.43
CA VAL O 1036 -27.98 106.81 -11.83
C VAL O 1036 -28.83 107.76 -12.66
N GLY O 1037 -28.23 108.86 -13.07
CA GLY O 1037 -28.96 109.92 -13.73
C GLY O 1037 -28.23 111.24 -13.55
N GLN O 1038 -28.86 112.30 -14.06
CA GLN O 1038 -28.22 113.60 -14.14
C GLN O 1038 -28.17 114.28 -12.77
N ASN O 1039 -27.41 115.38 -12.72
CA ASN O 1039 -27.36 116.28 -11.56
C ASN O 1039 -26.88 115.57 -10.30
N CYS O 1040 -25.64 115.09 -10.35
CA CYS O 1040 -24.91 114.63 -9.18
C CYS O 1040 -23.65 115.47 -9.06
N SER O 1041 -23.54 116.23 -7.97
CA SER O 1041 -22.52 117.25 -7.83
C SER O 1041 -21.73 117.09 -6.54
N LEU O 1042 -20.46 117.52 -6.58
CA LEU O 1042 -19.60 117.58 -5.41
C LEU O 1042 -18.82 118.89 -5.43
N VAL O 1043 -18.37 119.31 -4.25
CA VAL O 1043 -17.55 120.49 -4.08
C VAL O 1043 -16.33 120.11 -3.26
N ILE O 1044 -15.14 120.50 -3.72
CA ILE O 1044 -13.89 120.22 -3.04
C ILE O 1044 -13.37 121.54 -2.47
N PRO O 1045 -13.49 121.78 -1.16
CA PRO O 1045 -13.10 123.08 -0.60
C PRO O 1045 -11.60 123.27 -0.47
N GLY O 1046 -10.83 122.19 -0.52
CA GLY O 1046 -9.42 122.29 -0.18
C GLY O 1046 -8.55 122.85 -1.29
N PHE O 1047 -8.44 122.12 -2.40
CA PHE O 1047 -7.46 122.47 -3.44
C PHE O 1047 -7.97 123.64 -4.28
N ASN O 1048 -7.85 124.83 -3.70
CA ASN O 1048 -8.18 126.04 -4.45
C ASN O 1048 -7.24 126.23 -5.64
N ALA O 1049 -6.00 125.82 -5.50
CA ALA O 1049 -5.06 125.90 -6.61
C ALA O 1049 -5.43 124.89 -7.69
N GLN O 1050 -4.98 125.17 -8.92
CA GLN O 1050 -5.27 124.29 -10.04
C GLN O 1050 -4.62 122.94 -9.82
N ASP O 1051 -5.46 121.91 -9.63
CA ASP O 1051 -4.97 120.56 -9.39
C ASP O 1051 -5.82 119.60 -10.23
N VAL O 1052 -5.60 118.31 -10.04
CA VAL O 1052 -6.31 117.27 -10.77
C VAL O 1052 -6.96 116.32 -9.77
N PHE O 1053 -8.22 115.96 -10.03
CA PHE O 1053 -8.97 115.02 -9.21
C PHE O 1053 -9.22 113.77 -10.03
N ASN O 1054 -8.88 112.61 -9.47
CA ASN O 1054 -9.06 111.33 -10.14
C ASN O 1054 -10.12 110.53 -9.40
N CYS O 1055 -11.15 110.10 -10.12
CA CYS O 1055 -12.23 109.29 -9.57
C CYS O 1055 -12.05 107.85 -10.02
N TYR O 1056 -12.02 106.93 -9.07
CA TYR O 1056 -11.75 105.52 -9.33
C TYR O 1056 -12.99 104.69 -9.06
N PHE O 1057 -13.23 103.71 -9.93
CA PHE O 1057 -14.40 102.84 -9.86
C PHE O 1057 -13.92 101.40 -9.96
N ASN O 1058 -13.80 100.72 -8.81
CA ASN O 1058 -13.36 99.32 -8.75
C ASN O 1058 -11.98 99.16 -9.39
N SER O 1059 -11.03 99.95 -8.91
CA SER O 1059 -9.66 100.00 -9.43
C SER O 1059 -9.60 100.37 -10.91
N ALA O 1060 -10.63 101.05 -11.40
CA ALA O 1060 -10.65 101.57 -12.76
C ALA O 1060 -10.89 103.07 -12.73
N LEU O 1061 -10.16 103.80 -13.56
CA LEU O 1061 -10.22 105.26 -13.56
C LEU O 1061 -11.42 105.70 -14.38
N ALA O 1062 -12.44 106.25 -13.70
CA ALA O 1062 -13.64 106.70 -14.40
C ALA O 1062 -13.36 107.91 -15.26
N PHE O 1063 -12.70 108.93 -14.70
CA PHE O 1063 -12.38 110.14 -15.44
C PHE O 1063 -11.25 110.87 -14.74
N SER O 1064 -10.74 111.90 -15.40
CA SER O 1064 -9.66 112.72 -14.85
C SER O 1064 -9.97 114.19 -15.11
N THR O 1065 -9.42 115.05 -14.26
CA THR O 1065 -9.71 116.47 -14.35
C THR O 1065 -8.99 117.12 -15.53
N GLU O 1066 -7.78 116.65 -15.85
CA GLU O 1066 -7.00 117.28 -16.91
C GLU O 1066 -7.67 117.13 -18.28
N ASP O 1067 -8.46 116.07 -18.47
CA ASP O 1067 -9.16 115.82 -19.72
C ASP O 1067 -10.55 115.27 -19.41
N VAL O 1068 -11.53 116.17 -19.35
CA VAL O 1068 -12.91 115.74 -19.14
C VAL O 1068 -13.49 115.09 -20.38
N ASN O 1069 -12.90 115.31 -21.55
CA ASN O 1069 -13.37 114.65 -22.76
C ASN O 1069 -13.03 113.17 -22.75
N SER O 1070 -11.88 112.82 -22.18
CA SER O 1070 -11.49 111.41 -22.04
C SER O 1070 -12.04 110.84 -20.73
N ALA O 1071 -13.35 110.98 -20.57
CA ALA O 1071 -14.06 110.49 -19.41
C ALA O 1071 -14.81 109.22 -19.79
N MET O 1072 -14.64 108.17 -18.99
CA MET O 1072 -15.25 106.89 -19.34
C MET O 1072 -16.73 106.86 -19.01
N ILE O 1073 -17.17 107.60 -17.99
CA ILE O 1073 -18.58 107.75 -17.69
C ILE O 1073 -19.15 108.79 -18.65
N PRO O 1074 -20.49 108.84 -18.86
CA PRO O 1074 -21.04 109.66 -19.95
C PRO O 1074 -20.59 111.11 -19.98
N GLN O 1075 -20.84 111.89 -18.94
CA GLN O 1075 -20.57 113.32 -18.97
C GLN O 1075 -19.94 113.77 -17.66
N VAL O 1076 -18.87 114.56 -17.76
CA VAL O 1076 -18.22 115.19 -16.62
C VAL O 1076 -17.97 116.64 -16.98
N THR O 1077 -18.45 117.56 -16.15
CA THR O 1077 -18.25 119.00 -16.33
C THR O 1077 -17.65 119.54 -15.02
N ALA O 1078 -16.33 119.48 -14.91
CA ALA O 1078 -15.61 119.96 -13.74
C ALA O 1078 -15.01 121.32 -14.05
N GLN O 1079 -15.43 122.33 -13.30
CA GLN O 1079 -14.92 123.69 -13.48
C GLN O 1079 -14.62 124.30 -12.11
N PHE O 1080 -13.49 125.01 -12.03
CA PHE O 1080 -13.14 125.70 -10.81
C PHE O 1080 -14.05 126.93 -10.61
N ASP O 1081 -14.36 127.23 -9.36
CA ASP O 1081 -15.20 128.36 -9.03
C ASP O 1081 -14.38 129.64 -9.11
N ALA O 1082 -14.92 130.75 -8.61
CA ALA O 1082 -14.19 132.00 -8.57
C ALA O 1082 -12.97 131.88 -7.66
N ASN O 1083 -12.12 132.90 -7.70
CA ASN O 1083 -10.94 132.91 -6.84
C ASN O 1083 -11.31 132.83 -5.36
N LYS O 1084 -12.50 133.31 -5.01
CA LYS O 1084 -12.99 133.15 -3.64
C LYS O 1084 -13.60 131.78 -3.39
N GLY O 1085 -13.91 131.04 -4.45
CA GLY O 1085 -14.59 129.77 -4.34
C GLY O 1085 -13.66 128.58 -4.40
N GLU O 1086 -14.23 127.40 -4.66
CA GLU O 1086 -13.48 126.16 -4.68
C GLU O 1086 -14.08 125.26 -5.76
N TRP O 1087 -13.32 124.21 -6.11
CA TRP O 1087 -13.68 123.35 -7.23
C TRP O 1087 -15.07 122.74 -7.03
N SER O 1088 -15.88 122.78 -8.09
CA SER O 1088 -17.20 122.19 -8.11
C SER O 1088 -17.31 121.28 -9.32
N LEU O 1089 -17.78 120.05 -9.10
CA LEU O 1089 -17.85 119.04 -10.15
C LEU O 1089 -19.31 118.67 -10.40
N ASP O 1090 -19.71 118.63 -11.67
CA ASP O 1090 -21.02 118.17 -12.08
C ASP O 1090 -20.83 117.06 -13.11
N MET O 1091 -21.54 115.95 -12.93
CA MET O 1091 -21.33 114.79 -13.78
C MET O 1091 -22.54 113.85 -13.68
N VAL O 1092 -22.53 112.84 -14.55
CA VAL O 1092 -23.58 111.83 -14.62
C VAL O 1092 -22.92 110.46 -14.68
N PHE O 1093 -23.52 109.48 -14.00
CA PHE O 1093 -23.01 108.12 -13.95
C PHE O 1093 -23.90 107.18 -14.75
N SER O 1094 -23.26 106.24 -15.44
CA SER O 1094 -24.02 105.25 -16.21
C SER O 1094 -24.35 104.02 -15.38
N ASP O 1095 -23.49 103.67 -14.42
CA ASP O 1095 -23.67 102.49 -13.60
C ASP O 1095 -23.55 102.87 -12.13
N ALA O 1096 -24.22 102.09 -11.29
CA ALA O 1096 -24.19 102.31 -9.85
C ALA O 1096 -22.95 101.68 -9.23
N GLY O 1097 -22.68 102.07 -7.99
CA GLY O 1097 -21.54 101.55 -7.25
C GLY O 1097 -20.96 102.63 -6.36
N ILE O 1098 -19.74 102.38 -5.89
CA ILE O 1098 -19.02 103.28 -5.00
C ILE O 1098 -17.83 103.84 -5.77
N TYR O 1099 -17.76 105.15 -5.87
CA TYR O 1099 -16.70 105.84 -6.61
C TYR O 1099 -15.82 106.61 -5.63
N THR O 1100 -14.55 106.22 -5.54
CA THR O 1100 -13.58 106.91 -4.71
C THR O 1100 -12.83 107.95 -5.53
N MET O 1101 -12.62 109.11 -4.92
CA MET O 1101 -11.92 110.21 -5.57
C MET O 1101 -10.66 110.55 -4.78
N GLN O 1102 -9.54 110.66 -5.49
CA GLN O 1102 -8.27 111.09 -4.91
C GLN O 1102 -7.74 112.25 -5.73
N ALA O 1103 -7.00 113.14 -5.06
CA ALA O 1103 -6.53 114.38 -5.67
C ALA O 1103 -5.03 114.53 -5.49
N LEU O 1104 -4.39 115.15 -6.47
CA LEU O 1104 -2.98 115.48 -6.39
C LEU O 1104 -2.82 116.86 -5.77
N VAL O 1105 -2.05 116.95 -4.68
CA VAL O 1105 -1.94 118.22 -3.95
C VAL O 1105 -1.26 119.28 -4.81
N GLY O 1106 -0.23 118.89 -5.56
CA GLY O 1106 0.50 119.84 -6.37
C GLY O 1106 1.03 119.19 -7.64
N SER O 1107 1.71 120.00 -8.44
CA SER O 1107 2.30 119.50 -9.68
C SER O 1107 3.38 118.48 -9.37
N ASN O 1108 3.33 117.34 -10.06
CA ASN O 1108 4.28 116.24 -9.86
C ASN O 1108 4.35 115.83 -8.39
N ALA O 1109 3.19 115.54 -7.82
CA ALA O 1109 3.08 115.17 -6.41
C ALA O 1109 2.27 113.89 -6.28
N ASN O 1110 2.53 113.15 -5.21
CA ASN O 1110 1.82 111.91 -4.96
C ASN O 1110 0.36 112.19 -4.64
N PRO O 1111 -0.55 111.31 -5.05
CA PRO O 1111 -1.98 111.54 -4.80
C PRO O 1111 -2.32 111.49 -3.32
N VAL O 1112 -3.35 112.24 -2.95
CA VAL O 1112 -3.90 112.25 -1.60
C VAL O 1112 -5.37 111.88 -1.71
N SER O 1113 -5.78 110.85 -0.96
CA SER O 1113 -7.13 110.33 -1.09
C SER O 1113 -8.14 111.26 -0.44
N LEU O 1114 -9.38 111.19 -0.92
CA LEU O 1114 -10.50 111.92 -0.33
C LEU O 1114 -11.63 110.97 -0.01
N GLY O 1115 -12.79 111.51 0.38
CA GLY O 1115 -13.92 110.67 0.70
C GLY O 1115 -14.53 110.02 -0.53
N SER O 1116 -15.21 108.91 -0.30
CA SER O 1116 -15.91 108.20 -1.36
C SER O 1116 -17.40 108.51 -1.33
N PHE O 1117 -18.09 108.18 -2.43
CA PHE O 1117 -19.52 108.38 -2.53
C PHE O 1117 -20.12 107.20 -3.29
N VAL O 1118 -21.42 106.99 -3.07
CA VAL O 1118 -22.16 105.89 -3.69
C VAL O 1118 -23.35 106.47 -4.44
N VAL O 1119 -23.60 105.93 -5.62
CA VAL O 1119 -24.75 106.32 -6.44
C VAL O 1119 -25.74 105.16 -6.44
N ASP O 1120 -26.99 105.47 -6.12
CA ASP O 1120 -28.03 104.45 -5.98
C ASP O 1120 -28.63 104.11 -7.34
N SER O 1121 -28.99 102.84 -7.51
CA SER O 1121 -29.70 102.43 -8.70
C SER O 1121 -31.06 103.12 -8.75
N PRO O 1122 -31.60 103.36 -9.96
CA PRO O 1122 -32.85 104.12 -10.06
C PRO O 1122 -34.04 103.40 -9.45
N ASP O 1123 -35.19 104.05 -9.45
CA ASP O 1123 -36.39 103.49 -8.84
C ASP O 1123 -36.78 102.18 -9.53
N VAL O 1124 -37.27 101.23 -8.74
CA VAL O 1124 -37.69 99.94 -9.24
C VAL O 1124 -39.15 99.76 -8.86
N ASP O 1125 -40.01 99.51 -9.85
CA ASP O 1125 -41.41 99.22 -9.66
C ASP O 1125 -41.98 98.62 -10.94
N ILE O 1126 -42.87 97.64 -10.79
CA ILE O 1126 -43.49 96.95 -11.91
C ILE O 1126 -44.99 97.19 -11.83
N THR O 1127 -45.56 97.71 -12.92
CA THR O 1127 -47.00 97.97 -13.00
C THR O 1127 -47.46 97.58 -14.40
N ASP O 1128 -48.19 96.46 -14.48
CA ASP O 1128 -48.70 95.95 -15.75
C ASP O 1128 -50.18 96.27 -15.90
N ALA O 1129 -50.58 96.70 -17.09
CA ALA O 1129 -51.96 97.03 -17.41
C ALA O 1129 -52.35 96.25 -18.67
N TRP O 1130 -53.22 95.27 -18.53
CA TRP O 1130 -53.62 94.42 -19.65
C TRP O 1130 -54.87 94.97 -20.30
N PRO O 1131 -54.85 95.30 -21.59
CA PRO O 1131 -56.09 95.70 -22.28
C PRO O 1131 -57.12 94.59 -22.22
N ALA O 1132 -58.39 95.00 -22.13
CA ALA O 1132 -59.48 94.04 -22.06
C ALA O 1132 -59.66 93.33 -23.39
N GLN O 1133 -60.52 92.31 -23.38
CA GLN O 1133 -60.81 91.48 -24.55
C GLN O 1133 -59.52 90.86 -25.11
N LEU O 1134 -58.76 90.25 -24.20
CA LEU O 1134 -57.53 89.58 -24.61
C LEU O 1134 -57.85 88.36 -25.48
N ASP O 1135 -57.03 88.17 -26.52
CA ASP O 1135 -57.27 87.11 -27.49
C ASP O 1135 -56.27 85.99 -27.31
N PHE O 1136 -56.65 84.80 -27.80
CA PHE O 1136 -55.88 83.57 -27.64
C PHE O 1136 -55.30 83.07 -28.95
N THR O 1137 -55.22 83.93 -29.97
CA THR O 1137 -54.73 83.52 -31.28
C THR O 1137 -53.20 83.57 -31.30
N ILE O 1138 -52.62 83.40 -32.49
CA ILE O 1138 -51.17 83.47 -32.63
C ILE O 1138 -50.67 84.89 -32.34
N ALA O 1139 -51.46 85.90 -32.69
CA ALA O 1139 -51.12 87.29 -32.38
C ALA O 1139 -51.39 87.52 -30.90
N GLY O 1140 -50.35 87.38 -30.08
CA GLY O 1140 -50.51 87.49 -28.65
C GLY O 1140 -50.88 88.88 -28.20
N THR O 1141 -51.41 88.94 -26.98
CA THR O 1141 -51.83 90.21 -26.40
C THR O 1141 -50.62 91.10 -26.13
N ASP O 1142 -50.84 92.41 -26.22
CA ASP O 1142 -49.76 93.39 -26.01
C ASP O 1142 -49.86 93.92 -24.59
N VAL O 1143 -48.97 93.45 -23.72
CA VAL O 1143 -48.93 93.89 -22.33
C VAL O 1143 -48.17 95.20 -22.24
N ASP O 1144 -48.66 96.12 -21.40
CA ASP O 1144 -48.02 97.39 -21.16
C ASP O 1144 -47.52 97.42 -19.71
N ILE O 1145 -46.22 97.69 -19.54
CA ILE O 1145 -45.61 97.76 -18.22
C ILE O 1145 -44.82 99.06 -18.12
N THR O 1146 -44.64 99.51 -16.89
CA THR O 1146 -43.93 100.76 -16.60
C THR O 1146 -42.70 100.43 -15.75
N VAL O 1147 -41.52 100.61 -16.34
CA VAL O 1147 -40.26 100.38 -15.66
C VAL O 1147 -39.21 101.30 -16.27
N ASN O 1148 -38.20 101.63 -15.48
CA ASN O 1148 -37.14 102.52 -15.94
C ASN O 1148 -36.35 101.84 -17.07
N PRO O 1149 -35.97 102.58 -18.11
CA PRO O 1149 -35.26 101.96 -19.23
C PRO O 1149 -33.94 101.32 -18.84
N TYR O 1150 -33.37 101.76 -17.72
CA TYR O 1150 -32.06 101.25 -17.30
C TYR O 1150 -32.10 99.75 -17.02
N TYR O 1151 -33.26 99.22 -16.68
CA TYR O 1151 -33.40 97.81 -16.34
C TYR O 1151 -33.76 97.00 -17.58
N ARG O 1152 -33.00 95.92 -17.81
CA ARG O 1152 -33.31 94.95 -18.85
C ARG O 1152 -33.91 93.71 -18.18
N LEU O 1153 -35.09 93.31 -18.63
CA LEU O 1153 -35.89 92.33 -17.92
C LEU O 1153 -36.28 91.18 -18.85
N MET O 1154 -36.48 90.01 -18.24
CA MET O 1154 -36.88 88.81 -18.97
C MET O 1154 -37.65 87.91 -18.02
N ALA O 1155 -38.36 86.94 -18.58
CA ALA O 1155 -39.19 86.08 -17.76
C ALA O 1155 -38.44 84.82 -17.35
N PHE O 1156 -38.93 84.18 -16.29
CA PHE O 1156 -38.32 82.99 -15.74
C PHE O 1156 -39.40 82.05 -15.22
N VAL O 1157 -39.00 80.79 -14.98
CA VAL O 1157 -39.90 79.77 -14.46
C VAL O 1157 -39.16 79.03 -13.34
N LYS O 1158 -39.87 78.74 -12.26
CA LYS O 1158 -39.32 77.97 -11.14
C LYS O 1158 -39.95 76.58 -11.14
N ILE O 1159 -39.23 75.62 -11.69
CA ILE O 1159 -39.60 74.21 -11.64
C ILE O 1159 -38.66 73.51 -10.66
N ASP O 1160 -39.23 72.84 -9.66
CA ASP O 1160 -38.47 72.24 -8.56
C ASP O 1160 -37.71 73.38 -7.88
N GLY O 1161 -36.42 73.25 -7.63
CA GLY O 1161 -35.66 74.31 -6.99
C GLY O 1161 -34.79 75.12 -7.93
N GLN O 1162 -34.81 74.77 -9.22
CA GLN O 1162 -33.97 75.40 -10.22
C GLN O 1162 -34.81 76.32 -11.09
N TRP O 1163 -34.31 77.54 -11.31
CA TRP O 1163 -34.99 78.48 -12.20
C TRP O 1163 -34.85 78.03 -13.65
N GLN O 1164 -35.97 78.01 -14.37
CA GLN O 1164 -35.99 77.61 -15.78
C GLN O 1164 -36.20 78.85 -16.64
N ILE O 1165 -35.34 79.03 -17.63
CA ILE O 1165 -35.45 80.17 -18.53
C ILE O 1165 -36.66 79.97 -19.44
N ALA O 1166 -37.50 81.00 -19.54
CA ALA O 1166 -38.69 80.93 -20.36
C ALA O 1166 -38.33 80.82 -21.84
N ASN O 1167 -39.23 80.21 -22.60
CA ASN O 1167 -39.01 80.01 -24.03
C ASN O 1167 -39.04 81.37 -24.73
N PRO O 1168 -38.00 81.71 -25.51
CA PRO O 1168 -38.00 83.03 -26.18
C PRO O 1168 -39.17 83.25 -27.11
N ASP O 1169 -39.70 82.20 -27.73
CA ASP O 1169 -40.81 82.38 -28.67
C ASP O 1169 -42.08 82.84 -27.96
N LYS O 1170 -42.34 82.29 -26.77
CA LYS O 1170 -43.56 82.64 -26.04
C LYS O 1170 -43.52 84.08 -25.55
N PHE O 1171 -42.36 84.55 -25.10
CA PHE O 1171 -42.25 85.82 -24.41
C PHE O 1171 -41.44 86.78 -25.27
N GLN O 1172 -42.01 87.94 -25.59
CA GLN O 1172 -41.38 88.90 -26.48
C GLN O 1172 -41.57 90.30 -25.94
N PHE O 1173 -40.52 91.11 -25.98
CA PHE O 1173 -40.52 92.47 -25.47
C PHE O 1173 -40.19 93.45 -26.59
N PHE O 1174 -41.04 94.46 -26.77
CA PHE O 1174 -40.75 95.58 -27.65
C PHE O 1174 -40.34 96.78 -26.80
N SER O 1175 -39.34 97.53 -27.28
CA SER O 1175 -38.74 98.59 -26.47
C SER O 1175 -39.75 99.68 -26.11
N SER O 1176 -40.19 100.45 -27.10
CA SER O 1176 -41.24 101.46 -26.94
C SER O 1176 -41.02 102.37 -25.72
N ASN O 1177 -39.76 102.51 -25.29
CA ASN O 1177 -39.42 103.27 -24.09
C ASN O 1177 -40.31 102.89 -22.91
N THR O 1178 -40.73 103.87 -22.12
CA THR O 1178 -41.67 103.63 -21.05
C THR O 1178 -43.04 103.28 -21.62
N GLY O 1179 -43.87 102.64 -20.81
CA GLY O 1179 -45.07 102.01 -21.32
C GLY O 1179 -44.65 100.90 -22.26
N THR O 1180 -43.70 100.10 -21.79
CA THR O 1180 -43.00 99.12 -22.63
C THR O 1180 -43.98 98.08 -23.18
N LEU O 1181 -44.15 98.08 -24.50
CA LEU O 1181 -44.96 97.06 -25.17
C LEU O 1181 -44.27 95.72 -25.03
N VAL O 1182 -44.83 94.86 -24.18
CA VAL O 1182 -44.17 93.60 -23.82
C VAL O 1182 -45.14 92.45 -23.91
N MET O 1183 -44.57 91.25 -23.79
CA MET O 1183 -45.27 90.04 -23.37
C MET O 1183 -46.41 89.68 -24.32
N ASN O 1184 -46.02 89.33 -25.54
CA ASN O 1184 -46.93 88.69 -26.49
C ASN O 1184 -47.06 87.23 -26.08
N VAL O 1185 -47.76 87.02 -24.97
CA VAL O 1185 -47.67 85.76 -24.23
C VAL O 1185 -48.37 84.62 -24.97
N LYS O 1186 -49.31 84.93 -25.85
CA LYS O 1186 -50.09 84.00 -26.66
C LYS O 1186 -51.12 83.23 -25.84
N LEU O 1187 -51.15 83.39 -24.52
CA LEU O 1187 -52.18 82.81 -23.64
C LEU O 1187 -52.24 81.29 -23.75
N ASP O 1188 -51.16 80.65 -23.29
CA ASP O 1188 -51.15 79.20 -23.16
C ASP O 1188 -52.03 78.78 -21.99
N ILE O 1189 -52.66 77.61 -22.13
CA ILE O 1189 -53.43 77.05 -21.03
C ILE O 1189 -52.53 76.72 -19.85
N ALA O 1190 -51.27 76.37 -20.13
CA ALA O 1190 -50.32 76.08 -19.05
C ALA O 1190 -50.09 77.28 -18.14
N ASP O 1191 -50.42 78.48 -18.59
CA ASP O 1191 -50.30 79.67 -17.73
C ASP O 1191 -51.19 79.55 -16.50
N ARG O 1192 -52.31 78.81 -16.61
CA ARG O 1192 -53.18 78.61 -15.47
C ARG O 1192 -52.51 77.82 -14.36
N TYR O 1193 -51.52 76.97 -14.70
CA TYR O 1193 -50.84 76.13 -13.72
C TYR O 1193 -49.35 76.44 -13.60
N LEU O 1194 -48.82 77.35 -14.40
CA LEU O 1194 -47.42 77.75 -14.32
C LEU O 1194 -47.33 79.21 -13.92
N LEU O 1195 -46.50 79.49 -12.92
CA LEU O 1195 -46.29 80.85 -12.42
C LEU O 1195 -45.07 81.45 -13.10
N TYR O 1196 -45.27 82.58 -13.78
CA TYR O 1196 -44.23 83.22 -14.58
C TYR O 1196 -43.66 84.39 -13.80
N TYR O 1197 -42.34 84.41 -13.66
CA TYR O 1197 -41.64 85.41 -12.88
C TYR O 1197 -40.85 86.32 -13.80
N ILE O 1198 -40.97 87.64 -13.60
CA ILE O 1198 -40.22 88.62 -14.36
C ILE O 1198 -38.97 88.97 -13.58
N ARG O 1199 -37.81 88.78 -14.21
CA ARG O 1199 -36.52 89.04 -13.57
C ARG O 1199 -35.70 89.98 -14.45
N ASP O 1200 -34.80 90.72 -13.81
CA ASP O 1200 -33.93 91.67 -14.49
C ASP O 1200 -32.56 91.04 -14.70
N VAL O 1201 -32.05 91.14 -15.93
CA VAL O 1201 -30.76 90.56 -16.28
C VAL O 1201 -29.78 91.61 -16.79
N GLN O 1202 -30.02 92.90 -16.50
CA GLN O 1202 -29.11 93.94 -16.95
C GLN O 1202 -27.82 93.94 -16.14
N SER O 1203 -27.88 93.48 -14.90
CA SER O 1203 -26.72 93.47 -14.02
C SER O 1203 -26.07 92.09 -13.99
N ARG O 1204 -25.05 91.95 -13.13
CA ARG O 1204 -24.39 90.66 -12.98
C ARG O 1204 -25.31 89.63 -12.33
N ASP O 1205 -25.98 90.01 -11.25
CA ASP O 1205 -26.89 89.14 -10.52
C ASP O 1205 -28.31 89.49 -10.93
N VAL O 1206 -29.13 88.47 -11.13
CA VAL O 1206 -30.44 88.67 -11.75
C VAL O 1206 -31.53 88.79 -10.69
N GLY O 1207 -31.26 88.30 -9.48
CA GLY O 1207 -32.34 88.11 -8.51
C GLY O 1207 -32.91 89.40 -7.94
N PHE O 1208 -32.05 90.36 -7.58
CA PHE O 1208 -32.46 91.44 -6.69
C PHE O 1208 -33.57 92.30 -7.26
N TYR O 1209 -33.26 93.09 -8.30
CA TYR O 1209 -34.01 94.32 -8.53
C TYR O 1209 -35.45 94.05 -8.94
N ILE O 1210 -35.67 93.12 -9.86
CA ILE O 1210 -37.02 92.81 -10.31
C ILE O 1210 -37.27 91.32 -10.12
N GLN O 1211 -38.21 90.98 -9.24
CA GLN O 1211 -38.78 89.64 -9.14
C GLN O 1211 -40.30 89.84 -8.99
N HIS O 1212 -40.98 89.92 -10.13
CA HIS O 1212 -42.38 90.32 -10.15
C HIS O 1212 -43.28 89.13 -10.46
N PRO O 1213 -44.03 88.63 -9.47
CA PRO O 1213 -44.99 87.57 -9.75
C PRO O 1213 -46.09 88.05 -10.68
N LEU O 1214 -46.51 87.14 -11.58
CA LEU O 1214 -47.63 87.40 -12.48
C LEU O 1214 -48.85 86.70 -11.89
N GLN O 1215 -49.40 87.32 -10.83
CA GLN O 1215 -50.52 86.72 -10.12
C GLN O 1215 -51.75 86.63 -11.01
N LEU O 1216 -52.02 87.67 -11.79
CA LEU O 1216 -53.20 87.69 -12.65
C LEU O 1216 -53.00 86.93 -13.96
N LEU O 1217 -51.77 86.50 -14.27
CA LEU O 1217 -51.58 85.62 -15.41
C LEU O 1217 -51.99 84.19 -15.07
N ASN O 1218 -51.83 83.78 -13.81
CA ASN O 1218 -52.34 82.48 -13.39
C ASN O 1218 -53.85 82.40 -13.51
N THR O 1219 -54.55 83.49 -13.16
CA THR O 1219 -56.00 83.54 -13.19
C THR O 1219 -56.42 84.17 -14.52
N ILE O 1220 -56.67 83.33 -15.51
CA ILE O 1220 -57.15 83.76 -16.81
C ILE O 1220 -58.42 82.98 -17.14
N THR O 1221 -59.48 83.69 -17.50
CA THR O 1221 -60.74 83.06 -17.87
C THR O 1221 -60.60 82.46 -19.27
N LEU O 1222 -60.81 81.16 -19.38
CA LEU O 1222 -60.72 80.49 -20.66
C LEU O 1222 -62.00 80.71 -21.45
N PRO O 1223 -61.93 81.23 -22.68
CA PRO O 1223 -63.16 81.46 -23.45
C PRO O 1223 -63.96 80.20 -23.72
N THR O 1224 -63.28 79.06 -23.92
CA THR O 1224 -63.93 77.78 -24.21
C THR O 1224 -64.86 77.88 -25.41
N ASN O 1225 -64.46 78.64 -26.43
CA ASN O 1225 -65.27 78.79 -27.63
C ASN O 1225 -64.47 78.66 -28.92
N GLU O 1226 -63.14 78.66 -28.88
CA GLU O 1226 -62.32 78.52 -30.07
C GLU O 1226 -61.06 77.73 -29.70
N ASP O 1227 -60.11 77.68 -30.61
CA ASP O 1227 -58.90 76.90 -30.42
C ASP O 1227 -58.02 77.49 -29.33
N LEU O 1228 -57.36 76.60 -28.58
CA LEU O 1228 -56.50 76.98 -27.46
C LEU O 1228 -55.19 76.23 -27.53
N PHE O 1229 -54.10 76.93 -27.25
CA PHE O 1229 -52.79 76.30 -27.14
C PHE O 1229 -52.65 75.63 -25.79
N LEU O 1230 -51.86 74.56 -25.74
CA LEU O 1230 -51.63 73.85 -24.49
C LEU O 1230 -50.31 73.10 -24.56
N SER O 1231 -49.83 72.70 -23.39
CA SER O 1231 -48.61 71.92 -23.27
C SER O 1231 -48.60 71.27 -21.89
N ALA O 1232 -47.64 70.37 -21.68
CA ALA O 1232 -47.48 69.73 -20.39
C ALA O 1232 -46.82 70.70 -19.41
N PRO O 1233 -47.48 71.06 -18.30
CA PRO O 1233 -46.86 71.98 -17.35
C PRO O 1233 -45.57 71.46 -16.75
N ASP O 1234 -45.46 70.15 -16.51
CA ASP O 1234 -44.32 69.55 -15.84
C ASP O 1234 -43.82 68.34 -16.62
N MET O 1235 -42.77 67.70 -16.11
CA MET O 1235 -42.26 66.46 -16.68
C MET O 1235 -43.19 65.29 -16.38
N ARG O 1236 -43.91 65.34 -15.26
CA ARG O 1236 -44.75 64.24 -14.83
C ARG O 1236 -46.02 64.16 -15.67
N GLU O 1237 -46.77 63.08 -15.45
CA GLU O 1237 -47.99 62.84 -16.21
C GLU O 1237 -49.06 63.86 -15.84
N TRP O 1238 -49.79 64.34 -16.85
CA TRP O 1238 -50.88 65.26 -16.65
C TRP O 1238 -52.08 64.78 -17.45
N ALA O 1239 -53.27 64.95 -16.89
CA ALA O 1239 -54.51 64.42 -17.47
C ALA O 1239 -55.37 65.57 -17.97
N VAL O 1240 -55.76 65.49 -19.24
CA VAL O 1240 -56.70 66.45 -19.82
C VAL O 1240 -58.11 66.09 -19.35
N LYS O 1241 -58.88 67.10 -18.96
CA LYS O 1241 -60.28 66.92 -18.58
C LYS O 1241 -61.11 67.98 -19.30
N GLU O 1242 -61.69 67.59 -20.44
CA GLU O 1242 -62.67 68.43 -21.13
C GLU O 1242 -64.03 68.17 -20.51
N SER O 1243 -64.59 69.20 -19.86
CA SER O 1243 -65.77 69.07 -19.02
C SER O 1243 -65.46 68.00 -17.98
N GLY O 1244 -66.24 66.93 -17.87
CA GLY O 1244 -65.93 65.82 -17.00
C GLY O 1244 -65.29 64.63 -17.67
N ASN O 1245 -64.84 64.75 -18.92
CA ASN O 1245 -64.32 63.63 -19.68
C ASN O 1245 -62.80 63.72 -19.76
N THR O 1246 -62.13 62.63 -19.39
CA THR O 1246 -60.68 62.55 -19.46
C THR O 1246 -60.27 62.20 -20.89
N ILE O 1247 -59.80 63.21 -21.63
CA ILE O 1247 -59.46 63.00 -23.03
C ILE O 1247 -58.24 62.10 -23.17
N CYS O 1248 -57.16 62.42 -22.45
CA CYS O 1248 -55.90 61.70 -22.59
C CYS O 1248 -54.95 62.16 -21.49
N ILE O 1249 -53.78 61.54 -21.45
CA ILE O 1249 -52.70 61.89 -20.55
C ILE O 1249 -51.48 62.22 -21.39
N LEU O 1250 -50.92 63.42 -21.18
CA LEU O 1250 -49.85 63.90 -22.04
C LEU O 1250 -48.60 63.05 -21.94
N ASN O 1251 -48.11 62.81 -20.71
CA ASN O 1251 -46.82 62.18 -20.49
C ASN O 1251 -46.94 60.69 -20.20
N SER O 1252 -48.05 60.06 -20.60
CA SER O 1252 -48.19 58.63 -20.44
C SER O 1252 -47.19 57.91 -21.35
N PRO O 1253 -46.68 56.74 -20.92
CA PRO O 1253 -45.77 55.99 -21.80
C PRO O 1253 -46.37 55.64 -23.13
N GLY O 1254 -47.66 55.29 -23.16
CA GLY O 1254 -48.37 55.11 -24.42
C GLY O 1254 -49.34 56.24 -24.65
N PHE O 1255 -49.00 57.17 -25.54
CA PHE O 1255 -49.80 58.36 -25.79
C PHE O 1255 -49.98 58.55 -27.29
N ILE O 1256 -51.20 58.36 -27.77
CA ILE O 1256 -51.58 58.70 -29.13
C ILE O 1256 -52.53 59.90 -29.04
N PRO O 1257 -52.12 61.09 -29.51
CA PRO O 1257 -52.97 62.26 -29.32
C PRO O 1257 -54.25 62.14 -30.12
N PRO O 1258 -55.33 62.76 -29.66
CA PRO O 1258 -56.58 62.74 -30.43
C PRO O 1258 -56.39 63.38 -31.80
N GLN O 1259 -57.09 62.83 -32.80
CA GLN O 1259 -56.92 63.30 -34.16
C GLN O 1259 -57.50 64.71 -34.34
N ASP O 1260 -58.44 65.11 -33.48
CA ASP O 1260 -59.00 66.45 -33.58
C ASP O 1260 -57.96 67.52 -33.26
N TRP O 1261 -56.92 67.15 -32.52
CA TRP O 1261 -55.90 68.12 -32.14
C TRP O 1261 -54.95 68.42 -33.30
N ASP O 1262 -54.24 69.53 -33.17
CA ASP O 1262 -53.22 69.95 -34.11
C ASP O 1262 -51.87 70.04 -33.40
N VAL O 1263 -50.82 70.33 -34.17
CA VAL O 1263 -49.47 70.42 -33.64
C VAL O 1263 -48.81 71.68 -34.21
N LEU O 1264 -48.11 72.41 -33.36
CA LEU O 1264 -47.39 73.61 -33.78
C LEU O 1264 -45.97 73.28 -34.20
N THR O 1265 -45.46 74.06 -35.15
CA THR O 1265 -44.09 73.90 -35.60
C THR O 1265 -43.10 74.24 -34.49
N ASP O 1266 -43.38 75.31 -33.73
CA ASP O 1266 -42.52 75.75 -32.64
C ASP O 1266 -43.25 75.56 -31.32
N THR O 1267 -42.54 75.04 -30.32
CA THR O 1267 -43.13 74.77 -29.02
C THR O 1267 -42.98 75.98 -28.11
N ILE O 1268 -44.10 76.43 -27.53
CA ILE O 1268 -44.07 77.59 -26.64
C ILE O 1268 -43.87 77.20 -25.18
N SER O 1269 -43.72 75.91 -24.88
CA SER O 1269 -43.48 75.48 -23.51
C SER O 1269 -42.07 75.86 -23.08
N TRP O 1270 -41.87 75.91 -21.76
CA TRP O 1270 -40.56 76.26 -21.21
C TRP O 1270 -39.52 75.23 -21.61
N SER O 1271 -39.89 73.94 -21.58
CA SER O 1271 -38.98 72.88 -22.00
C SER O 1271 -39.15 72.63 -23.49
N PRO O 1272 -38.10 72.77 -24.30
CA PRO O 1272 -38.24 72.53 -25.74
C PRO O 1272 -38.63 71.10 -26.09
N SER O 1273 -38.35 70.14 -25.20
CA SER O 1273 -38.71 68.75 -25.48
C SER O 1273 -40.21 68.59 -25.61
N LEU O 1274 -40.97 69.30 -24.79
CA LEU O 1274 -42.43 69.16 -24.77
C LEU O 1274 -43.04 69.72 -26.04
N PRO O 1275 -43.85 68.96 -26.77
CA PRO O 1275 -44.56 69.51 -27.93
C PRO O 1275 -45.72 70.38 -27.49
N THR O 1276 -46.28 71.11 -28.46
CA THR O 1276 -47.41 71.99 -28.23
C THR O 1276 -48.53 71.62 -29.21
N TYR O 1277 -49.75 71.53 -28.69
CA TYR O 1277 -50.90 71.11 -29.48
C TYR O 1277 -51.92 72.24 -29.55
N VAL O 1278 -52.95 72.01 -30.37
CA VAL O 1278 -54.10 72.90 -30.49
C VAL O 1278 -55.37 72.08 -30.36
N VAL O 1279 -56.18 72.39 -29.34
CA VAL O 1279 -57.41 71.65 -29.07
C VAL O 1279 -58.57 72.24 -29.85
N PRO O 1280 -59.65 71.49 -30.05
CA PRO O 1280 -60.88 72.06 -30.60
C PRO O 1280 -61.50 73.02 -29.61
N PRO O 1281 -62.49 73.81 -30.04
CA PRO O 1281 -63.14 74.75 -29.11
C PRO O 1281 -63.77 74.04 -27.92
N GLY O 1282 -63.70 74.70 -26.77
CA GLY O 1282 -64.37 74.22 -25.57
C GLY O 1282 -63.53 73.42 -24.61
N ASP O 1283 -62.20 73.44 -24.75
CA ASP O 1283 -61.35 72.69 -23.83
C ASP O 1283 -61.44 73.27 -22.41
N TYR O 1284 -60.91 72.51 -21.46
CA TYR O 1284 -61.05 72.86 -20.05
C TYR O 1284 -59.80 72.40 -19.29
N THR O 1285 -59.92 72.32 -17.97
CA THR O 1285 -58.77 72.22 -17.09
C THR O 1285 -58.04 70.89 -17.25
N LEU O 1286 -56.79 70.89 -16.77
CA LEU O 1286 -55.97 69.69 -16.67
C LEU O 1286 -55.88 69.25 -15.21
N THR O 1287 -55.43 68.01 -14.99
CA THR O 1287 -55.32 67.45 -13.66
C THR O 1287 -53.98 66.75 -13.52
N PRO O 1288 -53.18 67.07 -12.51
CA PRO O 1288 -51.90 66.37 -12.32
C PRO O 1288 -52.11 64.88 -12.04
N LEU O 1289 -51.14 64.09 -12.49
CA LEU O 1289 -51.13 62.63 -12.32
C LEU O 1289 -52.29 61.95 -13.05
N SER R 3 72.74 -36.59 -19.37
CA SER R 3 71.72 -37.18 -20.23
C SER R 3 71.01 -38.32 -19.53
N MET R 4 71.61 -38.83 -18.45
CA MET R 4 70.98 -39.89 -17.68
C MET R 4 69.67 -39.41 -17.06
N ILE R 5 69.59 -38.13 -16.70
CA ILE R 5 68.34 -37.56 -16.21
C ILE R 5 67.26 -37.69 -17.26
N LEU R 6 67.58 -37.33 -18.51
CA LEU R 6 66.61 -37.49 -19.59
C LEU R 6 66.22 -38.95 -19.76
N THR R 7 67.22 -39.84 -19.82
CA THR R 7 66.92 -41.26 -20.07
C THR R 7 66.03 -41.85 -18.98
N GLN R 8 66.21 -41.43 -17.73
CA GLN R 8 65.46 -41.99 -16.61
C GLN R 8 64.22 -41.18 -16.24
N PHE R 9 63.98 -40.03 -16.89
CA PHE R 9 62.85 -39.18 -16.52
C PHE R 9 62.09 -38.61 -17.71
N GLY R 10 62.30 -39.17 -18.91
CA GLY R 10 61.72 -38.64 -20.13
C GLY R 10 60.29 -38.11 -20.05
N PRO R 11 59.33 -38.97 -19.73
CA PRO R 11 57.93 -38.52 -19.71
C PRO R 11 57.65 -37.43 -18.68
N PHE R 12 58.35 -37.45 -17.54
CA PHE R 12 57.98 -36.55 -16.45
C PHE R 12 58.24 -35.08 -16.80
N ILE R 13 59.40 -34.78 -17.41
CA ILE R 13 59.67 -33.41 -17.81
C ILE R 13 58.64 -32.92 -18.82
N GLU R 14 58.33 -33.75 -19.82
CA GLU R 14 57.32 -33.37 -20.79
C GLU R 14 55.96 -33.17 -20.14
N SER R 15 55.69 -33.88 -19.04
CA SER R 15 54.42 -33.73 -18.35
C SER R 15 54.33 -32.37 -17.64
N ILE R 16 55.39 -31.99 -16.92
CA ILE R 16 55.34 -30.80 -16.08
C ILE R 16 55.85 -29.55 -16.77
N SER R 17 56.26 -29.64 -18.03
CA SER R 17 56.72 -28.47 -18.78
C SER R 17 55.70 -28.00 -19.81
N GLY R 18 54.46 -28.48 -19.72
CA GLY R 18 53.45 -28.08 -20.68
C GLY R 18 53.58 -28.73 -22.04
N ILE R 19 54.40 -29.77 -22.17
CA ILE R 19 54.61 -30.41 -23.46
C ILE R 19 53.49 -31.40 -23.75
N THR R 20 53.30 -32.37 -22.86
CA THR R 20 52.26 -33.38 -23.00
C THR R 20 51.30 -33.29 -21.82
N ASP R 21 50.37 -34.25 -21.76
CA ASP R 21 49.40 -34.28 -20.68
C ASP R 21 50.07 -34.66 -19.37
N GLN R 22 49.44 -34.25 -18.27
CA GLN R 22 49.92 -34.52 -16.92
C GLN R 22 49.00 -35.58 -16.31
N SER R 23 49.51 -36.80 -16.17
CA SER R 23 48.74 -37.92 -15.67
C SER R 23 49.36 -38.42 -14.37
N ASN R 24 48.78 -39.49 -13.82
CA ASN R 24 49.19 -40.03 -12.53
C ASN R 24 50.26 -41.10 -12.64
N ASP R 25 50.20 -41.95 -13.67
CA ASP R 25 51.18 -43.04 -13.79
C ASP R 25 52.59 -42.50 -13.98
N VAL R 26 52.74 -41.47 -14.82
CA VAL R 26 54.05 -40.85 -15.00
C VAL R 26 54.54 -40.25 -13.70
N PHE R 27 53.63 -39.58 -12.96
CA PHE R 27 53.99 -39.00 -11.68
C PHE R 27 54.48 -40.07 -10.70
N GLU R 28 53.80 -41.21 -10.65
CA GLU R 28 54.19 -42.26 -9.71
C GLU R 28 55.49 -42.91 -10.12
N ASN R 29 55.71 -43.13 -11.43
CA ASN R 29 56.98 -43.68 -11.88
C ASN R 29 58.14 -42.74 -11.55
N ALA R 30 57.94 -41.43 -11.78
CA ALA R 30 58.97 -40.46 -11.45
C ALA R 30 59.22 -40.42 -9.94
N ALA R 31 58.16 -40.53 -9.14
CA ALA R 31 58.32 -40.56 -7.70
C ALA R 31 59.12 -41.77 -7.25
N LYS R 32 58.85 -42.93 -7.85
CA LYS R 32 59.63 -44.13 -7.54
C LYS R 32 61.09 -43.94 -7.91
N ALA R 33 61.35 -43.36 -9.08
CA ALA R 33 62.73 -43.12 -9.49
C ALA R 33 63.43 -42.13 -8.55
N PHE R 34 62.72 -41.09 -8.09
CA PHE R 34 63.28 -40.22 -7.06
C PHE R 34 63.60 -40.99 -5.79
N SER R 35 62.70 -41.89 -5.39
CA SER R 35 62.91 -42.65 -4.17
C SER R 35 64.15 -43.53 -4.27
N MET R 36 64.36 -44.19 -5.41
CA MET R 36 65.53 -45.03 -5.61
C MET R 36 66.53 -44.28 -6.49
N PHE R 37 67.36 -43.46 -5.84
CA PHE R 37 68.37 -42.69 -6.54
C PHE R 37 69.47 -42.34 -5.53
N THR R 38 70.62 -42.97 -5.67
CA THR R 38 71.70 -42.80 -4.71
C THR R 38 72.32 -41.40 -4.83
N ARG R 39 72.90 -40.95 -3.70
CA ARG R 39 73.54 -39.63 -3.67
C ARG R 39 74.72 -39.57 -4.64
N SER R 40 75.50 -40.64 -4.72
CA SER R 40 76.61 -40.67 -5.66
C SER R 40 76.12 -40.56 -7.10
N ASP R 41 74.96 -41.15 -7.40
CA ASP R 41 74.37 -40.97 -8.72
C ASP R 41 73.96 -39.52 -8.95
N VAL R 42 73.45 -38.87 -7.91
CA VAL R 42 73.12 -37.44 -8.01
C VAL R 42 74.37 -36.65 -8.35
N TYR R 43 75.48 -36.95 -7.70
CA TYR R 43 76.72 -36.21 -7.95
C TYR R 43 77.30 -36.55 -9.32
N LYS R 44 77.11 -37.77 -9.81
CA LYS R 44 77.52 -38.09 -11.17
C LYS R 44 76.72 -37.28 -12.18
N ALA R 45 75.40 -37.28 -12.05
CA ALA R 45 74.56 -36.45 -12.92
C ALA R 45 74.94 -34.97 -12.82
N LEU R 46 75.34 -34.54 -11.62
CA LEU R 46 75.85 -33.18 -11.45
C LEU R 46 77.13 -32.97 -12.26
N ASP R 47 78.03 -33.95 -12.23
CA ASP R 47 79.27 -33.88 -12.99
C ASP R 47 79.02 -33.89 -14.49
N GLU R 48 77.89 -34.43 -14.94
CA GLU R 48 77.61 -34.47 -16.38
C GLU R 48 77.29 -33.10 -16.96
N ILE R 49 77.12 -32.07 -16.15
CA ILE R 49 76.72 -30.75 -16.63
C ILE R 49 77.87 -30.09 -17.38
N PRO R 50 77.67 -29.70 -18.65
CA PRO R 50 78.70 -29.00 -19.45
C PRO R 50 78.76 -27.49 -19.20
N PHE R 51 79.40 -27.10 -18.10
CA PHE R 51 79.40 -25.68 -17.73
C PHE R 51 80.07 -24.78 -18.71
N SER R 52 79.97 -23.48 -18.48
CA SER R 52 80.62 -22.55 -19.36
C SER R 52 81.40 -21.59 -18.53
N GLU R 53 82.04 -20.65 -19.19
CA GLU R 53 82.72 -19.62 -18.43
C GLU R 53 81.60 -18.71 -18.04
N ASP R 54 81.83 -17.81 -17.10
CA ASP R 54 80.79 -16.92 -16.57
C ASP R 54 80.08 -17.70 -15.52
N ALA R 55 80.58 -18.90 -15.29
CA ALA R 55 80.02 -19.71 -14.25
C ALA R 55 81.13 -20.04 -13.30
N MET R 56 82.32 -19.54 -13.58
CA MET R 56 83.46 -19.93 -12.76
C MET R 56 84.05 -18.77 -12.00
N LEU R 57 84.17 -18.92 -10.69
CA LEU R 57 84.71 -17.87 -9.86
C LEU R 57 85.81 -18.52 -9.04
N PRO R 58 86.96 -17.87 -8.93
CA PRO R 58 88.08 -18.49 -8.22
C PRO R 58 87.74 -18.92 -6.78
N ILE R 59 88.23 -20.07 -6.34
CA ILE R 59 87.98 -20.52 -4.99
C ILE R 59 89.27 -20.44 -4.13
N PRO R 60 89.29 -19.63 -3.04
CA PRO R 60 90.50 -19.57 -2.23
C PRO R 60 90.90 -20.94 -1.74
N PRO R 61 92.19 -21.19 -1.55
CA PRO R 61 92.64 -22.49 -1.05
C PRO R 61 92.52 -22.65 0.45
N THR R 62 92.11 -21.61 1.18
CA THR R 62 92.17 -21.62 2.64
C THR R 62 90.88 -22.11 3.29
N ILE R 63 89.85 -22.46 2.51
CA ILE R 63 88.64 -23.01 3.11
C ILE R 63 88.92 -24.40 3.68
N TYR R 64 89.77 -25.18 3.01
CA TYR R 64 90.01 -26.56 3.44
C TYR R 64 91.02 -26.62 4.59
N THR R 65 92.13 -25.89 4.48
CA THR R 65 93.20 -25.94 5.47
C THR R 65 92.85 -25.01 6.62
N LYS R 66 92.38 -25.59 7.73
CA LYS R 66 91.97 -24.84 8.90
C LYS R 66 92.59 -25.41 10.16
N PRO R 67 92.76 -24.59 11.21
CA PRO R 67 93.35 -25.09 12.46
C PRO R 67 92.41 -26.00 13.25
N SER R 68 92.80 -26.34 14.47
CA SER R 68 92.01 -27.19 15.35
C SER R 68 91.11 -26.32 16.23
N HIS R 69 90.45 -26.94 17.22
CA HIS R 69 89.47 -26.26 18.05
C HIS R 69 89.96 -25.97 19.46
N ASP R 70 91.08 -26.56 19.88
CA ASP R 70 91.54 -26.38 21.26
C ASP R 70 91.87 -24.93 21.57
N SER R 71 92.50 -24.23 20.63
CA SER R 71 92.92 -22.85 20.84
C SER R 71 91.78 -21.86 20.77
N TYR R 72 90.54 -22.32 20.64
CA TYR R 72 89.38 -21.42 20.55
C TYR R 72 88.48 -21.46 21.78
N TYR R 73 88.52 -22.52 22.57
CA TYR R 73 87.72 -22.64 23.78
C TYR R 73 88.62 -22.68 25.01
N TYR R 74 88.00 -22.48 26.17
CA TYR R 74 88.70 -22.53 27.44
C TYR R 74 87.69 -22.80 28.54
N ILE R 75 88.19 -23.00 29.76
CA ILE R 75 87.36 -23.23 30.94
C ILE R 75 87.60 -22.08 31.90
N ASP R 76 86.52 -21.37 32.24
CA ASP R 76 86.59 -20.25 33.17
C ASP R 76 86.29 -20.76 34.58
N ALA R 77 86.07 -19.82 35.50
CA ALA R 77 85.65 -20.19 36.84
C ALA R 77 84.24 -20.77 36.80
N LEU R 78 83.82 -21.32 37.95
CA LEU R 78 82.52 -21.97 38.12
C LEU R 78 82.37 -23.22 37.27
N ASN R 79 83.46 -23.72 36.67
CA ASN R 79 83.47 -24.93 35.87
C ASN R 79 82.41 -24.84 34.75
N ARG R 80 82.66 -23.89 33.85
CA ARG R 80 81.81 -23.67 32.69
C ARG R 80 82.66 -23.65 31.44
N VAL R 81 82.05 -24.07 30.33
CA VAL R 81 82.73 -24.14 29.03
C VAL R 81 82.21 -23.00 28.17
N ARG R 82 83.13 -22.20 27.62
CA ARG R 82 82.77 -21.10 26.76
C ARG R 82 83.92 -20.81 25.80
N ARG R 83 83.61 -20.07 24.73
CA ARG R 83 84.56 -19.79 23.67
C ARG R 83 85.22 -18.43 23.91
N LYS R 84 86.54 -18.41 23.89
CA LYS R 84 87.26 -17.15 24.01
C LYS R 84 87.15 -16.35 22.72
N THR R 85 87.11 -15.03 22.86
CA THR R 85 86.83 -14.13 21.76
C THR R 85 88.10 -13.52 21.22
N TYR R 86 88.19 -13.41 19.89
CA TYR R 86 89.30 -12.76 19.22
C TYR R 86 88.94 -11.45 18.56
N GLN R 87 87.67 -11.23 18.19
CA GLN R 87 87.21 -10.01 17.56
C GLN R 87 85.99 -9.51 18.33
N GLY R 88 86.21 -8.64 19.31
CA GLY R 88 85.15 -8.03 20.07
C GLY R 88 84.40 -9.02 20.92
N PRO R 89 83.22 -8.65 21.39
CA PRO R 89 82.40 -9.55 22.21
C PRO R 89 81.36 -10.36 21.44
N ASP R 90 81.36 -10.29 20.11
CA ASP R 90 80.42 -11.04 19.30
C ASP R 90 81.04 -12.27 18.65
N ASP R 91 82.34 -12.49 18.85
CA ASP R 91 83.03 -13.67 18.30
C ASP R 91 82.79 -14.85 19.24
N VAL R 92 81.53 -15.30 19.28
CA VAL R 92 81.12 -16.39 20.14
C VAL R 92 80.38 -17.44 19.33
N TYR R 93 80.49 -17.35 18.01
CA TYR R 93 79.78 -18.28 17.13
C TYR R 93 80.69 -19.47 16.80
N VAL R 94 80.28 -20.27 15.83
CA VAL R 94 80.99 -21.52 15.51
C VAL R 94 82.31 -21.18 14.81
N PRO R 95 83.44 -21.68 15.29
CA PRO R 95 84.70 -21.49 14.56
C PRO R 95 84.72 -22.30 13.28
N ASN R 96 85.56 -21.86 12.34
CA ASN R 96 85.72 -22.51 11.05
C ASN R 96 86.84 -23.55 11.05
N CYS R 97 87.16 -24.11 12.21
CA CYS R 97 88.30 -25.00 12.33
C CYS R 97 87.95 -26.41 11.84
N SER R 98 88.99 -27.20 11.62
CA SER R 98 88.81 -28.56 11.11
C SER R 98 88.21 -29.46 12.19
N ILE R 99 87.67 -30.60 11.74
CA ILE R 99 86.98 -31.54 12.61
C ILE R 99 87.47 -32.97 12.42
N VAL R 100 88.40 -33.22 11.51
CA VAL R 100 88.70 -34.58 11.06
C VAL R 100 89.16 -35.45 12.22
N GLU R 101 90.03 -34.92 13.08
CA GLU R 101 90.62 -35.70 14.16
C GLU R 101 89.61 -36.12 15.24
N LEU R 102 88.33 -35.80 15.11
CA LEU R 102 87.31 -36.17 16.09
C LEU R 102 86.37 -37.26 15.58
N LEU R 103 86.70 -37.91 14.46
CA LEU R 103 85.81 -38.85 13.80
C LEU R 103 86.29 -40.28 14.02
N GLU R 104 85.36 -41.16 14.37
CA GLU R 104 85.59 -42.60 14.34
C GLU R 104 84.68 -43.25 13.31
N PRO R 105 85.19 -44.15 12.47
CA PRO R 105 84.37 -44.68 11.38
C PRO R 105 83.15 -45.42 11.89
N HIS R 106 82.02 -45.19 11.22
CA HIS R 106 80.79 -45.89 11.53
C HIS R 106 80.82 -47.28 10.90
N GLU R 107 80.07 -48.20 11.50
CA GLU R 107 79.97 -49.54 10.93
C GLU R 107 79.04 -49.52 9.71
N THR R 108 79.14 -50.60 8.91
CA THR R 108 78.29 -50.87 7.75
C THR R 108 78.67 -49.93 6.59
N LEU R 109 79.56 -48.97 6.85
CA LEU R 109 80.09 -48.13 5.78
C LEU R 109 81.36 -47.47 6.30
N THR R 110 82.49 -47.74 5.62
CA THR R 110 83.78 -47.33 6.15
C THR R 110 84.05 -45.84 5.97
N SER R 111 83.62 -45.27 4.84
CA SER R 111 84.01 -43.91 4.47
C SER R 111 83.22 -42.82 5.20
N TYR R 112 82.47 -43.16 6.24
CA TYR R 112 81.73 -42.17 7.01
C TYR R 112 81.89 -42.46 8.50
N GLY R 113 81.80 -41.39 9.30
CA GLY R 113 81.97 -41.51 10.73
C GLY R 113 81.18 -40.44 11.47
N ARG R 114 81.20 -40.55 12.80
CA ARG R 114 80.52 -39.61 13.67
C ARG R 114 81.43 -39.30 14.84
N LEU R 115 80.91 -38.60 15.84
CA LEU R 115 81.68 -38.27 17.02
C LEU R 115 82.00 -39.54 17.81
N SER R 116 83.26 -39.62 18.28
CA SER R 116 83.70 -40.82 18.98
C SER R 116 83.08 -40.91 20.36
N GLU R 117 82.70 -42.13 20.75
CA GLU R 117 82.13 -42.35 22.08
C GLU R 117 83.20 -42.29 23.16
N ALA R 118 84.46 -42.53 22.81
CA ALA R 118 85.54 -42.44 23.79
C ALA R 118 85.67 -41.02 24.33
N ILE R 119 85.67 -40.03 23.43
CA ILE R 119 85.74 -38.63 23.86
C ILE R 119 84.47 -38.26 24.63
N GLU R 120 83.33 -38.82 24.22
CA GLU R 120 82.08 -38.54 24.93
C GLU R 120 82.16 -39.01 26.38
N ASN R 121 82.66 -40.23 26.59
CA ASN R 121 82.79 -40.74 27.96
C ASN R 121 83.84 -39.98 28.74
N ARG R 122 84.97 -39.63 28.09
CA ARG R 122 86.02 -38.90 28.78
C ARG R 122 85.58 -37.49 29.15
N ALA R 123 84.62 -36.93 28.40
CA ALA R 123 84.00 -35.68 28.83
C ALA R 123 82.98 -35.91 29.93
N LYS R 124 82.26 -37.04 29.87
CA LYS R 124 81.24 -37.33 30.87
C LYS R 124 81.85 -37.48 32.25
N ASP R 125 83.00 -38.15 32.36
CA ASP R 125 83.60 -38.38 33.66
C ASP R 125 84.49 -37.24 34.13
N GLY R 126 84.71 -36.21 33.32
CA GLY R 126 85.28 -34.98 33.83
C GLY R 126 86.51 -34.38 33.19
N ASP R 127 86.99 -34.94 32.08
CA ASP R 127 88.16 -34.37 31.43
C ASP R 127 87.82 -33.04 30.78
N SER R 128 88.80 -32.14 30.73
CA SER R 128 88.58 -30.79 30.19
C SER R 128 88.62 -30.80 28.66
N GLN R 129 89.72 -31.29 28.09
CA GLN R 129 89.85 -31.31 26.63
C GLN R 129 88.75 -32.13 25.99
N ALA R 130 88.34 -33.22 26.63
CA ALA R 130 87.24 -34.02 26.10
C ALA R 130 85.94 -33.23 26.12
N ARG R 131 85.70 -32.45 27.18
CA ARG R 131 84.52 -31.60 27.21
C ARG R 131 84.54 -30.57 26.09
N ILE R 132 85.70 -29.95 25.87
CA ILE R 132 85.82 -28.97 24.78
C ILE R 132 85.53 -29.64 23.44
N ALA R 133 86.11 -30.82 23.22
CA ALA R 133 85.94 -31.50 21.94
C ALA R 133 84.48 -31.90 21.72
N THR R 134 83.82 -32.43 22.75
CA THR R 134 82.43 -32.85 22.56
C THR R 134 81.50 -31.66 22.42
N THR R 135 81.78 -30.54 23.11
CA THR R 135 80.99 -29.35 22.90
C THR R 135 81.13 -28.83 21.48
N TYR R 136 82.35 -28.81 20.97
CA TYR R 136 82.56 -28.38 19.58
C TYR R 136 81.86 -29.31 18.60
N GLY R 137 81.97 -30.63 18.84
CA GLY R 137 81.32 -31.57 17.94
C GLY R 137 79.81 -31.43 17.93
N ARG R 138 79.20 -31.30 19.11
CA ARG R 138 77.76 -31.15 19.19
C ARG R 138 77.31 -29.83 18.57
N ILE R 139 78.07 -28.75 18.76
CA ILE R 139 77.70 -27.46 18.18
C ILE R 139 77.81 -27.52 16.66
N ALA R 140 78.86 -28.16 16.13
CA ALA R 140 78.97 -28.33 14.69
C ALA R 140 77.84 -29.19 14.15
N GLU R 141 77.45 -30.23 14.90
CA GLU R 141 76.31 -31.04 14.52
C GLU R 141 75.05 -30.20 14.42
N SER R 142 74.81 -29.35 15.42
CA SER R 142 73.63 -28.49 15.40
C SER R 142 73.66 -27.53 14.23
N GLN R 143 74.84 -26.99 13.91
CA GLN R 143 74.97 -26.10 12.76
C GLN R 143 74.65 -26.84 11.46
N ALA R 144 75.16 -28.06 11.32
CA ALA R 144 74.91 -28.83 10.10
C ALA R 144 73.48 -29.34 10.02
N ARG R 145 72.76 -29.39 11.14
CA ARG R 145 71.42 -29.95 11.19
C ARG R 145 70.33 -28.89 11.01
N GLN R 146 70.61 -27.81 10.26
CA GLN R 146 69.67 -26.72 10.07
C GLN R 146 69.00 -26.75 8.71
N ILE R 147 68.72 -27.93 8.17
CA ILE R 147 68.12 -28.08 6.85
C ILE R 147 66.88 -28.94 6.96
N LYS R 148 65.88 -28.63 6.13
CA LYS R 148 64.62 -29.35 6.17
C LYS R 148 64.80 -30.83 5.82
N ALA R 149 65.60 -31.12 4.80
CA ALA R 149 65.70 -32.45 4.24
C ALA R 149 67.07 -32.59 3.60
N PRO R 150 67.50 -33.82 3.30
CA PRO R 150 68.80 -34.00 2.63
C PRO R 150 68.90 -33.15 1.38
N LEU R 151 70.04 -32.47 1.25
CA LEU R 151 70.19 -31.42 0.24
C LEU R 151 70.23 -32.01 -1.17
N GLU R 152 70.68 -33.26 -1.30
CA GLU R 152 70.74 -33.90 -2.60
C GLU R 152 69.37 -34.01 -3.24
N LYS R 153 68.31 -34.16 -2.42
CA LYS R 153 66.97 -34.20 -2.97
C LYS R 153 66.62 -32.88 -3.65
N PHE R 154 66.94 -31.76 -3.00
CA PHE R 154 66.67 -30.45 -3.61
C PHE R 154 67.51 -30.26 -4.87
N VAL R 155 68.78 -30.67 -4.84
CA VAL R 155 69.64 -30.51 -6.01
C VAL R 155 69.09 -31.33 -7.19
N LEU R 156 68.70 -32.57 -6.93
CA LEU R 156 68.17 -33.43 -7.98
C LEU R 156 66.84 -32.91 -8.51
N ALA R 157 65.99 -32.38 -7.62
CA ALA R 157 64.74 -31.80 -8.07
C ALA R 157 64.98 -30.58 -8.96
N LEU R 158 65.95 -29.75 -8.60
CA LEU R 158 66.31 -28.62 -9.46
C LEU R 158 66.82 -29.10 -10.81
N LEU R 159 67.65 -30.14 -10.82
CA LEU R 159 68.16 -30.66 -12.08
C LEU R 159 67.02 -31.16 -12.97
N VAL R 160 66.10 -31.93 -12.38
CA VAL R 160 64.98 -32.46 -13.15
C VAL R 160 64.10 -31.33 -13.68
N ALA R 161 63.81 -30.33 -12.84
CA ALA R 161 62.95 -29.23 -13.25
C ALA R 161 63.59 -28.41 -14.36
N GLU R 162 64.90 -28.15 -14.26
CA GLU R 162 65.57 -27.31 -15.24
C GLU R 162 66.00 -28.08 -16.49
N ALA R 163 65.89 -29.40 -16.49
CA ALA R 163 66.14 -30.16 -17.71
C ALA R 163 65.13 -29.83 -18.82
N GLY R 164 64.01 -29.20 -18.47
CA GLY R 164 62.99 -28.91 -19.46
C GLY R 164 63.34 -27.76 -20.38
N GLY R 165 64.24 -26.88 -19.95
CA GLY R 165 64.60 -25.72 -20.75
C GLY R 165 63.59 -24.59 -20.64
N SER R 166 63.63 -23.71 -21.63
CA SER R 166 62.75 -22.54 -21.63
C SER R 166 61.29 -22.96 -21.75
N LEU R 167 60.41 -22.16 -21.15
CA LEU R 167 58.99 -22.43 -21.12
C LEU R 167 58.23 -21.35 -21.91
N TYR R 168 57.24 -21.78 -22.68
CA TYR R 168 56.42 -20.85 -23.44
C TYR R 168 55.48 -20.08 -22.52
N ASP R 169 55.20 -18.84 -22.87
CA ASP R 169 54.31 -17.99 -22.08
C ASP R 169 53.01 -17.77 -22.85
N PRO R 170 51.87 -18.27 -22.37
CA PRO R 170 50.61 -18.06 -23.10
C PRO R 170 50.24 -16.61 -23.27
N VAL R 171 50.58 -15.75 -22.30
CA VAL R 171 50.21 -14.34 -22.39
C VAL R 171 51.21 -13.57 -23.24
N LEU R 172 52.50 -13.77 -22.99
CA LEU R 172 53.52 -13.04 -23.73
C LEU R 172 53.78 -13.61 -25.11
N GLN R 173 53.30 -14.83 -25.39
CA GLN R 173 53.41 -15.45 -26.72
C GLN R 173 54.87 -15.59 -27.16
N LYS R 174 55.76 -15.87 -26.20
CA LYS R 174 57.15 -16.12 -26.53
C LYS R 174 57.78 -16.91 -25.40
N TYR R 175 58.91 -17.55 -25.72
CA TYR R 175 59.67 -18.26 -24.69
C TYR R 175 60.33 -17.28 -23.74
N ASP R 176 60.60 -17.75 -22.53
CA ASP R 176 61.27 -16.95 -21.51
C ASP R 176 62.78 -17.05 -21.68
N GLU R 177 63.45 -15.91 -21.79
CA GLU R 177 64.89 -15.87 -22.00
C GLU R 177 65.56 -15.86 -20.64
N ILE R 178 65.90 -17.05 -20.16
CA ILE R 178 66.63 -17.22 -18.91
C ILE R 178 67.78 -18.19 -19.19
N PRO R 179 69.02 -17.85 -18.82
CA PRO R 179 70.14 -18.77 -19.09
C PRO R 179 69.95 -20.09 -18.37
N GLY R 180 70.43 -21.16 -19.00
CA GLY R 180 70.27 -22.49 -18.47
C GLY R 180 71.23 -22.77 -17.32
N LEU R 181 71.30 -24.04 -16.96
CA LEU R 181 72.15 -24.46 -15.84
C LEU R 181 73.63 -24.26 -16.12
N SER R 182 74.02 -24.12 -17.39
CA SER R 182 75.42 -23.91 -17.73
C SER R 182 75.94 -22.56 -17.25
N HIS R 183 75.07 -21.64 -16.86
CA HIS R 183 75.46 -20.35 -16.33
C HIS R 183 75.24 -20.24 -14.83
N ASN R 184 74.96 -21.34 -14.16
CA ASN R 184 74.66 -21.33 -12.72
C ASN R 184 75.97 -21.37 -11.94
N CYS R 185 76.40 -20.20 -11.47
CA CYS R 185 77.62 -20.12 -10.67
C CYS R 185 77.54 -20.87 -9.35
N PRO R 186 76.51 -20.70 -8.51
CA PRO R 186 76.50 -21.43 -7.23
C PRO R 186 76.51 -22.94 -7.39
N LEU R 187 75.83 -23.45 -8.41
CA LEU R 187 75.82 -24.89 -8.64
C LEU R 187 77.19 -25.41 -9.06
N TRP R 188 77.91 -24.64 -9.88
CA TRP R 188 79.27 -25.00 -10.22
C TRP R 188 80.17 -24.97 -8.99
N CYS R 189 79.99 -23.98 -8.12
CA CYS R 189 80.77 -23.93 -6.89
C CYS R 189 80.48 -25.13 -6.00
N PHE R 190 79.20 -25.52 -5.92
CA PHE R 190 78.82 -26.72 -5.17
C PHE R 190 79.54 -27.95 -5.73
N ARG R 191 79.51 -28.12 -7.05
CA ARG R 191 80.17 -29.26 -7.67
C ARG R 191 81.67 -29.26 -7.39
N GLU R 192 82.31 -28.09 -7.52
CA GLU R 192 83.75 -28.01 -7.30
C GLU R 192 84.12 -28.32 -5.85
N ILE R 193 83.35 -27.78 -4.90
CA ILE R 193 83.63 -28.04 -3.49
C ILE R 193 83.47 -29.53 -3.18
N CYS R 194 82.39 -30.14 -3.68
CA CYS R 194 82.18 -31.56 -3.43
C CYS R 194 83.29 -32.40 -4.07
N ARG R 195 83.71 -32.04 -5.28
CA ARG R 195 84.79 -32.76 -5.94
C ARG R 195 86.09 -32.65 -5.14
N HIS R 196 86.41 -31.46 -4.66
CA HIS R 196 87.68 -31.27 -3.96
C HIS R 196 87.67 -31.98 -2.61
N ILE R 197 86.53 -31.97 -1.92
CA ILE R 197 86.46 -32.67 -0.62
C ILE R 197 86.51 -34.17 -0.82
N SER R 198 85.79 -34.69 -1.82
CA SER R 198 85.70 -36.13 -2.01
C SER R 198 87.07 -36.74 -2.32
N GLY R 199 87.81 -36.16 -3.27
CA GLY R 199 89.11 -36.65 -3.62
C GLY R 199 89.10 -38.05 -4.19
N PRO R 200 90.14 -38.83 -3.90
CA PRO R 200 90.21 -40.20 -4.44
C PRO R 200 89.10 -41.11 -3.95
N LEU R 201 88.46 -40.78 -2.83
CA LEU R 201 87.45 -41.65 -2.26
C LEU R 201 86.27 -41.80 -3.22
N PRO R 202 85.74 -43.01 -3.41
CA PRO R 202 84.59 -43.18 -4.32
C PRO R 202 83.36 -42.39 -3.90
N ASP R 203 83.13 -42.25 -2.60
CA ASP R 203 81.98 -41.47 -2.13
C ASP R 203 82.22 -39.99 -2.42
N ARG R 204 81.14 -39.29 -2.76
CA ARG R 204 81.23 -37.90 -3.19
C ARG R 204 80.46 -36.94 -2.31
N ALA R 205 79.58 -37.44 -1.44
CA ALA R 205 78.80 -36.55 -0.57
C ALA R 205 79.67 -36.10 0.59
N PRO R 206 79.86 -34.78 0.78
CA PRO R 206 80.65 -34.32 1.93
C PRO R 206 80.10 -34.77 3.27
N TYR R 207 78.78 -34.85 3.39
CA TYR R 207 78.14 -35.34 4.60
C TYR R 207 76.74 -35.80 4.26
N LEU R 208 76.21 -36.70 5.07
CA LEU R 208 74.86 -37.24 4.90
C LEU R 208 74.02 -36.89 6.11
N TYR R 209 72.80 -36.40 5.86
CA TYR R 209 71.93 -35.87 6.91
C TYR R 209 70.86 -36.91 7.23
N LEU R 210 70.91 -37.45 8.44
CA LEU R 210 69.94 -38.42 8.91
C LEU R 210 68.88 -37.72 9.78
N SER R 211 67.99 -38.52 10.37
CA SER R 211 66.95 -37.97 11.24
C SER R 211 67.56 -37.30 12.46
N ALA R 212 68.25 -38.06 13.30
CA ALA R 212 68.91 -37.54 14.49
C ALA R 212 70.41 -37.74 14.32
N GLY R 213 71.13 -36.65 14.06
CA GLY R 213 72.55 -36.71 13.83
C GLY R 213 72.91 -36.88 12.36
N VAL R 214 74.11 -36.42 12.02
CA VAL R 214 74.63 -36.55 10.66
C VAL R 214 76.01 -37.17 10.74
N PHE R 215 76.45 -37.71 9.61
CA PHE R 215 77.74 -38.38 9.50
C PHE R 215 78.66 -37.56 8.60
N TRP R 216 79.92 -37.44 9.01
CA TRP R 216 80.92 -36.66 8.29
C TRP R 216 81.82 -37.58 7.48
N LEU R 217 82.04 -37.23 6.22
CA LEU R 217 82.97 -37.96 5.38
C LEU R 217 84.38 -37.48 5.70
N MET R 218 85.16 -38.30 6.39
CA MET R 218 86.48 -37.89 6.85
C MET R 218 87.41 -37.69 5.66
N SER R 219 88.12 -36.57 5.67
CA SER R 219 89.10 -36.19 4.65
C SER R 219 89.86 -34.98 5.15
N PRO R 220 91.16 -34.86 4.86
CA PRO R 220 91.95 -33.73 5.40
C PRO R 220 91.45 -32.37 4.95
N ARG R 221 90.67 -32.29 3.88
CA ARG R 221 90.17 -31.03 3.35
C ARG R 221 88.81 -30.64 3.91
N MET R 222 88.24 -31.45 4.80
CA MET R 222 86.92 -31.19 5.35
C MET R 222 87.02 -30.26 6.56
N THR R 223 86.14 -29.27 6.61
CA THR R 223 86.07 -28.33 7.71
C THR R 223 84.62 -28.20 8.19
N SER R 224 84.39 -27.30 9.14
CA SER R 224 83.07 -27.10 9.71
C SER R 224 82.24 -26.06 8.97
N ALA R 225 82.82 -25.33 8.02
CA ALA R 225 82.10 -24.31 7.28
C ALA R 225 81.39 -24.84 6.05
N ILE R 226 81.61 -26.10 5.69
CA ILE R 226 81.01 -26.71 4.50
C ILE R 226 79.50 -26.85 4.61
N PRO R 227 78.93 -27.41 5.70
CA PRO R 227 77.50 -27.69 5.72
C PRO R 227 76.61 -26.46 5.58
N PRO R 228 76.99 -25.25 6.09
CA PRO R 228 76.15 -24.09 5.77
C PRO R 228 76.40 -23.55 4.37
N LEU R 229 77.65 -23.67 3.92
CA LEU R 229 78.01 -23.19 2.58
C LEU R 229 77.23 -23.93 1.50
N LEU R 230 77.08 -25.24 1.65
CA LEU R 230 76.37 -26.02 0.63
C LEU R 230 74.92 -25.59 0.53
N SER R 231 74.24 -25.44 1.68
CA SER R 231 72.86 -24.97 1.68
C SER R 231 72.76 -23.57 1.10
N ASP R 232 73.72 -22.71 1.42
CA ASP R 232 73.71 -21.35 0.88
C ASP R 232 73.81 -21.35 -0.64
N LEU R 233 74.73 -22.15 -1.18
CA LEU R 233 74.88 -22.21 -2.64
C LEU R 233 73.65 -22.78 -3.30
N VAL R 234 73.05 -23.82 -2.69
CA VAL R 234 71.84 -24.40 -3.28
C VAL R 234 70.69 -23.40 -3.25
N ASN R 235 70.56 -22.65 -2.16
CA ASN R 235 69.56 -21.59 -2.10
C ASN R 235 69.78 -20.56 -3.20
N LEU R 236 71.03 -20.13 -3.39
CA LEU R 236 71.32 -19.15 -4.42
C LEU R 236 71.00 -19.69 -5.81
N ALA R 237 71.35 -20.95 -6.07
CA ALA R 237 71.07 -21.54 -7.38
C ALA R 237 69.57 -21.65 -7.63
N ILE R 238 68.80 -22.09 -6.63
CA ILE R 238 67.36 -22.21 -6.79
C ILE R 238 66.75 -20.84 -7.04
N LEU R 239 67.20 -19.82 -6.30
CA LEU R 239 66.67 -18.48 -6.48
C LEU R 239 67.02 -17.93 -7.86
N GLN R 240 68.23 -18.20 -8.34
CA GLN R 240 68.61 -17.77 -9.69
C GLN R 240 67.72 -18.44 -10.74
N GLN R 241 67.48 -19.74 -10.59
CA GLN R 241 66.70 -20.45 -11.59
C GLN R 241 65.23 -20.04 -11.57
N THR R 242 64.66 -19.81 -10.40
CA THR R 242 63.23 -19.56 -10.26
C THR R 242 62.86 -18.09 -10.17
N ALA R 243 63.83 -17.17 -10.25
CA ALA R 243 63.54 -15.75 -10.20
C ALA R 243 64.18 -14.93 -11.31
N GLY R 244 64.99 -15.54 -12.16
CA GLY R 244 65.68 -14.78 -13.20
C GLY R 244 66.67 -13.78 -12.68
N LEU R 245 67.41 -14.13 -11.64
CA LEU R 245 68.44 -13.25 -11.12
C LEU R 245 69.56 -13.09 -12.14
N ASP R 246 70.05 -11.87 -12.29
CA ASP R 246 71.16 -11.65 -13.21
C ASP R 246 72.45 -12.28 -12.67
N PRO R 247 73.31 -12.76 -13.57
CA PRO R 247 74.50 -13.50 -13.11
C PRO R 247 75.45 -12.68 -12.25
N SER R 248 75.57 -11.38 -12.49
CA SER R 248 76.58 -10.59 -11.79
C SER R 248 76.30 -10.53 -10.29
N LEU R 249 75.05 -10.25 -9.92
CA LEU R 249 74.70 -10.15 -8.50
C LEU R 249 74.87 -11.50 -7.80
N VAL R 250 74.50 -12.59 -8.47
CA VAL R 250 74.66 -13.90 -7.88
C VAL R 250 76.14 -14.24 -7.70
N ARG R 251 76.98 -13.83 -8.67
CA ARG R 251 78.42 -14.03 -8.52
C ARG R 251 78.95 -13.25 -7.33
N LEU R 252 78.47 -12.01 -7.15
CA LEU R 252 78.89 -11.23 -5.99
C LEU R 252 78.46 -11.91 -4.69
N GLY R 253 77.25 -12.44 -4.66
CA GLY R 253 76.80 -13.15 -3.46
C GLY R 253 77.62 -14.38 -3.16
N VAL R 254 77.97 -15.15 -4.21
CA VAL R 254 78.82 -16.31 -4.03
C VAL R 254 80.20 -15.91 -3.53
N GLN R 255 80.73 -14.80 -4.05
CA GLN R 255 82.01 -14.29 -3.57
C GLN R 255 81.93 -13.96 -2.09
N ILE R 256 80.84 -13.30 -1.66
CA ILE R 256 80.66 -12.98 -0.25
C ILE R 256 80.58 -14.25 0.59
N CYS R 257 79.85 -15.25 0.10
CA CYS R 257 79.72 -16.50 0.84
C CYS R 257 81.07 -17.20 0.99
N LEU R 258 81.85 -17.26 -0.07
CA LEU R 258 83.17 -17.89 0.00
C LEU R 258 84.10 -17.12 0.93
N HIS R 259 84.04 -15.79 0.88
CA HIS R 259 84.85 -15.00 1.81
C HIS R 259 84.44 -15.26 3.25
N ALA R 260 83.13 -15.42 3.50
CA ALA R 260 82.67 -15.74 4.84
C ALA R 260 83.17 -17.11 5.28
N ALA R 261 83.16 -18.09 4.38
CA ALA R 261 83.65 -19.42 4.71
C ALA R 261 85.14 -19.40 5.01
N ALA R 262 85.91 -18.63 4.25
CA ALA R 262 87.36 -18.59 4.43
C ALA R 262 87.77 -17.81 5.66
N SER R 263 86.85 -17.13 6.33
CA SER R 263 87.18 -16.31 7.50
C SER R 263 87.29 -17.19 8.74
N SER R 264 87.39 -16.54 9.91
CA SER R 264 87.57 -17.28 11.15
C SER R 264 86.27 -17.97 11.57
N SER R 265 85.13 -17.32 11.37
CA SER R 265 83.83 -17.88 11.76
C SER R 265 82.82 -17.51 10.70
N TYR R 266 82.14 -18.54 10.16
CA TYR R 266 81.17 -18.29 9.11
C TYR R 266 79.98 -17.47 9.61
N ALA R 267 79.39 -17.89 10.73
CA ALA R 267 78.23 -17.18 11.26
C ALA R 267 78.59 -15.77 11.69
N TRP R 268 79.73 -15.60 12.36
CA TRP R 268 80.15 -14.28 12.79
C TRP R 268 80.40 -13.36 11.60
N PHE R 269 81.07 -13.86 10.56
CA PHE R 269 81.34 -13.03 9.39
C PHE R 269 80.05 -12.66 8.68
N ILE R 270 79.11 -13.61 8.54
CA ILE R 270 77.87 -13.31 7.84
C ILE R 270 76.97 -12.40 8.67
N LEU R 271 77.14 -12.39 10.00
CA LEU R 271 76.42 -11.43 10.81
C LEU R 271 77.04 -10.04 10.69
N LYS R 272 78.37 -9.97 10.65
CA LYS R 272 79.05 -8.69 10.49
C LYS R 272 78.76 -8.07 9.13
N THR R 273 78.70 -8.89 8.08
CA THR R 273 78.34 -8.45 6.74
C THR R 273 76.95 -8.98 6.43
N LYS R 274 75.93 -8.24 6.86
CA LYS R 274 74.55 -8.54 6.55
C LYS R 274 73.83 -7.35 5.93
N SER R 275 74.50 -6.20 5.82
CA SER R 275 73.93 -4.99 5.25
C SER R 275 74.85 -4.44 4.17
N ILE R 276 75.30 -5.33 3.27
CA ILE R 276 76.13 -4.92 2.15
C ILE R 276 75.22 -4.57 0.98
N PHE R 277 74.42 -5.54 0.53
CA PHE R 277 73.47 -5.28 -0.55
C PHE R 277 72.40 -4.27 -0.15
N PRO R 278 71.70 -4.40 1.00
CA PRO R 278 70.65 -3.42 1.30
C PRO R 278 71.14 -2.01 1.50
N GLN R 279 72.41 -1.83 1.87
CA GLN R 279 72.93 -0.50 2.14
C GLN R 279 73.58 0.14 0.92
N ASN R 280 74.10 -0.67 0.00
CA ASN R 280 74.68 -0.15 -1.24
C ASN R 280 73.65 0.08 -2.32
N THR R 281 72.61 -0.76 -2.39
CA THR R 281 71.60 -0.66 -3.44
C THR R 281 70.33 0.04 -2.96
N LEU R 282 69.68 -0.50 -1.94
CA LEU R 282 68.39 0.04 -1.51
C LEU R 282 68.54 1.46 -0.95
N HIS R 283 69.68 1.75 -0.34
CA HIS R 283 69.90 3.02 0.35
C HIS R 283 70.54 4.08 -0.54
N SER R 284 70.74 3.82 -1.84
CA SER R 284 71.51 4.75 -2.65
C SER R 284 70.97 4.99 -4.06
N MET R 285 69.76 4.53 -4.38
CA MET R 285 69.26 4.77 -5.73
C MET R 285 68.65 6.17 -5.85
N TYR R 286 68.37 6.54 -7.11
CA TYR R 286 67.68 7.79 -7.45
C TYR R 286 68.44 9.01 -6.91
N GLU R 287 69.75 9.01 -7.15
CA GLU R 287 70.54 10.22 -6.91
C GLU R 287 70.14 11.33 -7.88
N SER R 288 69.60 10.96 -9.04
CA SER R 288 69.15 11.93 -10.04
C SER R 288 67.99 11.31 -10.79
N LEU R 289 66.80 11.88 -10.65
CA LEU R 289 65.61 11.34 -11.27
C LEU R 289 65.22 12.16 -12.50
N GLU R 290 64.57 11.50 -13.46
CA GLU R 290 64.00 12.17 -14.62
C GLU R 290 62.58 11.74 -14.94
N GLY R 291 62.05 10.71 -14.30
CA GLY R 291 60.71 10.26 -14.61
C GLY R 291 60.28 9.15 -13.68
N GLY R 292 59.16 8.53 -14.03
CA GLY R 292 58.56 7.47 -13.25
C GLY R 292 57.21 7.85 -12.70
N TYR R 293 56.55 6.86 -12.11
CA TYR R 293 55.22 7.03 -11.54
C TYR R 293 55.20 6.50 -10.11
N CYS R 294 54.53 7.24 -9.22
CA CYS R 294 54.36 6.87 -7.83
C CYS R 294 52.90 6.97 -7.45
N PRO R 295 52.43 6.11 -6.55
CA PRO R 295 51.02 6.18 -6.15
C PRO R 295 50.72 7.44 -5.35
N ASN R 296 49.58 8.06 -5.66
CA ASN R 296 49.14 9.27 -4.97
C ASN R 296 48.18 8.89 -3.85
N LEU R 297 48.74 8.20 -2.86
CA LEU R 297 47.92 7.73 -1.74
C LEU R 297 47.51 8.91 -0.85
N GLU R 298 46.40 8.73 -0.16
CA GLU R 298 45.94 9.69 0.83
C GLU R 298 45.03 8.95 1.80
N TRP R 299 45.43 8.90 3.07
CA TRP R 299 44.73 8.12 4.08
C TRP R 299 43.99 9.04 5.03
N LEU R 300 42.73 8.70 5.30
CA LEU R 300 41.74 9.66 5.75
C LEU R 300 41.99 10.12 7.18
N GLU R 301 41.24 11.14 7.57
CA GLU R 301 41.37 11.68 8.92
C GLU R 301 40.99 10.70 10.03
N PRO R 302 40.00 9.81 9.85
CA PRO R 302 39.87 8.69 10.81
C PRO R 302 41.12 7.83 10.75
N ARG R 303 41.92 7.85 11.82
CA ARG R 303 43.27 7.34 11.79
C ARG R 303 43.42 5.97 12.44
N SER R 304 42.78 5.74 13.58
CA SER R 304 42.89 4.45 14.26
C SER R 304 42.34 3.30 13.42
N ASP R 305 41.49 3.60 12.44
CA ASP R 305 40.91 2.57 11.59
C ASP R 305 41.74 2.27 10.35
N TYR R 306 42.77 3.06 10.06
CA TYR R 306 43.63 2.88 8.89
C TYR R 306 42.82 2.88 7.60
N LYS R 307 42.18 4.01 7.33
CA LYS R 307 41.36 4.19 6.13
C LYS R 307 42.23 4.83 5.05
N PHE R 308 42.69 4.01 4.11
CA PHE R 308 43.56 4.45 3.03
C PHE R 308 42.79 4.53 1.72
N MET R 309 43.06 5.58 0.95
CA MET R 309 42.42 5.78 -0.34
C MET R 309 43.48 5.98 -1.41
N TYR R 310 43.23 5.43 -2.60
CA TYR R 310 44.15 5.50 -3.72
C TYR R 310 43.53 6.36 -4.81
N MET R 311 44.28 7.39 -5.26
CA MET R 311 43.80 8.33 -6.27
C MET R 311 44.85 8.45 -7.36
N GLY R 312 44.82 7.53 -8.32
CA GLY R 312 45.67 7.60 -9.48
C GLY R 312 47.16 7.52 -9.16
N ALA R 313 47.95 7.89 -10.16
CA ALA R 313 49.40 7.97 -10.04
C ALA R 313 49.89 9.27 -10.64
N MET R 314 50.87 9.89 -9.99
CA MET R 314 51.39 11.16 -10.46
C MET R 314 52.84 11.01 -10.92
N PRO R 315 53.23 11.71 -11.99
CA PRO R 315 54.60 11.59 -12.48
C PRO R 315 55.62 12.13 -11.48
N LEU R 316 56.82 11.55 -11.55
CA LEU R 316 57.91 11.96 -10.68
C LEU R 316 58.59 13.21 -11.24
N SER R 317 58.69 14.25 -10.42
CA SER R 317 59.42 15.44 -10.80
C SER R 317 60.91 15.26 -10.52
N THR R 318 61.71 16.14 -11.14
CA THR R 318 63.16 16.08 -10.93
C THR R 318 63.54 16.46 -9.51
N LYS R 319 62.79 17.35 -8.88
CA LYS R 319 63.11 17.82 -7.53
C LYS R 319 62.85 16.77 -6.47
N TYR R 320 62.21 15.66 -6.81
CA TYR R 320 62.03 14.55 -5.87
C TYR R 320 63.18 13.55 -5.96
N ALA R 321 64.41 14.05 -5.83
CA ALA R 321 65.59 13.19 -5.84
C ALA R 321 65.85 12.66 -4.44
N ARG R 322 67.01 12.03 -4.25
CA ARG R 322 67.41 11.51 -2.95
C ARG R 322 68.10 12.63 -2.18
N SER R 323 67.38 13.23 -1.22
CA SER R 323 67.92 14.30 -0.40
C SER R 323 68.51 13.81 0.91
N ALA R 324 68.45 12.50 1.18
CA ALA R 324 69.02 11.97 2.40
C ALA R 324 70.54 12.10 2.39
N PRO R 325 71.17 12.17 3.57
CA PRO R 325 72.63 12.23 3.60
C PRO R 325 73.27 11.00 2.97
N SER R 326 74.40 11.22 2.31
CA SER R 326 75.05 10.15 1.56
C SER R 326 75.52 9.03 2.49
N ASN R 327 75.41 7.80 2.01
CA ASN R 327 75.80 6.60 2.75
C ASN R 327 77.09 6.00 2.20
N ASP R 328 78.03 6.86 1.79
CA ASP R 328 79.24 6.42 1.10
C ASP R 328 80.38 6.09 2.05
N LYS R 329 80.62 6.95 3.04
CA LYS R 329 81.81 6.81 3.88
C LYS R 329 81.80 5.50 4.66
N LYS R 330 80.70 5.22 5.35
CA LYS R 330 80.65 4.01 6.18
C LYS R 330 80.62 2.75 5.31
N ALA R 331 79.96 2.82 4.16
CA ALA R 331 79.94 1.68 3.24
C ALA R 331 81.35 1.36 2.75
N ARG R 332 82.09 2.40 2.33
CA ARG R 332 83.46 2.18 1.87
C ARG R 332 84.35 1.67 2.99
N GLU R 333 84.18 2.23 4.20
CA GLU R 333 84.99 1.78 5.33
C GLU R 333 84.71 0.33 5.68
N LEU R 334 83.44 -0.07 5.66
CA LEU R 334 83.10 -1.47 5.92
C LEU R 334 83.65 -2.39 4.84
N GLY R 335 83.56 -1.96 3.58
CA GLY R 335 84.13 -2.77 2.51
C GLY R 335 85.63 -2.92 2.62
N GLU R 336 86.31 -1.87 3.09
CA GLU R 336 87.76 -1.94 3.27
C GLU R 336 88.14 -2.79 4.48
N LYS R 337 87.31 -2.79 5.52
CA LYS R 337 87.68 -3.49 6.75
C LYS R 337 87.71 -5.00 6.56
N TYR R 338 86.72 -5.56 5.87
CA TYR R 338 86.56 -7.00 5.77
C TYR R 338 87.00 -7.55 4.42
N GLY R 339 87.80 -6.80 3.67
CA GLY R 339 88.30 -7.29 2.39
C GLY R 339 87.23 -7.54 1.36
N LEU R 340 86.23 -6.67 1.29
CA LEU R 340 85.15 -6.78 0.32
C LEU R 340 85.04 -5.52 -0.53
N SER R 341 86.17 -4.86 -0.78
CA SER R 341 86.16 -3.58 -1.48
C SER R 341 85.65 -3.73 -2.90
N SER R 342 86.01 -4.82 -3.58
CA SER R 342 85.59 -5.00 -4.97
C SER R 342 84.09 -5.12 -5.09
N VAL R 343 83.46 -5.90 -4.20
CA VAL R 343 82.02 -6.10 -4.26
C VAL R 343 81.29 -4.79 -3.99
N VAL R 344 81.73 -4.05 -2.97
CA VAL R 344 81.10 -2.78 -2.65
C VAL R 344 81.25 -1.79 -3.79
N SER R 345 82.44 -1.71 -4.38
CA SER R 345 82.66 -0.80 -5.50
C SER R 345 81.78 -1.17 -6.69
N GLU R 346 81.67 -2.47 -6.99
CA GLU R 346 80.81 -2.92 -8.08
C GLU R 346 79.35 -2.53 -7.82
N LEU R 347 78.89 -2.75 -6.59
CA LEU R 347 77.50 -2.41 -6.26
C LEU R 347 77.25 -0.91 -6.38
N ARG R 348 78.16 -0.09 -5.86
CA ARG R 348 77.97 1.35 -5.92
C ARG R 348 78.00 1.86 -7.36
N ARG R 349 78.90 1.31 -8.18
CA ARG R 349 78.95 1.72 -9.58
C ARG R 349 77.69 1.29 -10.33
N ARG R 350 77.18 0.09 -10.04
CA ARG R 350 75.99 -0.40 -10.74
C ARG R 350 74.75 0.35 -10.32
N THR R 351 74.67 0.78 -9.06
CA THR R 351 73.46 1.44 -8.57
C THR R 351 73.22 2.76 -9.28
N LYS R 352 74.29 3.51 -9.57
CA LYS R 352 74.14 4.85 -10.12
C LYS R 352 73.62 4.87 -11.55
N THR R 353 73.56 3.71 -12.22
CA THR R 353 73.13 3.67 -13.61
C THR R 353 71.62 3.62 -13.77
N TYR R 354 70.86 3.56 -12.67
CA TYR R 354 69.41 3.55 -12.70
C TYR R 354 68.90 4.91 -12.26
N SER R 355 68.30 5.65 -13.19
CA SER R 355 67.84 7.01 -12.93
C SER R 355 66.35 7.19 -13.17
N LYS R 356 65.61 6.11 -13.46
CA LYS R 356 64.18 6.19 -13.69
C LYS R 356 63.49 5.11 -12.89
N HIS R 357 62.36 5.46 -12.28
CA HIS R 357 61.64 4.54 -11.39
C HIS R 357 60.69 3.64 -12.19
N ASP R 358 61.30 2.85 -13.08
CA ASP R 358 60.57 1.87 -13.86
C ASP R 358 60.62 0.51 -13.16
N PHE R 359 60.17 -0.53 -13.86
CA PHE R 359 60.19 -1.89 -13.30
C PHE R 359 61.61 -2.40 -13.11
N THR R 360 62.53 -2.03 -14.01
CA THR R 360 63.87 -2.62 -14.00
C THR R 360 64.62 -2.28 -12.72
N SER R 361 64.52 -1.04 -12.25
CA SER R 361 65.21 -0.65 -11.02
C SER R 361 64.67 -1.42 -9.83
N VAL R 362 63.35 -1.60 -9.76
CA VAL R 362 62.76 -2.35 -8.66
C VAL R 362 63.20 -3.80 -8.70
N ARG R 363 63.25 -4.40 -9.90
CA ARG R 363 63.72 -5.77 -10.01
C ARG R 363 65.20 -5.90 -9.63
N TYR R 364 66.01 -4.90 -9.99
CA TYR R 364 67.42 -4.92 -9.59
C TYR R 364 67.54 -4.86 -8.07
N ILE R 365 66.73 -4.01 -7.43
CA ILE R 365 66.73 -3.95 -5.97
C ILE R 365 66.34 -5.30 -5.38
N ARG R 366 65.29 -5.92 -5.94
CA ARG R 366 64.85 -7.22 -5.45
C ARG R 366 65.96 -8.25 -5.57
N ASP R 367 66.66 -8.27 -6.71
CA ASP R 367 67.76 -9.21 -6.90
C ASP R 367 68.87 -8.96 -5.89
N ALA R 368 69.22 -7.69 -5.68
CA ALA R 368 70.29 -7.36 -4.74
C ALA R 368 69.93 -7.81 -3.33
N MET R 369 68.70 -7.53 -2.88
CA MET R 369 68.29 -7.97 -1.56
C MET R 369 68.20 -9.48 -1.46
N ALA R 370 67.84 -10.16 -2.55
CA ALA R 370 67.80 -11.60 -2.57
C ALA R 370 69.18 -12.24 -2.53
N CYS R 371 70.21 -11.53 -2.99
CA CYS R 371 71.55 -12.11 -3.06
C CYS R 371 72.22 -12.28 -1.70
N THR R 372 71.66 -11.71 -0.63
CA THR R 372 72.25 -11.89 0.69
C THR R 372 72.08 -13.33 1.15
N SER R 373 72.90 -13.73 2.12
CA SER R 373 72.96 -15.10 2.59
C SER R 373 71.97 -15.30 3.73
N GLY R 374 71.00 -16.20 3.52
CA GLY R 374 70.05 -16.52 4.56
C GLY R 374 70.26 -17.90 5.17
N ILE R 375 70.83 -17.94 6.37
CA ILE R 375 70.99 -19.18 7.13
C ILE R 375 70.61 -18.90 8.58
N PHE R 376 70.34 -19.99 9.30
CA PHE R 376 69.96 -19.89 10.71
C PHE R 376 71.22 -19.96 11.56
N LEU R 377 71.61 -18.81 12.13
CA LEU R 377 72.80 -18.76 12.96
C LEU R 377 72.57 -19.54 14.24
N VAL R 378 73.63 -20.22 14.71
CA VAL R 378 73.56 -21.09 15.86
C VAL R 378 74.77 -20.85 16.75
N ARG R 379 74.57 -20.96 18.07
CA ARG R 379 75.66 -20.83 19.03
C ARG R 379 75.24 -21.50 20.33
N THR R 380 76.22 -21.72 21.19
CA THR R 380 75.97 -22.46 22.42
C THR R 380 75.02 -21.67 23.32
N PRO R 381 74.01 -22.30 23.93
CA PRO R 381 73.08 -21.55 24.79
C PRO R 381 73.75 -20.84 25.95
N THR R 382 74.79 -21.43 26.55
CA THR R 382 75.47 -20.78 27.65
C THR R 382 76.19 -19.51 27.24
N GLU R 383 76.36 -19.29 25.94
CA GLU R 383 77.00 -18.08 25.43
C GLU R 383 75.99 -17.02 25.01
N THR R 384 74.87 -17.40 24.40
CA THR R 384 73.83 -16.42 24.15
C THR R 384 73.22 -15.93 25.46
N VAL R 385 73.11 -16.80 26.46
CA VAL R 385 72.63 -16.36 27.77
C VAL R 385 73.61 -15.38 28.39
N LEU R 386 74.90 -15.66 28.31
CA LEU R 386 75.91 -14.81 28.92
C LEU R 386 76.16 -13.53 28.14
N GLN R 387 75.75 -13.46 26.87
CA GLN R 387 75.93 -12.25 26.09
C GLN R 387 74.69 -11.38 26.03
N GLU R 388 73.49 -11.97 26.12
CA GLU R 388 72.26 -11.19 26.01
C GLU R 388 71.73 -10.72 27.35
N TYR R 389 71.90 -11.51 28.42
CA TYR R 389 71.27 -11.23 29.70
C TYR R 389 72.23 -10.60 30.71
N THR R 390 73.38 -10.10 30.25
CA THR R 390 74.30 -9.39 31.14
C THR R 390 74.37 -7.90 30.87
N GLN R 391 73.91 -7.43 29.72
CA GLN R 391 73.87 -6.01 29.44
C GLN R 391 72.78 -5.34 30.27
N SER R 392 73.06 -4.11 30.71
CA SER R 392 72.14 -3.33 31.53
C SER R 392 72.05 -1.92 30.97
N PRO R 393 70.93 -1.24 31.18
CA PRO R 393 70.77 0.10 30.61
C PRO R 393 71.69 1.12 31.27
N GLU R 394 71.99 2.16 30.51
CA GLU R 394 72.90 3.23 30.93
C GLU R 394 72.07 4.51 31.08
N ILE R 395 71.69 4.83 32.32
CA ILE R 395 70.85 5.97 32.60
C ILE R 395 71.74 7.11 33.09
N LYS R 396 71.85 8.15 32.27
CA LYS R 396 72.75 9.26 32.56
C LYS R 396 72.13 10.32 33.47
N VAL R 397 70.82 10.48 33.44
CA VAL R 397 70.13 11.41 34.32
C VAL R 397 69.00 10.70 35.04
N PRO R 398 69.30 9.93 36.09
CA PRO R 398 68.26 9.17 36.79
C PRO R 398 67.36 10.08 37.61
N ILE R 399 66.24 9.50 38.03
CA ILE R 399 65.26 10.24 38.84
C ILE R 399 65.90 10.57 40.19
N PRO R 400 65.85 11.83 40.64
CA PRO R 400 66.46 12.18 41.92
C PRO R 400 65.82 11.45 43.08
N GLN R 401 66.63 11.17 44.11
CA GLN R 401 66.15 10.42 45.26
C GLN R 401 65.09 11.20 46.04
N LYS R 402 65.20 12.52 46.10
CA LYS R 402 64.27 13.34 46.87
C LYS R 402 62.89 13.40 46.23
N ASP R 403 62.71 12.90 45.02
CA ASP R 403 61.47 13.03 44.28
C ASP R 403 60.49 11.89 44.54
N TRP R 404 60.78 11.02 45.51
CA TRP R 404 59.91 9.91 45.86
C TRP R 404 59.31 10.15 47.24
N THR R 405 58.57 9.15 47.72
CA THR R 405 57.89 9.24 49.01
C THR R 405 58.10 7.97 49.82
N GLY R 406 57.33 7.83 50.90
CA GLY R 406 57.38 6.62 51.69
C GLY R 406 56.82 5.44 50.92
N PRO R 407 57.13 4.22 51.38
CA PRO R 407 56.72 3.04 50.62
C PRO R 407 55.32 2.57 50.98
N ILE R 408 54.48 2.38 49.96
CA ILE R 408 53.17 1.75 50.12
C ILE R 408 53.44 0.25 49.97
N GLY R 409 53.79 -0.39 51.07
CA GLY R 409 54.30 -1.75 50.96
C GLY R 409 55.67 -1.72 50.32
N GLU R 410 55.70 -2.12 49.05
CA GLU R 410 56.93 -2.11 48.27
C GLU R 410 56.86 -1.17 47.08
N ILE R 411 55.98 -0.16 47.13
CA ILE R 411 55.82 0.81 46.06
C ILE R 411 55.83 2.21 46.65
N ARG R 412 56.61 3.09 46.02
CA ARG R 412 56.67 4.48 46.41
C ARG R 412 56.05 5.33 45.30
N ILE R 413 55.06 6.12 45.66
CA ILE R 413 54.40 6.98 44.68
C ILE R 413 55.30 8.17 44.38
N LEU R 414 55.36 8.56 43.11
CA LEU R 414 56.23 9.64 42.65
C LEU R 414 55.44 10.94 42.65
N LYS R 415 55.89 11.91 43.44
CA LYS R 415 55.20 13.18 43.54
C LYS R 415 55.28 13.94 42.21
N ASP R 416 54.18 14.59 41.85
CA ASP R 416 54.06 15.30 40.58
C ASP R 416 54.85 16.61 40.56
N THR R 417 55.63 16.89 41.60
CA THR R 417 56.48 18.08 41.64
C THR R 417 57.87 17.80 41.08
N THR R 418 58.10 16.60 40.55
CA THR R 418 59.43 16.22 40.08
C THR R 418 59.85 17.03 38.86
N SER R 419 61.15 17.25 38.73
CA SER R 419 61.73 17.88 37.56
C SER R 419 62.16 16.87 36.50
N SER R 420 62.03 15.57 36.78
CA SER R 420 62.42 14.55 35.84
C SER R 420 61.38 14.38 34.74
N ILE R 421 61.79 13.70 33.66
CA ILE R 421 60.89 13.47 32.53
C ILE R 421 59.90 12.36 32.78
N ALA R 422 60.08 11.58 33.86
CA ALA R 422 59.19 10.46 34.14
C ALA R 422 57.80 10.90 34.57
N ARG R 423 57.59 12.19 34.87
CA ARG R 423 56.29 12.64 35.32
C ARG R 423 55.21 12.39 34.27
N TYR R 424 55.52 12.66 33.00
CA TYR R 424 54.53 12.49 31.94
C TYR R 424 54.21 11.02 31.72
N LEU R 425 55.22 10.16 31.78
CA LEU R 425 54.98 8.72 31.70
C LEU R 425 54.09 8.24 32.83
N TYR R 426 54.37 8.71 34.06
CA TYR R 426 53.55 8.35 35.20
C TYR R 426 52.12 8.84 35.02
N ARG R 427 51.94 10.07 34.52
CA ARG R 427 50.61 10.61 34.29
C ARG R 427 49.84 9.78 33.26
N THR R 428 50.49 9.44 32.15
CA THR R 428 49.81 8.67 31.11
C THR R 428 49.39 7.32 31.63
N TRP R 429 50.30 6.62 32.33
CA TRP R 429 49.94 5.30 32.85
C TRP R 429 48.89 5.40 33.95
N TYR R 430 48.92 6.46 34.77
CA TYR R 430 47.91 6.63 35.81
C TYR R 430 46.53 6.85 35.21
N LEU R 431 46.43 7.73 34.20
CA LEU R 431 45.14 7.92 33.53
C LEU R 431 44.67 6.66 32.85
N ALA R 432 45.59 5.90 32.24
CA ALA R 432 45.21 4.64 31.60
C ALA R 432 44.64 3.68 32.63
N ALA R 433 45.31 3.53 33.77
CA ALA R 433 44.84 2.61 34.80
C ALA R 433 43.48 3.04 35.35
N ALA R 434 43.29 4.34 35.58
CA ALA R 434 42.01 4.83 36.08
C ALA R 434 40.90 4.57 35.08
N ARG R 435 41.14 4.89 33.80
CA ARG R 435 40.11 4.70 32.80
C ARG R 435 39.82 3.22 32.57
N MET R 436 40.80 2.35 32.79
CA MET R 436 40.51 0.92 32.83
C MET R 436 39.60 0.58 34.01
N ALA R 437 39.99 1.00 35.21
CA ALA R 437 39.31 0.55 36.41
C ALA R 437 37.86 1.02 36.42
N ALA R 438 37.61 2.25 35.97
CA ALA R 438 36.23 2.72 35.90
C ALA R 438 35.44 2.04 34.79
N GLN R 439 36.09 1.58 33.74
CA GLN R 439 35.40 1.04 32.57
C GLN R 439 34.92 -0.38 32.89
N PRO R 440 33.64 -0.69 32.63
CA PRO R 440 32.97 -1.76 33.40
C PRO R 440 33.13 -3.18 32.88
N ARG R 441 33.64 -3.41 31.67
CA ARG R 441 33.66 -4.80 31.20
C ARG R 441 34.69 -5.66 31.92
N THR R 442 35.57 -5.07 32.71
CA THR R 442 36.62 -5.81 33.41
C THR R 442 36.11 -6.53 34.64
N TRP R 443 34.80 -6.58 34.87
CA TRP R 443 34.24 -7.24 36.03
C TRP R 443 33.23 -8.33 35.69
N ASP R 444 32.83 -8.47 34.44
CA ASP R 444 31.99 -9.60 34.05
C ASP R 444 32.81 -10.89 34.18
N PRO R 445 32.25 -11.94 34.79
CA PRO R 445 33.07 -13.14 35.03
C PRO R 445 33.61 -13.79 33.77
N LEU R 446 32.92 -13.64 32.63
CA LEU R 446 33.42 -14.20 31.38
C LEU R 446 34.74 -13.57 30.98
N PHE R 447 34.87 -12.25 31.15
CA PHE R 447 36.12 -11.57 30.83
C PHE R 447 37.27 -12.09 31.68
N GLN R 448 37.02 -12.24 32.99
CA GLN R 448 38.05 -12.77 33.87
C GLN R 448 38.42 -14.21 33.51
N ALA R 449 37.43 -15.03 33.18
CA ALA R 449 37.71 -16.40 32.77
C ALA R 449 38.55 -16.44 31.50
N ILE R 450 38.22 -15.61 30.52
CA ILE R 450 38.99 -15.57 29.28
C ILE R 450 40.43 -15.15 29.56
N MET R 451 40.61 -14.09 30.35
CA MET R 451 41.95 -13.58 30.59
C MET R 451 42.76 -14.51 31.49
N ARG R 452 42.10 -15.30 32.33
CA ARG R 452 42.76 -16.35 33.10
C ARG R 452 43.11 -17.56 32.25
N SER R 453 42.35 -17.83 31.19
CA SER R 453 42.63 -18.95 30.30
C SER R 453 43.50 -18.55 29.12
N GLN R 454 43.90 -17.28 29.02
CA GLN R 454 44.78 -16.87 27.92
C GLN R 454 46.10 -17.62 27.96
N TYR R 455 46.74 -17.69 29.14
CA TYR R 455 48.08 -18.28 29.23
C TYR R 455 48.06 -19.78 29.43
N VAL R 456 46.91 -20.37 29.72
CA VAL R 456 46.80 -21.82 29.90
C VAL R 456 46.84 -22.45 28.51
N THR R 457 48.01 -22.97 28.13
CA THR R 457 48.23 -23.47 26.79
C THR R 457 48.99 -24.79 26.87
N ALA R 458 48.75 -25.68 25.91
CA ALA R 458 49.44 -26.96 25.86
C ALA R 458 50.88 -26.78 25.43
N ARG R 459 51.69 -26.14 26.27
CA ARG R 459 53.08 -25.85 25.94
C ARG R 459 53.84 -25.64 27.23
N GLY R 460 55.15 -25.87 27.17
CA GLY R 460 55.94 -25.91 28.39
C GLY R 460 55.94 -24.58 29.12
N GLY R 461 55.95 -24.65 30.45
CA GLY R 461 55.95 -23.46 31.28
C GLY R 461 56.79 -23.58 32.54
N SER R 462 57.82 -24.44 32.50
CA SER R 462 58.74 -24.65 33.62
C SER R 462 58.00 -25.14 34.86
N GLY R 463 57.40 -26.33 34.73
CA GLY R 463 56.65 -26.90 35.83
C GLY R 463 57.52 -27.50 36.92
N ALA R 464 58.72 -27.97 36.57
CA ALA R 464 59.61 -28.56 37.55
C ALA R 464 60.01 -27.53 38.61
N THR R 465 60.37 -26.32 38.17
CA THR R 465 60.70 -25.26 39.11
C THR R 465 59.49 -24.91 39.97
N LEU R 466 58.29 -24.91 39.37
CA LEU R 466 57.08 -24.63 40.13
C LEU R 466 56.89 -25.64 41.24
N ARG R 467 56.99 -26.93 40.92
CA ARG R 467 56.76 -27.96 41.94
C ARG R 467 57.84 -27.92 43.01
N GLU R 468 59.10 -27.67 42.62
CA GLU R 468 60.17 -27.55 43.60
C GLU R 468 59.92 -26.39 44.55
N SER R 469 59.60 -25.21 44.01
CA SER R 469 59.37 -24.04 44.86
C SER R 469 58.15 -24.24 45.76
N LEU R 470 57.09 -24.85 45.24
CA LEU R 470 55.88 -25.02 46.03
C LEU R 470 56.03 -26.10 47.08
N TYR R 471 56.85 -27.12 46.82
CA TYR R 471 57.16 -28.12 47.83
C TYR R 471 58.19 -27.62 48.85
N ALA R 472 58.93 -26.55 48.52
CA ALA R 472 59.86 -25.98 49.49
C ALA R 472 59.16 -25.50 50.75
N ILE R 473 57.86 -25.24 50.70
CA ILE R 473 57.10 -24.85 51.88
C ILE R 473 56.23 -26.00 52.39
N ASN R 474 56.59 -27.24 52.03
CA ASN R 474 55.95 -28.46 52.51
C ASN R 474 54.49 -28.58 52.09
N VAL R 475 54.05 -27.81 51.12
CA VAL R 475 52.71 -27.96 50.55
C VAL R 475 52.78 -28.97 49.41
N SER R 476 51.93 -29.99 49.48
CA SER R 476 51.96 -31.08 48.52
C SER R 476 50.88 -30.87 47.45
N LEU R 477 51.25 -31.12 46.20
CA LEU R 477 50.34 -31.04 45.06
C LEU R 477 50.15 -32.42 44.46
N PRO R 478 48.96 -32.71 43.94
CA PRO R 478 48.70 -34.06 43.42
C PRO R 478 49.51 -34.36 42.18
N ASP R 479 49.86 -35.64 42.02
CA ASP R 479 50.56 -36.13 40.85
C ASP R 479 49.69 -37.17 40.14
N PHE R 480 49.83 -37.24 38.82
CA PHE R 480 49.05 -38.16 38.00
C PHE R 480 50.02 -39.08 37.26
N LYS R 481 49.87 -40.39 37.46
CA LYS R 481 50.76 -41.37 36.87
C LYS R 481 49.95 -42.45 36.17
N GLY R 482 50.51 -42.97 35.08
CA GLY R 482 49.91 -44.03 34.31
C GLY R 482 49.15 -43.57 33.07
N LEU R 483 48.78 -42.31 33.02
CA LEU R 483 48.08 -41.70 31.91
C LEU R 483 49.07 -41.07 30.93
N PRO R 484 48.75 -41.03 29.65
CA PRO R 484 49.74 -40.62 28.63
C PRO R 484 49.84 -39.12 28.35
N VAL R 485 49.34 -38.26 29.24
CA VAL R 485 49.48 -36.82 29.02
C VAL R 485 50.91 -36.38 29.33
N LYS R 486 51.35 -35.33 28.66
CA LYS R 486 52.66 -34.75 28.95
C LYS R 486 52.66 -34.12 30.33
N ALA R 487 53.75 -34.33 31.08
CA ALA R 487 53.87 -33.84 32.45
C ALA R 487 54.73 -32.57 32.54
N ALA R 488 55.03 -31.95 31.41
CA ALA R 488 55.88 -30.76 31.37
C ALA R 488 55.21 -29.65 30.55
N THR R 489 53.92 -29.41 30.82
CA THR R 489 53.15 -28.40 30.13
C THR R 489 52.36 -27.58 31.13
N LYS R 490 51.95 -26.38 30.70
CA LYS R 490 51.20 -25.48 31.58
C LYS R 490 49.81 -26.00 31.90
N ILE R 491 49.23 -26.85 31.05
CA ILE R 491 47.95 -27.48 31.40
C ILE R 491 48.11 -28.39 32.60
N PHE R 492 49.24 -29.11 32.66
CA PHE R 492 49.53 -29.94 33.83
C PHE R 492 49.64 -29.08 35.09
N GLN R 493 50.30 -27.92 34.98
CA GLN R 493 50.39 -27.01 36.11
C GLN R 493 49.02 -26.50 36.53
N ALA R 494 48.18 -26.15 35.56
CA ALA R 494 46.84 -25.68 35.87
C ALA R 494 46.02 -26.75 36.57
N ALA R 495 46.13 -28.00 36.12
CA ALA R 495 45.44 -29.10 36.79
C ALA R 495 45.99 -29.30 38.20
N GLN R 496 47.30 -29.11 38.39
CA GLN R 496 47.88 -29.28 39.72
C GLN R 496 47.49 -28.14 40.66
N LEU R 497 47.19 -26.96 40.12
CA LEU R 497 46.89 -25.77 40.93
C LEU R 497 45.40 -25.47 40.97
N ALA R 498 44.56 -26.50 41.03
CA ALA R 498 43.11 -26.27 41.02
C ALA R 498 42.59 -25.94 42.40
N ASN R 499 42.71 -26.87 43.35
CA ASN R 499 42.11 -26.69 44.66
C ASN R 499 42.86 -25.67 45.51
N LEU R 500 44.15 -25.46 45.23
CA LEU R 500 44.99 -24.64 46.09
C LEU R 500 44.52 -23.18 46.06
N PRO R 501 44.52 -22.50 47.20
CA PRO R 501 44.20 -21.07 47.23
C PRO R 501 45.40 -20.23 46.80
N PHE R 502 45.20 -18.92 46.78
CA PHE R 502 46.25 -18.02 46.34
C PHE R 502 47.35 -17.86 47.38
N SER R 503 47.02 -17.99 48.67
CA SER R 503 48.02 -17.78 49.72
C SER R 503 49.13 -18.84 49.63
N HIS R 504 48.77 -20.09 49.39
CA HIS R 504 49.77 -21.15 49.27
C HIS R 504 50.57 -21.03 47.98
N THR R 505 49.92 -20.67 46.87
CA THR R 505 50.59 -20.60 45.58
C THR R 505 51.35 -19.29 45.37
N SER R 506 51.23 -18.33 46.29
CA SER R 506 51.96 -17.08 46.15
C SER R 506 53.47 -17.27 46.29
N VAL R 507 53.90 -18.37 46.90
CA VAL R 507 55.33 -18.62 47.05
C VAL R 507 55.97 -18.89 45.69
N ALA R 508 55.25 -19.58 44.81
CA ALA R 508 55.78 -19.97 43.50
C ALA R 508 55.99 -18.79 42.56
N ILE R 509 55.53 -17.59 42.93
CA ILE R 509 55.73 -16.43 42.07
C ILE R 509 57.21 -16.11 41.91
N LEU R 510 57.99 -16.30 42.99
CA LEU R 510 59.41 -15.99 42.99
C LEU R 510 60.26 -17.16 42.53
N ALA R 511 59.69 -18.10 41.77
CA ALA R 511 60.45 -19.27 41.33
C ALA R 511 61.46 -18.87 40.25
N ASP R 512 62.38 -19.79 39.97
CA ASP R 512 63.41 -19.58 38.96
C ASP R 512 62.90 -20.11 37.62
N THR R 513 62.81 -19.21 36.63
CA THR R 513 62.31 -19.59 35.32
C THR R 513 63.30 -20.47 34.58
N SER R 514 62.78 -21.38 33.76
CA SER R 514 63.61 -22.21 32.90
C SER R 514 63.97 -21.43 31.63
N MET R 515 64.77 -22.06 30.77
CA MET R 515 65.29 -21.37 29.61
C MET R 515 64.46 -21.71 28.37
N GLY R 516 64.81 -21.03 27.28
CA GLY R 516 64.27 -21.35 25.97
C GLY R 516 65.15 -20.72 24.91
N LEU R 517 65.06 -21.25 23.70
CA LEU R 517 65.93 -20.77 22.63
C LEU R 517 65.30 -21.11 21.29
N ARG R 518 65.56 -20.26 20.30
CA ARG R 518 65.16 -20.51 18.93
C ARG R 518 66.03 -19.66 18.02
N ASN R 519 66.42 -20.24 16.88
CA ASN R 519 67.29 -19.57 15.94
C ASN R 519 66.48 -18.65 15.03
N GLN R 520 67.21 -17.80 14.29
CA GLN R 520 66.57 -16.85 13.38
C GLN R 520 67.52 -16.58 12.21
N VAL R 521 66.93 -16.12 11.11
CA VAL R 521 67.69 -15.86 9.90
C VAL R 521 68.44 -14.55 10.04
N GLN R 522 69.73 -14.55 9.66
CA GLN R 522 70.63 -13.41 9.69
C GLN R 522 70.45 -12.54 10.92
N ARG R 523 70.28 -13.16 12.09
CA ARG R 523 70.15 -12.43 13.34
C ARG R 523 70.49 -13.38 14.48
N ARG R 524 71.06 -12.82 15.55
CA ARG R 524 71.45 -13.63 16.68
C ARG R 524 70.24 -14.33 17.30
N PRO R 525 70.40 -15.56 17.76
CA PRO R 525 69.26 -16.29 18.33
C PRO R 525 68.75 -15.62 19.60
N ARG R 526 67.45 -15.76 19.82
CA ARG R 526 66.78 -15.12 20.94
C ARG R 526 66.48 -16.14 22.03
N SER R 527 66.83 -15.80 23.26
CA SER R 527 66.46 -16.62 24.41
C SER R 527 65.11 -16.18 24.95
N ILE R 528 64.32 -17.15 25.40
CA ILE R 528 62.97 -16.91 25.87
C ILE R 528 62.80 -17.57 27.23
N MET R 529 62.23 -16.84 28.17
CA MET R 529 61.98 -17.38 29.50
C MET R 529 60.48 -17.55 29.74
N PRO R 530 59.96 -18.77 29.71
CA PRO R 530 58.53 -18.97 30.00
C PRO R 530 58.29 -18.97 31.51
N LEU R 531 57.34 -18.15 31.94
CA LEU R 531 56.99 -18.00 33.34
C LEU R 531 55.87 -18.98 33.67
N ASN R 532 55.91 -19.54 34.87
CA ASN R 532 54.90 -20.52 35.27
C ASN R 532 53.52 -19.88 35.37
N VAL R 533 52.51 -20.72 35.56
CA VAL R 533 51.12 -20.27 35.43
C VAL R 533 50.78 -19.15 36.41
N PRO R 534 51.06 -19.25 37.71
CA PRO R 534 50.78 -18.10 38.60
C PRO R 534 51.59 -16.88 38.23
N GLN R 535 52.77 -17.06 37.62
CA GLN R 535 53.60 -15.91 37.25
C GLN R 535 53.02 -15.20 36.03
N GLN R 536 52.42 -15.95 35.10
CA GLN R 536 51.57 -15.32 34.09
C GLN R 536 50.38 -14.62 34.73
N GLN R 537 49.75 -15.27 35.71
CA GLN R 537 48.54 -14.72 36.32
C GLN R 537 48.80 -13.37 36.95
N VAL R 538 49.88 -13.26 37.73
CA VAL R 538 50.13 -12.09 38.55
C VAL R 538 50.35 -10.82 37.73
N SER R 539 50.61 -10.95 36.43
CA SER R 539 50.90 -9.79 35.57
C SER R 539 49.74 -9.45 34.66
N ALA R 540 48.50 -9.60 35.13
CA ALA R 540 47.31 -9.32 34.32
C ALA R 540 47.01 -7.82 34.20
N PRO R 541 47.00 -7.05 35.29
CA PRO R 541 46.73 -5.61 35.13
C PRO R 541 47.74 -4.90 34.22
N HIS R 542 49.00 -5.33 34.25
CA HIS R 542 50.00 -4.70 33.39
C HIS R 542 49.64 -4.85 31.92
N THR R 543 49.40 -6.08 31.46
CA THR R 543 49.03 -6.31 30.07
C THR R 543 47.69 -5.68 29.73
N LEU R 544 46.77 -5.63 30.69
CA LEU R 544 45.45 -5.06 30.40
C LEU R 544 45.52 -3.55 30.21
N THR R 545 46.22 -2.83 31.09
CA THR R 545 46.36 -1.40 30.88
C THR R 545 47.23 -1.09 29.67
N ALA R 546 48.21 -1.95 29.36
CA ALA R 546 48.95 -1.78 28.12
C ALA R 546 48.04 -1.93 26.91
N ASP R 547 47.12 -2.90 26.95
CA ASP R 547 46.15 -3.05 25.88
C ASP R 547 45.28 -1.82 25.75
N TYR R 548 44.86 -1.25 26.88
CA TYR R 548 44.07 -0.02 26.83
C TYR R 548 44.85 1.11 26.17
N ILE R 549 46.12 1.28 26.57
CA ILE R 549 46.96 2.32 25.97
C ILE R 549 47.07 2.11 24.47
N ASN R 550 47.39 0.88 24.04
CA ASN R 550 47.60 0.62 22.62
C ASN R 550 46.31 0.66 21.83
N TYR R 551 45.15 0.54 22.48
CA TYR R 551 43.87 0.59 21.79
C TYR R 551 43.28 1.98 21.67
N HIS R 552 43.49 2.86 22.66
CA HIS R 552 42.83 4.16 22.61
C HIS R 552 43.79 5.34 22.57
N MET R 553 44.85 5.33 23.39
CA MET R 553 45.63 6.56 23.58
C MET R 553 46.55 6.86 22.40
N ASN R 554 47.11 5.83 21.76
CA ASN R 554 48.12 6.03 20.73
C ASN R 554 47.64 5.51 19.39
N LEU R 555 48.45 5.79 18.36
CA LEU R 555 48.22 5.28 17.01
C LEU R 555 49.15 4.10 16.80
N SER R 556 48.67 2.89 16.95
CA SER R 556 49.56 1.76 16.80
C SER R 556 48.82 0.57 16.34
N THR R 557 49.55 -0.48 15.99
CA THR R 557 48.93 -1.68 15.49
C THR R 557 49.53 -2.88 16.20
N THR R 558 48.80 -3.98 16.21
CA THR R 558 49.33 -5.21 16.81
C THR R 558 49.13 -6.19 15.69
N SER R 559 49.95 -6.06 14.65
CA SER R 559 49.81 -6.90 13.46
C SER R 559 50.24 -8.33 13.51
N GLY R 560 49.73 -9.10 12.57
CA GLY R 560 50.04 -10.51 12.51
C GLY R 560 51.33 -10.96 11.91
N SER R 561 51.59 -12.25 11.98
CA SER R 561 52.81 -12.83 11.44
C SER R 561 53.10 -12.79 9.91
N ALA R 562 52.11 -13.00 9.05
CA ALA R 562 52.42 -13.04 7.60
C ALA R 562 52.23 -11.74 6.80
N VAL R 563 52.90 -11.62 5.65
CA VAL R 563 52.83 -10.40 4.86
C VAL R 563 51.41 -10.04 4.48
N ILE R 564 50.52 -11.03 4.40
CA ILE R 564 49.13 -10.76 4.06
C ILE R 564 48.40 -10.03 5.18
N GLU R 565 48.71 -10.39 6.42
CA GLU R 565 48.09 -9.76 7.58
C GLU R 565 49.04 -8.73 8.14
N LYS R 566 49.22 -7.64 7.41
CA LYS R 566 50.15 -6.62 7.84
C LYS R 566 49.68 -5.27 7.34
N VAL R 567 50.24 -4.19 7.88
CA VAL R 567 49.90 -2.85 7.39
C VAL R 567 50.73 -2.44 6.20
N ILE R 568 50.51 -3.08 5.07
CA ILE R 568 51.20 -2.71 3.86
C ILE R 568 50.84 -1.30 3.38
N PRO R 569 49.58 -0.88 3.50
CA PRO R 569 49.33 0.45 2.97
C PRO R 569 50.15 1.51 3.65
N LEU R 570 50.30 1.45 4.96
CA LEU R 570 51.01 2.49 5.65
C LEU R 570 52.42 2.66 5.12
N GLY R 571 53.07 1.58 4.77
CA GLY R 571 54.39 1.71 4.18
C GLY R 571 54.36 2.35 2.81
N VAL R 572 53.36 1.98 1.99
CA VAL R 572 53.24 2.59 0.67
C VAL R 572 53.01 4.09 0.78
N TYR R 573 52.20 4.51 1.76
CA TYR R 573 51.96 5.93 1.96
C TYR R 573 53.22 6.63 2.47
N ALA R 574 53.92 6.02 3.42
CA ALA R 574 55.09 6.64 4.03
C ALA R 574 56.30 6.65 3.10
N SER R 575 56.31 5.84 2.04
CA SER R 575 57.44 5.78 1.13
C SER R 575 57.26 6.65 -0.11
N SER R 576 56.11 7.28 -0.29
CA SER R 576 55.90 8.12 -1.45
C SER R 576 56.84 9.33 -1.40
N PRO R 577 57.31 9.79 -2.56
CA PRO R 577 58.34 10.85 -2.59
C PRO R 577 57.94 12.15 -1.91
N PRO R 578 56.68 12.63 -2.03
CA PRO R 578 56.38 13.92 -1.36
C PRO R 578 56.49 13.85 0.15
N ASN R 579 56.23 12.70 0.77
CA ASN R 579 56.27 12.55 2.22
C ASN R 579 57.28 11.48 2.63
N GLN R 580 58.50 11.91 2.91
CA GLN R 580 59.56 11.02 3.34
C GLN R 580 59.35 10.59 4.79
N SER R 581 60.01 9.51 5.19
CA SER R 581 59.76 8.90 6.48
C SER R 581 61.08 8.57 7.16
N ILE R 582 60.99 8.28 8.45
CA ILE R 582 62.15 7.98 9.28
C ILE R 582 61.92 6.64 9.97
N ASN R 583 62.93 5.78 9.94
CA ASN R 583 62.87 4.47 10.59
C ASN R 583 63.52 4.57 11.96
N ILE R 584 62.74 4.29 13.00
CA ILE R 584 63.22 4.35 14.38
C ILE R 584 63.15 2.95 14.97
N ASP R 585 64.30 2.45 15.44
CA ASP R 585 64.39 1.14 16.04
C ASP R 585 65.12 1.23 17.37
N ILE R 586 64.72 0.41 18.33
CA ILE R 586 65.31 0.38 19.66
C ILE R 586 66.19 -0.85 19.75
N SER R 587 67.46 -0.66 20.09
CA SER R 587 68.40 -1.77 20.19
C SER R 587 68.31 -2.43 21.56
N ALA R 588 68.06 -3.74 21.57
CA ALA R 588 68.01 -4.54 22.79
C ALA R 588 66.97 -3.97 23.77
N CYS R 589 65.71 -3.98 23.32
CA CYS R 589 64.63 -3.47 24.16
C CYS R 589 64.32 -4.38 25.34
N ASP R 590 64.74 -5.64 25.28
CA ASP R 590 64.48 -6.56 26.39
C ASP R 590 65.19 -6.10 27.66
N ALA R 591 66.48 -5.79 27.55
CA ALA R 591 67.25 -5.30 28.70
C ALA R 591 67.06 -3.81 28.92
N SER R 592 66.30 -3.13 28.07
CA SER R 592 66.09 -1.69 28.20
C SER R 592 65.39 -1.36 29.50
N ILE R 593 64.15 -1.81 29.65
CA ILE R 593 63.34 -1.44 30.80
C ILE R 593 63.75 -2.27 32.02
N THR R 594 63.99 -1.59 33.14
CA THR R 594 64.36 -2.24 34.39
C THR R 594 63.57 -1.58 35.52
N TRP R 595 63.92 -1.93 36.75
CA TRP R 595 63.24 -1.37 37.92
C TRP R 595 63.73 0.03 38.28
N ASP R 596 64.83 0.50 37.68
CA ASP R 596 65.34 1.82 38.05
C ASP R 596 64.37 2.92 37.64
N PHE R 597 63.94 2.92 36.37
CA PHE R 597 63.13 4.01 35.84
C PHE R 597 61.75 3.54 35.40
N PHE R 598 61.68 2.62 34.45
CA PHE R 598 60.43 2.35 33.74
C PHE R 598 59.46 1.57 34.61
N LEU R 599 59.88 0.40 35.09
CA LEU R 599 59.01 -0.40 35.94
C LEU R 599 58.70 0.34 37.23
N SER R 600 59.67 1.08 37.77
CA SER R 600 59.43 1.83 39.00
C SER R 600 58.31 2.84 38.82
N VAL R 601 58.29 3.56 37.69
CA VAL R 601 57.18 4.48 37.44
C VAL R 601 55.89 3.71 37.19
N ILE R 602 55.97 2.63 36.40
CA ILE R 602 54.76 1.98 35.90
C ILE R 602 53.99 1.29 37.02
N MET R 603 54.69 0.60 37.92
CA MET R 603 53.99 -0.09 39.00
C MET R 603 53.26 0.89 39.91
N ALA R 604 53.88 2.00 40.25
CA ALA R 604 53.20 3.01 41.07
C ALA R 604 52.01 3.60 40.32
N ALA R 605 52.19 3.89 39.03
CA ALA R 605 51.08 4.46 38.26
C ALA R 605 49.89 3.51 38.24
N ILE R 606 50.14 2.22 38.04
CA ILE R 606 49.06 1.24 38.06
C ILE R 606 48.46 1.12 39.45
N HIS R 607 49.32 1.16 40.48
CA HIS R 607 48.87 0.92 41.85
C HIS R 607 47.88 2.00 42.30
N GLU R 608 48.25 3.27 42.17
CA GLU R 608 47.27 4.30 42.52
C GLU R 608 46.33 4.68 41.38
N GLY R 609 46.47 4.07 40.20
CA GLY R 609 45.47 4.26 39.17
C GLY R 609 44.14 3.60 39.50
N VAL R 610 44.18 2.42 40.12
CA VAL R 610 42.99 1.63 40.38
C VAL R 610 42.44 1.85 41.79
N ALA R 611 43.12 2.66 42.60
CA ALA R 611 42.79 2.75 44.03
C ALA R 611 41.36 3.22 44.25
N SER R 612 40.97 4.34 43.62
CA SER R 612 39.69 4.96 43.89
C SER R 612 38.59 4.51 42.92
N SER R 613 38.69 3.30 42.39
CA SER R 613 37.68 2.83 41.44
C SER R 613 37.16 1.44 41.81
N SER R 614 38.01 0.59 42.37
CA SER R 614 37.65 -0.80 42.69
C SER R 614 38.11 -1.11 44.11
N ILE R 615 37.23 -0.92 45.08
CA ILE R 615 37.49 -1.30 46.46
C ILE R 615 36.86 -2.66 46.71
N GLY R 616 37.64 -3.59 47.25
CA GLY R 616 37.15 -4.95 47.39
C GLY R 616 37.15 -5.63 46.04
N LYS R 617 36.05 -6.35 45.76
CA LYS R 617 35.78 -7.01 44.47
C LYS R 617 37.02 -7.72 43.94
N PRO R 618 37.41 -8.84 44.54
CA PRO R 618 38.69 -9.47 44.19
C PRO R 618 38.74 -9.85 42.72
N PHE R 619 39.93 -9.71 42.14
CA PHE R 619 40.13 -9.98 40.72
C PHE R 619 40.27 -11.50 40.55
N MET R 620 40.69 -11.96 39.37
CA MET R 620 40.63 -13.40 39.11
C MET R 620 41.59 -14.17 40.01
N GLY R 621 41.04 -14.89 40.99
CA GLY R 621 41.80 -15.77 41.84
C GLY R 621 42.77 -15.11 42.79
N VAL R 622 42.74 -13.79 42.92
CA VAL R 622 43.61 -13.06 43.82
C VAL R 622 42.74 -12.29 44.82
N PRO R 623 42.67 -12.77 46.06
CA PRO R 623 41.89 -12.04 47.07
C PRO R 623 42.52 -10.70 47.41
N ALA R 624 41.67 -9.78 47.84
CA ALA R 624 42.15 -8.50 48.34
C ALA R 624 42.84 -8.69 49.69
N SER R 625 43.67 -7.73 50.05
CA SER R 625 44.52 -7.91 51.22
C SER R 625 44.77 -6.54 51.87
N ILE R 626 45.73 -6.50 52.79
CA ILE R 626 46.02 -5.32 53.61
C ILE R 626 47.52 -5.09 53.57
N VAL R 627 47.94 -3.84 53.39
CA VAL R 627 49.36 -3.52 53.36
C VAL R 627 49.55 -2.06 53.79
N ASN R 628 50.49 -1.84 54.72
CA ASN R 628 50.69 -0.53 55.31
C ASN R 628 51.45 0.39 54.35
N ASP R 629 51.60 1.64 54.77
CA ASP R 629 52.34 2.64 54.01
C ASP R 629 52.82 3.75 54.93
N GLU R 630 53.95 4.35 54.58
CA GLU R 630 54.56 5.44 55.34
C GLU R 630 54.55 6.71 54.50
N SER R 631 53.37 7.01 53.95
CA SER R 631 53.28 7.94 52.82
C SER R 631 53.64 9.37 53.21
N VAL R 632 53.06 9.91 54.27
CA VAL R 632 53.03 11.37 54.38
C VAL R 632 54.19 11.97 55.16
N VAL R 633 54.27 11.76 56.49
CA VAL R 633 55.43 12.23 57.22
C VAL R 633 56.02 11.15 58.11
N GLY R 634 55.29 10.77 59.16
CA GLY R 634 55.73 9.74 60.07
C GLY R 634 54.69 8.67 60.35
N VAL R 635 53.43 9.03 60.19
CA VAL R 635 52.33 8.13 60.55
C VAL R 635 52.10 7.14 59.43
N ARG R 636 51.72 5.92 59.81
CA ARG R 636 51.49 4.86 58.84
C ARG R 636 50.10 4.28 59.04
N ALA R 637 49.40 4.07 57.93
CA ALA R 637 48.05 3.55 57.94
C ALA R 637 48.06 2.08 57.54
N ALA R 638 46.88 1.49 57.37
CA ALA R 638 46.75 0.12 56.91
C ALA R 638 46.31 0.01 55.46
N ARG R 639 45.58 1.01 54.94
CA ARG R 639 45.26 1.17 53.52
C ARG R 639 44.84 -0.14 52.86
N PRO R 640 43.61 -0.59 53.10
CA PRO R 640 43.15 -1.82 52.44
C PRO R 640 43.23 -1.69 50.93
N ILE R 641 43.62 -2.77 50.27
CA ILE R 641 43.85 -2.79 48.84
C ILE R 641 42.96 -3.85 48.21
N SER R 642 42.70 -3.67 46.92
CA SER R 642 41.92 -4.63 46.17
C SER R 642 42.78 -5.81 45.74
N GLY R 643 42.15 -6.79 45.08
CA GLY R 643 42.89 -7.92 44.57
C GLY R 643 43.92 -7.53 43.53
N MET R 644 43.56 -6.62 42.64
CA MET R 644 44.49 -6.15 41.61
C MET R 644 45.73 -5.52 42.25
N GLN R 645 45.57 -4.85 43.38
CA GLN R 645 46.72 -4.21 44.00
C GLN R 645 47.61 -5.23 44.71
N ASN R 646 47.04 -6.32 45.21
CA ASN R 646 47.86 -7.43 45.67
C ASN R 646 48.63 -8.05 44.52
N MET R 647 47.96 -8.21 43.37
CA MET R 647 48.64 -8.61 42.14
C MET R 647 49.84 -7.70 41.86
N ILE R 648 49.62 -6.39 41.97
CA ILE R 648 50.66 -5.42 41.67
C ILE R 648 51.80 -5.51 42.69
N GLN R 649 51.47 -5.75 43.97
CA GLN R 649 52.52 -5.88 44.97
C GLN R 649 53.41 -7.08 44.69
N HIS R 650 52.80 -8.23 44.37
CA HIS R 650 53.60 -9.42 44.06
C HIS R 650 54.44 -9.20 42.80
N LEU R 651 53.83 -8.63 41.76
CA LEU R 651 54.57 -8.34 40.54
C LEU R 651 55.69 -7.34 40.80
N SER R 652 55.48 -6.41 41.73
CA SER R 652 56.49 -5.40 42.03
C SER R 652 57.67 -6.01 42.76
N LYS R 653 57.42 -6.93 43.70
CA LYS R 653 58.56 -7.61 44.32
C LYS R 653 59.32 -8.45 43.30
N LEU R 654 58.58 -9.12 42.40
CA LEU R 654 59.23 -9.89 41.35
C LEU R 654 60.11 -9.02 40.47
N TYR R 655 59.61 -7.83 40.09
CA TYR R 655 60.38 -6.95 39.21
C TYR R 655 61.52 -6.27 39.95
N LYS R 656 61.35 -5.98 41.24
CA LYS R 656 62.42 -5.33 42.00
C LYS R 656 63.59 -6.26 42.23
N ARG R 657 63.31 -7.51 42.64
CA ARG R 657 64.41 -8.43 42.88
C ARG R 657 65.11 -8.80 41.58
N GLY R 658 64.34 -9.13 40.55
CA GLY R 658 64.93 -9.59 39.30
C GLY R 658 64.39 -10.94 38.88
N PHE R 659 65.18 -11.71 38.14
CA PHE R 659 64.76 -13.01 37.64
C PHE R 659 65.90 -14.01 37.73
N SER R 660 65.57 -15.23 38.13
CA SER R 660 66.51 -16.33 38.16
C SER R 660 66.28 -17.22 36.94
N TYR R 661 67.35 -17.57 36.24
CA TYR R 661 67.27 -18.18 34.93
C TYR R 661 68.10 -19.45 34.91
N ARG R 662 67.42 -20.60 35.05
CA ARG R 662 68.10 -21.89 34.99
C ARG R 662 68.49 -22.21 33.56
N VAL R 663 69.74 -22.61 33.36
CA VAL R 663 70.26 -23.00 32.05
C VAL R 663 70.87 -24.38 32.19
N ASN R 664 70.22 -25.38 31.59
CA ASN R 664 70.69 -26.77 31.59
C ASN R 664 70.69 -27.25 30.15
N ASP R 665 71.76 -26.95 29.43
CA ASP R 665 71.84 -27.25 28.01
C ASP R 665 72.27 -28.70 27.78
N SER R 666 72.34 -29.09 26.51
CA SER R 666 72.73 -30.44 26.13
C SER R 666 73.98 -30.48 25.24
N PHE R 667 74.33 -29.37 24.60
CA PHE R 667 75.49 -29.37 23.71
C PHE R 667 76.81 -29.34 24.47
N SER R 668 76.79 -28.95 25.74
CA SER R 668 78.00 -28.91 26.56
C SER R 668 77.74 -29.67 27.86
N PRO R 669 78.37 -30.83 28.07
CA PRO R 669 78.14 -31.57 29.31
C PRO R 669 78.73 -30.84 30.50
N GLY R 670 78.06 -31.01 31.65
CA GLY R 670 78.51 -30.36 32.87
C GLY R 670 78.51 -28.85 32.77
N ASN R 671 77.46 -28.27 32.20
CA ASN R 671 77.36 -26.83 31.99
C ASN R 671 76.06 -26.30 32.56
N ASP R 672 75.55 -26.93 33.60
CA ASP R 672 74.34 -26.49 34.28
C ASP R 672 74.69 -25.46 35.34
N PHE R 673 73.89 -24.41 35.42
CA PHE R 673 74.09 -23.35 36.40
C PHE R 673 72.82 -22.52 36.47
N THR R 674 72.85 -21.47 37.29
CA THR R 674 71.78 -20.51 37.40
C THR R 674 72.34 -19.11 37.13
N HIS R 675 71.43 -18.18 36.81
CA HIS R 675 71.86 -16.84 36.43
C HIS R 675 70.78 -15.83 36.83
N MET R 676 71.18 -14.78 37.53
CA MET R 676 70.28 -13.70 37.90
C MET R 676 70.42 -12.57 36.88
N THR R 677 69.29 -12.15 36.32
CA THR R 677 69.28 -11.13 35.27
C THR R 677 68.21 -10.09 35.59
N THR R 678 68.44 -8.87 35.08
CA THR R 678 67.52 -7.76 35.29
C THR R 678 66.70 -7.41 34.05
N THR R 679 66.92 -8.09 32.94
CA THR R 679 66.18 -7.81 31.73
C THR R 679 64.72 -8.20 31.89
N PHE R 680 63.83 -7.42 31.26
CA PHE R 680 62.42 -7.74 31.30
C PHE R 680 62.17 -9.07 30.58
N PRO R 681 61.34 -9.94 31.14
CA PRO R 681 61.19 -11.29 30.57
C PRO R 681 60.55 -11.27 29.20
N SER R 682 61.09 -12.09 28.31
CA SER R 682 60.50 -12.33 26.99
C SER R 682 59.73 -13.63 27.03
N GLY R 683 58.63 -13.68 26.27
CA GLY R 683 57.72 -14.80 26.34
C GLY R 683 56.62 -14.64 27.37
N SER R 684 56.60 -13.55 28.11
CA SER R 684 55.49 -13.27 29.02
C SER R 684 54.31 -12.72 28.22
N THR R 685 53.16 -12.67 28.89
CA THR R 685 51.94 -12.21 28.23
C THR R 685 52.02 -10.72 27.89
N ALA R 686 52.64 -9.92 28.77
CA ALA R 686 52.53 -8.47 28.72
C ALA R 686 53.64 -7.78 27.95
N THR R 687 54.57 -8.54 27.35
CA THR R 687 55.82 -7.93 26.89
C THR R 687 55.60 -6.96 25.72
N SER R 688 55.02 -7.45 24.62
CA SER R 688 54.91 -6.62 23.42
C SER R 688 54.01 -5.41 23.65
N THR R 689 52.91 -5.62 24.39
CA THR R 689 51.97 -4.53 24.62
C THR R 689 52.61 -3.39 25.39
N GLU R 690 53.29 -3.71 26.50
CA GLU R 690 53.93 -2.66 27.28
C GLU R 690 55.11 -2.04 26.51
N HIS R 691 55.82 -2.85 25.70
CA HIS R 691 56.89 -2.28 24.89
C HIS R 691 56.34 -1.22 23.94
N THR R 692 55.26 -1.54 23.23
CA THR R 692 54.67 -0.57 22.29
C THR R 692 54.12 0.64 23.03
N ALA R 693 53.47 0.42 24.17
CA ALA R 693 52.93 1.53 24.95
C ALA R 693 54.02 2.48 25.40
N ASN R 694 55.11 1.94 25.93
CA ASN R 694 56.22 2.77 26.38
C ASN R 694 56.87 3.50 25.21
N ASN R 695 57.04 2.81 24.08
CA ASN R 695 57.59 3.49 22.90
C ASN R 695 56.74 4.69 22.52
N SER R 696 55.43 4.50 22.43
CA SER R 696 54.54 5.60 22.04
C SER R 696 54.60 6.74 23.05
N THR R 697 54.55 6.41 24.35
CA THR R 697 54.54 7.45 25.37
C THR R 697 55.84 8.26 25.36
N MET R 698 56.99 7.58 25.23
CA MET R 698 58.25 8.29 25.22
C MET R 698 58.41 9.15 23.97
N MET R 699 57.98 8.65 22.81
CA MET R 699 58.03 9.50 21.62
C MET R 699 57.11 10.70 21.77
N GLU R 700 55.93 10.52 22.36
CA GLU R 700 55.03 11.65 22.55
C GLU R 700 55.62 12.69 23.49
N THR R 701 56.20 12.26 24.62
CA THR R 701 56.74 13.24 25.55
C THR R 701 57.96 13.94 24.95
N PHE R 702 58.74 13.23 24.13
CA PHE R 702 59.82 13.90 23.41
C PHE R 702 59.27 14.97 22.48
N LEU R 703 58.25 14.63 21.69
CA LEU R 703 57.70 15.59 20.74
C LEU R 703 57.07 16.78 21.44
N THR R 704 56.58 16.59 22.67
CA THR R 704 55.89 17.68 23.37
C THR R 704 56.83 18.55 24.19
N VAL R 705 57.49 17.97 25.20
CA VAL R 705 58.17 18.76 26.23
C VAL R 705 59.68 18.76 26.05
N TRP R 706 60.29 17.58 25.88
CA TRP R 706 61.76 17.52 25.86
C TRP R 706 62.32 18.18 24.62
N GLY R 707 61.69 17.99 23.47
CA GLY R 707 62.18 18.49 22.21
C GLY R 707 62.45 19.97 22.19
N PRO R 708 61.39 20.78 22.31
CA PRO R 708 61.57 22.24 22.26
C PRO R 708 62.47 22.77 23.36
N GLU R 709 62.59 22.08 24.49
CA GLU R 709 63.44 22.55 25.57
C GLU R 709 64.92 22.39 25.28
N HIS R 710 65.30 21.71 24.20
CA HIS R 710 66.70 21.43 23.92
C HIS R 710 67.05 21.73 22.46
N THR R 711 66.37 22.70 21.84
CA THR R 711 66.60 23.04 20.44
C THR R 711 66.72 24.54 20.28
N ASP R 712 67.38 24.97 19.20
CA ASP R 712 67.63 26.38 18.96
C ASP R 712 67.12 26.88 17.61
N ASP R 713 67.24 26.09 16.54
CA ASP R 713 66.90 26.57 15.22
C ASP R 713 65.38 26.77 15.10
N PRO R 714 64.93 27.77 14.35
CA PRO R 714 63.49 27.99 14.21
C PRO R 714 62.79 26.96 13.34
N ASP R 715 63.45 26.54 12.24
CA ASP R 715 62.81 25.60 11.31
C ASP R 715 62.58 24.24 11.95
N VAL R 716 63.55 23.74 12.72
CA VAL R 716 63.38 22.46 13.39
C VAL R 716 62.26 22.55 14.43
N LEU R 717 62.15 23.70 15.12
CA LEU R 717 61.05 23.89 16.06
C LEU R 717 59.71 23.89 15.34
N ARG R 718 59.65 24.56 14.18
CA ARG R 718 58.43 24.56 13.38
C ARG R 718 58.04 23.15 12.96
N LEU R 719 59.03 22.35 12.55
CA LEU R 719 58.76 20.95 12.20
C LEU R 719 58.26 20.17 13.42
N MET R 720 58.89 20.36 14.58
CA MET R 720 58.56 19.56 15.75
C MET R 720 57.19 19.92 16.31
N LYS R 721 56.78 21.19 16.21
CA LYS R 721 55.44 21.57 16.64
C LYS R 721 54.34 21.07 15.72
N SER R 722 54.70 20.53 14.55
CA SER R 722 53.71 20.18 13.54
C SER R 722 53.23 18.74 13.62
N LEU R 723 54.05 17.82 14.11
CA LEU R 723 53.72 16.40 14.10
C LEU R 723 53.51 15.89 15.51
N THR R 724 52.54 14.99 15.67
CA THR R 724 52.25 14.33 16.93
C THR R 724 52.02 12.84 16.68
N ILE R 725 52.20 12.05 17.73
CA ILE R 725 52.11 10.60 17.60
C ILE R 725 50.70 10.14 17.22
N GLN R 726 49.68 10.94 17.55
CA GLN R 726 48.32 10.56 17.17
C GLN R 726 48.10 10.66 15.67
N ARG R 727 48.83 11.56 15.00
CA ARG R 727 48.68 11.75 13.57
C ARG R 727 49.68 10.91 12.76
N ASN R 728 50.98 11.13 12.97
CA ASN R 728 52.02 10.44 12.21
C ASN R 728 53.05 9.85 13.16
N TYR R 729 52.74 8.66 13.68
CA TYR R 729 53.72 7.79 14.34
C TYR R 729 53.11 6.43 14.59
N VAL R 730 53.73 5.36 14.12
CA VAL R 730 53.15 4.04 14.28
C VAL R 730 54.16 3.14 14.92
N CYS R 731 53.84 2.59 16.09
CA CYS R 731 54.82 1.79 16.79
C CYS R 731 54.36 0.42 17.10
N GLN R 732 55.17 -0.58 16.85
CA GLN R 732 54.82 -1.92 17.30
C GLN R 732 56.05 -2.51 17.93
N GLY R 733 56.00 -2.73 19.22
CA GLY R 733 57.13 -3.28 19.92
C GLY R 733 58.45 -2.57 19.80
N ASP R 734 59.48 -3.32 19.47
CA ASP R 734 60.80 -2.78 19.36
C ASP R 734 60.87 -1.77 18.28
N ASP R 735 60.28 -2.07 17.14
CA ASP R 735 60.41 -1.18 16.01
C ASP R 735 59.39 -0.12 15.95
N GLY R 736 59.63 0.82 15.06
CA GLY R 736 58.69 1.91 14.88
C GLY R 736 58.94 2.61 13.58
N LEU R 737 58.00 3.48 13.21
CA LEU R 737 58.07 4.23 11.97
C LEU R 737 57.40 5.58 12.17
N MET R 738 58.05 6.64 11.70
CA MET R 738 57.53 7.99 11.79
C MET R 738 57.36 8.58 10.41
N ILE R 739 56.25 9.27 10.19
CA ILE R 739 55.88 9.80 8.89
C ILE R 739 56.03 11.32 8.92
N ILE R 740 56.77 11.87 7.97
CA ILE R 740 56.88 13.31 7.78
C ILE R 740 56.19 13.65 6.47
N ASP R 741 55.09 14.38 6.55
CA ASP R 741 54.29 14.69 5.37
C ASP R 741 54.85 15.89 4.62
N GLY R 742 54.60 15.92 3.31
CA GLY R 742 55.11 17.01 2.48
C GLY R 742 54.26 18.25 2.60
N ASN R 743 54.94 19.40 2.54
CA ASN R 743 54.26 20.69 2.58
C ASN R 743 53.95 21.15 1.16
N THR R 744 53.51 22.40 1.01
CA THR R 744 53.16 22.91 -0.31
C THR R 744 54.39 23.11 -1.18
N ALA R 745 55.54 23.41 -0.58
CA ALA R 745 56.76 23.70 -1.32
C ALA R 745 57.61 22.46 -1.57
N GLY R 746 56.99 21.29 -1.66
CA GLY R 746 57.73 20.06 -1.93
C GLY R 746 57.88 19.18 -0.71
N LYS R 747 59.11 18.79 -0.40
CA LYS R 747 59.40 17.93 0.74
C LYS R 747 60.24 18.70 1.75
N VAL R 748 60.11 18.31 3.02
CA VAL R 748 60.79 19.00 4.10
C VAL R 748 62.31 18.92 3.92
N ASN R 749 62.99 19.99 4.30
CA ASN R 749 64.44 20.06 4.14
C ASN R 749 65.13 18.96 4.94
N SER R 750 66.19 18.41 4.36
CA SER R 750 66.88 17.27 4.96
C SER R 750 67.69 17.68 6.19
N GLU R 751 68.25 18.89 6.19
CA GLU R 751 69.11 19.30 7.31
C GLU R 751 68.32 19.40 8.61
N THR R 752 67.09 19.90 8.54
CA THR R 752 66.25 19.96 9.74
C THR R 752 65.97 18.56 10.28
N ILE R 753 65.69 17.61 9.38
CA ILE R 753 65.45 16.24 9.79
C ILE R 753 66.70 15.65 10.43
N GLN R 754 67.87 15.93 9.86
CA GLN R 754 69.12 15.41 10.43
C GLN R 754 69.36 15.96 11.81
N LYS R 755 69.14 17.26 12.00
CA LYS R 755 69.30 17.86 13.32
C LYS R 755 68.30 17.28 14.31
N MET R 756 67.06 17.05 13.87
CA MET R 756 66.06 16.46 14.74
C MET R 756 66.43 15.04 15.13
N LEU R 757 67.00 14.27 14.20
CA LEU R 757 67.47 12.92 14.51
C LEU R 757 68.61 12.95 15.50
N GLU R 758 69.53 13.92 15.36
CA GLU R 758 70.58 14.08 16.36
C GLU R 758 69.98 14.38 17.72
N LEU R 759 68.94 15.23 17.76
CA LEU R 759 68.25 15.52 19.01
C LEU R 759 67.61 14.26 19.60
N ILE R 760 67.01 13.43 18.75
CA ILE R 760 66.40 12.19 19.23
C ILE R 760 67.46 11.26 19.81
N SER R 761 68.61 11.16 19.13
CA SER R 761 69.69 10.32 19.63
C SER R 761 70.19 10.82 20.97
N LYS R 762 70.34 12.14 21.13
CA LYS R 762 70.74 12.69 22.42
C LYS R 762 69.69 12.41 23.49
N TYR R 763 68.41 12.54 23.13
CA TYR R 763 67.33 12.39 24.10
C TYR R 763 67.19 10.95 24.58
N GLY R 764 67.40 9.98 23.67
CA GLY R 764 67.16 8.59 24.03
C GLY R 764 68.12 8.03 25.04
N GLU R 765 69.35 8.57 25.11
CA GLU R 765 70.36 8.04 26.00
C GLU R 765 70.16 8.49 27.44
N GLU R 766 69.25 9.43 27.71
CA GLU R 766 69.05 9.91 29.07
C GLU R 766 68.48 8.82 29.96
N PHE R 767 67.54 8.02 29.45
CA PHE R 767 66.91 6.97 30.23
C PHE R 767 67.32 5.57 29.77
N GLY R 768 68.49 5.45 29.12
CA GLY R 768 69.02 4.15 28.80
C GLY R 768 68.54 3.53 27.51
N TRP R 769 68.23 4.34 26.49
CA TRP R 769 67.81 3.84 25.20
C TRP R 769 68.78 4.29 24.11
N LYS R 770 69.02 3.40 23.15
CA LYS R 770 69.87 3.68 22.00
C LYS R 770 69.04 3.49 20.74
N TYR R 771 68.45 4.58 20.25
CA TYR R 771 67.63 4.50 19.04
C TYR R 771 68.52 4.20 17.84
N ASP R 772 68.15 3.17 17.08
CA ASP R 772 68.84 2.85 15.83
C ASP R 772 68.03 3.52 14.72
N ILE R 773 68.46 4.72 14.32
CA ILE R 773 67.69 5.57 13.42
C ILE R 773 68.37 5.57 12.06
N ALA R 774 67.59 5.27 11.02
CA ALA R 774 68.05 5.29 9.65
C ALA R 774 67.20 6.26 8.84
N TYR R 775 67.86 7.22 8.19
CA TYR R 775 67.20 8.20 7.32
C TYR R 775 67.75 8.01 5.92
N ASP R 776 67.09 7.18 5.11
CA ASP R 776 67.58 6.81 3.81
C ASP R 776 66.62 7.12 2.67
N GLY R 777 65.47 7.73 2.95
CA GLY R 777 64.47 7.98 1.95
C GLY R 777 63.51 6.83 1.71
N THR R 778 63.70 5.70 2.37
CA THR R 778 62.82 4.54 2.26
C THR R 778 62.14 4.31 3.61
N ALA R 779 61.34 3.24 3.68
CA ALA R 779 60.59 2.91 4.87
C ALA R 779 60.79 1.44 5.23
N GLU R 780 60.94 1.17 6.52
CA GLU R 780 61.04 -0.19 7.03
C GLU R 780 60.10 -0.33 8.22
N TYR R 781 59.30 -1.39 8.22
CA TYR R 781 58.36 -1.64 9.31
C TYR R 781 57.95 -3.10 9.25
N LEU R 782 58.16 -3.82 10.36
CA LEU R 782 57.85 -5.25 10.43
C LEU R 782 58.56 -6.02 9.31
N LYS R 783 59.82 -5.65 9.06
CA LYS R 783 60.63 -6.27 8.01
C LYS R 783 59.97 -6.20 6.65
N LEU R 784 59.40 -5.03 6.33
CA LEU R 784 58.86 -4.74 5.02
C LEU R 784 59.60 -3.54 4.44
N TYR R 785 60.00 -3.65 3.18
CA TYR R 785 60.81 -2.62 2.53
C TYR R 785 60.02 -1.97 1.41
N PHE R 786 59.94 -0.64 1.45
CA PHE R 786 59.22 0.14 0.46
C PHE R 786 60.10 1.27 -0.05
N ILE R 787 60.09 1.49 -1.36
CA ILE R 787 60.71 2.66 -1.97
C ILE R 787 59.73 3.26 -2.97
N PHE R 788 59.49 4.56 -2.85
CA PHE R 788 58.63 5.31 -3.78
C PHE R 788 57.30 4.61 -4.00
N GLY R 789 56.69 4.17 -2.90
CA GLY R 789 55.40 3.50 -2.95
C GLY R 789 55.42 2.18 -3.70
N CYS R 790 56.42 1.35 -3.45
CA CYS R 790 56.53 0.06 -4.10
C CYS R 790 57.13 -0.94 -3.12
N ARG R 791 56.40 -2.01 -2.84
CA ARG R 791 56.90 -3.03 -1.92
C ARG R 791 58.05 -3.80 -2.55
N ILE R 792 58.93 -4.31 -1.69
CA ILE R 792 60.07 -5.10 -2.12
C ILE R 792 60.19 -6.33 -1.22
N PRO R 793 59.89 -7.53 -1.73
CA PRO R 793 60.02 -8.73 -0.89
C PRO R 793 61.47 -9.11 -0.72
N ASN R 794 61.86 -9.37 0.53
CA ASN R 794 63.22 -9.81 0.85
C ASN R 794 63.26 -11.33 0.69
N LEU R 795 63.78 -11.79 -0.45
CA LEU R 795 63.79 -13.22 -0.74
C LEU R 795 64.66 -13.99 0.25
N SER R 796 65.82 -13.43 0.60
CA SER R 796 66.76 -14.16 1.44
C SER R 796 66.26 -14.39 2.86
N ARG R 797 65.33 -13.56 3.34
CA ARG R 797 64.82 -13.75 4.70
C ARG R 797 63.95 -14.99 4.81
N HIS R 798 63.43 -15.51 3.69
CA HIS R 798 62.66 -16.75 3.65
C HIS R 798 63.48 -17.80 2.92
N PRO R 799 64.33 -18.54 3.62
CA PRO R 799 65.12 -19.58 2.96
C PRO R 799 64.24 -20.74 2.51
N ILE R 800 64.71 -21.43 1.47
CA ILE R 800 63.96 -22.54 0.92
C ILE R 800 64.29 -23.86 1.61
N VAL R 801 65.56 -24.07 1.95
CA VAL R 801 65.99 -25.31 2.59
C VAL R 801 66.18 -25.15 4.10
N GLY R 802 66.02 -23.96 4.65
CA GLY R 802 66.32 -23.74 6.05
C GLY R 802 65.14 -24.05 6.96
N LYS R 803 65.48 -24.47 8.18
CA LYS R 803 64.48 -24.66 9.24
C LYS R 803 65.21 -24.58 10.57
N GLU R 804 64.66 -23.78 11.50
CA GLU R 804 65.32 -23.56 12.78
C GLU R 804 65.03 -24.72 13.73
N ARG R 805 66.07 -25.18 14.42
CA ARG R 805 65.94 -26.23 15.44
C ARG R 805 66.89 -25.89 16.58
N ALA R 806 66.33 -25.72 17.77
CA ALA R 806 67.13 -25.35 18.94
C ALA R 806 67.73 -26.58 19.61
N ASN R 807 66.88 -27.51 20.04
CA ASN R 807 67.33 -28.71 20.72
C ASN R 807 67.82 -29.75 19.70
N SER R 808 68.20 -30.92 20.20
CA SER R 808 68.68 -32.02 19.36
C SER R 808 67.60 -33.06 19.12
N SER R 809 66.34 -32.65 19.09
CA SER R 809 65.24 -33.58 18.85
C SER R 809 65.22 -34.02 17.39
N ALA R 810 64.77 -35.24 17.16
CA ALA R 810 64.67 -35.78 15.82
C ALA R 810 63.53 -35.12 15.05
N GLU R 811 63.61 -35.17 13.73
CA GLU R 811 62.64 -34.53 12.87
C GLU R 811 61.35 -35.36 12.79
N GLU R 812 60.27 -34.68 12.43
CA GLU R 812 58.96 -35.31 12.32
C GLU R 812 58.89 -36.21 11.07
N PRO R 813 57.90 -37.12 11.02
CA PRO R 813 57.81 -38.03 9.87
C PRO R 813 57.48 -37.35 8.54
N TRP R 814 57.33 -38.18 7.51
CA TRP R 814 57.24 -37.70 6.13
C TRP R 814 56.05 -36.79 5.82
N PRO R 815 54.83 -37.04 6.31
CA PRO R 815 53.75 -36.07 6.05
C PRO R 815 54.07 -34.67 6.55
N ALA R 816 54.88 -34.56 7.60
CA ALA R 816 55.33 -33.24 8.04
C ALA R 816 56.16 -32.55 6.97
N ILE R 817 57.07 -33.30 6.32
CA ILE R 817 57.85 -32.66 5.27
C ILE R 817 56.97 -32.34 4.06
N LEU R 818 55.90 -33.11 3.85
CA LEU R 818 54.92 -32.72 2.84
C LEU R 818 54.31 -31.36 3.15
N ASP R 819 53.88 -31.17 4.40
CA ASP R 819 53.35 -29.88 4.83
C ASP R 819 54.39 -28.78 4.66
N GLN R 820 55.65 -29.09 4.97
CA GLN R 820 56.70 -28.09 4.84
C GLN R 820 56.93 -27.69 3.38
N ILE R 821 56.87 -28.66 2.47
CA ILE R 821 57.00 -28.34 1.04
C ILE R 821 55.83 -27.47 0.59
N MET R 822 54.62 -27.77 1.05
CA MET R 822 53.49 -26.91 0.71
C MET R 822 53.68 -25.50 1.24
N GLY R 823 54.22 -25.39 2.47
CA GLY R 823 54.52 -24.07 3.01
C GLY R 823 55.57 -23.33 2.21
N ILE R 824 56.58 -24.06 1.73
CA ILE R 824 57.60 -23.46 0.87
C ILE R 824 56.96 -22.92 -0.40
N PHE R 825 56.06 -23.69 -1.00
CA PHE R 825 55.39 -23.22 -2.21
C PHE R 825 54.57 -21.96 -1.93
N PHE R 826 53.85 -21.93 -0.81
CA PHE R 826 53.06 -20.75 -0.48
C PHE R 826 53.95 -19.54 -0.23
N ASN R 827 55.08 -19.74 0.45
CA ASN R 827 56.02 -18.65 0.68
C ASN R 827 56.57 -18.12 -0.63
N GLY R 828 56.86 -19.01 -1.57
CA GLY R 828 57.26 -18.57 -2.90
C GLY R 828 56.17 -17.79 -3.60
N VAL R 829 54.90 -18.20 -3.39
CA VAL R 829 53.79 -17.46 -3.96
C VAL R 829 53.75 -16.03 -3.43
N HIS R 830 53.86 -15.87 -2.11
CA HIS R 830 53.77 -14.53 -1.53
C HIS R 830 54.94 -13.65 -1.94
N ASP R 831 56.10 -14.24 -2.25
CA ASP R 831 57.28 -13.46 -2.57
C ASP R 831 57.37 -13.08 -4.04
N GLY R 832 56.48 -13.57 -4.89
CA GLY R 832 56.45 -13.16 -6.28
C GLY R 832 57.63 -13.66 -7.11
N LEU R 833 57.70 -14.97 -7.33
CA LEU R 833 58.72 -15.56 -8.16
C LEU R 833 58.25 -15.63 -9.61
N GLN R 834 59.08 -16.19 -10.49
CA GLN R 834 58.66 -16.45 -11.86
C GLN R 834 57.67 -17.60 -11.86
N TRP R 835 56.42 -17.31 -12.24
CA TRP R 835 55.32 -18.19 -11.92
C TRP R 835 55.44 -19.55 -12.60
N GLN R 836 55.79 -19.55 -13.89
CA GLN R 836 55.89 -20.83 -14.60
C GLN R 836 57.03 -21.68 -14.05
N ARG R 837 58.22 -21.09 -13.90
CA ARG R 837 59.36 -21.82 -13.37
C ARG R 837 59.13 -22.26 -11.94
N TRP R 838 58.53 -21.39 -11.13
CA TRP R 838 58.26 -21.75 -9.73
C TRP R 838 57.25 -22.88 -9.64
N ILE R 839 56.22 -22.87 -10.48
CA ILE R 839 55.25 -23.96 -10.49
C ILE R 839 55.93 -25.25 -10.89
N ARG R 840 56.78 -25.21 -11.91
CA ARG R 840 57.48 -26.42 -12.35
C ARG R 840 58.38 -26.98 -11.25
N TYR R 841 59.13 -26.10 -10.57
CA TYR R 841 60.02 -26.56 -9.52
C TYR R 841 59.23 -27.08 -8.31
N SER R 842 58.10 -26.45 -8.00
CA SER R 842 57.26 -26.93 -6.92
C SER R 842 56.72 -28.32 -7.23
N TRP R 843 56.31 -28.55 -8.49
CA TRP R 843 55.89 -29.88 -8.89
C TRP R 843 57.05 -30.88 -8.81
N ALA R 844 58.26 -30.44 -9.14
CA ALA R 844 59.42 -31.32 -9.03
C ALA R 844 59.64 -31.77 -7.60
N LEU R 845 59.63 -30.82 -6.65
CA LEU R 845 59.76 -31.17 -5.24
C LEU R 845 58.61 -32.07 -4.80
N CYS R 846 57.39 -31.73 -5.23
CA CYS R 846 56.21 -32.54 -4.95
C CYS R 846 56.44 -34.00 -5.33
N CYS R 847 56.90 -34.24 -6.56
CA CYS R 847 57.17 -35.60 -6.99
C CYS R 847 58.30 -36.22 -6.21
N ALA R 848 59.33 -35.44 -5.90
CA ALA R 848 60.51 -35.99 -5.21
C ALA R 848 60.16 -36.51 -3.83
N PHE R 849 59.33 -35.78 -3.08
CA PHE R 849 59.06 -36.11 -1.69
C PHE R 849 57.74 -36.85 -1.51
N SER R 850 57.23 -37.50 -2.55
CA SER R 850 55.89 -38.08 -2.53
C SER R 850 55.86 -39.55 -2.16
N ARG R 851 57.01 -40.19 -1.95
CA ARG R 851 57.05 -41.64 -1.75
C ARG R 851 57.89 -41.97 -0.52
N GLN R 852 57.40 -42.91 0.28
CA GLN R 852 58.08 -43.33 1.50
C GLN R 852 57.77 -44.79 1.78
N ARG R 853 58.80 -45.55 2.15
CA ARG R 853 58.64 -46.96 2.45
C ARG R 853 58.41 -47.17 3.95
N THR R 854 58.04 -48.39 4.31
CA THR R 854 57.80 -48.75 5.70
C THR R 854 58.57 -50.01 6.09
N GLY R 861 56.60 -52.73 2.05
CA GLY R 861 55.54 -51.89 1.53
C GLY R 861 55.97 -50.49 1.21
N TYR R 862 55.20 -49.78 0.40
CA TYR R 862 55.52 -48.42 0.04
C TYR R 862 54.23 -47.64 0.07
N LEU R 863 54.31 -46.35 0.32
CA LEU R 863 53.14 -45.52 0.40
C LEU R 863 53.32 -44.38 -0.58
N GLN R 864 52.29 -44.05 -1.35
CA GLN R 864 52.41 -42.95 -2.29
C GLN R 864 51.20 -42.06 -2.27
N TYR R 865 51.38 -40.80 -2.61
CA TYR R 865 50.29 -39.87 -2.62
C TYR R 865 50.05 -39.55 -4.06
N PRO R 866 48.84 -39.78 -4.54
CA PRO R 866 48.55 -39.54 -5.93
C PRO R 866 48.56 -38.06 -6.18
N MET R 867 48.98 -37.60 -7.34
CA MET R 867 49.08 -36.17 -7.59
C MET R 867 47.88 -35.37 -7.16
N TRP R 868 46.69 -35.88 -7.38
CA TRP R 868 45.44 -35.18 -7.13
C TRP R 868 45.32 -34.73 -5.68
N SER R 869 45.90 -35.48 -4.75
CA SER R 869 45.94 -35.02 -3.36
C SER R 869 46.71 -33.71 -3.24
N PHE R 870 47.86 -33.62 -3.90
CA PHE R 870 48.64 -32.39 -3.88
C PHE R 870 47.93 -31.25 -4.57
N VAL R 871 47.18 -31.55 -5.63
CA VAL R 871 46.34 -30.52 -6.26
C VAL R 871 45.29 -30.02 -5.28
N TYR R 872 44.65 -30.94 -4.55
CA TYR R 872 43.70 -30.56 -3.52
C TYR R 872 44.35 -29.71 -2.43
N TRP R 873 45.65 -29.93 -2.18
CA TRP R 873 46.35 -29.12 -1.19
C TRP R 873 46.61 -27.70 -1.66
N GLY R 874 46.34 -27.38 -2.92
CA GLY R 874 46.45 -26.01 -3.42
C GLY R 874 47.49 -25.79 -4.50
N LEU R 875 48.26 -26.79 -4.89
CA LEU R 875 49.25 -26.62 -5.93
C LEU R 875 48.58 -26.65 -7.30
N PRO R 876 48.71 -25.61 -8.11
CA PRO R 876 48.06 -25.62 -9.43
C PRO R 876 48.69 -26.64 -10.36
N LEU R 877 47.91 -27.03 -11.36
CA LEU R 877 48.29 -28.05 -12.32
C LEU R 877 48.40 -27.43 -13.72
N VAL R 878 49.29 -28.00 -14.53
CA VAL R 878 49.72 -27.35 -15.76
C VAL R 878 48.80 -27.67 -16.93
N LYS R 879 48.71 -28.95 -17.30
CA LYS R 879 48.03 -29.33 -18.53
C LYS R 879 47.53 -30.76 -18.40
N VAL R 880 46.21 -30.94 -18.36
CA VAL R 880 45.60 -32.25 -18.26
C VAL R 880 44.47 -32.35 -19.28
N PHE R 881 44.14 -33.61 -19.62
CA PHE R 881 43.02 -33.95 -20.49
C PHE R 881 43.15 -33.37 -21.89
N GLY R 882 44.37 -33.00 -22.30
CA GLY R 882 44.57 -32.43 -23.61
C GLY R 882 44.16 -30.98 -23.75
N SER R 883 44.08 -30.25 -22.66
CA SER R 883 43.71 -28.84 -22.70
C SER R 883 44.95 -28.00 -23.05
N ASP R 884 44.82 -26.68 -22.95
CA ASP R 884 45.94 -25.81 -23.25
C ASP R 884 46.89 -25.73 -22.05
N PRO R 885 48.19 -25.87 -22.27
CA PRO R 885 49.14 -25.81 -21.16
C PRO R 885 49.20 -24.42 -20.54
N TRP R 886 49.52 -24.39 -19.25
CA TRP R 886 49.62 -23.15 -18.48
C TRP R 886 48.31 -22.36 -18.55
N ILE R 887 47.24 -23.00 -18.08
CA ILE R 887 45.90 -22.45 -18.17
C ILE R 887 45.33 -22.08 -16.81
N PHE R 888 45.86 -22.62 -15.72
CA PHE R 888 45.38 -22.35 -14.37
C PHE R 888 46.41 -21.56 -13.59
N SER R 889 45.94 -20.58 -12.84
CA SER R 889 46.79 -19.81 -11.94
C SER R 889 46.71 -20.40 -10.53
N TRP R 890 47.64 -19.87 -9.72
CA TRP R 890 47.79 -20.33 -8.35
C TRP R 890 47.00 -19.52 -7.40
N TYR R 891 46.01 -18.83 -7.89
CA TYR R 891 45.18 -18.11 -7.00
C TYR R 891 44.08 -19.07 -6.75
N MET R 892 44.27 -20.31 -7.16
CA MET R 892 43.24 -21.31 -7.00
C MET R 892 42.95 -21.41 -5.54
N PRO R 893 41.66 -21.43 -5.21
CA PRO R 893 41.39 -21.62 -3.81
C PRO R 893 41.81 -22.99 -3.39
N THR R 894 42.39 -23.14 -2.21
CA THR R 894 42.75 -24.44 -1.71
C THR R 894 41.49 -25.11 -1.26
N GLY R 895 41.45 -26.42 -1.26
CA GLY R 895 40.29 -27.09 -0.76
C GLY R 895 39.20 -27.38 -1.74
N ASP R 896 37.99 -27.63 -1.26
CA ASP R 896 36.89 -28.00 -2.12
C ASP R 896 36.55 -26.96 -3.13
N LEU R 897 36.60 -25.69 -2.76
CA LEU R 897 36.21 -24.66 -3.68
C LEU R 897 37.16 -24.79 -4.83
N GLY R 898 38.41 -25.07 -4.53
CA GLY R 898 39.40 -25.15 -5.56
C GLY R 898 39.16 -26.25 -6.55
N MET R 899 38.77 -27.41 -6.08
CA MET R 899 38.46 -28.46 -7.00
C MET R 899 37.31 -28.03 -7.88
N TYR R 900 36.30 -27.39 -7.32
CA TYR R 900 35.15 -27.05 -8.13
C TYR R 900 35.57 -26.10 -9.18
N SER R 901 36.38 -25.15 -8.80
CA SER R 901 36.73 -24.08 -9.73
C SER R 901 37.37 -24.65 -10.99
N TRP R 902 38.41 -25.47 -10.84
CA TRP R 902 39.10 -25.95 -12.03
C TRP R 902 38.26 -26.98 -12.77
N ILE R 903 37.51 -27.81 -12.04
CA ILE R 903 36.67 -28.81 -12.69
C ILE R 903 35.57 -28.14 -13.51
N SER R 904 34.94 -27.11 -12.95
CA SER R 904 33.91 -26.39 -13.70
C SER R 904 34.52 -25.57 -14.84
N LEU R 905 35.76 -25.13 -14.69
CA LEU R 905 36.43 -24.44 -15.79
C LEU R 905 36.66 -25.38 -16.98
N ILE R 906 37.03 -26.62 -16.72
CA ILE R 906 37.48 -27.53 -17.78
C ILE R 906 36.50 -28.68 -18.00
N ARG R 907 35.29 -28.60 -17.46
CA ARG R 907 34.33 -29.71 -17.58
C ARG R 907 33.95 -30.08 -19.01
N PRO R 908 33.55 -29.16 -19.88
CA PRO R 908 33.09 -29.59 -21.22
C PRO R 908 34.19 -30.25 -22.04
N LEU R 909 35.46 -30.01 -21.70
CA LEU R 909 36.56 -30.74 -22.31
C LEU R 909 36.86 -32.03 -21.57
N MET R 910 36.64 -32.07 -20.25
CA MET R 910 36.83 -33.31 -19.50
C MET R 910 35.88 -34.39 -20.00
N THR R 911 34.61 -34.04 -20.22
CA THR R 911 33.65 -35.02 -20.70
C THR R 911 34.06 -35.57 -22.07
N ARG R 912 34.50 -34.68 -22.96
CA ARG R 912 34.93 -35.11 -24.29
C ARG R 912 36.13 -36.04 -24.19
N TRP R 913 37.11 -35.71 -23.34
CA TRP R 913 38.28 -36.56 -23.17
C TRP R 913 37.88 -37.93 -22.61
N MET R 914 36.97 -37.95 -21.64
CA MET R 914 36.54 -39.21 -21.05
C MET R 914 35.85 -40.08 -22.09
N VAL R 915 34.93 -39.50 -22.87
CA VAL R 915 34.20 -40.29 -23.84
C VAL R 915 35.12 -40.78 -24.95
N ALA R 916 36.14 -39.99 -25.31
CA ALA R 916 36.98 -40.34 -26.45
C ALA R 916 37.73 -41.66 -26.25
N ASN R 917 37.90 -42.12 -25.00
CA ASN R 917 38.64 -43.37 -24.74
C ASN R 917 37.94 -44.22 -23.68
N GLY R 918 37.02 -45.07 -24.15
CA GLY R 918 36.54 -46.20 -23.36
C GLY R 918 35.78 -45.88 -22.10
N TYR R 919 35.25 -44.67 -21.96
CA TYR R 919 34.46 -44.29 -20.79
C TYR R 919 33.11 -43.78 -21.27
N VAL R 920 32.17 -44.71 -21.47
CA VAL R 920 30.82 -44.40 -21.93
C VAL R 920 29.83 -45.15 -21.06
N THR R 921 28.79 -44.45 -20.60
CA THR R 921 27.73 -45.05 -19.79
C THR R 921 26.39 -44.56 -20.32
N ASP R 922 25.44 -45.49 -20.43
CA ASP R 922 24.11 -45.14 -20.96
C ASP R 922 23.40 -44.13 -20.07
N LYS R 923 23.63 -44.19 -18.75
CA LYS R 923 23.02 -43.23 -17.84
C LYS R 923 23.54 -41.83 -18.14
N CYS R 924 22.65 -40.85 -18.00
CA CYS R 924 22.98 -39.45 -18.23
C CYS R 924 23.11 -38.73 -16.89
N SER R 925 24.21 -38.01 -16.72
CA SER R 925 24.46 -37.28 -15.49
C SER R 925 24.29 -35.78 -15.71
N PRO R 926 23.69 -35.07 -14.75
CA PRO R 926 23.49 -33.63 -14.93
C PRO R 926 24.79 -32.84 -14.99
N VAL R 927 25.88 -33.39 -14.49
CA VAL R 927 27.16 -32.69 -14.46
C VAL R 927 28.05 -33.11 -15.63
N PHE R 928 28.27 -34.41 -15.80
CA PHE R 928 29.20 -34.91 -16.80
C PHE R 928 28.54 -35.52 -18.02
N GLY R 929 27.24 -35.80 -17.97
CA GLY R 929 26.56 -36.30 -19.14
C GLY R 929 26.56 -37.81 -19.25
N ASN R 930 27.02 -38.32 -20.40
CA ASN R 930 27.05 -39.75 -20.67
C ASN R 930 28.44 -40.35 -20.54
N ALA R 931 29.32 -39.68 -19.79
CA ALA R 931 30.68 -40.15 -19.57
C ALA R 931 30.76 -40.83 -18.21
N ASP R 932 31.37 -42.02 -18.18
CA ASP R 932 31.49 -42.79 -16.95
C ASP R 932 32.58 -42.14 -16.11
N TYR R 933 32.22 -41.05 -15.45
CA TYR R 933 33.18 -40.33 -14.61
C TYR R 933 33.57 -41.14 -13.39
N ARG R 934 32.70 -42.05 -12.95
CA ARG R 934 33.00 -42.86 -11.77
C ARG R 934 34.21 -43.76 -12.02
N LYS R 935 34.14 -44.58 -13.07
CA LYS R 935 35.23 -45.50 -13.38
C LYS R 935 36.50 -44.75 -13.75
N CYS R 936 36.37 -43.67 -14.51
CA CYS R 936 37.54 -42.89 -14.90
C CYS R 936 38.23 -42.29 -13.68
N PHE R 937 37.47 -41.67 -12.79
CA PHE R 937 38.05 -41.08 -11.59
C PHE R 937 38.66 -42.14 -10.68
N ASN R 938 38.02 -43.31 -10.57
CA ASN R 938 38.59 -44.37 -9.76
C ASN R 938 39.89 -44.89 -10.35
N GLU R 939 39.96 -45.01 -11.69
CA GLU R 939 41.20 -45.45 -12.32
C GLU R 939 42.28 -44.38 -12.24
N LEU R 940 41.90 -43.11 -12.40
CA LEU R 940 42.86 -42.02 -12.34
C LEU R 940 43.35 -41.72 -10.93
N LYS R 941 42.79 -42.39 -9.92
CA LYS R 941 43.09 -42.20 -8.50
C LYS R 941 42.68 -40.81 -8.03
N LEU R 942 41.81 -40.12 -8.76
CA LEU R 942 41.41 -38.78 -8.36
C LEU R 942 40.60 -38.80 -7.07
N TYR R 943 39.66 -39.73 -6.97
CA TYR R 943 38.95 -39.93 -5.70
C TYR R 943 39.92 -40.33 -4.59
N GLN R 944 40.84 -41.23 -4.89
CA GLN R 944 41.77 -41.69 -3.86
C GLN R 944 42.63 -40.55 -3.34
N GLY R 945 43.17 -39.74 -4.24
CA GLY R 945 43.96 -38.59 -3.81
C GLY R 945 43.14 -37.56 -3.07
N TYR R 946 41.93 -37.28 -3.57
CA TYR R 946 41.07 -36.29 -2.94
C TYR R 946 40.73 -36.70 -1.51
N TYR R 947 40.43 -37.97 -1.30
CA TYR R 947 40.07 -38.43 0.04
C TYR R 947 41.30 -38.56 0.94
N MET R 948 42.43 -39.01 0.38
CA MET R 948 43.63 -39.18 1.19
C MET R 948 44.19 -37.84 1.64
N ALA R 949 44.00 -36.79 0.85
CA ALA R 949 44.52 -35.48 1.24
C ALA R 949 43.83 -34.96 2.49
N GLN R 950 42.64 -35.50 2.82
CA GLN R 950 41.91 -35.02 3.98
C GLN R 950 42.35 -35.72 5.26
N LEU R 951 43.05 -36.84 5.15
CA LEU R 951 43.48 -37.56 6.34
C LEU R 951 44.54 -36.75 7.10
N PRO R 952 44.57 -36.87 8.42
CA PRO R 952 45.57 -36.14 9.21
C PRO R 952 46.98 -36.57 8.85
N ARG R 953 47.91 -35.61 8.89
CA ARG R 953 49.31 -35.84 8.55
C ARG R 953 50.19 -35.96 9.77
N ASN R 954 49.62 -36.16 10.95
CA ASN R 954 50.36 -36.42 12.17
C ASN R 954 49.82 -37.68 12.82
N PRO R 955 50.66 -38.42 13.55
CA PRO R 955 50.18 -39.62 14.22
C PRO R 955 49.08 -39.30 15.21
N LYS R 956 48.08 -40.18 15.28
CA LYS R 956 46.94 -39.98 16.17
C LYS R 956 47.32 -40.52 17.56
N LYS R 957 48.35 -39.90 18.13
CA LYS R 957 48.75 -40.22 19.49
C LYS R 957 47.74 -39.68 20.51
N SER R 958 46.87 -38.76 20.09
CA SER R 958 45.74 -38.38 20.91
C SER R 958 44.75 -39.54 20.97
N GLY R 959 44.09 -39.69 22.11
CA GLY R 959 43.18 -40.81 22.33
C GLY R 959 43.84 -42.09 22.79
N ARG R 960 45.12 -42.05 23.12
CA ARG R 960 45.82 -43.23 23.62
C ARG R 960 45.23 -43.66 24.97
N ALA R 961 45.31 -44.97 25.23
CA ALA R 961 44.64 -45.54 26.40
C ALA R 961 45.13 -44.92 27.69
N ALA R 962 44.21 -44.65 28.60
CA ALA R 962 44.49 -44.06 29.89
C ALA R 962 43.69 -44.76 30.97
N PRO R 963 44.31 -45.08 32.11
CA PRO R 963 43.56 -45.70 33.21
C PRO R 963 42.45 -44.78 33.70
N ARG R 964 41.32 -45.37 34.06
CA ARG R 964 40.15 -44.58 34.40
C ARG R 964 40.25 -44.02 35.83
N GLU R 965 39.41 -43.01 36.07
CA GLU R 965 39.29 -42.24 37.30
C GLU R 965 40.49 -41.31 37.48
N VAL R 966 41.57 -41.58 36.75
CA VAL R 966 42.71 -40.67 36.78
C VAL R 966 42.49 -39.53 35.79
N ARG R 967 42.13 -39.88 34.56
CA ARG R 967 41.62 -38.87 33.62
C ARG R 967 40.42 -38.14 34.20
N GLU R 968 39.63 -38.83 35.04
CA GLU R 968 38.45 -38.20 35.62
C GLU R 968 38.84 -37.12 36.63
N GLN R 969 39.77 -37.42 37.55
CA GLN R 969 40.19 -36.40 38.49
C GLN R 969 40.96 -35.30 37.78
N PHE R 970 41.69 -35.64 36.71
CA PHE R 970 42.35 -34.63 35.90
C PHE R 970 41.33 -33.64 35.32
N THR R 971 40.30 -34.16 34.65
CA THR R 971 39.28 -33.31 34.05
C THR R 971 38.54 -32.52 35.10
N GLN R 972 38.28 -33.12 36.26
CA GLN R 972 37.67 -32.39 37.36
C GLN R 972 38.55 -31.24 37.81
N ALA R 973 39.86 -31.45 37.87
CA ALA R 973 40.78 -30.38 38.25
C ALA R 973 40.72 -29.23 37.26
N LEU R 974 40.73 -29.53 35.96
CA LEU R 974 40.62 -28.43 34.98
C LEU R 974 39.27 -27.74 35.09
N SER R 975 38.20 -28.50 35.33
CA SER R 975 36.88 -27.90 35.46
C SER R 975 36.82 -26.95 36.65
N ASP R 976 37.39 -27.35 37.78
CA ASP R 976 37.44 -26.47 38.94
C ASP R 976 38.29 -25.24 38.66
N TYR R 977 39.42 -25.40 37.99
CA TYR R 977 40.27 -24.25 37.67
C TYR R 977 39.55 -23.26 36.78
N LEU R 978 38.85 -23.76 35.74
CA LEU R 978 38.25 -22.87 34.76
C LEU R 978 37.17 -21.99 35.37
N MET R 979 36.35 -22.56 36.26
CA MET R 979 35.13 -21.91 36.74
C MET R 979 35.19 -21.80 38.26
N GLN R 980 35.79 -20.70 38.75
CA GLN R 980 35.83 -20.48 40.19
C GLN R 980 34.65 -19.63 40.65
N ASN R 981 34.15 -18.75 39.79
CA ASN R 981 33.01 -17.93 40.15
C ASN R 981 31.71 -18.71 39.95
N PRO R 982 30.89 -18.84 40.99
CA PRO R 982 29.66 -19.65 40.86
C PRO R 982 28.69 -19.16 39.81
N GLU R 983 28.61 -17.85 39.59
CA GLU R 983 27.58 -17.30 38.69
C GLU R 983 27.81 -17.75 37.25
N LEU R 984 29.08 -17.84 36.83
CA LEU R 984 29.36 -18.31 35.48
C LEU R 984 28.94 -19.77 35.31
N LYS R 985 29.19 -20.59 36.35
CA LYS R 985 28.73 -21.97 36.32
C LYS R 985 27.21 -22.04 36.25
N SER R 986 26.53 -21.15 36.97
CA SER R 986 25.07 -21.10 36.90
C SER R 986 24.61 -20.76 35.48
N ARG R 987 25.30 -19.81 34.83
CA ARG R 987 24.97 -19.48 33.46
C ARG R 987 25.14 -20.69 32.55
N VAL R 988 26.23 -21.44 32.72
CA VAL R 988 26.47 -22.60 31.86
C VAL R 988 25.41 -23.67 32.09
N LEU R 989 25.06 -23.91 33.36
CA LEU R 989 24.03 -24.91 33.65
C LEU R 989 22.69 -24.51 33.05
N ARG R 990 22.32 -23.22 33.17
CA ARG R 990 21.11 -22.76 32.51
C ARG R 990 21.18 -23.01 31.01
N GLY R 991 22.26 -22.54 30.37
CA GLY R 991 22.39 -22.74 28.94
C GLY R 991 22.21 -24.17 28.52
N ARG R 992 22.78 -25.11 29.29
CA ARG R 992 22.55 -26.52 29.01
C ARG R 992 21.07 -26.89 29.19
N SER R 993 20.42 -26.32 30.20
CA SER R 993 19.01 -26.67 30.44
C SER R 993 18.13 -26.26 29.26
N GLU R 994 18.19 -25.00 28.85
CA GLU R 994 17.39 -24.58 27.70
C GLU R 994 17.93 -25.16 26.39
N TRP R 995 19.18 -25.62 26.36
CA TRP R 995 19.65 -26.33 25.17
C TRP R 995 18.99 -27.70 25.05
N GLU R 996 18.90 -28.43 26.16
CA GLU R 996 18.17 -29.69 26.14
C GLU R 996 16.70 -29.45 25.85
N LYS R 997 16.15 -28.35 26.36
CA LYS R 997 14.74 -28.04 26.11
C LYS R 997 14.48 -27.74 24.64
N TYR R 998 15.36 -26.97 24.00
CA TYR R 998 15.09 -26.44 22.67
C TYR R 998 16.04 -26.96 21.59
N GLY R 999 17.31 -27.18 21.93
CA GLY R 999 18.26 -27.60 20.91
C GLY R 999 17.89 -28.93 20.28
N ALA R 1000 17.60 -29.93 21.11
CA ALA R 1000 17.09 -31.22 20.67
C ALA R 1000 17.99 -31.86 19.61
N GLY R 1001 19.29 -31.60 19.72
CA GLY R 1001 20.24 -32.18 18.78
C GLY R 1001 20.11 -31.72 17.35
N ILE R 1002 19.60 -30.52 17.11
CA ILE R 1002 19.55 -29.99 15.74
C ILE R 1002 20.96 -29.86 15.19
N ILE R 1003 21.88 -29.34 15.99
CA ILE R 1003 23.30 -29.35 15.68
C ILE R 1003 23.96 -30.39 16.59
N HIS R 1004 24.88 -31.16 16.02
CA HIS R 1004 25.37 -32.34 16.73
C HIS R 1004 26.24 -31.99 17.92
N ASN R 1005 27.20 -31.08 17.73
CA ASN R 1005 28.20 -30.75 18.75
C ASN R 1005 28.22 -29.25 19.01
N PRO R 1006 27.30 -28.75 19.83
CA PRO R 1006 27.34 -27.34 20.22
C PRO R 1006 28.47 -27.08 21.19
N PRO R 1007 29.29 -26.06 20.92
CA PRO R 1007 30.37 -25.74 21.86
C PRO R 1007 29.82 -25.28 23.20
N SER R 1008 30.54 -25.61 24.26
CA SER R 1008 30.12 -25.27 25.61
C SER R 1008 31.35 -25.18 26.50
N LEU R 1009 31.18 -24.58 27.68
CA LEU R 1009 32.32 -24.37 28.57
C LEU R 1009 32.74 -25.66 29.28
N PHE R 1010 31.84 -26.66 29.35
CA PHE R 1010 32.21 -27.90 30.02
C PHE R 1010 33.15 -28.75 29.18
N ASP R 1011 33.13 -28.60 27.86
CA ASP R 1011 34.02 -29.38 27.00
C ASP R 1011 35.40 -28.77 26.86
N VAL R 1012 35.65 -27.60 27.45
CA VAL R 1012 37.00 -27.03 27.44
C VAL R 1012 38.01 -27.92 28.14
N PRO R 1013 37.73 -28.49 29.32
CA PRO R 1013 38.72 -29.43 29.90
C PRO R 1013 39.07 -30.60 28.99
N HIS R 1014 38.09 -31.14 28.27
CA HIS R 1014 38.38 -32.24 27.36
C HIS R 1014 39.33 -31.81 26.24
N LYS R 1015 39.07 -30.65 25.65
CA LYS R 1015 39.95 -30.15 24.60
C LYS R 1015 41.34 -29.86 25.13
N TRP R 1016 41.43 -29.31 26.34
CA TRP R 1016 42.74 -29.06 26.96
C TRP R 1016 43.48 -30.36 27.21
N TYR R 1017 42.78 -31.39 27.67
CA TYR R 1017 43.42 -32.69 27.89
C TYR R 1017 43.93 -33.27 26.57
N GLN R 1018 43.13 -33.19 25.51
CA GLN R 1018 43.57 -33.68 24.21
C GLN R 1018 44.79 -32.92 23.72
N GLY R 1019 44.79 -31.59 23.86
CA GLY R 1019 45.92 -30.80 23.42
C GLY R 1019 47.18 -31.10 24.22
N ALA R 1020 47.03 -31.28 25.54
CA ALA R 1020 48.19 -31.57 26.38
C ALA R 1020 48.75 -32.96 26.08
N GLN R 1021 47.86 -33.92 25.79
CA GLN R 1021 48.33 -35.24 25.39
C GLN R 1021 48.96 -35.21 24.01
N GLU R 1022 48.52 -34.26 23.16
CA GLU R 1022 49.02 -34.21 21.79
C GLU R 1022 50.51 -33.88 21.74
N ALA R 1023 50.96 -32.94 22.58
CA ALA R 1023 52.36 -32.54 22.62
C ALA R 1023 53.18 -33.61 23.35
N ALA R 1024 53.41 -34.71 22.65
CA ALA R 1024 54.17 -35.82 23.21
C ALA R 1024 54.72 -36.66 22.06
N THR R 1025 55.71 -37.48 22.39
CA THR R 1025 56.28 -38.39 21.41
C THR R 1025 55.34 -39.57 21.15
N ALA R 1026 55.25 -39.96 19.88
CA ALA R 1026 54.35 -41.02 19.46
C ALA R 1026 55.09 -42.34 19.35
N THR R 1027 54.50 -43.39 19.91
CA THR R 1027 55.10 -44.71 19.84
C THR R 1027 55.03 -45.26 18.41
N ARG R 1028 55.72 -46.39 18.20
CA ARG R 1028 55.76 -47.00 16.88
C ARG R 1028 54.38 -47.46 16.44
N GLU R 1029 53.53 -47.85 17.40
CA GLU R 1029 52.20 -48.33 17.06
C GLU R 1029 51.34 -47.22 16.47
N GLU R 1030 51.51 -45.99 16.96
CA GLU R 1030 50.75 -44.86 16.40
C GLU R 1030 51.13 -44.62 14.94
N LEU R 1031 52.43 -44.65 14.64
CA LEU R 1031 52.86 -44.50 13.25
C LEU R 1031 52.37 -45.66 12.40
N ALA R 1032 52.38 -46.87 12.95
CA ALA R 1032 51.85 -48.02 12.21
C ALA R 1032 50.38 -47.83 11.89
N GLU R 1033 49.61 -47.33 12.87
CA GLU R 1033 48.19 -47.06 12.63
C GLU R 1033 48.01 -45.99 11.55
N MET R 1034 48.86 -44.96 11.57
CA MET R 1034 48.77 -43.92 10.55
C MET R 1034 49.04 -44.49 9.16
N ASP R 1035 50.09 -45.31 9.01
CA ASP R 1035 50.38 -45.89 7.71
C ASP R 1035 49.27 -46.85 7.28
N GLU R 1036 48.70 -47.61 8.21
CA GLU R 1036 47.57 -48.46 7.87
C GLU R 1036 46.39 -47.65 7.38
N THR R 1037 46.13 -46.50 8.03
CA THR R 1037 45.04 -45.65 7.58
C THR R 1037 45.27 -45.13 6.17
N LEU R 1038 46.50 -44.66 5.88
CA LEU R 1038 46.81 -44.21 4.53
C LEU R 1038 46.66 -45.34 3.51
N MET R 1039 47.16 -46.53 3.84
CA MET R 1039 47.05 -47.66 2.92
C MET R 1039 45.60 -48.03 2.66
N ARG R 1040 44.78 -48.06 3.72
CA ARG R 1040 43.37 -48.39 3.56
C ARG R 1040 42.66 -47.34 2.71
N ALA R 1041 42.97 -46.07 2.91
CA ALA R 1041 42.36 -45.02 2.10
C ALA R 1041 42.78 -45.14 0.64
N ARG R 1042 44.05 -45.47 0.39
CA ARG R 1042 44.51 -45.63 -0.99
C ARG R 1042 43.86 -46.82 -1.67
N LYS R 1043 43.71 -47.95 -0.96
CA LYS R 1043 43.22 -49.17 -1.58
C LYS R 1043 41.72 -49.09 -1.84
N HIS R 1044 40.99 -48.30 -1.06
CA HIS R 1044 39.55 -48.29 -1.15
C HIS R 1044 39.07 -47.64 -2.44
N SER R 1045 37.84 -47.94 -2.82
CA SER R 1045 37.18 -47.37 -3.99
C SER R 1045 36.00 -46.54 -3.52
N TYR R 1046 35.85 -45.34 -4.09
CA TYR R 1046 34.84 -44.38 -3.67
C TYR R 1046 33.84 -44.15 -4.80
N SER R 1047 32.56 -44.16 -4.47
CA SER R 1047 31.53 -44.02 -5.48
C SER R 1047 31.39 -42.57 -5.96
N SER R 1048 31.51 -41.61 -5.06
CA SER R 1048 31.25 -40.21 -5.40
C SER R 1048 32.05 -39.30 -4.48
N PHE R 1049 31.97 -38.01 -4.77
CA PHE R 1049 32.69 -36.98 -4.03
C PHE R 1049 32.00 -36.69 -2.71
N SER R 1050 32.49 -35.67 -2.01
CA SER R 1050 31.81 -35.16 -0.84
C SER R 1050 30.55 -34.40 -1.25
N LYS R 1051 29.65 -34.22 -0.29
CA LYS R 1051 28.37 -33.58 -0.58
C LYS R 1051 28.56 -32.14 -1.05
N LEU R 1052 29.47 -31.41 -0.43
CA LEU R 1052 29.70 -30.01 -0.81
C LEU R 1052 30.17 -29.89 -2.24
N LEU R 1053 31.09 -30.76 -2.67
CA LEU R 1053 31.61 -30.67 -4.03
C LEU R 1053 30.53 -31.00 -5.06
N GLU R 1054 29.74 -32.05 -4.80
CA GLU R 1054 28.65 -32.38 -5.70
C GLU R 1054 27.63 -31.26 -5.77
N ALA R 1055 27.35 -30.61 -4.65
CA ALA R 1055 26.44 -29.47 -4.66
C ALA R 1055 27.03 -28.31 -5.46
N TYR R 1056 28.33 -28.07 -5.34
CA TYR R 1056 28.97 -26.99 -6.08
C TYR R 1056 28.91 -27.24 -7.58
N LEU R 1057 29.16 -28.47 -8.02
CA LEU R 1057 29.16 -28.77 -9.44
C LEU R 1057 27.82 -28.55 -10.12
N LEU R 1058 26.74 -28.43 -9.35
CA LEU R 1058 25.43 -28.18 -9.95
C LEU R 1058 25.28 -26.75 -10.46
N VAL R 1059 26.23 -25.87 -10.17
CA VAL R 1059 26.14 -24.45 -10.54
C VAL R 1059 27.00 -24.20 -11.76
N LYS R 1060 26.44 -23.51 -12.75
CA LYS R 1060 27.14 -23.14 -13.97
C LYS R 1060 27.24 -21.63 -14.05
N TRP R 1061 28.34 -21.14 -14.63
CA TRP R 1061 28.60 -19.71 -14.72
C TRP R 1061 28.99 -19.34 -16.14
N ARG R 1062 29.10 -18.03 -16.38
CA ARG R 1062 29.45 -17.52 -17.70
C ARG R 1062 30.29 -16.26 -17.52
N MET R 1063 31.26 -16.08 -18.41
CA MET R 1063 32.26 -15.01 -18.32
C MET R 1063 32.21 -14.19 -19.59
N CYS R 1064 31.60 -13.00 -19.53
CA CYS R 1064 31.41 -12.19 -20.73
C CYS R 1064 32.51 -11.15 -20.93
N GLU R 1065 32.65 -10.22 -19.98
CA GLU R 1065 33.47 -9.04 -20.17
C GLU R 1065 34.47 -8.88 -19.02
N ALA R 1066 35.69 -8.48 -19.36
CA ALA R 1066 36.72 -8.26 -18.37
C ALA R 1066 36.48 -6.94 -17.63
N ARG R 1067 36.95 -6.89 -16.39
CA ARG R 1067 36.85 -5.67 -15.59
C ARG R 1067 37.72 -4.57 -16.19
N GLU R 1068 37.28 -3.33 -16.01
CA GLU R 1068 38.15 -2.20 -16.33
C GLU R 1068 39.28 -2.15 -15.31
N PRO R 1069 40.46 -1.66 -15.71
CA PRO R 1069 41.61 -1.66 -14.80
C PRO R 1069 41.33 -0.84 -13.55
N SER R 1070 41.88 -1.31 -12.43
CA SER R 1070 41.79 -0.59 -11.16
C SER R 1070 43.11 0.05 -10.74
N VAL R 1071 44.21 -0.27 -11.42
CA VAL R 1071 45.51 0.32 -11.17
C VAL R 1071 46.16 0.63 -12.50
N ASP R 1072 46.85 1.77 -12.57
CA ASP R 1072 47.57 2.12 -13.78
C ASP R 1072 48.62 1.05 -14.11
N LEU R 1073 48.71 0.70 -15.39
CA LEU R 1073 49.61 -0.36 -15.82
C LEU R 1073 51.08 0.03 -15.80
N ARG R 1074 51.38 1.32 -15.60
CA ARG R 1074 52.75 1.80 -15.55
C ARG R 1074 53.22 2.08 -14.11
N LEU R 1075 52.43 1.68 -13.12
CA LEU R 1075 52.76 1.98 -11.72
C LEU R 1075 53.30 0.74 -11.03
N PRO R 1076 54.58 0.70 -10.66
CA PRO R 1076 55.13 -0.46 -9.96
C PRO R 1076 54.67 -0.49 -8.51
N LEU R 1077 53.81 -1.46 -8.19
CA LEU R 1077 53.31 -1.60 -6.83
C LEU R 1077 54.15 -2.55 -5.99
N CYS R 1078 54.77 -3.55 -6.62
CA CYS R 1078 55.55 -4.54 -5.88
C CYS R 1078 56.61 -5.12 -6.81
N ALA R 1079 57.72 -5.55 -6.22
CA ALA R 1079 58.79 -6.14 -6.99
C ALA R 1079 58.43 -7.57 -7.42
N GLY R 1080 59.07 -8.02 -8.49
CA GLY R 1080 58.86 -9.37 -8.97
C GLY R 1080 57.67 -9.51 -9.90
N ILE R 1081 56.70 -8.63 -9.76
CA ILE R 1081 55.51 -8.63 -10.62
C ILE R 1081 55.68 -7.52 -11.65
N ASP R 1082 55.67 -7.90 -12.93
CA ASP R 1082 55.98 -7.03 -14.05
C ASP R 1082 55.57 -7.76 -15.33
N PRO R 1083 55.68 -7.14 -16.51
CA PRO R 1083 55.33 -7.87 -17.74
C PRO R 1083 56.06 -9.19 -17.91
N LEU R 1084 57.27 -9.34 -17.36
CA LEU R 1084 57.93 -10.64 -17.38
C LEU R 1084 57.18 -11.68 -16.54
N ASN R 1085 56.37 -11.24 -15.58
CA ASN R 1085 55.57 -12.13 -14.75
C ASN R 1085 54.10 -11.80 -15.07
N SER R 1086 53.58 -12.45 -16.11
CA SER R 1086 52.31 -12.05 -16.69
C SER R 1086 51.15 -12.24 -15.70
N ASP R 1087 51.04 -13.43 -15.12
CA ASP R 1087 49.86 -13.74 -14.31
C ASP R 1087 49.69 -12.81 -13.10
N PRO R 1088 50.68 -12.64 -12.22
CA PRO R 1088 50.45 -11.75 -11.06
C PRO R 1088 50.24 -10.30 -11.48
N PHE R 1089 50.95 -9.84 -12.50
CA PHE R 1089 50.79 -8.47 -12.97
C PHE R 1089 49.37 -8.22 -13.45
N LEU R 1090 48.86 -9.09 -14.32
CA LEU R 1090 47.50 -8.92 -14.81
C LEU R 1090 46.49 -9.06 -13.69
N LYS R 1091 46.69 -10.02 -12.78
CA LYS R 1091 45.75 -10.20 -11.69
C LYS R 1091 45.68 -8.96 -10.80
N MET R 1092 46.83 -8.40 -10.43
CA MET R 1092 46.82 -7.22 -9.56
C MET R 1092 46.28 -6.00 -10.30
N VAL R 1093 46.60 -5.85 -11.59
CA VAL R 1093 46.10 -4.69 -12.32
C VAL R 1093 44.60 -4.76 -12.49
N SER R 1094 44.07 -5.95 -12.76
CA SER R 1094 42.63 -6.08 -12.97
C SER R 1094 41.86 -5.99 -11.65
N VAL R 1095 42.37 -6.60 -10.59
CA VAL R 1095 41.67 -6.62 -9.31
C VAL R 1095 42.05 -5.41 -8.48
N GLY R 1096 43.33 -5.32 -8.13
CA GLY R 1096 43.81 -4.22 -7.31
C GLY R 1096 44.28 -4.69 -5.95
N PRO R 1097 45.28 -4.03 -5.40
CA PRO R 1097 45.75 -4.39 -4.05
C PRO R 1097 44.75 -3.96 -2.99
N MET R 1098 44.86 -4.59 -1.83
CA MET R 1098 44.02 -4.28 -0.69
C MET R 1098 44.62 -3.08 0.04
N LEU R 1099 43.88 -1.97 0.06
CA LEU R 1099 44.33 -0.74 0.70
C LEU R 1099 43.81 -0.59 2.12
N GLN R 1100 43.34 -1.68 2.73
CA GLN R 1100 42.89 -1.68 4.11
C GLN R 1100 43.52 -2.85 4.84
N SER R 1101 43.95 -2.62 6.09
CA SER R 1101 44.52 -3.70 6.88
C SER R 1101 43.50 -4.82 7.06
N THR R 1102 43.95 -6.05 6.79
CA THR R 1102 43.03 -7.18 6.79
C THR R 1102 42.53 -7.51 8.19
N ARG R 1103 43.31 -7.16 9.21
CA ARG R 1103 42.96 -7.54 10.58
C ARG R 1103 41.64 -6.94 11.02
N LYS R 1104 41.50 -5.62 10.88
CA LYS R 1104 40.26 -4.95 11.31
C LYS R 1104 39.08 -5.40 10.46
N TYR R 1105 39.27 -5.54 9.15
CA TYR R 1105 38.19 -5.93 8.26
C TYR R 1105 37.68 -7.33 8.60
N PHE R 1106 38.60 -8.24 8.94
CA PHE R 1106 38.19 -9.58 9.35
C PHE R 1106 37.58 -9.56 10.75
N ALA R 1107 38.04 -8.64 11.60
CA ALA R 1107 37.53 -8.56 12.97
C ALA R 1107 36.08 -8.08 12.99
N GLN R 1108 35.72 -7.15 12.10
CA GLN R 1108 34.37 -6.59 12.13
C GLN R 1108 33.30 -7.62 11.77
N THR R 1109 33.70 -8.76 11.21
CA THR R 1109 32.71 -9.76 10.78
C THR R 1109 32.23 -10.61 11.95
N LEU R 1110 33.10 -10.85 12.93
CA LEU R 1110 32.79 -11.78 14.00
C LEU R 1110 31.68 -11.22 14.90
N PHE R 1111 30.78 -12.11 15.34
CA PHE R 1111 29.76 -11.70 16.30
C PHE R 1111 30.35 -11.44 17.68
N MET R 1112 31.20 -12.35 18.15
CA MET R 1112 31.85 -12.24 19.46
C MET R 1112 33.33 -11.96 19.26
N ALA R 1113 33.84 -10.95 19.97
CA ALA R 1113 35.22 -10.51 19.76
C ALA R 1113 36.21 -11.62 20.12
N LYS R 1114 36.10 -12.17 21.32
CA LYS R 1114 37.02 -13.20 21.78
C LYS R 1114 36.25 -14.19 22.63
N THR R 1115 36.83 -15.39 22.77
CA THR R 1115 36.26 -16.45 23.59
C THR R 1115 37.37 -17.08 24.42
N VAL R 1116 36.96 -17.98 25.31
CA VAL R 1116 37.92 -18.70 26.15
C VAL R 1116 38.82 -19.57 25.27
N SER R 1117 40.08 -19.70 25.67
CA SER R 1117 41.00 -20.57 24.94
C SER R 1117 40.51 -22.01 25.01
N GLY R 1118 40.73 -22.75 23.92
CA GLY R 1118 40.17 -24.07 23.75
C GLY R 1118 38.90 -24.10 22.94
N LEU R 1119 38.33 -22.94 22.64
CA LEU R 1119 37.17 -22.81 21.77
C LEU R 1119 37.49 -21.84 20.65
N ASP R 1120 36.77 -21.99 19.53
CA ASP R 1120 37.02 -21.19 18.34
C ASP R 1120 35.83 -20.25 18.13
N VAL R 1121 36.13 -18.97 17.95
CA VAL R 1121 35.07 -18.00 17.63
C VAL R 1121 34.39 -18.36 16.32
N ASN R 1122 35.17 -18.87 15.35
CA ASN R 1122 34.59 -19.32 14.10
C ASN R 1122 33.60 -20.45 14.33
N ALA R 1123 33.94 -21.39 15.22
CA ALA R 1123 33.02 -22.49 15.52
C ALA R 1123 31.73 -21.98 16.15
N ILE R 1124 31.84 -21.03 17.09
CA ILE R 1124 30.65 -20.50 17.76
C ILE R 1124 29.76 -19.79 16.75
N ASP R 1125 30.35 -18.96 15.90
CA ASP R 1125 29.55 -18.22 14.92
C ASP R 1125 28.96 -19.17 13.88
N SER R 1126 29.70 -20.21 13.50
CA SER R 1126 29.15 -21.20 12.58
C SER R 1126 27.97 -21.94 13.18
N ALA R 1127 28.07 -22.30 14.47
CA ALA R 1127 26.94 -22.94 15.14
C ALA R 1127 25.73 -22.01 15.20
N LEU R 1128 25.97 -20.74 15.52
CA LEU R 1128 24.87 -19.77 15.56
C LEU R 1128 24.19 -19.65 14.20
N LEU R 1129 24.99 -19.56 13.13
CA LEU R 1129 24.40 -19.39 11.81
C LEU R 1129 23.74 -20.66 11.31
N ARG R 1130 24.26 -21.84 11.67
CA ARG R 1130 23.57 -23.08 11.34
C ARG R 1130 22.21 -23.15 12.04
N LEU R 1131 22.17 -22.75 13.31
CA LEU R 1131 20.89 -22.73 14.02
C LEU R 1131 19.96 -21.66 13.47
N ARG R 1132 20.43 -20.72 12.70
CA ARG R 1132 19.50 -19.79 12.09
C ARG R 1132 18.97 -20.44 10.85
N THR R 1133 19.84 -20.91 9.97
CA THR R 1133 19.40 -21.46 8.71
C THR R 1133 18.55 -22.68 8.82
N LEU R 1134 18.94 -23.62 9.66
CA LEU R 1134 18.12 -24.77 9.89
C LEU R 1134 17.19 -24.12 10.83
N GLY R 1135 15.89 -24.19 10.59
CA GLY R 1135 15.00 -23.42 11.42
C GLY R 1135 15.09 -23.84 12.85
N ALA R 1136 15.23 -22.88 13.74
CA ALA R 1136 15.25 -23.18 15.15
C ALA R 1136 14.69 -22.02 15.88
N ASP R 1137 14.15 -22.27 17.06
CA ASP R 1137 13.54 -21.21 17.82
C ASP R 1137 14.62 -20.30 18.36
N LYS R 1138 14.26 -19.07 18.68
CA LYS R 1138 15.23 -18.14 19.16
C LYS R 1138 15.82 -18.72 20.42
N LYS R 1139 15.01 -19.33 21.25
CA LYS R 1139 15.51 -19.82 22.51
C LYS R 1139 16.77 -20.68 22.35
N ALA R 1140 16.88 -21.42 21.27
CA ALA R 1140 18.06 -22.23 21.02
C ALA R 1140 19.32 -21.38 20.96
N LEU R 1141 19.26 -20.24 20.27
CA LEU R 1141 20.40 -19.34 20.23
C LEU R 1141 20.70 -18.75 21.60
N THR R 1142 19.66 -18.42 22.36
CA THR R 1142 19.89 -17.92 23.72
C THR R 1142 20.58 -18.98 24.57
N ALA R 1143 20.15 -20.23 24.46
CA ALA R 1143 20.79 -21.32 25.21
C ALA R 1143 22.24 -21.50 24.78
N GLN R 1144 22.51 -21.42 23.48
CA GLN R 1144 23.87 -21.58 23.00
C GLN R 1144 24.76 -20.46 23.54
N LEU R 1145 24.29 -19.22 23.48
CA LEU R 1145 25.08 -18.09 23.99
C LEU R 1145 25.27 -18.19 25.50
N LEU R 1146 24.28 -18.71 26.21
CA LEU R 1146 24.46 -18.95 27.64
C LEU R 1146 25.52 -20.01 27.89
N MET R 1147 25.51 -21.08 27.08
CA MET R 1147 26.52 -22.12 27.19
C MET R 1147 27.92 -21.60 26.89
N VAL R 1148 28.04 -20.60 26.01
CA VAL R 1148 29.32 -19.93 25.82
C VAL R 1148 29.70 -19.07 27.03
N GLY R 1149 28.72 -18.71 27.85
CA GLY R 1149 28.96 -17.95 29.06
C GLY R 1149 28.42 -16.54 29.06
N LEU R 1150 27.75 -16.11 28.00
CA LEU R 1150 27.19 -14.77 27.96
C LEU R 1150 26.04 -14.64 28.94
N GLN R 1151 25.82 -13.41 29.42
CA GLN R 1151 24.77 -13.16 30.37
C GLN R 1151 23.40 -13.27 29.69
N GLU R 1152 22.38 -13.58 30.50
CA GLU R 1152 21.09 -13.94 29.94
C GLU R 1152 20.46 -12.81 29.14
N SER R 1153 20.48 -11.58 29.67
CA SER R 1153 19.90 -10.46 28.93
C SER R 1153 20.66 -10.20 27.63
N GLU R 1154 21.99 -10.17 27.69
CA GLU R 1154 22.78 -9.94 26.49
C GLU R 1154 22.62 -11.08 25.50
N ALA R 1155 22.54 -12.32 25.99
CA ALA R 1155 22.32 -13.46 25.09
C ALA R 1155 20.98 -13.35 24.39
N ASP R 1156 19.92 -12.98 25.12
CA ASP R 1156 18.61 -12.81 24.51
C ASP R 1156 18.64 -11.71 23.46
N ALA R 1157 19.23 -10.57 23.79
CA ALA R 1157 19.29 -9.46 22.84
C ALA R 1157 20.09 -9.83 21.59
N LEU R 1158 21.22 -10.51 21.78
CA LEU R 1158 22.04 -10.89 20.64
C LEU R 1158 21.34 -11.92 19.76
N ALA R 1159 20.63 -12.87 20.38
CA ALA R 1159 19.88 -13.84 19.59
C ALA R 1159 18.76 -13.16 18.80
N GLY R 1160 18.06 -12.22 19.43
CA GLY R 1160 17.03 -11.47 18.70
C GLY R 1160 17.62 -10.68 17.55
N LYS R 1161 18.78 -10.07 17.76
CA LYS R 1161 19.45 -9.35 16.68
C LYS R 1161 19.83 -10.29 15.54
N ILE R 1162 20.39 -11.46 15.89
CA ILE R 1162 20.87 -12.39 14.87
C ILE R 1162 19.71 -12.96 14.06
N MET R 1163 18.56 -13.15 14.69
CA MET R 1163 17.44 -13.82 14.02
C MET R 1163 17.06 -13.14 12.71
N LEU R 1164 17.02 -11.80 12.69
CA LEU R 1164 16.48 -11.08 11.54
C LEU R 1164 17.52 -10.39 10.69
N GLN R 1165 18.68 -10.04 11.22
CA GLN R 1165 19.64 -9.26 10.46
C GLN R 1165 20.26 -10.09 9.34
N ASP R 1166 20.79 -9.38 8.35
CA ASP R 1166 21.62 -9.99 7.32
C ASP R 1166 23.08 -9.60 7.55
N VAL R 1167 23.99 -10.45 7.10
CA VAL R 1167 25.41 -10.27 7.34
C VAL R 1167 26.15 -10.47 6.03
N ASN R 1168 27.34 -9.88 5.94
CA ASN R 1168 28.15 -9.94 4.74
C ASN R 1168 28.50 -11.40 4.39
N THR R 1169 29.04 -11.56 3.17
CA THR R 1169 29.26 -12.89 2.60
C THR R 1169 30.22 -13.75 3.41
N VAL R 1170 31.17 -13.14 4.13
CA VAL R 1170 32.22 -13.92 4.78
C VAL R 1170 31.64 -14.77 5.90
N GLN R 1171 30.73 -14.19 6.65
CA GLN R 1171 30.20 -14.89 7.78
C GLN R 1171 29.23 -15.91 7.30
N LEU R 1172 28.40 -15.56 6.35
CA LEU R 1172 27.50 -16.54 5.83
C LEU R 1172 28.27 -17.69 5.20
N ALA R 1173 29.39 -17.39 4.57
CA ALA R 1173 30.20 -18.42 3.93
C ALA R 1173 30.71 -19.40 4.94
N ARG R 1174 31.01 -18.92 6.12
CA ARG R 1174 31.56 -19.79 7.14
C ARG R 1174 30.57 -20.87 7.47
N VAL R 1175 29.30 -20.63 7.17
CA VAL R 1175 28.30 -21.61 7.52
C VAL R 1175 28.62 -22.92 6.84
N VAL R 1176 29.15 -22.90 5.62
CA VAL R 1176 29.50 -24.13 4.93
C VAL R 1176 30.98 -24.39 4.89
N ASN R 1177 31.74 -23.84 5.83
CA ASN R 1177 33.20 -24.07 5.92
C ASN R 1177 34.09 -23.35 4.91
N LEU R 1178 33.62 -22.28 4.32
CA LEU R 1178 34.42 -21.53 3.35
C LEU R 1178 35.04 -20.25 3.88
N ALA R 1179 36.33 -20.03 3.68
CA ALA R 1179 37.07 -18.85 4.10
C ALA R 1179 37.89 -18.35 2.93
N VAL R 1180 38.26 -17.08 2.99
CA VAL R 1180 39.09 -16.50 1.93
C VAL R 1180 40.48 -17.14 1.98
N PRO R 1181 40.99 -17.68 0.88
CA PRO R 1181 42.31 -18.31 0.92
C PRO R 1181 43.39 -17.29 1.24
N ASP R 1182 44.45 -17.76 1.90
CA ASP R 1182 45.53 -16.88 2.32
C ASP R 1182 46.25 -16.26 1.13
N THR R 1183 46.10 -16.81 -0.06
CA THR R 1183 46.73 -16.23 -1.24
C THR R 1183 46.00 -14.96 -1.70
N TRP R 1184 44.66 -14.96 -1.64
CA TRP R 1184 43.89 -13.81 -2.07
C TRP R 1184 44.06 -12.60 -1.14
N MET R 1185 44.46 -12.84 0.12
CA MET R 1185 44.45 -11.75 1.11
C MET R 1185 45.44 -10.64 0.80
N SER R 1186 46.22 -10.75 -0.26
CA SER R 1186 47.09 -9.66 -0.71
C SER R 1186 46.43 -8.78 -1.76
N LEU R 1187 45.23 -9.13 -2.22
CA LEU R 1187 44.51 -8.36 -3.23
C LEU R 1187 43.21 -7.82 -2.64
N ASP R 1188 42.56 -6.93 -3.39
CA ASP R 1188 41.32 -6.29 -2.97
C ASP R 1188 40.16 -7.17 -3.43
N PHE R 1189 39.89 -8.22 -2.65
CA PHE R 1189 38.86 -9.20 -2.96
C PHE R 1189 37.45 -8.71 -2.64
N ASP R 1190 37.31 -7.80 -1.66
CA ASP R 1190 35.99 -7.41 -1.19
C ASP R 1190 35.16 -6.75 -2.29
N THR R 1191 35.79 -5.89 -3.10
CA THR R 1191 35.06 -5.22 -4.17
C THR R 1191 34.59 -6.23 -5.22
N MET R 1192 35.41 -7.24 -5.52
CA MET R 1192 35.00 -8.29 -6.43
C MET R 1192 33.83 -9.08 -5.86
N PHE R 1193 33.87 -9.38 -4.56
CA PHE R 1193 32.78 -10.14 -3.95
C PHE R 1193 31.49 -9.33 -3.96
N LYS R 1194 31.59 -8.01 -3.80
CA LYS R 1194 30.40 -7.18 -3.75
C LYS R 1194 29.82 -6.92 -5.13
N HIS R 1195 30.60 -6.27 -6.01
CA HIS R 1195 30.07 -5.73 -7.26
C HIS R 1195 30.29 -6.64 -8.47
N HIS R 1196 31.52 -7.09 -8.70
CA HIS R 1196 31.88 -7.73 -9.95
C HIS R 1196 31.51 -9.21 -10.02
N VAL R 1197 30.63 -9.68 -9.14
CA VAL R 1197 30.05 -11.02 -9.23
C VAL R 1197 28.54 -10.83 -9.11
N LYS R 1198 27.82 -10.98 -10.22
CA LYS R 1198 26.40 -10.66 -10.29
C LYS R 1198 25.60 -11.95 -10.39
N LEU R 1199 24.67 -12.13 -9.46
CA LEU R 1199 23.85 -13.34 -9.45
C LEU R 1199 22.77 -13.30 -10.51
N LEU R 1200 22.30 -12.12 -10.90
CA LEU R 1200 21.32 -12.02 -11.96
C LEU R 1200 22.01 -12.25 -13.31
N PRO R 1201 21.51 -13.17 -14.12
CA PRO R 1201 22.15 -13.43 -15.42
C PRO R 1201 22.11 -12.20 -16.32
N LYS R 1202 23.02 -12.18 -17.29
CA LYS R 1202 23.14 -11.04 -18.20
C LYS R 1202 21.92 -10.86 -19.09
N ASP R 1203 21.06 -11.87 -19.20
CA ASP R 1203 19.85 -11.79 -20.01
C ASP R 1203 18.60 -11.98 -19.14
N GLY R 1204 18.58 -11.33 -17.99
CA GLY R 1204 17.40 -11.34 -17.15
C GLY R 1204 17.22 -12.62 -16.37
N ARG R 1205 16.08 -12.69 -15.70
CA ARG R 1205 15.74 -13.85 -14.88
C ARG R 1205 15.46 -15.05 -15.78
N HIS R 1206 15.98 -16.21 -15.40
CA HIS R 1206 15.79 -17.44 -16.17
C HIS R 1206 14.75 -18.38 -15.57
N LEU R 1207 14.16 -18.01 -14.43
CA LEU R 1207 13.12 -18.81 -13.76
C LEU R 1207 13.72 -20.09 -13.19
N ASN R 1208 15.01 -20.32 -13.43
CA ASN R 1208 15.74 -21.45 -12.85
C ASN R 1208 16.73 -21.04 -11.78
N THR R 1209 17.35 -19.87 -11.92
CA THR R 1209 18.19 -19.32 -10.86
C THR R 1209 17.38 -18.43 -9.93
N ASP R 1210 16.29 -18.99 -9.41
CA ASP R 1210 15.36 -18.25 -8.56
C ASP R 1210 15.61 -18.64 -7.12
N ILE R 1211 16.43 -17.84 -6.44
CA ILE R 1211 16.68 -18.09 -5.01
C ILE R 1211 15.42 -17.74 -4.22
N PRO R 1212 14.91 -18.63 -3.38
CA PRO R 1212 13.73 -18.32 -2.58
C PRO R 1212 14.01 -17.21 -1.60
N PRO R 1213 12.98 -16.53 -1.08
CA PRO R 1213 13.24 -15.52 -0.04
C PRO R 1213 13.70 -16.12 1.27
N ARG R 1214 13.25 -17.32 1.62
CA ARG R 1214 13.93 -18.11 2.63
C ARG R 1214 15.25 -18.62 2.05
N MET R 1215 16.11 -19.12 2.95
CA MET R 1215 17.45 -19.59 2.61
C MET R 1215 18.19 -18.58 1.73
N GLY R 1216 18.00 -17.29 2.02
CA GLY R 1216 18.67 -16.24 1.28
C GLY R 1216 20.17 -16.19 1.48
N TRP R 1217 20.70 -16.98 2.42
CA TRP R 1217 22.13 -17.10 2.63
C TRP R 1217 22.85 -17.77 1.47
N LEU R 1218 22.12 -18.36 0.53
CA LEU R 1218 22.73 -19.02 -0.62
C LEU R 1218 23.57 -18.07 -1.46
N ARG R 1219 23.29 -16.76 -1.36
CA ARG R 1219 23.97 -15.78 -2.21
C ARG R 1219 25.47 -15.73 -1.92
N ALA R 1220 25.86 -15.84 -0.65
CA ALA R 1220 27.29 -15.80 -0.31
C ALA R 1220 28.01 -17.03 -0.87
N ILE R 1221 27.40 -18.21 -0.75
CA ILE R 1221 28.00 -19.42 -1.28
C ILE R 1221 28.13 -19.31 -2.80
N LEU R 1222 27.10 -18.80 -3.46
CA LEU R 1222 27.19 -18.57 -4.91
C LEU R 1222 28.27 -17.56 -5.24
N ARG R 1223 28.45 -16.55 -4.40
CA ARG R 1223 29.46 -15.53 -4.66
C ARG R 1223 30.86 -16.14 -4.65
N PHE R 1224 31.16 -16.97 -3.65
CA PHE R 1224 32.45 -17.66 -3.71
C PHE R 1224 32.52 -18.68 -4.83
N LEU R 1225 31.41 -19.35 -5.15
CA LEU R 1225 31.44 -20.31 -6.24
C LEU R 1225 31.81 -19.64 -7.56
N GLY R 1226 31.28 -18.44 -7.81
CA GLY R 1226 31.67 -17.66 -8.97
C GLY R 1226 33.07 -17.08 -8.88
N ALA R 1227 33.43 -16.57 -7.71
CA ALA R 1227 34.71 -15.90 -7.54
C ALA R 1227 35.89 -16.86 -7.68
N GLY R 1228 35.73 -18.11 -7.23
CA GLY R 1228 36.79 -19.08 -7.41
C GLY R 1228 37.13 -19.29 -8.87
N MET R 1229 36.10 -19.43 -9.70
CA MET R 1229 36.32 -19.53 -11.14
C MET R 1229 36.90 -18.24 -11.71
N ALA R 1230 36.38 -17.09 -11.25
CA ALA R 1230 36.87 -15.81 -11.78
C ALA R 1230 38.34 -15.59 -11.46
N MET R 1231 38.82 -16.13 -10.34
CA MET R 1231 40.20 -15.91 -9.92
C MET R 1231 41.14 -17.05 -10.33
N THR R 1232 40.62 -18.23 -10.62
CA THR R 1232 41.49 -19.36 -10.96
C THR R 1232 42.11 -19.18 -12.34
N ALA R 1233 41.32 -18.77 -13.32
CA ALA R 1233 41.81 -18.66 -14.69
C ALA R 1233 42.90 -17.60 -14.80
N THR R 1234 43.87 -17.86 -15.68
CA THR R 1234 44.96 -16.94 -15.89
C THR R 1234 44.50 -15.72 -16.70
N GLY R 1235 45.31 -14.68 -16.68
CA GLY R 1235 45.00 -13.46 -17.39
C GLY R 1235 44.17 -12.48 -16.59
N VAL R 1236 43.40 -11.64 -17.29
CA VAL R 1236 42.62 -10.59 -16.64
C VAL R 1236 41.45 -11.22 -15.91
N ALA R 1237 41.21 -10.76 -14.67
CA ALA R 1237 39.99 -11.13 -13.96
C ALA R 1237 38.79 -10.62 -14.73
N VAL R 1238 37.79 -11.49 -14.90
CA VAL R 1238 36.67 -11.23 -15.80
C VAL R 1238 35.38 -11.23 -15.00
N ASP R 1239 34.49 -10.29 -15.34
CA ASP R 1239 33.17 -10.28 -14.74
C ASP R 1239 32.43 -11.58 -15.08
N ILE R 1240 31.78 -12.16 -14.08
CA ILE R 1240 31.21 -13.49 -14.19
C ILE R 1240 29.74 -13.42 -13.83
N TYR R 1241 28.88 -14.00 -14.66
CA TYR R 1241 27.44 -13.97 -14.48
C TYR R 1241 26.92 -15.38 -14.23
N LEU R 1242 25.97 -15.49 -13.30
CA LEU R 1242 25.34 -16.77 -13.04
C LEU R 1242 24.51 -17.20 -14.25
N GLU R 1243 24.59 -18.49 -14.58
CA GLU R 1243 23.95 -19.01 -15.78
C GLU R 1243 22.79 -19.96 -15.46
N ASP R 1244 23.05 -21.02 -14.70
CA ASP R 1244 22.02 -22.02 -14.47
C ASP R 1244 22.34 -22.82 -13.22
N ILE R 1245 21.29 -23.26 -12.53
CA ILE R 1245 21.38 -24.24 -11.46
C ILE R 1245 20.51 -25.42 -11.85
N HIS R 1246 21.09 -26.62 -11.83
CA HIS R 1246 20.40 -27.80 -12.36
C HIS R 1246 19.15 -28.11 -11.56
N GLY R 1247 19.30 -28.48 -10.30
CA GLY R 1247 18.16 -28.90 -9.50
C GLY R 1247 17.26 -27.78 -9.05
N GLY R 1248 17.68 -26.55 -9.19
CA GLY R 1248 16.91 -25.42 -8.69
C GLY R 1248 17.46 -24.89 -7.38
N GLY R 1249 17.17 -23.61 -7.12
CA GLY R 1249 17.69 -22.99 -5.91
C GLY R 1249 17.20 -23.65 -4.64
N ARG R 1250 15.92 -24.02 -4.61
CA ARG R 1250 15.38 -24.65 -3.41
C ARG R 1250 15.96 -26.06 -3.21
N SER R 1251 16.19 -26.78 -4.31
CA SER R 1251 16.79 -28.11 -4.20
C SER R 1251 18.24 -28.01 -3.71
N LEU R 1252 19.00 -27.05 -4.23
CA LEU R 1252 20.38 -26.88 -3.78
C LEU R 1252 20.42 -26.45 -2.32
N GLY R 1253 19.50 -25.57 -1.92
CA GLY R 1253 19.40 -25.20 -0.51
C GLY R 1253 19.04 -26.38 0.37
N GLN R 1254 18.17 -27.26 -0.13
CA GLN R 1254 17.84 -28.47 0.62
C GLN R 1254 19.05 -29.38 0.78
N ARG R 1255 19.88 -29.48 -0.28
CA ARG R 1255 21.11 -30.24 -0.18
C ARG R 1255 22.04 -29.65 0.88
N PHE R 1256 22.18 -28.32 0.88
CA PHE R 1256 23.01 -27.68 1.90
C PHE R 1256 22.45 -27.90 3.30
N MET R 1257 21.13 -27.85 3.46
CA MET R 1257 20.54 -28.07 4.78
C MET R 1257 20.74 -29.50 5.24
N THR R 1258 20.58 -30.48 4.34
CA THR R 1258 20.78 -31.86 4.72
C THR R 1258 22.25 -32.19 4.95
N TRP R 1259 23.17 -31.36 4.44
CA TRP R 1259 24.56 -31.50 4.88
C TRP R 1259 24.77 -30.83 6.23
N MET R 1260 24.12 -29.68 6.46
CA MET R 1260 24.24 -28.99 7.75
C MET R 1260 23.73 -29.88 8.89
N ARG R 1261 22.75 -30.72 8.62
CA ARG R 1261 22.26 -31.64 9.64
C ARG R 1261 23.19 -32.84 9.75
N GLN R 1262 24.47 -32.57 9.90
CA GLN R 1262 25.53 -33.58 10.00
C GLN R 1262 26.62 -32.99 10.89
N GLU R 1263 27.82 -33.58 10.80
CA GLU R 1263 29.01 -33.08 11.52
C GLU R 1263 28.84 -33.24 13.02
N ALA T 2 35.03 -10.17 82.89
CA ALA T 2 35.70 -9.07 82.21
C ALA T 2 36.39 -9.56 80.94
N TYR T 3 36.47 -8.69 79.93
CA TYR T 3 37.08 -9.02 78.66
C TYR T 3 38.15 -7.99 78.33
N ILE T 4 39.32 -8.46 77.90
CA ILE T 4 40.45 -7.60 77.58
C ILE T 4 40.96 -7.97 76.20
N ALA T 5 41.21 -6.96 75.36
CA ALA T 5 41.71 -7.17 74.01
C ALA T 5 43.14 -6.67 73.90
N VAL T 6 44.00 -7.49 73.30
CA VAL T 6 45.41 -7.14 73.11
C VAL T 6 45.76 -7.27 71.64
N PRO T 7 46.71 -6.49 71.13
CA PRO T 7 47.12 -6.58 69.71
C PRO T 7 48.08 -7.74 69.43
N ALA T 8 47.52 -8.93 69.28
CA ALA T 8 48.30 -10.14 69.03
C ALA T 8 47.39 -11.17 68.39
N VAL T 9 47.84 -12.42 68.36
CA VAL T 9 47.04 -13.56 67.90
C VAL T 9 46.96 -14.52 69.08
N VAL T 10 45.81 -14.52 69.76
CA VAL T 10 45.65 -15.27 71.01
C VAL T 10 44.92 -16.57 70.70
N ASP T 11 45.58 -17.69 70.98
CA ASP T 11 45.01 -19.03 70.88
C ASP T 11 44.76 -19.56 72.30
N SER T 12 44.38 -20.84 72.38
CA SER T 12 44.23 -21.45 73.69
C SER T 12 45.56 -21.98 74.21
N ARG T 13 46.11 -22.98 73.54
CA ARG T 13 47.25 -23.72 74.10
C ARG T 13 48.57 -22.98 73.92
N SER T 14 48.89 -22.59 72.68
CA SER T 14 50.14 -21.90 72.43
C SER T 14 50.17 -20.55 73.15
N SER T 15 49.05 -19.83 73.12
CA SER T 15 48.99 -18.54 73.80
C SER T 15 49.05 -18.70 75.32
N GLU T 16 48.44 -19.75 75.86
CA GLU T 16 48.57 -20.01 77.29
C GLU T 16 50.02 -20.32 77.66
N ALA T 17 50.70 -21.11 76.84
CA ALA T 17 52.10 -21.43 77.11
C ALA T 17 52.97 -20.18 77.05
N ILE T 18 52.85 -19.40 75.98
CA ILE T 18 53.63 -18.18 75.87
C ILE T 18 53.12 -17.13 76.86
N GLY T 19 51.81 -17.03 77.02
CA GLY T 19 51.23 -16.08 77.95
C GLY T 19 50.93 -14.73 77.31
N LEU T 20 52.00 -14.07 76.84
CA LEU T 20 51.96 -12.79 76.15
C LEU T 20 51.61 -11.65 77.10
N LEU T 21 51.25 -11.95 78.34
CA LEU T 21 51.09 -10.89 79.33
C LEU T 21 52.44 -10.50 79.93
N GLU T 22 53.28 -11.48 80.25
CA GLU T 22 54.68 -11.18 80.55
C GLU T 22 55.37 -10.54 79.36
N SER T 23 54.92 -10.88 78.14
CA SER T 23 55.49 -10.28 76.93
C SER T 23 55.07 -8.84 76.75
N PHE T 24 53.84 -8.48 77.12
CA PHE T 24 53.40 -7.10 77.07
C PHE T 24 53.75 -6.32 78.34
N GLY T 25 54.26 -6.97 79.38
CA GLY T 25 54.64 -6.32 80.61
C GLY T 25 53.69 -6.55 81.76
N VAL T 26 52.54 -7.16 81.52
CA VAL T 26 51.55 -7.39 82.57
C VAL T 26 51.97 -8.61 83.39
N ASP T 27 51.95 -8.46 84.71
CA ASP T 27 52.26 -9.56 85.62
C ASP T 27 50.98 -10.29 85.96
N ALA T 28 50.79 -11.46 85.36
CA ALA T 28 49.59 -12.27 85.59
C ALA T 28 49.62 -12.93 86.96
N ASN T 33 43.53 -21.10 85.98
CA ASN T 33 43.91 -20.08 86.97
C ASN T 33 42.85 -18.97 86.99
N ASP T 34 43.31 -17.73 86.83
CA ASP T 34 42.44 -16.56 86.80
C ASP T 34 42.11 -16.11 85.38
N VAL T 35 43.11 -16.06 84.51
CA VAL T 35 42.91 -15.59 83.15
C VAL T 35 42.60 -16.77 82.24
N SER T 36 41.59 -16.61 81.39
CA SER T 36 41.24 -17.60 80.39
C SER T 36 41.49 -17.01 79.00
N TYR T 37 42.09 -17.81 78.13
CA TYR T 37 42.55 -17.33 76.83
C TYR T 37 41.60 -17.81 75.74
N GLN T 38 41.15 -16.88 74.91
CA GLN T 38 40.30 -17.20 73.77
C GLN T 38 41.15 -17.61 72.58
N ASP T 39 40.46 -18.10 71.54
CA ASP T 39 41.10 -18.48 70.29
C ASP T 39 40.55 -17.62 69.16
N HIS T 40 41.43 -17.12 68.30
CA HIS T 40 41.00 -16.23 67.23
C HIS T 40 41.73 -16.45 65.91
N ASP T 41 42.54 -17.50 65.77
CA ASP T 41 43.14 -17.78 64.47
C ASP T 41 42.08 -18.07 63.43
N TYR T 42 41.03 -18.81 63.81
CA TYR T 42 39.95 -19.10 62.89
C TYR T 42 39.24 -17.82 62.45
N VAL T 43 39.05 -16.87 63.37
CA VAL T 43 38.35 -15.66 62.98
C VAL T 43 39.24 -14.74 62.15
N VAL T 44 40.57 -14.80 62.36
CA VAL T 44 41.47 -14.09 61.46
C VAL T 44 41.37 -14.67 60.05
N ASP T 45 41.36 -15.99 59.94
CA ASP T 45 41.20 -16.62 58.63
C ASP T 45 39.85 -16.27 58.01
N GLN T 46 38.80 -16.24 58.82
CA GLN T 46 37.47 -15.86 58.32
C GLN T 46 37.46 -14.41 57.84
N LEU T 47 38.16 -13.52 58.55
CA LEU T 47 38.28 -12.15 58.11
C LEU T 47 38.96 -12.06 56.76
N GLN T 48 40.06 -12.80 56.60
CA GLN T 48 40.76 -12.81 55.32
C GLN T 48 39.88 -13.36 54.21
N TYR T 49 39.05 -14.36 54.53
CA TYR T 49 38.21 -14.98 53.51
C TYR T 49 37.05 -14.09 53.11
N MET T 50 36.39 -13.45 54.07
CA MET T 50 35.25 -12.60 53.76
C MET T 50 35.69 -11.26 53.16
N LEU T 51 36.92 -10.82 53.45
CA LEU T 51 37.38 -9.52 52.95
C LEU T 51 37.29 -9.42 51.43
N ASP T 52 37.08 -10.53 50.72
CA ASP T 52 36.93 -10.50 49.28
C ASP T 52 35.58 -9.91 48.88
N GLY T 53 34.49 -10.57 49.27
CA GLY T 53 33.16 -10.19 48.82
C GLY T 53 32.48 -9.07 49.56
N TYR T 54 33.12 -8.53 50.61
CA TYR T 54 32.56 -7.41 51.34
C TYR T 54 33.59 -6.30 51.49
N GLU T 55 33.28 -5.30 52.30
CA GLU T 55 34.17 -4.17 52.52
C GLU T 55 34.76 -4.23 53.92
N ALA T 56 36.04 -3.88 54.01
CA ALA T 56 36.77 -4.02 55.27
C ALA T 56 36.15 -3.19 56.37
N GLY T 57 35.74 -1.96 56.06
CA GLY T 57 35.12 -1.13 57.09
C GLY T 57 33.85 -1.75 57.65
N ASP T 58 32.98 -2.25 56.76
CA ASP T 58 31.75 -2.88 57.22
C ASP T 58 32.03 -4.11 58.07
N VAL T 59 32.98 -4.95 57.63
CA VAL T 59 33.29 -6.15 58.40
C VAL T 59 33.85 -5.79 59.77
N ILE T 60 34.73 -4.78 59.82
CA ILE T 60 35.30 -4.36 61.09
C ILE T 60 34.22 -3.82 62.03
N ASP T 61 33.30 -3.02 61.50
CA ASP T 61 32.24 -2.47 62.33
C ASP T 61 31.37 -3.59 62.90
N ALA T 62 30.97 -4.54 62.05
CA ALA T 62 30.15 -5.64 62.55
C ALA T 62 30.89 -6.46 63.60
N LEU T 63 32.17 -6.78 63.34
CA LEU T 63 32.89 -7.65 64.25
C LEU T 63 33.20 -6.96 65.57
N VAL T 64 33.36 -5.62 65.56
CA VAL T 64 33.55 -4.92 66.82
C VAL T 64 32.24 -4.77 67.55
N TYR T 65 31.11 -4.79 66.83
CA TYR T 65 29.82 -4.85 67.53
C TYR T 65 29.55 -6.24 68.09
N ARG T 66 30.20 -7.27 67.57
CA ARG T 66 30.11 -8.61 68.16
C ARG T 66 30.76 -8.63 69.54
N ASN T 67 30.17 -9.40 70.45
CA ASN T 67 30.75 -9.67 71.76
C ASN T 67 31.21 -11.12 71.84
N TRP T 68 32.17 -11.39 72.72
CA TRP T 68 32.86 -12.68 72.72
C TRP T 68 32.56 -13.53 73.95
N LEU T 69 31.76 -13.03 74.90
CA LEU T 69 31.40 -13.81 76.08
C LEU T 69 30.10 -14.57 75.91
N HIS T 70 29.44 -14.44 74.75
CA HIS T 70 28.19 -15.15 74.48
C HIS T 70 28.50 -16.23 73.45
N HIS T 71 28.64 -17.47 73.94
CA HIS T 71 29.00 -18.59 73.06
C HIS T 71 27.89 -18.85 72.06
N SER T 72 28.28 -19.07 70.80
CA SER T 72 27.34 -19.36 69.73
C SER T 72 28.04 -20.28 68.72
N VAL T 73 27.34 -20.59 67.63
CA VAL T 73 27.88 -21.47 66.60
C VAL T 73 27.08 -21.35 65.32
N TYR T 74 27.74 -21.45 64.17
CA TYR T 74 27.08 -21.50 62.87
C TYR T 74 26.74 -22.95 62.50
N CYS T 75 25.94 -23.09 61.44
CA CYS T 75 25.56 -24.40 60.93
C CYS T 75 25.15 -24.23 59.47
N LEU T 76 25.98 -24.74 58.56
CA LEU T 76 25.71 -24.64 57.12
C LEU T 76 24.73 -25.74 56.72
N LEU T 77 23.59 -25.34 56.16
CA LEU T 77 22.70 -26.30 55.53
C LEU T 77 23.11 -26.53 54.09
N PRO T 78 22.88 -27.73 53.56
CA PRO T 78 23.22 -28.01 52.17
C PRO T 78 22.34 -27.23 51.22
N PRO T 79 22.69 -27.19 49.91
CA PRO T 79 21.74 -26.46 49.06
C PRO T 79 20.38 -27.14 49.01
N LYS T 80 19.38 -26.53 48.40
CA LYS T 80 18.03 -27.08 48.49
C LYS T 80 17.88 -28.48 47.94
N SER T 81 18.45 -28.76 46.80
CA SER T 81 18.21 -30.08 46.24
C SER T 81 18.78 -31.08 47.19
N GLN T 82 19.97 -30.80 47.69
CA GLN T 82 20.63 -31.72 48.60
C GLN T 82 19.92 -31.87 49.92
N LEU T 83 19.37 -30.78 50.45
CA LEU T 83 18.75 -30.87 51.74
C LEU T 83 17.60 -31.81 51.59
N LEU T 84 16.85 -31.65 50.52
CA LEU T 84 15.69 -32.48 50.37
C LEU T 84 16.16 -33.91 50.25
N GLU T 85 17.29 -34.10 49.57
CA GLU T 85 17.83 -35.44 49.37
C GLU T 85 18.23 -36.12 50.68
N TYR T 86 18.95 -35.40 51.53
CA TYR T 86 19.40 -35.99 52.77
C TYR T 86 18.21 -36.34 53.58
N TRP T 87 17.23 -35.46 53.59
CA TRP T 87 16.06 -35.70 54.40
C TRP T 87 15.42 -36.95 53.83
N LYS T 88 15.37 -37.08 52.51
CA LYS T 88 14.70 -38.24 51.94
C LYS T 88 15.41 -39.53 52.32
N SER T 89 16.73 -39.52 52.21
CA SER T 89 17.50 -40.72 52.55
C SER T 89 17.46 -41.09 54.01
N ASN T 90 17.59 -40.12 54.90
CA ASN T 90 17.46 -40.42 56.30
C ASN T 90 16.34 -39.54 56.71
N PRO T 91 15.17 -40.12 56.91
CA PRO T 91 14.05 -39.23 57.18
C PRO T 91 13.66 -39.08 58.62
N SER T 92 14.37 -39.71 59.53
CA SER T 92 14.09 -39.48 60.93
C SER T 92 14.40 -38.04 61.26
N VAL T 93 15.45 -37.49 60.66
CA VAL T 93 15.89 -36.12 60.95
C VAL T 93 14.96 -34.98 60.57
N ILE T 94 14.03 -35.19 59.64
CA ILE T 94 13.22 -34.07 59.15
C ILE T 94 12.55 -33.34 60.29
N PRO T 95 12.70 -32.02 60.32
CA PRO T 95 12.13 -31.23 61.43
C PRO T 95 10.62 -31.17 61.39
N ASP T 96 9.99 -30.99 62.54
CA ASP T 96 8.53 -30.88 62.62
C ASP T 96 8.01 -29.68 61.88
N ASN T 97 8.71 -28.57 62.00
CA ASN T 97 8.28 -27.33 61.37
C ASN T 97 7.86 -27.48 59.92
N VAL T 98 8.37 -28.49 59.20
CA VAL T 98 8.03 -28.54 57.79
C VAL T 98 6.62 -29.09 57.61
N ASP T 99 6.02 -28.77 56.46
CA ASP T 99 4.61 -29.05 56.24
C ASP T 99 4.34 -30.54 56.10
N ARG T 100 3.11 -30.92 56.45
CA ARG T 100 2.73 -32.33 56.53
C ARG T 100 2.84 -33.01 55.18
N ARG T 101 2.38 -32.35 54.12
CA ARG T 101 2.41 -32.97 52.79
C ARG T 101 3.83 -33.30 52.38
N LEU T 102 4.73 -32.31 52.50
CA LEU T 102 6.11 -32.52 52.08
C LEU T 102 6.78 -33.59 52.91
N ARG T 103 6.60 -33.54 54.24
CA ARG T 103 7.27 -34.54 55.07
C ARG T 103 6.72 -35.94 54.83
N LYS T 104 5.40 -36.06 54.65
CA LYS T 104 4.79 -37.36 54.40
C LYS T 104 5.25 -37.94 53.08
N ARG T 105 5.36 -37.10 52.04
CA ARG T 105 5.83 -37.62 50.76
C ARG T 105 7.32 -37.91 50.77
N LEU T 106 8.08 -37.22 51.64
CA LEU T 106 9.48 -37.61 51.83
C LEU T 106 9.59 -38.95 52.53
N MET T 107 8.67 -39.26 53.45
CA MET T 107 8.66 -40.56 54.09
C MET T 107 7.98 -41.61 53.21
N LEU T 108 8.45 -41.77 51.98
CA LEU T 108 7.91 -42.75 51.06
C LEU T 108 9.02 -43.22 50.12
N LYS T 109 8.81 -44.40 49.53
CA LYS T 109 9.72 -44.96 48.56
C LYS T 109 9.31 -44.50 47.16
N LYS T 110 9.91 -45.12 46.14
CA LYS T 110 9.57 -44.93 44.72
C LYS T 110 9.50 -43.45 44.34
N ASP T 111 10.25 -42.60 45.04
CA ASP T 111 10.31 -41.19 44.70
C ASP T 111 11.25 -40.97 43.51
N LEU T 112 10.85 -40.08 42.61
CA LEU T 112 11.61 -39.80 41.41
C LEU T 112 11.15 -38.46 40.85
N ARG T 113 11.67 -38.10 39.67
CA ARG T 113 11.34 -36.83 39.03
C ARG T 113 10.00 -36.86 38.32
N LYS T 114 9.38 -38.03 38.16
CA LYS T 114 8.11 -38.11 37.45
C LYS T 114 6.95 -37.57 38.29
N ASP T 115 7.10 -37.58 39.62
CA ASP T 115 5.99 -37.18 40.49
C ASP T 115 5.60 -35.73 40.25
N ASP T 116 4.30 -35.49 40.13
CA ASP T 116 3.80 -34.15 39.83
C ASP T 116 3.70 -33.29 41.08
N GLU T 117 2.86 -33.71 42.04
CA GLU T 117 2.63 -32.89 43.22
C GLU T 117 3.86 -32.83 44.11
N TYR T 118 4.70 -33.87 44.09
CA TYR T 118 5.97 -33.80 44.83
C TYR T 118 6.84 -32.68 44.29
N ASN T 119 6.93 -32.55 42.96
CA ASN T 119 7.67 -31.45 42.37
C ASN T 119 6.99 -30.11 42.64
N GLN T 120 5.65 -30.08 42.63
CA GLN T 120 4.93 -28.87 42.98
C GLN T 120 5.37 -28.37 44.34
N LEU T 121 5.36 -29.25 45.34
CA LEU T 121 5.86 -28.89 46.66
C LEU T 121 7.35 -28.57 46.61
N ALA T 122 8.10 -29.23 45.73
CA ALA T 122 9.54 -29.08 45.70
C ALA T 122 9.96 -27.66 45.32
N ARG T 123 9.44 -27.14 44.20
CA ARG T 123 9.80 -25.76 43.89
C ARG T 123 8.77 -24.75 44.41
N ALA T 124 7.74 -25.21 45.13
CA ALA T 124 6.97 -24.31 45.97
C ALA T 124 7.59 -24.18 47.37
N PHE T 125 8.63 -24.96 47.65
CA PHE T 125 9.29 -24.94 48.95
C PHE T 125 10.47 -23.98 48.91
N LYS T 126 10.57 -23.14 49.93
CA LYS T 126 11.74 -22.30 50.15
C LYS T 126 12.04 -22.31 51.64
N ILE T 127 13.33 -22.17 51.97
CA ILE T 127 13.76 -22.28 53.37
C ILE T 127 13.58 -20.88 53.97
N SER T 128 12.35 -20.59 54.37
CA SER T 128 12.05 -19.40 55.15
C SER T 128 11.45 -19.76 56.51
N ASP T 129 10.59 -20.76 56.44
CA ASP T 129 9.97 -21.24 57.64
C ASP T 129 10.76 -22.31 58.33
N VAL T 130 11.30 -23.27 57.59
CA VAL T 130 11.95 -24.38 58.25
C VAL T 130 13.12 -24.01 59.12
N TYR T 131 13.99 -23.12 58.67
CA TYR T 131 15.07 -22.68 59.53
C TYR T 131 15.00 -21.18 59.71
N ALA T 132 14.60 -20.74 60.89
CA ALA T 132 14.37 -19.31 61.10
C ALA T 132 15.49 -18.24 61.07
N PRO T 133 16.63 -18.47 61.74
CA PRO T 133 17.48 -17.31 61.47
C PRO T 133 18.39 -17.72 60.35
N LEU T 134 18.11 -17.33 59.11
CA LEU T 134 18.91 -17.82 58.00
C LEU T 134 19.82 -16.80 57.40
N ILE T 135 21.10 -17.03 57.49
CA ILE T 135 22.02 -16.13 56.86
C ILE T 135 22.08 -16.62 55.45
N SER T 136 21.57 -15.83 54.53
CA SER T 136 21.61 -16.20 53.14
C SER T 136 22.88 -15.64 52.58
N SER T 137 23.05 -15.74 51.28
CA SER T 137 24.21 -15.15 50.66
C SER T 137 24.21 -13.65 50.77
N THR T 138 23.05 -13.01 50.64
CA THR T 138 23.02 -11.56 50.61
C THR T 138 22.98 -10.80 51.92
N THR T 139 22.97 -11.50 53.05
CA THR T 139 22.83 -10.81 54.32
C THR T 139 24.01 -9.92 54.61
N SER T 140 23.75 -8.78 55.22
CA SER T 140 24.80 -7.83 55.53
C SER T 140 25.64 -8.38 56.64
N PRO T 141 26.87 -7.89 56.77
CA PRO T 141 27.64 -8.35 57.90
C PRO T 141 26.99 -8.04 59.25
N MET T 142 26.33 -6.90 59.41
CA MET T 142 25.77 -6.54 60.70
C MET T 142 24.73 -7.53 61.16
N THR T 143 23.85 -7.95 60.27
CA THR T 143 22.79 -8.83 60.72
C THR T 143 23.36 -10.17 61.16
N MET T 144 24.38 -10.65 60.47
CA MET T 144 24.91 -11.94 60.83
C MET T 144 25.48 -11.91 62.22
N ILE T 145 26.22 -10.86 62.55
CA ILE T 145 26.78 -10.74 63.88
C ILE T 145 25.71 -10.59 64.94
N GLN T 146 24.66 -9.83 64.64
CA GLN T 146 23.62 -9.60 65.62
C GLN T 146 22.99 -10.91 65.96
N ASN T 147 22.76 -11.73 64.95
CA ASN T 147 22.09 -12.99 65.20
C ASN T 147 22.92 -13.87 66.11
N LEU T 148 24.22 -13.86 65.94
CA LEU T 148 25.07 -14.72 66.74
C LEU T 148 24.88 -14.30 68.17
N ASN T 149 24.81 -13.00 68.41
CA ASN T 149 24.57 -12.56 69.76
C ASN T 149 23.19 -12.96 70.24
N GLN T 150 22.16 -13.00 69.38
CA GLN T 150 20.84 -13.30 69.91
C GLN T 150 20.73 -14.75 70.37
N GLY T 151 21.15 -15.71 69.55
CA GLY T 151 20.90 -17.11 69.82
C GLY T 151 22.18 -17.92 69.84
N GLU T 152 22.02 -19.18 70.27
CA GLU T 152 23.17 -20.09 70.35
C GLU T 152 23.57 -20.60 68.98
N ILE T 153 22.60 -20.85 68.11
CA ILE T 153 22.85 -21.42 66.80
C ILE T 153 22.31 -20.47 65.74
N VAL T 154 23.09 -20.26 64.68
CA VAL T 154 22.69 -19.45 63.54
C VAL T 154 22.88 -20.28 62.28
N TYR T 155 21.82 -20.43 61.50
CA TYR T 155 21.90 -21.22 60.27
C TYR T 155 22.35 -20.33 59.12
N THR T 156 23.19 -20.88 58.25
CA THR T 156 23.71 -20.15 57.11
C THR T 156 23.73 -21.05 55.88
N THR T 157 23.70 -20.41 54.72
CA THR T 157 23.76 -21.12 53.44
C THR T 157 25.13 -21.04 52.78
N THR T 158 25.88 -19.96 53.04
CA THR T 158 27.19 -19.76 52.44
C THR T 158 28.29 -19.98 53.46
N ASP T 159 29.45 -20.43 52.97
CA ASP T 159 30.61 -20.65 53.81
C ASP T 159 31.18 -19.33 54.31
N ARG T 160 31.08 -18.26 53.52
CA ARG T 160 31.70 -16.98 53.84
C ARG T 160 30.98 -16.31 55.00
N VAL T 161 31.41 -16.61 56.22
CA VAL T 161 30.76 -16.10 57.43
C VAL T 161 31.84 -15.63 58.41
N ILE T 162 31.45 -14.69 59.27
CA ILE T 162 32.28 -14.23 60.38
C ILE T 162 31.58 -14.60 61.68
N GLY T 163 32.31 -15.21 62.60
CA GLY T 163 31.72 -15.51 63.90
C GLY T 163 32.42 -16.55 64.73
N ALA T 164 31.64 -17.48 65.28
CA ALA T 164 32.16 -18.39 66.31
C ALA T 164 32.82 -19.62 65.72
N ARG T 165 32.10 -20.38 64.90
CA ARG T 165 32.60 -21.64 64.37
C ARG T 165 31.87 -21.97 63.08
N VAL T 166 32.21 -23.13 62.51
CA VAL T 166 31.62 -23.61 61.27
C VAL T 166 31.36 -25.10 61.43
N LEU T 167 30.09 -25.49 61.37
CA LEU T 167 29.69 -26.89 61.47
C LEU T 167 28.83 -27.26 60.26
N LEU T 168 28.87 -28.54 59.92
CA LEU T 168 28.14 -29.08 58.76
C LEU T 168 26.89 -29.80 59.26
N TYR T 169 25.73 -29.35 58.78
CA TYR T 169 24.47 -29.96 59.19
C TYR T 169 24.36 -31.40 58.68
N ALA T 170 24.79 -31.64 57.46
CA ALA T 170 24.62 -32.94 56.81
C ALA T 170 25.98 -33.58 56.54
N PRO T 171 26.03 -34.84 56.12
CA PRO T 171 27.32 -35.44 55.72
C PRO T 171 28.00 -34.67 54.60
N ARG T 172 29.29 -34.96 54.42
CA ARG T 172 30.13 -34.14 53.56
C ARG T 172 29.73 -34.22 52.10
N LYS T 173 29.24 -35.39 51.66
CA LYS T 173 29.00 -35.59 50.23
C LYS T 173 27.95 -34.63 49.69
N TYR T 174 27.01 -34.21 50.53
CA TYR T 174 25.93 -33.33 50.06
C TYR T 174 26.45 -31.94 49.75
N TYR T 175 27.36 -31.41 50.57
CA TYR T 175 27.93 -30.10 50.30
C TYR T 175 28.88 -30.16 49.11
N ALA T 176 28.72 -29.23 48.18
CA ALA T 176 29.54 -29.18 46.98
C ALA T 176 29.55 -27.78 46.38
N PRO T 198 34.50 -22.17 79.18
CA PRO T 198 35.65 -21.56 79.84
C PRO T 198 35.53 -20.04 79.95
N HIS T 199 34.77 -19.58 80.94
CA HIS T 199 34.56 -18.16 81.20
C HIS T 199 35.06 -17.87 82.60
N SER T 200 36.35 -17.54 82.71
CA SER T 200 36.97 -17.28 83.99
C SER T 200 36.72 -15.82 84.42
N ARG T 201 37.42 -15.36 85.45
CA ARG T 201 37.24 -14.00 85.94
C ARG T 201 37.61 -12.98 84.88
N PHE T 202 38.80 -13.10 84.30
CA PHE T 202 39.27 -12.21 83.25
C PHE T 202 39.55 -13.03 82.01
N ASN T 203 38.95 -12.65 80.89
CA ASN T 203 39.15 -13.32 79.62
C ASN T 203 39.85 -12.36 78.66
N VAL T 204 40.95 -12.81 78.07
CA VAL T 204 41.71 -11.99 77.15
C VAL T 204 41.36 -12.39 75.72
N GLY T 205 41.69 -11.51 74.78
CA GLY T 205 41.43 -11.75 73.39
C GLY T 205 42.22 -10.80 72.53
N THR T 206 41.90 -10.79 71.23
CA THR T 206 42.61 -9.94 70.28
C THR T 206 41.65 -9.16 69.40
N PHE T 207 40.42 -8.95 69.84
CA PHE T 207 39.46 -8.16 69.08
C PHE T 207 38.58 -7.36 70.04
N PRO T 208 38.68 -6.00 69.97
CA PRO T 208 37.87 -5.28 70.96
C PRO T 208 36.39 -5.35 70.70
N SER T 209 35.58 -5.31 71.75
CA SER T 209 34.15 -5.29 71.55
C SER T 209 33.55 -4.11 72.29
N ILE T 210 32.71 -3.35 71.61
CA ILE T 210 32.05 -2.25 72.28
C ILE T 210 30.66 -2.62 72.73
N ALA T 211 30.24 -3.86 72.51
CA ALA T 211 28.88 -4.21 72.83
C ALA T 211 28.56 -4.08 74.31
N THR T 212 29.45 -4.55 75.16
CA THR T 212 29.23 -4.40 76.58
C THR T 212 29.54 -2.96 76.94
N PRO T 213 28.86 -2.42 77.95
CA PRO T 213 29.24 -1.06 78.34
C PRO T 213 30.65 -1.01 78.87
N LYS T 214 31.07 -2.00 79.65
CA LYS T 214 32.46 -2.03 80.08
C LYS T 214 33.21 -3.19 79.46
N CYS T 215 34.03 -2.91 78.46
CA CYS T 215 34.88 -3.92 77.87
C CYS T 215 36.17 -3.16 77.79
N SER T 216 37.24 -3.73 78.30
CA SER T 216 38.46 -2.97 78.37
C SER T 216 39.47 -3.36 77.32
N VAL T 217 40.03 -2.37 76.64
CA VAL T 217 41.04 -2.63 75.65
C VAL T 217 42.35 -2.06 76.15
N MET T 218 43.41 -2.85 76.17
CA MET T 218 44.68 -2.36 76.71
C MET T 218 45.56 -1.81 75.62
N SER T 219 46.16 -0.64 75.85
CA SER T 219 46.97 -0.05 74.79
C SER T 219 48.12 0.70 75.45
N GLY T 220 49.27 0.05 75.54
CA GLY T 220 50.51 0.71 75.90
C GLY T 220 51.37 0.83 74.66
N VAL T 221 51.07 0.01 73.66
CA VAL T 221 51.74 0.03 72.37
C VAL T 221 50.89 0.80 71.38
N ASP T 222 51.54 1.51 70.47
CA ASP T 222 50.84 2.30 69.47
C ASP T 222 50.50 1.43 68.26
N ILE T 223 49.54 1.92 67.46
CA ILE T 223 49.17 1.25 66.22
C ILE T 223 50.27 1.32 65.17
N GLU T 224 51.34 2.06 65.44
CA GLU T 224 52.41 2.24 64.45
C GLU T 224 53.24 0.97 64.27
N SER T 225 53.40 0.17 65.33
CA SER T 225 54.42 -0.87 65.34
C SER T 225 53.88 -2.30 65.29
N ILE T 226 52.59 -2.52 65.47
CA ILE T 226 52.08 -3.90 65.47
C ILE T 226 52.13 -4.47 64.06
N PRO T 227 52.65 -5.68 63.87
CA PRO T 227 53.00 -6.15 62.52
C PRO T 227 51.95 -6.97 61.78
N ASN T 228 50.91 -7.46 62.45
CA ASN T 228 50.00 -8.41 61.80
C ASN T 228 49.26 -7.79 60.62
N GLU T 229 49.04 -6.47 60.66
CA GLU T 229 48.38 -5.66 59.64
C GLU T 229 46.88 -5.90 59.60
N PHE T 230 46.43 -7.01 60.18
CA PHE T 230 45.00 -7.28 60.29
C PHE T 230 44.47 -6.74 61.61
N ILE T 231 45.13 -7.08 62.71
CA ILE T 231 44.90 -6.39 63.96
C ILE T 231 45.19 -4.91 63.79
N LYS T 232 46.16 -4.58 62.93
CA LYS T 232 46.48 -3.18 62.66
C LYS T 232 45.30 -2.46 62.02
N LEU T 233 44.74 -3.03 60.94
CA LEU T 233 43.57 -2.41 60.32
C LEU T 233 42.39 -2.35 61.30
N PHE T 234 42.16 -3.42 62.06
CA PHE T 234 41.04 -3.43 62.99
C PHE T 234 41.18 -2.33 64.03
N TYR T 235 42.36 -2.23 64.65
CA TYR T 235 42.58 -1.22 65.68
C TYR T 235 42.50 0.18 65.10
N GLN T 236 43.08 0.40 63.92
CA GLN T 236 43.02 1.71 63.30
C GLN T 236 41.58 2.12 63.04
N ARG T 237 40.78 1.23 62.45
CA ARG T 237 39.40 1.58 62.14
C ARG T 237 38.58 1.81 63.41
N VAL T 238 38.75 0.95 64.41
CA VAL T 238 37.96 1.08 65.63
C VAL T 238 38.34 2.34 66.39
N LYS T 239 39.62 2.71 66.39
CA LYS T 239 40.02 3.96 67.01
C LYS T 239 39.54 5.15 66.21
N SER T 240 39.47 5.02 64.88
CA SER T 240 39.01 6.12 64.05
C SER T 240 37.53 6.41 64.24
N ILE T 241 36.71 5.36 64.41
CA ILE T 241 35.26 5.56 64.45
C ILE T 241 34.67 5.50 65.85
N HIS T 242 35.40 5.00 66.85
CA HIS T 242 34.86 4.83 68.20
C HIS T 242 35.90 5.23 69.23
N ALA T 243 36.57 6.36 69.02
CA ALA T 243 37.64 6.76 69.92
C ALA T 243 37.12 7.12 71.31
N ASN T 244 35.96 7.77 71.39
CA ASN T 244 35.48 8.34 72.65
C ASN T 244 34.81 7.31 73.57
N ILE T 245 34.52 6.10 73.08
CA ILE T 245 33.75 5.14 73.86
C ILE T 245 34.55 3.87 74.13
N LEU T 246 35.86 3.88 73.88
CA LEU T 246 36.71 2.74 74.17
C LEU T 246 37.30 2.87 75.56
N ASN T 247 37.14 1.83 76.37
CA ASN T 247 37.70 1.80 77.73
C ASN T 247 39.18 1.44 77.62
N ASP T 248 39.99 2.46 77.34
CA ASP T 248 41.42 2.27 77.15
C ASP T 248 42.13 2.28 78.50
N ILE T 249 43.03 1.33 78.71
CA ILE T 249 43.78 1.18 79.95
C ILE T 249 45.24 0.90 79.61
N SER T 250 46.04 0.69 80.64
CA SER T 250 47.48 0.52 80.53
C SER T 250 47.90 -0.81 81.13
N PRO T 251 49.04 -1.36 80.69
CA PRO T 251 49.48 -2.67 81.23
C PRO T 251 49.63 -2.70 82.75
N GLN T 252 50.12 -1.60 83.35
CA GLN T 252 50.28 -1.58 84.80
C GLN T 252 48.94 -1.69 85.51
N ILE T 253 47.94 -0.93 85.06
CA ILE T 253 46.63 -1.02 85.68
C ILE T 253 45.97 -2.37 85.37
N VAL T 254 46.31 -2.97 84.23
CA VAL T 254 45.83 -4.32 83.94
C VAL T 254 46.38 -5.31 84.96
N SER T 255 47.68 -5.21 85.25
CA SER T 255 48.28 -6.08 86.26
C SER T 255 47.67 -5.83 87.63
N ASP T 256 47.42 -4.56 87.97
CA ASP T 256 46.80 -4.23 89.26
C ASP T 256 45.40 -4.85 89.36
N MET T 257 44.63 -4.77 88.27
CA MET T 257 43.29 -5.36 88.29
C MET T 257 43.33 -6.88 88.40
N ILE T 258 44.25 -7.51 87.68
CA ILE T 258 44.32 -8.98 87.70
C ILE T 258 44.78 -9.47 89.07
N ASN T 259 45.81 -8.85 89.64
CA ASN T 259 46.36 -9.34 90.90
C ASN T 259 45.35 -9.23 92.04
N ARG T 260 44.70 -8.07 92.15
CA ARG T 260 43.73 -7.84 93.22
C ARG T 260 42.87 -6.63 92.93
N HIS T 289 57.96 -26.88 71.72
CA HIS T 289 59.31 -26.37 71.55
C HIS T 289 59.34 -24.86 71.69
N VAL T 290 60.46 -24.33 72.18
CA VAL T 290 60.59 -22.89 72.37
C VAL T 290 60.74 -22.23 71.00
N ASP T 291 59.84 -21.29 70.70
CA ASP T 291 59.80 -20.66 69.39
C ASP T 291 60.92 -19.63 69.34
N VAL T 292 61.89 -19.85 68.45
CA VAL T 292 63.03 -18.97 68.30
C VAL T 292 62.68 -17.90 67.27
N TYR T 293 63.43 -16.79 67.30
CA TYR T 293 63.17 -15.58 66.50
C TYR T 293 61.95 -14.81 67.00
N ARG T 294 61.48 -15.09 68.21
CA ARG T 294 60.41 -14.34 68.87
C ARG T 294 61.08 -13.36 69.82
N VAL T 295 61.25 -12.12 69.38
CA VAL T 295 62.05 -11.11 70.08
C VAL T 295 61.11 -10.07 70.67
N ASP T 296 61.30 -9.77 71.95
CA ASP T 296 60.58 -8.69 72.61
C ASP T 296 61.38 -7.39 72.49
N VAL T 297 60.70 -6.33 72.07
CA VAL T 297 61.34 -5.04 71.84
C VAL T 297 60.60 -3.95 72.60
N VAL T 298 61.32 -2.89 72.93
CA VAL T 298 60.80 -1.71 73.59
C VAL T 298 61.33 -0.48 72.87
N ASN T 299 60.95 0.70 73.36
CA ASN T 299 61.49 1.96 72.88
C ASN T 299 62.14 2.71 74.03
N VAL T 300 63.10 3.58 73.69
CA VAL T 300 63.86 4.33 74.68
C VAL T 300 63.50 5.81 74.50
N LEU T 301 62.98 6.42 75.56
CA LEU T 301 62.70 7.85 75.60
C LEU T 301 63.85 8.52 76.34
N PHE T 302 64.73 9.17 75.59
CA PHE T 302 65.90 9.81 76.17
C PHE T 302 66.03 11.21 75.60
N GLU T 303 66.62 12.10 76.39
CA GLU T 303 66.83 13.48 75.99
C GLU T 303 68.32 13.81 76.08
N VAL T 304 68.81 14.55 75.10
CA VAL T 304 70.20 14.99 75.09
C VAL T 304 70.35 16.19 76.00
N VAL T 305 71.41 16.19 76.80
CA VAL T 305 71.69 17.27 77.73
C VAL T 305 73.05 17.88 77.40
N ASP T 306 73.09 19.21 77.29
CA ASP T 306 74.34 19.93 77.08
C ASP T 306 74.83 20.38 78.44
N VAL T 307 75.57 19.51 79.11
CA VAL T 307 76.05 19.77 80.47
C VAL T 307 77.11 20.86 80.43
N ALA T 308 76.75 22.04 80.93
CA ALA T 308 77.69 23.15 81.01
C ALA T 308 78.55 22.98 82.25
N ASP T 309 79.36 23.99 82.57
CA ASP T 309 80.14 23.94 83.80
C ASP T 309 79.23 23.97 85.03
N GLY T 310 78.17 24.79 84.98
CA GLY T 310 77.29 24.90 86.12
C GLY T 310 76.38 23.72 86.40
N LEU T 311 75.35 23.52 85.58
CA LEU T 311 74.33 22.51 85.86
C LEU T 311 73.79 21.96 84.55
N ARG T 312 72.66 21.28 84.63
CA ARG T 312 72.02 20.58 83.52
C ARG T 312 71.33 21.56 82.56
N SER T 313 71.24 21.16 81.30
CA SER T 313 70.53 21.94 80.29
C SER T 313 70.07 20.99 79.19
N VAL T 314 68.77 20.73 79.12
CA VAL T 314 68.21 19.76 78.18
C VAL T 314 67.94 20.45 76.85
N SER T 315 68.50 19.90 75.76
CA SER T 315 68.36 20.47 74.43
C SER T 315 67.22 19.84 73.63
N ARG T 316 67.27 18.53 73.40
CA ARG T 316 66.32 17.84 72.55
C ARG T 316 65.82 16.58 73.25
N LYS T 317 64.63 16.15 72.86
CA LYS T 317 64.03 14.90 73.35
C LYS T 317 63.92 13.93 72.18
N LEU T 318 64.38 12.70 72.39
CA LEU T 318 64.52 11.73 71.32
C LEU T 318 63.81 10.43 71.66
N ILE T 319 63.46 9.68 70.63
CA ILE T 319 62.83 8.37 70.76
C ILE T 319 63.59 7.37 69.90
N MET T 320 63.99 6.26 70.50
CA MET T 320 64.60 5.15 69.79
C MET T 320 63.61 3.99 69.77
N HIS T 321 63.33 3.47 68.57
CA HIS T 321 62.06 2.79 68.33
C HIS T 321 62.01 1.36 68.88
N THR T 322 62.86 0.47 68.37
CA THR T 322 62.67 -0.96 68.57
C THR T 322 63.93 -1.65 69.07
N VAL T 323 64.53 -1.09 70.12
CA VAL T 323 65.68 -1.77 70.72
C VAL T 323 65.21 -3.08 71.35
N PRO T 324 65.95 -4.18 71.21
CA PRO T 324 65.56 -5.42 71.88
C PRO T 324 65.80 -5.34 73.39
N VAL T 325 65.00 -6.08 74.13
CA VAL T 325 65.10 -6.07 75.59
C VAL T 325 66.36 -6.79 76.06
N CYS T 326 66.72 -7.89 75.39
CA CYS T 326 67.84 -8.70 75.86
C CYS T 326 69.16 -7.94 75.79
N ILE T 327 69.35 -7.14 74.75
CA ILE T 327 70.58 -6.35 74.65
C ILE T 327 70.65 -5.31 75.74
N LEU T 328 69.50 -4.69 76.07
CA LEU T 328 69.47 -3.75 77.19
C LEU T 328 69.78 -4.47 78.50
N GLU T 329 69.35 -5.72 78.63
CA GLU T 329 69.64 -6.49 79.84
C GLU T 329 71.13 -6.79 79.96
N LEU T 330 71.74 -7.27 78.89
CA LEU T 330 73.18 -7.57 78.92
C LEU T 330 73.99 -6.31 79.15
N LEU T 331 73.69 -5.23 78.41
CA LEU T 331 74.39 -3.98 78.63
C LEU T 331 74.06 -3.37 79.99
N GLY T 332 72.93 -3.76 80.58
CA GLY T 332 72.58 -3.30 81.92
C GLY T 332 72.37 -1.80 82.04
N ILE T 333 71.69 -1.19 81.07
CA ILE T 333 71.40 0.23 81.16
C ILE T 333 70.33 0.46 82.22
N GLU T 334 70.45 1.60 82.91
CA GLU T 334 69.53 1.98 83.97
C GLU T 334 68.89 3.32 83.60
N ILE T 335 67.79 3.64 84.29
CA ILE T 335 67.10 4.89 84.00
C ILE T 335 67.85 6.02 84.69
N ALA T 336 68.80 6.61 83.97
CA ALA T 336 69.67 7.66 84.49
C ALA T 336 70.38 8.28 83.29
N ASP T 337 71.39 9.10 83.58
CA ASP T 337 72.16 9.75 82.53
C ASP T 337 73.40 8.93 82.16
N TYR T 338 73.92 9.19 80.98
CA TYR T 338 75.11 8.50 80.48
C TYR T 338 75.93 9.46 79.62
N CYS T 339 77.21 9.12 79.47
CA CYS T 339 78.10 9.82 78.55
C CYS T 339 78.46 8.87 77.43
N ILE T 340 78.21 9.28 76.20
CA ILE T 340 78.47 8.44 75.03
C ILE T 340 79.56 9.11 74.20
N ARG T 341 80.81 8.76 74.52
CA ARG T 341 82.02 9.23 73.86
C ARG T 341 83.20 8.50 74.46
N GLN T 342 84.18 8.14 73.62
CA GLN T 342 85.41 7.56 74.14
C GLN T 342 86.42 8.66 74.47
N GLU T 343 87.54 8.25 75.06
CA GLU T 343 88.62 9.20 75.31
C GLU T 343 89.21 9.71 74.01
N ASP T 344 89.30 8.85 73.00
CA ASP T 344 89.80 9.28 71.70
C ASP T 344 88.88 10.33 71.09
N GLY T 345 87.56 10.10 71.14
CA GLY T 345 86.60 11.03 70.60
C GLY T 345 85.50 10.37 69.78
N MET T 346 85.56 9.05 69.65
CA MET T 346 84.53 8.31 68.94
C MET T 346 83.51 7.75 69.93
N PHE T 347 82.58 6.94 69.44
CA PHE T 347 81.52 6.42 70.28
C PHE T 347 82.00 5.21 71.07
N THR T 348 81.31 4.95 72.19
CA THR T 348 81.68 3.89 73.12
C THR T 348 81.30 2.50 72.63
N ASP T 349 80.72 2.41 71.43
CA ASP T 349 80.39 1.16 70.73
C ASP T 349 79.18 0.45 71.33
N TRP T 350 78.73 0.87 72.52
CA TRP T 350 77.46 0.33 73.00
C TRP T 350 76.30 1.21 72.56
N PHE T 351 76.49 2.54 72.59
CA PHE T 351 75.57 3.42 71.89
C PHE T 351 75.57 3.10 70.41
N LEU T 352 76.74 2.82 69.84
CA LEU T 352 76.82 2.46 68.43
C LEU T 352 76.07 1.17 68.15
N LEU T 353 76.23 0.16 69.02
CA LEU T 353 75.50 -1.09 68.84
C LEU T 353 73.99 -0.86 68.95
N LEU T 354 73.56 -0.04 69.92
CA LEU T 354 72.14 0.24 70.08
C LEU T 354 71.57 0.94 68.86
N THR T 355 72.30 1.93 68.33
CA THR T 355 71.83 2.65 67.15
C THR T 355 71.77 1.74 65.93
N MET T 356 72.79 0.89 65.75
CA MET T 356 72.78 -0.06 64.64
C MET T 356 71.72 -1.14 64.83
N LEU T 357 71.23 -1.34 66.05
CA LEU T 357 70.24 -2.36 66.35
C LEU T 357 68.82 -1.84 66.30
N SER T 358 68.62 -0.57 65.96
CA SER T 358 67.29 0.02 65.94
C SER T 358 66.79 0.17 64.50
N ASP T 359 65.49 0.45 64.37
CA ASP T 359 64.87 0.71 63.09
C ASP T 359 64.35 2.13 62.94
N GLY T 360 64.79 3.05 63.80
CA GLY T 360 64.36 4.43 63.71
C GLY T 360 64.78 5.25 64.91
N LEU T 361 65.01 6.54 64.70
CA LEU T 361 65.42 7.46 65.76
C LEU T 361 64.79 8.81 65.45
N THR T 362 63.69 9.13 66.12
CA THR T 362 62.96 10.36 65.92
C THR T 362 62.94 11.18 67.21
N ASP T 363 62.40 12.39 67.11
CA ASP T 363 62.25 13.28 68.25
C ASP T 363 60.77 13.45 68.57
N ARG T 364 60.50 14.21 69.65
CA ARG T 364 59.16 14.29 70.21
C ARG T 364 58.41 15.57 69.85
N ARG T 365 59.08 16.72 69.86
CA ARG T 365 58.39 17.98 69.58
C ARG T 365 57.86 18.00 68.15
N THR T 366 58.71 17.67 67.19
CA THR T 366 58.26 17.34 65.84
C THR T 366 58.31 15.82 65.69
N HIS T 367 58.00 15.33 64.48
CA HIS T 367 57.96 13.88 64.27
C HIS T 367 58.62 13.47 62.96
N CYS T 368 59.64 14.21 62.54
CA CYS T 368 60.42 13.84 61.36
C CYS T 368 61.58 12.93 61.76
N GLN T 369 62.19 12.30 60.75
CA GLN T 369 63.32 11.42 61.00
C GLN T 369 64.53 12.23 61.43
N TYR T 370 65.11 11.88 62.57
CA TYR T 370 66.27 12.56 63.10
C TYR T 370 67.54 11.76 62.83
N LEU T 371 68.64 12.47 62.60
CA LEU T 371 69.92 11.85 62.30
C LEU T 371 70.97 12.33 63.30
N ILE T 372 71.72 11.39 63.88
CA ILE T 372 72.78 11.74 64.80
C ILE T 372 73.91 12.44 64.05
N ASN T 373 74.63 13.31 64.77
CA ASN T 373 75.79 14.00 64.21
C ASN T 373 77.05 13.27 64.69
N PRO T 374 77.68 12.45 63.85
CA PRO T 374 78.92 11.78 64.29
C PRO T 374 80.03 12.73 64.68
N SER T 375 80.13 13.88 64.01
CA SER T 375 81.22 14.81 64.28
C SER T 375 81.00 15.53 65.61
N SER T 376 82.06 16.17 66.08
CA SER T 376 82.04 16.96 67.31
C SER T 376 81.84 18.45 67.03
N MET T 377 81.38 18.81 65.83
CA MET T 377 81.25 20.20 65.47
C MET T 377 80.08 20.84 66.23
N PRO T 378 80.09 22.17 66.38
CA PRO T 378 79.10 22.85 67.23
C PRO T 378 77.65 22.54 66.88
N PRO T 379 77.22 22.68 65.60
CA PRO T 379 75.78 22.87 65.34
C PRO T 379 74.85 21.91 66.05
N ASP T 380 75.06 20.60 65.97
CA ASP T 380 74.20 19.64 66.64
C ASP T 380 75.06 18.58 67.31
N VAL T 381 76.05 19.01 68.09
CA VAL T 381 76.91 18.06 68.78
C VAL T 381 76.12 17.34 69.87
N ILE T 382 76.37 16.04 70.02
CA ILE T 382 75.73 15.23 71.04
C ILE T 382 76.82 14.45 71.79
N LEU T 383 76.88 14.65 73.11
CA LEU T 383 77.86 13.94 73.92
C LEU T 383 77.28 13.30 75.18
N ASN T 384 76.22 13.84 75.76
CA ASN T 384 75.63 13.32 76.98
C ASN T 384 74.20 12.85 76.69
N ILE T 385 73.79 11.76 77.32
CA ILE T 385 72.48 11.16 77.10
C ILE T 385 71.87 10.78 78.43
N SER T 386 70.61 11.14 78.64
CA SER T 386 69.85 10.77 79.83
C SER T 386 68.61 10.00 79.42
N ILE T 387 68.47 8.78 79.91
CA ILE T 387 67.36 7.90 79.56
C ILE T 387 66.26 8.07 80.60
N THR T 388 65.01 8.18 80.14
CA THR T 388 63.87 8.49 81.01
C THR T 388 62.70 7.55 80.76
N GLY T 389 62.96 6.25 80.68
CA GLY T 389 61.91 5.28 80.74
C GLY T 389 61.56 4.70 79.38
N PHE T 390 60.82 3.59 79.42
CA PHE T 390 60.33 2.90 78.24
C PHE T 390 58.81 2.77 78.36
N ILE T 391 58.10 3.05 77.27
CA ILE T 391 56.64 3.15 77.32
C ILE T 391 55.95 1.92 76.73
N ASN T 392 56.36 1.48 75.54
CA ASN T 392 55.67 0.40 74.85
C ASN T 392 56.57 -0.83 74.74
N ARG T 393 55.94 -1.97 74.47
CA ARG T 393 56.64 -3.24 74.39
C ARG T 393 55.77 -4.30 73.71
N HIS T 394 56.34 -5.04 72.78
CA HIS T 394 55.60 -6.05 72.03
C HIS T 394 56.57 -7.09 71.50
N THR T 395 56.10 -7.93 70.59
CA THR T 395 56.92 -8.94 69.93
C THR T 395 57.17 -8.53 68.48
N ILE T 396 58.08 -9.27 67.83
CA ILE T 396 58.41 -9.04 66.43
C ILE T 396 59.07 -10.29 65.88
N ASP T 397 58.76 -10.61 64.63
CA ASP T 397 59.39 -11.74 63.95
C ASP T 397 60.68 -11.24 63.28
N VAL T 398 61.82 -11.57 63.89
CA VAL T 398 63.10 -11.07 63.38
C VAL T 398 63.50 -11.73 62.07
N MET T 399 62.86 -12.83 61.70
CA MET T 399 63.17 -13.49 60.43
C MET T 399 62.49 -12.73 59.30
N PRO T 400 63.25 -12.15 58.36
CA PRO T 400 62.62 -11.43 57.26
C PRO T 400 61.95 -12.38 56.28
N ASP T 401 60.97 -11.83 55.55
CA ASP T 401 60.28 -12.61 54.53
C ASP T 401 61.19 -12.85 53.33
N VAL T 402 62.12 -11.93 53.07
CA VAL T 402 62.99 -12.02 51.90
C VAL T 402 63.94 -13.21 51.96
N TYR T 403 64.26 -13.67 53.17
CA TYR T 403 65.33 -14.65 53.32
C TYR T 403 65.02 -15.95 52.58
N ASP T 404 63.77 -16.43 52.69
CA ASP T 404 63.33 -17.63 51.98
C ASP T 404 64.28 -18.81 52.20
N PHE T 405 64.90 -19.29 51.12
CA PHE T 405 65.90 -20.34 51.20
C PHE T 405 67.30 -19.74 51.14
N ILE T 406 68.28 -20.55 51.55
CA ILE T 406 69.60 -20.02 51.89
C ILE T 406 70.35 -19.57 50.65
N LYS T 407 70.88 -18.35 50.69
CA LYS T 407 71.75 -17.82 49.66
C LYS T 407 72.82 -16.97 50.34
N PRO T 408 73.89 -16.62 49.63
CA PRO T 408 74.79 -15.57 50.13
C PRO T 408 74.03 -14.26 50.29
N ILE T 409 74.43 -13.48 51.29
CA ILE T 409 73.72 -12.27 51.68
C ILE T 409 74.55 -11.07 51.25
N GLY T 410 73.92 -10.15 50.50
CA GLY T 410 74.56 -8.92 50.08
C GLY T 410 73.85 -7.72 50.70
N ALA T 411 74.65 -6.84 51.30
CA ALA T 411 74.15 -5.65 51.98
C ALA T 411 74.72 -4.41 51.33
N VAL T 412 73.89 -3.37 51.23
CA VAL T 412 74.26 -2.12 50.59
C VAL T 412 74.29 -1.03 51.65
N LEU T 413 75.43 -0.36 51.78
CA LEU T 413 75.60 0.73 52.72
C LEU T 413 76.24 1.92 52.04
N PRO T 414 75.98 3.13 52.51
CA PRO T 414 76.61 4.33 51.93
C PRO T 414 78.11 4.37 52.20
N LYS T 415 78.76 5.34 51.57
CA LYS T 415 80.20 5.50 51.70
C LYS T 415 80.60 5.82 53.14
N GLY T 416 79.95 6.82 53.75
CA GLY T 416 80.39 7.29 55.04
C GLY T 416 79.77 6.52 56.19
N SER T 417 79.62 5.21 56.01
CA SER T 417 79.05 4.37 57.05
C SER T 417 80.12 4.04 58.09
N PHE T 418 79.78 3.17 59.04
CA PHE T 418 80.68 2.75 60.10
C PHE T 418 81.23 1.35 59.86
N LYS T 419 81.58 1.04 58.61
CA LYS T 419 81.84 -0.34 58.21
C LYS T 419 82.97 -0.96 59.02
N SER T 420 84.08 -0.23 59.19
CA SER T 420 85.22 -0.79 59.91
C SER T 420 84.86 -1.09 61.35
N THR T 421 84.19 -0.14 62.02
CA THR T 421 83.84 -0.34 63.43
C THR T 421 82.84 -1.47 63.60
N ILE T 422 81.84 -1.54 62.72
CA ILE T 422 80.83 -2.60 62.86
C ILE T 422 81.45 -3.96 62.57
N MET T 423 82.38 -4.02 61.61
CA MET T 423 83.09 -5.27 61.36
C MET T 423 83.91 -5.69 62.57
N ARG T 424 84.60 -4.72 63.19
CA ARG T 424 85.39 -5.03 64.38
C ARG T 424 84.51 -5.53 65.52
N VAL T 425 83.35 -4.90 65.71
CA VAL T 425 82.44 -5.32 66.77
C VAL T 425 81.87 -6.70 66.49
N LEU T 426 81.45 -6.94 65.25
CA LEU T 426 80.85 -8.22 64.90
C LEU T 426 81.88 -9.35 64.95
N ASP T 427 83.15 -9.04 64.74
CA ASP T 427 84.19 -10.06 64.82
C ASP T 427 84.27 -10.65 66.22
N SER T 428 84.21 -9.80 67.24
CA SER T 428 84.36 -10.25 68.63
C SER T 428 82.99 -10.55 69.25
N ILE T 429 82.26 -11.46 68.60
CA ILE T 429 80.96 -11.91 69.09
C ILE T 429 80.95 -13.43 69.10
N SER T 430 80.69 -14.02 70.26
CA SER T 430 80.58 -15.47 70.40
C SER T 430 79.69 -15.77 71.60
N VAL T 431 78.79 -16.74 71.43
CA VAL T 431 77.89 -17.13 72.52
C VAL T 431 78.09 -18.60 72.84
N LEU T 432 77.87 -19.47 71.87
CA LEU T 432 78.17 -20.89 72.00
C LEU T 432 79.59 -21.14 71.50
N GLY T 433 79.94 -22.40 71.29
CA GLY T 433 81.25 -22.72 70.76
C GLY T 433 81.35 -22.46 69.27
N VAL T 434 80.87 -21.31 68.82
CA VAL T 434 80.91 -20.90 67.43
C VAL T 434 81.26 -19.42 67.37
N LYS T 435 81.69 -18.98 66.18
CA LYS T 435 81.91 -17.57 65.89
C LYS T 435 80.84 -17.12 64.91
N ILE T 436 80.13 -16.04 65.24
CA ILE T 436 79.00 -15.61 64.44
C ILE T 436 79.47 -15.04 63.10
N MET T 437 80.23 -13.95 63.15
CA MET T 437 80.73 -13.29 61.95
C MET T 437 82.13 -12.77 62.21
N PRO T 438 83.15 -13.58 61.97
CA PRO T 438 84.53 -13.14 62.23
C PRO T 438 85.02 -12.13 61.20
N ARG T 439 86.31 -11.79 61.25
CA ARG T 439 86.93 -10.96 60.22
C ARG T 439 87.25 -11.84 59.01
N ALA T 440 86.20 -12.51 58.54
CA ALA T 440 86.24 -13.45 57.44
C ALA T 440 84.79 -13.68 57.03
N HIS T 441 84.59 -14.39 55.93
CA HIS T 441 83.29 -14.58 55.30
C HIS T 441 82.66 -13.25 54.89
N VAL T 442 83.43 -12.16 54.93
CA VAL T 442 82.93 -10.82 54.68
C VAL T 442 83.81 -10.17 53.62
N VAL T 443 83.18 -9.63 52.58
CA VAL T 443 83.88 -8.93 51.52
C VAL T 443 83.61 -7.44 51.66
N ASP T 444 84.68 -6.66 51.79
CA ASP T 444 84.53 -5.23 51.94
C ASP T 444 84.09 -4.59 50.62
N SER T 445 83.47 -3.41 50.74
CA SER T 445 82.96 -2.73 49.56
C SER T 445 84.09 -2.29 48.64
N ASP T 446 85.19 -1.80 49.21
CA ASP T 446 86.34 -1.41 48.39
C ASP T 446 87.08 -2.61 47.84
N GLU T 447 86.89 -3.79 48.43
CA GLU T 447 87.62 -4.98 48.02
C GLU T 447 87.23 -5.46 46.64
N VAL T 448 86.07 -5.05 46.13
CA VAL T 448 85.67 -5.47 44.79
C VAL T 448 86.54 -4.79 43.74
N GLY T 449 86.89 -3.52 43.96
CA GLY T 449 87.69 -2.75 43.02
C GLY T 449 89.11 -2.44 43.45
N GLU T 450 89.58 -2.99 44.56
CA GLU T 450 90.92 -2.67 45.02
C GLU T 450 92.01 -3.36 44.19
N GLN T 451 91.70 -4.53 43.62
CA GLN T 451 92.72 -5.37 42.98
C GLN T 451 92.75 -5.11 41.47
N MET T 452 93.07 -3.86 41.13
CA MET T 452 93.25 -3.49 39.73
C MET T 452 94.46 -2.58 39.63
N GLU T 453 95.10 -2.57 38.45
CA GLU T 453 96.32 -1.78 38.29
C GLU T 453 96.06 -0.30 38.52
N PRO T 454 95.09 0.35 37.84
CA PRO T 454 94.49 1.55 38.43
C PRO T 454 93.27 1.18 39.26
N THR T 455 93.21 1.60 40.51
CA THR T 455 92.01 1.34 41.30
C THR T 455 90.86 2.19 40.79
N PHE T 456 89.64 1.80 41.17
CA PHE T 456 88.48 2.59 40.77
C PHE T 456 88.55 4.01 41.32
N GLU T 457 89.05 4.16 42.55
CA GLU T 457 89.24 5.49 43.11
C GLU T 457 90.23 6.29 42.28
N HIS T 458 91.35 5.67 41.92
CA HIS T 458 92.32 6.36 41.07
C HIS T 458 91.75 6.61 39.68
N ALA T 459 90.94 5.67 39.17
CA ALA T 459 90.34 5.85 37.86
C ALA T 459 89.40 7.05 37.83
N VAL T 460 88.60 7.23 38.88
CA VAL T 460 87.69 8.36 38.92
C VAL T 460 88.40 9.63 39.38
N MET T 461 89.60 9.52 39.93
CA MET T 461 90.40 10.71 40.19
C MET T 461 90.78 11.40 38.89
N GLU T 462 91.17 10.62 37.87
CA GLU T 462 91.54 11.17 36.59
C GLU T 462 90.33 11.42 35.72
N ILE T 463 89.37 12.21 36.21
CA ILE T 463 88.17 12.52 35.45
C ILE T 463 88.09 14.00 35.07
N TYR T 464 88.92 14.85 35.69
CA TYR T 464 88.92 16.27 35.33
C TYR T 464 89.35 16.48 33.88
N LYS T 465 90.14 15.55 33.33
CA LYS T 465 90.44 15.59 31.92
C LYS T 465 89.16 15.36 31.11
N GLY T 466 89.00 16.15 30.06
CA GLY T 466 87.77 16.11 29.27
C GLY T 466 86.66 17.00 29.79
N ILE T 467 86.89 17.72 30.88
CA ILE T 467 85.91 18.66 31.44
C ILE T 467 86.51 20.06 31.34
N ALA T 468 85.75 20.98 30.75
CA ALA T 468 86.25 22.33 30.53
C ALA T 468 86.33 23.10 31.84
N GLY T 469 87.36 23.95 31.95
CA GLY T 469 87.52 24.83 33.08
C GLY T 469 88.19 24.23 34.29
N VAL T 470 88.58 22.97 34.25
CA VAL T 470 89.23 22.29 35.38
C VAL T 470 90.52 21.66 34.87
N ASP T 471 91.55 21.68 35.71
CA ASP T 471 92.84 21.11 35.37
C ASP T 471 93.41 20.21 36.47
N SER T 472 92.73 20.09 37.60
CA SER T 472 93.22 19.28 38.71
C SER T 472 92.04 18.77 39.53
N LEU T 473 92.31 17.78 40.38
CA LEU T 473 91.26 17.22 41.22
C LEU T 473 90.73 18.26 42.20
N ASP T 474 91.62 19.07 42.78
CA ASP T 474 91.17 20.12 43.69
C ASP T 474 90.33 21.16 42.94
N ASP T 475 90.72 21.51 41.73
CA ASP T 475 89.92 22.43 40.92
C ASP T 475 88.56 21.84 40.61
N LEU T 476 88.52 20.53 40.33
CA LEU T 476 87.23 19.86 40.10
C LEU T 476 86.36 19.93 41.34
N THR T 477 86.94 19.68 42.51
CA THR T 477 86.15 19.73 43.75
C THR T 477 85.62 21.13 44.01
N LYS T 478 86.45 22.15 43.73
CA LYS T 478 85.97 23.52 43.86
C LYS T 478 84.86 23.83 42.86
N TRP T 479 84.97 23.30 41.65
CA TRP T 479 84.00 23.61 40.60
C TRP T 479 82.68 22.90 40.82
N VAL T 480 82.70 21.71 41.40
CA VAL T 480 81.47 20.94 41.56
C VAL T 480 80.78 21.23 42.90
N LEU T 481 81.52 21.66 43.91
CA LEU T 481 80.98 21.96 45.22
C LEU T 481 81.05 23.46 45.48
N ASN T 482 79.93 24.05 45.88
CA ASN T 482 79.87 25.47 46.18
C ASN T 482 80.39 25.72 47.60
N SER T 483 80.24 26.96 48.07
CA SER T 483 80.70 27.31 49.41
C SER T 483 79.91 26.59 50.49
N ASP T 484 78.63 26.30 50.22
CA ASP T 484 77.76 25.63 51.17
C ASP T 484 78.12 24.16 51.38
N LEU T 485 79.03 23.61 50.57
CA LEU T 485 79.35 22.19 50.55
C LEU T 485 78.12 21.34 50.22
N VAL T 486 77.17 21.95 49.51
CA VAL T 486 76.00 21.25 48.99
C VAL T 486 76.25 21.09 47.49
N PRO T 487 76.00 19.92 46.90
CA PRO T 487 76.33 19.74 45.48
C PRO T 487 75.51 20.67 44.60
N HIS T 488 76.18 21.24 43.59
CA HIS T 488 75.48 22.00 42.56
C HIS T 488 74.86 21.02 41.57
N ASP T 489 73.54 21.10 41.41
CA ASP T 489 72.82 20.05 40.69
C ASP T 489 73.29 19.95 39.24
N ASP T 490 73.44 21.08 38.56
CA ASP T 490 73.80 21.05 37.14
C ASP T 490 75.21 20.48 36.95
N ARG T 491 76.18 20.98 37.72
CA ARG T 491 77.56 20.54 37.55
C ARG T 491 77.73 19.06 37.91
N LEU T 492 77.10 18.62 39.00
CA LEU T 492 77.22 17.22 39.38
C LEU T 492 76.50 16.31 38.40
N GLY T 493 75.36 16.75 37.87
CA GLY T 493 74.69 15.99 36.83
C GLY T 493 75.54 15.88 35.58
N GLN T 494 76.25 16.96 35.23
CA GLN T 494 77.18 16.91 34.11
C GLN T 494 78.32 15.93 34.38
N LEU T 495 78.85 15.93 35.60
CA LEU T 495 79.97 15.08 35.93
C LEU T 495 79.58 13.61 35.98
N PHE T 496 78.32 13.32 36.33
CA PHE T 496 77.86 11.94 36.34
C PHE T 496 77.87 11.35 34.93
N GLN T 497 77.66 12.18 33.91
CA GLN T 497 77.70 11.68 32.54
C GLN T 497 79.08 11.19 32.15
N ALA T 498 80.14 11.67 32.82
CA ALA T 498 81.47 11.13 32.62
C ALA T 498 81.80 10.01 33.61
N PHE T 499 81.25 10.07 34.82
CA PHE T 499 81.51 9.03 35.80
C PHE T 499 80.89 7.70 35.39
N LEU T 500 79.65 7.73 34.91
CA LEU T 500 78.92 6.49 34.66
C LEU T 500 79.57 5.56 33.65
N PRO T 501 80.08 6.03 32.49
CA PRO T 501 80.71 5.08 31.55
C PRO T 501 81.86 4.30 32.16
N LEU T 502 82.64 4.91 33.05
CA LEU T 502 83.69 4.16 33.74
C LEU T 502 83.10 3.08 34.64
N ALA T 503 82.05 3.42 35.39
CA ALA T 503 81.45 2.45 36.29
C ALA T 503 80.68 1.36 35.55
N LYS T 504 80.37 1.56 34.29
CA LYS T 504 79.62 0.59 33.50
C LYS T 504 80.49 -0.21 32.54
N ASP T 505 81.75 0.16 32.38
CA ASP T 505 82.64 -0.53 31.46
C ASP T 505 83.94 -0.97 32.12
N LEU T 506 84.45 -0.20 33.07
CA LEU T 506 85.73 -0.50 33.71
C LEU T 506 85.56 -1.31 34.99
N LEU T 507 84.41 -1.19 35.65
CA LEU T 507 84.18 -1.91 36.91
C LEU T 507 83.36 -3.18 36.71
N ALA T 508 82.22 -3.08 36.02
CA ALA T 508 81.21 -4.13 36.06
C ALA T 508 81.72 -5.52 35.69
N PRO T 509 82.51 -5.72 34.62
CA PRO T 509 82.97 -7.08 34.33
C PRO T 509 83.86 -7.66 35.42
N MET T 510 84.81 -6.87 35.91
CA MET T 510 85.67 -7.35 37.00
C MET T 510 84.86 -7.63 38.25
N ALA T 511 83.89 -6.78 38.55
CA ALA T 511 83.02 -7.02 39.69
C ALA T 511 82.25 -8.31 39.55
N ARG T 512 81.72 -8.57 38.35
CA ARG T 512 80.98 -9.82 38.12
C ARG T 512 81.89 -11.03 38.31
N GLN T 513 83.09 -10.98 37.75
CA GLN T 513 84.01 -12.10 37.88
C GLN T 513 84.39 -12.32 39.34
N PHE T 514 84.69 -11.24 40.07
CA PHE T 514 85.08 -11.38 41.47
C PHE T 514 83.92 -11.91 42.32
N TYR T 515 82.71 -11.41 42.08
CA TYR T 515 81.56 -11.89 42.84
C TYR T 515 81.30 -13.37 42.57
N ASP T 516 81.40 -13.78 41.31
CA ASP T 516 81.21 -15.19 40.98
C ASP T 516 82.27 -16.07 41.64
N ASN T 517 83.53 -15.61 41.60
CA ASN T 517 84.60 -16.37 42.23
C ASN T 517 84.39 -16.49 43.74
N SER T 518 84.00 -15.38 44.38
CA SER T 518 83.76 -15.40 45.82
C SER T 518 82.59 -16.33 46.17
N MET T 519 81.52 -16.29 45.37
CA MET T 519 80.40 -17.18 45.62
C MET T 519 80.77 -18.64 45.42
N SER T 520 81.68 -18.92 44.48
CA SER T 520 82.06 -20.30 44.21
C SER T 520 82.75 -20.93 45.43
N GLU T 521 83.74 -20.25 45.99
CA GLU T 521 84.52 -20.80 47.10
C GLU T 521 83.97 -20.40 48.46
N GLY T 522 82.68 -20.64 48.67
CA GLY T 522 82.06 -20.43 49.96
C GLY T 522 80.87 -19.50 49.89
N ARG T 523 80.13 -19.45 51.00
CA ARG T 523 78.99 -18.57 51.18
C ARG T 523 79.41 -17.44 52.09
N LEU T 524 79.41 -16.21 51.56
CA LEU T 524 79.97 -15.06 52.25
C LEU T 524 78.97 -13.91 52.24
N LEU T 525 79.05 -13.08 53.28
CA LEU T 525 78.31 -11.83 53.30
C LEU T 525 79.12 -10.74 52.60
N THR T 526 78.50 -10.06 51.64
CA THR T 526 79.19 -9.09 50.80
C THR T 526 78.63 -7.71 51.05
N PHE T 527 79.51 -6.75 51.28
CA PHE T 527 79.13 -5.35 51.45
C PHE T 527 79.39 -4.59 50.15
N ALA T 528 78.46 -3.71 49.80
CA ALA T 528 78.57 -2.92 48.58
C ALA T 528 78.06 -1.52 48.82
N HIS T 529 78.50 -0.60 47.96
CA HIS T 529 78.17 0.81 48.14
C HIS T 529 76.84 1.18 47.48
N ALA T 530 76.52 0.59 46.34
CA ALA T 530 75.33 0.97 45.59
C ALA T 530 74.54 -0.27 45.18
N ASP T 531 73.23 -0.09 45.02
CA ASP T 531 72.37 -1.18 44.58
C ASP T 531 72.71 -1.59 43.14
N SER T 532 72.89 -0.61 42.26
CA SER T 532 73.22 -0.91 40.87
C SER T 532 74.57 -1.61 40.76
N GLU T 533 75.45 -1.41 41.74
CA GLU T 533 76.74 -2.09 41.73
C GLU T 533 76.55 -3.60 41.82
N LEU T 534 75.65 -4.05 42.70
CA LEU T 534 75.38 -5.48 42.80
C LEU T 534 74.50 -5.97 41.65
N LEU T 535 73.50 -5.18 41.27
CA LEU T 535 72.58 -5.62 40.22
C LEU T 535 73.29 -5.78 38.89
N ASN T 536 74.15 -4.83 38.54
CA ASN T 536 74.81 -4.86 37.23
C ASN T 536 75.85 -5.95 37.12
N ALA T 537 76.25 -6.55 38.25
CA ALA T 537 77.22 -7.65 38.26
C ALA T 537 76.54 -9.01 38.33
N ASN T 538 75.20 -9.05 38.24
CA ASN T 538 74.44 -10.30 38.30
C ASN T 538 74.75 -11.08 39.57
N TYR T 539 74.71 -10.39 40.71
CA TYR T 539 74.97 -11.03 41.99
C TYR T 539 73.90 -12.09 42.26
N PHE T 540 74.34 -13.29 42.61
CA PHE T 540 73.44 -14.40 42.91
C PHE T 540 73.36 -14.53 44.44
N GLY T 541 72.40 -13.82 45.02
CA GLY T 541 72.20 -13.88 46.46
C GLY T 541 71.09 -12.96 46.87
N HIS T 542 70.84 -12.93 48.18
CA HIS T 542 69.80 -12.07 48.73
C HIS T 542 70.29 -10.62 48.74
N LEU T 543 69.43 -9.71 48.27
CA LEU T 543 69.75 -8.30 48.16
C LEU T 543 69.07 -7.54 49.28
N LEU T 544 69.86 -6.88 50.12
CA LEU T 544 69.36 -6.09 51.22
C LEU T 544 69.89 -4.66 51.12
N ARG T 545 69.00 -3.69 51.29
CA ARG T 545 69.35 -2.28 51.28
C ARG T 545 69.25 -1.75 52.70
N LEU T 546 70.34 -1.18 53.21
CA LEU T 546 70.44 -0.82 54.61
C LEU T 546 70.93 0.63 54.75
N LYS T 547 70.41 1.30 55.78
CA LYS T 547 70.78 2.68 56.08
C LYS T 547 71.01 2.83 57.58
N ILE T 548 71.89 3.75 57.94
CA ILE T 548 72.23 3.99 59.34
C ILE T 548 71.67 5.35 59.76
N PRO T 549 71.30 5.53 61.03
CA PRO T 549 70.77 6.83 61.46
C PRO T 549 71.76 7.98 61.31
N TYR T 550 73.06 7.71 61.43
CA TYR T 550 74.04 8.78 61.45
C TYR T 550 74.16 9.46 60.10
N ILE T 551 74.72 10.67 60.11
CA ILE T 551 74.99 11.42 58.89
C ILE T 551 76.35 10.97 58.36
N THR T 552 76.35 10.42 57.14
CA THR T 552 77.57 9.83 56.59
C THR T 552 78.55 10.90 56.10
N GLU T 553 78.02 12.03 55.64
CA GLU T 553 78.88 13.05 55.02
C GLU T 553 79.89 13.61 56.03
N VAL T 554 79.44 13.92 57.25
CA VAL T 554 80.36 14.44 58.25
C VAL T 554 81.37 13.37 58.66
N ASN T 555 80.95 12.10 58.63
CA ASN T 555 81.89 11.01 58.91
C ASN T 555 82.98 10.95 57.84
N LEU T 556 82.62 11.18 56.59
CA LEU T 556 83.62 11.29 55.54
C LEU T 556 84.51 12.50 55.78
N MET T 557 83.92 13.61 56.23
CA MET T 557 84.68 14.84 56.42
C MET T 557 85.67 14.73 57.57
N ILE T 558 85.38 13.88 58.56
CA ILE T 558 86.32 13.73 59.67
C ILE T 558 87.39 12.70 59.34
N ARG T 559 87.05 11.71 58.51
CA ARG T 559 88.02 10.69 58.13
C ARG T 559 89.10 11.29 57.24
N LYS T 560 90.31 10.71 57.31
CA LYS T 560 91.47 11.22 56.60
C LYS T 560 92.20 10.09 55.89
N ASN T 561 93.04 10.49 54.93
CA ASN T 561 93.94 9.58 54.21
C ASN T 561 93.18 8.48 53.48
N ARG T 562 92.03 8.81 52.90
CA ARG T 562 91.29 7.85 52.08
C ARG T 562 91.64 7.99 50.61
N GLU T 563 92.96 7.97 50.34
CA GLU T 563 93.50 8.01 48.98
C GLU T 563 92.95 9.20 48.19
N GLY T 564 93.26 10.39 48.65
CA GLY T 564 92.85 11.59 47.95
C GLY T 564 92.23 12.59 48.91
N GLY T 565 91.70 13.66 48.32
CA GLY T 565 91.09 14.71 49.10
C GLY T 565 89.79 14.27 49.76
N GLU T 566 89.50 14.90 50.89
CA GLU T 566 88.25 14.62 51.60
C GLU T 566 87.05 15.10 50.79
N LEU T 567 87.16 16.26 50.14
CA LEU T 567 86.11 16.73 49.25
C LEU T 567 85.89 15.76 48.11
N PHE T 568 86.98 15.13 47.64
CA PHE T 568 86.83 14.08 46.64
C PHE T 568 86.00 12.92 47.19
N GLN T 569 86.22 12.56 48.45
CA GLN T 569 85.41 11.50 49.06
C GLN T 569 83.94 11.90 49.13
N LEU T 570 83.67 13.17 49.48
CA LEU T 570 82.29 13.63 49.53
C LEU T 570 81.62 13.56 48.16
N VAL T 571 82.31 14.04 47.13
CA VAL T 571 81.74 14.01 45.78
C VAL T 571 81.55 12.58 45.29
N LEU T 572 82.52 11.70 45.59
CA LEU T 572 82.42 10.31 45.17
C LEU T 572 81.26 9.61 45.86
N SER T 573 81.05 9.91 47.15
CA SER T 573 79.91 9.35 47.87
C SER T 573 78.60 9.83 47.27
N TYR T 574 78.54 11.12 46.91
CA TYR T 574 77.34 11.63 46.26
C TYR T 574 77.10 10.92 44.92
N LEU T 575 78.18 10.65 44.19
CA LEU T 575 78.06 9.96 42.91
C LEU T 575 77.54 8.55 43.08
N TYR T 576 78.06 7.80 44.06
CA TYR T 576 77.52 6.47 44.31
C TYR T 576 76.06 6.52 44.79
N LYS T 577 75.71 7.53 45.60
CA LYS T 577 74.32 7.65 46.05
C LYS T 577 73.37 7.86 44.87
N MET T 578 73.69 8.81 43.99
CA MET T 578 72.79 9.05 42.86
C MET T 578 72.84 7.89 41.88
N TYR T 579 73.96 7.18 41.81
CA TYR T 579 74.07 6.02 40.93
C TYR T 579 73.08 4.93 41.33
N ALA T 580 72.76 4.83 42.62
CA ALA T 580 71.88 3.77 43.08
C ALA T 580 70.46 3.99 42.57
N THR T 581 69.70 2.90 42.50
CA THR T 581 68.33 2.96 42.00
C THR T 581 67.40 3.55 43.05
N SER T 582 66.12 3.60 42.71
CA SER T 582 65.10 4.16 43.59
C SER T 582 64.35 3.02 44.27
N ALA T 583 64.75 2.71 45.51
CA ALA T 583 64.09 1.70 46.31
C ALA T 583 64.31 2.04 47.78
N GLN T 584 63.30 1.74 48.59
CA GLN T 584 63.34 2.10 50.00
C GLN T 584 64.30 1.20 50.75
N PRO T 585 65.34 1.74 51.39
CA PRO T 585 66.26 0.91 52.15
C PRO T 585 65.74 0.65 53.55
N LYS T 586 65.71 -0.62 53.94
CA LYS T 586 65.38 -0.96 55.32
C LYS T 586 66.50 -0.53 56.25
N TRP T 587 66.21 -0.49 57.54
CA TRP T 587 67.20 -0.12 58.52
C TRP T 587 68.17 -1.28 58.78
N PHE T 588 69.40 -0.92 59.16
CA PHE T 588 70.40 -1.92 59.53
C PHE T 588 69.97 -2.76 60.72
N GLY T 589 69.02 -2.26 61.51
CA GLY T 589 68.57 -2.97 62.69
C GLY T 589 68.00 -4.34 62.36
N SER T 590 67.30 -4.45 61.24
CA SER T 590 66.69 -5.74 60.88
C SER T 590 67.77 -6.81 60.69
N LEU T 591 68.77 -6.52 59.85
CA LEU T 591 69.83 -7.49 59.62
C LEU T 591 70.63 -7.75 60.89
N LEU T 592 70.93 -6.71 61.66
CA LEU T 592 71.76 -6.90 62.84
C LEU T 592 71.03 -7.73 63.89
N ARG T 593 69.73 -7.49 64.08
CA ARG T 593 68.92 -8.29 64.99
C ARG T 593 68.84 -9.74 64.51
N LEU T 594 68.62 -9.94 63.21
CA LEU T 594 68.59 -11.30 62.66
C LEU T 594 69.91 -12.01 62.92
N LEU T 595 71.02 -11.29 62.83
CA LEU T 595 72.33 -11.92 62.99
C LEU T 595 72.63 -12.25 64.45
N ILE T 596 72.28 -11.35 65.36
CA ILE T 596 72.70 -11.48 66.76
C ILE T 596 71.63 -12.13 67.63
N CYS T 597 70.42 -11.57 67.64
CA CYS T 597 69.48 -11.86 68.72
C CYS T 597 69.11 -13.32 68.90
N PRO T 598 68.84 -14.12 67.86
CA PRO T 598 68.42 -15.52 68.10
C PRO T 598 69.43 -16.34 68.86
N TRP T 599 70.73 -16.06 68.72
CA TRP T 599 71.75 -16.87 69.38
C TRP T 599 71.70 -16.71 70.90
N LEU T 600 71.35 -15.51 71.37
CA LEU T 600 71.30 -15.28 72.82
C LEU T 600 70.22 -16.14 73.47
N HIS T 601 69.09 -16.32 72.80
CA HIS T 601 68.07 -17.22 73.33
C HIS T 601 68.58 -18.65 73.39
N MET T 602 69.38 -19.07 72.41
CA MET T 602 69.98 -20.39 72.46
C MET T 602 70.94 -20.51 73.63
N GLU T 603 71.72 -19.46 73.90
CA GLU T 603 72.59 -19.47 75.07
C GLU T 603 71.78 -19.59 76.35
N LYS T 604 70.65 -18.88 76.42
CA LYS T 604 69.79 -18.96 77.60
C LYS T 604 69.24 -20.38 77.77
N LEU T 605 68.86 -21.02 76.67
CA LEU T 605 68.19 -22.32 76.76
C LEU T 605 69.18 -23.45 76.99
N ILE T 606 70.06 -23.69 76.02
CA ILE T 606 70.93 -24.86 76.02
C ILE T 606 72.36 -24.54 76.40
N GLY T 607 72.63 -23.33 76.89
CA GLY T 607 73.97 -23.04 77.38
C GLY T 607 74.36 -23.92 78.56
N GLU T 608 73.38 -24.28 79.38
CA GLU T 608 73.64 -25.19 80.50
C GLU T 608 73.77 -26.63 80.03
N ALA T 609 73.18 -26.95 78.87
CA ALA T 609 73.11 -28.33 78.41
C ALA T 609 74.47 -28.81 77.92
N ASP T 610 74.54 -30.11 77.64
CA ASP T 610 75.77 -30.73 77.18
C ASP T 610 76.13 -30.23 75.78
N PRO T 611 77.40 -29.94 75.52
CA PRO T 611 77.79 -29.42 74.20
C PRO T 611 77.65 -30.43 73.08
N ALA T 612 78.20 -31.63 73.27
CA ALA T 612 78.20 -32.63 72.21
C ALA T 612 76.79 -33.13 71.92
N SER T 613 75.95 -33.21 72.95
CA SER T 613 74.58 -33.66 72.75
C SER T 613 73.81 -32.69 71.87
N THR T 614 74.07 -31.39 72.02
CA THR T 614 73.29 -30.38 71.29
C THR T 614 73.90 -30.08 69.92
N SER T 615 75.22 -30.16 69.79
CA SER T 615 75.89 -29.73 68.57
C SER T 615 75.53 -30.63 67.39
N ALA T 616 75.44 -30.01 66.22
CA ALA T 616 75.15 -30.70 64.98
C ALA T 616 75.57 -29.82 63.81
N GLU T 617 75.71 -30.43 62.64
CA GLU T 617 76.12 -29.70 61.44
C GLU T 617 75.70 -30.45 60.19
N ILE T 618 75.65 -29.73 59.08
CA ILE T 618 75.35 -30.30 57.77
C ILE T 618 76.46 -29.91 56.79
N GLY T 619 76.77 -30.81 55.88
CA GLY T 619 77.76 -30.52 54.86
C GLY T 619 77.76 -31.57 53.78
N TRP T 620 78.53 -31.29 52.73
CA TRP T 620 78.62 -32.20 51.60
C TRP T 620 79.35 -33.47 51.99
N HIS T 621 78.95 -34.59 51.38
CA HIS T 621 79.48 -35.91 51.70
C HIS T 621 80.01 -36.56 50.43
N VAL T 622 81.31 -36.41 50.18
CA VAL T 622 81.95 -37.13 49.09
C VAL T 622 82.16 -38.59 49.50
N PRO T 623 81.88 -39.55 48.63
CA PRO T 623 82.02 -40.96 49.02
C PRO T 623 83.48 -41.32 49.33
N ARG T 624 83.61 -42.32 50.21
CA ARG T 624 84.94 -42.76 50.62
C ARG T 624 85.74 -43.31 49.44
N GLU T 625 85.08 -44.06 48.56
CA GLU T 625 85.76 -44.69 47.43
C GLU T 625 86.00 -43.65 46.33
N GLN T 626 86.83 -42.65 46.69
CA GLN T 626 87.33 -41.64 45.74
C GLN T 626 88.81 -41.49 46.04
N LEU T 627 89.63 -42.28 45.38
CA LEU T 627 91.06 -42.31 45.66
C LEU T 627 91.72 -41.00 45.24
N MET T 628 92.72 -40.59 46.02
CA MET T 628 93.48 -39.37 45.72
C MET T 628 94.95 -39.70 45.49
N GLY T 638 85.00 -37.98 53.16
CA GLY T 638 85.27 -36.56 53.33
C GLY T 638 84.02 -35.75 53.60
N PHE T 639 84.14 -34.77 54.50
CA PHE T 639 83.02 -33.93 54.89
C PHE T 639 83.41 -32.47 54.75
N ILE T 640 82.60 -31.71 54.02
CA ILE T 640 82.79 -30.28 53.84
C ILE T 640 81.57 -29.57 54.42
N PRO T 641 81.69 -29.00 55.61
CA PRO T 641 80.51 -28.44 56.29
C PRO T 641 79.86 -27.31 55.49
N TYR T 642 78.53 -27.27 55.54
CA TYR T 642 77.75 -26.25 54.85
C TYR T 642 77.10 -25.29 55.84
N VAL T 643 76.33 -25.81 56.79
CA VAL T 643 75.77 -25.02 57.88
C VAL T 643 75.96 -25.78 59.18
N SER T 644 75.90 -25.06 60.28
CA SER T 644 76.01 -25.62 61.62
C SER T 644 74.79 -25.22 62.44
N ILE T 645 74.18 -26.19 63.11
CA ILE T 645 72.96 -25.97 63.89
C ILE T 645 73.25 -26.32 65.35
N ARG T 646 72.99 -25.37 66.24
CA ARG T 646 73.00 -25.61 67.68
C ARG T 646 71.57 -25.54 68.18
N ALA T 647 71.10 -26.62 68.79
CA ALA T 647 69.69 -26.75 69.13
C ALA T 647 69.55 -27.75 70.26
N PRO T 648 68.42 -27.73 70.97
CA PRO T 648 68.15 -28.79 71.94
C PRO T 648 68.13 -30.16 71.27
N ARG T 649 68.39 -31.20 72.08
CA ARG T 649 68.52 -32.54 71.54
C ARG T 649 67.28 -32.97 70.77
N LEU T 650 66.08 -32.64 71.30
CA LEU T 650 64.86 -33.02 70.61
C LEU T 650 64.79 -32.42 69.21
N VAL T 651 65.22 -31.17 69.07
CA VAL T 651 65.16 -30.51 67.78
C VAL T 651 66.03 -31.23 66.76
N ILE T 652 67.28 -31.55 67.12
CA ILE T 652 68.17 -32.19 66.15
C ILE T 652 67.72 -33.63 65.87
N GLU T 653 67.18 -34.32 66.88
CA GLU T 653 66.61 -35.63 66.61
C GLU T 653 65.46 -35.54 65.61
N GLU T 654 64.67 -34.46 65.68
CA GLU T 654 63.67 -34.23 64.64
C GLU T 654 64.33 -33.93 63.30
N LEU T 655 65.49 -33.26 63.33
CA LEU T 655 66.18 -32.90 62.09
C LEU T 655 66.72 -34.13 61.38
N MET T 656 67.07 -35.18 62.14
CA MET T 656 67.84 -36.29 61.55
C MET T 656 67.11 -36.98 60.41
N GLU T 657 65.83 -37.29 60.58
CA GLU T 657 65.14 -38.13 59.60
C GLU T 657 64.73 -37.33 58.37
N LYS T 658 64.81 -36.00 58.42
CA LYS T 658 64.54 -35.21 57.23
C LYS T 658 65.55 -35.56 56.15
N ASN T 659 65.04 -35.81 54.94
CA ASN T 659 65.88 -36.29 53.85
C ASN T 659 66.68 -35.13 53.27
N TRP T 660 67.99 -35.14 53.49
CA TRP T 660 68.89 -34.17 52.87
C TRP T 660 69.35 -34.71 51.52
N GLY T 661 68.36 -35.09 50.71
CA GLY T 661 68.62 -35.63 49.40
C GLY T 661 68.11 -34.68 48.31
N GLN T 662 68.45 -35.04 47.08
CA GLN T 662 68.14 -34.21 45.91
C GLN T 662 68.76 -32.82 46.02
N TYR T 663 69.87 -32.73 46.74
CA TYR T 663 70.66 -31.51 46.86
C TYR T 663 72.08 -31.86 46.43
N HIS T 664 72.32 -31.79 45.13
CA HIS T 664 73.60 -32.20 44.56
C HIS T 664 74.46 -30.99 44.26
N ALA T 665 75.78 -31.21 44.31
CA ALA T 665 76.73 -30.15 44.02
C ALA T 665 78.00 -30.77 43.45
N GLN T 666 78.73 -29.98 42.69
CA GLN T 666 80.01 -30.39 42.11
C GLN T 666 81.12 -29.73 42.91
N VAL T 667 81.97 -30.56 43.52
CA VAL T 667 83.01 -30.09 44.43
C VAL T 667 84.36 -30.23 43.76
N ILE T 668 85.10 -29.13 43.69
CA ILE T 668 86.48 -29.12 43.20
C ILE T 668 87.38 -28.74 44.36
N VAL T 669 88.14 -29.72 44.85
CA VAL T 669 88.95 -29.52 46.04
C VAL T 669 90.41 -29.82 45.83
N THR T 670 91.15 -28.86 45.31
CA THR T 670 92.58 -29.07 45.18
C THR T 670 93.35 -27.88 45.66
N ASP T 671 94.17 -28.08 46.68
CA ASP T 671 95.03 -26.99 47.13
C ASP T 671 96.08 -27.41 48.11
N GLN T 672 96.99 -26.49 48.42
CA GLN T 672 97.96 -26.75 49.46
C GLN T 672 97.18 -26.43 50.71
N LEU T 673 97.67 -26.87 51.85
CA LEU T 673 96.90 -26.70 53.06
C LEU T 673 96.66 -25.26 53.40
N VAL T 674 95.44 -24.95 53.80
CA VAL T 674 95.17 -23.61 54.26
C VAL T 674 95.87 -23.59 55.59
N VAL T 675 96.62 -22.52 55.87
CA VAL T 675 97.38 -22.50 57.12
C VAL T 675 96.34 -22.52 58.20
N GLY T 676 96.42 -23.48 59.09
CA GLY T 676 95.36 -23.62 60.04
C GLY T 676 95.60 -24.44 61.26
N GLU T 677 94.69 -24.33 62.23
CA GLU T 677 94.79 -25.11 63.44
C GLU T 677 94.71 -26.59 63.15
N PRO T 678 93.83 -27.00 62.23
CA PRO T 678 93.88 -28.42 61.93
C PRO T 678 94.23 -28.63 60.46
N ARG T 679 94.65 -29.81 60.08
CA ARG T 679 95.06 -29.98 58.71
C ARG T 679 93.78 -29.92 57.93
N ARG T 680 93.66 -28.95 57.03
CA ARG T 680 92.43 -28.76 56.31
C ARG T 680 92.71 -28.09 54.97
N VAL T 681 92.30 -28.71 53.88
CA VAL T 681 92.44 -28.12 52.56
C VAL T 681 91.14 -27.46 52.16
N SER T 682 91.23 -26.47 51.28
CA SER T 682 90.07 -25.69 50.87
C SER T 682 89.41 -26.30 49.63
N ALA T 683 88.08 -26.23 49.60
CA ALA T 683 87.28 -26.80 48.52
C ALA T 683 86.45 -25.72 47.85
N LYS T 684 85.85 -26.08 46.71
CA LYS T 684 84.99 -25.19 45.94
C LYS T 684 83.76 -25.98 45.51
N ALA T 685 82.59 -25.59 46.00
CA ALA T 685 81.34 -26.28 45.71
C ALA T 685 80.36 -25.33 45.05
N VAL T 686 79.67 -25.83 44.02
CA VAL T 686 78.66 -25.08 43.29
C VAL T 686 77.37 -25.86 43.33
N ILE T 687 76.29 -25.22 43.76
CA ILE T 687 74.99 -25.88 43.88
C ILE T 687 74.25 -25.80 42.55
N LYS T 688 73.83 -26.95 42.04
CA LYS T 688 73.11 -27.03 40.78
C LYS T 688 71.60 -27.12 40.93
N GLY T 689 71.12 -27.78 41.97
CA GLY T 689 69.68 -27.95 42.13
C GLY T 689 69.03 -26.79 42.84
N ASN T 690 68.23 -27.08 43.86
CA ASN T 690 67.59 -26.04 44.66
C ASN T 690 68.52 -25.63 45.80
N HIS T 691 68.03 -24.79 46.69
CA HIS T 691 68.75 -24.40 47.88
C HIS T 691 67.95 -24.81 49.12
N LEU T 692 68.61 -24.73 50.27
CA LEU T 692 68.03 -25.26 51.50
C LEU T 692 66.95 -24.31 52.02
N PRO T 693 65.71 -24.76 52.14
CA PRO T 693 64.69 -23.92 52.77
C PRO T 693 64.91 -23.83 54.27
N VAL T 694 64.76 -22.62 54.81
CA VAL T 694 65.01 -22.42 56.23
C VAL T 694 63.95 -23.11 57.07
N LYS T 695 62.70 -23.13 56.61
CA LYS T 695 61.66 -23.86 57.33
C LYS T 695 61.86 -25.36 57.23
N LEU T 696 62.55 -25.83 56.19
CA LEU T 696 62.97 -27.23 56.16
C LEU T 696 63.97 -27.53 57.25
N ILE T 697 64.82 -26.56 57.58
CA ILE T 697 65.79 -26.76 58.66
C ILE T 697 65.04 -26.70 59.99
N SER T 698 64.52 -25.53 60.34
CA SER T 698 63.69 -25.35 61.53
C SER T 698 63.31 -23.88 61.65
N ARG T 699 62.40 -23.61 62.59
CA ARG T 699 62.29 -22.31 63.22
C ARG T 699 62.67 -22.35 64.70
N PHE T 700 62.85 -23.53 65.26
CA PHE T 700 63.21 -23.70 66.67
C PHE T 700 64.71 -23.86 66.87
N ALA T 701 65.51 -23.74 65.82
CA ALA T 701 66.94 -23.98 65.89
C ALA T 701 67.69 -22.89 65.14
N CYS T 702 68.71 -22.32 65.78
CA CYS T 702 69.53 -21.31 65.14
C CYS T 702 70.61 -21.95 64.28
N PHE T 703 71.30 -21.12 63.50
CA PHE T 703 72.36 -21.59 62.62
C PHE T 703 73.23 -20.39 62.24
N THR T 704 74.17 -20.63 61.34
CA THR T 704 75.11 -19.60 60.90
C THR T 704 74.78 -19.17 59.48
N LEU T 705 74.91 -17.86 59.22
CA LEU T 705 74.53 -17.28 57.94
C LEU T 705 75.60 -17.47 56.88
N THR T 706 76.88 -17.38 57.26
CA THR T 706 77.99 -17.46 56.32
C THR T 706 79.00 -18.50 56.78
N SER T 707 79.61 -19.19 55.82
CA SER T 707 80.64 -20.17 56.11
C SER T 707 81.52 -20.37 54.89
N LYS T 708 82.79 -20.64 55.13
CA LYS T 708 83.73 -20.95 54.07
C LYS T 708 83.73 -22.45 53.79
N TYR T 709 84.26 -22.82 52.62
CA TYR T 709 84.32 -24.21 52.18
C TYR T 709 85.74 -24.73 52.33
N GLU T 710 85.88 -25.85 53.01
CA GLU T 710 87.16 -26.51 53.22
C GLU T 710 86.91 -27.96 53.59
N MET T 711 87.74 -28.85 53.06
CA MET T 711 87.54 -30.28 53.20
C MET T 711 88.28 -30.79 54.44
N ARG T 712 87.61 -31.67 55.19
CA ARG T 712 88.14 -32.19 56.44
C ARG T 712 88.88 -33.50 56.19
N LEU T 713 90.17 -33.52 56.51
CA LEU T 713 90.97 -34.72 56.31
C LEU T 713 91.69 -35.11 57.61
N THR T 719 97.44 -36.12 51.19
CA THR T 719 97.24 -35.11 50.16
C THR T 719 96.95 -35.77 48.80
N GLY T 720 97.28 -35.06 47.73
CA GLY T 720 97.09 -35.53 46.38
C GLY T 720 96.48 -34.46 45.51
N ARG T 721 96.16 -34.83 44.28
CA ARG T 721 95.55 -33.92 43.34
C ARG T 721 94.05 -33.82 43.60
N GLY T 722 93.36 -33.03 42.77
CA GLY T 722 91.93 -32.83 42.94
C GLY T 722 91.10 -33.14 41.71
N ALA T 723 89.81 -33.30 41.90
CA ALA T 723 88.89 -33.61 40.81
C ALA T 723 87.49 -33.16 41.22
N ALA T 724 86.53 -33.37 40.32
CA ALA T 724 85.14 -32.97 40.54
C ALA T 724 84.33 -34.19 40.93
N TYR T 725 83.60 -34.08 42.04
CA TYR T 725 82.76 -35.15 42.55
C TYR T 725 81.35 -34.62 42.79
N ASN T 726 80.35 -35.34 42.30
CA ASN T 726 78.96 -34.96 42.51
C ASN T 726 78.54 -35.49 43.88
N ALA T 727 78.54 -34.61 44.87
CA ALA T 727 78.25 -35.00 46.25
C ALA T 727 76.82 -34.64 46.62
N ARG T 728 76.42 -35.03 47.83
CA ARG T 728 75.11 -34.72 48.38
C ARG T 728 75.27 -34.23 49.80
N LEU T 729 74.18 -33.72 50.37
CA LEU T 729 74.20 -33.26 51.74
C LEU T 729 74.13 -34.44 52.71
N ALA T 730 74.57 -34.18 53.94
CA ALA T 730 74.48 -35.17 55.01
C ALA T 730 74.46 -34.44 56.34
N PHE T 731 73.88 -35.09 57.34
CA PHE T 731 73.69 -34.51 58.68
C PHE T 731 74.36 -35.42 59.70
N ARG T 732 75.49 -34.98 60.22
CA ARG T 732 76.26 -35.74 61.20
C ARG T 732 76.24 -35.04 62.55
N SER T 733 76.19 -35.82 63.62
CA SER T 733 76.19 -35.29 64.97
C SER T 733 76.82 -36.34 65.88
N ASP T 734 76.73 -36.10 67.20
CA ASP T 734 77.29 -37.03 68.18
C ASP T 734 76.19 -37.60 69.07
N GLN U 182 100.71 33.21 -73.47
CA GLN U 182 99.28 33.38 -73.61
C GLN U 182 98.93 34.01 -74.94
N CYS U 183 97.65 33.99 -75.30
CA CYS U 183 97.16 34.62 -76.52
C CYS U 183 96.44 35.91 -76.16
N HIS U 184 96.84 37.01 -76.79
CA HIS U 184 96.31 38.33 -76.48
C HIS U 184 95.02 38.64 -77.24
N VAL U 185 94.34 37.62 -77.76
CA VAL U 185 93.08 37.79 -78.46
C VAL U 185 91.91 37.28 -77.62
N CYS U 186 92.00 36.03 -77.15
CA CYS U 186 90.96 35.43 -76.32
C CYS U 186 91.40 35.25 -74.87
N SER U 187 92.59 35.76 -74.51
CA SER U 187 93.13 35.64 -73.16
C SER U 187 93.23 34.18 -72.72
N ALA U 188 93.63 33.31 -73.65
CA ALA U 188 93.80 31.89 -73.36
C ALA U 188 95.27 31.60 -73.12
N VAL U 189 95.53 30.74 -72.13
CA VAL U 189 96.90 30.41 -71.73
C VAL U 189 97.35 29.17 -72.47
N LEU U 190 98.51 29.25 -73.13
CA LEU U 190 99.09 28.14 -73.85
C LEU U 190 100.36 27.68 -73.14
N PHE U 191 100.48 26.37 -72.93
CA PHE U 191 101.61 25.83 -72.19
C PHE U 191 102.90 25.96 -72.99
N SER U 192 102.86 25.63 -74.27
CA SER U 192 104.02 25.74 -75.15
C SER U 192 103.81 26.89 -76.12
N PRO U 193 104.66 27.92 -76.09
CA PRO U 193 104.44 29.08 -76.98
C PRO U 193 104.50 28.74 -78.45
N LEU U 194 105.16 27.64 -78.83
CA LEU U 194 105.24 27.26 -80.24
C LEU U 194 103.92 26.72 -80.76
N ASP U 195 102.95 26.43 -79.90
CA ASP U 195 101.65 25.94 -80.31
C ASP U 195 100.60 27.05 -80.38
N LEU U 196 101.02 28.31 -80.24
CA LEU U 196 100.10 29.43 -80.35
C LEU U 196 99.52 29.58 -81.75
N ASP U 197 100.23 29.08 -82.78
CA ASP U 197 99.75 29.21 -84.15
C ASP U 197 98.46 28.44 -84.35
N ALA U 198 98.38 27.22 -83.81
CA ALA U 198 97.15 26.44 -83.94
C ALA U 198 95.98 27.13 -83.26
N HIS U 199 96.24 27.77 -82.12
CA HIS U 199 95.17 28.47 -81.42
C HIS U 199 94.70 29.70 -82.20
N VAL U 200 95.64 30.50 -82.70
CA VAL U 200 95.24 31.71 -83.44
C VAL U 200 94.65 31.38 -84.79
N ALA U 201 94.89 30.16 -85.30
CA ALA U 201 94.21 29.74 -86.52
C ALA U 201 92.70 29.70 -86.33
N SER U 202 92.23 29.48 -85.10
CA SER U 202 90.79 29.51 -84.83
C SER U 202 90.26 30.92 -84.87
N HIS U 203 91.03 31.89 -84.37
CA HIS U 203 90.62 33.29 -84.46
C HIS U 203 90.73 33.83 -85.88
N GLY U 204 91.56 33.22 -86.72
CA GLY U 204 91.68 33.60 -88.10
C GLY U 204 92.98 34.29 -88.49
N LEU U 205 94.03 34.18 -87.69
CA LEU U 205 95.32 34.79 -87.98
C LEU U 205 96.25 33.71 -88.51
N HIS U 206 96.73 33.88 -89.74
CA HIS U 206 97.63 32.93 -90.36
C HIS U 206 99.03 33.15 -89.79
N GLY U 207 99.22 32.69 -88.56
CA GLY U 207 100.51 32.82 -87.91
C GLY U 207 101.53 31.85 -88.45
N ASN U 208 102.80 32.12 -88.12
CA ASN U 208 103.90 31.28 -88.56
C ASN U 208 105.11 31.45 -87.64
N ARG U 218 90.58 20.21 -85.10
CA ARG U 218 89.55 19.17 -85.01
C ARG U 218 88.43 19.60 -84.05
N HIS U 219 88.66 20.69 -83.34
CA HIS U 219 87.67 21.20 -82.41
C HIS U 219 86.45 21.74 -83.15
N ILE U 220 85.31 21.72 -82.47
CA ILE U 220 84.08 22.24 -83.02
C ILE U 220 83.58 23.47 -82.26
N THR U 221 83.84 23.56 -80.95
CA THR U 221 83.43 24.71 -80.15
C THR U 221 84.50 24.97 -79.11
N GLU U 222 84.84 26.25 -78.93
CA GLU U 222 85.85 26.65 -77.94
C GLU U 222 85.31 27.83 -77.16
N PHE U 223 85.12 27.65 -75.86
CA PHE U 223 84.60 28.70 -74.97
C PHE U 223 85.61 29.01 -73.88
N ILE U 224 85.63 30.27 -73.47
CA ILE U 224 86.53 30.76 -72.43
C ILE U 224 85.70 31.52 -71.39
N SER U 225 86.05 31.31 -70.13
CA SER U 225 85.36 31.94 -69.01
C SER U 225 86.22 33.07 -68.47
N SER U 226 85.60 34.23 -68.22
CA SER U 226 86.34 35.40 -67.79
C SER U 226 86.79 35.29 -66.34
N TRP U 227 85.90 34.83 -65.45
CA TRP U 227 86.19 34.90 -64.02
C TRP U 227 87.02 33.73 -63.54
N GLN U 228 87.13 32.67 -64.35
CA GLN U 228 87.83 31.46 -63.93
C GLN U 228 88.65 30.91 -65.09
N ASN U 229 89.63 30.07 -64.75
CA ASN U 229 90.48 29.42 -65.74
C ASN U 229 90.02 27.98 -65.95
N HIS U 230 89.07 27.83 -66.86
CA HIS U 230 88.51 26.54 -67.21
C HIS U 230 87.97 26.59 -68.64
N PRO U 231 88.84 26.47 -69.64
CA PRO U 231 88.35 26.39 -71.02
C PRO U 231 87.57 25.11 -71.25
N ILE U 232 86.54 25.21 -72.09
CA ILE U 232 85.70 24.07 -72.45
C ILE U 232 85.68 23.93 -73.95
N VAL U 233 85.93 22.73 -74.44
CA VAL U 233 86.02 22.45 -75.87
C VAL U 233 85.12 21.28 -76.21
N GLN U 234 84.81 21.16 -77.51
CA GLN U 234 83.96 20.09 -78.01
C GLN U 234 84.67 19.33 -79.12
N VAL U 235 84.40 18.02 -79.16
CA VAL U 235 84.80 17.14 -80.25
C VAL U 235 83.62 16.27 -80.61
N SER U 236 83.64 15.71 -81.81
CA SER U 236 82.53 14.88 -82.25
C SER U 236 82.45 13.61 -81.40
N ALA U 237 81.27 12.99 -81.42
CA ALA U 237 80.95 11.94 -80.45
C ALA U 237 81.88 10.73 -80.55
N ASP U 238 82.58 10.55 -81.68
CA ASP U 238 83.44 9.39 -81.89
C ASP U 238 84.80 9.87 -82.40
N VAL U 239 85.71 10.18 -81.47
CA VAL U 239 87.04 10.64 -81.85
C VAL U 239 88.16 9.80 -81.23
N GLU U 240 88.22 9.73 -79.91
CA GLU U 240 89.42 9.26 -79.22
C GLU U 240 89.07 8.99 -77.76
N ASN U 241 90.10 8.80 -76.94
CA ASN U 241 89.96 8.51 -75.52
C ASN U 241 89.24 9.60 -74.74
N ARG U 242 88.91 10.71 -75.41
CA ARG U 242 88.12 11.80 -74.82
C ARG U 242 88.85 12.39 -73.61
N LYS U 243 90.00 13.01 -73.91
CA LYS U 243 90.86 13.59 -72.88
C LYS U 243 90.29 14.94 -72.47
N THR U 244 89.43 14.91 -71.44
CA THR U 244 88.88 16.12 -70.82
C THR U 244 88.23 17.05 -71.85
N ALA U 245 87.45 16.46 -72.75
CA ALA U 245 86.74 17.22 -73.77
C ALA U 245 85.28 16.79 -73.82
N GLN U 246 84.41 17.75 -74.10
CA GLN U 246 82.98 17.48 -74.23
C GLN U 246 82.69 16.87 -75.59
N LEU U 247 81.44 16.47 -75.81
CA LEU U 247 81.03 15.78 -77.02
C LEU U 247 79.87 16.49 -77.68
N LEU U 248 79.80 16.36 -78.99
CA LEU U 248 78.70 16.86 -79.81
C LEU U 248 77.83 15.65 -80.17
N HIS U 249 76.77 15.45 -79.41
CA HIS U 249 75.94 14.25 -79.56
C HIS U 249 74.98 14.32 -80.75
N ALA U 250 74.84 15.49 -81.38
CA ALA U 250 73.99 15.57 -82.57
C ALA U 250 74.57 14.72 -83.69
N ASP U 251 73.68 14.11 -84.47
CA ASP U 251 74.09 13.36 -85.66
C ASP U 251 74.19 14.35 -86.83
N THR U 252 75.24 15.16 -86.78
CA THR U 252 75.38 16.23 -87.75
C THR U 252 75.72 15.68 -89.14
N PRO U 253 75.24 16.33 -90.19
CA PRO U 253 75.68 15.97 -91.54
C PRO U 253 77.00 16.65 -91.89
N ARG U 254 77.56 16.23 -93.01
CA ARG U 254 78.82 16.78 -93.50
C ARG U 254 78.53 17.57 -94.78
N LEU U 255 78.46 18.89 -94.65
CA LEU U 255 78.19 19.76 -95.79
C LEU U 255 79.48 20.15 -96.51
N VAL U 256 80.41 20.75 -95.80
CA VAL U 256 81.66 21.23 -96.39
C VAL U 256 82.57 20.04 -96.65
N THR U 257 82.65 19.63 -97.92
CA THR U 257 83.53 18.56 -98.36
C THR U 257 84.30 19.04 -99.59
N TRP U 258 85.61 18.83 -99.59
CA TRP U 258 86.46 19.37 -100.63
C TRP U 258 86.72 18.31 -101.72
N ASP U 259 87.42 18.73 -102.77
CA ASP U 259 87.73 17.85 -103.89
C ASP U 259 88.94 18.43 -104.62
N ALA U 260 90.03 17.68 -104.66
CA ALA U 260 91.26 18.09 -105.33
C ALA U 260 91.43 17.21 -106.57
N GLY U 261 90.80 17.62 -107.66
CA GLY U 261 90.84 16.85 -108.89
C GLY U 261 89.83 17.37 -109.87
N LEU U 262 90.00 16.94 -111.12
CA LEU U 262 89.07 17.34 -112.17
C LEU U 262 87.67 16.81 -111.88
N CYS U 263 86.68 17.63 -112.21
CA CYS U 263 85.29 17.39 -111.81
C CYS U 263 84.46 16.77 -112.93
N THR U 264 85.06 15.93 -113.76
CA THR U 264 84.30 15.27 -114.81
C THR U 264 83.58 14.05 -114.24
N SER U 265 82.58 13.58 -114.99
CA SER U 265 81.83 12.39 -114.62
C SER U 265 81.68 11.38 -115.75
N PHE U 266 82.04 11.74 -116.98
CA PHE U 266 81.99 10.84 -118.12
C PHE U 266 83.41 10.61 -118.62
N LYS U 267 83.89 9.38 -118.50
CA LYS U 267 85.21 9.08 -119.05
C LYS U 267 85.07 8.55 -120.47
N ILE U 268 86.21 8.38 -121.14
CA ILE U 268 86.25 7.84 -122.49
C ILE U 268 87.04 6.54 -122.44
N VAL U 269 86.43 5.45 -122.88
CA VAL U 269 87.05 4.14 -122.81
C VAL U 269 87.18 3.53 -124.19
N PRO U 270 88.24 2.78 -124.47
CA PRO U 270 88.30 2.00 -125.70
C PRO U 270 87.45 0.74 -125.60
N ILE U 271 87.01 0.27 -126.76
CA ILE U 271 86.20 -0.94 -126.86
C ILE U 271 86.97 -2.07 -127.53
N VAL U 272 87.40 -1.87 -128.77
CA VAL U 272 88.27 -2.82 -129.45
C VAL U 272 89.62 -2.16 -129.72
N PRO U 273 90.63 -2.42 -128.90
CA PRO U 273 91.92 -1.76 -129.09
C PRO U 273 92.58 -2.15 -130.40
N ALA U 274 93.32 -1.21 -130.97
CA ALA U 274 94.06 -1.44 -132.21
C ALA U 274 95.23 -0.48 -132.27
N GLN U 275 96.38 -0.98 -132.69
CA GLN U 275 97.59 -0.18 -132.84
C GLN U 275 97.97 -0.11 -134.31
N VAL U 276 98.44 1.06 -134.73
CA VAL U 276 98.70 1.32 -136.15
C VAL U 276 100.12 1.87 -136.28
N PRO U 277 100.74 1.70 -137.46
CA PRO U 277 102.04 2.30 -137.69
C PRO U 277 101.95 3.82 -137.66
N GLN U 278 103.05 4.45 -137.24
CA GLN U 278 103.12 5.89 -137.11
C GLN U 278 104.33 6.42 -137.87
N ASP U 279 104.20 7.66 -138.37
CA ASP U 279 105.30 8.31 -139.07
C ASP U 279 106.20 9.11 -138.14
N VAL U 280 105.64 9.66 -137.07
CA VAL U 280 106.40 10.38 -136.06
C VAL U 280 106.28 9.63 -134.74
N LEU U 281 107.41 9.32 -134.12
CA LEU U 281 107.43 8.50 -132.92
C LEU U 281 107.52 9.30 -131.64
N ALA U 282 108.37 10.32 -131.58
CA ALA U 282 108.55 11.09 -130.36
C ALA U 282 109.18 12.43 -130.69
N TYR U 283 109.07 13.36 -129.74
CA TYR U 283 109.74 14.64 -129.82
C TYR U 283 111.15 14.51 -129.26
N THR U 284 112.08 15.28 -129.83
CA THR U 284 113.48 15.24 -129.43
C THR U 284 113.96 16.64 -129.08
N PHE U 285 114.75 16.74 -128.02
CA PHE U 285 115.37 17.99 -127.60
C PHE U 285 116.81 17.68 -127.23
N PHE U 286 117.75 18.05 -128.12
CA PHE U 286 119.17 17.72 -127.98
C PHE U 286 119.28 16.20 -127.83
N THR U 287 119.96 15.69 -126.80
CA THR U 287 120.10 14.24 -126.68
C THR U 287 118.81 13.58 -126.21
N SER U 288 118.08 14.23 -125.32
CA SER U 288 116.90 13.63 -124.72
C SER U 288 115.73 13.60 -125.70
N SER U 289 114.82 12.67 -125.47
CA SER U 289 113.60 12.53 -126.27
C SER U 289 112.43 12.24 -125.35
N TYR U 290 111.25 12.73 -125.74
CA TYR U 290 110.03 12.57 -124.95
C TYR U 290 108.97 11.88 -125.80
N ALA U 291 108.32 10.87 -125.22
CA ALA U 291 107.33 10.10 -125.95
C ALA U 291 106.04 10.89 -126.12
N ILE U 292 105.31 10.60 -127.21
CA ILE U 292 104.06 11.27 -127.51
C ILE U 292 102.95 10.67 -126.66
N GLN U 293 102.11 11.53 -126.08
CA GLN U 293 100.95 11.10 -125.29
C GLN U 293 99.69 11.68 -125.91
N SER U 294 98.63 10.88 -125.95
CA SER U 294 97.40 11.29 -126.60
C SER U 294 96.30 11.53 -125.58
N PRO U 295 95.51 12.61 -125.75
CA PRO U 295 94.43 12.88 -124.81
C PRO U 295 93.31 11.85 -124.87
N PHE U 296 93.19 11.10 -125.96
CA PHE U 296 92.13 10.13 -126.13
C PHE U 296 92.71 8.75 -126.43
N PRO U 297 92.02 7.68 -126.04
CA PRO U 297 92.55 6.33 -126.29
C PRO U 297 92.60 6.03 -127.77
N GLU U 298 93.77 5.58 -128.23
CA GLU U 298 93.97 5.21 -129.63
C GLU U 298 93.42 3.80 -129.84
N ALA U 299 92.18 3.71 -130.32
CA ALA U 299 91.52 2.43 -130.53
C ALA U 299 90.65 2.52 -131.78
N ALA U 300 90.19 1.36 -132.24
CA ALA U 300 89.36 1.32 -133.44
C ALA U 300 88.04 2.05 -133.21
N VAL U 301 87.40 1.83 -132.06
CA VAL U 301 86.19 2.55 -131.68
C VAL U 301 86.31 2.98 -130.23
N SER U 302 85.53 3.98 -129.86
CA SER U 302 85.55 4.53 -128.52
C SER U 302 84.13 4.89 -128.09
N ARG U 303 83.84 4.67 -126.81
CA ARG U 303 82.53 4.96 -126.24
C ARG U 303 82.69 5.81 -124.99
N ILE U 304 81.63 6.54 -124.66
CA ILE U 304 81.57 7.37 -123.47
C ILE U 304 80.69 6.67 -122.44
N VAL U 305 81.25 6.38 -121.28
CA VAL U 305 80.50 5.76 -120.20
C VAL U 305 80.43 6.74 -119.04
N VAL U 306 79.70 6.37 -117.98
CA VAL U 306 79.50 7.24 -116.83
C VAL U 306 80.16 6.57 -115.63
N HIS U 307 81.23 7.18 -115.13
CA HIS U 307 81.89 6.76 -113.90
C HIS U 307 82.06 8.03 -113.08
N THR U 308 81.05 8.35 -112.28
CA THR U 308 81.10 9.58 -111.49
C THR U 308 82.28 9.57 -110.55
N ARG U 309 83.01 10.68 -110.53
CA ARG U 309 84.21 10.83 -109.69
C ARG U 309 85.22 9.70 -109.94
N TRP U 310 85.38 9.32 -111.20
CA TRP U 310 86.35 8.28 -111.54
C TRP U 310 87.77 8.74 -111.27
N ALA U 311 88.08 9.99 -111.59
CA ALA U 311 89.39 10.59 -111.32
C ALA U 311 89.17 11.77 -110.40
N SER U 312 89.19 11.51 -109.10
CA SER U 312 88.94 12.55 -108.10
C SER U 312 89.64 12.16 -106.81
N ASN U 313 90.31 13.13 -106.20
CA ASN U 313 90.96 12.96 -104.90
C ASN U 313 90.15 13.76 -103.89
N VAL U 314 89.42 13.05 -103.04
CA VAL U 314 88.45 13.65 -102.13
C VAL U 314 88.84 13.31 -100.69
N ASP U 315 88.70 14.27 -99.79
CA ASP U 315 88.99 14.02 -98.39
C ASP U 315 87.93 13.12 -97.75
N PHE U 316 86.68 13.24 -98.18
CA PHE U 316 85.58 12.46 -97.58
C PHE U 316 84.63 12.06 -98.70
N ASP U 317 84.62 10.78 -99.04
CA ASP U 317 83.73 10.27 -100.07
C ASP U 317 82.37 9.91 -99.49
N ARG U 318 81.32 10.22 -100.24
CA ARG U 318 79.95 9.88 -99.85
C ARG U 318 79.58 8.46 -100.24
N ASP U 319 80.45 7.76 -100.97
CA ASP U 319 80.36 6.32 -101.23
C ASP U 319 79.25 5.98 -102.22
N SER U 320 78.45 6.97 -102.62
CA SER U 320 77.48 6.76 -103.69
C SER U 320 78.19 6.85 -105.04
N SER U 321 77.77 6.01 -105.97
CA SER U 321 78.42 5.98 -107.27
C SER U 321 77.47 5.39 -108.31
N VAL U 322 77.49 5.99 -109.50
CA VAL U 322 76.82 5.46 -110.68
C VAL U 322 77.92 5.09 -111.67
N ILE U 323 78.26 3.82 -111.74
CA ILE U 323 79.40 3.34 -112.54
C ILE U 323 78.86 2.43 -113.62
N MET U 324 79.15 2.78 -114.87
CA MET U 324 78.72 2.00 -116.03
C MET U 324 79.90 1.22 -116.59
N ALA U 325 79.70 -0.08 -116.79
CA ALA U 325 80.66 -0.88 -117.52
C ALA U 325 80.62 -0.50 -119.00
N PRO U 326 81.67 -0.82 -119.76
CA PRO U 326 81.62 -0.56 -121.19
C PRO U 326 80.48 -1.30 -121.82
N PRO U 327 79.89 -0.75 -122.90
CA PRO U 327 78.67 -1.32 -123.45
C PRO U 327 78.80 -2.77 -123.91
N THR U 328 80.02 -3.25 -124.17
CA THR U 328 80.19 -4.66 -124.48
C THR U 328 79.75 -5.55 -123.32
N GLU U 329 80.11 -5.17 -122.10
CA GLU U 329 79.60 -5.86 -120.93
C GLU U 329 78.19 -5.40 -120.61
N ASN U 330 77.48 -6.21 -119.85
CA ASN U 330 76.10 -5.91 -119.47
C ASN U 330 76.05 -5.23 -118.11
N ASN U 331 75.17 -4.23 -117.99
CA ASN U 331 74.95 -3.50 -116.74
C ASN U 331 73.45 -3.48 -116.46
N ILE U 332 72.97 -4.53 -115.80
CA ILE U 332 71.58 -4.65 -115.40
C ILE U 332 71.40 -4.52 -113.90
N HIS U 333 72.47 -4.65 -113.12
CA HIS U 333 72.41 -4.46 -111.68
C HIS U 333 71.99 -3.05 -111.31
N LEU U 334 72.18 -2.08 -112.21
CA LEU U 334 71.83 -0.70 -111.96
C LEU U 334 70.38 -0.39 -112.29
N PHE U 335 69.69 -1.28 -112.99
CA PHE U 335 68.27 -1.12 -113.26
C PHE U 335 67.40 -2.13 -112.52
N LYS U 336 68.00 -3.16 -111.91
CA LYS U 336 67.26 -4.07 -111.04
C LYS U 336 67.50 -3.74 -109.56
N GLN U 337 67.65 -2.45 -109.24
CA GLN U 337 68.11 -2.05 -107.91
C GLN U 337 66.98 -2.04 -106.89
N LEU U 338 65.90 -1.31 -107.16
CA LEU U 338 65.00 -0.89 -106.09
C LEU U 338 64.02 -1.98 -105.68
N LEU U 339 63.13 -2.39 -106.59
CA LEU U 339 62.04 -3.29 -106.23
C LEU U 339 62.06 -4.59 -107.02
N ASN U 340 63.18 -4.95 -107.63
CA ASN U 340 63.31 -6.28 -108.21
C ASN U 340 63.88 -7.27 -107.19
N THR U 341 63.23 -7.32 -106.02
CA THR U 341 63.69 -8.20 -104.95
C THR U 341 63.52 -9.66 -105.34
N GLU U 342 62.34 -10.03 -105.84
CA GLU U 342 62.11 -11.36 -106.37
C GLU U 342 61.60 -11.25 -107.81
N THR U 343 62.22 -11.99 -108.71
CA THR U 343 61.82 -12.03 -110.11
C THR U 343 61.85 -13.48 -110.56
N LEU U 344 61.59 -13.70 -111.85
CA LEU U 344 61.67 -15.03 -112.44
C LEU U 344 63.00 -15.29 -113.13
N SER U 345 63.88 -14.30 -113.20
CA SER U 345 65.21 -14.47 -113.79
C SER U 345 66.16 -13.51 -113.13
N VAL U 346 67.29 -14.03 -112.64
CA VAL U 346 68.24 -13.20 -111.91
C VAL U 346 68.92 -12.20 -112.84
N ARG U 347 69.21 -12.59 -114.07
CA ARG U 347 69.90 -11.70 -115.02
C ARG U 347 68.91 -10.92 -115.89
N GLY U 348 67.94 -10.28 -115.25
CA GLY U 348 66.95 -9.49 -115.94
C GLY U 348 66.45 -8.36 -115.08
N ALA U 349 65.73 -7.43 -115.71
CA ALA U 349 65.14 -6.29 -115.03
C ALA U 349 63.70 -6.15 -115.46
N ASN U 350 62.86 -5.68 -114.55
CA ASN U 350 61.44 -5.55 -114.83
C ASN U 350 61.20 -4.35 -115.73
N PRO U 351 60.68 -4.54 -116.94
CA PRO U 351 60.42 -3.38 -117.81
C PRO U 351 59.28 -2.50 -117.31
N LEU U 352 58.40 -3.03 -116.47
CA LEU U 352 57.29 -2.24 -115.94
C LEU U 352 57.72 -1.26 -114.85
N MET U 353 58.97 -1.33 -114.39
CA MET U 353 59.42 -0.55 -113.25
C MET U 353 60.77 0.09 -113.51
N PHE U 354 60.99 0.58 -114.73
CA PHE U 354 62.27 1.20 -115.06
C PHE U 354 62.37 2.62 -114.53
N ARG U 355 61.24 3.33 -114.42
CA ARG U 355 61.28 4.75 -114.09
C ARG U 355 61.80 4.99 -112.68
N ALA U 356 61.36 4.18 -111.72
CA ALA U 356 61.83 4.35 -110.35
C ALA U 356 63.33 4.10 -110.26
N ASN U 357 63.82 3.05 -110.92
CA ASN U 357 65.25 2.75 -110.90
C ASN U 357 66.06 3.88 -111.55
N VAL U 358 65.56 4.42 -112.67
CA VAL U 358 66.27 5.50 -113.35
C VAL U 358 66.28 6.75 -112.48
N LEU U 359 65.16 7.06 -111.84
CA LEU U 359 65.09 8.22 -110.97
C LEU U 359 66.04 8.09 -109.80
N HIS U 360 66.11 6.91 -109.19
CA HIS U 360 67.03 6.71 -108.06
C HIS U 360 68.48 6.75 -108.51
N MET U 361 68.77 6.25 -109.73
CA MET U 361 70.12 6.37 -110.27
C MET U 361 70.50 7.83 -110.48
N LEU U 362 69.59 8.63 -111.01
CA LEU U 362 69.86 10.06 -111.17
C LEU U 362 70.03 10.73 -109.82
N LEU U 363 69.25 10.32 -108.82
CA LEU U 363 69.40 10.87 -107.48
C LEU U 363 70.79 10.56 -106.92
N GLU U 364 71.27 9.34 -107.10
CA GLU U 364 72.63 9.03 -106.68
C GLU U 364 73.65 9.86 -107.44
N PHE U 365 73.46 10.00 -108.76
CA PHE U 365 74.41 10.74 -109.59
C PHE U 365 74.52 12.19 -109.16
N VAL U 366 73.41 12.80 -108.75
CA VAL U 366 73.46 14.19 -108.31
C VAL U 366 73.84 14.30 -106.84
N LEU U 367 73.62 13.25 -106.04
CA LEU U 367 73.91 13.30 -104.62
C LEU U 367 75.37 13.01 -104.29
N ASP U 368 76.08 12.30 -105.16
CA ASP U 368 77.48 12.01 -104.93
C ASP U 368 78.42 12.99 -105.63
N ASN U 369 77.87 14.07 -106.19
CA ASN U 369 78.67 15.12 -106.82
C ASN U 369 78.56 16.44 -106.08
N LEU U 370 78.21 16.37 -104.79
CA LEU U 370 78.07 17.57 -103.96
C LEU U 370 79.39 17.83 -103.26
N TYR U 371 80.33 18.38 -104.02
CA TYR U 371 81.66 18.68 -103.52
C TYR U 371 82.08 20.08 -103.95
N LEU U 372 83.03 20.64 -103.22
CA LEU U 372 83.57 21.96 -103.51
C LEU U 372 84.98 21.82 -104.06
N ASN U 373 85.24 22.44 -105.20
CA ASN U 373 86.56 22.38 -105.81
C ASN U 373 87.58 23.09 -104.93
N ARG U 374 88.85 22.69 -105.08
CA ARG U 374 89.92 23.20 -104.23
C ARG U 374 91.03 23.77 -105.10
N HIS U 375 91.89 24.58 -104.47
CA HIS U 375 92.84 25.46 -105.13
C HIS U 375 94.27 24.89 -105.11
N THR U 376 94.42 23.60 -105.37
CA THR U 376 95.75 22.99 -105.44
C THR U 376 96.67 23.79 -106.35
N GLY U 377 97.97 23.69 -106.07
CA GLY U 377 98.93 24.59 -106.69
C GLY U 377 99.08 24.36 -108.18
N PHE U 378 99.67 25.36 -108.84
CA PHE U 378 99.87 25.37 -110.28
C PHE U 378 101.34 25.14 -110.62
N SER U 379 101.66 25.21 -111.91
CA SER U 379 103.02 25.06 -112.38
C SER U 379 103.10 25.60 -113.81
N GLN U 380 104.17 26.33 -114.10
CA GLN U 380 104.36 26.87 -115.43
C GLN U 380 104.68 25.76 -116.42
N ASP U 381 104.72 26.12 -117.70
CA ASP U 381 105.02 25.16 -118.75
C ASP U 381 105.63 25.90 -119.92
N HIS U 382 106.81 25.46 -120.36
CA HIS U 382 107.47 26.03 -121.52
C HIS U 382 107.54 25.02 -122.68
N THR U 383 106.56 24.14 -122.75
CA THR U 383 106.44 23.27 -123.91
C THR U 383 106.19 24.10 -125.16
N PRO U 384 106.82 23.78 -126.30
CA PRO U 384 106.66 24.61 -127.49
C PRO U 384 105.23 24.67 -128.03
N PHE U 385 104.30 23.98 -127.38
CA PHE U 385 102.90 24.04 -127.74
C PHE U 385 102.04 24.83 -126.77
N THR U 386 102.39 24.84 -125.48
CA THR U 386 101.69 25.63 -124.49
C THR U 386 102.65 26.62 -123.83
N GLU U 387 103.43 27.32 -124.65
CA GLU U 387 104.46 28.23 -124.18
C GLU U 387 103.92 29.30 -123.23
N GLY U 388 104.36 29.27 -121.98
CA GLY U 388 104.05 30.30 -121.02
C GLY U 388 102.73 30.12 -120.29
N ALA U 389 101.93 29.13 -120.65
CA ALA U 389 100.62 28.95 -120.02
C ALA U 389 100.75 28.16 -118.72
N ASN U 390 100.13 28.67 -117.67
CA ASN U 390 100.10 27.98 -116.39
C ASN U 390 99.28 26.70 -116.50
N LEU U 391 99.63 25.71 -115.68
CA LEU U 391 98.92 24.44 -115.65
C LEU U 391 98.71 24.03 -114.21
N ARG U 392 97.60 23.32 -113.96
CA ARG U 392 97.30 22.85 -112.62
C ARG U 392 97.94 21.49 -112.37
N SER U 393 98.48 21.32 -111.16
CA SER U 393 99.10 20.07 -110.75
C SER U 393 98.26 19.40 -109.68
N LEU U 394 98.13 18.08 -109.78
CA LEU U 394 97.30 17.35 -108.83
C LEU U 394 98.15 16.70 -107.76
N PRO U 395 97.64 16.62 -106.53
CA PRO U 395 98.39 15.97 -105.45
C PRO U 395 98.43 14.46 -105.67
N GLY U 396 99.64 13.92 -105.80
CA GLY U 396 99.82 12.51 -106.01
C GLY U 396 101.23 12.16 -106.42
N PRO U 397 101.41 10.98 -107.02
CA PRO U 397 102.77 10.54 -107.40
C PRO U 397 103.38 11.39 -108.50
N ASP U 398 102.64 11.60 -109.59
CA ASP U 398 103.18 12.28 -110.76
C ASP U 398 102.25 13.41 -111.18
N ALA U 399 102.84 14.49 -111.69
CA ALA U 399 102.10 15.62 -112.23
C ALA U 399 102.12 15.67 -113.75
N GLU U 400 103.23 15.28 -114.38
CA GLU U 400 103.30 15.21 -115.84
C GLU U 400 102.41 14.11 -116.39
N LYS U 401 101.96 13.17 -115.55
CA LYS U 401 101.09 12.10 -116.00
C LYS U 401 99.70 12.61 -116.35
N TRP U 402 99.24 13.66 -115.69
CA TRP U 402 97.87 14.17 -115.82
C TRP U 402 97.80 15.42 -116.69
N TYR U 403 98.58 15.50 -117.76
CA TYR U 403 98.53 16.64 -118.66
C TYR U 403 97.88 16.31 -119.99
N SER U 404 98.26 15.19 -120.62
CA SER U 404 97.57 14.74 -121.82
C SER U 404 96.07 14.61 -121.56
N ILE U 405 95.71 14.06 -120.42
CA ILE U 405 94.37 14.23 -119.87
C ILE U 405 94.30 15.61 -119.23
N MET U 406 93.18 16.29 -119.44
CA MET U 406 92.86 17.65 -118.99
C MET U 406 93.52 18.73 -119.82
N TYR U 407 94.41 18.41 -120.76
CA TYR U 407 94.97 19.42 -121.67
C TYR U 407 95.19 18.77 -123.03
N PRO U 408 94.14 18.66 -123.84
CA PRO U 408 94.28 18.01 -125.16
C PRO U 408 95.21 18.75 -126.11
N THR U 409 95.44 20.04 -125.90
CA THR U 409 96.22 20.84 -126.84
C THR U 409 97.71 20.88 -126.52
N ARG U 410 98.17 20.18 -125.48
CA ARG U 410 99.60 20.11 -125.23
C ARG U 410 100.31 19.36 -126.34
N MET U 411 99.72 18.26 -126.83
CA MET U 411 100.26 17.62 -128.02
C MET U 411 99.89 18.43 -129.25
N GLY U 412 100.83 18.49 -130.20
CA GLY U 412 100.61 19.28 -131.39
C GLY U 412 99.93 18.50 -132.50
N THR U 413 100.47 18.59 -133.71
CA THR U 413 99.97 17.84 -134.86
C THR U 413 101.15 17.15 -135.55
N PRO U 414 101.80 16.20 -134.86
CA PRO U 414 102.97 15.54 -135.45
C PRO U 414 102.61 14.66 -136.63
N ASN U 415 101.61 13.81 -136.45
CA ASN U 415 101.16 12.89 -137.48
C ASN U 415 99.87 13.39 -138.12
N VAL U 416 99.36 12.62 -139.07
CA VAL U 416 98.09 12.94 -139.73
C VAL U 416 97.02 11.94 -139.30
N SER U 417 96.29 12.28 -138.24
CA SER U 417 95.26 11.43 -137.70
C SER U 417 94.04 12.28 -137.35
N LYS U 418 92.96 11.62 -136.94
CA LYS U 418 91.76 12.35 -136.53
C LYS U 418 92.01 13.16 -135.28
N ILE U 419 92.77 12.62 -134.32
CA ILE U 419 93.10 13.37 -133.11
C ILE U 419 93.91 14.60 -133.46
N CYS U 420 94.91 14.46 -134.34
CA CYS U 420 95.71 15.60 -134.74
C CYS U 420 94.87 16.63 -135.49
N ASN U 421 93.95 16.16 -136.34
CA ASN U 421 93.07 17.09 -137.05
C ASN U 421 92.19 17.86 -136.09
N PHE U 422 91.66 17.18 -135.07
CA PHE U 422 90.87 17.88 -134.05
C PHE U 422 91.72 18.88 -133.29
N VAL U 423 92.95 18.52 -132.95
CA VAL U 423 93.83 19.41 -132.21
C VAL U 423 94.15 20.65 -133.03
N ALA U 424 94.40 20.48 -134.32
CA ALA U 424 94.78 21.59 -135.18
C ALA U 424 93.68 22.63 -135.34
N SER U 425 92.44 22.32 -134.95
CA SER U 425 91.33 23.25 -135.12
C SER U 425 91.06 24.10 -133.88
N CYS U 426 91.56 23.69 -132.71
CA CYS U 426 91.29 24.42 -131.48
C CYS U 426 92.17 25.67 -131.39
N VAL U 427 91.81 26.54 -130.45
CA VAL U 427 92.61 27.73 -130.17
C VAL U 427 93.75 27.39 -129.22
N ARG U 428 94.77 28.22 -129.22
CA ARG U 428 96.00 27.95 -128.49
C ARG U 428 96.18 28.81 -127.24
N ASN U 429 95.14 29.56 -126.84
CA ASN U 429 95.26 30.45 -125.69
C ASN U 429 94.31 30.11 -124.54
N ARG U 430 93.36 29.21 -124.73
CA ARG U 430 92.43 28.83 -123.67
C ARG U 430 92.93 27.54 -122.99
N VAL U 431 94.02 27.69 -122.25
CA VAL U 431 94.67 26.56 -121.59
C VAL U 431 95.07 26.98 -120.19
N GLY U 432 94.72 26.15 -119.21
CA GLY U 432 95.20 26.39 -117.86
C GLY U 432 94.47 27.53 -117.18
N ARG U 433 95.24 28.33 -116.43
CA ARG U 433 94.66 29.37 -115.60
C ARG U 433 94.02 30.47 -116.45
N PHE U 434 92.88 30.96 -115.99
CA PHE U 434 92.18 32.07 -116.63
C PHE U 434 92.43 33.38 -115.88
N ASP U 435 92.09 33.42 -114.59
CA ASP U 435 92.33 34.61 -113.77
C ASP U 435 92.33 34.20 -112.31
N ARG U 436 92.82 35.09 -111.46
CA ARG U 436 92.91 34.87 -110.02
C ARG U 436 92.36 36.10 -109.30
N ALA U 437 92.52 36.11 -107.98
CA ALA U 437 91.99 37.16 -107.13
C ALA U 437 93.11 38.06 -106.62
N GLN U 438 92.71 39.24 -106.12
CA GLN U 438 93.62 40.15 -105.45
C GLN U 438 93.76 39.84 -103.96
N MET U 439 92.92 38.96 -103.42
CA MET U 439 92.99 38.58 -102.01
C MET U 439 94.02 37.46 -101.85
N MET U 440 95.29 37.85 -101.98
CA MET U 440 96.37 36.89 -101.88
C MET U 440 96.54 36.40 -100.46
N ASN U 441 96.64 35.08 -100.32
CA ASN U 441 96.93 34.44 -99.04
C ASN U 441 98.39 34.01 -99.04
N GLY U 442 99.23 34.75 -98.33
CA GLY U 442 100.66 34.53 -98.45
C GLY U 442 101.11 34.88 -99.85
N ALA U 443 101.45 33.87 -100.64
CA ALA U 443 101.78 34.04 -102.04
C ALA U 443 100.81 33.34 -102.97
N MET U 444 99.76 32.72 -102.42
CA MET U 444 98.80 31.94 -103.19
C MET U 444 97.42 32.57 -103.09
N SER U 445 96.75 32.73 -104.22
CA SER U 445 95.41 33.31 -104.27
C SER U 445 94.40 32.44 -103.53
N GLU U 446 93.18 32.95 -103.36
CA GLU U 446 92.14 32.21 -102.65
C GLU U 446 90.97 31.79 -103.53
N TRP U 447 90.90 32.24 -104.79
CA TRP U 447 90.00 31.64 -105.77
C TRP U 447 90.61 31.82 -107.14
N VAL U 448 90.28 30.90 -108.04
CA VAL U 448 90.89 30.87 -109.36
C VAL U 448 89.91 30.26 -110.37
N ASP U 449 90.04 30.68 -111.62
CA ASP U 449 89.30 30.09 -112.74
C ASP U 449 90.30 29.48 -113.69
N VAL U 450 90.06 28.23 -114.11
CA VAL U 450 91.01 27.49 -114.92
C VAL U 450 90.28 26.83 -116.09
N PHE U 451 91.07 26.47 -117.10
CA PHE U 451 90.60 25.67 -118.22
C PHE U 451 91.11 24.23 -118.06
N GLU U 452 90.19 23.28 -118.03
CA GLU U 452 90.53 21.87 -117.93
C GLU U 452 89.31 21.05 -118.30
N THR U 453 89.53 19.76 -118.55
CA THR U 453 88.42 18.88 -118.90
C THR U 453 87.47 18.73 -117.71
N SER U 454 86.19 18.79 -117.99
CA SER U 454 85.12 18.70 -117.00
C SER U 454 83.85 18.34 -117.75
N ASP U 455 82.70 18.51 -117.11
CA ASP U 455 81.44 18.41 -117.84
C ASP U 455 80.41 19.36 -117.23
N ALA U 456 79.57 19.91 -118.11
CA ALA U 456 78.70 21.01 -117.72
C ALA U 456 77.74 20.60 -116.61
N LEU U 457 77.24 19.36 -116.65
CA LEU U 457 76.29 18.92 -115.65
C LEU U 457 76.89 19.00 -114.25
N THR U 458 78.09 18.43 -114.08
CA THR U 458 78.72 18.44 -112.76
C THR U 458 79.18 19.84 -112.36
N VAL U 459 79.70 20.63 -113.31
CA VAL U 459 80.13 21.97 -112.92
C VAL U 459 78.94 22.81 -112.49
N SER U 460 77.79 22.66 -113.15
CA SER U 460 76.60 23.41 -112.75
C SER U 460 76.05 22.91 -111.42
N ILE U 461 76.08 21.59 -111.20
CA ILE U 461 75.63 21.04 -109.92
C ILE U 461 76.48 21.58 -108.79
N ARG U 462 77.80 21.58 -108.97
CA ARG U 462 78.68 22.07 -107.92
C ARG U 462 78.59 23.57 -107.75
N GLY U 463 78.31 24.31 -108.82
CA GLY U 463 78.07 25.74 -108.69
C GLY U 463 76.81 26.03 -107.88
N ARG U 464 75.73 25.29 -108.13
CA ARG U 464 74.52 25.47 -107.34
C ARG U 464 74.75 25.09 -105.88
N TRP U 465 75.51 24.02 -105.64
CA TRP U 465 75.85 23.65 -104.27
C TRP U 465 76.66 24.74 -103.59
N MET U 466 77.61 25.33 -104.33
CA MET U 466 78.41 26.44 -103.81
C MET U 466 77.52 27.62 -103.45
N ALA U 467 76.56 27.95 -104.32
CA ALA U 467 75.67 29.07 -104.04
C ALA U 467 74.83 28.81 -102.80
N ARG U 468 74.29 27.58 -102.67
CA ARG U 468 73.49 27.25 -101.51
C ARG U 468 74.30 27.31 -100.23
N LEU U 469 75.53 26.80 -100.26
CA LEU U 469 76.39 26.85 -99.07
C LEU U 469 76.80 28.29 -98.75
N ALA U 470 77.05 29.11 -99.77
CA ALA U 470 77.49 30.48 -99.54
C ALA U 470 76.38 31.34 -98.96
N ARG U 471 75.14 31.13 -99.41
CA ARG U 471 74.04 31.97 -98.96
C ARG U 471 73.64 31.67 -97.50
N MET U 472 74.19 30.60 -96.92
CA MET U 472 73.92 30.24 -95.53
C MET U 472 74.96 30.81 -94.57
N ASN U 473 75.86 31.65 -95.06
CA ASN U 473 76.96 32.15 -94.24
C ASN U 473 76.45 33.04 -93.11
N ILE U 474 77.15 32.97 -91.97
CA ILE U 474 76.81 33.76 -90.79
C ILE U 474 78.10 34.37 -90.26
N ASN U 475 77.95 35.46 -89.50
CA ASN U 475 79.10 36.21 -89.02
C ASN U 475 79.36 35.95 -87.53
N PRO U 476 80.62 35.98 -87.10
CA PRO U 476 80.89 35.88 -85.66
C PRO U 476 80.23 36.96 -84.84
N THR U 477 80.10 38.17 -85.40
CA THR U 477 79.34 39.21 -84.71
C THR U 477 77.88 38.81 -84.54
N GLU U 478 77.30 38.20 -85.57
CA GLU U 478 75.94 37.68 -85.43
C GLU U 478 75.86 36.61 -84.35
N ILE U 479 76.86 35.74 -84.29
CA ILE U 479 76.88 34.68 -83.29
C ILE U 479 76.93 35.28 -81.88
N GLU U 480 77.81 36.26 -81.68
CA GLU U 480 77.95 36.86 -80.36
C GLU U 480 76.70 37.64 -79.98
N TRP U 481 76.08 38.34 -80.94
CA TRP U 481 74.81 39.00 -80.66
C TRP U 481 73.74 38.01 -80.24
N ALA U 482 73.64 36.90 -80.97
CA ALA U 482 72.66 35.87 -80.64
C ALA U 482 72.87 35.35 -79.23
N LEU U 483 74.11 35.01 -78.89
CA LEU U 483 74.38 34.46 -77.57
C LEU U 483 74.12 35.48 -76.46
N THR U 484 74.51 36.74 -76.68
CA THR U 484 74.39 37.73 -75.62
C THR U 484 72.94 38.12 -75.39
N GLU U 485 72.11 38.09 -76.44
CA GLU U 485 70.70 38.37 -76.22
C GLU U 485 69.91 37.12 -75.84
N CYS U 486 70.46 35.93 -76.06
CA CYS U 486 69.84 34.71 -75.58
C CYS U 486 70.10 34.50 -74.09
N ALA U 487 71.24 34.97 -73.60
CA ALA U 487 71.58 34.82 -72.18
C ALA U 487 70.69 35.64 -71.26
N GLN U 488 69.69 36.36 -71.80
CA GLN U 488 68.73 37.13 -71.00
C GLN U 488 69.42 38.22 -70.19
N GLY U 489 70.55 38.72 -70.66
CA GLY U 489 71.23 39.82 -70.01
C GLY U 489 72.08 39.46 -68.82
N TYR U 490 72.11 38.19 -68.43
CA TYR U 490 72.94 37.75 -67.31
C TYR U 490 74.36 37.42 -67.74
N VAL U 491 74.59 37.22 -69.02
CA VAL U 491 75.91 36.87 -69.55
C VAL U 491 76.12 37.63 -70.86
N THR U 492 77.31 38.20 -71.02
CA THR U 492 77.70 38.86 -72.26
C THR U 492 78.87 38.11 -72.87
N VAL U 493 78.85 37.96 -74.19
CA VAL U 493 79.89 37.21 -74.90
C VAL U 493 80.53 38.13 -75.93
N THR U 494 81.68 37.69 -76.43
CA THR U 494 82.40 38.40 -77.49
C THR U 494 83.23 37.40 -78.28
N SER U 495 83.31 37.61 -79.58
CA SER U 495 84.03 36.71 -80.48
C SER U 495 84.95 37.54 -81.38
N PRO U 496 86.16 37.85 -80.92
CA PRO U 496 87.09 38.60 -81.75
C PRO U 496 87.54 37.78 -82.95
N TYR U 497 87.82 38.47 -84.05
CA TYR U 497 88.27 37.82 -85.27
C TYR U 497 88.94 38.85 -86.16
N ALA U 498 89.68 38.35 -87.15
CA ALA U 498 90.38 39.17 -88.12
C ALA U 498 89.59 39.25 -89.42
N PRO U 499 89.69 40.36 -90.16
CA PRO U 499 88.92 40.49 -91.40
C PRO U 499 89.49 39.61 -92.50
N SER U 500 88.64 38.73 -93.04
CA SER U 500 89.04 37.85 -94.13
C SER U 500 87.79 37.38 -94.85
N VAL U 501 87.75 37.61 -96.15
CA VAL U 501 86.57 37.22 -96.93
C VAL U 501 86.49 35.71 -97.06
N ASN U 502 87.63 35.04 -97.23
CA ASN U 502 87.65 33.60 -97.49
C ASN U 502 87.43 32.81 -96.21
N ARG U 503 86.26 33.01 -95.61
CA ARG U 503 85.84 32.24 -94.45
C ARG U 503 84.37 31.90 -94.60
N LEU U 504 84.01 30.64 -94.35
CA LEU U 504 82.66 30.17 -94.55
C LEU U 504 82.21 29.35 -93.34
N MET U 505 81.00 29.61 -92.88
CA MET U 505 80.39 28.84 -91.79
C MET U 505 78.87 28.91 -91.92
N PRO U 506 78.23 27.86 -92.43
CA PRO U 506 76.79 27.90 -92.71
C PRO U 506 75.97 27.64 -91.45
N TYR U 507 75.34 28.70 -90.93
CA TYR U 507 74.47 28.55 -89.78
C TYR U 507 73.23 29.45 -89.85
N ARG U 508 72.82 29.88 -91.04
CA ARG U 508 71.67 30.77 -91.20
C ARG U 508 70.59 30.04 -91.98
N ILE U 509 69.39 29.98 -91.42
CA ILE U 509 68.26 29.30 -92.01
C ILE U 509 67.03 30.21 -91.94
N SER U 510 65.89 29.67 -92.36
CA SER U 510 64.63 30.39 -92.33
C SER U 510 63.61 29.63 -91.47
N ASN U 511 62.61 30.37 -91.01
CA ASN U 511 61.56 29.77 -90.18
C ASN U 511 60.81 28.68 -90.93
N ALA U 512 60.70 28.81 -92.26
CA ALA U 512 60.03 27.78 -93.04
C ALA U 512 60.75 26.44 -92.93
N GLU U 513 62.08 26.45 -93.02
CA GLU U 513 62.83 25.22 -92.84
C GLU U 513 62.88 24.79 -91.38
N ARG U 514 62.83 25.75 -90.45
CA ARG U 514 62.84 25.40 -89.04
C ARG U 514 61.56 24.70 -88.60
N GLN U 515 60.43 25.02 -89.25
CA GLN U 515 59.14 24.47 -88.82
C GLN U 515 58.87 23.09 -89.41
N ILE U 516 59.38 22.78 -90.60
CA ILE U 516 59.15 21.47 -91.20
C ILE U 516 59.76 20.37 -90.34
N SER U 517 61.00 20.59 -89.88
CA SER U 517 61.64 19.61 -89.00
C SER U 517 60.90 19.50 -87.67
N GLN U 518 60.35 20.62 -87.18
CA GLN U 518 59.54 20.56 -85.96
C GLN U 518 58.33 19.67 -86.17
N ILE U 519 57.66 19.79 -87.31
CA ILE U 519 56.52 18.94 -87.62
C ILE U 519 56.95 17.48 -87.71
N ILE U 520 58.08 17.22 -88.36
CA ILE U 520 58.57 15.85 -88.48
C ILE U 520 58.86 15.26 -87.10
N ARG U 521 59.50 16.04 -86.23
CA ARG U 521 59.77 15.58 -84.88
C ARG U 521 58.50 15.34 -84.09
N VAL U 522 57.48 16.16 -84.32
CA VAL U 522 56.18 15.95 -83.66
C VAL U 522 55.59 14.61 -84.10
N MET U 523 55.61 14.34 -85.40
CA MET U 523 55.10 13.06 -85.90
C MET U 523 55.95 11.88 -85.46
N ASN U 524 57.22 12.10 -85.15
CA ASN U 524 58.11 11.00 -84.76
C ASN U 524 57.56 10.24 -83.55
N ILE U 525 56.88 10.94 -82.64
CA ILE U 525 56.44 10.30 -81.40
C ILE U 525 55.39 9.23 -81.69
N GLY U 526 54.24 9.64 -82.24
CA GLY U 526 53.19 8.70 -82.56
C GLY U 526 52.63 7.96 -81.35
N ASN U 527 52.35 8.70 -80.28
CA ASN U 527 51.81 8.14 -79.04
C ASN U 527 52.73 7.07 -78.47
N ASN U 528 54.02 7.39 -78.41
CA ASN U 528 55.04 6.51 -77.84
C ASN U 528 55.64 7.21 -76.62
N ALA U 529 55.20 6.78 -75.43
CA ALA U 529 55.69 7.40 -74.21
C ALA U 529 57.17 7.14 -73.97
N THR U 530 57.69 6.03 -74.53
CA THR U 530 59.12 5.76 -74.39
C THR U 530 59.96 6.80 -75.09
N VAL U 531 59.42 7.43 -76.14
CA VAL U 531 60.15 8.48 -76.83
C VAL U 531 60.23 9.73 -75.98
N ILE U 532 59.11 10.11 -75.34
CA ILE U 532 59.04 11.39 -74.64
C ILE U 532 59.51 11.31 -73.19
N GLN U 533 59.63 10.12 -72.60
CA GLN U 533 60.09 10.02 -71.23
C GLN U 533 61.50 10.54 -71.01
N PRO U 534 62.52 10.13 -71.81
CA PRO U 534 63.88 10.62 -71.53
C PRO U 534 64.01 12.12 -71.61
N VAL U 535 63.31 12.76 -72.56
CA VAL U 535 63.41 14.21 -72.71
C VAL U 535 62.93 14.91 -71.46
N LEU U 536 61.73 14.55 -70.98
CA LEU U 536 61.18 15.18 -69.79
C LEU U 536 62.04 14.89 -68.57
N GLN U 537 62.53 13.64 -68.43
CA GLN U 537 63.35 13.30 -67.28
C GLN U 537 64.64 14.11 -67.27
N ASP U 538 65.30 14.22 -68.43
CA ASP U 538 66.57 14.95 -68.49
C ASP U 538 66.37 16.44 -68.27
N ILE U 539 65.29 17.02 -68.82
CA ILE U 539 65.03 18.42 -68.56
C ILE U 539 64.72 18.65 -67.10
N SER U 540 64.00 17.72 -66.46
CA SER U 540 63.74 17.82 -65.02
C SER U 540 65.04 17.80 -64.23
N VAL U 541 65.95 16.88 -64.56
CA VAL U 541 67.22 16.80 -63.85
C VAL U 541 68.03 18.08 -64.05
N LEU U 542 68.09 18.57 -65.28
CA LEU U 542 68.87 19.77 -65.56
C LEU U 542 68.31 20.98 -64.84
N LEU U 543 66.98 21.13 -64.84
CA LEU U 543 66.35 22.24 -64.15
C LEU U 543 66.58 22.16 -62.65
N GLN U 544 66.53 20.95 -62.08
CA GLN U 544 66.85 20.79 -60.66
C GLN U 544 68.28 21.19 -60.38
N ARG U 545 69.21 20.81 -61.26
CA ARG U 545 70.61 21.13 -61.06
C ARG U 545 70.87 22.63 -61.15
N ILE U 546 70.16 23.32 -62.05
CA ILE U 546 70.43 24.75 -62.24
C ILE U 546 69.72 25.59 -61.18
N SER U 547 68.49 25.25 -60.85
CA SER U 547 67.64 26.14 -60.07
C SER U 547 68.24 26.38 -58.68
N PRO U 548 68.33 27.65 -58.24
CA PRO U 548 68.84 27.92 -56.88
C PRO U 548 67.91 27.42 -55.78
N LEU U 549 66.65 27.15 -56.08
CA LEU U 549 65.69 26.74 -55.06
C LEU U 549 65.99 25.30 -54.63
N GLN U 550 66.32 25.12 -53.36
CA GLN U 550 66.48 23.80 -52.78
C GLN U 550 65.34 23.57 -51.80
N ILE U 551 64.84 22.34 -51.76
CA ILE U 551 63.62 22.01 -51.03
C ILE U 551 63.99 21.13 -49.83
N ASP U 552 63.60 21.57 -48.65
CA ASP U 552 63.80 20.80 -47.42
C ASP U 552 62.46 20.69 -46.70
N PRO U 553 61.89 19.49 -46.55
CA PRO U 553 60.59 19.35 -45.87
C PRO U 553 60.64 19.65 -44.39
N THR U 554 61.81 19.96 -43.82
CA THR U 554 61.90 20.27 -42.40
C THR U 554 61.18 21.56 -42.04
N ILE U 555 60.91 22.43 -43.03
CA ILE U 555 60.22 23.69 -42.74
C ILE U 555 58.82 23.42 -42.22
N ILE U 556 58.10 22.49 -42.84
CA ILE U 556 56.74 22.18 -42.40
C ILE U 556 56.76 21.58 -41.00
N SER U 557 57.71 20.68 -40.73
CA SER U 557 57.79 20.07 -39.41
C SER U 557 58.10 21.11 -38.34
N ASN U 558 59.02 22.03 -38.63
CA ASN U 558 59.34 23.09 -37.68
C ASN U 558 58.16 24.02 -37.47
N THR U 559 57.45 24.36 -38.54
CA THR U 559 56.31 25.27 -38.43
C THR U 559 55.19 24.66 -37.60
N MET U 560 54.85 23.40 -37.88
CA MET U 560 53.88 22.67 -37.06
C MET U 560 54.61 21.98 -35.91
N SER U 561 54.88 22.77 -34.87
CA SER U 561 55.63 22.30 -33.72
C SER U 561 54.72 21.39 -32.88
N THR U 562 54.67 20.12 -33.27
CA THR U 562 53.93 19.11 -32.54
C THR U 562 54.88 18.26 -31.71
N VAL U 563 54.34 17.69 -30.63
CA VAL U 563 55.13 16.88 -29.71
C VAL U 563 54.37 15.62 -29.33
N LEU U 571 42.66 11.44 -33.86
CA LEU U 571 43.97 12.05 -34.05
C LEU U 571 43.86 13.56 -34.19
N SER U 572 44.94 14.26 -33.84
CA SER U 572 44.94 15.71 -33.94
C SER U 572 45.10 16.15 -35.40
N PRO U 573 44.40 17.22 -35.81
CA PRO U 573 44.61 17.74 -37.17
C PRO U 573 46.03 18.20 -37.43
N ALA U 574 46.71 18.72 -36.41
CA ALA U 574 48.10 19.14 -36.57
C ALA U 574 49.04 17.98 -36.80
N SER U 575 48.63 16.74 -36.53
CA SER U 575 49.45 15.57 -36.75
C SER U 575 49.02 14.75 -37.95
N SER U 576 47.72 14.73 -38.28
CA SER U 576 47.28 13.99 -39.46
C SER U 576 47.86 14.59 -40.73
N ILE U 577 47.87 15.93 -40.83
CA ILE U 577 48.43 16.59 -42.01
C ILE U 577 49.93 16.32 -42.11
N LEU U 578 50.64 16.31 -40.97
CA LEU U 578 52.07 16.08 -41.00
C LEU U 578 52.39 14.63 -41.36
N GLY U 579 51.54 13.69 -40.93
CA GLY U 579 51.70 12.31 -41.36
C GLY U 579 51.29 12.05 -42.79
N LYS U 580 50.47 12.93 -43.36
CA LYS U 580 50.01 12.76 -44.74
C LYS U 580 50.97 13.37 -45.77
N LEU U 581 51.50 14.56 -45.51
CA LEU U 581 52.47 15.12 -46.45
C LEU U 581 53.81 14.41 -46.43
N ARG U 582 54.05 13.55 -45.44
CA ARG U 582 55.27 12.74 -45.38
C ARG U 582 56.52 13.58 -45.55
N PRO U 583 56.90 14.40 -44.55
CA PRO U 583 58.07 15.28 -44.69
C PRO U 583 59.40 14.57 -44.42
N SER U 584 59.56 13.39 -44.99
CA SER U 584 60.80 12.63 -44.87
C SER U 584 61.27 12.16 -46.23
N ASN U 585 60.34 11.98 -47.15
CA ASN U 585 60.69 11.59 -48.52
C ASN U 585 61.31 12.77 -49.24
N SER U 586 62.45 12.52 -49.91
CA SER U 586 63.20 13.56 -50.59
C SER U 586 63.10 13.46 -52.10
N ASP U 587 62.13 12.73 -52.61
CA ASP U 587 61.93 12.54 -54.05
C ASP U 587 60.84 13.49 -54.52
N PHE U 588 61.26 14.63 -55.07
CA PHE U 588 60.33 15.66 -55.56
C PHE U 588 60.44 15.83 -57.07
N SER U 589 60.63 14.73 -57.80
CA SER U 589 60.76 14.81 -59.25
C SER U 589 59.48 15.28 -59.92
N SER U 590 58.32 15.08 -59.28
CA SER U 590 57.05 15.47 -59.89
C SER U 590 56.97 16.97 -60.10
N PHE U 591 57.46 17.75 -59.15
CA PHE U 591 57.43 19.21 -59.28
C PHE U 591 58.24 19.67 -60.48
N ARG U 592 59.46 19.16 -60.61
CA ARG U 592 60.31 19.58 -61.73
C ARG U 592 59.80 19.04 -63.06
N VAL U 593 59.18 17.84 -63.06
CA VAL U 593 58.58 17.34 -64.29
C VAL U 593 57.40 18.20 -64.71
N ALA U 594 56.60 18.66 -63.74
CA ALA U 594 55.50 19.56 -64.05
C ALA U 594 56.02 20.88 -64.60
N LEU U 595 57.12 21.39 -64.02
CA LEU U 595 57.72 22.62 -64.55
C LEU U 595 58.22 22.42 -65.98
N ALA U 596 58.86 21.27 -66.25
CA ALA U 596 59.37 21.01 -67.59
C ALA U 596 58.27 20.75 -68.60
N GLY U 597 57.10 20.29 -68.15
CA GLY U 597 56.01 20.01 -69.08
C GLY U 597 55.34 21.23 -69.65
N TRP U 598 55.64 22.42 -69.12
CA TRP U 598 55.06 23.65 -69.66
C TRP U 598 55.54 23.93 -71.08
N LEU U 599 56.67 23.35 -71.49
CA LEU U 599 57.23 23.61 -72.81
C LEU U 599 56.61 22.74 -73.90
N TYR U 600 55.87 21.70 -73.53
CA TYR U 600 55.34 20.73 -74.48
C TYR U 600 53.84 20.52 -74.25
N ASN U 601 53.09 21.62 -74.22
CA ASN U 601 51.65 21.55 -74.04
C ASN U 601 51.00 20.69 -75.12
N GLY U 602 51.37 20.92 -76.39
CA GLY U 602 50.72 20.23 -77.49
C GLY U 602 51.13 18.78 -77.64
N VAL U 603 52.18 18.35 -76.93
CA VAL U 603 52.66 16.98 -77.04
C VAL U 603 52.22 16.13 -75.86
N VAL U 604 52.38 16.65 -74.64
CA VAL U 604 52.16 15.87 -73.42
C VAL U 604 51.33 16.70 -72.46
N THR U 605 50.38 16.04 -71.80
CA THR U 605 49.52 16.67 -70.80
C THR U 605 49.83 16.11 -69.42
N THR U 606 50.12 17.01 -68.48
CA THR U 606 50.41 16.64 -67.09
C THR U 606 49.15 16.78 -66.26
N VAL U 607 48.71 15.67 -65.65
CA VAL U 607 47.51 15.66 -64.83
C VAL U 607 47.83 15.02 -63.48
N ILE U 608 46.98 15.30 -62.51
CA ILE U 608 47.13 14.71 -61.18
C ILE U 608 46.73 13.24 -61.24
N ASP U 609 47.51 12.39 -60.57
CA ASP U 609 47.25 10.96 -60.58
C ASP U 609 45.90 10.65 -59.95
N ASP U 610 45.29 9.54 -60.41
CA ASP U 610 43.97 9.16 -59.93
C ASP U 610 43.99 8.87 -58.44
N SER U 611 45.10 8.35 -57.92
CA SER U 611 45.15 7.95 -56.52
C SER U 611 45.12 9.15 -55.57
N SER U 612 45.57 10.31 -56.07
CA SER U 612 45.65 11.49 -55.20
C SER U 612 44.27 11.99 -54.79
N TYR U 613 43.24 11.70 -55.56
CA TYR U 613 41.93 12.22 -55.26
C TYR U 613 41.36 11.50 -54.06
N PRO U 614 40.36 12.09 -53.40
CA PRO U 614 39.84 11.47 -52.20
C PRO U 614 39.22 10.12 -52.49
N LYS U 615 39.27 9.17 -51.55
CA LYS U 615 38.82 7.80 -51.80
C LYS U 615 37.36 7.50 -51.80
N ASP U 616 36.88 6.85 -52.86
CA ASP U 616 35.46 6.48 -52.96
C ASP U 616 34.57 7.64 -52.74
N GLY U 617 34.83 8.74 -53.42
CA GLY U 617 34.06 9.94 -53.15
C GLY U 617 34.79 10.40 -51.93
N GLY U 618 34.10 10.91 -50.95
CA GLY U 618 34.76 11.29 -49.72
C GLY U 618 33.69 12.05 -49.05
N SER U 619 33.90 12.44 -47.82
CA SER U 619 32.91 13.26 -47.20
C SER U 619 33.59 14.32 -46.42
N VAL U 620 32.96 15.47 -46.30
CA VAL U 620 33.53 16.53 -45.53
C VAL U 620 33.54 16.06 -44.12
N THR U 621 32.92 14.93 -43.88
CA THR U 621 32.88 14.38 -42.56
C THR U 621 34.22 13.89 -42.02
N SER U 622 35.15 13.50 -42.89
CA SER U 622 36.41 12.93 -42.43
C SER U 622 37.63 13.79 -42.53
N LEU U 623 38.40 13.87 -41.47
CA LEU U 623 39.58 14.71 -41.44
C LEU U 623 40.57 14.27 -42.48
N GLU U 624 40.74 12.97 -42.62
CA GLU U 624 41.72 12.50 -43.56
C GLU U 624 41.33 12.96 -44.93
N ASN U 625 40.05 12.88 -45.23
CA ASN U 625 39.58 13.30 -46.53
C ASN U 625 39.75 14.77 -46.79
N LEU U 626 39.50 15.61 -45.80
CA LEU U 626 39.57 17.03 -46.03
C LEU U 626 40.98 17.39 -46.41
N TRP U 627 41.95 16.75 -45.79
CA TRP U 627 43.32 17.07 -46.09
C TRP U 627 43.66 16.64 -47.49
N ASP U 628 43.21 15.47 -47.95
CA ASP U 628 43.43 15.10 -49.34
C ASP U 628 42.94 16.19 -50.28
N PHE U 629 41.74 16.72 -50.02
CA PHE U 629 41.20 17.81 -50.83
C PHE U 629 42.10 19.03 -50.78
N PHE U 630 42.58 19.38 -49.58
CA PHE U 630 43.44 20.55 -49.46
C PHE U 630 44.74 20.36 -50.24
N ILE U 631 45.32 19.17 -50.14
CA ILE U 631 46.55 18.89 -50.89
C ILE U 631 46.32 18.99 -52.38
N LEU U 632 45.21 18.42 -52.86
CA LEU U 632 44.91 18.45 -54.30
C LEU U 632 44.67 19.87 -54.78
N ALA U 633 44.03 20.70 -53.95
CA ALA U 633 43.65 22.04 -54.37
C ALA U 633 44.84 22.96 -54.63
N LEU U 634 45.92 22.83 -53.86
CA LEU U 634 47.10 23.66 -54.08
C LEU U 634 47.99 23.16 -55.20
N ALA U 635 47.86 21.89 -55.60
CA ALA U 635 48.69 21.32 -56.64
C ALA U 635 48.02 21.29 -58.00
N LEU U 636 46.68 21.39 -58.06
CA LEU U 636 46.00 21.40 -59.35
C LEU U 636 46.41 22.56 -60.27
N PRO U 637 46.54 23.81 -59.80
CA PRO U 637 46.79 24.90 -60.76
C PRO U 637 48.09 24.78 -61.56
N LEU U 638 49.07 24.02 -61.07
CA LEU U 638 50.34 23.91 -61.78
C LEU U 638 50.31 22.91 -62.92
N THR U 639 49.22 22.18 -63.10
CA THR U 639 49.13 21.19 -64.17
C THR U 639 48.81 21.87 -65.49
N THR U 640 49.15 21.18 -66.58
CA THR U 640 48.86 21.65 -67.94
C THR U 640 47.54 21.11 -68.47
N ASP U 641 46.75 20.47 -67.61
CA ASP U 641 45.45 19.97 -68.03
C ASP U 641 44.57 21.13 -68.49
N PRO U 642 43.96 21.05 -69.67
CA PRO U 642 43.11 22.18 -70.13
C PRO U 642 41.92 22.44 -69.23
N CYS U 643 41.46 21.46 -68.44
CA CYS U 643 40.37 21.67 -67.49
C CYS U 643 40.81 21.19 -66.10
N ALA U 644 41.53 22.06 -65.39
CA ALA U 644 41.86 21.90 -63.98
C ALA U 644 40.76 22.44 -63.07
N PRO U 645 40.24 23.65 -63.30
CA PRO U 645 39.23 24.20 -62.36
C PRO U 645 37.98 23.36 -62.25
N VAL U 646 37.57 22.67 -63.33
CA VAL U 646 36.39 21.82 -63.25
C VAL U 646 36.61 20.69 -62.24
N LYS U 647 37.78 20.05 -62.30
CA LYS U 647 38.11 19.03 -61.33
C LYS U 647 38.20 19.63 -59.92
N ALA U 648 38.79 20.82 -59.81
CA ALA U 648 38.95 21.45 -58.51
C ALA U 648 37.60 21.74 -57.85
N PHE U 649 36.63 22.18 -58.65
CA PHE U 649 35.31 22.45 -58.12
C PHE U 649 34.55 21.15 -57.85
N MET U 650 34.65 20.18 -58.76
CA MET U 650 33.85 18.97 -58.64
C MET U 650 34.34 18.04 -57.54
N THR U 651 35.61 18.09 -57.16
CA THR U 651 36.04 17.27 -56.03
C THR U 651 35.38 17.72 -54.72
N LEU U 652 35.30 19.04 -54.50
CA LEU U 652 34.59 19.53 -53.33
C LEU U 652 33.09 19.30 -53.45
N ALA U 653 32.55 19.44 -54.66
CA ALA U 653 31.14 19.14 -54.88
C ALA U 653 30.83 17.68 -54.52
N ASN U 654 31.74 16.77 -54.88
CA ASN U 654 31.58 15.37 -54.53
C ASN U 654 31.67 15.15 -53.03
N MET U 655 32.68 15.74 -52.39
CA MET U 655 32.85 15.56 -50.95
C MET U 655 31.68 16.14 -50.17
N MET U 656 31.01 17.15 -50.72
CA MET U 656 29.97 17.87 -50.01
C MET U 656 28.58 17.26 -50.21
N VAL U 657 28.47 16.19 -51.00
CA VAL U 657 27.16 15.61 -51.30
C VAL U 657 26.54 15.07 -50.01
N GLY U 658 25.21 15.16 -49.92
CA GLY U 658 24.49 14.74 -48.74
C GLY U 658 24.22 15.85 -47.74
N PHE U 659 24.91 16.97 -47.84
CA PHE U 659 24.68 18.12 -46.98
C PHE U 659 24.04 19.28 -47.72
N GLU U 660 24.46 19.54 -48.96
CA GLU U 660 23.92 20.62 -49.77
C GLU U 660 24.00 20.22 -51.24
N THR U 661 23.09 20.75 -52.04
CA THR U 661 22.86 20.28 -53.40
C THR U 661 22.90 21.42 -54.39
N ILE U 662 23.19 21.08 -55.64
CA ILE U 662 23.18 22.03 -56.75
C ILE U 662 22.35 21.45 -57.88
N PRO U 663 21.74 22.27 -58.74
CA PRO U 663 20.93 21.73 -59.83
C PRO U 663 21.79 21.04 -60.89
N MET U 664 21.17 20.15 -61.64
CA MET U 664 21.83 19.43 -62.72
C MET U 664 21.07 19.62 -64.03
N ASP U 665 21.75 19.30 -65.13
CA ASP U 665 21.22 19.51 -66.47
C ASP U 665 20.36 18.35 -66.95
N ASN U 666 20.68 17.12 -66.54
CA ASN U 666 19.94 15.95 -66.99
C ASN U 666 19.95 14.91 -65.88
N GLN U 667 19.09 13.91 -66.02
CA GLN U 667 19.03 12.80 -65.06
C GLN U 667 19.95 11.66 -65.48
N ILE U 668 21.19 12.01 -65.83
CA ILE U 668 22.21 11.01 -66.17
C ILE U 668 23.44 11.27 -65.33
N TYR U 669 23.63 12.52 -64.92
CA TYR U 669 24.83 12.96 -64.22
C TYR U 669 24.42 13.55 -62.88
N THR U 670 24.49 12.74 -61.82
CA THR U 670 24.18 13.20 -60.48
C THR U 670 25.36 13.99 -59.91
N GLN U 671 25.14 14.63 -58.76
CA GLN U 671 26.20 15.38 -58.10
C GLN U 671 27.34 14.45 -57.70
N SER U 672 27.01 13.25 -57.23
CA SER U 672 28.03 12.29 -56.84
C SER U 672 28.69 11.67 -58.07
N ARG U 673 29.56 12.43 -58.73
CA ARG U 673 30.26 11.96 -59.91
C ARG U 673 31.74 12.26 -59.73
N ARG U 674 32.58 11.23 -59.83
CA ARG U 674 34.00 11.38 -59.52
C ARG U 674 34.63 12.45 -60.38
N ALA U 675 35.44 13.31 -59.74
CA ALA U 675 36.08 14.41 -60.45
C ALA U 675 37.12 13.94 -61.44
N SER U 676 37.57 12.68 -61.34
CA SER U 676 38.54 12.15 -62.29
C SER U 676 37.97 11.99 -63.69
N ALA U 677 36.65 12.04 -63.85
CA ALA U 677 36.01 11.86 -65.15
C ALA U 677 35.80 13.17 -65.90
N PHE U 678 36.16 14.30 -65.30
CA PHE U 678 36.01 15.60 -65.97
C PHE U 678 37.32 16.02 -66.64
N SER U 679 37.78 15.16 -67.55
CA SER U 679 39.03 15.36 -68.26
C SER U 679 38.86 15.97 -69.64
N THR U 680 37.63 16.34 -70.02
CA THR U 680 37.37 16.87 -71.35
C THR U 680 36.48 18.10 -71.20
N PRO U 681 36.74 19.16 -71.96
CA PRO U 681 35.96 20.40 -71.81
C PRO U 681 34.47 20.26 -72.13
N HIS U 682 34.05 19.22 -72.84
CA HIS U 682 32.64 19.09 -73.18
C HIS U 682 31.78 18.67 -71.99
N THR U 683 32.35 18.57 -70.79
CA THR U 683 31.61 18.13 -69.61
C THR U 683 31.55 19.19 -68.52
N TRP U 684 31.83 20.45 -68.83
CA TRP U 684 31.80 21.48 -67.80
C TRP U 684 30.36 21.77 -67.38
N PRO U 685 30.02 21.64 -66.10
CA PRO U 685 28.63 21.85 -65.68
C PRO U 685 28.20 23.31 -65.81
N ARG U 686 26.92 23.49 -66.13
CA ARG U 686 26.36 24.83 -66.24
C ARG U 686 26.44 25.59 -64.94
N CYS U 687 26.33 24.89 -63.81
CA CYS U 687 26.49 25.55 -62.51
C CYS U 687 27.89 26.13 -62.36
N PHE U 688 28.91 25.40 -62.82
CA PHE U 688 30.27 25.93 -62.74
C PHE U 688 30.48 27.08 -63.72
N MET U 689 29.91 26.98 -64.93
CA MET U 689 30.11 28.05 -65.90
C MET U 689 29.29 29.30 -65.59
N ASN U 690 28.23 29.19 -64.77
CA ASN U 690 27.42 30.35 -64.40
C ASN U 690 27.06 30.22 -62.93
N ILE U 691 27.55 31.16 -62.12
CA ILE U 691 27.40 31.07 -60.67
C ILE U 691 25.96 31.23 -60.23
N GLN U 692 25.18 32.05 -60.93
CA GLN U 692 23.86 32.45 -60.44
C GLN U 692 22.91 31.28 -60.27
N LEU U 693 23.17 30.14 -60.91
CA LEU U 693 22.33 28.96 -60.70
C LEU U 693 22.65 28.22 -59.41
N ILE U 694 23.72 28.60 -58.71
CA ILE U 694 24.05 28.04 -57.41
C ILE U 694 23.46 28.96 -56.35
N SER U 695 22.34 28.56 -55.78
CA SER U 695 21.64 29.41 -54.82
C SER U 695 22.42 29.46 -53.51
N PRO U 696 22.70 30.65 -52.97
CA PRO U 696 23.40 30.72 -51.67
C PRO U 696 22.60 30.14 -50.53
N ILE U 697 21.28 30.02 -50.67
CA ILE U 697 20.47 29.40 -49.62
C ILE U 697 20.81 27.91 -49.50
N ASP U 698 20.98 27.24 -50.63
CA ASP U 698 21.21 25.79 -50.60
C ASP U 698 22.69 25.46 -50.41
N ALA U 699 23.57 26.04 -51.22
CA ALA U 699 24.98 25.66 -51.26
C ALA U 699 25.87 26.89 -51.08
N PRO U 700 25.93 27.44 -49.86
CA PRO U 700 26.79 28.61 -49.62
C PRO U 700 28.27 28.30 -49.78
N ILE U 701 28.75 27.23 -49.15
CA ILE U 701 30.17 26.90 -49.21
C ILE U 701 30.58 26.58 -50.65
N LEU U 702 29.77 25.80 -51.36
CA LEU U 702 30.10 25.47 -52.75
C LEU U 702 30.05 26.70 -53.64
N ARG U 703 29.09 27.61 -53.40
CA ARG U 703 29.06 28.85 -54.15
C ARG U 703 30.31 29.68 -53.90
N GLN U 704 30.77 29.74 -52.66
CA GLN U 704 32.01 30.45 -52.36
C GLN U 704 33.20 29.80 -53.05
N TRP U 705 33.23 28.47 -53.11
CA TRP U 705 34.32 27.77 -53.78
C TRP U 705 34.34 28.11 -55.27
N ALA U 706 33.17 28.09 -55.90
CA ALA U 706 33.08 28.46 -57.32
C ALA U 706 33.49 29.91 -57.53
N GLU U 707 33.06 30.80 -56.63
CA GLU U 707 33.45 32.21 -56.70
C GLU U 707 34.96 32.38 -56.61
N ILE U 708 35.59 31.69 -55.68
CA ILE U 708 37.03 31.82 -55.50
C ILE U 708 37.76 31.28 -56.72
N ILE U 709 37.31 30.15 -57.26
CA ILE U 709 37.92 29.63 -58.50
C ILE U 709 37.78 30.64 -59.63
N HIS U 710 36.59 31.23 -59.77
CA HIS U 710 36.36 32.15 -60.88
C HIS U 710 37.23 33.39 -60.78
N ARG U 711 37.35 33.99 -59.59
CA ARG U 711 38.13 35.22 -59.52
C ARG U 711 39.62 34.97 -59.38
N TYR U 712 40.05 34.19 -58.40
CA TYR U 712 41.46 34.16 -58.00
C TYR U 712 42.25 33.01 -58.63
N TRP U 713 41.73 32.35 -59.66
CA TRP U 713 42.53 31.36 -60.36
C TRP U 713 43.65 32.04 -61.13
N PRO U 714 44.85 31.46 -61.17
CA PRO U 714 45.96 32.09 -61.89
C PRO U 714 45.68 32.23 -63.37
N ASN U 715 46.23 33.30 -63.96
CA ASN U 715 46.04 33.61 -65.37
C ASN U 715 47.36 33.50 -66.13
N PRO U 716 47.33 33.19 -67.43
CA PRO U 716 48.55 32.96 -68.17
C PRO U 716 49.23 34.27 -68.58
N SER U 717 50.44 34.12 -69.12
CA SER U 717 51.24 35.23 -69.61
C SER U 717 52.23 34.69 -70.63
N GLN U 718 53.21 35.51 -71.01
CA GLN U 718 54.21 35.09 -71.99
C GLN U 718 55.51 35.86 -71.74
N ILE U 719 56.60 35.29 -72.25
CA ILE U 719 57.94 35.87 -72.08
C ILE U 719 58.71 35.69 -73.38
N ARG U 720 59.54 36.68 -73.71
CA ARG U 720 60.39 36.61 -74.89
C ARG U 720 61.57 35.67 -74.66
N TYR U 721 62.09 35.14 -75.76
CA TYR U 721 63.22 34.22 -75.69
C TYR U 721 63.85 34.13 -77.07
N GLY U 722 64.99 33.46 -77.13
CA GLY U 722 65.60 33.10 -78.40
C GLY U 722 66.08 34.28 -79.21
N THR U 723 66.54 33.97 -80.43
CA THR U 723 67.06 34.95 -81.37
C THR U 723 66.41 34.72 -82.72
N PRO U 724 65.24 35.34 -82.97
CA PRO U 724 64.58 35.15 -84.27
C PRO U 724 65.39 35.66 -85.45
N ASN U 725 66.35 36.56 -85.21
CA ASN U 725 67.12 37.12 -86.32
C ASN U 725 68.00 36.09 -87.00
N VAL U 726 68.60 35.17 -86.22
CA VAL U 726 69.57 34.22 -86.74
C VAL U 726 69.13 32.77 -86.48
N PHE U 727 68.76 32.46 -85.24
CA PHE U 727 68.41 31.08 -84.92
C PHE U 727 67.04 30.67 -85.43
N GLY U 728 66.24 31.63 -85.91
CA GLY U 728 64.91 31.31 -86.37
C GLY U 728 63.95 31.04 -85.23
N SER U 729 62.89 30.29 -85.55
CA SER U 729 61.88 29.96 -84.56
C SER U 729 61.16 28.70 -85.00
N ALA U 730 61.13 27.69 -84.13
CA ALA U 730 60.47 26.43 -84.40
C ALA U 730 59.12 26.30 -83.71
N ASN U 731 58.58 27.40 -83.19
CA ASN U 731 57.32 27.37 -82.46
C ASN U 731 56.15 27.57 -83.43
N LEU U 732 55.11 26.76 -83.24
CA LEU U 732 53.92 26.78 -84.07
C LEU U 732 52.72 27.23 -83.25
N PHE U 733 51.74 27.83 -83.94
CA PHE U 733 50.49 28.36 -83.39
C PHE U 733 50.72 29.57 -82.49
N THR U 734 51.95 30.02 -82.31
CA THR U 734 52.30 31.13 -81.44
C THR U 734 53.20 32.09 -82.20
N PRO U 735 53.27 33.35 -81.76
CA PRO U 735 54.24 34.27 -82.35
C PRO U 735 55.65 33.74 -82.14
N PRO U 736 56.55 34.01 -83.08
CA PRO U 736 57.83 33.27 -83.13
C PRO U 736 58.85 33.65 -82.08
N GLU U 737 58.51 34.40 -81.04
CA GLU U 737 59.53 34.77 -80.06
C GLU U 737 59.02 34.72 -78.62
N VAL U 738 58.00 33.90 -78.34
CA VAL U 738 57.40 33.87 -77.01
C VAL U 738 57.27 32.44 -76.51
N LEU U 739 57.47 32.27 -75.20
CA LEU U 739 57.02 31.09 -74.46
C LEU U 739 55.75 31.45 -73.71
N LEU U 740 54.75 30.57 -73.79
CA LEU U 740 53.52 30.74 -73.04
C LEU U 740 53.65 30.03 -71.69
N LEU U 741 53.17 30.70 -70.64
CA LEU U 741 53.28 30.18 -69.29
C LEU U 741 51.94 30.32 -68.59
N PRO U 742 51.50 29.30 -67.85
CA PRO U 742 50.28 29.45 -67.05
C PRO U 742 50.55 30.09 -65.70
N ILE U 743 51.39 31.13 -65.70
CA ILE U 743 51.78 31.86 -64.49
C ILE U 743 52.19 33.26 -64.93
N ASP U 744 51.71 34.27 -64.22
CA ASP U 744 52.06 35.65 -64.54
C ASP U 744 53.43 35.97 -63.97
N HIS U 745 54.40 36.22 -64.85
CA HIS U 745 55.77 36.48 -64.44
C HIS U 745 55.95 37.93 -64.04
N GLN U 746 57.04 38.20 -63.34
CA GLN U 746 57.38 39.52 -62.83
C GLN U 746 58.89 39.69 -62.89
N PRO U 747 59.38 40.94 -62.86
CA PRO U 747 60.83 41.14 -62.80
C PRO U 747 61.42 40.51 -61.55
N ALA U 748 62.65 40.02 -61.69
CA ALA U 748 63.26 39.15 -60.69
C ALA U 748 64.11 39.97 -59.73
N ASN U 749 63.66 40.06 -58.48
CA ASN U 749 64.45 40.59 -57.38
C ASN U 749 64.18 39.74 -56.15
N VAL U 750 65.24 39.41 -55.40
CA VAL U 750 65.14 38.48 -54.29
C VAL U 750 64.74 39.14 -52.98
N THR U 751 64.50 40.45 -52.98
CA THR U 751 64.19 41.18 -51.76
C THR U 751 62.69 41.33 -51.52
N THR U 752 61.85 40.72 -52.35
CA THR U 752 60.40 40.85 -52.18
C THR U 752 59.93 40.16 -50.92
N PRO U 753 58.89 40.69 -50.27
CA PRO U 753 58.34 40.03 -49.07
C PRO U 753 57.79 38.65 -49.40
N THR U 754 57.95 37.73 -48.46
CA THR U 754 57.49 36.36 -48.68
C THR U 754 55.98 36.23 -48.52
N LEU U 755 55.37 36.97 -47.60
CA LEU U 755 53.91 37.01 -47.49
C LEU U 755 53.35 38.19 -48.31
N ASP U 756 53.73 38.22 -49.59
CA ASP U 756 53.20 39.20 -50.53
C ASP U 756 51.92 38.63 -51.13
N PHE U 757 50.77 39.14 -50.70
CA PHE U 757 49.49 38.65 -51.21
C PHE U 757 49.17 39.31 -52.54
N THR U 758 50.09 39.23 -53.49
CA THR U 758 49.90 39.73 -54.84
C THR U 758 50.10 38.66 -55.90
N ASN U 759 51.08 37.76 -55.71
CA ASN U 759 51.28 36.67 -56.65
C ASN U 759 50.16 35.66 -56.53
N GLU U 760 49.79 35.07 -57.68
CA GLU U 760 48.61 34.22 -57.75
C GLU U 760 48.73 32.99 -56.86
N LEU U 761 49.94 32.43 -56.73
CA LEU U 761 50.09 31.20 -55.96
C LEU U 761 49.85 31.44 -54.46
N THR U 762 50.48 32.48 -53.90
CA THR U 762 50.27 32.79 -52.50
C THR U 762 48.83 33.23 -52.25
N ASN U 763 48.26 34.02 -53.17
CA ASN U 763 46.86 34.43 -53.01
C ASN U 763 45.95 33.20 -53.03
N TRP U 764 46.24 32.25 -53.92
CA TRP U 764 45.45 31.02 -54.00
C TRP U 764 45.55 30.22 -52.71
N ARG U 765 46.76 30.08 -52.16
CA ARG U 765 46.92 29.36 -50.90
C ARG U 765 46.12 30.02 -49.79
N ALA U 766 46.20 31.35 -49.69
CA ALA U 766 45.45 32.05 -48.66
C ALA U 766 43.95 31.87 -48.83
N ARG U 767 43.47 31.96 -50.08
CA ARG U 767 42.03 31.81 -50.32
C ARG U 767 41.56 30.41 -49.99
N VAL U 768 42.33 29.39 -50.35
CA VAL U 768 41.94 28.01 -50.05
C VAL U 768 41.92 27.79 -48.54
N CYS U 769 42.92 28.30 -47.83
CA CYS U 769 42.95 28.13 -46.39
C CYS U 769 41.78 28.84 -45.71
N GLU U 770 41.44 30.05 -46.17
CA GLU U 770 40.30 30.75 -45.61
C GLU U 770 38.99 30.03 -45.91
N LEU U 771 38.87 29.45 -47.12
CA LEU U 771 37.67 28.68 -47.42
C LEU U 771 37.55 27.45 -46.54
N MET U 772 38.68 26.78 -46.27
CA MET U 772 38.64 25.64 -45.33
C MET U 772 38.26 26.10 -43.93
N LYS U 773 38.75 27.27 -43.51
CA LYS U 773 38.32 27.84 -42.23
C LYS U 773 36.82 28.03 -42.20
N ASN U 774 36.26 28.60 -43.27
CA ASN U 774 34.80 28.80 -43.33
C ASN U 774 34.06 27.46 -43.30
N LEU U 775 34.60 26.46 -44.00
CA LEU U 775 33.95 25.15 -44.06
C LEU U 775 33.90 24.49 -42.69
N VAL U 776 35.00 24.58 -41.93
CA VAL U 776 35.12 23.87 -40.66
C VAL U 776 34.75 24.75 -39.46
N ASP U 777 34.37 26.01 -39.69
CA ASP U 777 34.19 26.94 -38.59
C ASP U 777 33.01 26.57 -37.70
N ASN U 778 31.85 26.33 -38.29
CA ASN U 778 30.62 26.20 -37.51
C ASN U 778 30.21 24.76 -37.24
N GLN U 779 30.97 23.78 -37.73
CA GLN U 779 30.70 22.37 -37.50
C GLN U 779 29.28 21.99 -37.92
N ARG U 780 28.89 22.44 -39.12
CA ARG U 780 27.66 22.00 -39.73
C ARG U 780 27.86 20.81 -40.66
N TYR U 781 29.10 20.39 -40.86
CA TYR U 781 29.41 19.31 -41.79
C TYR U 781 30.22 18.19 -41.16
N GLN U 782 30.40 18.20 -39.85
CA GLN U 782 31.13 17.15 -39.14
C GLN U 782 30.33 16.65 -37.95
N PRO U 783 29.19 15.98 -38.19
CA PRO U 783 28.51 15.31 -37.09
C PRO U 783 29.28 14.07 -36.66
N GLY U 784 29.17 13.76 -35.37
CA GLY U 784 29.86 12.62 -34.80
C GLY U 784 31.24 12.92 -34.28
N TRP U 785 31.78 14.10 -34.53
CA TRP U 785 33.05 14.52 -33.95
C TRP U 785 32.81 14.80 -32.47
N THR U 786 33.16 13.84 -31.62
CA THR U 786 32.82 13.92 -30.20
C THR U 786 33.55 15.05 -29.49
N GLN U 787 34.62 15.55 -30.06
CA GLN U 787 35.35 16.69 -29.51
C GLN U 787 35.03 17.94 -30.33
N SER U 788 35.62 19.06 -29.92
CA SER U 788 35.51 20.32 -30.66
C SER U 788 36.89 20.59 -31.26
N LEU U 789 37.12 20.02 -32.44
CA LEU U 789 38.39 20.18 -33.15
C LEU U 789 38.46 21.47 -33.93
N VAL U 790 37.52 22.39 -33.72
CA VAL U 790 37.50 23.64 -34.47
C VAL U 790 38.75 24.46 -34.19
N SER U 791 39.13 24.56 -32.91
CA SER U 791 40.29 25.36 -32.54
C SER U 791 41.57 24.81 -33.17
N SER U 792 41.79 23.50 -33.04
CA SER U 792 42.99 22.89 -33.62
C SER U 792 42.99 23.01 -35.14
N MET U 793 41.84 22.78 -35.77
CA MET U 793 41.77 22.88 -37.22
C MET U 793 42.06 24.29 -37.71
N ARG U 794 41.47 25.30 -37.05
CA ARG U 794 41.74 26.69 -37.44
C ARG U 794 43.19 27.06 -37.21
N GLY U 795 43.77 26.61 -36.10
CA GLY U 795 45.17 26.90 -35.84
C GLY U 795 46.09 26.31 -36.90
N THR U 796 45.84 25.04 -37.25
CA THR U 796 46.65 24.40 -38.29
C THR U 796 46.46 25.09 -39.64
N LEU U 797 45.23 25.44 -39.97
CA LEU U 797 44.96 26.09 -41.27
C LEU U 797 45.64 27.45 -41.34
N GLY U 798 45.59 28.23 -40.27
CA GLY U 798 46.30 29.50 -40.27
C GLY U 798 47.80 29.34 -40.32
N LYS U 799 48.33 28.41 -39.54
CA LYS U 799 49.77 28.16 -39.50
C LYS U 799 50.30 27.66 -40.84
N LEU U 800 49.46 27.03 -41.65
CA LEU U 800 49.86 26.63 -42.99
C LEU U 800 49.54 27.69 -44.05
N LYS U 801 48.54 28.54 -43.80
CA LYS U 801 48.27 29.65 -44.70
C LYS U 801 49.41 30.65 -44.69
N LEU U 802 49.88 31.02 -43.50
CA LEU U 802 51.01 31.93 -43.36
C LEU U 802 52.25 31.09 -43.09
N ILE U 803 53.25 31.19 -43.97
CA ILE U 803 54.45 30.38 -43.88
C ILE U 803 55.51 31.04 -44.77
N LYS U 804 56.78 30.84 -44.38
CA LYS U 804 57.90 31.48 -45.07
C LYS U 804 58.45 30.62 -46.21
N SER U 805 57.56 30.19 -47.10
CA SER U 805 57.95 29.40 -48.26
C SER U 805 58.28 30.32 -49.42
N MET U 806 59.46 30.13 -50.01
CA MET U 806 59.95 30.94 -51.12
C MET U 806 59.63 30.34 -52.47
N THR U 807 58.98 29.17 -52.51
CA THR U 807 58.64 28.55 -53.79
C THR U 807 57.69 29.39 -54.64
N PRO U 808 56.62 29.99 -54.10
CA PRO U 808 55.80 30.87 -54.96
C PRO U 808 56.58 32.02 -55.56
N MET U 809 57.46 32.66 -54.79
CA MET U 809 58.28 33.75 -55.32
C MET U 809 59.23 33.23 -56.40
N TYR U 810 59.84 32.07 -56.18
CA TYR U 810 60.72 31.48 -57.18
C TYR U 810 59.97 31.23 -58.48
N LEU U 811 58.80 30.60 -58.40
CA LEU U 811 58.01 30.31 -59.58
C LEU U 811 57.57 31.59 -60.28
N GLN U 812 57.22 32.62 -59.50
CA GLN U 812 56.75 33.87 -60.08
C GLN U 812 57.86 34.59 -60.82
N GLN U 813 59.08 34.63 -60.26
CA GLN U 813 60.13 35.49 -60.77
C GLN U 813 61.22 34.75 -61.53
N LEU U 814 61.85 33.75 -60.92
CA LEU U 814 63.10 33.24 -61.47
C LEU U 814 62.91 32.06 -62.41
N ALA U 815 61.93 31.20 -62.16
CA ALA U 815 61.73 30.03 -63.00
C ALA U 815 61.49 30.37 -64.47
N PRO U 816 60.67 31.37 -64.83
CA PRO U 816 60.55 31.70 -66.26
C PRO U 816 61.86 32.08 -66.91
N VAL U 817 62.75 32.75 -66.17
CA VAL U 817 64.06 33.12 -66.72
C VAL U 817 64.85 31.87 -67.07
N GLU U 818 64.87 30.90 -66.16
CA GLU U 818 65.59 29.65 -66.42
C GLU U 818 64.98 28.90 -67.60
N LEU U 819 63.65 28.86 -67.67
CA LEU U 819 63.00 28.18 -68.77
C LEU U 819 63.34 28.84 -70.11
N ALA U 820 63.33 30.18 -70.14
CA ALA U 820 63.65 30.89 -71.37
C ALA U 820 65.11 30.73 -71.76
N VAL U 821 66.01 30.61 -70.77
CA VAL U 821 67.41 30.36 -71.09
C VAL U 821 67.59 28.96 -71.66
N ILE U 822 66.94 27.96 -71.05
CA ILE U 822 67.13 26.58 -71.46
C ILE U 822 66.51 26.31 -72.84
N ALA U 823 65.34 26.89 -73.10
CA ALA U 823 64.52 26.49 -74.25
C ALA U 823 65.24 26.51 -75.60
N PRO U 824 65.97 27.57 -75.98
CA PRO U 824 66.57 27.57 -77.33
C PRO U 824 67.59 26.47 -77.57
N MET U 825 68.25 25.98 -76.52
CA MET U 825 69.32 25.00 -76.67
C MET U 825 68.83 23.55 -76.64
N LEU U 826 67.53 23.34 -76.46
CA LEU U 826 67.01 21.99 -76.31
C LEU U 826 67.08 21.23 -77.64
N PRO U 827 67.35 19.93 -77.59
CA PRO U 827 67.29 19.12 -78.83
C PRO U 827 65.90 19.12 -79.45
N PHE U 828 64.85 19.17 -78.63
CA PHE U 828 63.47 19.24 -79.12
C PHE U 828 62.93 20.62 -78.78
N PRO U 829 62.86 21.53 -79.75
CA PRO U 829 62.35 22.87 -79.45
C PRO U 829 60.92 22.80 -78.99
N PRO U 830 60.51 23.71 -78.10
CA PRO U 830 59.18 23.60 -77.50
C PRO U 830 58.06 23.66 -78.53
N PHE U 831 57.10 22.77 -78.38
CA PHE U 831 55.89 22.73 -79.19
C PHE U 831 54.74 23.02 -78.24
N GLN U 832 54.13 24.19 -78.36
CA GLN U 832 53.25 24.71 -77.33
C GLN U 832 51.91 25.11 -77.95
N VAL U 833 50.86 24.96 -77.15
CA VAL U 833 49.49 25.26 -77.54
C VAL U 833 48.96 26.28 -76.54
N PRO U 834 48.24 27.31 -76.98
CA PRO U 834 47.88 28.40 -76.07
C PRO U 834 47.09 27.93 -74.84
N TYR U 835 47.41 28.54 -73.70
CA TYR U 835 46.69 28.31 -72.46
C TYR U 835 45.51 29.27 -72.36
N VAL U 836 44.32 28.71 -72.17
CA VAL U 836 43.13 29.50 -71.84
C VAL U 836 42.80 29.23 -70.39
N ARG U 837 42.63 30.30 -69.61
CA ARG U 837 42.48 30.15 -68.16
C ARG U 837 41.18 29.42 -67.82
N LEU U 838 40.05 30.01 -68.19
CA LEU U 838 38.75 29.41 -67.87
C LEU U 838 37.77 29.47 -69.03
N ASP U 839 38.14 30.04 -70.16
CA ASP U 839 37.24 30.18 -71.30
C ASP U 839 37.01 28.80 -71.92
N ARG U 840 35.83 28.23 -71.66
CA ARG U 840 35.47 26.95 -72.27
C ARG U 840 35.39 27.04 -73.78
N ASP U 841 35.15 28.23 -74.32
CA ASP U 841 34.99 28.39 -75.76
C ASP U 841 36.29 28.09 -76.51
N ARG U 842 37.43 28.39 -75.90
CA ARG U 842 38.71 28.36 -76.59
C ARG U 842 39.65 27.28 -76.05
N VAL U 843 39.09 26.17 -75.59
CA VAL U 843 39.90 25.07 -75.05
C VAL U 843 40.27 24.13 -76.20
N PRO U 844 41.56 23.98 -76.51
CA PRO U 844 41.95 23.05 -77.57
C PRO U 844 41.70 21.61 -77.17
N THR U 845 41.42 20.77 -78.16
CA THR U 845 41.16 19.37 -77.91
C THR U 845 41.99 18.42 -78.76
N MET U 846 42.25 18.77 -80.02
CA MET U 846 42.93 17.87 -80.94
C MET U 846 44.07 18.59 -81.66
N VAL U 847 45.12 17.83 -81.95
CA VAL U 847 46.25 18.30 -82.75
C VAL U 847 46.58 17.21 -83.76
N GLY U 848 46.65 17.59 -85.05
CA GLY U 848 46.90 16.63 -86.10
C GLY U 848 47.85 17.19 -87.14
N VAL U 849 48.38 16.29 -87.96
CA VAL U 849 49.30 16.62 -89.04
C VAL U 849 48.70 16.11 -90.35
N THR U 850 48.72 16.96 -91.37
CA THR U 850 48.11 16.66 -92.66
C THR U 850 49.19 16.53 -93.73
N ARG U 851 49.06 15.50 -94.57
CA ARG U 851 50.00 15.24 -95.64
C ARG U 851 49.53 15.75 -97.00
N GLN U 852 48.23 15.71 -97.27
CA GLN U 852 47.72 16.11 -98.57
C GLN U 852 47.68 17.63 -98.71
N SER U 853 47.42 18.09 -99.93
CA SER U 853 47.44 19.51 -100.25
C SER U 853 46.17 20.18 -99.76
N ARG U 854 46.12 21.51 -99.92
CA ARG U 854 44.95 22.26 -99.49
C ARG U 854 43.76 22.02 -100.41
N ASP U 855 44.00 21.85 -101.72
CA ASP U 855 42.93 21.61 -102.68
C ASP U 855 43.08 20.19 -103.21
N THR U 856 42.56 19.24 -102.43
CA THR U 856 42.48 17.83 -102.80
C THR U 856 41.28 17.24 -102.06
N ILE U 857 40.62 16.27 -102.70
CA ILE U 857 39.54 15.52 -102.08
C ILE U 857 39.97 14.06 -102.08
N THR U 858 40.60 13.63 -100.99
CA THR U 858 41.13 12.27 -100.88
C THR U 858 40.59 11.57 -99.64
N GLN U 859 41.15 10.41 -99.33
CA GLN U 859 40.73 9.68 -98.15
C GLN U 859 41.06 10.50 -96.90
N PRO U 860 40.12 10.65 -95.97
CA PRO U 860 40.44 11.37 -94.73
C PRO U 860 41.32 10.52 -93.83
N ALA U 861 42.60 10.86 -93.76
CA ALA U 861 43.60 10.09 -93.03
C ALA U 861 44.13 10.94 -91.89
N LEU U 862 43.43 10.90 -90.76
CA LEU U 862 43.86 11.65 -89.58
C LEU U 862 45.16 11.05 -89.03
N SER U 863 46.05 11.92 -88.59
CA SER U 863 47.30 11.47 -88.01
C SER U 863 47.06 10.75 -86.70
N LEU U 864 48.02 9.90 -86.33
CA LEU U 864 47.88 9.10 -85.11
C LEU U 864 47.88 9.95 -83.85
N SER U 865 48.29 11.21 -83.95
CA SER U 865 48.31 12.10 -82.80
C SER U 865 46.92 12.56 -82.36
N THR U 866 45.91 12.41 -83.21
CA THR U 866 44.55 12.82 -82.87
C THR U 866 43.79 11.76 -82.08
N THR U 867 44.32 10.55 -81.97
CA THR U 867 43.62 9.49 -81.27
C THR U 867 43.63 9.66 -79.76
N ASN U 868 44.42 10.59 -79.23
CA ASN U 868 44.47 10.82 -77.80
C ASN U 868 43.20 11.48 -77.30
N THR U 869 42.76 11.08 -76.11
CA THR U 869 41.59 11.70 -75.50
C THR U 869 41.84 13.17 -75.20
N THR U 870 43.03 13.49 -74.67
CA THR U 870 43.41 14.86 -74.40
C THR U 870 44.16 15.42 -75.60
N VAL U 871 44.72 16.62 -75.46
CA VAL U 871 45.45 17.24 -76.57
C VAL U 871 46.77 16.51 -76.81
N GLY U 872 47.27 15.79 -75.80
CA GLY U 872 48.52 15.07 -75.94
C GLY U 872 48.57 13.78 -75.16
N VAL U 873 49.75 13.17 -75.06
CA VAL U 873 49.93 11.93 -74.32
C VAL U 873 49.81 12.22 -72.83
N PRO U 874 48.92 11.55 -72.11
CA PRO U 874 48.74 11.87 -70.69
C PRO U 874 49.77 11.19 -69.81
N LEU U 875 50.23 11.93 -68.80
CA LEU U 875 51.03 11.39 -67.71
C LEU U 875 50.46 11.86 -66.38
N ALA U 876 50.75 11.12 -65.32
CA ALA U 876 50.19 11.38 -64.00
C ALA U 876 51.27 11.88 -63.06
N LEU U 877 50.90 12.83 -62.20
CA LEU U 877 51.78 13.36 -61.17
C LEU U 877 51.18 13.12 -59.80
N ASP U 878 52.04 12.97 -58.80
CA ASP U 878 51.60 12.81 -57.42
C ASP U 878 51.48 14.19 -56.79
N ALA U 879 50.25 14.57 -56.40
CA ALA U 879 50.01 15.90 -55.88
C ALA U 879 50.71 16.15 -54.55
N ARG U 880 51.01 15.10 -53.80
CA ARG U 880 51.67 15.28 -52.50
C ARG U 880 53.03 15.94 -52.66
N ALA U 881 53.82 15.48 -53.63
CA ALA U 881 55.14 16.06 -53.85
C ALA U 881 55.05 17.52 -54.27
N ILE U 882 54.11 17.83 -55.16
CA ILE U 882 53.93 19.22 -55.61
C ILE U 882 53.52 20.11 -54.45
N THR U 883 52.60 19.62 -53.61
CA THR U 883 52.17 20.41 -52.46
C THR U 883 53.32 20.64 -51.48
N VAL U 884 54.13 19.60 -51.24
CA VAL U 884 55.27 19.76 -50.34
C VAL U 884 56.26 20.75 -50.92
N ALA U 885 56.51 20.68 -52.23
CA ALA U 885 57.42 21.62 -52.86
C ALA U 885 56.92 23.05 -52.76
N LEU U 886 55.60 23.25 -52.93
CA LEU U 886 55.04 24.59 -52.80
C LEU U 886 55.13 25.10 -51.36
N LEU U 887 54.89 24.23 -50.38
CA LEU U 887 54.86 24.65 -48.99
C LEU U 887 56.25 24.74 -48.35
N SER U 888 57.28 24.18 -48.98
CA SER U 888 58.62 24.23 -48.43
C SER U 888 59.63 24.57 -49.52
N GLY U 889 60.42 25.61 -49.28
CA GLY U 889 61.46 26.00 -50.21
C GLY U 889 62.18 27.26 -49.75
N LYS U 890 63.51 27.24 -49.81
CA LYS U 890 64.30 28.36 -49.34
C LYS U 890 65.44 28.65 -50.32
N TYR U 891 65.78 29.93 -50.44
CA TYR U 891 66.98 30.33 -51.16
C TYR U 891 68.21 30.13 -50.30
N PRO U 892 69.38 29.99 -50.91
CA PRO U 892 70.61 29.93 -50.12
C PRO U 892 70.79 31.20 -49.33
N PRO U 893 71.37 31.11 -48.13
CA PRO U 893 71.50 32.30 -47.26
C PRO U 893 72.38 33.40 -47.84
N ASP U 894 72.99 33.20 -49.01
CA ASP U 894 73.73 34.26 -49.69
C ASP U 894 73.57 34.07 -51.21
N LEU U 895 72.57 34.73 -51.77
CA LEU U 895 72.22 34.60 -53.17
C LEU U 895 72.51 35.90 -53.90
N VAL U 896 73.49 35.87 -54.78
CA VAL U 896 73.73 36.95 -55.73
C VAL U 896 73.41 36.39 -57.12
N THR U 897 72.25 36.79 -57.64
CA THR U 897 71.73 36.17 -58.86
C THR U 897 72.65 36.39 -60.06
N ASN U 898 73.29 37.56 -60.14
CA ASN U 898 74.20 37.81 -61.24
C ASN U 898 75.32 36.78 -61.27
N VAL U 899 75.98 36.56 -60.13
CA VAL U 899 77.05 35.57 -60.06
C VAL U 899 76.51 34.17 -60.32
N TRP U 900 75.38 33.84 -59.70
CA TRP U 900 74.86 32.47 -59.81
C TRP U 900 74.55 32.13 -61.26
N TYR U 901 73.85 33.01 -61.98
CA TYR U 901 73.48 32.71 -63.36
C TYR U 901 74.66 32.87 -64.30
N ALA U 902 75.55 33.84 -64.06
CA ALA U 902 76.75 33.94 -64.89
C ALA U 902 77.59 32.68 -64.79
N ASP U 903 77.57 32.04 -63.61
CA ASP U 903 78.34 30.82 -63.42
C ASP U 903 77.60 29.61 -64.01
N ALA U 904 76.27 29.59 -63.87
CA ALA U 904 75.50 28.43 -64.30
C ALA U 904 75.36 28.35 -65.82
N ILE U 905 75.18 29.49 -66.48
CA ILE U 905 74.94 29.49 -67.92
C ILE U 905 76.17 29.03 -68.69
N TYR U 906 77.36 29.35 -68.20
CA TYR U 906 78.58 29.05 -68.96
C TYR U 906 78.75 27.57 -69.30
N PRO U 907 78.64 26.63 -68.36
CA PRO U 907 78.78 25.21 -68.76
C PRO U 907 77.72 24.74 -69.73
N MET U 908 76.49 25.23 -69.63
CA MET U 908 75.42 24.76 -70.50
C MET U 908 75.40 25.46 -71.85
N TYR U 909 76.11 26.58 -72.01
CA TYR U 909 76.29 27.19 -73.31
C TYR U 909 77.61 26.79 -73.97
N ALA U 910 78.58 26.32 -73.20
CA ALA U 910 79.80 25.79 -73.78
C ALA U 910 79.60 24.42 -74.41
N ASP U 911 78.43 23.80 -74.22
CA ASP U 911 78.18 22.46 -74.73
C ASP U 911 76.90 22.44 -75.57
N THR U 912 76.77 23.39 -76.49
CA THR U 912 75.54 23.57 -77.25
C THR U 912 75.55 22.78 -78.55
N GLU U 913 74.35 22.56 -79.10
CA GLU U 913 74.16 21.82 -80.34
C GLU U 913 73.20 22.51 -81.32
N VAL U 914 72.86 23.77 -81.09
CA VAL U 914 72.01 24.49 -82.04
C VAL U 914 72.71 24.63 -83.38
N PHE U 915 74.00 24.95 -83.34
CA PHE U 915 74.77 25.14 -84.56
C PHE U 915 74.82 23.89 -85.42
N SER U 916 74.53 22.72 -84.85
CA SER U 916 74.43 21.47 -85.59
C SER U 916 72.99 21.13 -85.97
N ASN U 917 72.03 21.43 -85.10
CA ASN U 917 70.64 21.24 -85.44
C ASN U 917 70.24 22.08 -86.65
N LEU U 918 70.95 23.17 -86.90
CA LEU U 918 70.68 23.96 -88.10
C LEU U 918 70.98 23.17 -89.37
N GLN U 919 72.16 22.54 -89.45
CA GLN U 919 72.41 21.67 -90.59
C GLN U 919 71.44 20.50 -90.61
N ARG U 920 71.07 19.99 -89.43
CA ARG U 920 70.15 18.87 -89.36
C ARG U 920 68.82 19.19 -90.04
N ASP U 921 68.21 20.33 -89.67
CA ASP U 921 66.90 20.60 -90.25
C ASP U 921 67.01 21.14 -91.67
N VAL U 922 68.14 21.73 -92.06
CA VAL U 922 68.37 22.00 -93.48
C VAL U 922 68.30 20.71 -94.29
N ILE U 923 69.02 19.68 -93.83
CA ILE U 923 69.02 18.39 -94.53
C ILE U 923 67.62 17.79 -94.51
N THR U 924 66.90 17.94 -93.40
CA THR U 924 65.54 17.41 -93.31
C THR U 924 64.63 18.05 -94.35
N CYS U 925 64.69 19.38 -94.48
CA CYS U 925 63.85 20.06 -95.47
C CYS U 925 64.22 19.65 -96.88
N GLU U 926 65.53 19.55 -97.17
CA GLU U 926 65.97 19.09 -98.49
C GLU U 926 65.41 17.72 -98.80
N ALA U 927 65.50 16.80 -97.83
CA ALA U 927 65.00 15.44 -98.03
C ALA U 927 63.49 15.44 -98.25
N VAL U 928 62.76 16.26 -97.50
CA VAL U 928 61.30 16.31 -97.67
C VAL U 928 60.93 16.74 -99.08
N GLN U 929 61.57 17.81 -99.56
CA GLN U 929 61.23 18.30 -100.91
C GLN U 929 61.62 17.28 -101.97
N THR U 930 62.80 16.68 -101.84
CA THR U 930 63.21 15.68 -102.82
C THR U 930 62.25 14.50 -102.83
N LEU U 931 61.84 14.04 -101.65
CA LEU U 931 60.91 12.93 -101.57
C LEU U 931 59.59 13.25 -102.24
N VAL U 932 59.02 14.43 -101.95
CA VAL U 932 57.70 14.74 -102.51
C VAL U 932 57.79 14.84 -104.02
N THR U 933 58.85 15.46 -104.56
CA THR U 933 58.99 15.56 -106.00
C THR U 933 59.13 14.19 -106.65
N LEU U 934 60.02 13.35 -106.10
CA LEU U 934 60.28 12.05 -106.71
C LEU U 934 59.06 11.15 -106.65
N VAL U 935 58.33 11.14 -105.53
CA VAL U 935 57.15 10.29 -105.44
C VAL U 935 56.04 10.83 -106.34
N ALA U 936 55.94 12.16 -106.46
CA ALA U 936 54.96 12.74 -107.38
C ALA U 936 55.24 12.41 -108.82
N GLN U 937 56.50 12.18 -109.20
CA GLN U 937 56.77 11.82 -110.59
C GLN U 937 56.51 10.35 -110.91
N ILE U 938 56.26 9.50 -109.92
CA ILE U 938 55.92 8.10 -110.21
C ILE U 938 54.49 7.75 -109.80
N SER U 939 53.82 8.61 -109.03
CA SER U 939 52.42 8.43 -108.71
C SER U 939 51.65 9.61 -109.30
N GLU U 940 50.34 9.44 -109.47
CA GLU U 940 49.53 10.49 -110.11
C GLU U 940 48.97 11.47 -109.09
N THR U 941 49.84 11.98 -108.23
CA THR U 941 49.46 13.03 -107.30
C THR U 941 49.31 14.36 -108.05
N GLN U 942 48.79 15.36 -107.33
CA GLN U 942 48.44 16.63 -107.94
C GLN U 942 49.55 17.66 -107.86
N TYR U 943 50.73 17.29 -107.38
CA TYR U 943 51.82 18.26 -107.30
C TYR U 943 52.26 18.67 -108.70
N PRO U 944 52.44 19.98 -108.95
CA PRO U 944 52.68 20.48 -110.31
C PRO U 944 54.16 20.52 -110.70
N VAL U 945 54.79 19.34 -110.80
CA VAL U 945 56.13 19.27 -111.34
C VAL U 945 56.07 18.97 -112.83
N ASP U 946 57.00 19.57 -113.58
CA ASP U 946 57.11 19.29 -115.00
C ASP U 946 57.86 17.96 -115.20
N ARG U 947 57.26 17.07 -116.00
CA ARG U 947 57.69 15.68 -116.09
C ARG U 947 58.52 15.50 -117.35
N TYR U 948 59.69 14.86 -117.21
CA TYR U 948 60.59 14.65 -118.32
C TYR U 948 60.87 13.18 -118.61
N LEU U 949 60.47 12.26 -117.73
CA LEU U 949 60.75 10.84 -117.90
C LEU U 949 59.48 10.05 -118.14
N ASP U 950 58.56 10.59 -118.94
CA ASP U 950 57.31 9.89 -119.20
C ASP U 950 57.51 8.75 -120.20
N TRP U 951 58.44 8.91 -121.14
CA TRP U 951 58.63 7.89 -122.17
C TRP U 951 59.19 6.60 -121.60
N ILE U 952 59.83 6.64 -120.45
CA ILE U 952 60.32 5.41 -119.81
C ILE U 952 59.11 4.65 -119.26
N PRO U 953 58.96 3.37 -119.59
CA PRO U 953 57.77 2.63 -119.13
C PRO U 953 57.73 2.52 -117.62
N SER U 954 56.52 2.59 -117.07
CA SER U 954 56.32 2.49 -115.63
C SER U 954 54.85 2.15 -115.37
N LEU U 955 54.53 1.96 -114.10
CA LEU U 955 53.18 1.65 -113.67
C LEU U 955 52.73 2.66 -112.62
N ARG U 956 51.43 2.67 -112.36
CA ARG U 956 50.87 3.50 -111.30
C ARG U 956 51.33 2.98 -109.96
N ALA U 957 52.25 3.70 -109.32
CA ALA U 957 52.79 3.27 -108.04
C ALA U 957 51.70 3.31 -106.97
N SER U 958 51.56 2.22 -106.24
CA SER U 958 50.59 2.13 -105.17
C SER U 958 51.24 2.55 -103.85
N ALA U 959 50.53 2.35 -102.74
CA ALA U 959 51.06 2.75 -101.45
C ALA U 959 52.34 2.00 -101.11
N ALA U 960 52.35 0.68 -101.32
CA ALA U 960 53.51 -0.13 -100.99
C ALA U 960 54.70 0.21 -101.87
N THR U 961 54.48 0.35 -103.18
CA THR U 961 55.56 0.70 -104.08
C THR U 961 56.13 2.08 -103.75
N ALA U 962 55.25 3.04 -103.49
CA ALA U 962 55.72 4.37 -103.11
C ALA U 962 56.50 4.34 -101.80
N ALA U 963 56.05 3.53 -100.84
CA ALA U 963 56.76 3.42 -99.57
C ALA U 963 58.14 2.82 -99.77
N THR U 964 58.27 1.78 -100.59
CA THR U 964 59.58 1.19 -100.83
C THR U 964 60.50 2.17 -101.54
N PHE U 965 59.99 2.88 -102.56
CA PHE U 965 60.82 3.86 -103.25
C PHE U 965 61.25 4.98 -102.30
N ALA U 966 60.34 5.43 -101.43
CA ALA U 966 60.66 6.45 -100.46
C ALA U 966 61.72 5.96 -99.47
N GLU U 967 61.61 4.70 -99.05
CA GLU U 967 62.62 4.14 -98.15
C GLU U 967 63.99 4.11 -98.82
N TRP U 968 64.04 3.71 -100.09
CA TRP U 968 65.32 3.70 -100.80
C TRP U 968 65.89 5.10 -100.95
N VAL U 969 65.03 6.08 -101.27
CA VAL U 969 65.50 7.46 -101.40
C VAL U 969 66.03 7.97 -100.06
N ASN U 970 65.29 7.69 -98.98
CA ASN U 970 65.69 8.14 -97.66
C ASN U 970 67.03 7.53 -97.25
N THR U 971 67.20 6.22 -97.45
CA THR U 971 68.46 5.59 -97.05
C THR U 971 69.61 6.04 -97.94
N SER U 972 69.35 6.32 -99.23
CA SER U 972 70.40 6.86 -100.09
C SER U 972 70.85 8.23 -99.62
N MET U 973 69.90 9.10 -99.29
CA MET U 973 70.25 10.43 -98.79
C MET U 973 71.01 10.33 -97.47
N LYS U 974 70.56 9.45 -96.58
CA LYS U 974 71.21 9.28 -95.29
C LYS U 974 72.64 8.79 -95.47
N THR U 975 72.86 7.81 -96.34
CA THR U 975 74.21 7.33 -96.61
C THR U 975 75.07 8.42 -97.23
N ALA U 976 74.52 9.18 -98.18
CA ALA U 976 75.30 10.21 -98.84
C ALA U 976 75.73 11.31 -97.87
N PHE U 977 74.84 11.74 -97.00
CA PHE U 977 75.17 12.81 -96.06
C PHE U 977 75.75 12.29 -94.74
N ASP U 978 75.94 10.98 -94.61
CA ASP U 978 76.71 10.39 -93.51
C ASP U 978 76.12 10.74 -92.15
N LEU U 979 74.91 10.25 -91.92
CA LEU U 979 74.29 10.32 -90.61
C LEU U 979 73.54 9.02 -90.36
N SER U 980 73.35 8.70 -89.08
CA SER U 980 72.71 7.44 -88.69
C SER U 980 71.40 7.64 -87.93
N ASP U 981 71.03 8.87 -87.62
CA ASP U 981 69.81 9.14 -86.87
C ASP U 981 68.62 9.15 -87.82
N MET U 982 67.46 9.57 -87.33
CA MET U 982 66.23 9.56 -88.11
C MET U 982 66.09 10.81 -88.96
N LEU U 983 65.57 10.62 -90.18
CA LEU U 983 65.07 11.72 -90.98
C LEU U 983 64.11 11.13 -92.00
N LEU U 984 62.98 11.80 -92.20
CA LEU U 984 62.01 11.44 -93.23
C LEU U 984 61.33 10.10 -92.93
N GLU U 985 61.77 9.41 -91.88
CA GLU U 985 61.21 8.09 -91.56
C GLU U 985 59.74 8.12 -91.18
N PRO U 986 59.24 9.03 -90.33
CA PRO U 986 57.80 9.02 -90.04
C PRO U 986 56.95 9.23 -91.27
N LEU U 987 57.47 9.91 -92.29
CA LEU U 987 56.75 10.08 -93.54
C LEU U 987 56.60 8.77 -94.31
N LEU U 988 57.44 7.77 -94.02
CA LEU U 988 57.34 6.49 -94.68
C LEU U 988 56.05 5.77 -94.33
N SER U 989 55.53 5.98 -93.12
CA SER U 989 54.35 5.28 -92.66
C SER U 989 53.09 5.86 -93.29
N GLY U 990 52.19 4.98 -93.73
CA GLY U 990 50.87 5.39 -94.15
C GLY U 990 50.78 6.14 -95.46
N ASP U 991 51.06 5.47 -96.58
CA ASP U 991 50.79 6.00 -97.92
C ASP U 991 51.54 7.30 -98.17
N PRO U 992 52.86 7.26 -98.36
CA PRO U 992 53.65 8.49 -98.55
C PRO U 992 53.52 9.09 -99.96
N ARG U 993 52.29 9.15 -100.45
CA ARG U 993 51.97 9.89 -101.67
C ARG U 993 51.44 11.27 -101.33
N MET U 994 52.34 12.08 -100.77
CA MET U 994 51.99 13.35 -100.13
C MET U 994 52.24 14.52 -101.08
N THR U 995 51.76 15.69 -100.67
CA THR U 995 51.99 16.93 -101.39
C THR U 995 52.77 17.95 -100.58
N GLN U 996 52.31 18.27 -99.37
CA GLN U 996 52.95 19.27 -98.54
C GLN U 996 52.62 19.01 -97.07
N LEU U 997 53.55 19.40 -96.20
CA LEU U 997 53.37 19.19 -94.76
C LEU U 997 52.60 20.35 -94.15
N ALA U 998 51.74 20.04 -93.20
CA ALA U 998 50.97 21.05 -92.48
C ALA U 998 50.52 20.48 -91.15
N ILE U 999 50.34 21.37 -90.17
CA ILE U 999 49.89 21.00 -88.83
C ILE U 999 48.76 21.94 -88.44
N GLN U 1000 47.79 21.41 -87.69
CA GLN U 1000 46.66 22.22 -87.25
C GLN U 1000 46.12 21.67 -85.95
N TYR U 1001 45.44 22.54 -85.21
CA TYR U 1001 44.75 22.17 -83.98
C TYR U 1001 43.38 22.84 -83.98
N GLN U 1002 42.44 22.24 -83.27
CA GLN U 1002 41.07 22.72 -83.24
C GLN U 1002 40.69 23.13 -81.82
N GLN U 1003 39.80 24.12 -81.74
CA GLN U 1003 39.27 24.58 -80.46
C GLN U 1003 38.09 23.70 -80.07
N TYR U 1004 37.36 24.10 -79.03
CA TYR U 1004 36.17 23.35 -78.64
C TYR U 1004 35.02 23.60 -79.60
N ASN U 1005 34.87 24.84 -80.07
CA ASN U 1005 33.76 25.20 -80.95
C ASN U 1005 34.13 25.08 -82.43
N GLY U 1006 34.72 23.95 -82.81
CA GLY U 1006 34.98 23.65 -84.20
C GLY U 1006 35.99 24.55 -84.90
N ARG U 1007 36.42 25.62 -84.25
CA ARG U 1007 37.41 26.50 -84.85
C ARG U 1007 38.75 25.79 -84.96
N THR U 1008 39.43 25.98 -86.09
CA THR U 1008 40.71 25.35 -86.34
C THR U 1008 41.77 26.42 -86.64
N PHE U 1009 43.02 25.96 -86.74
CA PHE U 1009 44.14 26.85 -87.05
C PHE U 1009 45.14 26.06 -87.88
N ASN U 1010 45.04 26.17 -89.20
CA ASN U 1010 45.93 25.46 -90.11
C ASN U 1010 47.20 26.28 -90.32
N VAL U 1011 48.34 25.70 -90.00
CA VAL U 1011 49.64 26.34 -90.19
C VAL U 1011 50.34 25.62 -91.33
N ILE U 1012 50.51 26.31 -92.46
CA ILE U 1012 51.16 25.77 -93.63
C ILE U 1012 52.40 26.60 -93.92
N PRO U 1013 53.57 26.15 -93.51
CA PRO U 1013 54.81 26.89 -93.78
C PRO U 1013 55.24 26.73 -95.23
N GLU U 1014 55.07 27.80 -96.01
CA GLU U 1014 55.49 27.77 -97.40
C GLU U 1014 57.00 27.60 -97.47
N MET U 1015 57.45 26.69 -98.30
CA MET U 1015 58.87 26.42 -98.21
C MET U 1015 59.61 26.95 -99.44
N PRO U 1016 60.87 27.35 -99.28
CA PRO U 1016 61.64 27.81 -100.43
C PRO U 1016 62.10 26.66 -101.31
N GLY U 1017 62.80 26.96 -102.39
CA GLY U 1017 63.30 25.92 -103.26
C GLY U 1017 64.40 25.11 -102.62
N SER U 1018 64.67 23.95 -103.22
CA SER U 1018 65.69 23.03 -102.73
C SER U 1018 66.67 22.73 -103.85
N VAL U 1019 67.96 22.93 -103.59
CA VAL U 1019 68.98 22.75 -104.61
C VAL U 1019 69.04 21.30 -105.06
N ILE U 1020 68.79 20.35 -104.15
CA ILE U 1020 68.84 18.95 -104.52
C ILE U 1020 67.78 18.62 -105.55
N ALA U 1021 66.54 19.06 -105.31
CA ALA U 1021 65.47 18.80 -106.27
C ALA U 1021 65.69 19.57 -107.57
N ASP U 1022 66.19 20.80 -107.48
CA ASP U 1022 66.46 21.56 -108.70
C ASP U 1022 67.52 20.89 -109.55
N CYS U 1023 68.59 20.40 -108.92
CA CYS U 1023 69.64 19.71 -109.67
C CYS U 1023 69.15 18.37 -110.19
N VAL U 1024 68.25 17.69 -109.46
CA VAL U 1024 67.62 16.49 -109.98
C VAL U 1024 66.84 16.82 -111.25
N GLN U 1025 66.10 17.93 -111.24
CA GLN U 1025 65.36 18.34 -112.41
C GLN U 1025 66.29 18.64 -113.58
N LEU U 1026 67.41 19.32 -113.30
CA LEU U 1026 68.36 19.65 -114.36
C LEU U 1026 68.98 18.39 -114.96
N THR U 1027 69.37 17.44 -114.12
CA THR U 1027 69.98 16.22 -114.65
C THR U 1027 68.94 15.36 -115.36
N ALA U 1028 67.66 15.44 -114.95
CA ALA U 1028 66.61 14.79 -115.72
C ALA U 1028 66.45 15.42 -117.09
N GLU U 1029 66.54 16.75 -117.16
CA GLU U 1029 66.52 17.43 -118.45
C GLU U 1029 67.67 16.96 -119.33
N VAL U 1030 68.87 16.86 -118.75
CA VAL U 1030 70.04 16.44 -119.51
C VAL U 1030 69.89 15.00 -119.98
N PHE U 1031 69.37 14.11 -119.12
CA PHE U 1031 69.15 12.73 -119.49
C PHE U 1031 68.11 12.60 -120.59
N ASN U 1032 67.09 13.48 -120.58
CA ASN U 1032 66.07 13.43 -121.61
C ASN U 1032 66.66 13.58 -123.01
N HIS U 1033 67.80 14.27 -123.12
CA HIS U 1033 68.45 14.47 -124.41
C HIS U 1033 69.61 13.51 -124.66
N GLU U 1034 70.35 13.13 -123.63
CA GLU U 1034 71.46 12.21 -123.85
C GLU U 1034 71.32 10.93 -123.04
N TYR U 1035 70.13 10.32 -123.11
CA TYR U 1035 69.89 9.05 -122.45
C TYR U 1035 70.88 7.97 -122.88
N ASN U 1036 71.39 8.06 -124.11
CA ASN U 1036 72.24 7.00 -124.65
C ASN U 1036 73.57 6.88 -123.90
N LEU U 1037 73.99 7.93 -123.20
CA LEU U 1037 75.24 7.86 -122.44
C LEU U 1037 75.13 6.99 -121.20
N PHE U 1038 73.93 6.79 -120.68
CA PHE U 1038 73.73 5.98 -119.47
C PHE U 1038 73.40 4.53 -119.78
N GLY U 1039 73.42 4.12 -121.05
CA GLY U 1039 73.06 2.77 -121.42
C GLY U 1039 71.59 2.56 -121.69
N ILE U 1040 70.82 3.62 -121.90
CA ILE U 1040 69.39 3.54 -122.18
C ILE U 1040 69.16 3.98 -123.61
N ALA U 1041 68.42 3.16 -124.36
CA ALA U 1041 68.11 3.45 -125.76
C ALA U 1041 66.63 3.78 -125.88
N ARG U 1042 66.33 4.95 -126.45
CA ARG U 1042 64.96 5.37 -126.66
C ARG U 1042 64.38 4.72 -127.91
N GLY U 1043 63.09 4.43 -127.86
CA GLY U 1043 62.41 3.87 -129.01
C GLY U 1043 62.00 2.42 -128.81
N ASP U 1044 62.21 1.60 -129.84
CA ASP U 1044 61.83 0.19 -129.78
C ASP U 1044 62.62 -0.56 -130.85
N ILE U 1045 62.50 -1.88 -130.83
CA ILE U 1045 63.30 -2.75 -131.69
C ILE U 1045 62.38 -3.45 -132.68
N ILE U 1046 62.98 -3.91 -133.78
CA ILE U 1046 62.29 -4.66 -134.81
C ILE U 1046 63.01 -5.98 -135.02
N ILE U 1047 62.26 -7.08 -135.01
CA ILE U 1047 62.83 -8.42 -135.15
C ILE U 1047 62.52 -8.92 -136.55
N GLY U 1048 63.56 -9.30 -137.29
CA GLY U 1048 63.37 -9.80 -138.63
C GLY U 1048 64.71 -10.12 -139.27
N ARG U 1049 64.66 -10.99 -140.26
CA ARG U 1049 65.88 -11.48 -140.92
C ARG U 1049 66.40 -10.44 -141.89
N VAL U 1050 67.65 -10.02 -141.69
CA VAL U 1050 68.35 -9.11 -142.60
C VAL U 1050 69.67 -9.78 -142.96
N GLN U 1051 69.73 -10.41 -144.12
CA GLN U 1051 70.93 -11.10 -144.58
C GLN U 1051 71.52 -10.29 -145.73
N SER U 1052 72.55 -9.50 -145.42
CA SER U 1052 73.19 -8.64 -146.41
C SER U 1052 74.64 -8.41 -146.00
N THR U 1053 75.43 -7.94 -146.96
CA THR U 1053 76.84 -7.69 -146.74
C THR U 1053 77.15 -6.22 -146.45
N HIS U 1054 76.12 -5.37 -146.33
CA HIS U 1054 76.35 -3.97 -146.05
C HIS U 1054 76.85 -3.77 -144.62
N LEU U 1055 77.54 -2.65 -144.40
CA LEU U 1055 78.13 -2.33 -143.10
C LEU U 1055 77.48 -1.07 -142.56
N TRP U 1056 76.53 -1.24 -141.65
CA TRP U 1056 75.95 -0.13 -140.92
C TRP U 1056 75.58 -0.59 -139.53
N SER U 1057 75.57 0.34 -138.58
CA SER U 1057 75.25 0.00 -137.20
C SER U 1057 73.75 -0.28 -137.07
N PRO U 1058 73.39 -1.32 -136.31
CA PRO U 1058 71.95 -1.54 -136.04
C PRO U 1058 71.30 -0.36 -135.33
N LEU U 1059 72.07 0.37 -134.52
CA LEU U 1059 71.51 1.53 -133.83
C LEU U 1059 71.13 2.63 -134.81
N ALA U 1060 71.90 2.78 -135.89
CA ALA U 1060 71.57 3.73 -136.94
C ALA U 1060 71.20 2.97 -138.20
N PRO U 1061 69.95 2.56 -138.37
CA PRO U 1061 69.58 1.71 -139.50
C PRO U 1061 69.19 2.54 -140.72
N PRO U 1062 69.13 1.94 -141.90
CA PRO U 1062 68.57 2.64 -143.04
C PRO U 1062 67.07 2.77 -142.93
N PRO U 1063 66.47 3.77 -143.58
CA PRO U 1063 65.03 4.04 -143.35
C PRO U 1063 64.10 2.93 -143.82
N ASP U 1064 64.41 2.30 -144.95
CA ASP U 1064 63.46 1.36 -145.55
C ASP U 1064 63.21 0.13 -144.72
N LEU U 1065 64.14 -0.25 -143.84
CA LEU U 1065 63.97 -1.47 -143.05
C LEU U 1065 62.89 -1.31 -141.98
N VAL U 1066 62.81 -0.12 -141.37
CA VAL U 1066 61.87 0.08 -140.26
C VAL U 1066 60.48 0.40 -140.81
N PHE U 1067 59.49 0.26 -139.93
CA PHE U 1067 58.12 0.61 -140.27
C PHE U 1067 57.40 1.07 -139.00
N ASP U 1068 56.32 1.82 -139.19
CA ASP U 1068 55.55 2.36 -138.08
C ASP U 1068 54.08 2.05 -138.31
N ARG U 1069 53.22 2.61 -137.45
CA ARG U 1069 51.79 2.38 -137.57
C ARG U 1069 51.20 2.97 -138.84
N ASP U 1070 51.85 3.96 -139.44
CA ASP U 1070 51.36 4.57 -140.67
C ASP U 1070 51.79 3.81 -141.92
N THR U 1071 52.67 2.84 -141.79
CA THR U 1071 53.09 2.04 -142.94
C THR U 1071 51.93 1.17 -143.41
N PRO U 1072 51.57 1.20 -144.69
CA PRO U 1072 50.46 0.36 -145.16
C PRO U 1072 50.78 -1.12 -145.03
N GLY U 1073 49.74 -1.90 -144.74
CA GLY U 1073 49.87 -3.34 -144.64
C GLY U 1073 50.27 -3.87 -143.28
N VAL U 1074 50.54 -3.01 -142.31
CA VAL U 1074 50.93 -3.46 -140.99
C VAL U 1074 49.70 -3.94 -140.23
N HIS U 1075 49.93 -4.66 -139.13
CA HIS U 1075 48.86 -5.18 -138.29
C HIS U 1075 49.18 -4.88 -136.83
N ILE U 1076 48.43 -3.95 -136.24
CA ILE U 1076 48.61 -3.60 -134.84
C ILE U 1076 47.85 -4.60 -133.98
N PHE U 1077 48.50 -5.09 -132.93
CA PHE U 1077 47.94 -6.15 -132.09
C PHE U 1077 47.60 -5.60 -130.71
N GLY U 1078 46.39 -5.88 -130.25
CA GLY U 1078 46.00 -5.61 -128.88
C GLY U 1078 46.33 -6.78 -127.97
N ARG U 1079 45.74 -6.76 -126.78
CA ARG U 1079 45.98 -7.84 -125.83
C ARG U 1079 45.36 -9.15 -126.30
N ASP U 1080 44.14 -9.09 -126.84
CA ASP U 1080 43.38 -10.29 -127.19
C ASP U 1080 43.85 -10.86 -128.54
N CYS U 1081 45.05 -11.45 -128.50
CA CYS U 1081 45.59 -12.18 -129.63
C CYS U 1081 45.40 -13.67 -129.39
N ARG U 1082 44.65 -14.33 -130.27
CA ARG U 1082 44.26 -15.72 -130.09
C ARG U 1082 44.80 -16.53 -131.26
N ILE U 1083 45.86 -17.30 -131.00
CA ILE U 1083 46.50 -18.09 -132.05
C ILE U 1083 45.66 -19.33 -132.33
N SER U 1084 45.29 -19.53 -133.59
CA SER U 1084 44.51 -20.68 -134.01
C SER U 1084 45.34 -21.53 -134.97
N PHE U 1085 45.42 -22.82 -134.68
CA PHE U 1085 46.14 -23.73 -135.56
C PHE U 1085 45.36 -23.94 -136.86
N GLY U 1086 46.09 -24.34 -137.89
CA GLY U 1086 45.49 -24.64 -139.17
C GLY U 1086 45.67 -26.09 -139.57
N MET U 1087 44.58 -26.84 -139.60
CA MET U 1087 44.64 -28.25 -139.91
C MET U 1087 44.43 -28.48 -141.41
N ASN U 1088 44.76 -29.70 -141.85
CA ASN U 1088 44.66 -30.10 -143.25
C ASN U 1088 45.50 -29.20 -144.15
N GLY U 1089 46.67 -28.80 -143.68
CA GLY U 1089 47.57 -27.98 -144.47
C GLY U 1089 47.29 -26.50 -144.47
N ALA U 1090 46.39 -26.03 -143.61
CA ALA U 1090 46.05 -24.61 -143.56
C ALA U 1090 47.05 -23.87 -142.69
N ALA U 1091 47.38 -22.64 -143.09
CA ALA U 1091 48.31 -21.83 -142.33
C ALA U 1091 47.68 -21.41 -141.00
N PRO U 1092 48.46 -21.35 -139.92
CA PRO U 1092 47.90 -20.88 -138.64
C PRO U 1092 47.51 -19.41 -138.70
N MET U 1093 46.56 -19.05 -137.85
CA MET U 1093 46.00 -17.70 -137.83
C MET U 1093 46.11 -17.11 -136.43
N ILE U 1094 46.24 -15.79 -136.38
CA ILE U 1094 46.31 -15.04 -135.13
C ILE U 1094 45.36 -13.85 -135.25
N ARG U 1095 44.95 -13.32 -134.11
CA ARG U 1095 43.90 -12.31 -134.05
C ARG U 1095 44.50 -10.91 -134.07
N ASP U 1096 44.08 -10.11 -135.04
CA ASP U 1096 44.38 -8.68 -135.09
C ASP U 1096 43.50 -7.94 -134.08
N GLU U 1097 43.81 -6.66 -133.85
CA GLU U 1097 43.02 -5.87 -132.92
C GLU U 1097 41.63 -5.57 -133.47
N THR U 1098 41.47 -5.63 -134.80
CA THR U 1098 40.19 -5.32 -135.44
C THR U 1098 39.30 -6.54 -135.61
N GLY U 1099 39.73 -7.71 -135.15
CA GLY U 1099 38.97 -8.92 -135.26
C GLY U 1099 39.33 -9.81 -136.43
N MET U 1100 40.00 -9.27 -137.44
CA MET U 1100 40.43 -10.08 -138.56
C MET U 1100 41.59 -10.99 -138.17
N MET U 1101 41.67 -12.14 -138.81
CA MET U 1101 42.73 -13.10 -138.57
C MET U 1101 43.74 -13.05 -139.71
N VAL U 1102 45.02 -13.14 -139.37
CA VAL U 1102 46.10 -13.06 -140.36
C VAL U 1102 47.06 -14.22 -140.15
N PRO U 1103 47.73 -14.70 -141.20
CA PRO U 1103 48.74 -15.75 -141.04
C PRO U 1103 50.02 -15.17 -140.45
N PHE U 1104 50.98 -16.08 -140.19
CA PHE U 1104 52.27 -15.69 -139.62
C PHE U 1104 53.19 -15.20 -140.73
N GLU U 1105 52.89 -14.00 -141.22
CA GLU U 1105 53.65 -13.39 -142.30
C GLU U 1105 53.26 -11.92 -142.41
N GLY U 1106 54.25 -11.06 -142.67
CA GLY U 1106 54.03 -9.64 -142.85
C GLY U 1106 54.83 -8.82 -141.87
N ASN U 1107 54.28 -7.65 -141.52
CA ASN U 1107 54.88 -6.74 -140.57
C ASN U 1107 53.90 -6.52 -139.43
N TRP U 1108 54.35 -6.77 -138.20
CA TRP U 1108 53.50 -6.68 -137.02
C TRP U 1108 54.05 -5.64 -136.06
N ILE U 1109 53.18 -5.22 -135.13
CA ILE U 1109 53.53 -4.24 -134.11
C ILE U 1109 53.01 -4.79 -132.78
N PHE U 1110 53.90 -5.38 -131.99
CA PHE U 1110 53.55 -5.96 -130.69
C PHE U 1110 53.91 -5.00 -129.56
N PRO U 1111 53.00 -4.75 -128.64
CA PRO U 1111 53.42 -4.22 -127.34
C PRO U 1111 54.24 -5.27 -126.60
N LEU U 1112 55.20 -4.78 -125.80
CA LEU U 1112 56.06 -5.69 -125.05
C LEU U 1112 55.25 -6.54 -124.08
N ALA U 1113 54.13 -6.00 -123.58
CA ALA U 1113 53.29 -6.72 -122.64
C ALA U 1113 52.74 -8.00 -123.25
N LEU U 1114 52.49 -8.01 -124.56
CA LEU U 1114 51.95 -9.20 -125.19
C LEU U 1114 52.92 -10.38 -125.08
N TRP U 1115 54.18 -10.16 -125.45
CA TRP U 1115 55.16 -11.23 -125.32
C TRP U 1115 55.45 -11.55 -123.86
N GLN U 1116 55.45 -10.52 -123.00
CA GLN U 1116 55.78 -10.74 -121.60
C GLN U 1116 54.70 -11.56 -120.89
N MET U 1117 53.44 -11.38 -121.31
CA MET U 1117 52.34 -12.10 -120.66
C MET U 1117 52.47 -13.60 -120.88
N ASN U 1118 52.62 -14.04 -122.13
CA ASN U 1118 52.84 -15.44 -122.47
C ASN U 1118 54.03 -15.53 -123.42
N THR U 1119 55.23 -15.52 -122.84
CA THR U 1119 56.46 -15.68 -123.59
C THR U 1119 56.76 -17.12 -123.98
N ARG U 1120 56.07 -18.10 -123.40
CA ARG U 1120 56.34 -19.49 -123.71
C ARG U 1120 55.52 -20.00 -124.88
N TYR U 1121 54.26 -19.59 -124.98
CA TYR U 1121 53.44 -19.98 -126.12
C TYR U 1121 53.94 -19.34 -127.41
N PHE U 1122 54.39 -18.09 -127.33
CA PHE U 1122 54.70 -17.33 -128.54
C PHE U 1122 55.95 -17.86 -129.24
N ASN U 1123 57.08 -17.88 -128.53
CA ASN U 1123 58.32 -18.30 -129.17
C ASN U 1123 58.27 -19.74 -129.64
N GLN U 1124 57.40 -20.56 -129.05
CA GLN U 1124 57.17 -21.89 -129.60
C GLN U 1124 56.54 -21.81 -130.99
N GLN U 1125 55.65 -20.84 -131.18
CA GLN U 1125 54.92 -20.70 -132.45
C GLN U 1125 55.61 -19.81 -133.45
N PHE U 1126 56.42 -18.84 -133.00
CA PHE U 1126 56.95 -17.81 -133.90
C PHE U 1126 58.42 -18.01 -134.26
N ASP U 1127 59.22 -18.64 -133.40
CA ASP U 1127 60.66 -18.72 -133.66
C ASP U 1127 60.97 -19.46 -134.96
N ALA U 1128 60.12 -20.40 -135.35
CA ALA U 1128 60.34 -21.10 -136.61
C ALA U 1128 60.02 -20.22 -137.81
N TRP U 1129 59.17 -19.21 -137.65
CA TRP U 1129 58.80 -18.32 -138.74
C TRP U 1129 59.66 -17.06 -138.80
N ILE U 1130 60.55 -16.85 -137.84
CA ILE U 1130 61.47 -15.71 -137.84
C ILE U 1130 62.85 -16.11 -138.32
N LYS U 1131 63.31 -17.31 -137.96
CA LYS U 1131 64.64 -17.77 -138.35
C LYS U 1131 64.74 -17.92 -139.85
N THR U 1132 63.82 -18.66 -140.46
CA THR U 1132 63.81 -18.94 -141.89
C THR U 1132 62.43 -18.70 -142.48
N GLY U 1133 61.82 -17.57 -142.12
CA GLY U 1133 60.51 -17.22 -142.59
C GLY U 1133 60.45 -15.78 -143.06
N GLU U 1134 59.24 -15.25 -143.10
CA GLU U 1134 58.99 -13.88 -143.53
C GLU U 1134 58.37 -13.01 -142.44
N LEU U 1135 58.21 -13.53 -141.23
CA LEU U 1135 57.59 -12.77 -140.17
C LEU U 1135 58.54 -11.69 -139.66
N ARG U 1136 58.03 -10.46 -139.53
CA ARG U 1136 58.77 -9.35 -138.98
C ARG U 1136 57.92 -8.68 -137.91
N ILE U 1137 58.50 -8.50 -136.72
CA ILE U 1137 57.77 -8.01 -135.57
C ILE U 1137 58.46 -6.76 -135.02
N ARG U 1138 57.68 -5.72 -134.78
CA ARG U 1138 58.14 -4.53 -134.08
C ARG U 1138 57.56 -4.55 -132.67
N ILE U 1139 58.44 -4.54 -131.67
CA ILE U 1139 58.04 -4.64 -130.27
C ILE U 1139 58.22 -3.26 -129.65
N GLU U 1140 57.13 -2.52 -129.47
CA GLU U 1140 57.22 -1.21 -128.85
C GLU U 1140 57.52 -1.36 -127.37
N MET U 1141 58.60 -0.72 -126.92
CA MET U 1141 59.09 -0.87 -125.55
C MET U 1141 59.33 0.44 -124.83
N GLY U 1142 59.43 1.57 -125.55
CA GLY U 1142 59.65 2.86 -124.92
C GLY U 1142 61.11 3.11 -124.60
N ALA U 1143 61.62 2.46 -123.56
CA ALA U 1143 63.02 2.57 -123.17
C ALA U 1143 63.52 1.19 -122.78
N TYR U 1144 64.75 0.86 -123.18
CA TYR U 1144 65.29 -0.45 -122.92
C TYR U 1144 66.81 -0.40 -122.78
N PRO U 1145 67.38 -1.13 -121.83
CA PRO U 1145 68.84 -1.26 -121.78
C PRO U 1145 69.35 -2.10 -122.94
N TYR U 1146 70.62 -1.88 -123.28
CA TYR U 1146 71.22 -2.55 -124.42
C TYR U 1146 72.67 -2.91 -124.10
N MET U 1147 73.16 -3.94 -124.79
CA MET U 1147 74.56 -4.31 -124.75
C MET U 1147 75.00 -4.68 -126.17
N LEU U 1148 76.26 -4.44 -126.46
CA LEU U 1148 76.79 -4.58 -127.82
C LEU U 1148 77.67 -5.82 -127.93
N HIS U 1149 77.72 -6.37 -129.14
CA HIS U 1149 78.57 -7.50 -129.46
C HIS U 1149 79.26 -7.19 -130.79
N TYR U 1150 80.51 -6.71 -130.71
CA TYR U 1150 81.24 -6.37 -131.93
C TYR U 1150 81.73 -7.63 -132.63
N TYR U 1151 81.53 -7.68 -133.94
CA TYR U 1151 81.95 -8.81 -134.75
C TYR U 1151 82.81 -8.33 -135.90
N ASP U 1152 83.75 -9.17 -136.31
CA ASP U 1152 84.63 -8.82 -137.42
C ASP U 1152 83.84 -8.86 -138.72
N PRO U 1153 83.83 -7.79 -139.50
CA PRO U 1153 82.95 -7.72 -140.67
C PRO U 1153 83.41 -8.49 -141.89
N ARG U 1154 84.59 -9.12 -141.85
CA ARG U 1154 85.09 -9.87 -143.00
C ARG U 1154 84.87 -11.38 -142.84
N GLN U 1155 84.10 -11.80 -141.85
CA GLN U 1155 83.81 -13.21 -141.63
C GLN U 1155 82.32 -13.40 -141.41
N TYR U 1156 81.86 -14.62 -141.67
CA TYR U 1156 80.46 -14.96 -141.45
C TYR U 1156 80.10 -14.82 -139.98
N ALA U 1157 78.87 -14.35 -139.72
CA ALA U 1157 78.41 -14.16 -138.36
C ALA U 1157 76.89 -14.20 -138.35
N ASN U 1158 76.32 -14.97 -137.42
CA ASN U 1158 74.88 -15.11 -137.28
C ASN U 1158 74.49 -14.79 -135.84
N ALA U 1159 73.49 -13.94 -135.68
CA ALA U 1159 73.03 -13.50 -134.36
C ALA U 1159 71.81 -14.27 -133.87
N TRP U 1160 71.47 -15.38 -134.53
CA TRP U 1160 70.29 -16.13 -134.14
C TRP U 1160 70.42 -16.68 -132.73
N ASN U 1161 71.62 -17.09 -132.33
CA ASN U 1161 71.81 -17.62 -130.99
C ASN U 1161 71.49 -16.56 -129.94
N LEU U 1162 72.03 -15.35 -130.12
CA LEU U 1162 71.78 -14.28 -129.16
C LEU U 1162 70.30 -13.88 -129.16
N THR U 1163 69.70 -13.77 -130.36
CA THR U 1163 68.30 -13.38 -130.42
C THR U 1163 67.40 -14.42 -129.76
N SER U 1164 67.66 -15.70 -130.01
CA SER U 1164 66.87 -16.76 -129.38
C SER U 1164 67.08 -16.78 -127.88
N ALA U 1165 68.32 -16.55 -127.42
CA ALA U 1165 68.57 -16.48 -125.99
C ALA U 1165 67.77 -15.37 -125.34
N TRP U 1166 67.76 -14.18 -125.97
CA TRP U 1166 66.97 -13.08 -125.44
C TRP U 1166 65.47 -13.44 -125.41
N LEU U 1167 64.97 -13.98 -126.52
CA LEU U 1167 63.54 -14.28 -126.60
C LEU U 1167 63.14 -15.33 -125.57
N GLU U 1168 63.96 -16.35 -125.37
CA GLU U 1168 63.67 -17.36 -124.35
C GLU U 1168 63.89 -16.84 -122.93
N GLU U 1169 64.71 -15.81 -122.74
CA GLU U 1169 64.98 -15.28 -121.42
C GLU U 1169 64.08 -14.11 -121.03
N ILE U 1170 63.24 -13.62 -121.93
CA ILE U 1170 62.30 -12.57 -121.54
C ILE U 1170 61.05 -13.19 -120.93
N THR U 1171 61.14 -13.54 -119.65
CA THR U 1171 60.02 -14.04 -118.88
C THR U 1171 59.28 -12.85 -118.25
N PRO U 1172 58.03 -13.04 -117.83
CA PRO U 1172 57.34 -11.95 -117.13
C PRO U 1172 58.10 -11.49 -115.89
N THR U 1173 58.03 -10.18 -115.65
CA THR U 1173 58.67 -9.48 -114.53
C THR U 1173 60.18 -9.36 -114.66
N SER U 1174 60.75 -9.65 -115.83
CA SER U 1174 62.17 -9.42 -116.06
C SER U 1174 62.54 -9.54 -117.54
N ILE U 1175 63.32 -8.60 -118.05
CA ILE U 1175 63.83 -8.69 -119.42
C ILE U 1175 65.34 -8.48 -119.41
N PRO U 1176 66.11 -9.35 -120.04
CA PRO U 1176 67.55 -9.08 -120.20
C PRO U 1176 67.79 -8.01 -121.24
N SER U 1177 68.98 -7.42 -121.18
CA SER U 1177 69.33 -6.34 -122.10
C SER U 1177 69.28 -6.82 -123.55
N VAL U 1178 68.77 -5.96 -124.42
CA VAL U 1178 68.62 -6.27 -125.83
C VAL U 1178 70.00 -6.44 -126.46
N PRO U 1179 70.28 -7.57 -127.11
CA PRO U 1179 71.61 -7.78 -127.69
C PRO U 1179 71.74 -7.19 -129.09
N PHE U 1180 72.81 -6.46 -129.33
CA PHE U 1180 73.09 -5.85 -130.62
C PHE U 1180 74.39 -6.41 -131.18
N MET U 1181 74.47 -6.47 -132.52
CA MET U 1181 75.66 -6.96 -133.21
C MET U 1181 76.08 -5.88 -134.21
N VAL U 1182 77.13 -5.13 -133.86
CA VAL U 1182 77.57 -3.99 -134.65
C VAL U 1182 78.94 -4.30 -135.25
N PRO U 1183 79.21 -3.89 -136.49
CA PRO U 1183 80.53 -4.16 -137.08
C PRO U 1183 81.60 -3.26 -136.50
N ILE U 1184 82.84 -3.54 -136.88
CA ILE U 1184 84.02 -2.86 -136.39
C ILE U 1184 84.56 -1.96 -137.48
N SER U 1185 84.76 -0.68 -137.16
CA SER U 1185 85.32 0.25 -138.12
C SER U 1185 86.75 -0.13 -138.48
N SER U 1186 87.11 0.08 -139.74
CA SER U 1186 88.44 -0.23 -140.24
C SER U 1186 88.96 0.92 -141.10
N ASP U 1187 90.22 1.28 -140.89
CA ASP U 1187 90.85 2.36 -141.63
C ASP U 1187 91.42 1.91 -142.97
N HIS U 1188 91.50 0.61 -143.20
CA HIS U 1188 92.02 0.05 -144.44
C HIS U 1188 90.93 -0.76 -145.13
N ASP U 1189 90.96 -0.76 -146.46
CA ASP U 1189 89.97 -1.49 -147.23
C ASP U 1189 90.04 -2.99 -146.94
N ILE U 1190 88.88 -3.61 -146.73
CA ILE U 1190 88.78 -5.00 -146.35
C ILE U 1190 87.78 -5.69 -147.27
N SER U 1191 87.75 -7.01 -147.17
CA SER U 1191 86.80 -7.83 -147.91
C SER U 1191 85.44 -7.82 -147.23
N SER U 1192 84.46 -8.41 -147.89
CA SER U 1192 83.08 -8.43 -147.41
C SER U 1192 82.59 -9.86 -147.26
N ALA U 1193 81.89 -10.13 -146.17
CA ALA U 1193 81.31 -11.43 -145.90
C ALA U 1193 79.87 -11.24 -145.44
N PRO U 1194 78.99 -12.20 -145.75
CA PRO U 1194 77.58 -12.07 -145.34
C PRO U 1194 77.44 -12.10 -143.83
N ALA U 1195 76.43 -11.39 -143.34
CA ALA U 1195 76.14 -11.33 -141.91
C ALA U 1195 74.63 -11.27 -141.73
N VAL U 1196 74.09 -12.20 -140.95
CA VAL U 1196 72.66 -12.26 -140.69
C VAL U 1196 72.38 -11.51 -139.40
N GLN U 1197 71.45 -10.56 -139.46
CA GLN U 1197 71.08 -9.75 -138.31
C GLN U 1197 69.58 -9.82 -138.09
N TYR U 1198 69.19 -9.79 -136.82
CA TYR U 1198 67.78 -9.91 -136.44
C TYR U 1198 67.26 -8.74 -135.63
N ILE U 1199 68.08 -8.17 -134.76
CA ILE U 1199 67.66 -7.07 -133.89
C ILE U 1199 68.22 -5.77 -134.45
N ILE U 1200 67.34 -4.83 -134.76
CA ILE U 1200 67.72 -3.50 -135.21
C ILE U 1200 66.86 -2.48 -134.47
N SER U 1201 67.47 -1.36 -134.09
CA SER U 1201 66.73 -0.30 -133.43
C SER U 1201 65.91 0.49 -134.43
N THR U 1202 64.78 1.03 -133.96
CA THR U 1202 63.90 1.78 -134.85
C THR U 1202 64.47 3.15 -135.20
N GLU U 1203 65.05 3.84 -134.22
CA GLU U 1203 65.52 5.20 -134.40
C GLU U 1203 66.99 5.29 -133.99
N TYR U 1204 67.53 6.51 -134.01
CA TYR U 1204 68.94 6.73 -133.74
C TYR U 1204 69.22 6.54 -132.25
N ASN U 1205 70.17 5.67 -131.94
CA ASN U 1205 70.59 5.44 -130.56
C ASN U 1205 72.09 5.45 -130.37
N ASP U 1206 72.86 5.59 -131.44
CA ASP U 1206 74.32 5.56 -131.37
C ASP U 1206 74.90 6.98 -131.32
N ARG U 1207 74.56 7.69 -130.26
CA ARG U 1207 75.13 9.02 -130.02
C ARG U 1207 76.12 9.02 -128.87
N SER U 1208 76.39 7.86 -128.28
CA SER U 1208 77.43 7.71 -127.28
C SER U 1208 78.76 7.29 -127.89
N LEU U 1209 78.82 7.11 -129.21
CA LEU U 1209 80.06 6.74 -129.89
C LEU U 1209 80.95 7.97 -130.01
N PHE U 1210 82.13 7.93 -129.41
CA PHE U 1210 83.02 9.09 -129.44
C PHE U 1210 83.67 9.25 -130.80
N CYS U 1211 84.43 8.24 -131.23
CA CYS U 1211 85.12 8.30 -132.51
C CYS U 1211 85.44 6.89 -132.97
N THR U 1212 85.72 6.78 -134.27
CA THR U 1212 86.12 5.52 -134.88
C THR U 1212 87.50 5.69 -135.51
N ASN U 1213 88.41 4.77 -135.19
CA ASN U 1213 89.78 4.79 -135.71
C ASN U 1213 90.47 6.12 -135.38
N SER U 1214 90.62 6.36 -134.07
CA SER U 1214 91.11 7.65 -133.59
C SER U 1214 92.53 7.96 -134.02
N SER U 1215 93.32 6.94 -134.37
CA SER U 1215 94.73 7.11 -134.70
C SER U 1215 95.00 6.79 -136.17
N SER U 1216 94.08 7.17 -137.05
CA SER U 1216 94.24 6.92 -138.47
C SER U 1216 93.79 8.16 -139.25
N PRO U 1217 94.31 8.35 -140.46
CA PRO U 1217 93.89 9.52 -141.26
C PRO U 1217 92.39 9.56 -141.54
N GLN U 1218 91.77 8.42 -141.79
CA GLN U 1218 90.34 8.39 -142.11
C GLN U 1218 89.82 6.97 -141.94
N THR U 1219 88.50 6.84 -142.02
CA THR U 1219 87.82 5.55 -141.94
C THR U 1219 87.20 5.22 -143.29
N ILE U 1220 87.51 4.04 -143.82
CA ILE U 1220 87.03 3.65 -145.13
C ILE U 1220 85.79 2.78 -145.00
N ALA U 1221 85.92 1.65 -144.32
CA ALA U 1221 84.85 0.67 -144.19
C ALA U 1221 84.34 0.64 -142.76
N GLY U 1222 83.03 0.74 -142.59
CA GLY U 1222 82.42 0.70 -141.30
C GLY U 1222 81.77 2.02 -140.91
N PRO U 1223 81.24 2.10 -139.69
CA PRO U 1223 80.65 3.37 -139.23
C PRO U 1223 81.73 4.43 -139.07
N ASP U 1224 81.47 5.60 -139.64
CA ASP U 1224 82.39 6.73 -139.59
C ASP U 1224 81.92 7.74 -138.56
N LYS U 1225 82.85 8.24 -137.76
CA LYS U 1225 82.53 9.24 -136.74
C LYS U 1225 83.81 9.97 -136.35
N HIS U 1226 83.86 11.27 -136.63
CA HIS U 1226 84.99 12.10 -136.25
C HIS U 1226 84.86 12.50 -134.77
N ILE U 1227 85.84 13.25 -134.29
CA ILE U 1227 85.77 13.78 -132.92
C ILE U 1227 84.60 14.75 -132.83
N PRO U 1228 83.70 14.61 -131.85
CA PRO U 1228 82.56 15.52 -131.75
C PRO U 1228 82.99 16.96 -131.48
N VAL U 1229 82.83 17.83 -132.49
CA VAL U 1229 83.27 19.21 -132.36
C VAL U 1229 82.38 19.98 -131.40
N GLU U 1230 81.05 19.77 -131.48
CA GLU U 1230 80.12 20.55 -130.69
C GLU U 1230 80.31 20.33 -129.19
N ARG U 1231 80.90 19.20 -128.78
CA ARG U 1231 81.16 18.99 -127.36
C ARG U 1231 82.34 19.80 -126.86
N TYR U 1232 83.34 20.04 -127.71
CA TYR U 1232 84.44 20.96 -127.38
C TYR U 1232 84.20 22.32 -128.02
N ASN U 1233 83.13 22.97 -127.57
CA ASN U 1233 82.66 24.20 -128.22
C ASN U 1233 83.62 25.36 -127.98
N ILE U 1234 84.07 25.55 -126.74
CA ILE U 1234 84.87 26.71 -126.40
C ILE U 1234 86.27 26.67 -127.02
N LEU U 1235 86.69 25.53 -127.56
CA LEU U 1235 87.98 25.44 -128.24
C LEU U 1235 87.87 25.66 -129.74
N THR U 1236 86.80 25.16 -130.37
CA THR U 1236 86.66 25.29 -131.82
C THR U 1236 86.01 26.61 -132.21
N ASN U 1237 84.82 26.88 -131.69
CA ASN U 1237 84.09 28.11 -132.00
C ASN U 1237 84.88 29.32 -131.52
N PRO U 1238 85.40 30.14 -132.43
CA PRO U 1238 86.26 31.25 -131.99
C PRO U 1238 85.49 32.38 -131.30
N ASP U 1239 84.31 32.74 -131.82
CA ASP U 1239 83.53 33.83 -131.25
C ASP U 1239 82.53 33.32 -130.21
N ALA U 1240 83.04 32.59 -129.22
CA ALA U 1240 82.22 32.04 -128.15
C ALA U 1240 82.80 32.49 -126.82
N PRO U 1241 82.03 33.12 -125.94
CA PRO U 1241 82.56 33.50 -124.64
C PRO U 1241 82.92 32.27 -123.84
N PRO U 1242 83.94 32.37 -122.97
CA PRO U 1242 84.41 31.19 -122.23
C PRO U 1242 83.41 30.65 -121.21
N THR U 1243 82.24 31.26 -121.07
CA THR U 1243 81.29 30.84 -120.04
C THR U 1243 80.06 30.15 -120.60
N GLN U 1244 79.60 30.54 -121.81
CA GLN U 1244 78.35 30.01 -122.34
C GLN U 1244 78.43 28.51 -122.54
N ILE U 1245 77.34 27.82 -122.20
CA ILE U 1245 77.23 26.37 -122.33
C ILE U 1245 75.84 26.02 -122.83
N GLN U 1246 75.77 25.07 -123.76
CA GLN U 1246 74.49 24.59 -124.28
C GLN U 1246 74.04 23.34 -123.52
N LEU U 1247 73.90 23.52 -122.20
CA LEU U 1247 73.64 22.39 -121.31
C LEU U 1247 72.38 21.61 -121.64
N PRO U 1248 71.20 22.24 -121.86
CA PRO U 1248 69.99 21.42 -122.06
C PRO U 1248 70.06 20.50 -123.27
N GLU U 1249 70.73 20.92 -124.35
CA GLU U 1249 70.76 20.10 -125.56
C GLU U 1249 71.83 19.01 -125.46
N VAL U 1250 73.10 19.40 -125.35
CA VAL U 1250 74.20 18.46 -125.29
C VAL U 1250 75.21 18.94 -124.27
N VAL U 1251 75.72 18.01 -123.46
CA VAL U 1251 76.77 18.35 -122.51
C VAL U 1251 78.07 18.58 -123.27
N ASP U 1252 78.84 19.58 -122.84
CA ASP U 1252 80.13 19.90 -123.44
C ASP U 1252 81.23 19.62 -122.44
N LEU U 1253 82.10 18.67 -122.77
CA LEU U 1253 83.07 18.18 -121.79
C LEU U 1253 84.40 18.92 -121.87
N TYR U 1254 84.32 20.25 -121.88
CA TYR U 1254 85.49 21.11 -121.65
C TYR U 1254 84.97 22.47 -121.25
N ASN U 1255 85.18 22.86 -120.00
CA ASN U 1255 84.55 24.05 -119.44
C ASN U 1255 85.53 24.78 -118.53
N VAL U 1256 85.07 25.91 -118.01
CA VAL U 1256 85.82 26.68 -117.02
C VAL U 1256 85.23 26.38 -115.65
N VAL U 1257 86.07 25.92 -114.73
CA VAL U 1257 85.65 25.58 -113.38
C VAL U 1257 86.28 26.58 -112.42
N THR U 1258 85.56 26.91 -111.35
CA THR U 1258 86.03 27.83 -110.33
C THR U 1258 86.57 27.03 -109.15
N ARG U 1259 87.83 27.24 -108.82
CA ARG U 1259 88.50 26.53 -107.74
C ARG U 1259 88.99 27.53 -106.70
N TYR U 1260 88.87 27.14 -105.43
CA TYR U 1260 89.10 28.03 -104.31
C TYR U 1260 89.24 27.20 -103.04
N ALA U 1261 89.75 27.82 -101.99
CA ALA U 1261 90.01 27.14 -100.72
C ALA U 1261 89.57 28.03 -99.57
N TYR U 1262 88.40 27.73 -99.00
CA TYR U 1262 87.98 28.38 -97.78
C TYR U 1262 88.62 27.71 -96.57
N GLU U 1263 88.19 28.14 -95.38
CA GLU U 1263 88.53 27.46 -94.14
C GLU U 1263 87.43 27.74 -93.13
N THR U 1264 87.16 26.76 -92.29
CA THR U 1264 86.07 26.84 -91.31
C THR U 1264 86.63 26.82 -89.90
N PRO U 1265 86.74 27.97 -89.24
CA PRO U 1265 87.23 27.99 -87.87
C PRO U 1265 86.13 27.56 -86.91
N PRO U 1266 86.49 26.96 -85.77
CA PRO U 1266 85.48 26.55 -84.80
C PRO U 1266 84.81 27.75 -84.15
N ILE U 1267 83.62 27.51 -83.61
CA ILE U 1267 82.85 28.56 -82.95
C ILE U 1267 83.59 28.97 -81.67
N THR U 1268 84.15 30.17 -81.66
CA THR U 1268 84.87 30.69 -80.51
C THR U 1268 84.06 31.80 -79.84
N ALA U 1269 84.21 31.90 -78.53
CA ALA U 1269 83.48 32.90 -77.75
C ALA U 1269 84.18 33.11 -76.43
N VAL U 1270 84.20 34.36 -75.96
CA VAL U 1270 84.74 34.72 -74.66
C VAL U 1270 83.59 35.19 -73.79
N VAL U 1271 83.28 34.42 -72.76
CA VAL U 1271 82.15 34.68 -71.88
C VAL U 1271 82.60 35.65 -70.79
N MET U 1272 81.90 36.78 -70.67
CA MET U 1272 82.16 37.76 -69.62
C MET U 1272 80.92 37.90 -68.75
N GLY U 1273 81.14 38.23 -67.49
CA GLY U 1273 80.06 38.33 -66.51
C GLY U 1273 79.56 39.76 -66.37
N VAL U 1274 78.25 39.88 -66.20
CA VAL U 1274 77.62 41.20 -66.01
C VAL U 1274 77.65 41.54 -64.51
N PRO U 1275 78.17 42.71 -64.13
CA PRO U 1275 78.25 43.15 -62.73
C PRO U 1275 76.88 43.17 -62.06
N GLN V 182 7.85 -69.38 -113.69
CA GLN V 182 6.80 -68.75 -112.91
C GLN V 182 5.42 -68.94 -113.56
N CYS V 183 4.38 -68.71 -112.78
CA CYS V 183 3.02 -68.80 -113.28
C CYS V 183 2.57 -67.42 -113.75
N HIS V 184 1.94 -67.38 -114.93
CA HIS V 184 1.51 -66.12 -115.53
C HIS V 184 0.08 -65.75 -115.15
N VAL V 185 -0.58 -66.53 -114.30
CA VAL V 185 -1.95 -66.25 -113.91
C VAL V 185 -1.97 -65.50 -112.59
N CYS V 186 -1.45 -66.12 -111.53
CA CYS V 186 -1.40 -65.51 -110.22
C CYS V 186 -0.05 -64.88 -109.91
N SER V 187 0.87 -64.88 -110.87
CA SER V 187 2.19 -64.28 -110.70
C SER V 187 2.95 -64.91 -109.53
N ALA V 188 2.79 -66.22 -109.36
CA ALA V 188 3.45 -66.95 -108.28
C ALA V 188 4.68 -67.66 -108.84
N VAL V 189 5.85 -67.33 -108.30
CA VAL V 189 7.09 -67.96 -108.74
C VAL V 189 7.20 -69.34 -108.12
N LEU V 190 7.46 -70.34 -108.96
CA LEU V 190 7.56 -71.73 -108.53
C LEU V 190 9.01 -72.18 -108.59
N PHE V 191 9.41 -73.01 -107.63
CA PHE V 191 10.79 -73.46 -107.55
C PHE V 191 11.19 -74.27 -108.78
N SER V 192 10.31 -75.16 -109.24
CA SER V 192 10.59 -76.01 -110.38
C SER V 192 9.63 -75.70 -111.51
N PRO V 193 10.12 -75.58 -112.75
CA PRO V 193 9.21 -75.29 -113.87
C PRO V 193 8.14 -76.36 -114.08
N LEU V 194 8.47 -77.63 -113.82
CA LEU V 194 7.51 -78.70 -114.03
C LEU V 194 6.40 -78.70 -112.98
N ASP V 195 6.58 -77.92 -111.90
CA ASP V 195 5.57 -77.84 -110.85
C ASP V 195 4.36 -77.03 -111.29
N LEU V 196 4.43 -76.36 -112.45
CA LEU V 196 3.33 -75.53 -112.92
C LEU V 196 2.03 -76.31 -113.06
N ASP V 197 2.11 -77.61 -113.36
CA ASP V 197 0.91 -78.41 -113.57
C ASP V 197 0.09 -78.48 -112.28
N ALA V 198 0.76 -78.68 -111.14
CA ALA V 198 0.04 -78.71 -109.87
C ALA V 198 -0.58 -77.36 -109.55
N HIS V 199 0.15 -76.28 -109.82
CA HIS V 199 -0.33 -74.95 -109.45
C HIS V 199 -1.55 -74.55 -110.28
N VAL V 200 -1.49 -74.77 -111.60
CA VAL V 200 -2.56 -74.31 -112.48
C VAL V 200 -3.89 -75.02 -112.20
N ALA V 201 -3.84 -76.19 -111.56
CA ALA V 201 -5.08 -76.90 -111.24
C ALA V 201 -5.95 -76.09 -110.28
N SER V 202 -5.31 -75.30 -109.40
CA SER V 202 -6.08 -74.44 -108.50
C SER V 202 -6.84 -73.38 -109.28
N HIS V 203 -6.21 -72.79 -110.30
CA HIS V 203 -6.91 -71.82 -111.13
C HIS V 203 -7.96 -72.50 -112.01
N GLY V 204 -7.76 -73.78 -112.32
CA GLY V 204 -8.71 -74.52 -113.13
C GLY V 204 -8.19 -74.99 -114.47
N LEU V 205 -6.90 -74.80 -114.76
CA LEU V 205 -6.33 -75.26 -116.01
C LEU V 205 -6.02 -76.76 -115.92
N HIS V 206 -5.33 -77.29 -116.92
CA HIS V 206 -4.98 -78.69 -116.96
C HIS V 206 -3.53 -78.81 -117.41
N GLY V 207 -3.06 -80.04 -117.57
CA GLY V 207 -1.69 -80.30 -117.99
C GLY V 207 -1.60 -80.98 -119.33
N HIS V 219 -3.83 -78.40 -100.51
CA HIS V 219 -4.08 -77.64 -99.29
C HIS V 219 -5.30 -76.72 -99.41
N ILE V 220 -5.63 -76.03 -98.34
CA ILE V 220 -6.92 -75.36 -98.20
C ILE V 220 -6.97 -74.05 -98.99
N THR V 221 -6.10 -73.11 -98.64
CA THR V 221 -6.13 -71.79 -99.25
C THR V 221 -4.74 -71.39 -99.72
N GLU V 222 -4.70 -70.58 -100.78
CA GLU V 222 -3.46 -70.04 -101.33
C GLU V 222 -3.61 -68.54 -101.49
N PHE V 223 -2.76 -67.78 -100.81
CA PHE V 223 -2.80 -66.33 -100.85
C PHE V 223 -1.43 -65.80 -101.25
N ILE V 224 -1.42 -64.87 -102.21
CA ILE V 224 -0.19 -64.28 -102.71
C ILE V 224 -0.32 -62.76 -102.65
N SER V 225 0.76 -62.09 -102.26
CA SER V 225 0.78 -60.64 -102.18
C SER V 225 1.38 -60.05 -103.45
N SER V 226 1.00 -58.81 -103.74
CA SER V 226 1.42 -58.13 -104.96
C SER V 226 2.61 -57.20 -104.75
N TRP V 227 3.18 -57.17 -103.54
CA TRP V 227 4.33 -56.31 -103.28
C TRP V 227 5.42 -57.01 -102.47
N GLN V 228 5.30 -58.31 -102.23
CA GLN V 228 6.33 -59.03 -101.50
C GLN V 228 6.24 -60.51 -101.87
N ASN V 229 7.40 -61.16 -101.93
CA ASN V 229 7.49 -62.58 -102.29
C ASN V 229 7.37 -63.45 -101.05
N HIS V 230 6.22 -63.34 -100.38
CA HIS V 230 5.93 -64.08 -99.16
C HIS V 230 4.56 -64.74 -99.27
N PRO V 231 4.47 -65.85 -100.01
CA PRO V 231 3.20 -66.56 -100.12
C PRO V 231 2.84 -67.24 -98.80
N ILE V 232 1.54 -67.42 -98.60
CA ILE V 232 1.00 -68.07 -97.41
C ILE V 232 -0.02 -69.11 -97.83
N VAL V 233 0.09 -70.32 -97.28
CA VAL V 233 -0.83 -71.41 -97.58
C VAL V 233 -1.36 -71.97 -96.26
N GLN V 234 -2.55 -72.57 -96.34
CA GLN V 234 -3.20 -73.17 -95.18
C GLN V 234 -3.41 -74.65 -95.43
N VAL V 235 -3.16 -75.47 -94.40
CA VAL V 235 -3.31 -76.91 -94.47
C VAL V 235 -4.21 -77.36 -93.34
N SER V 236 -4.67 -78.61 -93.44
CA SER V 236 -5.53 -79.18 -92.42
C SER V 236 -4.78 -79.31 -91.09
N ALA V 237 -5.55 -79.27 -90.00
CA ALA V 237 -4.93 -79.33 -88.68
C ALA V 237 -4.41 -80.72 -88.36
N ASP V 238 -5.13 -81.76 -88.79
CA ASP V 238 -4.79 -83.13 -88.40
C ASP V 238 -3.57 -83.69 -89.12
N VAL V 239 -3.08 -83.03 -90.17
CA VAL V 239 -1.91 -83.53 -90.88
C VAL V 239 -0.65 -83.26 -90.08
N GLU V 240 0.38 -84.03 -90.37
CA GLU V 240 1.67 -83.92 -89.70
C GLU V 240 2.70 -83.33 -90.65
N ASN V 241 3.80 -82.84 -90.07
CA ASN V 241 4.89 -82.21 -90.82
C ASN V 241 4.38 -80.99 -91.61
N ARG V 242 3.89 -80.02 -90.86
CA ARG V 242 3.38 -78.77 -91.43
C ARG V 242 4.49 -77.74 -91.62
N LYS V 243 5.53 -78.12 -92.36
CA LYS V 243 6.67 -77.25 -92.56
C LYS V 243 6.31 -76.10 -93.51
N THR V 244 6.64 -74.87 -93.09
CA THR V 244 6.37 -73.66 -93.87
C THR V 244 4.90 -73.59 -94.30
N ALA V 245 4.02 -73.78 -93.32
CA ALA V 245 2.58 -73.74 -93.58
C ALA V 245 1.87 -73.32 -92.31
N GLN V 246 0.62 -72.89 -92.47
CA GLN V 246 -0.19 -72.38 -91.38
C GLN V 246 -1.39 -73.29 -91.14
N LEU V 247 -1.85 -73.34 -89.90
CA LEU V 247 -2.87 -74.29 -89.49
C LEU V 247 -4.28 -73.70 -89.64
N LEU V 248 -5.24 -74.59 -89.89
CA LEU V 248 -6.66 -74.26 -89.92
C LEU V 248 -7.28 -74.96 -88.72
N HIS V 249 -7.46 -74.22 -87.62
CA HIS V 249 -7.88 -74.83 -86.37
C HIS V 249 -9.37 -75.16 -86.36
N ALA V 250 -10.18 -74.34 -87.01
CA ALA V 250 -11.63 -74.52 -86.95
C ALA V 250 -12.03 -75.86 -87.54
N ASP V 251 -13.03 -76.49 -86.91
CA ASP V 251 -13.52 -77.78 -87.39
C ASP V 251 -14.17 -77.63 -88.77
N THR V 252 -13.98 -78.66 -89.60
CA THR V 252 -14.54 -78.66 -90.95
C THR V 252 -15.26 -79.98 -91.17
N PRO V 253 -16.59 -79.97 -91.25
CA PRO V 253 -17.30 -81.20 -91.60
C PRO V 253 -16.99 -81.63 -93.02
N ARG V 254 -16.94 -82.93 -93.24
CA ARG V 254 -16.61 -83.48 -94.55
C ARG V 254 -17.89 -83.59 -95.36
N LEU V 255 -18.12 -82.62 -96.23
CA LEU V 255 -19.31 -82.62 -97.08
C LEU V 255 -19.13 -83.43 -98.36
N VAL V 256 -17.98 -83.26 -99.04
CA VAL V 256 -17.74 -83.91 -100.31
C VAL V 256 -17.02 -85.22 -100.04
N THR V 257 -17.75 -86.33 -100.18
CA THR V 257 -17.19 -87.67 -100.06
C THR V 257 -17.70 -88.49 -101.22
N TRP V 258 -16.78 -89.15 -101.93
CA TRP V 258 -17.11 -89.86 -103.15
C TRP V 258 -17.32 -91.35 -102.88
N ASP V 259 -17.83 -92.04 -103.89
CA ASP V 259 -18.10 -93.47 -103.78
C ASP V 259 -17.99 -94.05 -105.19
N ALA V 260 -16.87 -94.72 -105.47
CA ALA V 260 -16.63 -95.32 -106.79
C ALA V 260 -17.10 -96.77 -106.77
N GLY V 261 -18.39 -96.94 -106.50
CA GLY V 261 -18.98 -98.26 -106.45
C GLY V 261 -20.48 -98.18 -106.57
N LEU V 262 -21.09 -99.33 -106.84
CA LEU V 262 -22.54 -99.40 -106.96
C LEU V 262 -23.20 -99.00 -105.65
N CYS V 263 -24.26 -98.19 -105.76
CA CYS V 263 -24.93 -97.61 -104.61
C CYS V 263 -26.23 -98.38 -104.34
N THR V 264 -26.15 -99.37 -103.47
CA THR V 264 -27.32 -100.10 -103.01
C THR V 264 -27.09 -100.56 -101.57
N SER V 265 -28.18 -100.75 -100.84
CA SER V 265 -28.09 -101.12 -99.44
C SER V 265 -28.82 -102.43 -99.12
N PHE V 266 -29.38 -103.11 -100.12
CA PHE V 266 -30.03 -104.40 -99.93
C PHE V 266 -29.29 -105.42 -100.78
N LYS V 267 -28.60 -106.34 -100.11
CA LYS V 267 -27.96 -107.45 -100.79
C LYS V 267 -28.74 -108.73 -100.58
N ILE V 268 -28.50 -109.71 -101.45
CA ILE V 268 -29.24 -110.96 -101.47
C ILE V 268 -28.30 -112.07 -101.05
N VAL V 269 -28.70 -112.83 -100.03
CA VAL V 269 -27.84 -113.88 -99.49
C VAL V 269 -28.52 -115.24 -99.63
N PRO V 270 -27.77 -116.31 -99.88
CA PRO V 270 -28.37 -117.64 -99.83
C PRO V 270 -28.68 -118.04 -98.40
N ILE V 271 -29.68 -118.92 -98.25
CA ILE V 271 -30.08 -119.41 -96.94
C ILE V 271 -29.83 -120.91 -96.88
N VAL V 272 -30.47 -121.66 -97.78
CA VAL V 272 -30.27 -123.10 -97.86
C VAL V 272 -29.60 -123.41 -99.19
N PRO V 273 -28.29 -123.68 -99.20
CA PRO V 273 -27.61 -123.96 -100.48
C PRO V 273 -28.09 -125.27 -101.09
N ALA V 274 -28.07 -125.30 -102.42
CA ALA V 274 -28.48 -126.49 -103.15
C ALA V 274 -27.85 -126.47 -104.52
N GLN V 275 -27.61 -127.66 -105.07
CA GLN V 275 -27.07 -127.83 -106.41
C GLN V 275 -27.90 -128.87 -107.14
N VAL V 276 -28.14 -128.63 -108.43
CA VAL V 276 -28.98 -129.51 -109.24
C VAL V 276 -28.28 -129.79 -110.56
N PRO V 277 -28.55 -130.93 -111.20
CA PRO V 277 -28.00 -131.16 -112.55
C PRO V 277 -28.57 -130.16 -113.53
N GLN V 278 -27.74 -129.79 -114.52
CA GLN V 278 -28.12 -128.78 -115.50
C GLN V 278 -27.76 -129.28 -116.90
N ASP V 279 -28.51 -128.77 -117.89
CA ASP V 279 -28.31 -129.19 -119.27
C ASP V 279 -27.10 -128.50 -119.89
N VAL V 280 -27.10 -127.17 -119.88
CA VAL V 280 -26.01 -126.38 -120.46
C VAL V 280 -25.09 -125.94 -119.34
N LEU V 281 -23.80 -126.22 -119.49
CA LEU V 281 -22.81 -125.96 -118.45
C LEU V 281 -21.97 -124.72 -118.69
N ALA V 282 -21.55 -124.47 -119.93
CA ALA V 282 -20.68 -123.33 -120.21
C ALA V 282 -20.80 -122.96 -121.68
N TYR V 283 -20.38 -121.73 -121.98
CA TYR V 283 -20.35 -121.22 -123.35
C TYR V 283 -19.04 -121.61 -124.02
N THR V 284 -19.10 -121.79 -125.34
CA THR V 284 -17.95 -122.21 -126.13
C THR V 284 -17.70 -121.20 -127.24
N PHE V 285 -16.44 -120.78 -127.38
CA PHE V 285 -16.02 -119.90 -128.46
C PHE V 285 -14.72 -120.48 -129.03
N PHE V 286 -14.82 -121.11 -130.20
CA PHE V 286 -13.72 -121.84 -130.83
C PHE V 286 -13.18 -122.84 -129.80
N THR V 287 -11.88 -122.84 -129.50
CA THR V 287 -11.33 -123.73 -128.48
C THR V 287 -11.16 -122.99 -127.16
N SER V 288 -12.30 -122.57 -126.61
CA SER V 288 -12.31 -121.86 -125.34
C SER V 288 -13.65 -122.06 -124.66
N SER V 289 -13.67 -121.89 -123.34
CA SER V 289 -14.88 -122.05 -122.55
C SER V 289 -14.95 -120.94 -121.51
N TYR V 290 -16.19 -120.58 -121.15
CA TYR V 290 -16.44 -119.55 -120.16
C TYR V 290 -17.54 -120.02 -119.22
N ALA V 291 -17.31 -119.87 -117.92
CA ALA V 291 -18.27 -120.34 -116.93
C ALA V 291 -19.50 -119.45 -116.90
N ILE V 292 -20.66 -120.07 -116.68
CA ILE V 292 -21.92 -119.34 -116.59
C ILE V 292 -22.02 -118.73 -115.19
N GLN V 293 -22.20 -117.42 -115.13
CA GLN V 293 -22.29 -116.71 -113.86
C GLN V 293 -23.71 -116.22 -113.65
N SER V 294 -24.30 -116.57 -112.51
CA SER V 294 -25.68 -116.20 -112.20
C SER V 294 -25.72 -114.92 -111.37
N PRO V 295 -26.56 -113.96 -111.76
CA PRO V 295 -26.66 -112.71 -110.99
C PRO V 295 -27.21 -112.90 -109.58
N PHE V 296 -27.92 -114.00 -109.32
CA PHE V 296 -28.50 -114.27 -108.02
C PHE V 296 -27.98 -115.59 -107.49
N PRO V 297 -27.91 -115.75 -106.17
CA PRO V 297 -27.44 -117.02 -105.60
C PRO V 297 -28.34 -118.18 -106.02
N GLU V 298 -27.71 -119.32 -106.28
CA GLU V 298 -28.43 -120.52 -106.71
C GLU V 298 -28.81 -121.41 -105.52
N ALA V 299 -29.49 -120.82 -104.54
CA ALA V 299 -29.85 -121.52 -103.33
C ALA V 299 -31.31 -121.97 -103.38
N ALA V 300 -31.65 -122.89 -102.49
CA ALA V 300 -33.05 -123.30 -102.34
C ALA V 300 -33.90 -122.16 -101.81
N VAL V 301 -33.37 -121.37 -100.88
CA VAL V 301 -34.06 -120.23 -100.31
C VAL V 301 -33.09 -119.05 -100.29
N SER V 302 -33.55 -117.90 -100.75
CA SER V 302 -32.79 -116.66 -100.68
C SER V 302 -33.73 -115.52 -100.32
N ARG V 303 -33.20 -114.53 -99.60
CA ARG V 303 -34.01 -113.43 -99.13
C ARG V 303 -33.16 -112.16 -99.05
N ILE V 304 -33.86 -111.02 -99.10
CA ILE V 304 -33.20 -109.72 -99.13
C ILE V 304 -32.75 -109.34 -97.73
N VAL V 305 -31.52 -108.84 -97.61
CA VAL V 305 -30.93 -108.46 -96.34
C VAL V 305 -30.37 -107.06 -96.46
N VAL V 306 -30.61 -106.23 -95.45
CA VAL V 306 -30.15 -104.85 -95.45
C VAL V 306 -28.69 -104.80 -95.01
N HIS V 307 -27.84 -104.24 -95.85
CA HIS V 307 -26.43 -104.05 -95.53
C HIS V 307 -25.95 -102.80 -96.23
N THR V 308 -25.69 -101.75 -95.46
CA THR V 308 -25.35 -100.45 -96.03
C THR V 308 -23.91 -100.46 -96.51
N ARG V 309 -23.71 -100.12 -97.79
CA ARG V 309 -22.39 -100.06 -98.41
C ARG V 309 -21.64 -101.38 -98.29
N TRP V 310 -22.25 -102.44 -98.83
CA TRP V 310 -21.58 -103.73 -98.90
C TRP V 310 -20.68 -103.88 -100.11
N ALA V 311 -20.77 -102.97 -101.08
CA ALA V 311 -19.85 -102.95 -102.22
C ALA V 311 -19.72 -101.49 -102.67
N SER V 312 -18.69 -100.82 -102.14
CA SER V 312 -18.49 -99.41 -102.44
C SER V 312 -17.06 -99.03 -102.11
N ASN V 313 -16.31 -98.59 -103.11
CA ASN V 313 -14.97 -98.03 -102.90
C ASN V 313 -15.14 -96.58 -102.47
N VAL V 314 -14.77 -96.28 -101.22
CA VAL V 314 -15.04 -94.99 -100.60
C VAL V 314 -13.73 -94.42 -100.06
N ASP V 315 -13.47 -93.15 -100.36
CA ASP V 315 -12.25 -92.51 -99.86
C ASP V 315 -12.38 -92.18 -98.37
N PHE V 316 -13.34 -91.33 -98.01
CA PHE V 316 -13.63 -91.01 -96.62
C PHE V 316 -14.98 -91.62 -96.27
N ASP V 317 -14.97 -92.54 -95.30
CA ASP V 317 -16.15 -93.32 -94.96
C ASP V 317 -16.78 -92.81 -93.67
N ARG V 318 -18.08 -92.51 -93.74
CA ARG V 318 -18.85 -92.27 -92.53
C ARG V 318 -18.90 -93.56 -91.72
N ASP V 319 -18.29 -93.53 -90.53
CA ASP V 319 -18.12 -94.76 -89.74
C ASP V 319 -19.42 -95.09 -89.00
N SER V 320 -20.49 -95.20 -89.78
CA SER V 320 -21.78 -95.70 -89.32
C SER V 320 -22.15 -96.92 -90.16
N SER V 321 -23.01 -97.77 -89.61
CA SER V 321 -23.34 -99.00 -90.30
C SER V 321 -24.71 -99.49 -89.85
N VAL V 322 -25.45 -100.06 -90.80
CA VAL V 322 -26.69 -100.78 -90.53
C VAL V 322 -26.53 -102.12 -91.22
N ILE V 323 -26.10 -103.14 -90.49
CA ILE V 323 -25.72 -104.43 -91.05
C ILE V 323 -26.64 -105.48 -90.47
N MET V 324 -27.63 -105.90 -91.25
CA MET V 324 -28.51 -106.98 -90.84
C MET V 324 -27.77 -108.30 -90.99
N ALA V 325 -27.73 -109.08 -89.92
CA ALA V 325 -27.28 -110.45 -90.03
C ALA V 325 -28.34 -111.27 -90.78
N PRO V 326 -27.95 -112.38 -91.40
CA PRO V 326 -28.95 -113.24 -92.06
C PRO V 326 -30.00 -113.68 -91.07
N PRO V 327 -31.27 -113.71 -91.48
CA PRO V 327 -32.35 -113.95 -90.52
C PRO V 327 -32.28 -115.30 -89.83
N THR V 328 -31.58 -116.28 -90.41
CA THR V 328 -31.38 -117.55 -89.71
C THR V 328 -30.52 -117.36 -88.47
N GLU V 329 -29.68 -116.34 -88.45
CA GLU V 329 -28.85 -116.03 -87.30
C GLU V 329 -29.52 -114.98 -86.43
N ASN V 330 -29.28 -115.06 -85.12
CA ASN V 330 -29.85 -114.11 -84.19
C ASN V 330 -29.41 -112.68 -84.55
N ASN V 331 -30.37 -111.76 -84.57
CA ASN V 331 -30.12 -110.41 -85.04
C ASN V 331 -30.74 -109.37 -84.11
N ILE V 332 -30.71 -109.62 -82.80
CA ILE V 332 -31.34 -108.72 -81.84
C ILE V 332 -30.38 -107.63 -81.36
N HIS V 333 -29.09 -107.73 -81.68
CA HIS V 333 -28.11 -106.79 -81.15
C HIS V 333 -28.29 -105.37 -81.70
N LEU V 334 -29.10 -105.19 -82.74
CA LEU V 334 -29.34 -103.87 -83.32
C LEU V 334 -30.70 -103.30 -82.93
N PHE V 335 -31.42 -103.95 -82.02
CA PHE V 335 -32.59 -103.37 -81.37
C PHE V 335 -32.35 -103.16 -79.89
N LYS V 336 -31.09 -103.10 -79.48
CA LYS V 336 -30.70 -103.06 -78.07
C LYS V 336 -29.70 -101.98 -77.73
N GLN V 337 -28.96 -101.44 -78.70
CA GLN V 337 -27.84 -100.55 -78.39
C GLN V 337 -28.26 -99.26 -77.71
N LEU V 338 -29.51 -98.83 -77.88
CA LEU V 338 -29.97 -97.55 -77.38
C LEU V 338 -30.90 -97.78 -76.19
N LEU V 339 -30.55 -97.16 -75.05
CA LEU V 339 -31.35 -97.09 -73.84
C LEU V 339 -31.54 -98.43 -73.14
N ASN V 340 -30.80 -99.46 -73.51
CA ASN V 340 -30.74 -100.69 -72.72
C ASN V 340 -29.51 -100.66 -71.80
N THR V 341 -29.51 -99.66 -70.92
CA THR V 341 -28.39 -99.50 -69.99
C THR V 341 -28.26 -100.71 -69.08
N GLU V 342 -29.37 -101.18 -68.52
CA GLU V 342 -29.40 -102.41 -67.76
C GLU V 342 -30.61 -103.22 -68.17
N THR V 343 -30.39 -104.52 -68.38
CA THR V 343 -31.46 -105.44 -68.74
C THR V 343 -31.29 -106.73 -67.94
N LEU V 344 -32.40 -107.29 -67.48
CA LEU V 344 -32.35 -108.54 -66.73
C LEU V 344 -31.85 -109.70 -67.58
N SER V 345 -31.92 -109.58 -68.91
CA SER V 345 -31.39 -110.56 -69.83
C SER V 345 -30.28 -109.92 -70.67
N VAL V 346 -29.57 -110.76 -71.42
CA VAL V 346 -28.49 -110.29 -72.28
C VAL V 346 -28.88 -110.31 -73.76
N ARG V 347 -29.50 -111.38 -74.22
CA ARG V 347 -30.01 -111.45 -75.60
C ARG V 347 -31.48 -111.10 -75.67
N GLY V 348 -31.84 -109.94 -75.13
CA GLY V 348 -33.21 -109.47 -75.16
C GLY V 348 -33.27 -107.98 -75.41
N ALA V 349 -34.36 -107.56 -76.05
CA ALA V 349 -34.58 -106.16 -76.38
C ALA V 349 -35.79 -105.63 -75.63
N ASN V 350 -35.65 -104.44 -75.07
CA ASN V 350 -36.74 -103.82 -74.33
C ASN V 350 -37.86 -103.43 -75.28
N PRO V 351 -39.07 -103.98 -75.14
CA PRO V 351 -40.14 -103.66 -76.11
C PRO V 351 -40.55 -102.21 -76.10
N LEU V 352 -40.34 -101.49 -74.99
CA LEU V 352 -40.72 -100.09 -74.90
C LEU V 352 -39.71 -99.16 -75.55
N MET V 353 -38.55 -99.69 -75.98
CA MET V 353 -37.49 -98.89 -76.58
C MET V 353 -37.49 -99.02 -78.10
N PHE V 354 -38.48 -99.72 -78.65
CA PHE V 354 -38.44 -100.10 -80.06
C PHE V 354 -38.50 -98.89 -80.98
N ARG V 355 -39.39 -97.93 -80.70
CA ARG V 355 -39.53 -96.78 -81.59
C ARG V 355 -38.25 -95.96 -81.63
N ALA V 356 -37.64 -95.71 -80.46
CA ALA V 356 -36.38 -94.97 -80.42
C ALA V 356 -35.28 -95.73 -81.15
N ASN V 357 -35.20 -97.04 -80.94
CA ASN V 357 -34.15 -97.83 -81.59
C ASN V 357 -34.32 -97.82 -83.10
N VAL V 358 -35.55 -97.95 -83.59
CA VAL V 358 -35.80 -97.95 -85.02
C VAL V 358 -35.51 -96.58 -85.61
N LEU V 359 -35.87 -95.51 -84.88
CA LEU V 359 -35.56 -94.17 -85.37
C LEU V 359 -34.06 -93.95 -85.47
N HIS V 360 -33.31 -94.40 -84.47
CA HIS V 360 -31.85 -94.25 -84.53
C HIS V 360 -31.26 -95.09 -85.65
N MET V 361 -31.80 -96.29 -85.87
CA MET V 361 -31.32 -97.12 -86.97
C MET V 361 -31.58 -96.46 -88.31
N LEU V 362 -32.76 -95.86 -88.49
CA LEU V 362 -33.05 -95.14 -89.72
C LEU V 362 -32.14 -93.93 -89.89
N LEU V 363 -31.84 -93.23 -88.79
CA LEU V 363 -30.92 -92.11 -88.86
C LEU V 363 -29.54 -92.55 -89.30
N GLU V 364 -29.04 -93.67 -88.76
CA GLU V 364 -27.76 -94.21 -89.21
C GLU V 364 -27.82 -94.60 -90.68
N PHE V 365 -28.94 -95.20 -91.11
CA PHE V 365 -29.09 -95.60 -92.51
C PHE V 365 -29.00 -94.39 -93.42
N VAL V 366 -29.63 -93.29 -93.04
CA VAL V 366 -29.57 -92.07 -93.85
C VAL V 366 -28.16 -91.48 -93.84
N LEU V 367 -27.55 -91.39 -92.64
CA LEU V 367 -26.26 -90.74 -92.51
C LEU V 367 -25.14 -91.50 -93.19
N ASP V 368 -25.20 -92.83 -93.24
CA ASP V 368 -24.12 -93.61 -93.81
C ASP V 368 -24.23 -93.73 -95.33
N ASN V 369 -25.27 -93.16 -95.93
CA ASN V 369 -25.45 -93.16 -97.38
C ASN V 369 -25.44 -91.74 -97.94
N LEU V 370 -24.61 -90.87 -97.37
CA LEU V 370 -24.43 -89.51 -97.86
C LEU V 370 -23.09 -89.45 -98.59
N TYR V 371 -23.12 -89.83 -99.86
CA TYR V 371 -21.92 -89.84 -100.69
C TYR V 371 -22.28 -89.39 -102.09
N LEU V 372 -21.28 -88.92 -102.83
CA LEU V 372 -21.48 -88.56 -104.22
C LEU V 372 -20.95 -89.67 -105.12
N ASN V 373 -21.66 -89.90 -106.23
CA ASN V 373 -21.36 -91.00 -107.13
C ASN V 373 -20.22 -90.59 -108.06
N ARG V 374 -19.02 -91.09 -107.78
CA ARG V 374 -17.87 -90.82 -108.64
C ARG V 374 -18.04 -91.51 -109.98
N HIS V 375 -17.59 -90.84 -111.03
CA HIS V 375 -17.68 -91.36 -112.40
C HIS V 375 -16.36 -92.04 -112.75
N THR V 376 -16.44 -93.27 -113.23
CA THR V 376 -15.26 -94.08 -113.54
C THR V 376 -15.31 -94.54 -114.98
N GLY V 377 -14.22 -95.17 -115.41
CA GLY V 377 -14.11 -95.60 -116.79
C GLY V 377 -15.06 -96.72 -117.14
N PHE V 378 -15.34 -96.83 -118.44
CA PHE V 378 -16.24 -97.83 -118.98
C PHE V 378 -15.43 -98.89 -119.74
N SER V 379 -16.15 -99.82 -120.37
CA SER V 379 -15.52 -100.88 -121.15
C SER V 379 -16.55 -101.45 -122.11
N GLN V 380 -16.25 -101.43 -123.40
CA GLN V 380 -17.17 -101.97 -124.39
C GLN V 380 -17.27 -103.48 -124.26
N ASP V 381 -18.42 -104.01 -124.67
CA ASP V 381 -18.70 -105.44 -124.57
C ASP V 381 -19.27 -105.94 -125.89
N HIS V 382 -19.02 -107.22 -126.17
CA HIS V 382 -19.52 -107.84 -127.39
C HIS V 382 -20.04 -109.26 -127.12
N THR V 383 -20.56 -109.49 -125.93
CA THR V 383 -21.22 -110.76 -125.64
C THR V 383 -22.48 -110.88 -126.50
N PRO V 384 -22.75 -112.05 -127.10
CA PRO V 384 -23.95 -112.21 -127.93
C PRO V 384 -25.26 -111.96 -127.19
N PHE V 385 -25.23 -111.72 -125.87
CA PHE V 385 -26.41 -111.33 -125.13
C PHE V 385 -26.44 -109.84 -124.80
N THR V 386 -25.29 -109.18 -124.73
CA THR V 386 -25.17 -107.74 -124.50
C THR V 386 -24.27 -107.20 -125.59
N GLU V 387 -24.85 -106.84 -126.73
CA GLU V 387 -24.08 -106.50 -127.92
C GLU V 387 -23.90 -104.98 -128.00
N GLY V 388 -22.66 -104.52 -127.88
CA GLY V 388 -22.31 -103.15 -128.11
C GLY V 388 -22.63 -102.19 -126.99
N ALA V 389 -23.14 -102.67 -125.87
CA ALA V 389 -23.50 -101.80 -124.75
C ALA V 389 -22.26 -101.48 -123.92
N ASN V 390 -22.04 -100.19 -123.67
CA ASN V 390 -20.89 -99.75 -122.86
C ASN V 390 -21.17 -100.00 -121.40
N LEU V 391 -20.57 -101.06 -120.85
CA LEU V 391 -20.75 -101.38 -119.43
C LEU V 391 -19.89 -100.45 -118.59
N ARG V 392 -19.86 -100.69 -117.28
CA ARG V 392 -19.09 -99.87 -116.35
C ARG V 392 -18.14 -100.77 -115.57
N SER V 393 -16.89 -100.32 -115.44
CA SER V 393 -15.84 -101.09 -114.77
C SER V 393 -15.52 -100.42 -113.43
N LEU V 394 -15.67 -101.18 -112.35
CA LEU V 394 -15.34 -100.68 -111.03
C LEU V 394 -13.83 -100.60 -110.85
N PRO V 395 -13.34 -99.69 -110.01
CA PRO V 395 -11.90 -99.61 -109.75
C PRO V 395 -11.41 -100.88 -109.07
N GLY V 396 -10.15 -101.22 -109.35
CA GLY V 396 -9.54 -102.40 -108.80
C GLY V 396 -9.32 -103.47 -109.84
N PRO V 397 -8.40 -104.41 -109.56
CA PRO V 397 -8.11 -105.48 -110.53
C PRO V 397 -9.24 -106.48 -110.70
N ASP V 398 -10.28 -106.42 -109.88
CA ASP V 398 -11.41 -107.35 -109.96
C ASP V 398 -12.59 -106.73 -110.71
N ALA V 399 -12.32 -105.95 -111.74
CA ALA V 399 -13.35 -105.23 -112.49
C ALA V 399 -14.07 -106.11 -113.50
N GLU V 400 -13.92 -107.43 -113.44
CA GLU V 400 -14.55 -108.32 -114.41
C GLU V 400 -15.48 -109.34 -113.79
N LYS V 401 -15.43 -109.55 -112.48
CA LYS V 401 -16.37 -110.45 -111.81
C LYS V 401 -17.59 -109.74 -111.24
N TRP V 402 -17.66 -108.42 -111.36
CA TRP V 402 -18.83 -107.66 -110.92
C TRP V 402 -19.90 -107.54 -111.99
N TYR V 403 -19.60 -107.93 -113.23
CA TYR V 403 -20.55 -107.73 -114.32
C TYR V 403 -21.83 -108.54 -114.10
N SER V 404 -21.69 -109.79 -113.65
CA SER V 404 -22.86 -110.62 -113.39
C SER V 404 -23.73 -110.01 -112.29
N ILE V 405 -23.09 -109.44 -111.26
CA ILE V 405 -23.85 -108.86 -110.16
C ILE V 405 -24.59 -107.62 -110.61
N MET V 406 -23.91 -106.71 -111.33
CA MET V 406 -24.56 -105.45 -111.69
C MET V 406 -25.61 -105.64 -112.79
N TYR V 407 -25.29 -106.43 -113.81
CA TYR V 407 -26.16 -106.54 -114.98
C TYR V 407 -26.75 -107.93 -115.09
N PRO V 408 -27.99 -108.15 -114.65
CA PRO V 408 -28.62 -109.47 -114.80
C PRO V 408 -28.79 -109.90 -116.25
N THR V 409 -28.94 -108.94 -117.17
CA THR V 409 -29.17 -109.27 -118.57
C THR V 409 -27.97 -109.96 -119.21
N ARG V 410 -26.77 -109.77 -118.65
CA ARG V 410 -25.56 -110.31 -119.25
C ARG V 410 -25.65 -111.82 -119.44
N MET V 411 -26.13 -112.54 -118.42
CA MET V 411 -26.35 -113.97 -118.57
C MET V 411 -27.52 -114.21 -119.52
N GLY V 412 -27.34 -115.12 -120.46
CA GLY V 412 -28.38 -115.44 -121.43
C GLY V 412 -29.44 -116.36 -120.86
N THR V 413 -29.90 -117.29 -121.70
CA THR V 413 -30.90 -118.29 -121.32
C THR V 413 -30.32 -119.65 -121.69
N PRO V 414 -29.38 -120.17 -120.88
CA PRO V 414 -28.76 -121.45 -121.24
C PRO V 414 -29.68 -122.65 -121.05
N ASN V 415 -30.42 -122.70 -119.94
CA ASN V 415 -31.29 -123.83 -119.64
C ASN V 415 -32.60 -123.29 -119.07
N VAL V 416 -33.44 -124.19 -118.60
CA VAL V 416 -34.76 -123.85 -118.08
C VAL V 416 -34.65 -123.67 -116.57
N SER V 417 -34.92 -122.46 -116.10
CA SER V 417 -34.86 -122.15 -114.68
C SER V 417 -35.62 -120.87 -114.43
N LYS V 418 -35.88 -120.60 -113.14
CA LYS V 418 -36.58 -119.37 -112.76
C LYS V 418 -35.76 -118.14 -113.14
N ILE V 419 -34.46 -118.15 -112.84
CA ILE V 419 -33.60 -117.03 -113.19
C ILE V 419 -33.55 -116.87 -114.71
N CYS V 420 -33.43 -117.99 -115.43
CA CYS V 420 -33.31 -117.95 -116.88
C CYS V 420 -34.56 -117.37 -117.53
N ASN V 421 -35.75 -117.83 -117.11
CA ASN V 421 -36.95 -117.31 -117.74
C ASN V 421 -37.29 -115.91 -117.26
N PHE V 422 -36.85 -115.52 -116.07
CA PHE V 422 -36.95 -114.11 -115.67
C PHE V 422 -36.10 -113.23 -116.58
N VAL V 423 -34.87 -113.68 -116.86
CA VAL V 423 -34.00 -112.93 -117.77
C VAL V 423 -34.63 -112.86 -119.16
N ALA V 424 -35.23 -113.96 -119.61
CA ALA V 424 -35.91 -113.95 -120.90
C ALA V 424 -37.07 -112.96 -120.91
N SER V 425 -37.83 -112.89 -119.81
CA SER V 425 -38.91 -111.93 -119.71
C SER V 425 -38.38 -110.49 -119.69
N CYS V 426 -37.17 -110.28 -119.18
CA CYS V 426 -36.57 -108.95 -119.16
C CYS V 426 -36.33 -108.43 -120.58
N VAL V 427 -35.89 -107.19 -120.69
CA VAL V 427 -35.65 -106.55 -121.98
C VAL V 427 -34.14 -106.51 -122.24
N ARG V 428 -33.79 -106.12 -123.46
CA ARG V 428 -32.41 -106.20 -123.95
C ARG V 428 -31.70 -104.84 -123.95
N ASN V 429 -32.35 -103.80 -124.48
CA ASN V 429 -31.68 -102.54 -124.80
C ASN V 429 -31.57 -101.59 -123.61
N ARG V 430 -31.70 -102.06 -122.38
CA ARG V 430 -31.54 -101.20 -121.20
C ARG V 430 -30.48 -101.79 -120.30
N VAL V 431 -29.21 -101.54 -120.64
CA VAL V 431 -28.06 -101.94 -119.86
C VAL V 431 -26.96 -100.92 -120.09
N GLY V 432 -26.06 -100.80 -119.11
CA GLY V 432 -24.93 -99.90 -119.27
C GLY V 432 -25.35 -98.43 -119.32
N ARG V 433 -24.54 -97.65 -120.03
CA ARG V 433 -24.78 -96.22 -120.11
C ARG V 433 -26.03 -95.92 -120.95
N PHE V 434 -26.70 -94.84 -120.60
CA PHE V 434 -27.91 -94.39 -121.30
C PHE V 434 -27.73 -93.01 -121.92
N ASP V 435 -27.21 -92.06 -121.16
CA ASP V 435 -27.00 -90.70 -121.66
C ASP V 435 -25.69 -90.17 -121.09
N ARG V 436 -24.91 -89.51 -121.93
CA ARG V 436 -23.61 -88.97 -121.55
C ARG V 436 -23.60 -87.45 -121.71
N ALA V 437 -22.73 -86.81 -120.93
CA ALA V 437 -22.63 -85.36 -120.96
C ALA V 437 -22.04 -84.87 -122.27
N GLN V 438 -22.39 -83.64 -122.65
CA GLN V 438 -21.91 -83.03 -123.88
C GLN V 438 -20.50 -82.49 -123.72
N MET V 439 -20.30 -81.56 -122.79
CA MET V 439 -18.97 -81.03 -122.53
C MET V 439 -18.09 -82.11 -121.91
N MET V 440 -16.82 -82.11 -122.31
CA MET V 440 -15.89 -83.18 -121.94
C MET V 440 -14.61 -82.59 -121.37
N ASN V 441 -13.98 -83.35 -120.49
CA ASN V 441 -12.65 -83.05 -119.97
C ASN V 441 -11.67 -84.04 -120.61
N GLY V 442 -10.80 -83.54 -121.46
CA GLY V 442 -9.97 -84.44 -122.25
C GLY V 442 -10.85 -85.29 -123.14
N ALA V 443 -10.72 -86.61 -123.03
CA ALA V 443 -11.60 -87.53 -123.72
C ALA V 443 -12.70 -88.08 -122.83
N MET V 444 -12.51 -88.08 -121.52
CA MET V 444 -13.53 -88.53 -120.60
C MET V 444 -14.69 -87.54 -120.54
N SER V 445 -15.91 -88.06 -120.52
CA SER V 445 -17.09 -87.21 -120.41
C SER V 445 -17.19 -86.63 -119.00
N GLU V 446 -18.07 -85.65 -118.84
CA GLU V 446 -18.27 -85.02 -117.53
C GLU V 446 -19.11 -85.91 -116.62
N TRP V 447 -20.35 -86.17 -117.00
CA TRP V 447 -21.24 -87.01 -116.21
C TRP V 447 -21.92 -88.03 -117.13
N VAL V 448 -22.27 -89.17 -116.56
CA VAL V 448 -22.90 -90.24 -117.31
C VAL V 448 -24.19 -90.64 -116.62
N ASP V 449 -25.13 -91.16 -117.40
CA ASP V 449 -26.42 -91.64 -116.92
C ASP V 449 -26.47 -93.12 -117.28
N VAL V 450 -26.26 -93.98 -116.29
CA VAL V 450 -25.94 -95.38 -116.52
C VAL V 450 -26.98 -96.27 -115.85
N PHE V 451 -27.36 -97.34 -116.53
CA PHE V 451 -28.19 -98.38 -115.94
C PHE V 451 -27.31 -99.37 -115.20
N GLU V 452 -27.62 -99.63 -113.93
CA GLU V 452 -26.87 -100.59 -113.14
C GLU V 452 -27.67 -100.97 -111.92
N THR V 453 -27.17 -101.96 -111.19
CA THR V 453 -27.83 -102.42 -109.97
C THR V 453 -27.70 -101.37 -108.88
N SER V 454 -28.84 -101.00 -108.30
CA SER V 454 -28.91 -100.00 -107.23
C SER V 454 -30.24 -100.18 -106.52
N ASP V 455 -30.61 -99.21 -105.68
CA ASP V 455 -31.92 -99.23 -105.06
C ASP V 455 -32.49 -97.81 -104.99
N ALA V 456 -33.82 -97.74 -105.05
CA ALA V 456 -34.49 -96.45 -105.18
C ALA V 456 -34.23 -95.55 -103.99
N LEU V 457 -34.25 -96.12 -102.78
CA LEU V 457 -34.09 -95.30 -101.58
C LEU V 457 -32.73 -94.61 -101.55
N THR V 458 -31.65 -95.37 -101.80
CA THR V 458 -30.32 -94.78 -101.74
C THR V 458 -30.09 -93.83 -102.92
N VAL V 459 -30.57 -94.18 -104.12
CA VAL V 459 -30.35 -93.25 -105.24
C VAL V 459 -31.11 -91.95 -105.00
N SER V 460 -32.30 -92.02 -104.39
CA SER V 460 -33.04 -90.80 -104.10
C SER V 460 -32.36 -89.98 -103.01
N ILE V 461 -31.84 -90.65 -101.97
CA ILE V 461 -31.14 -89.93 -100.91
C ILE V 461 -29.91 -89.23 -101.46
N ARG V 462 -29.13 -89.94 -102.31
CA ARG V 462 -27.94 -89.33 -102.88
C ARG V 462 -28.27 -88.23 -103.86
N GLY V 463 -29.38 -88.36 -104.61
CA GLY V 463 -29.80 -87.27 -105.47
C GLY V 463 -30.19 -86.02 -104.70
N ARG V 464 -30.92 -86.20 -103.59
CA ARG V 464 -31.26 -85.06 -102.75
C ARG V 464 -30.02 -84.43 -102.14
N TRP V 465 -29.06 -85.25 -101.71
CA TRP V 465 -27.82 -84.72 -101.16
C TRP V 465 -27.05 -83.94 -102.21
N MET V 466 -26.99 -84.45 -103.44
CA MET V 466 -26.36 -83.73 -104.53
C MET V 466 -27.06 -82.40 -104.79
N ALA V 467 -28.39 -82.39 -104.80
CA ALA V 467 -29.12 -81.14 -105.02
C ALA V 467 -28.80 -80.13 -103.92
N ARG V 468 -28.83 -80.56 -102.66
CA ARG V 468 -28.55 -79.65 -101.56
C ARG V 468 -27.13 -79.11 -101.63
N LEU V 469 -26.16 -79.99 -101.92
CA LEU V 469 -24.77 -79.57 -101.95
C LEU V 469 -24.51 -78.62 -103.11
N ALA V 470 -25.09 -78.89 -104.28
CA ALA V 470 -24.90 -78.03 -105.43
C ALA V 470 -25.65 -76.71 -105.30
N ARG V 471 -26.68 -76.68 -104.45
CA ARG V 471 -27.41 -75.44 -104.22
C ARG V 471 -26.58 -74.41 -103.45
N MET V 472 -25.44 -74.79 -102.89
CA MET V 472 -24.65 -73.91 -102.05
C MET V 472 -23.35 -73.46 -102.70
N ASN V 473 -23.09 -73.83 -103.94
CA ASN V 473 -21.81 -73.50 -104.56
C ASN V 473 -21.66 -72.00 -104.77
N ILE V 474 -20.42 -71.56 -104.95
CA ILE V 474 -20.09 -70.14 -104.99
C ILE V 474 -19.15 -69.90 -106.18
N ASN V 475 -19.01 -68.63 -106.53
CA ASN V 475 -18.18 -68.16 -107.63
C ASN V 475 -16.94 -67.45 -107.08
N PRO V 476 -15.76 -67.71 -107.65
CA PRO V 476 -14.58 -66.94 -107.24
C PRO V 476 -14.75 -65.44 -107.39
N THR V 477 -15.54 -64.98 -108.36
CA THR V 477 -15.87 -63.56 -108.42
C THR V 477 -16.63 -63.13 -107.19
N GLU V 478 -17.58 -63.95 -106.72
CA GLU V 478 -18.29 -63.63 -105.49
C GLU V 478 -17.35 -63.60 -104.30
N ILE V 479 -16.38 -64.52 -104.26
CA ILE V 479 -15.44 -64.55 -103.14
C ILE V 479 -14.56 -63.30 -103.15
N GLU V 480 -14.08 -62.89 -104.33
CA GLU V 480 -13.27 -61.68 -104.40
C GLU V 480 -14.09 -60.44 -104.05
N TRP V 481 -15.36 -60.42 -104.44
CA TRP V 481 -16.25 -59.34 -104.00
C TRP V 481 -16.36 -59.31 -102.49
N ALA V 482 -16.54 -60.49 -101.88
CA ALA V 482 -16.67 -60.57 -100.43
C ALA V 482 -15.43 -60.07 -99.72
N LEU V 483 -14.25 -60.51 -100.18
CA LEU V 483 -13.02 -60.11 -99.52
C LEU V 483 -12.74 -58.62 -99.73
N THR V 484 -13.00 -58.10 -100.93
CA THR V 484 -12.82 -56.68 -101.17
C THR V 484 -13.75 -55.84 -100.29
N GLU V 485 -15.01 -56.27 -100.15
CA GLU V 485 -15.94 -55.55 -99.30
C GLU V 485 -15.52 -55.62 -97.83
N CYS V 486 -15.06 -56.79 -97.38
CA CYS V 486 -14.66 -56.93 -95.98
C CYS V 486 -13.37 -56.17 -95.68
N ALA V 487 -12.53 -55.93 -96.69
CA ALA V 487 -11.29 -55.20 -96.49
C ALA V 487 -11.51 -53.73 -96.18
N GLN V 488 -12.74 -53.22 -96.34
CA GLN V 488 -13.08 -51.82 -96.05
C GLN V 488 -12.30 -50.86 -96.95
N GLY V 489 -11.98 -51.29 -98.16
CA GLY V 489 -11.33 -50.45 -99.14
C GLY V 489 -9.83 -50.28 -98.99
N TYR V 490 -9.25 -50.76 -97.88
CA TYR V 490 -7.81 -50.63 -97.70
C TYR V 490 -7.03 -51.67 -98.50
N VAL V 491 -7.68 -52.75 -98.93
CA VAL V 491 -7.05 -53.80 -99.73
C VAL V 491 -8.04 -54.24 -100.81
N THR V 492 -7.53 -54.47 -102.02
CA THR V 492 -8.33 -55.02 -103.10
C THR V 492 -7.77 -56.38 -103.49
N VAL V 493 -8.66 -57.34 -103.72
CA VAL V 493 -8.27 -58.70 -104.04
C VAL V 493 -8.85 -59.09 -105.40
N THR V 494 -8.29 -60.15 -105.97
CA THR V 494 -8.78 -60.69 -107.24
C THR V 494 -8.50 -62.19 -107.26
N SER V 495 -9.43 -62.93 -107.85
CA SER V 495 -9.34 -64.39 -107.92
C SER V 495 -9.56 -64.84 -109.35
N PRO V 496 -8.50 -64.87 -110.16
CA PRO V 496 -8.65 -65.31 -111.55
C PRO V 496 -8.96 -66.79 -111.64
N TYR V 497 -9.66 -67.16 -112.71
CA TYR V 497 -10.01 -68.55 -112.95
C TYR V 497 -10.39 -68.72 -114.42
N ALA V 498 -10.43 -69.98 -114.85
CA ALA V 498 -10.84 -70.34 -116.20
C ALA V 498 -12.29 -70.80 -116.22
N PRO V 499 -13.01 -70.55 -117.31
CA PRO V 499 -14.41 -70.96 -117.37
C PRO V 499 -14.56 -72.47 -117.23
N SER V 500 -15.58 -72.88 -116.47
CA SER V 500 -15.82 -74.29 -116.19
C SER V 500 -17.14 -74.40 -115.43
N VAL V 501 -17.71 -75.61 -115.46
CA VAL V 501 -18.91 -75.90 -114.69
C VAL V 501 -18.73 -77.10 -113.75
N ASN V 502 -17.68 -77.89 -113.90
CA ASN V 502 -17.47 -79.03 -113.01
C ASN V 502 -17.08 -78.60 -111.60
N ARG V 503 -16.65 -77.35 -111.43
CA ARG V 503 -16.24 -76.87 -110.12
C ARG V 503 -17.42 -76.83 -109.16
N LEU V 504 -17.21 -77.36 -107.96
CA LEU V 504 -18.21 -77.32 -106.91
C LEU V 504 -17.51 -76.95 -105.61
N MET V 505 -18.09 -75.99 -104.89
CA MET V 505 -17.48 -75.45 -103.69
C MET V 505 -18.54 -74.74 -102.84
N PRO V 506 -19.18 -75.45 -101.91
CA PRO V 506 -20.34 -74.92 -101.20
C PRO V 506 -19.94 -73.99 -100.06
N TYR V 507 -20.24 -72.70 -100.23
CA TYR V 507 -19.97 -71.72 -99.18
C TYR V 507 -21.09 -70.69 -99.08
N ARG V 508 -22.33 -71.09 -99.35
CA ARG V 508 -23.48 -70.19 -99.31
C ARG V 508 -24.53 -70.76 -98.36
N ILE V 509 -24.74 -70.08 -97.24
CA ILE V 509 -25.76 -70.46 -96.27
C ILE V 509 -26.65 -69.25 -96.00
N SER V 510 -27.71 -69.48 -95.25
CA SER V 510 -28.72 -68.45 -94.99
C SER V 510 -28.48 -67.75 -93.66
N ASN V 511 -28.97 -66.51 -93.58
CA ASN V 511 -28.91 -65.76 -92.33
C ASN V 511 -29.65 -66.48 -91.21
N ALA V 512 -30.69 -67.25 -91.55
CA ALA V 512 -31.39 -68.02 -90.54
C ALA V 512 -30.47 -69.06 -89.90
N GLU V 513 -29.73 -69.80 -90.73
CA GLU V 513 -28.78 -70.78 -90.20
C GLU V 513 -27.67 -70.08 -89.42
N ARG V 514 -27.20 -68.93 -89.91
CA ARG V 514 -26.20 -68.17 -89.18
C ARG V 514 -26.70 -67.77 -87.80
N GLN V 515 -27.96 -67.31 -87.72
CA GLN V 515 -28.54 -66.92 -86.44
C GLN V 515 -28.71 -68.11 -85.51
N ILE V 516 -29.11 -69.27 -86.06
CA ILE V 516 -29.25 -70.46 -85.21
C ILE V 516 -27.90 -70.86 -84.64
N SER V 517 -26.86 -70.83 -85.47
CA SER V 517 -25.52 -71.14 -84.96
C SER V 517 -25.07 -70.12 -83.92
N GLN V 518 -25.37 -68.84 -84.13
CA GLN V 518 -25.02 -67.83 -83.14
C GLN V 518 -25.74 -68.08 -81.82
N ILE V 519 -27.02 -68.47 -81.88
CA ILE V 519 -27.78 -68.75 -80.67
C ILE V 519 -27.16 -69.94 -79.93
N ILE V 520 -26.76 -70.98 -80.68
CA ILE V 520 -26.11 -72.12 -80.06
C ILE V 520 -24.81 -71.70 -79.38
N ARG V 521 -24.02 -70.85 -80.05
CA ARG V 521 -22.78 -70.38 -79.47
C ARG V 521 -23.05 -69.58 -78.19
N VAL V 522 -24.08 -68.74 -78.19
CA VAL V 522 -24.41 -67.96 -77.00
C VAL V 522 -24.82 -68.88 -75.86
N MET V 523 -25.64 -69.89 -76.16
CA MET V 523 -26.05 -70.83 -75.12
C MET V 523 -24.89 -71.69 -74.62
N ASN V 524 -23.84 -71.85 -75.42
CA ASN V 524 -22.67 -72.58 -74.94
C ASN V 524 -22.01 -71.94 -73.72
N ILE V 525 -22.19 -70.63 -73.53
CA ILE V 525 -21.52 -69.94 -72.43
C ILE V 525 -22.00 -70.50 -71.08
N GLY V 526 -23.29 -70.36 -70.81
CA GLY V 526 -23.83 -70.88 -69.57
C GLY V 526 -23.28 -70.21 -68.33
N ASN V 527 -23.00 -68.91 -68.41
CA ASN V 527 -22.62 -68.09 -67.26
C ASN V 527 -21.32 -68.57 -66.62
N ASN V 528 -20.24 -68.49 -67.38
CA ASN V 528 -18.91 -68.73 -66.84
C ASN V 528 -17.88 -67.95 -67.65
N ALA V 529 -16.79 -67.58 -66.98
CA ALA V 529 -15.72 -66.80 -67.60
C ALA V 529 -14.62 -67.66 -68.22
N THR V 530 -14.69 -68.99 -68.06
CA THR V 530 -13.62 -69.83 -68.58
C THR V 530 -13.69 -69.96 -70.09
N VAL V 531 -14.89 -69.85 -70.68
CA VAL V 531 -15.05 -69.99 -72.12
C VAL V 531 -14.95 -68.66 -72.86
N ILE V 532 -15.05 -67.54 -72.16
CA ILE V 532 -15.00 -66.23 -72.79
C ILE V 532 -13.67 -65.50 -72.53
N GLN V 533 -12.92 -65.90 -71.50
CA GLN V 533 -11.65 -65.24 -71.23
C GLN V 533 -10.65 -65.40 -72.38
N PRO V 534 -10.41 -66.60 -72.93
CA PRO V 534 -9.44 -66.69 -74.04
C PRO V 534 -9.82 -65.86 -75.25
N VAL V 535 -11.12 -65.77 -75.56
CA VAL V 535 -11.55 -65.01 -76.73
C VAL V 535 -11.22 -63.53 -76.56
N LEU V 536 -11.61 -62.96 -75.41
CA LEU V 536 -11.30 -61.56 -75.17
C LEU V 536 -9.80 -61.33 -75.11
N GLN V 537 -9.07 -62.27 -74.49
CA GLN V 537 -7.62 -62.10 -74.34
C GLN V 537 -6.92 -62.08 -75.68
N ASP V 538 -7.21 -63.04 -76.56
CA ASP V 538 -6.48 -63.10 -77.81
C ASP V 538 -6.98 -62.05 -78.81
N ILE V 539 -8.25 -61.63 -78.73
CA ILE V 539 -8.65 -60.47 -79.52
C ILE V 539 -7.95 -59.22 -79.03
N SER V 540 -7.74 -59.10 -77.72
CA SER V 540 -6.95 -58.00 -77.17
C SER V 540 -5.53 -58.02 -77.71
N VAL V 541 -4.92 -59.20 -77.75
CA VAL V 541 -3.56 -59.32 -78.29
C VAL V 541 -3.53 -58.92 -79.76
N LEU V 542 -4.52 -59.38 -80.54
CA LEU V 542 -4.58 -59.04 -81.95
C LEU V 542 -4.73 -57.53 -82.14
N LEU V 543 -5.61 -56.90 -81.37
CA LEU V 543 -5.79 -55.46 -81.49
C LEU V 543 -4.51 -54.71 -81.11
N GLN V 544 -3.81 -55.19 -80.08
CA GLN V 544 -2.54 -54.57 -79.70
C GLN V 544 -1.51 -54.70 -80.82
N ARG V 545 -1.47 -55.85 -81.48
CA ARG V 545 -0.48 -56.09 -82.52
C ARG V 545 -0.84 -55.44 -83.86
N ILE V 546 -2.09 -55.06 -84.08
CA ILE V 546 -2.47 -54.40 -85.33
C ILE V 546 -2.49 -52.89 -85.18
N SER V 547 -2.97 -52.40 -84.04
CA SER V 547 -3.20 -50.96 -83.88
C SER V 547 -1.90 -50.19 -84.00
N PRO V 548 -1.88 -49.07 -84.73
CA PRO V 548 -0.64 -48.27 -84.83
C PRO V 548 -0.34 -47.45 -83.59
N LEU V 549 -1.24 -47.41 -82.62
CA LEU V 549 -1.04 -46.56 -81.45
C LEU V 549 0.04 -47.15 -80.55
N GLN V 550 1.00 -46.32 -80.16
CA GLN V 550 2.05 -46.71 -79.22
C GLN V 550 1.87 -45.92 -77.94
N ILE V 551 1.68 -46.62 -76.83
CA ILE V 551 1.35 -46.00 -75.55
C ILE V 551 2.62 -45.90 -74.71
N ASP V 552 2.91 -44.69 -74.22
CA ASP V 552 4.06 -44.47 -73.35
C ASP V 552 3.81 -43.30 -72.40
N PRO V 553 3.95 -43.52 -71.09
CA PRO V 553 3.71 -42.42 -70.13
C PRO V 553 4.83 -41.38 -70.08
N THR V 554 5.85 -41.51 -70.94
CA THR V 554 6.89 -40.49 -71.00
C THR V 554 6.32 -39.13 -71.35
N ILE V 555 5.21 -39.08 -72.10
CA ILE V 555 4.55 -37.81 -72.38
C ILE V 555 4.07 -37.17 -71.07
N ILE V 556 3.43 -37.96 -70.21
CA ILE V 556 2.97 -37.45 -68.93
C ILE V 556 4.14 -37.02 -68.07
N SER V 557 5.21 -37.81 -68.05
CA SER V 557 6.37 -37.48 -67.24
C SER V 557 7.00 -36.16 -67.69
N ASN V 558 7.16 -35.99 -69.00
CA ASN V 558 7.72 -34.75 -69.52
C ASN V 558 6.80 -33.56 -69.29
N THR V 559 5.49 -33.75 -69.43
CA THR V 559 4.56 -32.65 -69.19
C THR V 559 4.60 -32.20 -67.74
N MET V 560 4.64 -33.15 -66.81
CA MET V 560 4.71 -32.78 -65.39
C MET V 560 6.04 -32.13 -65.07
N SER V 561 7.15 -32.75 -65.49
CA SER V 561 8.49 -32.20 -65.31
C SER V 561 8.78 -31.92 -63.83
N THR V 562 8.75 -32.99 -63.03
CA THR V 562 9.06 -32.90 -61.62
C THR V 562 10.13 -33.90 -61.20
N SER V 572 2.66 -31.78 -52.95
CA SER V 572 2.61 -31.18 -54.27
C SER V 572 1.71 -31.97 -55.21
N PRO V 573 0.73 -31.29 -55.81
CA PRO V 573 -0.23 -32.00 -56.68
C PRO V 573 0.42 -32.71 -57.86
N ALA V 574 1.48 -32.14 -58.43
CA ALA V 574 2.12 -32.80 -59.58
C ALA V 574 2.73 -34.13 -59.18
N SER V 575 3.50 -34.15 -58.09
CA SER V 575 4.07 -35.41 -57.62
C SER V 575 2.99 -36.38 -57.18
N SER V 576 1.93 -35.88 -56.54
CA SER V 576 0.85 -36.76 -56.10
C SER V 576 0.17 -37.43 -57.30
N ILE V 577 -0.14 -36.66 -58.34
CA ILE V 577 -0.82 -37.24 -59.49
C ILE V 577 0.12 -38.17 -60.25
N LEU V 578 1.42 -37.85 -60.29
CA LEU V 578 2.37 -38.76 -60.93
C LEU V 578 2.44 -40.09 -60.19
N GLY V 579 2.53 -40.05 -58.85
CA GLY V 579 2.57 -41.27 -58.08
C GLY V 579 1.28 -42.05 -58.17
N LYS V 580 0.14 -41.37 -58.31
CA LYS V 580 -1.13 -42.07 -58.46
C LYS V 580 -1.28 -42.69 -59.84
N LEU V 581 -0.78 -42.02 -60.88
CA LEU V 581 -0.85 -42.54 -62.24
C LEU V 581 0.13 -43.67 -62.49
N ARG V 582 1.25 -43.70 -61.77
CA ARG V 582 2.24 -44.77 -61.89
C ARG V 582 2.75 -44.91 -63.31
N PRO V 583 3.57 -43.97 -63.80
CA PRO V 583 4.07 -44.09 -65.18
C PRO V 583 5.00 -45.27 -65.40
N SER V 584 5.48 -45.91 -64.34
CA SER V 584 6.43 -47.00 -64.48
C SER V 584 5.78 -48.34 -64.80
N ASN V 585 4.46 -48.41 -64.84
CA ASN V 585 3.73 -49.63 -65.18
C ASN V 585 3.36 -49.61 -66.65
N SER V 586 3.58 -50.73 -67.33
CA SER V 586 3.43 -50.84 -68.78
C SER V 586 2.51 -52.00 -69.15
N ASP V 587 1.35 -52.07 -68.51
CA ASP V 587 0.35 -53.09 -68.80
C ASP V 587 -0.98 -52.40 -69.10
N PHE V 588 -1.42 -52.46 -70.35
CA PHE V 588 -2.65 -51.82 -70.80
C PHE V 588 -3.65 -52.84 -71.33
N SER V 589 -3.58 -54.06 -70.81
CA SER V 589 -4.55 -55.08 -71.16
C SER V 589 -5.96 -54.64 -70.84
N SER V 590 -6.13 -53.87 -69.76
CA SER V 590 -7.46 -53.31 -69.46
C SER V 590 -7.93 -52.39 -70.57
N PHE V 591 -7.03 -51.54 -71.07
CA PHE V 591 -7.40 -50.63 -72.14
C PHE V 591 -7.79 -51.39 -73.40
N ARG V 592 -7.04 -52.44 -73.75
CA ARG V 592 -7.36 -53.17 -74.97
C ARG V 592 -8.62 -54.01 -74.82
N VAL V 593 -8.83 -54.61 -73.64
CA VAL V 593 -10.05 -55.37 -73.40
C VAL V 593 -11.27 -54.45 -73.38
N ALA V 594 -11.07 -53.17 -73.02
CA ALA V 594 -12.17 -52.22 -73.10
C ALA V 594 -12.70 -52.12 -74.53
N LEU V 595 -11.80 -52.03 -75.51
CA LEU V 595 -12.23 -52.02 -76.90
C LEU V 595 -12.75 -53.39 -77.32
N ALA V 596 -12.15 -54.46 -76.81
CA ALA V 596 -12.57 -55.81 -77.21
C ALA V 596 -14.00 -56.12 -76.77
N GLY V 597 -14.43 -55.57 -75.63
CA GLY V 597 -15.74 -55.88 -75.09
C GLY V 597 -16.89 -55.21 -75.82
N TRP V 598 -16.59 -54.21 -76.65
CA TRP V 598 -17.65 -53.53 -77.40
C TRP V 598 -18.38 -54.50 -78.32
N LEU V 599 -17.64 -55.39 -78.98
CA LEU V 599 -18.27 -56.37 -79.85
C LEU V 599 -19.15 -57.34 -79.06
N TYR V 600 -18.70 -57.75 -77.88
CA TYR V 600 -19.36 -58.80 -77.10
C TYR V 600 -20.12 -58.24 -75.90
N ASN V 601 -20.60 -57.00 -76.02
CA ASN V 601 -21.49 -56.42 -75.02
C ASN V 601 -22.61 -57.40 -74.63
N GLY V 602 -23.17 -58.10 -75.61
CA GLY V 602 -24.37 -58.91 -75.37
C GLY V 602 -24.18 -60.05 -74.40
N VAL V 603 -22.94 -60.51 -74.18
CA VAL V 603 -22.69 -61.59 -73.24
C VAL V 603 -21.80 -61.18 -72.08
N VAL V 604 -20.99 -60.13 -72.23
CA VAL V 604 -20.12 -59.66 -71.15
C VAL V 604 -20.20 -58.14 -71.12
N THR V 605 -20.32 -57.58 -69.91
CA THR V 605 -20.35 -56.14 -69.71
C THR V 605 -19.17 -55.74 -68.83
N THR V 606 -18.37 -54.80 -69.31
CA THR V 606 -17.16 -54.37 -68.62
C THR V 606 -17.49 -53.23 -67.66
N VAL V 607 -17.14 -53.40 -66.39
CA VAL V 607 -17.35 -52.38 -65.38
C VAL V 607 -16.00 -52.00 -64.77
N ILE V 608 -16.01 -51.03 -63.85
CA ILE V 608 -14.80 -50.54 -63.21
C ILE V 608 -14.68 -51.18 -61.83
N ASP V 609 -13.50 -51.68 -61.52
CA ASP V 609 -13.28 -52.38 -60.26
C ASP V 609 -13.44 -51.40 -59.09
N ASP V 610 -13.80 -51.94 -57.93
CA ASP V 610 -14.05 -51.12 -56.75
C ASP V 610 -12.79 -50.36 -56.32
N SER V 611 -11.63 -51.00 -56.43
CA SER V 611 -10.39 -50.37 -55.98
C SER V 611 -10.08 -49.07 -56.71
N SER V 612 -10.64 -48.88 -57.90
CA SER V 612 -10.43 -47.63 -58.63
C SER V 612 -11.21 -46.47 -58.03
N TYR V 613 -12.29 -46.75 -57.30
CA TYR V 613 -13.07 -45.71 -56.66
C TYR V 613 -12.31 -45.17 -55.45
N PRO V 614 -12.73 -44.05 -54.89
CA PRO V 614 -12.14 -43.60 -53.62
C PRO V 614 -12.29 -44.69 -52.56
N LYS V 615 -11.26 -44.81 -51.73
CA LYS V 615 -11.10 -45.99 -50.89
C LYS V 615 -12.26 -46.14 -49.91
N ASP V 616 -12.67 -45.05 -49.27
CA ASP V 616 -13.63 -45.12 -48.16
C ASP V 616 -14.78 -44.15 -48.40
N GLY V 617 -15.34 -44.18 -49.60
CA GLY V 617 -16.36 -43.22 -49.99
C GLY V 617 -15.76 -41.91 -50.46
N GLY V 618 -14.76 -41.42 -49.74
CA GLY V 618 -14.00 -40.27 -50.16
C GLY V 618 -14.61 -38.95 -49.75
N SER V 619 -13.82 -37.91 -49.88
CA SER V 619 -14.25 -36.53 -49.64
C SER V 619 -13.41 -35.62 -50.51
N VAL V 620 -13.92 -34.42 -50.75
CA VAL V 620 -13.25 -33.48 -51.64
C VAL V 620 -12.20 -32.69 -50.86
N THR V 621 -11.98 -33.08 -49.61
CA THR V 621 -10.91 -32.50 -48.79
C THR V 621 -9.58 -33.20 -48.98
N SER V 622 -9.52 -34.25 -49.80
CA SER V 622 -8.32 -35.06 -49.96
C SER V 622 -7.85 -35.00 -51.41
N LEU V 623 -6.57 -34.66 -51.60
CA LEU V 623 -6.00 -34.59 -52.94
C LEU V 623 -6.01 -35.95 -53.63
N GLU V 624 -5.73 -37.01 -52.87
CA GLU V 624 -5.76 -38.36 -53.43
C GLU V 624 -7.15 -38.71 -53.93
N ASN V 625 -8.19 -38.38 -53.16
CA ASN V 625 -9.56 -38.64 -53.60
C ASN V 625 -9.91 -37.80 -54.82
N LEU V 626 -9.45 -36.55 -54.86
CA LEU V 626 -9.70 -35.72 -56.04
C LEU V 626 -9.08 -36.34 -57.29
N TRP V 627 -7.84 -36.80 -57.18
CA TRP V 627 -7.19 -37.43 -58.33
C TRP V 627 -7.86 -38.73 -58.71
N ASP V 628 -8.32 -39.50 -57.73
CA ASP V 628 -9.04 -40.73 -58.02
C ASP V 628 -10.33 -40.43 -58.78
N PHE V 629 -11.03 -39.38 -58.39
CA PHE V 629 -12.24 -38.99 -59.12
C PHE V 629 -11.91 -38.54 -60.53
N PHE V 630 -10.80 -37.82 -60.71
CA PHE V 630 -10.39 -37.42 -62.05
C PHE V 630 -10.14 -38.63 -62.93
N ILE V 631 -9.40 -39.61 -62.40
CA ILE V 631 -9.13 -40.83 -63.16
C ILE V 631 -10.42 -41.56 -63.48
N LEU V 632 -11.33 -41.65 -62.51
CA LEU V 632 -12.61 -42.30 -62.74
C LEU V 632 -13.40 -41.59 -63.83
N ALA V 633 -13.41 -40.26 -63.82
CA ALA V 633 -14.17 -39.51 -64.80
C ALA V 633 -13.63 -39.72 -66.21
N LEU V 634 -12.31 -39.73 -66.36
CA LEU V 634 -11.75 -39.97 -67.69
C LEU V 634 -11.76 -41.44 -68.11
N ALA V 635 -11.97 -42.37 -67.17
CA ALA V 635 -11.96 -43.78 -67.52
C ALA V 635 -13.35 -44.37 -67.72
N LEU V 636 -14.40 -43.78 -67.13
CA LEU V 636 -15.72 -44.38 -67.19
C LEU V 636 -16.31 -44.50 -68.59
N PRO V 637 -16.25 -43.48 -69.46
CA PRO V 637 -17.02 -43.56 -70.72
C PRO V 637 -16.63 -44.71 -71.64
N LEU V 638 -15.44 -45.30 -71.48
CA LEU V 638 -14.98 -46.36 -72.36
C LEU V 638 -15.42 -47.75 -71.90
N THR V 639 -16.51 -47.84 -71.12
CA THR V 639 -17.01 -49.10 -70.62
C THR V 639 -18.38 -49.39 -71.21
N THR V 640 -18.62 -50.67 -71.54
CA THR V 640 -19.91 -51.09 -72.07
C THR V 640 -20.91 -51.39 -70.95
N ASP V 641 -21.03 -50.46 -70.00
CA ASP V 641 -21.92 -50.55 -68.86
C ASP V 641 -23.19 -49.74 -69.13
N PRO V 642 -24.36 -50.34 -68.89
CA PRO V 642 -25.61 -49.59 -69.17
C PRO V 642 -25.73 -48.30 -68.39
N CYS V 643 -25.27 -48.25 -67.14
CA CYS V 643 -25.33 -47.04 -66.33
C CYS V 643 -23.92 -46.65 -65.88
N ALA V 644 -23.19 -45.97 -66.76
CA ALA V 644 -21.94 -45.30 -66.42
C ALA V 644 -22.15 -43.89 -65.88
N PRO V 645 -22.99 -43.05 -66.52
CA PRO V 645 -23.18 -41.68 -66.00
C PRO V 645 -23.72 -41.62 -64.59
N VAL V 646 -24.58 -42.57 -64.19
CA VAL V 646 -25.09 -42.57 -62.83
C VAL V 646 -23.95 -42.73 -61.84
N LYS V 647 -23.05 -43.68 -62.10
CA LYS V 647 -21.88 -43.84 -61.24
C LYS V 647 -21.00 -42.59 -61.27
N ALA V 648 -20.82 -41.99 -62.45
CA ALA V 648 -19.96 -40.83 -62.58
C ALA V 648 -20.47 -39.67 -61.73
N PHE V 649 -21.77 -39.40 -61.79
CA PHE V 649 -22.35 -38.32 -60.98
C PHE V 649 -22.37 -38.68 -59.51
N MET V 650 -22.69 -39.94 -59.19
CA MET V 650 -22.90 -40.33 -57.81
C MET V 650 -21.59 -40.41 -57.05
N THR V 651 -20.46 -40.60 -57.75
CA THR V 651 -19.16 -40.56 -57.09
C THR V 651 -18.89 -39.17 -56.52
N LEU V 652 -19.11 -38.13 -57.32
CA LEU V 652 -18.93 -36.77 -56.82
C LEU V 652 -19.97 -36.45 -55.76
N ALA V 653 -21.20 -36.95 -55.92
CA ALA V 653 -22.21 -36.76 -54.88
C ALA V 653 -21.76 -37.37 -53.55
N ASN V 654 -21.16 -38.57 -53.61
CA ASN V 654 -20.61 -39.21 -52.41
C ASN V 654 -19.49 -38.38 -51.81
N MET V 655 -18.57 -37.88 -52.64
CA MET V 655 -17.43 -37.14 -52.10
C MET V 655 -17.88 -35.84 -51.46
N MET V 656 -18.93 -35.22 -51.98
CA MET V 656 -19.32 -33.89 -51.52
C MET V 656 -20.38 -33.92 -50.43
N VAL V 657 -20.43 -35.00 -49.64
CA VAL V 657 -21.34 -35.06 -48.50
C VAL V 657 -20.82 -34.15 -47.39
N GLY V 658 -21.72 -33.37 -46.80
CA GLY V 658 -21.36 -32.46 -45.74
C GLY V 658 -20.99 -31.07 -46.18
N PHE V 659 -20.89 -30.84 -47.50
CA PHE V 659 -20.63 -29.52 -48.05
C PHE V 659 -21.79 -28.99 -48.87
N GLU V 660 -22.57 -29.88 -49.48
CA GLU V 660 -23.78 -29.49 -50.20
C GLU V 660 -24.64 -30.73 -50.40
N THR V 661 -25.96 -30.55 -50.27
CA THR V 661 -26.90 -31.64 -50.28
C THR V 661 -27.78 -31.60 -51.52
N ILE V 662 -28.43 -32.73 -51.81
CA ILE V 662 -29.36 -32.86 -52.92
C ILE V 662 -30.62 -33.54 -52.42
N PRO V 663 -31.77 -33.29 -53.03
CA PRO V 663 -33.00 -33.96 -52.58
C PRO V 663 -32.98 -35.46 -52.88
N MET V 664 -33.46 -36.24 -51.92
CA MET V 664 -33.53 -37.69 -52.05
C MET V 664 -34.97 -38.13 -52.23
N ASP V 665 -35.14 -39.22 -52.99
CA ASP V 665 -36.49 -39.71 -53.29
C ASP V 665 -37.13 -40.44 -52.12
N ASN V 666 -36.34 -41.17 -51.33
CA ASN V 666 -36.88 -41.94 -50.22
C ASN V 666 -35.96 -41.82 -49.01
N GLN V 667 -36.51 -42.14 -47.84
CA GLN V 667 -35.74 -42.09 -46.60
C GLN V 667 -34.86 -43.31 -46.40
N ILE V 668 -35.07 -44.38 -47.17
CA ILE V 668 -34.22 -45.56 -47.06
C ILE V 668 -32.80 -45.23 -47.51
N TYR V 669 -32.67 -44.51 -48.63
CA TYR V 669 -31.36 -44.21 -49.18
C TYR V 669 -30.86 -42.85 -48.68
N THR V 670 -29.61 -42.56 -49.00
CA THR V 670 -28.95 -41.33 -48.57
C THR V 670 -27.92 -40.94 -49.63
N GLN V 671 -27.60 -39.66 -49.67
CA GLN V 671 -26.56 -39.18 -50.58
C GLN V 671 -25.25 -39.93 -50.36
N SER V 672 -24.94 -40.25 -49.10
CA SER V 672 -23.70 -40.94 -48.77
C SER V 672 -23.90 -42.46 -48.83
N ARG V 673 -24.15 -42.93 -50.05
CA ARG V 673 -24.15 -44.36 -50.35
C ARG V 673 -23.19 -44.60 -51.51
N ARG V 674 -22.51 -45.74 -51.47
CA ARG V 674 -21.41 -45.99 -52.39
C ARG V 674 -21.90 -46.04 -53.83
N ALA V 675 -21.07 -45.51 -54.73
CA ALA V 675 -21.39 -45.49 -56.15
C ALA V 675 -21.24 -46.84 -56.83
N SER V 676 -20.62 -47.82 -56.16
CA SER V 676 -20.49 -49.15 -56.72
C SER V 676 -21.83 -49.90 -56.73
N ALA V 677 -22.80 -49.45 -55.94
CA ALA V 677 -24.10 -50.11 -55.86
C ALA V 677 -25.07 -49.67 -56.94
N PHE V 678 -24.71 -48.69 -57.76
CA PHE V 678 -25.59 -48.18 -58.80
C PHE V 678 -25.33 -48.91 -60.11
N SER V 679 -25.49 -50.24 -60.06
CA SER V 679 -25.24 -51.12 -61.19
C SER V 679 -26.51 -51.53 -61.93
N THR V 680 -27.66 -50.97 -61.55
CA THR V 680 -28.92 -51.38 -62.13
C THR V 680 -29.73 -50.13 -62.49
N PRO V 681 -30.45 -50.15 -63.62
CA PRO V 681 -31.24 -48.97 -63.99
C PRO V 681 -32.28 -48.56 -62.98
N HIS V 682 -32.79 -49.49 -62.17
CA HIS V 682 -33.83 -49.13 -61.21
C HIS V 682 -33.31 -48.31 -60.04
N THR V 683 -32.04 -47.92 -60.04
CA THR V 683 -31.45 -47.15 -58.95
C THR V 683 -30.98 -45.78 -59.43
N TRP V 684 -31.58 -45.26 -60.51
CA TRP V 684 -31.22 -43.94 -61.00
C TRP V 684 -31.96 -42.88 -60.21
N PRO V 685 -31.27 -41.99 -59.51
CA PRO V 685 -31.97 -40.99 -58.69
C PRO V 685 -32.81 -40.04 -59.53
N ARG V 686 -33.98 -39.67 -58.99
CA ARG V 686 -34.86 -38.73 -59.68
C ARG V 686 -34.22 -37.35 -59.78
N CYS V 687 -33.39 -36.98 -58.80
CA CYS V 687 -32.67 -35.71 -58.88
C CYS V 687 -31.70 -35.70 -60.05
N PHE V 688 -31.08 -36.84 -60.36
CA PHE V 688 -30.24 -36.93 -61.55
C PHE V 688 -31.06 -37.00 -62.81
N MET V 689 -32.23 -37.63 -62.76
CA MET V 689 -33.11 -37.67 -63.94
C MET V 689 -33.58 -36.27 -64.33
N ASN V 690 -34.05 -35.49 -63.36
CA ASN V 690 -34.55 -34.15 -63.58
C ASN V 690 -33.61 -33.16 -62.89
N ILE V 691 -32.90 -32.35 -63.69
CA ILE V 691 -31.94 -31.41 -63.13
C ILE V 691 -32.61 -30.30 -62.35
N GLN V 692 -33.85 -29.95 -62.71
CA GLN V 692 -34.53 -28.84 -62.06
C GLN V 692 -34.72 -29.05 -60.56
N LEU V 693 -34.69 -30.30 -60.09
CA LEU V 693 -34.82 -30.56 -58.67
C LEU V 693 -33.56 -30.19 -57.89
N ILE V 694 -32.41 -30.20 -58.53
CA ILE V 694 -31.15 -29.82 -57.87
C ILE V 694 -31.14 -28.31 -57.74
N SER V 695 -31.21 -27.82 -56.50
CA SER V 695 -31.25 -26.38 -56.28
C SER V 695 -29.87 -25.77 -56.50
N PRO V 696 -29.76 -24.73 -57.34
CA PRO V 696 -28.43 -24.14 -57.60
C PRO V 696 -27.79 -23.53 -56.36
N ILE V 697 -28.58 -23.05 -55.40
CA ILE V 697 -28.00 -22.44 -54.21
C ILE V 697 -27.35 -23.51 -53.33
N ASP V 698 -27.97 -24.68 -53.22
CA ASP V 698 -27.49 -25.76 -52.37
C ASP V 698 -26.63 -26.77 -53.13
N ALA V 699 -26.41 -26.57 -54.42
CA ALA V 699 -25.55 -27.49 -55.15
C ALA V 699 -24.99 -26.86 -56.42
N PRO V 700 -24.23 -25.77 -56.32
CA PRO V 700 -23.68 -25.15 -57.54
C PRO V 700 -22.73 -26.06 -58.30
N ILE V 701 -22.00 -26.93 -57.62
CA ILE V 701 -21.05 -27.81 -58.29
C ILE V 701 -21.73 -29.08 -58.80
N LEU V 702 -22.63 -29.65 -57.99
CA LEU V 702 -23.33 -30.86 -58.43
C LEU V 702 -24.24 -30.58 -59.61
N ARG V 703 -24.90 -29.41 -59.62
CA ARG V 703 -25.74 -29.07 -60.76
C ARG V 703 -24.90 -28.91 -62.03
N GLN V 704 -23.74 -28.27 -61.91
CA GLN V 704 -22.86 -28.14 -63.08
C GLN V 704 -22.38 -29.50 -63.57
N TRP V 705 -22.03 -30.39 -62.64
CA TRP V 705 -21.59 -31.73 -63.05
C TRP V 705 -22.70 -32.50 -63.73
N ALA V 706 -23.93 -32.40 -63.21
CA ALA V 706 -25.05 -33.07 -63.84
C ALA V 706 -25.33 -32.50 -65.23
N GLU V 707 -25.25 -31.18 -65.38
CA GLU V 707 -25.43 -30.57 -66.69
C GLU V 707 -24.35 -31.03 -67.67
N ILE V 708 -23.10 -31.10 -67.20
CA ILE V 708 -22.01 -31.56 -68.04
C ILE V 708 -22.24 -33.00 -68.50
N ILE V 709 -22.67 -33.86 -67.58
CA ILE V 709 -22.93 -35.26 -67.94
C ILE V 709 -24.06 -35.35 -68.95
N HIS V 710 -25.15 -34.63 -68.73
CA HIS V 710 -26.28 -34.69 -69.65
C HIS V 710 -25.97 -34.05 -71.01
N ARG V 711 -24.99 -33.14 -71.07
CA ARG V 711 -24.71 -32.42 -72.31
C ARG V 711 -23.60 -33.07 -73.14
N TYR V 712 -22.51 -33.48 -72.50
CA TYR V 712 -21.29 -33.84 -73.23
C TYR V 712 -20.92 -35.31 -73.10
N TRP V 713 -21.84 -36.16 -72.64
CA TRP V 713 -21.56 -37.59 -72.66
C TRP V 713 -21.52 -38.09 -74.10
N PRO V 714 -20.54 -38.93 -74.45
CA PRO V 714 -20.39 -39.34 -75.84
C PRO V 714 -21.64 -40.04 -76.38
N ASN V 715 -21.99 -39.69 -77.62
CA ASN V 715 -23.18 -40.26 -78.26
C ASN V 715 -22.82 -41.56 -78.98
N PRO V 716 -23.65 -42.59 -78.88
CA PRO V 716 -23.38 -43.82 -79.61
C PRO V 716 -23.54 -43.65 -81.11
N SER V 717 -22.97 -44.58 -81.85
CA SER V 717 -23.01 -44.55 -83.31
C SER V 717 -22.93 -45.98 -83.82
N GLN V 718 -22.74 -46.12 -85.14
CA GLN V 718 -22.66 -47.43 -85.76
C GLN V 718 -21.82 -47.32 -87.03
N ILE V 719 -21.32 -48.47 -87.48
CA ILE V 719 -20.48 -48.54 -88.67
C ILE V 719 -20.84 -49.80 -89.45
N ARG V 720 -20.76 -49.70 -90.77
CA ARG V 720 -21.08 -50.82 -91.65
C ARG V 720 -19.86 -51.72 -91.78
N TYR V 721 -20.06 -53.03 -91.61
CA TYR V 721 -18.98 -53.99 -91.63
C TYR V 721 -19.39 -55.24 -92.41
N GLY V 722 -18.39 -55.93 -92.93
CA GLY V 722 -18.62 -57.21 -93.57
C GLY V 722 -19.39 -57.09 -94.88
N THR V 723 -19.95 -58.23 -95.30
CA THR V 723 -20.78 -58.30 -96.49
C THR V 723 -21.97 -59.21 -96.26
N PRO V 724 -23.19 -58.69 -96.41
CA PRO V 724 -24.38 -59.51 -96.13
C PRO V 724 -24.82 -60.35 -97.32
N ASN V 725 -24.47 -59.91 -98.52
CA ASN V 725 -25.02 -60.54 -99.73
C ASN V 725 -24.46 -61.94 -99.95
N VAL V 726 -23.22 -62.19 -99.57
CA VAL V 726 -22.56 -63.44 -99.92
C VAL V 726 -22.06 -64.18 -98.69
N PHE V 727 -21.79 -63.45 -97.61
CA PHE V 727 -21.41 -64.05 -96.34
C PHE V 727 -22.57 -64.12 -95.35
N GLY V 728 -23.72 -63.53 -95.67
CA GLY V 728 -24.79 -63.49 -94.70
C GLY V 728 -24.41 -62.60 -93.52
N SER V 729 -25.08 -62.86 -92.39
CA SER V 729 -24.81 -62.10 -91.18
C SER V 729 -25.40 -62.79 -89.95
N ALA V 730 -24.62 -62.88 -88.88
CA ALA V 730 -25.06 -63.44 -87.61
C ALA V 730 -25.52 -62.35 -86.64
N ASN V 731 -26.04 -61.25 -87.15
CA ASN V 731 -26.45 -60.13 -86.31
C ASN V 731 -27.86 -60.34 -85.77
N LEU V 732 -28.02 -60.19 -84.46
CA LEU V 732 -29.32 -60.30 -83.81
C LEU V 732 -29.61 -59.00 -83.08
N PHE V 733 -30.89 -58.61 -83.06
CA PHE V 733 -31.34 -57.33 -82.52
C PHE V 733 -30.68 -56.16 -83.25
N THR V 734 -30.28 -56.38 -84.50
CA THR V 734 -29.48 -55.41 -85.24
C THR V 734 -29.63 -55.69 -86.73
N PRO V 735 -29.75 -54.68 -87.57
CA PRO V 735 -29.76 -54.94 -89.01
C PRO V 735 -28.48 -55.63 -89.44
N PRO V 736 -28.55 -56.49 -90.45
CA PRO V 736 -27.43 -57.41 -90.73
C PRO V 736 -26.19 -56.77 -91.32
N GLU V 737 -26.10 -55.43 -91.41
CA GLU V 737 -24.98 -54.80 -92.09
C GLU V 737 -24.21 -53.80 -91.24
N VAL V 738 -24.60 -53.57 -89.99
CA VAL V 738 -23.99 -52.54 -89.17
C VAL V 738 -23.41 -53.16 -87.90
N LEU V 739 -22.62 -52.36 -87.19
CA LEU V 739 -22.00 -52.75 -85.93
C LEU V 739 -21.97 -51.53 -85.03
N LEU V 740 -22.76 -51.56 -83.96
CA LEU V 740 -22.92 -50.40 -83.09
C LEU V 740 -21.67 -50.17 -82.26
N LEU V 741 -21.44 -48.92 -81.89
CA LEU V 741 -20.35 -48.51 -81.03
C LEU V 741 -20.85 -47.56 -79.96
N PRO V 742 -20.23 -47.54 -78.79
CA PRO V 742 -20.56 -46.54 -77.77
C PRO V 742 -19.84 -45.20 -77.93
N ILE V 743 -19.18 -44.99 -79.07
CA ILE V 743 -18.47 -43.74 -79.36
C ILE V 743 -18.81 -43.35 -80.79
N ASP V 744 -18.66 -42.06 -81.09
CA ASP V 744 -18.87 -41.60 -82.45
C ASP V 744 -17.62 -41.85 -83.29
N HIS V 745 -17.83 -41.95 -84.60
CA HIS V 745 -16.74 -42.23 -85.53
C HIS V 745 -16.77 -41.23 -86.67
N GLN V 746 -15.60 -40.91 -87.19
CA GLN V 746 -15.40 -39.95 -88.26
C GLN V 746 -14.48 -40.57 -89.31
N PRO V 747 -14.54 -40.07 -90.55
CA PRO V 747 -13.64 -40.59 -91.58
C PRO V 747 -12.18 -40.37 -91.21
N ALA V 748 -11.35 -41.33 -91.60
CA ALA V 748 -9.97 -41.39 -91.14
C ALA V 748 -9.07 -40.47 -91.96
N ASN V 749 -8.34 -39.60 -91.27
CA ASN V 749 -7.30 -38.79 -91.90
C ASN V 749 -6.40 -38.27 -90.79
N VAL V 750 -5.14 -38.67 -90.78
CA VAL V 750 -4.22 -38.26 -89.72
C VAL V 750 -3.57 -36.96 -90.17
N THR V 751 -4.35 -35.88 -90.07
CA THR V 751 -3.82 -34.53 -90.17
C THR V 751 -4.52 -33.55 -89.25
N THR V 752 -5.48 -34.00 -88.43
CA THR V 752 -6.27 -33.11 -87.60
C THR V 752 -5.53 -32.75 -86.32
N PRO V 753 -5.76 -31.55 -85.78
CA PRO V 753 -5.09 -31.16 -84.54
C PRO V 753 -5.39 -32.11 -83.40
N THR V 754 -4.36 -32.40 -82.59
CA THR V 754 -4.56 -33.21 -81.40
C THR V 754 -5.47 -32.49 -80.42
N LEU V 755 -5.28 -31.18 -80.25
CA LEU V 755 -6.19 -30.35 -79.48
C LEU V 755 -7.35 -29.99 -80.40
N ASP V 756 -8.49 -30.65 -80.20
CA ASP V 756 -9.65 -30.43 -81.05
C ASP V 756 -10.88 -30.81 -80.24
N PHE V 757 -11.70 -29.82 -79.90
CA PHE V 757 -12.86 -30.04 -79.05
C PHE V 757 -14.09 -30.47 -79.83
N THR V 758 -14.00 -30.56 -81.16
CA THR V 758 -15.02 -31.27 -81.92
C THR V 758 -15.04 -32.74 -81.54
N ASN V 759 -13.86 -33.31 -81.27
CA ASN V 759 -13.77 -34.67 -80.78
C ASN V 759 -14.36 -34.75 -79.38
N GLU V 760 -15.34 -35.64 -79.21
CA GLU V 760 -16.10 -35.65 -77.96
C GLU V 760 -15.27 -36.09 -76.78
N LEU V 761 -14.31 -37.00 -76.98
CA LEU V 761 -13.46 -37.43 -75.88
C LEU V 761 -12.57 -36.30 -75.38
N THR V 762 -11.98 -35.53 -76.30
CA THR V 762 -11.20 -34.37 -75.90
C THR V 762 -12.07 -33.33 -75.22
N ASN V 763 -13.28 -33.12 -75.74
CA ASN V 763 -14.20 -32.19 -75.10
C ASN V 763 -14.56 -32.65 -73.69
N TRP V 764 -14.76 -33.95 -73.51
CA TRP V 764 -15.07 -34.50 -72.20
C TRP V 764 -13.93 -34.28 -71.22
N ARG V 765 -12.69 -34.54 -71.68
CA ARG V 765 -11.53 -34.30 -70.82
C ARG V 765 -11.43 -32.84 -70.44
N ALA V 766 -11.63 -31.94 -71.41
CA ALA V 766 -11.55 -30.50 -71.12
C ALA V 766 -12.62 -30.08 -70.12
N ARG V 767 -13.85 -30.58 -70.27
CA ARG V 767 -14.91 -30.21 -69.35
C ARG V 767 -14.68 -30.78 -67.96
N VAL V 768 -14.15 -31.99 -67.85
CA VAL V 768 -13.80 -32.53 -66.53
C VAL V 768 -12.73 -31.67 -65.87
N CYS V 769 -11.72 -31.28 -66.64
CA CYS V 769 -10.68 -30.41 -66.09
C CYS V 769 -11.25 -29.07 -65.64
N GLU V 770 -12.18 -28.50 -66.43
CA GLU V 770 -12.80 -27.24 -66.03
C GLU V 770 -13.63 -27.41 -64.77
N LEU V 771 -14.34 -28.53 -64.62
CA LEU V 771 -15.09 -28.77 -63.39
C LEU V 771 -14.17 -28.85 -62.19
N MET V 772 -13.05 -29.58 -62.32
CA MET V 772 -12.10 -29.64 -61.22
C MET V 772 -11.53 -28.27 -60.90
N LYS V 773 -11.23 -27.47 -61.92
CA LYS V 773 -10.72 -26.13 -61.70
C LYS V 773 -11.73 -25.27 -60.94
N ASN V 774 -13.01 -25.35 -61.32
CA ASN V 774 -14.05 -24.60 -60.61
C ASN V 774 -14.19 -25.10 -59.17
N LEU V 775 -14.04 -26.42 -58.97
CA LEU V 775 -14.15 -26.98 -57.63
C LEU V 775 -13.03 -26.47 -56.73
N VAL V 776 -11.82 -26.38 -57.26
CA VAL V 776 -10.66 -26.02 -56.43
C VAL V 776 -10.43 -24.51 -56.34
N ASP V 777 -10.98 -23.72 -57.28
CA ASP V 777 -10.57 -22.33 -57.41
C ASP V 777 -10.86 -21.52 -56.14
N ASN V 778 -12.07 -21.66 -55.59
CA ASN V 778 -12.51 -20.80 -54.50
C ASN V 778 -12.01 -21.26 -53.13
N GLN V 779 -11.31 -22.41 -53.07
CA GLN V 779 -10.64 -22.90 -51.87
C GLN V 779 -11.63 -23.34 -50.80
N ARG V 780 -12.92 -23.08 -50.99
CA ARG V 780 -13.89 -23.72 -50.12
C ARG V 780 -14.05 -25.18 -50.54
N TYR V 781 -14.63 -25.97 -49.64
CA TYR V 781 -14.70 -27.44 -49.68
C TYR V 781 -13.36 -28.05 -49.29
N GLN V 782 -12.33 -27.24 -49.05
CA GLN V 782 -11.02 -27.73 -48.63
C GLN V 782 -10.53 -26.95 -47.41
N PRO V 783 -11.19 -27.12 -46.25
CA PRO V 783 -10.63 -26.53 -45.03
C PRO V 783 -9.60 -27.47 -44.41
N GLY V 784 -8.41 -26.95 -44.13
CA GLY V 784 -7.29 -27.74 -43.62
C GLY V 784 -6.04 -27.62 -44.47
N TRP V 785 -6.20 -27.32 -45.76
CA TRP V 785 -5.05 -27.05 -46.61
C TRP V 785 -4.36 -25.77 -46.12
N THR V 786 -3.20 -25.93 -45.49
CA THR V 786 -2.52 -24.81 -44.86
C THR V 786 -1.87 -23.86 -45.85
N GLN V 787 -1.78 -24.23 -47.12
CA GLN V 787 -1.17 -23.40 -48.14
C GLN V 787 -2.16 -23.17 -49.28
N SER V 788 -1.85 -22.17 -50.11
CA SER V 788 -2.69 -21.83 -51.26
C SER V 788 -2.30 -22.72 -52.44
N LEU V 789 -2.73 -23.98 -52.36
CA LEU V 789 -2.43 -24.97 -53.37
C LEU V 789 -3.28 -24.80 -54.63
N VAL V 790 -4.12 -23.76 -54.69
CA VAL V 790 -4.94 -23.54 -55.88
C VAL V 790 -4.07 -23.21 -57.09
N SER V 791 -2.98 -22.45 -56.88
CA SER V 791 -2.10 -22.09 -57.98
C SER V 791 -1.42 -23.31 -58.61
N SER V 792 -1.22 -24.37 -57.84
CA SER V 792 -0.65 -25.60 -58.39
C SER V 792 -1.72 -26.52 -58.95
N MET V 793 -2.87 -26.59 -58.29
CA MET V 793 -3.97 -27.43 -58.79
C MET V 793 -4.43 -26.95 -60.15
N ARG V 794 -4.65 -25.64 -60.31
CA ARG V 794 -5.08 -25.12 -61.60
C ARG V 794 -4.03 -25.37 -62.67
N GLY V 795 -2.75 -25.22 -62.33
CA GLY V 795 -1.70 -25.45 -63.30
C GLY V 795 -1.66 -26.88 -63.78
N THR V 796 -1.71 -27.83 -62.85
CA THR V 796 -1.65 -29.24 -63.25
C THR V 796 -2.93 -29.65 -63.99
N LEU V 797 -4.09 -29.11 -63.61
CA LEU V 797 -5.31 -29.40 -64.36
C LEU V 797 -5.24 -28.84 -65.77
N GLY V 798 -4.67 -27.65 -65.93
CA GLY V 798 -4.48 -27.10 -67.27
C GLY V 798 -3.52 -27.93 -68.09
N LYS V 799 -2.45 -28.42 -67.48
CA LYS V 799 -1.52 -29.30 -68.19
C LYS V 799 -2.21 -30.57 -68.65
N LEU V 800 -3.01 -31.19 -67.79
CA LEU V 800 -3.75 -32.38 -68.18
C LEU V 800 -4.75 -32.08 -69.28
N LYS V 801 -5.40 -30.91 -69.23
CA LYS V 801 -6.35 -30.54 -70.27
C LYS V 801 -5.65 -30.34 -71.61
N LEU V 802 -4.47 -29.72 -71.60
CA LEU V 802 -3.75 -29.39 -72.82
C LEU V 802 -2.65 -30.39 -73.15
N ILE V 803 -2.72 -31.60 -72.59
CA ILE V 803 -1.74 -32.64 -72.90
C ILE V 803 -1.79 -32.98 -74.39
N LYS V 804 -0.74 -33.67 -74.85
CA LYS V 804 -0.48 -33.93 -76.26
C LYS V 804 -1.05 -35.26 -76.76
N SER V 805 -1.84 -35.97 -75.94
CA SER V 805 -2.25 -37.32 -76.30
C SER V 805 -3.10 -37.33 -77.57
N MET V 806 -2.94 -38.40 -78.36
CA MET V 806 -3.71 -38.59 -79.58
C MET V 806 -4.65 -39.78 -79.50
N THR V 807 -4.78 -40.39 -78.32
CA THR V 807 -5.73 -41.49 -78.15
C THR V 807 -7.18 -41.10 -78.45
N PRO V 808 -7.68 -39.92 -78.07
CA PRO V 808 -9.03 -39.55 -78.51
C PRO V 808 -9.17 -39.51 -80.03
N MET V 809 -8.13 -39.05 -80.73
CA MET V 809 -8.16 -39.08 -82.19
C MET V 809 -8.20 -40.51 -82.70
N TYR V 810 -7.36 -41.38 -82.13
CA TYR V 810 -7.29 -42.76 -82.58
C TYR V 810 -8.62 -43.48 -82.40
N LEU V 811 -9.20 -43.39 -81.19
CA LEU V 811 -10.38 -44.18 -80.87
C LEU V 811 -11.57 -43.85 -81.75
N GLN V 812 -11.59 -42.66 -82.36
CA GLN V 812 -12.69 -42.29 -83.23
C GLN V 812 -12.35 -42.29 -84.72
N GLN V 813 -11.06 -42.29 -85.07
CA GLN V 813 -10.71 -42.28 -86.49
C GLN V 813 -10.20 -43.62 -87.01
N LEU V 814 -9.62 -44.46 -86.17
CA LEU V 814 -9.08 -45.73 -86.66
C LEU V 814 -9.68 -46.95 -86.00
N ALA V 815 -9.90 -46.92 -84.69
CA ALA V 815 -10.38 -48.11 -83.98
C ALA V 815 -11.62 -48.76 -84.60
N PRO V 816 -12.64 -48.02 -85.03
CA PRO V 816 -13.73 -48.68 -85.76
C PRO V 816 -13.27 -49.40 -87.01
N VAL V 817 -12.22 -48.92 -87.68
CA VAL V 817 -11.75 -49.58 -88.89
C VAL V 817 -11.18 -50.96 -88.55
N GLU V 818 -10.31 -51.04 -87.53
CA GLU V 818 -9.81 -52.35 -87.13
C GLU V 818 -10.93 -53.25 -86.64
N LEU V 819 -11.87 -52.69 -85.87
CA LEU V 819 -12.97 -53.52 -85.37
C LEU V 819 -13.79 -54.10 -86.52
N ALA V 820 -14.09 -53.27 -87.53
CA ALA V 820 -14.86 -53.75 -88.67
C ALA V 820 -14.06 -54.72 -89.52
N VAL V 821 -12.73 -54.59 -89.53
CA VAL V 821 -11.91 -55.56 -90.26
C VAL V 821 -11.94 -56.92 -89.57
N ILE V 822 -11.74 -56.95 -88.25
CA ILE V 822 -11.66 -58.22 -87.55
C ILE V 822 -13.03 -58.89 -87.43
N ALA V 823 -14.10 -58.09 -87.33
CA ALA V 823 -15.42 -58.64 -86.99
C ALA V 823 -15.88 -59.78 -87.90
N PRO V 824 -15.79 -59.69 -89.24
CA PRO V 824 -16.20 -60.84 -90.04
C PRO V 824 -15.28 -62.04 -89.93
N MET V 825 -14.05 -61.85 -89.46
CA MET V 825 -13.04 -62.91 -89.43
C MET V 825 -13.02 -63.66 -88.11
N LEU V 826 -13.93 -63.36 -87.19
CA LEU V 826 -13.83 -63.89 -85.85
C LEU V 826 -14.51 -65.26 -85.74
N PRO V 827 -13.93 -66.19 -84.96
CA PRO V 827 -14.61 -67.47 -84.74
C PRO V 827 -15.95 -67.31 -84.05
N PHE V 828 -16.08 -66.32 -83.16
CA PHE V 828 -17.32 -66.02 -82.46
C PHE V 828 -17.83 -64.67 -82.95
N PRO V 829 -18.80 -64.65 -83.86
CA PRO V 829 -19.28 -63.37 -84.39
C PRO V 829 -19.87 -62.53 -83.29
N PRO V 830 -19.76 -61.21 -83.38
CA PRO V 830 -20.16 -60.34 -82.27
C PRO V 830 -21.63 -60.49 -81.93
N PHE V 831 -21.92 -60.64 -80.65
CA PHE V 831 -23.26 -60.61 -80.10
C PHE V 831 -23.40 -59.30 -79.34
N GLN V 832 -24.30 -58.44 -79.80
CA GLN V 832 -24.29 -57.04 -79.38
C GLN V 832 -25.71 -56.57 -79.08
N VAL V 833 -25.81 -55.56 -78.22
CA VAL V 833 -27.08 -55.05 -77.70
C VAL V 833 -27.08 -53.53 -77.88
N PRO V 834 -28.21 -52.91 -78.18
CA PRO V 834 -28.22 -51.47 -78.46
C PRO V 834 -27.70 -50.62 -77.31
N TYR V 835 -27.05 -49.52 -77.67
CA TYR V 835 -26.47 -48.57 -76.72
C TYR V 835 -27.38 -47.36 -76.57
N VAL V 836 -27.61 -46.94 -75.32
CA VAL V 836 -28.38 -45.73 -75.03
C VAL V 836 -27.62 -44.93 -73.98
N ARG V 837 -27.62 -43.60 -74.14
CA ARG V 837 -26.86 -42.74 -73.23
C ARG V 837 -27.57 -42.55 -71.90
N LEU V 838 -28.74 -41.90 -71.93
CA LEU V 838 -29.46 -41.55 -70.72
C LEU V 838 -30.93 -41.94 -70.77
N ASP V 839 -31.41 -42.48 -71.89
CA ASP V 839 -32.82 -42.85 -72.02
C ASP V 839 -33.03 -44.12 -71.22
N ARG V 840 -33.33 -43.95 -69.93
CA ARG V 840 -33.51 -45.07 -69.03
C ARG V 840 -34.69 -45.94 -69.40
N ASP V 841 -35.65 -45.40 -70.17
CA ASP V 841 -36.83 -46.16 -70.53
C ASP V 841 -36.56 -47.28 -71.53
N ARG V 842 -35.36 -47.33 -72.12
CA ARG V 842 -35.00 -48.37 -73.06
C ARG V 842 -33.59 -48.89 -72.79
N VAL V 843 -33.28 -49.14 -71.52
CA VAL V 843 -31.98 -49.68 -71.12
C VAL V 843 -32.13 -51.19 -70.95
N PRO V 844 -31.37 -52.00 -71.69
CA PRO V 844 -31.51 -53.46 -71.58
C PRO V 844 -31.19 -53.95 -70.17
N THR V 845 -31.93 -54.97 -69.73
CA THR V 845 -31.74 -55.53 -68.40
C THR V 845 -31.73 -57.05 -68.34
N MET V 846 -32.09 -57.75 -69.40
CA MET V 846 -32.14 -59.21 -69.35
C MET V 846 -32.01 -59.78 -70.76
N VAL V 847 -31.30 -60.89 -70.86
CA VAL V 847 -31.14 -61.62 -72.13
C VAL V 847 -31.36 -63.09 -71.85
N GLY V 848 -32.25 -63.71 -72.62
CA GLY V 848 -32.59 -65.11 -72.41
C GLY V 848 -32.82 -65.83 -73.71
N VAL V 849 -32.77 -67.16 -73.63
CA VAL V 849 -32.99 -68.04 -74.77
C VAL V 849 -34.09 -69.02 -74.40
N THR V 850 -35.05 -69.19 -75.30
CA THR V 850 -36.19 -70.08 -75.05
C THR V 850 -36.19 -71.22 -76.06
N ARG V 851 -36.75 -72.35 -75.65
CA ARG V 851 -36.81 -73.55 -76.45
C ARG V 851 -38.18 -73.83 -77.04
N GLN V 852 -39.25 -73.37 -76.39
CA GLN V 852 -40.59 -73.75 -76.76
C GLN V 852 -41.15 -72.81 -77.83
N SER V 853 -42.13 -73.32 -78.57
CA SER V 853 -42.80 -72.52 -79.59
C SER V 853 -43.69 -71.48 -78.93
N ARG V 854 -44.08 -70.48 -79.71
CA ARG V 854 -44.88 -69.37 -79.20
C ARG V 854 -46.35 -69.74 -79.00
N ASP V 855 -46.80 -70.85 -79.60
CA ASP V 855 -48.20 -71.26 -79.52
C ASP V 855 -48.43 -72.34 -78.47
N THR V 856 -47.57 -72.42 -77.46
CA THR V 856 -47.71 -73.42 -76.41
C THR V 856 -47.51 -72.76 -75.04
N ILE V 857 -48.10 -73.38 -74.02
CA ILE V 857 -47.93 -72.98 -72.63
C ILE V 857 -47.39 -74.18 -71.87
N THR V 858 -46.28 -73.97 -71.16
CA THR V 858 -45.63 -75.06 -70.44
C THR V 858 -44.89 -74.48 -69.24
N GLN V 859 -44.04 -75.30 -68.62
CA GLN V 859 -43.27 -74.85 -67.49
C GLN V 859 -42.30 -73.76 -67.93
N PRO V 860 -42.26 -72.62 -67.24
CA PRO V 860 -41.31 -71.57 -67.62
C PRO V 860 -39.88 -71.91 -67.21
N ALA V 861 -39.06 -72.30 -68.18
CA ALA V 861 -37.67 -72.69 -67.94
C ALA V 861 -36.77 -71.58 -68.46
N LEU V 862 -36.50 -70.60 -67.62
CA LEU V 862 -35.63 -69.50 -68.00
C LEU V 862 -34.20 -69.99 -68.21
N SER V 863 -33.56 -69.49 -69.26
CA SER V 863 -32.17 -69.84 -69.52
C SER V 863 -31.26 -69.24 -68.45
N LEU V 864 -30.08 -69.84 -68.30
CA LEU V 864 -29.14 -69.38 -67.28
C LEU V 864 -28.62 -67.98 -67.57
N SER V 865 -28.77 -67.49 -68.81
CA SER V 865 -28.26 -66.17 -69.15
C SER V 865 -29.02 -65.05 -68.48
N THR V 866 -30.18 -65.31 -67.88
CA THR V 866 -30.98 -64.28 -67.23
C THR V 866 -30.64 -64.11 -65.76
N THR V 867 -29.75 -64.92 -65.20
CA THR V 867 -29.48 -64.89 -63.77
C THR V 867 -28.48 -63.80 -63.37
N ASN V 868 -27.88 -63.09 -64.33
CA ASN V 868 -26.95 -62.02 -64.01
C ASN V 868 -27.70 -60.74 -63.68
N THR V 869 -27.17 -60.00 -62.70
CA THR V 869 -27.73 -58.68 -62.39
C THR V 869 -27.60 -57.74 -63.58
N THR V 870 -26.45 -57.74 -64.24
CA THR V 870 -26.24 -56.97 -65.45
C THR V 870 -26.76 -57.74 -66.66
N VAL V 871 -26.46 -57.24 -67.86
CA VAL V 871 -26.89 -57.94 -69.07
C VAL V 871 -26.18 -59.28 -69.20
N GLY V 872 -24.88 -59.31 -68.94
CA GLY V 872 -24.12 -60.54 -69.06
C GLY V 872 -23.16 -60.77 -67.91
N VAL V 873 -22.13 -61.58 -68.15
CA VAL V 873 -21.13 -61.87 -67.12
C VAL V 873 -20.38 -60.59 -66.77
N PRO V 874 -20.22 -60.26 -65.48
CA PRO V 874 -19.52 -59.02 -65.12
C PRO V 874 -18.02 -59.15 -65.32
N LEU V 875 -17.43 -58.14 -65.94
CA LEU V 875 -15.99 -58.08 -66.15
C LEU V 875 -15.46 -56.77 -65.58
N ALA V 876 -14.29 -56.83 -64.94
CA ALA V 876 -13.71 -55.68 -64.26
C ALA V 876 -12.46 -55.21 -64.98
N LEU V 877 -12.27 -53.90 -65.01
CA LEU V 877 -11.12 -53.24 -65.62
C LEU V 877 -10.41 -52.39 -64.58
N ASP V 878 -9.37 -51.69 -65.05
CA ASP V 878 -8.58 -50.79 -64.20
C ASP V 878 -8.73 -49.37 -64.73
N ALA V 879 -9.42 -48.52 -63.97
CA ALA V 879 -9.60 -47.13 -64.38
C ALA V 879 -8.27 -46.43 -64.51
N ARG V 880 -7.32 -46.74 -63.63
CA ARG V 880 -5.99 -46.16 -63.73
C ARG V 880 -5.32 -46.53 -65.05
N ALA V 881 -5.39 -47.80 -65.44
CA ALA V 881 -4.78 -48.22 -66.69
C ALA V 881 -5.46 -47.56 -67.89
N ILE V 882 -6.79 -47.49 -67.87
CA ILE V 882 -7.52 -46.86 -68.97
C ILE V 882 -7.14 -45.39 -69.09
N THR V 883 -7.07 -44.69 -67.96
CA THR V 883 -6.73 -43.27 -67.99
C THR V 883 -5.29 -43.05 -68.43
N VAL V 884 -4.37 -43.92 -68.00
CA VAL V 884 -2.98 -43.78 -68.43
C VAL V 884 -2.88 -44.00 -69.94
N ALA V 885 -3.57 -45.01 -70.47
CA ALA V 885 -3.57 -45.22 -71.91
C ALA V 885 -4.25 -44.09 -72.67
N LEU V 886 -5.25 -43.45 -72.06
CA LEU V 886 -5.95 -42.35 -72.70
C LEU V 886 -5.16 -41.06 -72.72
N LEU V 887 -4.38 -40.81 -71.67
CA LEU V 887 -3.61 -39.58 -71.55
C LEU V 887 -2.28 -39.63 -72.29
N SER V 888 -1.97 -40.76 -72.92
CA SER V 888 -0.74 -40.89 -73.69
C SER V 888 -1.04 -41.63 -74.99
N GLY V 889 -0.01 -41.82 -75.80
CA GLY V 889 -0.21 -42.52 -77.07
C GLY V 889 0.22 -41.63 -78.22
N LYS V 890 1.03 -42.21 -79.11
CA LYS V 890 1.54 -41.46 -80.25
C LYS V 890 1.72 -42.40 -81.43
N TYR V 891 1.41 -41.89 -82.62
CA TYR V 891 1.64 -42.59 -83.88
C TYR V 891 3.12 -42.53 -84.25
N PRO V 892 3.60 -43.48 -85.05
CA PRO V 892 4.94 -43.35 -85.62
C PRO V 892 5.01 -42.12 -86.50
N PRO V 893 6.15 -41.41 -86.50
CA PRO V 893 6.25 -40.18 -87.29
C PRO V 893 6.04 -40.40 -88.79
N ASP V 894 6.45 -41.55 -89.31
CA ASP V 894 6.33 -41.85 -90.73
C ASP V 894 5.13 -42.73 -91.05
N LEU V 895 4.06 -42.61 -90.28
CA LEU V 895 2.89 -43.47 -90.45
C LEU V 895 2.18 -43.14 -91.76
N VAL V 896 1.90 -44.17 -92.55
CA VAL V 896 1.06 -44.07 -93.73
C VAL V 896 -0.06 -45.10 -93.58
N THR V 897 -1.30 -44.63 -93.54
CA THR V 897 -2.43 -45.51 -93.25
C THR V 897 -2.58 -46.58 -94.32
N ASN V 898 -2.47 -46.21 -95.59
CA ASN V 898 -2.64 -47.18 -96.67
C ASN V 898 -1.62 -48.31 -96.56
N VAL V 899 -0.35 -47.96 -96.42
CA VAL V 899 0.69 -48.97 -96.33
C VAL V 899 0.51 -49.82 -95.08
N TRP V 900 0.26 -49.18 -93.94
CA TRP V 900 0.13 -49.91 -92.68
C TRP V 900 -1.01 -50.92 -92.76
N TYR V 901 -2.19 -50.50 -93.23
CA TYR V 901 -3.33 -51.40 -93.23
C TYR V 901 -3.22 -52.46 -94.33
N ALA V 902 -2.70 -52.08 -95.50
CA ALA V 902 -2.50 -53.08 -96.55
C ALA V 902 -1.44 -54.10 -96.15
N ASP V 903 -0.55 -53.76 -95.23
CA ASP V 903 0.45 -54.71 -94.76
C ASP V 903 -0.06 -55.55 -93.60
N ALA V 904 -0.93 -54.99 -92.76
CA ALA V 904 -1.45 -55.73 -91.61
C ALA V 904 -2.61 -56.64 -91.96
N ILE V 905 -3.43 -56.26 -92.96
CA ILE V 905 -4.59 -57.07 -93.31
C ILE V 905 -4.18 -58.37 -93.96
N TYR V 906 -3.16 -58.33 -94.83
CA TYR V 906 -2.81 -59.49 -95.65
C TYR V 906 -2.53 -60.74 -94.83
N PRO V 907 -1.70 -60.72 -93.77
CA PRO V 907 -1.55 -61.95 -92.97
C PRO V 907 -2.83 -62.41 -92.31
N MET V 908 -3.71 -61.48 -91.93
CA MET V 908 -4.97 -61.87 -91.31
C MET V 908 -5.87 -62.61 -92.30
N TYR V 909 -6.06 -62.03 -93.49
CA TYR V 909 -6.92 -62.66 -94.49
C TYR V 909 -6.28 -63.89 -95.12
N ALA V 910 -4.95 -64.02 -95.03
CA ALA V 910 -4.29 -65.22 -95.51
C ALA V 910 -4.46 -66.40 -94.57
N ASP V 911 -4.96 -66.16 -93.36
CA ASP V 911 -5.17 -67.20 -92.36
C ASP V 911 -6.65 -67.26 -91.95
N THR V 912 -7.54 -67.02 -92.90
CA THR V 912 -8.96 -66.92 -92.60
C THR V 912 -9.61 -68.30 -92.54
N GLU V 913 -10.74 -68.37 -91.83
CA GLU V 913 -11.50 -69.60 -91.67
C GLU V 913 -13.01 -69.37 -91.77
N VAL V 914 -13.44 -68.21 -92.29
CA VAL V 914 -14.86 -67.91 -92.37
C VAL V 914 -15.57 -68.89 -93.29
N PHE V 915 -14.89 -69.35 -94.35
CA PHE V 915 -15.50 -70.37 -95.22
C PHE V 915 -15.77 -71.65 -94.45
N SER V 916 -14.82 -72.07 -93.60
CA SER V 916 -15.03 -73.26 -92.79
C SER V 916 -16.18 -73.06 -91.79
N ASN V 917 -16.25 -71.87 -91.18
CA ASN V 917 -17.34 -71.60 -90.24
C ASN V 917 -18.69 -71.63 -90.95
N LEU V 918 -18.76 -71.08 -92.15
CA LEU V 918 -19.99 -71.14 -92.94
C LEU V 918 -20.36 -72.58 -93.28
N GLN V 919 -19.36 -73.38 -93.65
CA GLN V 919 -19.62 -74.79 -93.97
C GLN V 919 -20.07 -75.57 -92.75
N ARG V 920 -19.69 -75.12 -91.55
CA ARG V 920 -20.07 -75.82 -90.33
C ARG V 920 -21.44 -75.38 -89.81
N ASP V 921 -21.83 -74.13 -90.08
CA ASP V 921 -23.12 -73.63 -89.59
C ASP V 921 -24.30 -74.38 -90.20
N VAL V 922 -24.20 -74.74 -91.48
CA VAL V 922 -25.28 -75.48 -92.11
C VAL V 922 -25.44 -76.86 -91.47
N ILE V 923 -24.33 -77.50 -91.10
CA ILE V 923 -24.40 -78.76 -90.39
C ILE V 923 -25.03 -78.58 -89.02
N THR V 924 -24.71 -77.47 -88.34
CA THR V 924 -25.30 -77.21 -87.04
C THR V 924 -26.82 -77.08 -87.15
N CYS V 925 -27.30 -76.30 -88.12
CA CYS V 925 -28.74 -76.14 -88.30
C CYS V 925 -29.40 -77.46 -88.71
N GLU V 926 -28.71 -78.22 -89.56
CA GLU V 926 -29.19 -79.54 -89.96
C GLU V 926 -29.38 -80.43 -88.75
N ALA V 927 -28.40 -80.46 -87.85
CA ALA V 927 -28.49 -81.26 -86.64
C ALA V 927 -29.64 -80.80 -85.75
N VAL V 928 -29.81 -79.48 -85.61
CA VAL V 928 -30.89 -78.96 -84.77
C VAL V 928 -32.25 -79.42 -85.30
N GLN V 929 -32.47 -79.25 -86.61
CA GLN V 929 -33.75 -79.63 -87.20
C GLN V 929 -33.99 -81.14 -87.09
N THR V 930 -32.96 -81.94 -87.35
CA THR V 930 -33.12 -83.39 -87.24
C THR V 930 -33.43 -83.79 -85.80
N LEU V 931 -32.77 -83.14 -84.84
CA LEU V 931 -33.02 -83.45 -83.44
C LEU V 931 -34.47 -83.16 -83.06
N VAL V 932 -34.97 -81.98 -83.42
CA VAL V 932 -36.34 -81.65 -83.03
C VAL V 932 -37.33 -82.58 -83.72
N THR V 933 -37.09 -82.90 -85.00
CA THR V 933 -38.01 -83.77 -85.72
C THR V 933 -38.02 -85.18 -85.14
N LEU V 934 -36.85 -85.69 -84.74
CA LEU V 934 -36.75 -87.04 -84.23
C LEU V 934 -37.11 -87.15 -82.75
N VAL V 935 -37.17 -86.05 -82.02
CA VAL V 935 -37.64 -86.12 -80.63
C VAL V 935 -39.14 -85.91 -80.56
N ALA V 936 -39.72 -85.13 -81.47
CA ALA V 936 -41.17 -84.99 -81.50
C ALA V 936 -41.86 -86.29 -81.90
N GLN V 937 -41.12 -87.24 -82.47
CA GLN V 937 -41.71 -88.53 -82.84
C GLN V 937 -42.07 -89.35 -81.61
N ILE V 938 -41.18 -89.40 -80.61
CA ILE V 938 -41.40 -90.22 -79.44
C ILE V 938 -41.97 -89.44 -78.26
N SER V 939 -41.74 -88.13 -78.17
CA SER V 939 -42.26 -87.36 -77.06
C SER V 939 -43.65 -86.83 -77.41
N GLU V 940 -44.21 -85.99 -76.54
CA GLU V 940 -45.47 -85.30 -76.79
C GLU V 940 -45.17 -83.81 -76.89
N THR V 941 -45.09 -83.32 -78.12
CA THR V 941 -44.95 -81.89 -78.36
C THR V 941 -46.00 -81.45 -79.37
N GLN V 942 -45.96 -80.19 -79.79
CA GLN V 942 -46.93 -79.66 -80.75
C GLN V 942 -46.32 -79.46 -82.13
N TYR V 943 -45.14 -80.02 -82.38
CA TYR V 943 -44.54 -79.92 -83.70
C TYR V 943 -45.31 -80.78 -84.68
N PRO V 944 -45.81 -80.23 -85.78
CA PRO V 944 -46.57 -81.03 -86.75
C PRO V 944 -45.67 -81.95 -87.57
N VAL V 945 -45.73 -83.26 -87.29
CA VAL V 945 -44.95 -84.25 -88.00
C VAL V 945 -45.90 -85.27 -88.63
N ASP V 946 -45.35 -86.12 -89.50
CA ASP V 946 -46.18 -87.07 -90.22
C ASP V 946 -46.58 -88.24 -89.34
N ARG V 947 -45.72 -88.63 -88.40
CA ARG V 947 -46.00 -89.72 -87.46
C ARG V 947 -46.22 -91.04 -88.19
N TYR V 948 -45.25 -91.45 -89.00
CA TYR V 948 -45.35 -92.74 -89.68
C TYR V 948 -45.23 -93.89 -88.69
N LEU V 949 -44.25 -93.84 -87.79
CA LEU V 949 -43.94 -94.96 -86.91
C LEU V 949 -44.75 -94.84 -85.61
N ASP V 950 -46.03 -95.15 -85.73
CA ASP V 950 -46.92 -95.23 -84.58
C ASP V 950 -47.36 -96.65 -84.26
N TRP V 951 -47.25 -97.57 -85.22
CA TRP V 951 -47.58 -98.97 -84.98
C TRP V 951 -46.52 -99.69 -84.15
N ILE V 952 -45.35 -99.08 -83.99
CA ILE V 952 -44.27 -99.66 -83.19
C ILE V 952 -44.48 -99.23 -81.74
N PRO V 953 -44.53 -100.16 -80.79
CA PRO V 953 -44.80 -99.79 -79.40
C PRO V 953 -43.69 -98.94 -78.81
N SER V 954 -44.09 -98.03 -77.93
CA SER V 954 -43.16 -97.14 -77.24
C SER V 954 -43.84 -96.64 -75.98
N LEU V 955 -43.23 -95.64 -75.34
CA LEU V 955 -43.76 -95.06 -74.11
C LEU V 955 -43.74 -93.55 -74.23
N ARG V 956 -44.45 -92.89 -73.32
CA ARG V 956 -44.41 -91.44 -73.23
C ARG V 956 -43.06 -91.03 -72.66
N ALA V 957 -42.16 -90.57 -73.54
CA ALA V 957 -40.79 -90.29 -73.16
C ALA V 957 -40.72 -89.15 -72.16
N SER V 958 -39.80 -89.28 -71.20
CA SER V 958 -39.56 -88.26 -70.19
C SER V 958 -38.32 -87.45 -70.54
N ALA V 959 -37.96 -86.54 -69.63
CA ALA V 959 -36.83 -85.65 -69.88
C ALA V 959 -35.52 -86.43 -70.00
N ALA V 960 -35.28 -87.37 -69.08
CA ALA V 960 -34.03 -88.12 -69.11
C ALA V 960 -33.95 -89.02 -70.34
N THR V 961 -35.06 -89.70 -70.66
CA THR V 961 -35.08 -90.56 -71.84
C THR V 961 -34.84 -89.75 -73.11
N ALA V 962 -35.51 -88.61 -73.25
CA ALA V 962 -35.30 -87.78 -74.43
C ALA V 962 -33.89 -87.23 -74.48
N ALA V 963 -33.31 -86.90 -73.33
CA ALA V 963 -31.94 -86.41 -73.31
C ALA V 963 -30.96 -87.48 -73.76
N THR V 964 -31.14 -88.72 -73.29
CA THR V 964 -30.28 -89.80 -73.74
C THR V 964 -30.43 -90.06 -75.23
N PHE V 965 -31.66 -90.05 -75.74
CA PHE V 965 -31.88 -90.24 -77.16
C PHE V 965 -31.22 -89.13 -77.97
N ALA V 966 -31.35 -87.89 -77.50
CA ALA V 966 -30.73 -86.76 -78.18
C ALA V 966 -29.22 -86.86 -78.16
N GLU V 967 -28.65 -87.32 -77.05
CA GLU V 967 -27.20 -87.49 -76.97
C GLU V 967 -26.73 -88.56 -77.94
N TRP V 968 -27.47 -89.66 -78.06
CA TRP V 968 -27.10 -90.68 -79.04
C TRP V 968 -27.18 -90.13 -80.45
N VAL V 969 -28.22 -89.36 -80.76
CA VAL V 969 -28.33 -88.75 -82.08
C VAL V 969 -27.14 -87.81 -82.33
N ASN V 970 -26.79 -87.01 -81.33
CA ASN V 970 -25.70 -86.06 -81.48
C ASN V 970 -24.37 -86.75 -81.72
N THR V 971 -24.07 -87.79 -80.92
CA THR V 971 -22.80 -88.48 -81.11
C THR V 971 -22.76 -89.23 -82.42
N SER V 972 -23.89 -89.79 -82.88
CA SER V 972 -23.92 -90.40 -84.20
C SER V 972 -23.66 -89.38 -85.29
N MET V 973 -24.26 -88.18 -85.17
CA MET V 973 -24.03 -87.14 -86.18
C MET V 973 -22.58 -86.68 -86.20
N LYS V 974 -21.98 -86.47 -85.03
CA LYS V 974 -20.58 -86.07 -84.98
C LYS V 974 -19.67 -87.16 -85.54
N THR V 975 -19.97 -88.43 -85.22
CA THR V 975 -19.20 -89.52 -85.77
C THR V 975 -19.31 -89.57 -87.29
N ALA V 976 -20.51 -89.35 -87.83
CA ALA V 976 -20.69 -89.41 -89.28
C ALA V 976 -19.98 -88.25 -89.97
N PHE V 977 -20.09 -87.03 -89.44
CA PHE V 977 -19.58 -85.86 -90.12
C PHE V 977 -18.18 -85.46 -89.68
N ASP V 978 -17.53 -86.26 -88.83
CA ASP V 978 -16.13 -86.08 -88.46
C ASP V 978 -15.91 -84.76 -87.71
N LEU V 979 -16.63 -84.59 -86.61
CA LEU V 979 -16.40 -83.45 -85.73
C LEU V 979 -15.92 -83.93 -84.36
N SER V 980 -15.24 -83.03 -83.65
CA SER V 980 -14.70 -83.35 -82.33
C SER V 980 -15.16 -82.34 -81.30
N ASP V 981 -15.36 -81.10 -81.73
CA ASP V 981 -15.76 -80.01 -80.85
C ASP V 981 -17.29 -79.94 -80.81
N MET V 982 -17.83 -78.82 -80.31
CA MET V 982 -19.26 -78.68 -80.08
C MET V 982 -20.08 -78.95 -81.34
N LEU V 983 -21.18 -79.68 -81.16
CA LEU V 983 -22.25 -79.69 -82.15
C LEU V 983 -23.52 -80.14 -81.40
N LEU V 984 -24.42 -79.19 -81.17
CA LEU V 984 -25.75 -79.51 -80.63
C LEU V 984 -25.66 -80.17 -79.26
N GLU V 985 -24.80 -79.66 -78.39
CA GLU V 985 -24.94 -80.07 -77.00
C GLU V 985 -24.91 -78.91 -75.99
N PRO V 986 -25.52 -77.75 -76.27
CA PRO V 986 -26.02 -76.92 -75.17
C PRO V 986 -27.50 -77.18 -74.93
N LEU V 987 -28.12 -77.91 -75.85
CA LEU V 987 -29.55 -78.20 -75.79
C LEU V 987 -29.87 -79.49 -75.05
N LEU V 988 -28.85 -80.22 -74.59
CA LEU V 988 -29.08 -81.43 -73.82
C LEU V 988 -29.14 -81.19 -72.32
N SER V 989 -28.92 -79.94 -71.88
CA SER V 989 -28.89 -79.62 -70.45
C SER V 989 -30.29 -79.24 -70.00
N GLY V 990 -31.11 -80.27 -69.79
CA GLY V 990 -32.44 -80.08 -69.22
C GLY V 990 -33.53 -79.87 -70.24
N ASP V 991 -34.51 -80.78 -70.26
CA ASP V 991 -35.69 -80.71 -71.11
C ASP V 991 -35.32 -80.50 -72.58
N PRO V 992 -34.75 -81.52 -73.24
CA PRO V 992 -34.47 -81.37 -74.68
C PRO V 992 -35.70 -81.49 -75.55
N ARG V 993 -36.85 -81.84 -74.97
CA ARG V 993 -38.09 -81.93 -75.72
C ARG V 993 -38.58 -80.53 -76.04
N MET V 994 -38.21 -80.02 -77.21
CA MET V 994 -38.46 -78.62 -77.56
C MET V 994 -38.85 -78.52 -79.01
N THR V 995 -39.23 -77.31 -79.42
CA THR V 995 -39.84 -77.10 -80.73
C THR V 995 -39.07 -76.14 -81.63
N GLN V 996 -38.56 -75.04 -81.09
CA GLN V 996 -37.98 -74.01 -81.95
C GLN V 996 -36.99 -73.17 -81.17
N LEU V 997 -35.81 -72.95 -81.76
CA LEU V 997 -34.83 -72.04 -81.19
C LEU V 997 -35.33 -70.60 -81.29
N ALA V 998 -35.00 -69.78 -80.28
CA ALA V 998 -35.39 -68.35 -80.26
C ALA V 998 -34.68 -67.54 -79.19
N ILE V 999 -34.49 -66.25 -79.40
CA ILE V 999 -33.75 -65.41 -78.46
C ILE V 999 -34.51 -64.13 -78.17
N GLN V 1000 -34.21 -63.45 -77.06
CA GLN V 1000 -34.99 -62.29 -76.69
C GLN V 1000 -34.29 -61.40 -75.69
N TYR V 1001 -34.70 -60.15 -75.58
CA TYR V 1001 -34.14 -59.23 -74.60
C TYR V 1001 -35.16 -58.29 -74.02
N GLN V 1002 -34.94 -57.78 -72.82
CA GLN V 1002 -35.94 -56.94 -72.19
C GLN V 1002 -35.46 -55.57 -71.81
N GLN V 1003 -36.26 -54.55 -72.06
CA GLN V 1003 -35.90 -53.20 -71.71
C GLN V 1003 -36.25 -52.99 -70.26
N TYR V 1004 -36.05 -51.80 -69.74
CA TYR V 1004 -36.44 -51.52 -68.39
C TYR V 1004 -37.92 -51.35 -68.35
N ASN V 1005 -38.49 -50.73 -69.37
CA ASN V 1005 -39.93 -50.46 -69.28
C ASN V 1005 -40.80 -51.67 -69.61
N GLY V 1006 -40.22 -52.86 -69.64
CA GLY V 1006 -40.99 -54.08 -69.84
C GLY V 1006 -41.25 -54.46 -71.27
N ARG V 1007 -41.00 -53.57 -72.23
CA ARG V 1007 -41.21 -53.89 -73.64
C ARG V 1007 -40.06 -54.76 -74.13
N THR V 1008 -40.37 -55.96 -74.61
CA THR V 1008 -39.38 -56.93 -75.01
C THR V 1008 -39.16 -56.89 -76.52
N PHE V 1009 -38.20 -57.68 -76.98
CA PHE V 1009 -37.93 -57.88 -78.39
C PHE V 1009 -37.65 -59.35 -78.63
N ASN V 1010 -38.55 -60.03 -79.31
CA ASN V 1010 -38.46 -61.47 -79.54
C ASN V 1010 -38.02 -61.70 -80.99
N VAL V 1011 -36.91 -62.40 -81.16
CA VAL V 1011 -36.40 -62.74 -82.49
C VAL V 1011 -36.53 -64.24 -82.67
N ILE V 1012 -37.33 -64.65 -83.65
CA ILE V 1012 -37.53 -66.06 -83.98
C ILE V 1012 -37.01 -66.28 -85.39
N PRO V 1013 -35.81 -66.84 -85.54
CA PRO V 1013 -35.32 -67.16 -86.89
C PRO V 1013 -36.15 -68.27 -87.53
N GLU V 1014 -36.41 -68.12 -88.82
CA GLU V 1014 -37.09 -69.17 -89.56
C GLU V 1014 -36.11 -70.31 -89.85
N MET V 1015 -36.65 -71.44 -90.30
CA MET V 1015 -35.80 -72.58 -90.57
C MET V 1015 -36.14 -73.21 -91.92
N PRO V 1016 -35.21 -73.22 -92.87
CA PRO V 1016 -35.47 -73.92 -94.13
C PRO V 1016 -35.56 -75.43 -93.90
N GLY V 1017 -36.30 -76.09 -94.78
CA GLY V 1017 -36.41 -77.54 -94.72
C GLY V 1017 -35.06 -78.22 -94.82
N SER V 1018 -34.78 -79.15 -93.91
CA SER V 1018 -33.45 -79.73 -93.77
C SER V 1018 -33.40 -81.12 -94.42
N VAL V 1019 -32.34 -81.35 -95.18
CA VAL V 1019 -32.27 -82.51 -96.07
C VAL V 1019 -32.15 -83.81 -95.28
N ILE V 1020 -31.32 -83.83 -94.25
CA ILE V 1020 -31.20 -85.07 -93.47
C ILE V 1020 -32.53 -85.42 -92.82
N ALA V 1021 -33.24 -84.41 -92.29
CA ALA V 1021 -34.52 -84.69 -91.65
C ALA V 1021 -35.56 -85.19 -92.64
N ASP V 1022 -35.69 -84.54 -93.80
CA ASP V 1022 -36.75 -85.00 -94.71
C ASP V 1022 -36.36 -86.31 -95.38
N CYS V 1023 -35.07 -86.59 -95.52
CA CYS V 1023 -34.64 -87.91 -95.99
C CYS V 1023 -34.93 -88.99 -94.94
N VAL V 1024 -34.76 -88.66 -93.66
CA VAL V 1024 -35.13 -89.60 -92.60
C VAL V 1024 -36.64 -89.86 -92.63
N GLN V 1025 -37.43 -88.81 -92.87
CA GLN V 1025 -38.87 -89.00 -93.00
C GLN V 1025 -39.21 -89.89 -94.21
N LEU V 1026 -38.52 -89.68 -95.33
CA LEU V 1026 -38.74 -90.51 -96.51
C LEU V 1026 -38.38 -91.96 -96.26
N THR V 1027 -37.26 -92.21 -95.58
CA THR V 1027 -36.86 -93.59 -95.31
C THR V 1027 -37.78 -94.22 -94.27
N ALA V 1028 -38.33 -93.44 -93.35
CA ALA V 1028 -39.34 -93.96 -92.45
C ALA V 1028 -40.61 -94.33 -93.20
N GLU V 1029 -41.00 -93.52 -94.18
CA GLU V 1029 -42.13 -93.86 -95.02
C GLU V 1029 -41.89 -95.16 -95.78
N VAL V 1030 -40.68 -95.33 -96.31
CA VAL V 1030 -40.34 -96.56 -97.02
C VAL V 1030 -40.36 -97.76 -96.08
N PHE V 1031 -39.83 -97.58 -94.86
CA PHE V 1031 -39.83 -98.65 -93.87
C PHE V 1031 -41.24 -99.04 -93.48
N ASN V 1032 -42.15 -98.06 -93.38
CA ASN V 1032 -43.53 -98.34 -93.01
C ASN V 1032 -44.16 -99.33 -93.98
N HIS V 1033 -43.80 -99.28 -95.26
CA HIS V 1033 -44.36 -100.22 -96.23
C HIS V 1033 -43.52 -101.49 -96.33
N GLU V 1034 -42.21 -101.40 -96.19
CA GLU V 1034 -41.35 -102.59 -96.14
C GLU V 1034 -40.54 -102.57 -94.84
N TYR V 1035 -41.17 -103.07 -93.77
CA TYR V 1035 -40.50 -103.31 -92.50
C TYR V 1035 -39.78 -104.65 -92.46
N ASN V 1036 -40.17 -105.60 -93.31
CA ASN V 1036 -39.64 -106.95 -93.21
C ASN V 1036 -38.16 -107.01 -93.53
N LEU V 1037 -37.72 -106.22 -94.51
CA LEU V 1037 -36.32 -106.26 -94.93
C LEU V 1037 -35.37 -105.92 -93.79
N PHE V 1038 -35.80 -105.10 -92.83
CA PHE V 1038 -34.98 -104.70 -91.70
C PHE V 1038 -35.07 -105.67 -90.53
N GLY V 1039 -35.87 -106.72 -90.65
CA GLY V 1039 -35.99 -107.71 -89.60
C GLY V 1039 -37.14 -107.50 -88.63
N ILE V 1040 -38.03 -106.55 -88.90
CA ILE V 1040 -39.15 -106.22 -88.02
C ILE V 1040 -40.42 -106.73 -88.68
N ALA V 1041 -41.25 -107.42 -87.91
CA ALA V 1041 -42.51 -107.99 -88.41
C ALA V 1041 -43.70 -107.23 -87.88
N ARG V 1042 -44.70 -107.05 -88.73
CA ARG V 1042 -45.93 -106.37 -88.36
C ARG V 1042 -46.90 -107.33 -87.68
N GLY V 1043 -47.68 -106.79 -86.74
CA GLY V 1043 -48.79 -107.55 -86.19
C GLY V 1043 -48.44 -108.23 -84.88
N ASP V 1044 -49.07 -109.39 -84.66
CA ASP V 1044 -48.95 -110.11 -83.41
C ASP V 1044 -48.90 -111.60 -83.68
N ILE V 1045 -48.41 -112.35 -82.70
CA ILE V 1045 -48.20 -113.78 -82.83
C ILE V 1045 -49.31 -114.52 -82.11
N ILE V 1046 -49.49 -115.79 -82.49
CA ILE V 1046 -50.47 -116.68 -81.86
C ILE V 1046 -49.73 -117.92 -81.39
N ILE V 1047 -49.89 -118.27 -80.12
CA ILE V 1047 -49.23 -119.43 -79.52
C ILE V 1047 -50.26 -120.53 -79.35
N GLY V 1048 -49.98 -121.69 -79.93
CA GLY V 1048 -50.88 -122.82 -79.85
C GLY V 1048 -50.44 -123.99 -80.70
N ARG V 1049 -50.69 -125.21 -80.23
CA ARG V 1049 -50.25 -126.40 -80.95
C ARG V 1049 -51.02 -126.55 -82.26
N VAL V 1050 -50.30 -126.79 -83.34
CA VAL V 1050 -50.88 -127.08 -84.64
C VAL V 1050 -50.17 -128.32 -85.17
N GLN V 1051 -50.76 -129.49 -84.96
CA GLN V 1051 -50.18 -130.76 -85.42
C GLN V 1051 -50.80 -131.11 -86.77
N SER V 1052 -50.02 -130.95 -87.84
CA SER V 1052 -50.47 -131.30 -89.16
C SER V 1052 -49.25 -131.49 -90.05
N THR V 1053 -49.45 -132.25 -91.14
CA THR V 1053 -48.38 -132.50 -92.10
C THR V 1053 -48.38 -131.53 -93.26
N HIS V 1054 -49.26 -130.53 -93.24
CA HIS V 1054 -49.34 -129.57 -94.34
C HIS V 1054 -48.12 -128.66 -94.35
N LEU V 1055 -47.81 -128.12 -95.53
CA LEU V 1055 -46.63 -127.29 -95.74
C LEU V 1055 -47.07 -125.88 -96.08
N TRP V 1056 -47.08 -125.01 -95.06
CA TRP V 1056 -47.27 -123.58 -95.28
C TRP V 1056 -46.34 -122.82 -94.34
N SER V 1057 -45.94 -121.63 -94.76
CA SER V 1057 -45.06 -120.83 -93.93
C SER V 1057 -45.84 -120.21 -92.77
N PRO V 1058 -45.26 -120.19 -91.56
CA PRO V 1058 -45.92 -119.49 -90.45
C PRO V 1058 -46.13 -118.01 -90.71
N LEU V 1059 -45.27 -117.40 -91.52
CA LEU V 1059 -45.42 -115.99 -91.83
C LEU V 1059 -46.63 -115.72 -92.72
N ALA V 1060 -47.14 -116.74 -93.39
CA ALA V 1060 -48.34 -116.63 -94.23
C ALA V 1060 -49.30 -117.77 -93.89
N PRO V 1061 -49.89 -117.74 -92.69
CA PRO V 1061 -50.75 -118.85 -92.27
C PRO V 1061 -52.08 -118.82 -92.99
N PRO V 1062 -52.76 -119.95 -93.08
CA PRO V 1062 -54.12 -119.96 -93.62
C PRO V 1062 -55.08 -119.21 -92.71
N PRO V 1063 -56.17 -118.65 -93.25
CA PRO V 1063 -57.11 -117.90 -92.41
C PRO V 1063 -57.93 -118.78 -91.47
N ASP V 1064 -57.88 -120.10 -91.63
CA ASP V 1064 -58.73 -121.00 -90.84
C ASP V 1064 -58.30 -121.12 -89.40
N LEU V 1065 -57.11 -120.63 -89.02
CA LEU V 1065 -56.62 -120.77 -87.66
C LEU V 1065 -56.09 -119.46 -87.09
N VAL V 1066 -56.61 -118.32 -87.56
CA VAL V 1066 -56.25 -117.01 -87.04
C VAL V 1066 -57.52 -116.32 -86.57
N PHE V 1067 -57.51 -115.83 -85.33
CA PHE V 1067 -58.66 -115.19 -84.73
C PHE V 1067 -58.26 -113.84 -84.16
N ASP V 1068 -59.26 -112.97 -83.99
CA ASP V 1068 -59.06 -111.64 -83.44
C ASP V 1068 -60.21 -111.33 -82.50
N ARG V 1069 -60.34 -110.06 -82.13
CA ARG V 1069 -61.38 -109.65 -81.18
C ARG V 1069 -62.77 -109.91 -81.73
N ASP V 1070 -62.97 -109.64 -83.04
CA ASP V 1070 -64.29 -109.82 -83.64
C ASP V 1070 -64.70 -111.27 -83.77
N THR V 1071 -63.78 -112.21 -83.58
CA THR V 1071 -64.13 -113.62 -83.64
C THR V 1071 -65.09 -113.96 -82.50
N PRO V 1072 -66.16 -114.70 -82.75
CA PRO V 1072 -67.07 -115.09 -81.66
C PRO V 1072 -66.39 -116.07 -80.71
N GLY V 1073 -66.66 -115.91 -79.42
CA GLY V 1073 -66.16 -116.81 -78.41
C GLY V 1073 -64.78 -116.54 -77.89
N VAL V 1074 -64.13 -115.45 -78.31
CA VAL V 1074 -62.80 -115.12 -77.83
C VAL V 1074 -62.93 -114.23 -76.62
N HIS V 1075 -61.94 -114.30 -75.72
CA HIS V 1075 -61.91 -113.49 -74.51
C HIS V 1075 -60.70 -112.57 -74.55
N ILE V 1076 -60.89 -111.34 -74.09
CA ILE V 1076 -59.84 -110.32 -74.06
C ILE V 1076 -59.53 -110.02 -72.60
N PHE V 1077 -58.25 -110.06 -72.26
CA PHE V 1077 -57.80 -109.89 -70.88
C PHE V 1077 -57.05 -108.57 -70.74
N GLY V 1078 -57.36 -107.83 -69.68
CA GLY V 1078 -56.73 -106.56 -69.40
C GLY V 1078 -55.73 -106.64 -68.27
N ARG V 1079 -55.45 -105.49 -67.67
CA ARG V 1079 -54.47 -105.42 -66.58
C ARG V 1079 -54.88 -106.31 -65.43
N ASP V 1080 -56.15 -106.29 -65.04
CA ASP V 1080 -56.65 -107.08 -63.92
C ASP V 1080 -56.96 -108.49 -64.41
N CYS V 1081 -55.98 -109.38 -64.27
CA CYS V 1081 -56.13 -110.80 -64.59
C CYS V 1081 -55.63 -111.61 -63.41
N ARG V 1082 -56.55 -112.22 -62.68
CA ARG V 1082 -56.24 -112.91 -61.42
C ARG V 1082 -56.53 -114.40 -61.58
N ILE V 1083 -55.57 -115.23 -61.22
CA ILE V 1083 -55.70 -116.68 -61.36
C ILE V 1083 -56.19 -117.27 -60.05
N SER V 1084 -57.15 -118.18 -60.15
CA SER V 1084 -57.71 -118.86 -58.97
C SER V 1084 -57.67 -120.37 -59.21
N PHE V 1085 -57.09 -121.10 -58.26
CA PHE V 1085 -57.07 -122.55 -58.34
C PHE V 1085 -58.43 -123.14 -58.01
N GLY V 1086 -58.75 -124.26 -58.65
CA GLY V 1086 -60.01 -124.95 -58.41
C GLY V 1086 -59.82 -126.10 -57.45
N MET V 1087 -60.65 -126.12 -56.40
CA MET V 1087 -60.51 -127.12 -55.35
C MET V 1087 -61.23 -128.41 -55.74
N ASN V 1088 -60.66 -129.53 -55.30
CA ASN V 1088 -61.29 -130.85 -55.43
C ASN V 1088 -61.57 -131.21 -56.88
N GLY V 1089 -60.63 -130.92 -57.77
CA GLY V 1089 -60.69 -131.33 -59.15
C GLY V 1089 -61.27 -130.30 -60.10
N ALA V 1090 -61.91 -129.25 -59.57
CA ALA V 1090 -62.41 -128.19 -60.44
C ALA V 1090 -61.27 -127.52 -61.17
N ALA V 1091 -61.49 -127.22 -62.45
CA ALA V 1091 -60.44 -126.64 -63.26
C ALA V 1091 -60.10 -125.24 -62.77
N PRO V 1092 -58.81 -124.88 -62.71
CA PRO V 1092 -58.45 -123.50 -62.38
C PRO V 1092 -58.89 -122.57 -63.51
N MET V 1093 -59.19 -121.33 -63.12
CA MET V 1093 -59.79 -120.39 -64.05
C MET V 1093 -59.29 -118.98 -63.76
N ILE V 1094 -59.10 -118.21 -64.83
CA ILE V 1094 -58.58 -116.87 -64.73
C ILE V 1094 -59.72 -115.89 -64.95
N ARG V 1095 -59.49 -114.63 -64.62
CA ARG V 1095 -60.52 -113.60 -64.62
C ARG V 1095 -60.49 -112.81 -65.92
N ASP V 1096 -61.66 -112.68 -66.55
CA ASP V 1096 -61.80 -111.95 -67.81
C ASP V 1096 -61.78 -110.44 -67.54
N GLU V 1097 -61.93 -109.66 -68.62
CA GLU V 1097 -61.98 -108.21 -68.47
C GLU V 1097 -63.33 -107.73 -67.94
N THR V 1098 -64.42 -108.40 -68.32
CA THR V 1098 -65.74 -108.00 -67.86
C THR V 1098 -65.98 -108.38 -66.40
N GLY V 1099 -65.32 -109.43 -65.92
CA GLY V 1099 -65.51 -109.89 -64.56
C GLY V 1099 -65.77 -111.37 -64.50
N MET V 1100 -65.94 -112.01 -65.66
CA MET V 1100 -66.17 -113.44 -65.71
C MET V 1100 -64.90 -114.22 -65.38
N MET V 1101 -65.08 -115.46 -64.95
CA MET V 1101 -63.99 -116.36 -64.63
C MET V 1101 -64.02 -117.50 -65.65
N VAL V 1102 -63.10 -117.49 -66.60
CA VAL V 1102 -63.08 -118.47 -67.68
C VAL V 1102 -62.02 -119.53 -67.41
N PRO V 1103 -62.27 -120.78 -67.77
CA PRO V 1103 -61.28 -121.83 -67.52
C PRO V 1103 -60.17 -121.79 -68.56
N PHE V 1104 -59.17 -122.66 -68.37
CA PHE V 1104 -57.98 -122.69 -69.22
C PHE V 1104 -58.29 -123.45 -70.51
N GLU V 1105 -59.16 -122.85 -71.32
CA GLU V 1105 -59.58 -123.43 -72.59
C GLU V 1105 -59.90 -122.30 -73.56
N GLY V 1106 -60.37 -122.67 -74.75
CA GLY V 1106 -60.81 -121.69 -75.72
C GLY V 1106 -59.66 -120.90 -76.32
N ASN V 1107 -59.99 -119.74 -76.87
CA ASN V 1107 -59.02 -118.85 -77.49
C ASN V 1107 -58.95 -117.56 -76.69
N TRP V 1108 -57.74 -117.10 -76.41
CA TRP V 1108 -57.51 -115.94 -75.56
C TRP V 1108 -56.78 -114.86 -76.33
N ILE V 1109 -56.79 -113.65 -75.75
CA ILE V 1109 -56.06 -112.51 -76.28
C ILE V 1109 -55.32 -111.85 -75.12
N PHE V 1110 -54.01 -111.71 -75.24
CA PHE V 1110 -53.19 -111.12 -74.21
C PHE V 1110 -52.42 -109.92 -74.75
N PRO V 1111 -52.38 -108.81 -74.02
CA PRO V 1111 -51.34 -107.82 -74.28
C PRO V 1111 -49.99 -108.37 -73.85
N LEU V 1112 -48.94 -107.88 -74.51
CA LEU V 1112 -47.59 -108.33 -74.15
C LEU V 1112 -47.25 -107.97 -72.71
N ALA V 1113 -47.80 -106.86 -72.21
CA ALA V 1113 -47.44 -106.37 -70.89
C ALA V 1113 -47.84 -107.36 -69.79
N LEU V 1114 -48.94 -108.09 -69.99
CA LEU V 1114 -49.39 -109.04 -68.97
C LEU V 1114 -48.37 -110.14 -68.75
N TRP V 1115 -47.95 -110.80 -69.82
CA TRP V 1115 -46.93 -111.84 -69.69
C TRP V 1115 -45.60 -111.24 -69.27
N GLN V 1116 -45.34 -109.99 -69.69
CA GLN V 1116 -44.12 -109.31 -69.28
C GLN V 1116 -44.06 -109.13 -67.78
N MET V 1117 -45.18 -108.76 -67.15
CA MET V 1117 -45.17 -108.51 -65.72
C MET V 1117 -45.34 -109.80 -64.91
N ASN V 1118 -45.95 -110.83 -65.50
CA ASN V 1118 -46.13 -112.11 -64.83
C ASN V 1118 -45.40 -113.23 -65.57
N THR V 1119 -44.15 -112.95 -65.95
CA THR V 1119 -43.33 -113.91 -66.67
C THR V 1119 -43.15 -115.24 -65.95
N ARG V 1120 -43.27 -115.26 -64.61
CA ARG V 1120 -43.03 -116.47 -63.85
C ARG V 1120 -44.31 -117.16 -63.40
N TYR V 1121 -45.32 -116.40 -62.96
CA TYR V 1121 -46.58 -117.01 -62.56
C TYR V 1121 -47.29 -117.66 -63.75
N PHE V 1122 -47.42 -116.92 -64.85
CA PHE V 1122 -48.13 -117.45 -66.01
C PHE V 1122 -47.38 -118.63 -66.62
N ASN V 1123 -46.05 -118.55 -66.66
CA ASN V 1123 -45.25 -119.63 -67.25
C ASN V 1123 -45.44 -120.92 -66.48
N GLN V 1124 -45.46 -120.86 -65.15
CA GLN V 1124 -45.64 -122.05 -64.34
C GLN V 1124 -47.00 -122.69 -64.54
N GLN V 1125 -48.02 -121.87 -64.83
CA GLN V 1125 -49.40 -122.35 -64.87
C GLN V 1125 -49.89 -122.69 -66.27
N PHE V 1126 -49.23 -122.23 -67.32
CA PHE V 1126 -49.75 -122.37 -68.68
C PHE V 1126 -49.00 -123.37 -69.55
N ASP V 1127 -47.79 -123.79 -69.15
CA ASP V 1127 -47.02 -124.70 -70.00
C ASP V 1127 -47.74 -126.03 -70.18
N ALA V 1128 -48.27 -126.59 -69.10
CA ALA V 1128 -48.93 -127.89 -69.18
C ALA V 1128 -50.21 -127.85 -70.00
N TRP V 1129 -50.78 -126.65 -70.22
CA TRP V 1129 -52.01 -126.51 -70.97
C TRP V 1129 -51.78 -126.19 -72.44
N ILE V 1130 -50.77 -125.37 -72.75
CA ILE V 1130 -50.49 -125.05 -74.14
C ILE V 1130 -49.94 -126.25 -74.88
N LYS V 1131 -49.02 -126.99 -74.25
CA LYS V 1131 -48.37 -128.11 -74.92
C LYS V 1131 -49.33 -129.28 -75.14
N THR V 1132 -50.14 -129.61 -74.12
CA THR V 1132 -50.99 -130.78 -74.18
C THR V 1132 -52.45 -130.45 -74.43
N GLY V 1133 -53.04 -129.56 -73.64
CA GLY V 1133 -54.44 -129.22 -73.80
C GLY V 1133 -54.68 -128.22 -74.91
N GLU V 1134 -55.95 -127.86 -75.06
CA GLU V 1134 -56.37 -126.90 -76.07
C GLU V 1134 -56.28 -125.50 -75.47
N LEU V 1135 -55.34 -124.69 -75.96
CA LEU V 1135 -55.19 -123.32 -75.49
C LEU V 1135 -54.49 -122.52 -76.57
N ARG V 1136 -55.18 -121.52 -77.12
CA ARG V 1136 -54.62 -120.63 -78.13
C ARG V 1136 -54.54 -119.23 -77.54
N ILE V 1137 -53.34 -118.66 -77.53
CA ILE V 1137 -53.09 -117.35 -76.95
C ILE V 1137 -52.54 -116.44 -78.03
N ARG V 1138 -53.16 -115.28 -78.20
CA ARG V 1138 -52.72 -114.27 -79.16
C ARG V 1138 -52.17 -113.08 -78.39
N ILE V 1139 -50.87 -112.85 -78.50
CA ILE V 1139 -50.19 -111.81 -77.75
C ILE V 1139 -50.03 -110.61 -78.67
N GLU V 1140 -50.84 -109.57 -78.45
CA GLU V 1140 -50.75 -108.36 -79.24
C GLU V 1140 -49.45 -107.63 -78.93
N MET V 1141 -48.64 -107.38 -79.96
CA MET V 1141 -47.32 -106.79 -79.78
C MET V 1141 -47.07 -105.59 -80.68
N GLY V 1142 -47.69 -105.55 -81.86
CA GLY V 1142 -47.47 -104.46 -82.79
C GLY V 1142 -46.29 -104.72 -83.72
N ALA V 1143 -45.10 -104.82 -83.15
CA ALA V 1143 -43.90 -105.13 -83.92
C ALA V 1143 -42.94 -105.90 -83.03
N TYR V 1144 -42.18 -106.81 -83.64
CA TYR V 1144 -41.27 -107.65 -82.89
C TYR V 1144 -40.14 -108.13 -83.79
N PRO V 1145 -38.91 -108.21 -83.30
CA PRO V 1145 -37.85 -108.83 -84.09
C PRO V 1145 -38.02 -110.33 -84.14
N TYR V 1146 -37.73 -110.91 -85.30
CA TYR V 1146 -37.92 -112.34 -85.52
C TYR V 1146 -36.65 -112.98 -86.05
N MET V 1147 -36.42 -114.21 -85.63
CA MET V 1147 -35.37 -115.04 -86.20
C MET V 1147 -35.96 -116.42 -86.43
N LEU V 1148 -35.72 -116.99 -87.61
CA LEU V 1148 -36.41 -118.20 -88.04
C LEU V 1148 -35.40 -119.29 -88.39
N HIS V 1149 -35.79 -120.52 -88.10
CA HIS V 1149 -34.97 -121.70 -88.37
C HIS V 1149 -35.65 -122.56 -89.43
N TYR V 1150 -34.86 -123.02 -90.39
CA TYR V 1150 -35.37 -123.84 -91.49
C TYR V 1150 -35.20 -125.31 -91.12
N TYR V 1151 -36.31 -126.01 -90.96
CA TYR V 1151 -36.29 -127.43 -90.65
C TYR V 1151 -36.51 -128.24 -91.92
N ASP V 1152 -36.17 -129.53 -91.82
CA ASP V 1152 -36.26 -130.42 -92.97
C ASP V 1152 -37.65 -131.06 -93.02
N PRO V 1153 -38.42 -130.84 -94.08
CA PRO V 1153 -39.84 -131.27 -94.05
C PRO V 1153 -40.04 -132.77 -94.20
N ARG V 1154 -39.06 -133.51 -94.71
CA ARG V 1154 -39.25 -134.95 -94.91
C ARG V 1154 -38.99 -135.75 -93.64
N GLN V 1155 -38.61 -135.11 -92.55
CA GLN V 1155 -38.34 -135.76 -91.27
C GLN V 1155 -39.24 -135.16 -90.18
N TYR V 1156 -39.24 -135.82 -89.03
CA TYR V 1156 -40.03 -135.35 -87.90
C TYR V 1156 -39.46 -134.03 -87.37
N ALA V 1157 -40.35 -133.20 -86.85
CA ALA V 1157 -39.96 -131.92 -86.29
C ALA V 1157 -40.81 -131.63 -85.05
N ASN V 1158 -40.27 -130.79 -84.17
CA ASN V 1158 -40.96 -130.40 -82.96
C ASN V 1158 -40.41 -129.06 -82.51
N ALA V 1159 -41.29 -128.10 -82.25
CA ALA V 1159 -40.88 -126.74 -81.91
C ALA V 1159 -41.12 -126.40 -80.45
N TRP V 1160 -41.45 -127.37 -79.61
CA TRP V 1160 -41.69 -127.07 -78.20
C TRP V 1160 -40.40 -126.70 -77.49
N ASN V 1161 -39.30 -127.41 -77.78
CA ASN V 1161 -38.02 -127.06 -77.18
C ASN V 1161 -37.54 -125.70 -77.64
N LEU V 1162 -38.06 -125.19 -78.76
CA LEU V 1162 -37.72 -123.88 -79.27
C LEU V 1162 -38.64 -122.79 -78.73
N THR V 1163 -39.90 -123.13 -78.43
CA THR V 1163 -40.88 -122.17 -77.95
C THR V 1163 -40.83 -121.99 -76.43
N SER V 1164 -40.62 -123.08 -75.68
CA SER V 1164 -40.52 -122.98 -74.24
C SER V 1164 -39.30 -122.16 -73.83
N ALA V 1165 -38.24 -122.22 -74.62
CA ALA V 1165 -37.07 -121.39 -74.34
C ALA V 1165 -37.41 -119.91 -74.40
N TRP V 1166 -38.15 -119.50 -75.44
CA TRP V 1166 -38.58 -118.10 -75.53
C TRP V 1166 -39.55 -117.75 -74.41
N LEU V 1167 -40.49 -118.64 -74.11
CA LEU V 1167 -41.49 -118.36 -73.08
C LEU V 1167 -40.90 -118.41 -71.68
N GLU V 1168 -39.69 -118.95 -71.52
CA GLU V 1168 -38.98 -118.88 -70.25
C GLU V 1168 -38.03 -117.71 -70.17
N GLU V 1169 -37.41 -117.32 -71.29
CA GLU V 1169 -36.54 -116.17 -71.33
C GLU V 1169 -37.30 -114.85 -71.45
N ILE V 1170 -38.62 -114.89 -71.62
CA ILE V 1170 -39.42 -113.68 -71.55
C ILE V 1170 -39.28 -113.08 -70.16
N THR V 1171 -39.01 -111.78 -70.11
CA THR V 1171 -38.65 -111.10 -68.88
C THR V 1171 -39.31 -109.73 -68.85
N PRO V 1172 -39.51 -109.15 -67.66
CA PRO V 1172 -40.13 -107.82 -67.59
C PRO V 1172 -39.40 -106.75 -68.38
N THR V 1173 -38.07 -106.82 -68.47
CA THR V 1173 -37.33 -105.73 -69.07
C THR V 1173 -37.25 -105.87 -70.60
N SER V 1174 -36.94 -107.07 -71.09
CA SER V 1174 -36.60 -107.24 -72.50
C SER V 1174 -37.42 -108.37 -73.11
N ILE V 1175 -37.28 -108.52 -74.43
CA ILE V 1175 -37.97 -109.54 -75.20
C ILE V 1175 -36.93 -110.29 -76.02
N PRO V 1176 -36.90 -111.62 -75.97
CA PRO V 1176 -36.07 -112.38 -76.90
C PRO V 1176 -36.72 -112.42 -78.28
N SER V 1177 -35.89 -112.71 -79.29
CA SER V 1177 -36.39 -112.79 -80.65
C SER V 1177 -37.38 -113.94 -80.80
N VAL V 1178 -38.46 -113.70 -81.55
CA VAL V 1178 -39.54 -114.68 -81.67
C VAL V 1178 -39.07 -115.79 -82.60
N PRO V 1179 -39.06 -117.05 -82.14
CA PRO V 1179 -38.69 -118.15 -83.02
C PRO V 1179 -39.74 -118.40 -84.11
N PHE V 1180 -39.28 -119.01 -85.20
CA PHE V 1180 -40.17 -119.37 -86.30
C PHE V 1180 -39.56 -120.57 -87.02
N MET V 1181 -40.40 -121.55 -87.34
CA MET V 1181 -39.97 -122.78 -87.99
C MET V 1181 -40.61 -122.84 -89.38
N VAL V 1182 -39.78 -122.72 -90.41
CA VAL V 1182 -40.24 -122.63 -91.79
C VAL V 1182 -39.70 -123.83 -92.56
N PRO V 1183 -40.54 -124.61 -93.22
CA PRO V 1183 -40.04 -125.73 -94.02
C PRO V 1183 -39.25 -125.24 -95.23
N ILE V 1184 -38.34 -126.09 -95.69
CA ILE V 1184 -37.49 -125.78 -96.84
C ILE V 1184 -38.21 -126.20 -98.12
N SER V 1185 -38.27 -125.29 -99.09
CA SER V 1185 -38.87 -125.60 -100.38
C SER V 1185 -38.00 -126.59 -101.14
N SER V 1186 -38.60 -127.23 -102.15
CA SER V 1186 -37.91 -128.23 -102.93
C SER V 1186 -38.59 -128.35 -104.29
N ASP V 1187 -38.02 -129.17 -105.15
CA ASP V 1187 -38.57 -129.47 -106.48
C ASP V 1187 -39.02 -130.91 -106.62
N HIS V 1188 -38.21 -131.86 -106.16
CA HIS V 1188 -38.61 -133.26 -106.21
C HIS V 1188 -39.71 -133.53 -105.19
N ASP V 1189 -40.56 -134.50 -105.51
CA ASP V 1189 -41.69 -134.84 -104.64
C ASP V 1189 -41.17 -135.49 -103.37
N ILE V 1190 -41.16 -134.73 -102.27
CA ILE V 1190 -40.67 -135.22 -100.99
C ILE V 1190 -41.75 -136.05 -100.30
N SER V 1191 -41.36 -136.78 -99.25
CA SER V 1191 -42.29 -137.56 -98.45
C SER V 1191 -42.63 -136.79 -97.20
N SER V 1192 -43.92 -136.55 -96.96
CA SER V 1192 -44.35 -135.72 -95.86
C SER V 1192 -44.19 -136.45 -94.53
N ALA V 1193 -43.86 -135.70 -93.49
CA ALA V 1193 -43.72 -136.20 -92.13
C ALA V 1193 -44.45 -135.29 -91.17
N PRO V 1194 -44.99 -135.82 -90.07
CA PRO V 1194 -45.74 -134.98 -89.13
C PRO V 1194 -44.83 -133.99 -88.42
N ALA V 1195 -45.15 -132.71 -88.55
CA ALA V 1195 -44.43 -131.62 -87.90
C ALA V 1195 -45.40 -130.77 -87.10
N VAL V 1196 -45.00 -130.40 -85.89
CA VAL V 1196 -45.83 -129.63 -84.98
C VAL V 1196 -45.26 -128.22 -84.84
N GLN V 1197 -46.13 -127.22 -84.84
CA GLN V 1197 -45.74 -125.83 -84.68
C GLN V 1197 -46.54 -125.21 -83.56
N TYR V 1198 -45.94 -124.22 -82.89
CA TYR V 1198 -46.58 -123.53 -81.79
C TYR V 1198 -46.73 -122.02 -82.00
N ILE V 1199 -45.83 -121.39 -82.75
CA ILE V 1199 -45.86 -119.95 -82.97
C ILE V 1199 -46.09 -119.68 -84.44
N ILE V 1200 -47.13 -118.91 -84.74
CA ILE V 1200 -47.42 -118.46 -86.10
C ILE V 1200 -47.70 -116.96 -86.05
N SER V 1201 -47.69 -116.34 -87.22
CA SER V 1201 -47.99 -114.91 -87.34
C SER V 1201 -49.46 -114.71 -87.65
N THR V 1202 -49.88 -113.45 -87.64
CA THR V 1202 -51.27 -113.10 -87.91
C THR V 1202 -51.50 -112.79 -89.38
N GLU V 1203 -50.78 -111.81 -89.90
CA GLU V 1203 -50.88 -111.40 -91.30
C GLU V 1203 -49.58 -111.73 -92.03
N TYR V 1204 -49.55 -111.38 -93.32
CA TYR V 1204 -48.41 -111.70 -94.15
C TYR V 1204 -47.17 -110.93 -93.69
N ASN V 1205 -46.06 -111.65 -93.53
CA ASN V 1205 -44.79 -111.04 -93.16
C ASN V 1205 -43.62 -111.59 -93.97
N ASP V 1206 -43.85 -112.54 -94.88
CA ASP V 1206 -42.78 -113.13 -95.69
C ASP V 1206 -42.63 -112.41 -97.02
N ARG V 1207 -42.49 -111.09 -97.00
CA ARG V 1207 -42.25 -110.31 -98.20
C ARG V 1207 -40.78 -110.08 -98.46
N SER V 1208 -39.91 -110.49 -97.54
CA SER V 1208 -38.46 -110.42 -97.77
C SER V 1208 -37.94 -111.63 -98.53
N LEU V 1209 -38.76 -112.66 -98.74
CA LEU V 1209 -38.33 -113.84 -99.47
C LEU V 1209 -38.17 -113.49 -100.95
N PHE V 1210 -36.96 -113.72 -101.47
CA PHE V 1210 -36.71 -113.41 -102.87
C PHE V 1210 -37.22 -114.50 -103.79
N CYS V 1211 -36.70 -115.71 -103.66
CA CYS V 1211 -37.07 -116.81 -104.54
C CYS V 1211 -36.84 -118.13 -103.82
N THR V 1212 -37.51 -119.16 -104.31
CA THR V 1212 -37.36 -120.52 -103.81
C THR V 1212 -36.81 -121.41 -104.92
N ASN V 1213 -35.77 -122.19 -104.58
CA ASN V 1213 -35.08 -123.12 -105.48
C ASN V 1213 -34.95 -122.55 -106.89
N SER V 1214 -34.29 -121.40 -107.01
CA SER V 1214 -34.24 -120.67 -108.28
C SER V 1214 -33.64 -121.51 -109.40
N SER V 1215 -32.63 -122.34 -109.09
CA SER V 1215 -32.02 -123.15 -110.12
C SER V 1215 -32.99 -124.18 -110.68
N SER V 1216 -33.94 -124.66 -109.88
CA SER V 1216 -34.90 -125.63 -110.35
C SER V 1216 -35.87 -124.97 -111.33
N PRO V 1217 -36.39 -125.73 -112.30
CA PRO V 1217 -37.38 -125.15 -113.22
C PRO V 1217 -38.63 -124.65 -112.54
N GLN V 1218 -39.08 -125.32 -111.49
CA GLN V 1218 -40.29 -124.90 -110.78
C GLN V 1218 -40.26 -125.48 -109.37
N THR V 1219 -41.09 -124.89 -108.51
CA THR V 1219 -41.23 -125.34 -107.13
C THR V 1219 -42.52 -126.14 -106.98
N ILE V 1220 -42.42 -127.31 -106.38
CA ILE V 1220 -43.57 -128.20 -106.18
C ILE V 1220 -43.91 -128.34 -104.70
N ALA V 1221 -42.93 -128.69 -103.88
CA ALA V 1221 -43.14 -128.92 -102.45
C ALA V 1221 -42.55 -127.74 -101.68
N GLY V 1222 -43.36 -127.13 -100.82
CA GLY V 1222 -42.92 -126.01 -100.02
C GLY V 1222 -43.56 -124.72 -100.45
N PRO V 1223 -43.26 -123.63 -99.74
CA PRO V 1223 -43.77 -122.32 -100.16
C PRO V 1223 -43.25 -121.95 -101.54
N ASP V 1224 -44.12 -121.31 -102.32
CA ASP V 1224 -43.82 -120.98 -103.71
C ASP V 1224 -43.47 -119.50 -103.84
N LYS V 1225 -42.47 -119.21 -104.65
CA LYS V 1225 -42.06 -117.84 -104.91
C LYS V 1225 -41.27 -117.80 -106.21
N HIS V 1226 -41.28 -116.63 -106.84
CA HIS V 1226 -40.51 -116.37 -108.05
C HIS V 1226 -39.80 -115.04 -107.88
N ILE V 1227 -39.00 -114.69 -108.89
CA ILE V 1227 -38.28 -113.41 -108.87
C ILE V 1227 -39.31 -112.28 -108.93
N PRO V 1228 -39.29 -111.34 -107.98
CA PRO V 1228 -40.31 -110.29 -107.97
C PRO V 1228 -40.23 -109.38 -109.19
N VAL V 1229 -41.27 -109.44 -110.03
CA VAL V 1229 -41.28 -108.66 -111.26
C VAL V 1229 -41.38 -107.17 -110.94
N GLU V 1230 -42.21 -106.81 -109.95
CA GLU V 1230 -42.47 -105.40 -109.68
C GLU V 1230 -41.23 -104.66 -109.19
N ARG V 1231 -40.28 -105.38 -108.58
CA ARG V 1231 -39.06 -104.72 -108.12
C ARG V 1231 -38.14 -104.36 -109.29
N TYR V 1232 -38.12 -105.19 -110.33
CA TYR V 1232 -37.40 -104.88 -111.55
C TYR V 1232 -38.35 -104.30 -112.60
N ASN V 1233 -38.88 -103.12 -112.27
CA ASN V 1233 -39.97 -102.54 -113.05
C ASN V 1233 -39.48 -102.04 -114.40
N ILE V 1234 -38.35 -101.33 -114.41
CA ILE V 1234 -37.91 -100.67 -115.64
C ILE V 1234 -37.48 -101.67 -116.71
N LEU V 1235 -37.22 -102.93 -116.34
CA LEU V 1235 -36.93 -103.96 -117.33
C LEU V 1235 -38.19 -104.69 -117.77
N THR V 1236 -38.92 -105.28 -116.82
CA THR V 1236 -40.07 -106.11 -117.16
C THR V 1236 -41.16 -105.29 -117.84
N ASN V 1237 -41.47 -104.11 -117.30
CA ASN V 1237 -42.53 -103.29 -117.87
C ASN V 1237 -42.04 -102.61 -119.14
N PRO V 1238 -42.67 -102.83 -120.29
CA PRO V 1238 -42.20 -102.20 -121.53
C PRO V 1238 -42.53 -100.71 -121.59
N ASP V 1239 -43.74 -100.35 -121.17
CA ASP V 1239 -44.19 -98.94 -121.24
C ASP V 1239 -43.89 -98.16 -119.96
N ALA V 1240 -42.65 -98.25 -119.51
CA ALA V 1240 -42.20 -97.56 -118.31
C ALA V 1240 -41.04 -96.64 -118.65
N PRO V 1241 -41.12 -95.35 -118.31
CA PRO V 1241 -39.96 -94.47 -118.54
C PRO V 1241 -38.82 -94.86 -117.64
N PRO V 1242 -37.57 -94.58 -118.04
CA PRO V 1242 -36.43 -94.96 -117.20
C PRO V 1242 -36.46 -94.36 -115.81
N THR V 1243 -36.93 -93.11 -115.67
CA THR V 1243 -36.94 -92.42 -114.40
C THR V 1243 -38.22 -92.69 -113.60
N GLN V 1244 -38.89 -93.81 -113.86
CA GLN V 1244 -40.12 -94.15 -113.15
C GLN V 1244 -39.78 -94.96 -111.90
N ILE V 1245 -40.16 -94.44 -110.75
CA ILE V 1245 -39.96 -95.12 -109.46
C ILE V 1245 -41.23 -94.98 -108.63
N GLN V 1246 -41.59 -96.05 -107.93
CA GLN V 1246 -42.67 -96.02 -106.95
C GLN V 1246 -42.05 -96.22 -105.56
N LEU V 1247 -41.54 -95.12 -105.00
CA LEU V 1247 -40.71 -95.23 -103.80
C LEU V 1247 -41.51 -95.62 -102.56
N PRO V 1248 -42.65 -94.98 -102.22
CA PRO V 1248 -43.27 -95.26 -100.92
C PRO V 1248 -43.77 -96.69 -100.76
N GLU V 1249 -43.95 -97.45 -101.83
CA GLU V 1249 -44.50 -98.80 -101.73
C GLU V 1249 -43.42 -99.87 -101.78
N VAL V 1250 -42.65 -99.94 -102.87
CA VAL V 1250 -41.60 -100.94 -103.03
C VAL V 1250 -40.39 -100.27 -103.69
N VAL V 1251 -39.21 -100.57 -103.18
CA VAL V 1251 -37.98 -100.05 -103.77
C VAL V 1251 -37.58 -100.92 -104.94
N ASP V 1252 -37.11 -100.28 -106.01
CA ASP V 1252 -36.64 -101.01 -107.18
C ASP V 1252 -35.17 -101.37 -107.01
N LEU V 1253 -34.79 -102.55 -107.54
CA LEU V 1253 -33.43 -103.05 -107.42
C LEU V 1253 -32.62 -102.84 -108.70
N TYR V 1254 -33.11 -102.02 -109.61
CA TYR V 1254 -32.36 -101.67 -110.82
C TYR V 1254 -32.91 -100.34 -111.31
N ASN V 1255 -32.09 -99.29 -111.25
CA ASN V 1255 -32.57 -97.93 -111.48
C ASN V 1255 -31.60 -97.20 -112.39
N VAL V 1256 -31.80 -95.89 -112.51
CA VAL V 1256 -31.03 -95.03 -113.40
C VAL V 1256 -30.14 -94.16 -112.51
N VAL V 1257 -28.90 -94.58 -112.32
CA VAL V 1257 -27.95 -93.87 -111.46
C VAL V 1257 -27.12 -92.94 -112.32
N THR V 1258 -27.03 -91.68 -111.89
CA THR V 1258 -26.14 -90.72 -112.53
C THR V 1258 -24.87 -90.58 -111.70
N ARG V 1259 -23.74 -90.43 -112.40
CA ARG V 1259 -22.43 -90.37 -111.77
C ARG V 1259 -21.74 -89.08 -112.20
N TYR V 1260 -20.95 -88.52 -111.28
CA TYR V 1260 -20.34 -87.21 -111.47
C TYR V 1260 -18.84 -87.29 -111.26
N ALA V 1261 -18.13 -86.35 -111.87
CA ALA V 1261 -16.68 -86.23 -111.72
C ALA V 1261 -16.38 -84.73 -111.59
N TYR V 1262 -16.35 -84.25 -110.35
CA TYR V 1262 -16.21 -82.84 -110.06
C TYR V 1262 -14.78 -82.53 -109.60
N GLU V 1263 -14.54 -81.26 -109.30
CA GLU V 1263 -13.26 -80.82 -108.76
C GLU V 1263 -13.52 -79.68 -107.78
N THR V 1264 -12.74 -79.66 -106.70
CA THR V 1264 -12.90 -78.66 -105.63
C THR V 1264 -11.57 -77.92 -105.49
N PRO V 1265 -11.37 -76.86 -106.28
CA PRO V 1265 -10.09 -76.14 -106.20
C PRO V 1265 -9.96 -75.39 -104.89
N PRO V 1266 -8.75 -75.15 -104.42
CA PRO V 1266 -8.55 -74.38 -103.19
C PRO V 1266 -8.86 -72.91 -103.40
N ILE V 1267 -8.93 -72.19 -102.29
CA ILE V 1267 -9.18 -70.74 -102.34
C ILE V 1267 -7.92 -70.05 -102.81
N THR V 1268 -8.00 -69.37 -103.95
CA THR V 1268 -6.88 -68.63 -104.51
C THR V 1268 -7.28 -67.17 -104.68
N ALA V 1269 -6.39 -66.27 -104.28
CA ALA V 1269 -6.67 -64.83 -104.38
C ALA V 1269 -5.35 -64.08 -104.44
N VAL V 1270 -5.30 -63.05 -105.27
CA VAL V 1270 -4.13 -62.20 -105.41
C VAL V 1270 -4.41 -60.91 -104.66
N VAL V 1271 -3.85 -60.79 -103.46
CA VAL V 1271 -4.04 -59.59 -102.65
C VAL V 1271 -3.25 -58.45 -103.28
N MET V 1272 -3.92 -57.33 -103.55
CA MET V 1272 -3.33 -56.19 -104.21
C MET V 1272 -3.49 -54.95 -103.35
N GLY V 1273 -2.41 -54.17 -103.23
CA GLY V 1273 -2.47 -52.93 -102.50
C GLY V 1273 -3.17 -51.84 -103.27
N VAL V 1274 -3.52 -50.77 -102.55
CA VAL V 1274 -4.20 -49.61 -103.12
C VAL V 1274 -3.30 -48.40 -102.91
N PRO V 1275 -3.07 -47.57 -103.93
CA PRO V 1275 -2.24 -46.36 -103.80
C PRO V 1275 -2.90 -45.31 -102.90
N GLN W 182 -55.60 -120.70 4.90
CA GLN W 182 -56.00 -119.37 5.36
C GLN W 182 -57.20 -119.45 6.29
N CYS W 183 -57.37 -118.42 7.13
CA CYS W 183 -58.51 -118.30 8.02
C CYS W 183 -59.53 -117.39 7.36
N HIS W 184 -60.61 -117.97 6.86
CA HIS W 184 -61.59 -117.20 6.09
C HIS W 184 -62.27 -116.12 6.90
N VAL W 185 -62.24 -116.22 8.24
CA VAL W 185 -62.87 -115.20 9.07
C VAL W 185 -62.16 -113.85 8.91
N CYS W 186 -60.82 -113.86 8.92
CA CYS W 186 -60.05 -112.64 8.83
C CYS W 186 -59.07 -112.63 7.66
N SER W 187 -59.10 -113.66 6.81
CA SER W 187 -58.22 -113.76 5.64
C SER W 187 -56.74 -113.65 6.04
N ALA W 188 -56.38 -114.30 7.14
CA ALA W 188 -55.00 -114.32 7.62
C ALA W 188 -54.34 -115.62 7.18
N VAL W 189 -53.15 -115.50 6.61
CA VAL W 189 -52.43 -116.68 6.11
C VAL W 189 -51.81 -117.42 7.29
N LEU W 190 -52.05 -118.72 7.35
CA LEU W 190 -51.56 -119.57 8.43
C LEU W 190 -50.87 -120.79 7.82
N PHE W 191 -50.07 -121.46 8.65
CA PHE W 191 -49.22 -122.56 8.20
C PHE W 191 -49.71 -123.92 8.70
N SER W 192 -49.89 -124.08 10.00
CA SER W 192 -50.17 -125.40 10.55
C SER W 192 -51.61 -125.50 11.06
N PRO W 193 -52.18 -126.70 11.09
CA PRO W 193 -53.51 -126.86 11.71
C PRO W 193 -53.54 -126.47 13.17
N LEU W 194 -52.46 -126.70 13.91
CA LEU W 194 -52.39 -126.22 15.30
C LEU W 194 -52.49 -124.70 15.36
N ASP W 195 -51.77 -124.02 14.45
CA ASP W 195 -51.86 -122.57 14.37
C ASP W 195 -53.26 -122.10 13.99
N LEU W 196 -53.92 -122.80 13.06
CA LEU W 196 -55.28 -122.43 12.71
C LEU W 196 -56.23 -122.59 13.88
N ASP W 197 -56.09 -123.69 14.63
CA ASP W 197 -56.94 -123.92 15.80
C ASP W 197 -56.69 -122.87 16.87
N ALA W 198 -55.43 -122.48 17.07
CA ALA W 198 -55.15 -121.43 18.04
C ALA W 198 -55.66 -120.08 17.56
N HIS W 199 -55.64 -119.83 16.25
CA HIS W 199 -56.05 -118.54 15.72
C HIS W 199 -57.56 -118.38 15.78
N VAL W 200 -58.32 -119.42 15.43
CA VAL W 200 -59.77 -119.33 15.44
C VAL W 200 -60.33 -119.10 16.84
N ALA W 201 -59.53 -119.33 17.88
CA ALA W 201 -59.96 -119.00 19.23
C ALA W 201 -60.07 -117.50 19.45
N SER W 202 -59.41 -116.69 18.62
CA SER W 202 -59.50 -115.24 18.75
C SER W 202 -60.83 -114.72 18.22
N HIS W 203 -61.38 -115.34 17.19
CA HIS W 203 -62.65 -114.94 16.61
C HIS W 203 -63.85 -115.55 17.35
N GLY W 204 -63.64 -116.08 18.54
CA GLY W 204 -64.71 -116.70 19.31
C GLY W 204 -65.01 -118.12 18.95
N LEU W 205 -64.29 -118.72 18.01
CA LEU W 205 -64.51 -120.10 17.61
C LEU W 205 -63.63 -121.04 18.42
N HIS W 206 -63.88 -122.34 18.27
CA HIS W 206 -63.06 -123.36 18.90
C HIS W 206 -63.31 -124.73 18.27
N GLN W 217 -52.82 -117.19 23.30
CA GLN W 217 -53.17 -116.55 24.55
C GLN W 217 -52.12 -115.53 24.95
N ARG W 218 -50.95 -115.59 24.29
CA ARG W 218 -49.88 -114.65 24.58
C ARG W 218 -50.16 -113.27 23.98
N HIS W 219 -50.84 -113.21 22.83
CA HIS W 219 -51.07 -111.96 22.15
C HIS W 219 -52.09 -111.11 22.90
N ILE W 220 -52.08 -109.81 22.60
CA ILE W 220 -53.04 -108.87 23.15
C ILE W 220 -53.93 -108.28 22.07
N THR W 221 -53.33 -107.87 20.94
CA THR W 221 -54.08 -107.37 19.80
C THR W 221 -53.58 -108.03 18.53
N GLU W 222 -54.49 -108.24 17.59
CA GLU W 222 -54.16 -108.87 16.30
C GLU W 222 -54.84 -108.08 15.19
N PHE W 223 -54.06 -107.29 14.45
CA PHE W 223 -54.56 -106.52 13.33
C PHE W 223 -53.93 -107.00 12.03
N ILE W 224 -54.77 -107.25 11.03
CA ILE W 224 -54.35 -107.66 9.70
C ILE W 224 -54.87 -106.66 8.69
N SER W 225 -54.02 -106.28 7.74
CA SER W 225 -54.37 -105.29 6.74
C SER W 225 -55.10 -105.95 5.56
N SER W 226 -55.47 -105.14 4.57
CA SER W 226 -56.19 -105.64 3.41
C SER W 226 -55.51 -105.34 2.08
N TRP W 227 -54.44 -104.54 2.07
CA TRP W 227 -53.71 -104.24 0.84
C TRP W 227 -52.30 -104.80 0.83
N GLN W 228 -51.75 -105.18 1.98
CA GLN W 228 -50.41 -105.74 2.04
C GLN W 228 -50.41 -106.90 3.04
N ASN W 229 -49.49 -107.83 2.84
CA ASN W 229 -49.36 -109.00 3.71
C ASN W 229 -48.38 -108.66 4.83
N HIS W 230 -48.91 -108.24 5.97
CA HIS W 230 -48.08 -107.93 7.14
C HIS W 230 -48.90 -107.95 8.42
N PRO W 231 -49.13 -109.13 9.00
CA PRO W 231 -49.81 -109.17 10.31
C PRO W 231 -48.96 -108.51 11.38
N ILE W 232 -49.63 -107.84 12.31
CA ILE W 232 -48.98 -107.20 13.44
C ILE W 232 -49.70 -107.65 14.71
N VAL W 233 -48.94 -108.21 15.65
CA VAL W 233 -49.47 -108.69 16.91
C VAL W 233 -48.69 -108.01 18.04
N GLN W 234 -49.41 -107.64 19.10
CA GLN W 234 -48.83 -106.94 20.23
C GLN W 234 -48.85 -107.85 21.45
N VAL W 235 -47.72 -107.94 22.14
CA VAL W 235 -47.58 -108.78 23.33
C VAL W 235 -47.21 -107.90 24.52
N SER W 236 -47.21 -108.53 25.70
CA SER W 236 -46.91 -107.80 26.93
C SER W 236 -45.47 -107.29 26.92
N ALA W 237 -45.24 -106.22 27.68
CA ALA W 237 -43.93 -105.58 27.67
C ALA W 237 -42.84 -106.50 28.21
N ASP W 238 -43.10 -107.18 29.32
CA ASP W 238 -42.10 -108.03 29.96
C ASP W 238 -42.24 -109.48 29.52
N VAL W 239 -42.09 -109.69 28.21
CA VAL W 239 -42.11 -111.03 27.61
C VAL W 239 -40.73 -111.31 27.05
N GLU W 240 -40.13 -112.41 27.49
CA GLU W 240 -38.79 -112.78 27.05
C GLU W 240 -38.83 -113.27 25.60
N ASN W 241 -37.66 -113.23 24.95
CA ASN W 241 -37.45 -113.71 23.58
C ASN W 241 -38.58 -113.25 22.65
N ARG W 242 -38.84 -111.95 22.66
CA ARG W 242 -39.80 -111.37 21.72
C ARG W 242 -39.36 -111.61 20.28
N LYS W 243 -40.30 -112.02 19.44
CA LYS W 243 -40.00 -112.38 18.06
C LYS W 243 -41.03 -111.73 17.14
N THR W 244 -40.60 -110.69 16.42
CA THR W 244 -41.42 -109.99 15.42
C THR W 244 -42.78 -109.60 16.01
N ALA W 245 -42.74 -109.00 17.19
CA ALA W 245 -43.95 -108.57 17.88
C ALA W 245 -43.71 -107.21 18.51
N GLN W 246 -44.82 -106.50 18.75
CA GLN W 246 -44.77 -105.14 19.28
C GLN W 246 -44.99 -105.14 20.79
N LEU W 247 -44.70 -104.00 21.40
CA LEU W 247 -44.68 -103.86 22.85
C LEU W 247 -45.89 -103.08 23.32
N LEU W 248 -46.40 -103.44 24.50
CA LEU W 248 -47.43 -102.66 25.19
C LEU W 248 -46.78 -102.12 26.45
N HIS W 249 -46.31 -100.87 26.40
CA HIS W 249 -45.36 -100.38 27.39
C HIS W 249 -46.03 -100.08 28.73
N ALA W 250 -47.12 -99.32 28.71
CA ALA W 250 -47.73 -98.86 29.96
C ALA W 250 -48.33 -100.03 30.72
N ASP W 251 -48.30 -99.91 32.05
CA ASP W 251 -48.75 -100.99 32.93
C ASP W 251 -50.22 -101.30 32.71
N THR W 252 -50.54 -102.60 32.71
CA THR W 252 -51.90 -103.09 32.66
C THR W 252 -52.24 -103.76 33.99
N PRO W 253 -53.19 -103.22 34.76
CA PRO W 253 -53.63 -103.92 35.96
C PRO W 253 -54.25 -105.27 35.60
N ARG W 254 -53.94 -106.28 36.43
CA ARG W 254 -54.44 -107.63 36.19
C ARG W 254 -55.86 -107.71 36.74
N LEU W 255 -56.81 -107.28 35.92
CA LEU W 255 -58.19 -107.19 36.36
C LEU W 255 -58.82 -108.56 36.55
N VAL W 256 -58.62 -109.46 35.59
CA VAL W 256 -59.27 -110.77 35.59
C VAL W 256 -58.29 -111.81 36.10
N THR W 257 -58.59 -112.38 37.27
CA THR W 257 -57.82 -113.48 37.84
C THR W 257 -58.79 -114.54 38.34
N TRP W 258 -58.45 -115.80 38.09
CA TRP W 258 -59.34 -116.91 38.38
C TRP W 258 -58.85 -117.72 39.56
N ASP W 259 -59.78 -118.11 40.42
CA ASP W 259 -59.51 -118.96 41.58
C ASP W 259 -60.22 -120.28 41.38
N ALA W 260 -59.50 -121.38 41.56
CA ALA W 260 -60.05 -122.72 41.38
C ALA W 260 -60.43 -123.39 42.69
N GLY W 261 -59.81 -122.99 43.81
CA GLY W 261 -60.15 -123.56 45.09
C GLY W 261 -61.43 -122.99 45.66
N LEU W 262 -61.87 -123.60 46.75
CA LEU W 262 -63.09 -123.14 47.42
C LEU W 262 -62.88 -121.74 47.99
N CYS W 263 -63.94 -120.92 47.94
CA CYS W 263 -63.86 -119.53 48.37
C CYS W 263 -64.15 -119.45 49.87
N THR W 264 -63.07 -119.57 50.65
CA THR W 264 -63.16 -119.50 52.10
C THR W 264 -61.89 -118.83 52.64
N SER W 265 -62.07 -117.99 53.66
CA SER W 265 -60.97 -117.31 54.32
C SER W 265 -60.88 -117.64 55.80
N PHE W 266 -61.81 -118.45 56.32
CA PHE W 266 -61.84 -118.82 57.73
C PHE W 266 -61.58 -120.31 57.84
N LYS W 267 -60.57 -120.69 58.61
CA LYS W 267 -60.22 -122.09 58.81
C LYS W 267 -60.39 -122.47 60.27
N ILE W 268 -60.90 -123.68 60.50
CA ILE W 268 -61.07 -124.20 61.85
C ILE W 268 -59.83 -124.99 62.21
N VAL W 269 -59.03 -124.46 63.13
CA VAL W 269 -57.76 -125.05 63.52
C VAL W 269 -57.89 -125.56 64.95
N PRO W 270 -57.46 -126.79 65.24
CA PRO W 270 -57.50 -127.28 66.63
C PRO W 270 -56.46 -126.57 67.48
N ILE W 271 -56.73 -126.50 68.78
CA ILE W 271 -55.82 -125.86 69.73
C ILE W 271 -55.23 -126.87 70.70
N VAL W 272 -56.07 -127.68 71.34
CA VAL W 272 -55.63 -128.70 72.27
C VAL W 272 -56.00 -130.06 71.67
N PRO W 273 -55.05 -130.81 71.12
CA PRO W 273 -55.37 -132.11 70.52
C PRO W 273 -55.82 -133.11 71.57
N ALA W 274 -56.68 -134.03 71.13
CA ALA W 274 -57.19 -135.08 72.03
C ALA W 274 -57.64 -136.25 71.18
N GLN W 275 -57.72 -137.41 71.82
CA GLN W 275 -58.18 -138.64 71.18
C GLN W 275 -59.15 -139.36 72.11
N VAL W 276 -60.20 -139.92 71.54
CA VAL W 276 -61.25 -140.58 72.31
C VAL W 276 -61.55 -141.92 71.66
N PRO W 277 -61.71 -142.98 72.47
CA PRO W 277 -62.12 -144.27 71.92
C PRO W 277 -63.47 -144.17 71.22
N GLN W 278 -63.59 -144.88 70.09
CA GLN W 278 -64.78 -144.84 69.26
C GLN W 278 -65.30 -146.25 69.05
N ASP W 279 -66.64 -146.41 69.10
CA ASP W 279 -67.24 -147.71 68.88
C ASP W 279 -67.11 -148.15 67.43
N VAL W 280 -67.41 -147.26 66.49
CA VAL W 280 -67.35 -147.54 65.07
C VAL W 280 -66.06 -146.93 64.53
N LEU W 281 -65.25 -147.74 63.85
CA LEU W 281 -63.95 -147.29 63.38
C LEU W 281 -63.93 -146.99 61.89
N ALA W 282 -64.66 -147.75 61.08
CA ALA W 282 -64.62 -147.56 59.64
C ALA W 282 -65.85 -148.19 59.01
N TYR W 283 -66.11 -147.80 57.76
CA TYR W 283 -67.18 -148.38 56.96
C TYR W 283 -66.66 -149.60 56.23
N THR W 284 -67.49 -150.64 56.15
CA THR W 284 -67.12 -151.90 55.51
C THR W 284 -68.06 -152.15 54.33
N PHE W 285 -67.49 -152.43 53.16
CA PHE W 285 -68.24 -152.79 51.97
C PHE W 285 -67.59 -154.04 51.36
N PHE W 286 -68.29 -155.17 51.45
CA PHE W 286 -67.79 -156.47 50.99
C PHE W 286 -66.46 -156.73 51.69
N THR W 287 -65.37 -156.98 50.96
CA THR W 287 -64.07 -157.25 51.56
C THR W 287 -63.21 -156.01 51.71
N SER W 288 -63.73 -154.83 51.38
CA SER W 288 -62.99 -153.58 51.47
C SER W 288 -63.53 -152.72 52.59
N SER W 289 -62.64 -152.04 53.30
CA SER W 289 -63.00 -151.17 54.40
C SER W 289 -62.54 -149.75 54.11
N TYR W 290 -63.42 -148.79 54.33
CA TYR W 290 -63.13 -147.38 54.10
C TYR W 290 -63.14 -146.63 55.42
N ALA W 291 -62.12 -145.80 55.63
CA ALA W 291 -61.98 -145.09 56.89
C ALA W 291 -63.00 -143.96 57.00
N ILE W 292 -63.10 -143.42 58.22
CA ILE W 292 -64.03 -142.33 58.52
C ILE W 292 -63.25 -141.03 58.57
N GLN W 293 -63.66 -140.06 57.76
CA GLN W 293 -63.07 -138.73 57.75
C GLN W 293 -64.12 -137.70 58.15
N SER W 294 -63.70 -136.73 58.95
CA SER W 294 -64.61 -135.72 59.45
C SER W 294 -64.28 -134.35 58.85
N PRO W 295 -65.28 -133.48 58.69
CA PRO W 295 -64.99 -132.15 58.14
C PRO W 295 -64.22 -131.26 59.10
N PHE W 296 -64.57 -131.27 60.37
CA PHE W 296 -63.94 -130.43 61.36
C PHE W 296 -62.90 -131.21 62.14
N PRO W 297 -61.79 -130.58 62.52
CA PRO W 297 -60.79 -131.29 63.33
C PRO W 297 -61.36 -131.74 64.66
N GLU W 298 -60.97 -132.93 65.08
CA GLU W 298 -61.39 -133.49 66.36
C GLU W 298 -60.28 -133.21 67.38
N ALA W 299 -60.65 -132.54 68.46
CA ALA W 299 -59.69 -132.12 69.48
C ALA W 299 -60.46 -131.62 70.69
N ALA W 300 -59.72 -131.30 71.75
CA ALA W 300 -60.35 -130.76 72.95
C ALA W 300 -60.94 -129.38 72.69
N VAL W 301 -60.15 -128.47 72.11
CA VAL W 301 -60.60 -127.12 71.77
C VAL W 301 -60.22 -126.83 70.33
N SER W 302 -61.20 -126.42 69.53
CA SER W 302 -60.97 -125.98 68.16
C SER W 302 -61.59 -124.62 67.95
N ARG W 303 -60.85 -123.71 67.34
CA ARG W 303 -61.29 -122.33 67.19
C ARG W 303 -60.94 -121.81 65.80
N ILE W 304 -61.67 -120.77 65.38
CA ILE W 304 -61.55 -120.27 64.02
C ILE W 304 -60.55 -119.12 63.95
N VAL W 305 -59.79 -119.08 62.87
CA VAL W 305 -58.90 -117.98 62.55
C VAL W 305 -59.09 -117.62 61.08
N VAL W 306 -58.70 -116.41 60.71
CA VAL W 306 -58.87 -115.92 59.34
C VAL W 306 -57.55 -116.16 58.61
N HIS W 307 -57.63 -116.82 57.46
CA HIS W 307 -56.49 -117.06 56.60
C HIS W 307 -56.93 -116.86 55.15
N THR W 308 -56.54 -115.74 54.55
CA THR W 308 -56.97 -115.44 53.20
C THR W 308 -56.39 -116.46 52.22
N ARG W 309 -57.28 -117.09 51.44
CA ARG W 309 -56.89 -118.08 50.43
C ARG W 309 -56.07 -119.20 51.05
N TRP W 310 -56.53 -119.72 52.18
CA TRP W 310 -55.83 -120.83 52.82
C TRP W 310 -55.86 -122.08 51.95
N ALA W 311 -56.93 -122.25 51.17
CA ALA W 311 -57.04 -123.33 50.22
C ALA W 311 -57.61 -122.77 48.92
N SER W 312 -56.73 -122.55 47.93
CA SER W 312 -57.14 -121.94 46.68
C SER W 312 -56.07 -122.17 45.63
N ASN W 313 -56.51 -122.29 44.38
CA ASN W 313 -55.62 -122.39 43.23
C ASN W 313 -55.87 -121.18 42.33
N VAL W 314 -54.85 -120.35 42.15
CA VAL W 314 -54.97 -119.10 41.41
C VAL W 314 -53.93 -119.08 40.30
N ASP W 315 -54.35 -118.61 39.12
CA ASP W 315 -53.41 -118.45 38.01
C ASP W 315 -52.48 -117.27 38.26
N PHE W 316 -53.00 -116.19 38.83
CA PHE W 316 -52.21 -115.02 39.20
C PHE W 316 -52.43 -114.75 40.69
N ASP W 317 -51.32 -114.56 41.41
CA ASP W 317 -51.36 -114.45 42.86
C ASP W 317 -51.19 -113.00 43.27
N ARG W 318 -52.17 -112.47 44.00
CA ARG W 318 -52.05 -111.18 44.66
C ARG W 318 -51.20 -111.39 45.91
N ASP W 319 -49.91 -111.10 45.81
CA ASP W 319 -48.96 -111.51 46.85
C ASP W 319 -49.04 -110.61 48.07
N SER W 320 -50.25 -110.49 48.59
CA SER W 320 -50.53 -109.92 49.91
C SER W 320 -51.36 -110.94 50.66
N SER W 321 -51.27 -110.93 51.99
CA SER W 321 -51.97 -111.93 52.77
C SER W 321 -52.15 -111.47 54.21
N VAL W 322 -53.21 -111.97 54.83
CA VAL W 322 -53.48 -111.76 56.25
C VAL W 322 -53.50 -113.13 56.91
N ILE W 323 -52.54 -113.39 57.79
CA ILE W 323 -52.36 -114.70 58.40
C ILE W 323 -52.58 -114.58 59.90
N MET W 324 -53.49 -115.39 60.44
CA MET W 324 -53.63 -115.61 61.86
C MET W 324 -52.94 -116.90 62.25
N ALA W 325 -51.93 -116.80 63.09
CA ALA W 325 -51.45 -117.95 63.83
C ALA W 325 -52.53 -118.37 64.83
N PRO W 326 -52.49 -119.62 65.30
CA PRO W 326 -53.47 -120.03 66.30
C PRO W 326 -53.41 -119.12 67.50
N PRO W 327 -54.55 -118.86 68.14
CA PRO W 327 -54.60 -117.82 69.19
C PRO W 327 -53.62 -118.04 70.32
N THR W 328 -53.14 -119.26 70.52
CA THR W 328 -52.09 -119.50 71.50
C THR W 328 -50.82 -118.74 71.13
N GLU W 329 -50.47 -118.74 69.85
CA GLU W 329 -49.28 -118.03 69.40
C GLU W 329 -49.52 -116.51 69.40
N ASN W 330 -48.43 -115.77 69.44
CA ASN W 330 -48.51 -114.31 69.45
C ASN W 330 -48.87 -113.79 68.06
N ASN W 331 -49.62 -112.68 68.03
CA ASN W 331 -50.11 -112.11 66.78
C ASN W 331 -49.97 -110.59 66.73
N ILE W 332 -48.92 -110.03 67.34
CA ILE W 332 -48.80 -108.57 67.40
C ILE W 332 -48.13 -108.01 66.15
N HIS W 333 -47.52 -108.87 65.33
CA HIS W 333 -46.76 -108.37 64.20
C HIS W 333 -47.66 -107.90 63.05
N LEU W 334 -48.95 -108.24 63.09
CA LEU W 334 -49.87 -107.62 62.13
C LEU W 334 -50.39 -106.29 62.65
N PHE W 335 -50.47 -106.12 63.96
CA PHE W 335 -50.91 -104.87 64.54
C PHE W 335 -49.80 -103.83 64.63
N LYS W 336 -48.54 -104.24 64.50
CA LYS W 336 -47.43 -103.31 64.61
C LYS W 336 -46.76 -102.97 63.28
N GLN W 337 -47.38 -103.30 62.15
CA GLN W 337 -46.69 -103.17 60.87
C GLN W 337 -46.69 -101.73 60.36
N LEU W 338 -47.79 -101.01 60.58
CA LEU W 338 -48.04 -99.80 59.79
C LEU W 338 -47.14 -98.64 60.22
N LEU W 339 -47.27 -98.19 61.47
CA LEU W 339 -46.60 -96.97 61.91
C LEU W 339 -45.69 -97.15 63.10
N ASN W 340 -45.44 -98.38 63.54
CA ASN W 340 -44.59 -98.63 64.71
C ASN W 340 -43.14 -98.86 64.33
N THR W 341 -42.55 -97.91 63.60
CA THR W 341 -41.16 -98.07 63.16
C THR W 341 -40.18 -97.58 64.23
N GLU W 342 -40.61 -96.71 65.14
CA GLU W 342 -39.86 -96.42 66.37
C GLU W 342 -40.70 -96.85 67.55
N THR W 343 -40.49 -98.09 68.01
CA THR W 343 -41.17 -98.61 69.18
C THR W 343 -40.14 -99.18 70.13
N LEU W 344 -40.25 -98.81 71.41
CA LEU W 344 -39.24 -99.22 72.39
C LEU W 344 -39.20 -100.74 72.55
N SER W 345 -40.36 -101.39 72.52
CA SER W 345 -40.44 -102.83 72.66
C SER W 345 -40.91 -103.44 71.34
N VAL W 346 -40.09 -104.33 70.77
CA VAL W 346 -40.44 -104.97 69.50
C VAL W 346 -41.60 -105.95 69.64
N ARG W 347 -41.98 -106.29 70.87
CA ARG W 347 -43.05 -107.25 71.11
C ARG W 347 -44.43 -106.60 71.24
N GLY W 348 -44.54 -105.29 71.04
CA GLY W 348 -45.80 -104.60 71.24
C GLY W 348 -46.12 -103.65 70.10
N ALA W 349 -47.35 -103.15 70.13
CA ALA W 349 -47.84 -102.19 69.15
C ALA W 349 -48.47 -100.99 69.86
N ASN W 350 -48.28 -99.81 69.28
CA ASN W 350 -48.79 -98.59 69.88
C ASN W 350 -50.31 -98.58 69.86
N PRO W 351 -50.97 -98.32 70.99
CA PRO W 351 -52.45 -98.29 70.99
C PRO W 351 -53.03 -97.18 70.13
N LEU W 352 -52.25 -96.15 69.81
CA LEU W 352 -52.82 -94.99 69.12
C LEU W 352 -53.04 -95.26 67.63
N MET W 353 -52.35 -96.26 67.07
CA MET W 353 -52.49 -96.57 65.66
C MET W 353 -53.19 -97.90 65.41
N PHE W 354 -53.93 -98.40 66.41
CA PHE W 354 -54.72 -99.62 66.21
C PHE W 354 -55.74 -99.44 65.10
N ARG W 355 -56.42 -98.29 65.05
CA ARG W 355 -57.44 -98.07 64.04
C ARG W 355 -56.84 -98.06 62.64
N ALA W 356 -55.70 -97.39 62.47
CA ALA W 356 -55.05 -97.37 61.17
C ALA W 356 -54.57 -98.76 60.76
N ASN W 357 -53.99 -99.51 61.71
CA ASN W 357 -53.54 -100.86 61.40
C ASN W 357 -54.70 -101.76 61.02
N VAL W 358 -55.81 -101.64 61.73
CA VAL W 358 -57.00 -102.46 61.43
C VAL W 358 -57.55 -102.10 60.06
N LEU W 359 -57.58 -100.80 59.73
CA LEU W 359 -58.07 -100.40 58.42
C LEU W 359 -57.17 -100.93 57.31
N HIS W 360 -55.84 -100.87 57.50
CA HIS W 360 -54.93 -101.42 56.50
C HIS W 360 -55.12 -102.92 56.35
N MET W 361 -55.30 -103.63 57.47
CA MET W 361 -55.55 -105.07 57.42
C MET W 361 -56.85 -105.37 56.67
N LEU W 362 -57.89 -104.57 56.90
CA LEU W 362 -59.16 -104.80 56.23
C LEU W 362 -59.04 -104.56 54.74
N LEU W 363 -58.31 -103.50 54.36
CA LEU W 363 -58.09 -103.23 52.94
C LEU W 363 -57.31 -104.38 52.29
N GLU W 364 -56.29 -104.90 52.97
CA GLU W 364 -55.56 -106.04 52.43
C GLU W 364 -56.46 -107.27 52.34
N PHE W 365 -57.37 -107.44 53.30
CA PHE W 365 -58.32 -108.54 53.27
C PHE W 365 -59.19 -108.48 52.02
N VAL W 366 -59.68 -107.28 51.68
CA VAL W 366 -60.51 -107.13 50.48
C VAL W 366 -59.67 -107.36 49.22
N LEU W 367 -58.50 -106.74 49.15
CA LEU W 367 -57.68 -106.82 47.95
C LEU W 367 -57.19 -108.25 47.70
N ASP W 368 -57.02 -109.03 48.76
CA ASP W 368 -56.76 -110.45 48.61
C ASP W 368 -57.92 -111.20 47.98
N ASN W 369 -59.14 -110.88 48.39
CA ASN W 369 -60.32 -111.63 47.98
C ASN W 369 -60.93 -111.13 46.70
N LEU W 370 -60.35 -110.09 46.09
CA LEU W 370 -60.76 -109.70 44.73
C LEU W 370 -60.31 -110.79 43.76
N TYR W 371 -61.24 -111.68 43.40
CA TYR W 371 -60.97 -112.78 42.48
C TYR W 371 -62.26 -113.17 41.78
N LEU W 372 -62.14 -114.14 40.88
CA LEU W 372 -63.27 -114.72 40.16
C LEU W 372 -63.24 -116.23 40.30
N ASN W 373 -64.37 -116.83 40.66
CA ASN W 373 -64.44 -118.28 40.77
C ASN W 373 -64.32 -118.93 39.40
N ARG W 374 -63.58 -120.03 39.33
CA ARG W 374 -63.31 -120.73 38.09
C ARG W 374 -63.99 -122.10 38.11
N HIS W 375 -64.76 -122.39 37.07
CA HIS W 375 -65.47 -123.66 36.98
C HIS W 375 -64.50 -124.81 36.77
N THR W 376 -64.74 -125.92 37.45
CA THR W 376 -63.95 -127.14 37.30
C THR W 376 -64.90 -128.31 37.04
N GLY W 377 -64.32 -129.50 36.95
CA GLY W 377 -65.13 -130.67 36.70
C GLY W 377 -65.85 -131.17 37.94
N PHE W 378 -66.85 -132.01 37.71
CA PHE W 378 -67.63 -132.62 38.79
C PHE W 378 -67.44 -134.13 38.77
N SER W 379 -67.94 -134.77 39.81
CA SER W 379 -67.94 -136.23 39.92
C SER W 379 -69.23 -136.68 40.60
N GLN W 380 -69.82 -137.75 40.06
CA GLN W 380 -71.06 -138.29 40.60
C GLN W 380 -70.72 -139.29 41.71
N ASP W 381 -71.27 -139.04 42.90
CA ASP W 381 -70.95 -139.83 44.09
C ASP W 381 -72.11 -140.75 44.43
N HIS W 382 -71.80 -142.01 44.72
CA HIS W 382 -72.81 -143.00 45.08
C HIS W 382 -72.63 -143.53 46.50
N THR W 383 -72.06 -142.73 47.39
CA THR W 383 -71.97 -143.12 48.78
C THR W 383 -73.38 -143.22 49.38
N PRO W 384 -73.59 -144.12 50.35
CA PRO W 384 -74.95 -144.30 50.88
C PRO W 384 -75.56 -143.04 51.46
N PHE W 385 -74.72 -142.13 51.97
CA PHE W 385 -75.25 -140.92 52.60
C PHE W 385 -75.71 -139.90 51.56
N THR W 386 -75.01 -139.83 50.42
CA THR W 386 -75.34 -138.88 49.35
C THR W 386 -75.49 -139.66 48.04
N GLU W 387 -76.71 -139.69 47.52
CA GLU W 387 -77.03 -140.41 46.28
C GLU W 387 -77.19 -139.41 45.14
N GLY W 388 -76.41 -139.61 44.07
CA GLY W 388 -76.59 -138.88 42.84
C GLY W 388 -76.05 -137.46 42.83
N ALA W 389 -75.55 -136.97 43.96
CA ALA W 389 -75.06 -135.59 44.01
C ALA W 389 -73.76 -135.45 43.25
N ASN W 390 -73.65 -134.37 42.49
CA ASN W 390 -72.44 -134.05 41.74
C ASN W 390 -71.57 -133.15 42.61
N LEU W 391 -70.39 -133.64 42.97
CA LEU W 391 -69.49 -132.97 43.89
C LEU W 391 -68.33 -132.36 43.12
N ARG W 392 -68.03 -131.09 43.41
CA ARG W 392 -66.90 -130.43 42.78
C ARG W 392 -65.59 -131.07 43.19
N SER W 393 -64.66 -131.18 42.25
CA SER W 393 -63.33 -131.72 42.50
C SER W 393 -62.29 -130.65 42.20
N LEU W 394 -61.40 -130.41 43.16
CA LEU W 394 -60.36 -129.42 42.98
C LEU W 394 -59.35 -129.90 41.94
N PRO W 395 -58.67 -128.97 41.25
CA PRO W 395 -57.72 -129.38 40.22
C PRO W 395 -56.45 -130.03 40.76
N GLY W 396 -56.33 -130.22 42.07
CA GLY W 396 -55.18 -130.84 42.65
C GLY W 396 -55.07 -132.31 42.27
N PRO W 397 -53.88 -132.88 42.43
CA PRO W 397 -53.70 -134.30 42.07
C PRO W 397 -54.61 -135.24 42.84
N ASP W 398 -54.91 -134.93 44.09
CA ASP W 398 -55.79 -135.73 44.93
C ASP W 398 -56.99 -134.91 45.34
N ALA W 399 -58.16 -135.22 44.77
CA ALA W 399 -59.39 -134.52 45.09
C ALA W 399 -60.29 -135.28 46.05
N GLU W 400 -59.93 -136.51 46.42
CA GLU W 400 -60.76 -137.26 47.36
C GLU W 400 -60.59 -136.74 48.78
N LYS W 401 -59.41 -136.21 49.11
CA LYS W 401 -59.16 -135.74 50.47
C LYS W 401 -59.94 -134.47 50.77
N TRP W 402 -60.22 -133.66 49.75
CA TRP W 402 -60.91 -132.40 49.96
C TRP W 402 -62.41 -132.56 50.12
N TYR W 403 -62.97 -133.74 49.83
CA TYR W 403 -64.41 -133.91 49.84
C TYR W 403 -64.98 -133.75 51.25
N SER W 404 -64.32 -134.32 52.25
CA SER W 404 -64.82 -134.22 53.62
C SER W 404 -64.85 -132.77 54.10
N ILE W 405 -63.80 -132.01 53.78
CA ILE W 405 -63.75 -130.61 54.19
C ILE W 405 -64.80 -129.80 53.44
N MET W 406 -64.91 -130.00 52.13
CA MET W 406 -65.81 -129.17 51.34
C MET W 406 -67.28 -129.46 51.66
N TYR W 407 -67.64 -130.73 51.86
CA TYR W 407 -69.01 -131.10 52.18
C TYR W 407 -69.07 -131.71 53.57
N PRO W 408 -69.47 -130.95 54.59
CA PRO W 408 -69.46 -131.48 55.96
C PRO W 408 -70.36 -132.68 56.16
N THR W 409 -71.48 -132.76 55.45
CA THR W 409 -72.48 -133.79 55.70
C THR W 409 -72.31 -135.03 54.82
N ARG W 410 -71.20 -135.17 54.11
CA ARG W 410 -71.00 -136.40 53.34
C ARG W 410 -70.93 -137.61 54.28
N MET W 411 -70.21 -137.47 55.40
CA MET W 411 -70.19 -138.53 56.39
C MET W 411 -71.53 -138.61 57.11
N GLY W 412 -71.87 -139.81 57.59
CA GLY W 412 -73.12 -140.05 58.26
C GLY W 412 -73.04 -139.78 59.75
N THR W 413 -73.67 -140.65 60.53
CA THR W 413 -73.70 -140.56 61.99
C THR W 413 -73.30 -141.90 62.60
N PRO W 414 -72.03 -142.30 62.46
CA PRO W 414 -71.63 -143.62 62.94
C PRO W 414 -71.72 -143.78 64.45
N ASN W 415 -71.17 -142.84 65.22
CA ASN W 415 -71.12 -142.96 66.67
C ASN W 415 -71.54 -141.64 67.30
N VAL W 416 -71.99 -141.72 68.55
CA VAL W 416 -72.51 -140.54 69.23
C VAL W 416 -71.37 -139.55 69.46
N SER W 417 -71.55 -138.34 68.93
CA SER W 417 -70.57 -137.26 69.07
C SER W 417 -71.23 -135.96 68.65
N LYS W 418 -70.55 -134.84 68.95
CA LYS W 418 -71.06 -133.54 68.55
C LYS W 418 -71.18 -133.44 67.04
N ILE W 419 -70.16 -133.90 66.32
CA ILE W 419 -70.15 -133.81 64.86
C ILE W 419 -71.29 -134.64 64.28
N CYS W 420 -71.52 -135.83 64.83
CA CYS W 420 -72.57 -136.70 64.30
C CYS W 420 -73.96 -136.16 64.63
N ASN W 421 -74.14 -135.55 65.81
CA ASN W 421 -75.40 -134.89 66.10
C ASN W 421 -75.65 -133.74 65.13
N PHE W 422 -74.60 -132.96 64.84
CA PHE W 422 -74.73 -131.88 63.88
C PHE W 422 -75.10 -132.41 62.49
N VAL W 423 -74.46 -133.51 62.08
CA VAL W 423 -74.74 -134.09 60.77
C VAL W 423 -76.16 -134.60 60.69
N ALA W 424 -76.64 -135.24 61.77
CA ALA W 424 -78.03 -135.70 61.80
C ALA W 424 -78.99 -134.52 61.73
N SER W 425 -78.65 -133.41 62.39
CA SER W 425 -79.49 -132.23 62.31
C SER W 425 -79.50 -131.65 60.89
N CYS W 426 -78.38 -131.72 60.19
CA CYS W 426 -78.28 -131.12 58.86
C CYS W 426 -79.22 -131.79 57.86
N VAL W 427 -79.51 -131.07 56.78
CA VAL W 427 -80.36 -131.58 55.70
C VAL W 427 -79.47 -132.18 54.62
N ARG W 428 -79.98 -133.21 53.93
CA ARG W 428 -79.15 -133.98 53.02
C ARG W 428 -79.16 -133.40 51.61
N ASN W 429 -80.32 -132.94 51.13
CA ASN W 429 -80.48 -132.68 49.70
C ASN W 429 -79.69 -131.45 49.24
N ARG W 430 -79.26 -130.61 50.17
CA ARG W 430 -78.49 -129.41 49.81
C ARG W 430 -76.99 -129.73 49.81
N VAL W 431 -76.60 -130.53 48.82
CA VAL W 431 -75.21 -130.93 48.64
C VAL W 431 -74.88 -130.86 47.16
N GLY W 432 -73.69 -130.33 46.86
CA GLY W 432 -73.21 -130.30 45.50
C GLY W 432 -73.85 -129.18 44.68
N ARG W 433 -73.87 -129.39 43.37
CA ARG W 433 -74.39 -128.37 42.46
C ARG W 433 -75.90 -128.22 42.61
N PHE W 434 -76.39 -127.00 42.39
CA PHE W 434 -77.81 -126.69 42.51
C PHE W 434 -78.49 -126.63 41.15
N ASP W 435 -78.00 -125.77 40.25
CA ASP W 435 -78.48 -125.75 38.87
C ASP W 435 -77.37 -125.22 37.98
N ARG W 436 -77.50 -125.47 36.68
CA ARG W 436 -76.46 -125.13 35.73
C ARG W 436 -77.06 -124.39 34.54
N ALA W 437 -76.21 -123.67 33.83
CA ALA W 437 -76.64 -122.91 32.66
C ALA W 437 -77.11 -123.84 31.55
N GLN W 438 -78.13 -123.40 30.82
CA GLN W 438 -78.56 -124.14 29.64
C GLN W 438 -77.52 -123.99 28.52
N MET W 439 -76.90 -122.83 28.41
CA MET W 439 -75.82 -122.65 27.45
C MET W 439 -74.65 -123.55 27.81
N MET W 440 -74.14 -124.29 26.83
CA MET W 440 -73.12 -125.29 27.08
C MET W 440 -72.05 -125.22 25.99
N ASN W 441 -70.85 -125.64 26.35
CA ASN W 441 -69.75 -125.85 25.41
C ASN W 441 -69.33 -127.30 25.51
N GLY W 442 -69.57 -128.06 24.44
CA GLY W 442 -69.38 -129.50 24.52
C GLY W 442 -70.36 -130.10 25.51
N ALA W 443 -69.83 -130.75 26.54
CA ALA W 443 -70.65 -131.33 27.60
C ALA W 443 -70.51 -130.58 28.92
N MET W 444 -69.83 -129.43 28.91
CA MET W 444 -69.59 -128.65 30.13
C MET W 444 -70.50 -127.44 30.11
N SER W 445 -71.34 -127.31 31.14
CA SER W 445 -72.23 -126.16 31.26
C SER W 445 -71.41 -124.90 31.47
N GLU W 446 -71.95 -123.77 30.97
CA GLU W 446 -71.18 -122.53 31.00
C GLU W 446 -70.94 -122.04 32.42
N TRP W 447 -72.00 -121.95 33.22
CA TRP W 447 -71.89 -121.58 34.62
C TRP W 447 -72.72 -122.51 35.48
N VAL W 448 -72.33 -122.65 36.74
CA VAL W 448 -73.02 -123.50 37.69
C VAL W 448 -72.74 -122.99 39.10
N ASP W 449 -73.75 -123.12 39.97
CA ASP W 449 -73.62 -122.79 41.37
C ASP W 449 -73.74 -124.06 42.20
N VAL W 450 -72.95 -124.14 43.27
CA VAL W 450 -72.83 -125.38 44.03
C VAL W 450 -73.01 -125.10 45.51
N PHE W 451 -73.39 -126.14 46.24
CA PHE W 451 -73.41 -126.13 47.70
C PHE W 451 -72.07 -126.64 48.21
N GLU W 452 -71.22 -125.73 48.68
CA GLU W 452 -69.91 -126.13 49.16
C GLU W 452 -69.48 -125.18 50.27
N THR W 453 -68.46 -125.60 51.01
CA THR W 453 -67.97 -124.81 52.13
C THR W 453 -67.43 -123.48 51.65
N SER W 454 -68.13 -122.40 52.00
CA SER W 454 -67.73 -121.06 51.62
C SER W 454 -68.30 -120.09 52.63
N ASP W 455 -67.73 -118.89 52.66
CA ASP W 455 -68.09 -117.88 53.65
C ASP W 455 -68.74 -116.66 53.01
N ALA W 456 -69.76 -116.14 53.70
CA ALA W 456 -70.65 -115.12 53.14
C ALA W 456 -69.88 -113.85 52.80
N LEU W 457 -68.95 -113.45 53.65
CA LEU W 457 -68.19 -112.23 53.38
C LEU W 457 -67.46 -112.33 52.05
N THR W 458 -66.58 -113.32 51.91
CA THR W 458 -65.76 -113.38 50.70
C THR W 458 -66.62 -113.61 49.47
N VAL W 459 -67.68 -114.42 49.58
CA VAL W 459 -68.54 -114.60 48.41
C VAL W 459 -69.23 -113.29 48.06
N SER W 460 -69.49 -112.44 49.05
CA SER W 460 -70.08 -111.12 48.76
C SER W 460 -69.10 -110.23 48.01
N ILE W 461 -67.83 -110.19 48.45
CA ILE W 461 -66.85 -109.42 47.70
C ILE W 461 -66.67 -109.98 46.29
N ARG W 462 -66.65 -111.30 46.15
CA ARG W 462 -66.54 -111.89 44.81
C ARG W 462 -67.73 -111.49 43.95
N GLY W 463 -68.94 -111.51 44.51
CA GLY W 463 -70.11 -111.11 43.75
C GLY W 463 -70.07 -109.66 43.31
N ARG W 464 -69.63 -108.76 44.21
CA ARG W 464 -69.56 -107.35 43.84
C ARG W 464 -68.50 -107.11 42.78
N TRP W 465 -67.34 -107.77 42.91
CA TRP W 465 -66.29 -107.64 41.90
C TRP W 465 -66.78 -108.18 40.56
N MET W 466 -67.51 -109.30 40.58
CA MET W 466 -68.11 -109.84 39.37
C MET W 466 -69.10 -108.86 38.75
N ALA W 467 -69.93 -108.21 39.58
CA ALA W 467 -70.89 -107.25 39.05
C ALA W 467 -70.18 -106.10 38.37
N ARG W 468 -69.12 -105.57 39.00
CA ARG W 468 -68.38 -104.47 38.40
C ARG W 468 -67.73 -104.89 37.08
N LEU W 469 -67.10 -106.06 37.07
CA LEU W 469 -66.44 -106.53 35.84
C LEU W 469 -67.45 -106.76 34.73
N ALA W 470 -68.62 -107.32 35.07
CA ALA W 470 -69.66 -107.54 34.07
C ALA W 470 -70.17 -106.22 33.51
N ARG W 471 -70.37 -105.23 34.39
CA ARG W 471 -70.79 -103.92 33.91
C ARG W 471 -69.72 -103.23 33.06
N MET W 472 -68.45 -103.57 33.25
CA MET W 472 -67.37 -102.91 32.52
C MET W 472 -67.15 -103.46 31.11
N ASN W 473 -67.84 -104.53 30.73
CA ASN W 473 -67.48 -105.22 29.49
C ASN W 473 -67.92 -104.44 28.25
N ILE W 474 -67.43 -104.89 27.09
CA ILE W 474 -67.66 -104.24 25.81
C ILE W 474 -67.94 -105.31 24.75
N ASN W 475 -68.32 -104.83 23.51
CA ASN W 475 -68.69 -105.58 22.32
C ASN W 475 -67.76 -105.21 21.15
N PRO W 476 -67.27 -106.22 20.41
CA PRO W 476 -66.39 -105.90 19.26
C PRO W 476 -67.02 -104.98 18.22
N THR W 477 -68.35 -105.02 18.09
CA THR W 477 -69.01 -104.07 17.19
C THR W 477 -68.78 -102.65 17.64
N GLU W 478 -68.88 -102.40 18.96
CA GLU W 478 -68.56 -101.09 19.50
C GLU W 478 -67.10 -100.74 19.28
N ILE W 479 -66.21 -101.75 19.37
CA ILE W 479 -64.79 -101.50 19.16
C ILE W 479 -64.52 -101.02 17.74
N GLU W 480 -65.10 -101.71 16.75
CA GLU W 480 -64.89 -101.30 15.37
C GLU W 480 -65.55 -99.95 15.09
N TRP W 481 -66.71 -99.70 15.71
CA TRP W 481 -67.32 -98.37 15.59
C TRP W 481 -66.38 -97.29 16.11
N ALA W 482 -65.79 -97.50 17.28
CA ALA W 482 -64.90 -96.51 17.88
C ALA W 482 -63.67 -96.29 17.01
N LEU W 483 -63.07 -97.37 16.50
CA LEU W 483 -61.89 -97.22 15.66
C LEU W 483 -62.22 -96.51 14.35
N THR W 484 -63.38 -96.82 13.76
CA THR W 484 -63.78 -96.17 12.53
C THR W 484 -63.99 -94.67 12.75
N GLU W 485 -64.62 -94.30 13.87
CA GLU W 485 -64.79 -92.89 14.17
C GLU W 485 -63.44 -92.21 14.43
N CYS W 486 -62.54 -92.90 15.13
CA CYS W 486 -61.23 -92.32 15.43
C CYS W 486 -60.40 -92.13 14.16
N ALA W 487 -60.60 -93.00 13.16
CA ALA W 487 -59.80 -92.95 11.94
C ALA W 487 -60.09 -91.73 11.08
N GLN W 488 -61.14 -90.96 11.39
CA GLN W 488 -61.50 -89.75 10.65
C GLN W 488 -61.83 -90.03 9.19
N GLY W 489 -62.29 -91.25 8.90
CA GLY W 489 -62.81 -91.57 7.58
C GLY W 489 -61.78 -91.90 6.52
N TYR W 490 -60.50 -91.87 6.85
CA TYR W 490 -59.47 -92.24 5.88
C TYR W 490 -59.25 -93.75 5.80
N VAL W 491 -59.89 -94.52 6.69
CA VAL W 491 -59.81 -95.97 6.66
C VAL W 491 -60.94 -96.52 7.51
N THR W 492 -61.44 -97.70 7.13
CA THR W 492 -62.56 -98.33 7.81
C THR W 492 -62.11 -99.63 8.43
N VAL W 493 -62.52 -99.86 9.68
CA VAL W 493 -62.12 -101.03 10.46
C VAL W 493 -63.34 -101.88 10.73
N THR W 494 -63.23 -103.18 10.49
CA THR W 494 -64.28 -104.13 10.78
C THR W 494 -63.71 -105.31 11.57
N SER W 495 -64.50 -105.85 12.48
CA SER W 495 -64.09 -106.93 13.34
C SER W 495 -65.14 -108.02 13.37
N PRO W 496 -64.86 -109.21 12.83
CA PRO W 496 -65.87 -110.28 12.85
C PRO W 496 -65.76 -111.16 14.09
N TYR W 497 -66.91 -111.68 14.55
CA TYR W 497 -66.94 -112.57 15.70
C TYR W 497 -68.11 -113.53 15.53
N ALA W 498 -68.32 -114.37 16.54
CA ALA W 498 -69.32 -115.42 16.53
C ALA W 498 -70.27 -115.24 17.70
N PRO W 499 -71.50 -115.75 17.59
CA PRO W 499 -72.45 -115.60 18.70
C PRO W 499 -71.95 -116.28 19.97
N SER W 500 -71.74 -115.48 21.01
CA SER W 500 -71.33 -115.99 22.30
C SER W 500 -71.90 -115.07 23.37
N VAL W 501 -72.09 -115.63 24.57
CA VAL W 501 -72.72 -114.88 25.66
C VAL W 501 -71.76 -114.90 26.84
N ASN W 502 -70.64 -115.60 26.71
CA ASN W 502 -69.66 -115.73 27.77
C ASN W 502 -68.45 -114.83 27.60
N ARG W 503 -68.28 -114.21 26.43
CA ARG W 503 -67.13 -113.34 26.21
C ARG W 503 -67.18 -112.14 27.15
N LEU W 504 -66.00 -111.78 27.68
CA LEU W 504 -65.88 -110.68 28.62
C LEU W 504 -64.70 -109.81 28.20
N MET W 505 -64.98 -108.56 27.87
CA MET W 505 -63.96 -107.60 27.45
C MET W 505 -64.16 -106.31 28.21
N PRO W 506 -63.58 -106.15 29.41
CA PRO W 506 -63.86 -104.98 30.27
C PRO W 506 -63.07 -103.74 29.86
N TYR W 507 -63.60 -103.01 28.89
CA TYR W 507 -62.93 -101.81 28.37
C TYR W 507 -63.83 -100.58 28.35
N ARG W 508 -64.98 -100.61 28.99
CA ARG W 508 -65.90 -99.47 29.02
C ARG W 508 -65.90 -98.84 30.40
N ILE W 509 -65.58 -97.55 30.46
CA ILE W 509 -65.55 -96.79 31.71
C ILE W 509 -66.26 -95.46 31.49
N SER W 510 -66.63 -94.83 32.61
CA SER W 510 -67.35 -93.58 32.56
C SER W 510 -66.42 -92.42 32.23
N ASN W 511 -67.03 -91.27 31.91
CA ASN W 511 -66.25 -90.09 31.53
C ASN W 511 -65.57 -89.46 32.74
N ALA W 512 -66.23 -89.52 33.90
CA ALA W 512 -65.70 -88.87 35.10
C ALA W 512 -64.39 -89.50 35.55
N GLU W 513 -64.28 -90.83 35.42
CA GLU W 513 -63.04 -91.49 35.80
C GLU W 513 -61.89 -91.06 34.89
N ARG W 514 -62.16 -90.93 33.59
CA ARG W 514 -61.15 -90.38 32.68
C ARG W 514 -60.76 -88.97 33.07
N GLN W 515 -61.75 -88.15 33.44
CA GLN W 515 -61.45 -86.78 33.85
C GLN W 515 -60.57 -86.76 35.10
N ILE W 516 -60.87 -87.61 36.08
CA ILE W 516 -60.09 -87.63 37.32
C ILE W 516 -58.67 -88.12 37.05
N SER W 517 -58.53 -89.13 36.19
CA SER W 517 -57.20 -89.57 35.79
C SER W 517 -56.43 -88.44 35.10
N GLN W 518 -57.13 -87.65 34.29
CA GLN W 518 -56.51 -86.49 33.65
C GLN W 518 -56.03 -85.47 34.69
N ILE W 519 -56.86 -85.22 35.72
CA ILE W 519 -56.46 -84.29 36.77
C ILE W 519 -55.21 -84.79 37.49
N ILE W 520 -55.17 -86.09 37.80
CA ILE W 520 -53.99 -86.64 38.47
C ILE W 520 -52.76 -86.54 37.57
N ARG W 521 -52.93 -86.81 36.27
CA ARG W 521 -51.80 -86.70 35.36
C ARG W 521 -51.29 -85.27 35.27
N VAL W 522 -52.21 -84.29 35.30
CA VAL W 522 -51.79 -82.88 35.34
C VAL W 522 -51.04 -82.58 36.62
N MET W 523 -51.54 -83.09 37.76
CA MET W 523 -50.85 -82.89 39.03
C MET W 523 -49.45 -83.49 39.01
N ASN W 524 -49.26 -84.53 38.18
CA ASN W 524 -47.98 -85.24 38.19
C ASN W 524 -46.82 -84.34 37.81
N ILE W 525 -47.03 -83.38 36.89
CA ILE W 525 -45.91 -82.60 36.36
C ILE W 525 -45.23 -81.81 37.49
N GLY W 526 -45.98 -81.04 38.25
CA GLY W 526 -45.40 -80.28 39.34
C GLY W 526 -44.30 -79.33 38.91
N ASN W 527 -44.49 -78.65 37.77
CA ASN W 527 -43.50 -77.72 37.22
C ASN W 527 -42.14 -78.39 37.02
N ASN W 528 -42.16 -79.58 36.42
CA ASN W 528 -40.94 -80.32 36.12
C ASN W 528 -40.84 -80.50 34.61
N ALA W 529 -39.87 -79.81 34.00
CA ALA W 529 -39.77 -79.80 32.55
C ALA W 529 -39.34 -81.15 31.99
N THR W 530 -38.59 -81.93 32.79
CA THR W 530 -38.13 -83.23 32.30
C THR W 530 -39.28 -84.24 32.26
N VAL W 531 -40.37 -83.96 32.96
CA VAL W 531 -41.55 -84.82 32.87
C VAL W 531 -42.22 -84.67 31.50
N ILE W 532 -42.28 -83.44 30.99
CA ILE W 532 -43.01 -83.17 29.76
C ILE W 532 -42.13 -83.11 28.52
N GLN W 533 -40.81 -83.07 28.68
CA GLN W 533 -39.94 -83.06 27.50
C GLN W 533 -40.08 -84.31 26.62
N PRO W 534 -40.00 -85.54 27.15
CA PRO W 534 -40.10 -86.70 26.24
C PRO W 534 -41.39 -86.75 25.47
N VAL W 535 -42.52 -86.37 26.08
CA VAL W 535 -43.80 -86.44 25.39
C VAL W 535 -43.81 -85.51 24.18
N LEU W 536 -43.39 -84.26 24.38
CA LEU W 536 -43.37 -83.30 23.28
C LEU W 536 -42.39 -83.72 22.20
N GLN W 537 -41.19 -84.16 22.59
CA GLN W 537 -40.20 -84.56 21.57
C GLN W 537 -40.71 -85.75 20.76
N ASP W 538 -41.28 -86.75 21.44
CA ASP W 538 -41.75 -87.94 20.74
C ASP W 538 -42.94 -87.61 19.83
N ILE W 539 -43.83 -86.73 20.29
CA ILE W 539 -44.97 -86.33 19.46
C ILE W 539 -44.46 -85.58 18.24
N SER W 540 -43.41 -84.77 18.41
CA SER W 540 -42.80 -84.07 17.29
C SER W 540 -42.24 -85.06 16.27
N VAL W 541 -41.53 -86.09 16.73
CA VAL W 541 -41.00 -87.08 15.80
C VAL W 541 -42.14 -87.81 15.08
N LEU W 542 -43.22 -88.12 15.81
CA LEU W 542 -44.35 -88.79 15.18
C LEU W 542 -44.98 -87.91 14.10
N LEU W 543 -45.15 -86.62 14.38
CA LEU W 543 -45.68 -85.70 13.39
C LEU W 543 -44.77 -85.61 12.17
N GLN W 544 -43.45 -85.55 12.40
CA GLN W 544 -42.52 -85.48 11.29
C GLN W 544 -42.60 -86.73 10.41
N ARG W 545 -42.74 -87.90 11.04
CA ARG W 545 -42.81 -89.13 10.26
C ARG W 545 -44.12 -89.24 9.49
N ILE W 546 -45.24 -88.87 10.12
CA ILE W 546 -46.54 -89.08 9.48
C ILE W 546 -46.79 -88.03 8.40
N SER W 547 -46.37 -86.79 8.62
CA SER W 547 -46.79 -85.70 7.75
C SER W 547 -46.23 -85.88 6.34
N PRO W 548 -47.07 -85.78 5.31
CA PRO W 548 -46.55 -85.82 3.93
C PRO W 548 -45.61 -84.68 3.62
N LEU W 549 -45.79 -83.53 4.28
CA LEU W 549 -44.98 -82.35 3.98
C LEU W 549 -43.50 -82.62 4.23
N GLN W 550 -42.67 -82.27 3.25
CA GLN W 550 -41.22 -82.33 3.37
C GLN W 550 -40.67 -80.94 3.13
N ILE W 551 -39.69 -80.55 3.94
CA ILE W 551 -39.15 -79.19 3.92
C ILE W 551 -37.76 -79.23 3.31
N ASP W 552 -37.57 -78.52 2.21
CA ASP W 552 -36.28 -78.33 1.58
C ASP W 552 -35.99 -76.84 1.41
N PRO W 553 -35.01 -76.29 2.13
CA PRO W 553 -34.76 -74.85 2.06
C PRO W 553 -34.23 -74.37 0.71
N THR W 554 -34.02 -75.26 -0.26
CA THR W 554 -33.49 -74.84 -1.55
C THR W 554 -34.46 -73.95 -2.30
N ILE W 555 -35.75 -73.97 -1.94
CA ILE W 555 -36.73 -73.16 -2.63
C ILE W 555 -36.41 -71.67 -2.50
N ILE W 556 -36.08 -71.24 -1.27
CA ILE W 556 -35.74 -69.84 -1.05
C ILE W 556 -34.50 -69.46 -1.86
N SER W 557 -33.49 -70.33 -1.87
CA SER W 557 -32.26 -70.05 -2.60
C SER W 557 -32.53 -69.90 -4.09
N ASN W 558 -33.37 -70.78 -4.65
CA ASN W 558 -33.68 -70.68 -6.08
C ASN W 558 -34.50 -69.43 -6.38
N THR W 559 -35.40 -69.04 -5.47
CA THR W 559 -36.16 -67.80 -5.68
C THR W 559 -35.24 -66.59 -5.67
N MET W 560 -34.28 -66.55 -4.75
CA MET W 560 -33.33 -65.44 -4.74
C MET W 560 -32.44 -65.44 -5.99
N SER W 561 -31.95 -66.62 -6.39
CA SER W 561 -30.98 -66.74 -7.49
C SER W 561 -29.80 -65.81 -7.28
N THR W 562 -29.31 -65.75 -6.04
CA THR W 562 -28.25 -64.81 -5.70
C THR W 562 -26.91 -65.23 -6.29
N VAL W 563 -26.08 -64.24 -6.60
CA VAL W 563 -24.70 -64.45 -7.02
C VAL W 563 -23.82 -63.49 -6.22
N SER W 564 -22.82 -64.03 -5.53
CA SER W 564 -21.94 -63.22 -4.71
C SER W 564 -20.75 -62.71 -5.52
N THR W 570 -20.08 -55.62 0.19
CA THR W 570 -21.02 -54.66 0.74
C THR W 570 -22.18 -55.36 1.42
N LEU W 571 -23.34 -54.72 1.41
CA LEU W 571 -24.56 -55.26 2.01
C LEU W 571 -25.69 -55.18 0.99
N SER W 572 -26.26 -56.35 0.66
CA SER W 572 -27.38 -56.43 -0.24
C SER W 572 -28.56 -57.12 0.45
N PRO W 573 -29.79 -56.69 0.19
CA PRO W 573 -30.93 -57.29 0.90
C PRO W 573 -31.05 -58.80 0.69
N ALA W 574 -30.80 -59.29 -0.51
CA ALA W 574 -30.94 -60.72 -0.77
C ALA W 574 -29.93 -61.54 0.01
N SER W 575 -28.65 -61.15 -0.06
CA SER W 575 -27.63 -61.87 0.70
C SER W 575 -27.89 -61.75 2.19
N SER W 576 -28.33 -60.58 2.66
CA SER W 576 -28.61 -60.41 4.08
C SER W 576 -29.72 -61.34 4.55
N ILE W 577 -30.83 -61.38 3.81
CA ILE W 577 -31.96 -62.21 4.25
C ILE W 577 -31.58 -63.69 4.15
N LEU W 578 -30.82 -64.07 3.13
CA LEU W 578 -30.39 -65.46 3.03
C LEU W 578 -29.48 -65.83 4.21
N GLY W 579 -28.54 -64.95 4.57
CA GLY W 579 -27.67 -65.24 5.70
C GLY W 579 -28.43 -65.32 7.01
N LYS W 580 -29.43 -64.45 7.19
CA LYS W 580 -30.21 -64.48 8.41
C LYS W 580 -31.09 -65.73 8.48
N LEU W 581 -31.61 -66.17 7.33
CA LEU W 581 -32.46 -67.36 7.32
C LEU W 581 -31.66 -68.63 7.49
N ARG W 582 -30.42 -68.67 6.98
CA ARG W 582 -29.55 -69.83 7.05
C ARG W 582 -30.23 -71.07 6.46
N PRO W 583 -30.44 -71.12 5.13
CA PRO W 583 -31.07 -72.30 4.54
C PRO W 583 -30.21 -73.55 4.61
N SER W 584 -28.91 -73.40 4.86
CA SER W 584 -28.02 -74.56 4.91
C SER W 584 -28.40 -75.51 6.04
N ASN W 585 -28.79 -74.96 7.19
CA ASN W 585 -29.20 -75.79 8.31
C ASN W 585 -30.43 -76.61 7.94
N SER W 586 -30.49 -77.85 8.43
CA SER W 586 -31.53 -78.80 8.05
C SER W 586 -32.15 -79.43 9.29
N ASP W 587 -32.48 -78.58 10.28
CA ASP W 587 -33.16 -79.01 11.49
C ASP W 587 -34.35 -78.09 11.73
N PHE W 588 -35.55 -78.66 11.68
CA PHE W 588 -36.79 -77.91 11.84
C PHE W 588 -37.61 -78.44 13.00
N SER W 589 -36.95 -78.70 14.12
CA SER W 589 -37.63 -79.28 15.27
C SER W 589 -38.62 -78.30 15.88
N SER W 590 -38.36 -76.99 15.77
CA SER W 590 -39.24 -76.00 16.40
C SER W 590 -40.65 -76.04 15.83
N PHE W 591 -40.75 -76.22 14.51
CA PHE W 591 -42.06 -76.30 13.86
C PHE W 591 -42.88 -77.46 14.43
N ARG W 592 -42.30 -78.65 14.46
CA ARG W 592 -43.01 -79.82 14.96
C ARG W 592 -43.30 -79.70 16.45
N VAL W 593 -42.40 -79.08 17.21
CA VAL W 593 -42.62 -78.91 18.64
C VAL W 593 -43.77 -77.94 18.90
N ALA W 594 -43.87 -76.87 18.09
CA ALA W 594 -45.01 -75.96 18.23
C ALA W 594 -46.32 -76.66 17.87
N LEU W 595 -46.30 -77.45 16.79
CA LEU W 595 -47.50 -78.20 16.42
C LEU W 595 -47.86 -79.20 17.52
N ALA W 596 -46.87 -79.77 18.19
CA ALA W 596 -47.13 -80.66 19.31
C ALA W 596 -47.72 -79.91 20.49
N GLY W 597 -47.15 -78.75 20.83
CA GLY W 597 -47.60 -77.99 21.99
C GLY W 597 -48.93 -77.32 21.78
N TRP W 598 -49.43 -77.28 20.54
CA TRP W 598 -50.80 -76.83 20.31
C TRP W 598 -51.79 -77.58 21.21
N LEU W 599 -51.61 -78.88 21.36
CA LEU W 599 -52.55 -79.68 22.14
C LEU W 599 -52.43 -79.40 23.63
N TYR W 600 -51.21 -79.29 24.14
CA TYR W 600 -50.97 -79.22 25.58
C TYR W 600 -50.86 -77.76 26.03
N ASN W 601 -51.92 -77.00 25.77
CA ASN W 601 -51.94 -75.59 26.16
C ASN W 601 -51.87 -75.43 27.67
N GLY W 602 -52.61 -76.25 28.41
CA GLY W 602 -52.73 -76.02 29.85
C GLY W 602 -51.42 -76.22 30.60
N VAL W 603 -50.64 -77.23 30.20
CA VAL W 603 -49.44 -77.56 30.97
C VAL W 603 -48.24 -76.76 30.49
N VAL W 604 -48.15 -76.51 29.19
CA VAL W 604 -46.98 -75.85 28.60
C VAL W 604 -47.44 -74.79 27.61
N THR W 605 -46.74 -73.65 27.61
CA THR W 605 -46.97 -72.58 26.66
C THR W 605 -45.69 -72.32 25.89
N THR W 606 -45.78 -72.25 24.57
CA THR W 606 -44.62 -72.08 23.70
C THR W 606 -44.47 -70.60 23.34
N VAL W 607 -43.25 -70.09 23.48
CA VAL W 607 -42.95 -68.69 23.22
C VAL W 607 -41.69 -68.58 22.38
N ILE W 608 -41.51 -67.43 21.74
CA ILE W 608 -40.30 -67.15 20.99
C ILE W 608 -39.19 -66.75 21.94
N ASP W 609 -38.00 -67.32 21.75
CA ASP W 609 -36.86 -67.00 22.60
C ASP W 609 -36.47 -65.55 22.41
N ASP W 610 -35.94 -64.95 23.49
CA ASP W 610 -35.57 -63.54 23.46
C ASP W 610 -34.40 -63.27 22.52
N SER W 611 -33.68 -64.32 22.12
CA SER W 611 -32.56 -64.13 21.20
C SER W 611 -33.05 -63.78 19.79
N SER W 612 -34.23 -64.26 19.42
CA SER W 612 -34.73 -64.01 18.07
C SER W 612 -35.15 -62.56 17.87
N TYR W 613 -35.39 -61.82 18.96
CA TYR W 613 -35.70 -60.42 18.87
C TYR W 613 -34.47 -59.65 18.39
N PRO W 614 -34.67 -58.43 17.86
CA PRO W 614 -33.52 -57.65 17.40
C PRO W 614 -32.45 -57.51 18.48
N LYS W 615 -31.21 -57.31 18.02
CA LYS W 615 -30.04 -57.48 18.89
C LYS W 615 -30.13 -56.60 20.13
N ASP W 616 -30.38 -55.31 19.94
CA ASP W 616 -30.40 -54.34 21.04
C ASP W 616 -31.66 -53.50 20.93
N GLY W 617 -32.72 -53.93 21.61
CA GLY W 617 -33.99 -53.24 21.43
C GLY W 617 -34.44 -53.38 19.99
N GLY W 618 -34.36 -52.29 19.24
CA GLY W 618 -34.61 -52.33 17.82
C GLY W 618 -34.30 -51.00 17.18
N SER W 619 -34.19 -51.03 15.86
CA SER W 619 -33.94 -49.84 15.07
C SER W 619 -34.38 -50.09 13.64
N VAL W 620 -35.15 -49.13 13.10
CA VAL W 620 -35.72 -49.28 11.77
C VAL W 620 -34.73 -48.89 10.67
N THR W 621 -33.57 -48.37 11.03
CA THR W 621 -32.59 -47.90 10.06
C THR W 621 -31.58 -48.96 9.66
N SER W 622 -31.71 -50.20 10.15
CA SER W 622 -30.72 -51.24 9.88
C SER W 622 -31.36 -52.45 9.23
N LEU W 623 -30.67 -52.96 8.20
CA LEU W 623 -31.18 -54.06 7.39
C LEU W 623 -31.35 -55.33 8.22
N GLU W 624 -30.38 -55.63 9.09
CA GLU W 624 -30.46 -56.84 9.90
C GLU W 624 -31.66 -56.79 10.84
N ASN W 625 -31.91 -55.63 11.46
CA ASN W 625 -33.06 -55.51 12.33
C ASN W 625 -34.37 -55.60 11.55
N LEU W 626 -34.39 -55.05 10.33
CA LEU W 626 -35.59 -55.20 9.50
C LEU W 626 -35.88 -56.67 9.20
N TRP W 627 -34.85 -57.42 8.83
CA TRP W 627 -35.07 -58.83 8.53
C TRP W 627 -35.44 -59.62 9.78
N ASP W 628 -34.85 -59.27 10.93
CA ASP W 628 -35.24 -59.90 12.19
C ASP W 628 -36.71 -59.63 12.49
N PHE W 629 -37.17 -58.40 12.25
CA PHE W 629 -38.57 -58.08 12.45
C PHE W 629 -39.45 -58.91 11.53
N PHE W 630 -39.05 -59.07 10.27
CA PHE W 630 -39.81 -59.89 9.34
C PHE W 630 -39.93 -61.33 9.85
N ILE W 631 -38.80 -61.90 10.26
CA ILE W 631 -38.80 -63.29 10.73
C ILE W 631 -39.69 -63.44 11.96
N LEU W 632 -39.57 -62.51 12.92
CA LEU W 632 -40.36 -62.57 14.13
C LEU W 632 -41.85 -62.43 13.83
N ALA W 633 -42.20 -61.49 12.94
CA ALA W 633 -43.60 -61.27 12.60
C ALA W 633 -44.21 -62.51 11.96
N LEU W 634 -43.47 -63.17 11.07
CA LEU W 634 -44.00 -64.40 10.47
C LEU W 634 -44.08 -65.53 11.49
N ALA W 635 -43.11 -65.62 12.40
CA ALA W 635 -43.07 -66.77 13.30
C ALA W 635 -44.09 -66.65 14.42
N LEU W 636 -44.43 -65.43 14.84
CA LEU W 636 -45.23 -65.25 16.05
C LEU W 636 -46.61 -65.92 16.02
N PRO W 637 -47.42 -65.81 14.96
CA PRO W 637 -48.81 -66.28 15.08
C PRO W 637 -48.97 -67.75 15.43
N LEU W 638 -47.98 -68.59 15.10
CA LEU W 638 -48.12 -70.02 15.36
C LEU W 638 -47.98 -70.34 16.84
N THR W 639 -47.27 -69.50 17.59
CA THR W 639 -47.03 -69.77 19.00
C THR W 639 -48.33 -69.72 19.80
N THR W 640 -48.42 -70.56 20.81
CA THR W 640 -49.59 -70.60 21.70
C THR W 640 -49.37 -69.66 22.89
N ASP W 641 -49.02 -68.42 22.56
CA ASP W 641 -48.82 -67.37 23.54
C ASP W 641 -49.99 -66.41 23.47
N PRO W 642 -50.76 -66.25 24.55
CA PRO W 642 -51.89 -65.32 24.51
C PRO W 642 -51.49 -63.87 24.25
N CYS W 643 -50.25 -63.50 24.57
CA CYS W 643 -49.79 -62.13 24.41
C CYS W 643 -48.97 -61.92 23.14
N ALA W 644 -49.07 -62.84 22.17
CA ALA W 644 -48.29 -62.70 20.94
C ALA W 644 -48.59 -61.43 20.14
N PRO W 645 -49.85 -61.02 19.92
CA PRO W 645 -50.08 -59.78 19.15
C PRO W 645 -49.46 -58.55 19.79
N VAL W 646 -49.46 -58.47 21.13
CA VAL W 646 -48.85 -57.33 21.79
C VAL W 646 -47.36 -57.28 21.53
N LYS W 647 -46.69 -58.43 21.59
CA LYS W 647 -45.27 -58.49 21.23
C LYS W 647 -45.06 -58.09 19.78
N ALA W 648 -45.92 -58.57 18.88
CA ALA W 648 -45.76 -58.26 17.46
C ALA W 648 -45.87 -56.76 17.21
N PHE W 649 -46.81 -56.10 17.88
CA PHE W 649 -46.98 -54.66 17.71
C PHE W 649 -45.84 -53.89 18.37
N MET W 650 -45.47 -54.29 19.59
CA MET W 650 -44.46 -53.54 20.34
C MET W 650 -43.07 -53.73 19.76
N THR W 651 -42.84 -54.79 18.99
CA THR W 651 -41.55 -54.93 18.32
C THR W 651 -41.32 -53.78 17.35
N LEU W 652 -42.29 -53.52 16.47
CA LEU W 652 -42.17 -52.39 15.55
C LEU W 652 -42.22 -51.06 16.29
N ALA W 653 -43.07 -50.96 17.32
CA ALA W 653 -43.11 -49.74 18.11
C ALA W 653 -41.75 -49.43 18.72
N ASN W 654 -41.03 -50.45 19.16
CA ASN W 654 -39.70 -50.26 19.72
C ASN W 654 -38.68 -49.90 18.64
N MET W 655 -38.72 -50.64 17.52
CA MET W 655 -37.75 -50.40 16.46
C MET W 655 -37.87 -48.99 15.89
N MET W 656 -39.07 -48.40 15.94
CA MET W 656 -39.27 -47.11 15.30
C MET W 656 -39.28 -45.95 16.30
N VAL W 657 -38.45 -46.03 17.35
CA VAL W 657 -38.31 -44.94 18.31
C VAL W 657 -37.44 -43.85 17.71
N GLY W 658 -37.84 -42.59 17.91
CA GLY W 658 -37.10 -41.46 17.40
C GLY W 658 -37.60 -40.93 16.07
N PHE W 659 -38.34 -41.73 15.32
CA PHE W 659 -38.98 -41.29 14.09
C PHE W 659 -40.49 -41.17 14.24
N GLU W 660 -41.09 -41.93 15.15
CA GLU W 660 -42.53 -42.03 15.29
C GLU W 660 -42.86 -42.29 16.75
N THR W 661 -43.93 -41.66 17.24
CA THR W 661 -44.27 -41.71 18.64
C THR W 661 -45.73 -42.09 18.83
N ILE W 662 -46.02 -42.75 19.95
CA ILE W 662 -47.37 -43.17 20.31
C ILE W 662 -47.64 -42.74 21.75
N PRO W 663 -48.88 -42.47 22.13
CA PRO W 663 -49.18 -42.10 23.52
C PRO W 663 -48.90 -43.25 24.48
N MET W 664 -48.52 -42.90 25.70
CA MET W 664 -48.24 -43.86 26.76
C MET W 664 -49.05 -43.50 27.99
N ASP W 665 -49.57 -44.52 28.69
CA ASP W 665 -50.47 -44.28 29.80
C ASP W 665 -49.74 -43.73 31.03
N ASN W 666 -48.60 -44.31 31.37
CA ASN W 666 -47.91 -43.97 32.61
C ASN W 666 -46.48 -43.50 32.31
N GLN W 667 -45.94 -42.74 33.26
CA GLN W 667 -44.59 -42.19 33.09
C GLN W 667 -43.54 -43.30 33.13
N ILE W 668 -43.74 -44.31 33.96
CA ILE W 668 -42.72 -45.34 34.18
C ILE W 668 -42.45 -46.11 32.89
N TYR W 669 -43.52 -46.53 32.20
CA TYR W 669 -43.39 -47.35 31.00
C TYR W 669 -43.42 -46.45 29.77
N THR W 670 -42.42 -46.61 28.90
CA THR W 670 -42.21 -45.78 27.74
C THR W 670 -42.27 -46.66 26.49
N GLN W 671 -42.32 -46.02 25.32
CA GLN W 671 -42.28 -46.75 24.05
C GLN W 671 -41.05 -47.64 23.95
N SER W 672 -39.96 -47.27 24.62
CA SER W 672 -38.70 -47.99 24.48
C SER W 672 -38.67 -49.31 25.25
N ARG W 673 -39.72 -49.65 25.99
CA ARG W 673 -39.74 -50.92 26.72
C ARG W 673 -39.71 -52.09 25.74
N ARG W 674 -38.89 -53.09 26.06
CA ARG W 674 -38.70 -54.21 25.15
C ARG W 674 -39.96 -55.06 25.05
N ALA W 675 -40.20 -55.57 23.84
CA ALA W 675 -41.41 -56.33 23.57
C ALA W 675 -41.39 -57.68 24.29
N SER W 676 -40.20 -58.18 24.61
CA SER W 676 -40.11 -59.45 25.31
C SER W 676 -40.70 -59.38 26.72
N ALA W 677 -40.82 -58.17 27.27
CA ALA W 677 -41.41 -58.01 28.60
C ALA W 677 -42.92 -58.17 28.56
N PHE W 678 -43.55 -57.82 27.44
CA PHE W 678 -45.01 -57.85 27.31
C PHE W 678 -45.45 -59.30 27.11
N SER W 679 -45.41 -60.06 28.20
CA SER W 679 -45.79 -61.48 28.19
C SER W 679 -46.96 -61.78 29.11
N THR W 680 -47.60 -60.77 29.68
CA THR W 680 -48.67 -60.94 30.63
C THR W 680 -49.79 -59.98 30.26
N PRO W 681 -51.06 -60.40 30.40
CA PRO W 681 -52.16 -59.57 29.86
C PRO W 681 -52.25 -58.16 30.42
N HIS W 682 -51.91 -57.92 31.68
CA HIS W 682 -52.12 -56.57 32.21
C HIS W 682 -51.17 -55.57 31.56
N THR W 683 -50.14 -56.04 30.86
CA THR W 683 -49.19 -55.16 30.20
C THR W 683 -49.70 -54.68 28.84
N TRP W 684 -50.86 -55.13 28.40
CA TRP W 684 -51.39 -54.72 27.09
C TRP W 684 -51.64 -53.21 27.10
N PRO W 685 -51.08 -52.46 26.16
CA PRO W 685 -51.23 -51.01 26.20
C PRO W 685 -52.58 -50.55 25.68
N ARG W 686 -53.04 -49.42 26.22
CA ARG W 686 -54.32 -48.86 25.80
C ARG W 686 -54.30 -48.44 24.34
N CYS W 687 -53.16 -47.94 23.87
CA CYS W 687 -53.05 -47.53 22.46
C CYS W 687 -53.24 -48.72 21.54
N PHE W 688 -52.70 -49.89 21.90
CA PHE W 688 -52.91 -51.09 21.10
C PHE W 688 -54.35 -51.59 21.24
N MET W 689 -54.90 -51.55 22.46
CA MET W 689 -56.25 -52.06 22.66
C MET W 689 -57.28 -51.26 21.88
N ASN W 690 -57.17 -49.93 21.91
CA ASN W 690 -58.05 -49.05 21.14
C ASN W 690 -57.18 -48.26 20.18
N ILE W 691 -57.33 -48.52 18.88
CA ILE W 691 -56.42 -47.96 17.89
C ILE W 691 -56.71 -46.48 17.61
N GLN W 692 -57.78 -45.93 18.19
CA GLN W 692 -58.14 -44.54 17.86
C GLN W 692 -57.17 -43.55 18.49
N LEU W 693 -56.62 -43.87 19.66
CA LEU W 693 -55.73 -42.92 20.34
C LEU W 693 -54.44 -42.71 19.56
N ILE W 694 -54.09 -43.66 18.68
CA ILE W 694 -52.91 -43.50 17.85
C ILE W 694 -53.21 -42.50 16.73
N SER W 695 -52.37 -41.46 16.64
CA SER W 695 -52.61 -40.36 15.71
C SER W 695 -52.03 -40.67 14.34
N PRO W 696 -52.85 -40.61 13.28
CA PRO W 696 -52.34 -40.93 11.94
C PRO W 696 -51.25 -39.97 11.47
N ILE W 697 -51.35 -38.69 11.82
CA ILE W 697 -50.33 -37.73 11.41
C ILE W 697 -49.08 -37.89 12.26
N ASP W 698 -49.22 -38.46 13.46
CA ASP W 698 -48.07 -38.68 14.32
C ASP W 698 -47.50 -40.09 14.15
N ALA W 699 -48.37 -41.09 14.04
CA ALA W 699 -47.95 -42.49 13.98
C ALA W 699 -48.63 -43.22 12.84
N PRO W 700 -48.29 -42.89 11.59
CA PRO W 700 -48.94 -43.59 10.46
C PRO W 700 -48.63 -45.06 10.37
N ILE W 701 -47.35 -45.43 10.40
CA ILE W 701 -46.97 -46.84 10.25
C ILE W 701 -47.45 -47.66 11.44
N LEU W 702 -47.34 -47.11 12.65
CA LEU W 702 -47.83 -47.82 13.82
C LEU W 702 -49.34 -48.01 13.75
N ARG W 703 -50.07 -46.99 13.29
CA ARG W 703 -51.51 -47.14 13.10
C ARG W 703 -51.82 -48.25 12.11
N GLN W 704 -51.09 -48.28 10.99
CA GLN W 704 -51.32 -49.31 9.98
C GLN W 704 -51.03 -50.71 10.54
N TRP W 705 -49.94 -50.85 11.29
CA TRP W 705 -49.59 -52.14 11.86
C TRP W 705 -50.63 -52.59 12.88
N ALA W 706 -51.13 -51.66 13.71
CA ALA W 706 -52.19 -51.99 14.64
C ALA W 706 -53.43 -52.46 13.92
N GLU W 707 -53.81 -51.77 12.84
CA GLU W 707 -54.99 -52.17 12.07
C GLU W 707 -54.80 -53.55 11.46
N ILE W 708 -53.61 -53.83 10.91
CA ILE W 708 -53.34 -55.13 10.31
C ILE W 708 -53.41 -56.23 11.36
N ILE W 709 -52.83 -55.99 12.53
CA ILE W 709 -52.89 -56.99 13.59
C ILE W 709 -54.33 -57.23 14.03
N HIS W 710 -55.12 -56.17 14.16
CA HIS W 710 -56.50 -56.33 14.61
C HIS W 710 -57.35 -57.02 13.55
N ARG W 711 -57.01 -56.85 12.27
CA ARG W 711 -57.87 -57.38 11.22
C ARG W 711 -57.48 -58.80 10.82
N TYR W 712 -56.22 -59.02 10.46
CA TYR W 712 -55.80 -60.22 9.77
C TYR W 712 -55.11 -61.25 10.68
N TRP W 713 -55.18 -61.08 11.99
CA TRP W 713 -54.66 -62.11 12.87
C TRP W 713 -55.52 -63.36 12.75
N PRO W 714 -54.91 -64.55 12.68
CA PRO W 714 -55.70 -65.77 12.49
C PRO W 714 -56.71 -65.98 13.61
N ASN W 715 -57.87 -66.53 13.23
CA ASN W 715 -58.97 -66.77 14.14
C ASN W 715 -59.02 -68.23 14.57
N PRO W 716 -59.31 -68.49 15.84
CA PRO W 716 -59.34 -69.87 16.33
C PRO W 716 -60.52 -70.64 15.75
N SER W 717 -60.38 -71.97 15.75
CA SER W 717 -61.44 -72.86 15.30
C SER W 717 -61.31 -74.19 16.05
N GLN W 718 -62.38 -74.96 16.01
CA GLN W 718 -62.45 -76.23 16.72
C GLN W 718 -62.78 -77.37 15.77
N ILE W 719 -62.25 -78.55 16.07
CA ILE W 719 -62.44 -79.74 15.24
C ILE W 719 -62.75 -80.93 16.14
N ARG W 720 -63.58 -81.84 15.65
CA ARG W 720 -63.93 -83.04 16.39
C ARG W 720 -62.80 -84.05 16.31
N TYR W 721 -62.69 -84.90 17.34
CA TYR W 721 -61.70 -85.97 17.34
C TYR W 721 -62.25 -87.15 18.14
N GLY W 722 -61.73 -88.34 17.86
CA GLY W 722 -62.04 -89.51 18.64
C GLY W 722 -63.52 -89.87 18.60
N THR W 723 -63.94 -90.57 19.65
CA THR W 723 -65.34 -90.94 19.84
C THR W 723 -65.68 -90.85 21.32
N PRO W 724 -66.73 -90.11 21.70
CA PRO W 724 -67.10 -90.08 23.13
C PRO W 724 -67.96 -91.24 23.56
N ASN W 725 -68.72 -91.84 22.63
CA ASN W 725 -69.70 -92.85 23.01
C ASN W 725 -69.04 -94.10 23.56
N VAL W 726 -67.97 -94.57 22.92
CA VAL W 726 -67.33 -95.82 23.30
C VAL W 726 -66.04 -95.59 24.08
N PHE W 727 -65.07 -94.90 23.47
CA PHE W 727 -63.80 -94.66 24.15
C PHE W 727 -63.95 -93.71 25.32
N GLY W 728 -64.84 -92.73 25.20
CA GLY W 728 -64.96 -91.69 26.20
C GLY W 728 -63.96 -90.57 25.99
N SER W 729 -64.21 -89.45 26.66
CA SER W 729 -63.39 -88.26 26.51
C SER W 729 -62.73 -87.92 27.83
N ALA W 730 -61.56 -87.29 27.73
CA ALA W 730 -60.83 -86.79 28.89
C ALA W 730 -60.66 -85.28 28.81
N ASN W 731 -61.55 -84.62 28.07
CA ASN W 731 -61.45 -83.18 27.86
C ASN W 731 -61.92 -82.42 29.09
N LEU W 732 -61.09 -81.51 29.57
CA LEU W 732 -61.42 -80.61 30.66
C LEU W 732 -61.49 -79.18 30.12
N PHE W 733 -62.40 -78.39 30.67
CA PHE W 733 -62.65 -77.01 30.29
C PHE W 733 -63.11 -76.89 28.83
N THR W 734 -63.60 -77.98 28.25
CA THR W 734 -63.88 -78.06 26.83
C THR W 734 -64.96 -79.11 26.62
N PRO W 735 -65.86 -78.91 25.64
CA PRO W 735 -66.82 -79.95 25.32
C PRO W 735 -66.11 -81.25 24.95
N PRO W 736 -66.66 -82.39 25.34
CA PRO W 736 -65.90 -83.66 25.23
C PRO W 736 -65.52 -84.03 23.81
N GLU W 737 -66.24 -83.55 22.80
CA GLU W 737 -66.00 -84.03 21.44
C GLU W 737 -65.02 -83.12 20.69
N VAL W 738 -65.03 -81.82 20.99
CA VAL W 738 -64.29 -80.87 20.16
C VAL W 738 -62.84 -80.78 20.60
N LEU W 739 -62.01 -80.27 19.70
CA LEU W 739 -60.60 -80.00 19.95
C LEU W 739 -60.28 -78.59 19.46
N LEU W 740 -59.58 -77.83 20.28
CA LEU W 740 -59.35 -76.41 20.03
C LEU W 740 -58.08 -76.22 19.23
N LEU W 741 -58.14 -75.35 18.22
CA LEU W 741 -57.01 -74.98 17.39
C LEU W 741 -56.90 -73.46 17.29
N PRO W 742 -55.68 -72.93 17.14
CA PRO W 742 -55.51 -71.49 16.98
C PRO W 742 -55.54 -71.00 15.54
N ILE W 743 -55.82 -71.88 14.57
CA ILE W 743 -55.89 -71.51 13.17
C ILE W 743 -57.10 -72.19 12.55
N ASP W 744 -57.77 -71.46 11.67
CA ASP W 744 -58.98 -71.98 11.02
C ASP W 744 -58.67 -73.21 10.20
N HIS W 745 -59.63 -74.14 10.18
CA HIS W 745 -59.51 -75.38 9.44
C HIS W 745 -60.53 -75.39 8.30
N GLN W 746 -60.16 -76.03 7.20
CA GLN W 746 -60.98 -76.10 6.00
C GLN W 746 -60.97 -77.52 5.46
N PRO W 747 -61.98 -77.91 4.68
CA PRO W 747 -61.96 -79.22 4.04
C PRO W 747 -60.73 -79.38 3.16
N ALA W 748 -60.19 -80.60 3.13
CA ALA W 748 -58.91 -80.87 2.51
C ALA W 748 -59.09 -81.36 1.08
N ASN W 749 -58.48 -80.65 0.13
CA ASN W 749 -58.37 -81.10 -1.24
C ASN W 749 -56.96 -80.80 -1.72
N VAL W 750 -56.36 -81.74 -2.45
CA VAL W 750 -54.97 -81.61 -2.85
C VAL W 750 -54.78 -80.43 -3.79
N THR W 751 -55.72 -80.25 -4.72
CA THR W 751 -55.62 -79.19 -5.72
C THR W 751 -56.18 -77.89 -5.15
N THR W 752 -55.29 -77.02 -4.70
CA THR W 752 -55.64 -75.71 -4.19
C THR W 752 -54.58 -74.70 -4.62
N PRO W 753 -54.98 -73.53 -5.11
CA PRO W 753 -54.00 -72.52 -5.49
C PRO W 753 -53.09 -72.15 -4.32
N THR W 754 -51.78 -72.31 -4.53
CA THR W 754 -50.82 -72.02 -3.47
C THR W 754 -50.75 -70.53 -3.15
N LEU W 755 -51.11 -69.68 -4.12
CA LEU W 755 -51.11 -68.23 -3.92
C LEU W 755 -52.47 -67.72 -3.49
N ASP W 756 -53.36 -68.62 -3.05
CA ASP W 756 -54.65 -68.23 -2.54
C ASP W 756 -54.48 -67.31 -1.34
N PHE W 757 -55.25 -66.22 -1.31
CA PHE W 757 -55.23 -65.28 -0.19
C PHE W 757 -56.41 -65.46 0.74
N THR W 758 -57.27 -66.45 0.50
CA THR W 758 -58.35 -66.74 1.44
C THR W 758 -57.79 -67.28 2.76
N ASN W 759 -56.77 -68.12 2.70
CA ASN W 759 -56.19 -68.69 3.91
C ASN W 759 -55.42 -67.63 4.70
N GLU W 760 -55.56 -67.72 6.02
CA GLU W 760 -55.12 -66.63 6.90
C GLU W 760 -53.60 -66.51 6.93
N LEU W 761 -52.88 -67.63 6.79
CA LEU W 761 -51.42 -67.56 6.86
C LEU W 761 -50.84 -66.80 5.66
N THR W 762 -51.29 -67.16 4.45
CA THR W 762 -50.83 -66.44 3.27
C THR W 762 -51.31 -64.99 3.28
N ASN W 763 -52.54 -64.75 3.75
CA ASN W 763 -53.00 -63.37 3.88
C ASN W 763 -52.11 -62.58 4.82
N TRP W 764 -51.74 -63.18 5.95
CA TRP W 764 -50.85 -62.52 6.92
C TRP W 764 -49.49 -62.21 6.31
N ARG W 765 -48.94 -63.17 5.57
CA ARG W 765 -47.66 -62.93 4.91
C ARG W 765 -47.76 -61.79 3.92
N ALA W 766 -48.85 -61.74 3.14
CA ALA W 766 -49.03 -60.66 2.18
C ALA W 766 -49.13 -59.30 2.88
N ARG W 767 -49.88 -59.23 3.97
CA ARG W 767 -50.00 -57.96 4.69
C ARG W 767 -48.67 -57.52 5.28
N VAL W 768 -47.90 -58.46 5.84
CA VAL W 768 -46.60 -58.12 6.40
C VAL W 768 -45.67 -57.59 5.32
N CYS W 769 -45.64 -58.27 4.17
CA CYS W 769 -44.79 -57.80 3.07
C CYS W 769 -45.22 -56.42 2.58
N GLU W 770 -46.53 -56.19 2.51
CA GLU W 770 -47.03 -54.88 2.08
C GLU W 770 -46.63 -53.79 3.07
N LEU W 771 -46.70 -54.09 4.37
CA LEU W 771 -46.30 -53.09 5.35
C LEU W 771 -44.81 -52.78 5.25
N MET W 772 -43.98 -53.80 5.05
CA MET W 772 -42.56 -53.54 4.86
C MET W 772 -42.30 -52.72 3.59
N LYS W 773 -43.06 -52.99 2.52
CA LYS W 773 -42.96 -52.16 1.33
C LYS W 773 -43.31 -50.71 1.64
N ASN W 774 -44.38 -50.50 2.42
CA ASN W 774 -44.76 -49.14 2.79
C ASN W 774 -43.67 -48.47 3.61
N LEU W 775 -43.01 -49.25 4.49
CA LEU W 775 -41.88 -48.73 5.25
C LEU W 775 -40.74 -48.29 4.33
N VAL W 776 -40.42 -49.11 3.33
CA VAL W 776 -39.18 -48.89 2.60
C VAL W 776 -39.35 -47.89 1.45
N ASP W 777 -40.56 -47.78 0.90
CA ASP W 777 -40.80 -46.88 -0.23
C ASP W 777 -40.21 -45.49 0.01
N ASN W 778 -40.65 -44.83 1.07
CA ASN W 778 -40.02 -43.59 1.47
C ASN W 778 -38.74 -43.88 2.24
N GLN W 779 -37.72 -43.06 2.01
CA GLN W 779 -36.44 -43.22 2.69
C GLN W 779 -36.37 -42.40 3.97
N ARG W 780 -37.48 -41.77 4.36
CA ARG W 780 -37.49 -40.96 5.58
C ARG W 780 -37.19 -41.79 6.81
N TYR W 781 -37.50 -43.10 6.77
CA TYR W 781 -37.27 -43.94 7.94
C TYR W 781 -35.93 -44.66 7.90
N GLN W 782 -35.16 -44.53 6.84
CA GLN W 782 -33.83 -45.14 6.73
C GLN W 782 -32.80 -44.12 6.27
N PRO W 783 -32.44 -43.16 7.13
CA PRO W 783 -31.34 -42.25 6.78
C PRO W 783 -30.00 -42.98 6.85
N GLY W 784 -29.01 -42.38 6.21
CA GLY W 784 -27.67 -42.95 6.19
C GLY W 784 -27.46 -44.03 5.17
N TRP W 785 -28.47 -44.36 4.37
CA TRP W 785 -28.32 -45.28 3.25
C TRP W 785 -27.88 -44.49 2.03
N THR W 786 -26.66 -44.74 1.56
CA THR W 786 -26.10 -43.96 0.47
C THR W 786 -26.81 -44.25 -0.85
N GLN W 787 -26.77 -45.50 -1.30
CA GLN W 787 -27.38 -45.87 -2.56
C GLN W 787 -28.85 -46.24 -2.35
N SER W 788 -29.66 -45.97 -3.37
CA SER W 788 -31.10 -46.25 -3.30
C SER W 788 -31.32 -47.76 -3.30
N LEU W 789 -31.67 -48.31 -2.13
CA LEU W 789 -31.94 -49.73 -1.98
C LEU W 789 -33.42 -50.06 -2.04
N VAL W 790 -34.27 -49.08 -2.38
CA VAL W 790 -35.71 -49.31 -2.36
C VAL W 790 -36.11 -50.33 -3.42
N SER W 791 -35.47 -50.27 -4.60
CA SER W 791 -35.82 -51.21 -5.67
C SER W 791 -35.48 -52.65 -5.26
N SER W 792 -34.27 -52.85 -4.73
CA SER W 792 -33.87 -54.20 -4.30
C SER W 792 -34.74 -54.69 -3.16
N MET W 793 -35.06 -53.80 -2.21
CA MET W 793 -35.91 -54.19 -1.09
C MET W 793 -37.29 -54.61 -1.56
N ARG W 794 -37.90 -53.83 -2.46
CA ARG W 794 -39.23 -54.18 -2.93
C ARG W 794 -39.20 -55.46 -3.77
N GLY W 795 -38.13 -55.67 -4.54
CA GLY W 795 -38.00 -56.92 -5.27
C GLY W 795 -37.93 -58.11 -4.35
N THR W 796 -37.11 -58.02 -3.31
CA THR W 796 -37.00 -59.13 -2.35
C THR W 796 -38.32 -59.36 -1.62
N LEU W 797 -38.99 -58.28 -1.23
CA LEU W 797 -40.28 -58.43 -0.54
C LEU W 797 -41.32 -59.06 -1.45
N GLY W 798 -41.33 -58.68 -2.73
CA GLY W 798 -42.26 -59.31 -3.67
C GLY W 798 -41.96 -60.78 -3.88
N LYS W 799 -40.67 -61.14 -3.98
CA LYS W 799 -40.32 -62.54 -4.12
C LYS W 799 -40.76 -63.34 -2.89
N LEU W 800 -40.59 -62.75 -1.70
CA LEU W 800 -41.00 -63.46 -0.48
C LEU W 800 -42.51 -63.56 -0.39
N LYS W 801 -43.23 -62.54 -0.85
CA LYS W 801 -44.69 -62.57 -0.81
C LYS W 801 -45.23 -63.60 -1.80
N LEU W 802 -44.60 -63.75 -2.96
CA LEU W 802 -45.06 -64.66 -4.00
C LEU W 802 -44.11 -65.86 -4.08
N ILE W 803 -44.47 -66.95 -3.41
CA ILE W 803 -43.65 -68.15 -3.33
C ILE W 803 -44.56 -69.37 -3.37
N LYS W 804 -43.94 -70.55 -3.61
CA LYS W 804 -44.67 -71.80 -3.68
C LYS W 804 -44.85 -72.46 -2.32
N SER W 805 -44.93 -71.67 -1.24
CA SER W 805 -45.01 -72.28 0.08
C SER W 805 -46.32 -73.04 0.25
N MET W 806 -46.22 -74.35 0.42
CA MET W 806 -47.38 -75.19 0.69
C MET W 806 -47.55 -75.49 2.18
N THR W 807 -46.69 -74.94 3.02
CA THR W 807 -46.89 -75.08 4.45
C THR W 807 -48.20 -74.45 4.94
N PRO W 808 -48.61 -73.26 4.49
CA PRO W 808 -49.94 -72.77 4.89
C PRO W 808 -51.06 -73.70 4.49
N MET W 809 -51.02 -74.26 3.28
CA MET W 809 -52.05 -75.20 2.86
C MET W 809 -52.04 -76.45 3.72
N TYR W 810 -50.85 -76.96 4.03
CA TYR W 810 -50.76 -78.14 4.90
C TYR W 810 -51.35 -77.86 6.27
N LEU W 811 -50.94 -76.75 6.91
CA LEU W 811 -51.45 -76.43 8.24
C LEU W 811 -52.95 -76.16 8.20
N GLN W 812 -53.45 -75.67 7.07
CA GLN W 812 -54.88 -75.38 6.97
C GLN W 812 -55.71 -76.64 6.81
N GLN W 813 -55.21 -77.61 6.04
CA GLN W 813 -56.02 -78.77 5.65
C GLN W 813 -55.65 -80.05 6.39
N LEU W 814 -54.38 -80.48 6.32
CA LEU W 814 -54.05 -81.82 6.76
C LEU W 814 -53.65 -81.86 8.23
N ALA W 815 -52.97 -80.82 8.71
CA ALA W 815 -52.49 -80.83 10.09
C ALA W 815 -53.60 -81.01 11.13
N PRO W 816 -54.74 -80.33 11.06
CA PRO W 816 -55.82 -80.64 12.01
C PRO W 816 -56.27 -82.08 11.95
N VAL W 817 -56.34 -82.68 10.75
CA VAL W 817 -56.75 -84.07 10.62
C VAL W 817 -55.72 -84.98 11.28
N GLU W 818 -54.43 -84.72 11.04
CA GLU W 818 -53.39 -85.53 11.67
C GLU W 818 -53.45 -85.44 13.18
N LEU W 819 -53.64 -84.22 13.71
CA LEU W 819 -53.73 -84.06 15.15
C LEU W 819 -54.95 -84.78 15.72
N ALA W 820 -56.07 -84.71 15.01
CA ALA W 820 -57.28 -85.40 15.46
C ALA W 820 -57.08 -86.90 15.48
N VAL W 821 -56.39 -87.44 14.47
CA VAL W 821 -56.11 -88.87 14.45
C VAL W 821 -55.20 -89.26 15.61
N ILE W 822 -54.15 -88.48 15.86
CA ILE W 822 -53.15 -88.85 16.86
C ILE W 822 -53.70 -88.70 18.27
N ALA W 823 -54.58 -87.71 18.50
CA ALA W 823 -54.96 -87.34 19.86
C ALA W 823 -55.49 -88.49 20.71
N PRO W 824 -56.42 -89.34 20.26
CA PRO W 824 -56.88 -90.42 21.14
C PRO W 824 -55.79 -91.42 21.48
N MET W 825 -54.75 -91.50 20.65
CA MET W 825 -53.73 -92.54 20.84
C MET W 825 -52.75 -92.18 21.94
N LEU W 826 -52.62 -90.89 22.23
CA LEU W 826 -51.52 -90.44 23.09
C LEU W 826 -51.71 -90.93 24.52
N PRO W 827 -50.64 -91.35 25.19
CA PRO W 827 -50.76 -91.72 26.61
C PRO W 827 -51.25 -90.58 27.48
N PHE W 828 -50.87 -89.34 27.15
CA PHE W 828 -51.33 -88.17 27.88
C PHE W 828 -52.41 -87.49 27.05
N PRO W 829 -53.68 -87.56 27.47
CA PRO W 829 -54.76 -86.96 26.67
C PRO W 829 -54.60 -85.46 26.59
N PRO W 830 -55.09 -84.83 25.52
CA PRO W 830 -54.90 -83.39 25.35
C PRO W 830 -55.53 -82.60 26.50
N PHE W 831 -54.81 -81.55 26.91
CA PHE W 831 -55.27 -80.65 27.97
C PHE W 831 -55.23 -79.24 27.41
N GLN W 832 -56.40 -78.62 27.25
CA GLN W 832 -56.51 -77.36 26.54
C GLN W 832 -57.29 -76.34 27.36
N VAL W 833 -57.00 -75.08 27.09
CA VAL W 833 -57.76 -73.95 27.63
C VAL W 833 -58.22 -73.12 26.44
N PRO W 834 -59.31 -72.37 26.58
CA PRO W 834 -59.88 -71.66 25.43
C PRO W 834 -58.88 -70.70 24.80
N TYR W 835 -58.93 -70.63 23.47
CA TYR W 835 -58.12 -69.71 22.68
C TYR W 835 -58.91 -68.45 22.41
N VAL W 836 -58.31 -67.30 22.72
CA VAL W 836 -58.92 -66.00 22.47
C VAL W 836 -57.88 -65.11 21.79
N ARG W 837 -58.32 -64.38 20.76
CA ARG W 837 -57.45 -63.49 20.00
C ARG W 837 -57.83 -62.04 20.27
N LEU W 838 -56.86 -61.26 20.75
CA LEU W 838 -57.05 -59.83 20.99
C LEU W 838 -58.25 -59.55 21.89
N ASP W 839 -58.43 -60.38 22.91
CA ASP W 839 -59.50 -60.22 23.89
C ASP W 839 -58.88 -60.37 25.28
N ARG W 840 -58.54 -59.23 25.89
CA ARG W 840 -57.84 -59.26 27.17
C ARG W 840 -58.71 -59.84 28.28
N ASP W 841 -60.03 -59.66 28.18
CA ASP W 841 -60.92 -60.01 29.29
C ASP W 841 -61.19 -61.50 29.41
N ARG W 842 -60.73 -62.33 28.47
CA ARG W 842 -60.96 -63.77 28.54
C ARG W 842 -59.65 -64.56 28.44
N VAL W 843 -58.51 -63.89 28.55
CA VAL W 843 -57.24 -64.60 28.48
C VAL W 843 -57.00 -65.35 29.80
N PRO W 844 -56.82 -66.67 29.77
CA PRO W 844 -56.51 -67.39 31.00
C PRO W 844 -55.12 -67.02 31.52
N THR W 845 -54.96 -67.06 32.85
CA THR W 845 -53.69 -66.74 33.48
C THR W 845 -53.21 -67.77 34.49
N MET W 846 -54.11 -68.51 35.14
CA MET W 846 -53.72 -69.46 36.16
C MET W 846 -54.51 -70.75 35.99
N VAL W 847 -53.86 -71.86 36.34
CA VAL W 847 -54.49 -73.17 36.38
C VAL W 847 -54.11 -73.84 37.69
N GLY W 848 -55.11 -74.27 38.46
CA GLY W 848 -54.86 -74.88 39.75
C GLY W 848 -55.75 -76.08 39.97
N VAL W 849 -55.35 -76.88 40.96
CA VAL W 849 -56.06 -78.10 41.35
C VAL W 849 -56.47 -77.97 42.81
N THR W 850 -57.73 -78.27 43.11
CA THR W 850 -58.28 -78.16 44.44
C THR W 850 -58.43 -79.55 45.04
N ARG W 851 -57.98 -79.71 46.29
CA ARG W 851 -58.10 -81.01 46.95
C ARG W 851 -59.30 -81.06 47.88
N GLN W 852 -59.60 -79.96 48.56
CA GLN W 852 -60.66 -79.93 49.56
C GLN W 852 -62.02 -79.75 48.90
N SER W 853 -63.07 -80.03 49.67
CA SER W 853 -64.44 -79.87 49.19
C SER W 853 -64.81 -78.40 49.10
N ARG W 854 -65.89 -78.14 48.34
CA ARG W 854 -66.33 -76.77 48.14
C ARG W 854 -67.07 -76.20 49.35
N ASP W 855 -67.65 -77.06 50.18
CA ASP W 855 -68.46 -76.61 51.31
C ASP W 855 -67.68 -76.57 52.63
N THR W 856 -66.36 -76.39 52.57
CA THR W 856 -65.55 -76.28 53.77
C THR W 856 -64.53 -75.17 53.57
N ILE W 857 -64.11 -74.57 54.69
CA ILE W 857 -63.12 -73.50 54.70
C ILE W 857 -61.89 -74.01 55.45
N THR W 858 -60.75 -74.04 54.76
CA THR W 858 -59.49 -74.49 55.35
C THR W 858 -58.40 -73.50 54.97
N GLN W 859 -57.16 -73.84 55.33
CA GLN W 859 -56.03 -73.03 54.92
C GLN W 859 -55.88 -73.08 53.41
N PRO W 860 -55.56 -71.95 52.76
CA PRO W 860 -55.53 -71.96 51.30
C PRO W 860 -54.26 -72.60 50.75
N ALA W 861 -54.40 -73.82 50.22
CA ALA W 861 -53.29 -74.55 49.63
C ALA W 861 -53.40 -74.49 48.12
N LEU W 862 -52.44 -73.81 47.49
CA LEU W 862 -52.47 -73.59 46.06
C LEU W 862 -51.54 -74.58 45.35
N SER W 863 -51.99 -75.05 44.19
CA SER W 863 -51.23 -76.03 43.44
C SER W 863 -49.94 -75.41 42.92
N LEU W 864 -48.96 -76.27 42.63
CA LEU W 864 -47.66 -75.81 42.16
C LEU W 864 -47.77 -75.15 40.78
N SER W 865 -48.78 -75.53 39.99
CA SER W 865 -48.93 -74.96 38.66
C SER W 865 -49.32 -73.48 38.72
N THR W 866 -49.91 -73.03 39.83
CA THR W 866 -50.32 -71.64 39.93
C THR W 866 -49.12 -70.71 40.03
N THR W 867 -47.96 -71.23 40.44
CA THR W 867 -46.79 -70.39 40.61
C THR W 867 -46.17 -69.96 39.28
N ASN W 868 -46.63 -70.52 38.16
CA ASN W 868 -46.12 -70.11 36.85
C ASN W 868 -46.73 -68.76 36.46
N THR W 869 -45.86 -67.86 35.96
CA THR W 869 -46.34 -66.56 35.52
C THR W 869 -47.28 -66.69 34.33
N THR W 870 -47.00 -67.63 33.43
CA THR W 870 -47.88 -67.94 32.32
C THR W 870 -48.88 -69.01 32.75
N VAL W 871 -49.62 -69.57 31.80
CA VAL W 871 -50.56 -70.63 32.12
C VAL W 871 -49.86 -71.87 32.65
N GLY W 872 -48.68 -72.19 32.13
CA GLY W 872 -47.94 -73.34 32.59
C GLY W 872 -46.46 -73.15 32.40
N VAL W 873 -45.76 -74.27 32.30
CA VAL W 873 -44.30 -74.24 32.10
C VAL W 873 -44.00 -73.63 30.74
N PRO W 874 -43.14 -72.63 30.64
CA PRO W 874 -42.83 -72.05 29.32
C PRO W 874 -41.64 -72.70 28.65
N LEU W 875 -41.71 -72.87 27.33
CA LEU W 875 -40.59 -73.33 26.53
C LEU W 875 -40.31 -72.30 25.44
N ALA W 876 -39.04 -72.04 25.17
CA ALA W 876 -38.66 -71.12 24.11
C ALA W 876 -38.69 -71.80 22.76
N LEU W 877 -38.77 -70.98 21.71
CA LEU W 877 -38.76 -71.47 20.34
C LEU W 877 -37.89 -70.56 19.50
N ASP W 878 -37.39 -71.10 18.38
CA ASP W 878 -36.54 -70.37 17.47
C ASP W 878 -37.40 -69.88 16.30
N ALA W 879 -37.37 -68.57 16.07
CA ALA W 879 -38.22 -67.99 15.03
C ALA W 879 -37.70 -68.33 13.64
N ARG W 880 -36.39 -68.48 13.50
CA ARG W 880 -35.81 -68.72 12.19
C ARG W 880 -36.27 -70.04 11.59
N ALA W 881 -36.29 -71.11 12.41
CA ALA W 881 -36.72 -72.41 11.91
C ALA W 881 -38.19 -72.38 11.50
N ILE W 882 -39.04 -71.74 12.31
CA ILE W 882 -40.45 -71.66 11.98
C ILE W 882 -40.65 -70.87 10.68
N THR W 883 -39.92 -69.76 10.53
CA THR W 883 -40.04 -68.96 9.33
C THR W 883 -39.58 -69.74 8.10
N VAL W 884 -38.48 -70.48 8.21
CA VAL W 884 -38.01 -71.26 7.07
C VAL W 884 -39.00 -72.35 6.72
N ALA W 885 -39.56 -73.02 7.74
CA ALA W 885 -40.55 -74.07 7.48
C ALA W 885 -41.82 -73.49 6.86
N LEU W 886 -42.15 -72.24 7.19
CA LEU W 886 -43.33 -71.62 6.60
C LEU W 886 -43.06 -71.20 5.16
N LEU W 887 -41.87 -70.70 4.88
CA LEU W 887 -41.57 -70.22 3.53
C LEU W 887 -41.29 -71.38 2.57
N SER W 888 -40.76 -72.50 3.07
CA SER W 888 -40.36 -73.60 2.22
C SER W 888 -41.09 -74.87 2.62
N GLY W 889 -41.41 -75.69 1.63
CA GLY W 889 -42.11 -76.94 1.86
C GLY W 889 -42.97 -77.33 0.69
N LYS W 890 -42.91 -78.61 0.31
CA LYS W 890 -43.64 -79.09 -0.87
C LYS W 890 -44.19 -80.48 -0.60
N TYR W 891 -45.31 -80.78 -1.23
CA TYR W 891 -45.88 -82.12 -1.20
C TYR W 891 -45.07 -83.05 -2.11
N PRO W 892 -45.16 -84.35 -1.89
CA PRO W 892 -44.51 -85.28 -2.81
C PRO W 892 -45.05 -85.10 -4.22
N PRO W 893 -44.20 -85.25 -5.24
CA PRO W 893 -44.66 -85.06 -6.62
C PRO W 893 -45.79 -85.98 -7.01
N ASP W 894 -45.90 -87.15 -6.38
CA ASP W 894 -46.99 -88.09 -6.64
C ASP W 894 -47.65 -88.49 -5.31
N LEU W 895 -48.60 -87.68 -4.88
CA LEU W 895 -49.26 -87.85 -3.59
C LEU W 895 -50.75 -88.13 -3.80
N VAL W 896 -51.25 -89.15 -3.12
CA VAL W 896 -52.69 -89.39 -2.99
C VAL W 896 -53.00 -89.48 -1.50
N THR W 897 -53.86 -88.58 -1.02
CA THR W 897 -54.11 -88.49 0.41
C THR W 897 -54.73 -89.78 0.94
N ASN W 898 -55.66 -90.38 0.18
CA ASN W 898 -56.31 -91.59 0.66
C ASN W 898 -55.32 -92.72 0.91
N VAL W 899 -54.47 -93.03 -0.07
CA VAL W 899 -53.53 -94.13 0.10
C VAL W 899 -52.46 -93.77 1.13
N TRP W 900 -52.00 -92.52 1.14
CA TRP W 900 -50.98 -92.12 2.10
C TRP W 900 -51.50 -92.28 3.53
N TYR W 901 -52.70 -91.81 3.80
CA TYR W 901 -53.20 -91.89 5.17
C TYR W 901 -53.64 -93.30 5.52
N ALA W 902 -54.09 -94.08 4.54
CA ALA W 902 -54.37 -95.48 4.80
C ALA W 902 -53.10 -96.24 5.19
N ASP W 903 -51.98 -95.89 4.55
CA ASP W 903 -50.71 -96.55 4.89
C ASP W 903 -50.14 -96.00 6.19
N ALA W 904 -50.47 -94.76 6.54
CA ALA W 904 -49.92 -94.15 7.75
C ALA W 904 -50.68 -94.60 9.00
N ILE W 905 -52.01 -94.67 8.92
CA ILE W 905 -52.82 -94.92 10.10
C ILE W 905 -52.63 -96.35 10.60
N TYR W 906 -52.52 -97.31 9.68
CA TYR W 906 -52.51 -98.71 10.08
C TYR W 906 -51.38 -99.06 11.03
N PRO W 907 -50.11 -98.67 10.78
CA PRO W 907 -49.07 -98.94 11.79
C PRO W 907 -49.33 -98.26 13.12
N MET W 908 -49.85 -97.03 13.11
CA MET W 908 -50.11 -96.35 14.38
C MET W 908 -51.22 -97.04 15.17
N TYR W 909 -52.32 -97.41 14.50
CA TYR W 909 -53.38 -98.12 15.19
C TYR W 909 -53.06 -99.57 15.45
N ALA W 910 -51.96 -100.09 14.90
CA ALA W 910 -51.50 -101.43 15.26
C ALA W 910 -51.02 -101.47 16.71
N ASP W 911 -50.28 -100.44 17.13
CA ASP W 911 -49.67 -100.40 18.45
C ASP W 911 -50.44 -99.45 19.37
N THR W 912 -51.58 -99.93 19.87
CA THR W 912 -52.47 -99.12 20.68
C THR W 912 -52.42 -99.55 22.15
N GLU W 913 -52.53 -98.58 23.06
CA GLU W 913 -52.81 -98.86 24.46
C GLU W 913 -53.97 -98.02 25.02
N VAL W 914 -54.91 -97.61 24.18
CA VAL W 914 -56.14 -97.00 24.69
C VAL W 914 -56.89 -97.98 25.57
N PHE W 915 -56.94 -99.24 25.17
CA PHE W 915 -57.61 -100.25 25.98
C PHE W 915 -56.94 -100.41 27.34
N SER W 916 -55.60 -100.37 27.36
CA SER W 916 -54.88 -100.44 28.63
C SER W 916 -55.14 -99.21 29.48
N ASN W 917 -55.16 -98.03 28.86
CA ASN W 917 -55.40 -96.80 29.61
C ASN W 917 -56.79 -96.78 30.21
N LEU W 918 -57.78 -97.31 29.48
CA LEU W 918 -59.14 -97.38 30.01
C LEU W 918 -59.21 -98.26 31.26
N GLN W 919 -58.48 -99.38 31.25
CA GLN W 919 -58.43 -100.25 32.41
C GLN W 919 -57.62 -99.65 33.56
N ARG W 920 -56.64 -98.80 33.26
CA ARG W 920 -55.86 -98.16 34.31
C ARG W 920 -56.63 -97.02 34.99
N ASP W 921 -57.46 -96.30 34.22
CA ASP W 921 -58.18 -95.16 34.78
C ASP W 921 -59.16 -95.58 35.86
N VAL W 922 -59.86 -96.70 35.65
CA VAL W 922 -60.83 -97.17 36.66
C VAL W 922 -60.11 -97.52 37.96
N ILE W 923 -58.95 -98.17 37.86
CA ILE W 923 -58.18 -98.49 39.05
C ILE W 923 -57.73 -97.23 39.76
N THR W 924 -57.28 -96.22 38.99
CA THR W 924 -56.86 -94.97 39.60
C THR W 924 -58.00 -94.29 40.33
N CYS W 925 -59.18 -94.23 39.72
CA CYS W 925 -60.33 -93.57 40.35
C CYS W 925 -60.77 -94.34 41.59
N GLU W 926 -60.79 -95.67 41.51
CA GLU W 926 -61.13 -96.49 42.67
C GLU W 926 -60.16 -96.24 43.81
N ALA W 927 -58.87 -96.14 43.49
CA ALA W 927 -57.87 -95.84 44.50
C ALA W 927 -58.12 -94.49 45.14
N VAL W 928 -58.46 -93.49 44.33
CA VAL W 928 -58.77 -92.16 44.85
C VAL W 928 -59.90 -92.24 45.87
N GLN W 929 -61.00 -92.91 45.50
CA GLN W 929 -62.16 -92.95 46.39
C GLN W 929 -61.85 -93.69 47.68
N THR W 930 -61.20 -94.86 47.58
CA THR W 930 -60.92 -95.60 48.81
C THR W 930 -59.92 -94.87 49.68
N LEU W 931 -58.96 -94.15 49.07
CA LEU W 931 -58.02 -93.37 49.85
C LEU W 931 -58.73 -92.26 50.62
N VAL W 932 -59.63 -91.54 49.96
CA VAL W 932 -60.32 -90.46 50.67
C VAL W 932 -61.20 -91.04 51.77
N THR W 933 -61.83 -92.20 51.53
CA THR W 933 -62.63 -92.83 52.55
C THR W 933 -61.80 -93.20 53.78
N LEU W 934 -60.64 -93.84 53.56
CA LEU W 934 -59.83 -94.28 54.69
C LEU W 934 -59.20 -93.11 55.44
N VAL W 935 -58.79 -92.06 54.73
CA VAL W 935 -58.24 -90.88 55.39
C VAL W 935 -59.31 -90.21 56.23
N ALA W 936 -60.52 -90.08 55.68
CA ALA W 936 -61.61 -89.51 56.47
C ALA W 936 -61.94 -90.39 57.67
N GLN W 937 -61.76 -91.71 57.54
CA GLN W 937 -61.98 -92.61 58.66
C GLN W 937 -60.98 -92.36 59.78
N ILE W 938 -59.69 -92.27 59.42
CA ILE W 938 -58.68 -92.20 60.48
C ILE W 938 -58.58 -90.80 61.08
N SER W 939 -58.68 -89.75 60.27
CA SER W 939 -58.48 -88.39 60.74
C SER W 939 -59.82 -87.67 60.81
N GLU W 940 -59.78 -86.41 61.26
CA GLU W 940 -60.97 -85.58 61.33
C GLU W 940 -61.18 -84.89 60.00
N THR W 941 -62.36 -85.10 59.41
CA THR W 941 -62.70 -84.57 58.09
C THR W 941 -64.21 -84.60 57.95
N GLN W 942 -64.74 -83.61 57.25
CA GLN W 942 -66.19 -83.46 57.10
C GLN W 942 -66.78 -84.39 56.05
N TYR W 943 -66.02 -85.35 55.55
CA TYR W 943 -66.55 -86.29 54.57
C TYR W 943 -67.46 -87.30 55.26
N PRO W 944 -68.62 -87.61 54.69
CA PRO W 944 -69.51 -88.62 55.28
C PRO W 944 -69.03 -90.03 54.99
N VAL W 945 -68.67 -90.76 56.04
CA VAL W 945 -68.10 -92.09 55.89
C VAL W 945 -68.84 -93.05 56.83
N ASP W 946 -69.66 -92.48 57.72
CA ASP W 946 -70.55 -93.20 58.63
C ASP W 946 -69.80 -93.86 59.78
N ARG W 947 -68.46 -93.86 59.72
CA ARG W 947 -67.58 -94.25 60.83
C ARG W 947 -68.06 -95.54 61.51
N TYR W 948 -67.98 -96.64 60.76
CA TYR W 948 -68.47 -97.91 61.27
C TYR W 948 -67.74 -98.34 62.54
N LEU W 949 -66.42 -98.23 62.56
CA LEU W 949 -65.64 -98.61 63.73
C LEU W 949 -65.04 -97.35 64.36
N ASP W 950 -65.37 -97.13 65.64
CA ASP W 950 -64.81 -96.03 66.41
C ASP W 950 -64.39 -96.41 67.81
N TRP W 951 -64.85 -97.54 68.34
CA TRP W 951 -64.42 -98.00 69.66
C TRP W 951 -62.93 -98.30 69.71
N ILE W 952 -62.32 -98.60 68.57
CA ILE W 952 -60.87 -98.84 68.53
C ILE W 952 -60.15 -97.53 68.81
N PRO W 953 -59.25 -97.49 69.79
CA PRO W 953 -58.56 -96.22 70.10
C PRO W 953 -57.70 -95.74 68.94
N SER W 954 -57.62 -94.43 68.80
CA SER W 954 -56.84 -93.80 67.74
C SER W 954 -56.49 -92.38 68.18
N LEU W 955 -55.98 -91.60 67.24
CA LEU W 955 -55.61 -90.21 67.51
C LEU W 955 -56.02 -89.36 66.31
N ARG W 956 -56.10 -88.05 66.54
CA ARG W 956 -56.38 -87.12 65.46
C ARG W 956 -55.14 -86.98 64.60
N ALA W 957 -54.98 -87.88 63.63
CA ALA W 957 -53.76 -87.95 62.84
C ALA W 957 -53.49 -86.65 62.11
N SER W 958 -52.24 -86.20 62.15
CA SER W 958 -51.83 -84.97 61.49
C SER W 958 -51.52 -85.25 60.03
N ALA W 959 -50.98 -84.23 59.36
CA ALA W 959 -50.69 -84.33 57.93
C ALA W 959 -49.66 -85.42 57.65
N ALA W 960 -48.59 -85.48 58.45
CA ALA W 960 -47.53 -86.47 58.22
C ALA W 960 -48.04 -87.89 58.45
N THR W 961 -48.79 -88.11 59.53
CA THR W 961 -49.34 -89.44 59.79
C THR W 961 -50.32 -89.86 58.70
N ALA W 962 -51.18 -88.93 58.27
CA ALA W 962 -52.10 -89.24 57.18
C ALA W 962 -51.34 -89.56 55.90
N ALA W 963 -50.25 -88.83 55.64
CA ALA W 963 -49.45 -89.09 54.44
C ALA W 963 -48.81 -90.47 54.49
N THR W 964 -48.28 -90.86 55.66
CA THR W 964 -47.68 -92.19 55.76
C THR W 964 -48.72 -93.29 55.59
N PHE W 965 -49.90 -93.11 56.20
CA PHE W 965 -50.96 -94.10 56.02
C PHE W 965 -51.38 -94.19 54.56
N ALA W 966 -51.51 -93.05 53.89
CA ALA W 966 -51.86 -93.04 52.48
C ALA W 966 -50.78 -93.69 51.63
N GLU W 967 -49.50 -93.49 51.99
CA GLU W 967 -48.42 -94.16 51.28
C GLU W 967 -48.52 -95.66 51.42
N TRP W 968 -48.84 -96.15 52.62
CA TRP W 968 -49.00 -97.59 52.82
C TRP W 968 -50.19 -98.11 52.01
N VAL W 969 -51.31 -97.38 52.00
CA VAL W 969 -52.47 -97.80 51.21
C VAL W 969 -52.10 -97.86 49.73
N ASN W 970 -51.40 -96.83 49.24
CA ASN W 970 -51.00 -96.77 47.84
C ASN W 970 -50.10 -97.94 47.48
N THR W 971 -49.08 -98.20 48.28
CA THR W 971 -48.16 -99.28 47.95
C THR W 971 -48.85 -100.65 48.05
N SER W 972 -49.78 -100.82 48.99
CA SER W 972 -50.53 -102.06 49.07
C SER W 972 -51.37 -102.27 47.81
N MET W 973 -52.05 -101.22 47.35
CA MET W 973 -52.88 -101.36 46.17
C MET W 973 -52.05 -101.58 44.91
N LYS W 974 -50.91 -100.90 44.81
CA LYS W 974 -50.03 -101.11 43.67
C LYS W 974 -49.47 -102.52 43.66
N THR W 975 -49.11 -103.05 44.83
CA THR W 975 -48.67 -104.44 44.91
C THR W 975 -49.79 -105.40 44.51
N ALA W 976 -51.01 -105.13 44.95
CA ALA W 976 -52.12 -106.02 44.64
C ALA W 976 -52.40 -106.04 43.14
N PHE W 977 -52.53 -104.88 42.52
CA PHE W 977 -52.87 -104.81 41.11
C PHE W 977 -51.65 -104.84 40.19
N ASP W 978 -50.46 -105.06 40.74
CA ASP W 978 -49.23 -105.22 39.96
C ASP W 978 -48.96 -103.96 39.11
N LEU W 979 -49.15 -102.80 39.71
CA LEU W 979 -48.79 -101.55 39.07
C LEU W 979 -47.33 -101.21 39.39
N SER W 980 -46.71 -100.45 38.49
CA SER W 980 -45.29 -100.12 38.67
C SER W 980 -44.93 -98.66 38.44
N ASP W 981 -45.69 -97.89 37.66
CA ASP W 981 -45.25 -96.53 37.33
C ASP W 981 -45.61 -95.53 38.41
N MET W 982 -46.91 -95.34 38.65
CA MET W 982 -47.39 -94.24 39.50
C MET W 982 -48.88 -94.42 39.73
N LEU W 983 -49.30 -94.15 40.97
CA LEU W 983 -50.69 -94.28 41.35
C LEU W 983 -50.92 -93.55 42.66
N LEU W 984 -51.74 -92.49 42.65
CA LEU W 984 -51.99 -91.63 43.81
C LEU W 984 -50.73 -90.94 44.31
N GLU W 985 -49.62 -91.10 43.60
CA GLU W 985 -48.35 -90.53 44.06
C GLU W 985 -48.36 -89.01 44.12
N PRO W 986 -48.83 -88.27 43.11
CA PRO W 986 -48.86 -86.80 43.24
C PRO W 986 -49.72 -86.30 44.38
N LEU W 987 -50.76 -87.06 44.77
CA LEU W 987 -51.63 -86.62 45.84
C LEU W 987 -50.92 -86.54 47.19
N LEU W 988 -49.82 -87.26 47.35
CA LEU W 988 -49.07 -87.26 48.61
C LEU W 988 -47.96 -86.22 48.60
N SER W 989 -48.33 -84.98 48.28
CA SER W 989 -47.39 -83.86 48.27
C SER W 989 -47.50 -82.98 49.50
N GLY W 990 -48.37 -83.33 50.44
CA GLY W 990 -48.56 -82.53 51.63
C GLY W 990 -50.00 -82.35 52.01
N ASP W 991 -50.33 -82.64 53.27
CA ASP W 991 -51.69 -82.55 53.80
C ASP W 991 -52.67 -83.35 52.96
N PRO W 992 -52.56 -84.70 52.93
CA PRO W 992 -53.52 -85.48 52.14
C PRO W 992 -54.79 -85.78 52.91
N ARG W 993 -55.34 -84.77 53.59
CA ARG W 993 -56.65 -84.86 54.20
C ARG W 993 -57.71 -84.27 53.28
N MET W 994 -57.73 -84.74 52.05
CA MET W 994 -58.55 -84.17 50.99
C MET W 994 -59.79 -85.01 50.73
N THR W 995 -60.80 -84.37 50.15
CA THR W 995 -62.12 -84.97 49.97
C THR W 995 -62.50 -85.21 48.52
N GLN W 996 -62.32 -84.21 47.66
CA GLN W 996 -62.80 -84.31 46.28
C GLN W 996 -61.89 -83.51 45.37
N LEU W 997 -61.43 -84.15 44.29
CA LEU W 997 -60.57 -83.49 43.33
C LEU W 997 -61.35 -82.51 42.47
N ALA W 998 -60.71 -81.40 42.11
CA ALA W 998 -61.32 -80.42 41.23
C ALA W 998 -60.20 -79.61 40.58
N ILE W 999 -60.49 -79.07 39.40
CA ILE W 999 -59.53 -78.29 38.64
C ILE W 999 -60.20 -77.01 38.15
N GLN W 1000 -59.46 -75.90 38.17
CA GLN W 1000 -60.00 -74.60 37.80
C GLN W 1000 -58.96 -73.82 37.01
N TYR W 1001 -59.44 -72.89 36.19
CA TYR W 1001 -58.58 -71.88 35.59
C TYR W 1001 -59.22 -70.53 35.81
N GLN W 1002 -58.41 -69.50 35.96
CA GLN W 1002 -58.89 -68.14 36.22
C GLN W 1002 -58.67 -67.28 34.99
N GLN W 1003 -59.76 -66.76 34.44
CA GLN W 1003 -59.66 -65.77 33.39
C GLN W 1003 -59.15 -64.45 33.95
N TYR W 1004 -58.52 -63.65 33.09
CA TYR W 1004 -58.29 -62.26 33.43
C TYR W 1004 -59.63 -61.56 33.58
N ASN W 1005 -59.69 -60.63 34.54
CA ASN W 1005 -60.87 -59.95 35.11
C ASN W 1005 -61.55 -60.79 36.19
N GLY W 1006 -60.97 -61.92 36.57
CA GLY W 1006 -61.39 -62.63 37.77
C GLY W 1006 -62.44 -63.71 37.59
N ARG W 1007 -63.01 -63.86 36.40
CA ARG W 1007 -63.99 -64.92 36.19
C ARG W 1007 -63.31 -66.28 36.21
N THR W 1008 -63.86 -67.22 37.00
CA THR W 1008 -63.25 -68.52 37.21
C THR W 1008 -64.22 -69.62 36.81
N PHE W 1009 -63.70 -70.64 36.13
CA PHE W 1009 -64.45 -71.84 35.78
C PHE W 1009 -63.87 -73.03 36.55
N ASN W 1010 -64.75 -73.80 37.17
CA ASN W 1010 -64.36 -74.96 37.95
C ASN W 1010 -65.04 -76.22 37.43
N VAL W 1011 -64.35 -77.34 37.52
CA VAL W 1011 -64.87 -78.64 37.13
C VAL W 1011 -64.80 -79.55 38.34
N ILE W 1012 -65.95 -80.08 38.73
CA ILE W 1012 -66.06 -81.00 39.87
C ILE W 1012 -66.60 -82.32 39.35
N PRO W 1013 -65.73 -83.27 39.03
CA PRO W 1013 -66.19 -84.54 38.47
C PRO W 1013 -66.89 -85.41 39.51
N GLU W 1014 -68.20 -85.61 39.35
CA GLU W 1014 -68.92 -86.50 40.22
C GLU W 1014 -68.46 -87.94 40.01
N MET W 1015 -68.26 -88.66 41.10
CA MET W 1015 -67.75 -90.01 40.92
C MET W 1015 -68.86 -91.04 41.07
N PRO W 1016 -68.88 -92.07 40.23
CA PRO W 1016 -69.83 -93.17 40.42
C PRO W 1016 -69.44 -94.05 41.61
N GLY W 1017 -70.15 -95.16 41.80
CA GLY W 1017 -69.91 -96.00 42.96
C GLY W 1017 -68.51 -96.60 42.95
N SER W 1018 -68.04 -96.93 44.15
CA SER W 1018 -66.70 -97.47 44.35
C SER W 1018 -66.82 -98.87 44.93
N VAL W 1019 -66.51 -99.88 44.11
CA VAL W 1019 -66.65 -101.26 44.56
C VAL W 1019 -65.68 -101.58 45.69
N ILE W 1020 -64.44 -101.12 45.59
CA ILE W 1020 -63.45 -101.42 46.63
C ILE W 1020 -63.82 -100.75 47.93
N ALA W 1021 -64.20 -99.47 47.88
CA ALA W 1021 -64.59 -98.76 49.09
C ALA W 1021 -65.82 -99.38 49.72
N ASP W 1022 -66.81 -99.76 48.90
CA ASP W 1022 -68.00 -100.40 49.43
C ASP W 1022 -67.67 -101.74 50.08
N CYS W 1023 -66.77 -102.51 49.46
CA CYS W 1023 -66.36 -103.78 50.03
C CYS W 1023 -65.63 -103.59 51.36
N VAL W 1024 -64.76 -102.59 51.45
CA VAL W 1024 -64.08 -102.32 52.72
C VAL W 1024 -65.08 -101.89 53.79
N GLN W 1025 -66.07 -101.07 53.41
CA GLN W 1025 -67.09 -100.67 54.39
C GLN W 1025 -67.90 -101.87 54.87
N LEU W 1026 -68.28 -102.75 53.95
CA LEU W 1026 -69.01 -103.95 54.35
C LEU W 1026 -68.16 -104.84 55.26
N THR W 1027 -66.88 -104.99 54.92
CA THR W 1027 -66.00 -105.83 55.72
C THR W 1027 -65.79 -105.25 57.11
N ALA W 1028 -65.67 -103.92 57.23
CA ALA W 1028 -65.55 -103.29 58.54
C ALA W 1028 -66.85 -103.43 59.33
N GLU W 1029 -68.00 -103.35 58.65
CA GLU W 1029 -69.27 -103.55 59.32
C GLU W 1029 -69.36 -104.97 59.88
N VAL W 1030 -68.90 -105.96 59.13
CA VAL W 1030 -68.87 -107.34 59.63
C VAL W 1030 -67.86 -107.46 60.76
N PHE W 1031 -66.74 -106.76 60.65
CA PHE W 1031 -65.73 -106.75 61.72
C PHE W 1031 -66.31 -106.24 63.02
N ASN W 1032 -67.17 -105.21 62.93
CA ASN W 1032 -67.79 -104.66 64.13
C ASN W 1032 -68.53 -105.72 64.93
N HIS W 1033 -69.03 -106.76 64.26
CA HIS W 1033 -69.79 -107.81 64.93
C HIS W 1033 -68.96 -109.05 65.26
N GLU W 1034 -67.97 -109.39 64.43
CA GLU W 1034 -67.18 -110.62 64.65
C GLU W 1034 -65.69 -110.27 64.66
N TYR W 1035 -65.34 -109.24 65.43
CA TYR W 1035 -63.94 -108.90 65.64
C TYR W 1035 -63.18 -110.04 66.31
N ASN W 1036 -63.88 -110.87 67.08
CA ASN W 1036 -63.21 -111.92 67.84
C ASN W 1036 -62.54 -112.95 66.93
N LEU W 1037 -63.10 -113.16 65.73
CA LEU W 1037 -62.49 -114.12 64.81
C LEU W 1037 -61.12 -113.63 64.35
N PHE W 1038 -60.96 -112.32 64.20
CA PHE W 1038 -59.64 -111.73 64.07
C PHE W 1038 -58.95 -111.68 65.43
N GLY W 1039 -57.66 -111.37 65.41
CA GLY W 1039 -56.86 -111.40 66.63
C GLY W 1039 -57.24 -110.37 67.67
N ILE W 1040 -58.07 -109.39 67.30
CA ILE W 1040 -58.39 -108.30 68.22
C ILE W 1040 -59.61 -108.66 69.06
N ALA W 1041 -59.78 -107.94 70.17
CA ALA W 1041 -60.94 -108.07 71.03
C ALA W 1041 -61.22 -106.72 71.68
N ARG W 1042 -62.48 -106.50 72.06
CA ARG W 1042 -62.89 -105.25 72.66
C ARG W 1042 -63.41 -105.49 74.08
N GLY W 1043 -63.36 -104.44 74.89
CA GLY W 1043 -63.76 -104.52 76.28
C GLY W 1043 -62.75 -103.84 77.18
N ASP W 1044 -62.66 -104.30 78.43
CA ASP W 1044 -61.71 -103.73 79.38
C ASP W 1044 -61.12 -104.86 80.23
N ILE W 1045 -59.95 -104.60 80.79
CA ILE W 1045 -59.23 -105.57 81.60
C ILE W 1045 -59.39 -105.21 83.06
N ILE W 1046 -59.76 -106.19 83.88
CA ILE W 1046 -59.86 -106.02 85.33
C ILE W 1046 -58.78 -106.87 85.96
N ILE W 1047 -57.81 -106.22 86.59
CA ILE W 1047 -56.66 -106.90 87.19
C ILE W 1047 -56.91 -107.03 88.69
N GLY W 1048 -56.99 -108.26 89.17
CA GLY W 1048 -57.21 -108.52 90.58
C GLY W 1048 -57.05 -109.98 90.95
N ARG W 1049 -56.72 -110.25 92.21
CA ARG W 1049 -56.48 -111.62 92.65
C ARG W 1049 -57.80 -112.35 92.86
N VAL W 1050 -57.96 -113.48 92.17
CA VAL W 1050 -59.07 -114.40 92.40
C VAL W 1050 -58.51 -115.80 92.49
N GLN W 1051 -58.91 -116.54 93.52
CA GLN W 1051 -58.47 -117.91 93.73
C GLN W 1051 -59.70 -118.78 93.97
N SER W 1052 -59.92 -119.73 93.07
CA SER W 1052 -61.07 -120.62 93.19
C SER W 1052 -60.83 -121.85 92.33
N THR W 1053 -61.62 -122.89 92.59
CA THR W 1053 -61.60 -124.11 91.80
C THR W 1053 -62.63 -124.11 90.69
N HIS W 1054 -63.37 -123.01 90.52
CA HIS W 1054 -64.38 -122.92 89.47
C HIS W 1054 -63.71 -122.89 88.10
N LEU W 1055 -64.45 -123.37 87.09
CA LEU W 1055 -63.91 -123.57 85.75
C LEU W 1055 -64.47 -122.58 84.74
N TRP W 1056 -64.89 -121.40 85.19
CA TRP W 1056 -65.37 -120.39 84.26
C TRP W 1056 -64.21 -119.82 83.45
N SER W 1057 -64.47 -119.55 82.18
CA SER W 1057 -63.42 -119.03 81.32
C SER W 1057 -63.16 -117.55 81.63
N PRO W 1058 -61.90 -117.11 81.57
CA PRO W 1058 -61.62 -115.69 81.77
C PRO W 1058 -62.29 -114.79 80.74
N LEU W 1059 -62.52 -115.30 79.52
CA LEU W 1059 -63.16 -114.50 78.47
C LEU W 1059 -64.66 -114.39 78.65
N ALA W 1060 -65.26 -115.21 79.51
CA ALA W 1060 -66.70 -115.13 79.82
C ALA W 1060 -66.85 -115.12 81.33
N PRO W 1061 -66.48 -114.03 81.98
CA PRO W 1061 -66.48 -113.99 83.45
C PRO W 1061 -67.90 -113.96 83.99
N PRO W 1062 -68.11 -114.44 85.22
CA PRO W 1062 -69.40 -114.27 85.88
C PRO W 1062 -69.61 -112.80 86.24
N PRO W 1063 -70.87 -112.37 86.36
CA PRO W 1063 -71.14 -110.96 86.69
C PRO W 1063 -70.73 -110.57 88.11
N ASP W 1064 -70.47 -111.54 88.99
CA ASP W 1064 -70.14 -111.23 90.37
C ASP W 1064 -68.78 -110.56 90.54
N LEU W 1065 -67.94 -110.57 89.52
CA LEU W 1065 -66.58 -110.06 89.63
C LEU W 1065 -66.38 -108.70 88.98
N VAL W 1066 -67.00 -108.44 87.82
CA VAL W 1066 -66.76 -107.20 87.10
C VAL W 1066 -67.45 -106.04 87.81
N PHE W 1067 -66.89 -104.85 87.62
CA PHE W 1067 -67.46 -103.62 88.15
C PHE W 1067 -67.26 -102.51 87.11
N ASP W 1068 -68.05 -101.46 87.24
CA ASP W 1068 -68.04 -100.38 86.26
C ASP W 1068 -68.14 -99.04 86.99
N ARG W 1069 -68.34 -97.97 86.23
CA ARG W 1069 -68.45 -96.64 86.81
C ARG W 1069 -69.67 -96.50 87.70
N ASP W 1070 -70.76 -97.18 87.36
CA ASP W 1070 -71.98 -97.10 88.14
C ASP W 1070 -71.94 -97.92 89.42
N THR W 1071 -70.91 -98.72 89.62
CA THR W 1071 -70.80 -99.51 90.84
C THR W 1071 -70.47 -98.60 92.01
N PRO W 1072 -71.21 -98.65 93.11
CA PRO W 1072 -70.93 -97.78 94.25
C PRO W 1072 -69.57 -98.08 94.86
N GLY W 1073 -68.94 -97.03 95.41
CA GLY W 1073 -67.66 -97.19 96.06
C GLY W 1073 -66.50 -97.42 95.12
N VAL W 1074 -66.61 -96.97 93.88
CA VAL W 1074 -65.57 -97.15 92.86
C VAL W 1074 -64.97 -95.79 92.53
N HIS W 1075 -63.65 -95.72 92.54
CA HIS W 1075 -62.92 -94.47 92.29
C HIS W 1075 -62.47 -94.43 90.84
N ILE W 1076 -62.70 -93.29 90.19
CA ILE W 1076 -62.33 -93.08 88.79
C ILE W 1076 -61.16 -92.11 88.75
N PHE W 1077 -60.08 -92.52 88.09
CA PHE W 1077 -58.85 -91.75 88.06
C PHE W 1077 -58.62 -91.16 86.66
N GLY W 1078 -58.06 -89.96 86.62
CA GLY W 1078 -57.78 -89.29 85.37
C GLY W 1078 -56.31 -88.97 85.20
N ARG W 1079 -56.02 -87.93 84.40
CA ARG W 1079 -54.63 -87.56 84.16
C ARG W 1079 -53.93 -87.17 85.45
N ASP W 1080 -54.64 -86.52 86.37
CA ASP W 1080 -54.07 -86.06 87.63
C ASP W 1080 -54.15 -87.18 88.66
N CYS W 1081 -53.07 -87.96 88.76
CA CYS W 1081 -52.94 -89.00 89.77
C CYS W 1081 -51.55 -88.92 90.37
N ARG W 1082 -51.45 -88.51 91.63
CA ARG W 1082 -50.18 -88.32 92.32
C ARG W 1082 -50.16 -89.13 93.60
N ILE W 1083 -49.08 -89.85 93.83
CA ILE W 1083 -48.94 -90.74 94.97
C ILE W 1083 -48.14 -90.05 96.06
N SER W 1084 -48.67 -90.02 97.27
CA SER W 1084 -47.99 -89.46 98.43
C SER W 1084 -47.68 -90.58 99.42
N PHE W 1085 -46.40 -90.71 99.79
CA PHE W 1085 -45.99 -91.76 100.70
C PHE W 1085 -46.54 -91.51 102.10
N GLY W 1086 -46.85 -92.60 102.80
CA GLY W 1086 -47.39 -92.53 104.14
C GLY W 1086 -46.29 -92.67 105.17
N MET W 1087 -46.12 -91.63 105.98
CA MET W 1087 -45.06 -91.59 106.98
C MET W 1087 -45.53 -92.10 108.33
N ASN W 1088 -44.62 -92.79 109.03
CA ASN W 1088 -44.85 -93.29 110.37
C ASN W 1088 -46.06 -94.24 110.42
N GLY W 1089 -45.93 -95.35 109.70
CA GLY W 1089 -46.95 -96.38 109.70
C GLY W 1089 -48.28 -95.95 109.11
N ALA W 1090 -48.26 -95.24 107.99
CA ALA W 1090 -49.47 -94.82 107.30
C ALA W 1090 -49.46 -95.36 105.88
N ALA W 1091 -50.64 -95.78 105.42
CA ALA W 1091 -50.75 -96.32 104.08
C ALA W 1091 -50.55 -95.21 103.05
N PRO W 1092 -49.79 -95.47 101.99
CA PRO W 1092 -49.63 -94.45 100.93
C PRO W 1092 -50.96 -94.20 100.23
N MET W 1093 -51.13 -92.98 99.74
CA MET W 1093 -52.38 -92.54 99.13
C MET W 1093 -52.13 -91.99 97.75
N ILE W 1094 -53.16 -92.10 96.90
CA ILE W 1094 -53.14 -91.59 95.54
C ILE W 1094 -54.35 -90.69 95.35
N ARG W 1095 -54.25 -89.74 94.42
CA ARG W 1095 -55.25 -88.70 94.26
C ARG W 1095 -56.36 -89.14 93.32
N ASP W 1096 -57.60 -89.03 93.78
CA ASP W 1096 -58.77 -89.31 92.96
C ASP W 1096 -58.96 -88.18 91.94
N GLU W 1097 -59.99 -88.32 91.10
CA GLU W 1097 -60.29 -87.27 90.14
C GLU W 1097 -60.93 -86.05 90.80
N THR W 1098 -61.65 -86.24 91.90
CA THR W 1098 -62.33 -85.16 92.59
C THR W 1098 -61.47 -84.50 93.66
N GLY W 1099 -60.16 -84.72 93.63
CA GLY W 1099 -59.28 -84.10 94.60
C GLY W 1099 -59.22 -84.77 95.95
N MET W 1100 -59.51 -86.06 96.02
CA MET W 1100 -59.49 -86.81 97.28
C MET W 1100 -58.37 -87.84 97.24
N MET W 1101 -57.69 -88.01 98.38
CA MET W 1101 -56.63 -89.00 98.50
C MET W 1101 -57.24 -90.31 99.01
N VAL W 1102 -56.88 -91.42 98.36
CA VAL W 1102 -57.45 -92.72 98.70
C VAL W 1102 -56.31 -93.73 98.87
N PRO W 1103 -56.45 -94.71 99.75
CA PRO W 1103 -55.41 -95.72 99.94
C PRO W 1103 -55.44 -96.75 98.81
N PHE W 1104 -54.50 -97.69 98.88
CA PHE W 1104 -54.37 -98.73 97.86
C PHE W 1104 -55.27 -99.91 98.22
N GLU W 1105 -56.57 -99.68 98.11
CA GLU W 1105 -57.56 -100.69 98.43
C GLU W 1105 -58.86 -100.36 97.73
N GLY W 1106 -59.60 -101.40 97.35
CA GLY W 1106 -60.90 -101.23 96.74
C GLY W 1106 -60.92 -101.44 95.24
N ASN W 1107 -61.86 -100.80 94.55
CA ASN W 1107 -62.01 -100.92 93.11
C ASN W 1107 -61.63 -99.61 92.45
N TRP W 1108 -60.75 -99.67 91.46
CA TRP W 1108 -60.27 -98.51 90.74
C TRP W 1108 -60.65 -98.62 89.27
N ILE W 1109 -60.51 -97.50 88.56
CA ILE W 1109 -60.73 -97.43 87.12
C ILE W 1109 -59.63 -96.57 86.53
N PHE W 1110 -58.80 -97.16 85.67
CA PHE W 1110 -57.69 -96.47 85.04
C PHE W 1110 -57.87 -96.40 83.53
N PRO W 1111 -57.60 -95.26 82.91
CA PRO W 1111 -57.37 -95.25 81.47
C PRO W 1111 -56.03 -95.90 81.15
N LEU W 1112 -55.92 -96.43 79.93
CA LEU W 1112 -54.68 -97.08 79.52
C LEU W 1112 -53.52 -96.08 79.53
N ALA W 1113 -53.76 -94.87 79.05
CA ALA W 1113 -52.71 -93.85 79.03
C ALA W 1113 -52.20 -93.55 80.43
N LEU W 1114 -53.06 -93.65 81.44
CA LEU W 1114 -52.64 -93.36 82.81
C LEU W 1114 -51.48 -94.26 83.23
N TRP W 1115 -51.62 -95.57 82.99
CA TRP W 1115 -50.53 -96.48 83.32
C TRP W 1115 -49.39 -96.38 82.32
N GLN W 1116 -49.71 -96.18 81.04
CA GLN W 1116 -48.69 -96.19 80.00
C GLN W 1116 -47.72 -95.01 80.14
N MET W 1117 -48.20 -93.89 80.65
CA MET W 1117 -47.39 -92.68 80.67
C MET W 1117 -46.25 -92.76 81.69
N ASN W 1118 -46.48 -93.45 82.81
CA ASN W 1118 -45.48 -93.57 83.87
C ASN W 1118 -45.46 -95.00 84.42
N THR W 1119 -45.47 -95.98 83.50
CA THR W 1119 -45.52 -97.38 83.89
C THR W 1119 -44.37 -97.77 84.83
N ARG W 1120 -43.21 -97.15 84.68
CA ARG W 1120 -42.08 -97.53 85.52
C ARG W 1120 -42.25 -97.09 86.97
N TYR W 1121 -43.11 -96.11 87.23
CA TYR W 1121 -43.35 -95.69 88.61
C TYR W 1121 -44.45 -96.53 89.25
N PHE W 1122 -45.59 -96.68 88.56
CA PHE W 1122 -46.70 -97.44 89.13
C PHE W 1122 -46.35 -98.92 89.32
N ASN W 1123 -45.43 -99.44 88.49
CA ASN W 1123 -45.06 -100.85 88.61
C ASN W 1123 -44.42 -101.14 89.97
N GLN W 1124 -43.55 -100.25 90.43
CA GLN W 1124 -42.93 -100.42 91.74
C GLN W 1124 -43.95 -100.31 92.86
N GLN W 1125 -44.88 -99.37 92.73
CA GLN W 1125 -45.82 -99.09 93.81
C GLN W 1125 -46.90 -100.16 93.96
N PHE W 1126 -47.43 -100.65 92.84
CA PHE W 1126 -48.68 -101.42 92.86
C PHE W 1126 -48.47 -102.93 92.81
N ASP W 1127 -47.29 -103.41 92.43
CA ASP W 1127 -47.10 -104.86 92.30
C ASP W 1127 -47.28 -105.57 93.64
N ALA W 1128 -46.74 -105.00 94.72
CA ALA W 1128 -46.87 -105.63 96.02
C ALA W 1128 -48.31 -105.62 96.55
N TRP W 1129 -49.13 -104.67 96.10
CA TRP W 1129 -50.49 -104.56 96.59
C TRP W 1129 -51.50 -105.35 95.76
N ILE W 1130 -51.16 -105.72 94.54
CA ILE W 1130 -52.06 -106.51 93.70
C ILE W 1130 -51.86 -108.00 93.91
N LYS W 1131 -50.60 -108.43 94.01
CA LYS W 1131 -50.30 -109.86 94.13
C LYS W 1131 -50.88 -110.45 95.40
N THR W 1132 -50.76 -109.76 96.52
CA THR W 1132 -51.20 -110.27 97.81
C THR W 1132 -52.32 -109.45 98.45
N GLY W 1133 -52.33 -108.14 98.27
CA GLY W 1133 -53.35 -107.30 98.87
C GLY W 1133 -54.71 -107.44 98.21
N GLU W 1134 -55.55 -106.41 98.33
CA GLU W 1134 -56.90 -106.43 97.81
C GLU W 1134 -57.14 -105.27 96.86
N LEU W 1135 -56.18 -105.02 95.98
CA LEU W 1135 -56.29 -103.95 94.99
C LEU W 1135 -56.78 -104.52 93.66
N ARG W 1136 -57.82 -103.90 93.09
CA ARG W 1136 -58.34 -104.28 91.79
C ARG W 1136 -58.38 -103.04 90.91
N ILE W 1137 -57.84 -103.16 89.69
CA ILE W 1137 -57.77 -102.06 88.75
C ILE W 1137 -58.43 -102.49 87.45
N ARG W 1138 -59.34 -101.66 86.95
CA ARG W 1138 -59.97 -101.87 85.65
C ARG W 1138 -59.36 -100.86 84.68
N ILE W 1139 -58.44 -101.32 83.85
CA ILE W 1139 -57.74 -100.45 82.90
C ILE W 1139 -58.54 -100.41 81.61
N GLU W 1140 -58.80 -99.21 81.10
CA GLU W 1140 -59.69 -99.01 79.97
C GLU W 1140 -58.93 -99.22 78.67
N MET W 1141 -59.01 -100.43 78.13
CA MET W 1141 -58.40 -100.73 76.83
C MET W 1141 -59.16 -100.07 75.69
N GLY W 1142 -60.44 -100.39 75.56
CA GLY W 1142 -61.20 -100.05 74.38
C GLY W 1142 -61.15 -101.18 73.37
N ALA W 1143 -59.94 -101.54 72.94
CA ALA W 1143 -59.72 -102.70 72.08
C ALA W 1143 -58.28 -103.15 72.25
N TYR W 1144 -58.09 -104.47 72.30
CA TYR W 1144 -56.76 -104.99 72.59
C TYR W 1144 -56.57 -106.37 72.00
N PRO W 1145 -55.37 -106.72 71.56
CA PRO W 1145 -55.10 -108.12 71.20
C PRO W 1145 -55.06 -108.99 72.43
N TYR W 1146 -55.40 -110.27 72.24
CA TYR W 1146 -55.42 -111.22 73.34
C TYR W 1146 -54.64 -112.47 72.97
N MET W 1147 -53.85 -112.97 73.92
CA MET W 1147 -53.05 -114.17 73.75
C MET W 1147 -53.47 -115.17 74.82
N LEU W 1148 -53.64 -116.42 74.41
CA LEU W 1148 -54.27 -117.44 75.24
C LEU W 1148 -53.24 -118.46 75.72
N HIS W 1149 -53.36 -118.83 76.99
CA HIS W 1149 -52.57 -119.91 77.58
C HIS W 1149 -53.52 -120.93 78.19
N TYR W 1150 -53.31 -122.20 77.87
CA TYR W 1150 -54.11 -123.28 78.40
C TYR W 1150 -53.35 -124.01 79.49
N TYR W 1151 -54.09 -124.52 80.47
CA TYR W 1151 -53.48 -125.24 81.59
C TYR W 1151 -54.37 -126.41 81.96
N ASP W 1152 -53.76 -127.42 82.55
CA ASP W 1152 -54.51 -128.60 82.96
C ASP W 1152 -55.33 -128.26 84.20
N PRO W 1153 -56.66 -128.34 84.15
CA PRO W 1153 -57.47 -127.87 85.28
C PRO W 1153 -57.22 -128.60 86.59
N ARG W 1154 -56.92 -129.89 86.55
CA ARG W 1154 -56.65 -130.66 87.75
C ARG W 1154 -55.21 -130.52 88.23
N GLN W 1155 -54.40 -129.73 87.53
CA GLN W 1155 -53.03 -129.43 87.93
C GLN W 1155 -52.95 -128.01 88.46
N TYR W 1156 -52.22 -127.82 89.55
CA TYR W 1156 -52.08 -126.50 90.14
C TYR W 1156 -51.44 -125.53 89.16
N ALA W 1157 -51.97 -124.30 89.13
CA ALA W 1157 -51.49 -123.27 88.21
C ALA W 1157 -51.54 -121.91 88.89
N ASN W 1158 -50.68 -121.01 88.42
CA ASN W 1158 -50.60 -119.65 88.92
C ASN W 1158 -50.24 -118.74 87.75
N ALA W 1159 -50.86 -117.56 87.70
CA ALA W 1159 -50.74 -116.66 86.56
C ALA W 1159 -50.04 -115.35 86.94
N TRP W 1160 -49.29 -115.34 88.04
CA TRP W 1160 -48.63 -114.10 88.44
C TRP W 1160 -47.46 -113.76 87.52
N ASN W 1161 -46.73 -114.77 87.05
CA ASN W 1161 -45.56 -114.51 86.22
C ASN W 1161 -45.94 -113.84 84.91
N LEU W 1162 -47.00 -114.33 84.25
CA LEU W 1162 -47.41 -113.74 82.99
C LEU W 1162 -47.88 -112.30 83.18
N THR W 1163 -48.67 -112.04 84.22
CA THR W 1163 -49.15 -110.69 84.48
C THR W 1163 -47.99 -109.75 84.81
N SER W 1164 -47.03 -110.22 85.61
CA SER W 1164 -45.88 -109.39 85.93
C SER W 1164 -45.05 -109.09 84.68
N ALA W 1165 -44.88 -110.09 83.81
CA ALA W 1165 -44.16 -109.86 82.56
C ALA W 1165 -44.89 -108.85 81.69
N TRP W 1166 -46.22 -108.94 81.62
CA TRP W 1166 -47.00 -107.98 80.84
C TRP W 1166 -46.84 -106.57 81.39
N LEU W 1167 -46.94 -106.42 82.71
CA LEU W 1167 -46.83 -105.10 83.32
C LEU W 1167 -45.42 -104.54 83.22
N GLU W 1168 -44.41 -105.39 83.17
CA GLU W 1168 -43.05 -104.91 82.97
C GLU W 1168 -42.81 -104.53 81.52
N GLU W 1169 -43.34 -105.31 80.57
CA GLU W 1169 -43.11 -105.05 79.16
C GLU W 1169 -43.94 -103.90 78.61
N ILE W 1170 -45.04 -103.54 79.28
CA ILE W 1170 -45.78 -102.37 78.85
C ILE W 1170 -44.88 -101.14 78.94
N THR W 1171 -44.95 -100.29 77.92
CA THR W 1171 -44.00 -99.21 77.73
C THR W 1171 -44.76 -97.96 77.28
N PRO W 1172 -44.20 -96.76 77.52
CA PRO W 1172 -44.89 -95.53 77.13
C PRO W 1172 -45.26 -95.42 75.66
N THR W 1173 -44.85 -96.38 74.83
CA THR W 1173 -45.20 -96.37 73.41
C THR W 1173 -46.19 -97.46 73.05
N SER W 1174 -45.90 -98.71 73.39
CA SER W 1174 -46.70 -99.85 72.95
C SER W 1174 -47.10 -100.71 74.13
N ILE W 1175 -47.98 -101.68 73.84
CA ILE W 1175 -48.37 -102.69 74.82
C ILE W 1175 -48.23 -104.07 74.18
N PRO W 1176 -47.83 -105.08 74.92
CA PRO W 1176 -47.79 -106.44 74.37
C PRO W 1176 -49.16 -107.10 74.47
N SER W 1177 -49.25 -108.29 73.86
CA SER W 1177 -50.50 -109.03 73.84
C SER W 1177 -50.91 -109.41 75.27
N VAL W 1178 -52.20 -109.27 75.56
CA VAL W 1178 -52.73 -109.54 76.89
C VAL W 1178 -52.77 -111.04 77.13
N PRO W 1179 -52.13 -111.55 78.18
CA PRO W 1179 -52.12 -112.99 78.41
C PRO W 1179 -53.34 -113.47 79.18
N PHE W 1180 -54.00 -114.49 78.68
CA PHE W 1180 -55.15 -115.10 79.34
C PHE W 1180 -54.83 -116.55 79.69
N MET W 1181 -55.28 -116.97 80.86
CA MET W 1181 -55.01 -118.30 81.40
C MET W 1181 -56.34 -119.04 81.51
N VAL W 1182 -56.74 -119.68 80.41
CA VAL W 1182 -58.04 -120.33 80.29
C VAL W 1182 -57.90 -121.83 80.52
N PRO W 1183 -58.84 -122.48 81.23
CA PRO W 1183 -58.74 -123.93 81.43
C PRO W 1183 -59.00 -124.74 80.19
N ILE W 1184 -58.92 -126.06 80.32
CA ILE W 1184 -59.14 -126.99 79.22
C ILE W 1184 -60.39 -127.81 79.53
N SER W 1185 -61.32 -127.86 78.58
CA SER W 1185 -62.54 -128.62 78.77
C SER W 1185 -62.24 -130.12 78.73
N SER W 1186 -63.18 -130.90 79.26
CA SER W 1186 -63.00 -132.34 79.36
C SER W 1186 -64.36 -133.02 79.31
N ASP W 1187 -64.34 -134.32 79.06
CA ASP W 1187 -65.54 -135.15 79.12
C ASP W 1187 -65.59 -136.03 80.36
N HIS W 1188 -64.51 -136.73 80.68
CA HIS W 1188 -64.41 -137.45 81.93
C HIS W 1188 -64.33 -136.46 83.10
N ASP W 1189 -64.79 -136.90 84.26
CA ASP W 1189 -64.79 -136.03 85.43
C ASP W 1189 -63.37 -135.83 85.98
N ILE W 1190 -62.95 -134.56 86.01
CA ILE W 1190 -61.61 -134.19 86.45
C ILE W 1190 -61.59 -133.96 87.96
N SER W 1191 -60.40 -133.88 88.54
CA SER W 1191 -60.23 -133.46 89.92
C SER W 1191 -60.35 -131.94 89.99
N SER W 1192 -60.16 -131.37 91.19
CA SER W 1192 -60.32 -129.94 91.42
C SER W 1192 -59.05 -129.41 92.09
N ALA W 1193 -58.23 -128.69 91.32
CA ALA W 1193 -57.03 -128.06 91.84
C ALA W 1193 -57.17 -126.55 91.87
N PRO W 1194 -56.61 -125.87 92.85
CA PRO W 1194 -56.75 -124.41 92.92
C PRO W 1194 -56.05 -123.73 91.75
N ALA W 1195 -56.60 -122.58 91.36
CA ALA W 1195 -56.06 -121.78 90.29
C ALA W 1195 -56.05 -120.31 90.70
N VAL W 1196 -54.97 -119.62 90.35
CA VAL W 1196 -54.81 -118.20 90.65
C VAL W 1196 -54.55 -117.48 89.34
N GLN W 1197 -55.47 -116.60 88.95
CA GLN W 1197 -55.36 -115.83 87.72
C GLN W 1197 -55.71 -114.37 88.01
N TYR W 1198 -55.07 -113.47 87.26
CA TYR W 1198 -55.13 -112.05 87.57
C TYR W 1198 -55.73 -111.19 86.47
N ILE W 1199 -56.01 -111.74 85.29
CA ILE W 1199 -56.53 -110.95 84.17
C ILE W 1199 -57.82 -111.60 83.69
N ILE W 1200 -58.91 -110.83 83.70
CA ILE W 1200 -60.19 -111.27 83.17
C ILE W 1200 -60.75 -110.15 82.29
N SER W 1201 -61.65 -110.55 81.40
CA SER W 1201 -62.31 -109.59 80.51
C SER W 1201 -63.49 -108.93 81.22
N THR W 1202 -64.05 -107.91 80.57
CA THR W 1202 -65.20 -107.21 81.10
C THR W 1202 -66.51 -107.76 80.56
N GLU W 1203 -66.56 -108.06 79.26
CA GLU W 1203 -67.75 -108.58 78.60
C GLU W 1203 -67.44 -109.92 77.96
N TYR W 1204 -68.48 -110.57 77.46
CA TYR W 1204 -68.30 -111.80 76.70
C TYR W 1204 -67.43 -111.49 75.48
N ASN W 1205 -66.20 -111.99 75.48
CA ASN W 1205 -65.20 -111.57 74.51
C ASN W 1205 -64.54 -112.74 73.80
N ASP W 1206 -65.23 -113.89 73.72
CA ASP W 1206 -64.70 -115.04 73.01
C ASP W 1206 -65.74 -115.61 72.04
N ARG W 1207 -65.83 -115.00 70.86
CA ARG W 1207 -66.37 -115.68 69.69
C ARG W 1207 -65.24 -116.51 69.09
N SER W 1208 -65.45 -117.04 67.89
CA SER W 1208 -64.48 -117.91 67.23
C SER W 1208 -64.08 -119.06 68.16
N LEU W 1209 -65.08 -119.71 68.73
CA LEU W 1209 -64.91 -120.90 69.56
C LEU W 1209 -65.87 -121.94 68.97
N PHE W 1210 -65.35 -122.75 68.05
CA PHE W 1210 -66.22 -123.60 67.24
C PHE W 1210 -66.85 -124.70 68.09
N CYS W 1211 -66.03 -125.55 68.70
CA CYS W 1211 -66.57 -126.64 69.51
C CYS W 1211 -65.52 -127.08 70.52
N THR W 1212 -66.00 -127.75 71.56
CA THR W 1212 -65.14 -128.33 72.59
C THR W 1212 -65.44 -129.82 72.68
N ASN W 1213 -64.40 -130.64 72.52
CA ASN W 1213 -64.53 -132.09 72.61
C ASN W 1213 -65.54 -132.62 71.59
N SER W 1214 -65.19 -132.45 70.31
CA SER W 1214 -66.08 -132.84 69.23
C SER W 1214 -66.38 -134.33 69.25
N SER W 1215 -65.35 -135.15 69.51
CA SER W 1215 -65.53 -136.60 69.46
C SER W 1215 -66.34 -137.15 70.63
N SER W 1216 -66.36 -136.44 71.77
CA SER W 1216 -67.07 -136.96 72.92
C SER W 1216 -68.57 -136.74 72.79
N PRO W 1217 -69.39 -137.59 73.41
CA PRO W 1217 -70.84 -137.36 73.40
C PRO W 1217 -71.26 -136.05 74.03
N GLN W 1218 -70.56 -135.60 75.07
CA GLN W 1218 -70.91 -134.38 75.77
C GLN W 1218 -69.67 -133.85 76.49
N THR W 1219 -69.81 -132.67 77.08
CA THR W 1219 -68.73 -132.01 77.82
C THR W 1219 -69.17 -131.86 79.27
N ILE W 1220 -68.33 -132.35 80.19
CA ILE W 1220 -68.61 -132.30 81.61
C ILE W 1220 -67.45 -131.61 82.31
N ALA W 1221 -67.77 -130.69 83.22
CA ALA W 1221 -66.78 -129.96 84.01
C ALA W 1221 -65.82 -129.18 83.09
N GLY W 1222 -66.39 -128.23 82.37
CA GLY W 1222 -65.63 -127.36 81.50
C GLY W 1222 -66.53 -126.43 80.71
N PRO W 1223 -65.92 -125.45 80.02
CA PRO W 1223 -66.72 -124.52 79.21
C PRO W 1223 -67.36 -125.24 78.03
N ASP W 1224 -68.68 -125.39 78.07
CA ASP W 1224 -69.39 -126.10 77.01
C ASP W 1224 -69.59 -125.19 75.81
N LYS W 1225 -69.35 -125.74 74.62
CA LYS W 1225 -69.59 -125.01 73.38
C LYS W 1225 -69.81 -126.03 72.28
N HIS W 1226 -71.07 -126.22 71.89
CA HIS W 1226 -71.41 -127.15 70.83
C HIS W 1226 -71.03 -126.56 69.47
N ILE W 1227 -71.24 -127.33 68.42
CA ILE W 1227 -71.06 -126.81 67.06
C ILE W 1227 -71.99 -125.63 66.86
N PRO W 1228 -71.51 -124.49 66.34
CA PRO W 1228 -72.42 -123.34 66.17
C PRO W 1228 -73.41 -123.61 65.07
N VAL W 1229 -74.66 -123.88 65.46
CA VAL W 1229 -75.66 -124.30 64.49
C VAL W 1229 -76.25 -123.11 63.75
N GLU W 1230 -76.02 -121.89 64.25
CA GLU W 1230 -76.50 -120.68 63.59
C GLU W 1230 -75.69 -120.32 62.35
N ARG W 1231 -74.43 -120.78 62.26
CA ARG W 1231 -73.59 -120.42 61.13
C ARG W 1231 -73.97 -121.20 59.87
N TYR W 1232 -74.41 -122.44 60.02
CA TYR W 1232 -74.87 -123.25 58.89
C TYR W 1232 -76.40 -123.16 58.79
N ASN W 1233 -76.87 -121.95 58.51
CA ASN W 1233 -78.29 -121.65 58.55
C ASN W 1233 -79.05 -122.46 57.50
N ILE W 1234 -78.53 -122.53 56.28
CA ILE W 1234 -79.27 -123.16 55.20
C ILE W 1234 -79.42 -124.66 55.39
N LEU W 1235 -78.60 -125.28 56.26
CA LEU W 1235 -78.79 -126.67 56.65
C LEU W 1235 -79.25 -126.80 58.09
N THR W 1236 -79.58 -125.69 58.76
CA THR W 1236 -80.19 -125.71 60.07
C THR W 1236 -81.69 -125.41 60.00
N ASN W 1237 -82.05 -124.29 59.41
CA ASN W 1237 -83.45 -123.89 59.32
C ASN W 1237 -84.08 -124.55 58.10
N PRO W 1238 -85.06 -125.44 58.28
CA PRO W 1238 -85.72 -126.05 57.12
C PRO W 1238 -86.55 -125.07 56.30
N ASP W 1239 -86.88 -123.90 56.85
CA ASP W 1239 -87.67 -122.89 56.14
C ASP W 1239 -86.81 -121.79 55.54
N ALA W 1240 -85.48 -121.90 55.64
CA ALA W 1240 -84.60 -120.88 55.12
C ALA W 1240 -84.31 -121.14 53.65
N PRO W 1241 -84.57 -120.19 52.75
CA PRO W 1241 -84.22 -120.39 51.36
C PRO W 1241 -82.71 -120.48 51.18
N PRO W 1242 -82.23 -121.21 50.17
CA PRO W 1242 -80.78 -121.39 50.01
C PRO W 1242 -80.00 -120.09 49.86
N THR W 1243 -80.57 -119.09 49.19
CA THR W 1243 -79.86 -117.84 48.94
C THR W 1243 -79.81 -116.95 50.18
N GLN W 1244 -80.70 -117.18 51.15
CA GLN W 1244 -80.78 -116.29 52.31
C GLN W 1244 -79.49 -116.34 53.13
N ILE W 1245 -79.00 -115.16 53.50
CA ILE W 1245 -77.85 -115.01 54.38
C ILE W 1245 -78.16 -113.91 55.40
N GLN W 1246 -77.43 -113.94 56.51
CA GLN W 1246 -77.46 -112.87 57.51
C GLN W 1246 -76.03 -112.36 57.66
N LEU W 1247 -75.65 -111.43 56.77
CA LEU W 1247 -74.25 -111.03 56.70
C LEU W 1247 -73.85 -110.04 57.80
N PRO W 1248 -74.59 -108.95 58.06
CA PRO W 1248 -74.07 -107.93 59.00
C PRO W 1248 -73.85 -108.44 60.41
N GLU W 1249 -74.56 -109.48 60.86
CA GLU W 1249 -74.46 -109.93 62.24
C GLU W 1249 -73.45 -111.06 62.41
N VAL W 1250 -73.66 -112.20 61.76
CA VAL W 1250 -72.76 -113.34 61.88
C VAL W 1250 -72.48 -113.90 60.48
N VAL W 1251 -71.20 -114.04 60.14
CA VAL W 1251 -70.85 -114.60 58.85
C VAL W 1251 -71.30 -116.05 58.78
N ASP W 1252 -71.69 -116.48 57.59
CA ASP W 1252 -72.24 -117.82 57.38
C ASP W 1252 -71.26 -118.66 56.59
N LEU W 1253 -71.02 -119.88 57.07
CA LEU W 1253 -70.15 -120.83 56.39
C LEU W 1253 -70.98 -121.84 55.60
N TYR W 1254 -70.39 -122.37 54.54
CA TYR W 1254 -71.00 -123.40 53.70
C TYR W 1254 -72.33 -122.90 53.11
N ASN W 1255 -72.21 -121.88 52.26
CA ASN W 1255 -73.36 -121.31 51.57
C ASN W 1255 -73.21 -121.52 50.07
N VAL W 1256 -74.17 -121.00 49.31
CA VAL W 1256 -74.19 -121.16 47.86
C VAL W 1256 -73.18 -120.20 47.23
N VAL W 1257 -72.40 -120.71 46.29
CA VAL W 1257 -71.45 -119.91 45.54
C VAL W 1257 -71.66 -120.19 44.05
N THR W 1258 -71.45 -119.16 43.23
CA THR W 1258 -71.62 -119.25 41.80
C THR W 1258 -70.26 -119.26 41.12
N ARG W 1259 -70.08 -120.18 40.18
CA ARG W 1259 -68.78 -120.43 39.56
C ARG W 1259 -68.88 -120.20 38.05
N TYR W 1260 -67.91 -119.48 37.51
CA TYR W 1260 -67.90 -119.09 36.10
C TYR W 1260 -66.65 -119.62 35.41
N ALA W 1261 -66.69 -119.58 34.07
CA ALA W 1261 -65.54 -119.93 33.25
C ALA W 1261 -65.71 -119.21 31.91
N TYR W 1262 -64.99 -118.11 31.72
CA TYR W 1262 -65.24 -117.21 30.60
C TYR W 1262 -64.10 -117.24 29.59
N GLU W 1263 -64.23 -116.40 28.58
CA GLU W 1263 -63.24 -116.23 27.53
C GLU W 1263 -62.84 -114.77 27.44
N THR W 1264 -61.55 -114.52 27.22
CA THR W 1264 -61.02 -113.16 27.07
C THR W 1264 -60.20 -113.12 25.79
N PRO W 1265 -60.86 -113.02 24.63
CA PRO W 1265 -60.14 -113.05 23.37
C PRO W 1265 -59.35 -111.75 23.18
N PRO W 1266 -58.27 -111.80 22.40
CA PRO W 1266 -57.52 -110.57 22.12
C PRO W 1266 -58.30 -109.67 21.18
N ILE W 1267 -57.89 -108.40 21.14
CA ILE W 1267 -58.53 -107.40 20.29
C ILE W 1267 -58.19 -107.74 18.84
N THR W 1268 -59.18 -108.24 18.10
CA THR W 1268 -59.00 -108.64 16.71
C THR W 1268 -59.84 -107.75 15.81
N ALA W 1269 -59.24 -107.27 14.72
CA ALA W 1269 -59.94 -106.44 13.76
C ALA W 1269 -59.14 -106.37 12.47
N VAL W 1270 -59.78 -106.67 11.35
CA VAL W 1270 -59.17 -106.51 10.03
C VAL W 1270 -59.48 -105.11 9.52
N VAL W 1271 -58.46 -104.41 9.04
CA VAL W 1271 -58.57 -103.02 8.62
C VAL W 1271 -58.37 -102.95 7.12
N MET W 1272 -59.29 -102.26 6.45
CA MET W 1272 -59.26 -102.11 4.99
C MET W 1272 -59.39 -100.64 4.62
N GLY W 1273 -58.64 -100.23 3.61
CA GLY W 1273 -58.58 -98.85 3.20
C GLY W 1273 -59.69 -98.46 2.24
N VAL W 1274 -60.15 -97.22 2.36
CA VAL W 1274 -61.21 -96.68 1.51
C VAL W 1274 -60.62 -96.40 0.13
N PRO W 1275 -61.41 -96.49 -0.95
CA PRO W 1275 -60.92 -96.21 -2.30
C PRO W 1275 -60.76 -94.73 -2.57
N GLN X 182 -1.21 -50.60 118.49
CA GLN X 182 -1.82 -49.40 117.94
C GLN X 182 -1.97 -48.32 119.00
N CYS X 183 -2.12 -47.08 118.55
CA CYS X 183 -2.37 -45.94 119.42
C CYS X 183 -3.81 -45.48 119.24
N HIS X 184 -4.52 -45.30 120.35
CA HIS X 184 -5.93 -44.91 120.33
C HIS X 184 -6.10 -43.39 120.42
N VAL X 185 -5.11 -42.64 119.95
CA VAL X 185 -5.17 -41.18 119.93
C VAL X 185 -5.06 -40.63 118.51
N CYS X 186 -4.10 -41.14 117.73
CA CYS X 186 -3.92 -40.73 116.34
C CYS X 186 -4.01 -41.90 115.38
N SER X 187 -4.37 -43.09 115.86
CA SER X 187 -4.49 -44.30 115.04
C SER X 187 -3.20 -44.60 114.30
N ALA X 188 -2.07 -44.41 114.97
CA ALA X 188 -0.76 -44.72 114.41
C ALA X 188 -0.45 -46.18 114.69
N VAL X 189 -0.37 -46.98 113.64
CA VAL X 189 -0.10 -48.41 113.77
C VAL X 189 1.40 -48.61 113.78
N LEU X 190 1.94 -49.00 114.95
CA LEU X 190 3.35 -49.30 115.11
C LEU X 190 3.49 -50.73 115.62
N PHE X 191 4.49 -51.44 115.09
CA PHE X 191 4.63 -52.88 115.31
C PHE X 191 5.47 -53.21 116.53
N SER X 192 5.84 -52.22 117.33
CA SER X 192 6.61 -52.45 118.56
C SER X 192 5.79 -52.05 119.76
N PRO X 193 5.18 -53.00 120.49
CA PRO X 193 4.27 -52.64 121.58
C PRO X 193 4.97 -52.28 122.87
N LEU X 194 6.30 -52.05 122.83
CA LEU X 194 7.06 -51.74 124.02
C LEU X 194 7.51 -50.29 124.11
N ASP X 195 7.54 -49.56 122.99
CA ASP X 195 7.93 -48.16 122.99
C ASP X 195 6.77 -47.25 122.56
N LEU X 196 5.54 -47.68 122.84
CA LEU X 196 4.38 -46.82 122.61
C LEU X 196 4.43 -45.57 123.47
N ASP X 197 5.18 -45.60 124.57
CA ASP X 197 5.35 -44.42 125.41
C ASP X 197 6.00 -43.28 124.64
N ALA X 198 7.01 -43.59 123.82
CA ALA X 198 7.68 -42.55 123.04
C ALA X 198 6.71 -41.87 122.08
N HIS X 199 5.79 -42.64 121.48
CA HIS X 199 4.82 -42.04 120.57
C HIS X 199 3.75 -41.24 121.32
N VAL X 200 3.25 -41.76 122.43
CA VAL X 200 2.21 -41.04 123.15
C VAL X 200 2.78 -39.78 123.80
N ALA X 201 4.09 -39.74 124.05
CA ALA X 201 4.71 -38.51 124.52
C ALA X 201 4.59 -37.39 123.50
N SER X 202 4.44 -37.72 122.22
CA SER X 202 4.21 -36.69 121.21
C SER X 202 2.83 -36.06 121.37
N HIS X 203 1.82 -36.87 121.67
CA HIS X 203 0.50 -36.33 121.96
C HIS X 203 0.44 -35.64 123.31
N GLY X 204 1.33 -36.01 124.24
CA GLY X 204 1.38 -35.36 125.53
C GLY X 204 0.98 -36.26 126.68
N LEU X 205 1.23 -37.56 126.53
CA LEU X 205 0.92 -38.54 127.56
C LEU X 205 2.20 -39.22 128.02
N HIS X 206 2.35 -39.34 129.34
CA HIS X 206 3.53 -39.98 129.91
C HIS X 206 3.29 -41.46 130.10
N GLY X 207 4.30 -42.26 129.75
CA GLY X 207 4.21 -43.70 129.87
C GLY X 207 4.76 -44.24 131.19
N ARG X 218 15.28 -33.49 116.77
CA ARG X 218 14.76 -34.74 117.31
C ARG X 218 13.65 -35.30 116.44
N HIS X 219 12.50 -34.64 116.45
CA HIS X 219 11.34 -35.12 115.69
C HIS X 219 10.42 -33.92 115.46
N ILE X 220 10.28 -33.52 114.21
CA ILE X 220 9.67 -32.21 113.93
C ILE X 220 8.15 -32.33 113.87
N THR X 221 7.62 -33.07 112.90
CA THR X 221 6.18 -33.22 112.75
C THR X 221 5.84 -34.67 112.47
N GLU X 222 4.61 -35.04 112.83
CA GLU X 222 4.08 -36.39 112.60
C GLU X 222 2.71 -36.24 111.95
N PHE X 223 2.64 -36.46 110.64
CA PHE X 223 1.39 -36.41 109.91
C PHE X 223 0.97 -37.81 109.50
N ILE X 224 -0.29 -38.15 109.76
CA ILE X 224 -0.85 -39.45 109.41
C ILE X 224 -2.18 -39.22 108.71
N SER X 225 -2.42 -40.01 107.65
CA SER X 225 -3.63 -39.86 106.86
C SER X 225 -4.78 -40.62 107.50
N SER X 226 -5.92 -40.62 106.82
CA SER X 226 -7.11 -41.32 107.28
C SER X 226 -7.62 -42.37 106.31
N TRP X 227 -7.13 -42.40 105.08
CA TRP X 227 -7.58 -43.35 104.08
C TRP X 227 -6.48 -44.30 103.61
N GLN X 228 -5.26 -44.17 104.12
CA GLN X 228 -4.16 -45.03 103.71
C GLN X 228 -3.15 -45.13 104.84
N ASN X 229 -2.38 -46.20 104.83
CA ASN X 229 -1.37 -46.46 105.86
C ASN X 229 0.01 -46.03 105.36
N HIS X 230 0.23 -44.72 105.37
CA HIS X 230 1.49 -44.13 104.93
C HIS X 230 1.76 -42.86 105.72
N PRO X 231 2.22 -42.99 106.97
CA PRO X 231 2.59 -41.79 107.73
C PRO X 231 3.83 -41.13 107.16
N ILE X 232 3.92 -39.82 107.36
CA ILE X 232 5.03 -39.01 106.86
C ILE X 232 5.65 -38.28 108.04
N VAL X 233 6.99 -38.30 108.09
CA VAL X 233 7.74 -37.73 109.21
C VAL X 233 8.71 -36.69 108.67
N GLN X 234 8.72 -35.51 109.29
CA GLN X 234 9.66 -34.45 108.99
C GLN X 234 10.79 -34.50 110.00
N VAL X 235 12.03 -34.51 109.51
CA VAL X 235 13.21 -34.63 110.37
C VAL X 235 14.14 -33.46 110.06
N SER X 236 15.00 -33.15 111.02
CA SER X 236 15.94 -32.05 110.87
C SER X 236 16.86 -32.28 109.67
N ALA X 237 17.30 -31.17 109.06
CA ALA X 237 18.04 -31.26 107.81
C ALA X 237 19.41 -31.89 107.97
N ASP X 238 20.08 -31.66 109.10
CA ASP X 238 21.48 -32.06 109.28
C ASP X 238 21.62 -33.23 110.25
N VAL X 239 20.71 -34.20 110.17
CA VAL X 239 20.88 -35.43 110.94
C VAL X 239 21.86 -36.35 110.22
N GLU X 240 22.43 -37.29 110.98
CA GLU X 240 23.44 -38.17 110.42
C GLU X 240 22.87 -39.07 109.33
N ASN X 241 21.69 -39.64 109.56
CA ASN X 241 21.10 -40.58 108.62
C ASN X 241 19.61 -40.28 108.45
N ARG X 242 19.09 -40.66 107.29
CA ARG X 242 17.66 -40.57 106.99
C ARG X 242 17.10 -41.98 106.81
N LYS X 243 16.09 -42.31 107.60
CA LYS X 243 15.44 -43.63 107.54
C LYS X 243 13.97 -43.39 107.22
N THR X 244 13.65 -43.28 105.93
CA THR X 244 12.30 -42.99 105.45
C THR X 244 11.71 -41.79 106.19
N ALA X 245 12.48 -40.70 106.19
CA ALA X 245 12.07 -39.46 106.82
C ALA X 245 12.56 -38.30 105.96
N GLN X 246 11.85 -37.18 106.00
CA GLN X 246 12.11 -36.09 105.08
C GLN X 246 12.77 -34.91 105.76
N LEU X 247 13.71 -34.29 105.05
CA LEU X 247 14.50 -33.18 105.57
C LEU X 247 13.66 -31.91 105.63
N LEU X 248 14.18 -30.93 106.35
CA LEU X 248 13.55 -29.62 106.54
C LEU X 248 14.54 -28.57 106.05
N HIS X 249 14.47 -28.24 104.77
CA HIS X 249 15.42 -27.32 104.14
C HIS X 249 15.05 -25.89 104.51
N ALA X 250 15.36 -25.54 105.76
CA ALA X 250 15.17 -24.17 106.25
C ALA X 250 15.99 -23.99 107.52
N ASP X 251 16.73 -22.89 107.60
CA ASP X 251 17.54 -22.59 108.77
C ASP X 251 16.62 -22.05 109.87
N THR X 252 15.94 -22.96 110.54
CA THR X 252 15.08 -22.57 111.65
C THR X 252 15.94 -22.15 112.84
N PRO X 253 15.68 -21.00 113.43
CA PRO X 253 16.46 -20.58 114.60
C PRO X 253 16.18 -21.48 115.80
N ARG X 254 17.19 -21.63 116.65
CA ARG X 254 17.08 -22.42 117.87
C ARG X 254 16.66 -21.47 118.98
N LEU X 255 15.35 -21.38 119.20
CA LEU X 255 14.81 -20.42 120.16
C LEU X 255 14.90 -20.91 121.59
N VAL X 256 14.51 -22.17 121.84
CA VAL X 256 14.51 -22.73 123.18
C VAL X 256 15.86 -23.41 123.43
N THR X 257 16.59 -22.90 124.40
CA THR X 257 17.85 -23.48 124.85
C THR X 257 17.87 -23.49 126.37
N TRP X 258 18.24 -24.61 126.96
CA TRP X 258 18.13 -24.79 128.39
C TRP X 258 19.47 -24.55 129.08
N ASP X 259 19.41 -24.40 130.41
CA ASP X 259 20.58 -24.14 131.23
C ASP X 259 20.34 -24.77 132.59
N ALA X 260 21.26 -25.64 133.02
CA ALA X 260 21.14 -26.33 134.28
C ALA X 260 22.11 -25.83 135.35
N GLY X 261 23.09 -25.00 134.98
CA GLY X 261 24.07 -24.52 135.93
C GLY X 261 23.62 -23.30 136.69
N LEU X 262 24.50 -22.31 136.79
CA LEU X 262 24.21 -21.08 137.52
C LEU X 262 23.86 -19.96 136.54
N CYS X 263 22.89 -19.13 136.92
CA CYS X 263 22.47 -17.99 136.11
C CYS X 263 23.22 -16.73 136.57
N THR X 264 24.54 -16.79 136.44
CA THR X 264 25.40 -15.69 136.84
C THR X 264 26.48 -15.48 135.79
N SER X 265 27.01 -14.26 135.73
CA SER X 265 28.05 -13.92 134.79
C SER X 265 29.17 -13.11 135.42
N PHE X 266 29.12 -12.86 136.73
CA PHE X 266 30.16 -12.13 137.45
C PHE X 266 30.82 -13.08 138.42
N LYS X 267 32.06 -13.46 138.14
CA LYS X 267 32.82 -14.36 139.01
C LYS X 267 33.82 -13.55 139.83
N ILE X 268 34.31 -14.18 140.89
CA ILE X 268 35.26 -13.57 141.82
C ILE X 268 36.57 -14.33 141.71
N VAL X 269 37.64 -13.62 141.36
CA VAL X 269 38.94 -14.24 141.16
C VAL X 269 39.93 -13.72 142.19
N PRO X 270 40.74 -14.59 142.81
CA PRO X 270 41.75 -14.12 143.76
C PRO X 270 43.06 -13.76 143.07
N ILE X 271 43.66 -12.67 143.53
CA ILE X 271 44.95 -12.21 143.03
C ILE X 271 45.85 -11.91 144.23
N VAL X 272 47.13 -12.24 144.10
CA VAL X 272 48.10 -12.14 145.19
C VAL X 272 47.58 -13.00 146.33
N PRO X 273 47.62 -14.33 146.21
CA PRO X 273 47.09 -15.18 147.26
C PRO X 273 47.95 -15.16 148.52
N ALA X 274 47.32 -15.53 149.63
CA ALA X 274 48.02 -15.60 150.90
C ALA X 274 47.30 -16.57 151.82
N GLN X 275 48.06 -17.16 152.74
CA GLN X 275 47.53 -18.09 153.73
C GLN X 275 47.91 -17.60 155.12
N VAL X 276 46.96 -17.65 156.04
CA VAL X 276 47.18 -17.21 157.41
C VAL X 276 46.68 -18.29 158.37
N PRO X 277 47.26 -18.37 159.57
CA PRO X 277 46.79 -19.35 160.55
C PRO X 277 45.33 -19.11 160.93
N GLN X 278 44.60 -20.19 161.17
CA GLN X 278 43.21 -20.14 161.58
C GLN X 278 43.03 -20.91 162.88
N ASP X 279 42.23 -20.35 163.78
CA ASP X 279 42.03 -20.94 165.10
C ASP X 279 41.27 -22.26 165.02
N VAL X 280 40.16 -22.27 164.28
CA VAL X 280 39.36 -23.48 164.11
C VAL X 280 39.72 -24.10 162.76
N LEU X 281 40.09 -25.38 162.77
CA LEU X 281 40.61 -26.00 161.56
C LEU X 281 39.50 -26.68 160.75
N ALA X 282 38.63 -27.43 161.42
CA ALA X 282 37.61 -28.20 160.71
C ALA X 282 36.45 -28.50 161.64
N TYR X 283 35.38 -29.02 161.06
CA TYR X 283 34.18 -29.42 161.79
C TYR X 283 34.32 -30.87 162.22
N THR X 284 33.95 -31.17 163.46
CA THR X 284 34.04 -32.51 164.02
C THR X 284 32.65 -33.02 164.37
N PHE X 285 32.31 -34.20 163.86
CA PHE X 285 31.05 -34.86 164.17
C PHE X 285 31.34 -36.33 164.45
N PHE X 286 31.20 -36.73 165.72
CA PHE X 286 31.54 -38.08 166.18
C PHE X 286 32.98 -38.37 165.74
N THR X 287 33.26 -39.54 165.14
CA THR X 287 34.60 -39.86 164.66
C THR X 287 34.73 -39.53 163.17
N SER X 288 34.49 -38.25 162.86
CA SER X 288 34.58 -37.77 161.49
C SER X 288 34.93 -36.30 161.49
N SER X 289 35.48 -35.84 160.37
CA SER X 289 35.88 -34.45 160.21
C SER X 289 35.50 -33.95 158.82
N TYR X 290 35.04 -32.72 158.74
CA TYR X 290 34.69 -32.08 157.48
C TYR X 290 35.46 -30.77 157.34
N ALA X 291 36.09 -30.57 156.19
CA ALA X 291 36.88 -29.38 155.96
C ALA X 291 35.99 -28.14 155.84
N ILE X 292 36.53 -27.00 156.26
CA ILE X 292 35.82 -25.73 156.16
C ILE X 292 36.00 -25.18 154.75
N GLN X 293 34.89 -24.86 154.10
CA GLN X 293 34.89 -24.36 152.73
C GLN X 293 34.29 -22.97 152.72
N SER X 294 35.11 -21.96 152.39
CA SER X 294 34.62 -20.59 152.32
C SER X 294 33.98 -20.33 150.97
N PRO X 295 32.81 -19.67 150.93
CA PRO X 295 32.18 -19.38 149.63
C PRO X 295 32.95 -18.38 148.80
N PHE X 296 33.81 -17.57 149.40
CA PHE X 296 34.61 -16.59 148.68
C PHE X 296 36.08 -16.99 148.70
N PRO X 297 36.84 -16.64 147.67
CA PRO X 297 38.27 -16.98 147.67
C PRO X 297 39.00 -16.31 148.82
N GLU X 298 39.97 -17.03 149.38
CA GLU X 298 40.76 -16.53 150.50
C GLU X 298 42.11 -16.06 149.95
N ALA X 299 42.26 -14.74 149.83
CA ALA X 299 43.48 -14.15 149.29
C ALA X 299 43.61 -12.73 149.83
N ALA X 300 44.81 -12.17 149.64
CA ALA X 300 45.06 -10.81 150.09
C ALA X 300 44.18 -9.81 149.38
N VAL X 301 44.01 -9.96 148.06
CA VAL X 301 43.18 -9.08 147.26
C VAL X 301 42.29 -9.94 146.38
N SER X 302 40.99 -9.68 146.42
CA SER X 302 40.02 -10.36 145.56
C SER X 302 39.14 -9.31 144.92
N ARG X 303 39.02 -9.37 143.59
CA ARG X 303 38.23 -8.40 142.85
C ARG X 303 37.35 -9.10 141.83
N ILE X 304 36.22 -8.48 141.52
CA ILE X 304 35.22 -9.07 140.65
C ILE X 304 35.60 -8.86 139.20
N VAL X 305 35.34 -9.88 138.38
CA VAL X 305 35.54 -9.80 136.94
C VAL X 305 34.36 -10.49 136.27
N VAL X 306 33.99 -9.97 135.09
CA VAL X 306 32.86 -10.49 134.33
C VAL X 306 33.35 -11.62 133.44
N HIS X 307 32.67 -12.77 133.52
CA HIS X 307 33.03 -13.93 132.70
C HIS X 307 31.75 -14.75 132.53
N THR X 308 31.10 -14.58 131.38
CA THR X 308 29.75 -15.11 131.20
C THR X 308 29.73 -16.63 131.14
N ARG X 309 28.70 -17.21 131.76
CA ARG X 309 28.46 -18.65 131.74
C ARG X 309 29.69 -19.44 132.18
N TRP X 310 30.34 -18.96 133.25
CA TRP X 310 31.49 -19.67 133.79
C TRP X 310 31.08 -20.96 134.47
N ALA X 311 29.90 -20.99 135.08
CA ALA X 311 29.33 -22.19 135.68
C ALA X 311 27.96 -22.39 135.04
N SER X 312 27.95 -23.07 133.89
CA SER X 312 26.72 -23.23 133.12
C SER X 312 26.79 -24.52 132.33
N ASN X 313 25.87 -25.43 132.60
CA ASN X 313 25.77 -26.71 131.90
C ASN X 313 24.58 -26.62 130.96
N VAL X 314 24.85 -26.44 129.66
CA VAL X 314 23.82 -26.19 128.67
C VAL X 314 23.95 -27.18 127.53
N ASP X 315 22.97 -27.14 126.64
CA ASP X 315 23.00 -27.83 125.36
C ASP X 315 22.87 -26.79 124.26
N PHE X 316 23.68 -26.92 123.22
CA PHE X 316 23.74 -25.93 122.12
C PHE X 316 24.07 -24.54 122.67
N ASP X 317 25.30 -24.43 123.16
CA ASP X 317 25.80 -23.15 123.65
C ASP X 317 25.71 -22.09 122.56
N ARG X 318 25.24 -20.90 122.94
CA ARG X 318 25.21 -19.78 121.99
C ARG X 318 26.59 -19.41 121.51
N ASP X 319 27.63 -19.70 122.32
CA ASP X 319 29.03 -19.68 121.94
C ASP X 319 29.57 -18.26 121.75
N SER X 320 28.70 -17.24 121.78
CA SER X 320 29.16 -15.86 121.67
C SER X 320 29.58 -15.32 123.04
N SER X 321 30.56 -16.00 123.62
CA SER X 321 30.98 -15.73 124.98
C SER X 321 31.91 -14.53 125.04
N VAL X 322 31.90 -13.87 126.21
CA VAL X 322 32.79 -12.74 126.50
C VAL X 322 33.77 -13.21 127.57
N ILE X 323 35.05 -13.07 127.29
CA ILE X 323 36.10 -13.62 128.14
C ILE X 323 36.93 -12.46 128.67
N MET X 324 36.94 -12.29 129.99
CA MET X 324 37.77 -11.29 130.65
C MET X 324 38.79 -11.97 131.54
N ALA X 325 40.07 -11.69 131.28
CA ALA X 325 41.15 -12.16 132.15
C ALA X 325 41.21 -11.31 133.41
N PRO X 326 41.86 -11.82 134.47
CA PRO X 326 42.05 -11.00 135.65
C PRO X 326 42.84 -9.75 135.32
N PRO X 327 42.58 -8.64 136.03
CA PRO X 327 43.21 -7.37 135.66
C PRO X 327 44.72 -7.38 135.70
N THR X 328 45.34 -8.29 136.45
CA THR X 328 46.79 -8.39 136.44
C THR X 328 47.34 -8.84 135.09
N GLU X 329 46.49 -9.43 134.25
CA GLU X 329 46.87 -9.80 132.90
C GLU X 329 46.53 -8.66 131.94
N ASN X 330 46.59 -8.93 130.64
CA ASN X 330 46.27 -7.94 129.63
C ASN X 330 44.88 -8.23 129.06
N ASN X 331 43.99 -7.25 129.15
CA ASN X 331 42.61 -7.40 128.71
C ASN X 331 42.29 -6.60 127.45
N ILE X 332 43.31 -6.07 126.76
CA ILE X 332 43.07 -5.21 125.61
C ILE X 332 42.64 -5.97 124.37
N HIS X 333 42.73 -7.30 124.39
CA HIS X 333 42.43 -8.09 123.20
C HIS X 333 40.95 -8.09 122.81
N LEU X 334 40.04 -7.40 123.50
CA LEU X 334 38.66 -7.31 123.05
C LEU X 334 38.17 -5.89 122.82
N PHE X 335 38.94 -4.87 123.19
CA PHE X 335 38.63 -3.51 122.78
C PHE X 335 39.20 -3.19 121.40
N LYS X 336 39.92 -4.12 120.79
CA LYS X 336 40.44 -3.96 119.43
C LYS X 336 39.84 -4.99 118.48
N GLN X 337 38.65 -5.51 118.78
CA GLN X 337 38.09 -6.60 117.98
C GLN X 337 37.51 -6.11 116.67
N LEU X 338 36.90 -4.91 116.66
CA LEU X 338 36.06 -4.49 115.55
C LEU X 338 36.81 -3.84 114.40
N LEU X 339 37.48 -2.71 114.66
CA LEU X 339 37.99 -1.86 113.60
C LEU X 339 39.48 -1.57 113.75
N ASN X 340 40.26 -2.57 114.15
CA ASN X 340 41.72 -2.44 114.22
C ASN X 340 42.43 -3.41 113.29
N THR X 341 41.81 -3.74 112.16
CA THR X 341 42.44 -4.65 111.22
C THR X 341 43.66 -4.03 110.56
N GLU X 342 43.74 -2.70 110.54
CA GLU X 342 44.86 -1.98 109.96
C GLU X 342 45.60 -1.12 110.97
N THR X 343 45.58 -1.49 112.24
CA THR X 343 46.29 -0.73 113.25
C THR X 343 47.79 -0.80 113.02
N LEU X 344 48.48 0.30 113.31
CA LEU X 344 49.94 0.33 113.14
C LEU X 344 50.62 -0.65 114.08
N SER X 345 50.17 -0.70 115.33
CA SER X 345 50.81 -1.51 116.37
C SER X 345 49.82 -2.50 116.95
N VAL X 346 50.26 -3.75 117.11
CA VAL X 346 49.50 -4.72 117.89
C VAL X 346 49.55 -4.32 119.36
N ARG X 347 48.74 -4.99 120.17
CA ARG X 347 48.55 -4.81 121.62
C ARG X 347 48.05 -3.40 121.94
N GLY X 348 47.53 -2.68 120.95
CA GLY X 348 46.93 -1.38 121.20
C GLY X 348 45.51 -1.36 120.65
N ALA X 349 44.72 -0.45 121.21
CA ALA X 349 43.32 -0.32 120.86
C ALA X 349 43.00 1.12 120.47
N ASN X 350 41.98 1.27 119.63
CA ASN X 350 41.67 2.58 119.03
C ASN X 350 40.74 3.36 119.93
N PRO X 351 41.15 4.51 120.47
CA PRO X 351 40.22 5.34 121.24
C PRO X 351 39.08 5.88 120.41
N LEU X 352 39.25 6.00 119.09
CA LEU X 352 38.16 6.45 118.23
C LEU X 352 37.13 5.36 118.01
N MET X 353 37.47 4.10 118.29
CA MET X 353 36.55 2.99 118.11
C MET X 353 36.23 2.28 119.42
N PHE X 354 36.66 2.85 120.55
CA PHE X 354 36.29 2.31 121.86
C PHE X 354 34.78 2.15 122.00
N ARG X 355 34.02 3.17 121.59
CA ARG X 355 32.57 3.11 121.78
C ARG X 355 31.95 1.98 120.98
N ALA X 356 32.35 1.83 119.72
CA ALA X 356 31.83 0.74 118.90
C ALA X 356 32.21 -0.62 119.49
N ASN X 357 33.45 -0.76 119.94
CA ASN X 357 33.88 -2.03 120.52
C ASN X 357 33.09 -2.35 121.78
N VAL X 358 32.86 -1.35 122.63
CA VAL X 358 32.09 -1.56 123.85
C VAL X 358 30.65 -1.93 123.53
N LEU X 359 30.06 -1.28 122.52
CA LEU X 359 28.69 -1.61 122.14
C LEU X 359 28.60 -3.05 121.64
N HIS X 360 29.55 -3.47 120.80
CA HIS X 360 29.53 -4.84 120.31
C HIS X 360 29.75 -5.83 121.45
N MET X 361 30.61 -5.49 122.41
CA MET X 361 30.83 -6.36 123.55
C MET X 361 29.57 -6.50 124.38
N LEU X 362 28.86 -5.41 124.61
CA LEU X 362 27.59 -5.47 125.34
C LEU X 362 26.57 -6.30 124.58
N LEU X 363 26.52 -6.13 123.26
CA LEU X 363 25.62 -6.94 122.45
C LEU X 363 25.93 -8.42 122.59
N GLU X 364 27.20 -8.79 122.53
CA GLU X 364 27.59 -10.19 122.67
C GLU X 364 27.26 -10.72 124.06
N PHE X 365 27.46 -9.90 125.09
CA PHE X 365 27.11 -10.30 126.45
C PHE X 365 25.62 -10.57 126.57
N VAL X 366 24.79 -9.72 125.95
CA VAL X 366 23.35 -9.97 125.96
C VAL X 366 23.04 -11.24 125.17
N LEU X 367 23.67 -11.41 124.01
CA LEU X 367 23.34 -12.53 123.13
C LEU X 367 23.64 -13.86 123.77
N ASP X 368 24.79 -13.98 124.45
CA ASP X 368 25.09 -15.24 125.13
C ASP X 368 24.45 -15.30 126.50
N ASN X 369 23.16 -14.98 126.59
CA ASN X 369 22.37 -15.20 127.79
C ASN X 369 20.94 -15.62 127.48
N LEU X 370 20.58 -15.76 126.21
CA LEU X 370 19.21 -16.13 125.83
C LEU X 370 19.03 -17.62 126.10
N TYR X 371 18.77 -17.94 127.37
CA TYR X 371 18.57 -19.30 127.82
C TYR X 371 17.34 -19.35 128.72
N LEU X 372 16.80 -20.56 128.86
CA LEU X 372 15.70 -20.83 129.78
C LEU X 372 16.23 -21.72 130.90
N ASN X 373 16.04 -21.27 132.13
CA ASN X 373 16.55 -22.02 133.27
C ASN X 373 15.86 -23.37 133.38
N ARG X 374 16.62 -24.39 133.74
CA ARG X 374 16.14 -25.77 133.79
C ARG X 374 15.98 -26.20 135.24
N HIS X 375 14.80 -26.73 135.57
CA HIS X 375 14.57 -27.29 136.89
C HIS X 375 15.34 -28.59 137.05
N THR X 376 15.86 -28.82 138.25
CA THR X 376 16.62 -30.02 138.53
C THR X 376 16.40 -30.42 139.98
N GLY X 377 16.77 -31.67 140.30
CA GLY X 377 16.45 -32.22 141.59
C GLY X 377 17.20 -31.55 142.72
N PHE X 378 16.55 -31.54 143.89
CA PHE X 378 17.10 -30.96 145.09
C PHE X 378 17.74 -32.04 145.97
N SER X 379 18.12 -31.67 147.18
CA SER X 379 18.62 -32.62 148.17
C SER X 379 18.42 -31.99 149.54
N GLN X 380 17.58 -32.59 150.37
CA GLN X 380 17.24 -32.01 151.66
C GLN X 380 18.46 -32.02 152.57
N ASP X 381 18.88 -30.82 153.00
CA ASP X 381 20.08 -30.67 153.82
C ASP X 381 19.70 -30.74 155.30
N HIS X 382 20.67 -31.21 156.10
CA HIS X 382 20.49 -31.29 157.54
C HIS X 382 21.72 -30.78 158.29
N THR X 383 22.46 -29.87 157.68
CA THR X 383 23.61 -29.27 158.36
C THR X 383 23.15 -28.42 159.53
N PRO X 384 23.97 -28.29 160.57
CA PRO X 384 23.55 -27.50 161.74
C PRO X 384 23.32 -26.03 161.44
N PHE X 385 23.88 -25.51 160.35
CA PHE X 385 23.72 -24.10 159.99
C PHE X 385 22.60 -23.88 158.98
N THR X 386 22.18 -24.91 158.26
CA THR X 386 21.16 -24.81 157.22
C THR X 386 20.17 -25.98 157.35
N GLU X 387 19.65 -26.16 158.57
CA GLU X 387 18.78 -27.29 158.85
C GLU X 387 17.46 -27.16 158.12
N GLY X 388 16.97 -28.26 157.56
CA GLY X 388 15.65 -28.33 156.97
C GLY X 388 15.49 -27.69 155.61
N ALA X 389 16.54 -27.06 155.08
CA ALA X 389 16.42 -26.40 153.79
C ALA X 389 16.62 -27.40 152.65
N ASN X 390 16.13 -27.02 151.47
CA ASN X 390 16.26 -27.82 150.26
C ASN X 390 17.29 -27.15 149.35
N LEU X 391 18.40 -27.84 149.10
CA LEU X 391 19.49 -27.29 148.31
C LEU X 391 19.48 -27.91 146.92
N ARG X 392 19.56 -27.08 145.89
CA ARG X 392 19.53 -27.55 144.51
C ARG X 392 20.89 -28.11 144.12
N SER X 393 20.88 -29.30 143.51
CA SER X 393 22.10 -30.00 143.12
C SER X 393 22.23 -29.99 141.61
N LEU X 394 23.36 -29.46 141.13
CA LEU X 394 23.63 -29.48 139.70
C LEU X 394 23.95 -30.90 139.24
N PRO X 395 23.61 -31.25 138.00
CA PRO X 395 24.00 -32.56 137.47
C PRO X 395 25.51 -32.66 137.32
N GLY X 396 26.02 -33.89 137.49
CA GLY X 396 27.44 -34.14 137.38
C GLY X 396 27.93 -35.12 138.42
N PRO X 397 29.26 -35.22 138.56
CA PRO X 397 29.83 -36.18 139.51
C PRO X 397 29.51 -35.88 140.96
N ASP X 398 29.80 -34.66 141.41
CA ASP X 398 29.62 -34.28 142.80
C ASP X 398 29.07 -32.85 142.87
N ALA X 399 28.51 -32.50 144.03
CA ALA X 399 27.85 -31.22 144.17
C ALA X 399 28.14 -30.51 145.49
N GLU X 400 29.03 -31.02 146.33
CA GLU X 400 29.33 -30.32 147.58
C GLU X 400 30.07 -29.01 147.32
N LYS X 401 31.03 -29.02 146.40
CA LYS X 401 31.72 -27.79 146.04
C LYS X 401 30.75 -26.77 145.47
N TRP X 402 29.84 -27.21 144.60
CA TRP X 402 28.84 -26.30 144.06
C TRP X 402 27.91 -25.77 145.16
N TYR X 403 27.57 -26.62 146.12
CA TYR X 403 26.80 -26.15 147.27
C TYR X 403 27.53 -25.02 147.98
N SER X 404 28.82 -25.22 148.26
CA SER X 404 29.60 -24.21 148.96
C SER X 404 29.66 -22.90 148.17
N ILE X 405 29.86 -22.99 146.86
CA ILE X 405 29.94 -21.78 146.05
C ILE X 405 28.59 -21.08 146.00
N MET X 406 27.50 -21.83 145.80
CA MET X 406 26.19 -21.21 145.62
C MET X 406 25.67 -20.57 146.90
N TYR X 407 25.86 -21.23 148.04
CA TYR X 407 25.21 -20.79 149.26
C TYR X 407 26.22 -20.23 150.25
N PRO X 408 26.39 -18.91 150.32
CA PRO X 408 27.35 -18.33 151.26
C PRO X 408 26.98 -18.54 152.72
N THR X 409 25.70 -18.70 153.03
CA THR X 409 25.26 -18.81 154.41
C THR X 409 25.45 -20.21 154.99
N ARG X 410 25.78 -21.20 154.16
CA ARG X 410 26.01 -22.54 154.68
C ARG X 410 27.22 -22.59 155.60
N MET X 411 28.28 -21.86 155.25
CA MET X 411 29.43 -21.73 156.13
C MET X 411 28.99 -21.12 157.46
N GLY X 412 29.45 -21.72 158.56
CA GLY X 412 29.14 -21.22 159.88
C GLY X 412 30.00 -20.03 160.26
N THR X 413 30.29 -19.93 161.55
CA THR X 413 31.19 -18.89 162.08
C THR X 413 32.26 -19.56 162.94
N PRO X 414 33.15 -20.33 162.31
CA PRO X 414 34.18 -21.04 163.09
C PRO X 414 35.28 -20.12 163.60
N ASN X 415 35.73 -19.21 162.73
CA ASN X 415 36.81 -18.29 163.06
C ASN X 415 36.26 -16.87 163.14
N VAL X 416 37.15 -15.93 163.43
CA VAL X 416 36.84 -14.50 163.36
C VAL X 416 37.55 -13.94 162.13
N SER X 417 36.77 -13.38 161.21
CA SER X 417 37.29 -12.94 159.93
C SER X 417 36.24 -12.11 159.23
N LYS X 418 36.63 -11.53 158.09
CA LYS X 418 35.69 -10.73 157.31
C LYS X 418 34.56 -11.59 156.76
N ILE X 419 34.89 -12.77 156.24
CA ILE X 419 33.86 -13.65 155.70
C ILE X 419 32.92 -14.11 156.81
N CYS X 420 33.48 -14.47 157.97
CA CYS X 420 32.64 -14.89 159.09
C CYS X 420 31.74 -13.76 159.56
N ASN X 421 32.27 -12.53 159.61
CA ASN X 421 31.45 -11.39 160.00
C ASN X 421 30.32 -11.15 159.01
N PHE X 422 30.62 -11.25 157.71
CA PHE X 422 29.59 -11.09 156.69
C PHE X 422 28.52 -12.17 156.80
N VAL X 423 28.94 -13.41 157.06
CA VAL X 423 27.98 -14.50 157.22
C VAL X 423 27.10 -14.26 158.44
N ALA X 424 27.70 -13.82 159.55
CA ALA X 424 26.93 -13.54 160.76
C ALA X 424 25.94 -12.41 160.52
N SER X 425 26.34 -11.38 159.77
CA SER X 425 25.41 -10.31 159.42
C SER X 425 24.30 -10.82 158.51
N CYS X 426 24.60 -11.80 157.66
CA CYS X 426 23.60 -12.37 156.79
C CYS X 426 22.56 -13.16 157.58
N VAL X 427 21.37 -13.28 157.01
CA VAL X 427 20.29 -14.05 157.62
C VAL X 427 20.29 -15.46 157.05
N ARG X 428 19.74 -16.40 157.81
CA ARG X 428 19.72 -17.80 157.43
C ARG X 428 18.33 -18.30 157.05
N ASN X 429 17.27 -17.50 157.26
CA ASN X 429 15.92 -17.94 156.92
C ASN X 429 15.78 -18.13 155.42
N ARG X 430 16.33 -17.22 154.62
CA ARG X 430 16.13 -17.22 153.17
C ARG X 430 17.31 -17.92 152.51
N VAL X 431 17.13 -19.19 152.19
CA VAL X 431 18.15 -19.97 151.49
C VAL X 431 17.46 -21.18 150.86
N GLY X 432 17.93 -21.58 149.68
CA GLY X 432 17.38 -22.74 149.02
C GLY X 432 16.06 -22.43 148.33
N ARG X 433 15.19 -23.45 148.29
CA ARG X 433 13.89 -23.32 147.64
C ARG X 433 13.02 -22.31 148.36
N PHE X 434 12.34 -21.47 147.59
CA PHE X 434 11.42 -20.48 148.15
C PHE X 434 9.99 -21.03 148.20
N ASP X 435 9.45 -21.39 147.04
CA ASP X 435 8.18 -22.12 146.97
C ASP X 435 8.11 -22.85 145.64
N ARG X 436 7.30 -23.90 145.59
CA ARG X 436 7.14 -24.72 144.41
C ARG X 436 5.80 -24.42 143.75
N ALA X 437 5.58 -25.05 142.60
CA ALA X 437 4.31 -24.93 141.89
C ALA X 437 3.30 -25.90 142.51
N GLN X 438 2.14 -26.04 141.89
CA GLN X 438 1.11 -26.96 142.36
C GLN X 438 0.92 -28.15 141.43
N MET X 439 1.04 -27.96 140.12
CA MET X 439 0.93 -29.08 139.20
C MET X 439 2.16 -29.97 139.34
N MET X 440 1.93 -31.27 139.52
CA MET X 440 3.02 -32.23 139.68
C MET X 440 2.85 -33.36 138.66
N ASN X 441 3.90 -33.61 137.89
CA ASN X 441 3.94 -34.73 136.96
C ASN X 441 4.75 -35.87 137.60
N GLY X 442 4.09 -36.59 138.49
CA GLY X 442 4.76 -37.60 139.31
C GLY X 442 5.07 -37.06 140.71
N ALA X 443 6.37 -36.88 141.00
CA ALA X 443 6.79 -36.27 142.24
C ALA X 443 7.63 -35.01 142.05
N MET X 444 8.13 -34.76 140.84
CA MET X 444 8.90 -33.57 140.55
C MET X 444 7.97 -32.38 140.37
N SER X 445 8.29 -31.26 141.02
CA SER X 445 7.47 -30.07 140.93
C SER X 445 7.53 -29.48 139.52
N GLU X 446 6.57 -28.62 139.22
CA GLU X 446 6.47 -28.05 137.88
C GLU X 446 7.50 -26.96 137.67
N TRP X 447 7.40 -25.87 138.44
CA TRP X 447 8.39 -24.80 138.42
C TRP X 447 8.70 -24.41 139.84
N VAL X 448 9.96 -24.05 140.08
CA VAL X 448 10.41 -23.61 141.39
C VAL X 448 11.29 -22.38 141.22
N ASP X 449 11.38 -21.59 142.30
CA ASP X 449 12.32 -20.49 142.40
C ASP X 449 13.14 -20.68 143.66
N VAL X 450 14.46 -20.54 143.55
CA VAL X 450 15.36 -20.87 144.64
C VAL X 450 16.25 -19.68 144.95
N PHE X 451 16.75 -19.64 146.18
CA PHE X 451 17.70 -18.62 146.61
C PHE X 451 19.09 -19.17 146.34
N GLU X 452 19.66 -18.81 145.19
CA GLU X 452 21.00 -19.24 144.83
C GLU X 452 21.76 -18.08 144.20
N THR X 453 23.08 -18.16 144.26
CA THR X 453 23.94 -17.07 143.80
C THR X 453 23.71 -16.79 142.33
N SER X 454 23.35 -15.55 142.01
CA SER X 454 23.08 -15.12 140.64
C SER X 454 22.98 -13.60 140.61
N ASP X 455 23.50 -13.00 139.55
CA ASP X 455 23.43 -11.55 139.38
C ASP X 455 22.07 -11.13 138.83
N ALA X 456 21.76 -9.84 138.99
CA ALA X 456 20.44 -9.33 138.62
C ALA X 456 20.29 -9.16 137.12
N LEU X 457 21.36 -8.74 136.42
CA LEU X 457 21.24 -8.42 135.01
C LEU X 457 20.87 -9.65 134.18
N THR X 458 21.55 -10.77 134.43
CA THR X 458 21.28 -11.98 133.66
C THR X 458 19.90 -12.55 133.96
N VAL X 459 19.49 -12.54 135.23
CA VAL X 459 18.16 -13.06 135.55
C VAL X 459 17.08 -12.17 134.95
N SER X 460 17.31 -10.85 134.92
CA SER X 460 16.35 -9.97 134.26
C SER X 460 16.27 -10.25 132.77
N ILE X 461 17.43 -10.44 132.12
CA ILE X 461 17.44 -10.72 130.69
C ILE X 461 16.70 -12.02 130.39
N ARG X 462 16.96 -13.06 131.19
CA ARG X 462 16.29 -14.33 130.96
C ARG X 462 14.80 -14.26 131.28
N GLY X 463 14.41 -13.43 132.25
CA GLY X 463 13.00 -13.20 132.49
C GLY X 463 12.31 -12.54 131.31
N ARG X 464 12.96 -11.53 130.73
CA ARG X 464 12.42 -10.91 129.53
C ARG X 464 12.28 -11.91 128.40
N TRP X 465 13.30 -12.75 128.20
CA TRP X 465 13.25 -13.75 127.14
C TRP X 465 12.13 -14.75 127.37
N MET X 466 11.98 -15.22 128.61
CA MET X 466 10.93 -16.17 128.93
C MET X 466 9.55 -15.54 128.72
N ALA X 467 9.39 -14.28 129.11
CA ALA X 467 8.12 -13.60 128.89
C ALA X 467 7.81 -13.47 127.41
N ARG X 468 8.83 -13.13 126.61
CA ARG X 468 8.61 -13.03 125.16
C ARG X 468 8.17 -14.37 124.58
N LEU X 469 8.85 -15.46 124.97
CA LEU X 469 8.47 -16.77 124.46
C LEU X 469 7.07 -17.16 124.92
N ALA X 470 6.73 -16.87 126.17
CA ALA X 470 5.40 -17.20 126.68
C ALA X 470 4.32 -16.45 125.92
N ARG X 471 4.56 -15.17 125.62
CA ARG X 471 3.60 -14.44 124.80
C ARG X 471 3.64 -14.89 123.34
N MET X 472 4.69 -15.58 122.93
CA MET X 472 4.80 -16.09 121.57
C MET X 472 4.14 -17.45 121.38
N ASN X 473 3.91 -18.21 122.45
CA ASN X 473 3.52 -19.61 122.32
C ASN X 473 2.15 -19.76 121.64
N ILE X 474 1.76 -21.01 121.41
CA ILE X 474 0.59 -21.34 120.60
C ILE X 474 0.13 -22.72 121.01
N ASN X 475 -1.15 -23.02 120.73
CA ASN X 475 -1.72 -24.31 121.15
C ASN X 475 -2.31 -25.07 119.96
N PRO X 476 -2.33 -26.41 120.00
CA PRO X 476 -2.64 -27.19 118.77
C PRO X 476 -4.05 -27.03 118.23
N THR X 477 -5.02 -26.58 119.03
CA THR X 477 -6.37 -26.46 118.47
C THR X 477 -6.44 -25.37 117.41
N GLU X 478 -5.81 -24.21 117.64
CA GLU X 478 -5.84 -23.19 116.61
C GLU X 478 -4.88 -23.51 115.47
N ILE X 479 -3.86 -24.35 115.71
CA ILE X 479 -3.10 -24.92 114.60
C ILE X 479 -4.01 -25.77 113.71
N GLU X 480 -4.84 -26.62 114.33
CA GLU X 480 -5.83 -27.40 113.60
C GLU X 480 -6.76 -26.49 112.80
N TRP X 481 -7.25 -25.41 113.43
CA TRP X 481 -8.12 -24.49 112.73
C TRP X 481 -7.42 -23.86 111.53
N ALA X 482 -6.16 -23.45 111.71
CA ALA X 482 -5.43 -22.81 110.63
C ALA X 482 -5.22 -23.76 109.45
N LEU X 483 -4.84 -25.02 109.74
CA LEU X 483 -4.64 -25.98 108.67
C LEU X 483 -5.95 -26.29 107.94
N THR X 484 -7.04 -26.45 108.69
CA THR X 484 -8.33 -26.73 108.06
C THR X 484 -8.75 -25.57 107.17
N GLU X 485 -8.56 -24.34 107.64
CA GLU X 485 -8.92 -23.17 106.84
C GLU X 485 -8.04 -23.05 105.60
N CYS X 486 -6.75 -23.37 105.73
CA CYS X 486 -5.85 -23.31 104.58
C CYS X 486 -6.19 -24.39 103.56
N ALA X 487 -6.73 -25.52 104.00
CA ALA X 487 -7.06 -26.60 103.08
C ALA X 487 -8.23 -26.28 102.16
N GLN X 488 -8.86 -25.11 102.30
CA GLN X 488 -9.94 -24.65 101.44
C GLN X 488 -11.17 -25.55 101.50
N GLY X 489 -11.31 -26.34 102.56
CA GLY X 489 -12.47 -27.20 102.73
C GLY X 489 -12.38 -28.53 102.04
N TYR X 490 -11.37 -28.77 101.20
CA TYR X 490 -11.21 -30.06 100.57
C TYR X 490 -10.68 -31.11 101.53
N VAL X 491 -10.03 -30.69 102.62
CA VAL X 491 -9.45 -31.59 103.60
C VAL X 491 -9.72 -31.03 104.98
N THR X 492 -10.14 -31.90 105.90
CA THR X 492 -10.33 -31.53 107.30
C THR X 492 -9.22 -32.14 108.14
N VAL X 493 -8.73 -31.36 109.11
CA VAL X 493 -7.60 -31.74 109.93
C VAL X 493 -8.03 -31.74 111.40
N THR X 494 -7.45 -32.64 112.18
CA THR X 494 -7.68 -32.70 113.61
C THR X 494 -6.38 -33.01 114.32
N SER X 495 -6.28 -32.58 115.58
CA SER X 495 -5.06 -32.79 116.38
C SER X 495 -5.46 -32.89 117.84
N PRO X 496 -5.58 -34.09 118.38
CA PRO X 496 -5.90 -34.24 119.80
C PRO X 496 -4.68 -33.99 120.69
N TYR X 497 -4.96 -33.65 121.94
CA TYR X 497 -3.90 -33.36 122.90
C TYR X 497 -4.48 -33.43 124.31
N ALA X 498 -3.66 -33.90 125.25
CA ALA X 498 -4.05 -33.93 126.65
C ALA X 498 -3.96 -32.54 127.27
N PRO X 499 -4.75 -32.27 128.31
CA PRO X 499 -4.68 -30.95 128.96
C PRO X 499 -3.40 -30.77 129.76
N SER X 500 -2.52 -29.89 129.27
CA SER X 500 -1.26 -29.60 129.93
C SER X 500 -1.00 -28.11 129.88
N VAL X 501 -0.19 -27.64 130.82
CA VAL X 501 0.15 -26.23 130.91
C VAL X 501 1.58 -25.94 130.44
N ASN X 502 2.53 -26.84 130.67
CA ASN X 502 3.91 -26.61 130.30
C ASN X 502 4.16 -26.75 128.79
N ARG X 503 3.16 -27.22 128.04
CA ARG X 503 3.34 -27.37 126.60
C ARG X 503 3.71 -26.03 125.97
N LEU X 504 4.79 -26.03 125.20
CA LEU X 504 5.35 -24.80 124.64
C LEU X 504 5.74 -25.03 123.20
N MET X 505 5.28 -24.14 122.32
CA MET X 505 5.61 -24.19 120.91
C MET X 505 5.43 -22.81 120.29
N PRO X 506 6.44 -21.94 120.39
CA PRO X 506 6.27 -20.54 120.01
C PRO X 506 6.17 -20.31 118.51
N TYR X 507 4.97 -20.00 118.02
CA TYR X 507 4.79 -19.65 116.62
C TYR X 507 3.88 -18.46 116.38
N ARG X 508 3.15 -17.98 117.38
CA ARG X 508 2.21 -16.87 117.19
C ARG X 508 2.97 -15.56 117.07
N ILE X 509 2.92 -14.95 115.89
CA ILE X 509 3.55 -13.67 115.62
C ILE X 509 2.55 -12.72 114.98
N SER X 510 2.87 -11.44 115.01
CA SER X 510 1.99 -10.40 114.46
C SER X 510 2.20 -10.31 112.95
N ASN X 511 1.56 -9.32 112.32
CA ASN X 511 1.68 -9.11 110.89
C ASN X 511 2.84 -8.20 110.53
N ALA X 512 3.27 -7.34 111.46
CA ALA X 512 4.39 -6.43 111.19
C ALA X 512 5.67 -7.20 110.91
N GLU X 513 5.93 -8.26 111.69
CA GLU X 513 7.12 -9.07 111.46
C GLU X 513 7.09 -9.71 110.08
N ARG X 514 5.93 -10.25 109.68
CA ARG X 514 5.80 -10.83 108.35
C ARG X 514 6.03 -9.79 107.26
N GLN X 515 5.49 -8.58 107.45
CA GLN X 515 5.66 -7.54 106.45
C GLN X 515 7.13 -7.11 106.34
N ILE X 516 7.81 -6.98 107.48
CA ILE X 516 9.23 -6.60 107.46
C ILE X 516 10.06 -7.69 106.78
N SER X 517 9.76 -8.95 107.07
CA SER X 517 10.48 -10.04 106.43
C SER X 517 10.22 -10.07 104.92
N GLN X 518 8.98 -9.78 104.52
CA GLN X 518 8.66 -9.69 103.11
C GLN X 518 9.45 -8.58 102.44
N ILE X 519 9.56 -7.42 103.10
CA ILE X 519 10.33 -6.32 102.55
C ILE X 519 11.79 -6.71 102.40
N ILE X 520 12.34 -7.39 103.41
CA ILE X 520 13.74 -7.83 103.35
C ILE X 520 13.94 -8.81 102.19
N ARG X 521 13.01 -9.75 102.02
CA ARG X 521 13.15 -10.73 100.95
C ARG X 521 13.04 -10.08 99.59
N VAL X 522 12.16 -9.08 99.44
CA VAL X 522 12.08 -8.35 98.17
C VAL X 522 13.38 -7.60 97.91
N MET X 523 13.93 -6.94 98.94
CA MET X 523 15.17 -6.20 98.77
C MET X 523 16.34 -7.13 98.46
N ASN X 524 16.26 -8.39 98.88
CA ASN X 524 17.37 -9.32 98.67
C ASN X 524 17.60 -9.59 97.17
N ILE X 525 16.57 -9.39 96.34
CA ILE X 525 16.70 -9.73 94.93
C ILE X 525 17.71 -8.79 94.25
N GLY X 526 17.40 -7.50 94.23
CA GLY X 526 18.30 -6.53 93.63
C GLY X 526 18.53 -6.72 92.14
N ASN X 527 17.44 -6.93 91.39
CA ASN X 527 17.50 -7.12 89.93
C ASN X 527 18.39 -8.30 89.54
N ASN X 528 18.36 -9.37 90.33
CA ASN X 528 19.13 -10.58 90.03
C ASN X 528 18.19 -11.61 89.42
N ALA X 529 18.49 -12.02 88.19
CA ALA X 529 17.69 -13.03 87.51
C ALA X 529 17.99 -14.44 88.00
N THR X 530 19.03 -14.62 88.81
CA THR X 530 19.41 -15.94 89.31
C THR X 530 18.70 -16.31 90.60
N VAL X 531 18.33 -15.32 91.42
CA VAL X 531 17.70 -15.63 92.70
C VAL X 531 16.21 -15.96 92.54
N ILE X 532 15.55 -15.46 91.50
CA ILE X 532 14.13 -15.69 91.33
C ILE X 532 13.81 -16.81 90.33
N GLN X 533 14.76 -17.18 89.47
CA GLN X 533 14.49 -18.21 88.47
C GLN X 533 14.14 -19.57 89.10
N PRO X 534 14.87 -20.10 90.06
CA PRO X 534 14.49 -21.41 90.62
C PRO X 534 13.11 -21.44 91.25
N VAL X 535 12.68 -20.33 91.87
CA VAL X 535 11.39 -20.33 92.57
C VAL X 535 10.26 -20.55 91.57
N LEU X 536 10.24 -19.75 90.50
CA LEU X 536 9.23 -19.95 89.46
C LEU X 536 9.41 -21.30 88.77
N GLN X 537 10.66 -21.70 88.54
CA GLN X 537 10.93 -22.93 87.81
C GLN X 537 10.36 -24.15 88.54
N ASP X 538 10.53 -24.22 89.86
CA ASP X 538 10.04 -25.39 90.57
C ASP X 538 8.61 -25.23 91.07
N ILE X 539 8.11 -24.00 91.22
CA ILE X 539 6.68 -23.84 91.47
C ILE X 539 5.89 -24.30 90.25
N SER X 540 6.43 -24.07 89.05
CA SER X 540 5.77 -24.53 87.83
C SER X 540 5.66 -26.06 87.82
N VAL X 541 6.73 -26.75 88.18
CA VAL X 541 6.68 -28.21 88.17
C VAL X 541 5.79 -28.72 89.30
N LEU X 542 5.75 -28.01 90.44
CA LEU X 542 4.81 -28.38 91.49
C LEU X 542 3.38 -28.29 91.00
N LEU X 543 3.04 -27.20 90.30
CA LEU X 543 1.71 -27.08 89.71
C LEU X 543 1.47 -28.15 88.66
N GLN X 544 2.52 -28.53 87.92
CA GLN X 544 2.38 -29.61 86.94
C GLN X 544 1.99 -30.92 87.62
N ARG X 545 2.64 -31.24 88.74
CA ARG X 545 2.30 -32.46 89.45
C ARG X 545 0.98 -32.38 90.20
N ILE X 546 0.54 -31.18 90.55
CA ILE X 546 -0.73 -31.00 91.26
C ILE X 546 -1.92 -31.06 90.31
N SER X 547 -1.88 -30.29 89.23
CA SER X 547 -3.07 -30.05 88.42
C SER X 547 -3.55 -31.34 87.76
N PRO X 548 -4.86 -31.60 87.75
CA PRO X 548 -5.38 -32.75 87.00
C PRO X 548 -5.36 -32.55 85.50
N LEU X 549 -5.32 -31.30 85.03
CA LEU X 549 -5.33 -31.03 83.60
C LEU X 549 -4.04 -31.53 82.96
N GLN X 550 -4.16 -32.49 82.05
CA GLN X 550 -3.04 -32.98 81.26
C GLN X 550 -3.19 -32.50 79.83
N ILE X 551 -2.11 -31.97 79.27
CA ILE X 551 -2.13 -31.31 77.97
C ILE X 551 -1.77 -32.32 76.89
N ASP X 552 -2.54 -32.31 75.80
CA ASP X 552 -2.31 -33.27 74.72
C ASP X 552 -2.71 -32.64 73.38
N PRO X 553 -1.74 -32.29 72.52
CA PRO X 553 -2.08 -31.69 71.22
C PRO X 553 -2.66 -32.68 70.21
N THR X 554 -2.77 -33.96 70.56
CA THR X 554 -3.41 -34.90 69.66
C THR X 554 -4.87 -34.54 69.42
N ILE X 555 -5.49 -33.76 70.30
CA ILE X 555 -6.82 -33.23 70.01
C ILE X 555 -6.78 -32.35 68.78
N ILE X 556 -5.81 -31.43 68.72
CA ILE X 556 -5.65 -30.58 67.55
C ILE X 556 -5.31 -31.42 66.32
N SER X 557 -4.42 -32.40 66.49
CA SER X 557 -4.04 -33.24 65.36
C SER X 557 -5.24 -34.00 64.80
N ASN X 558 -6.08 -34.56 65.68
CA ASN X 558 -7.24 -35.31 65.23
C ASN X 558 -8.29 -34.40 64.61
N THR X 559 -8.46 -33.18 65.14
CA THR X 559 -9.41 -32.25 64.53
C THR X 559 -8.96 -31.80 63.15
N MET X 560 -7.66 -31.62 62.95
CA MET X 560 -7.15 -31.14 61.67
C MET X 560 -6.77 -32.27 60.71
N SER X 561 -6.86 -33.54 61.15
CA SER X 561 -6.56 -34.64 60.24
C SER X 561 -7.54 -34.70 59.08
N THR X 562 -8.83 -34.47 59.33
CA THR X 562 -9.82 -34.54 58.27
C THR X 562 -9.66 -33.40 57.26
N VAL X 563 -8.97 -32.34 57.62
CA VAL X 563 -8.77 -31.21 56.72
C VAL X 563 -7.54 -31.47 55.87
N SER X 564 -7.74 -31.56 54.55
CA SER X 564 -6.64 -31.75 53.61
C SER X 564 -6.95 -30.95 52.36
N GLU X 565 -5.95 -30.79 51.51
CA GLU X 565 -6.04 -29.88 50.38
C GLU X 565 -5.51 -30.55 49.11
N SER X 566 -5.96 -30.01 47.97
CA SER X 566 -5.80 -30.67 46.69
C SER X 566 -4.32 -30.84 46.33
N THR X 567 -4.07 -31.71 45.35
CA THR X 567 -2.72 -32.03 44.91
C THR X 567 -2.14 -30.98 43.97
N THR X 568 -2.95 -30.06 43.48
CA THR X 568 -2.49 -29.07 42.51
C THR X 568 -2.10 -27.76 43.17
N GLN X 569 -2.96 -27.23 44.03
CA GLN X 569 -2.71 -25.94 44.65
C GLN X 569 -1.52 -26.02 45.60
N THR X 570 -0.73 -24.94 45.65
CA THR X 570 0.51 -24.95 46.42
C THR X 570 0.27 -24.60 47.89
N LEU X 571 -0.26 -23.41 48.15
CA LEU X 571 -0.40 -22.93 49.52
C LEU X 571 -1.60 -23.58 50.18
N SER X 572 -1.43 -23.94 51.45
CA SER X 572 -2.42 -24.72 52.17
C SER X 572 -2.53 -24.23 53.61
N PRO X 573 -3.74 -23.89 54.07
CA PRO X 573 -3.91 -23.43 55.45
C PRO X 573 -3.53 -24.47 56.49
N ALA X 574 -4.12 -25.67 56.40
CA ALA X 574 -4.00 -26.66 57.47
C ALA X 574 -2.57 -27.12 57.68
N SER X 575 -1.80 -27.29 56.60
CA SER X 575 -0.40 -27.67 56.75
C SER X 575 0.38 -26.61 57.52
N SER X 576 0.13 -25.33 57.23
CA SER X 576 0.80 -24.26 57.96
C SER X 576 0.35 -24.23 59.40
N ILE X 577 -0.93 -24.51 59.64
CA ILE X 577 -1.49 -24.55 60.99
C ILE X 577 -0.77 -25.61 61.82
N LEU X 578 -0.64 -26.81 61.26
CA LEU X 578 0.05 -27.88 61.96
C LEU X 578 1.51 -27.54 62.20
N GLY X 579 2.20 -27.06 61.15
CA GLY X 579 3.62 -26.76 61.28
C GLY X 579 3.92 -25.60 62.20
N LYS X 580 2.95 -24.73 62.43
CA LYS X 580 3.16 -23.58 63.29
C LYS X 580 2.71 -23.83 64.72
N LEU X 581 1.74 -24.72 64.93
CA LEU X 581 1.38 -25.11 66.29
C LEU X 581 2.30 -26.18 66.83
N ARG X 582 2.95 -26.95 65.95
CA ARG X 582 3.89 -28.00 66.32
C ARG X 582 3.28 -28.95 67.34
N PRO X 583 2.33 -29.79 66.94
CA PRO X 583 1.68 -30.70 67.89
C PRO X 583 2.52 -31.90 68.29
N SER X 584 3.78 -31.99 67.87
CA SER X 584 4.67 -33.06 68.27
C SER X 584 5.64 -32.64 69.37
N ASN X 585 5.55 -31.39 69.83
CA ASN X 585 6.44 -30.88 70.87
C ASN X 585 5.73 -30.97 72.21
N SER X 586 6.42 -31.54 73.20
CA SER X 586 5.86 -31.79 74.52
C SER X 586 6.53 -30.95 75.59
N ASP X 587 6.89 -29.71 75.27
CA ASP X 587 7.48 -28.77 76.22
C ASP X 587 6.45 -27.67 76.45
N PHE X 588 5.71 -27.79 77.56
CA PHE X 588 4.64 -26.87 77.91
C PHE X 588 4.91 -26.21 79.26
N SER X 589 6.19 -25.91 79.53
CA SER X 589 6.53 -25.31 80.82
C SER X 589 6.09 -23.86 80.91
N SER X 590 5.97 -23.16 79.77
CA SER X 590 5.66 -21.74 79.77
C SER X 590 4.28 -21.44 80.33
N PHE X 591 3.28 -22.26 80.04
CA PHE X 591 1.93 -22.05 80.55
C PHE X 591 1.91 -22.06 82.07
N ARG X 592 2.50 -23.10 82.67
CA ARG X 592 2.55 -23.17 84.13
C ARG X 592 3.50 -22.15 84.73
N VAL X 593 4.52 -21.72 83.99
CA VAL X 593 5.37 -20.64 84.47
C VAL X 593 4.58 -19.33 84.55
N ALA X 594 3.74 -19.07 83.55
CA ALA X 594 2.85 -17.91 83.61
C ALA X 594 1.87 -18.02 84.76
N LEU X 595 1.31 -19.22 84.97
CA LEU X 595 0.40 -19.41 86.10
C LEU X 595 1.11 -19.15 87.43
N ALA X 596 2.36 -19.60 87.55
CA ALA X 596 3.13 -19.34 88.76
C ALA X 596 3.43 -17.86 88.92
N GLY X 597 3.80 -17.18 87.83
CA GLY X 597 4.12 -15.77 87.86
C GLY X 597 2.92 -14.86 88.03
N TRP X 598 1.71 -15.42 87.94
CA TRP X 598 0.52 -14.65 88.32
C TRP X 598 0.65 -14.11 89.74
N LEU X 599 1.38 -14.81 90.61
CA LEU X 599 1.47 -14.47 92.02
C LEU X 599 2.57 -13.45 92.33
N TYR X 600 3.47 -13.16 91.41
CA TYR X 600 4.68 -12.43 91.75
C TYR X 600 4.88 -11.20 90.86
N ASN X 601 3.82 -10.46 90.59
CA ASN X 601 3.99 -9.16 89.95
C ASN X 601 4.51 -8.15 90.96
N GLY X 602 5.36 -7.24 90.50
CA GLY X 602 6.06 -6.29 91.33
C GLY X 602 7.50 -6.68 91.59
N VAL X 603 7.83 -7.97 91.46
CA VAL X 603 9.20 -8.44 91.46
C VAL X 603 9.58 -9.02 90.10
N VAL X 604 8.64 -9.68 89.43
CA VAL X 604 8.84 -10.21 88.09
C VAL X 604 7.56 -9.99 87.29
N THR X 605 7.72 -9.72 86.00
CA THR X 605 6.59 -9.58 85.10
C THR X 605 6.77 -10.50 83.90
N THR X 606 5.68 -11.16 83.51
CA THR X 606 5.71 -12.12 82.42
C THR X 606 5.16 -11.48 81.16
N VAL X 607 5.96 -11.50 80.08
CA VAL X 607 5.58 -10.92 78.80
C VAL X 607 5.83 -11.95 77.71
N ILE X 608 5.13 -11.78 76.59
CA ILE X 608 5.31 -12.65 75.45
C ILE X 608 6.65 -12.33 74.80
N ASP X 609 7.47 -13.35 74.60
CA ASP X 609 8.82 -13.15 74.10
C ASP X 609 8.81 -12.58 72.69
N ASP X 610 9.80 -11.75 72.40
CA ASP X 610 10.01 -11.27 71.04
C ASP X 610 10.32 -12.45 70.11
N SER X 611 10.16 -12.21 68.82
CA SER X 611 10.25 -13.18 67.73
C SER X 611 9.02 -14.09 67.68
N SER X 612 8.12 -14.02 68.65
CA SER X 612 6.82 -14.63 68.53
C SER X 612 5.82 -13.74 67.80
N TYR X 613 6.19 -12.49 67.58
CA TYR X 613 5.45 -11.52 66.78
C TYR X 613 5.68 -11.77 65.30
N PRO X 614 4.82 -11.24 64.43
CA PRO X 614 5.04 -11.43 62.99
C PRO X 614 6.39 -10.90 62.56
N LYS X 615 7.01 -11.62 61.62
CA LYS X 615 8.34 -11.23 61.14
C LYS X 615 8.25 -9.89 60.41
N ASP X 616 9.26 -9.05 60.64
CA ASP X 616 9.30 -7.68 60.12
C ASP X 616 8.06 -6.95 60.65
N GLY X 617 7.52 -6.02 59.86
CA GLY X 617 6.27 -5.38 60.25
C GLY X 617 5.09 -6.32 60.23
N GLY X 618 5.06 -7.23 59.27
CA GLY X 618 3.94 -8.12 59.08
C GLY X 618 2.97 -7.59 58.03
N SER X 619 2.11 -8.47 57.54
CA SER X 619 1.16 -8.12 56.51
C SER X 619 -0.03 -9.07 56.56
N VAL X 620 -1.23 -8.52 56.34
CA VAL X 620 -2.43 -9.35 56.31
C VAL X 620 -2.52 -10.15 55.02
N THR X 621 -1.66 -9.87 54.04
CA THR X 621 -1.66 -10.63 52.80
C THR X 621 -0.94 -11.97 52.94
N SER X 622 -0.35 -12.24 54.11
CA SER X 622 0.41 -13.45 54.33
C SER X 622 -0.28 -14.34 55.36
N LEU X 623 -0.48 -15.60 54.98
CA LEU X 623 -1.15 -16.55 55.88
C LEU X 623 -0.32 -16.79 57.14
N GLU X 624 0.99 -16.89 57.01
CA GLU X 624 1.84 -17.11 58.18
C GLU X 624 1.75 -15.93 59.15
N ASN X 625 1.77 -14.70 58.62
CA ASN X 625 1.62 -13.53 59.49
C ASN X 625 0.25 -13.49 60.14
N LEU X 626 -0.80 -13.86 59.39
CA LEU X 626 -2.14 -13.90 59.96
C LEU X 626 -2.20 -14.89 61.13
N TRP X 627 -1.58 -16.06 60.97
CA TRP X 627 -1.72 -17.05 62.03
C TRP X 627 -0.77 -16.76 63.19
N ASP X 628 0.35 -16.07 62.93
CA ASP X 628 1.11 -15.48 64.02
C ASP X 628 0.26 -14.50 64.82
N PHE X 629 -0.52 -13.66 64.14
CA PHE X 629 -1.43 -12.76 64.83
C PHE X 629 -2.43 -13.53 65.66
N PHE X 630 -3.01 -14.59 65.09
CA PHE X 630 -3.98 -15.40 65.82
C PHE X 630 -3.38 -15.96 67.10
N ILE X 631 -2.22 -16.60 66.99
CA ILE X 631 -1.58 -17.21 68.16
C ILE X 631 -1.24 -16.14 69.20
N LEU X 632 -0.66 -15.04 68.76
CA LEU X 632 -0.25 -13.98 69.68
C LEU X 632 -1.44 -13.38 70.41
N ALA X 633 -2.52 -13.10 69.68
CA ALA X 633 -3.70 -12.51 70.31
C ALA X 633 -4.36 -13.49 71.27
N LEU X 634 -4.36 -14.78 70.93
CA LEU X 634 -4.94 -15.75 71.85
C LEU X 634 -4.06 -15.96 73.07
N ALA X 635 -2.76 -15.64 72.97
CA ALA X 635 -1.85 -15.94 74.07
C ALA X 635 -1.67 -14.75 75.02
N LEU X 636 -1.81 -13.53 74.52
CA LEU X 636 -1.53 -12.36 75.36
C LEU X 636 -2.30 -12.27 76.67
N PRO X 637 -3.61 -12.54 76.74
CA PRO X 637 -4.36 -12.21 77.98
C PRO X 637 -3.81 -12.87 79.24
N LEU X 638 -3.14 -14.01 79.13
CA LEU X 638 -2.66 -14.69 80.33
C LEU X 638 -1.48 -13.96 80.96
N THR X 639 -0.66 -13.28 80.15
CA THR X 639 0.53 -12.60 80.66
C THR X 639 0.12 -11.43 81.55
N THR X 640 0.92 -11.21 82.60
CA THR X 640 0.66 -10.13 83.56
C THR X 640 1.43 -8.88 83.15
N ASP X 641 1.22 -8.48 81.89
CA ASP X 641 1.81 -7.27 81.35
C ASP X 641 0.72 -6.23 81.15
N PRO X 642 0.79 -5.08 81.81
CA PRO X 642 -0.30 -4.11 81.72
C PRO X 642 -0.55 -3.58 80.31
N CYS X 643 0.45 -3.62 79.42
CA CYS X 643 0.32 -3.11 78.07
C CYS X 643 -0.10 -4.18 77.07
N ALA X 644 -0.61 -5.31 77.56
CA ALA X 644 -1.03 -6.39 76.66
C ALA X 644 -2.15 -5.98 75.71
N PRO X 645 -3.23 -5.30 76.13
CA PRO X 645 -4.23 -4.87 75.14
C PRO X 645 -3.66 -3.96 74.07
N VAL X 646 -2.75 -3.06 74.45
CA VAL X 646 -2.15 -2.16 73.47
C VAL X 646 -1.30 -2.94 72.48
N LYS X 647 -0.54 -3.92 72.98
CA LYS X 647 0.22 -4.78 72.07
C LYS X 647 -0.70 -5.53 71.12
N ALA X 648 -1.82 -6.05 71.64
CA ALA X 648 -2.75 -6.79 70.80
C ALA X 648 -3.33 -5.91 69.70
N PHE X 649 -3.72 -4.69 70.05
CA PHE X 649 -4.28 -3.78 69.04
C PHE X 649 -3.22 -3.37 68.02
N MET X 650 -2.02 -3.04 68.51
CA MET X 650 -0.99 -2.53 67.61
C MET X 650 -0.45 -3.61 66.68
N THR X 651 -0.53 -4.88 67.09
CA THR X 651 -0.15 -5.96 66.18
C THR X 651 -1.02 -5.95 64.93
N LEU X 652 -2.35 -5.91 65.11
CA LEU X 652 -3.25 -5.85 63.97
C LEU X 652 -3.09 -4.54 63.22
N ALA X 653 -2.83 -3.44 63.93
CA ALA X 653 -2.61 -2.17 63.25
C ALA X 653 -1.40 -2.25 62.32
N ASN X 654 -0.29 -2.79 62.81
CA ASN X 654 0.91 -2.94 61.98
C ASN X 654 0.65 -3.85 60.80
N MET X 655 -0.04 -4.97 61.02
CA MET X 655 -0.32 -5.88 59.91
C MET X 655 -1.26 -5.25 58.89
N MET X 656 -2.12 -4.33 59.32
CA MET X 656 -3.08 -3.68 58.44
C MET X 656 -2.55 -2.37 57.87
N VAL X 657 -1.32 -1.98 58.22
CA VAL X 657 -0.69 -0.83 57.55
C VAL X 657 -0.71 -1.04 56.04
N GLY X 658 -1.14 -0.01 55.32
CA GLY X 658 -1.24 -0.05 53.87
C GLY X 658 -2.62 -0.34 53.32
N PHE X 659 -3.51 -0.92 54.12
CA PHE X 659 -4.90 -1.12 53.73
C PHE X 659 -5.87 -0.27 54.52
N GLU X 660 -5.56 0.01 55.79
CA GLU X 660 -6.44 0.76 56.67
C GLU X 660 -5.61 1.79 57.41
N THR X 661 -6.24 2.92 57.73
CA THR X 661 -5.52 4.06 58.31
C THR X 661 -6.19 4.47 59.61
N ILE X 662 -5.36 4.90 60.56
CA ILE X 662 -5.83 5.45 61.83
C ILE X 662 -5.09 6.76 62.07
N PRO X 663 -5.72 7.74 62.73
CA PRO X 663 -5.04 9.04 62.93
C PRO X 663 -3.88 8.93 63.91
N MET X 664 -2.90 9.80 63.71
CA MET X 664 -1.76 9.92 64.62
C MET X 664 -1.63 11.36 65.09
N ASP X 665 -1.01 11.55 66.25
CA ASP X 665 -1.03 12.84 66.92
C ASP X 665 0.24 13.67 66.69
N ASN X 666 1.40 13.11 66.99
CA ASN X 666 2.63 13.89 66.98
C ASN X 666 3.39 13.80 65.67
N GLN X 667 2.89 13.03 64.70
CA GLN X 667 3.52 12.84 63.39
C GLN X 667 4.96 12.36 63.49
N ILE X 668 5.35 11.77 64.61
CA ILE X 668 6.67 11.17 64.75
C ILE X 668 6.61 9.67 64.99
N TYR X 669 5.50 9.14 65.50
CA TYR X 669 5.29 7.71 65.63
C TYR X 669 4.31 7.29 64.54
N THR X 670 4.82 6.64 63.51
CA THR X 670 4.01 6.18 62.40
C THR X 670 3.18 4.96 62.81
N GLN X 671 2.05 4.76 62.12
CA GLN X 671 1.22 3.59 62.38
C GLN X 671 2.01 2.29 62.27
N SER X 672 2.99 2.24 61.37
CA SER X 672 3.83 1.06 61.21
C SER X 672 4.93 1.03 62.27
N ARG X 673 4.55 1.14 63.54
CA ARG X 673 5.47 1.04 64.66
C ARG X 673 5.25 -0.30 65.34
N ARG X 674 6.35 -1.04 65.54
CA ARG X 674 6.25 -2.41 66.05
C ARG X 674 5.59 -2.43 67.42
N ALA X 675 4.72 -3.43 67.62
CA ALA X 675 3.96 -3.54 68.86
C ALA X 675 4.82 -3.96 70.04
N SER X 676 6.06 -4.41 69.81
CA SER X 676 6.93 -4.79 70.91
C SER X 676 7.37 -3.56 71.70
N ALA X 677 7.46 -2.39 71.06
CA ALA X 677 7.88 -1.18 71.74
C ALA X 677 6.84 -0.69 72.75
N PHE X 678 5.57 -1.04 72.58
CA PHE X 678 4.51 -0.60 73.47
C PHE X 678 4.57 -1.44 74.75
N SER X 679 5.47 -1.03 75.65
CA SER X 679 5.68 -1.74 76.91
C SER X 679 5.61 -0.81 78.12
N THR X 680 5.12 0.43 77.94
CA THR X 680 5.05 1.40 79.02
C THR X 680 3.73 2.15 78.86
N PRO X 681 3.06 2.48 79.98
CA PRO X 681 1.74 3.13 79.87
C PRO X 681 1.75 4.45 79.12
N HIS X 682 2.87 5.18 79.08
CA HIS X 682 2.83 6.48 78.41
C HIS X 682 2.76 6.36 76.89
N THR X 683 2.65 5.17 76.31
CA THR X 683 2.62 4.98 74.87
C THR X 683 1.25 4.57 74.36
N TRP X 684 0.24 4.53 75.20
CA TRP X 684 -1.08 4.10 74.78
C TRP X 684 -1.72 5.20 73.93
N PRO X 685 -2.07 4.93 72.68
CA PRO X 685 -2.55 6.01 71.80
C PRO X 685 -3.97 6.44 72.14
N ARG X 686 -4.27 7.70 71.79
CA ARG X 686 -5.62 8.22 71.99
C ARG X 686 -6.63 7.47 71.14
N CYS X 687 -6.20 6.89 70.01
CA CYS X 687 -7.11 6.08 69.20
C CYS X 687 -7.60 4.88 69.98
N PHE X 688 -6.69 4.23 70.72
CA PHE X 688 -7.09 3.11 71.56
C PHE X 688 -7.82 3.58 72.81
N MET X 689 -7.52 4.78 73.31
CA MET X 689 -8.23 5.28 74.48
C MET X 689 -9.69 5.58 74.16
N ASN X 690 -9.93 6.30 73.08
CA ASN X 690 -11.28 6.66 72.65
C ASN X 690 -11.58 5.95 71.34
N ILE X 691 -12.54 5.03 71.37
CA ILE X 691 -12.87 4.24 70.19
C ILE X 691 -13.45 5.14 69.09
N GLN X 692 -14.15 6.20 69.47
CA GLN X 692 -14.81 7.06 68.49
C GLN X 692 -13.83 7.74 67.54
N LEU X 693 -12.57 7.89 67.93
CA LEU X 693 -11.58 8.51 67.05
C LEU X 693 -11.27 7.65 65.84
N ILE X 694 -11.57 6.36 65.88
CA ILE X 694 -11.36 5.48 64.74
C ILE X 694 -12.63 5.52 63.89
N SER X 695 -12.52 6.06 62.68
CA SER X 695 -13.68 6.21 61.81
C SER X 695 -14.06 4.86 61.21
N PRO X 696 -15.29 4.38 61.40
CA PRO X 696 -15.68 3.10 60.80
C PRO X 696 -15.72 3.11 59.29
N ILE X 697 -15.84 4.28 58.67
CA ILE X 697 -15.88 4.37 57.21
C ILE X 697 -14.51 4.17 56.59
N ASP X 698 -13.44 4.27 57.37
CA ASP X 698 -12.08 4.12 56.87
C ASP X 698 -11.34 2.95 57.49
N ALA X 699 -11.60 2.64 58.77
CA ALA X 699 -10.92 1.56 59.47
C ALA X 699 -11.95 0.65 60.14
N PRO X 700 -12.71 -0.11 59.34
CA PRO X 700 -13.77 -0.93 59.95
C PRO X 700 -13.24 -2.10 60.77
N ILE X 701 -12.28 -2.86 60.24
CA ILE X 701 -11.78 -4.02 60.97
C ILE X 701 -11.03 -3.58 62.22
N LEU X 702 -10.25 -2.50 62.12
CA LEU X 702 -9.55 -1.97 63.29
C LEU X 702 -10.54 -1.47 64.34
N ARG X 703 -11.63 -0.82 63.89
CA ARG X 703 -12.66 -0.38 64.82
C ARG X 703 -13.29 -1.56 65.54
N GLN X 704 -13.59 -2.63 64.79
CA GLN X 704 -14.17 -3.83 65.40
C GLN X 704 -13.20 -4.45 66.40
N TRP X 705 -11.92 -4.51 66.06
CA TRP X 705 -10.93 -5.10 66.96
C TRP X 705 -10.79 -4.26 68.23
N ALA X 706 -10.80 -2.93 68.10
CA ALA X 706 -10.73 -2.07 69.28
C ALA X 706 -11.95 -2.27 70.17
N GLU X 707 -13.14 -2.34 69.56
CA GLU X 707 -14.35 -2.56 70.36
C GLU X 707 -14.31 -3.92 71.06
N ILE X 708 -13.84 -4.95 70.36
CA ILE X 708 -13.77 -6.29 70.96
C ILE X 708 -12.78 -6.29 72.12
N ILE X 709 -11.63 -5.64 71.95
CA ILE X 709 -10.66 -5.56 73.04
C ILE X 709 -11.26 -4.83 74.23
N HIS X 710 -11.96 -3.72 73.98
CA HIS X 710 -12.54 -2.95 75.07
C HIS X 710 -13.61 -3.74 75.82
N ARG X 711 -14.42 -4.52 75.09
CA ARG X 711 -15.57 -5.16 75.70
C ARG X 711 -15.25 -6.51 76.33
N TYR X 712 -14.49 -7.37 75.65
CA TYR X 712 -14.38 -8.78 76.01
C TYR X 712 -13.02 -9.14 76.62
N TRP X 713 -12.24 -8.16 77.04
CA TRP X 713 -10.99 -8.48 77.73
C TRP X 713 -11.30 -9.08 79.10
N PRO X 714 -10.52 -10.06 79.54
CA PRO X 714 -10.79 -10.70 80.84
C PRO X 714 -10.72 -9.69 81.98
N ASN X 715 -11.60 -9.88 82.97
CA ASN X 715 -11.72 -8.98 84.11
C ASN X 715 -11.01 -9.55 85.33
N PRO X 716 -10.26 -8.72 86.05
CA PRO X 716 -9.59 -9.19 87.26
C PRO X 716 -10.56 -9.49 88.38
N SER X 717 -10.11 -10.34 89.30
CA SER X 717 -10.89 -10.71 90.47
C SER X 717 -9.93 -10.99 91.62
N GLN X 718 -10.45 -11.60 92.69
CA GLN X 718 -9.65 -11.91 93.86
C GLN X 718 -10.21 -13.13 94.56
N ILE X 719 -9.35 -13.82 95.30
CA ILE X 719 -9.72 -15.05 96.00
C ILE X 719 -9.06 -15.06 97.37
N ARG X 720 -9.73 -15.68 98.33
CA ARG X 720 -9.22 -15.78 99.69
C ARG X 720 -8.27 -16.96 99.81
N TYR X 721 -7.11 -16.76 100.42
CA TYR X 721 -6.15 -17.82 100.65
C TYR X 721 -5.70 -17.80 102.10
N GLY X 722 -5.21 -18.94 102.57
CA GLY X 722 -4.54 -19.00 103.86
C GLY X 722 -5.45 -18.73 105.03
N THR X 723 -4.82 -18.57 106.18
CA THR X 723 -5.57 -18.35 107.40
C THR X 723 -5.04 -17.15 108.07
N PRO X 724 -5.77 -16.05 107.98
CA PRO X 724 -5.22 -14.83 108.52
C PRO X 724 -4.99 -14.80 110.01
N ASN X 725 -5.90 -15.35 110.80
CA ASN X 725 -5.74 -15.22 112.24
C ASN X 725 -4.60 -15.93 112.95
N VAL X 726 -4.43 -17.23 112.71
CA VAL X 726 -3.33 -17.97 113.32
C VAL X 726 -1.95 -17.69 112.76
N PHE X 727 -1.86 -17.64 111.44
CA PHE X 727 -0.60 -17.40 110.80
C PHE X 727 -0.71 -16.00 110.26
N GLY X 728 0.37 -15.26 110.25
CA GLY X 728 0.34 -13.92 109.73
C GLY X 728 0.31 -13.89 108.21
N SER X 729 -0.04 -12.73 107.67
CA SER X 729 -0.11 -12.52 106.23
C SER X 729 0.99 -11.55 105.82
N ALA X 730 1.96 -12.03 105.04
CA ALA X 730 3.09 -11.23 104.61
C ALA X 730 2.81 -10.42 103.37
N ASN X 731 1.60 -10.49 102.83
CA ASN X 731 1.24 -9.70 101.66
C ASN X 731 0.91 -8.27 102.06
N LEU X 732 1.14 -7.35 101.13
CA LEU X 732 0.89 -5.94 101.38
C LEU X 732 0.61 -5.26 100.05
N PHE X 733 0.07 -4.04 100.13
CA PHE X 733 -0.63 -3.31 99.07
C PHE X 733 -1.99 -3.93 98.79
N THR X 734 -2.38 -4.98 99.52
CA THR X 734 -3.67 -5.64 99.42
C THR X 734 -4.13 -5.99 100.82
N PRO X 735 -5.44 -6.14 101.03
CA PRO X 735 -5.91 -6.66 102.31
C PRO X 735 -5.35 -8.03 102.57
N PRO X 736 -5.12 -8.39 103.84
CA PRO X 736 -4.27 -9.54 104.15
C PRO X 736 -4.92 -10.90 103.94
N GLU X 737 -6.06 -10.97 103.23
CA GLU X 737 -6.74 -12.24 103.04
C GLU X 737 -7.24 -12.47 101.62
N VAL X 738 -6.76 -11.70 100.64
CA VAL X 738 -7.20 -11.86 99.26
C VAL X 738 -5.99 -12.08 98.36
N LEU X 739 -6.20 -12.83 97.29
CA LEU X 739 -5.19 -13.05 96.26
C LEU X 739 -5.72 -12.51 94.94
N LEU X 740 -5.00 -11.56 94.34
CA LEU X 740 -5.44 -10.91 93.12
C LEU X 740 -5.09 -11.76 91.92
N LEU X 741 -6.08 -12.00 91.06
CA LEU X 741 -5.91 -12.81 89.87
C LEU X 741 -6.28 -11.99 88.63
N PRO X 742 -5.44 -12.01 87.59
CA PRO X 742 -5.82 -11.31 86.36
C PRO X 742 -7.09 -11.86 85.74
N ILE X 743 -7.34 -13.15 85.92
CA ILE X 743 -8.55 -13.79 85.44
C ILE X 743 -9.55 -13.83 86.58
N ASP X 744 -10.84 -13.89 86.24
CA ASP X 744 -11.86 -14.02 87.27
C ASP X 744 -12.18 -15.49 87.52
N HIS X 745 -12.82 -15.75 88.66
CA HIS X 745 -13.01 -17.12 89.13
C HIS X 745 -14.47 -17.34 89.51
N GLN X 746 -14.90 -18.59 89.39
CA GLN X 746 -16.24 -19.05 89.70
C GLN X 746 -16.15 -20.32 90.52
N PRO X 747 -17.21 -20.68 91.25
CA PRO X 747 -17.18 -21.94 92.00
C PRO X 747 -17.00 -23.13 91.07
N ALA X 748 -16.28 -24.14 91.54
CA ALA X 748 -15.79 -25.21 90.68
C ALA X 748 -16.77 -26.38 90.68
N ASN X 749 -17.27 -26.70 89.49
CA ASN X 749 -18.00 -27.93 89.24
C ASN X 749 -17.57 -28.48 87.88
N VAL X 750 -17.41 -29.80 87.80
CA VAL X 750 -16.80 -30.40 86.62
C VAL X 750 -17.82 -30.58 85.50
N THR X 751 -19.11 -30.52 85.80
CA THR X 751 -20.15 -30.79 84.82
C THR X 751 -20.62 -29.51 84.13
N THR X 752 -19.67 -28.82 83.50
CA THR X 752 -20.01 -27.63 82.74
C THR X 752 -19.76 -27.86 81.25
N PRO X 753 -20.58 -27.26 80.38
CA PRO X 753 -20.37 -27.42 78.94
C PRO X 753 -19.04 -26.83 78.50
N THR X 754 -18.41 -27.49 77.53
CA THR X 754 -17.13 -26.99 77.02
C THR X 754 -17.30 -25.64 76.32
N LEU X 755 -18.32 -25.51 75.48
CA LEU X 755 -18.57 -24.26 74.76
C LEU X 755 -19.50 -23.35 75.56
N ASP X 756 -19.15 -23.12 76.82
CA ASP X 756 -19.92 -22.23 77.70
C ASP X 756 -19.41 -20.83 77.41
N PHE X 757 -20.09 -20.13 76.50
CA PHE X 757 -19.61 -18.83 76.06
C PHE X 757 -19.70 -17.75 77.14
N THR X 758 -20.40 -18.01 78.24
CA THR X 758 -20.31 -17.11 79.38
C THR X 758 -18.91 -17.09 79.96
N ASN X 759 -18.15 -18.17 79.76
CA ASN X 759 -16.76 -18.20 80.17
C ASN X 759 -15.96 -17.19 79.37
N GLU X 760 -15.14 -16.40 80.08
CA GLU X 760 -14.43 -15.28 79.46
C GLU X 760 -13.44 -15.76 78.41
N LEU X 761 -12.71 -16.85 78.67
CA LEU X 761 -11.68 -17.29 77.74
C LEU X 761 -12.29 -17.91 76.49
N THR X 762 -13.35 -18.70 76.66
CA THR X 762 -14.05 -19.24 75.49
C THR X 762 -14.66 -18.12 74.67
N ASN X 763 -15.24 -17.12 75.33
CA ASN X 763 -15.77 -15.97 74.61
C ASN X 763 -14.67 -15.23 73.85
N TRP X 764 -13.51 -15.07 74.47
CA TRP X 764 -12.40 -14.40 73.81
C TRP X 764 -11.96 -15.16 72.57
N ARG X 765 -11.80 -16.48 72.69
CA ARG X 765 -11.40 -17.28 71.54
C ARG X 765 -12.43 -17.22 70.42
N ALA X 766 -13.72 -17.33 70.78
CA ALA X 766 -14.77 -17.27 69.77
C ALA X 766 -14.79 -15.93 69.05
N ARG X 767 -14.64 -14.83 69.80
CA ARG X 767 -14.67 -13.52 69.18
C ARG X 767 -13.45 -13.27 68.31
N VAL X 768 -12.28 -13.76 68.74
CA VAL X 768 -11.09 -13.64 67.90
C VAL X 768 -11.27 -14.39 66.59
N CYS X 769 -11.79 -15.62 66.67
CA CYS X 769 -12.01 -16.40 65.45
C CYS X 769 -13.04 -15.73 64.55
N GLU X 770 -14.11 -15.18 65.14
CA GLU X 770 -15.14 -14.51 64.35
C GLU X 770 -14.58 -13.28 63.64
N LEU X 771 -13.80 -12.48 64.35
CA LEU X 771 -13.22 -11.30 63.70
C LEU X 771 -12.24 -11.70 62.61
N MET X 772 -11.47 -12.77 62.84
CA MET X 772 -10.54 -13.22 61.81
C MET X 772 -11.29 -13.69 60.55
N LYS X 773 -12.38 -14.43 60.73
CA LYS X 773 -13.11 -14.88 59.54
C LYS X 773 -13.79 -13.71 58.84
N ASN X 774 -14.26 -12.71 59.60
CA ASN X 774 -14.77 -11.50 58.97
C ASN X 774 -13.69 -10.79 58.18
N LEU X 775 -12.45 -10.80 58.70
CA LEU X 775 -11.33 -10.23 57.96
C LEU X 775 -11.07 -10.98 56.67
N VAL X 776 -11.16 -12.31 56.70
CA VAL X 776 -10.82 -13.13 55.54
C VAL X 776 -11.91 -13.17 54.48
N ASP X 777 -13.19 -12.98 54.86
CA ASP X 777 -14.30 -13.17 53.93
C ASP X 777 -14.11 -12.41 52.62
N ASN X 778 -14.03 -11.07 52.70
CA ASN X 778 -14.16 -10.24 51.50
C ASN X 778 -12.97 -10.38 50.55
N GLN X 779 -11.83 -10.89 51.02
CA GLN X 779 -10.58 -10.91 50.27
C GLN X 779 -10.14 -9.51 49.85
N ARG X 780 -10.69 -8.46 50.49
CA ARG X 780 -10.23 -7.11 50.23
C ARG X 780 -8.83 -6.88 50.77
N TYR X 781 -8.36 -7.72 51.68
CA TYR X 781 -7.07 -7.57 52.31
C TYR X 781 -6.05 -8.60 51.85
N GLN X 782 -6.42 -9.51 50.96
CA GLN X 782 -5.53 -10.57 50.49
C GLN X 782 -5.52 -10.63 48.97
N PRO X 783 -4.92 -9.63 48.32
CA PRO X 783 -4.67 -9.75 46.88
C PRO X 783 -3.48 -10.66 46.62
N GLY X 784 -3.49 -11.28 45.44
CA GLY X 784 -2.46 -12.21 45.05
C GLY X 784 -2.81 -13.67 45.28
N TRP X 785 -3.80 -13.95 46.13
CA TRP X 785 -4.29 -15.31 46.29
C TRP X 785 -5.10 -15.72 45.07
N THR X 786 -4.45 -16.38 44.11
CA THR X 786 -5.16 -16.80 42.91
C THR X 786 -6.28 -17.78 43.24
N GLN X 787 -6.01 -18.73 44.13
CA GLN X 787 -7.04 -19.65 44.59
C GLN X 787 -7.88 -18.99 45.68
N SER X 788 -9.18 -19.32 45.69
CA SER X 788 -10.08 -18.78 46.70
C SER X 788 -9.93 -19.61 47.96
N LEU X 789 -9.21 -19.06 48.94
CA LEU X 789 -8.94 -19.75 50.19
C LEU X 789 -9.97 -19.44 51.27
N VAL X 790 -11.03 -18.70 50.94
CA VAL X 790 -12.00 -18.28 51.95
C VAL X 790 -12.70 -19.48 52.57
N SER X 791 -13.03 -20.48 51.75
CA SER X 791 -13.76 -21.65 52.27
C SER X 791 -12.92 -22.42 53.27
N SER X 792 -11.67 -22.74 52.91
CA SER X 792 -10.79 -23.47 53.82
C SER X 792 -10.49 -22.65 55.06
N MET X 793 -10.24 -21.35 54.89
CA MET X 793 -9.95 -20.49 56.04
C MET X 793 -11.12 -20.48 57.01
N ARG X 794 -12.34 -20.28 56.51
CA ARG X 794 -13.51 -20.26 57.39
C ARG X 794 -13.72 -21.62 58.04
N GLY X 795 -13.51 -22.71 57.29
CA GLY X 795 -13.69 -24.03 57.87
C GLY X 795 -12.74 -24.29 59.02
N THR X 796 -11.45 -24.01 58.83
CA THR X 796 -10.51 -24.26 59.91
C THR X 796 -10.70 -23.28 61.06
N LEU X 797 -11.12 -22.05 60.76
CA LEU X 797 -11.40 -21.10 61.84
C LEU X 797 -12.58 -21.56 62.68
N GLY X 798 -13.60 -22.13 62.05
CA GLY X 798 -14.71 -22.70 62.81
C GLY X 798 -14.28 -23.90 63.63
N LYS X 799 -13.47 -24.78 63.03
CA LYS X 799 -12.99 -25.96 63.75
C LYS X 799 -12.05 -25.58 64.91
N LEU X 800 -11.43 -24.40 64.86
CA LEU X 800 -10.67 -23.92 66.01
C LEU X 800 -11.52 -23.18 67.01
N LYS X 801 -12.55 -22.46 66.55
CA LYS X 801 -13.47 -21.78 67.45
C LYS X 801 -14.22 -22.77 68.33
N LEU X 802 -14.64 -23.90 67.75
CA LEU X 802 -15.31 -24.94 68.54
C LEU X 802 -14.40 -26.15 68.59
N ILE X 803 -14.05 -26.58 69.81
CA ILE X 803 -13.12 -27.68 70.03
C ILE X 803 -13.23 -28.13 71.48
N LYS X 804 -13.05 -29.43 71.72
CA LYS X 804 -13.12 -29.99 73.07
C LYS X 804 -11.83 -29.63 73.82
N SER X 805 -11.86 -28.47 74.47
CA SER X 805 -10.75 -28.01 75.29
C SER X 805 -11.30 -27.66 76.67
N MET X 806 -10.76 -28.31 77.71
CA MET X 806 -11.16 -28.03 79.07
C MET X 806 -10.20 -27.07 79.78
N THR X 807 -9.22 -26.54 79.07
CA THR X 807 -8.30 -25.58 79.68
C THR X 807 -8.98 -24.29 80.14
N PRO X 808 -9.88 -23.67 79.37
CA PRO X 808 -10.57 -22.48 79.91
C PRO X 808 -11.37 -22.78 81.18
N MET X 809 -12.09 -23.90 81.21
CA MET X 809 -12.84 -24.26 82.42
C MET X 809 -11.90 -24.53 83.58
N TYR X 810 -10.77 -25.19 83.33
CA TYR X 810 -9.79 -25.43 84.37
C TYR X 810 -9.27 -24.12 84.94
N LEU X 811 -8.84 -23.20 84.08
CA LEU X 811 -8.35 -21.91 84.53
C LEU X 811 -9.42 -21.12 85.26
N GLN X 812 -10.68 -21.29 84.87
CA GLN X 812 -11.76 -20.55 85.51
C GLN X 812 -12.05 -21.09 86.91
N GLN X 813 -12.02 -22.42 87.08
CA GLN X 813 -12.52 -23.04 88.31
C GLN X 813 -11.42 -23.56 89.21
N LEU X 814 -10.56 -24.45 88.70
CA LEU X 814 -9.67 -25.22 89.56
C LEU X 814 -8.33 -24.54 89.83
N ALA X 815 -7.78 -23.82 88.85
CA ALA X 815 -6.48 -23.18 89.04
C ALA X 815 -6.46 -22.20 90.21
N PRO X 816 -7.45 -21.31 90.41
CA PRO X 816 -7.42 -20.47 91.60
C PRO X 816 -7.40 -21.26 92.90
N VAL X 817 -8.12 -22.38 92.96
CA VAL X 817 -8.13 -23.19 94.17
C VAL X 817 -6.73 -23.73 94.46
N GLU X 818 -6.06 -24.27 93.44
CA GLU X 818 -4.71 -24.78 93.63
C GLU X 818 -3.74 -23.69 94.03
N LEU X 819 -3.85 -22.51 93.39
CA LEU X 819 -2.97 -21.41 93.74
C LEU X 819 -3.19 -20.97 95.19
N ALA X 820 -4.44 -20.89 95.62
CA ALA X 820 -4.72 -20.51 97.00
C ALA X 820 -4.25 -21.59 97.98
N VAL X 821 -4.33 -22.86 97.59
CA VAL X 821 -3.86 -23.94 98.45
C VAL X 821 -2.35 -23.84 98.64
N ILE X 822 -1.61 -23.59 97.55
CA ILE X 822 -0.14 -23.58 97.64
C ILE X 822 0.44 -22.25 98.07
N ALA X 823 -0.35 -21.17 98.07
CA ALA X 823 0.20 -19.85 98.38
C ALA X 823 0.77 -19.74 99.80
N PRO X 824 0.06 -20.11 100.87
CA PRO X 824 0.61 -19.89 102.22
C PRO X 824 1.75 -20.81 102.59
N MET X 825 2.02 -21.85 101.80
CA MET X 825 3.02 -22.84 102.15
C MET X 825 4.36 -22.60 101.45
N LEU X 826 4.46 -21.57 100.62
CA LEU X 826 5.69 -21.30 99.89
C LEU X 826 6.73 -20.65 100.80
N PRO X 827 8.02 -20.94 100.56
CA PRO X 827 9.06 -20.22 101.32
C PRO X 827 9.07 -18.73 101.07
N PHE X 828 8.69 -18.30 99.86
CA PHE X 828 8.62 -16.88 99.52
C PHE X 828 7.15 -16.50 99.36
N PRO X 829 6.56 -15.80 100.34
CA PRO X 829 5.12 -15.53 100.27
C PRO X 829 4.80 -14.66 99.08
N PRO X 830 3.59 -14.77 98.53
CA PRO X 830 3.24 -13.98 97.34
C PRO X 830 3.31 -12.49 97.61
N PHE X 831 3.83 -11.76 96.62
CA PHE X 831 3.96 -10.31 96.67
C PHE X 831 3.27 -9.75 95.44
N GLN X 832 2.14 -9.08 95.63
CA GLN X 832 1.28 -8.72 94.51
C GLN X 832 1.03 -7.21 94.47
N VAL X 833 0.65 -6.76 93.28
CA VAL X 833 0.38 -5.35 92.99
C VAL X 833 -0.99 -5.30 92.31
N PRO X 834 -1.81 -4.28 92.56
CA PRO X 834 -3.18 -4.30 92.03
C PRO X 834 -3.24 -4.44 90.51
N TYR X 835 -4.22 -5.22 90.05
CA TYR X 835 -4.45 -5.43 88.63
C TYR X 835 -5.43 -4.40 88.09
N VAL X 836 -5.14 -3.91 86.88
CA VAL X 836 -6.04 -3.00 86.18
C VAL X 836 -6.08 -3.39 84.71
N ARG X 837 -7.21 -3.09 84.07
CA ARG X 837 -7.38 -3.35 82.65
C ARG X 837 -7.99 -2.12 81.98
N LEU X 838 -7.38 -1.69 80.87
CA LEU X 838 -7.91 -0.59 80.05
C LEU X 838 -8.07 0.69 80.86
N ASP X 839 -7.24 0.88 81.89
CA ASP X 839 -7.29 2.07 82.74
C ASP X 839 -5.85 2.48 83.03
N ARG X 840 -5.30 3.36 82.20
CA ARG X 840 -3.92 3.81 82.35
C ARG X 840 -3.81 5.02 83.28
N ASP X 841 -4.43 4.90 84.45
CA ASP X 841 -4.27 5.90 85.50
C ASP X 841 -3.86 5.22 86.79
N ARG X 842 -4.25 3.96 86.95
CA ARG X 842 -3.90 3.15 88.10
C ARG X 842 -2.84 2.11 87.78
N VAL X 843 -2.24 2.16 86.59
CA VAL X 843 -1.24 1.18 86.19
C VAL X 843 0.05 1.43 86.96
N PRO X 844 0.56 0.44 87.70
CA PRO X 844 1.83 0.64 88.41
C PRO X 844 2.99 0.79 87.45
N THR X 845 3.99 1.54 87.87
CA THR X 845 5.19 1.77 87.07
C THR X 845 6.48 1.45 87.80
N MET X 846 6.57 1.75 89.09
CA MET X 846 7.80 1.56 89.85
C MET X 846 7.48 0.97 91.21
N VAL X 847 8.44 0.25 91.76
CA VAL X 847 8.39 -0.27 93.13
C VAL X 847 9.72 0.02 93.80
N GLY X 848 9.69 0.70 94.95
CA GLY X 848 10.89 1.12 95.63
C GLY X 848 10.84 0.79 97.10
N VAL X 849 12.03 0.84 97.72
CA VAL X 849 12.20 0.60 99.15
C VAL X 849 12.98 1.76 99.74
N THR X 850 12.48 2.31 100.85
CA THR X 850 13.10 3.44 101.52
C THR X 850 13.58 3.02 102.90
N ARG X 851 14.73 3.54 103.32
CA ARG X 851 15.31 3.24 104.62
C ARG X 851 15.38 4.47 105.52
N GLN X 852 14.61 5.50 105.24
CA GLN X 852 14.64 6.74 106.01
C GLN X 852 13.23 7.08 106.48
N SER X 853 13.16 7.76 107.62
CA SER X 853 11.87 8.10 108.22
C SER X 853 11.20 9.22 107.44
N ARG X 854 9.96 9.52 107.83
CA ARG X 854 9.18 10.55 107.13
C ARG X 854 9.71 11.94 107.43
N ASP X 855 9.99 12.23 108.71
CA ASP X 855 10.38 13.58 109.11
C ASP X 855 11.88 13.85 108.96
N THR X 856 12.41 13.50 107.79
CA THR X 856 13.79 13.79 107.45
C THR X 856 13.84 14.23 105.99
N ILE X 857 14.78 15.13 105.69
CA ILE X 857 15.12 15.49 104.31
C ILE X 857 16.53 14.97 104.11
N THR X 858 16.65 13.79 103.53
CA THR X 858 17.93 13.12 103.38
C THR X 858 18.27 13.00 101.89
N GLN X 859 19.46 12.50 101.64
CA GLN X 859 19.98 12.48 100.28
C GLN X 859 19.33 11.33 99.53
N PRO X 860 18.74 11.57 98.35
CA PRO X 860 17.86 10.56 97.74
C PRO X 860 18.59 9.34 97.20
N ALA X 861 18.38 8.20 97.84
CA ALA X 861 19.03 6.95 97.45
C ALA X 861 17.94 5.94 97.08
N LEU X 862 17.59 5.93 95.79
CA LEU X 862 16.59 4.98 95.31
C LEU X 862 17.14 3.57 95.33
N SER X 863 16.26 2.60 95.58
CA SER X 863 16.66 1.21 95.63
C SER X 863 16.98 0.70 94.22
N LEU X 864 17.49 -0.53 94.15
CA LEU X 864 17.86 -1.10 92.87
C LEU X 864 16.65 -1.54 92.05
N SER X 865 15.55 -1.89 92.73
CA SER X 865 14.39 -2.44 92.03
C SER X 865 13.65 -1.40 91.21
N THR X 866 13.93 -0.11 91.42
CA THR X 866 13.26 0.94 90.66
C THR X 866 13.86 1.16 89.28
N THR X 867 14.95 0.48 88.95
CA THR X 867 15.62 0.66 87.66
C THR X 867 15.11 -0.38 86.66
N ASN X 868 13.82 -0.30 86.37
CA ASN X 868 13.20 -1.23 85.45
C ASN X 868 12.19 -0.50 84.57
N THR X 869 12.21 -0.83 83.27
CA THR X 869 11.21 -0.27 82.37
C THR X 869 9.81 -0.71 82.78
N THR X 870 9.65 -1.98 83.14
CA THR X 870 8.39 -2.51 83.64
C THR X 870 8.34 -2.31 85.16
N VAL X 871 7.35 -2.91 85.80
CA VAL X 871 7.24 -2.81 87.24
C VAL X 871 8.24 -3.74 87.93
N GLY X 872 8.62 -4.83 87.28
CA GLY X 872 9.57 -5.77 87.86
C GLY X 872 10.55 -6.32 86.84
N VAL X 873 11.22 -7.41 87.19
CA VAL X 873 12.18 -8.04 86.28
C VAL X 873 11.43 -8.60 85.08
N PRO X 874 11.84 -8.29 83.85
CA PRO X 874 11.16 -8.87 82.69
C PRO X 874 11.37 -10.37 82.61
N LEU X 875 10.41 -11.05 82.01
CA LEU X 875 10.45 -12.51 81.89
C LEU X 875 9.75 -12.88 80.59
N ALA X 876 10.53 -13.27 79.58
CA ALA X 876 9.97 -13.62 78.28
C ALA X 876 9.26 -14.97 78.33
N LEU X 877 8.19 -15.09 77.55
CA LEU X 877 7.43 -16.32 77.45
C LEU X 877 7.12 -16.60 75.99
N ASP X 878 7.15 -17.88 75.61
CA ASP X 878 6.81 -18.28 74.26
C ASP X 878 5.30 -18.37 74.12
N ALA X 879 4.75 -17.68 73.12
CA ALA X 879 3.30 -17.64 72.96
C ALA X 879 2.75 -18.94 72.39
N ARG X 880 3.55 -19.67 71.61
CA ARG X 880 3.06 -20.89 70.97
C ARG X 880 2.71 -21.95 71.99
N ALA X 881 3.55 -22.14 73.01
CA ALA X 881 3.26 -23.13 74.05
C ALA X 881 2.01 -22.76 74.82
N ILE X 882 1.86 -21.49 75.17
CA ILE X 882 0.67 -21.03 75.88
C ILE X 882 -0.57 -21.29 75.04
N THR X 883 -0.50 -20.96 73.74
CA THR X 883 -1.66 -21.13 72.86
C THR X 883 -2.04 -22.61 72.75
N VAL X 884 -1.07 -23.48 72.54
CA VAL X 884 -1.39 -24.89 72.35
C VAL X 884 -1.90 -25.50 73.66
N ALA X 885 -1.33 -25.09 74.79
CA ALA X 885 -1.83 -25.58 76.07
C ALA X 885 -3.26 -25.12 76.33
N LEU X 886 -3.57 -23.87 76.01
CA LEU X 886 -4.93 -23.37 76.19
C LEU X 886 -5.89 -24.02 75.20
N LEU X 887 -5.39 -24.45 74.05
CA LEU X 887 -6.25 -24.98 73.00
C LEU X 887 -6.50 -26.48 73.11
N SER X 888 -5.60 -27.22 73.75
CA SER X 888 -5.75 -28.69 73.84
C SER X 888 -5.45 -29.13 75.26
N GLY X 889 -6.51 -29.30 76.06
CA GLY X 889 -6.38 -29.83 77.41
C GLY X 889 -7.57 -30.67 77.81
N LYS X 890 -7.34 -31.81 78.44
CA LYS X 890 -8.42 -32.74 78.77
C LYS X 890 -8.24 -33.29 80.18
N TYR X 891 -9.38 -33.64 80.79
CA TYR X 891 -9.46 -34.25 82.12
C TYR X 891 -9.47 -35.76 82.02
N PRO X 892 -9.04 -36.45 83.10
CA PRO X 892 -9.22 -37.90 83.13
C PRO X 892 -10.68 -38.26 83.12
N PRO X 893 -11.04 -39.40 82.51
CA PRO X 893 -12.45 -39.77 82.36
C PRO X 893 -13.13 -40.28 83.62
N ASP X 894 -12.48 -40.24 84.78
CA ASP X 894 -13.11 -40.67 86.02
C ASP X 894 -12.73 -39.75 87.19
N LEU X 895 -12.52 -38.47 86.90
CA LEU X 895 -12.03 -37.54 87.91
C LEU X 895 -13.08 -37.31 89.00
N VAL X 896 -12.61 -37.29 90.25
CA VAL X 896 -13.40 -36.83 91.39
C VAL X 896 -12.56 -35.78 92.10
N THR X 897 -13.08 -34.55 92.16
CA THR X 897 -12.29 -33.44 92.69
C THR X 897 -11.96 -33.65 94.17
N ASN X 898 -12.92 -34.11 94.96
CA ASN X 898 -12.68 -34.30 96.38
C ASN X 898 -11.57 -35.31 96.63
N VAL X 899 -11.66 -36.47 95.97
CA VAL X 899 -10.65 -37.51 96.16
C VAL X 899 -9.29 -37.03 95.66
N TRP X 900 -9.27 -36.41 94.48
CA TRP X 900 -8.00 -35.98 93.90
C TRP X 900 -7.30 -34.97 94.80
N TYR X 901 -8.03 -33.94 95.25
CA TYR X 901 -7.39 -32.91 96.05
C TYR X 901 -7.08 -33.38 97.46
N ALA X 902 -7.90 -34.27 98.03
CA ALA X 902 -7.57 -34.85 99.32
C ALA X 902 -6.30 -35.69 99.23
N ASP X 903 -6.10 -36.38 98.12
CA ASP X 903 -4.89 -37.17 97.91
C ASP X 903 -3.68 -36.31 97.59
N ALA X 904 -3.89 -35.14 96.99
CA ALA X 904 -2.76 -34.28 96.60
C ALA X 904 -2.31 -33.33 97.71
N ILE X 905 -3.23 -32.86 98.55
CA ILE X 905 -2.89 -31.88 99.57
C ILE X 905 -2.06 -32.51 100.68
N TYR X 906 -2.41 -33.75 101.07
CA TYR X 906 -1.78 -34.37 102.23
C TYR X 906 -0.26 -34.46 102.14
N PRO X 907 0.34 -35.01 101.07
CA PRO X 907 1.82 -35.04 101.02
C PRO X 907 2.45 -33.66 101.06
N MET X 908 1.79 -32.66 100.49
CA MET X 908 2.27 -31.29 100.53
C MET X 908 2.22 -30.69 101.93
N TYR X 909 1.09 -30.86 102.62
CA TYR X 909 0.96 -30.34 103.98
C TYR X 909 1.81 -31.13 104.97
N ALA X 910 2.25 -32.33 104.59
CA ALA X 910 3.18 -33.09 105.43
C ALA X 910 4.62 -32.59 105.31
N ASP X 911 4.89 -31.66 104.41
CA ASP X 911 6.24 -31.14 104.19
C ASP X 911 6.35 -29.64 104.42
N THR X 912 5.44 -29.06 105.19
CA THR X 912 5.41 -27.61 105.37
C THR X 912 6.59 -27.13 106.20
N GLU X 913 6.92 -25.85 106.02
CA GLU X 913 7.98 -25.18 106.78
C GLU X 913 7.52 -23.81 107.28
N VAL X 914 6.20 -23.63 107.41
CA VAL X 914 5.66 -22.32 107.72
C VAL X 914 6.07 -21.89 109.13
N PHE X 915 6.08 -22.82 110.08
CA PHE X 915 6.45 -22.47 111.45
C PHE X 915 7.91 -22.03 111.54
N SER X 916 8.80 -22.76 110.86
CA SER X 916 10.19 -22.35 110.81
C SER X 916 10.34 -21.00 110.12
N ASN X 917 9.54 -20.75 109.09
CA ASN X 917 9.56 -19.44 108.44
C ASN X 917 9.11 -18.34 109.39
N LEU X 918 8.11 -18.62 110.22
CA LEU X 918 7.65 -17.64 111.20
C LEU X 918 8.74 -17.31 112.21
N GLN X 919 9.42 -18.33 112.71
CA GLN X 919 10.52 -18.10 113.64
C GLN X 919 11.64 -17.31 112.97
N ARG X 920 11.96 -17.64 111.72
CA ARG X 920 12.96 -16.90 110.99
C ARG X 920 12.54 -15.44 110.82
N ASP X 921 11.25 -15.20 110.59
CA ASP X 921 10.76 -13.84 110.39
C ASP X 921 10.87 -13.01 111.67
N VAL X 922 10.49 -13.60 112.81
CA VAL X 922 10.59 -12.84 114.05
C VAL X 922 12.06 -12.58 114.38
N ILE X 923 12.94 -13.53 114.08
CA ILE X 923 14.37 -13.30 114.28
C ILE X 923 14.85 -12.16 113.39
N THR X 924 14.39 -12.12 112.14
CA THR X 924 14.78 -11.06 111.23
C THR X 924 14.33 -9.69 111.72
N CYS X 925 13.09 -9.59 112.21
CA CYS X 925 12.62 -8.31 112.73
C CYS X 925 13.41 -7.89 113.97
N GLU X 926 13.70 -8.85 114.86
CA GLU X 926 14.56 -8.56 116.00
C GLU X 926 15.91 -8.02 115.55
N ALA X 927 16.50 -8.63 114.53
CA ALA X 927 17.79 -8.19 114.03
C ALA X 927 17.72 -6.79 113.44
N VAL X 928 16.64 -6.48 112.72
CA VAL X 928 16.49 -5.15 112.14
C VAL X 928 16.41 -4.10 113.24
N GLN X 929 15.61 -4.36 114.28
CA GLN X 929 15.51 -3.39 115.38
C GLN X 929 16.86 -3.22 116.08
N THR X 930 17.55 -4.33 116.36
CA THR X 930 18.85 -4.21 117.02
C THR X 930 19.84 -3.44 116.15
N LEU X 931 19.83 -3.69 114.83
CA LEU X 931 20.73 -3.00 113.93
C LEU X 931 20.45 -1.50 113.92
N VAL X 932 19.19 -1.11 113.80
CA VAL X 932 18.88 0.32 113.71
C VAL X 932 19.26 1.01 115.02
N THR X 933 18.99 0.38 116.17
CA THR X 933 19.37 0.97 117.44
C THR X 933 20.89 1.14 117.55
N LEU X 934 21.64 0.08 117.23
CA LEU X 934 23.09 0.14 117.37
C LEU X 934 23.72 1.16 116.43
N VAL X 935 23.25 1.23 115.18
CA VAL X 935 23.80 2.22 114.25
C VAL X 935 23.45 3.63 114.68
N ALA X 936 22.21 3.84 115.15
CA ALA X 936 21.84 5.17 115.63
C ALA X 936 22.66 5.59 116.84
N GLN X 937 23.12 4.61 117.64
CA GLN X 937 23.91 4.94 118.82
C GLN X 937 25.24 5.60 118.45
N ILE X 938 25.92 5.10 117.42
CA ILE X 938 27.26 5.59 117.09
C ILE X 938 27.27 6.62 115.96
N SER X 939 26.30 6.59 115.05
CA SER X 939 26.27 7.51 113.94
C SER X 939 25.24 8.60 114.19
N GLU X 940 25.47 9.77 113.61
CA GLU X 940 24.57 10.90 113.81
C GLU X 940 23.31 10.71 112.98
N THR X 941 22.22 10.33 113.65
CA THR X 941 20.93 10.15 113.01
C THR X 941 19.87 10.76 113.92
N GLN X 942 18.63 10.81 113.41
CA GLN X 942 17.53 11.42 114.14
C GLN X 942 16.59 10.39 114.77
N TYR X 943 17.01 9.14 114.87
CA TYR X 943 16.19 8.14 115.55
C TYR X 943 16.14 8.44 117.04
N PRO X 944 14.95 8.57 117.62
CA PRO X 944 14.88 8.86 119.07
C PRO X 944 15.26 7.65 119.92
N VAL X 945 16.46 7.69 120.49
CA VAL X 945 16.89 6.67 121.44
C VAL X 945 17.52 7.37 122.64
N ASP X 946 17.45 6.73 123.80
CA ASP X 946 18.08 7.27 124.99
C ASP X 946 19.53 6.82 125.05
N ARG X 947 20.45 7.78 124.96
CA ARG X 947 21.88 7.52 124.82
C ARG X 947 22.50 7.40 126.21
N TYR X 948 22.64 6.16 126.68
CA TYR X 948 23.24 5.93 127.99
C TYR X 948 24.72 6.21 127.98
N LEU X 949 25.44 5.72 126.98
CA LEU X 949 26.90 5.81 126.93
C LEU X 949 27.30 6.77 125.82
N ASP X 950 27.78 7.95 126.21
CA ASP X 950 28.40 8.90 125.29
C ASP X 950 29.75 9.40 125.80
N TRP X 951 30.10 9.13 127.06
CA TRP X 951 31.38 9.56 127.59
C TRP X 951 32.56 8.82 126.95
N ILE X 952 32.32 7.65 126.38
CA ILE X 952 33.37 6.91 125.69
C ILE X 952 33.70 7.65 124.40
N PRO X 953 34.96 8.02 124.18
CA PRO X 953 35.29 8.77 122.96
C PRO X 953 35.10 7.93 121.71
N SER X 954 34.70 8.60 120.63
CA SER X 954 34.46 7.95 119.35
C SER X 954 34.45 9.00 118.26
N LEU X 955 34.05 8.60 117.06
CA LEU X 955 33.94 9.49 115.92
C LEU X 955 32.63 9.22 115.20
N ARG X 956 32.12 10.25 114.52
CA ARG X 956 30.89 10.11 113.75
C ARG X 956 31.17 9.21 112.55
N ALA X 957 30.67 7.97 112.62
CA ALA X 957 31.02 6.95 111.64
C ALA X 957 30.47 7.31 110.26
N SER X 958 31.29 7.05 109.23
CA SER X 958 30.87 7.24 107.85
C SER X 958 30.09 6.02 107.38
N ALA X 959 29.76 6.01 106.08
CA ALA X 959 29.00 4.90 105.52
C ALA X 959 29.75 3.59 105.61
N ALA X 960 31.06 3.61 105.32
CA ALA X 960 31.85 2.39 105.38
C ALA X 960 31.97 1.86 106.81
N THR X 961 32.20 2.76 107.77
CA THR X 961 32.29 2.34 109.16
C THR X 961 30.96 1.77 109.65
N ALA X 962 29.86 2.43 109.31
CA ALA X 962 28.54 1.89 109.66
C ALA X 962 28.30 0.55 109.00
N ALA X 963 28.74 0.39 107.75
CA ALA X 963 28.54 -0.87 107.04
C ALA X 963 29.31 -2.01 107.70
N THR X 964 30.56 -1.75 108.10
CA THR X 964 31.33 -2.82 108.72
C THR X 964 30.83 -3.13 110.13
N PHE X 965 30.38 -2.12 110.87
CA PHE X 965 29.77 -2.39 112.17
C PHE X 965 28.49 -3.20 112.01
N ALA X 966 27.70 -2.87 110.99
CA ALA X 966 26.50 -3.65 110.70
C ALA X 966 26.84 -5.07 110.28
N GLU X 967 27.90 -5.25 109.49
CA GLU X 967 28.33 -6.59 109.12
C GLU X 967 28.69 -7.39 110.36
N TRP X 968 29.42 -6.78 111.29
CA TRP X 968 29.80 -7.49 112.51
C TRP X 968 28.61 -7.84 113.38
N VAL X 969 27.66 -6.92 113.54
CA VAL X 969 26.49 -7.25 114.36
C VAL X 969 25.65 -8.33 113.67
N ASN X 970 25.56 -8.29 112.34
CA ASN X 970 24.83 -9.31 111.60
C ASN X 970 25.46 -10.68 111.80
N THR X 971 26.78 -10.77 111.64
CA THR X 971 27.42 -12.08 111.79
C THR X 971 27.40 -12.55 113.23
N SER X 972 27.42 -11.63 114.20
CA SER X 972 27.27 -12.02 115.60
C SER X 972 25.90 -12.63 115.86
N MET X 973 24.84 -11.99 115.35
CA MET X 973 23.50 -12.55 115.51
C MET X 973 23.36 -13.90 114.81
N LYS X 974 23.92 -14.00 113.60
CA LYS X 974 23.84 -15.26 112.87
C LYS X 974 24.58 -16.37 113.60
N THR X 975 25.75 -16.07 114.16
CA THR X 975 26.48 -17.06 114.95
C THR X 975 25.69 -17.45 116.20
N ALA X 976 25.07 -16.46 116.87
CA ALA X 976 24.34 -16.75 118.09
C ALA X 976 23.14 -17.64 117.83
N PHE X 977 22.40 -17.39 116.74
CA PHE X 977 21.16 -18.11 116.48
C PHE X 977 21.33 -19.28 115.51
N ASP X 978 22.55 -19.52 115.02
CA ASP X 978 22.87 -20.68 114.18
C ASP X 978 22.01 -20.69 112.91
N LEU X 979 22.20 -19.64 112.11
CA LEU X 979 21.54 -19.52 110.81
C LEU X 979 22.60 -19.38 109.73
N SER X 980 22.52 -20.25 108.71
CA SER X 980 23.50 -20.20 107.63
C SER X 980 23.05 -19.30 106.49
N ASP X 981 21.74 -19.19 106.27
CA ASP X 981 21.21 -18.43 105.16
C ASP X 981 21.28 -16.93 105.44
N MET X 982 20.70 -16.15 104.53
CA MET X 982 20.81 -14.71 104.59
C MET X 982 20.06 -14.14 105.79
N LEU X 983 20.56 -13.02 106.31
CA LEU X 983 19.89 -12.28 107.38
C LEU X 983 20.42 -10.86 107.36
N LEU X 984 19.56 -9.91 106.99
CA LEU X 984 19.88 -8.48 107.10
C LEU X 984 20.98 -8.07 106.12
N GLU X 985 21.51 -9.02 105.34
CA GLU X 985 22.51 -8.68 104.35
C GLU X 985 22.05 -7.65 103.31
N PRO X 986 20.82 -7.71 102.77
CA PRO X 986 20.44 -6.67 101.80
C PRO X 986 20.52 -5.26 102.34
N LEU X 987 20.33 -5.07 103.65
CA LEU X 987 20.46 -3.74 104.23
C LEU X 987 21.92 -3.28 104.26
N LEU X 988 22.87 -4.21 104.13
CA LEU X 988 24.27 -3.83 104.14
C LEU X 988 24.64 -3.03 102.90
N SER X 989 23.99 -3.33 101.77
CA SER X 989 24.29 -2.62 100.53
C SER X 989 23.79 -1.19 100.60
N GLY X 990 24.64 -0.26 100.23
CA GLY X 990 24.27 1.16 100.24
C GLY X 990 24.66 1.82 101.55
N ASP X 991 23.74 2.61 102.10
CA ASP X 991 23.98 3.31 103.36
C ASP X 991 23.22 2.63 104.49
N PRO X 992 23.90 1.93 105.39
CA PRO X 992 23.19 1.21 106.47
C PRO X 992 22.70 2.10 107.60
N ARG X 993 22.90 3.41 107.53
CA ARG X 993 22.41 4.34 108.55
C ARG X 993 20.92 4.56 108.32
N MET X 994 20.15 3.51 108.57
CA MET X 994 18.73 3.47 108.30
C MET X 994 17.93 3.80 109.55
N THR X 995 16.67 4.17 109.34
CA THR X 995 15.75 4.47 110.43
C THR X 995 14.53 3.55 110.42
N GLN X 996 13.89 3.38 109.27
CA GLN X 996 12.66 2.60 109.17
C GLN X 996 12.56 1.98 107.79
N LEU X 997 11.97 0.79 107.71
CA LEU X 997 11.79 0.09 106.45
C LEU X 997 10.37 0.31 105.94
N ALA X 998 10.26 0.70 104.66
CA ALA X 998 8.97 0.87 104.02
C ALA X 998 9.11 0.62 102.53
N ILE X 999 8.00 0.30 101.89
CA ILE X 999 7.96 0.02 100.47
C ILE X 999 6.74 0.73 99.86
N GLN X 1000 6.94 1.35 98.71
CA GLN X 1000 5.89 2.09 98.05
C GLN X 1000 5.97 1.86 96.55
N TYR X 1001 4.83 1.94 95.88
CA TYR X 1001 4.76 1.78 94.43
C TYR X 1001 3.99 2.94 93.82
N GLN X 1002 4.46 3.41 92.67
CA GLN X 1002 3.89 4.58 92.01
C GLN X 1002 3.09 4.13 90.79
N GLN X 1003 1.85 4.59 90.69
CA GLN X 1003 1.04 4.35 89.51
C GLN X 1003 1.32 5.43 88.47
N TYR X 1004 0.56 5.43 87.37
CA TYR X 1004 0.91 6.27 86.23
C TYR X 1004 0.67 7.75 86.53
N ASN X 1005 -0.49 8.09 87.09
CA ASN X 1005 -0.85 9.50 87.25
C ASN X 1005 -0.02 10.20 88.32
N GLY X 1006 0.69 9.46 89.15
CA GLY X 1006 1.57 10.05 90.15
C GLY X 1006 1.17 9.82 91.59
N ARG X 1007 0.01 9.22 91.87
CA ARG X 1007 -0.39 8.94 93.25
C ARG X 1007 0.41 7.76 93.77
N THR X 1008 1.25 7.99 94.76
CA THR X 1008 2.10 6.96 95.33
C THR X 1008 1.47 6.41 96.60
N PHE X 1009 1.37 5.08 96.69
CA PHE X 1009 0.84 4.40 97.86
C PHE X 1009 2.00 3.92 98.71
N ASN X 1010 2.14 4.48 99.89
CA ASN X 1010 3.24 4.19 100.80
C ASN X 1010 2.72 3.35 101.97
N VAL X 1011 3.40 2.23 102.23
CA VAL X 1011 3.06 1.35 103.34
C VAL X 1011 4.24 1.36 104.31
N ILE X 1012 4.00 1.82 105.53
CA ILE X 1012 5.01 1.87 106.58
C ILE X 1012 4.57 0.94 107.70
N PRO X 1013 5.10 -0.28 107.75
CA PRO X 1013 4.71 -1.21 108.82
C PRO X 1013 5.32 -0.77 110.15
N GLU X 1014 4.45 -0.47 111.12
CA GLU X 1014 4.92 -0.14 112.45
C GLU X 1014 5.63 -1.34 113.05
N MET X 1015 6.67 -1.06 113.84
CA MET X 1015 7.49 -2.12 114.41
C MET X 1015 7.34 -2.12 115.93
N PRO X 1016 6.90 -3.23 116.52
CA PRO X 1016 6.71 -3.25 117.98
C PRO X 1016 8.04 -3.33 118.71
N GLY X 1017 7.97 -3.09 120.01
CA GLY X 1017 9.14 -3.17 120.87
C GLY X 1017 9.78 -4.54 120.85
N SER X 1018 11.07 -4.60 120.54
CA SER X 1018 11.79 -5.86 120.44
C SER X 1018 12.38 -6.24 121.79
N VAL X 1019 13.19 -7.28 121.82
CA VAL X 1019 13.75 -7.81 123.06
C VAL X 1019 15.26 -7.54 123.14
N ILE X 1020 16.00 -7.85 122.08
CA ILE X 1020 17.44 -7.64 122.12
C ILE X 1020 17.76 -6.16 122.24
N ALA X 1021 16.98 -5.30 121.59
CA ALA X 1021 17.27 -3.86 121.61
C ALA X 1021 17.16 -3.30 123.03
N ASP X 1022 16.03 -3.54 123.70
CA ASP X 1022 15.89 -2.98 125.03
C ASP X 1022 16.70 -3.75 126.08
N CYS X 1023 17.05 -5.02 125.82
CA CYS X 1023 18.00 -5.69 126.70
C CYS X 1023 19.39 -5.06 126.61
N VAL X 1024 19.81 -4.72 125.40
CA VAL X 1024 21.10 -4.05 125.23
C VAL X 1024 21.05 -2.65 125.85
N GLN X 1025 19.93 -1.96 125.70
CA GLN X 1025 19.80 -0.65 126.35
C GLN X 1025 19.87 -0.79 127.87
N LEU X 1026 19.23 -1.82 128.43
CA LEU X 1026 19.29 -2.05 129.87
C LEU X 1026 20.71 -2.38 130.32
N THR X 1027 21.43 -3.21 129.55
CA THR X 1027 22.78 -3.56 129.97
C THR X 1027 23.73 -2.38 129.84
N ALA X 1028 23.48 -1.48 128.88
CA ALA X 1028 24.27 -0.25 128.82
C ALA X 1028 23.95 0.68 129.99
N GLU X 1029 22.66 0.74 130.38
CA GLU X 1029 22.27 1.50 131.56
C GLU X 1029 22.90 0.95 132.82
N VAL X 1030 23.13 -0.37 132.87
CA VAL X 1030 23.86 -0.94 134.00
C VAL X 1030 25.35 -0.67 133.86
N PHE X 1031 25.87 -0.66 132.63
CA PHE X 1031 27.29 -0.45 132.37
C PHE X 1031 27.73 0.94 132.82
N ASN X 1032 26.94 1.96 132.50
CA ASN X 1032 27.37 3.32 132.81
C ASN X 1032 27.51 3.56 134.31
N HIS X 1033 26.85 2.73 135.13
CA HIS X 1033 27.05 2.77 136.58
C HIS X 1033 28.11 1.81 137.05
N GLU X 1034 28.24 0.63 136.40
CA GLU X 1034 29.31 -0.33 136.70
C GLU X 1034 30.10 -0.54 135.42
N TYR X 1035 31.04 0.36 135.16
CA TYR X 1035 32.01 0.21 134.08
C TYR X 1035 33.31 -0.44 134.53
N ASN X 1036 33.60 -0.41 135.83
CA ASN X 1036 34.86 -1.00 136.32
C ASN X 1036 34.87 -2.51 136.17
N LEU X 1037 33.72 -3.16 136.32
CA LEU X 1037 33.68 -4.62 136.25
C LEU X 1037 34.13 -5.12 134.88
N PHE X 1038 33.68 -4.47 133.81
CA PHE X 1038 34.07 -4.87 132.46
C PHE X 1038 35.51 -4.54 132.14
N GLY X 1039 36.20 -3.77 132.98
CA GLY X 1039 37.57 -3.42 132.77
C GLY X 1039 37.82 -2.07 132.14
N ILE X 1040 36.93 -1.10 132.34
CA ILE X 1040 37.07 0.24 131.77
C ILE X 1040 36.96 1.24 132.92
N ALA X 1041 37.89 2.19 132.95
CA ALA X 1041 37.93 3.22 133.99
C ALA X 1041 37.47 4.55 133.41
N ARG X 1042 36.39 5.08 133.94
CA ARG X 1042 35.91 6.40 133.54
C ARG X 1042 36.79 7.49 134.13
N GLY X 1043 36.95 8.58 133.37
CA GLY X 1043 37.71 9.73 133.82
C GLY X 1043 38.95 9.93 132.98
N ASP X 1044 40.03 10.39 133.62
CA ASP X 1044 41.27 10.67 132.93
C ASP X 1044 42.42 10.57 133.91
N ILE X 1045 43.63 10.46 133.36
CA ILE X 1045 44.83 10.18 134.13
C ILE X 1045 45.65 11.45 134.30
N ILE X 1046 46.54 11.41 135.28
CA ILE X 1046 47.49 12.49 135.54
C ILE X 1046 48.89 11.90 135.56
N ILE X 1047 49.80 12.50 134.80
CA ILE X 1047 51.18 12.02 134.69
C ILE X 1047 52.08 12.99 135.45
N GLY X 1048 52.75 12.50 136.47
CA GLY X 1048 53.63 13.34 137.27
C GLY X 1048 54.24 12.57 138.44
N ARG X 1049 55.51 12.87 138.74
CA ARG X 1049 56.22 12.16 139.79
C ARG X 1049 55.62 12.46 141.15
N VAL X 1050 55.38 11.42 141.93
CA VAL X 1050 54.89 11.54 143.31
C VAL X 1050 55.77 10.64 144.17
N GLN X 1051 56.80 11.22 144.78
CA GLN X 1051 57.69 10.49 145.67
C GLN X 1051 57.08 10.49 147.06
N SER X 1052 56.43 9.39 147.43
CA SER X 1052 55.74 9.31 148.70
C SER X 1052 55.97 7.94 149.32
N THR X 1053 55.83 7.89 150.65
CA THR X 1053 55.88 6.65 151.40
C THR X 1053 54.49 6.21 151.88
N HIS X 1054 53.44 6.90 151.46
CA HIS X 1054 52.09 6.58 151.89
C HIS X 1054 51.57 5.37 151.10
N LEU X 1055 50.37 4.92 151.48
CA LEU X 1055 49.81 3.68 150.94
C LEU X 1055 48.44 3.88 150.31
N TRP X 1056 48.15 5.09 149.82
CA TRP X 1056 46.89 5.33 149.15
C TRP X 1056 46.89 4.66 147.79
N SER X 1057 45.73 4.12 147.40
CA SER X 1057 45.62 3.48 146.10
C SER X 1057 45.59 4.52 144.98
N PRO X 1058 46.36 4.31 143.92
CA PRO X 1058 46.32 5.27 142.80
C PRO X 1058 44.96 5.38 142.15
N LEU X 1059 44.16 4.32 142.21
CA LEU X 1059 42.81 4.37 141.64
C LEU X 1059 41.91 5.31 142.43
N ALA X 1060 42.24 5.53 143.71
CA ALA X 1060 41.51 6.45 144.57
C ALA X 1060 42.48 7.43 145.21
N PRO X 1061 42.94 8.44 144.47
CA PRO X 1061 43.95 9.35 145.02
C PRO X 1061 43.34 10.34 145.99
N PRO X 1062 44.15 11.02 146.79
CA PRO X 1062 43.61 12.08 147.63
C PRO X 1062 43.46 13.39 146.86
N PRO X 1063 42.62 14.30 147.34
CA PRO X 1063 42.22 15.45 146.50
C PRO X 1063 43.36 16.36 146.07
N ASP X 1064 44.40 16.54 146.90
CA ASP X 1064 45.42 17.53 146.58
C ASP X 1064 46.36 17.11 145.47
N LEU X 1065 46.32 15.86 145.01
CA LEU X 1065 47.15 15.41 143.90
C LEU X 1065 46.48 15.55 142.54
N VAL X 1066 45.26 16.07 142.49
CA VAL X 1066 44.55 16.25 141.22
C VAL X 1066 44.23 17.73 141.04
N PHE X 1067 44.08 18.14 139.79
CA PHE X 1067 43.71 19.50 139.45
C PHE X 1067 42.74 19.47 138.28
N ASP X 1068 41.61 20.15 138.42
CA ASP X 1068 40.57 20.17 137.41
C ASP X 1068 40.82 21.31 136.43
N ARG X 1069 39.85 21.57 135.54
CA ARG X 1069 39.98 22.66 134.59
C ARG X 1069 39.93 24.02 135.28
N ASP X 1070 39.23 24.12 136.40
CA ASP X 1070 39.08 25.38 137.11
C ASP X 1070 40.13 25.59 138.18
N THR X 1071 41.10 24.69 138.31
CA THR X 1071 42.17 24.87 139.28
C THR X 1071 43.01 26.08 138.90
N PRO X 1072 43.24 27.03 139.82
CA PRO X 1072 44.02 28.21 139.48
C PRO X 1072 45.46 27.85 139.12
N GLY X 1073 45.98 28.49 138.09
CA GLY X 1073 47.35 28.26 137.68
C GLY X 1073 47.56 27.05 136.79
N VAL X 1074 46.67 26.82 135.83
CA VAL X 1074 46.79 25.71 134.90
C VAL X 1074 46.72 26.27 133.47
N HIS X 1075 47.23 25.50 132.53
CA HIS X 1075 47.31 25.91 131.12
C HIS X 1075 46.67 24.84 130.25
N ILE X 1076 45.51 25.17 129.67
CA ILE X 1076 44.88 24.28 128.70
C ILE X 1076 45.66 24.34 127.39
N PHE X 1077 45.54 23.28 126.59
CA PHE X 1077 46.25 23.23 125.31
C PHE X 1077 45.31 22.77 124.20
N GLY X 1078 45.34 23.49 123.09
CA GLY X 1078 44.63 23.10 121.89
C GLY X 1078 45.55 22.48 120.85
N ARG X 1079 45.00 22.30 119.64
CA ARG X 1079 45.76 21.62 118.59
C ARG X 1079 47.00 22.42 118.20
N ASP X 1080 46.87 23.75 118.09
CA ASP X 1080 47.98 24.59 117.63
C ASP X 1080 48.98 24.86 118.75
N CYS X 1081 49.54 23.78 119.29
CA CYS X 1081 50.58 23.83 120.30
C CYS X 1081 51.93 23.65 119.61
N ARG X 1082 52.79 24.66 119.73
CA ARG X 1082 54.07 24.68 119.04
C ARG X 1082 55.19 24.88 120.05
N ILE X 1083 56.24 24.08 119.94
CA ILE X 1083 57.37 24.09 120.88
C ILE X 1083 58.56 24.76 120.22
N SER X 1084 59.12 25.76 120.90
CA SER X 1084 60.30 26.46 120.43
C SER X 1084 61.42 26.29 121.45
N PHE X 1085 62.65 26.13 120.95
CA PHE X 1085 63.80 25.94 121.82
C PHE X 1085 64.23 27.27 122.43
N GLY X 1086 65.01 27.17 123.51
CA GLY X 1086 65.53 28.35 124.17
C GLY X 1086 67.00 28.58 123.87
N MET X 1087 67.29 29.62 123.09
CA MET X 1087 68.66 29.90 122.68
C MET X 1087 69.48 30.46 123.83
N ASN X 1088 70.77 30.15 123.82
CA ASN X 1088 71.75 30.71 124.75
C ASN X 1088 71.40 30.43 126.21
N GLY X 1089 70.84 29.25 126.48
CA GLY X 1089 70.55 28.86 127.84
C GLY X 1089 69.26 29.43 128.38
N ALA X 1090 68.16 29.23 127.65
CA ALA X 1090 66.86 29.71 128.08
C ALA X 1090 65.87 28.53 128.06
N ALA X 1091 64.88 28.61 128.93
CA ALA X 1091 63.91 27.53 129.04
C ALA X 1091 63.06 27.46 127.78
N PRO X 1092 62.91 26.29 127.16
CA PRO X 1092 62.02 26.18 126.00
C PRO X 1092 60.57 26.41 126.40
N MET X 1093 59.80 26.93 125.44
CA MET X 1093 58.42 27.33 125.70
C MET X 1093 57.48 26.69 124.69
N ILE X 1094 56.28 26.37 125.14
CA ILE X 1094 55.23 25.79 124.30
C ILE X 1094 54.06 26.75 124.26
N ARG X 1095 53.33 26.72 123.14
CA ARG X 1095 52.26 27.68 122.90
C ARG X 1095 50.99 27.26 123.66
N ASP X 1096 50.53 28.12 124.54
CA ASP X 1096 49.25 27.91 125.22
C ASP X 1096 48.10 28.10 124.23
N GLU X 1097 46.97 27.46 124.54
CA GLU X 1097 45.80 27.57 123.66
C GLU X 1097 45.26 29.00 123.62
N THR X 1098 45.54 29.81 124.63
CA THR X 1098 45.15 31.21 124.63
C THR X 1098 46.09 32.09 123.83
N GLY X 1099 47.18 31.52 123.29
CA GLY X 1099 48.15 32.27 122.51
C GLY X 1099 49.41 32.67 123.24
N MET X 1100 49.54 32.31 124.52
CA MET X 1100 50.71 32.64 125.32
C MET X 1100 51.72 31.51 125.24
N MET X 1101 52.94 31.79 125.70
CA MET X 1101 54.02 30.82 125.75
C MET X 1101 54.35 30.52 127.21
N VAL X 1102 54.44 29.23 127.55
CA VAL X 1102 54.72 28.82 128.92
C VAL X 1102 55.93 27.88 128.92
N PRO X 1103 56.73 27.86 129.98
CA PRO X 1103 57.88 26.96 130.03
C PRO X 1103 57.46 25.54 130.40
N PHE X 1104 58.41 24.61 130.26
CA PHE X 1104 58.18 23.21 130.56
C PHE X 1104 58.18 22.97 132.07
N GLU X 1105 57.18 23.56 132.73
CA GLU X 1105 57.05 23.45 134.18
C GLU X 1105 55.66 23.93 134.58
N GLY X 1106 55.05 23.21 135.52
CA GLY X 1106 53.74 23.59 136.02
C GLY X 1106 52.72 22.48 135.92
N ASN X 1107 51.44 22.84 135.96
CA ASN X 1107 50.34 21.89 135.85
C ASN X 1107 49.61 22.16 134.54
N TRP X 1108 49.59 21.16 133.66
CA TRP X 1108 49.01 21.29 132.34
C TRP X 1108 47.74 20.45 132.21
N ILE X 1109 46.88 20.86 131.29
CA ILE X 1109 45.72 20.10 130.87
C ILE X 1109 45.88 19.85 129.38
N PHE X 1110 45.88 18.58 128.98
CA PHE X 1110 46.46 18.17 127.71
C PHE X 1110 45.63 17.03 127.12
N PRO X 1111 44.87 17.30 126.07
CA PRO X 1111 44.04 16.23 125.47
C PRO X 1111 44.89 15.14 124.87
N LEU X 1112 44.34 13.91 124.89
CA LEU X 1112 45.06 12.75 124.37
C LEU X 1112 45.32 12.85 122.87
N ALA X 1113 44.45 13.56 122.14
CA ALA X 1113 44.64 13.68 120.69
C ALA X 1113 45.97 14.36 120.37
N LEU X 1114 46.37 15.35 121.16
CA LEU X 1114 47.64 16.04 120.92
C LEU X 1114 48.82 15.09 121.03
N TRP X 1115 48.85 14.27 122.09
CA TRP X 1115 49.95 13.33 122.24
C TRP X 1115 49.92 12.26 121.16
N GLN X 1116 48.72 11.79 120.80
CA GLN X 1116 48.62 10.82 119.72
C GLN X 1116 49.15 11.41 118.41
N MET X 1117 48.94 12.71 118.20
CA MET X 1117 49.43 13.33 116.97
C MET X 1117 50.95 13.51 116.99
N ASN X 1118 51.50 13.99 118.11
CA ASN X 1118 52.88 14.46 118.14
C ASN X 1118 53.79 13.61 119.01
N THR X 1119 53.45 12.34 119.23
CA THR X 1119 54.38 11.41 119.86
C THR X 1119 55.69 11.35 119.07
N ARG X 1120 56.76 10.96 119.76
CA ARG X 1120 58.15 10.91 119.31
C ARG X 1120 58.75 12.32 119.26
N TYR X 1121 57.94 13.37 119.44
CA TYR X 1121 58.42 14.73 119.67
C TYR X 1121 58.05 15.22 121.05
N PHE X 1122 56.75 15.22 121.37
CA PHE X 1122 56.35 15.40 122.75
C PHE X 1122 56.97 14.33 123.62
N ASN X 1123 57.10 13.11 123.10
CA ASN X 1123 57.87 12.11 123.81
C ASN X 1123 59.31 12.56 124.01
N GLN X 1124 59.99 12.97 122.92
CA GLN X 1124 61.41 13.31 123.01
C GLN X 1124 61.70 14.35 124.07
N GLN X 1125 60.85 15.37 124.21
CA GLN X 1125 61.11 16.39 125.22
C GLN X 1125 60.47 16.08 126.57
N PHE X 1126 59.16 15.82 126.61
CA PHE X 1126 58.47 15.64 127.88
C PHE X 1126 58.94 14.39 128.61
N ASP X 1127 59.44 13.37 127.90
CA ASP X 1127 59.96 12.19 128.57
C ASP X 1127 61.15 12.55 129.45
N ALA X 1128 62.05 13.38 128.94
CA ALA X 1128 63.17 13.84 129.74
C ALA X 1128 62.71 14.78 130.85
N TRP X 1129 61.74 15.66 130.55
CA TRP X 1129 61.35 16.65 131.55
C TRP X 1129 60.55 16.08 132.71
N ILE X 1130 59.60 15.17 132.45
CA ILE X 1130 58.72 14.67 133.51
C ILE X 1130 59.50 13.84 134.52
N LYS X 1131 60.50 13.08 134.06
CA LYS X 1131 61.17 12.11 134.92
C LYS X 1131 61.73 12.74 136.18
N THR X 1132 62.24 13.97 136.10
CA THR X 1132 62.86 14.59 137.27
C THR X 1132 62.29 15.97 137.57
N GLY X 1133 61.87 16.71 136.55
CA GLY X 1133 61.40 18.06 136.75
C GLY X 1133 60.05 18.15 137.44
N GLU X 1134 59.41 19.32 137.35
CA GLU X 1134 58.14 19.58 138.01
C GLU X 1134 56.96 19.56 137.06
N LEU X 1135 57.17 19.13 135.82
CA LEU X 1135 56.08 19.10 134.85
C LEU X 1135 55.08 18.01 135.19
N ARG X 1136 53.81 18.38 135.27
CA ARG X 1136 52.72 17.44 135.52
C ARG X 1136 51.65 17.66 134.46
N ILE X 1137 51.23 16.57 133.82
CA ILE X 1137 50.32 16.62 132.68
C ILE X 1137 49.10 15.77 132.99
N ARG X 1138 47.92 16.33 132.74
CA ARG X 1138 46.66 15.62 132.88
C ARG X 1138 46.13 15.29 131.48
N ILE X 1139 46.21 14.01 131.11
CA ILE X 1139 45.72 13.55 129.82
C ILE X 1139 44.24 13.23 129.98
N GLU X 1140 43.38 13.99 129.30
CA GLU X 1140 41.94 13.80 129.38
C GLU X 1140 41.48 12.95 128.20
N MET X 1141 40.86 11.81 128.51
CA MET X 1141 40.55 10.84 127.48
C MET X 1141 39.19 10.15 127.63
N GLY X 1142 38.40 10.50 128.64
CA GLY X 1142 37.08 9.89 128.79
C GLY X 1142 37.12 8.51 129.40
N ALA X 1143 37.52 7.51 128.61
CA ALA X 1143 37.59 6.14 129.07
C ALA X 1143 38.85 5.48 128.52
N TYR X 1144 39.36 4.50 129.26
CA TYR X 1144 40.58 3.81 128.85
C TYR X 1144 40.63 2.45 129.54
N PRO X 1145 41.14 1.43 128.87
CA PRO X 1145 41.39 0.15 129.56
C PRO X 1145 42.59 0.25 130.47
N TYR X 1146 42.54 -0.47 131.59
CA TYR X 1146 43.59 -0.42 132.60
C TYR X 1146 44.02 -1.82 132.98
N MET X 1147 45.31 -1.99 133.22
CA MET X 1147 45.87 -3.22 133.77
C MET X 1147 46.62 -2.90 135.05
N LEU X 1148 46.45 -3.75 136.05
CA LEU X 1148 47.00 -3.48 137.38
C LEU X 1148 48.34 -4.17 137.57
N HIS X 1149 49.18 -3.57 138.41
CA HIS X 1149 50.46 -4.14 138.80
C HIS X 1149 50.58 -4.03 140.31
N TYR X 1150 50.76 -5.16 140.97
CA TYR X 1150 50.83 -5.22 142.43
C TYR X 1150 52.28 -5.36 142.87
N TYR X 1151 52.72 -4.46 143.75
CA TYR X 1151 54.08 -4.45 144.24
C TYR X 1151 54.08 -4.61 145.76
N ASP X 1152 55.21 -5.07 146.29
CA ASP X 1152 55.36 -5.23 147.72
C ASP X 1152 55.54 -3.86 148.37
N PRO X 1153 54.67 -3.45 149.28
CA PRO X 1153 54.80 -2.10 149.88
C PRO X 1153 56.00 -1.93 150.78
N ARG X 1154 56.68 -3.00 151.16
CA ARG X 1154 57.83 -2.92 152.04
C ARG X 1154 59.16 -3.00 151.28
N GLN X 1155 59.14 -2.82 149.97
CA GLN X 1155 60.34 -2.80 149.16
C GLN X 1155 60.29 -1.62 148.20
N TYR X 1156 61.46 -1.07 147.89
CA TYR X 1156 61.53 0.06 146.97
C TYR X 1156 60.98 -0.33 145.60
N ALA X 1157 60.15 0.54 145.03
CA ALA X 1157 59.54 0.29 143.74
C ALA X 1157 59.55 1.57 142.92
N ASN X 1158 59.63 1.40 141.60
CA ASN X 1158 59.65 2.52 140.67
C ASN X 1158 58.76 2.19 139.49
N ALA X 1159 57.81 3.07 139.21
CA ALA X 1159 56.87 2.89 138.11
C ALA X 1159 57.34 3.56 136.83
N TRP X 1160 58.55 4.10 136.80
CA TRP X 1160 59.03 4.81 135.62
C TRP X 1160 59.20 3.87 134.44
N ASN X 1161 59.72 2.66 134.67
CA ASN X 1161 59.95 1.72 133.58
C ASN X 1161 58.64 1.28 132.92
N LEU X 1162 57.52 1.44 133.60
CA LEU X 1162 56.21 1.15 133.03
C LEU X 1162 55.53 2.39 132.45
N THR X 1163 55.70 3.54 133.09
CA THR X 1163 55.13 4.78 132.55
C THR X 1163 55.78 5.14 131.22
N SER X 1164 57.11 5.06 131.14
CA SER X 1164 57.79 5.32 129.89
C SER X 1164 57.43 4.28 128.84
N ALA X 1165 57.25 3.02 129.27
CA ALA X 1165 56.83 1.99 128.34
C ALA X 1165 55.47 2.29 127.75
N TRP X 1166 54.55 2.77 128.59
CA TRP X 1166 53.23 3.18 128.08
C TRP X 1166 53.35 4.36 127.13
N LEU X 1167 54.20 5.33 127.45
CA LEU X 1167 54.29 6.54 126.65
C LEU X 1167 55.09 6.35 125.36
N GLU X 1168 55.86 5.27 125.24
CA GLU X 1168 56.64 5.06 124.03
C GLU X 1168 55.77 4.60 122.86
N GLU X 1169 54.97 3.56 123.07
CA GLU X 1169 54.18 2.95 122.00
C GLU X 1169 52.75 3.45 121.95
N ILE X 1170 52.50 4.71 122.27
CA ILE X 1170 51.19 5.32 122.06
C ILE X 1170 51.20 5.85 120.63
N THR X 1171 50.90 4.96 119.69
CA THR X 1171 50.94 5.26 118.28
C THR X 1171 49.73 6.09 117.87
N PRO X 1172 49.80 6.82 116.74
CA PRO X 1172 48.64 7.60 116.30
C PRO X 1172 47.37 6.80 116.11
N THR X 1173 47.45 5.49 115.85
CA THR X 1173 46.25 4.69 115.61
C THR X 1173 45.70 3.99 116.84
N SER X 1174 46.53 3.75 117.86
CA SER X 1174 46.07 2.98 119.01
C SER X 1174 46.90 3.33 120.23
N ILE X 1175 46.36 2.99 121.40
CA ILE X 1175 47.07 3.19 122.66
C ILE X 1175 47.06 1.87 123.44
N PRO X 1176 48.09 1.58 124.23
CA PRO X 1176 48.05 0.41 125.09
C PRO X 1176 47.30 0.71 126.39
N SER X 1177 46.97 -0.35 127.11
CA SER X 1177 46.28 -0.21 128.38
C SER X 1177 47.14 0.56 129.37
N VAL X 1178 46.49 1.45 130.13
CA VAL X 1178 47.20 2.31 131.07
C VAL X 1178 47.67 1.48 132.25
N PRO X 1179 48.98 1.42 132.52
CA PRO X 1179 49.47 0.61 133.64
C PRO X 1179 49.45 1.34 134.97
N PHE X 1180 48.69 0.81 135.92
CA PHE X 1180 48.67 1.34 137.28
C PHE X 1180 49.48 0.42 138.20
N MET X 1181 50.07 1.01 139.23
CA MET X 1181 50.90 0.30 140.19
C MET X 1181 50.28 0.48 141.58
N VAL X 1182 49.53 -0.51 142.03
CA VAL X 1182 48.81 -0.43 143.30
C VAL X 1182 49.54 -1.28 144.34
N PRO X 1183 49.49 -0.92 145.61
CA PRO X 1183 50.12 -1.72 146.65
C PRO X 1183 49.27 -2.94 147.00
N ILE X 1184 49.72 -3.69 147.99
CA ILE X 1184 49.03 -4.88 148.48
C ILE X 1184 48.62 -4.64 149.92
N SER X 1185 47.34 -4.84 150.21
CA SER X 1185 46.85 -4.69 151.58
C SER X 1185 47.49 -5.75 152.47
N SER X 1186 47.76 -5.36 153.72
CA SER X 1186 48.45 -6.23 154.66
C SER X 1186 47.67 -6.24 155.97
N ASP X 1187 48.05 -7.20 156.83
CA ASP X 1187 47.40 -7.39 158.12
C ASP X 1187 48.34 -7.05 159.27
N HIS X 1188 49.52 -7.67 159.30
CA HIS X 1188 50.54 -7.32 160.28
C HIS X 1188 51.22 -6.02 159.90
N ASP X 1189 51.84 -5.39 160.89
CA ASP X 1189 52.60 -4.17 160.64
C ASP X 1189 53.75 -4.44 159.70
N ILE X 1190 53.97 -3.53 158.75
CA ILE X 1190 54.99 -3.68 157.72
C ILE X 1190 55.86 -2.44 157.69
N SER X 1191 57.06 -2.60 157.16
CA SER X 1191 57.99 -1.49 157.05
C SER X 1191 57.54 -0.51 155.96
N SER X 1192 58.08 0.70 156.03
CA SER X 1192 57.71 1.78 155.12
C SER X 1192 58.89 2.04 154.19
N ALA X 1193 58.71 1.70 152.91
CA ALA X 1193 59.71 1.94 151.89
C ALA X 1193 59.17 2.93 150.85
N PRO X 1194 60.03 3.76 150.28
CA PRO X 1194 59.57 4.76 149.31
C PRO X 1194 59.10 4.11 148.02
N ALA X 1195 58.35 4.89 147.24
CA ALA X 1195 57.82 4.45 145.97
C ALA X 1195 57.66 5.64 145.04
N VAL X 1196 57.91 5.42 143.76
CA VAL X 1196 57.83 6.49 142.75
C VAL X 1196 56.64 6.18 141.86
N GLN X 1197 55.62 7.02 141.91
CA GLN X 1197 54.41 6.85 141.12
C GLN X 1197 54.26 8.02 140.15
N TYR X 1198 53.81 7.70 138.94
CA TYR X 1198 53.66 8.70 137.88
C TYR X 1198 52.22 8.85 137.39
N ILE X 1199 51.49 7.76 137.25
CA ILE X 1199 50.15 7.77 136.68
C ILE X 1199 49.14 7.52 137.78
N ILE X 1200 48.20 8.45 137.95
CA ILE X 1200 47.08 8.29 138.88
C ILE X 1200 45.80 8.64 138.14
N SER X 1201 44.69 8.09 138.62
CA SER X 1201 43.39 8.36 138.04
C SER X 1201 42.76 9.59 138.71
N THR X 1202 41.97 10.33 137.95
CA THR X 1202 41.36 11.54 138.49
C THR X 1202 40.27 11.22 139.51
N GLU X 1203 39.39 10.28 139.18
CA GLU X 1203 38.26 9.98 140.05
C GLU X 1203 38.33 8.56 140.59
N TYR X 1204 37.27 8.15 141.29
CA TYR X 1204 37.22 6.84 141.94
C TYR X 1204 36.93 5.80 140.87
N ASN X 1205 37.93 4.97 140.56
CA ASN X 1205 37.83 4.00 139.48
C ASN X 1205 38.07 2.57 139.95
N ASP X 1206 37.82 2.29 141.24
CA ASP X 1206 38.05 0.97 141.81
C ASP X 1206 36.77 0.50 142.50
N ARG X 1207 35.86 -0.08 141.73
CA ARG X 1207 34.64 -0.64 142.26
C ARG X 1207 34.61 -2.16 142.18
N SER X 1208 35.50 -2.77 141.41
CA SER X 1208 35.57 -4.22 141.29
C SER X 1208 36.22 -4.88 142.50
N LEU X 1209 36.82 -4.09 143.40
CA LEU X 1209 37.55 -4.63 144.54
C LEU X 1209 36.54 -5.28 145.49
N PHE X 1210 36.43 -6.61 145.42
CA PHE X 1210 35.45 -7.31 146.23
C PHE X 1210 35.82 -7.26 147.72
N CYS X 1211 37.06 -7.59 148.05
CA CYS X 1211 37.49 -7.62 149.44
C CYS X 1211 39.01 -7.67 149.49
N THR X 1212 39.56 -7.16 150.58
CA THR X 1212 41.00 -7.17 150.82
C THR X 1212 41.29 -7.94 152.10
N ASN X 1213 42.20 -8.92 152.01
CA ASN X 1213 42.59 -9.76 153.14
C ASN X 1213 41.37 -10.43 153.77
N SER X 1214 40.63 -11.17 152.95
CA SER X 1214 39.41 -11.80 153.45
C SER X 1214 39.73 -13.12 154.14
N SER X 1215 40.68 -13.11 155.06
CA SER X 1215 40.91 -14.23 155.96
C SER X 1215 41.24 -13.79 157.38
N SER X 1216 41.55 -12.51 157.61
CA SER X 1216 41.97 -11.94 158.88
C SER X 1216 40.84 -11.14 159.51
N PRO X 1217 40.85 -10.96 160.84
CA PRO X 1217 39.82 -10.12 161.47
C PRO X 1217 39.75 -8.71 160.91
N GLN X 1218 40.89 -8.10 160.56
CA GLN X 1218 40.87 -6.75 160.00
C GLN X 1218 42.15 -6.52 159.21
N THR X 1219 42.13 -5.48 158.39
CA THR X 1219 43.30 -5.02 157.65
C THR X 1219 43.82 -3.74 158.30
N ILE X 1220 45.14 -3.63 158.42
CA ILE X 1220 45.75 -2.49 159.08
C ILE X 1220 46.40 -1.57 158.05
N ALA X 1221 47.34 -2.11 157.29
CA ALA X 1221 48.09 -1.34 156.30
C ALA X 1221 47.61 -1.67 154.90
N GLY X 1222 47.31 -0.63 154.11
CA GLY X 1222 46.86 -0.80 152.76
C GLY X 1222 45.43 -0.36 152.59
N PRO X 1223 44.91 -0.44 151.36
CA PRO X 1223 43.51 -0.10 151.10
C PRO X 1223 42.57 -0.96 151.92
N ASP X 1224 41.63 -0.31 152.60
CA ASP X 1224 40.65 -1.00 153.43
C ASP X 1224 39.38 -1.26 152.62
N LYS X 1225 38.87 -2.49 152.72
CA LYS X 1225 37.64 -2.85 152.03
C LYS X 1225 37.09 -4.13 152.64
N HIS X 1226 35.84 -4.09 153.06
CA HIS X 1226 35.15 -5.27 153.57
C HIS X 1226 34.29 -5.88 152.47
N ILE X 1227 33.58 -6.95 152.82
CA ILE X 1227 32.64 -7.55 151.86
C ILE X 1227 31.54 -6.54 151.54
N PRO X 1228 31.20 -6.31 150.28
CA PRO X 1228 30.21 -5.28 149.97
C PRO X 1228 28.80 -5.68 150.39
N VAL X 1229 28.31 -5.05 151.45
CA VAL X 1229 26.96 -5.33 151.93
C VAL X 1229 25.92 -4.85 150.92
N GLU X 1230 26.25 -3.80 150.15
CA GLU X 1230 25.29 -3.23 149.21
C GLU X 1230 24.86 -4.23 148.15
N ARG X 1231 25.74 -5.17 147.79
CA ARG X 1231 25.44 -6.12 146.73
C ARG X 1231 24.67 -7.34 147.24
N TYR X 1232 24.87 -7.74 148.48
CA TYR X 1232 24.11 -8.82 149.09
C TYR X 1232 22.97 -8.22 149.91
N ASN X 1233 21.96 -7.73 149.18
CA ASN X 1233 20.91 -6.92 149.79
C ASN X 1233 19.93 -7.78 150.59
N ILE X 1234 19.32 -8.78 149.95
CA ILE X 1234 18.22 -9.51 150.58
C ILE X 1234 18.70 -10.27 151.81
N LEU X 1235 19.97 -10.67 151.85
CA LEU X 1235 20.49 -11.34 153.03
C LEU X 1235 20.66 -10.37 154.20
N THR X 1236 21.24 -9.20 153.94
CA THR X 1236 21.58 -8.28 155.01
C THR X 1236 20.44 -7.35 155.37
N ASN X 1237 19.72 -6.83 154.39
CA ASN X 1237 18.64 -5.90 154.66
C ASN X 1237 17.47 -6.63 155.30
N PRO X 1238 17.05 -6.25 156.52
CA PRO X 1238 15.95 -6.99 157.15
C PRO X 1238 14.60 -6.74 156.50
N ASP X 1239 14.25 -5.49 156.23
CA ASP X 1239 12.98 -5.16 155.59
C ASP X 1239 13.19 -5.00 154.08
N ALA X 1240 13.47 -6.15 153.45
CA ALA X 1240 13.68 -6.21 152.01
C ALA X 1240 12.88 -7.38 151.46
N PRO X 1241 11.92 -7.15 150.57
CA PRO X 1241 11.17 -8.25 149.97
C PRO X 1241 12.08 -9.09 149.08
N PRO X 1242 11.76 -10.37 148.88
CA PRO X 1242 12.62 -11.22 148.04
C PRO X 1242 12.78 -10.71 146.62
N THR X 1243 11.80 -9.98 146.09
CA THR X 1243 11.84 -9.48 144.72
C THR X 1243 12.21 -8.00 144.69
N GLN X 1244 13.14 -7.58 145.55
CA GLN X 1244 13.63 -6.22 145.58
C GLN X 1244 15.04 -6.18 145.01
N ILE X 1245 15.23 -5.42 143.94
CA ILE X 1245 16.51 -5.34 143.25
C ILE X 1245 16.79 -3.89 142.88
N GLN X 1246 18.06 -3.50 142.99
CA GLN X 1246 18.54 -2.23 142.45
C GLN X 1246 19.06 -2.51 141.05
N LEU X 1247 18.22 -2.30 140.04
CA LEU X 1247 18.60 -2.70 138.69
C LEU X 1247 19.63 -1.77 138.07
N PRO X 1248 19.41 -0.44 137.99
CA PRO X 1248 20.38 0.41 137.28
C PRO X 1248 21.66 0.70 138.06
N GLU X 1249 21.56 0.91 139.38
CA GLU X 1249 22.68 1.47 140.11
C GLU X 1249 23.75 0.43 140.41
N VAL X 1250 23.43 -0.59 141.20
CA VAL X 1250 24.38 -1.60 141.62
C VAL X 1250 23.79 -2.99 141.38
N VAL X 1251 24.53 -3.83 140.67
CA VAL X 1251 24.06 -5.18 140.41
C VAL X 1251 24.16 -6.02 141.68
N ASP X 1252 23.15 -6.85 141.91
CA ASP X 1252 23.05 -7.64 143.13
C ASP X 1252 23.25 -9.12 142.83
N LEU X 1253 24.00 -9.77 143.70
CA LEU X 1253 24.22 -11.21 143.62
C LEU X 1253 23.27 -11.92 144.58
N TYR X 1254 23.17 -13.24 144.42
CA TYR X 1254 22.32 -14.09 145.24
C TYR X 1254 20.86 -13.65 145.14
N ASN X 1255 20.33 -13.70 143.93
CA ASN X 1255 18.97 -13.23 143.66
C ASN X 1255 18.00 -14.42 143.62
N VAL X 1256 16.75 -14.13 143.24
CA VAL X 1256 15.68 -15.12 143.24
C VAL X 1256 15.45 -15.51 141.78
N VAL X 1257 16.02 -16.65 141.38
CA VAL X 1257 15.89 -17.15 140.01
C VAL X 1257 14.82 -18.22 139.98
N THR X 1258 13.92 -18.13 138.99
CA THR X 1258 12.84 -19.09 138.82
C THR X 1258 13.23 -20.08 137.74
N ARG X 1259 13.08 -21.37 138.04
CA ARG X 1259 13.46 -22.45 137.14
C ARG X 1259 12.21 -23.14 136.63
N TYR X 1260 12.25 -23.57 135.37
CA TYR X 1260 11.09 -24.13 134.70
C TYR X 1260 11.41 -25.52 134.16
N ALA X 1261 10.37 -26.17 133.63
CA ALA X 1261 10.49 -27.48 132.99
C ALA X 1261 9.38 -27.57 131.96
N TYR X 1262 9.73 -27.38 130.69
CA TYR X 1262 8.75 -27.25 129.62
C TYR X 1262 8.89 -28.39 128.62
N GLU X 1263 7.77 -28.79 128.03
CA GLU X 1263 7.74 -29.78 126.97
C GLU X 1263 7.50 -29.08 125.64
N THR X 1264 8.14 -29.58 124.58
CA THR X 1264 8.00 -29.04 123.22
C THR X 1264 7.62 -30.19 122.31
N PRO X 1265 6.36 -30.62 122.34
CA PRO X 1265 5.96 -31.78 121.54
C PRO X 1265 5.99 -31.45 120.06
N PRO X 1266 6.24 -32.44 119.21
CA PRO X 1266 6.19 -32.20 117.76
C PRO X 1266 4.77 -31.91 117.31
N ILE X 1267 4.67 -31.14 116.22
CA ILE X 1267 3.36 -30.82 115.66
C ILE X 1267 2.77 -32.07 115.03
N THR X 1268 1.54 -32.40 115.41
CA THR X 1268 0.88 -33.61 114.94
C THR X 1268 -0.48 -33.25 114.36
N ALA X 1269 -0.93 -34.07 113.41
CA ALA X 1269 -2.22 -33.86 112.77
C ALA X 1269 -2.70 -35.17 112.18
N VAL X 1270 -4.00 -35.42 112.30
CA VAL X 1270 -4.65 -36.55 111.64
C VAL X 1270 -5.41 -35.98 110.46
N VAL X 1271 -4.96 -36.32 109.25
CA VAL X 1271 -5.48 -35.70 108.02
C VAL X 1271 -6.68 -36.52 107.58
N MET X 1272 -7.86 -36.09 108.01
CA MET X 1272 -9.10 -36.73 107.62
C MET X 1272 -9.54 -36.24 106.23
N GLY X 1273 -10.46 -36.99 105.63
CA GLY X 1273 -10.99 -36.64 104.33
C GLY X 1273 -12.37 -35.99 104.42
N VAL X 1274 -12.81 -35.47 103.28
CA VAL X 1274 -14.11 -34.81 103.16
C VAL X 1274 -14.87 -35.49 102.02
N PRO X 1275 -16.06 -36.04 102.27
CA PRO X 1275 -16.87 -36.70 101.24
C PRO X 1275 -17.26 -35.77 100.10
N GLN Y 182 95.06 44.99 70.31
CA GLN Y 182 94.28 45.46 69.17
C GLN Y 182 94.57 46.91 68.86
N CYS Y 183 93.86 47.45 67.87
CA CYS Y 183 93.96 48.87 67.51
C CYS Y 183 92.70 49.57 67.99
N HIS Y 184 92.88 50.65 68.75
CA HIS Y 184 91.76 51.39 69.32
C HIS Y 184 91.24 52.48 68.41
N VAL Y 185 91.47 52.37 67.10
CA VAL Y 185 90.95 53.32 66.12
C VAL Y 185 89.94 52.66 65.20
N CYS Y 186 90.29 51.49 64.64
CA CYS Y 186 89.39 50.75 63.77
C CYS Y 186 88.89 49.46 64.40
N SER Y 187 89.23 49.20 65.66
CA SER Y 187 88.80 47.99 66.37
C SER Y 187 89.22 46.72 65.61
N ALA Y 188 90.44 46.72 65.10
CA ALA Y 188 91.00 45.57 64.41
C ALA Y 188 91.88 44.77 65.36
N VAL Y 189 91.68 43.46 65.40
CA VAL Y 189 92.45 42.60 66.29
C VAL Y 189 93.77 42.25 65.60
N LEU Y 190 94.87 42.78 66.13
CA LEU Y 190 96.18 42.54 65.58
C LEU Y 190 96.89 41.46 66.39
N PHE Y 191 98.10 41.11 65.95
CA PHE Y 191 98.89 40.04 66.55
C PHE Y 191 100.25 40.49 67.04
N SER Y 192 100.93 41.36 66.30
CA SER Y 192 102.31 41.71 66.56
C SER Y 192 102.50 43.22 66.54
N PRO Y 193 103.56 43.72 67.18
CA PRO Y 193 103.87 45.15 67.03
C PRO Y 193 104.14 45.57 65.61
N LEU Y 194 104.76 44.71 64.79
CA LEU Y 194 105.10 45.09 63.43
C LEU Y 194 103.85 45.42 62.62
N ASP Y 195 102.88 44.50 62.59
CA ASP Y 195 101.66 44.80 61.87
C ASP Y 195 100.74 45.75 62.63
N LEU Y 196 100.95 45.93 63.94
CA LEU Y 196 100.23 46.98 64.65
C LEU Y 196 100.62 48.36 64.12
N ASP Y 197 101.91 48.63 64.02
CA ASP Y 197 102.36 49.88 63.39
C ASP Y 197 101.99 49.92 61.91
N ALA Y 198 102.08 48.79 61.21
CA ALA Y 198 101.69 48.77 59.81
C ALA Y 198 100.21 49.10 59.63
N HIS Y 199 99.39 48.80 60.64
CA HIS Y 199 97.97 49.12 60.58
C HIS Y 199 97.70 50.57 60.96
N VAL Y 200 98.36 51.07 62.01
CA VAL Y 200 98.14 52.46 62.39
C VAL Y 200 98.67 53.41 61.31
N ALA Y 201 99.65 52.97 60.53
CA ALA Y 201 100.12 53.78 59.42
C ALA Y 201 99.03 53.99 58.38
N SER Y 202 98.12 53.02 58.22
CA SER Y 202 97.02 53.18 57.29
C SER Y 202 96.11 54.33 57.69
N HIS Y 203 95.79 54.43 58.98
CA HIS Y 203 95.02 55.57 59.47
C HIS Y 203 95.81 56.86 59.37
N GLY Y 204 97.10 56.82 59.69
CA GLY Y 204 97.93 58.00 59.58
C GLY Y 204 98.76 58.28 60.81
N LEU Y 205 98.73 57.37 61.78
CA LEU Y 205 99.52 57.51 62.99
C LEU Y 205 100.90 56.90 62.77
N HIS Y 206 101.93 57.75 62.76
CA HIS Y 206 103.29 57.29 62.52
C HIS Y 206 103.77 56.51 63.74
N GLY Y 207 103.79 55.18 63.62
CA GLY Y 207 104.25 54.36 64.72
C GLY Y 207 105.75 54.43 64.90
N ASN Y 208 106.19 54.08 66.11
CA ASN Y 208 107.61 54.09 66.44
C ASN Y 208 107.89 53.22 67.66
N ARG Y 218 101.04 47.25 50.79
CA ARG Y 218 100.62 46.55 49.58
C ARG Y 218 99.10 46.33 49.59
N HIS Y 219 98.40 47.09 50.41
CA HIS Y 219 96.95 47.04 50.49
C HIS Y 219 96.35 48.24 49.77
N ILE Y 220 95.19 48.03 49.17
CA ILE Y 220 94.49 49.06 48.42
C ILE Y 220 93.25 49.54 49.16
N THR Y 221 92.42 48.61 49.63
CA THR Y 221 91.27 48.93 50.47
C THR Y 221 91.29 48.01 51.68
N GLU Y 222 90.85 48.54 52.83
CA GLU Y 222 90.78 47.78 54.07
C GLU Y 222 89.45 48.10 54.74
N PHE Y 223 88.48 47.19 54.62
CA PHE Y 223 87.19 47.35 55.26
C PHE Y 223 87.07 46.38 56.43
N ILE Y 224 86.24 46.75 57.40
CA ILE Y 224 86.00 45.93 58.58
C ILE Y 224 84.56 46.14 59.03
N SER Y 225 83.94 45.08 59.52
CA SER Y 225 82.55 45.14 59.97
C SER Y 225 82.50 45.47 61.46
N SER Y 226 81.27 45.53 62.00
CA SER Y 226 81.06 45.81 63.40
C SER Y 226 80.22 44.77 64.12
N TRP Y 227 79.70 43.76 63.41
CA TRP Y 227 78.94 42.68 64.03
C TRP Y 227 79.60 41.32 63.92
N GLN Y 228 80.58 41.16 63.03
CA GLN Y 228 81.27 39.90 62.83
C GLN Y 228 82.75 40.15 62.67
N ASN Y 229 83.56 39.16 63.04
CA ASN Y 229 85.02 39.26 62.95
C ASN Y 229 85.50 38.65 61.64
N HIS Y 230 85.39 39.43 60.57
CA HIS Y 230 85.79 39.02 59.22
C HIS Y 230 86.21 40.24 58.41
N PRO Y 231 87.43 40.74 58.63
CA PRO Y 231 87.92 41.85 57.80
C PRO Y 231 88.12 41.40 56.36
N ILE Y 232 87.95 42.34 55.43
CA ILE Y 232 88.13 42.10 54.00
C ILE Y 232 89.15 43.07 53.47
N VAL Y 233 90.11 42.56 52.71
CA VAL Y 233 91.23 43.35 52.19
C VAL Y 233 91.40 43.05 50.71
N GLN Y 234 91.56 44.11 49.91
CA GLN Y 234 91.82 43.98 48.48
C GLN Y 234 93.29 44.28 48.19
N VAL Y 235 93.86 43.52 47.26
CA VAL Y 235 95.23 43.74 46.81
C VAL Y 235 95.23 43.77 45.28
N SER Y 236 96.37 44.16 44.72
CA SER Y 236 96.53 44.23 43.28
C SER Y 236 96.37 42.84 42.67
N ALA Y 237 95.89 42.77 41.43
CA ALA Y 237 95.60 41.51 40.77
C ALA Y 237 96.83 40.87 40.14
N ASP Y 238 97.99 41.50 40.21
CA ASP Y 238 99.20 40.98 39.61
C ASP Y 238 100.09 40.21 40.59
N VAL Y 239 99.61 40.02 41.83
CA VAL Y 239 100.40 39.26 42.81
C VAL Y 239 100.43 37.79 42.43
N GLU Y 240 101.56 37.15 42.71
CA GLU Y 240 101.77 35.76 42.34
C GLU Y 240 101.34 34.77 43.42
N ASN Y 241 101.43 35.16 44.68
CA ASN Y 241 101.12 34.27 45.81
C ASN Y 241 99.92 34.76 46.60
N ARG Y 242 98.88 35.19 45.90
CA ARG Y 242 97.67 35.70 46.54
C ARG Y 242 97.00 34.60 47.37
N LYS Y 243 96.62 34.94 48.60
CA LYS Y 243 95.84 34.05 49.44
C LYS Y 243 95.12 34.89 50.48
N THR Y 244 94.01 34.35 50.98
CA THR Y 244 93.16 34.96 52.00
C THR Y 244 92.91 36.44 51.77
N ALA Y 245 92.92 36.87 50.51
CA ALA Y 245 92.74 38.26 50.15
C ALA Y 245 91.94 38.35 48.85
N GLN Y 246 91.40 39.53 48.59
CA GLN Y 246 90.61 39.78 47.40
C GLN Y 246 91.47 40.42 46.32
N LEU Y 247 90.87 40.66 45.16
CA LEU Y 247 91.60 41.16 44.00
C LEU Y 247 90.93 42.41 43.46
N LEU Y 248 91.72 43.27 42.83
CA LEU Y 248 91.23 44.48 42.17
C LEU Y 248 91.30 44.24 40.67
N HIS Y 249 90.16 43.86 40.08
CA HIS Y 249 90.13 43.46 38.68
C HIS Y 249 90.13 44.63 37.71
N ALA Y 250 89.88 45.85 38.19
CA ALA Y 250 89.87 47.00 37.29
C ALA Y 250 91.27 47.29 36.78
N ASP Y 251 91.36 47.73 35.52
CA ASP Y 251 92.62 48.09 34.90
C ASP Y 251 92.94 49.54 35.26
N THR Y 252 93.32 49.73 36.52
CA THR Y 252 93.58 51.07 37.01
C THR Y 252 94.90 51.62 36.45
N PRO Y 253 94.97 52.92 36.19
CA PRO Y 253 96.23 53.54 35.80
C PRO Y 253 97.10 53.82 37.02
N ARG Y 254 98.35 54.17 36.75
CA ARG Y 254 99.32 54.52 37.78
C ARG Y 254 99.57 56.03 37.68
N LEU Y 255 98.86 56.81 38.51
CA LEU Y 255 98.97 58.26 38.45
C LEU Y 255 100.19 58.76 39.21
N VAL Y 256 100.27 58.45 40.51
CA VAL Y 256 101.34 58.97 41.34
C VAL Y 256 102.59 58.10 41.19
N THR Y 257 103.69 58.73 40.79
CA THR Y 257 104.98 58.07 40.66
C THR Y 257 106.04 59.00 41.21
N TRP Y 258 106.90 58.48 42.08
CA TRP Y 258 107.94 59.29 42.70
C TRP Y 258 109.23 59.24 41.89
N ASP Y 259 109.99 60.32 41.98
CA ASP Y 259 111.23 60.44 41.24
C ASP Y 259 112.28 61.09 42.14
N ALA Y 260 113.45 60.45 42.23
CA ALA Y 260 114.58 60.99 42.97
C ALA Y 260 115.70 61.31 42.00
N GLY Y 261 116.70 62.03 42.49
CA GLY Y 261 117.78 62.46 41.64
C GLY Y 261 117.42 63.70 40.84
N LEU Y 262 118.26 63.98 39.84
CA LEU Y 262 118.08 65.17 39.01
C LEU Y 262 116.81 65.05 38.18
N CYS Y 263 116.17 66.20 37.95
CA CYS Y 263 115.02 66.31 37.06
C CYS Y 263 115.44 67.18 35.87
N THR Y 264 116.01 66.53 34.87
CA THR Y 264 116.53 67.25 33.71
C THR Y 264 116.45 66.35 32.49
N SER Y 265 116.39 66.98 31.32
CA SER Y 265 116.31 66.27 30.05
C SER Y 265 117.41 66.63 29.07
N PHE Y 266 118.09 67.77 29.25
CA PHE Y 266 119.22 68.14 28.43
C PHE Y 266 120.51 67.91 29.23
N LYS Y 267 121.42 67.13 28.66
CA LYS Y 267 122.74 66.91 29.24
C LYS Y 267 123.80 67.45 28.28
N ILE Y 268 125.04 67.45 28.73
CA ILE Y 268 126.16 67.99 27.97
C ILE Y 268 127.15 66.86 27.73
N VAL Y 269 127.56 66.69 26.48
CA VAL Y 269 128.47 65.61 26.11
C VAL Y 269 129.68 66.18 25.37
N PRO Y 270 130.86 65.58 25.52
CA PRO Y 270 132.02 66.06 24.76
C PRO Y 270 132.08 65.43 23.38
N ILE Y 271 132.20 66.27 22.36
CA ILE Y 271 132.30 65.77 20.99
C ILE Y 271 133.71 65.30 20.69
N VAL Y 272 134.68 66.21 20.76
CA VAL Y 272 136.08 65.86 20.57
C VAL Y 272 136.85 66.19 21.85
N PRO Y 273 137.35 65.18 22.57
CA PRO Y 273 138.05 65.45 23.82
C PRO Y 273 139.45 66.00 23.59
N ALA Y 274 139.91 66.80 24.55
CA ALA Y 274 141.25 67.35 24.53
C ALA Y 274 141.71 67.58 25.96
N GLN Y 275 143.03 67.60 26.13
CA GLN Y 275 143.64 67.83 27.44
C GLN Y 275 144.73 68.88 27.32
N VAL Y 276 144.81 69.76 28.30
CA VAL Y 276 145.77 70.87 28.29
C VAL Y 276 146.51 70.91 29.61
N PRO Y 277 147.73 71.43 29.66
CA PRO Y 277 148.45 71.54 30.94
C PRO Y 277 147.76 72.54 31.87
N GLN Y 278 147.63 72.15 33.13
CA GLN Y 278 147.06 73.01 34.15
C GLN Y 278 148.17 73.62 35.01
N ASP Y 279 147.85 74.74 35.66
CA ASP Y 279 148.78 75.40 36.57
C ASP Y 279 148.52 75.11 38.03
N VAL Y 280 147.30 74.73 38.39
CA VAL Y 280 146.95 74.32 39.74
C VAL Y 280 146.36 72.92 39.65
N LEU Y 281 146.91 71.99 40.42
CA LEU Y 281 146.54 70.58 40.30
C LEU Y 281 145.38 70.19 41.21
N ALA Y 282 145.44 70.54 42.49
CA ALA Y 282 144.42 70.13 43.44
C ALA Y 282 144.52 71.00 44.69
N TYR Y 283 143.63 70.75 45.64
CA TYR Y 283 143.62 71.44 46.92
C TYR Y 283 144.24 70.55 47.99
N THR Y 284 145.05 71.16 48.86
CA THR Y 284 145.66 70.48 49.99
C THR Y 284 145.25 71.18 51.27
N PHE Y 285 144.73 70.43 52.24
CA PHE Y 285 144.22 71.03 53.48
C PHE Y 285 145.29 71.05 54.56
N PHE Y 286 145.67 69.88 55.06
CA PHE Y 286 146.87 69.77 55.90
C PHE Y 286 147.88 68.79 55.29
N THR Y 287 147.49 67.54 55.11
CA THR Y 287 148.26 66.53 54.36
C THR Y 287 147.22 65.72 53.59
N SER Y 288 146.89 66.18 52.40
CA SER Y 288 145.82 65.58 51.61
C SER Y 288 145.81 66.24 50.24
N SER Y 289 145.01 65.67 49.33
CA SER Y 289 144.89 66.21 47.98
C SER Y 289 143.52 65.80 47.43
N TYR Y 290 142.64 66.77 47.25
CA TYR Y 290 141.34 66.56 46.63
C TYR Y 290 141.39 67.07 45.21
N ALA Y 291 141.16 66.18 44.24
CA ALA Y 291 141.32 66.53 42.84
C ALA Y 291 140.25 67.52 42.39
N ILE Y 292 140.57 68.26 41.33
CA ILE Y 292 139.63 69.22 40.78
C ILE Y 292 138.50 68.48 40.10
N GLN Y 293 137.27 68.82 40.48
CA GLN Y 293 136.07 68.25 39.88
C GLN Y 293 135.33 69.36 39.13
N SER Y 294 135.02 69.10 37.86
CA SER Y 294 134.40 70.13 37.04
C SER Y 294 132.97 69.78 36.70
N PRO Y 295 132.05 70.76 36.75
CA PRO Y 295 130.66 70.49 36.35
C PRO Y 295 130.49 70.29 34.86
N PHE Y 296 131.40 70.82 34.04
CA PHE Y 296 131.32 70.71 32.60
C PHE Y 296 132.44 69.84 32.05
N PRO Y 297 132.23 69.14 30.94
CA PRO Y 297 133.26 68.25 30.41
C PRO Y 297 134.52 69.02 30.01
N GLU Y 298 135.67 68.39 30.23
CA GLU Y 298 136.96 68.96 29.87
C GLU Y 298 137.28 68.52 28.45
N ALA Y 299 136.85 69.31 27.45
CA ALA Y 299 137.02 68.92 26.07
C ALA Y 299 137.23 70.17 25.21
N ALA Y 300 137.36 69.96 23.91
CA ALA Y 300 137.54 71.03 22.95
C ALA Y 300 136.24 71.54 22.35
N VAL Y 301 135.31 70.63 22.04
CA VAL Y 301 133.99 71.00 21.55
C VAL Y 301 132.95 70.18 22.32
N SER Y 302 132.00 70.87 22.95
CA SER Y 302 130.97 70.23 23.73
C SER Y 302 129.61 70.78 23.32
N ARG Y 303 128.62 69.89 23.23
CA ARG Y 303 127.28 70.24 22.81
C ARG Y 303 126.27 69.75 23.84
N ILE Y 304 124.99 69.96 23.55
CA ILE Y 304 123.90 69.56 24.43
C ILE Y 304 122.97 68.64 23.65
N VAL Y 305 122.66 67.49 24.25
CA VAL Y 305 121.76 66.52 23.63
C VAL Y 305 120.53 66.36 24.51
N VAL Y 306 119.58 65.53 24.09
CA VAL Y 306 118.33 65.33 24.80
C VAL Y 306 118.26 63.87 25.24
N HIS Y 307 118.58 63.62 26.50
CA HIS Y 307 118.39 62.32 27.11
C HIS Y 307 117.29 62.47 28.15
N THR Y 308 116.18 61.74 27.96
CA THR Y 308 114.93 62.11 28.62
C THR Y 308 115.04 62.08 30.14
N ARG Y 309 115.57 60.98 30.70
CA ARG Y 309 115.53 60.79 32.15
C ARG Y 309 116.87 60.25 32.66
N TRP Y 310 117.95 60.85 32.20
CA TRP Y 310 119.23 60.46 32.72
C TRP Y 310 119.24 61.03 34.11
N ALA Y 311 120.07 60.48 34.98
CA ALA Y 311 120.13 60.92 36.37
C ALA Y 311 118.85 60.87 37.19
N SER Y 312 118.09 59.79 37.08
CA SER Y 312 116.91 59.68 37.92
C SER Y 312 116.73 58.34 38.56
N ASN Y 313 116.19 58.30 39.77
CA ASN Y 313 115.90 57.05 40.42
C ASN Y 313 114.42 57.02 40.40
N VAL Y 314 113.82 56.00 39.83
CA VAL Y 314 112.39 56.01 39.69
C VAL Y 314 111.72 54.75 40.19
N ASP Y 315 110.62 54.90 40.93
CA ASP Y 315 109.85 53.74 41.39
C ASP Y 315 109.15 52.90 40.32
N PHE Y 316 108.55 53.53 39.33
CA PHE Y 316 107.91 52.81 38.27
C PHE Y 316 108.28 53.54 37.00
N ASP Y 317 109.20 53.02 36.20
CA ASP Y 317 109.48 53.70 34.95
C ASP Y 317 108.25 53.69 34.04
N ARG Y 318 108.23 54.64 33.10
CA ARG Y 318 107.12 54.75 32.16
C ARG Y 318 107.46 54.20 30.79
N ASP Y 319 108.71 53.78 30.57
CA ASP Y 319 109.14 53.10 29.35
C ASP Y 319 108.81 53.94 28.11
N SER Y 320 108.97 55.25 28.21
CA SER Y 320 108.79 56.17 27.09
C SER Y 320 109.95 57.17 27.14
N SER Y 321 111.07 56.81 26.51
CA SER Y 321 112.28 57.61 26.57
C SER Y 321 112.72 58.02 25.18
N VAL Y 322 113.13 59.27 25.05
CA VAL Y 322 113.69 59.80 23.80
C VAL Y 322 115.18 60.00 24.06
N ILE Y 323 116.02 59.27 23.31
CA ILE Y 323 117.46 59.26 23.52
C ILE Y 323 118.14 59.81 22.27
N MET Y 324 119.01 60.80 22.47
CA MET Y 324 119.84 61.34 21.39
C MET Y 324 121.28 60.88 21.55
N ALA Y 325 121.81 60.24 20.52
CA ALA Y 325 123.23 60.06 20.41
C ALA Y 325 123.88 61.40 20.08
N PRO Y 326 125.18 61.54 20.33
CA PRO Y 326 125.85 62.79 19.95
C PRO Y 326 125.72 63.04 18.46
N PRO Y 327 125.72 64.31 18.04
CA PRO Y 327 125.45 64.61 16.63
C PRO Y 327 126.40 63.95 15.66
N THR Y 328 127.61 63.58 16.09
CA THR Y 328 128.50 62.82 15.21
C THR Y 328 127.87 61.48 14.82
N GLU Y 329 127.23 60.81 15.77
CA GLU Y 329 126.51 59.58 15.47
C GLU Y 329 125.27 59.88 14.63
N ASN Y 330 124.88 58.91 13.81
CA ASN Y 330 123.66 59.04 13.03
C ASN Y 330 122.45 59.02 13.95
N ASN Y 331 121.49 59.90 13.67
CA ASN Y 331 120.34 60.10 14.56
C ASN Y 331 119.05 60.18 13.75
N ILE Y 332 118.88 59.27 12.80
CA ILE Y 332 117.70 59.29 11.94
C ILE Y 332 116.57 58.39 12.46
N HIS Y 333 116.88 57.48 13.38
CA HIS Y 333 115.86 56.52 13.84
C HIS Y 333 114.73 57.18 14.62
N LEU Y 334 114.93 58.40 15.13
CA LEU Y 334 113.84 59.11 15.79
C LEU Y 334 112.84 59.67 14.78
N PHE Y 335 113.26 59.91 13.54
CA PHE Y 335 112.38 60.40 12.49
C PHE Y 335 111.93 59.30 11.54
N LYS Y 336 112.57 58.13 11.60
CA LYS Y 336 112.24 56.98 10.76
C LYS Y 336 111.37 55.98 11.51
N GLN Y 337 110.46 56.47 12.35
CA GLN Y 337 109.85 55.64 13.39
C GLN Y 337 108.42 55.19 13.09
N LEU Y 338 107.53 56.11 12.75
CA LEU Y 338 106.11 55.88 12.98
C LEU Y 338 105.32 55.55 11.72
N LEU Y 339 105.44 56.36 10.66
CA LEU Y 339 104.65 56.16 9.44
C LEU Y 339 105.43 55.51 8.30
N ASN Y 340 106.73 55.77 8.19
CA ASN Y 340 107.51 55.29 7.05
C ASN Y 340 107.97 53.85 7.29
N THR Y 341 106.99 52.94 7.27
CA THR Y 341 107.21 51.53 7.51
C THR Y 341 107.47 50.72 6.24
N GLU Y 342 107.46 51.37 5.07
CA GLU Y 342 107.69 50.68 3.80
C GLU Y 342 108.76 51.37 2.97
N THR Y 343 109.62 52.16 3.61
CA THR Y 343 110.62 52.96 2.91
C THR Y 343 111.53 52.08 2.04
N LEU Y 344 111.83 52.57 0.84
CA LEU Y 344 112.75 51.86 -0.04
C LEU Y 344 114.11 51.68 0.60
N SER Y 345 114.63 52.73 1.23
CA SER Y 345 115.91 52.66 1.91
C SER Y 345 115.69 52.26 3.38
N VAL Y 346 116.80 52.10 4.09
CA VAL Y 346 116.77 51.72 5.50
C VAL Y 346 117.33 52.81 6.40
N ARG Y 347 118.11 53.75 5.86
CA ARG Y 347 118.72 54.82 6.63
C ARG Y 347 118.19 56.18 6.19
N GLY Y 348 116.89 56.26 5.94
CA GLY Y 348 116.28 57.51 5.52
C GLY Y 348 114.87 57.62 6.05
N ALA Y 349 114.43 58.88 6.23
CA ALA Y 349 113.12 59.18 6.78
C ALA Y 349 112.28 59.92 5.75
N ASN Y 350 110.98 59.64 5.75
CA ASN Y 350 110.09 60.28 4.79
C ASN Y 350 109.92 61.76 5.14
N PRO Y 351 110.27 62.68 4.24
CA PRO Y 351 110.12 64.11 4.56
C PRO Y 351 108.69 64.53 4.81
N LEU Y 352 107.72 63.89 4.16
CA LEU Y 352 106.33 64.30 4.34
C LEU Y 352 105.79 63.90 5.71
N MET Y 353 106.54 63.09 6.45
CA MET Y 353 106.08 62.56 7.72
C MET Y 353 106.86 63.15 8.90
N PHE Y 354 107.66 64.19 8.65
CA PHE Y 354 108.47 64.78 9.72
C PHE Y 354 107.58 65.40 10.79
N ARG Y 355 106.49 66.06 10.40
CA ARG Y 355 105.63 66.68 11.39
C ARG Y 355 105.00 65.63 12.30
N ALA Y 356 104.53 64.52 11.73
CA ALA Y 356 103.96 63.46 12.55
C ALA Y 356 105.00 62.86 13.48
N ASN Y 357 106.21 62.61 12.97
CA ASN Y 357 107.25 62.04 13.83
C ASN Y 357 107.66 62.98 14.94
N VAL Y 358 107.78 64.28 14.64
CA VAL Y 358 108.17 65.25 15.66
C VAL Y 358 107.06 65.42 16.69
N LEU Y 359 105.80 65.41 16.25
CA LEU Y 359 104.69 65.49 17.19
C LEU Y 359 104.68 64.27 18.12
N HIS Y 360 104.95 63.08 17.56
CA HIS Y 360 105.02 61.90 18.41
C HIS Y 360 106.18 62.00 19.39
N MET Y 361 107.32 62.52 18.95
CA MET Y 361 108.46 62.69 19.85
C MET Y 361 108.13 63.64 20.99
N LEU Y 362 107.47 64.76 20.67
CA LEU Y 362 107.08 65.70 21.69
C LEU Y 362 106.05 65.09 22.65
N LEU Y 363 105.14 64.28 22.12
CA LEU Y 363 104.16 63.60 22.97
C LEU Y 363 104.86 62.65 23.93
N GLU Y 364 105.84 61.90 23.43
CA GLU Y 364 106.62 61.01 24.30
C GLU Y 364 107.39 61.80 25.35
N PHE Y 365 107.98 62.93 24.96
CA PHE Y 365 108.72 63.76 25.90
C PHE Y 365 107.82 64.27 27.02
N VAL Y 366 106.62 64.76 26.66
CA VAL Y 366 105.68 65.23 27.66
C VAL Y 366 105.16 64.08 28.51
N LEU Y 367 104.96 62.92 27.89
CA LEU Y 367 104.32 61.80 28.56
C LEU Y 367 105.27 61.14 29.55
N ASP Y 368 106.57 61.17 29.26
CA ASP Y 368 107.57 60.93 30.29
C ASP Y 368 107.72 62.17 31.15
N ASN Y 369 108.56 62.10 32.17
CA ASN Y 369 108.76 63.16 33.16
C ASN Y 369 107.48 63.49 33.91
N LEU Y 370 106.44 62.66 33.78
CA LEU Y 370 105.18 62.87 34.51
C LEU Y 370 105.30 62.26 35.90
N TYR Y 371 106.30 62.72 36.64
CA TYR Y 371 106.64 62.21 37.95
C TYR Y 371 106.45 63.28 39.00
N LEU Y 372 106.71 62.92 40.25
CA LEU Y 372 106.70 63.85 41.37
C LEU Y 372 108.05 63.78 42.07
N ASN Y 373 108.65 64.94 42.32
CA ASN Y 373 109.95 65.00 42.94
C ASN Y 373 109.88 64.49 44.38
N ARG Y 374 110.98 63.87 44.82
CA ARG Y 374 111.05 63.22 46.12
C ARG Y 374 112.05 63.94 47.01
N HIS Y 375 111.69 64.11 48.27
CA HIS Y 375 112.60 64.70 49.27
C HIS Y 375 113.57 63.61 49.73
N THR Y 376 114.85 63.79 49.45
CA THR Y 376 115.83 62.75 49.67
C THR Y 376 116.65 62.91 50.95
N GLY Y 377 116.94 64.13 51.36
CA GLY Y 377 117.77 64.36 52.53
C GLY Y 377 119.01 65.13 52.16
N PHE Y 378 119.45 66.00 53.06
CA PHE Y 378 120.53 66.93 52.80
C PHE Y 378 121.74 66.60 53.67
N SER Y 379 122.78 67.43 53.53
CA SER Y 379 124.02 67.27 54.30
C SER Y 379 124.79 68.57 54.21
N GLN Y 380 125.20 69.09 55.36
CA GLN Y 380 125.93 70.36 55.39
C GLN Y 380 127.28 70.23 54.69
N ASP Y 381 127.70 71.33 54.07
CA ASP Y 381 128.99 71.42 53.41
C ASP Y 381 129.83 72.49 54.08
N HIS Y 382 131.14 72.27 54.12
CA HIS Y 382 132.05 73.23 54.73
C HIS Y 382 133.30 73.46 53.89
N THR Y 383 133.26 73.16 52.60
CA THR Y 383 134.34 73.54 51.71
C THR Y 383 134.40 75.07 51.61
N PRO Y 384 135.59 75.64 51.41
CA PRO Y 384 135.71 77.11 51.44
C PRO Y 384 134.88 77.82 50.39
N PHE Y 385 134.53 77.15 49.29
CA PHE Y 385 133.76 77.80 48.24
C PHE Y 385 132.26 77.79 48.50
N THR Y 386 131.77 76.77 49.20
CA THR Y 386 130.36 76.67 49.59
C THR Y 386 130.33 76.59 51.11
N GLU Y 387 130.27 77.76 51.76
CA GLU Y 387 130.43 77.85 53.21
C GLU Y 387 129.06 77.77 53.89
N GLY Y 388 128.79 76.64 54.53
CA GLY Y 388 127.62 76.50 55.37
C GLY Y 388 126.32 76.24 54.65
N ALA Y 389 126.33 76.13 53.32
CA ALA Y 389 125.11 75.91 52.56
C ALA Y 389 124.79 74.43 52.50
N ASN Y 390 123.55 74.08 52.85
CA ASN Y 390 123.13 72.69 52.76
C ASN Y 390 123.13 72.21 51.32
N LEU Y 391 123.55 70.98 51.11
CA LEU Y 391 123.53 70.36 49.79
C LEU Y 391 122.71 69.09 49.85
N ARG Y 392 122.11 68.74 48.71
CA ARG Y 392 121.21 67.59 48.62
C ARG Y 392 121.98 66.38 48.13
N SER Y 393 121.92 65.29 48.90
CA SER Y 393 122.59 64.06 48.54
C SER Y 393 121.64 63.16 47.76
N LEU Y 394 122.17 62.08 47.21
CA LEU Y 394 121.38 61.17 46.40
C LEU Y 394 121.53 59.75 46.91
N PRO Y 395 120.49 58.93 46.77
CA PRO Y 395 120.62 57.52 47.17
C PRO Y 395 121.52 56.76 46.21
N GLY Y 396 122.43 55.98 46.77
CA GLY Y 396 123.36 55.21 45.98
C GLY Y 396 124.69 54.99 46.68
N PRO Y 397 125.70 54.56 45.92
CA PRO Y 397 127.00 54.28 46.54
C PRO Y 397 127.68 55.51 47.13
N ASP Y 398 127.83 56.56 46.33
CA ASP Y 398 128.54 57.76 46.77
C ASP Y 398 127.81 58.98 46.24
N ALA Y 399 127.25 59.79 47.14
CA ALA Y 399 126.62 61.04 46.75
C ALA Y 399 127.62 62.12 46.39
N GLU Y 400 128.89 61.96 46.79
CA GLU Y 400 129.90 62.96 46.48
C GLU Y 400 130.21 63.03 44.99
N LYS Y 401 129.86 61.99 44.23
CA LYS Y 401 130.10 62.01 42.79
C LYS Y 401 129.25 63.08 42.11
N TRP Y 402 128.02 63.26 42.58
CA TRP Y 402 127.05 64.12 41.90
C TRP Y 402 127.12 65.58 42.34
N TYR Y 403 127.93 65.92 43.35
CA TYR Y 403 127.96 67.30 43.82
C TYR Y 403 128.49 68.23 42.73
N SER Y 404 129.54 67.83 42.02
CA SER Y 404 130.09 68.67 40.97
C SER Y 404 129.08 68.90 39.86
N ILE Y 405 128.35 67.85 39.47
CA ILE Y 405 127.36 67.97 38.41
C ILE Y 405 126.20 68.85 38.86
N MET Y 406 125.75 68.69 40.10
CA MET Y 406 124.57 69.38 40.57
C MET Y 406 124.84 70.85 40.87
N TYR Y 407 126.01 71.17 41.40
CA TYR Y 407 126.32 72.52 41.89
C TYR Y 407 127.57 73.04 41.18
N PRO Y 408 127.42 73.75 40.07
CA PRO Y 408 128.61 74.29 39.38
C PRO Y 408 129.43 75.25 40.22
N THR Y 409 128.78 76.00 41.13
CA THR Y 409 129.48 76.99 41.93
C THR Y 409 130.44 76.37 42.94
N ARG Y 410 130.26 75.08 43.25
CA ARG Y 410 131.06 74.45 44.29
C ARG Y 410 132.54 74.47 43.94
N MET Y 411 132.89 74.17 42.69
CA MET Y 411 134.28 74.25 42.26
C MET Y 411 134.69 75.72 42.13
N GLY Y 412 135.81 76.08 42.74
CA GLY Y 412 136.23 77.46 42.78
C GLY Y 412 136.88 77.95 41.50
N THR Y 413 137.89 78.81 41.63
CA THR Y 413 138.61 79.40 40.50
C THR Y 413 140.11 79.21 40.70
N PRO Y 414 140.58 77.96 40.73
CA PRO Y 414 142.01 77.73 41.00
C PRO Y 414 142.93 78.29 39.91
N ASN Y 415 142.52 78.28 38.66
CA ASN Y 415 143.35 78.74 37.56
C ASN Y 415 142.47 79.51 36.58
N VAL Y 416 142.99 79.74 35.37
CA VAL Y 416 142.32 80.52 34.34
C VAL Y 416 141.76 79.58 33.30
N SER Y 417 140.45 79.67 33.06
CA SER Y 417 139.77 78.83 32.08
C SER Y 417 138.39 79.41 31.83
N LYS Y 418 137.70 78.85 30.83
CA LYS Y 418 136.33 79.26 30.55
C LYS Y 418 135.42 78.97 31.73
N ILE Y 419 135.50 77.74 32.26
CA ILE Y 419 134.71 77.40 33.44
C ILE Y 419 135.14 78.24 34.63
N CYS Y 420 136.44 78.49 34.76
CA CYS Y 420 136.98 79.17 35.93
C CYS Y 420 136.70 80.67 35.93
N ASN Y 421 136.39 81.26 34.78
CA ASN Y 421 135.95 82.65 34.78
C ASN Y 421 134.44 82.80 34.56
N PHE Y 422 133.75 81.71 34.24
CA PHE Y 422 132.30 81.69 34.37
C PHE Y 422 131.88 81.55 35.83
N VAL Y 423 132.63 80.75 36.59
CA VAL Y 423 132.34 80.59 38.02
C VAL Y 423 132.51 81.92 38.73
N ALA Y 424 133.57 82.66 38.41
CA ALA Y 424 133.77 83.98 39.01
C ALA Y 424 132.62 84.92 38.68
N SER Y 425 132.05 84.80 37.48
CA SER Y 425 130.87 85.59 37.15
C SER Y 425 129.65 85.16 37.95
N CYS Y 426 129.52 83.86 38.23
CA CYS Y 426 128.40 83.37 39.01
C CYS Y 426 128.42 83.94 40.43
N VAL Y 427 127.32 83.72 41.15
CA VAL Y 427 127.18 84.16 42.51
C VAL Y 427 127.31 82.96 43.44
N ARG Y 428 127.39 83.21 44.74
CA ARG Y 428 127.74 82.19 45.73
C ARG Y 428 126.58 81.80 46.64
N ASN Y 429 125.69 82.71 46.98
CA ASN Y 429 124.67 82.47 48.00
C ASN Y 429 123.37 81.91 47.44
N ARG Y 430 123.42 81.24 46.28
CA ARG Y 430 122.25 80.59 45.69
C ARG Y 430 122.65 79.16 45.32
N VAL Y 431 122.52 78.25 46.29
CA VAL Y 431 122.88 76.85 46.08
C VAL Y 431 122.24 76.04 47.20
N GLY Y 432 121.79 74.83 46.86
CA GLY Y 432 121.25 73.95 47.88
C GLY Y 432 119.86 74.39 48.32
N ARG Y 433 119.59 74.21 49.61
CA ARG Y 433 118.26 74.44 50.17
C ARG Y 433 117.99 75.92 50.28
N PHE Y 434 117.01 76.41 49.50
CA PHE Y 434 116.58 77.79 49.59
C PHE Y 434 115.59 77.99 50.74
N ASP Y 435 114.44 77.33 50.67
CA ASP Y 435 113.40 77.48 51.67
C ASP Y 435 112.84 76.09 51.99
N ARG Y 436 112.34 75.94 53.21
CA ARG Y 436 111.85 74.67 53.70
C ARG Y 436 110.48 74.85 54.36
N ALA Y 437 109.76 73.74 54.48
CA ALA Y 437 108.43 73.77 55.06
C ALA Y 437 108.50 74.09 56.54
N GLN Y 438 107.35 74.45 57.11
CA GLN Y 438 107.23 74.73 58.54
C GLN Y 438 106.83 73.51 59.34
N MET Y 439 105.73 72.88 58.98
CA MET Y 439 105.33 71.64 59.63
C MET Y 439 106.28 70.51 59.24
N MET Y 440 106.57 69.64 60.20
CA MET Y 440 107.57 68.60 60.04
C MET Y 440 107.05 67.27 60.56
N ASN Y 441 107.59 66.19 60.00
CA ASN Y 441 107.36 64.85 60.50
C ASN Y 441 108.72 64.31 60.94
N GLY Y 442 108.81 63.85 62.18
CA GLY Y 442 110.09 63.44 62.71
C GLY Y 442 111.03 64.61 62.88
N ALA Y 443 112.04 64.71 62.01
CA ALA Y 443 112.95 65.83 62.01
C ALA Y 443 113.23 66.36 60.60
N MET Y 444 112.41 66.00 59.62
CA MET Y 444 112.56 66.45 58.24
C MET Y 444 111.31 67.17 57.78
N SER Y 445 111.51 68.21 56.97
CA SER Y 445 110.40 69.02 56.48
C SER Y 445 109.56 68.21 55.49
N GLU Y 446 108.27 68.58 55.40
CA GLU Y 446 107.37 67.90 54.50
C GLU Y 446 107.69 68.20 53.04
N TRP Y 447 108.07 69.45 52.75
CA TRP Y 447 108.48 69.85 51.41
C TRP Y 447 109.67 70.80 51.53
N VAL Y 448 110.44 70.89 50.45
CA VAL Y 448 111.63 71.73 50.42
C VAL Y 448 111.79 72.32 49.03
N ASP Y 449 112.44 73.49 48.97
CA ASP Y 449 112.67 74.21 47.73
C ASP Y 449 114.17 74.46 47.61
N VAL Y 450 114.78 73.97 46.53
CA VAL Y 450 116.23 73.91 46.43
C VAL Y 450 116.69 74.43 45.07
N PHE Y 451 117.99 74.73 45.00
CA PHE Y 451 118.67 75.06 43.75
C PHE Y 451 119.46 73.84 43.28
N GLU Y 452 119.30 73.51 41.99
CA GLU Y 452 120.11 72.46 41.38
C GLU Y 452 119.96 72.56 39.88
N THR Y 453 120.88 71.90 39.17
CA THR Y 453 120.82 71.89 37.72
C THR Y 453 119.59 71.14 37.25
N SER Y 454 118.73 71.83 36.52
CA SER Y 454 117.47 71.30 36.02
C SER Y 454 116.90 72.31 35.03
N ASP Y 455 116.27 71.81 33.97
CA ASP Y 455 115.75 72.70 32.94
C ASP Y 455 114.30 73.12 33.23
N ALA Y 456 114.01 74.37 32.86
CA ALA Y 456 112.70 74.95 33.14
C ALA Y 456 111.59 74.14 32.49
N LEU Y 457 111.86 73.54 31.32
CA LEU Y 457 110.81 72.83 30.61
C LEU Y 457 110.25 71.69 31.45
N THR Y 458 111.12 70.77 31.92
CA THR Y 458 110.56 69.67 32.67
C THR Y 458 110.19 70.09 34.10
N VAL Y 459 110.85 71.09 34.68
CA VAL Y 459 110.39 71.45 36.02
C VAL Y 459 108.98 72.03 35.94
N SER Y 460 108.68 72.80 34.88
CA SER Y 460 107.34 73.31 34.69
C SER Y 460 106.35 72.20 34.37
N ILE Y 461 106.77 71.22 33.57
CA ILE Y 461 105.90 70.09 33.26
C ILE Y 461 105.53 69.33 34.54
N ARG Y 462 106.54 69.06 35.38
CA ARG Y 462 106.28 68.33 36.61
C ARG Y 462 105.45 69.15 37.58
N GLY Y 463 105.67 70.47 37.63
CA GLY Y 463 104.84 71.31 38.48
C GLY Y 463 103.39 71.32 38.04
N ARG Y 464 103.15 71.40 36.74
CA ARG Y 464 101.78 71.36 36.23
C ARG Y 464 101.12 70.02 36.50
N TRP Y 465 101.87 68.93 36.32
CA TRP Y 465 101.32 67.60 36.63
C TRP Y 465 101.00 67.48 38.11
N MET Y 466 101.88 68.01 38.97
CA MET Y 466 101.63 67.99 40.40
C MET Y 466 100.39 68.80 40.76
N ALA Y 467 100.21 69.96 40.12
CA ALA Y 467 99.03 70.76 40.38
C ALA Y 467 97.76 70.02 39.94
N ARG Y 468 97.82 69.36 38.78
CA ARG Y 468 96.67 68.58 38.31
C ARG Y 468 96.34 67.46 39.28
N LEU Y 469 97.36 66.77 39.79
CA LEU Y 469 97.12 65.71 40.78
C LEU Y 469 96.55 66.28 42.07
N ALA Y 470 97.09 67.40 42.54
CA ALA Y 470 96.64 67.99 43.79
C ALA Y 470 95.23 68.55 43.69
N ARG Y 471 94.78 68.93 42.49
CA ARG Y 471 93.41 69.38 42.33
C ARG Y 471 92.40 68.25 42.47
N MET Y 472 92.87 67.00 42.53
CA MET Y 472 92.00 65.83 42.65
C MET Y 472 91.90 65.31 44.08
N ASN Y 473 92.49 66.01 45.05
CA ASN Y 473 92.53 65.50 46.42
C ASN Y 473 91.12 65.41 47.00
N ILE Y 474 90.90 64.35 47.77
CA ILE Y 474 89.60 64.08 48.40
C ILE Y 474 89.85 63.70 49.85
N ASN Y 475 88.82 63.86 50.68
CA ASN Y 475 88.96 63.69 52.12
C ASN Y 475 88.26 62.43 52.61
N PRO Y 476 88.78 61.76 53.63
CA PRO Y 476 88.08 60.59 54.19
C PRO Y 476 86.69 60.90 54.69
N THR Y 477 86.45 62.11 55.20
CA THR Y 477 85.10 62.49 55.57
C THR Y 477 84.18 62.46 54.37
N GLU Y 478 84.64 62.96 53.22
CA GLU Y 478 83.86 62.86 52.00
C GLU Y 478 83.71 61.43 51.54
N ILE Y 479 84.72 60.58 51.76
CA ILE Y 479 84.60 59.16 51.43
C ILE Y 479 83.46 58.53 52.23
N GLU Y 480 83.41 58.81 53.53
CA GLU Y 480 82.38 58.19 54.36
C GLU Y 480 81.01 58.77 54.07
N TRP Y 481 80.93 60.08 53.76
CA TRP Y 481 79.68 60.65 53.29
C TRP Y 481 79.20 59.95 52.03
N ALA Y 482 80.11 59.77 51.07
CA ALA Y 482 79.75 59.14 49.81
C ALA Y 482 79.25 57.72 50.03
N LEU Y 483 79.97 56.94 50.84
CA LEU Y 483 79.56 55.55 51.06
C LEU Y 483 78.23 55.48 51.79
N THR Y 484 78.02 56.33 52.81
CA THR Y 484 76.78 56.30 53.56
C THR Y 484 75.60 56.68 52.69
N GLU Y 485 75.75 57.72 51.87
CA GLU Y 485 74.66 58.11 50.97
C GLU Y 485 74.46 57.10 49.85
N CYS Y 486 75.54 56.44 49.42
CA CYS Y 486 75.46 55.50 48.32
C CYS Y 486 74.77 54.20 48.74
N ALA Y 487 74.96 53.78 49.98
CA ALA Y 487 74.40 52.52 50.44
C ALA Y 487 72.88 52.55 50.58
N GLN Y 488 72.23 53.68 50.30
CA GLN Y 488 70.79 53.83 50.47
C GLN Y 488 70.40 53.50 51.92
N GLY Y 489 71.21 53.97 52.85
CA GLY Y 489 71.00 53.61 54.23
C GLY Y 489 71.37 52.17 54.49
N TYR Y 490 70.77 51.62 55.55
CA TYR Y 490 70.87 50.22 55.94
C TYR Y 490 72.23 49.90 56.55
N VAL Y 491 73.18 50.84 56.44
CA VAL Y 491 74.48 50.75 57.08
C VAL Y 491 74.99 52.17 57.28
N THR Y 492 75.92 52.35 58.19
CA THR Y 492 76.66 53.59 58.34
C THR Y 492 78.15 53.28 58.37
N VAL Y 493 78.93 54.07 57.66
CA VAL Y 493 80.37 53.86 57.57
C VAL Y 493 81.09 54.99 58.29
N THR Y 494 82.32 54.70 58.70
CA THR Y 494 83.13 55.66 59.44
C THR Y 494 84.59 55.42 59.09
N SER Y 495 85.30 56.50 58.74
CA SER Y 495 86.70 56.42 58.33
C SER Y 495 87.50 57.41 59.18
N PRO Y 496 87.85 57.03 60.40
CA PRO Y 496 88.65 57.94 61.25
C PRO Y 496 90.04 58.13 60.68
N TYR Y 497 90.60 59.32 60.94
CA TYR Y 497 91.92 59.67 60.46
C TYR Y 497 92.50 60.75 61.33
N ALA Y 498 93.83 60.88 61.28
CA ALA Y 498 94.61 61.86 62.02
C ALA Y 498 94.76 63.14 61.19
N PRO Y 499 94.94 64.29 61.83
CA PRO Y 499 95.13 65.53 61.07
C PRO Y 499 96.47 65.53 60.34
N SER Y 500 96.40 65.74 59.02
CA SER Y 500 97.60 65.78 58.20
C SER Y 500 97.29 66.54 56.91
N VAL Y 501 98.35 67.03 56.27
CA VAL Y 501 98.19 67.77 55.02
C VAL Y 501 98.96 67.14 53.87
N ASN Y 502 99.93 66.26 54.13
CA ASN Y 502 100.63 65.57 53.05
C ASN Y 502 99.85 64.39 52.50
N ARG Y 503 98.72 64.05 53.10
CA ARG Y 503 97.86 63.01 52.56
C ARG Y 503 97.40 63.39 51.16
N LEU Y 504 97.39 62.41 50.26
CA LEU Y 504 97.04 62.65 48.87
C LEU Y 504 96.38 61.42 48.29
N MET Y 505 95.13 61.57 47.86
CA MET Y 505 94.37 60.47 47.25
C MET Y 505 93.51 61.05 46.13
N PRO Y 506 94.02 61.05 44.90
CA PRO Y 506 93.28 61.69 43.80
C PRO Y 506 92.04 60.90 43.40
N TYR Y 507 90.86 61.38 43.82
CA TYR Y 507 89.63 60.66 43.53
C TYR Y 507 88.46 61.57 43.16
N ARG Y 508 88.70 62.85 42.88
CA ARG Y 508 87.63 63.78 42.54
C ARG Y 508 87.70 64.13 41.06
N ILE Y 509 86.62 63.86 40.34
CA ILE Y 509 86.53 64.09 38.91
C ILE Y 509 85.22 64.80 38.59
N SER Y 510 84.92 64.95 37.31
CA SER Y 510 83.80 65.77 36.87
C SER Y 510 82.79 64.98 36.05
N ASN Y 511 81.56 65.48 36.04
CA ASN Y 511 80.49 64.88 35.25
C ASN Y 511 80.82 64.88 33.77
N ALA Y 512 81.59 65.87 33.30
CA ALA Y 512 82.01 65.88 31.91
C ALA Y 512 82.85 64.65 31.59
N GLU Y 513 83.83 64.35 32.45
CA GLU Y 513 84.64 63.15 32.25
C GLU Y 513 83.81 61.88 32.37
N ARG Y 514 82.88 61.84 33.32
CA ARG Y 514 82.01 60.67 33.44
C ARG Y 514 81.21 60.45 32.16
N GLN Y 515 80.62 61.50 31.61
CA GLN Y 515 79.85 61.38 30.38
C GLN Y 515 80.72 61.00 29.19
N ILE Y 516 81.94 61.53 29.11
CA ILE Y 516 82.84 61.16 28.03
C ILE Y 516 83.18 59.67 28.11
N SER Y 517 83.47 59.18 29.32
CA SER Y 517 83.78 57.76 29.48
C SER Y 517 82.57 56.90 29.13
N GLN Y 518 81.36 57.35 29.53
CA GLN Y 518 80.15 56.61 29.17
C GLN Y 518 79.98 56.55 27.66
N ILE Y 519 80.25 57.66 26.97
CA ILE Y 519 80.13 57.68 25.50
C ILE Y 519 81.15 56.73 24.88
N ILE Y 520 82.37 56.71 25.42
CA ILE Y 520 83.40 55.82 24.90
C ILE Y 520 82.98 54.37 25.08
N ARG Y 521 82.47 54.03 26.27
CA ARG Y 521 82.06 52.67 26.54
C ARG Y 521 80.87 52.26 25.68
N VAL Y 522 79.96 53.20 25.39
CA VAL Y 522 78.86 52.91 24.48
C VAL Y 522 79.39 52.65 23.08
N MET Y 523 80.34 53.47 22.62
CA MET Y 523 80.95 53.26 21.31
C MET Y 523 81.67 51.93 21.23
N ASN Y 524 82.16 51.42 22.36
CA ASN Y 524 82.89 50.16 22.37
C ASN Y 524 82.04 49.02 21.82
N ILE Y 525 80.75 48.99 22.17
CA ILE Y 525 79.93 47.81 21.88
C ILE Y 525 79.86 47.56 20.38
N GLY Y 526 79.48 48.57 19.61
CA GLY Y 526 79.43 48.45 18.17
C GLY Y 526 78.55 47.32 17.68
N ASN Y 527 77.36 47.20 18.27
CA ASN Y 527 76.41 46.13 17.95
C ASN Y 527 77.04 44.76 18.13
N ASN Y 528 77.51 44.50 19.36
CA ASN Y 528 78.08 43.22 19.74
C ASN Y 528 77.34 42.70 20.95
N ALA Y 529 76.91 41.44 20.89
CA ALA Y 529 76.29 40.80 22.04
C ALA Y 529 77.30 40.11 22.95
N THR Y 530 78.51 39.85 22.46
CA THR Y 530 79.52 39.19 23.28
C THR Y 530 80.10 40.13 24.33
N VAL Y 531 80.17 41.44 24.04
CA VAL Y 531 80.62 42.40 25.03
C VAL Y 531 79.52 42.83 25.98
N ILE Y 532 78.32 42.26 25.86
CA ILE Y 532 77.20 42.62 26.72
C ILE Y 532 76.74 41.44 27.56
N GLN Y 533 76.69 40.24 26.98
CA GLN Y 533 76.17 39.06 27.67
C GLN Y 533 76.82 38.80 29.03
N PRO Y 534 78.15 38.83 29.18
CA PRO Y 534 78.72 38.61 30.52
C PRO Y 534 78.24 39.61 31.55
N VAL Y 535 78.07 40.88 31.16
CA VAL Y 535 77.62 41.89 32.11
C VAL Y 535 76.24 41.55 32.64
N LEU Y 536 75.30 41.28 31.72
CA LEU Y 536 73.94 40.94 32.13
C LEU Y 536 73.89 39.65 32.93
N GLN Y 537 74.66 38.63 32.53
CA GLN Y 537 74.68 37.38 33.29
C GLN Y 537 75.20 37.58 34.71
N ASP Y 538 76.28 38.37 34.85
CA ASP Y 538 76.84 38.61 36.17
C ASP Y 538 75.88 39.42 37.04
N ILE Y 539 75.20 40.41 36.45
CA ILE Y 539 74.22 41.18 37.20
C ILE Y 539 73.08 40.28 37.64
N SER Y 540 72.63 39.39 36.76
CA SER Y 540 71.59 38.42 37.12
C SER Y 540 72.04 37.57 38.30
N VAL Y 541 73.27 37.06 38.26
CA VAL Y 541 73.77 36.21 39.33
C VAL Y 541 73.83 36.99 40.66
N LEU Y 542 74.32 38.23 40.60
CA LEU Y 542 74.45 39.02 41.82
C LEU Y 542 73.08 39.33 42.42
N LEU Y 543 72.12 39.72 41.57
CA LEU Y 543 70.77 39.98 42.06
C LEU Y 543 70.13 38.74 42.65
N GLN Y 544 70.31 37.59 42.01
CA GLN Y 544 69.78 36.34 42.57
C GLN Y 544 70.42 36.04 43.91
N ARG Y 545 71.73 36.27 44.04
CA ARG Y 545 72.42 35.96 45.28
C ARG Y 545 71.97 36.85 46.42
N ILE Y 546 71.78 38.15 46.16
CA ILE Y 546 71.53 39.07 47.27
C ILE Y 546 70.03 39.31 47.43
N SER Y 547 69.21 38.75 46.57
CA SER Y 547 67.77 38.99 46.63
C SER Y 547 67.17 38.23 47.82
N PRO Y 548 66.41 38.89 48.70
CA PRO Y 548 65.75 38.17 49.79
C PRO Y 548 64.71 37.18 49.30
N LEU Y 549 64.04 37.47 48.19
CA LEU Y 549 62.99 36.59 47.70
C LEU Y 549 63.60 35.31 47.13
N GLN Y 550 63.00 34.19 47.50
CA GLN Y 550 63.32 32.89 46.93
C GLN Y 550 62.12 32.38 46.14
N ILE Y 551 62.37 31.84 44.96
CA ILE Y 551 61.31 31.43 44.04
C ILE Y 551 61.14 29.92 44.21
N ASP Y 552 60.14 29.52 45.00
CA ASP Y 552 59.81 28.11 44.90
C ASP Y 552 58.49 27.91 44.18
N PRO Y 553 58.40 26.88 43.32
CA PRO Y 553 57.22 26.71 42.48
C PRO Y 553 56.14 25.83 43.08
N THR Y 554 56.30 25.39 44.33
CA THR Y 554 55.30 24.53 44.96
C THR Y 554 53.98 25.23 45.21
N ILE Y 555 53.95 26.57 45.13
CA ILE Y 555 52.71 27.30 45.42
C ILE Y 555 51.63 26.96 44.39
N ILE Y 556 52.00 26.96 43.11
CA ILE Y 556 51.03 26.65 42.06
C ILE Y 556 50.52 25.22 42.22
N SER Y 557 51.43 24.28 42.48
CA SER Y 557 51.01 22.88 42.64
C SER Y 557 50.08 22.72 43.83
N ASN Y 558 50.41 23.35 44.95
CA ASN Y 558 49.56 23.25 46.14
C ASN Y 558 48.20 23.88 45.91
N THR Y 559 48.16 25.02 45.22
CA THR Y 559 46.89 25.70 44.98
C THR Y 559 46.01 24.92 44.03
N MET Y 560 46.56 24.47 42.91
CA MET Y 560 45.75 23.81 41.89
C MET Y 560 45.38 22.38 42.27
N SER Y 561 46.31 21.65 42.90
CA SER Y 561 46.09 20.26 43.28
C SER Y 561 45.69 19.41 42.08
N THR Y 562 46.38 19.64 40.95
CA THR Y 562 46.14 18.97 39.66
C THR Y 562 44.70 18.54 39.41
N LEU Y 571 42.48 16.86 27.72
CA LEU Y 571 42.81 17.00 29.13
C LEU Y 571 41.77 17.86 29.84
N SER Y 572 42.20 18.52 30.91
CA SER Y 572 41.38 19.39 31.73
C SER Y 572 42.07 20.74 31.88
N PRO Y 573 41.30 21.83 32.02
CA PRO Y 573 41.94 23.14 32.23
C PRO Y 573 42.75 23.24 33.51
N ALA Y 574 42.48 22.40 34.51
CA ALA Y 574 43.26 22.44 35.73
C ALA Y 574 44.67 21.92 35.51
N SER Y 575 44.83 20.91 34.66
CA SER Y 575 46.14 20.32 34.39
C SER Y 575 46.84 20.91 33.17
N SER Y 576 46.08 21.48 32.22
CA SER Y 576 46.71 22.07 31.05
C SER Y 576 47.57 23.26 31.42
N ILE Y 577 47.10 24.09 32.36
CA ILE Y 577 47.89 25.24 32.79
C ILE Y 577 49.18 24.79 33.45
N LEU Y 578 49.12 23.74 34.28
CA LEU Y 578 50.32 23.21 34.90
C LEU Y 578 51.27 22.64 33.86
N GLY Y 579 50.74 21.93 32.86
CA GLY Y 579 51.59 21.37 31.82
C GLY Y 579 52.28 22.44 31.00
N LYS Y 580 51.58 23.56 30.74
CA LYS Y 580 52.19 24.65 30.00
C LYS Y 580 53.17 25.45 30.85
N LEU Y 581 52.90 25.58 32.15
CA LEU Y 581 53.80 26.34 33.02
C LEU Y 581 55.09 25.58 33.31
N ARG Y 582 54.99 24.26 33.51
CA ARG Y 582 56.12 23.43 33.90
C ARG Y 582 56.87 24.04 35.09
N PRO Y 583 56.20 24.21 36.24
CA PRO Y 583 56.84 24.92 37.35
C PRO Y 583 58.05 24.20 37.93
N SER Y 584 58.17 22.89 37.72
CA SER Y 584 59.17 22.10 38.46
C SER Y 584 60.59 22.57 38.19
N ASN Y 585 60.91 22.92 36.95
CA ASN Y 585 62.28 23.28 36.61
C ASN Y 585 62.72 24.52 37.39
N SER Y 586 64.01 24.54 37.76
CA SER Y 586 64.58 25.60 38.59
C SER Y 586 65.54 26.41 37.72
N ASP Y 587 64.99 27.41 37.03
CA ASP Y 587 65.80 28.31 36.21
C ASP Y 587 64.99 29.59 36.00
N PHE Y 588 65.49 30.71 36.51
CA PHE Y 588 64.79 31.98 36.39
C PHE Y 588 65.73 33.09 35.93
N SER Y 589 66.73 32.72 35.13
CA SER Y 589 67.58 33.72 34.51
C SER Y 589 66.78 34.65 33.60
N SER Y 590 65.74 34.13 32.95
CA SER Y 590 64.90 34.97 32.11
C SER Y 590 64.14 36.02 32.93
N PHE Y 591 64.08 35.86 34.25
CA PHE Y 591 63.48 36.82 35.16
C PHE Y 591 64.51 37.77 35.74
N ARG Y 592 65.64 37.22 36.20
CA ARG Y 592 66.69 38.07 36.76
C ARG Y 592 67.27 39.00 35.70
N VAL Y 593 67.48 38.49 34.48
CA VAL Y 593 67.95 39.34 33.39
C VAL Y 593 66.88 40.37 33.02
N ALA Y 594 65.61 39.99 33.12
CA ALA Y 594 64.54 40.94 32.86
C ALA Y 594 64.60 42.12 33.82
N LEU Y 595 64.82 41.86 35.11
CA LEU Y 595 65.03 42.94 36.06
C LEU Y 595 66.32 43.72 35.74
N ALA Y 596 67.40 43.01 35.39
CA ALA Y 596 68.67 43.67 35.15
C ALA Y 596 68.65 44.56 33.91
N GLY Y 597 67.73 44.32 32.97
CA GLY Y 597 67.71 45.08 31.74
C GLY Y 597 67.15 46.48 31.86
N TRP Y 598 66.60 46.82 33.03
CA TRP Y 598 66.09 48.18 33.23
C TRP Y 598 67.20 49.22 33.28
N LEU Y 599 68.43 48.80 33.56
CA LEU Y 599 69.54 49.72 33.72
C LEU Y 599 70.25 50.04 32.42
N TYR Y 600 69.94 49.35 31.33
CA TYR Y 600 70.69 49.45 30.08
C TYR Y 600 69.74 49.58 28.89
N ASN Y 601 68.79 50.51 29.01
CA ASN Y 601 67.78 50.70 27.97
C ASN Y 601 68.42 51.11 26.64
N GLY Y 602 69.39 52.02 26.68
CA GLY Y 602 69.92 52.60 25.46
C GLY Y 602 70.81 51.69 24.65
N VAL Y 603 71.18 50.53 25.18
CA VAL Y 603 72.04 49.58 24.48
C VAL Y 603 71.34 48.26 24.21
N VAL Y 604 70.57 47.76 25.17
CA VAL Y 604 69.92 46.46 25.06
C VAL Y 604 68.44 46.61 25.37
N THR Y 605 67.60 46.07 24.49
CA THR Y 605 66.16 46.01 24.69
C THR Y 605 65.74 44.55 24.85
N THR Y 606 64.85 44.30 25.81
CA THR Y 606 64.39 42.95 26.14
C THR Y 606 62.97 42.76 25.63
N VAL Y 607 62.74 41.68 24.90
CA VAL Y 607 61.44 41.35 24.36
C VAL Y 607 61.12 39.90 24.67
N ILE Y 608 59.83 39.57 24.62
CA ILE Y 608 59.41 38.18 24.71
C ILE Y 608 59.83 37.46 23.44
N ASP Y 609 60.48 36.32 23.59
CA ASP Y 609 61.06 35.60 22.46
C ASP Y 609 59.95 35.13 21.53
N ASP Y 610 60.25 35.13 20.23
CA ASP Y 610 59.33 34.58 19.25
C ASP Y 610 59.09 33.09 19.52
N SER Y 611 57.96 32.60 19.02
CA SER Y 611 57.44 31.25 19.22
C SER Y 611 56.95 31.03 20.64
N SER Y 612 57.12 31.99 21.54
CA SER Y 612 56.45 31.97 22.83
C SER Y 612 55.03 32.50 22.74
N TYR Y 613 54.67 33.13 21.63
CA TYR Y 613 53.31 33.53 21.34
C TYR Y 613 52.49 32.31 20.94
N PRO Y 614 51.16 32.43 20.92
CA PRO Y 614 50.35 31.28 20.49
C PRO Y 614 50.75 30.79 19.11
N LYS Y 615 50.78 29.48 18.95
CA LYS Y 615 51.26 28.87 17.73
C LYS Y 615 50.38 29.22 16.54
N ASP Y 616 51.01 29.65 15.44
CA ASP Y 616 50.36 29.81 14.15
C ASP Y 616 49.23 30.84 14.18
N GLY Y 617 49.31 31.81 15.08
CA GLY Y 617 48.27 32.80 15.21
C GLY Y 617 47.33 32.52 16.37
N GLY Y 618 47.01 31.25 16.56
CA GLY Y 618 46.15 30.84 17.65
C GLY Y 618 44.67 31.02 17.34
N SER Y 619 43.83 30.50 18.23
CA SER Y 619 42.39 30.60 18.09
C SER Y 619 41.75 30.48 19.47
N VAL Y 620 40.63 31.18 19.64
CA VAL Y 620 39.92 31.13 20.92
C VAL Y 620 39.24 29.79 21.11
N THR Y 621 38.95 29.08 20.02
CA THR Y 621 38.25 27.80 20.12
C THR Y 621 39.07 26.76 20.88
N SER Y 622 40.38 26.93 20.98
CA SER Y 622 41.22 26.00 21.70
C SER Y 622 41.46 26.49 23.12
N LEU Y 623 42.10 25.65 23.93
CA LEU Y 623 42.33 25.93 25.35
C LEU Y 623 43.78 26.26 25.65
N GLU Y 624 44.72 25.52 25.06
CA GLU Y 624 46.15 25.78 25.25
C GLU Y 624 46.61 27.08 24.59
N ASN Y 625 45.78 27.68 23.74
CA ASN Y 625 46.07 29.01 23.22
C ASN Y 625 45.63 30.10 24.18
N LEU Y 626 44.48 29.91 24.84
CA LEU Y 626 44.09 30.83 25.91
C LEU Y 626 45.08 30.76 27.07
N TRP Y 627 45.52 29.56 27.44
CA TRP Y 627 46.50 29.43 28.51
C TRP Y 627 47.87 29.97 28.11
N ASP Y 628 48.12 30.14 26.81
CA ASP Y 628 49.35 30.77 26.36
C ASP Y 628 49.21 32.28 26.34
N PHE Y 629 48.04 32.78 25.94
CA PHE Y 629 47.77 34.21 25.96
C PHE Y 629 47.81 34.75 27.39
N PHE Y 630 47.33 33.96 28.35
CA PHE Y 630 47.39 34.40 29.75
C PHE Y 630 48.83 34.63 30.18
N ILE Y 631 49.70 33.66 29.90
CA ILE Y 631 51.12 33.79 30.23
C ILE Y 631 51.72 34.99 29.52
N LEU Y 632 51.40 35.15 28.24
CA LEU Y 632 51.92 36.27 27.45
C LEU Y 632 51.55 37.61 28.09
N ALA Y 633 50.27 37.80 28.39
CA ALA Y 633 49.80 39.06 28.97
C ALA Y 633 50.40 39.30 30.34
N LEU Y 634 50.51 38.25 31.16
CA LEU Y 634 51.06 38.44 32.50
C LEU Y 634 52.55 38.76 32.46
N ALA Y 635 53.28 38.20 31.49
CA ALA Y 635 54.72 38.39 31.43
C ALA Y 635 55.15 39.65 30.68
N LEU Y 636 54.30 40.17 29.79
CA LEU Y 636 54.72 41.31 28.97
C LEU Y 636 55.11 42.57 29.74
N PRO Y 637 54.39 43.02 30.79
CA PRO Y 637 54.64 44.36 31.34
C PRO Y 637 56.05 44.58 31.88
N LEU Y 638 56.80 43.52 32.16
CA LEU Y 638 58.12 43.66 32.76
C LEU Y 638 59.22 43.98 31.76
N THR Y 639 59.05 43.61 30.48
CA THR Y 639 60.08 43.87 29.49
C THR Y 639 60.21 45.37 29.23
N THR Y 640 61.43 45.78 28.87
CA THR Y 640 61.71 47.16 28.50
C THR Y 640 61.39 47.45 27.04
N ASP Y 641 60.61 46.59 26.39
CA ASP Y 641 60.18 46.83 25.03
C ASP Y 641 59.33 48.09 24.98
N PRO Y 642 59.63 49.05 24.07
CA PRO Y 642 58.72 50.19 24.03
C PRO Y 642 57.36 49.88 23.49
N CYS Y 643 57.21 48.82 22.72
CA CYS Y 643 55.94 48.51 22.07
C CYS Y 643 55.12 47.42 22.69
N ALA Y 644 55.37 47.12 23.94
CA ALA Y 644 54.67 46.04 24.59
C ALA Y 644 53.17 46.20 24.68
N PRO Y 645 52.67 47.40 24.92
CA PRO Y 645 51.22 47.41 24.98
C PRO Y 645 50.57 46.96 23.71
N VAL Y 646 51.09 47.39 22.58
CA VAL Y 646 50.53 47.00 21.30
C VAL Y 646 50.61 45.52 21.10
N LYS Y 647 51.70 44.92 21.52
CA LYS Y 647 51.87 43.51 21.29
C LYS Y 647 50.79 42.74 22.01
N ALA Y 648 50.45 43.15 23.22
CA ALA Y 648 49.36 42.48 23.90
C ALA Y 648 48.01 42.66 23.24
N PHE Y 649 47.70 43.86 22.77
CA PHE Y 649 46.38 44.05 22.22
C PHE Y 649 46.26 43.15 21.04
N MET Y 650 47.28 43.10 20.22
CA MET Y 650 47.23 42.30 19.01
C MET Y 650 47.09 40.82 19.26
N THR Y 651 47.69 40.28 20.30
CA THR Y 651 47.64 38.86 20.49
C THR Y 651 46.19 38.46 20.60
N LEU Y 652 45.37 39.23 21.28
CA LEU Y 652 43.99 38.80 21.46
C LEU Y 652 43.25 38.95 20.17
N ALA Y 653 43.54 39.99 19.42
CA ALA Y 653 42.87 40.21 18.15
C ALA Y 653 43.15 39.18 17.10
N ASN Y 654 44.39 38.72 16.98
CA ASN Y 654 44.62 37.67 16.01
C ASN Y 654 43.87 36.43 16.43
N MET Y 655 43.84 36.15 17.71
CA MET Y 655 43.16 34.97 18.22
C MET Y 655 41.68 35.03 17.95
N MET Y 656 41.11 36.22 17.96
CA MET Y 656 39.68 36.37 17.76
C MET Y 656 39.27 36.62 16.34
N VAL Y 657 40.12 36.30 15.37
CA VAL Y 657 39.73 36.44 13.99
C VAL Y 657 38.60 35.48 13.77
N GLY Y 658 37.53 35.95 13.15
CA GLY Y 658 36.41 35.10 12.86
C GLY Y 658 35.32 35.08 13.89
N PHE Y 659 35.55 35.69 15.03
CA PHE Y 659 34.48 35.78 15.99
C PHE Y 659 34.13 37.21 16.24
N GLU Y 660 35.12 38.09 16.16
CA GLU Y 660 34.88 39.53 16.33
C GLU Y 660 35.85 40.28 15.42
N THR Y 661 35.51 41.50 15.03
CA THR Y 661 36.34 42.25 14.11
C THR Y 661 36.62 43.66 14.58
N ILE Y 662 37.75 44.24 14.18
CA ILE Y 662 38.09 45.60 14.56
C ILE Y 662 38.32 46.38 13.30
N PRO Y 663 38.05 47.69 13.34
CA PRO Y 663 38.36 48.42 12.12
C PRO Y 663 39.84 48.41 11.76
N MET Y 664 40.17 48.25 10.50
CA MET Y 664 41.56 48.27 10.08
C MET Y 664 41.78 49.38 9.05
N ASP Y 665 42.96 49.98 9.01
CA ASP Y 665 43.19 51.12 8.11
C ASP Y 665 43.92 50.93 6.79
N ASN Y 666 45.09 50.31 6.81
CA ASN Y 666 45.90 50.19 5.59
C ASN Y 666 45.25 49.41 4.51
N GLN Y 667 44.61 48.32 4.87
CA GLN Y 667 43.93 47.46 3.91
C GLN Y 667 44.92 46.56 3.21
N ILE Y 668 46.19 46.67 3.57
CA ILE Y 668 47.16 45.73 3.03
C ILE Y 668 47.51 44.90 4.25
N TYR Y 669 47.21 45.44 5.43
CA TYR Y 669 47.47 44.72 6.67
C TYR Y 669 46.17 44.36 7.32
N THR Y 670 45.92 43.08 7.54
CA THR Y 670 44.66 42.66 8.10
C THR Y 670 44.66 42.62 9.61
N GLN Y 671 43.70 41.92 10.19
CA GLN Y 671 43.59 41.81 11.63
C GLN Y 671 44.36 40.58 11.94
N SER Y 672 44.92 39.96 10.92
CA SER Y 672 45.64 38.73 11.14
C SER Y 672 47.15 38.90 11.18
N ARG Y 673 47.64 40.14 11.20
CA ARG Y 673 49.06 40.35 11.29
C ARG Y 673 49.49 39.85 12.62
N ARG Y 674 50.56 39.08 12.66
CA ARG Y 674 50.98 38.48 13.90
C ARG Y 674 51.50 39.54 14.79
N ALA Y 675 51.30 39.37 16.09
CA ALA Y 675 51.70 40.38 17.04
C ALA Y 675 53.16 40.66 17.05
N SER Y 676 53.98 39.66 16.79
CA SER Y 676 55.40 39.83 16.89
C SER Y 676 55.89 40.91 15.98
N ALA Y 677 55.30 41.02 14.81
CA ALA Y 677 55.75 42.00 13.86
C ALA Y 677 55.66 43.41 14.37
N PHE Y 678 54.71 43.71 15.23
CA PHE Y 678 54.53 45.08 15.68
C PHE Y 678 55.59 45.41 16.69
N SER Y 679 56.80 45.68 16.23
CA SER Y 679 57.90 45.92 17.15
C SER Y 679 58.44 47.28 16.91
N THR Y 680 57.65 48.11 16.30
CA THR Y 680 58.11 49.45 15.93
C THR Y 680 56.96 50.43 16.17
N PRO Y 681 57.26 51.64 16.65
CA PRO Y 681 56.17 52.59 16.97
C PRO Y 681 55.25 52.91 15.81
N HIS Y 682 55.73 52.89 14.56
CA HIS Y 682 54.86 53.28 13.46
C HIS Y 682 53.79 52.24 13.16
N THR Y 683 53.85 51.07 13.77
CA THR Y 683 52.91 49.99 13.50
C THR Y 683 51.72 49.98 14.44
N TRP Y 684 51.59 50.98 15.30
CA TRP Y 684 50.51 51.02 16.29
C TRP Y 684 49.18 51.22 15.58
N PRO Y 685 48.20 50.35 15.78
CA PRO Y 685 46.93 50.48 15.05
C PRO Y 685 46.12 51.70 15.48
N ARG Y 686 45.33 52.20 14.52
CA ARG Y 686 44.53 53.39 14.76
C ARG Y 686 43.48 53.15 15.84
N CYS Y 687 42.88 51.95 15.86
CA CYS Y 687 41.91 51.64 16.90
C CYS Y 687 42.55 51.63 18.28
N PHE Y 688 43.76 51.08 18.39
CA PHE Y 688 44.46 51.10 19.67
C PHE Y 688 44.78 52.53 20.08
N MET Y 689 45.18 53.37 19.12
CA MET Y 689 45.42 54.77 19.44
C MET Y 689 44.16 55.47 19.92
N ASN Y 690 43.03 55.23 19.26
CA ASN Y 690 41.75 55.83 19.61
C ASN Y 690 40.72 54.71 19.72
N ILE Y 691 40.62 54.11 20.90
CA ILE Y 691 39.69 53.03 21.18
C ILE Y 691 38.23 53.40 20.90
N GLN Y 692 37.93 54.69 20.70
CA GLN Y 692 36.57 55.08 20.37
C GLN Y 692 36.09 54.51 19.05
N LEU Y 693 37.01 54.10 18.17
CA LEU Y 693 36.63 53.50 16.90
C LEU Y 693 36.23 52.03 17.04
N ILE Y 694 36.51 51.39 18.17
CA ILE Y 694 36.13 50.00 18.37
C ILE Y 694 34.67 49.98 18.86
N SER Y 695 33.78 49.55 17.98
CA SER Y 695 32.36 49.53 18.33
C SER Y 695 32.08 48.40 19.30
N PRO Y 696 31.47 48.66 20.46
CA PRO Y 696 31.15 47.58 21.40
C PRO Y 696 30.18 46.56 20.84
N ILE Y 697 29.38 46.93 19.83
CA ILE Y 697 28.47 45.96 19.22
C ILE Y 697 29.26 44.86 18.51
N ASP Y 698 30.32 45.23 17.80
CA ASP Y 698 31.08 44.24 17.03
C ASP Y 698 32.13 43.55 17.88
N ALA Y 699 32.91 44.31 18.65
CA ALA Y 699 34.04 43.78 19.41
C ALA Y 699 33.98 44.21 20.87
N PRO Y 700 33.06 43.65 21.65
CA PRO Y 700 32.99 44.02 23.08
C PRO Y 700 34.23 43.62 23.86
N ILE Y 701 34.72 42.40 23.68
CA ILE Y 701 35.88 41.95 24.45
C ILE Y 701 37.14 42.70 24.00
N LEU Y 702 37.27 42.95 22.70
CA LEU Y 702 38.41 43.72 22.24
C LEU Y 702 38.37 45.15 22.78
N ARG Y 703 37.17 45.75 22.82
CA ARG Y 703 37.02 47.07 23.41
C ARG Y 703 37.42 47.06 24.88
N GLN Y 704 36.97 46.04 25.62
CA GLN Y 704 37.32 45.93 27.04
C GLN Y 704 38.81 45.76 27.24
N TRP Y 705 39.45 44.93 26.41
CA TRP Y 705 40.88 44.70 26.52
C TRP Y 705 41.68 45.96 26.20
N ALA Y 706 41.27 46.69 25.15
CA ALA Y 706 41.93 47.95 24.84
C ALA Y 706 41.77 48.96 25.96
N GLU Y 707 40.57 49.06 26.53
CA GLU Y 707 40.35 49.98 27.64
C GLU Y 707 41.18 49.59 28.86
N ILE Y 708 41.27 48.29 29.15
CA ILE Y 708 42.05 47.82 30.27
C ILE Y 708 43.53 48.12 30.07
N ILE Y 709 44.03 47.91 28.85
CA ILE Y 709 45.43 48.24 28.55
C ILE Y 709 45.68 49.72 28.74
N HIS Y 710 44.76 50.56 28.24
CA HIS Y 710 44.95 52.00 28.34
C HIS Y 710 44.92 52.48 29.79
N ARG Y 711 44.05 51.88 30.60
CA ARG Y 711 43.78 52.41 31.94
C ARG Y 711 44.65 51.79 33.03
N TYR Y 712 45.12 50.56 32.87
CA TYR Y 712 45.73 49.82 33.97
C TYR Y 712 47.15 49.34 33.67
N TRP Y 713 47.76 49.78 32.58
CA TRP Y 713 49.14 49.43 32.32
C TRP Y 713 50.04 50.09 33.35
N PRO Y 714 51.08 49.40 33.83
CA PRO Y 714 51.95 49.98 34.85
C PRO Y 714 52.61 51.27 34.39
N ASN Y 715 52.77 52.21 35.33
CA ASN Y 715 53.29 53.55 35.12
C ASN Y 715 54.78 53.60 35.43
N PRO Y 716 55.54 54.42 34.68
CA PRO Y 716 56.97 54.57 34.95
C PRO Y 716 57.20 55.36 36.24
N SER Y 717 58.44 55.31 36.71
CA SER Y 717 58.84 56.02 37.91
C SER Y 717 60.36 56.17 37.91
N GLN Y 718 60.85 57.05 38.80
CA GLN Y 718 62.27 57.29 38.94
C GLN Y 718 62.63 57.29 40.41
N ILE Y 719 63.87 56.93 40.72
CA ILE Y 719 64.35 56.79 42.09
C ILE Y 719 65.73 57.40 42.21
N ARG Y 720 65.97 58.07 43.34
CA ARG Y 720 67.29 58.61 43.63
C ARG Y 720 68.27 57.49 43.94
N TYR Y 721 69.52 57.66 43.51
CA TYR Y 721 70.55 56.66 43.78
C TYR Y 721 71.91 57.35 43.76
N GLY Y 722 72.90 56.63 44.29
CA GLY Y 722 74.28 57.06 44.22
C GLY Y 722 74.56 58.36 44.97
N THR Y 723 75.63 59.02 44.56
CA THR Y 723 76.05 60.29 45.14
C THR Y 723 76.33 61.27 44.00
N PRO Y 724 75.51 62.30 43.83
CA PRO Y 724 75.77 63.27 42.76
C PRO Y 724 76.93 64.21 43.04
N ASN Y 725 77.00 64.72 44.27
CA ASN Y 725 77.99 65.74 44.60
C ASN Y 725 79.40 65.21 44.51
N VAL Y 726 79.65 64.05 45.12
CA VAL Y 726 80.94 63.39 45.06
C VAL Y 726 80.76 62.05 44.37
N PHE Y 727 81.82 61.56 43.74
CA PHE Y 727 81.87 60.42 42.83
C PHE Y 727 81.30 60.75 41.46
N GLY Y 728 80.76 61.94 41.25
CA GLY Y 728 80.24 62.31 39.96
C GLY Y 728 78.98 61.54 39.59
N SER Y 729 78.67 61.57 38.29
CA SER Y 729 77.50 60.88 37.76
C SER Y 729 77.61 60.77 36.24
N ALA Y 730 77.35 59.58 35.71
CA ALA Y 730 77.48 59.30 34.27
C ALA Y 730 76.13 59.19 33.59
N ASN Y 731 75.17 60.03 33.97
CA ASN Y 731 73.84 59.97 33.37
C ASN Y 731 73.78 60.82 32.11
N LEU Y 732 73.15 60.27 31.08
CA LEU Y 732 72.91 60.96 29.82
C LEU Y 732 71.42 60.97 29.51
N PHE Y 733 70.93 62.11 29.02
CA PHE Y 733 69.53 62.38 28.70
C PHE Y 733 68.66 62.46 29.95
N THR Y 734 69.20 62.25 31.14
CA THR Y 734 68.48 62.28 32.40
C THR Y 734 69.25 63.10 33.41
N PRO Y 735 68.57 63.68 34.39
CA PRO Y 735 69.27 64.38 35.48
C PRO Y 735 70.22 63.45 36.21
N PRO Y 736 71.36 63.95 36.66
CA PRO Y 736 72.41 63.05 37.15
C PRO Y 736 72.16 62.40 38.51
N GLU Y 737 70.96 62.51 39.06
CA GLU Y 737 70.68 61.93 40.37
C GLU Y 737 69.49 60.98 40.35
N VAL Y 738 68.95 60.64 39.19
CA VAL Y 738 67.75 59.81 39.11
C VAL Y 738 68.08 58.49 38.43
N LEU Y 739 67.16 57.53 38.58
CA LEU Y 739 67.26 56.23 37.92
C LEU Y 739 65.86 55.82 37.51
N LEU Y 740 65.61 55.78 36.21
CA LEU Y 740 64.27 55.50 35.70
C LEU Y 740 63.92 54.03 35.87
N LEU Y 741 62.63 53.79 36.10
CA LEU Y 741 62.10 52.44 36.28
C LEU Y 741 60.79 52.32 35.50
N PRO Y 742 60.46 51.13 35.01
CA PRO Y 742 59.19 50.92 34.29
C PRO Y 742 57.99 50.67 35.19
N ILE Y 743 58.19 50.53 36.50
CA ILE Y 743 57.09 50.27 37.43
C ILE Y 743 57.20 51.23 38.61
N ASP Y 744 56.08 51.41 39.30
CA ASP Y 744 56.04 52.31 40.45
C ASP Y 744 56.79 51.71 41.63
N HIS Y 745 57.24 52.58 42.52
CA HIS Y 745 57.95 52.18 43.73
C HIS Y 745 57.41 52.95 44.93
N GLN Y 746 57.52 52.33 46.11
CA GLN Y 746 57.00 52.89 47.35
C GLN Y 746 57.90 52.53 48.51
N PRO Y 747 57.76 53.15 49.68
CA PRO Y 747 58.55 52.72 50.84
C PRO Y 747 58.31 51.26 51.17
N ALA Y 748 59.37 50.59 51.61
CA ALA Y 748 59.38 49.13 51.76
C ALA Y 748 59.12 48.75 53.21
N ASN Y 749 58.11 47.92 53.41
CA ASN Y 749 57.85 47.29 54.71
C ASN Y 749 57.40 45.86 54.47
N VAL Y 750 57.92 44.94 55.29
CA VAL Y 750 57.63 43.52 55.09
C VAL Y 750 56.19 43.15 55.41
N THR Y 751 55.47 44.01 56.11
CA THR Y 751 54.08 43.74 56.49
C THR Y 751 53.15 44.60 55.66
N THR Y 752 52.37 43.94 54.80
CA THR Y 752 51.32 44.55 53.98
C THR Y 752 50.56 43.40 53.32
N PRO Y 753 49.25 43.54 53.09
CA PRO Y 753 48.49 42.41 52.54
C PRO Y 753 49.02 41.98 51.18
N THR Y 754 49.05 40.67 50.97
CA THR Y 754 49.46 40.12 49.68
C THR Y 754 48.47 40.50 48.59
N LEU Y 755 47.18 40.43 48.89
CA LEU Y 755 46.13 40.76 47.93
C LEU Y 755 45.83 42.25 47.90
N ASP Y 756 46.87 43.06 47.80
CA ASP Y 756 46.73 44.51 47.78
C ASP Y 756 46.45 44.91 46.34
N PHE Y 757 45.17 45.08 46.01
CA PHE Y 757 44.79 45.39 44.64
C PHE Y 757 45.21 46.79 44.21
N THR Y 758 45.62 47.65 45.14
CA THR Y 758 46.19 48.94 44.75
C THR Y 758 47.56 48.79 44.12
N ASN Y 759 48.25 47.68 44.39
CA ASN Y 759 49.52 47.41 43.74
C ASN Y 759 49.32 47.23 42.24
N GLU Y 760 50.26 47.76 41.46
CA GLU Y 760 50.10 47.80 40.01
C GLU Y 760 50.08 46.40 39.41
N LEU Y 761 51.04 45.56 39.80
CA LEU Y 761 51.14 44.23 39.20
C LEU Y 761 49.98 43.34 39.62
N THR Y 762 49.60 43.39 40.89
CA THR Y 762 48.47 42.60 41.36
C THR Y 762 47.18 43.05 40.69
N ASN Y 763 47.00 44.36 40.54
CA ASN Y 763 45.82 44.87 39.83
C ASN Y 763 45.81 44.41 38.39
N TRP Y 764 46.97 44.43 37.73
CA TRP Y 764 47.05 43.97 36.34
C TRP Y 764 46.68 42.50 36.24
N ARG Y 765 47.20 41.68 37.14
CA ARG Y 765 46.88 40.25 37.11
C ARG Y 765 45.38 40.03 37.33
N ALA Y 766 44.80 40.73 38.30
CA ALA Y 766 43.37 40.57 38.56
C ALA Y 766 42.53 41.00 37.36
N ARG Y 767 42.91 42.11 36.72
CA ARG Y 767 42.16 42.59 35.56
C ARG Y 767 42.23 41.60 34.41
N VAL Y 768 43.43 41.07 34.14
CA VAL Y 768 43.57 40.08 33.07
C VAL Y 768 42.76 38.84 33.38
N CYS Y 769 42.80 38.38 34.64
CA CYS Y 769 42.06 37.18 35.02
C CYS Y 769 40.56 37.38 34.84
N GLU Y 770 40.03 38.54 35.28
CA GLU Y 770 38.59 38.73 35.15
C GLU Y 770 38.18 38.95 33.70
N LEU Y 771 39.05 39.56 32.87
CA LEU Y 771 38.72 39.65 31.46
C LEU Y 771 38.66 38.28 30.81
N MET Y 772 39.61 37.40 31.13
CA MET Y 772 39.54 36.04 30.61
C MET Y 772 38.30 35.30 31.13
N LYS Y 773 37.93 35.55 32.38
CA LYS Y 773 36.70 34.96 32.92
C LYS Y 773 35.49 35.41 32.13
N ASN Y 774 35.40 36.70 31.81
CA ASN Y 774 34.30 37.22 31.01
C ASN Y 774 34.32 36.61 29.62
N LEU Y 775 35.50 36.45 29.04
CA LEU Y 775 35.61 35.84 27.71
C LEU Y 775 35.10 34.40 27.72
N VAL Y 776 35.44 33.65 28.77
CA VAL Y 776 35.09 32.22 28.79
C VAL Y 776 33.64 31.99 29.19
N ASP Y 777 33.07 32.86 30.03
CA ASP Y 777 31.79 32.57 30.68
C ASP Y 777 30.68 32.29 29.67
N ASN Y 778 30.56 33.12 28.63
CA ASN Y 778 29.43 33.01 27.72
C ASN Y 778 29.53 31.83 26.77
N GLN Y 779 30.74 31.33 26.50
CA GLN Y 779 30.96 30.29 25.50
C GLN Y 779 30.35 30.71 24.15
N ARG Y 780 30.49 31.99 23.84
CA ARG Y 780 30.13 32.51 22.53
C ARG Y 780 31.23 32.26 21.50
N TYR Y 781 32.42 31.87 21.96
CA TYR Y 781 33.59 31.76 21.09
C TYR Y 781 34.25 30.39 21.15
N GLN Y 782 33.62 29.41 21.80
CA GLN Y 782 34.18 28.07 21.96
C GLN Y 782 33.20 27.03 21.45
N PRO Y 783 33.00 26.93 20.13
CA PRO Y 783 32.24 25.81 19.59
C PRO Y 783 33.10 24.56 19.53
N GLY Y 784 32.44 23.41 19.66
CA GLY Y 784 33.11 22.13 19.64
C GLY Y 784 33.45 21.58 21.00
N TRP Y 785 33.45 22.43 22.04
CA TRP Y 785 33.64 21.95 23.41
C TRP Y 785 32.41 21.14 23.81
N THR Y 786 32.56 19.82 23.85
CA THR Y 786 31.40 18.95 24.06
C THR Y 786 30.84 19.12 25.47
N GLN Y 787 31.64 18.83 26.49
CA GLN Y 787 31.21 19.05 27.85
C GLN Y 787 31.48 20.50 28.27
N SER Y 788 30.67 20.98 29.21
CA SER Y 788 30.83 22.33 29.71
C SER Y 788 32.12 22.46 30.50
N LEU Y 789 32.93 23.45 30.15
CA LEU Y 789 34.17 23.72 30.86
C LEU Y 789 34.16 25.10 31.51
N VAL Y 790 33.03 25.79 31.53
CA VAL Y 790 32.97 27.13 32.09
C VAL Y 790 33.25 27.09 33.59
N SER Y 791 32.66 26.12 34.30
CA SER Y 791 32.86 26.05 35.74
C SER Y 791 34.32 25.81 36.09
N SER Y 792 34.95 24.83 35.44
CA SER Y 792 36.36 24.54 35.72
C SER Y 792 37.26 25.69 35.32
N MET Y 793 36.98 26.32 34.18
CA MET Y 793 37.79 27.46 33.73
C MET Y 793 37.70 28.61 34.72
N ARG Y 794 36.49 28.96 35.16
CA ARG Y 794 36.34 30.03 36.14
C ARG Y 794 37.01 29.65 37.46
N GLY Y 795 36.90 28.39 37.87
CA GLY Y 795 37.53 27.98 39.11
C GLY Y 795 39.05 28.12 39.07
N THR Y 796 39.66 27.64 37.99
CA THR Y 796 41.12 27.75 37.89
C THR Y 796 41.57 29.20 37.71
N LEU Y 797 40.79 30.00 36.98
CA LEU Y 797 41.12 31.42 36.85
C LEU Y 797 41.04 32.12 38.20
N GLY Y 798 40.03 31.79 39.00
CA GLY Y 798 39.93 32.37 40.33
C GLY Y 798 41.06 31.93 41.24
N LYS Y 799 41.41 30.64 41.19
CA LYS Y 799 42.51 30.16 42.02
C LYS Y 799 43.84 30.78 41.61
N LEU Y 800 44.02 31.07 40.32
CA LEU Y 800 45.23 31.71 39.84
C LEU Y 800 45.26 33.20 40.13
N LYS Y 801 44.11 33.87 40.13
CA LYS Y 801 44.06 35.29 40.46
C LYS Y 801 44.24 35.51 41.96
N LEU Y 802 43.63 34.67 42.78
CA LEU Y 802 43.66 34.82 44.23
C LEU Y 802 44.89 34.18 44.86
N ILE Y 803 45.91 33.87 44.05
CA ILE Y 803 47.08 33.15 44.56
C ILE Y 803 47.85 34.04 45.53
N LYS Y 804 48.45 33.41 46.54
CA LYS Y 804 49.36 34.10 47.44
C LYS Y 804 50.75 34.12 46.79
N SER Y 805 51.27 35.32 46.58
CA SER Y 805 52.56 35.48 45.92
C SER Y 805 53.07 36.88 46.22
N MET Y 806 54.28 36.97 46.76
CA MET Y 806 54.84 38.23 47.20
C MET Y 806 55.87 38.78 46.24
N THR Y 807 55.94 38.25 45.02
CA THR Y 807 56.83 38.80 44.00
C THR Y 807 56.36 40.17 43.51
N PRO Y 808 55.06 40.45 43.40
CA PRO Y 808 54.67 41.84 43.12
C PRO Y 808 55.12 42.80 44.22
N MET Y 809 54.96 42.43 45.48
CA MET Y 809 55.46 43.25 46.58
C MET Y 809 56.96 43.43 46.48
N TYR Y 810 57.69 42.37 46.16
CA TYR Y 810 59.15 42.47 46.04
C TYR Y 810 59.53 43.45 44.93
N LEU Y 811 59.00 43.23 43.73
CA LEU Y 811 59.30 44.11 42.60
C LEU Y 811 58.88 45.54 42.85
N GLN Y 812 57.86 45.76 43.67
CA GLN Y 812 57.34 47.11 43.89
C GLN Y 812 57.97 47.82 45.08
N GLN Y 813 58.63 47.08 45.98
CA GLN Y 813 59.26 47.69 47.14
C GLN Y 813 60.78 47.54 47.19
N LEU Y 814 61.28 46.30 47.07
CA LEU Y 814 62.68 46.02 47.38
C LEU Y 814 63.58 45.92 46.17
N ALA Y 815 63.03 45.60 44.99
CA ALA Y 815 63.86 45.59 43.79
C ALA Y 815 64.43 46.96 43.45
N PRO Y 816 63.66 48.07 43.48
CA PRO Y 816 64.27 49.37 43.19
C PRO Y 816 65.40 49.75 44.13
N VAL Y 817 65.28 49.45 45.43
CA VAL Y 817 66.35 49.82 46.35
C VAL Y 817 67.59 48.98 46.09
N GLU Y 818 67.41 47.70 45.74
CA GLU Y 818 68.55 46.87 45.37
C GLU Y 818 69.25 47.41 44.14
N LEU Y 819 68.48 47.82 43.12
CA LEU Y 819 69.07 48.38 41.92
C LEU Y 819 69.80 49.68 42.23
N ALA Y 820 69.22 50.51 43.09
CA ALA Y 820 69.86 51.76 43.47
C ALA Y 820 71.17 51.52 44.22
N VAL Y 821 71.20 50.49 45.07
CA VAL Y 821 72.43 50.17 45.80
C VAL Y 821 73.49 49.65 44.85
N ILE Y 822 73.12 48.72 43.97
CA ILE Y 822 74.10 48.04 43.13
C ILE Y 822 74.66 48.98 42.06
N ALA Y 823 73.78 49.77 41.44
CA ALA Y 823 74.12 50.47 40.20
C ALA Y 823 75.40 51.30 40.24
N PRO Y 824 75.64 52.16 41.23
CA PRO Y 824 76.83 53.05 41.15
C PRO Y 824 78.16 52.32 41.18
N MET Y 825 78.21 51.08 41.65
CA MET Y 825 79.47 50.34 41.74
C MET Y 825 79.71 49.43 40.55
N LEU Y 826 78.85 49.48 39.54
CA LEU Y 826 79.02 48.61 38.38
C LEU Y 826 80.21 49.07 37.53
N PRO Y 827 80.91 48.11 36.90
CA PRO Y 827 81.97 48.50 35.95
C PRO Y 827 81.46 49.32 34.79
N PHE Y 828 80.24 49.05 34.33
CA PHE Y 828 79.61 49.81 33.26
C PHE Y 828 78.40 50.53 33.84
N PRO Y 829 78.49 51.83 34.11
CA PRO Y 829 77.39 52.51 34.78
C PRO Y 829 76.15 52.53 33.90
N PRO Y 830 74.97 52.63 34.51
CA PRO Y 830 73.73 52.53 33.72
C PRO Y 830 73.64 53.64 32.68
N PHE Y 831 73.08 53.28 31.53
CA PHE Y 831 72.90 54.19 30.40
C PHE Y 831 71.46 54.00 29.93
N GLN Y 832 70.58 54.90 30.37
CA GLN Y 832 69.15 54.73 30.21
C GLN Y 832 68.56 55.73 29.23
N VAL Y 833 67.34 55.44 28.80
CA VAL Y 833 66.56 56.27 27.88
C VAL Y 833 65.17 56.41 28.49
N PRO Y 834 64.55 57.59 28.43
CA PRO Y 834 63.29 57.80 29.16
C PRO Y 834 62.21 56.81 28.77
N TYR Y 835 61.45 56.38 29.78
CA TYR Y 835 60.33 55.47 29.59
C TYR Y 835 59.07 56.26 29.25
N VAL Y 836 58.30 55.76 28.29
CA VAL Y 836 57.00 56.31 27.93
C VAL Y 836 55.97 55.19 28.01
N ARG Y 837 54.85 55.48 28.67
CA ARG Y 837 53.84 54.46 28.91
C ARG Y 837 53.06 54.12 27.65
N LEU Y 838 52.35 55.10 27.09
CA LEU Y 838 51.56 54.86 25.89
C LEU Y 838 51.59 56.03 24.90
N ASP Y 839 52.41 57.04 25.14
CA ASP Y 839 52.41 58.23 24.27
C ASP Y 839 53.26 57.91 23.04
N ARG Y 840 52.59 57.46 21.99
CA ARG Y 840 53.27 57.13 20.74
C ARG Y 840 54.00 58.32 20.15
N ASP Y 841 53.59 59.55 20.48
CA ASP Y 841 54.20 60.73 19.88
C ASP Y 841 55.70 60.79 20.16
N ARG Y 842 56.13 60.40 21.36
CA ARG Y 842 57.53 60.45 21.76
C ARG Y 842 57.97 59.07 22.28
N VAL Y 843 58.43 58.23 21.35
CA VAL Y 843 58.99 56.92 21.68
C VAL Y 843 60.37 56.85 21.06
N PRO Y 844 61.42 56.57 21.82
CA PRO Y 844 62.77 56.53 21.25
C PRO Y 844 62.90 55.45 20.19
N THR Y 845 63.63 55.75 19.13
CA THR Y 845 63.83 54.82 18.02
C THR Y 845 65.29 54.65 17.65
N MET Y 846 66.12 55.68 17.85
CA MET Y 846 67.51 55.64 17.43
C MET Y 846 68.39 56.21 18.54
N VAL Y 847 69.64 55.75 18.57
CA VAL Y 847 70.67 56.25 19.47
C VAL Y 847 71.98 56.28 18.70
N GLY Y 848 72.58 57.46 18.57
CA GLY Y 848 73.80 57.60 17.79
C GLY Y 848 74.80 58.49 18.49
N VAL Y 849 76.05 58.37 18.05
CA VAL Y 849 77.16 59.14 18.58
C VAL Y 849 77.81 59.91 17.43
N THR Y 850 78.09 61.18 17.66
CA THR Y 850 78.67 62.05 16.64
C THR Y 850 80.10 62.42 17.00
N ARG Y 851 80.98 62.39 16.00
CA ARG Y 851 82.39 62.71 16.18
C ARG Y 851 82.74 64.13 15.75
N GLN Y 852 82.04 64.66 14.76
CA GLN Y 852 82.31 66.01 14.28
C GLN Y 852 81.71 67.05 15.21
N SER Y 853 82.06 68.31 14.96
CA SER Y 853 81.63 69.41 15.81
C SER Y 853 80.19 69.81 15.49
N ARG Y 854 79.74 70.91 16.06
CA ARG Y 854 78.36 71.38 15.89
C ARG Y 854 78.20 72.40 14.77
N ASP Y 855 79.28 73.07 14.37
CA ASP Y 855 79.22 74.12 13.36
C ASP Y 855 79.94 73.75 12.07
N THR Y 856 80.01 72.45 11.76
CA THR Y 856 80.68 71.97 10.57
C THR Y 856 79.76 71.04 9.79
N ILE Y 857 79.82 71.13 8.47
CA ILE Y 857 79.07 70.25 7.58
C ILE Y 857 80.09 69.33 6.91
N THR Y 858 79.98 68.03 7.18
CA THR Y 858 80.94 67.04 6.69
C THR Y 858 80.16 65.84 6.15
N GLN Y 859 80.88 64.77 5.87
CA GLN Y 859 80.25 63.53 5.43
C GLN Y 859 79.37 62.99 6.54
N PRO Y 860 78.11 62.64 6.26
CA PRO Y 860 77.26 62.08 7.31
C PRO Y 860 77.67 60.66 7.66
N ALA Y 861 78.32 60.49 8.81
CA ALA Y 861 78.81 59.19 9.26
C ALA Y 861 78.03 58.81 10.51
N LEU Y 862 76.90 58.17 10.31
CA LEU Y 862 76.08 57.74 11.44
C LEU Y 862 76.79 56.65 12.23
N SER Y 863 76.56 56.65 13.53
CA SER Y 863 77.21 55.66 14.39
C SER Y 863 76.71 54.26 14.05
N LEU Y 864 77.55 53.26 14.35
CA LEU Y 864 77.21 51.88 14.04
C LEU Y 864 76.03 51.38 14.86
N SER Y 865 75.71 52.04 15.97
CA SER Y 865 74.61 51.61 16.81
C SER Y 865 73.23 52.04 16.28
N THR Y 866 73.19 52.92 15.28
CA THR Y 866 71.93 53.38 14.75
C THR Y 866 71.24 52.36 13.85
N THR Y 867 71.96 51.32 13.43
CA THR Y 867 71.39 50.32 12.52
C THR Y 867 70.69 49.19 13.26
N ASN Y 868 69.74 49.55 14.12
CA ASN Y 868 68.94 48.57 14.86
C ASN Y 868 67.47 48.92 14.71
N THR Y 869 66.65 47.90 14.46
CA THR Y 869 65.21 48.14 14.34
C THR Y 869 64.64 48.68 15.64
N THR Y 870 65.06 48.11 16.76
CA THR Y 870 64.67 48.62 18.07
C THR Y 870 65.65 49.71 18.50
N VAL Y 871 65.53 50.18 19.74
CA VAL Y 871 66.44 51.21 20.22
C VAL Y 871 67.86 50.68 20.37
N GLY Y 872 68.01 49.42 20.79
CA GLY Y 872 69.32 48.85 20.98
C GLY Y 872 69.44 47.43 20.46
N VAL Y 873 70.40 46.68 20.96
CA VAL Y 873 70.59 45.28 20.54
C VAL Y 873 69.39 44.46 21.00
N PRO Y 874 68.75 43.69 20.11
CA PRO Y 874 67.60 42.89 20.54
C PRO Y 874 68.01 41.79 21.51
N LEU Y 875 67.08 41.45 22.40
CA LEU Y 875 67.31 40.41 23.40
C LEU Y 875 66.00 39.71 23.69
N ALA Y 876 66.04 38.38 23.77
CA ALA Y 876 64.85 37.56 23.91
C ALA Y 876 64.81 36.94 25.30
N LEU Y 877 63.63 36.95 25.92
CA LEU Y 877 63.41 36.37 27.23
C LEU Y 877 62.41 35.22 27.12
N ASP Y 878 62.06 34.62 28.26
CA ASP Y 878 61.11 33.51 28.30
C ASP Y 878 59.89 33.94 29.10
N ALA Y 879 58.78 34.15 28.39
CA ALA Y 879 57.54 34.56 29.05
C ALA Y 879 57.07 33.51 30.04
N ARG Y 880 57.30 32.23 29.75
CA ARG Y 880 56.93 31.17 30.69
C ARG Y 880 57.67 31.33 32.01
N ALA Y 881 58.99 31.49 31.94
CA ALA Y 881 59.79 31.64 33.16
C ALA Y 881 59.40 32.91 33.90
N ILE Y 882 59.20 34.01 33.16
CA ILE Y 882 58.83 35.27 33.81
C ILE Y 882 57.49 35.11 34.53
N THR Y 883 56.51 34.48 33.88
CA THR Y 883 55.20 34.31 34.49
C THR Y 883 55.26 33.41 35.72
N VAL Y 884 56.00 32.30 35.65
CA VAL Y 884 56.05 31.41 36.81
C VAL Y 884 56.80 32.08 37.96
N ALA Y 885 57.85 32.84 37.66
CA ALA Y 885 58.57 33.55 38.71
C ALA Y 885 57.73 34.66 39.32
N LEU Y 886 56.85 35.27 38.53
CA LEU Y 886 55.96 36.30 39.07
C LEU Y 886 54.83 35.69 39.88
N LEU Y 887 54.39 34.49 39.53
CA LEU Y 887 53.29 33.84 40.22
C LEU Y 887 53.73 33.09 41.47
N SER Y 888 55.00 32.72 41.58
CA SER Y 888 55.52 32.00 42.74
C SER Y 888 56.68 32.77 43.36
N GLY Y 889 56.68 32.88 44.67
CA GLY Y 889 57.77 33.53 45.38
C GLY Y 889 57.38 34.03 46.75
N LYS Y 890 58.26 33.88 47.73
CA LYS Y 890 58.00 34.36 49.08
C LYS Y 890 59.31 34.69 49.77
N TYR Y 891 59.20 35.50 50.82
CA TYR Y 891 60.32 35.84 51.68
C TYR Y 891 60.59 34.73 52.68
N PRO Y 892 61.80 34.69 53.25
CA PRO Y 892 62.03 33.77 54.36
C PRO Y 892 61.12 34.10 55.53
N PRO Y 893 60.70 33.09 56.28
CA PRO Y 893 59.73 33.33 57.37
C PRO Y 893 60.24 34.25 58.47
N ASP Y 894 61.56 34.43 58.60
CA ASP Y 894 62.15 35.23 59.66
C ASP Y 894 62.96 36.39 59.10
N LEU Y 895 62.46 37.02 58.05
CA LEU Y 895 63.19 38.08 57.38
C LEU Y 895 63.20 39.35 58.23
N VAL Y 896 64.38 39.91 58.43
CA VAL Y 896 64.57 41.21 59.05
C VAL Y 896 65.45 42.00 58.07
N THR Y 897 64.85 42.97 57.37
CA THR Y 897 65.57 43.65 56.31
C THR Y 897 66.81 44.38 56.83
N ASN Y 898 66.69 45.01 58.00
CA ASN Y 898 67.82 45.74 58.57
C ASN Y 898 69.00 44.84 58.89
N VAL Y 899 68.79 43.53 58.95
CA VAL Y 899 69.88 42.56 59.09
C VAL Y 899 70.31 42.02 57.74
N TRP Y 900 69.34 41.58 56.94
CA TRP Y 900 69.66 40.95 55.66
C TRP Y 900 70.45 41.89 54.76
N TYR Y 901 69.96 43.12 54.58
CA TYR Y 901 70.63 44.04 53.67
C TYR Y 901 71.93 44.57 54.25
N ALA Y 902 71.95 44.80 55.58
CA ALA Y 902 73.18 45.22 56.22
C ALA Y 902 74.27 44.17 56.14
N ASP Y 903 73.88 42.90 56.01
CA ASP Y 903 74.85 41.82 55.80
C ASP Y 903 75.22 41.63 54.33
N ALA Y 904 74.27 41.84 53.41
CA ALA Y 904 74.55 41.66 52.00
C ALA Y 904 75.31 42.83 51.39
N ILE Y 905 75.28 44.00 52.01
CA ILE Y 905 75.94 45.16 51.41
C ILE Y 905 77.43 45.19 51.76
N TYR Y 906 77.81 44.70 52.95
CA TYR Y 906 79.18 44.82 53.41
C TYR Y 906 80.21 44.17 52.48
N PRO Y 907 80.02 42.93 52.00
CA PRO Y 907 81.08 42.33 51.15
C PRO Y 907 81.25 43.03 49.81
N MET Y 908 80.16 43.38 49.13
CA MET Y 908 80.30 44.02 47.83
C MET Y 908 80.89 45.41 47.96
N TYR Y 909 80.57 46.12 49.05
CA TYR Y 909 81.16 47.44 49.26
C TYR Y 909 82.62 47.33 49.67
N ALA Y 910 82.99 46.25 50.36
CA ALA Y 910 84.40 45.99 50.60
C ALA Y 910 85.13 45.73 49.30
N ASP Y 911 84.49 45.01 48.38
CA ASP Y 911 85.08 44.73 47.06
C ASP Y 911 84.54 45.72 46.03
N THR Y 912 84.92 46.99 46.22
CA THR Y 912 84.40 48.08 45.42
C THR Y 912 85.35 48.46 44.28
N GLU Y 913 84.87 49.31 43.38
CA GLU Y 913 85.60 49.68 42.18
C GLU Y 913 85.56 51.15 41.79
N VAL Y 914 84.74 51.97 42.46
CA VAL Y 914 84.56 53.35 42.01
C VAL Y 914 85.88 54.13 42.10
N PHE Y 915 86.60 53.97 43.20
CA PHE Y 915 87.85 54.70 43.38
C PHE Y 915 88.87 54.33 42.31
N SER Y 916 88.92 53.05 41.94
CA SER Y 916 89.82 52.59 40.90
C SER Y 916 89.31 52.90 39.50
N ASN Y 917 88.09 53.43 39.37
CA ASN Y 917 87.50 53.74 38.08
C ASN Y 917 87.56 55.23 37.75
N LEU Y 918 87.48 56.10 38.74
CA LEU Y 918 87.52 57.53 38.47
C LEU Y 918 88.88 57.95 37.88
N GLN Y 919 89.96 57.33 38.34
CA GLN Y 919 91.28 57.63 37.79
C GLN Y 919 91.37 57.22 36.33
N ARG Y 920 90.84 56.04 35.99
CA ARG Y 920 90.79 55.62 34.60
C ARG Y 920 89.92 56.56 33.77
N ASP Y 921 88.87 57.12 34.38
CA ASP Y 921 88.08 58.14 33.69
C ASP Y 921 88.92 59.38 33.37
N VAL Y 922 89.72 59.83 34.34
CA VAL Y 922 90.62 60.96 34.09
C VAL Y 922 91.55 60.63 32.93
N ILE Y 923 92.13 59.45 32.94
CA ILE Y 923 93.04 59.06 31.87
C ILE Y 923 92.33 59.03 30.53
N THR Y 924 91.11 58.52 30.49
CA THR Y 924 90.36 58.44 29.23
C THR Y 924 90.08 59.84 28.67
N CYS Y 925 89.62 60.76 29.52
CA CYS Y 925 89.34 62.11 29.04
C CYS Y 925 90.61 62.81 28.59
N GLU Y 926 91.70 62.65 29.36
CA GLU Y 926 92.99 63.19 28.97
C GLU Y 926 93.41 62.67 27.61
N ALA Y 927 93.25 61.36 27.39
CA ALA Y 927 93.62 60.77 26.11
C ALA Y 927 92.77 61.30 24.97
N VAL Y 928 91.46 61.48 25.20
CA VAL Y 928 90.60 62.01 24.15
C VAL Y 928 91.04 63.41 23.75
N GLN Y 929 91.25 64.28 24.74
CA GLN Y 929 91.65 65.65 24.42
C GLN Y 929 93.02 65.70 23.76
N THR Y 930 93.97 64.91 24.25
CA THR Y 930 95.30 64.89 23.64
C THR Y 930 95.23 64.39 22.20
N LEU Y 931 94.41 63.35 21.96
CA LEU Y 931 94.29 62.79 20.62
C LEU Y 931 93.71 63.81 19.65
N VAL Y 932 92.63 64.50 20.05
CA VAL Y 932 92.04 65.47 19.13
C VAL Y 932 92.99 66.63 18.88
N THR Y 933 93.67 67.09 19.94
CA THR Y 933 94.62 68.19 19.79
C THR Y 933 95.74 67.82 18.83
N LEU Y 934 96.27 66.59 18.94
CA LEU Y 934 97.37 66.19 18.07
C LEU Y 934 96.89 65.96 16.65
N VAL Y 935 95.73 65.33 16.46
CA VAL Y 935 95.29 65.02 15.10
C VAL Y 935 94.88 66.29 14.36
N ALA Y 936 94.49 67.34 15.08
CA ALA Y 936 94.15 68.58 14.40
C ALA Y 936 95.34 69.22 13.69
N GLN Y 937 96.57 68.80 14.00
CA GLN Y 937 97.74 69.42 13.41
C GLN Y 937 98.00 68.98 11.97
N ILE Y 938 97.81 67.69 11.69
CA ILE Y 938 98.25 67.12 10.41
C ILE Y 938 97.09 66.96 9.43
N SER Y 939 95.97 67.61 9.68
CA SER Y 939 94.84 67.60 8.75
C SER Y 939 93.97 68.81 9.01
N GLU Y 940 93.13 69.14 8.03
CA GLU Y 940 92.22 70.28 8.15
C GLU Y 940 91.06 69.90 9.05
N THR Y 941 91.07 70.42 10.27
CA THR Y 941 89.94 70.35 11.17
C THR Y 941 89.70 71.76 11.71
N GLN Y 942 88.44 72.15 11.81
CA GLN Y 942 88.10 73.50 12.22
C GLN Y 942 88.27 73.71 13.72
N TYR Y 943 88.92 72.79 14.41
CA TYR Y 943 89.23 72.94 15.83
C TYR Y 943 90.38 73.91 16.00
N PRO Y 944 90.20 75.01 16.74
CA PRO Y 944 91.32 75.94 16.97
C PRO Y 944 92.32 75.34 17.95
N VAL Y 945 93.55 75.15 17.48
CA VAL Y 945 94.61 74.56 18.29
C VAL Y 945 95.80 75.52 18.28
N ASP Y 946 95.71 76.54 17.44
CA ASP Y 946 96.67 77.62 17.22
C ASP Y 946 97.90 77.16 16.45
N ARG Y 947 98.10 75.86 16.25
CA ARG Y 947 99.05 75.30 15.27
C ARG Y 947 100.43 75.96 15.39
N TYR Y 948 101.07 75.69 16.54
CA TYR Y 948 102.33 76.39 16.85
C TYR Y 948 103.42 76.12 15.80
N LEU Y 949 103.58 74.86 15.40
CA LEU Y 949 104.66 74.48 14.50
C LEU Y 949 104.08 74.13 13.13
N ASP Y 950 104.56 74.83 12.10
CA ASP Y 950 104.15 74.57 10.72
C ASP Y 950 105.30 74.57 9.73
N TRP Y 951 106.47 75.09 10.09
CA TRP Y 951 107.62 75.07 9.18
C TRP Y 951 108.10 73.66 8.89
N ILE Y 952 107.80 72.70 9.76
CA ILE Y 952 108.15 71.30 9.48
C ILE Y 952 107.23 70.78 8.38
N PRO Y 953 107.77 70.22 7.30
CA PRO Y 953 106.91 69.78 6.20
C PRO Y 953 106.01 68.62 6.59
N SER Y 954 104.86 68.55 5.93
CA SER Y 954 103.88 67.50 6.15
C SER Y 954 103.01 67.38 4.91
N LEU Y 955 101.98 66.56 4.99
CA LEU Y 955 101.06 66.33 3.88
C LEU Y 955 99.63 66.31 4.41
N ARG Y 956 98.68 66.36 3.47
CA ARG Y 956 97.27 66.23 3.83
C ARG Y 956 96.95 64.81 4.24
N ALA Y 957 97.03 64.53 5.54
CA ALA Y 957 96.80 63.17 6.02
C ALA Y 957 95.34 62.79 5.84
N SER Y 958 95.12 61.58 5.30
CA SER Y 958 93.78 61.06 5.10
C SER Y 958 93.37 60.23 6.30
N ALA Y 959 92.24 59.52 6.18
CA ALA Y 959 91.75 58.70 7.27
C ALA Y 959 92.72 57.57 7.58
N ALA Y 960 93.27 56.93 6.55
CA ALA Y 960 94.17 55.80 6.74
C ALA Y 960 95.45 56.18 7.49
N THR Y 961 95.99 57.37 7.24
CA THR Y 961 97.17 57.85 7.93
C THR Y 961 96.88 58.41 9.31
N ALA Y 962 95.78 59.16 9.44
CA ALA Y 962 95.39 59.66 10.76
C ALA Y 962 95.08 58.51 11.71
N ALA Y 963 94.50 57.42 11.21
CA ALA Y 963 94.22 56.27 12.07
C ALA Y 963 95.50 55.65 12.59
N THR Y 964 96.51 55.51 11.74
CA THR Y 964 97.79 54.96 12.19
C THR Y 964 98.46 55.87 13.20
N PHE Y 965 98.44 57.18 12.96
CA PHE Y 965 99.02 58.12 13.92
C PHE Y 965 98.30 58.03 15.26
N ALA Y 966 96.96 57.95 15.22
CA ALA Y 966 96.18 57.83 16.44
C ALA Y 966 96.46 56.52 17.15
N GLU Y 967 96.67 55.44 16.39
CA GLU Y 967 97.00 54.16 17.00
C GLU Y 967 98.34 54.22 17.71
N TRP Y 968 99.33 54.89 17.10
CA TRP Y 968 100.62 55.07 17.76
C TRP Y 968 100.47 55.90 19.02
N VAL Y 969 99.66 56.96 18.97
CA VAL Y 969 99.42 57.77 20.17
C VAL Y 969 98.79 56.92 21.27
N ASN Y 970 97.79 56.11 20.90
CA ASN Y 970 97.10 55.24 21.84
C ASN Y 970 98.06 54.26 22.50
N THR Y 971 98.88 53.57 21.69
CA THR Y 971 99.78 52.58 22.27
C THR Y 971 100.86 53.23 23.11
N SER Y 972 101.32 54.43 22.73
CA SER Y 972 102.28 55.14 23.56
C SER Y 972 101.69 55.49 24.92
N MET Y 973 100.45 56.00 24.93
CA MET Y 973 99.82 56.36 26.19
C MET Y 973 99.57 55.13 27.06
N LYS Y 974 99.14 54.03 26.43
CA LYS Y 974 98.95 52.78 27.18
C LYS Y 974 100.25 52.31 27.79
N THR Y 975 101.33 52.34 27.01
CA THR Y 975 102.63 51.91 27.50
C THR Y 975 103.09 52.77 28.67
N ALA Y 976 102.88 54.08 28.58
CA ALA Y 976 103.38 54.98 29.63
C ALA Y 976 102.56 54.83 30.91
N PHE Y 977 101.23 54.77 30.80
CA PHE Y 977 100.38 54.72 31.98
C PHE Y 977 100.12 53.31 32.46
N ASP Y 978 100.70 52.30 31.81
CA ASP Y 978 100.64 50.91 32.27
C ASP Y 978 99.18 50.42 32.30
N LEU Y 979 98.56 50.43 31.12
CA LEU Y 979 97.21 49.92 30.95
C LEU Y 979 97.23 48.72 30.00
N SER Y 980 96.17 47.92 30.09
CA SER Y 980 95.97 46.79 29.19
C SER Y 980 94.60 46.75 28.55
N ASP Y 981 93.60 47.39 29.13
CA ASP Y 981 92.24 47.39 28.61
C ASP Y 981 92.05 48.51 27.59
N MET Y 982 90.80 48.80 27.27
CA MET Y 982 90.45 49.74 26.22
C MET Y 982 90.97 51.16 26.51
N LEU Y 983 91.40 51.84 25.46
CA LEU Y 983 91.64 53.28 25.54
C LEU Y 983 91.65 53.83 24.11
N LEU Y 984 90.62 54.60 23.76
CA LEU Y 984 90.49 55.27 22.47
C LEU Y 984 90.37 54.33 21.28
N GLU Y 985 90.35 53.03 21.51
CA GLU Y 985 90.21 52.09 20.40
C GLU Y 985 88.91 52.26 19.61
N PRO Y 986 87.74 52.49 20.21
CA PRO Y 986 86.53 52.70 19.40
C PRO Y 986 86.60 53.92 18.50
N LEU Y 987 87.47 54.87 18.81
CA LEU Y 987 87.64 56.08 18.02
C LEU Y 987 88.54 55.88 16.81
N LEU Y 988 89.11 54.68 16.64
CA LEU Y 988 90.05 54.40 15.57
C LEU Y 988 89.39 53.77 14.35
N SER Y 989 88.07 53.54 14.39
CA SER Y 989 87.37 52.86 13.32
C SER Y 989 86.58 53.88 12.51
N GLY Y 990 87.21 54.42 11.47
CA GLY Y 990 86.52 55.28 10.53
C GLY Y 990 86.68 56.76 10.80
N ASP Y 991 87.50 57.43 9.99
CA ASP Y 991 87.70 58.87 10.03
C ASP Y 991 88.03 59.35 11.43
N PRO Y 992 89.23 59.08 11.95
CA PRO Y 992 89.61 59.57 13.29
C PRO Y 992 89.80 61.07 13.36
N ARG Y 993 89.67 61.79 12.25
CA ARG Y 993 89.79 63.25 12.24
C ARG Y 993 88.53 63.84 12.85
N MET Y 994 88.50 63.86 14.17
CA MET Y 994 87.32 64.23 14.94
C MET Y 994 87.57 65.52 15.72
N THR Y 995 86.48 66.12 16.20
CA THR Y 995 86.54 67.35 16.98
C THR Y 995 86.00 67.17 18.38
N GLN Y 996 84.79 66.64 18.54
CA GLN Y 996 84.12 66.64 19.84
C GLN Y 996 83.16 65.46 19.92
N LEU Y 997 83.04 64.90 21.11
CA LEU Y 997 82.12 63.79 21.34
C LEU Y 997 80.72 64.31 21.64
N ALA Y 998 79.71 63.61 21.14
CA ALA Y 998 78.32 63.95 21.41
C ALA Y 998 77.45 62.72 21.16
N ILE Y 999 76.42 62.58 21.98
CA ILE Y 999 75.47 61.48 21.87
C ILE Y 999 74.06 62.06 21.82
N GLN Y 1000 73.19 61.42 21.06
CA GLN Y 1000 71.83 61.93 20.88
C GLN Y 1000 70.89 60.78 20.58
N TYR Y 1001 69.60 61.03 20.78
CA TYR Y 1001 68.57 60.06 20.48
C TYR Y 1001 67.33 60.81 19.98
N GLN Y 1002 66.60 60.19 19.05
CA GLN Y 1002 65.46 60.82 18.43
C GLN Y 1002 64.17 60.13 18.87
N GLN Y 1003 63.11 60.93 18.98
CA GLN Y 1003 61.79 60.43 19.30
C GLN Y 1003 61.12 59.91 18.03
N TYR Y 1004 59.85 59.50 18.14
CA TYR Y 1004 59.12 59.08 16.95
C TYR Y 1004 58.90 60.25 16.01
N ASN Y 1005 58.55 61.42 16.54
CA ASN Y 1005 58.29 62.60 15.71
C ASN Y 1005 59.54 63.47 15.55
N GLY Y 1006 60.65 62.84 15.19
CA GLY Y 1006 61.85 63.53 14.77
C GLY Y 1006 62.50 64.47 15.77
N ARG Y 1007 61.95 64.58 16.98
CA ARG Y 1007 62.52 65.49 17.98
C ARG Y 1007 63.77 64.85 18.58
N THR Y 1008 64.92 65.39 18.25
CA THR Y 1008 66.20 64.85 18.71
C THR Y 1008 66.73 65.66 19.88
N PHE Y 1009 67.23 64.95 20.89
CA PHE Y 1009 67.82 65.57 22.08
C PHE Y 1009 69.32 65.39 22.00
N ASN Y 1010 70.04 66.49 21.80
CA ASN Y 1010 71.49 66.48 21.67
C ASN Y 1010 72.13 66.81 23.00
N VAL Y 1011 73.07 65.96 23.44
CA VAL Y 1011 73.83 66.19 24.66
C VAL Y 1011 75.30 66.26 24.28
N ILE Y 1012 75.92 67.40 24.53
CA ILE Y 1012 77.32 67.63 24.22
C ILE Y 1012 78.05 67.96 25.51
N PRO Y 1013 78.71 66.98 26.14
CA PRO Y 1013 79.45 67.27 27.37
C PRO Y 1013 80.69 68.10 27.09
N GLU Y 1014 80.67 69.36 27.51
CA GLU Y 1014 81.84 70.21 27.35
C GLU Y 1014 82.96 69.71 28.26
N MET Y 1015 84.16 69.64 27.73
CA MET Y 1015 85.17 69.03 28.56
C MET Y 1015 86.13 70.08 29.11
N PRO Y 1016 86.70 69.83 30.31
CA PRO Y 1016 87.67 70.79 30.85
C PRO Y 1016 89.03 70.67 30.19
N GLY Y 1017 89.98 71.50 30.60
CA GLY Y 1017 91.31 71.46 30.01
C GLY Y 1017 92.04 70.17 30.35
N SER Y 1018 93.10 69.92 29.59
CA SER Y 1018 93.89 68.71 29.76
C SER Y 1018 95.36 69.10 29.94
N VAL Y 1019 95.94 68.69 31.07
CA VAL Y 1019 97.32 69.07 31.38
C VAL Y 1019 98.29 68.44 30.40
N ILE Y 1020 98.01 67.22 29.92
CA ILE Y 1020 98.92 66.57 29.00
C ILE Y 1020 99.00 67.34 27.69
N ALA Y 1021 97.85 67.71 27.12
CA ALA Y 1021 97.88 68.46 25.87
C ALA Y 1021 98.42 69.88 26.07
N ASP Y 1022 98.14 70.49 27.22
CA ASP Y 1022 98.69 71.82 27.49
C ASP Y 1022 100.21 71.76 27.54
N CYS Y 1023 100.76 70.77 28.23
CA CYS Y 1023 102.21 70.61 28.28
C CYS Y 1023 102.78 70.24 26.91
N VAL Y 1024 102.03 69.48 26.12
CA VAL Y 1024 102.49 69.16 24.76
C VAL Y 1024 102.60 70.43 23.93
N GLN Y 1025 101.61 71.32 24.03
CA GLN Y 1025 101.69 72.58 23.30
C GLN Y 1025 102.83 73.45 23.82
N LEU Y 1026 103.05 73.45 25.13
CA LEU Y 1026 104.17 74.18 25.71
C LEU Y 1026 105.50 73.69 25.15
N THR Y 1027 105.70 72.36 25.14
CA THR Y 1027 106.90 71.80 24.55
C THR Y 1027 106.99 72.09 23.08
N ALA Y 1028 105.85 72.14 22.38
CA ALA Y 1028 105.86 72.46 20.96
C ALA Y 1028 106.41 73.86 20.71
N GLU Y 1029 105.96 74.83 21.50
CA GLU Y 1029 106.47 76.19 21.28
C GLU Y 1029 107.92 76.32 21.75
N VAL Y 1030 108.30 75.60 22.80
CA VAL Y 1030 109.71 75.58 23.21
C VAL Y 1030 110.58 75.00 22.11
N PHE Y 1031 110.01 74.06 21.35
CA PHE Y 1031 110.72 73.45 20.24
C PHE Y 1031 110.92 74.46 19.16
N ASN Y 1032 109.97 75.35 18.94
CA ASN Y 1032 110.10 76.26 17.82
C ASN Y 1032 111.34 77.09 18.04
N HIS Y 1033 111.54 77.60 19.23
CA HIS Y 1033 112.77 78.31 19.54
C HIS Y 1033 114.05 77.50 19.70
N GLU Y 1034 113.97 76.34 20.33
CA GLU Y 1034 115.17 75.55 20.62
C GLU Y 1034 115.34 74.30 19.81
N TYR Y 1035 114.73 74.25 18.64
CA TYR Y 1035 114.80 73.08 17.79
C TYR Y 1035 116.15 72.49 17.66
N ASN Y 1036 117.18 73.29 17.84
CA ASN Y 1036 118.49 72.70 17.52
C ASN Y 1036 118.80 71.52 18.43
N LEU Y 1037 118.42 71.59 19.71
CA LEU Y 1037 118.79 70.54 20.66
C LEU Y 1037 118.13 69.21 20.34
N PHE Y 1038 117.03 69.20 19.59
CA PHE Y 1038 116.33 67.98 19.24
C PHE Y 1038 116.85 67.35 17.95
N GLY Y 1039 117.92 67.88 17.37
CA GLY Y 1039 118.50 67.33 16.17
C GLY Y 1039 117.90 67.83 14.88
N ILE Y 1040 116.83 68.61 14.95
CA ILE Y 1040 116.21 69.20 13.76
C ILE Y 1040 116.97 70.46 13.38
N ALA Y 1041 117.11 70.68 12.07
CA ALA Y 1041 117.70 71.90 11.55
C ALA Y 1041 116.65 72.64 10.72
N ARG Y 1042 116.57 73.95 10.92
CA ARG Y 1042 115.56 74.78 10.26
C ARG Y 1042 116.21 75.56 9.13
N GLY Y 1043 115.50 75.66 8.01
CA GLY Y 1043 115.99 76.38 6.86
C GLY Y 1043 116.18 75.48 5.66
N ASP Y 1044 117.26 75.71 4.92
CA ASP Y 1044 117.55 74.92 3.72
C ASP Y 1044 119.04 75.00 3.43
N ILE Y 1045 119.45 74.36 2.34
CA ILE Y 1045 120.85 74.07 2.07
C ILE Y 1045 121.24 74.62 0.70
N ILE Y 1046 122.42 75.24 0.63
CA ILE Y 1046 123.04 75.62 -0.63
C ILE Y 1046 124.13 74.60 -0.94
N ILE Y 1047 124.07 74.01 -2.13
CA ILE Y 1047 125.04 73.01 -2.56
C ILE Y 1047 125.94 73.65 -3.62
N GLY Y 1048 127.21 73.83 -3.28
CA GLY Y 1048 128.15 74.40 -4.21
C GLY Y 1048 129.56 74.26 -3.71
N ARG Y 1049 130.51 74.33 -4.64
CA ARG Y 1049 131.92 74.18 -4.29
C ARG Y 1049 132.42 75.45 -3.62
N VAL Y 1050 133.06 75.29 -2.46
CA VAL Y 1050 133.67 76.40 -1.73
C VAL Y 1050 135.11 75.99 -1.43
N GLN Y 1051 136.03 76.35 -2.31
CA GLN Y 1051 137.45 76.15 -2.08
C GLN Y 1051 137.96 77.34 -1.26
N SER Y 1052 138.35 77.09 -0.01
CA SER Y 1052 138.68 78.20 0.88
C SER Y 1052 139.57 77.68 2.00
N THR Y 1053 140.10 78.63 2.77
CA THR Y 1053 140.95 78.34 3.92
C THR Y 1053 140.36 78.81 5.24
N HIS Y 1054 139.40 79.74 5.21
CA HIS Y 1054 138.82 80.29 6.43
C HIS Y 1054 138.15 79.19 7.26
N LEU Y 1055 137.85 79.52 8.51
CA LEU Y 1055 137.47 78.54 9.52
C LEU Y 1055 136.08 78.83 10.09
N TRP Y 1056 135.18 79.29 9.23
CA TRP Y 1056 133.81 79.53 9.67
C TRP Y 1056 133.03 78.22 9.64
N SER Y 1057 132.12 78.06 10.60
CA SER Y 1057 131.32 76.86 10.66
C SER Y 1057 130.23 76.89 9.58
N PRO Y 1058 130.00 75.78 8.89
CA PRO Y 1058 128.92 75.76 7.89
C PRO Y 1058 127.55 76.06 8.48
N LEU Y 1059 127.30 75.67 9.73
CA LEU Y 1059 126.03 75.95 10.35
C LEU Y 1059 125.84 77.44 10.65
N ALA Y 1060 126.91 78.22 10.62
CA ALA Y 1060 126.84 79.68 10.77
C ALA Y 1060 127.64 80.31 9.65
N PRO Y 1061 127.14 80.23 8.41
CA PRO Y 1061 127.93 80.70 7.28
C PRO Y 1061 127.97 82.21 7.22
N PRO Y 1062 129.00 82.79 6.62
CA PRO Y 1062 128.99 84.23 6.35
C PRO Y 1062 127.92 84.56 5.31
N PRO Y 1063 127.38 85.78 5.34
CA PRO Y 1063 126.30 86.13 4.40
C PRO Y 1063 126.76 86.29 2.96
N ASP Y 1064 128.07 86.20 2.69
CA ASP Y 1064 128.55 86.36 1.32
C ASP Y 1064 128.17 85.19 0.43
N LEU Y 1065 127.94 84.01 1.00
CA LEU Y 1065 127.71 82.79 0.25
C LEU Y 1065 126.25 82.37 0.21
N VAL Y 1066 125.32 83.23 0.63
CA VAL Y 1066 123.91 82.88 0.72
C VAL Y 1066 123.14 83.71 -0.30
N PHE Y 1067 122.34 83.04 -1.11
CA PHE Y 1067 121.45 83.69 -2.07
C PHE Y 1067 120.04 83.17 -1.86
N ASP Y 1068 119.07 83.93 -2.35
CA ASP Y 1068 117.66 83.58 -2.18
C ASP Y 1068 116.85 84.23 -3.30
N ARG Y 1069 115.53 84.25 -3.14
CA ARG Y 1069 114.65 84.76 -4.17
C ARG Y 1069 114.91 86.22 -4.48
N ASP Y 1070 115.31 87.01 -3.47
CA ASP Y 1070 115.54 88.43 -3.69
C ASP Y 1070 116.77 88.68 -4.55
N THR Y 1071 117.75 87.78 -4.54
CA THR Y 1071 118.99 88.01 -5.26
C THR Y 1071 118.74 88.04 -6.76
N PRO Y 1072 119.19 89.07 -7.46
CA PRO Y 1072 119.02 89.10 -8.92
C PRO Y 1072 119.87 88.03 -9.60
N GLY Y 1073 119.42 87.62 -10.77
CA GLY Y 1073 120.11 86.57 -11.50
C GLY Y 1073 119.90 85.18 -10.95
N VAL Y 1074 118.83 84.96 -10.19
CA VAL Y 1074 118.54 83.67 -9.57
C VAL Y 1074 117.30 83.08 -10.25
N HIS Y 1075 117.42 81.84 -10.70
CA HIS Y 1075 116.34 81.16 -11.42
C HIS Y 1075 115.60 80.24 -10.46
N ILE Y 1076 114.30 80.45 -10.31
CA ILE Y 1076 113.46 79.61 -9.48
C ILE Y 1076 112.83 78.53 -10.36
N PHE Y 1077 112.72 77.32 -9.81
CA PHE Y 1077 112.26 76.18 -10.59
C PHE Y 1077 110.94 75.66 -10.02
N GLY Y 1078 110.20 74.96 -10.86
CA GLY Y 1078 108.90 74.43 -10.49
C GLY Y 1078 108.71 72.97 -10.86
N ARG Y 1079 107.46 72.52 -10.86
CA ARG Y 1079 107.17 71.11 -11.08
C ARG Y 1079 107.61 70.66 -12.48
N ASP Y 1080 107.36 71.48 -13.48
CA ASP Y 1080 107.62 71.10 -14.87
C ASP Y 1080 109.03 71.46 -15.34
N CYS Y 1081 110.03 71.05 -14.57
CA CYS Y 1081 111.41 71.17 -15.03
C CYS Y 1081 111.65 70.21 -16.19
N ARG Y 1082 112.61 70.55 -17.04
CA ARG Y 1082 112.86 69.75 -18.23
C ARG Y 1082 114.26 70.04 -18.76
N ILE Y 1083 115.02 68.99 -19.01
CA ILE Y 1083 116.43 69.09 -19.40
C ILE Y 1083 116.56 68.66 -20.86
N SER Y 1084 117.11 69.55 -21.68
CA SER Y 1084 117.35 69.29 -23.10
C SER Y 1084 118.85 69.29 -23.36
N PHE Y 1085 119.35 68.21 -23.95
CA PHE Y 1085 120.75 68.15 -24.32
C PHE Y 1085 121.04 69.05 -25.51
N GLY Y 1086 122.27 69.56 -25.56
CA GLY Y 1086 122.72 70.41 -26.65
C GLY Y 1086 123.36 69.58 -27.76
N MET Y 1087 123.16 70.03 -28.99
CA MET Y 1087 123.67 69.34 -30.16
C MET Y 1087 124.92 70.03 -30.69
N ASN Y 1088 125.87 69.20 -31.15
CA ASN Y 1088 127.09 69.67 -31.80
C ASN Y 1088 127.88 70.63 -30.91
N GLY Y 1089 128.00 70.28 -29.63
CA GLY Y 1089 128.78 71.06 -28.69
C GLY Y 1089 128.03 72.12 -27.92
N ALA Y 1090 126.75 72.34 -28.25
CA ALA Y 1090 125.97 73.32 -27.50
C ALA Y 1090 125.73 72.84 -26.08
N ALA Y 1091 125.71 73.79 -25.15
CA ALA Y 1091 125.51 73.46 -23.76
C ALA Y 1091 124.08 72.98 -23.50
N PRO Y 1092 123.90 72.03 -22.60
CA PRO Y 1092 122.54 71.61 -22.24
C PRO Y 1092 121.82 72.69 -21.45
N MET Y 1093 120.50 72.66 -21.50
CA MET Y 1093 119.67 73.68 -20.87
C MET Y 1093 118.51 73.03 -20.12
N ILE Y 1094 118.05 73.72 -19.08
CA ILE Y 1094 116.95 73.24 -18.25
C ILE Y 1094 115.87 74.33 -18.21
N ARG Y 1095 114.62 73.89 -18.07
CA ARG Y 1095 113.47 74.77 -18.19
C ARG Y 1095 113.23 75.53 -16.88
N ASP Y 1096 113.14 76.85 -16.98
CA ASP Y 1096 112.85 77.71 -15.85
C ASP Y 1096 111.35 77.73 -15.59
N GLU Y 1097 110.96 78.25 -14.43
CA GLU Y 1097 109.54 78.37 -14.09
C GLU Y 1097 108.82 79.27 -15.09
N THR Y 1098 109.45 80.38 -15.48
CA THR Y 1098 108.83 81.31 -16.42
C THR Y 1098 108.75 80.75 -17.83
N GLY Y 1099 109.37 79.60 -18.09
CA GLY Y 1099 109.38 79.00 -19.42
C GLY Y 1099 110.69 79.14 -20.17
N MET Y 1100 111.62 79.94 -19.66
CA MET Y 1100 112.91 80.08 -20.30
C MET Y 1100 113.78 78.84 -20.05
N MET Y 1101 114.80 78.69 -20.87
CA MET Y 1101 115.77 77.61 -20.72
C MET Y 1101 117.13 78.20 -20.40
N VAL Y 1102 117.77 77.68 -19.36
CA VAL Y 1102 119.03 78.24 -18.88
C VAL Y 1102 120.09 77.14 -18.83
N PRO Y 1103 121.37 77.47 -19.06
CA PRO Y 1103 122.42 76.45 -18.98
C PRO Y 1103 122.73 76.09 -17.54
N PHE Y 1104 123.48 75.01 -17.37
CA PHE Y 1104 123.84 74.49 -16.06
C PHE Y 1104 124.92 75.39 -15.46
N GLU Y 1105 124.49 76.57 -14.99
CA GLU Y 1105 125.41 77.55 -14.42
C GLU Y 1105 124.60 78.56 -13.62
N GLY Y 1106 125.24 79.13 -12.60
CA GLY Y 1106 124.62 80.19 -11.83
C GLY Y 1106 124.05 79.72 -10.51
N ASN Y 1107 123.06 80.46 -9.99
CA ASN Y 1107 122.41 80.14 -8.73
C ASN Y 1107 120.97 79.72 -9.00
N TRP Y 1108 120.58 78.59 -8.44
CA TRP Y 1108 119.26 78.01 -8.67
C TRP Y 1108 118.52 77.83 -7.35
N ILE Y 1109 117.20 77.74 -7.44
CA ILE Y 1109 116.34 77.43 -6.31
C ILE Y 1109 115.56 76.16 -6.67
N PHE Y 1110 115.71 75.13 -5.83
CA PHE Y 1110 115.05 73.85 -6.06
C PHE Y 1110 114.15 73.49 -4.90
N PRO Y 1111 112.86 73.24 -5.14
CA PRO Y 1111 112.07 72.53 -4.14
C PRO Y 1111 112.58 71.10 -3.98
N LEU Y 1112 112.42 70.56 -2.78
CA LEU Y 1112 112.92 69.21 -2.52
C LEU Y 1112 112.23 68.19 -3.39
N ALA Y 1113 110.94 68.40 -3.70
CA ALA Y 1113 110.16 67.38 -4.40
C ALA Y 1113 110.75 67.04 -5.75
N LEU Y 1114 111.35 68.01 -6.44
CA LEU Y 1114 111.92 67.74 -7.76
C LEU Y 1114 113.04 66.71 -7.68
N TRP Y 1115 113.91 66.85 -6.69
CA TRP Y 1115 115.04 65.92 -6.58
C TRP Y 1115 114.58 64.53 -6.21
N GLN Y 1116 113.58 64.42 -5.34
CA GLN Y 1116 113.03 63.10 -5.02
C GLN Y 1116 112.34 62.49 -6.24
N MET Y 1117 111.66 63.31 -7.04
CA MET Y 1117 111.05 62.80 -8.28
C MET Y 1117 112.13 62.25 -9.21
N ASN Y 1118 112.94 63.13 -9.77
CA ASN Y 1118 114.00 62.74 -10.69
C ASN Y 1118 115.33 62.55 -9.97
N THR Y 1119 115.32 61.71 -8.93
CA THR Y 1119 116.53 61.50 -8.13
C THR Y 1119 117.63 60.83 -8.93
N ARG Y 1120 117.29 59.97 -9.88
CA ARG Y 1120 118.28 59.29 -10.70
C ARG Y 1120 118.61 60.01 -11.99
N TYR Y 1121 117.67 60.80 -12.53
CA TYR Y 1121 117.94 61.53 -13.76
C TYR Y 1121 118.75 62.79 -13.53
N PHE Y 1122 118.57 63.46 -12.38
CA PHE Y 1122 119.29 64.70 -12.10
C PHE Y 1122 120.77 64.44 -11.83
N ASN Y 1123 121.07 63.63 -10.83
CA ASN Y 1123 122.46 63.51 -10.37
C ASN Y 1123 123.40 63.07 -11.49
N GLN Y 1124 122.92 62.23 -12.41
CA GLN Y 1124 123.72 61.84 -13.56
C GLN Y 1124 124.13 63.04 -14.39
N GLN Y 1125 123.24 64.02 -14.51
CA GLN Y 1125 123.50 65.21 -15.32
C GLN Y 1125 124.17 66.33 -14.53
N PHE Y 1126 124.05 66.33 -13.21
CA PHE Y 1126 124.44 67.47 -12.38
C PHE Y 1126 125.72 67.25 -11.60
N ASP Y 1127 126.02 66.02 -11.17
CA ASP Y 1127 127.18 65.80 -10.32
C ASP Y 1127 128.47 66.23 -10.99
N ALA Y 1128 128.58 66.03 -12.30
CA ALA Y 1128 129.78 66.47 -13.02
C ALA Y 1128 129.89 67.99 -13.02
N TRP Y 1129 128.77 68.70 -12.95
CA TRP Y 1129 128.78 70.15 -13.00
C TRP Y 1129 128.95 70.77 -11.62
N ILE Y 1130 128.35 70.18 -10.59
CA ILE Y 1130 128.49 70.73 -9.24
C ILE Y 1130 129.92 70.52 -8.73
N LYS Y 1131 130.49 69.35 -9.01
CA LYS Y 1131 131.83 69.03 -8.49
C LYS Y 1131 132.89 69.95 -9.07
N THR Y 1132 132.85 70.22 -10.38
CA THR Y 1132 133.89 70.99 -11.06
C THR Y 1132 133.43 72.36 -11.53
N GLY Y 1133 132.24 72.46 -12.11
CA GLY Y 1133 131.76 73.73 -12.63
C GLY Y 1133 131.34 74.69 -11.54
N GLU Y 1134 130.44 75.63 -11.88
CA GLU Y 1134 129.99 76.65 -10.95
C GLU Y 1134 128.49 76.56 -10.67
N LEU Y 1135 127.88 75.40 -10.88
CA LEU Y 1135 126.47 75.22 -10.54
C LEU Y 1135 126.30 75.25 -9.02
N ARG Y 1136 125.34 76.06 -8.56
CA ARG Y 1136 125.07 76.22 -7.13
C ARG Y 1136 123.57 76.09 -6.91
N ILE Y 1137 123.15 74.95 -6.39
CA ILE Y 1137 121.73 74.66 -6.15
C ILE Y 1137 121.41 74.92 -4.68
N ARG Y 1138 120.34 75.67 -4.44
CA ARG Y 1138 119.81 75.89 -3.10
C ARG Y 1138 118.52 75.06 -2.99
N ILE Y 1139 118.65 73.84 -2.47
CA ILE Y 1139 117.48 73.01 -2.26
C ILE Y 1139 116.69 73.56 -1.08
N GLU Y 1140 115.40 73.84 -1.30
CA GLU Y 1140 114.52 74.39 -0.28
C GLU Y 1140 113.89 73.26 0.51
N MET Y 1141 114.02 73.33 1.83
CA MET Y 1141 113.52 72.28 2.71
C MET Y 1141 112.77 72.92 3.87
N GLY Y 1142 111.83 72.15 4.45
CA GLY Y 1142 111.17 72.62 5.67
C GLY Y 1142 112.05 72.45 6.89
N ALA Y 1143 112.43 71.21 7.17
CA ALA Y 1143 113.37 70.90 8.24
C ALA Y 1143 114.13 69.64 7.84
N TYR Y 1144 115.30 69.45 8.44
CA TYR Y 1144 116.12 68.31 8.05
C TYR Y 1144 116.96 67.86 9.23
N PRO Y 1145 117.09 66.55 9.44
CA PRO Y 1145 118.11 66.05 10.36
C PRO Y 1145 119.51 66.35 9.84
N TYR Y 1146 120.44 66.50 10.76
CA TYR Y 1146 121.80 66.84 10.40
C TYR Y 1146 122.78 66.08 11.29
N MET Y 1147 123.92 65.71 10.70
CA MET Y 1147 124.99 65.02 11.40
C MET Y 1147 126.30 65.77 11.16
N LEU Y 1148 127.23 65.63 12.10
CA LEU Y 1148 128.46 66.39 12.10
C LEU Y 1148 129.66 65.47 11.92
N HIS Y 1149 130.62 65.92 11.10
CA HIS Y 1149 131.92 65.29 10.99
C HIS Y 1149 132.98 66.34 11.29
N TYR Y 1150 133.83 66.06 12.26
CA TYR Y 1150 134.86 67.01 12.68
C TYR Y 1150 136.18 66.63 12.05
N TYR Y 1151 136.83 67.61 11.40
CA TYR Y 1151 138.09 67.41 10.72
C TYR Y 1151 139.13 68.36 11.30
N ASP Y 1152 140.36 67.90 11.39
CA ASP Y 1152 141.45 68.75 11.87
C ASP Y 1152 141.76 69.76 10.77
N PRO Y 1153 141.64 71.07 11.02
CA PRO Y 1153 141.85 72.05 9.97
C PRO Y 1153 143.31 72.24 9.55
N ARG Y 1154 144.24 71.46 10.10
CA ARG Y 1154 145.63 71.53 9.68
C ARG Y 1154 145.94 70.61 8.50
N GLN Y 1155 144.95 69.86 8.03
CA GLN Y 1155 145.15 68.88 6.98
C GLN Y 1155 144.12 69.08 5.87
N TYR Y 1156 144.49 68.65 4.66
CA TYR Y 1156 143.58 68.73 3.52
C TYR Y 1156 142.34 67.89 3.78
N ALA Y 1157 141.19 68.44 3.41
CA ALA Y 1157 139.91 67.75 3.60
C ALA Y 1157 138.97 68.12 2.48
N ASN Y 1158 138.32 67.12 1.89
CA ASN Y 1158 137.38 67.31 0.80
C ASN Y 1158 136.04 66.68 1.16
N ALA Y 1159 134.96 67.42 0.96
CA ALA Y 1159 133.62 66.98 1.32
C ALA Y 1159 132.87 66.31 0.17
N TRP Y 1160 133.53 66.10 -0.98
CA TRP Y 1160 132.82 65.60 -2.14
C TRP Y 1160 132.30 64.19 -1.93
N ASN Y 1161 133.07 63.35 -1.24
CA ASN Y 1161 132.61 61.99 -0.99
C ASN Y 1161 131.31 61.98 -0.20
N LEU Y 1162 131.28 62.71 0.92
CA LEU Y 1162 130.07 62.75 1.74
C LEU Y 1162 128.92 63.38 0.99
N THR Y 1163 129.18 64.48 0.27
CA THR Y 1163 128.11 65.16 -0.45
C THR Y 1163 127.51 64.27 -1.53
N SER Y 1164 128.36 63.58 -2.30
CA SER Y 1164 127.87 62.67 -3.33
C SER Y 1164 127.13 61.50 -2.73
N ALA Y 1165 127.62 60.97 -1.60
CA ALA Y 1165 126.92 59.87 -0.93
C ALA Y 1165 125.53 60.30 -0.48
N TRP Y 1166 125.42 61.51 0.06
CA TRP Y 1166 124.11 62.01 0.46
C TRP Y 1166 123.20 62.23 -0.74
N LEU Y 1167 123.75 62.79 -1.84
CA LEU Y 1167 122.93 63.11 -2.99
C LEU Y 1167 122.48 61.86 -3.73
N GLU Y 1168 123.28 60.79 -3.72
CA GLU Y 1168 122.96 59.58 -4.45
C GLU Y 1168 121.90 58.73 -3.76
N GLU Y 1169 121.74 58.85 -2.45
CA GLU Y 1169 120.82 58.01 -1.69
C GLU Y 1169 119.54 58.75 -1.31
N ILE Y 1170 119.14 59.73 -2.10
CA ILE Y 1170 117.86 60.43 -1.89
C ILE Y 1170 116.82 59.65 -2.69
N THR Y 1171 116.25 58.63 -2.07
CA THR Y 1171 115.22 57.85 -2.73
C THR Y 1171 113.91 58.65 -2.79
N PRO Y 1172 113.05 58.35 -3.77
CA PRO Y 1172 111.80 59.12 -3.92
C PRO Y 1172 110.86 59.04 -2.72
N THR Y 1173 111.23 58.32 -1.67
CA THR Y 1173 110.36 58.17 -0.52
C THR Y 1173 111.00 58.56 0.80
N SER Y 1174 112.30 58.83 0.84
CA SER Y 1174 112.96 59.24 2.09
C SER Y 1174 114.27 59.91 1.76
N ILE Y 1175 114.83 60.59 2.77
CA ILE Y 1175 116.12 61.26 2.65
C ILE Y 1175 117.00 60.88 3.83
N PRO Y 1176 118.30 60.79 3.66
CA PRO Y 1176 119.20 60.57 4.80
C PRO Y 1176 119.55 61.91 5.46
N SER Y 1177 120.21 61.80 6.62
CA SER Y 1177 120.61 62.99 7.35
C SER Y 1177 121.64 63.79 6.56
N VAL Y 1178 121.45 65.11 6.54
CA VAL Y 1178 122.32 66.01 5.79
C VAL Y 1178 123.69 66.05 6.47
N PRO Y 1179 124.77 65.74 5.76
CA PRO Y 1179 126.10 65.76 6.39
C PRO Y 1179 126.77 67.13 6.35
N PHE Y 1180 127.12 67.66 7.52
CA PHE Y 1180 127.95 68.85 7.64
C PHE Y 1180 129.30 68.47 8.22
N MET Y 1181 130.35 69.15 7.77
CA MET Y 1181 131.68 68.98 8.33
C MET Y 1181 132.19 70.34 8.80
N VAL Y 1182 132.67 70.39 10.03
CA VAL Y 1182 133.05 71.66 10.66
C VAL Y 1182 134.48 71.56 11.16
N PRO Y 1183 135.20 72.68 11.25
CA PRO Y 1183 136.56 72.64 11.80
C PRO Y 1183 136.55 72.45 13.31
N ILE Y 1184 137.72 72.16 13.86
CA ILE Y 1184 137.90 71.94 15.28
C ILE Y 1184 138.55 73.17 15.87
N SER Y 1185 137.89 73.77 16.87
CA SER Y 1185 138.44 74.96 17.52
C SER Y 1185 139.72 74.61 18.27
N SER Y 1186 140.74 75.46 18.10
CA SER Y 1186 142.04 75.24 18.73
C SER Y 1186 142.46 76.51 19.45
N ASP Y 1187 142.83 76.35 20.73
CA ASP Y 1187 143.32 77.50 21.49
C ASP Y 1187 144.70 77.95 21.00
N HIS Y 1188 145.59 77.00 20.72
CA HIS Y 1188 146.90 77.34 20.19
C HIS Y 1188 146.82 77.67 18.70
N ASP Y 1189 147.70 78.55 18.26
CA ASP Y 1189 147.71 79.03 16.88
C ASP Y 1189 148.20 77.95 15.93
N ILE Y 1190 147.26 77.29 15.26
CA ILE Y 1190 147.56 76.21 14.32
C ILE Y 1190 147.91 76.77 12.95
N SER Y 1191 148.44 75.92 12.08
CA SER Y 1191 148.65 76.28 10.68
C SER Y 1191 147.33 76.12 9.92
N SER Y 1192 147.38 76.41 8.61
CA SER Y 1192 146.19 76.39 7.77
C SER Y 1192 146.44 75.52 6.55
N ALA Y 1193 145.44 74.71 6.19
CA ALA Y 1193 145.47 73.87 5.01
C ALA Y 1193 144.18 74.05 4.22
N PRO Y 1194 144.25 73.95 2.89
CA PRO Y 1194 143.04 74.15 2.09
C PRO Y 1194 141.99 73.10 2.38
N ALA Y 1195 140.72 73.52 2.35
CA ALA Y 1195 139.58 72.65 2.58
C ALA Y 1195 138.49 72.98 1.57
N VAL Y 1196 137.82 71.94 1.08
CA VAL Y 1196 136.75 72.08 0.09
C VAL Y 1196 135.45 71.61 0.73
N GLN Y 1197 134.44 72.47 0.67
CA GLN Y 1197 133.13 72.17 1.24
C GLN Y 1197 132.07 72.25 0.15
N TYR Y 1198 130.96 71.53 0.36
CA TYR Y 1198 129.90 71.46 -0.62
C TYR Y 1198 128.50 71.67 -0.05
N ILE Y 1199 128.33 71.61 1.27
CA ILE Y 1199 127.01 71.76 1.89
C ILE Y 1199 127.14 72.75 3.03
N ILE Y 1200 126.33 73.81 2.99
CA ILE Y 1200 126.28 74.83 4.03
C ILE Y 1200 124.82 75.19 4.29
N SER Y 1201 124.50 75.45 5.56
CA SER Y 1201 123.16 75.89 5.90
C SER Y 1201 122.95 77.33 5.44
N THR Y 1202 121.68 77.73 5.38
CA THR Y 1202 121.32 79.06 4.90
C THR Y 1202 121.06 80.05 6.03
N GLU Y 1203 121.15 79.61 7.29
CA GLU Y 1203 120.98 80.51 8.42
C GLU Y 1203 121.51 79.80 9.66
N TYR Y 1204 121.58 80.54 10.76
CA TYR Y 1204 122.25 80.04 11.96
C TYR Y 1204 121.56 78.81 12.51
N ASN Y 1205 122.33 77.73 12.65
CA ASN Y 1205 121.81 76.50 13.23
C ASN Y 1205 122.75 75.89 14.27
N ASP Y 1206 123.89 76.51 14.54
CA ASP Y 1206 124.85 76.00 15.53
C ASP Y 1206 124.52 76.55 16.91
N ARG Y 1207 123.29 76.30 17.34
CA ARG Y 1207 122.82 76.73 18.66
C ARG Y 1207 123.03 75.67 19.73
N SER Y 1208 123.03 74.39 19.36
CA SER Y 1208 123.24 73.32 20.32
C SER Y 1208 124.64 73.29 20.89
N LEU Y 1209 125.59 74.00 20.28
CA LEU Y 1209 126.96 74.02 20.80
C LEU Y 1209 126.99 74.75 22.14
N PHE Y 1210 127.67 74.15 23.11
CA PHE Y 1210 127.74 74.68 24.46
C PHE Y 1210 128.98 75.56 24.68
N CYS Y 1211 130.17 75.00 24.48
CA CYS Y 1211 131.40 75.74 24.70
C CYS Y 1211 132.51 75.10 23.89
N THR Y 1212 133.37 75.92 23.31
CA THR Y 1212 134.54 75.47 22.56
C THR Y 1212 135.79 75.73 23.39
N ASN Y 1213 136.66 74.73 23.46
CA ASN Y 1213 137.88 74.78 24.28
C ASN Y 1213 137.52 75.11 25.74
N SER Y 1214 136.80 74.17 26.36
CA SER Y 1214 136.28 74.39 27.70
C SER Y 1214 137.38 74.59 28.73
N SER Y 1215 138.61 74.17 28.44
CA SER Y 1215 139.76 74.37 29.33
C SER Y 1215 140.84 75.11 28.54
N SER Y 1216 140.73 76.43 28.50
CA SER Y 1216 141.68 77.31 27.82
C SER Y 1216 141.37 78.76 28.17
N PRO Y 1217 142.37 79.62 28.24
CA PRO Y 1217 142.08 81.05 28.47
C PRO Y 1217 141.22 81.67 27.38
N GLN Y 1218 141.39 81.24 26.14
CA GLN Y 1218 140.64 81.78 25.02
C GLN Y 1218 140.75 80.82 23.83
N THR Y 1219 139.88 81.03 22.85
CA THR Y 1219 139.89 80.28 21.61
C THR Y 1219 140.34 81.20 20.48
N ILE Y 1220 141.32 80.75 19.69
CA ILE Y 1220 141.91 81.59 18.65
C ILE Y 1220 141.37 81.19 17.29
N ALA Y 1221 141.59 79.95 16.89
CA ALA Y 1221 141.19 79.45 15.58
C ALA Y 1221 139.92 78.64 15.68
N GLY Y 1222 139.10 78.70 14.64
CA GLY Y 1222 137.86 77.96 14.59
C GLY Y 1222 136.71 78.73 15.22
N PRO Y 1223 135.53 78.12 15.25
CA PRO Y 1223 134.39 78.77 15.89
C PRO Y 1223 134.63 79.01 17.36
N ASP Y 1224 134.15 80.15 17.86
CA ASP Y 1224 134.32 80.54 19.24
C ASP Y 1224 132.96 80.73 19.89
N LYS Y 1225 132.79 80.18 21.09
CA LYS Y 1225 131.54 80.32 21.82
C LYS Y 1225 131.83 80.07 23.30
N HIS Y 1226 131.69 81.12 24.11
CA HIS Y 1226 131.91 80.99 25.55
C HIS Y 1226 130.72 80.28 26.19
N ILE Y 1227 130.83 80.05 27.49
CA ILE Y 1227 129.73 79.42 28.23
C ILE Y 1227 128.49 80.31 28.15
N PRO Y 1228 127.32 79.77 27.81
CA PRO Y 1228 126.13 80.63 27.65
C PRO Y 1228 125.67 81.23 28.97
N VAL Y 1229 125.87 82.53 29.14
CA VAL Y 1229 125.47 83.21 30.35
C VAL Y 1229 123.95 83.27 30.45
N GLU Y 1230 123.27 83.47 29.32
CA GLU Y 1230 121.82 83.59 29.31
C GLU Y 1230 121.12 82.36 29.87
N ARG Y 1231 121.73 81.18 29.74
CA ARG Y 1231 121.09 79.97 30.24
C ARG Y 1231 121.19 79.85 31.75
N TYR Y 1232 122.28 80.35 32.35
CA TYR Y 1232 122.42 80.35 33.81
C TYR Y 1232 122.03 81.73 34.34
N ASN Y 1233 120.74 82.04 34.21
CA ASN Y 1233 120.27 83.39 34.47
C ASN Y 1233 120.31 83.72 35.96
N ILE Y 1234 119.79 82.82 36.81
CA ILE Y 1234 119.61 83.15 38.22
C ILE Y 1234 120.93 83.29 38.97
N LEU Y 1235 122.05 82.87 38.38
CA LEU Y 1235 123.36 83.08 38.99
C LEU Y 1235 124.03 84.33 38.45
N THR Y 1236 124.22 84.41 37.13
CA THR Y 1236 124.98 85.50 36.54
C THR Y 1236 124.29 86.84 36.72
N ASN Y 1237 122.96 86.86 36.73
CA ASN Y 1237 122.22 88.11 36.86
C ASN Y 1237 122.17 88.51 38.33
N PRO Y 1238 122.78 89.61 38.74
CA PRO Y 1238 122.70 90.01 40.16
C PRO Y 1238 121.31 90.36 40.62
N ASP Y 1239 120.47 90.89 39.75
CA ASP Y 1239 119.13 91.35 40.10
C ASP Y 1239 118.07 90.58 39.31
N ALA Y 1240 117.71 89.41 39.82
CA ALA Y 1240 116.69 88.56 39.21
C ALA Y 1240 116.09 87.64 40.26
N PRO Y 1241 114.76 87.66 40.41
CA PRO Y 1241 114.11 86.78 41.40
C PRO Y 1241 114.34 85.32 41.06
N PRO Y 1242 114.50 84.46 42.08
CA PRO Y 1242 114.80 83.05 41.80
C PRO Y 1242 113.74 82.33 41.00
N THR Y 1243 112.47 82.69 41.16
CA THR Y 1243 111.39 81.93 40.53
C THR Y 1243 111.18 82.26 39.07
N GLN Y 1244 111.59 83.45 38.62
CA GLN Y 1244 111.29 83.89 37.27
C GLN Y 1244 112.07 83.06 36.25
N ILE Y 1245 111.41 82.71 35.15
CA ILE Y 1245 112.02 81.97 34.05
C ILE Y 1245 111.52 82.54 32.74
N GLN Y 1246 112.42 82.71 31.77
CA GLN Y 1246 112.08 83.18 30.44
C GLN Y 1246 111.94 81.96 29.53
N LEU Y 1247 110.98 81.11 29.86
CA LEU Y 1247 110.80 79.78 29.27
C LEU Y 1247 110.62 79.77 27.75
N PRO Y 1248 109.75 80.60 27.15
CA PRO Y 1248 109.44 80.40 25.72
C PRO Y 1248 110.64 80.50 24.80
N GLU Y 1249 111.39 81.61 24.86
CA GLU Y 1249 112.49 81.81 23.91
C GLU Y 1249 113.72 80.98 24.22
N VAL Y 1250 113.95 80.65 25.50
CA VAL Y 1250 115.14 79.90 25.90
C VAL Y 1250 114.82 79.15 27.18
N VAL Y 1251 115.53 78.04 27.40
CA VAL Y 1251 115.37 77.23 28.59
C VAL Y 1251 116.65 77.31 29.40
N ASP Y 1252 116.50 77.51 30.71
CA ASP Y 1252 117.65 77.60 31.60
C ASP Y 1252 118.03 76.22 32.12
N LEU Y 1253 119.30 76.09 32.54
CA LEU Y 1253 119.80 74.81 33.04
C LEU Y 1253 120.11 74.86 34.54
N TYR Y 1254 119.59 75.84 35.26
CA TYR Y 1254 119.75 75.92 36.70
C TYR Y 1254 118.67 76.82 37.24
N ASN Y 1255 117.78 76.28 38.06
CA ASN Y 1255 116.65 77.04 38.59
C ASN Y 1255 116.17 76.37 39.87
N VAL Y 1256 115.03 76.82 40.38
CA VAL Y 1256 114.48 76.36 41.65
C VAL Y 1256 113.51 75.22 41.36
N VAL Y 1257 113.69 74.10 42.06
CA VAL Y 1257 112.79 72.96 41.97
C VAL Y 1257 112.31 72.61 43.37
N THR Y 1258 111.06 72.19 43.48
CA THR Y 1258 110.44 71.88 44.76
C THR Y 1258 110.33 70.37 44.95
N ARG Y 1259 110.81 69.89 46.08
CA ARG Y 1259 110.74 68.47 46.43
C ARG Y 1259 109.62 68.21 47.41
N TYR Y 1260 109.01 67.04 47.30
CA TYR Y 1260 107.84 66.69 48.10
C TYR Y 1260 108.02 65.30 48.72
N ALA Y 1261 107.22 65.05 49.75
CA ALA Y 1261 107.14 63.73 50.39
C ALA Y 1261 105.70 63.58 50.88
N TYR Y 1262 104.87 62.95 50.05
CA TYR Y 1262 103.45 62.81 50.32
C TYR Y 1262 103.17 61.44 50.91
N GLU Y 1263 101.89 61.18 51.18
CA GLU Y 1263 101.42 59.89 51.67
C GLU Y 1263 100.20 59.47 50.87
N THR Y 1264 100.07 58.16 50.66
CA THR Y 1264 98.93 57.59 49.92
C THR Y 1264 98.37 56.43 50.73
N PRO Y 1265 97.68 56.72 51.84
CA PRO Y 1265 97.12 55.65 52.65
C PRO Y 1265 96.00 54.95 51.90
N PRO Y 1266 95.81 53.65 52.13
CA PRO Y 1266 94.71 52.94 51.48
C PRO Y 1266 93.36 53.39 52.02
N ILE Y 1267 92.33 53.18 51.19
CA ILE Y 1267 90.98 53.53 51.59
C ILE Y 1267 90.53 52.59 52.70
N THR Y 1268 90.08 53.16 53.82
CA THR Y 1268 89.64 52.39 54.97
C THR Y 1268 88.26 52.85 55.40
N ALA Y 1269 87.50 51.91 55.97
CA ALA Y 1269 86.16 52.21 56.45
C ALA Y 1269 85.77 51.19 57.52
N VAL Y 1270 84.76 51.57 58.30
CA VAL Y 1270 84.20 50.70 59.33
C VAL Y 1270 82.69 50.66 59.13
N VAL Y 1271 82.19 49.53 58.64
CA VAL Y 1271 80.77 49.38 58.34
C VAL Y 1271 80.03 49.03 59.61
N MET Y 1272 79.07 49.88 59.99
CA MET Y 1272 78.27 49.68 61.20
C MET Y 1272 76.81 49.51 60.81
N GLY Y 1273 76.20 48.43 61.30
CA GLY Y 1273 74.79 48.22 61.03
C GLY Y 1273 73.91 49.21 61.76
N VAL Y 1274 72.73 49.46 61.20
CA VAL Y 1274 71.78 50.39 61.79
C VAL Y 1274 70.53 49.62 62.21
N PRO Y 1275 70.01 49.84 63.44
CA PRO Y 1275 68.79 49.19 63.91
C PRO Y 1275 67.58 49.51 63.04
#